data_6PTO
#
_entry.id   6PTO
#
loop_
_entity.id
_entity.type
_entity.pdbx_description
1 polymer 'DNA polymerase alpha-binding protein'
2 polymer 'DNA replication complex GINS protein PSF1'
3 polymer 'DNA replication complex GINS protein PSF2'
4 polymer 'DNA replication complex GINS protein PSF3'
5 polymer 'DNA replication complex GINS protein SLD5'
6 polymer 'Cell division control protein 45'
7 polymer 'DNA replication licensing factor MCM2'
8 polymer 'DNA replication licensing factor MCM3'
9 polymer 'DNA replication licensing factor MCM4'
10 polymer 'Minichromosome maintenance protein 5'
11 polymer 'DNA replication licensing factor MCM6'
12 polymer 'DNA replication licensing factor MCM7'
13 non-polymer "ADENOSINE-5'-TRIPHOSPHATE"
#
loop_
_entity_poly.entity_id
_entity_poly.type
_entity_poly.pdbx_seq_one_letter_code
_entity_poly.pdbx_strand_id
1 'polypeptide(L)'
;MVSVIDKLVFDFGGKTLVSLAPDNNTLCVANKNGLTKILKTNNPEEEPETLDSSKLVSSIKCYSNSHFLMTTMQGDALRY
NIDSSQEELLARFALPLRDCCVIHSGKMAVFGGDDLELILLELDDETHKKHAIKIDEQVSQISYNSQMNILAVSMINGKV
QIFSLTSTIPNKVHELNDYIVANSYDDTHRDKILSNMMDDIDKDNDNDLSETADPDENNVADPEFCAANRICTRVAWHPK
GLHFALPCADDTVKIFSIKGYSLQKTLSTNLSSTKAHFIDLQFDPLRGTYIAAVDLNNKLTVWNWETSEIHYTREFKRKI
TNIAWKIQADSKTLDLVLGTWSGSIAIVQNLAESVVSNIPDQSVAESSTKHGLFVDSESDLENLEGNDDINKSDKLFSDI
TQEANAEDVFTQTHDGPSGLSEKRKYNFEDEEDFIDDDDGAGYISGKKPHNEHSYSRVHKTHSFPISLANTGKFRYMPFS
PAGTPFGFTDRRYLTMNEVGYVSTVKNSEQYSITVSFFDVGRFREYHFEDLFGYDLCFLNEKGTLFGQSKTGQIQYRPHD
SIHSNWTKIIPLQAGERITSVAATPVRVIVGTSLGYFRSFNQFGVPFAVEKTSPIVALTAQNYRVFSVHYSQFHGLSYSL
SELGTSSKRYYKRECPLPMSLPNINSDMKKDANLDYYNFNPMGIKSLFFSSYGDPCIFGSDNTLLLLSKWRSPEESKWLP
ILDSNMEIWKMSGGKETTDIHVWPLALAYDTLNCILVKGKHIWPEFPLPLPSEMEIRMPVFVKSKLLEENKAILNKKNEI
GADTEAEEGEEDKEIQIPVSMAAEEEYLRSKVLSELLTDTLENDGEMYGNENEVLAALNGAYDKALLRLFASACSDQNVE
KALSLAHELKQDRALTAAVKISERAELPSLVKKINNIREARYEQQLK
;
X,Y,Z
2 'polypeptide(L)'
;MYGDLGNKLVLEAKRTKQLYARSNQDVNLPMYHEDIIRNILKEVSNLRKNTEYLKEQQQLGMLDDKVAKCQYFVTLLCME
RNKRCLLAYQRLRTDILDSMAWNNNGLDLMSSITFSQQDTNNLSHQEQEYLKEYCDLITDLKSGDLVDIDLSGSLVPPSD
VFIDVRVLKDAGEIQTEYGVFNLIKDSQFFVRQSDVERLIQQGYLQKI
;
n,A,a
3 'polypeptide(L)'
;MSLPAHLQQTFSPEEIQFIVENEPIKIFPRITTRQKIRGDDRGTGNHTRWQLITTDDKALNNMVAMRSTEVVLWIALLLK
QQSKCSIVAPQWLTTKELDRKIQYEKTHPDRFSELPWNWLVLARILFNKAKDDFHDPIHELRGKIQDLREIRQIKVLKGL
KYLNESHLQLDNLSLLEINELRPFITEIMDKLREIHTASLTAGTENDEEEFNI
;
o,B,b
4 'polypeptide(L)'
;MGYYDIDDVLADGTEFPCKFQYDIPGLGYLENNPGRPITKNTKLSLPLWLARILAIVGGDEALVDEEPVPFVELLPPDMF
STKVMNAIKTDPVALDLHSINSHFFSLAIKWIMLFSEKELANVVSELLLQRAQELNHHASSLSIDLNADSTGKNSANTNI
ATSTFLLKLEEMEKEIYKKSHESYKDTKRWMFKK
;
p,C,c
5 'polypeptide(L)'
;MDINIDDILAELDKETTAVDSTKITQGSSSTTHRDANTIVGSSLDLNDKTQIYVSPQQDFSDLMKSWKNERCSPELLPYP
HQLMKRLLNRISMQSQLIENISMGFLDMQNASNANPPMPNESKLPLLCMETELERLKFVIRSYIRCRLSKIDKFSLYLRQ
LNEDENSLISLTDLLSKDEIKYHDTHSLIWLKLVNDSILKYMPEELQAINDTEGSVNMIDEPDWNKFVFIHVNGPPDGKW
NEDPLLQENEFGKPCYTVTIPDLKEEVELTIGSIYVMRYEVIRDLLRDDKVALI
;
q,D,d
6 'polypeptide(L)'
;MYYGISQFSEAYNKILRNSSSHSSCQLVIFVSCLNIDALCATKMLSLLFKKQLVQSQIVPIFGYSELRRHYSQLDDNINS
LLLVGFGGVIDLEAFLEIDPQEYVIDTDEKSGEQSFRRDIYVLDAHRPWNLDNIFGSQIIQCFDDGTVDDTLGEQKEAYY
KLLELDEESGDDELSGDENDNNGGDDEATDADEVTDEDEEDEDETISNKRGNSSIGPNDLSKRKQRKKQIHEYEGVLEEY
YSQGTTVVNSISAQIYSLLSAIGETNLSNLWLNILGTTSLDIAYAQVYNRLYPLLQDEVKRLTPSSRNSVKTPDTLTLNI
QPDYYLFLLRHSSLYDSFYYSNYVNAKLSLWNENGKKRLHKMFARMGIPLSTAQETWLYMDHSIKRELGIIFDKNLDRYG
LQDIIRDGFVRTLGYRGSISASEFVEALTALLEVGNSTDKDSVKINNDNNDDTDGEEEEDNSAQKLTNLRKRWVSNFWLS
WDALDDRKVELLNRGIQLAQDLQRAIFNTGVAILEKKLIKHLRIYRLCVLQDGPDLDLYRNPLTLLRLGNWLIECCAESE
DKQLLPMVLASIDENTDTYLVAGLTPRYPRGLDTIHTKKPILNNFSMAFQQITAETDAKVRIDNFESSIIEIRREDLSPF
LEKLTLSGLL
;
e,E,r
7 'polypeptide(L)'
;MSDNRRRRREEDDSDSENELPPSSPQQHFRGGMNPVSSPIGSPDMINPEGDDNEVDDVPDIDEVEEQMNEVDLMDDNMYE
DYAADHNRDRYDPDQVDDREQQELSLSERRRIDAQLNERDRLLRNVAYIDDEDEEQEGAAQLDEMGLPVQRRRRRRQYED
LENSDDDLLSDMDIDPLREELTLESLSNVKANSYSEWITQPNVSRTIARELKSFLLEYTDETGRSVYGARIRTLGEMNSE
SLEVNYRHLAESKAILALFLAKCPEEMLKIFDLVAMEATELHYPDYARIHSEIHVRISDFPTIYSLRELRESNLSSLVRV
TGVVTRRTGVFPQLKYVKFNCLKCGSILGPFFQDSNEEIRISFCTNCKSKGPFRVNGEKTVYRNYQRVTLQEAPGTVPPG
RLPRHREVILLADLVDVSKPGEEVEVTGIYKNNYDGNLNAKNGFPVFATIIEANSIKRREGNTANEGEEGLDVFSWTEEE
EREFRKISRDRGIIDKIISSMAPSIYGHRDIKTAVACSLFGGVPKNVNGKHSIRGDINVLLLGDPGTAKSQILKYVEKTA
HRAVFATGQGASAVGLTASVRKDPITKEWTLEGGALVLADKGVCLIDEFDKMNDQDRTSIHEAMEQQSISISKAGIVTTL
QARCSIIAAANPNGGRYNSTLPLAQNVSLTEPILSRFDILCVVRDLVDEEADERLATFVVDSHVRSHPENDEDREGEELK
NNGESAIEQGEDEINEQLNARQRRLQRQRKKEEEISPIPQELLMKYIHYARTKIYPKLHQMDMDKVSRVYADLRRESIST
GSFPITVRHLESILRIAESFAKMRLSEFVSSYDLDRAIKVVVDSFVDAQKVSVRRQLRRSFAIYTLGH
;
h,2,F
8 'polypeptide(L)'
;MEGSTGFDGDATTFFAPDAVFGDRVRRFQEFLDTFTSYRDSVRSIQVYNSNNAANYNDDQDDADERDLLGDDDGDDLEKE
KKAASSTSLNILPHRIIISLDDLREFDRSFWSGILVEPAYFIPPAEKALTDLADSMDDVPHPNASAVSSRHPWKLSFKGS
FGAHALSPRTLTAQHLNKLVSVEGIVTKTSLVRPKLIRSVHYAAKTGRFHYRDYTDATTTLTTRIPTPAIYPTEDTEGNK
LTTEYGYSTFIDHQRITVQEMPEMAPAGQLPRSIDVILDDDLVDKTKPGDRVNVVGVFKSLGAGGMNQSNSNTLIGFKTL
ILGNTVYPLHARSTGVAARQMLTDFDIRNINKLSKKKDIFDILSQSLAPSIYGHDHIKKAILLMLMGGVEKNLENGSHLR
GDINILMVGDPSTAKSQLLRFVLNTASLAIATTGRGSSGVGLTAAVTTDRETGERRLEAGAMVLADRGVVCIDEFDKMTD
VDRVAIHEVMEQQTVTIAKAGIHTTLNARCSVIAAANPVFGQYDVNRDPHQNIALPDSLLSRFDLLFVVTDDINEIRDRS
ISEHVLRTHRYLPPGYLEGEPVRERLNLSLAVGEDADINPEEHSNSGAGVENEGEDDEDHVFEKFNPLLQAGAKLAKNKG
NYNGTEIPKLVTIPFLRKYVQYAKERVIPQLTQEAINVIVKNYTDLRNDDNTKKSPITARTLETLIRLATAHAKVRLSKT
VNKVDAKVAANLLRFALLGEDIGNDIDEEESEYEEALSKRSPQKSPKKRQRVRQPASNSGSPIKSTPRRSTASSVNATPS
SARRILRFQDDEQNAGEDDNDIMSPLPADEEAELQRRLQLGLRVSPRRREHLHAPEEGSSGPLTEVGTPRLPNVSSAGQD
DEQQQSVISFDNVEPGTISTGRLSLISGIIARLMQTEIFEEESYPVASLFERINEELPEEEKFSAQEYLAGLKIMSDRNN
LMVADDKVWRV
;
i,3,G
9 'polypeptide(L)'
;MSQQSSSPTKEDNNSSSPVVPNPDSVPPQLSSPALFYSSSSSQGDIYGRNNSQNLSQGEGNIRAAIGSSPLNFPSSSQRQ
NSDVFQSQGRQGRIRSSASASGRSRYHSDLRSDRALPTSSSSLGRNGQNRVHMRRNDIHTSDLSSPRRIVDFDTRSGVNT
LDTSSSSAPPSEASEPLRIIWGTNVSIQECTTNFRNFLMSFKYKFRKILDEREEFINNTTDEELYYIKQLNEMRELGTSN
LNLDARNLLAYKQTEDLYHQLLNYPQEVISIMDQTIKDCMVSLIVDNNLDYDLDEIETKFYKVRPYNVGSCKGMRELNPN
DIDKLINLKGLVLRSTPVIPDMKVAFFKCNVCDHTMAVEIDRGVIQEPARCERIDCNEPNSMSLIHNRCSFADKQVIKLQ
ETPDFVPDGQTPHSISLCVYDELVDSCRAGDRIEVTGTFRSIPIRANSRQRVLKSLYKTYVDVVHVKKVSDKRLDVDTST
IEQELMQNKVDHNEVEEVRQITDQDLAKIREVAAREDLYSLLARSIAPSIYELEDVKKGILLQLFGGTNKTFTKGGRYRG
DINILLCGDPSTSKSQILQYVHKITPRGVYTSGKGSSAVGLTAYITRDVDTKQLVLESGALVLSDGGVCCIDEFDKMSDS
TRSVLHEVMEQQTISIAKAGIITTLNARSSILASANPIGSRYNPNLPVTENIDLPPPLLSRFDLVYLVLDKVDEKNDREL
AKHLTNLYLEDKPEHISQDDVLPVEFLTMYISYAKEHIHPIITEAAKTELVRAYVGMRKMGDDSRSDEKRITATTRQLES
MIRLAEAHAKMKLKNVVELEDVQEAVRLIRSAIKDYATDPKTGKIDMNLVQTGKSVIQRKLQEDLSREIMNVLKDQASDS
MSFNELIKQINEHSQDRVESSDIQEALSRLQQEDKVIVLGEGVRRSVRLNNRV
;
j,4,H
10 'polypeptide(L)'
;MSFDRPEIYSAPVLQGESPNDDDNTEIIKSFKNFILEFRLDSQFIYRDQLRNNILVKNYSLTVNMEHLIGYNEDIYKKLS
DEPSDIIPLFETAITQVAKRISILSRAQSANNNDKDPENTSMDTDSLLLNSLPTFQLILNSNANQIPLRDLDSEHVSKIV
RLSGIIISTSVLSSRATYLSIMCRNCRHTTSITINNFNSITGNTVSLPRSCLSTIESESSMANESNIGDESTKKNCGPDP
YIIIHESSKFIDQQFLKLQEIPELVPVGEMPRNLTMTCDRYLTNKVIPGTRVTIVGIYSIYNSKNGAGSGRSGGGNGGSG
VAIRTPYIKILGIQSDVETSSIWNSVTMFTEEEEEEFLQLSRNPKLYEILTNSIAPSIFGNEDIKKAIVCLLMGGSKKIL
PDGMRLRGDINVLLLGDPGTAKSQLLKFVEKVSPIAVYTSGKGSSAAGLTASVQRDPMTREFYLEGGAMVLADGGVVCID
EFDKMRDEDRVAIHEAMEQQTISIAKAGITTVLNSRTSVLAAANPIYGRYDDLKSPGDNIDFQTTILSRFDMIFIVKDDH
NEERDISIANHVINIHTGNANAMQNQQEENGSEISIEKMKRYITYCRLKCAPRLSPQAAEKLSSNFVTIRKQLLINELES
TERSSIPITIRQLEAIIRITESLAKLELSPIAQERHVDEAIRLFQASTMDAASQDPIGGLNQASGTSLSEIRRFEQELKR
RLPIGWSTSYQTLRREFVDTHRFSQLALDKALYALEKHETIQLRHQGQNIYRSGV
;
k,5,I
11 'polypeptide(L)'
;MSSPFPADTPSSNRPSNSSPPPSSIGAGFGSSSGLDSQIGSRLHFPSSSQPHVSNSQTGPFVNDSTQFSSQRLQTDGSAT
NDMEGNEPARSFKSRALNHVKKVDDVTGEKVREAFEQFLEDFSVQSTDTGEVEKVYRAQIEFMKIYDLNTIYIDYQHLSM
RENGALAMAISEQYYRFLPFLQKGLRRVVRKYAPELLNTSDSLKRSEGDEGQADEDEQQDDDMNGSSLPRDSGSSAAPGN
GTSAMATRSITTSTSPEQTERVFQISFFNLPTVHRIRDIRSEKIGSLLSISGTVTRTSEVRPELYKASFTCDMCRAIVDN
VEQSFKYTEPTFCPNPSCENRAFWTLNVTRSRFLDWQKVRIQENANEIPTGSMPRTLDVILRGDSVERAKPGDRCKFTGV
EIVVPDVTQLGLPGVKPSSTLDTRGISKTTEGLNSGVTGLRSLGVRDLTYKISFLACHVISIGSNIGASSPDANSNNRET
ELQMAANLQANNVYQDNERDQEVFLNSLSSDEINELKEMVKDEHIYDKLVRSIAPAVFGHEAVKKGILLQMLGGVHKSTV
EGIKLRGDINICVVGDPSTSKSQFLKYVVGFAPRSVYTSGKASSAAGLTAAVVRDEEGGDYTIEAGALMLADNGICCIDE
FDKMDISDQVAIHEAMEQQTISIAKAGIHATLNARTSILAAANPVGGRYNRKLSLRGNLNMTAPIMSRFDLFFVILDDCN
EKIDTELASHIVDLHMKRDEAIEPPFSAEQLRRYIKYARTFKPILTKEARSYLVEKYKELRKDDAQGFSRSSYRITVRQL
ESMIRLSEAIARANCVDEITPSFIAEAYDLLRQSIIRVDVDDVEMDEEFDNIESQSHAASGNNDDNDDGTGSGVITSEPP
ADIEEGQSEATARPGTSEKKKTTVTYDKYVSMMNMIVRKIAEVDREGAEELTAVDIVDWYLLQKENDLGSLAEYWEERRL
AFKVIKRLVKDRILMEIHGTRHNLRDLENEENENNKTVYVIHPNCEVLDQLEPQDSS
;
l,6,J
12 'polypeptide(L)'
;MSAALPSIQLPVDYNNLFNEITDFLVTFKQDTLSSDATRNENEDENLDAENIEQHLLEKGPKYMAMLQKVANRELNSVII
DLDDILQYQNEKFLQGTQADDLVSAIQQNANHFTELFCRAIDNNMPLPTKEIDYKDDVLDVILNQRRLRNERMLSDRTNE
IRSENLMDTTMDPPSSMNDALREVVEDETELFPPNLTRRYFLYFKPLSQNCARRYRKKAISSKPLSVRQIKGDFLGQLIT
VRGIITRVSDVKPAVEVIAYTCDQCGYEVFQEVNSRTFTPLSECTSEECSQNQTKGQLFMSTRASKFSAFQECKIQELSQ
QVPVGHIPRSLNIHVNGTLVRSLSPGDIVDVTGIFLPAPYTGFKALKAGLLTETYLEAQFVRQHKKKFASFSLTSDVEER
VMELITSGDVYNRLAKSIAPEIYGNLDVKKALLLLLVGGVDKRVGDGMKIRGDINVCLMGDPGVAKSQLLKAICKISPRG
VYTTGKGSSGVGLTAAVMKDPVTDEMILEGGALVLADNGICCIDEFDKMDESDRTAIHEVMEQQTISISKAGINTTLNAR
TSILAAANPLYGRYNPRLSPLDNINLPAALLSRFDILFLMLDIPSRDDDEKLAEHVTYVHMHNKQPDLDFTPVEPSKMRE
YIAYAKTKRPVMSEAVNDYVVQAYIRLRQDSKREMDSKFSFGQATPRTLLGIIRLSQALAKLRLADMVDIDDVEEALRLV
RVSKESLYQETNKSKEDESPTTKIFTIIKKMLQETGKNTLSYENIVKTVRLRGFTMLQLSNCIQEYSYLNVWHLINEGNT
LKFVDDGTMDTDQEDSLVSTPKLAPQTTASANVSAQDSDIDLQDA
;
m,7,K
#
loop_
_chem_comp.id
_chem_comp.type
_chem_comp.name
_chem_comp.formula
ATP non-polymer ADENOSINE-5'-TRIPHOSPHATE 'C10 H16 N5 O13 P3'
#
# COMPACT_ATOMS: atom_id res chain seq x y z
N PHE A 474 -18.36 -7.86 -24.18
CA PHE A 474 -19.28 -8.81 -24.77
C PHE A 474 -18.64 -9.46 -26.00
N ARG A 475 -18.82 -10.77 -26.13
CA ARG A 475 -18.28 -11.53 -27.25
C ARG A 475 -19.38 -12.30 -27.94
N TYR A 476 -19.20 -12.55 -29.24
CA TYR A 476 -20.18 -13.28 -30.03
C TYR A 476 -19.82 -14.75 -30.14
N MET A 477 -20.84 -15.60 -30.11
CA MET A 477 -20.75 -17.05 -30.19
C MET A 477 -21.74 -17.58 -31.22
N PRO A 478 -21.40 -18.67 -31.92
CA PRO A 478 -22.34 -19.23 -32.90
C PRO A 478 -23.49 -19.96 -32.21
N PHE A 479 -24.69 -19.80 -32.76
CA PHE A 479 -25.90 -20.39 -32.20
C PHE A 479 -26.48 -21.43 -33.15
N SER A 480 -27.04 -22.49 -32.58
CA SER A 480 -27.65 -23.59 -33.29
C SER A 480 -28.87 -24.08 -32.52
N PRO A 481 -29.92 -24.54 -33.21
CA PRO A 481 -31.12 -25.05 -32.52
C PRO A 481 -30.84 -26.38 -31.82
N ALA A 482 -31.08 -26.38 -30.49
CA ALA A 482 -30.91 -27.50 -29.54
C ALA A 482 -29.47 -28.03 -29.52
N GLY A 483 -28.50 -27.12 -29.69
CA GLY A 483 -27.10 -27.54 -29.68
C GLY A 483 -26.58 -27.77 -28.28
N THR A 484 -25.62 -28.69 -28.17
CA THR A 484 -25.00 -29.08 -26.92
C THR A 484 -23.52 -28.70 -26.91
N PRO A 485 -22.96 -28.28 -25.77
CA PRO A 485 -21.54 -27.95 -25.73
C PRO A 485 -20.68 -29.19 -25.53
N PHE A 486 -19.36 -28.99 -25.58
CA PHE A 486 -18.41 -30.09 -25.40
C PHE A 486 -18.37 -30.61 -23.97
N GLY A 487 -18.22 -29.72 -23.00
CA GLY A 487 -18.15 -30.08 -21.59
C GLY A 487 -16.87 -30.79 -21.20
N PHE A 488 -17.00 -31.95 -20.56
CA PHE A 488 -15.86 -32.76 -20.13
C PHE A 488 -15.72 -33.99 -21.02
N THR A 489 -16.41 -34.00 -22.16
CA THR A 489 -16.39 -35.09 -23.12
C THR A 489 -15.74 -34.58 -24.41
N ASP A 490 -15.74 -35.41 -25.45
CA ASP A 490 -15.14 -35.03 -26.71
C ASP A 490 -16.08 -35.27 -27.88
N ARG A 491 -17.38 -35.15 -27.64
CA ARG A 491 -18.41 -35.33 -28.68
C ARG A 491 -19.67 -34.54 -28.32
N ARG A 492 -20.18 -33.77 -29.28
CA ARG A 492 -21.36 -32.95 -29.05
C ARG A 492 -22.37 -33.10 -30.18
N TYR A 493 -23.49 -32.39 -30.07
CA TYR A 493 -24.55 -32.38 -31.06
C TYR A 493 -24.63 -31.04 -31.77
N LEU A 494 -24.65 -31.07 -33.11
CA LEU A 494 -24.73 -29.82 -33.86
C LEU A 494 -26.15 -29.27 -33.82
N THR A 495 -27.14 -30.10 -34.11
CA THR A 495 -28.54 -29.68 -34.07
C THR A 495 -29.41 -30.87 -33.70
N MET A 496 -30.67 -30.58 -33.34
CA MET A 496 -31.64 -31.58 -32.93
C MET A 496 -33.06 -31.03 -33.08
N ASN A 497 -33.93 -31.78 -33.73
CA ASN A 497 -35.33 -31.41 -33.95
C ASN A 497 -36.22 -32.64 -34.11
N GLU A 498 -37.43 -32.43 -34.64
CA GLU A 498 -38.37 -33.53 -34.85
C GLU A 498 -37.97 -34.44 -36.02
N VAL A 499 -37.14 -33.95 -36.93
CA VAL A 499 -36.71 -34.77 -38.07
C VAL A 499 -35.62 -35.72 -37.61
N GLY A 500 -34.62 -35.22 -36.88
CA GLY A 500 -33.56 -36.07 -36.40
C GLY A 500 -32.54 -35.28 -35.59
N TYR A 501 -31.33 -35.83 -35.52
CA TYR A 501 -30.24 -35.20 -34.78
C TYR A 501 -28.91 -35.39 -35.50
N VAL A 502 -28.05 -34.38 -35.40
CA VAL A 502 -26.74 -34.37 -36.04
C VAL A 502 -25.66 -34.26 -34.96
N SER A 503 -24.75 -35.24 -34.92
CA SER A 503 -23.68 -35.26 -33.94
C SER A 503 -22.30 -35.24 -34.58
N THR A 504 -21.29 -34.84 -33.79
CA THR A 504 -19.91 -34.77 -34.25
C THR A 504 -18.96 -35.35 -33.21
N VAL A 505 -17.88 -35.96 -33.68
CA VAL A 505 -16.86 -36.60 -32.84
C VAL A 505 -15.53 -35.89 -33.10
N LYS A 506 -14.87 -35.45 -32.02
CA LYS A 506 -13.58 -34.77 -32.13
C LYS A 506 -12.45 -35.68 -32.58
N ASN A 507 -11.60 -35.14 -33.46
CA ASN A 507 -10.46 -35.86 -34.02
C ASN A 507 -9.46 -34.77 -34.39
N SER A 508 -8.20 -34.96 -33.97
CA SER A 508 -7.02 -34.08 -34.19
C SER A 508 -6.81 -33.49 -35.59
N GLU A 509 -6.75 -34.32 -36.65
CA GLU A 509 -6.55 -33.78 -38.00
C GLU A 509 -7.81 -33.60 -38.86
N GLN A 510 -8.81 -34.46 -38.70
CA GLN A 510 -10.04 -34.38 -39.50
C GLN A 510 -11.31 -34.32 -38.66
N TYR A 511 -12.47 -34.38 -39.31
CA TYR A 511 -13.75 -34.34 -38.62
C TYR A 511 -14.74 -35.32 -39.22
N SER A 512 -15.68 -35.77 -38.41
CA SER A 512 -16.70 -36.73 -38.83
C SER A 512 -18.10 -36.33 -38.39
N ILE A 513 -18.96 -36.00 -39.35
CA ILE A 513 -20.33 -35.60 -39.10
C ILE A 513 -21.27 -36.79 -39.31
N THR A 514 -22.02 -37.13 -38.27
CA THR A 514 -22.97 -38.24 -38.32
C THR A 514 -24.38 -37.66 -38.18
N VAL A 515 -25.22 -37.95 -39.18
CA VAL A 515 -26.59 -37.46 -39.21
C VAL A 515 -27.54 -38.64 -39.06
N SER A 516 -28.24 -38.71 -37.93
CA SER A 516 -29.20 -39.77 -37.66
C SER A 516 -30.63 -39.26 -37.67
N PHE A 517 -31.55 -40.10 -38.15
CA PHE A 517 -32.96 -39.78 -38.26
C PHE A 517 -33.86 -40.72 -37.47
N PHE A 518 -35.09 -40.26 -37.21
CA PHE A 518 -36.07 -41.07 -36.49
C PHE A 518 -36.99 -41.77 -37.46
N ASP A 519 -37.30 -41.15 -38.60
CA ASP A 519 -38.17 -41.72 -39.61
C ASP A 519 -37.29 -42.52 -40.56
N VAL A 520 -37.26 -43.85 -40.33
CA VAL A 520 -36.45 -44.77 -41.11
C VAL A 520 -37.33 -45.23 -42.27
N GLY A 521 -38.66 -45.07 -42.14
CA GLY A 521 -39.62 -45.50 -43.15
C GLY A 521 -39.56 -44.79 -44.49
N ARG A 522 -39.08 -43.55 -44.52
CA ARG A 522 -38.97 -42.83 -45.79
C ARG A 522 -37.58 -42.26 -46.02
N PHE A 523 -36.70 -42.29 -45.02
CA PHE A 523 -35.34 -41.78 -45.20
C PHE A 523 -34.31 -42.87 -44.90
N ARG A 524 -33.02 -42.50 -44.95
CA ARG A 524 -31.90 -43.39 -44.72
C ARG A 524 -30.76 -42.66 -44.02
N GLU A 525 -30.25 -43.24 -42.93
CA GLU A 525 -29.15 -42.66 -42.17
C GLU A 525 -27.83 -42.70 -42.93
N TYR A 526 -27.15 -41.56 -43.02
CA TYR A 526 -25.88 -41.47 -43.72
C TYR A 526 -24.89 -40.58 -42.99
N HIS A 527 -23.61 -40.68 -43.37
CA HIS A 527 -22.54 -39.88 -42.79
C HIS A 527 -21.42 -39.71 -43.80
N PHE A 528 -20.54 -38.74 -43.53
CA PHE A 528 -19.43 -38.47 -44.43
C PHE A 528 -18.23 -37.91 -43.65
N GLU A 529 -17.11 -37.79 -44.35
CA GLU A 529 -15.87 -37.28 -43.77
C GLU A 529 -15.76 -35.77 -44.02
N ASP A 530 -15.45 -35.03 -42.97
CA ASP A 530 -15.32 -33.58 -43.03
C ASP A 530 -13.85 -33.19 -42.90
N LEU A 531 -13.28 -32.65 -43.97
CA LEU A 531 -11.91 -32.18 -43.99
C LEU A 531 -11.89 -30.67 -43.90
N PHE A 532 -13.01 -30.05 -43.52
CA PHE A 532 -13.12 -28.60 -43.40
C PHE A 532 -13.33 -28.13 -41.97
N GLY A 533 -14.30 -28.70 -41.26
CA GLY A 533 -14.52 -28.27 -39.89
C GLY A 533 -15.84 -27.58 -39.60
N TYR A 534 -16.92 -28.00 -40.26
CA TYR A 534 -18.25 -27.42 -40.08
C TYR A 534 -18.85 -27.55 -38.69
N ASP A 535 -19.30 -26.44 -38.12
CA ASP A 535 -19.88 -26.42 -36.79
C ASP A 535 -21.30 -25.87 -36.72
N LEU A 536 -21.90 -25.53 -37.86
CA LEU A 536 -23.25 -24.99 -37.90
C LEU A 536 -24.14 -25.85 -38.80
N CYS A 537 -25.36 -26.09 -38.36
CA CYS A 537 -26.29 -26.93 -39.13
C CYS A 537 -27.75 -26.57 -38.89
N PHE A 538 -28.57 -26.81 -39.91
CA PHE A 538 -30.00 -26.57 -39.87
C PHE A 538 -30.63 -27.72 -40.64
N LEU A 539 -31.65 -28.34 -40.06
CA LEU A 539 -32.31 -29.49 -40.67
C LEU A 539 -33.79 -29.32 -40.94
N ASN A 540 -34.20 -29.58 -42.18
CA ASN A 540 -35.59 -29.51 -42.59
C ASN A 540 -35.97 -30.81 -43.31
N GLU A 541 -37.16 -30.88 -43.89
CA GLU A 541 -37.60 -32.10 -44.56
C GLU A 541 -36.98 -32.37 -45.94
N LYS A 542 -36.27 -31.39 -46.53
CA LYS A 542 -35.68 -31.61 -47.84
C LYS A 542 -34.17 -31.64 -47.95
N GLY A 543 -33.45 -31.05 -46.99
CA GLY A 543 -32.00 -31.07 -47.11
C GLY A 543 -31.29 -30.77 -45.81
N THR A 544 -29.97 -30.67 -45.91
CA THR A 544 -29.11 -30.37 -44.78
C THR A 544 -28.05 -29.35 -45.20
N LEU A 545 -27.98 -28.24 -44.48
CA LEU A 545 -27.03 -27.18 -44.77
C LEU A 545 -25.94 -27.09 -43.71
N PHE A 546 -24.70 -26.97 -44.15
CA PHE A 546 -23.54 -26.86 -43.27
C PHE A 546 -22.88 -25.51 -43.49
N GLY A 547 -22.30 -24.95 -42.44
CA GLY A 547 -21.65 -23.65 -42.54
C GLY A 547 -20.45 -23.55 -41.63
N GLN A 548 -19.49 -22.70 -42.06
CA GLN A 548 -18.25 -22.45 -41.34
C GLN A 548 -18.24 -21.03 -40.77
N SER A 549 -18.12 -20.92 -39.45
CA SER A 549 -18.09 -19.61 -38.81
C SER A 549 -16.80 -18.83 -39.00
N LYS A 550 -15.70 -19.49 -39.37
CA LYS A 550 -14.42 -18.83 -39.53
C LYS A 550 -14.09 -18.39 -40.96
N THR A 551 -14.10 -19.31 -41.92
CA THR A 551 -13.77 -18.94 -43.29
C THR A 551 -14.99 -18.55 -44.12
N GLY A 552 -16.19 -18.92 -43.68
CA GLY A 552 -17.39 -18.59 -44.42
C GLY A 552 -17.73 -19.53 -45.55
N GLN A 553 -17.22 -20.75 -45.53
CA GLN A 553 -17.51 -21.72 -46.56
C GLN A 553 -18.75 -22.51 -46.17
N ILE A 554 -19.74 -22.54 -47.07
CA ILE A 554 -20.97 -23.27 -46.82
C ILE A 554 -21.18 -24.38 -47.85
N GLN A 555 -22.00 -25.37 -47.48
CA GLN A 555 -22.28 -26.50 -48.35
C GLN A 555 -23.67 -27.05 -48.08
N TYR A 556 -24.45 -27.24 -49.14
CA TYR A 556 -25.80 -27.78 -49.04
C TYR A 556 -25.83 -29.18 -49.64
N ARG A 557 -26.34 -30.14 -48.87
CA ARG A 557 -26.40 -31.54 -49.31
C ARG A 557 -27.82 -32.07 -49.39
N PRO A 558 -28.40 -32.19 -50.60
CA PRO A 558 -29.75 -32.74 -50.72
C PRO A 558 -29.79 -34.25 -50.48
N HIS A 559 -30.91 -34.71 -49.93
CA HIS A 559 -31.06 -36.14 -49.63
C HIS A 559 -31.25 -36.99 -50.87
N ASP A 560 -31.94 -36.46 -51.89
CA ASP A 560 -32.18 -37.20 -53.12
C ASP A 560 -30.91 -37.13 -53.96
N SER A 561 -30.66 -38.19 -54.74
CA SER A 561 -29.48 -38.29 -55.59
C SER A 561 -29.60 -37.54 -56.92
N ILE A 562 -30.79 -36.99 -57.22
CA ILE A 562 -31.01 -36.26 -58.46
C ILE A 562 -30.30 -34.90 -58.40
N HIS A 563 -30.45 -34.18 -57.30
CA HIS A 563 -29.83 -32.88 -57.14
C HIS A 563 -28.35 -32.99 -56.78
N SER A 564 -27.54 -32.13 -57.41
CA SER A 564 -26.10 -32.12 -57.19
C SER A 564 -25.66 -31.15 -56.10
N ASN A 565 -24.52 -31.44 -55.49
CA ASN A 565 -23.97 -30.60 -54.43
C ASN A 565 -23.32 -29.34 -54.97
N TRP A 566 -23.32 -28.27 -54.17
CA TRP A 566 -22.71 -27.01 -54.55
C TRP A 566 -21.96 -26.41 -53.37
N THR A 567 -20.88 -25.69 -53.67
CA THR A 567 -20.02 -25.07 -52.67
C THR A 567 -19.82 -23.60 -52.99
N LYS A 568 -20.01 -22.73 -52.01
CA LYS A 568 -19.84 -21.29 -52.17
C LYS A 568 -19.26 -20.74 -50.87
N ILE A 569 -18.46 -19.67 -50.97
CA ILE A 569 -17.81 -19.05 -49.83
C ILE A 569 -18.44 -17.69 -49.53
N ILE A 570 -19.00 -17.54 -48.34
CA ILE A 570 -19.63 -16.29 -47.93
C ILE A 570 -18.52 -15.30 -47.57
N PRO A 571 -18.54 -14.07 -48.11
CA PRO A 571 -17.50 -13.09 -47.78
C PRO A 571 -17.63 -12.56 -46.36
N LEU A 572 -16.51 -12.58 -45.63
CA LEU A 572 -16.45 -12.12 -44.26
C LEU A 572 -15.33 -11.12 -44.04
N GLN A 573 -15.57 -10.15 -43.16
CA GLN A 573 -14.60 -9.12 -42.81
C GLN A 573 -13.65 -9.58 -41.72
N ALA A 574 -12.89 -8.66 -41.13
CA ALA A 574 -11.95 -8.99 -40.07
C ALA A 574 -12.69 -8.83 -38.74
N GLY A 575 -12.80 -9.93 -38.01
CA GLY A 575 -13.51 -9.92 -36.74
C GLY A 575 -14.98 -10.26 -36.88
N GLU A 576 -15.37 -10.88 -37.98
CA GLU A 576 -16.74 -11.28 -38.26
C GLU A 576 -16.86 -12.80 -38.25
N ARG A 577 -17.95 -13.30 -37.67
CA ARG A 577 -18.22 -14.73 -37.59
C ARG A 577 -19.68 -15.00 -37.91
N ILE A 578 -19.94 -16.13 -38.56
CA ILE A 578 -21.31 -16.51 -38.91
C ILE A 578 -21.94 -17.12 -37.67
N THR A 579 -23.05 -16.54 -37.22
CA THR A 579 -23.73 -17.01 -36.02
C THR A 579 -24.90 -17.94 -36.27
N SER A 580 -25.60 -17.79 -37.40
CA SER A 580 -26.75 -18.63 -37.69
C SER A 580 -27.00 -18.80 -39.18
N VAL A 581 -27.32 -20.03 -39.58
CA VAL A 581 -27.62 -20.39 -40.97
C VAL A 581 -28.98 -21.08 -41.01
N ALA A 582 -29.63 -21.02 -42.18
CA ALA A 582 -30.94 -21.63 -42.36
C ALA A 582 -31.13 -22.01 -43.81
N ALA A 583 -31.98 -23.01 -44.04
CA ALA A 583 -32.26 -23.48 -45.38
C ALA A 583 -33.71 -23.95 -45.46
N THR A 584 -34.45 -23.39 -46.40
CA THR A 584 -35.83 -23.68 -46.72
C THR A 584 -35.70 -24.20 -48.16
N PRO A 585 -36.70 -24.93 -48.69
CA PRO A 585 -36.58 -25.43 -50.08
C PRO A 585 -36.63 -24.39 -51.19
N VAL A 586 -37.03 -23.14 -50.92
CA VAL A 586 -37.07 -22.12 -51.96
C VAL A 586 -36.14 -20.95 -51.65
N ARG A 587 -35.71 -20.77 -50.40
CA ARG A 587 -34.81 -19.69 -50.00
C ARG A 587 -33.76 -20.17 -49.01
N VAL A 588 -32.56 -19.58 -49.07
CA VAL A 588 -31.46 -19.90 -48.17
C VAL A 588 -31.09 -18.61 -47.44
N ILE A 589 -31.13 -18.66 -46.10
CA ILE A 589 -30.83 -17.51 -45.26
C ILE A 589 -29.58 -17.73 -44.43
N VAL A 590 -28.58 -16.84 -44.59
CA VAL A 590 -27.32 -16.89 -43.87
C VAL A 590 -27.15 -15.57 -43.11
N GLY A 591 -27.02 -15.65 -41.79
CA GLY A 591 -26.86 -14.47 -40.95
C GLY A 591 -25.51 -14.44 -40.27
N THR A 592 -24.96 -13.25 -40.10
CA THR A 592 -23.66 -13.03 -39.46
C THR A 592 -23.77 -12.23 -38.18
N SER A 593 -22.62 -12.03 -37.52
CA SER A 593 -22.56 -11.28 -36.27
C SER A 593 -22.61 -9.77 -36.46
N LEU A 594 -22.32 -9.27 -37.66
CA LEU A 594 -22.35 -7.84 -37.92
C LEU A 594 -23.70 -7.41 -38.47
N GLY A 595 -24.62 -8.36 -38.66
CA GLY A 595 -25.94 -8.04 -39.16
C GLY A 595 -26.12 -8.11 -40.66
N TYR A 596 -25.26 -8.83 -41.38
CA TYR A 596 -25.42 -8.93 -42.82
C TYR A 596 -26.49 -9.98 -43.13
N PHE A 597 -27.51 -9.57 -43.89
CA PHE A 597 -28.61 -10.45 -44.26
C PHE A 597 -28.50 -10.80 -45.74
N ARG A 598 -27.93 -11.97 -46.02
CA ARG A 598 -27.75 -12.44 -47.39
C ARG A 598 -28.74 -13.55 -47.68
N SER A 599 -29.51 -13.39 -48.76
CA SER A 599 -30.50 -14.37 -49.15
C SER A 599 -30.16 -14.98 -50.50
N PHE A 600 -30.27 -16.31 -50.57
CA PHE A 600 -29.99 -17.09 -51.76
C PHE A 600 -31.22 -17.92 -52.09
N ASN A 601 -31.26 -18.45 -53.31
CA ASN A 601 -32.34 -19.32 -53.73
C ASN A 601 -31.90 -20.77 -53.48
N GLN A 602 -32.65 -21.74 -54.01
CA GLN A 602 -32.28 -23.14 -53.82
C GLN A 602 -31.06 -23.59 -54.64
N PHE A 603 -30.62 -22.80 -55.64
CA PHE A 603 -29.45 -23.14 -56.43
C PHE A 603 -28.24 -22.27 -56.09
N GLY A 604 -28.43 -21.23 -55.27
CA GLY A 604 -27.33 -20.37 -54.86
C GLY A 604 -27.20 -19.02 -55.55
N VAL A 605 -28.16 -18.62 -56.37
CA VAL A 605 -28.09 -17.33 -57.06
C VAL A 605 -28.47 -16.22 -56.09
N PRO A 606 -27.62 -15.21 -55.87
CA PRO A 606 -27.95 -14.13 -54.92
C PRO A 606 -28.98 -13.16 -55.49
N PHE A 607 -29.85 -12.66 -54.60
CA PHE A 607 -30.90 -11.72 -54.99
C PHE A 607 -30.57 -10.28 -54.62
N ALA A 608 -30.29 -10.02 -53.34
CA ALA A 608 -29.98 -8.69 -52.83
C ALA A 608 -29.25 -8.81 -51.50
N VAL A 609 -28.31 -7.89 -51.26
CA VAL A 609 -27.56 -7.84 -50.02
C VAL A 609 -28.22 -6.80 -49.13
N GLU A 610 -28.64 -7.19 -47.93
CA GLU A 610 -29.33 -6.32 -46.99
C GLU A 610 -28.59 -6.19 -45.67
N LYS A 611 -28.54 -4.96 -45.14
CA LYS A 611 -27.91 -4.67 -43.85
C LYS A 611 -28.99 -4.51 -42.79
N THR A 612 -29.00 -5.42 -41.82
CA THR A 612 -29.98 -5.45 -40.74
C THR A 612 -29.28 -5.59 -39.39
N SER A 613 -30.06 -5.86 -38.34
CA SER A 613 -29.57 -6.05 -36.98
C SER A 613 -28.91 -7.43 -36.88
N PRO A 614 -28.04 -7.71 -35.85
CA PRO A 614 -27.43 -9.05 -35.77
C PRO A 614 -28.39 -10.13 -35.28
N ILE A 615 -28.37 -11.26 -35.98
CA ILE A 615 -29.23 -12.40 -35.69
C ILE A 615 -28.56 -13.27 -34.63
N VAL A 616 -29.28 -13.54 -33.54
CA VAL A 616 -28.75 -14.37 -32.46
C VAL A 616 -29.54 -15.68 -32.39
N ALA A 617 -30.73 -15.75 -32.97
CA ALA A 617 -31.57 -16.94 -32.97
C ALA A 617 -32.51 -16.86 -34.16
N LEU A 618 -32.62 -17.96 -34.91
CA LEU A 618 -33.51 -17.99 -36.07
C LEU A 618 -34.08 -19.39 -36.24
N THR A 619 -35.32 -19.46 -36.70
CA THR A 619 -35.99 -20.73 -36.96
C THR A 619 -36.86 -20.56 -38.20
N ALA A 620 -37.13 -21.67 -38.88
CA ALA A 620 -37.92 -21.67 -40.10
C ALA A 620 -38.48 -23.05 -40.39
N GLN A 621 -39.67 -23.08 -40.98
CA GLN A 621 -40.23 -24.37 -41.39
C GLN A 621 -41.00 -24.24 -42.70
N ASN A 622 -40.25 -24.42 -43.79
CA ASN A 622 -40.63 -24.52 -45.21
C ASN A 622 -41.31 -23.35 -45.91
N TYR A 623 -41.80 -22.31 -45.21
CA TYR A 623 -42.43 -21.17 -45.87
C TYR A 623 -42.23 -19.76 -45.31
N ARG A 624 -41.52 -19.62 -44.20
CA ARG A 624 -41.34 -18.31 -43.57
C ARG A 624 -40.02 -18.19 -42.82
N VAL A 625 -39.56 -16.95 -42.62
CA VAL A 625 -38.33 -16.68 -41.91
C VAL A 625 -38.62 -15.88 -40.65
N PHE A 626 -38.30 -16.46 -39.49
CA PHE A 626 -38.50 -15.83 -38.18
C PHE A 626 -37.14 -15.60 -37.53
N SER A 627 -36.75 -14.33 -37.39
CA SER A 627 -35.47 -13.98 -36.81
C SER A 627 -35.57 -13.17 -35.53
N VAL A 628 -34.69 -13.49 -34.58
CA VAL A 628 -34.60 -12.81 -33.29
C VAL A 628 -33.34 -11.95 -33.37
N HIS A 629 -33.49 -10.65 -33.12
CA HIS A 629 -32.36 -9.74 -33.20
C HIS A 629 -31.94 -9.17 -31.85
N TYR A 630 -30.62 -9.07 -31.65
CA TYR A 630 -30.04 -8.53 -30.43
C TYR A 630 -28.64 -7.99 -30.64
N SER A 631 -28.47 -6.68 -30.54
CA SER A 631 -27.18 -6.04 -30.64
C SER A 631 -26.75 -5.76 -29.20
N GLN A 632 -25.66 -5.02 -29.02
CA GLN A 632 -25.22 -4.73 -27.66
C GLN A 632 -25.79 -3.41 -27.15
N PHE A 633 -26.54 -2.67 -27.98
CA PHE A 633 -27.09 -1.39 -27.51
C PHE A 633 -28.54 -1.17 -27.95
N HIS A 634 -29.29 -2.25 -28.22
CA HIS A 634 -30.70 -2.10 -28.59
C HIS A 634 -31.69 -2.96 -27.81
N GLY A 635 -31.25 -4.12 -27.31
CA GLY A 635 -32.20 -4.95 -26.59
C GLY A 635 -32.79 -6.03 -27.46
N LEU A 636 -33.37 -7.04 -26.80
CA LEU A 636 -33.99 -8.18 -27.48
C LEU A 636 -35.22 -7.84 -28.31
N SER A 637 -35.18 -8.18 -29.59
CA SER A 637 -36.27 -7.95 -30.52
C SER A 637 -36.47 -9.14 -31.44
N TYR A 638 -37.60 -9.16 -32.16
CA TYR A 638 -37.90 -10.24 -33.08
C TYR A 638 -38.56 -9.74 -34.36
N SER A 639 -38.33 -10.47 -35.45
CA SER A 639 -38.88 -10.16 -36.75
C SER A 639 -39.56 -11.36 -37.38
N LEU A 640 -40.68 -11.11 -38.07
CA LEU A 640 -41.45 -12.16 -38.73
C LEU A 640 -41.70 -11.82 -40.19
N SER A 641 -41.18 -12.66 -41.08
CA SER A 641 -41.33 -12.44 -42.51
C SER A 641 -41.66 -13.71 -43.27
N GLU A 642 -42.22 -13.54 -44.47
CA GLU A 642 -42.58 -14.64 -45.35
C GLU A 642 -41.99 -14.39 -46.73
N LEU A 643 -41.12 -15.29 -47.17
CA LEU A 643 -40.47 -15.17 -48.47
C LEU A 643 -41.16 -16.03 -49.53
N GLY A 644 -42.26 -15.52 -50.07
CA GLY A 644 -43.01 -16.21 -51.09
C GLY A 644 -42.40 -16.03 -52.48
N THR A 645 -43.15 -16.52 -53.47
CA THR A 645 -42.72 -16.40 -54.87
C THR A 645 -42.84 -14.97 -55.37
N SER A 646 -43.89 -14.26 -54.95
CA SER A 646 -44.10 -12.88 -55.37
C SER A 646 -44.45 -12.00 -54.18
N SER A 647 -44.72 -12.58 -53.01
CA SER A 647 -45.07 -11.83 -51.82
C SER A 647 -43.99 -11.85 -50.76
N LYS A 648 -43.50 -10.66 -50.39
CA LYS A 648 -42.45 -10.50 -49.39
C LYS A 648 -42.93 -9.66 -48.21
N ARG A 649 -44.26 -9.60 -48.03
CA ARG A 649 -45.00 -8.89 -46.99
C ARG A 649 -44.59 -9.22 -45.55
N TYR A 650 -44.26 -8.18 -44.78
CA TYR A 650 -43.84 -8.32 -43.38
C TYR A 650 -45.00 -8.28 -42.39
N TYR A 651 -45.22 -9.38 -41.68
CA TYR A 651 -46.28 -9.44 -40.69
C TYR A 651 -45.92 -8.64 -39.44
N LYS A 652 -44.71 -8.85 -38.92
CA LYS A 652 -44.21 -8.16 -37.74
C LYS A 652 -42.83 -7.60 -38.06
N ARG A 653 -42.60 -6.32 -37.77
CA ARG A 653 -41.33 -5.68 -38.07
C ARG A 653 -40.66 -5.07 -36.83
N GLU A 654 -39.62 -5.78 -36.36
CA GLU A 654 -38.76 -5.43 -35.22
C GLU A 654 -39.44 -5.07 -33.89
N CYS A 655 -40.37 -5.91 -33.45
CA CYS A 655 -41.03 -5.65 -32.17
C CYS A 655 -40.13 -6.19 -31.06
N PRO A 656 -40.09 -5.53 -29.90
CA PRO A 656 -39.23 -6.01 -28.81
C PRO A 656 -39.75 -7.27 -28.12
N LEU A 657 -38.82 -8.16 -27.78
CA LEU A 657 -39.11 -9.44 -27.12
C LEU A 657 -38.75 -9.37 -25.64
N PRO A 658 -39.75 -9.48 -24.72
CA PRO A 658 -39.44 -9.42 -23.28
C PRO A 658 -38.93 -10.72 -22.66
N MET A 659 -37.89 -11.32 -23.21
CA MET A 659 -37.34 -12.56 -22.69
C MET A 659 -36.35 -12.27 -21.57
N SER A 660 -36.50 -12.96 -20.44
CA SER A 660 -35.61 -12.75 -19.31
C SER A 660 -34.22 -13.34 -19.53
N LEU A 661 -33.20 -12.50 -19.39
CA LEU A 661 -31.80 -12.86 -19.55
C LEU A 661 -31.17 -13.21 -18.21
N PRO A 662 -30.16 -14.09 -18.18
CA PRO A 662 -29.52 -14.44 -16.89
C PRO A 662 -28.59 -13.32 -16.41
N ASN A 663 -28.73 -12.96 -15.13
CA ASN A 663 -27.91 -11.92 -14.54
C ASN A 663 -26.53 -12.42 -14.05
N ASP A 671 -19.94 -22.90 -10.54
CA ASP A 671 -21.21 -23.43 -11.01
C ASP A 671 -20.90 -24.57 -11.99
N ALA A 672 -21.69 -25.65 -11.91
CA ALA A 672 -21.49 -26.79 -12.80
C ALA A 672 -22.04 -26.56 -14.19
N ASN A 673 -22.94 -25.59 -14.37
CA ASN A 673 -23.54 -25.27 -15.66
C ASN A 673 -22.91 -24.03 -16.28
N LEU A 674 -21.68 -23.70 -15.87
CA LEU A 674 -20.96 -22.53 -16.39
C LEU A 674 -20.55 -22.74 -17.84
N ASP A 675 -20.25 -23.99 -18.21
CA ASP A 675 -19.84 -24.33 -19.58
C ASP A 675 -20.95 -24.20 -20.62
N TYR A 676 -22.21 -24.32 -20.19
CA TYR A 676 -23.33 -24.21 -21.13
C TYR A 676 -23.57 -22.76 -21.56
N TYR A 677 -23.40 -21.81 -20.64
CA TYR A 677 -23.59 -20.40 -20.97
C TYR A 677 -22.46 -19.78 -21.78
N ASN A 678 -21.30 -20.44 -21.84
CA ASN A 678 -20.19 -19.92 -22.62
C ASN A 678 -20.39 -20.21 -24.10
N PHE A 679 -21.08 -21.32 -24.41
CA PHE A 679 -21.35 -21.67 -25.80
C PHE A 679 -22.63 -20.97 -26.26
N ASN A 680 -23.55 -20.70 -25.34
CA ASN A 680 -24.80 -20.04 -25.65
C ASN A 680 -24.97 -18.88 -24.67
N PRO A 681 -24.60 -17.65 -25.07
CA PRO A 681 -24.75 -16.51 -24.15
C PRO A 681 -26.18 -16.05 -23.98
N MET A 682 -27.03 -16.25 -24.99
CA MET A 682 -28.43 -15.82 -24.93
C MET A 682 -29.26 -16.63 -23.94
N GLY A 683 -28.98 -17.94 -23.81
CA GLY A 683 -29.71 -18.78 -22.91
C GLY A 683 -30.86 -19.55 -23.55
N ILE A 684 -31.08 -19.38 -24.85
CA ILE A 684 -32.16 -20.07 -25.56
C ILE A 684 -31.75 -21.51 -25.79
N LYS A 685 -32.43 -22.44 -25.09
CA LYS A 685 -32.13 -23.86 -25.23
C LYS A 685 -32.60 -24.42 -26.57
N SER A 686 -33.84 -24.12 -26.94
CA SER A 686 -34.41 -24.58 -28.20
C SER A 686 -35.53 -23.66 -28.67
N LEU A 687 -35.82 -23.73 -29.97
CA LEU A 687 -36.89 -22.93 -30.57
C LEU A 687 -37.39 -23.68 -31.79
N PHE A 688 -38.71 -23.68 -31.96
CA PHE A 688 -39.42 -24.39 -33.03
C PHE A 688 -40.83 -23.86 -33.26
N PHE A 689 -41.40 -24.23 -34.39
CA PHE A 689 -42.77 -23.86 -34.74
C PHE A 689 -43.71 -24.98 -34.31
N SER A 690 -44.95 -24.63 -33.99
CA SER A 690 -45.92 -25.63 -33.57
C SER A 690 -46.51 -26.39 -34.77
N SER A 691 -47.37 -27.37 -34.46
CA SER A 691 -48.01 -28.19 -35.50
C SER A 691 -49.05 -27.42 -36.32
N TYR A 692 -49.68 -26.40 -35.73
CA TYR A 692 -50.69 -25.63 -36.44
C TYR A 692 -50.16 -24.33 -37.02
N GLY A 693 -48.87 -24.06 -36.90
CA GLY A 693 -48.28 -22.85 -37.44
C GLY A 693 -48.08 -21.70 -36.49
N ASP A 694 -48.03 -21.94 -35.17
CA ASP A 694 -47.82 -20.84 -34.25
C ASP A 694 -46.37 -20.79 -33.80
N PRO A 695 -45.73 -19.61 -33.78
CA PRO A 695 -44.32 -19.53 -33.35
C PRO A 695 -44.15 -19.71 -31.85
N CYS A 696 -43.13 -20.47 -31.48
CA CYS A 696 -42.82 -20.75 -30.09
C CYS A 696 -41.34 -20.50 -29.80
N ILE A 697 -41.02 -20.13 -28.56
CA ILE A 697 -39.65 -19.86 -28.16
C ILE A 697 -39.51 -20.30 -26.71
N PHE A 698 -38.32 -20.79 -26.35
CA PHE A 698 -38.02 -21.25 -24.99
C PHE A 698 -36.67 -20.70 -24.56
N GLY A 699 -36.70 -19.70 -23.66
CA GLY A 699 -35.49 -19.08 -23.18
C GLY A 699 -34.98 -19.68 -21.88
N SER A 700 -34.08 -18.92 -21.24
CA SER A 700 -33.46 -19.31 -19.97
C SER A 700 -34.37 -19.17 -18.75
N ASP A 701 -35.54 -18.53 -18.90
CA ASP A 701 -36.48 -18.32 -17.80
C ASP A 701 -37.41 -19.51 -17.52
N ASN A 702 -37.21 -20.63 -18.24
CA ASN A 702 -37.96 -21.90 -18.15
C ASN A 702 -39.48 -21.80 -18.32
N THR A 703 -39.93 -20.86 -19.15
CA THR A 703 -41.35 -20.65 -19.41
C THR A 703 -41.62 -20.84 -20.91
N LEU A 704 -42.53 -21.76 -21.22
CA LEU A 704 -42.90 -22.03 -22.60
C LEU A 704 -43.84 -20.94 -23.11
N LEU A 705 -43.38 -20.20 -24.11
CA LEU A 705 -44.16 -19.11 -24.70
C LEU A 705 -44.65 -19.44 -26.10
N LEU A 706 -45.93 -19.20 -26.34
CA LEU A 706 -46.56 -19.45 -27.64
C LEU A 706 -47.10 -18.11 -28.13
N LEU A 707 -46.82 -17.79 -29.39
CA LEU A 707 -47.28 -16.54 -29.98
C LEU A 707 -48.70 -16.66 -30.49
N SER A 708 -49.61 -15.87 -29.93
CA SER A 708 -51.02 -15.86 -30.31
C SER A 708 -51.27 -14.66 -31.21
N LYS A 709 -52.28 -14.83 -32.10
CA LYS A 709 -52.75 -13.83 -33.09
C LYS A 709 -51.67 -13.29 -34.04
N TRP A 710 -50.96 -14.19 -34.72
CA TRP A 710 -49.89 -13.79 -35.63
C TRP A 710 -50.41 -13.24 -36.96
N ARG A 711 -51.70 -13.39 -37.26
CA ARG A 711 -52.27 -12.88 -38.50
C ARG A 711 -52.66 -11.42 -38.33
N SER A 712 -52.76 -10.95 -37.09
CA SER A 712 -53.13 -9.56 -36.79
C SER A 712 -52.03 -8.87 -35.98
N PRO A 713 -51.27 -7.91 -36.61
CA PRO A 713 -50.19 -7.19 -35.91
C PRO A 713 -50.59 -6.34 -34.71
N GLU A 714 -51.82 -5.81 -34.72
CA GLU A 714 -52.31 -5.00 -33.63
C GLU A 714 -52.96 -5.83 -32.53
N GLU A 715 -53.12 -7.14 -32.75
CA GLU A 715 -53.74 -8.02 -31.77
C GLU A 715 -52.82 -9.12 -31.26
N SER A 716 -51.57 -9.16 -31.74
CA SER A 716 -50.61 -10.18 -31.32
C SER A 716 -50.14 -10.06 -29.88
N LYS A 717 -50.32 -11.14 -29.10
CA LYS A 717 -49.94 -11.21 -27.70
C LYS A 717 -49.20 -12.50 -27.37
N TRP A 718 -48.29 -12.43 -26.41
CA TRP A 718 -47.51 -13.59 -25.98
C TRP A 718 -48.22 -14.25 -24.80
N LEU A 719 -48.56 -15.53 -24.94
CA LEU A 719 -49.27 -16.23 -23.88
C LEU A 719 -48.49 -17.42 -23.32
N PRO A 720 -48.26 -17.48 -21.99
CA PRO A 720 -47.54 -18.63 -21.42
C PRO A 720 -48.47 -19.81 -21.15
N ILE A 721 -48.12 -20.99 -21.64
CA ILE A 721 -48.94 -22.18 -21.47
C ILE A 721 -48.33 -23.19 -20.51
N LEU A 722 -47.00 -23.30 -20.43
CA LEU A 722 -46.38 -24.28 -19.55
C LEU A 722 -45.14 -23.76 -18.82
N ASP A 723 -45.08 -24.02 -17.52
CA ASP A 723 -43.96 -23.65 -16.67
C ASP A 723 -43.34 -24.99 -16.28
N SER A 724 -42.07 -25.18 -16.66
CA SER A 724 -41.39 -26.44 -16.36
C SER A 724 -41.00 -26.61 -14.90
N ASN A 725 -40.71 -25.51 -14.20
CA ASN A 725 -40.31 -25.56 -12.79
C ASN A 725 -41.40 -26.01 -11.82
N MET A 726 -42.66 -25.77 -12.18
CA MET A 726 -43.78 -26.17 -11.33
C MET A 726 -44.02 -27.68 -11.49
N GLU A 727 -43.73 -28.22 -12.67
CA GLU A 727 -43.93 -29.65 -12.93
C GLU A 727 -42.92 -30.56 -12.25
N ILE A 728 -41.71 -30.06 -11.98
CA ILE A 728 -40.67 -30.85 -11.32
C ILE A 728 -41.02 -31.05 -9.84
N TRP A 729 -41.50 -30.00 -9.18
CA TRP A 729 -41.88 -30.04 -7.78
C TRP A 729 -43.10 -30.91 -7.48
N LYS A 730 -44.05 -30.97 -8.43
CA LYS A 730 -45.26 -31.77 -8.21
C LYS A 730 -45.04 -33.27 -8.38
N MET A 731 -44.17 -33.67 -9.31
CA MET A 731 -43.92 -35.09 -9.54
C MET A 731 -43.13 -35.80 -8.45
N SER A 732 -42.19 -35.09 -7.80
CA SER A 732 -41.38 -35.68 -6.74
C SER A 732 -42.01 -35.63 -5.34
N GLY A 733 -43.29 -35.29 -5.24
CA GLY A 733 -43.99 -35.23 -3.97
C GLY A 733 -43.60 -34.09 -3.04
N GLY A 734 -43.45 -32.88 -3.57
CA GLY A 734 -43.11 -31.74 -2.75
C GLY A 734 -41.64 -31.53 -2.50
N LYS A 735 -40.75 -32.24 -3.19
CA LYS A 735 -39.31 -32.10 -3.00
C LYS A 735 -38.68 -31.56 -4.28
N GLU A 736 -37.91 -30.48 -4.15
CA GLU A 736 -37.25 -29.90 -5.31
C GLU A 736 -36.01 -30.71 -5.66
N THR A 737 -35.89 -31.09 -6.93
CA THR A 737 -34.76 -31.88 -7.42
C THR A 737 -33.99 -31.11 -8.49
N THR A 738 -32.71 -30.82 -8.20
CA THR A 738 -31.88 -30.09 -9.15
C THR A 738 -31.41 -30.88 -10.36
N ASP A 739 -31.31 -32.21 -10.22
CA ASP A 739 -30.84 -33.06 -11.31
C ASP A 739 -31.87 -33.19 -12.45
N ILE A 740 -33.15 -33.24 -12.11
CA ILE A 740 -34.20 -33.38 -13.13
C ILE A 740 -34.41 -32.06 -13.88
N HIS A 741 -34.21 -32.09 -15.19
CA HIS A 741 -34.38 -30.92 -16.06
C HIS A 741 -35.26 -31.24 -17.25
N VAL A 742 -35.73 -30.19 -17.93
CA VAL A 742 -36.61 -30.32 -19.09
C VAL A 742 -35.95 -29.74 -20.34
N TRP A 743 -35.78 -30.56 -21.36
CA TRP A 743 -35.20 -30.16 -22.64
C TRP A 743 -36.30 -30.36 -23.69
N PRO A 744 -37.00 -29.30 -24.10
CA PRO A 744 -38.12 -29.46 -25.05
C PRO A 744 -37.69 -29.74 -26.49
N LEU A 745 -38.44 -30.64 -27.13
CA LEU A 745 -38.21 -31.05 -28.51
C LEU A 745 -39.35 -30.66 -29.45
N ALA A 746 -40.58 -31.00 -29.11
CA ALA A 746 -41.72 -30.68 -29.97
C ALA A 746 -42.98 -30.52 -29.14
N LEU A 747 -43.92 -29.75 -29.70
CA LEU A 747 -45.22 -29.45 -29.10
C LEU A 747 -46.32 -29.49 -30.15
N ALA A 748 -47.23 -30.48 -30.06
CA ALA A 748 -48.32 -30.52 -31.03
C ALA A 748 -49.66 -30.38 -30.29
N TYR A 749 -49.97 -29.13 -29.95
CA TYR A 749 -51.18 -28.49 -29.39
C TYR A 749 -51.59 -28.92 -27.97
N ASP A 750 -51.05 -30.01 -27.42
CA ASP A 750 -51.41 -30.40 -26.06
C ASP A 750 -50.33 -30.99 -25.14
N THR A 751 -49.19 -31.40 -25.68
CA THR A 751 -48.12 -32.03 -24.90
C THR A 751 -46.74 -31.64 -25.40
N LEU A 752 -45.93 -31.06 -24.51
CA LEU A 752 -44.56 -30.69 -24.85
C LEU A 752 -43.67 -31.91 -24.68
N ASN A 753 -43.12 -32.41 -25.79
N ASN A 753 -43.12 -32.41 -25.80
CA ASN A 753 -42.24 -33.58 -25.77
CA ASN A 753 -42.24 -33.58 -25.77
C ASN A 753 -40.87 -33.19 -25.25
C ASN A 753 -40.86 -33.19 -25.25
N CYS A 754 -40.39 -33.92 -24.23
CA CYS A 754 -39.09 -33.61 -23.65
C CYS A 754 -38.29 -34.82 -23.19
N ILE A 755 -37.00 -34.59 -22.95
CA ILE A 755 -36.06 -35.62 -22.51
C ILE A 755 -35.78 -35.42 -21.03
N LEU A 756 -36.01 -36.47 -20.24
CA LEU A 756 -35.74 -36.41 -18.81
C LEU A 756 -34.28 -36.76 -18.55
N VAL A 757 -33.44 -35.74 -18.43
CA VAL A 757 -32.02 -35.91 -18.20
C VAL A 757 -31.73 -35.95 -16.71
N LYS A 758 -31.20 -37.08 -16.23
CA LYS A 758 -30.88 -37.26 -14.82
C LYS A 758 -29.37 -37.22 -14.62
N GLY A 759 -28.91 -36.21 -13.89
CA GLY A 759 -27.48 -36.06 -13.63
C GLY A 759 -27.14 -34.61 -13.34
N LYS A 760 -25.83 -34.34 -13.37
CA LYS A 760 -25.33 -32.99 -13.09
C LYS A 760 -25.46 -32.08 -14.30
N HIS A 761 -25.16 -32.58 -15.49
CA HIS A 761 -25.23 -31.78 -16.70
C HIS A 761 -26.66 -31.58 -17.20
N ILE A 762 -26.93 -30.39 -17.76
CA ILE A 762 -28.26 -30.08 -18.27
C ILE A 762 -28.34 -30.37 -19.76
N TRP A 763 -27.24 -30.81 -20.38
CA TRP A 763 -27.21 -31.12 -21.80
C TRP A 763 -27.12 -32.63 -22.00
N PRO A 764 -27.77 -33.17 -23.03
CA PRO A 764 -27.72 -34.62 -23.26
C PRO A 764 -26.37 -35.11 -23.81
N GLU A 765 -26.09 -36.36 -23.51
CA GLU A 765 -24.88 -37.09 -23.91
C GLU A 765 -25.27 -38.13 -24.93
N PHE A 766 -24.26 -38.85 -25.45
CA PHE A 766 -24.47 -39.90 -26.44
C PHE A 766 -25.22 -41.04 -25.74
N PRO A 767 -26.09 -41.79 -26.49
CA PRO A 767 -27.36 -42.14 -27.11
C PRO A 767 -28.49 -41.56 -26.28
N LEU A 768 -29.34 -40.85 -27.03
CA LEU A 768 -30.47 -40.15 -26.47
C LEU A 768 -31.60 -41.09 -26.02
N PRO A 769 -32.13 -40.91 -24.80
CA PRO A 769 -33.24 -41.75 -24.35
C PRO A 769 -34.54 -41.32 -25.01
N LEU A 770 -35.56 -42.16 -24.84
CA LEU A 770 -36.87 -41.88 -25.42
C LEU A 770 -37.60 -40.72 -24.75
N PRO A 771 -38.32 -39.89 -25.53
CA PRO A 771 -39.03 -38.75 -24.93
C PRO A 771 -40.24 -39.14 -24.10
N SER A 772 -40.47 -38.39 -23.04
CA SER A 772 -41.60 -38.61 -22.15
C SER A 772 -42.66 -37.58 -22.47
N GLU A 773 -43.86 -37.76 -21.91
CA GLU A 773 -44.96 -36.85 -22.15
C GLU A 773 -45.37 -36.07 -20.90
N MET A 774 -45.51 -34.76 -21.07
CA MET A 774 -45.87 -33.85 -19.99
C MET A 774 -46.98 -32.92 -20.48
N GLU A 775 -48.17 -33.07 -19.89
CA GLU A 775 -49.31 -32.25 -20.25
C GLU A 775 -49.15 -30.82 -19.75
N ILE A 776 -49.62 -29.85 -20.54
CA ILE A 776 -49.50 -28.45 -20.16
C ILE A 776 -50.44 -28.05 -19.04
N ARG A 777 -49.95 -27.17 -18.15
CA ARG A 777 -50.69 -26.66 -17.01
C ARG A 777 -50.43 -25.17 -16.87
N MET A 778 -51.50 -24.40 -16.68
CA MET A 778 -51.38 -22.95 -16.52
C MET A 778 -50.75 -22.57 -15.18
N PRO A 779 -49.76 -21.65 -15.16
CA PRO A 779 -49.12 -21.26 -13.88
C PRO A 779 -49.96 -20.35 -12.98
N VAL A 780 -50.98 -20.95 -12.36
CA VAL A 780 -51.88 -20.23 -11.46
C VAL A 780 -51.88 -20.92 -10.09
N PHE A 781 -50.99 -21.89 -9.92
CA PHE A 781 -50.87 -22.64 -8.68
C PHE A 781 -49.88 -22.01 -7.71
N VAL A 782 -50.21 -22.09 -6.42
CA VAL A 782 -49.37 -21.54 -5.37
C VAL A 782 -48.70 -22.78 -4.78
N LYS A 783 -47.46 -22.62 -4.30
CA LYS A 783 -46.70 -23.73 -3.72
C LYS A 783 -46.94 -23.83 -2.23
N SER A 784 -47.11 -22.68 -1.55
CA SER A 784 -47.36 -22.68 -0.12
C SER A 784 -48.75 -23.15 0.26
N LYS A 785 -49.75 -22.90 -0.62
CA LYS A 785 -51.11 -23.31 -0.34
C LYS A 785 -51.34 -24.81 -0.49
N LEU A 786 -50.56 -25.47 -1.36
CA LEU A 786 -50.73 -26.91 -1.55
C LEU A 786 -50.14 -27.72 -0.40
N LEU A 787 -49.12 -27.16 0.28
CA LEU A 787 -48.51 -27.85 1.41
C LEU A 787 -49.40 -27.80 2.64
N GLU A 788 -50.17 -26.72 2.80
CA GLU A 788 -51.08 -26.56 3.93
C GLU A 788 -52.28 -27.51 3.86
N GLU A 789 -52.72 -27.83 2.64
CA GLU A 789 -53.86 -28.72 2.43
C GLU A 789 -53.51 -30.21 2.51
N ASN A 790 -52.24 -30.55 2.72
CA ASN A 790 -51.84 -31.95 2.81
C ASN A 790 -50.96 -32.20 4.05
N GLU A 814 -46.58 -37.65 -4.67
CA GLU A 814 -47.36 -36.93 -5.67
C GLU A 814 -48.31 -35.94 -4.99
N ILE A 815 -48.27 -34.68 -5.46
CA ILE A 815 -49.13 -33.64 -4.90
C ILE A 815 -50.55 -33.87 -5.42
N GLN A 816 -51.52 -33.85 -4.52
CA GLN A 816 -52.93 -34.06 -4.85
C GLN A 816 -53.62 -32.73 -5.09
N ILE A 817 -54.33 -32.64 -6.20
CA ILE A 817 -55.06 -31.44 -6.60
C ILE A 817 -56.55 -31.64 -6.38
N PRO A 818 -57.23 -30.76 -5.65
CA PRO A 818 -58.69 -30.91 -5.44
C PRO A 818 -59.49 -30.58 -6.69
N VAL A 819 -60.75 -31.02 -6.68
CA VAL A 819 -61.73 -30.85 -7.76
C VAL A 819 -62.02 -29.39 -8.08
N SER A 820 -62.45 -28.64 -7.06
CA SER A 820 -62.78 -27.21 -7.09
C SER A 820 -61.69 -26.29 -7.63
N MET A 821 -60.44 -26.55 -7.23
CA MET A 821 -59.32 -25.72 -7.69
C MET A 821 -58.95 -26.07 -9.13
N ALA A 822 -59.14 -27.34 -9.52
CA ALA A 822 -58.84 -27.79 -10.88
C ALA A 822 -59.80 -27.26 -11.94
N ALA A 823 -61.00 -26.83 -11.56
CA ALA A 823 -61.96 -26.29 -12.52
C ALA A 823 -61.56 -24.89 -12.97
N GLU A 824 -60.84 -24.16 -12.12
CA GLU A 824 -60.37 -22.81 -12.45
C GLU A 824 -59.27 -22.86 -13.49
N GLU A 825 -58.36 -23.83 -13.34
CA GLU A 825 -57.23 -23.99 -14.27
C GLU A 825 -57.72 -24.57 -15.60
N GLU A 826 -58.78 -25.38 -15.56
CA GLU A 826 -59.33 -26.00 -16.77
C GLU A 826 -60.04 -24.95 -17.64
N TYR A 827 -60.63 -23.93 -17.00
CA TYR A 827 -61.30 -22.84 -17.71
C TYR A 827 -60.32 -21.94 -18.45
N LEU A 828 -59.18 -21.64 -17.83
CA LEU A 828 -58.16 -20.79 -18.46
C LEU A 828 -57.43 -21.48 -19.60
N ARG A 829 -57.20 -22.79 -19.48
CA ARG A 829 -56.50 -23.55 -20.52
C ARG A 829 -57.37 -23.76 -21.76
N SER A 830 -58.65 -24.06 -21.56
CA SER A 830 -59.57 -24.29 -22.67
C SER A 830 -59.96 -23.03 -23.43
N LYS A 831 -59.91 -21.87 -22.76
CA LYS A 831 -60.25 -20.59 -23.39
C LYS A 831 -59.21 -20.15 -24.43
N VAL A 832 -57.94 -20.40 -24.14
CA VAL A 832 -56.84 -20.05 -25.04
C VAL A 832 -56.84 -20.97 -26.27
N LEU A 833 -56.98 -22.28 -26.04
CA LEU A 833 -56.98 -23.27 -27.13
C LEU A 833 -58.17 -23.19 -28.09
N SER A 834 -59.35 -22.79 -27.59
CA SER A 834 -60.53 -22.69 -28.44
C SER A 834 -60.48 -21.51 -29.40
N GLU A 835 -59.85 -20.41 -28.98
CA GLU A 835 -59.74 -19.21 -29.81
C GLU A 835 -58.76 -19.41 -30.96
N LEU A 836 -57.66 -20.10 -30.70
CA LEU A 836 -56.65 -20.36 -31.73
C LEU A 836 -57.10 -21.40 -32.76
N LEU A 837 -57.85 -22.40 -32.32
CA LEU A 837 -58.33 -23.46 -33.21
C LEU A 837 -59.44 -22.94 -34.14
N THR A 838 -60.24 -21.98 -33.65
CA THR A 838 -61.33 -21.40 -34.43
C THR A 838 -60.76 -20.49 -35.52
N ASP A 839 -59.75 -19.68 -35.18
CA ASP A 839 -59.12 -18.77 -36.14
C ASP A 839 -58.29 -19.48 -37.20
N THR A 840 -57.77 -20.67 -36.89
CA THR A 840 -56.97 -21.45 -37.82
C THR A 840 -57.85 -22.03 -38.93
N LEU A 841 -59.01 -22.58 -38.54
CA LEU A 841 -59.94 -23.17 -39.51
C LEU A 841 -60.65 -22.14 -40.38
N GLU A 842 -60.92 -20.94 -39.84
CA GLU A 842 -61.59 -19.91 -40.61
C GLU A 842 -60.66 -19.14 -41.55
N ASN A 843 -59.35 -19.33 -41.42
CA ASN A 843 -58.41 -18.61 -42.29
C ASN A 843 -57.55 -19.54 -43.14
N ASP A 844 -57.14 -20.69 -42.60
CA ASP A 844 -56.31 -21.62 -43.36
C ASP A 844 -57.01 -22.94 -43.61
N GLY A 845 -58.06 -23.26 -42.84
CA GLY A 845 -58.76 -24.51 -43.02
C GLY A 845 -58.14 -25.64 -42.23
N GLU A 846 -58.51 -26.85 -42.62
CA GLU A 846 -58.00 -28.04 -41.96
C GLU A 846 -56.57 -28.35 -42.39
N MET A 847 -55.82 -29.01 -41.50
CA MET A 847 -54.44 -29.37 -41.77
C MET A 847 -54.24 -30.88 -41.64
N TYR A 848 -54.93 -31.52 -40.71
CA TYR A 848 -54.81 -32.96 -40.51
C TYR A 848 -56.07 -33.70 -40.92
N GLY A 849 -57.24 -33.07 -40.81
CA GLY A 849 -58.49 -33.69 -41.17
C GLY A 849 -59.36 -34.11 -40.00
N ASN A 850 -58.88 -33.94 -38.76
CA ASN A 850 -59.62 -34.32 -37.57
C ASN A 850 -59.85 -33.17 -36.61
N GLU A 851 -59.74 -31.92 -37.10
CA GLU A 851 -59.92 -30.72 -36.27
C GLU A 851 -61.34 -30.52 -35.74
N ASN A 852 -62.34 -31.04 -36.47
CA ASN A 852 -63.74 -30.89 -36.05
C ASN A 852 -64.09 -31.70 -34.80
N GLU A 853 -63.46 -32.87 -34.64
CA GLU A 853 -63.72 -33.71 -33.47
C GLU A 853 -63.01 -33.16 -32.24
N VAL A 854 -61.88 -32.48 -32.45
CA VAL A 854 -61.11 -31.89 -31.35
C VAL A 854 -61.87 -30.67 -30.84
N LEU A 855 -62.39 -29.85 -31.77
CA LEU A 855 -63.14 -28.63 -31.45
C LEU A 855 -64.46 -28.90 -30.73
N ALA A 856 -65.13 -30.01 -31.08
CA ALA A 856 -66.39 -30.38 -30.43
C ALA A 856 -66.15 -30.89 -29.01
N ALA A 857 -65.05 -31.64 -28.82
CA ALA A 857 -64.72 -32.17 -27.50
C ALA A 857 -64.18 -31.09 -26.58
N LEU A 858 -63.52 -30.08 -27.14
CA LEU A 858 -62.96 -28.97 -26.35
C LEU A 858 -64.06 -28.05 -25.83
N ASN A 859 -65.11 -27.84 -26.65
CA ASN A 859 -66.24 -27.00 -26.25
C ASN A 859 -67.09 -27.63 -25.15
N GLY A 860 -67.12 -28.97 -25.09
CA GLY A 860 -67.85 -29.64 -24.04
C GLY A 860 -67.10 -29.58 -22.71
N ALA A 861 -65.77 -29.65 -22.78
CA ALA A 861 -64.94 -29.56 -21.58
C ALA A 861 -64.87 -28.13 -21.07
N TYR A 862 -65.05 -27.14 -21.95
CA TYR A 862 -65.04 -25.73 -21.59
C TYR A 862 -66.29 -25.40 -20.79
N ASP A 863 -67.43 -25.95 -21.22
CA ASP A 863 -68.69 -25.72 -20.52
C ASP A 863 -68.75 -26.51 -19.22
N LYS A 864 -68.02 -27.63 -19.15
CA LYS A 864 -67.98 -28.49 -17.96
C LYS A 864 -67.28 -27.81 -16.78
N ALA A 865 -66.16 -27.14 -17.04
CA ALA A 865 -65.41 -26.46 -15.98
C ALA A 865 -66.12 -25.18 -15.53
N LEU A 866 -66.86 -24.53 -16.43
CA LEU A 866 -67.55 -23.30 -16.08
C LEU A 866 -68.79 -23.58 -15.23
N LEU A 867 -69.50 -24.68 -15.51
CA LEU A 867 -70.69 -25.03 -14.71
C LEU A 867 -70.31 -25.61 -13.36
N ARG A 868 -69.08 -26.12 -13.22
CA ARG A 868 -68.62 -26.67 -11.94
C ARG A 868 -68.33 -25.50 -11.01
N LEU A 869 -67.82 -24.39 -11.56
CA LEU A 869 -67.56 -23.19 -10.77
C LEU A 869 -68.88 -22.47 -10.48
N PHE A 870 -69.87 -22.65 -11.37
CA PHE A 870 -71.19 -22.05 -11.21
C PHE A 870 -71.94 -22.69 -10.04
N ALA A 871 -71.74 -23.99 -9.83
CA ALA A 871 -72.38 -24.70 -8.73
C ALA A 871 -71.77 -24.31 -7.39
N SER A 872 -70.46 -24.02 -7.37
CA SER A 872 -69.78 -23.62 -6.14
C SER A 872 -70.18 -22.22 -5.68
N ALA A 873 -70.52 -21.33 -6.63
CA ALA A 873 -70.93 -19.98 -6.30
C ALA A 873 -72.33 -19.96 -5.69
N CYS A 874 -73.19 -20.89 -6.11
CA CYS A 874 -74.55 -20.97 -5.59
C CYS A 874 -74.58 -21.51 -4.16
N SER A 875 -73.61 -22.36 -3.81
CA SER A 875 -73.53 -22.94 -2.47
C SER A 875 -73.15 -21.92 -1.41
N ASP A 876 -72.38 -20.90 -1.79
CA ASP A 876 -71.95 -19.86 -0.88
C ASP A 876 -72.84 -18.62 -0.95
N GLN A 877 -74.06 -18.78 -1.52
CA GLN A 877 -75.11 -17.78 -1.70
C GLN A 877 -74.72 -16.49 -2.43
N ASN A 878 -73.70 -16.54 -3.29
CA ASN A 878 -73.25 -15.36 -4.03
C ASN A 878 -73.95 -15.40 -5.39
N VAL A 879 -75.11 -14.74 -5.44
CA VAL A 879 -75.95 -14.68 -6.64
C VAL A 879 -75.29 -13.83 -7.73
N GLU A 880 -74.68 -12.70 -7.33
CA GLU A 880 -74.01 -11.78 -8.26
C GLU A 880 -72.79 -12.33 -9.00
N LYS A 881 -72.03 -13.21 -8.35
CA LYS A 881 -70.86 -13.81 -8.99
C LYS A 881 -71.32 -14.86 -10.00
N ALA A 882 -72.47 -15.50 -9.73
CA ALA A 882 -73.04 -16.52 -10.61
C ALA A 882 -73.59 -15.92 -11.90
N LEU A 883 -73.97 -14.63 -11.87
CA LEU A 883 -74.50 -13.93 -13.04
C LEU A 883 -73.44 -13.71 -14.12
N SER A 884 -72.20 -13.41 -13.70
CA SER A 884 -71.11 -13.18 -14.65
C SER A 884 -70.64 -14.48 -15.30
N LEU A 885 -70.76 -15.61 -14.59
CA LEU A 885 -70.34 -16.89 -15.13
C LEU A 885 -71.28 -17.42 -16.20
N ALA A 886 -72.57 -17.06 -16.12
CA ALA A 886 -73.56 -17.52 -17.08
C ALA A 886 -73.39 -16.86 -18.45
N HIS A 887 -72.88 -15.63 -18.50
CA HIS A 887 -72.69 -14.93 -19.76
C HIS A 887 -71.55 -15.45 -20.62
N GLU A 888 -70.63 -16.24 -20.06
CA GLU A 888 -69.49 -16.78 -20.79
C GLU A 888 -69.78 -18.07 -21.56
N LEU A 889 -71.03 -18.56 -21.51
CA LEU A 889 -71.38 -19.77 -22.24
C LEU A 889 -71.51 -19.53 -23.75
N LYS A 890 -71.06 -20.50 -24.53
CA LYS A 890 -71.10 -20.43 -26.00
C LYS A 890 -72.30 -21.16 -26.58
N GLN A 891 -72.47 -22.43 -26.22
CA GLN A 891 -73.58 -23.23 -26.74
C GLN A 891 -74.91 -22.87 -26.12
N ASP A 892 -75.98 -22.95 -26.93
CA ASP A 892 -77.32 -22.64 -26.44
C ASP A 892 -77.88 -23.74 -25.55
N ARG A 893 -77.38 -24.98 -25.70
CA ARG A 893 -77.85 -26.10 -24.89
C ARG A 893 -77.29 -26.05 -23.48
N ALA A 894 -76.20 -25.30 -23.26
CA ALA A 894 -75.61 -25.17 -21.93
C ALA A 894 -76.43 -24.25 -21.05
N LEU A 895 -77.19 -23.34 -21.65
CA LEU A 895 -78.05 -22.41 -20.93
C LEU A 895 -79.23 -23.11 -20.25
N THR A 896 -79.70 -24.22 -20.82
CA THR A 896 -80.81 -24.99 -20.26
C THR A 896 -80.35 -25.71 -19.00
N ALA A 897 -79.11 -26.23 -19.01
CA ALA A 897 -78.55 -26.94 -17.86
C ALA A 897 -78.24 -26.01 -16.69
N ALA A 898 -78.01 -24.72 -16.97
CA ALA A 898 -77.71 -23.74 -15.92
C ALA A 898 -78.95 -23.41 -15.08
N VAL A 899 -80.14 -23.59 -15.65
CA VAL A 899 -81.40 -23.32 -14.97
C VAL A 899 -81.62 -24.38 -13.87
N LYS A 900 -81.33 -25.65 -14.20
CA LYS A 900 -81.49 -26.77 -13.26
C LYS A 900 -80.55 -26.74 -12.05
N ILE A 901 -79.39 -26.10 -12.20
CA ILE A 901 -78.43 -25.99 -11.10
C ILE A 901 -78.97 -24.91 -10.15
N SER A 902 -79.54 -23.83 -10.71
CA SER A 902 -80.10 -22.74 -9.93
C SER A 902 -81.36 -23.11 -9.15
N GLU A 903 -82.19 -23.98 -9.71
CA GLU A 903 -83.43 -24.40 -9.03
C GLU A 903 -83.16 -25.33 -7.87
N ARG A 904 -82.09 -26.14 -7.97
CA ARG A 904 -81.72 -27.08 -6.91
C ARG A 904 -81.14 -26.32 -5.71
N ALA A 905 -80.48 -25.18 -5.97
CA ALA A 905 -79.86 -24.36 -4.94
C ALA A 905 -80.81 -23.36 -4.30
N GLU A 906 -82.12 -23.43 -4.62
CA GLU A 906 -83.20 -22.57 -4.12
C GLU A 906 -83.00 -21.07 -4.32
N LEU A 907 -82.71 -20.67 -5.56
CA LEU A 907 -82.50 -19.27 -5.94
C LEU A 907 -83.43 -18.92 -7.10
N PRO A 908 -84.66 -18.47 -6.82
CA PRO A 908 -85.60 -18.15 -7.91
C PRO A 908 -85.25 -16.89 -8.70
N SER A 909 -84.52 -15.94 -8.11
CA SER A 909 -84.16 -14.73 -8.82
C SER A 909 -83.05 -14.99 -9.85
N LEU A 910 -82.22 -16.00 -9.59
CA LEU A 910 -81.12 -16.35 -10.49
C LEU A 910 -81.65 -17.04 -11.75
N VAL A 911 -82.80 -17.73 -11.64
CA VAL A 911 -83.44 -18.45 -12.74
C VAL A 911 -83.90 -17.51 -13.86
N LYS A 912 -84.56 -16.39 -13.48
CA LYS A 912 -85.04 -15.40 -14.44
C LYS A 912 -83.92 -14.64 -15.14
N LYS A 913 -82.76 -14.51 -14.49
CA LYS A 913 -81.62 -13.82 -15.09
C LYS A 913 -80.97 -14.63 -16.20
N ILE A 914 -81.01 -15.97 -16.08
CA ILE A 914 -80.44 -16.85 -17.09
C ILE A 914 -81.41 -16.85 -18.28
N ASN A 915 -82.73 -16.81 -17.99
CA ASN A 915 -83.77 -16.79 -19.01
C ASN A 915 -83.79 -15.53 -19.88
N ASN A 916 -83.29 -14.41 -19.35
CA ASN A 916 -83.23 -13.17 -20.13
C ASN A 916 -82.13 -13.24 -21.17
N ILE A 917 -81.07 -14.01 -20.86
CA ILE A 917 -79.94 -14.19 -21.77
C ILE A 917 -80.42 -15.11 -22.90
N ARG A 918 -81.25 -16.11 -22.57
CA ARG A 918 -81.80 -17.05 -23.55
C ARG A 918 -82.75 -16.42 -24.56
N GLU A 919 -83.54 -15.43 -24.12
CA GLU A 919 -84.46 -14.75 -25.03
C GLU A 919 -83.73 -13.81 -25.97
N ALA A 920 -82.60 -13.25 -25.52
CA ALA A 920 -81.81 -12.34 -26.34
C ALA A 920 -81.07 -13.08 -27.47
N ARG A 921 -80.62 -14.31 -27.20
CA ARG A 921 -79.92 -15.09 -28.22
C ARG A 921 -80.92 -15.68 -29.21
N TYR A 922 -82.14 -15.94 -28.75
CA TYR A 922 -83.19 -16.50 -29.61
C TYR A 922 -83.71 -15.42 -30.55
N GLU A 923 -83.68 -14.16 -30.11
CA GLU A 923 -84.14 -13.04 -30.93
C GLU A 923 -83.12 -12.74 -32.03
N GLN A 924 -81.83 -12.86 -31.69
CA GLN A 924 -80.74 -12.61 -32.64
C GLN A 924 -80.66 -13.72 -33.68
N GLN A 925 -81.07 -14.95 -33.31
CA GLN A 925 -81.06 -16.10 -34.20
C GLN A 925 -82.15 -15.97 -35.27
N LEU A 926 -83.25 -15.27 -34.96
CA LEU A 926 -84.35 -15.09 -35.91
C LEU A 926 -84.17 -13.86 -36.80
N LYS A 927 -83.02 -13.20 -36.75
CA LYS A 927 -82.77 -12.02 -37.58
C LYS A 927 -82.05 -12.41 -38.86
N PHE B 474 -23.69 11.11 -20.19
CA PHE B 474 -23.03 11.22 -21.48
C PHE B 474 -23.19 12.63 -22.04
N ARG B 475 -22.07 13.34 -22.17
CA ARG B 475 -22.10 14.70 -22.70
C ARG B 475 -22.20 14.63 -24.21
N TYR B 476 -23.04 15.51 -24.78
CA TYR B 476 -23.23 15.54 -26.23
C TYR B 476 -22.21 16.49 -26.86
N MET B 477 -22.28 16.62 -28.18
CA MET B 477 -21.41 17.47 -28.99
C MET B 477 -22.21 18.11 -30.11
N PRO B 478 -21.88 19.34 -30.52
CA PRO B 478 -22.62 19.98 -31.63
C PRO B 478 -22.24 19.37 -32.98
N PHE B 479 -23.26 18.86 -33.68
CA PHE B 479 -23.09 18.21 -34.96
C PHE B 479 -23.53 19.11 -36.12
N SER B 480 -22.78 19.03 -37.22
CA SER B 480 -23.01 19.79 -38.45
C SER B 480 -22.78 18.85 -39.63
N PRO B 481 -23.30 19.15 -40.85
CA PRO B 481 -23.04 18.24 -41.97
C PRO B 481 -21.65 18.44 -42.55
N ALA B 482 -20.87 17.33 -42.55
CA ALA B 482 -19.48 17.21 -43.04
C ALA B 482 -18.52 18.17 -42.34
N GLY B 483 -18.75 18.43 -41.05
CA GLY B 483 -17.89 19.33 -40.32
C GLY B 483 -16.60 18.66 -39.88
N THR B 484 -15.53 19.45 -39.88
CA THR B 484 -14.20 19.01 -39.50
C THR B 484 -13.73 19.76 -38.26
N PRO B 485 -12.99 19.12 -37.35
CA PRO B 485 -12.52 19.82 -36.15
C PRO B 485 -11.27 20.65 -36.43
N PHE B 486 -10.84 21.38 -35.39
CA PHE B 486 -9.65 22.22 -35.48
C PHE B 486 -8.34 21.46 -35.67
N GLY B 487 -8.16 20.36 -34.95
CA GLY B 487 -6.94 19.57 -35.03
C GLY B 487 -5.79 20.24 -34.32
N PHE B 488 -4.69 20.46 -35.04
CA PHE B 488 -3.51 21.12 -34.47
C PHE B 488 -3.43 22.57 -34.92
N THR B 489 -4.51 23.09 -35.50
CA THR B 489 -4.59 24.45 -35.99
C THR B 489 -5.67 25.25 -35.27
N ASP B 490 -5.83 26.51 -35.66
CA ASP B 490 -6.81 27.41 -35.08
C ASP B 490 -7.91 27.71 -36.09
N ARG B 491 -8.02 26.91 -37.15
CA ARG B 491 -9.01 27.11 -38.19
C ARG B 491 -9.61 25.78 -38.64
N ARG B 492 -10.87 25.82 -39.06
CA ARG B 492 -11.60 24.63 -39.49
C ARG B 492 -12.77 24.97 -40.41
N TYR B 493 -13.41 23.91 -40.93
CA TYR B 493 -14.57 24.01 -41.79
C TYR B 493 -15.86 23.84 -40.99
N LEU B 494 -16.80 24.78 -41.17
CA LEU B 494 -18.07 24.70 -40.45
C LEU B 494 -18.98 23.65 -41.07
N THR B 495 -19.14 23.68 -42.40
CA THR B 495 -19.98 22.72 -43.11
C THR B 495 -19.44 22.55 -44.53
N MET B 496 -19.95 21.53 -45.22
CA MET B 496 -19.53 21.20 -46.58
C MET B 496 -20.60 20.36 -47.28
N ASN B 497 -20.96 20.74 -48.50
CA ASN B 497 -21.97 20.03 -49.30
C ASN B 497 -21.73 20.20 -50.80
N GLU B 498 -22.74 19.86 -51.61
CA GLU B 498 -22.63 19.98 -53.06
C GLU B 498 -22.72 21.42 -53.55
N VAL B 499 -23.25 22.33 -52.73
CA VAL B 499 -23.36 23.73 -53.12
C VAL B 499 -22.00 24.39 -52.95
N GLY B 500 -21.35 24.17 -51.82
CA GLY B 500 -20.04 24.75 -51.58
C GLY B 500 -19.52 24.35 -50.21
N TYR B 501 -18.65 25.21 -49.67
CA TYR B 501 -18.05 24.98 -48.37
C TYR B 501 -17.95 26.27 -47.56
N VAL B 502 -18.12 26.15 -46.25
CA VAL B 502 -18.07 27.28 -45.32
C VAL B 502 -16.94 27.04 -44.32
N SER B 503 -15.95 27.93 -44.32
CA SER B 503 -14.81 27.85 -43.43
C SER B 503 -14.69 29.09 -42.55
N THR B 504 -13.93 28.96 -41.46
CA THR B 504 -13.72 30.08 -40.54
C THR B 504 -12.25 30.20 -40.16
N VAL B 505 -11.80 31.45 -40.00
CA VAL B 505 -10.42 31.76 -39.63
C VAL B 505 -10.41 32.59 -38.35
N LYS B 506 -9.83 32.01 -37.30
CA LYS B 506 -9.73 32.68 -36.00
C LYS B 506 -8.41 33.41 -35.83
N ASN B 507 -8.43 34.74 -35.69
CA ASN B 507 -7.17 35.45 -35.47
C ASN B 507 -7.20 36.16 -34.11
N SER B 508 -6.98 35.38 -33.06
CA SER B 508 -6.77 35.65 -31.63
C SER B 508 -7.88 36.29 -30.81
N GLU B 509 -8.94 36.83 -31.43
CA GLU B 509 -10.05 37.42 -30.68
C GLU B 509 -11.44 37.08 -31.20
N GLN B 510 -11.58 36.83 -32.50
CA GLN B 510 -12.87 36.55 -33.11
C GLN B 510 -12.78 35.51 -34.21
N TYR B 511 -13.86 35.32 -34.96
CA TYR B 511 -13.91 34.39 -36.07
C TYR B 511 -14.28 35.13 -37.34
N SER B 512 -13.68 34.71 -38.46
CA SER B 512 -13.94 35.30 -39.77
C SER B 512 -14.52 34.23 -40.69
N ILE B 513 -15.82 34.28 -40.92
CA ILE B 513 -16.51 33.31 -41.76
C ILE B 513 -16.52 33.73 -43.21
N THR B 514 -15.92 32.90 -44.07
CA THR B 514 -15.86 33.13 -45.51
C THR B 514 -16.60 31.97 -46.17
N VAL B 515 -17.59 32.29 -46.99
CA VAL B 515 -18.39 31.30 -47.68
C VAL B 515 -18.03 31.28 -49.16
N SER B 516 -17.43 30.17 -49.61
CA SER B 516 -17.03 30.00 -50.99
C SER B 516 -17.89 28.95 -51.67
N PHE B 517 -18.15 29.16 -52.97
CA PHE B 517 -18.97 28.27 -53.78
C PHE B 517 -18.20 27.69 -54.96
N PHE B 518 -18.70 26.58 -55.48
CA PHE B 518 -18.07 25.92 -56.62
C PHE B 518 -18.53 26.57 -57.91
N ASP B 519 -19.75 27.12 -57.94
CA ASP B 519 -20.30 27.77 -59.12
C ASP B 519 -20.10 29.28 -58.95
N VAL B 520 -18.99 29.76 -59.51
CA VAL B 520 -18.58 31.17 -59.45
C VAL B 520 -19.51 32.01 -60.34
N GLY B 521 -20.06 31.41 -61.42
CA GLY B 521 -20.92 32.14 -62.34
C GLY B 521 -22.27 32.56 -61.81
N ARG B 522 -22.97 31.69 -61.08
CA ARG B 522 -24.28 32.08 -60.55
C ARG B 522 -24.25 33.01 -59.36
N PHE B 523 -23.58 32.60 -58.28
CA PHE B 523 -23.50 33.42 -57.07
C PHE B 523 -22.13 34.06 -56.86
N ARG B 524 -22.12 35.12 -56.05
CA ARG B 524 -20.92 35.88 -55.74
C ARG B 524 -20.40 35.56 -54.34
N GLU B 525 -19.10 35.25 -54.26
CA GLU B 525 -18.44 34.92 -52.99
C GLU B 525 -18.35 36.14 -52.07
N TYR B 526 -18.78 35.96 -50.82
CA TYR B 526 -18.76 37.04 -49.83
C TYR B 526 -18.26 36.55 -48.48
N HIS B 527 -17.94 37.49 -47.61
CA HIS B 527 -17.45 37.19 -46.27
C HIS B 527 -17.81 38.30 -45.29
N PHE B 528 -17.82 37.95 -44.00
CA PHE B 528 -18.16 38.92 -42.95
C PHE B 528 -17.47 38.56 -41.65
N GLU B 529 -17.55 39.46 -40.68
CA GLU B 529 -16.96 39.28 -39.37
C GLU B 529 -17.98 38.75 -38.37
N ASP B 530 -17.60 37.74 -37.59
CA ASP B 530 -18.48 37.13 -36.60
C ASP B 530 -18.10 37.67 -35.23
N LEU B 531 -19.11 38.07 -34.46
CA LEU B 531 -18.93 38.60 -33.12
C LEU B 531 -19.63 37.72 -32.09
N PHE B 532 -20.27 36.64 -32.52
CA PHE B 532 -20.98 35.74 -31.62
C PHE B 532 -20.44 34.32 -31.64
N GLY B 533 -19.60 34.00 -32.63
CA GLY B 533 -19.03 32.66 -32.73
C GLY B 533 -19.99 31.57 -33.17
N TYR B 534 -20.66 31.76 -34.31
CA TYR B 534 -21.60 30.77 -34.83
C TYR B 534 -20.90 29.53 -35.37
N ASP B 535 -21.03 28.40 -34.65
CA ASP B 535 -20.39 27.16 -35.06
C ASP B 535 -21.31 26.20 -35.81
N LEU B 536 -22.62 26.29 -35.63
CA LEU B 536 -23.56 25.43 -36.32
C LEU B 536 -24.06 26.06 -37.61
N CYS B 537 -23.89 25.35 -38.72
CA CYS B 537 -24.32 25.86 -40.02
C CYS B 537 -24.89 24.79 -40.92
N PHE B 538 -25.82 25.20 -41.78
CA PHE B 538 -26.47 24.33 -42.75
C PHE B 538 -26.70 25.15 -44.00
N LEU B 539 -26.32 24.61 -45.15
CA LEU B 539 -26.44 25.30 -46.42
C LEU B 539 -27.37 24.64 -47.41
N ASN B 540 -28.33 25.41 -47.94
CA ASN B 540 -29.27 24.94 -48.95
C ASN B 540 -29.21 25.85 -50.17
N GLU B 541 -30.12 25.66 -51.12
CA GLU B 541 -30.12 26.47 -52.35
C GLU B 541 -30.64 27.89 -52.19
N LYS B 542 -31.26 28.24 -51.06
CA LYS B 542 -31.79 29.59 -50.90
C LYS B 542 -31.13 30.48 -49.85
N GLY B 543 -30.44 29.90 -48.86
CA GLY B 543 -29.84 30.75 -47.85
C GLY B 543 -28.81 30.04 -47.01
N THR B 544 -28.35 30.74 -45.98
CA THR B 544 -27.36 30.23 -45.04
C THR B 544 -27.85 30.49 -43.62
N LEU B 545 -27.93 29.43 -42.82
CA LEU B 545 -28.40 29.53 -41.44
C LEU B 545 -27.24 29.37 -40.45
N PHE B 546 -27.20 30.25 -39.45
CA PHE B 546 -26.18 30.21 -38.41
C PHE B 546 -26.86 29.99 -37.07
N GLY B 547 -26.19 29.27 -36.18
CA GLY B 547 -26.76 28.98 -34.87
C GLY B 547 -25.68 28.92 -33.80
N GLN B 548 -26.07 29.31 -32.59
CA GLN B 548 -25.19 29.31 -31.42
C GLN B 548 -25.65 28.28 -30.40
N SER B 549 -24.76 27.33 -30.08
CA SER B 549 -25.08 26.29 -29.11
C SER B 549 -25.13 26.74 -27.66
N LYS B 550 -24.49 27.87 -27.34
CA LYS B 550 -24.46 28.34 -25.96
C LYS B 550 -25.55 29.34 -25.59
N THR B 551 -25.69 30.44 -26.35
CA THR B 551 -26.71 31.43 -26.03
C THR B 551 -28.05 31.16 -26.70
N GLY B 552 -28.07 30.32 -27.73
CA GLY B 552 -29.31 30.02 -28.41
C GLY B 552 -29.73 31.06 -29.43
N GLN B 553 -28.80 31.88 -29.90
CA GLN B 553 -29.10 32.91 -30.88
C GLN B 553 -28.91 32.36 -32.29
N ILE B 554 -29.94 32.51 -33.13
CA ILE B 554 -29.89 32.03 -34.50
C ILE B 554 -30.03 33.18 -35.48
N GLN B 555 -29.53 32.97 -36.71
CA GLN B 555 -29.59 33.98 -37.75
C GLN B 555 -29.62 33.33 -39.13
N TYR B 556 -30.56 33.74 -39.96
CA TYR B 556 -30.71 33.23 -41.32
C TYR B 556 -30.36 34.33 -42.30
N ARG B 557 -29.45 34.03 -43.23
CA ARG B 557 -28.99 34.99 -44.23
C ARG B 557 -29.32 34.57 -45.67
N PRO B 558 -30.35 35.16 -46.29
CA PRO B 558 -30.67 34.80 -47.68
C PRO B 558 -29.68 35.41 -48.66
N HIS B 559 -29.36 34.65 -49.71
CA HIS B 559 -28.42 35.11 -50.73
C HIS B 559 -28.98 36.22 -51.62
N ASP B 560 -30.26 36.13 -51.98
CA ASP B 560 -30.86 37.12 -52.84
C ASP B 560 -31.24 38.32 -51.99
N SER B 561 -31.29 39.50 -52.64
CA SER B 561 -31.60 40.77 -52.00
C SER B 561 -33.08 41.06 -51.75
N ILE B 562 -33.97 40.11 -52.09
CA ILE B 562 -35.42 40.30 -51.90
C ILE B 562 -35.80 40.26 -50.42
N HIS B 563 -35.41 39.22 -49.71
CA HIS B 563 -35.74 39.09 -48.30
C HIS B 563 -34.66 39.65 -47.38
N SER B 564 -35.09 40.29 -46.30
CA SER B 564 -34.20 40.89 -45.33
C SER B 564 -33.80 39.93 -44.22
N ASN B 565 -32.68 40.24 -43.57
CA ASN B 565 -32.18 39.41 -42.48
C ASN B 565 -33.01 39.54 -41.20
N TRP B 566 -33.04 38.48 -40.41
CA TRP B 566 -33.79 38.45 -39.16
C TRP B 566 -32.99 37.76 -38.07
N THR B 567 -33.14 38.23 -36.84
CA THR B 567 -32.43 37.70 -35.69
C THR B 567 -33.42 37.39 -34.56
N LYS B 568 -33.34 36.17 -34.02
CA LYS B 568 -34.20 35.73 -32.94
C LYS B 568 -33.36 34.85 -32.00
N ILE B 569 -33.63 34.95 -30.70
CA ILE B 569 -32.91 34.20 -29.68
C ILE B 569 -33.80 33.12 -29.06
N ILE B 570 -33.41 31.87 -29.24
CA ILE B 570 -34.17 30.74 -28.69
C ILE B 570 -33.84 30.61 -27.20
N PRO B 571 -34.84 30.58 -26.31
CA PRO B 571 -34.57 30.45 -24.87
C PRO B 571 -34.13 29.05 -24.51
N LEU B 572 -33.01 28.95 -23.80
CA LEU B 572 -32.44 27.67 -23.39
C LEU B 572 -32.15 27.64 -21.89
N GLN B 573 -32.51 26.52 -21.26
CA GLN B 573 -32.28 26.33 -19.83
C GLN B 573 -30.85 25.91 -19.51
N ALA B 574 -30.59 25.61 -18.24
CA ALA B 574 -29.26 25.18 -17.78
C ALA B 574 -28.98 23.77 -18.27
N GLY B 575 -27.84 23.59 -18.95
CA GLY B 575 -27.48 22.29 -19.47
C GLY B 575 -27.88 22.08 -20.92
N GLU B 576 -29.12 22.47 -21.26
CA GLU B 576 -29.65 22.34 -22.62
C GLU B 576 -28.93 23.20 -23.66
N ARG B 577 -28.46 22.55 -24.73
CA ARG B 577 -27.75 23.20 -25.81
C ARG B 577 -28.28 22.77 -27.17
N ILE B 578 -28.13 23.63 -28.17
CA ILE B 578 -28.57 23.31 -29.52
C ILE B 578 -27.51 22.42 -30.14
N THR B 579 -27.90 21.21 -30.56
CA THR B 579 -26.94 20.28 -31.14
C THR B 579 -26.95 20.22 -32.66
N SER B 580 -28.10 20.46 -33.29
CA SER B 580 -28.19 20.41 -34.75
C SER B 580 -29.29 21.31 -35.27
N VAL B 581 -29.01 21.98 -36.39
CA VAL B 581 -29.94 22.89 -37.05
C VAL B 581 -30.19 22.46 -38.48
N ALA B 582 -31.31 22.91 -39.04
CA ALA B 582 -31.69 22.58 -40.41
C ALA B 582 -32.47 23.75 -40.98
N ALA B 583 -32.44 23.88 -42.31
CA ALA B 583 -33.14 24.98 -42.96
C ALA B 583 -33.66 24.55 -44.33
N THR B 584 -34.95 24.77 -44.53
CA THR B 584 -35.69 24.51 -45.74
C THR B 584 -36.24 25.89 -46.12
N PRO B 585 -36.63 26.13 -47.39
CA PRO B 585 -37.15 27.46 -47.75
C PRO B 585 -38.54 27.81 -47.21
N VAL B 586 -39.30 26.86 -46.68
CA VAL B 586 -40.63 27.15 -46.14
C VAL B 586 -40.74 26.87 -44.65
N ARG B 587 -39.81 26.11 -44.07
CA ARG B 587 -39.82 25.78 -42.64
C ARG B 587 -38.43 25.89 -42.05
N VAL B 588 -38.36 26.23 -40.77
CA VAL B 588 -37.11 26.36 -40.02
C VAL B 588 -37.14 25.29 -38.94
N ILE B 589 -36.11 24.46 -38.87
CA ILE B 589 -36.03 23.37 -37.90
C ILE B 589 -34.87 23.58 -36.96
N VAL B 590 -35.18 23.66 -35.65
CA VAL B 590 -34.20 23.85 -34.59
C VAL B 590 -34.35 22.69 -33.60
N GLY B 591 -33.26 21.95 -33.40
CA GLY B 591 -33.26 20.81 -32.49
C GLY B 591 -32.35 21.05 -31.32
N THR B 592 -32.74 20.54 -30.15
CA THR B 592 -31.98 20.68 -28.92
C THR B 592 -31.48 19.36 -28.36
N SER B 593 -30.71 19.45 -27.27
CA SER B 593 -30.13 18.27 -26.62
C SER B 593 -31.14 17.52 -25.77
N LEU B 594 -32.25 18.15 -25.38
CA LEU B 594 -33.26 17.50 -24.56
C LEU B 594 -34.37 16.94 -25.43
N GLY B 595 -34.32 17.17 -26.73
CA GLY B 595 -35.32 16.67 -27.65
C GLY B 595 -36.50 17.57 -27.91
N TYR B 596 -36.38 18.87 -27.65
CA TYR B 596 -37.48 19.79 -27.93
C TYR B 596 -37.50 20.11 -29.41
N PHE B 597 -38.66 19.95 -30.03
CA PHE B 597 -38.84 20.21 -31.47
C PHE B 597 -39.62 21.50 -31.69
N ARG B 598 -38.91 22.58 -31.99
CA ARG B 598 -39.50 23.88 -32.24
C ARG B 598 -39.37 24.21 -33.72
N SER B 599 -40.50 24.39 -34.40
CA SER B 599 -40.49 24.70 -35.81
C SER B 599 -41.06 26.08 -36.11
N PHE B 600 -40.40 26.79 -37.02
CA PHE B 600 -40.77 28.14 -37.45
C PHE B 600 -40.93 28.15 -38.96
N ASN B 601 -41.70 29.11 -39.46
CA ASN B 601 -41.89 29.26 -40.90
C ASN B 601 -40.91 30.26 -41.49
N GLN B 602 -41.10 30.64 -42.76
CA GLN B 602 -40.23 31.61 -43.41
C GLN B 602 -40.46 33.04 -42.94
N PHE B 603 -41.59 33.34 -42.28
CA PHE B 603 -41.86 34.68 -41.80
C PHE B 603 -41.62 34.84 -40.30
N GLY B 604 -41.41 33.74 -39.57
CA GLY B 604 -41.15 33.81 -38.16
C GLY B 604 -42.31 33.53 -37.23
N VAL B 605 -43.43 33.02 -37.74
CA VAL B 605 -44.60 32.72 -36.91
C VAL B 605 -44.34 31.42 -36.16
N PRO B 606 -44.42 31.42 -34.82
CA PRO B 606 -44.15 30.18 -34.06
C PRO B 606 -45.30 29.18 -34.10
N PHE B 607 -44.92 27.92 -34.18
CA PHE B 607 -45.84 26.79 -34.21
C PHE B 607 -45.87 26.08 -32.87
N ALA B 608 -46.53 24.91 -32.83
CA ALA B 608 -46.65 24.12 -31.61
C ALA B 608 -45.31 23.48 -31.23
N VAL B 609 -45.09 23.38 -29.93
CA VAL B 609 -43.87 22.80 -29.37
C VAL B 609 -44.11 21.31 -29.17
N GLU B 610 -43.19 20.48 -29.66
CA GLU B 610 -43.28 19.03 -29.55
C GLU B 610 -42.09 18.47 -28.78
N LYS B 611 -42.36 17.58 -27.83
CA LYS B 611 -41.33 16.95 -27.03
C LYS B 611 -41.13 15.50 -27.44
N THR B 612 -39.93 15.19 -27.92
CA THR B 612 -39.53 13.86 -28.38
C THR B 612 -38.13 13.55 -27.86
N SER B 613 -37.56 12.44 -28.35
CA SER B 613 -36.22 11.92 -28.08
C SER B 613 -35.14 12.92 -28.51
N PRO B 614 -33.93 12.90 -27.89
CA PRO B 614 -32.87 13.83 -28.28
C PRO B 614 -32.30 13.60 -29.68
N ILE B 615 -32.22 14.69 -30.46
CA ILE B 615 -31.78 14.69 -31.84
C ILE B 615 -30.27 14.94 -31.91
N VAL B 616 -29.55 14.06 -32.62
CA VAL B 616 -28.11 14.19 -32.77
C VAL B 616 -27.67 14.42 -34.21
N ALA B 617 -28.55 14.18 -35.19
CA ALA B 617 -28.19 14.38 -36.59
C ALA B 617 -29.41 14.76 -37.40
N LEU B 618 -29.23 15.74 -38.31
CA LEU B 618 -30.29 16.22 -39.20
C LEU B 618 -29.84 16.41 -40.64
N THR B 619 -30.73 16.10 -41.57
CA THR B 619 -30.51 16.29 -42.99
C THR B 619 -31.87 16.53 -43.62
N ALA B 620 -31.89 17.31 -44.71
CA ALA B 620 -33.12 17.66 -45.40
C ALA B 620 -32.83 18.15 -46.81
N GLN B 621 -33.81 17.97 -47.70
CA GLN B 621 -33.68 18.53 -49.03
C GLN B 621 -35.02 19.12 -49.44
N ASN B 622 -35.21 20.38 -49.02
CA ASN B 622 -36.26 21.35 -49.28
C ASN B 622 -37.70 21.07 -48.83
N TYR B 623 -38.02 19.84 -48.42
CA TYR B 623 -39.38 19.47 -48.00
C TYR B 623 -39.66 18.65 -46.75
N ARG B 624 -38.75 17.79 -46.32
CA ARG B 624 -38.97 16.88 -45.20
C ARG B 624 -37.97 16.96 -44.06
N VAL B 625 -38.33 16.39 -42.91
CA VAL B 625 -37.50 16.37 -41.72
C VAL B 625 -37.08 14.95 -41.39
N PHE B 626 -35.76 14.71 -41.37
CA PHE B 626 -35.19 13.40 -41.04
C PHE B 626 -34.37 13.53 -39.76
N SER B 627 -34.83 12.89 -38.69
CA SER B 627 -34.16 12.95 -37.39
C SER B 627 -33.60 11.62 -36.92
N VAL B 628 -32.42 11.67 -36.32
CA VAL B 628 -31.73 10.50 -35.76
C VAL B 628 -31.70 10.69 -34.26
N HIS B 629 -32.17 9.69 -33.52
CA HIS B 629 -32.21 9.77 -32.06
C HIS B 629 -31.27 8.79 -31.38
N TYR B 630 -30.68 9.24 -30.26
CA TYR B 630 -29.75 8.45 -29.45
C TYR B 630 -29.60 9.04 -28.05
N SER B 631 -29.63 8.17 -27.03
CA SER B 631 -29.46 8.57 -25.64
C SER B 631 -28.50 7.60 -24.97
N GLN B 632 -28.38 7.64 -23.64
CA GLN B 632 -27.46 6.75 -22.94
C GLN B 632 -28.10 5.41 -22.57
N PHE B 633 -29.42 5.30 -22.60
CA PHE B 633 -30.12 4.06 -22.27
C PHE B 633 -30.90 3.54 -23.47
N HIS B 634 -30.47 3.92 -24.67
CA HIS B 634 -31.11 3.52 -25.93
C HIS B 634 -30.08 3.33 -27.03
N GLY B 635 -30.54 3.28 -28.27
CA GLY B 635 -29.68 3.09 -29.42
C GLY B 635 -30.22 3.83 -30.62
N LEU B 636 -29.36 4.01 -31.63
CA LEU B 636 -29.60 4.72 -32.89
C LEU B 636 -30.88 4.35 -33.65
N SER B 637 -31.67 5.36 -33.97
CA SER B 637 -32.94 5.20 -34.66
C SER B 637 -33.10 6.22 -35.77
N TYR B 638 -34.18 6.08 -36.54
CA TYR B 638 -34.46 7.01 -37.64
C TYR B 638 -35.94 7.34 -37.72
N SER B 639 -36.24 8.58 -38.06
CA SER B 639 -37.61 9.07 -38.20
C SER B 639 -37.74 9.91 -39.46
N LEU B 640 -38.85 9.73 -40.17
CA LEU B 640 -39.12 10.46 -41.40
C LEU B 640 -40.48 11.14 -41.33
N SER B 641 -40.48 12.48 -41.37
CA SER B 641 -41.71 13.26 -41.29
C SER B 641 -41.71 14.42 -42.28
N GLU B 642 -42.91 14.97 -42.51
CA GLU B 642 -43.11 16.09 -43.40
C GLU B 642 -43.91 17.20 -42.71
N LEU B 643 -43.39 18.43 -42.76
CA LEU B 643 -44.06 19.57 -42.14
C LEU B 643 -45.05 20.21 -43.10
N GLY B 644 -46.28 19.71 -43.10
CA GLY B 644 -47.32 20.21 -43.97
C GLY B 644 -47.88 21.56 -43.55
N THR B 645 -48.85 22.03 -44.35
CA THR B 645 -49.49 23.31 -44.09
C THR B 645 -50.43 23.30 -42.89
N SER B 646 -51.12 22.18 -42.66
CA SER B 646 -52.06 22.07 -41.56
C SER B 646 -51.48 21.34 -40.35
N SER B 647 -50.83 20.21 -40.56
CA SER B 647 -50.25 19.44 -39.47
C SER B 647 -49.02 18.64 -39.89
N LYS B 648 -48.38 18.02 -38.91
CA LYS B 648 -47.19 17.22 -39.14
C LYS B 648 -47.58 15.77 -39.42
N ARG B 649 -47.13 15.25 -40.55
CA ARG B 649 -47.44 13.88 -40.97
C ARG B 649 -46.19 13.01 -40.93
N TYR B 650 -46.30 11.85 -40.29
CA TYR B 650 -45.19 10.91 -40.15
C TYR B 650 -45.15 9.74 -41.11
N TYR B 651 -44.04 9.61 -41.85
CA TYR B 651 -43.86 8.49 -42.76
C TYR B 651 -43.28 7.33 -41.97
N LYS B 652 -42.26 7.62 -41.16
CA LYS B 652 -41.58 6.66 -40.30
C LYS B 652 -41.47 7.27 -38.92
N ARG B 653 -41.85 6.52 -37.89
CA ARG B 653 -41.81 7.04 -36.52
C ARG B 653 -40.97 6.17 -35.58
N GLU B 654 -39.73 6.62 -35.37
CA GLU B 654 -38.71 6.02 -34.48
C GLU B 654 -38.40 4.53 -34.67
N CYS B 655 -38.09 4.13 -35.90
CA CYS B 655 -37.77 2.75 -36.17
C CYS B 655 -36.28 2.55 -35.88
N PRO B 656 -35.88 1.36 -35.37
CA PRO B 656 -34.45 1.13 -35.04
C PRO B 656 -33.52 1.04 -36.24
N LEU B 657 -32.37 1.73 -36.11
CA LEU B 657 -31.33 1.79 -37.12
C LEU B 657 -30.10 1.02 -36.65
N PRO B 658 -29.76 -0.13 -37.27
CA PRO B 658 -28.60 -0.90 -36.83
C PRO B 658 -27.24 -0.42 -37.35
N MET B 659 -26.91 0.86 -37.19
CA MET B 659 -25.63 1.38 -37.65
C MET B 659 -24.59 1.18 -36.56
N SER B 660 -23.43 0.64 -36.93
CA SER B 660 -22.35 0.37 -35.99
C SER B 660 -21.68 1.60 -35.39
N LEU B 661 -21.43 1.56 -34.08
CA LEU B 661 -20.81 2.58 -33.27
C LEU B 661 -19.29 2.49 -33.38
N PRO B 662 -18.55 3.60 -33.19
CA PRO B 662 -17.09 3.54 -33.28
C PRO B 662 -16.47 2.88 -32.05
N ASN B 663 -15.53 1.97 -32.30
CA ASN B 663 -14.82 1.24 -31.25
C ASN B 663 -13.46 1.83 -30.87
N ILE B 664 -13.50 2.83 -29.99
CA ILE B 664 -12.28 3.49 -29.54
C ILE B 664 -11.57 2.60 -28.53
N ASN B 665 -10.33 2.22 -28.86
CA ASN B 665 -9.49 1.38 -28.01
C ASN B 665 -8.53 2.18 -27.14
N SER B 666 -7.63 1.49 -26.45
CA SER B 666 -6.66 2.15 -25.58
C SER B 666 -5.50 2.76 -26.35
N ASP B 667 -5.22 2.28 -27.55
CA ASP B 667 -4.12 2.82 -28.35
C ASP B 667 -4.51 4.07 -29.13
N MET B 668 -5.81 4.41 -29.16
CA MET B 668 -6.32 5.57 -29.88
C MET B 668 -6.12 6.88 -29.12
N LYS B 669 -5.66 6.83 -27.86
CA LYS B 669 -5.46 8.04 -27.06
C LYS B 669 -4.24 8.85 -27.48
N LYS B 670 -3.31 8.26 -28.24
CA LYS B 670 -2.13 8.96 -28.70
C LYS B 670 -2.12 9.04 -30.22
N ASP B 671 -3.18 8.56 -30.86
CA ASP B 671 -3.29 8.59 -32.32
C ASP B 671 -3.65 10.01 -32.74
N ALA B 672 -3.31 10.37 -33.98
CA ALA B 672 -3.58 11.70 -34.52
C ALA B 672 -5.03 11.90 -34.92
N ASN B 673 -5.82 10.82 -35.03
CA ASN B 673 -7.22 10.91 -35.41
C ASN B 673 -8.16 10.92 -34.22
N LEU B 674 -7.64 11.23 -33.02
CA LEU B 674 -8.45 11.29 -31.81
C LEU B 674 -9.34 12.53 -31.82
N ASP B 675 -8.85 13.62 -32.44
CA ASP B 675 -9.59 14.88 -32.51
C ASP B 675 -10.87 14.84 -33.35
N TYR B 676 -10.94 13.91 -34.32
CA TYR B 676 -12.13 13.82 -35.16
C TYR B 676 -13.27 13.14 -34.39
N TYR B 677 -12.95 12.14 -33.57
CA TYR B 677 -13.96 11.43 -32.79
C TYR B 677 -14.41 12.21 -31.57
N ASN B 678 -13.64 13.22 -31.15
CA ASN B 678 -14.03 14.02 -29.98
C ASN B 678 -15.09 15.03 -30.37
N PHE B 679 -15.05 15.50 -31.62
CA PHE B 679 -16.03 16.47 -32.10
C PHE B 679 -17.27 15.73 -32.57
N ASN B 680 -17.12 14.46 -32.98
CA ASN B 680 -18.23 13.65 -33.47
C ASN B 680 -18.09 12.26 -32.86
N PRO B 681 -18.72 12.01 -31.69
CA PRO B 681 -18.63 10.67 -31.07
C PRO B 681 -19.39 9.58 -31.81
N MET B 682 -20.45 9.94 -32.54
CA MET B 682 -21.24 8.95 -33.27
C MET B 682 -20.54 8.44 -34.52
N GLY B 683 -19.57 9.17 -35.04
CA GLY B 683 -18.86 8.74 -36.23
C GLY B 683 -19.59 8.99 -37.52
N ILE B 684 -20.62 9.85 -37.52
CA ILE B 684 -21.37 10.16 -38.72
C ILE B 684 -20.57 11.18 -39.52
N LYS B 685 -19.93 10.73 -40.60
CA LYS B 685 -19.12 11.63 -41.43
C LYS B 685 -20.00 12.57 -42.25
N SER B 686 -20.95 12.03 -42.99
CA SER B 686 -21.86 12.81 -43.81
C SER B 686 -23.16 12.05 -44.07
N LEU B 687 -24.23 12.81 -44.31
CA LEU B 687 -25.54 12.25 -44.61
C LEU B 687 -26.32 13.29 -45.40
N PHE B 688 -27.02 12.80 -46.44
CA PHE B 688 -27.80 13.61 -47.37
C PHE B 688 -28.79 12.75 -48.16
N PHE B 689 -29.77 13.42 -48.75
CA PHE B 689 -30.77 12.74 -49.57
C PHE B 689 -30.28 12.64 -51.01
N SER B 690 -30.72 11.61 -51.72
CA SER B 690 -30.32 11.42 -53.10
C SER B 690 -31.08 12.33 -54.06
N SER B 691 -30.72 12.27 -55.35
CA SER B 691 -31.36 13.08 -56.37
C SER B 691 -32.79 12.66 -56.68
N TYR B 692 -33.12 11.38 -56.47
CA TYR B 692 -34.46 10.88 -56.75
C TYR B 692 -35.33 10.78 -55.50
N GLY B 693 -34.84 11.20 -54.36
CA GLY B 693 -35.62 11.16 -53.13
C GLY B 693 -35.40 9.99 -52.20
N ASP B 694 -34.25 9.31 -52.28
CA ASP B 694 -34.01 8.18 -51.39
C ASP B 694 -33.10 8.59 -50.24
N PRO B 695 -33.44 8.22 -48.99
CA PRO B 695 -32.58 8.61 -47.86
C PRO B 695 -31.29 7.79 -47.80
N CYS B 696 -30.19 8.49 -47.52
CA CYS B 696 -28.87 7.87 -47.43
C CYS B 696 -28.15 8.30 -46.16
N ILE B 697 -27.27 7.43 -45.67
CA ILE B 697 -26.51 7.70 -44.45
C ILE B 697 -25.15 7.03 -44.60
N PHE B 698 -24.11 7.66 -44.06
CA PHE B 698 -22.74 7.15 -44.12
C PHE B 698 -22.08 7.34 -42.76
N GLY B 699 -21.96 6.24 -42.01
CA GLY B 699 -21.38 6.27 -40.68
C GLY B 699 -19.90 5.95 -40.66
N SER B 700 -19.42 5.60 -39.46
CA SER B 700 -18.03 5.28 -39.19
C SER B 700 -17.60 3.90 -39.69
N ASP B 701 -18.54 3.05 -40.11
CA ASP B 701 -18.24 1.72 -40.60
C ASP B 701 -17.88 1.64 -42.09
N ASN B 702 -17.76 2.82 -42.73
CA ASN B 702 -17.42 3.03 -44.16
C ASN B 702 -18.30 2.31 -45.18
N THR B 703 -19.57 2.10 -44.85
CA THR B 703 -20.53 1.44 -45.72
C THR B 703 -21.68 2.38 -46.03
N LEU B 704 -21.90 2.65 -47.32
CA LEU B 704 -22.98 3.53 -47.73
C LEU B 704 -24.31 2.78 -47.70
N LEU B 705 -25.23 3.25 -46.85
CA LEU B 705 -26.54 2.63 -46.70
C LEU B 705 -27.62 3.49 -47.35
N LEU B 706 -28.46 2.86 -48.16
CA LEU B 706 -29.56 3.54 -48.85
C LEU B 706 -30.86 2.90 -48.39
N LEU B 707 -31.85 3.74 -48.10
CA LEU B 707 -33.14 3.25 -47.64
C LEU B 707 -34.06 2.93 -48.81
N SER B 708 -34.45 1.67 -48.93
CA SER B 708 -35.34 1.20 -49.98
C SER B 708 -36.73 0.99 -49.41
N LYS B 709 -37.75 1.14 -50.28
CA LYS B 709 -39.19 1.01 -50.00
C LYS B 709 -39.70 1.91 -48.87
N TRP B 710 -39.35 3.19 -48.95
CA TRP B 710 -39.74 4.19 -47.95
C TRP B 710 -41.21 4.62 -48.00
N ARG B 711 -41.97 4.21 -49.02
CA ARG B 711 -43.38 4.57 -49.12
C ARG B 711 -44.21 3.60 -48.29
N SER B 712 -43.64 2.46 -47.92
CA SER B 712 -44.30 1.44 -47.10
C SER B 712 -43.54 1.30 -45.79
N PRO B 713 -44.15 1.73 -44.62
CA PRO B 713 -43.48 1.66 -43.31
C PRO B 713 -43.09 0.28 -42.81
N GLU B 714 -43.88 -0.75 -43.11
CA GLU B 714 -43.58 -2.10 -42.67
C GLU B 714 -42.67 -2.83 -43.64
N GLU B 715 -42.41 -2.25 -44.82
CA GLU B 715 -41.56 -2.88 -45.82
C GLU B 715 -40.25 -2.15 -46.07
N SER B 716 -39.92 -1.15 -45.24
CA SER B 716 -38.69 -0.38 -45.40
C SER B 716 -37.43 -1.18 -45.08
N LYS B 717 -36.50 -1.20 -46.04
CA LYS B 717 -35.24 -1.95 -45.93
C LYS B 717 -34.02 -1.11 -46.28
N TRP B 718 -32.92 -1.36 -45.57
CA TRP B 718 -31.65 -0.69 -45.83
C TRP B 718 -30.79 -1.58 -46.71
N LEU B 719 -30.35 -1.07 -47.85
CA LEU B 719 -29.54 -1.85 -48.77
C LEU B 719 -28.15 -1.27 -49.01
N PRO B 720 -27.07 -1.98 -48.64
CA PRO B 720 -25.70 -1.46 -48.89
C PRO B 720 -25.29 -1.66 -50.35
N ILE B 721 -25.04 -0.55 -51.04
CA ILE B 721 -24.66 -0.58 -52.45
C ILE B 721 -23.25 -0.11 -52.71
N LEU B 722 -22.52 0.32 -51.67
CA LEU B 722 -21.16 0.81 -51.84
C LEU B 722 -20.36 0.58 -50.57
N ASP B 723 -19.07 0.31 -50.73
CA ASP B 723 -18.16 0.08 -49.61
C ASP B 723 -16.81 0.58 -50.08
N SER B 724 -16.16 1.40 -49.25
CA SER B 724 -14.86 1.97 -49.58
C SER B 724 -13.70 1.03 -49.30
N ASN B 725 -13.86 0.17 -48.28
CA ASN B 725 -12.85 -0.81 -47.84
C ASN B 725 -12.36 -1.86 -48.83
N MET B 726 -13.06 -2.05 -49.94
CA MET B 726 -12.70 -3.02 -50.98
C MET B 726 -12.16 -2.28 -52.19
N GLU B 727 -12.64 -1.06 -52.44
CA GLU B 727 -12.20 -0.27 -53.59
C GLU B 727 -10.78 0.29 -53.47
N ILE B 728 -10.33 0.57 -52.25
CA ILE B 728 -8.98 1.11 -52.02
C ILE B 728 -7.93 0.03 -52.27
N TRP B 729 -8.21 -1.20 -51.81
CA TRP B 729 -7.30 -2.34 -51.99
C TRP B 729 -7.13 -2.78 -53.43
N LYS B 730 -8.17 -2.66 -54.25
CA LYS B 730 -8.08 -3.06 -55.64
C LYS B 730 -7.34 -2.02 -56.50
N MET B 731 -7.54 -0.73 -56.20
CA MET B 731 -6.87 0.32 -56.98
C MET B 731 -5.39 0.47 -56.63
N SER B 732 -5.01 0.17 -55.39
CA SER B 732 -3.62 0.31 -54.95
C SER B 732 -2.72 -0.89 -55.28
N GLY B 733 -3.21 -1.85 -56.06
CA GLY B 733 -2.42 -3.02 -56.42
C GLY B 733 -2.18 -4.02 -55.31
N GLY B 734 -3.17 -4.21 -54.43
CA GLY B 734 -3.02 -5.16 -53.35
C GLY B 734 -2.14 -4.74 -52.21
N LYS B 735 -1.98 -3.45 -51.95
CA LYS B 735 -1.15 -2.97 -50.86
C LYS B 735 -1.94 -2.88 -49.55
N GLU B 736 -1.33 -2.31 -48.49
CA GLU B 736 -1.99 -2.19 -47.20
C GLU B 736 -1.87 -0.79 -46.63
N THR B 737 -1.72 0.23 -47.48
CA THR B 737 -1.60 1.61 -47.04
C THR B 737 -2.91 2.17 -46.48
N THR B 738 -2.80 3.23 -45.68
CA THR B 738 -3.97 3.88 -45.08
C THR B 738 -4.01 5.37 -45.40
N ASP B 739 -3.37 5.79 -46.48
CA ASP B 739 -3.36 7.20 -46.87
C ASP B 739 -4.43 7.57 -47.89
N ILE B 740 -5.33 6.64 -48.22
CA ILE B 740 -6.40 6.87 -49.19
C ILE B 740 -7.74 6.70 -48.48
N HIS B 741 -8.63 7.70 -48.63
CA HIS B 741 -9.95 7.64 -48.02
C HIS B 741 -11.03 8.10 -48.99
N VAL B 742 -12.29 8.16 -48.53
CA VAL B 742 -13.46 8.56 -49.33
C VAL B 742 -14.29 9.51 -48.46
N TRP B 743 -14.56 10.70 -48.95
CA TRP B 743 -15.37 11.70 -48.25
C TRP B 743 -16.58 11.98 -49.14
N PRO B 744 -17.79 11.55 -48.76
CA PRO B 744 -18.96 11.76 -49.63
C PRO B 744 -19.46 13.20 -49.66
N LEU B 745 -19.65 13.71 -50.89
CA LEU B 745 -20.13 15.06 -51.15
C LEU B 745 -21.52 15.06 -51.79
N ALA B 746 -21.69 14.31 -52.88
CA ALA B 746 -22.97 14.24 -53.59
C ALA B 746 -23.05 12.91 -54.34
N LEU B 747 -24.28 12.42 -54.47
CA LEU B 747 -24.60 11.17 -55.14
C LEU B 747 -25.87 11.30 -55.97
N ALA B 748 -25.75 11.28 -57.30
CA ALA B 748 -26.96 11.35 -58.11
C ALA B 748 -27.08 10.06 -58.94
N TYR B 749 -27.56 9.02 -58.28
CA TYR B 749 -27.98 7.67 -58.67
C TYR B 749 -26.89 6.73 -59.24
N ASP B 750 -25.71 7.24 -59.60
CA ASP B 750 -24.66 6.36 -60.11
C ASP B 750 -23.20 6.64 -59.73
N THR B 751 -22.89 7.81 -59.20
CA THR B 751 -21.53 8.19 -58.86
C THR B 751 -21.43 9.04 -57.61
N LEU B 752 -20.70 8.57 -56.61
CA LEU B 752 -20.52 9.33 -55.38
C LEU B 752 -19.32 10.26 -55.57
N ASN B 753 -19.58 11.56 -55.48
CA ASN B 753 -18.53 12.57 -55.64
C ASN B 753 -17.66 12.63 -54.39
N CYS B 754 -16.34 12.50 -54.58
CA CYS B 754 -15.42 12.53 -53.45
C CYS B 754 -14.09 13.20 -53.76
N ILE B 755 -13.36 13.49 -52.68
CA ILE B 755 -12.04 14.12 -52.74
C ILE B 755 -11.01 13.13 -52.23
N LEU B 756 -9.98 12.88 -53.03
CA LEU B 756 -8.93 11.96 -52.63
C LEU B 756 -7.96 12.67 -51.70
N VAL B 757 -8.13 12.46 -50.40
CA VAL B 757 -7.29 13.08 -49.38
C VAL B 757 -6.09 12.20 -49.11
N LYS B 758 -4.90 12.71 -49.38
CA LYS B 758 -3.65 11.98 -49.19
C LYS B 758 -2.86 12.54 -48.01
N GLY B 759 -2.69 11.73 -46.98
CA GLY B 759 -1.97 12.15 -45.79
C GLY B 759 -2.39 11.33 -44.58
N LYS B 760 -1.98 11.81 -43.41
CA LYS B 760 -2.32 11.14 -42.16
C LYS B 760 -3.73 11.46 -41.69
N HIS B 761 -4.16 12.72 -41.86
CA HIS B 761 -5.49 13.12 -41.42
C HIS B 761 -6.58 12.67 -42.37
N ILE B 762 -7.75 12.35 -41.81
CA ILE B 762 -8.89 11.91 -42.60
C ILE B 762 -9.81 13.07 -42.92
N TRP B 763 -9.52 14.26 -42.39
CA TRP B 763 -10.33 15.45 -42.63
C TRP B 763 -9.59 16.44 -43.53
N PRO B 764 -10.30 17.15 -44.42
CA PRO B 764 -9.63 18.11 -45.30
C PRO B 764 -9.24 19.40 -44.59
N GLU B 765 -8.37 20.15 -45.27
CA GLU B 765 -7.81 21.42 -44.80
C GLU B 765 -7.84 22.42 -45.95
N PHE B 766 -7.03 23.51 -45.83
CA PHE B 766 -6.97 24.54 -46.87
C PHE B 766 -6.12 23.92 -48.00
N PRO B 767 -6.41 24.34 -49.28
CA PRO B 767 -7.09 24.33 -50.58
C PRO B 767 -7.45 22.92 -51.00
N LEU B 768 -8.68 22.86 -51.50
CA LEU B 768 -9.30 21.62 -51.91
C LEU B 768 -8.82 21.12 -53.27
N PRO B 769 -8.48 19.83 -53.41
CA PRO B 769 -8.07 19.30 -54.72
C PRO B 769 -9.25 19.10 -55.65
N LEU B 770 -8.95 18.70 -56.89
CA LEU B 770 -9.97 18.47 -57.89
C LEU B 770 -10.84 17.24 -57.61
N PRO B 771 -12.16 17.32 -57.82
CA PRO B 771 -13.02 16.16 -57.55
C PRO B 771 -12.90 15.07 -58.61
N SER B 772 -12.95 13.83 -58.15
CA SER B 772 -12.86 12.66 -59.00
C SER B 772 -14.20 11.95 -59.05
N GLU B 773 -14.33 10.97 -59.94
CA GLU B 773 -15.56 10.21 -60.11
C GLU B 773 -15.35 8.75 -59.76
N MET B 774 -16.25 8.22 -58.92
CA MET B 774 -16.21 6.83 -58.47
C MET B 774 -17.57 6.19 -58.60
N GLU B 775 -17.71 5.27 -59.56
CA GLU B 775 -18.96 4.57 -59.79
C GLU B 775 -19.22 3.55 -58.68
N ILE B 776 -20.50 3.34 -58.35
CA ILE B 776 -20.86 2.40 -57.30
C ILE B 776 -20.68 0.93 -57.71
N ARG B 777 -20.25 0.11 -56.77
CA ARG B 777 -20.01 -1.32 -56.98
C ARG B 777 -20.53 -2.10 -55.78
N MET B 778 -21.17 -3.23 -56.05
CA MET B 778 -21.68 -4.09 -54.97
C MET B 778 -20.54 -4.81 -54.26
N PRO B 779 -20.46 -4.76 -52.92
CA PRO B 779 -19.35 -5.44 -52.21
C PRO B 779 -19.43 -6.97 -52.11
N VAL B 780 -19.31 -7.65 -53.25
CA VAL B 780 -19.35 -9.10 -53.28
C VAL B 780 -18.09 -9.70 -53.94
N PHE B 781 -17.07 -9.97 -53.13
CA PHE B 781 -15.80 -10.53 -53.59
C PHE B 781 -15.19 -11.46 -52.55
N VAL B 782 -14.17 -12.21 -52.96
CA VAL B 782 -13.46 -13.13 -52.09
C VAL B 782 -12.08 -12.46 -52.13
N LYS B 783 -11.18 -12.77 -51.19
CA LYS B 783 -9.85 -12.17 -51.16
C LYS B 783 -8.80 -13.17 -51.64
N SER B 784 -8.98 -14.45 -51.29
CA SER B 784 -8.03 -15.47 -51.71
C SER B 784 -8.17 -15.83 -53.19
N LYS B 785 -9.38 -15.72 -53.72
CA LYS B 785 -9.63 -16.04 -55.13
C LYS B 785 -9.09 -14.98 -56.09
N LEU B 786 -9.01 -13.71 -55.66
CA LEU B 786 -8.51 -12.66 -56.54
C LEU B 786 -6.98 -12.72 -56.68
N LEU B 787 -6.29 -13.22 -55.65
CA LEU B 787 -4.84 -13.33 -55.71
C LEU B 787 -4.40 -14.48 -56.62
N GLU B 788 -5.18 -15.55 -56.65
CA GLU B 788 -4.87 -16.71 -57.49
C GLU B 788 -5.09 -16.43 -58.98
N GLU B 789 -6.06 -15.59 -59.31
CA GLU B 789 -6.37 -15.25 -60.70
C GLU B 789 -5.47 -14.16 -61.28
N ASN B 790 -4.54 -13.61 -60.50
CA ASN B 790 -3.64 -12.57 -61.00
C ASN B 790 -2.25 -13.11 -61.30
N GLU B 814 -3.18 -2.13 -60.89
CA GLU B 814 -4.62 -2.26 -60.69
C GLU B 814 -5.05 -3.72 -60.78
N ILE B 815 -5.81 -4.17 -59.78
CA ILE B 815 -6.30 -5.55 -59.73
C ILE B 815 -7.45 -5.64 -60.75
N GLN B 816 -7.46 -6.70 -61.54
CA GLN B 816 -8.48 -6.90 -62.56
C GLN B 816 -9.42 -8.04 -62.21
N ILE B 817 -10.70 -7.87 -62.54
CA ILE B 817 -11.75 -8.84 -62.26
C ILE B 817 -12.09 -9.51 -63.59
N PRO B 818 -12.27 -10.82 -63.66
CA PRO B 818 -12.62 -11.46 -64.94
C PRO B 818 -14.09 -11.27 -65.31
N VAL B 819 -14.44 -11.79 -66.48
CA VAL B 819 -15.78 -11.70 -67.09
C VAL B 819 -16.83 -12.44 -66.26
N SER B 820 -16.60 -13.74 -66.05
CA SER B 820 -17.45 -14.67 -65.27
C SER B 820 -17.75 -14.25 -63.84
N MET B 821 -16.77 -13.63 -63.17
CA MET B 821 -16.96 -13.20 -61.79
C MET B 821 -17.74 -11.89 -61.74
N ALA B 822 -17.54 -11.01 -62.73
CA ALA B 822 -18.24 -9.73 -62.78
C ALA B 822 -19.71 -9.83 -63.16
N ALA B 823 -20.16 -10.97 -63.70
CA ALA B 823 -21.56 -11.14 -64.09
C ALA B 823 -22.47 -11.27 -62.86
N GLU B 824 -21.94 -11.80 -61.76
CA GLU B 824 -22.71 -11.95 -60.53
C GLU B 824 -22.89 -10.58 -59.86
N GLU B 825 -21.85 -9.75 -59.92
CA GLU B 825 -21.89 -8.42 -59.32
C GLU B 825 -22.76 -7.47 -60.15
N GLU B 826 -22.80 -7.67 -61.47
CA GLU B 826 -23.59 -6.83 -62.36
C GLU B 826 -25.08 -7.13 -62.20
N TYR B 827 -25.40 -8.39 -61.87
CA TYR B 827 -26.79 -8.81 -61.65
C TYR B 827 -27.37 -8.21 -60.36
N LEU B 828 -26.55 -8.16 -59.31
CA LEU B 828 -26.98 -7.60 -58.03
C LEU B 828 -27.15 -6.08 -58.08
N ARG B 829 -26.28 -5.41 -58.84
CA ARG B 829 -26.33 -3.95 -58.96
C ARG B 829 -27.53 -3.47 -59.79
N SER B 830 -27.80 -4.13 -60.91
CA SER B 830 -28.91 -3.75 -61.79
C SER B 830 -30.29 -4.06 -61.23
N LYS B 831 -30.41 -5.11 -60.39
CA LYS B 831 -31.71 -5.49 -59.81
C LYS B 831 -32.24 -4.48 -58.80
N VAL B 832 -31.34 -3.92 -57.99
CA VAL B 832 -31.71 -2.93 -56.96
C VAL B 832 -32.11 -1.60 -57.62
N LEU B 833 -31.30 -1.13 -58.58
CA LEU B 833 -31.56 0.13 -59.27
C LEU B 833 -32.81 0.15 -60.17
N SER B 834 -33.15 -0.98 -60.78
CA SER B 834 -34.34 -1.04 -61.64
C SER B 834 -35.64 -1.02 -60.85
N GLU B 835 -35.63 -1.60 -59.64
CA GLU B 835 -36.82 -1.65 -58.79
C GLU B 835 -37.14 -0.29 -58.21
N LEU B 836 -36.10 0.48 -57.83
CA LEU B 836 -36.29 1.81 -57.26
C LEU B 836 -36.71 2.84 -58.31
N LEU B 837 -36.20 2.70 -59.54
CA LEU B 837 -36.52 3.64 -60.61
C LEU B 837 -37.95 3.42 -61.11
N THR B 838 -38.44 2.17 -61.04
CA THR B 838 -39.79 1.84 -61.48
C THR B 838 -40.83 2.42 -60.51
N ASP B 839 -40.60 2.28 -59.21
CA ASP B 839 -41.51 2.79 -58.20
C ASP B 839 -41.52 4.32 -58.10
N THR B 840 -40.41 4.95 -58.48
CA THR B 840 -40.30 6.42 -58.44
C THR B 840 -41.14 7.05 -59.56
N LEU B 841 -41.06 6.49 -60.77
CA LEU B 841 -41.81 7.01 -61.91
C LEU B 841 -43.32 6.75 -61.83
N GLU B 842 -43.72 5.65 -61.20
CA GLU B 842 -45.14 5.32 -61.08
C GLU B 842 -45.83 6.06 -59.93
N ASN B 843 -45.06 6.74 -59.08
CA ASN B 843 -45.63 7.46 -57.94
C ASN B 843 -45.32 8.95 -57.96
N ASP B 844 -44.13 9.34 -58.41
CA ASP B 844 -43.74 10.75 -58.45
C ASP B 844 -43.61 11.28 -59.87
N GLY B 845 -43.45 10.40 -60.86
CA GLY B 845 -43.32 10.83 -62.23
C GLY B 845 -41.88 11.23 -62.58
N GLU B 846 -41.77 11.91 -63.71
CA GLU B 846 -40.47 12.36 -64.19
C GLU B 846 -39.98 13.59 -63.43
N MET B 847 -38.66 13.73 -63.36
CA MET B 847 -38.03 14.85 -62.66
C MET B 847 -37.12 15.63 -63.59
N TYR B 848 -36.41 14.94 -64.50
CA TYR B 848 -35.50 15.59 -65.43
C TYR B 848 -36.01 15.51 -66.86
N GLY B 849 -36.72 14.44 -67.21
CA GLY B 849 -37.25 14.26 -68.55
C GLY B 849 -36.54 13.21 -69.38
N ASN B 850 -35.49 12.58 -68.85
CA ASN B 850 -34.73 11.57 -69.57
C ASN B 850 -34.68 10.24 -68.82
N GLU B 851 -35.64 9.99 -67.93
CA GLU B 851 -35.69 8.76 -67.13
C GLU B 851 -36.00 7.51 -67.95
N ASN B 852 -36.74 7.65 -69.05
CA ASN B 852 -37.08 6.51 -69.90
C ASN B 852 -35.90 5.91 -70.65
N GLU B 853 -34.91 6.72 -71.02
CA GLU B 853 -33.74 6.21 -71.72
C GLU B 853 -32.79 5.51 -70.75
N VAL B 854 -32.80 5.95 -69.48
CA VAL B 854 -31.95 5.35 -68.44
C VAL B 854 -32.55 3.98 -68.09
N LEU B 855 -33.88 3.92 -67.95
CA LEU B 855 -34.61 2.69 -67.62
C LEU B 855 -34.52 1.63 -68.72
N ALA B 856 -34.52 2.06 -69.98
CA ALA B 856 -34.41 1.13 -71.11
C ALA B 856 -33.01 0.54 -71.22
N ALA B 857 -31.99 1.36 -70.93
CA ALA B 857 -30.60 0.90 -70.99
C ALA B 857 -30.27 0.00 -69.80
N LEU B 858 -30.89 0.26 -68.64
CA LEU B 858 -30.63 -0.53 -67.44
C LEU B 858 -31.30 -1.90 -67.55
N ASN B 859 -32.51 -1.95 -68.12
CA ASN B 859 -33.23 -3.22 -68.30
C ASN B 859 -32.58 -4.10 -69.37
N GLY B 860 -31.91 -3.48 -70.35
CA GLY B 860 -31.23 -4.23 -71.39
C GLY B 860 -29.95 -4.87 -70.87
N ALA B 861 -29.23 -4.15 -70.00
CA ALA B 861 -28.00 -4.67 -69.40
C ALA B 861 -28.30 -5.71 -68.33
N TYR B 862 -29.50 -5.66 -67.74
CA TYR B 862 -29.91 -6.61 -66.71
C TYR B 862 -30.13 -8.00 -67.32
N ASP B 863 -30.83 -8.05 -68.45
CA ASP B 863 -31.09 -9.32 -69.13
C ASP B 863 -29.83 -9.87 -69.81
N LYS B 864 -28.93 -8.98 -70.24
CA LYS B 864 -27.70 -9.39 -70.90
C LYS B 864 -26.71 -10.03 -69.92
N ALA B 865 -26.63 -9.48 -68.70
CA ALA B 865 -25.72 -10.00 -67.67
C ALA B 865 -26.19 -11.35 -67.13
N LEU B 866 -27.50 -11.60 -67.16
CA LEU B 866 -28.05 -12.87 -66.67
C LEU B 866 -27.75 -13.99 -67.66
N LEU B 867 -27.61 -13.67 -68.95
CA LEU B 867 -27.30 -14.66 -69.98
C LEU B 867 -25.87 -15.19 -69.89
N ARG B 868 -24.97 -14.43 -69.25
CA ARG B 868 -23.58 -14.86 -69.08
C ARG B 868 -23.53 -15.96 -68.02
N LEU B 869 -24.37 -15.84 -66.98
CA LEU B 869 -24.45 -16.85 -65.94
C LEU B 869 -25.25 -18.04 -66.46
N PHE B 870 -26.17 -17.79 -67.39
CA PHE B 870 -27.00 -18.83 -68.00
C PHE B 870 -26.15 -19.71 -68.92
N ALA B 871 -25.16 -19.11 -69.59
CA ALA B 871 -24.28 -19.85 -70.49
C ALA B 871 -23.30 -20.72 -69.70
N SER B 872 -22.88 -20.26 -68.51
CA SER B 872 -21.97 -21.01 -67.68
C SER B 872 -22.62 -22.23 -67.04
N ALA B 873 -23.93 -22.15 -66.78
CA ALA B 873 -24.65 -23.28 -66.19
C ALA B 873 -24.87 -24.39 -67.20
N CYS B 874 -25.03 -24.04 -68.48
CA CYS B 874 -25.23 -25.03 -69.53
C CYS B 874 -23.94 -25.77 -69.86
N SER B 875 -22.80 -25.10 -69.69
CA SER B 875 -21.50 -25.71 -69.97
C SER B 875 -21.12 -26.76 -68.93
N ASP B 876 -21.60 -26.62 -67.69
CA ASP B 876 -21.32 -27.55 -66.62
C ASP B 876 -22.43 -28.58 -66.44
N GLN B 877 -23.28 -28.74 -67.48
CA GLN B 877 -24.42 -29.67 -67.58
C GLN B 877 -25.47 -29.57 -66.46
N ASN B 878 -25.61 -28.40 -65.84
CA ASN B 878 -26.60 -28.22 -64.77
C ASN B 878 -27.85 -27.62 -65.41
N VAL B 879 -28.74 -28.52 -65.84
CA VAL B 879 -29.99 -28.15 -66.50
C VAL B 879 -30.96 -27.47 -65.52
N GLU B 880 -31.02 -27.98 -64.28
CA GLU B 880 -31.90 -27.45 -63.24
C GLU B 880 -31.63 -26.02 -62.78
N LYS B 881 -30.34 -25.63 -62.74
CA LYS B 881 -29.98 -24.26 -62.34
C LYS B 881 -30.33 -23.29 -63.46
N ALA B 882 -30.28 -23.76 -64.72
CA ALA B 882 -30.61 -22.94 -65.88
C ALA B 882 -32.11 -22.64 -65.96
N LEU B 883 -32.94 -23.52 -65.39
CA LEU B 883 -34.39 -23.33 -65.38
C LEU B 883 -34.82 -22.18 -64.49
N SER B 884 -34.17 -22.02 -63.33
CA SER B 884 -34.50 -20.93 -62.41
C SER B 884 -34.06 -19.56 -62.92
N LEU B 885 -33.00 -19.52 -63.73
CA LEU B 885 -32.49 -18.27 -64.28
C LEU B 885 -33.39 -17.69 -65.36
N ALA B 886 -34.15 -18.56 -66.05
CA ALA B 886 -35.05 -18.11 -67.11
C ALA B 886 -36.27 -17.35 -66.58
N HIS B 887 -36.70 -17.64 -65.35
CA HIS B 887 -37.86 -16.95 -64.78
C HIS B 887 -37.59 -15.50 -64.37
N GLU B 888 -36.33 -15.11 -64.22
CA GLU B 888 -35.97 -13.76 -63.81
C GLU B 888 -35.92 -12.75 -64.96
N LEU B 889 -36.16 -13.21 -66.20
CA LEU B 889 -36.13 -12.30 -67.35
C LEU B 889 -37.40 -11.46 -67.43
N LYS B 890 -37.23 -10.18 -67.79
CA LYS B 890 -38.33 -9.24 -67.91
C LYS B 890 -38.82 -9.07 -69.34
N GLN B 891 -37.91 -8.74 -70.25
CA GLN B 891 -38.27 -8.53 -71.65
C GLN B 891 -38.59 -9.82 -72.40
N ASP B 892 -39.49 -9.72 -73.38
CA ASP B 892 -39.88 -10.87 -74.17
C ASP B 892 -38.80 -11.29 -75.17
N ARG B 893 -37.93 -10.35 -75.57
CA ARG B 893 -36.87 -10.65 -76.51
C ARG B 893 -35.72 -11.43 -75.86
N ALA B 894 -35.62 -11.39 -74.53
CA ALA B 894 -34.58 -12.13 -73.82
C ALA B 894 -34.86 -13.62 -73.78
N LEU B 895 -36.15 -13.99 -73.84
CA LEU B 895 -36.54 -15.40 -73.83
C LEU B 895 -36.20 -16.09 -75.14
N THR B 896 -36.18 -15.33 -76.25
CA THR B 896 -35.85 -15.86 -77.57
C THR B 896 -34.36 -16.15 -77.64
N ALA B 897 -33.54 -15.29 -77.02
CA ALA B 897 -32.09 -15.45 -76.99
C ALA B 897 -31.65 -16.63 -76.12
N ALA B 898 -32.47 -17.00 -75.13
CA ALA B 898 -32.15 -18.13 -74.24
C ALA B 898 -32.29 -19.48 -74.95
N VAL B 899 -33.12 -19.52 -76.01
CA VAL B 899 -33.35 -20.75 -76.78
C VAL B 899 -32.08 -21.08 -77.59
N LYS B 900 -31.47 -20.05 -78.20
CA LYS B 900 -30.26 -20.21 -79.01
C LYS B 900 -29.02 -20.64 -78.21
N ILE B 901 -28.97 -20.30 -76.93
CA ILE B 901 -27.84 -20.68 -76.07
C ILE B 901 -28.06 -22.15 -75.71
N SER B 902 -29.32 -22.54 -75.48
CA SER B 902 -29.66 -23.92 -75.13
C SER B 902 -29.47 -24.92 -76.27
N GLU B 903 -29.75 -24.50 -77.51
CA GLU B 903 -29.57 -25.38 -78.66
C GLU B 903 -28.10 -25.59 -79.00
N ARG B 904 -27.26 -24.58 -78.71
CA ARG B 904 -25.83 -24.66 -78.98
C ARG B 904 -25.16 -25.59 -77.96
N ALA B 905 -25.70 -25.67 -76.75
CA ALA B 905 -25.18 -26.51 -75.68
C ALA B 905 -25.71 -27.94 -75.70
N GLU B 906 -26.47 -28.31 -76.77
CA GLU B 906 -27.07 -29.63 -77.00
C GLU B 906 -27.98 -30.14 -75.89
N LEU B 907 -28.95 -29.31 -75.48
CA LEU B 907 -29.92 -29.63 -74.44
C LEU B 907 -31.33 -29.43 -74.98
N PRO B 908 -31.93 -30.47 -75.60
CA PRO B 908 -33.29 -30.31 -76.15
C PRO B 908 -34.40 -30.20 -75.12
N SER B 909 -34.20 -30.75 -73.91
CA SER B 909 -35.23 -30.66 -72.88
C SER B 909 -35.31 -29.26 -72.28
N LEU B 910 -34.20 -28.52 -72.31
CA LEU B 910 -34.15 -27.17 -71.76
C LEU B 910 -34.87 -26.19 -72.68
N VAL B 911 -34.91 -26.49 -73.99
CA VAL B 911 -35.56 -25.66 -75.00
C VAL B 911 -37.07 -25.57 -74.81
N LYS B 912 -37.73 -26.71 -74.56
CA LYS B 912 -39.17 -26.77 -74.33
C LYS B 912 -39.61 -26.11 -73.02
N LYS B 913 -38.72 -26.06 -72.03
CA LYS B 913 -39.03 -25.43 -70.74
C LYS B 913 -39.10 -23.90 -70.83
N ILE B 914 -38.40 -23.32 -71.81
CA ILE B 914 -38.39 -21.87 -72.02
C ILE B 914 -39.73 -21.49 -72.65
N ASN B 915 -40.24 -22.33 -73.56
CA ASN B 915 -41.52 -22.09 -74.23
C ASN B 915 -42.75 -22.17 -73.32
N ASN B 916 -42.65 -22.90 -72.21
CA ASN B 916 -43.76 -23.00 -71.26
C ASN B 916 -43.88 -21.70 -70.46
N ILE B 917 -42.76 -21.00 -70.27
CA ILE B 917 -42.73 -19.72 -69.54
C ILE B 917 -43.38 -18.67 -70.43
N ARG B 918 -43.11 -18.73 -71.74
CA ARG B 918 -43.68 -17.81 -72.74
C ARG B 918 -45.19 -17.92 -72.87
N GLU B 919 -45.73 -19.14 -72.81
CA GLU B 919 -47.17 -19.35 -72.89
C GLU B 919 -47.87 -18.93 -71.61
N ALA B 920 -47.18 -19.06 -70.47
CA ALA B 920 -47.76 -18.68 -69.18
C ALA B 920 -47.84 -17.17 -69.00
N ARG B 921 -46.90 -16.42 -69.58
CA ARG B 921 -46.91 -14.97 -69.47
C ARG B 921 -47.94 -14.34 -70.39
N TYR B 922 -48.22 -14.98 -71.53
CA TYR B 922 -49.20 -14.46 -72.48
C TYR B 922 -50.63 -14.65 -71.97
N GLU B 923 -50.85 -15.70 -71.16
CA GLU B 923 -52.17 -15.98 -70.61
C GLU B 923 -52.50 -14.98 -69.50
N GLN B 924 -51.50 -14.65 -68.67
CA GLN B 924 -51.67 -13.71 -67.56
C GLN B 924 -51.84 -12.28 -68.06
N GLN B 925 -51.24 -11.97 -69.23
CA GLN B 925 -51.32 -10.63 -69.82
C GLN B 925 -52.72 -10.38 -70.39
N LEU B 926 -53.43 -11.42 -70.81
CA LEU B 926 -54.78 -11.28 -71.36
C LEU B 926 -55.87 -11.33 -70.31
N LYS B 927 -55.53 -11.35 -69.03
CA LYS B 927 -56.51 -11.38 -67.95
C LYS B 927 -56.67 -10.02 -67.31
N PHE C 474 -30.37 -3.26 -11.10
CA PHE C 474 -31.59 -2.50 -10.87
C PHE C 474 -32.47 -3.19 -9.83
N ARG C 475 -33.08 -2.41 -8.95
CA ARG C 475 -33.95 -2.91 -7.90
C ARG C 475 -35.40 -2.54 -8.19
N TYR C 476 -36.29 -3.54 -8.15
CA TYR C 476 -37.71 -3.32 -8.40
C TYR C 476 -38.45 -2.95 -7.13
N MET C 477 -38.67 -1.65 -6.93
CA MET C 477 -39.34 -1.00 -5.83
C MET C 477 -40.85 -0.91 -6.09
N PRO C 478 -41.69 -1.04 -5.06
CA PRO C 478 -43.15 -0.93 -5.28
C PRO C 478 -43.58 0.51 -5.53
N PHE C 479 -44.18 0.73 -6.69
CA PHE C 479 -44.63 2.05 -7.11
C PHE C 479 -46.13 2.19 -6.91
N SER C 480 -46.55 3.40 -6.56
CA SER C 480 -47.94 3.76 -6.32
C SER C 480 -48.22 5.11 -6.94
N PRO C 481 -49.45 5.35 -7.43
CA PRO C 481 -49.77 6.66 -8.04
C PRO C 481 -49.83 7.78 -7.00
N ALA C 482 -49.00 8.80 -7.25
CA ALA C 482 -48.80 10.03 -6.44
C ALA C 482 -48.39 9.72 -5.00
N GLY C 483 -47.58 8.66 -4.81
CA GLY C 483 -47.13 8.30 -3.49
C GLY C 483 -45.92 9.09 -3.04
N THR C 484 -45.79 9.18 -1.71
CA THR C 484 -44.71 9.88 -1.03
C THR C 484 -43.94 8.90 -0.14
N PRO C 485 -42.62 9.01 -0.02
CA PRO C 485 -41.87 8.10 0.85
C PRO C 485 -41.98 8.48 2.31
N PHE C 486 -41.49 7.57 3.17
CA PHE C 486 -41.51 7.79 4.61
C PHE C 486 -40.64 8.93 5.13
N GLY C 487 -39.38 8.98 4.70
CA GLY C 487 -38.48 10.02 5.18
C GLY C 487 -38.00 9.69 6.58
N PHE C 488 -38.07 10.66 7.48
CA PHE C 488 -37.66 10.47 8.87
C PHE C 488 -38.87 10.22 9.77
N THR C 489 -40.05 10.04 9.18
CA THR C 489 -41.26 9.78 9.93
C THR C 489 -41.73 8.33 9.78
N ASP C 490 -42.84 8.00 10.41
CA ASP C 490 -43.42 6.66 10.37
C ASP C 490 -44.73 6.62 9.60
N ARG C 491 -45.08 7.71 8.91
CA ARG C 491 -46.31 7.79 8.15
C ARG C 491 -46.08 8.38 6.77
N ARG C 492 -46.91 7.96 5.80
CA ARG C 492 -46.81 8.42 4.43
C ARG C 492 -48.14 8.30 3.70
N TYR C 493 -48.15 8.76 2.45
CA TYR C 493 -49.33 8.70 1.59
C TYR C 493 -49.24 7.48 0.68
N LEU C 494 -50.27 6.63 0.71
CA LEU C 494 -50.27 5.45 -0.16
C LEU C 494 -50.63 5.87 -1.58
N THR C 495 -51.78 6.52 -1.75
CA THR C 495 -52.19 7.01 -3.07
C THR C 495 -52.81 8.38 -2.90
N MET C 496 -52.99 9.08 -4.02
CA MET C 496 -53.56 10.43 -4.03
C MET C 496 -54.13 10.74 -5.41
N ASN C 497 -55.38 11.18 -5.46
CA ASN C 497 -56.06 11.52 -6.71
C ASN C 497 -57.16 12.57 -6.51
N GLU C 498 -58.02 12.74 -7.51
CA GLU C 498 -59.11 13.71 -7.42
C GLU C 498 -60.23 13.27 -6.50
N VAL C 499 -60.34 11.97 -6.20
CA VAL C 499 -61.38 11.46 -5.32
C VAL C 499 -60.98 11.76 -3.87
N GLY C 500 -59.74 11.41 -3.51
CA GLY C 500 -59.26 11.65 -2.16
C GLY C 500 -57.83 11.19 -1.95
N TYR C 501 -57.49 10.81 -0.72
CA TYR C 501 -56.15 10.36 -0.40
C TYR C 501 -56.19 9.27 0.67
N VAL C 502 -55.31 8.28 0.51
CA VAL C 502 -55.21 7.14 1.43
C VAL C 502 -53.83 7.18 2.08
N SER C 503 -53.81 7.19 3.42
CA SER C 503 -52.56 7.22 4.18
C SER C 503 -52.52 6.11 5.22
N THR C 504 -51.33 5.85 5.75
CA THR C 504 -51.16 4.82 6.76
C THR C 504 -50.41 5.35 7.98
N VAL C 505 -50.81 4.87 9.17
CA VAL C 505 -50.22 5.27 10.44
C VAL C 505 -49.69 4.02 11.16
N LYS C 506 -48.39 4.00 11.42
CA LYS C 506 -47.78 2.87 12.11
C LYS C 506 -47.89 2.96 13.63
N ASN C 507 -48.29 1.85 14.26
CA ASN C 507 -48.36 1.81 15.72
C ASN C 507 -47.46 0.69 16.21
N SER C 508 -47.57 0.33 17.50
CA SER C 508 -46.73 -0.69 18.13
C SER C 508 -46.62 -2.11 17.56
N GLU C 509 -47.74 -2.67 17.05
CA GLU C 509 -47.70 -4.04 16.53
C GLU C 509 -48.20 -4.23 15.10
N GLN C 510 -48.95 -3.27 14.54
CA GLN C 510 -49.51 -3.40 13.20
C GLN C 510 -49.49 -2.09 12.42
N TYR C 511 -50.26 -2.02 11.34
CA TYR C 511 -50.39 -0.83 10.52
C TYR C 511 -51.85 -0.41 10.63
N SER C 512 -52.12 0.87 10.36
CA SER C 512 -53.49 1.40 10.42
C SER C 512 -53.77 2.27 9.20
N ILE C 513 -54.68 1.82 8.36
CA ILE C 513 -55.05 2.53 7.13
C ILE C 513 -56.22 3.47 7.38
N THR C 514 -56.01 4.76 7.10
CA THR C 514 -57.03 5.78 7.26
C THR C 514 -57.28 6.40 5.89
N VAL C 515 -58.54 6.39 5.46
CA VAL C 515 -58.93 6.92 4.16
C VAL C 515 -59.78 8.17 4.33
N SER C 516 -59.28 9.30 3.83
CA SER C 516 -59.99 10.56 3.90
C SER C 516 -60.31 11.08 2.51
N PHE C 517 -61.47 11.74 2.38
CA PHE C 517 -61.94 12.29 1.12
C PHE C 517 -62.11 13.80 1.17
N PHE C 518 -62.16 14.42 0.00
CA PHE C 518 -62.35 15.86 -0.10
C PHE C 518 -63.85 16.16 -0.11
N ASP C 519 -64.62 15.32 -0.80
CA ASP C 519 -66.07 15.47 -0.89
C ASP C 519 -66.65 14.59 0.23
N VAL C 520 -66.81 15.19 1.40
CA VAL C 520 -67.32 14.51 2.59
C VAL C 520 -68.83 14.27 2.41
N GLY C 521 -69.53 15.19 1.74
CA GLY C 521 -70.96 15.08 1.53
C GLY C 521 -71.42 14.00 0.56
N ARG C 522 -70.52 13.42 -0.24
CA ARG C 522 -70.90 12.39 -1.20
C ARG C 522 -70.65 10.98 -0.67
N PHE C 523 -69.45 10.69 -0.18
CA PHE C 523 -69.12 9.37 0.34
C PHE C 523 -68.86 9.38 1.85
N ARG C 524 -69.04 8.22 2.47
CA ARG C 524 -68.84 8.06 3.91
C ARG C 524 -67.40 7.71 4.25
N GLU C 525 -66.78 8.55 5.09
CA GLU C 525 -65.41 8.34 5.54
C GLU C 525 -65.31 7.16 6.50
N TYR C 526 -64.33 6.29 6.31
CA TYR C 526 -64.14 5.13 7.17
C TYR C 526 -62.68 4.74 7.27
N HIS C 527 -62.37 3.89 8.25
CA HIS C 527 -61.01 3.40 8.47
C HIS C 527 -61.03 2.02 9.09
N PHE C 528 -59.91 1.29 8.95
CA PHE C 528 -59.80 -0.06 9.49
C PHE C 528 -58.35 -0.39 9.78
N GLU C 529 -58.16 -1.41 10.62
CA GLU C 529 -56.82 -1.86 10.98
C GLU C 529 -56.23 -2.75 9.90
N ASP C 530 -54.92 -2.61 9.67
CA ASP C 530 -54.20 -3.40 8.67
C ASP C 530 -53.40 -4.47 9.39
N LEU C 531 -53.93 -5.70 9.37
CA LEU C 531 -53.26 -6.82 10.02
C LEU C 531 -52.22 -7.43 9.08
N PHE C 532 -52.53 -7.53 7.80
CA PHE C 532 -51.60 -8.12 6.84
C PHE C 532 -50.44 -7.18 6.48
N GLY C 533 -50.68 -5.88 6.47
CA GLY C 533 -49.63 -4.94 6.14
C GLY C 533 -49.50 -4.57 4.68
N TYR C 534 -50.60 -4.10 4.08
CA TYR C 534 -50.60 -3.70 2.67
C TYR C 534 -49.80 -2.43 2.41
N ASP C 535 -49.08 -2.41 1.30
CA ASP C 535 -48.25 -1.26 0.94
C ASP C 535 -48.58 -0.68 -0.44
N LEU C 536 -49.57 -1.24 -1.14
CA LEU C 536 -49.97 -0.76 -2.45
C LEU C 536 -51.45 -0.41 -2.45
N CYS C 537 -51.78 0.73 -3.05
CA CYS C 537 -53.18 1.16 -3.10
C CYS C 537 -53.49 2.00 -4.33
N PHE C 538 -54.73 1.87 -4.80
CA PHE C 538 -55.23 2.61 -5.97
C PHE C 538 -56.69 2.93 -5.68
N LEU C 539 -57.10 4.15 -6.02
CA LEU C 539 -58.46 4.60 -5.76
C LEU C 539 -59.20 5.08 -7.00
N ASN C 540 -60.42 4.55 -7.20
CA ASN C 540 -61.28 4.96 -8.30
C ASN C 540 -62.63 5.39 -7.76
N GLU C 541 -63.61 5.61 -8.62
CA GLU C 541 -64.94 6.07 -8.17
C GLU C 541 -65.86 5.01 -7.58
N LYS C 542 -65.45 3.74 -7.53
CA LYS C 542 -66.31 2.70 -6.98
C LYS C 542 -65.72 1.88 -5.84
N GLY C 543 -64.41 1.84 -5.67
CA GLY C 543 -63.86 1.03 -4.60
C GLY C 543 -62.40 1.36 -4.32
N THR C 544 -61.80 0.53 -3.47
CA THR C 544 -60.40 0.66 -3.10
C THR C 544 -59.73 -0.70 -3.18
N LEU C 545 -58.60 -0.77 -3.88
CA LEU C 545 -57.85 -2.01 -4.06
C LEU C 545 -56.53 -1.98 -3.31
N PHE C 546 -56.25 -3.06 -2.58
CA PHE C 546 -55.02 -3.22 -1.81
C PHE C 546 -54.21 -4.39 -2.33
N GLY C 547 -52.89 -4.30 -2.18
CA GLY C 547 -52.03 -5.37 -2.65
C GLY C 547 -50.73 -5.53 -1.87
N GLN C 548 -50.32 -6.78 -1.64
CA GLN C 548 -49.09 -7.10 -0.92
C GLN C 548 -48.04 -7.61 -1.90
N SER C 549 -46.90 -6.92 -1.96
CA SER C 549 -45.83 -7.31 -2.87
C SER C 549 -45.05 -8.54 -2.44
N LYS C 550 -45.02 -8.85 -1.14
CA LYS C 550 -44.25 -9.99 -0.66
C LYS C 550 -44.97 -11.33 -0.68
N THR C 551 -46.25 -11.38 -0.29
CA THR C 551 -46.98 -12.64 -0.28
C THR C 551 -47.97 -12.79 -1.42
N GLY C 552 -48.18 -11.73 -2.21
CA GLY C 552 -49.11 -11.79 -3.33
C GLY C 552 -50.57 -11.80 -2.94
N GLN C 553 -50.91 -11.37 -1.73
CA GLN C 553 -52.30 -11.33 -1.29
C GLN C 553 -52.90 -9.97 -1.59
N ILE C 554 -54.05 -9.98 -2.27
CA ILE C 554 -54.75 -8.76 -2.64
C ILE C 554 -56.16 -8.75 -2.06
N GLN C 555 -56.72 -7.54 -1.90
CA GLN C 555 -58.06 -7.38 -1.35
C GLN C 555 -58.72 -6.15 -1.93
N TYR C 556 -59.94 -6.31 -2.43
CA TYR C 556 -60.72 -5.23 -3.01
C TYR C 556 -61.89 -4.91 -2.09
N ARG C 557 -62.00 -3.65 -1.68
CA ARG C 557 -63.07 -3.22 -0.79
C ARG C 557 -63.99 -2.18 -1.40
N PRO C 558 -65.20 -2.55 -1.82
CA PRO C 558 -66.12 -1.56 -2.40
C PRO C 558 -66.73 -0.67 -1.31
N HIS C 559 -67.05 0.56 -1.70
CA HIS C 559 -67.65 1.52 -0.76
C HIS C 559 -69.10 1.21 -0.39
N ASP C 560 -69.80 0.43 -1.22
CA ASP C 560 -71.19 0.08 -0.97
C ASP C 560 -71.20 -1.23 -0.17
N SER C 561 -72.22 -1.37 0.68
CA SER C 561 -72.37 -2.54 1.53
C SER C 561 -73.04 -3.72 0.82
N ILE C 562 -73.56 -3.50 -0.38
CA ILE C 562 -74.24 -4.55 -1.15
C ILE C 562 -73.22 -5.57 -1.67
N HIS C 563 -72.08 -5.09 -2.19
CA HIS C 563 -71.05 -5.98 -2.72
C HIS C 563 -70.15 -6.53 -1.62
N SER C 564 -69.92 -7.83 -1.66
CA SER C 564 -69.08 -8.50 -0.67
C SER C 564 -67.59 -8.48 -1.02
N ASN C 565 -66.76 -8.52 0.00
CA ASN C 565 -65.31 -8.50 -0.18
C ASN C 565 -64.78 -9.86 -0.66
N TRP C 566 -63.68 -9.82 -1.40
CA TRP C 566 -63.05 -11.03 -1.91
C TRP C 566 -61.53 -10.98 -1.74
N THR C 567 -60.94 -12.11 -1.38
CA THR C 567 -59.52 -12.23 -1.15
C THR C 567 -58.95 -13.40 -1.95
N LYS C 568 -57.87 -13.16 -2.69
CA LYS C 568 -57.22 -14.17 -3.50
C LYS C 568 -55.71 -13.91 -3.48
N ILE C 569 -54.92 -14.97 -3.48
CA ILE C 569 -53.47 -14.90 -3.43
C ILE C 569 -52.87 -15.10 -4.82
N ILE C 570 -52.11 -14.12 -5.29
CA ILE C 570 -51.45 -14.15 -6.59
C ILE C 570 -50.16 -14.95 -6.43
N PRO C 571 -49.90 -15.94 -7.30
CA PRO C 571 -48.66 -16.74 -7.19
C PRO C 571 -47.44 -15.94 -7.61
N LEU C 572 -46.39 -16.02 -6.78
CA LEU C 572 -45.14 -15.29 -7.02
C LEU C 572 -43.93 -16.21 -6.93
N GLN C 573 -43.02 -16.06 -7.90
CA GLN C 573 -41.79 -16.86 -7.93
C GLN C 573 -40.72 -16.31 -6.99
N ALA C 574 -39.53 -16.91 -7.04
CA ALA C 574 -38.41 -16.49 -6.21
C ALA C 574 -37.86 -15.14 -6.69
N GLY C 575 -37.93 -14.14 -5.81
CA GLY C 575 -37.47 -12.81 -6.13
C GLY C 575 -38.49 -11.94 -6.86
N GLU C 576 -39.70 -12.46 -7.07
CA GLU C 576 -40.74 -11.70 -7.77
C GLU C 576 -41.55 -10.85 -6.79
N ARG C 577 -41.65 -9.55 -7.09
CA ARG C 577 -42.38 -8.60 -6.27
C ARG C 577 -43.39 -7.85 -7.12
N ILE C 578 -44.56 -7.55 -6.54
CA ILE C 578 -45.58 -6.81 -7.25
C ILE C 578 -45.17 -5.34 -7.23
N THR C 579 -45.07 -4.72 -8.41
CA THR C 579 -44.63 -3.34 -8.49
C THR C 579 -45.73 -2.30 -8.70
N SER C 580 -46.83 -2.66 -9.38
CA SER C 580 -47.91 -1.72 -9.63
C SER C 580 -49.25 -2.41 -9.83
N VAL C 581 -50.30 -1.80 -9.26
CA VAL C 581 -51.66 -2.29 -9.35
C VAL C 581 -52.56 -1.21 -9.95
N ALA C 582 -53.75 -1.62 -10.38
CA ALA C 582 -54.74 -0.74 -10.99
C ALA C 582 -56.12 -1.38 -10.84
N ALA C 583 -57.14 -0.55 -10.83
CA ALA C 583 -58.50 -1.05 -10.71
C ALA C 583 -59.48 -0.17 -11.47
N THR C 584 -60.44 -0.83 -12.11
CA THR C 584 -61.52 -0.28 -12.90
C THR C 584 -62.74 -1.00 -12.31
N PRO C 585 -63.98 -0.49 -12.48
CA PRO C 585 -65.14 -1.22 -11.92
C PRO C 585 -65.52 -2.54 -12.57
N VAL C 586 -65.01 -2.85 -13.77
CA VAL C 586 -65.34 -4.11 -14.42
C VAL C 586 -64.14 -5.02 -14.62
N ARG C 587 -62.92 -4.50 -14.49
CA ARG C 587 -61.69 -5.28 -14.65
C ARG C 587 -60.66 -4.91 -13.59
N VAL C 588 -59.80 -5.86 -13.24
CA VAL C 588 -58.74 -5.68 -12.25
C VAL C 588 -57.41 -5.94 -12.95
N ILE C 589 -56.48 -4.98 -12.87
CA ILE C 589 -55.17 -5.09 -13.50
C ILE C 589 -54.07 -5.21 -12.44
N VAL C 590 -53.31 -6.31 -12.50
CA VAL C 590 -52.21 -6.59 -11.58
C VAL C 590 -50.93 -6.79 -12.39
N GLY C 591 -49.91 -5.99 -12.09
CA GLY C 591 -48.62 -6.09 -12.77
C GLY C 591 -47.51 -6.45 -11.80
N THR C 592 -46.56 -7.25 -12.29
CA THR C 592 -45.42 -7.71 -11.50
C THR C 592 -44.07 -7.30 -12.08
N SER C 593 -43.00 -7.61 -11.35
CA SER C 593 -41.64 -7.26 -11.77
C SER C 593 -41.11 -8.18 -12.86
N LEU C 594 -41.68 -9.37 -13.03
CA LEU C 594 -41.21 -10.28 -14.06
C LEU C 594 -42.03 -10.14 -15.33
N GLY C 595 -42.97 -9.20 -15.35
CA GLY C 595 -43.79 -8.99 -16.52
C GLY C 595 -45.02 -9.86 -16.66
N TYR C 596 -45.48 -10.48 -15.57
CA TYR C 596 -46.66 -11.32 -15.65
C TYR C 596 -47.90 -10.43 -15.60
N PHE C 597 -48.76 -10.57 -16.61
CA PHE C 597 -50.00 -9.79 -16.69
C PHE C 597 -51.19 -10.67 -16.37
N ARG C 598 -51.69 -10.55 -15.14
CA ARG C 598 -52.85 -11.29 -14.68
C ARG C 598 -54.03 -10.34 -14.56
N SER C 599 -55.11 -10.66 -15.25
CA SER C 599 -56.30 -9.82 -15.24
C SER C 599 -57.50 -10.55 -14.66
N PHE C 600 -58.23 -9.85 -13.79
CA PHE C 600 -59.42 -10.36 -13.13
C PHE C 600 -60.60 -9.45 -13.41
N ASN C 601 -61.80 -9.94 -13.13
CA ASN C 601 -63.01 -9.16 -13.28
C ASN C 601 -63.36 -8.60 -11.90
N GLN C 602 -64.55 -8.02 -11.76
CA GLN C 602 -64.94 -7.45 -10.46
C GLN C 602 -65.34 -8.49 -9.39
N PHE C 603 -65.36 -9.79 -9.72
CA PHE C 603 -65.71 -10.84 -8.76
C PHE C 603 -64.53 -11.76 -8.48
N GLY C 604 -63.43 -11.65 -9.23
CA GLY C 604 -62.26 -12.46 -9.02
C GLY C 604 -62.02 -13.59 -10.00
N VAL C 605 -62.92 -13.79 -10.96
CA VAL C 605 -62.79 -14.86 -11.96
C VAL C 605 -61.69 -14.52 -12.96
N PRO C 606 -60.67 -15.39 -13.13
CA PRO C 606 -59.58 -15.10 -14.08
C PRO C 606 -60.02 -15.30 -15.52
N PHE C 607 -59.45 -14.47 -16.40
CA PHE C 607 -59.76 -14.53 -17.84
C PHE C 607 -58.57 -14.94 -18.70
N ALA C 608 -57.41 -14.33 -18.50
CA ALA C 608 -56.22 -14.64 -19.29
C ALA C 608 -54.95 -14.31 -18.52
N VAL C 609 -53.87 -15.00 -18.88
CA VAL C 609 -52.54 -14.82 -18.30
C VAL C 609 -51.62 -14.47 -19.47
N GLU C 610 -51.04 -13.27 -19.44
CA GLU C 610 -50.18 -12.78 -20.50
C GLU C 610 -48.76 -12.49 -20.02
N LYS C 611 -47.77 -12.80 -20.87
CA LYS C 611 -46.36 -12.54 -20.59
C LYS C 611 -45.88 -11.38 -21.43
N THR C 612 -45.60 -10.25 -20.78
CA THR C 612 -45.14 -9.01 -21.42
C THR C 612 -43.94 -8.43 -20.68
N SER C 613 -43.60 -7.19 -21.03
CA SER C 613 -42.50 -6.45 -20.40
C SER C 613 -42.90 -6.07 -18.97
N PRO C 614 -41.92 -5.88 -18.07
CA PRO C 614 -42.25 -5.50 -16.67
C PRO C 614 -42.85 -4.10 -16.52
N ILE C 615 -44.03 -4.06 -15.89
CA ILE C 615 -44.80 -2.85 -15.68
C ILE C 615 -44.35 -2.15 -14.39
N VAL C 616 -44.03 -0.85 -14.50
CA VAL C 616 -43.60 -0.09 -13.35
C VAL C 616 -44.59 1.02 -12.98
N ALA C 617 -45.54 1.38 -13.85
CA ALA C 617 -46.50 2.43 -13.55
C ALA C 617 -47.82 2.18 -14.27
N LEU C 618 -48.93 2.42 -13.57
CA LEU C 618 -50.28 2.23 -14.09
C LEU C 618 -51.25 3.36 -13.78
N THR C 619 -52.16 3.61 -14.74
CA THR C 619 -53.21 4.60 -14.62
C THR C 619 -54.35 4.13 -15.53
N ALA C 620 -55.59 4.43 -15.12
CA ALA C 620 -56.76 3.99 -15.87
C ALA C 620 -57.98 4.83 -15.56
N GLN C 621 -58.75 5.08 -16.63
CA GLN C 621 -60.02 5.75 -16.59
C GLN C 621 -60.83 4.81 -17.47
N ASN C 622 -61.96 4.31 -16.97
CA ASN C 622 -62.81 3.39 -17.71
C ASN C 622 -62.07 2.15 -18.23
N TYR C 623 -62.27 1.85 -19.52
CA TYR C 623 -61.69 0.71 -20.21
C TYR C 623 -60.16 0.61 -20.38
N ARG C 624 -59.51 1.72 -20.65
CA ARG C 624 -58.08 1.75 -20.96
C ARG C 624 -57.04 1.30 -19.92
N VAL C 625 -56.03 0.57 -20.43
CA VAL C 625 -54.89 0.13 -19.64
C VAL C 625 -53.65 0.79 -20.22
N PHE C 626 -52.98 1.60 -19.39
CA PHE C 626 -51.78 2.31 -19.80
C PHE C 626 -50.64 1.88 -18.88
N SER C 627 -49.69 1.14 -19.43
CA SER C 627 -48.56 0.64 -18.68
C SER C 627 -47.23 1.19 -19.17
N VAL C 628 -46.35 1.50 -18.23
CA VAL C 628 -45.02 2.02 -18.52
C VAL C 628 -44.09 0.84 -18.32
N HIS C 629 -43.31 0.51 -19.34
CA HIS C 629 -42.40 -0.63 -19.26
C HIS C 629 -40.95 -0.21 -19.11
N TYR C 630 -40.20 -1.00 -18.32
CA TYR C 630 -38.78 -0.72 -18.09
C TYR C 630 -38.04 -2.03 -17.82
N SER C 631 -37.32 -2.51 -18.82
CA SER C 631 -36.55 -3.75 -18.70
C SER C 631 -35.17 -3.46 -18.12
N GLN C 632 -34.36 -4.51 -17.99
CA GLN C 632 -33.02 -4.35 -17.43
C GLN C 632 -32.04 -3.71 -18.41
N PHE C 633 -32.08 -4.10 -19.68
CA PHE C 633 -31.15 -3.55 -20.65
C PHE C 633 -31.68 -2.41 -21.52
N HIS C 634 -32.76 -2.64 -22.28
CA HIS C 634 -33.29 -1.59 -23.14
C HIS C 634 -34.09 -0.53 -22.38
N GLY C 635 -35.21 -0.91 -21.73
CA GLY C 635 -36.11 -0.07 -20.94
C GLY C 635 -36.73 1.15 -21.63
N LEU C 636 -37.36 1.97 -20.77
CA LEU C 636 -38.03 3.24 -21.07
C LEU C 636 -39.06 3.24 -22.21
N SER C 637 -40.11 2.44 -22.06
CA SER C 637 -41.16 2.35 -23.06
C SER C 637 -42.56 2.36 -22.43
N TYR C 638 -43.57 2.63 -23.24
CA TYR C 638 -44.95 2.68 -22.77
C TYR C 638 -45.91 2.03 -23.76
N SER C 639 -46.96 1.41 -23.22
CA SER C 639 -47.98 0.75 -24.02
C SER C 639 -49.37 1.32 -23.73
N LEU C 640 -50.24 1.28 -24.74
CA LEU C 640 -51.60 1.78 -24.64
C LEU C 640 -52.57 0.75 -25.21
N SER C 641 -53.55 0.34 -24.40
CA SER C 641 -54.54 -0.64 -24.83
C SER C 641 -55.95 -0.35 -24.34
N GLU C 642 -56.91 -1.10 -24.88
CA GLU C 642 -58.32 -0.98 -24.54
C GLU C 642 -58.94 -2.36 -24.34
N LEU C 643 -59.49 -2.58 -23.14
CA LEU C 643 -60.11 -3.86 -22.82
C LEU C 643 -61.57 -3.94 -23.30
N GLY C 644 -61.74 -4.11 -24.61
CA GLY C 644 -63.05 -4.21 -25.23
C GLY C 644 -63.81 -5.49 -24.93
N THR C 645 -65.05 -5.56 -25.41
CA THR C 645 -65.87 -6.75 -25.19
C THR C 645 -65.47 -7.91 -26.08
N SER C 646 -64.94 -7.64 -27.27
CA SER C 646 -64.54 -8.70 -28.18
C SER C 646 -63.14 -9.20 -27.90
N SER C 647 -62.15 -8.30 -28.00
CA SER C 647 -60.75 -8.64 -27.77
C SER C 647 -59.94 -7.42 -27.37
N LYS C 648 -58.78 -7.67 -26.77
CA LYS C 648 -57.91 -6.59 -26.33
C LYS C 648 -57.19 -5.99 -27.54
N ARG C 649 -57.44 -4.71 -27.81
CA ARG C 649 -56.84 -4.01 -28.95
C ARG C 649 -55.70 -3.10 -28.52
N TYR C 650 -54.59 -3.18 -29.26
CA TYR C 650 -53.40 -2.37 -29.00
C TYR C 650 -53.32 -1.17 -29.95
N TYR C 651 -53.23 0.04 -29.37
CA TYR C 651 -53.10 1.24 -30.18
C TYR C 651 -51.62 1.53 -30.38
N LYS C 652 -50.82 1.31 -29.34
CA LYS C 652 -49.37 1.51 -29.37
C LYS C 652 -48.69 0.27 -28.84
N ARG C 653 -47.61 -0.16 -29.49
CA ARG C 653 -46.86 -1.34 -29.08
C ARG C 653 -45.44 -0.96 -28.70
N GLU C 654 -45.28 -0.63 -27.41
CA GLU C 654 -44.01 -0.25 -26.75
C GLU C 654 -43.21 0.87 -27.41
N CYS C 655 -43.81 2.06 -27.50
CA CYS C 655 -43.17 3.22 -28.09
C CYS C 655 -42.22 3.84 -27.08
N PRO C 656 -41.13 4.49 -27.53
CA PRO C 656 -40.19 5.12 -26.57
C PRO C 656 -40.75 6.37 -25.90
N LEU C 657 -40.50 6.47 -24.59
CA LEU C 657 -40.97 7.57 -23.77
C LEU C 657 -39.96 8.71 -23.73
N PRO C 658 -40.37 9.96 -24.08
CA PRO C 658 -39.43 11.09 -24.06
C PRO C 658 -39.18 11.74 -22.68
N MET C 659 -39.53 11.08 -21.58
CA MET C 659 -39.34 11.60 -20.24
C MET C 659 -37.86 11.61 -19.86
N SER C 660 -37.43 12.71 -19.24
CA SER C 660 -36.03 12.87 -18.84
C SER C 660 -35.73 12.30 -17.46
N LEU C 661 -34.76 11.40 -17.40
CA LEU C 661 -34.35 10.79 -16.15
C LEU C 661 -33.44 11.74 -15.35
N PRO C 662 -33.41 11.63 -14.02
CA PRO C 662 -32.54 12.51 -13.22
C PRO C 662 -31.06 12.16 -13.37
N ASN C 663 -30.23 13.19 -13.50
CA ASN C 663 -28.80 13.03 -13.66
C ASN C 663 -28.20 12.76 -12.28
N ASP C 671 -31.31 13.47 3.84
CA ASP C 671 -31.55 14.38 2.73
C ASP C 671 -32.89 14.04 2.07
N ALA C 672 -33.62 15.08 1.68
CA ALA C 672 -34.93 14.91 1.04
C ALA C 672 -34.79 14.37 -0.38
N ASN C 673 -33.87 14.95 -1.15
CA ASN C 673 -33.64 14.53 -2.54
C ASN C 673 -33.01 13.15 -2.68
N LEU C 674 -32.09 12.79 -1.77
CA LEU C 674 -31.42 11.50 -1.80
C LEU C 674 -32.35 10.33 -1.48
N ASP C 675 -33.19 10.49 -0.44
CA ASP C 675 -34.14 9.45 -0.05
C ASP C 675 -35.26 9.21 -1.04
N TYR C 676 -35.67 10.26 -1.76
CA TYR C 676 -36.74 10.14 -2.75
C TYR C 676 -36.28 9.37 -3.99
N TYR C 677 -35.01 9.52 -4.36
CA TYR C 677 -34.42 8.84 -5.51
C TYR C 677 -34.36 7.32 -5.40
N ASN C 678 -34.10 6.81 -4.19
CA ASN C 678 -34.03 5.37 -3.95
C ASN C 678 -35.39 4.68 -4.06
N PHE C 679 -36.41 5.27 -3.42
CA PHE C 679 -37.77 4.74 -3.44
C PHE C 679 -38.40 4.89 -4.82
N ASN C 680 -38.07 5.96 -5.54
CA ASN C 680 -38.60 6.23 -6.87
C ASN C 680 -37.41 6.35 -7.84
N PRO C 681 -36.89 5.19 -8.38
CA PRO C 681 -35.75 5.21 -9.31
C PRO C 681 -35.95 5.92 -10.65
N MET C 682 -37.20 6.08 -11.09
CA MET C 682 -37.46 6.74 -12.37
C MET C 682 -37.90 8.20 -12.20
N GLY C 683 -38.16 8.62 -10.97
CA GLY C 683 -38.56 10.00 -10.73
C GLY C 683 -39.98 10.35 -11.12
N ILE C 684 -40.85 9.36 -11.34
CA ILE C 684 -42.24 9.61 -11.72
C ILE C 684 -43.02 10.05 -10.49
N LYS C 685 -43.39 11.33 -10.43
CA LYS C 685 -44.13 11.83 -9.28
C LYS C 685 -45.59 11.38 -9.30
N SER C 686 -46.29 11.65 -10.40
CA SER C 686 -47.69 11.28 -10.56
C SER C 686 -48.07 11.15 -12.03
N LEU C 687 -49.16 10.43 -12.28
CA LEU C 687 -49.68 10.22 -13.62
C LEU C 687 -51.17 9.92 -13.52
N PHE C 688 -51.94 10.50 -14.45
CA PHE C 688 -53.40 10.38 -14.52
C PHE C 688 -53.91 10.73 -15.91
N PHE C 689 -55.18 10.44 -16.14
CA PHE C 689 -55.85 10.74 -17.39
C PHE C 689 -56.64 12.04 -17.29
N SER C 690 -56.71 12.77 -18.40
CA SER C 690 -57.45 14.02 -18.42
C SER C 690 -58.95 13.77 -18.57
N SER C 691 -59.74 14.84 -18.42
CA SER C 691 -61.19 14.71 -18.54
C SER C 691 -61.66 14.67 -19.99
N TYR C 692 -60.80 15.04 -20.94
CA TYR C 692 -61.13 15.05 -22.36
C TYR C 692 -60.53 13.90 -23.17
N GLY C 693 -60.17 12.81 -22.50
CA GLY C 693 -59.66 11.64 -23.18
C GLY C 693 -58.19 11.58 -23.57
N ASP C 694 -57.33 12.41 -22.98
CA ASP C 694 -55.92 12.35 -23.34
C ASP C 694 -55.03 11.94 -22.17
N PRO C 695 -54.07 11.03 -22.39
CA PRO C 695 -53.18 10.61 -21.30
C PRO C 695 -52.14 11.67 -20.94
N CYS C 696 -51.98 11.90 -19.65
CA CYS C 696 -51.02 12.87 -19.13
C CYS C 696 -49.99 12.20 -18.25
N ILE C 697 -48.76 12.72 -18.26
CA ILE C 697 -47.67 12.18 -17.46
C ILE C 697 -46.89 13.37 -16.92
N PHE C 698 -46.34 13.22 -15.70
CA PHE C 698 -45.57 14.25 -15.03
C PHE C 698 -44.32 13.62 -14.44
N GLY C 699 -43.20 13.71 -15.15
CA GLY C 699 -41.94 13.12 -14.71
C GLY C 699 -41.16 13.97 -13.74
N SER C 700 -39.87 13.63 -13.63
CA SER C 700 -38.95 14.32 -12.73
C SER C 700 -38.46 15.66 -13.30
N ASP C 701 -38.66 15.89 -14.59
CA ASP C 701 -38.23 17.13 -15.25
C ASP C 701 -39.21 18.29 -15.10
N ASN C 702 -40.32 18.07 -14.35
CA ASN C 702 -41.40 19.03 -14.05
C ASN C 702 -42.07 19.66 -15.26
N THR C 703 -42.22 18.89 -16.32
CA THR C 703 -42.85 19.34 -17.56
C THR C 703 -44.12 18.52 -17.81
N LEU C 704 -45.25 19.20 -17.94
CA LEU C 704 -46.52 18.53 -18.19
C LEU C 704 -46.64 18.13 -19.66
N LEU C 705 -46.59 16.83 -19.92
CA LEU C 705 -46.69 16.28 -21.26
C LEU C 705 -48.12 15.87 -21.59
N LEU C 706 -48.60 16.27 -22.77
CA LEU C 706 -49.95 15.97 -23.22
C LEU C 706 -49.92 15.15 -24.50
N LEU C 707 -50.45 13.93 -24.42
CA LEU C 707 -50.50 13.03 -25.57
C LEU C 707 -51.76 13.33 -26.39
N SER C 708 -51.59 14.00 -27.52
CA SER C 708 -52.70 14.34 -28.38
C SER C 708 -52.80 13.37 -29.55
N LYS C 709 -54.04 13.16 -30.02
CA LYS C 709 -54.44 12.27 -31.13
C LYS C 709 -53.98 10.82 -30.95
N TRP C 710 -54.36 10.22 -29.81
CA TRP C 710 -53.98 8.85 -29.50
C TRP C 710 -54.78 7.80 -30.29
N ARG C 711 -55.87 8.19 -30.94
CA ARG C 711 -56.69 7.26 -31.71
C ARG C 711 -56.09 7.02 -33.10
N SER C 712 -55.14 7.86 -33.52
CA SER C 712 -54.49 7.73 -34.81
C SER C 712 -52.98 7.69 -34.65
N PRO C 713 -52.32 6.59 -35.03
CA PRO C 713 -50.85 6.51 -34.88
C PRO C 713 -50.06 7.38 -35.85
N GLU C 714 -50.70 7.85 -36.94
CA GLU C 714 -50.04 8.70 -37.93
C GLU C 714 -49.75 10.10 -37.39
N GLU C 715 -50.62 10.62 -36.52
CA GLU C 715 -50.44 11.96 -35.96
C GLU C 715 -50.38 12.02 -34.43
N SER C 716 -49.97 10.94 -33.79
CA SER C 716 -49.85 10.90 -32.33
C SER C 716 -48.53 11.49 -31.84
N LYS C 717 -48.60 12.59 -31.09
CA LYS C 717 -47.41 13.25 -30.58
C LYS C 717 -47.62 13.85 -29.19
N TRP C 718 -46.52 14.08 -28.48
CA TRP C 718 -46.53 14.65 -27.14
C TRP C 718 -46.45 16.17 -27.22
N LEU C 719 -47.28 16.86 -26.43
CA LEU C 719 -47.30 18.32 -26.42
C LEU C 719 -47.02 18.94 -25.06
N PRO C 720 -45.83 19.54 -24.83
CA PRO C 720 -45.56 20.17 -23.53
C PRO C 720 -46.22 21.54 -23.41
N ILE C 721 -47.52 21.56 -23.09
CA ILE C 721 -48.28 22.80 -22.98
C ILE C 721 -48.09 23.57 -21.68
N LEU C 722 -47.31 23.05 -20.74
CA LEU C 722 -47.11 23.75 -19.48
C LEU C 722 -45.68 23.56 -18.96
N ASP C 723 -45.07 24.67 -18.54
CA ASP C 723 -43.70 24.68 -18.02
C ASP C 723 -43.73 25.33 -16.64
N SER C 724 -43.41 24.52 -15.62
CA SER C 724 -43.35 24.85 -14.19
C SER C 724 -42.51 26.06 -13.80
N ASN C 725 -41.28 26.13 -14.34
CA ASN C 725 -40.32 27.20 -14.05
C ASN C 725 -40.81 28.58 -14.50
N MET C 726 -41.46 28.67 -15.65
CA MET C 726 -41.98 29.94 -16.15
C MET C 726 -43.16 30.49 -15.37
N GLU C 727 -44.07 29.60 -14.92
CA GLU C 727 -45.25 30.01 -14.16
C GLU C 727 -44.95 30.55 -12.76
N ILE C 728 -43.97 29.96 -12.08
CA ILE C 728 -43.60 30.40 -10.72
C ILE C 728 -42.88 31.75 -10.80
N TRP C 729 -41.99 31.90 -11.79
CA TRP C 729 -41.21 33.13 -11.99
C TRP C 729 -42.02 34.37 -12.35
N LYS C 730 -43.06 34.22 -13.17
CA LYS C 730 -43.88 35.36 -13.55
C LYS C 730 -44.83 35.82 -12.43
N MET C 731 -45.42 34.86 -11.71
CA MET C 731 -46.35 35.20 -10.63
C MET C 731 -45.69 35.79 -9.38
N SER C 732 -44.51 35.28 -9.02
CA SER C 732 -43.80 35.75 -7.82
C SER C 732 -43.27 37.19 -7.91
N GLY C 733 -42.94 37.66 -9.10
CA GLY C 733 -42.43 39.01 -9.24
C GLY C 733 -41.17 39.12 -10.08
N GLY C 734 -40.53 37.98 -10.35
CA GLY C 734 -39.32 37.98 -11.13
C GLY C 734 -38.16 37.28 -10.43
N LYS C 735 -38.49 36.43 -9.46
CA LYS C 735 -37.50 35.67 -8.72
C LYS C 735 -37.77 34.17 -8.86
N GLU C 736 -36.91 33.36 -8.25
CA GLU C 736 -37.07 31.90 -8.32
C GLU C 736 -36.56 31.22 -7.05
N THR C 737 -37.50 30.74 -6.23
CA THR C 737 -37.14 30.07 -4.98
C THR C 737 -36.87 28.59 -5.22
N THR C 738 -36.58 27.85 -4.14
CA THR C 738 -36.30 26.42 -4.22
C THR C 738 -37.32 25.57 -3.49
N ASP C 739 -37.74 26.01 -2.31
CA ASP C 739 -38.68 25.28 -1.46
C ASP C 739 -40.15 25.27 -1.90
N ILE C 740 -40.50 25.89 -3.02
CA ILE C 740 -41.90 25.90 -3.45
C ILE C 740 -42.06 25.00 -4.67
N HIS C 741 -42.55 23.78 -4.45
CA HIS C 741 -42.77 22.82 -5.51
C HIS C 741 -44.24 22.79 -5.92
N VAL C 742 -44.55 22.12 -7.02
CA VAL C 742 -45.92 22.01 -7.54
C VAL C 742 -46.27 20.53 -7.67
N TRP C 743 -47.11 20.02 -6.76
CA TRP C 743 -47.53 18.63 -6.83
C TRP C 743 -48.83 18.59 -7.64
N PRO C 744 -48.92 17.75 -8.68
CA PRO C 744 -50.15 17.71 -9.47
C PRO C 744 -51.26 16.84 -8.88
N LEU C 745 -52.50 17.36 -8.94
CA LEU C 745 -53.65 16.62 -8.43
C LEU C 745 -54.62 16.18 -9.51
N ALA C 746 -55.08 17.12 -10.35
CA ALA C 746 -56.04 16.89 -11.43
C ALA C 746 -56.01 18.07 -12.38
N LEU C 747 -56.55 17.84 -13.58
CA LEU C 747 -56.66 18.84 -14.64
C LEU C 747 -58.06 18.79 -15.21
N ALA C 748 -58.88 19.81 -14.95
CA ALA C 748 -60.25 19.79 -15.49
C ALA C 748 -60.53 21.03 -16.33
N TYR C 749 -60.06 21.00 -17.58
CA TYR C 749 -60.22 21.87 -18.74
C TYR C 749 -59.71 23.31 -18.70
N ASP C 750 -59.34 23.84 -17.53
CA ASP C 750 -58.82 25.20 -17.47
C ASP C 750 -57.55 25.40 -16.66
N THR C 751 -57.41 24.71 -15.53
CA THR C 751 -56.27 24.82 -14.62
C THR C 751 -55.81 23.49 -14.05
N LEU C 752 -54.57 23.46 -13.60
CA LEU C 752 -53.95 22.29 -12.99
C LEU C 752 -54.07 22.44 -11.47
N ASN C 753 -54.78 21.52 -10.83
N ASN C 753 -54.78 21.52 -10.83
CA ASN C 753 -54.96 21.53 -9.39
CA ASN C 753 -54.96 21.55 -9.39
C ASN C 753 -53.67 21.17 -8.65
C ASN C 753 -53.68 21.17 -8.65
N CYS C 754 -53.31 21.96 -7.65
CA CYS C 754 -52.09 21.71 -6.90
C CYS C 754 -52.10 22.05 -5.42
N ILE C 755 -51.04 21.61 -4.73
CA ILE C 755 -50.83 21.82 -3.31
C ILE C 755 -49.51 22.56 -3.10
N LEU C 756 -49.58 23.74 -2.50
CA LEU C 756 -48.39 24.53 -2.23
C LEU C 756 -47.67 24.00 -0.99
N VAL C 757 -46.60 23.25 -1.19
CA VAL C 757 -45.83 22.67 -0.09
C VAL C 757 -44.60 23.53 0.17
N LYS C 758 -44.51 24.07 1.38
CA LYS C 758 -43.40 24.92 1.80
C LYS C 758 -42.56 24.26 2.88
N GLY C 759 -41.28 24.05 2.61
CA GLY C 759 -40.40 23.43 3.58
C GLY C 759 -39.21 22.79 2.89
N LYS C 760 -38.43 22.07 3.69
CA LYS C 760 -37.24 21.39 3.18
C LYS C 760 -37.59 20.15 2.36
N HIS C 761 -38.52 19.34 2.86
CA HIS C 761 -38.93 18.13 2.17
C HIS C 761 -39.81 18.41 0.96
N ILE C 762 -39.70 17.55 -0.06
CA ILE C 762 -40.50 17.71 -1.28
C ILE C 762 -41.83 16.99 -1.17
N TRP C 763 -42.09 16.32 -0.05
CA TRP C 763 -43.33 15.59 0.17
C TRP C 763 -44.10 16.25 1.31
N PRO C 764 -45.44 16.33 1.21
CA PRO C 764 -46.22 16.96 2.27
C PRO C 764 -46.39 16.08 3.50
N GLU C 765 -46.69 16.72 4.62
CA GLU C 765 -46.90 16.08 5.91
C GLU C 765 -48.31 16.43 6.40
N PHE C 766 -48.65 16.09 7.64
CA PHE C 766 -49.99 16.42 8.13
C PHE C 766 -50.29 17.65 9.00
N PRO C 767 -50.85 18.76 8.42
CA PRO C 767 -51.75 19.92 8.30
C PRO C 767 -52.70 19.67 7.13
N LEU C 768 -53.72 20.51 6.96
CA LEU C 768 -54.63 20.36 5.82
C LEU C 768 -54.42 21.52 4.86
N PRO C 769 -53.74 21.31 3.73
CA PRO C 769 -53.51 22.42 2.80
C PRO C 769 -54.70 22.69 1.91
N LEU C 770 -54.89 23.96 1.57
CA LEU C 770 -55.98 24.35 0.69
C LEU C 770 -55.59 24.12 -0.76
N PRO C 771 -56.49 23.61 -1.61
CA PRO C 771 -56.14 23.38 -3.02
C PRO C 771 -56.10 24.69 -3.82
N SER C 772 -55.07 24.82 -4.65
CA SER C 772 -54.87 25.99 -5.48
C SER C 772 -54.99 25.64 -6.96
N GLU C 773 -55.09 26.67 -7.80
CA GLU C 773 -55.20 26.50 -9.25
C GLU C 773 -54.24 27.40 -10.01
N MET C 774 -53.41 26.79 -10.85
CA MET C 774 -52.43 27.50 -11.65
C MET C 774 -52.87 27.59 -13.11
N GLU C 775 -52.81 28.80 -13.67
CA GLU C 775 -53.22 29.03 -15.04
C GLU C 775 -52.17 28.49 -16.01
N ILE C 776 -52.64 27.79 -17.05
CA ILE C 776 -51.75 27.21 -18.06
C ILE C 776 -51.27 28.31 -19.01
N ARG C 777 -49.30 27.78 -18.96
CA ARG C 777 -48.55 28.73 -19.77
C ARG C 777 -47.51 27.99 -20.60
N MET C 778 -47.37 28.39 -21.86
CA MET C 778 -46.39 27.77 -22.74
C MET C 778 -44.97 28.20 -22.35
N PRO C 779 -44.03 27.25 -22.19
CA PRO C 779 -42.65 27.65 -21.79
C PRO C 779 -41.78 28.24 -22.89
N VAL C 780 -42.14 29.45 -23.34
CA VAL C 780 -41.36 30.15 -24.36
C VAL C 780 -40.92 31.55 -23.88
N PHE C 781 -39.74 31.62 -23.28
CA PHE C 781 -39.17 32.86 -22.77
C PHE C 781 -37.65 32.86 -22.88
N VAL C 782 -37.06 34.04 -22.68
CA VAL C 782 -35.62 34.22 -22.73
C VAL C 782 -35.39 34.64 -21.27
N LYS C 783 -34.14 34.58 -20.77
CA LYS C 783 -33.85 34.94 -19.39
C LYS C 783 -33.15 36.29 -19.33
N SER C 784 -32.27 36.56 -20.30
CA SER C 784 -31.56 37.84 -20.34
C SER C 784 -32.46 38.99 -20.77
N LYS C 785 -33.46 38.70 -21.63
CA LYS C 785 -34.37 39.75 -22.11
C LYS C 785 -35.38 40.20 -21.06
N LEU C 786 -35.74 39.32 -20.11
CA LEU C 786 -36.69 39.70 -19.08
C LEU C 786 -36.08 40.60 -18.01
N LEU C 787 -34.76 40.47 -17.79
CA LEU C 787 -34.08 41.30 -16.81
C LEU C 787 -33.87 42.71 -17.32
N GLU C 788 -33.67 42.86 -18.64
CA GLU C 788 -33.46 44.17 -19.24
C GLU C 788 -34.74 44.99 -19.31
N GLU C 789 -35.89 44.34 -19.47
CA GLU C 789 -37.18 45.01 -19.55
C GLU C 789 -37.78 45.36 -18.18
N ASN C 790 -37.12 45.01 -17.08
CA ASN C 790 -37.63 45.32 -15.75
C ASN C 790 -36.90 46.51 -15.13
N GLU C 814 -43.14 40.49 -8.30
CA GLU C 814 -43.57 39.66 -9.42
C GLU C 814 -43.02 40.22 -10.74
N ILE C 815 -42.42 39.33 -11.53
CA ILE C 815 -41.86 39.71 -12.83
C ILE C 815 -43.04 39.89 -13.79
N GLN C 816 -43.01 40.97 -14.57
CA GLN C 816 -44.07 41.28 -15.52
C GLN C 816 -43.62 41.08 -16.96
N ILE C 817 -44.53 40.60 -17.79
CA ILE C 817 -44.28 40.33 -19.20
C ILE C 817 -45.01 41.42 -19.99
N PRO C 818 -44.39 42.01 -21.02
CA PRO C 818 -45.09 43.05 -21.79
C PRO C 818 -46.13 42.47 -22.75
N VAL C 819 -46.83 43.38 -23.44
CA VAL C 819 -47.90 43.09 -24.39
C VAL C 819 -47.39 42.32 -25.61
N SER C 820 -46.42 42.90 -26.32
CA SER C 820 -45.76 42.36 -27.51
C SER C 820 -45.14 40.98 -27.36
N MET C 821 -44.56 40.71 -26.18
CA MET C 821 -43.93 39.42 -25.93
C MET C 821 -44.98 38.36 -25.62
N ALA C 822 -46.06 38.75 -24.93
CA ALA C 822 -47.13 37.81 -24.57
C ALA C 822 -48.00 37.38 -25.74
N ALA C 823 -47.96 38.09 -26.87
CA ALA C 823 -48.77 37.72 -28.03
C ALA C 823 -48.26 36.46 -28.71
N GLU C 824 -46.96 36.20 -28.62
CA GLU C 824 -46.38 34.99 -29.20
C GLU C 824 -46.76 33.77 -28.36
N GLU C 825 -46.77 33.94 -27.03
CA GLU C 825 -47.11 32.86 -26.12
C GLU C 825 -48.61 32.55 -26.15
N GLU C 826 -49.44 33.58 -26.41
CA GLU C 826 -50.89 33.40 -26.47
C GLU C 826 -51.29 32.67 -27.74
N TYR C 827 -50.52 32.87 -28.83
CA TYR C 827 -50.77 32.21 -30.11
C TYR C 827 -50.46 30.71 -30.03
N LEU C 828 -49.38 30.35 -29.34
CA LEU C 828 -49.01 28.95 -29.19
C LEU C 828 -49.96 28.17 -28.28
N ARG C 829 -50.46 28.83 -27.23
CA ARG C 829 -51.37 28.19 -26.29
C ARG C 829 -52.76 27.94 -26.89
N SER C 830 -53.30 28.93 -27.61
CA SER C 830 -54.63 28.81 -28.21
C SER C 830 -54.70 27.86 -29.40
N LYS C 831 -53.59 27.70 -30.14
CA LYS C 831 -53.57 26.82 -31.31
C LYS C 831 -53.66 25.33 -30.94
N VAL C 832 -53.01 24.94 -29.85
CA VAL C 832 -53.01 23.55 -29.39
C VAL C 832 -54.38 23.18 -28.82
N LEU C 833 -54.94 24.05 -27.97
CA LEU C 833 -56.24 23.81 -27.34
C LEU C 833 -57.44 23.81 -28.28
N SER C 834 -57.40 24.61 -29.35
CA SER C 834 -58.51 24.65 -30.30
C SER C 834 -58.57 23.41 -31.19
N GLU C 835 -57.40 22.84 -31.51
CA GLU C 835 -57.33 21.65 -32.36
C GLU C 835 -57.82 20.41 -31.62
N LEU C 836 -57.51 20.30 -30.33
CA LEU C 836 -57.93 19.17 -29.52
C LEU C 836 -59.43 19.20 -29.19
N LEU C 837 -59.97 20.41 -28.98
CA LEU C 837 -61.39 20.56 -28.65
C LEU C 837 -62.27 20.30 -29.87
N THR C 838 -61.74 20.59 -31.07
CA THR C 838 -62.49 20.38 -32.31
C THR C 838 -62.61 18.88 -32.62
N ASP C 839 -61.52 18.14 -32.46
CA ASP C 839 -61.53 16.70 -32.71
C ASP C 839 -62.30 15.89 -31.66
N THR C 840 -62.41 16.43 -30.45
CA THR C 840 -63.14 15.76 -29.37
C THR C 840 -64.65 15.83 -29.63
N LEU C 841 -65.15 17.00 -30.02
CA LEU C 841 -66.58 17.18 -30.29
C LEU C 841 -67.07 16.48 -31.55
N GLU C 842 -66.21 16.36 -32.57
CA GLU C 842 -66.60 15.71 -33.82
C GLU C 842 -66.51 14.18 -33.74
N ASN C 843 -65.94 13.63 -32.67
CA ASN C 843 -65.81 12.18 -32.51
C ASN C 843 -66.50 11.65 -31.27
N ASP C 844 -66.50 12.39 -30.17
CA ASP C 844 -67.13 11.95 -28.94
C ASP C 844 -68.34 12.76 -28.57
N GLY C 845 -68.47 13.98 -29.10
CA GLY C 845 -69.60 14.82 -28.80
C GLY C 845 -69.41 15.62 -27.52
N GLU C 846 -70.53 16.15 -27.03
CA GLU C 846 -70.51 16.94 -25.81
C GLU C 846 -70.44 16.06 -24.57
N MET C 847 -69.85 16.61 -23.50
CA MET C 847 -69.71 15.89 -22.24
C MET C 847 -70.37 16.66 -21.10
N TYR C 848 -70.29 17.99 -21.11
CA TYR C 848 -70.88 18.82 -20.07
C TYR C 848 -72.07 19.62 -20.58
N GLY C 849 -72.05 20.02 -21.84
CA GLY C 849 -73.12 20.79 -22.43
C GLY C 849 -72.80 22.24 -22.69
N ASN C 850 -71.60 22.71 -22.31
CA ASN C 850 -71.19 24.09 -22.51
C ASN C 850 -69.91 24.22 -23.33
N GLU C 851 -69.58 23.20 -24.13
CA GLU C 851 -68.37 23.20 -24.96
C GLU C 851 -68.38 24.23 -26.09
N ASN C 852 -69.58 24.58 -26.60
CA ASN C 852 -69.70 25.55 -27.68
C ASN C 852 -69.34 26.98 -27.29
N GLU C 853 -69.60 27.36 -26.03
CA GLU C 853 -69.26 28.70 -25.56
C GLU C 853 -67.77 28.81 -25.29
N VAL C 854 -67.13 27.71 -24.92
CA VAL C 854 -65.68 27.68 -24.65
C VAL C 854 -64.95 27.77 -25.99
N LEU C 855 -65.44 27.02 -26.99
CA LEU C 855 -64.86 27.00 -28.34
C LEU C 855 -65.00 28.34 -29.07
N ALA C 856 -66.12 29.05 -28.85
CA ALA C 856 -66.34 30.36 -29.48
C ALA C 856 -65.44 31.42 -28.86
N ALA C 857 -65.22 31.35 -27.54
CA ALA C 857 -64.38 32.32 -26.86
C ALA C 857 -62.90 32.06 -27.14
N LEU C 858 -62.52 30.80 -27.34
CA LEU C 858 -61.13 30.44 -27.63
C LEU C 858 -60.75 30.85 -29.06
N ASN C 859 -61.67 30.66 -30.01
CA ASN C 859 -61.42 31.03 -31.40
C ASN C 859 -61.40 32.55 -31.60
N GLY C 860 -62.11 33.28 -30.75
CA GLY C 860 -62.10 34.73 -30.84
C GLY C 860 -60.79 35.31 -30.31
N ALA C 861 -60.27 34.71 -29.24
CA ALA C 861 -59.00 35.16 -28.65
C ALA C 861 -57.81 34.74 -29.52
N TYR C 862 -57.98 33.68 -30.31
CA TYR C 862 -56.93 33.19 -31.20
C TYR C 862 -56.68 34.18 -32.35
N ASP C 863 -57.76 34.66 -32.97
CA ASP C 863 -57.65 35.62 -34.06
C ASP C 863 -57.24 37.01 -33.57
N LYS C 864 -57.62 37.36 -32.33
CA LYS C 864 -57.29 38.65 -31.75
C LYS C 864 -55.81 38.75 -31.39
N ALA C 865 -55.22 37.66 -30.89
CA ALA C 865 -53.80 37.64 -30.52
C ALA C 865 -52.90 37.65 -31.74
N LEU C 866 -53.38 37.14 -32.88
CA LEU C 866 -52.58 37.11 -34.10
C LEU C 866 -52.51 38.50 -34.71
N LEU C 867 -53.54 39.34 -34.48
CA LEU C 867 -53.54 40.71 -34.99
C LEU C 867 -52.53 41.63 -34.30
N ARG C 868 -52.10 41.27 -33.08
CA ARG C 868 -51.11 42.06 -32.36
C ARG C 868 -49.74 41.85 -33.01
N LEU C 869 -49.47 40.63 -33.47
CA LEU C 869 -48.22 40.32 -34.15
C LEU C 869 -48.29 40.86 -35.57
N PHE C 870 -49.50 40.93 -36.13
CA PHE C 870 -49.73 41.45 -37.49
C PHE C 870 -49.49 42.95 -37.53
N ALA C 871 -49.84 43.65 -36.44
CA ALA C 871 -49.63 45.10 -36.36
C ALA C 871 -48.16 45.45 -36.19
N SER C 872 -47.42 44.59 -35.49
CA SER C 872 -45.99 44.82 -35.28
C SER C 872 -45.17 44.61 -36.55
N ALA C 873 -45.63 43.72 -37.44
CA ALA C 873 -44.93 43.46 -38.69
C ALA C 873 -45.11 44.62 -39.67
N CYS C 874 -46.28 45.27 -39.63
CA CYS C 874 -46.54 46.41 -40.53
C CYS C 874 -45.77 47.65 -40.10
N SER C 875 -45.50 47.79 -38.81
CA SER C 875 -44.76 48.94 -38.29
C SER C 875 -43.29 48.90 -38.66
N ASP C 876 -42.73 47.70 -38.85
CA ASP C 876 -41.33 47.52 -39.20
C ASP C 876 -41.15 47.33 -40.71
N GLN C 877 -42.16 47.70 -41.50
CA GLN C 877 -42.26 47.64 -42.96
C GLN C 877 -42.00 46.27 -43.59
N ASN C 878 -42.29 45.18 -42.87
CA ASN C 878 -42.09 43.82 -43.39
C ASN C 878 -43.44 43.36 -43.94
N VAL C 879 -43.65 43.64 -45.23
CA VAL C 879 -44.90 43.31 -45.93
C VAL C 879 -45.03 41.80 -46.11
N GLU C 880 -43.91 41.12 -46.43
CA GLU C 880 -43.89 39.66 -46.64
C GLU C 880 -44.23 38.79 -45.44
N LYS C 881 -43.84 39.23 -44.23
CA LYS C 881 -44.15 38.48 -43.01
C LYS C 881 -45.63 38.64 -42.66
N ALA C 882 -46.21 39.79 -43.03
CA ALA C 882 -47.63 40.05 -42.79
C ALA C 882 -48.53 39.22 -43.68
N LEU C 883 -48.03 38.79 -44.85
CA LEU C 883 -48.79 37.97 -45.78
C LEU C 883 -49.02 36.56 -45.24
N SER C 884 -48.00 35.98 -44.60
CA SER C 884 -48.10 34.63 -44.04
C SER C 884 -49.02 34.56 -42.81
N LEU C 885 -49.11 35.67 -42.06
CA LEU C 885 -49.95 35.72 -40.87
C LEU C 885 -51.44 35.75 -41.21
N ALA C 886 -51.79 36.28 -42.40
CA ALA C 886 -53.19 36.37 -42.82
C ALA C 886 -53.80 35.01 -43.14
N HIS C 887 -52.99 34.04 -43.57
CA HIS C 887 -53.49 32.71 -43.91
C HIS C 887 -53.89 31.86 -42.71
N GLU C 888 -53.43 32.21 -41.51
CA GLU C 888 -53.73 31.45 -40.30
C GLU C 888 -55.06 31.83 -39.66
N LEU C 889 -55.77 32.81 -40.21
CA LEU C 889 -57.06 33.21 -39.66
C LEU C 889 -58.17 32.21 -40.00
N LYS C 890 -59.05 31.95 -39.04
CA LYS C 890 -60.16 31.02 -39.21
C LYS C 890 -61.48 31.71 -39.53
N GLN C 891 -61.87 32.68 -38.70
CA GLN C 891 -63.13 33.40 -38.90
C GLN C 891 -63.08 34.39 -40.06
N ASP C 892 -64.23 34.58 -40.72
CA ASP C 892 -64.33 35.50 -41.85
C ASP C 892 -64.30 36.96 -41.41
N ARG C 893 -64.69 37.24 -40.16
CA ARG C 893 -64.69 38.60 -39.63
C ARG C 893 -63.28 39.10 -39.30
N ALA C 894 -62.33 38.18 -39.12
CA ALA C 894 -60.95 38.55 -38.81
C ALA C 894 -60.23 39.08 -40.03
N LEU C 895 -60.65 38.65 -41.22
CA LEU C 895 -60.05 39.12 -42.47
C LEU C 895 -60.42 40.57 -42.77
N THR C 896 -61.61 41.00 -42.31
CA THR C 896 -62.08 42.36 -42.52
C THR C 896 -61.28 43.32 -41.63
N ALA C 897 -60.95 42.87 -40.41
CA ALA C 897 -60.17 43.67 -39.46
C ALA C 897 -58.72 43.84 -39.89
N ALA C 898 -58.20 42.89 -40.68
CA ALA C 898 -56.82 42.95 -41.16
C ALA C 898 -56.63 44.03 -42.22
N VAL C 899 -57.71 44.39 -42.93
CA VAL C 899 -57.68 45.41 -43.97
C VAL C 899 -57.48 46.80 -43.33
N LYS C 900 -58.19 47.05 -42.22
CA LYS C 900 -58.10 48.33 -41.50
C LYS C 900 -56.75 48.59 -40.84
N ILE C 901 -56.02 47.53 -40.49
CA ILE C 901 -54.70 47.67 -39.87
C ILE C 901 -53.74 48.01 -41.01
N SER C 902 -53.94 47.39 -42.18
CA SER C 902 -53.09 47.62 -43.35
C SER C 902 -53.24 49.01 -43.96
N GLU C 903 -54.46 49.56 -43.95
CA GLU C 903 -54.69 50.90 -44.49
C GLU C 903 -54.14 51.99 -43.59
N ARG C 904 -54.11 51.73 -42.27
CA ARG C 904 -53.60 52.69 -41.30
C ARG C 904 -52.07 52.74 -41.38
N ALA C 905 -51.44 51.63 -41.75
CA ALA C 905 -49.99 51.54 -41.88
C ALA C 905 -49.45 51.98 -43.24
N GLU C 906 -50.32 52.52 -44.12
CA GLU C 906 -50.05 53.02 -45.47
C GLU C 906 -49.39 51.99 -46.41
N LEU C 907 -50.02 50.82 -46.52
CA LEU C 907 -49.56 49.73 -47.38
C LEU C 907 -50.69 49.30 -48.31
N PRO C 908 -50.83 49.93 -49.49
CA PRO C 908 -51.93 49.57 -50.41
C PRO C 908 -51.77 48.21 -51.08
N SER C 909 -50.54 47.71 -51.22
CA SER C 909 -50.32 46.41 -51.86
C SER C 909 -50.73 45.26 -50.92
N LEU C 910 -50.64 45.50 -49.62
CA LEU C 910 -50.99 44.48 -48.62
C LEU C 910 -52.51 44.30 -48.53
N VAL C 911 -53.27 45.37 -48.85
CA VAL C 911 -54.74 45.36 -48.82
C VAL C 911 -55.34 44.40 -49.85
N LYS C 912 -54.83 44.44 -51.10
CA LYS C 912 -55.30 43.57 -52.17
C LYS C 912 -54.96 42.10 -51.96
N LYS C 913 -53.89 41.82 -51.21
CA LYS C 913 -53.49 40.44 -50.93
C LYS C 913 -54.43 39.74 -49.94
N ILE C 914 -55.11 40.52 -49.10
CA ILE C 914 -56.05 39.98 -48.11
C ILE C 914 -57.31 39.56 -48.87
N ASN C 915 -57.72 40.35 -49.88
CA ASN C 915 -58.90 40.07 -50.69
C ASN C 915 -58.79 38.83 -51.58
N ASN C 916 -57.56 38.44 -51.93
CA ASN C 916 -57.35 37.24 -52.75
C ASN C 916 -57.57 35.98 -51.91
N ILE C 917 -57.31 36.08 -50.59
CA ILE C 917 -57.50 34.97 -49.66
C ILE C 917 -59.00 34.77 -49.47
N ARG C 918 -59.76 35.87 -49.40
CA ARG C 918 -61.22 35.86 -49.25
C ARG C 918 -61.94 35.24 -50.44
N GLU C 919 -61.48 35.51 -51.66
CA GLU C 919 -62.08 34.93 -52.85
C GLU C 919 -61.73 33.45 -53.00
N ALA C 920 -60.55 33.05 -52.51
CA ALA C 920 -60.13 31.65 -52.60
C ALA C 920 -60.89 30.76 -51.62
N ARG C 921 -61.26 31.30 -50.45
CA ARG C 921 -61.99 30.52 -49.46
C ARG C 921 -63.46 30.35 -49.84
N TYR C 922 -64.02 31.34 -50.54
CA TYR C 922 -65.42 31.26 -50.97
C TYR C 922 -65.61 30.26 -52.12
N GLU C 923 -64.57 30.08 -52.94
CA GLU C 923 -64.63 29.13 -54.05
C GLU C 923 -64.57 27.70 -53.55
N GLN C 924 -63.72 27.46 -52.55
CA GLN C 924 -63.54 26.12 -51.96
C GLN C 924 -64.76 25.72 -51.14
N GLN C 925 -65.47 26.70 -50.56
CA GLN C 925 -66.66 26.45 -49.75
C GLN C 925 -67.85 26.03 -50.62
N LEU C 926 -67.88 26.45 -51.89
CA LEU C 926 -68.96 26.10 -52.80
C LEU C 926 -68.70 24.81 -53.57
N LYS C 927 -67.64 24.08 -53.25
CA LYS C 927 -67.33 22.83 -53.92
C LYS C 927 -67.70 21.63 -53.06
N MET D 1 -87.82 82.66 41.68
CA MET D 1 -88.68 83.81 41.89
C MET D 1 -90.05 83.61 41.25
N TYR D 2 -90.06 83.29 39.96
CA TYR D 2 -91.30 83.20 39.21
C TYR D 2 -91.52 81.84 38.57
N GLY D 3 -90.59 81.38 37.73
CA GLY D 3 -90.72 80.09 37.10
C GLY D 3 -89.88 79.05 37.82
N ASP D 4 -89.69 79.29 39.12
CA ASP D 4 -88.75 78.55 39.93
C ASP D 4 -89.13 77.09 40.07
N LEU D 5 -90.42 76.81 40.24
CA LEU D 5 -90.85 75.44 40.39
C LEU D 5 -90.73 74.69 39.09
N GLY D 6 -90.85 75.39 37.96
CA GLY D 6 -90.61 74.77 36.67
C GLY D 6 -89.17 74.38 36.46
N ASN D 7 -88.24 75.10 37.10
CA ASN D 7 -86.85 74.71 37.01
C ASN D 7 -86.61 73.39 37.71
N LYS D 8 -87.13 73.23 38.92
CA LYS D 8 -87.00 71.94 39.55
C LYS D 8 -87.95 70.92 38.95
N LEU D 9 -88.98 71.37 38.23
CA LEU D 9 -89.79 70.41 37.48
C LEU D 9 -88.99 69.81 36.34
N VAL D 10 -88.35 70.64 35.53
CA VAL D 10 -87.57 70.09 34.45
C VAL D 10 -86.29 69.44 34.96
N LEU D 11 -85.89 69.78 36.19
CA LEU D 11 -84.72 69.11 36.76
C LEU D 11 -85.01 67.65 37.05
N GLU D 12 -86.15 67.35 37.68
CA GLU D 12 -86.47 65.95 37.90
C GLU D 12 -86.87 65.26 36.62
N ALA D 13 -87.26 66.01 35.59
CA ALA D 13 -87.46 65.43 34.27
C ALA D 13 -86.16 64.88 33.70
N LYS D 14 -85.03 65.48 34.06
CA LYS D 14 -83.75 64.98 33.58
C LYS D 14 -83.43 63.61 34.16
N ARG D 15 -83.93 63.33 35.36
CA ARG D 15 -83.61 62.05 36.00
C ARG D 15 -84.36 60.90 35.35
N THR D 16 -85.55 61.18 34.80
CA THR D 16 -86.33 60.14 34.17
C THR D 16 -85.68 59.66 32.88
N LYS D 17 -84.95 60.55 32.21
CA LYS D 17 -84.28 60.12 31.00
C LYS D 17 -83.07 59.26 31.33
N GLN D 18 -82.26 59.69 32.30
CA GLN D 18 -81.03 58.99 32.59
C GLN D 18 -81.26 57.66 33.28
N LEU D 19 -82.38 57.52 33.99
CA LEU D 19 -82.73 56.22 34.53
C LEU D 19 -82.99 55.21 33.42
N TYR D 20 -83.84 55.58 32.47
CA TYR D 20 -84.18 54.63 31.43
C TYR D 20 -83.02 54.44 30.47
N ALA D 21 -82.52 55.52 29.90
CA ALA D 21 -81.67 55.43 28.72
C ALA D 21 -80.28 54.87 29.01
N ARG D 22 -79.87 54.83 30.26
CA ARG D 22 -78.57 54.27 30.61
C ARG D 22 -78.62 52.79 30.97
N SER D 23 -79.66 52.34 31.68
CA SER D 23 -79.67 50.99 32.20
C SER D 23 -80.07 49.97 31.14
N ASN D 24 -81.33 50.04 30.71
CA ASN D 24 -81.88 49.01 29.83
C ASN D 24 -83.17 49.51 29.18
N GLN D 25 -83.91 48.61 28.54
CA GLN D 25 -85.18 48.97 27.93
C GLN D 25 -86.34 49.02 28.94
N ASP D 26 -86.23 48.32 30.06
CA ASP D 26 -87.33 48.21 31.01
C ASP D 26 -87.59 49.55 31.68
N VAL D 27 -88.71 50.16 31.34
CA VAL D 27 -88.96 51.55 31.67
C VAL D 27 -89.32 51.75 33.15
N ASN D 28 -90.45 51.20 33.59
CA ASN D 28 -91.09 51.52 34.87
C ASN D 28 -91.12 53.02 35.10
N LEU D 29 -91.90 53.73 34.27
CA LEU D 29 -92.00 55.18 34.35
C LEU D 29 -92.47 55.60 35.74
N PRO D 30 -91.85 56.62 36.35
CA PRO D 30 -92.08 56.89 37.78
C PRO D 30 -93.48 57.28 38.18
N MET D 31 -93.94 58.47 37.77
CA MET D 31 -95.19 59.05 38.25
C MET D 31 -95.46 60.32 37.47
N TYR D 32 -96.71 60.75 37.51
CA TYR D 32 -97.10 62.04 36.95
C TYR D 32 -97.25 63.03 38.09
N HIS D 33 -96.72 64.24 37.91
CA HIS D 33 -96.62 65.15 39.04
C HIS D 33 -97.78 66.14 39.03
N GLU D 34 -98.97 65.61 39.29
CA GLU D 34 -100.19 66.43 39.36
C GLU D 34 -100.10 67.44 40.49
N ASP D 35 -99.59 67.01 41.64
CA ASP D 35 -99.31 67.90 42.76
C ASP D 35 -98.35 69.01 42.39
N ILE D 36 -97.33 68.72 41.59
CA ILE D 36 -96.40 69.78 41.23
C ILE D 36 -97.01 70.70 40.19
N ILE D 37 -97.69 70.15 39.19
CA ILE D 37 -98.24 71.01 38.16
C ILE D 37 -99.47 71.74 38.65
N ARG D 38 -100.08 71.32 39.76
CA ARG D 38 -101.18 72.11 40.29
C ARG D 38 -100.68 73.39 40.92
N ASN D 39 -99.43 73.42 41.35
CA ASN D 39 -98.87 74.65 41.90
C ASN D 39 -98.70 75.68 40.80
N ILE D 40 -98.13 75.28 39.66
CA ILE D 40 -97.96 76.22 38.58
C ILE D 40 -99.27 76.49 37.87
N LEU D 41 -100.24 75.59 38.01
CA LEU D 41 -101.58 75.94 37.55
C LEU D 41 -102.23 76.94 38.48
N LYS D 42 -101.81 76.97 39.73
CA LYS D 42 -102.29 78.02 40.62
C LYS D 42 -101.63 79.35 40.30
N GLU D 43 -100.34 79.36 39.99
CA GLU D 43 -99.67 80.64 39.76
C GLU D 43 -100.09 81.25 38.45
N VAL D 44 -100.36 80.42 37.44
CA VAL D 44 -100.83 80.94 36.17
C VAL D 44 -102.25 81.50 36.30
N SER D 45 -103.01 80.98 37.27
CA SER D 45 -104.34 81.53 37.52
C SER D 45 -104.25 82.90 38.15
N ASN D 46 -103.36 83.05 39.13
CA ASN D 46 -103.20 84.34 39.79
C ASN D 46 -102.59 85.36 38.85
N LEU D 47 -101.68 84.92 37.99
CA LEU D 47 -101.05 85.84 37.05
C LEU D 47 -102.02 86.29 35.97
N ARG D 48 -102.98 85.46 35.61
CA ARG D 48 -103.91 85.86 34.56
C ARG D 48 -104.91 86.89 35.06
N LYS D 49 -105.34 86.78 36.31
CA LYS D 49 -106.26 87.80 36.78
C LYS D 49 -105.52 89.07 37.17
N ASN D 50 -104.19 89.01 37.24
CA ASN D 50 -103.39 90.20 37.47
C ASN D 50 -103.42 91.13 36.27
N THR D 51 -103.32 90.60 35.06
CA THR D 51 -103.22 91.48 33.92
C THR D 51 -104.54 92.06 33.48
N GLU D 52 -105.66 91.40 33.74
CA GLU D 52 -106.94 91.95 33.32
C GLU D 52 -107.36 93.14 34.17
N TYR D 53 -106.80 93.28 35.36
CA TYR D 53 -106.91 94.55 36.08
C TYR D 53 -106.21 95.66 35.33
N LEU D 54 -104.98 95.41 34.89
CA LEU D 54 -104.28 96.43 34.11
C LEU D 54 -104.81 96.49 32.69
N LYS D 55 -105.46 95.43 32.23
CA LYS D 55 -106.25 95.55 31.01
C LYS D 55 -107.47 96.42 31.23
N GLU D 56 -107.94 96.50 32.48
CA GLU D 56 -109.09 97.33 32.81
C GLU D 56 -108.70 98.79 33.06
N GLN D 57 -107.47 99.05 33.48
CA GLN D 57 -107.06 100.39 33.81
C GLN D 57 -106.32 101.10 32.69
N GLN D 58 -105.91 100.36 31.65
CA GLN D 58 -105.13 100.91 30.55
C GLN D 58 -105.91 101.93 29.72
N GLN D 59 -107.23 101.95 29.82
CA GLN D 59 -108.05 102.97 29.21
C GLN D 59 -108.47 104.05 30.19
N LEU D 60 -108.31 103.82 31.48
CA LEU D 60 -108.87 104.70 32.50
C LEU D 60 -107.81 105.31 33.41
N GLY D 61 -106.72 104.61 33.68
CA GLY D 61 -105.75 105.05 34.66
C GLY D 61 -104.52 105.68 34.05
N MET D 62 -103.47 104.88 33.91
CA MET D 62 -102.19 105.31 33.35
C MET D 62 -102.27 105.63 31.86
N LEU D 63 -103.36 105.24 31.18
CA LEU D 63 -103.69 105.62 29.81
C LEU D 63 -102.63 105.15 28.82
N ASP D 64 -102.58 103.81 28.68
CA ASP D 64 -101.62 103.04 27.86
C ASP D 64 -100.19 103.56 27.98
N ASP D 65 -99.77 103.72 29.22
CA ASP D 65 -98.48 104.28 29.57
C ASP D 65 -97.36 103.33 29.15
N LYS D 66 -96.22 103.91 28.78
CA LYS D 66 -95.04 103.15 28.38
C LYS D 66 -94.54 102.23 29.48
N VAL D 67 -94.64 102.67 30.75
CA VAL D 67 -94.38 101.80 31.89
C VAL D 67 -95.32 100.60 31.88
N ALA D 68 -96.59 100.84 31.61
CA ALA D 68 -97.57 99.76 31.62
C ALA D 68 -97.34 98.79 30.48
N LYS D 69 -96.80 99.26 29.35
CA LYS D 69 -96.49 98.38 28.23
C LYS D 69 -95.42 97.37 28.61
N CYS D 70 -94.38 97.82 29.30
CA CYS D 70 -93.40 96.91 29.85
C CYS D 70 -94.00 96.04 30.94
N GLN D 71 -94.95 96.59 31.71
CA GLN D 71 -95.62 95.79 32.71
C GLN D 71 -96.49 94.73 32.07
N TYR D 72 -96.91 94.93 30.83
CA TYR D 72 -97.54 93.85 30.11
C TYR D 72 -96.54 92.81 29.65
N PHE D 73 -95.31 93.21 29.37
CA PHE D 73 -94.35 92.27 28.82
C PHE D 73 -93.89 91.25 29.84
N VAL D 74 -93.61 91.69 31.07
CA VAL D 74 -93.22 90.77 32.12
C VAL D 74 -94.34 89.78 32.40
N THR D 75 -95.58 90.23 32.38
CA THR D 75 -96.69 89.32 32.52
C THR D 75 -96.90 88.51 31.25
N LEU D 76 -96.54 89.06 30.09
CA LEU D 76 -96.60 88.24 28.89
C LEU D 76 -95.49 87.21 28.89
N LEU D 77 -94.28 87.62 29.23
CA LEU D 77 -93.13 86.74 29.06
C LEU D 77 -93.14 85.61 30.07
N CYS D 78 -93.55 85.91 31.31
CA CYS D 78 -93.54 84.89 32.35
C CYS D 78 -94.61 83.84 32.11
N MET D 79 -95.64 84.16 31.32
CA MET D 79 -96.57 83.14 30.88
C MET D 79 -95.87 82.11 30.01
N GLU D 80 -95.31 82.56 28.89
CA GLU D 80 -94.79 81.62 27.91
C GLU D 80 -93.52 80.94 28.39
N ARG D 81 -92.77 81.59 29.28
CA ARG D 81 -91.61 80.96 29.90
C ARG D 81 -92.06 79.78 30.74
N ASN D 82 -93.16 79.95 31.44
CA ASN D 82 -93.77 78.79 32.07
C ASN D 82 -94.32 77.83 31.04
N LYS D 83 -94.83 78.34 29.92
CA LYS D 83 -95.47 77.46 28.94
C LYS D 83 -94.44 76.56 28.26
N ARG D 84 -93.20 77.02 28.17
CA ARG D 84 -92.16 76.23 27.54
C ARG D 84 -91.89 74.94 28.31
N CYS D 85 -91.85 75.01 29.64
CA CYS D 85 -91.48 73.82 30.38
C CYS D 85 -92.60 72.81 30.43
N LEU D 86 -93.81 73.26 30.75
CA LEU D 86 -94.90 72.37 31.11
C LEU D 86 -95.33 71.46 29.98
N LEU D 87 -95.05 71.82 28.73
CA LEU D 87 -95.27 70.85 27.67
C LEU D 87 -94.03 70.00 27.43
N ALA D 88 -92.84 70.54 27.73
CA ALA D 88 -91.63 69.78 27.48
C ALA D 88 -91.55 68.57 28.37
N TYR D 89 -91.91 68.74 29.64
CA TYR D 89 -92.10 67.60 30.51
C TYR D 89 -93.26 66.74 30.02
N GLN D 90 -94.25 67.33 29.40
CA GLN D 90 -95.37 66.55 28.90
C GLN D 90 -94.95 65.73 27.68
N ARG D 91 -94.06 66.27 26.86
CA ARG D 91 -93.65 65.50 25.69
C ARG D 91 -92.72 64.36 26.07
N LEU D 92 -91.75 64.63 26.93
CA LEU D 92 -90.79 63.59 27.28
C LEU D 92 -91.43 62.50 28.10
N ARG D 93 -92.55 62.81 28.75
CA ARG D 93 -93.40 61.77 29.29
C ARG D 93 -93.93 60.88 28.18
N THR D 94 -94.63 61.46 27.20
CA THR D 94 -95.29 60.62 26.22
C THR D 94 -94.36 60.13 25.13
N ASP D 95 -93.16 60.66 25.05
CA ASP D 95 -92.26 60.12 24.06
C ASP D 95 -91.42 58.97 24.59
N ILE D 96 -91.88 58.28 25.63
CA ILE D 96 -91.20 57.07 26.06
C ILE D 96 -92.16 55.90 26.21
N LEU D 97 -93.45 56.14 26.35
CA LEU D 97 -94.40 55.04 26.33
C LEU D 97 -94.67 54.52 24.93
N ASP D 98 -94.40 55.35 23.92
CA ASP D 98 -94.48 54.89 22.54
C ASP D 98 -93.47 53.79 22.28
N SER D 99 -92.30 53.91 22.88
CA SER D 99 -91.33 52.85 22.84
C SER D 99 -91.85 51.61 23.55
N MET D 100 -92.58 51.80 24.65
CA MET D 100 -93.32 50.68 25.20
C MET D 100 -94.43 50.24 24.27
N ALA D 101 -95.04 51.17 23.54
CA ALA D 101 -96.09 50.82 22.61
C ALA D 101 -95.55 50.19 21.35
N TRP D 102 -94.31 50.43 20.99
CA TRP D 102 -93.82 49.86 19.75
C TRP D 102 -93.35 48.43 19.95
N ASN D 103 -92.56 48.17 20.99
CA ASN D 103 -91.90 46.87 21.10
C ASN D 103 -92.86 45.75 21.46
N ASN D 104 -93.96 46.06 22.10
CA ASN D 104 -94.95 45.03 22.37
C ASN D 104 -96.27 45.48 21.79
N ASN D 105 -96.24 45.85 20.51
CA ASN D 105 -97.39 46.36 19.78
C ASN D 105 -98.41 45.29 19.40
N GLY D 106 -98.35 44.11 19.99
CA GLY D 106 -99.20 43.00 19.64
C GLY D 106 -98.41 41.85 19.08
N LEU D 107 -98.06 40.93 19.95
CA LEU D 107 -97.39 39.71 19.55
C LEU D 107 -97.98 38.48 20.21
N ASP D 108 -98.54 38.63 21.41
CA ASP D 108 -99.16 37.52 22.15
C ASP D 108 -100.06 38.16 23.21
N LEU D 109 -101.36 38.18 22.94
CA LEU D 109 -102.41 38.74 23.80
C LEU D 109 -102.14 40.23 24.06
N MET D 110 -102.31 41.03 23.01
CA MET D 110 -101.93 42.45 23.01
C MET D 110 -102.67 43.26 24.06
N SER D 111 -104.00 43.13 24.15
CA SER D 111 -104.78 44.02 24.99
C SER D 111 -104.56 43.78 26.49
N SER D 112 -103.84 42.71 26.85
CA SER D 112 -103.28 42.56 28.19
C SER D 112 -102.07 43.48 28.30
N ILE D 113 -102.36 44.77 28.48
CA ILE D 113 -101.35 45.76 28.83
C ILE D 113 -101.50 46.00 30.32
N THR D 114 -102.18 45.06 30.98
CA THR D 114 -102.33 44.92 32.42
C THR D 114 -101.11 44.19 32.96
N PHE D 115 -101.18 43.73 34.22
CA PHE D 115 -100.09 43.29 35.09
C PHE D 115 -98.85 44.18 34.92
N SER D 116 -99.07 45.49 34.89
CA SER D 116 -98.06 46.44 34.44
C SER D 116 -98.29 47.75 35.18
N GLN D 117 -97.54 47.93 36.28
CA GLN D 117 -97.37 49.19 36.99
C GLN D 117 -98.68 49.80 37.45
N GLN D 118 -99.39 49.06 38.33
CA GLN D 118 -100.75 49.38 38.74
C GLN D 118 -100.87 50.75 39.39
N ASP D 119 -99.83 51.19 40.10
CA ASP D 119 -99.84 52.50 40.71
C ASP D 119 -99.77 53.61 39.66
N THR D 120 -99.22 53.30 38.49
CA THR D 120 -99.24 54.22 37.38
C THR D 120 -100.11 53.72 36.23
N ASN D 121 -100.76 52.56 36.39
CA ASN D 121 -101.64 52.07 35.34
C ASN D 121 -103.01 52.74 35.44
N ASN D 122 -103.28 53.40 36.58
CA ASN D 122 -104.40 54.33 36.65
C ASN D 122 -103.99 55.73 36.22
N LEU D 123 -102.72 56.08 36.43
CA LEU D 123 -102.14 57.33 35.92
C LEU D 123 -102.26 57.43 34.42
N SER D 124 -101.67 56.46 33.73
CA SER D 124 -101.73 56.41 32.28
C SER D 124 -103.03 55.78 31.77
N HIS D 125 -104.02 55.57 32.63
CA HIS D 125 -105.34 55.15 32.15
C HIS D 125 -106.04 56.30 31.46
N GLN D 126 -105.83 57.53 31.94
CA GLN D 126 -106.20 58.70 31.17
C GLN D 126 -105.36 58.80 29.91
N GLU D 127 -104.20 58.18 29.91
CA GLU D 127 -103.39 58.21 28.72
C GLU D 127 -103.52 56.92 27.95
N GLN D 128 -104.27 55.95 28.49
CA GLN D 128 -104.53 54.69 27.81
C GLN D 128 -105.33 54.92 26.54
N GLU D 129 -106.34 55.76 26.62
CA GLU D 129 -107.08 56.11 25.42
C GLU D 129 -106.20 56.85 24.43
N TYR D 130 -105.23 57.64 24.90
CA TYR D 130 -104.16 58.05 24.02
C TYR D 130 -103.32 56.87 23.58
N LEU D 131 -102.93 56.00 24.53
CA LEU D 131 -102.13 54.81 24.23
C LEU D 131 -102.82 53.88 23.25
N LYS D 132 -104.10 53.58 23.48
CA LYS D 132 -104.77 52.67 22.58
C LYS D 132 -105.06 53.32 21.24
N GLU D 133 -105.07 54.64 21.19
CA GLU D 133 -105.18 55.29 19.90
C GLU D 133 -103.87 55.23 19.14
N TYR D 134 -102.76 54.94 19.81
CA TYR D 134 -101.62 54.44 19.05
C TYR D 134 -101.89 53.01 18.61
N CYS D 135 -102.43 52.19 19.53
CA CYS D 135 -102.59 50.77 19.28
C CYS D 135 -103.62 50.51 18.20
N ASP D 136 -104.70 51.26 18.19
CA ASP D 136 -105.62 51.13 17.09
C ASP D 136 -104.99 51.61 15.80
N LEU D 137 -104.22 52.68 15.86
CA LEU D 137 -103.57 53.20 14.66
C LEU D 137 -102.46 52.28 14.21
N ILE D 138 -101.80 51.61 15.15
CA ILE D 138 -100.72 50.73 14.73
C ILE D 138 -101.26 49.45 14.12
N THR D 139 -102.52 49.12 14.37
CA THR D 139 -103.10 47.94 13.75
C THR D 139 -103.34 48.16 12.26
N ASP D 140 -103.93 49.30 11.91
CA ASP D 140 -104.18 49.55 10.50
C ASP D 140 -102.92 49.86 9.73
N LEU D 141 -101.85 50.27 10.41
CA LEU D 141 -100.58 50.32 9.72
C LEU D 141 -100.02 48.93 9.49
N LYS D 142 -100.41 47.97 10.30
CA LYS D 142 -100.01 46.61 9.99
C LYS D 142 -100.83 46.04 8.84
N SER D 143 -102.11 46.41 8.76
CA SER D 143 -102.97 45.86 7.72
C SER D 143 -102.94 46.69 6.45
N GLY D 144 -102.72 48.00 6.57
CA GLY D 144 -102.71 48.87 5.41
C GLY D 144 -101.53 48.70 4.50
N ASP D 145 -100.48 48.02 4.96
CA ASP D 145 -99.47 47.54 4.04
C ASP D 145 -100.07 46.53 3.09
N LEU D 146 -99.76 46.71 1.82
CA LEU D 146 -100.43 45.96 0.77
C LEU D 146 -99.91 44.53 0.75
N VAL D 147 -98.71 44.32 1.28
CA VAL D 147 -98.26 42.96 1.54
C VAL D 147 -97.99 42.79 3.03
N ASP D 148 -97.81 41.54 3.44
CA ASP D 148 -97.57 41.22 4.85
C ASP D 148 -96.10 41.44 5.13
N ILE D 149 -95.78 42.55 5.79
CA ILE D 149 -94.45 42.79 6.32
C ILE D 149 -94.62 42.90 7.82
N ASP D 150 -93.71 42.31 8.57
CA ASP D 150 -93.76 42.43 10.02
C ASP D 150 -93.37 43.85 10.38
N LEU D 151 -94.15 44.45 11.26
CA LEU D 151 -93.75 45.70 11.86
C LEU D 151 -93.60 45.56 13.36
N SER D 152 -93.86 44.38 13.89
CA SER D 152 -93.75 44.08 15.30
C SER D 152 -92.40 43.43 15.53
N GLY D 153 -91.40 44.24 15.85
CA GLY D 153 -90.13 43.67 16.25
C GLY D 153 -89.29 43.20 15.07
N SER D 154 -88.34 42.32 15.40
CA SER D 154 -87.28 41.85 14.50
C SER D 154 -86.50 43.02 13.91
N LEU D 155 -85.76 43.70 14.78
CA LEU D 155 -84.95 44.82 14.35
C LEU D 155 -83.49 44.45 14.17
N VAL D 156 -83.00 43.49 14.93
CA VAL D 156 -81.63 42.99 14.74
C VAL D 156 -81.59 42.13 13.48
N PRO D 157 -80.59 42.28 12.62
CA PRO D 157 -80.53 41.50 11.38
C PRO D 157 -80.30 40.02 11.66
N PRO D 158 -80.75 39.14 10.78
CA PRO D 158 -80.48 37.72 10.96
C PRO D 158 -79.11 37.36 10.42
N SER D 159 -78.52 36.32 11.01
CA SER D 159 -77.20 35.88 10.60
C SER D 159 -77.29 34.48 10.04
N ASP D 160 -77.70 33.50 10.84
CA ASP D 160 -77.66 32.10 10.43
C ASP D 160 -79.07 31.54 10.31
N VAL D 161 -79.18 30.21 10.22
CA VAL D 161 -80.46 29.59 10.00
C VAL D 161 -80.69 28.50 11.04
N PHE D 162 -79.72 28.28 11.92
CA PHE D 162 -79.89 27.25 12.95
C PHE D 162 -79.33 27.73 14.28
N ILE D 163 -80.20 27.81 15.28
CA ILE D 163 -79.91 28.49 16.54
C ILE D 163 -80.38 27.59 17.67
N ASP D 164 -79.48 27.32 18.62
CA ASP D 164 -79.83 26.55 19.80
C ASP D 164 -80.50 27.46 20.81
N VAL D 165 -81.72 27.10 21.24
CA VAL D 165 -82.47 27.92 22.18
C VAL D 165 -82.96 27.02 23.31
N ARG D 166 -82.82 27.50 24.55
CA ARG D 166 -83.33 26.82 25.73
C ARG D 166 -84.58 27.53 26.20
N VAL D 167 -85.30 26.91 27.13
CA VAL D 167 -86.51 27.49 27.69
C VAL D 167 -86.47 27.35 29.21
N LEU D 168 -87.13 28.30 29.87
CA LEU D 168 -87.49 28.20 31.28
C LEU D 168 -88.67 29.13 31.54
N LYS D 169 -89.09 29.17 32.81
CA LYS D 169 -90.16 30.00 33.40
C LYS D 169 -91.47 30.03 32.62
N ASP D 170 -91.76 28.97 31.87
CA ASP D 170 -92.93 29.01 31.00
C ASP D 170 -93.54 27.61 30.92
N ALA D 171 -94.83 27.56 30.62
CA ALA D 171 -95.53 26.30 30.48
C ALA D 171 -96.70 26.48 29.52
N GLY D 172 -97.46 25.41 29.35
CA GLY D 172 -98.68 25.39 28.55
C GLY D 172 -98.37 25.00 27.13
N GLU D 173 -99.38 25.07 26.29
CA GLU D 173 -99.22 24.82 24.85
C GLU D 173 -99.56 26.10 24.12
N ILE D 174 -98.60 26.57 23.32
CA ILE D 174 -98.68 27.84 22.61
C ILE D 174 -98.41 27.42 21.16
N GLN D 175 -98.21 28.40 20.28
CA GLN D 175 -97.72 28.26 18.90
C GLN D 175 -98.62 27.33 18.06
N THR D 176 -99.86 27.76 17.89
CA THR D 176 -100.78 27.01 17.06
C THR D 176 -100.42 27.10 15.57
N GLU D 177 -99.71 28.14 15.15
CA GLU D 177 -99.34 28.32 13.76
C GLU D 177 -97.88 27.90 13.53
N TYR D 178 -97.53 27.76 12.25
CA TYR D 178 -96.20 27.39 11.77
C TYR D 178 -95.74 26.05 12.35
N GLY D 179 -96.69 25.16 12.59
CA GLY D 179 -96.42 23.91 13.26
C GLY D 179 -96.30 24.10 14.75
N VAL D 180 -96.95 23.24 15.52
CA VAL D 180 -96.89 23.35 16.97
C VAL D 180 -95.58 22.76 17.44
N PHE D 181 -94.87 23.51 18.27
CA PHE D 181 -93.56 23.12 18.76
C PHE D 181 -93.63 22.34 20.06
N ASN D 182 -94.82 22.23 20.66
CA ASN D 182 -95.09 21.41 21.84
C ASN D 182 -94.19 21.77 23.00
N LEU D 183 -94.33 22.97 23.53
CA LEU D 183 -93.41 23.43 24.55
C LEU D 183 -93.68 22.75 25.88
N ILE D 184 -92.76 21.89 26.30
CA ILE D 184 -92.78 21.35 27.65
C ILE D 184 -91.79 22.21 28.43
N LYS D 185 -91.87 22.14 29.76
CA LYS D 185 -90.96 22.88 30.61
C LYS D 185 -89.51 22.39 30.44
N ASP D 186 -88.59 23.35 30.56
CA ASP D 186 -87.11 23.23 30.64
C ASP D 186 -86.51 22.19 29.69
N SER D 187 -86.70 22.46 28.40
CA SER D 187 -86.29 21.54 27.35
C SER D 187 -85.88 22.34 26.13
N GLN D 188 -84.64 22.17 25.69
CA GLN D 188 -84.15 23.04 24.64
C GLN D 188 -84.66 22.60 23.27
N PHE D 189 -84.43 23.46 22.29
CA PHE D 189 -84.81 23.19 20.92
C PHE D 189 -83.56 23.24 20.06
N PHE D 190 -83.74 22.98 18.77
CA PHE D 190 -82.74 23.28 17.79
C PHE D 190 -83.46 23.50 16.46
N VAL D 191 -83.81 24.76 16.18
CA VAL D 191 -84.79 25.02 15.15
C VAL D 191 -84.27 25.99 14.10
N ARG D 192 -85.11 26.32 13.13
CA ARG D 192 -84.76 27.38 12.19
C ARG D 192 -84.94 28.76 12.79
N GLN D 193 -84.73 29.79 11.96
CA GLN D 193 -84.53 31.14 12.46
C GLN D 193 -85.83 31.89 12.70
N SER D 194 -86.72 31.95 11.71
CA SER D 194 -87.78 32.93 11.70
C SER D 194 -88.88 32.65 12.72
N ASP D 195 -88.93 31.44 13.27
CA ASP D 195 -90.05 31.10 14.15
C ASP D 195 -89.92 31.77 15.50
N VAL D 196 -88.72 31.77 16.07
CA VAL D 196 -88.55 32.19 17.46
C VAL D 196 -88.55 33.69 17.65
N GLU D 197 -88.64 34.46 16.56
CA GLU D 197 -88.61 35.91 16.67
C GLU D 197 -89.86 36.43 17.36
N ARG D 198 -90.98 35.75 17.17
CA ARG D 198 -92.22 36.15 17.84
C ARG D 198 -92.30 35.59 19.25
N LEU D 199 -91.30 34.84 19.69
CA LEU D 199 -91.35 34.32 21.04
C LEU D 199 -90.25 34.87 21.93
N ILE D 200 -89.12 35.26 21.34
CA ILE D 200 -88.05 35.87 22.12
C ILE D 200 -88.48 37.25 22.60
N GLN D 201 -89.03 38.05 21.68
CA GLN D 201 -89.67 39.31 22.05
C GLN D 201 -90.87 39.09 22.95
N GLN D 202 -91.55 37.96 22.83
CA GLN D 202 -92.60 37.61 23.78
C GLN D 202 -91.98 37.35 25.16
N GLY D 203 -90.78 36.80 25.19
CA GLY D 203 -90.08 36.64 26.45
C GLY D 203 -90.30 35.29 27.08
N TYR D 204 -90.61 34.29 26.25
CA TYR D 204 -90.84 32.93 26.72
C TYR D 204 -89.60 32.07 26.62
N LEU D 205 -88.97 32.06 25.46
CA LEU D 205 -87.67 31.46 25.32
C LEU D 205 -86.64 32.39 25.96
N GLN D 206 -85.51 31.83 26.36
CA GLN D 206 -84.59 32.67 27.14
C GLN D 206 -83.28 32.95 26.44
N LYS D 207 -82.55 31.92 26.07
CA LYS D 207 -81.18 32.16 25.64
C LYS D 207 -80.99 31.76 24.18
N ILE D 208 -80.23 32.58 23.47
CA ILE D 208 -79.85 32.26 22.12
C ILE D 208 -78.64 31.34 22.15
N LEU E 3 -89.52 52.76 15.05
CA LEU E 3 -89.14 53.72 16.07
C LEU E 3 -88.07 53.15 17.00
N PRO E 4 -86.83 53.12 16.52
CA PRO E 4 -85.76 52.48 17.30
C PRO E 4 -85.39 53.27 18.55
N ALA E 5 -85.11 54.56 18.35
CA ALA E 5 -84.83 55.55 19.40
C ALA E 5 -83.59 55.20 20.24
N HIS E 6 -82.79 54.26 19.75
CA HIS E 6 -81.69 53.74 20.53
C HIS E 6 -80.38 54.00 19.80
N LEU E 7 -80.29 53.50 18.58
CA LEU E 7 -79.12 53.65 17.73
C LEU E 7 -79.64 54.13 16.39
N GLN E 8 -79.73 55.44 16.23
CA GLN E 8 -80.32 56.06 15.06
C GLN E 8 -79.31 56.82 14.21
N GLN E 9 -78.39 57.53 14.84
CA GLN E 9 -77.49 58.40 14.09
C GLN E 9 -76.35 57.64 13.44
N THR E 10 -76.23 56.34 13.69
CA THR E 10 -75.19 55.54 13.08
C THR E 10 -75.68 54.11 12.91
N PHE E 11 -74.79 53.24 12.44
CA PHE E 11 -75.12 51.84 12.35
C PHE E 11 -74.65 51.11 13.58
N SER E 12 -75.36 50.19 13.96
CA SER E 12 -74.92 49.21 14.93
C SER E 12 -73.89 48.29 14.28
N PRO E 13 -73.01 47.66 15.05
CA PRO E 13 -72.00 46.78 14.45
C PRO E 13 -72.52 45.45 13.94
N GLU E 14 -73.83 45.23 13.89
CA GLU E 14 -74.30 43.94 13.39
C GLU E 14 -74.81 44.02 11.97
N GLU E 15 -74.94 45.21 11.44
CA GLU E 15 -75.37 45.34 10.06
C GLU E 15 -74.26 45.87 9.17
N ILE E 16 -73.16 46.31 9.75
CA ILE E 16 -72.05 46.69 8.92
C ILE E 16 -71.44 45.47 8.28
N GLN E 17 -71.55 44.32 8.94
CA GLN E 17 -71.25 43.07 8.28
C GLN E 17 -72.32 42.70 7.28
N PHE E 18 -73.51 43.25 7.40
CA PHE E 18 -74.56 42.86 6.49
C PHE E 18 -74.39 43.48 5.12
N ILE E 19 -73.72 44.62 5.02
CA ILE E 19 -73.54 45.13 3.67
C ILE E 19 -72.35 44.52 2.99
N VAL E 20 -71.46 43.87 3.74
CA VAL E 20 -70.26 43.33 3.12
C VAL E 20 -70.44 41.87 2.79
N GLU E 21 -71.37 41.18 3.44
CA GLU E 21 -71.62 39.79 3.13
C GLU E 21 -72.25 39.60 1.77
N ASN E 22 -72.82 40.65 1.19
CA ASN E 22 -73.41 40.57 -0.13
C ASN E 22 -72.42 40.87 -1.23
N GLU E 23 -71.14 40.64 -1.00
CA GLU E 23 -70.16 40.73 -2.06
C GLU E 23 -69.65 39.34 -2.43
N PRO E 24 -69.29 39.10 -3.68
CA PRO E 24 -68.90 37.75 -4.07
C PRO E 24 -67.39 37.53 -4.05
N ILE E 25 -67.02 36.26 -3.81
CA ILE E 25 -65.64 35.80 -3.89
C ILE E 25 -65.60 34.47 -4.64
N LYS E 26 -64.45 33.81 -4.63
CA LYS E 26 -64.24 32.58 -5.38
C LYS E 26 -64.16 31.39 -4.43
N ILE E 27 -64.61 30.23 -4.91
CA ILE E 27 -64.65 29.01 -4.13
C ILE E 27 -63.95 27.89 -4.89
N PHE E 28 -63.83 26.74 -4.25
CA PHE E 28 -63.60 25.47 -4.95
C PHE E 28 -64.78 24.56 -4.70
N PRO E 29 -65.66 24.40 -5.67
CA PRO E 29 -66.87 23.61 -5.44
C PRO E 29 -66.55 22.12 -5.42
N ARG E 30 -67.52 21.35 -4.93
CA ARG E 30 -67.40 19.89 -4.95
C ARG E 30 -68.60 19.17 -5.51
N ILE E 31 -69.81 19.70 -5.37
CA ILE E 31 -71.01 18.93 -5.65
C ILE E 31 -71.39 18.97 -7.13
N THR E 32 -72.38 18.17 -7.49
CA THR E 32 -73.13 18.35 -8.72
C THR E 32 -73.80 19.72 -8.72
N TRP E 50 -83.65 24.72 -10.99
CA TRP E 50 -83.55 23.64 -10.02
C TRP E 50 -82.88 24.08 -8.75
N GLN E 51 -81.56 24.25 -8.86
CA GLN E 51 -80.69 24.40 -7.71
C GLN E 51 -80.90 25.75 -7.02
N LEU E 52 -80.72 26.83 -7.74
CA LEU E 52 -80.79 28.17 -7.16
C LEU E 52 -81.63 29.06 -8.07
N ILE E 53 -82.76 29.56 -7.55
CA ILE E 53 -83.68 30.40 -8.33
C ILE E 53 -83.88 31.69 -7.51
N THR E 54 -82.82 32.17 -6.89
CA THR E 54 -82.92 33.06 -5.73
C THR E 54 -82.95 34.53 -6.12
N THR E 55 -83.39 34.80 -7.37
CA THR E 55 -83.57 36.11 -8.00
C THR E 55 -82.26 36.89 -8.22
N ASP E 56 -81.14 36.35 -7.76
CA ASP E 56 -79.81 36.86 -8.07
C ASP E 56 -78.82 35.70 -8.17
N ASP E 57 -79.27 34.65 -8.87
CA ASP E 57 -78.80 33.30 -8.60
C ASP E 57 -77.49 32.97 -9.30
N LYS E 58 -77.52 32.87 -10.64
CA LYS E 58 -76.60 32.06 -11.43
C LYS E 58 -76.37 30.68 -10.80
N ALA E 59 -77.43 29.89 -10.84
CA ALA E 59 -77.30 28.45 -10.63
C ALA E 59 -76.57 27.83 -11.80
N LEU E 60 -75.73 26.87 -11.50
CA LEU E 60 -75.03 26.16 -12.55
C LEU E 60 -75.63 24.76 -12.65
N ASN E 61 -75.06 23.97 -13.55
CA ASN E 61 -75.38 22.56 -13.71
C ASN E 61 -74.64 21.74 -12.65
N ASN E 62 -74.44 20.46 -12.95
CA ASN E 62 -73.47 19.66 -12.22
C ASN E 62 -72.14 20.38 -12.22
N MET E 63 -71.77 20.94 -11.06
CA MET E 63 -70.64 21.86 -11.00
C MET E 63 -69.35 21.06 -10.94
N VAL E 64 -68.29 21.62 -11.52
CA VAL E 64 -67.03 20.92 -11.67
C VAL E 64 -66.04 21.47 -10.65
N ALA E 65 -65.34 20.57 -9.98
CA ALA E 65 -64.32 20.96 -9.03
C ALA E 65 -63.09 21.48 -9.77
N MET E 66 -62.10 21.90 -8.98
CA MET E 66 -60.81 22.42 -9.46
C MET E 66 -61.01 23.61 -10.39
N ARG E 67 -61.96 24.47 -10.05
CA ARG E 67 -62.19 25.66 -10.85
C ARG E 67 -62.75 26.77 -9.98
N SER E 68 -62.47 28.00 -10.37
CA SER E 68 -62.98 29.17 -9.69
C SER E 68 -64.36 29.55 -10.22
N THR E 69 -65.11 30.29 -9.41
CA THR E 69 -66.40 30.84 -9.77
C THR E 69 -66.71 31.98 -8.80
N GLU E 70 -67.13 33.12 -9.33
CA GLU E 70 -67.53 34.25 -8.51
C GLU E 70 -68.87 33.95 -7.85
N VAL E 71 -68.85 33.57 -6.57
CA VAL E 71 -70.05 33.21 -5.83
C VAL E 71 -70.19 34.18 -4.66
N VAL E 72 -71.43 34.57 -4.35
CA VAL E 72 -71.68 35.47 -3.22
C VAL E 72 -71.35 34.75 -1.91
N LEU E 73 -71.07 35.55 -0.88
CA LEU E 73 -70.42 35.03 0.30
C LEU E 73 -71.36 34.23 1.19
N TRP E 74 -72.50 34.82 1.52
CA TRP E 74 -73.37 34.32 2.57
C TRP E 74 -73.96 32.96 2.27
N ILE E 75 -74.21 32.65 1.01
CA ILE E 75 -74.63 31.30 0.65
C ILE E 75 -73.48 30.31 0.75
N ALA E 76 -72.24 30.77 0.63
CA ALA E 76 -71.12 29.85 0.69
C ALA E 76 -70.77 29.51 2.12
N LEU E 77 -71.00 30.44 3.05
CA LEU E 77 -70.89 30.11 4.46
C LEU E 77 -71.95 29.08 4.85
N LEU E 78 -73.17 29.23 4.34
CA LEU E 78 -74.18 28.20 4.56
C LEU E 78 -73.80 26.91 3.86
N LEU E 79 -73.11 27.02 2.74
CA LEU E 79 -72.66 25.83 2.04
C LEU E 79 -71.50 25.16 2.77
N LYS E 80 -70.88 25.85 3.71
CA LYS E 80 -69.77 25.26 4.44
C LYS E 80 -70.22 24.56 5.71
N GLN E 81 -71.39 24.90 6.23
CA GLN E 81 -71.88 24.24 7.43
C GLN E 81 -72.31 22.81 7.14
N GLN E 82 -72.96 22.59 6.02
CA GLN E 82 -73.24 21.24 5.54
C GLN E 82 -72.00 20.56 4.99
N SER E 83 -70.91 21.32 4.79
CA SER E 83 -69.57 20.85 4.45
C SER E 83 -69.57 20.04 3.14
N LYS E 84 -69.90 20.74 2.06
CA LYS E 84 -69.70 20.15 0.75
C LYS E 84 -69.01 21.07 -0.23
N CYS E 85 -68.22 22.03 0.23
CA CYS E 85 -67.37 22.82 -0.64
C CYS E 85 -66.13 23.26 0.14
N SER E 86 -65.30 24.09 -0.49
CA SER E 86 -64.11 24.61 0.15
C SER E 86 -63.86 26.01 -0.38
N ILE E 87 -63.15 26.81 0.41
CA ILE E 87 -62.93 28.21 0.07
C ILE E 87 -61.46 28.39 -0.28
N VAL E 88 -61.21 29.31 -1.22
CA VAL E 88 -59.87 29.79 -1.50
C VAL E 88 -59.78 31.18 -0.87
N ALA E 89 -58.66 31.46 -0.32
CA ALA E 89 -58.49 32.79 0.25
C ALA E 89 -58.28 33.81 -0.86
N PRO E 90 -58.61 35.07 -0.62
CA PRO E 90 -58.25 36.11 -1.58
C PRO E 90 -56.75 36.31 -1.66
N GLN E 91 -56.31 36.93 -2.75
CA GLN E 91 -54.92 36.90 -3.18
C GLN E 91 -53.97 37.67 -2.30
N TRP E 92 -54.48 38.50 -1.38
CA TRP E 92 -53.61 39.28 -0.53
C TRP E 92 -53.53 38.71 0.88
N LEU E 93 -54.08 37.52 1.09
CA LEU E 93 -54.15 36.94 2.43
C LEU E 93 -52.98 36.02 2.73
N THR E 94 -51.83 36.26 2.14
CA THR E 94 -50.64 35.55 2.58
C THR E 94 -49.75 36.50 3.36
N THR E 95 -48.94 35.92 4.23
CA THR E 95 -48.06 36.71 5.07
C THR E 95 -46.94 37.36 4.28
N LYS E 96 -46.59 36.80 3.12
CA LYS E 96 -45.55 37.39 2.30
C LYS E 96 -46.07 38.58 1.51
N GLU E 97 -47.36 38.87 1.58
CA GLU E 97 -47.91 40.01 0.91
C GLU E 97 -48.14 41.20 1.83
N LEU E 98 -48.48 40.96 3.09
CA LEU E 98 -48.87 42.05 3.98
C LEU E 98 -47.67 42.86 4.43
N ASP E 99 -46.49 42.26 4.43
CA ASP E 99 -45.26 42.91 4.83
C ASP E 99 -44.92 44.10 3.96
N ARG E 100 -45.17 44.00 2.66
CA ARG E 100 -44.91 45.13 1.77
C ARG E 100 -45.88 46.27 2.00
N LYS E 101 -47.01 46.02 2.64
CA LYS E 101 -47.86 47.11 3.06
C LYS E 101 -47.29 47.86 4.24
N ILE E 102 -46.60 47.17 5.15
CA ILE E 102 -46.14 47.85 6.34
C ILE E 102 -44.91 48.71 6.06
N GLN E 103 -44.26 48.53 4.92
CA GLN E 103 -43.13 49.38 4.63
C GLN E 103 -43.53 50.68 3.96
N TYR E 104 -44.60 50.68 3.17
CA TYR E 104 -44.99 51.89 2.46
C TYR E 104 -45.61 52.89 3.41
N GLU E 105 -46.07 52.43 4.57
CA GLU E 105 -46.60 53.32 5.58
C GLU E 105 -45.56 53.77 6.59
N LYS E 106 -44.60 52.93 6.93
CA LYS E 106 -43.62 53.31 7.93
C LYS E 106 -42.66 54.36 7.39
N THR E 107 -42.53 54.44 6.07
CA THR E 107 -41.82 55.54 5.42
C THR E 107 -42.71 56.72 5.10
N HIS E 108 -44.03 56.59 5.32
CA HIS E 108 -44.98 57.64 4.97
C HIS E 108 -45.90 57.92 6.15
N PRO E 109 -45.51 58.82 7.04
CA PRO E 109 -46.37 59.17 8.17
C PRO E 109 -47.52 60.10 7.84
N ASP E 110 -47.72 60.41 6.57
CA ASP E 110 -48.74 61.36 6.16
C ASP E 110 -50.13 60.74 6.13
N ARG E 111 -50.24 59.50 5.72
CA ARG E 111 -51.53 58.88 5.42
C ARG E 111 -51.33 57.39 5.35
N PHE E 112 -52.41 56.67 5.09
CA PHE E 112 -52.27 55.24 4.85
C PHE E 112 -52.22 54.95 3.36
N SER E 113 -51.39 53.98 2.99
CA SER E 113 -51.09 53.75 1.58
C SER E 113 -52.10 52.86 0.85
N GLU E 114 -52.18 51.57 1.17
CA GLU E 114 -52.90 50.66 0.28
C GLU E 114 -53.84 49.74 1.04
N LEU E 115 -55.09 49.79 0.66
CA LEU E 115 -56.15 49.33 1.55
C LEU E 115 -57.07 48.33 0.87
N PRO E 116 -57.30 47.15 1.47
CA PRO E 116 -58.29 46.22 0.91
C PRO E 116 -59.73 46.62 1.13
N TRP E 117 -59.98 47.66 1.92
CA TRP E 117 -61.23 48.41 2.10
C TRP E 117 -62.29 47.69 2.93
N ASN E 118 -62.15 46.39 3.15
CA ASN E 118 -63.10 45.76 4.04
C ASN E 118 -62.44 44.68 4.88
N TRP E 119 -61.14 44.86 5.12
CA TRP E 119 -60.26 43.81 5.60
C TRP E 119 -60.58 43.33 6.99
N LEU E 120 -60.99 44.22 7.89
CA LEU E 120 -61.15 43.83 9.27
C LEU E 120 -62.36 42.94 9.48
N VAL E 121 -63.48 43.28 8.86
CA VAL E 121 -64.63 42.42 8.99
C VAL E 121 -64.47 41.17 8.15
N LEU E 122 -63.59 41.18 7.17
CA LEU E 122 -63.41 40.02 6.34
C LEU E 122 -62.66 38.90 7.05
N ALA E 123 -61.75 39.25 7.95
CA ALA E 123 -60.98 38.22 8.63
C ALA E 123 -61.80 37.52 9.69
N ARG E 124 -62.66 38.26 10.39
CA ARG E 124 -63.39 37.69 11.51
C ARG E 124 -64.42 36.67 11.04
N ILE E 125 -65.01 36.87 9.86
CA ILE E 125 -65.82 35.80 9.29
C ILE E 125 -64.94 34.65 8.88
N LEU E 126 -63.73 34.94 8.45
CA LEU E 126 -62.85 33.94 7.90
C LEU E 126 -62.15 33.11 8.95
N PHE E 127 -62.45 33.29 10.23
CA PHE E 127 -61.77 32.53 11.27
C PHE E 127 -62.71 31.59 12.00
N ASN E 128 -63.75 31.12 11.33
CA ASN E 128 -64.70 30.15 11.88
C ASN E 128 -64.92 29.13 10.79
N LYS E 129 -64.24 27.99 10.94
CA LYS E 129 -64.13 26.89 9.95
C LYS E 129 -63.83 27.40 8.54
N ALA E 130 -63.04 28.46 8.47
CA ALA E 130 -62.53 28.98 7.22
C ALA E 130 -61.05 29.28 7.38
N LYS E 131 -60.49 28.79 8.47
CA LYS E 131 -59.11 28.94 8.90
C LYS E 131 -58.38 27.62 8.93
N ASP E 132 -59.07 26.55 9.33
CA ASP E 132 -58.57 25.18 9.35
C ASP E 132 -58.47 24.54 7.97
N ASP E 133 -58.60 25.33 6.90
CA ASP E 133 -58.46 24.92 5.52
C ASP E 133 -57.14 25.36 4.91
N PHE E 134 -56.65 26.53 5.31
CA PHE E 134 -55.53 27.17 4.66
C PHE E 134 -54.21 26.62 5.20
N HIS E 135 -53.13 26.86 4.46
CA HIS E 135 -51.83 26.25 4.73
C HIS E 135 -51.02 27.15 5.65
N ASP E 136 -50.88 26.69 6.89
CA ASP E 136 -50.25 27.30 8.07
C ASP E 136 -50.54 28.78 8.28
N PRO E 137 -51.76 29.17 8.66
CA PRO E 137 -51.99 30.57 9.04
C PRO E 137 -52.05 30.85 10.53
N ILE E 138 -52.14 29.83 11.39
CA ILE E 138 -52.22 30.10 12.82
C ILE E 138 -50.85 30.54 13.30
N HIS E 139 -50.86 31.30 14.41
CA HIS E 139 -49.70 31.94 15.05
C HIS E 139 -48.88 32.80 14.09
N GLU E 140 -49.49 33.16 12.95
CA GLU E 140 -48.84 34.01 11.98
C GLU E 140 -49.79 35.08 11.50
N LEU E 141 -51.03 34.69 11.28
CA LEU E 141 -51.93 35.62 10.62
C LEU E 141 -52.51 36.62 11.59
N ARG E 142 -52.96 36.13 12.76
CA ARG E 142 -53.39 37.04 13.81
C ARG E 142 -52.23 37.87 14.32
N GLY E 143 -51.01 37.37 14.20
CA GLY E 143 -49.85 38.20 14.36
C GLY E 143 -49.85 39.29 13.31
N LYS E 144 -50.08 38.92 12.06
CA LYS E 144 -49.91 39.88 10.98
C LYS E 144 -51.15 40.71 10.70
N ILE E 145 -52.12 40.76 11.61
CA ILE E 145 -53.28 41.60 11.37
C ILE E 145 -53.46 42.60 12.48
N GLN E 146 -53.37 42.14 13.73
CA GLN E 146 -53.69 42.97 14.87
C GLN E 146 -52.66 44.08 15.03
N ASP E 147 -51.44 43.85 14.56
CA ASP E 147 -50.47 44.92 14.42
C ASP E 147 -50.97 45.97 13.45
N LEU E 148 -51.60 45.56 12.38
CA LEU E 148 -51.96 46.54 11.37
C LEU E 148 -53.22 47.30 11.75
N ARG E 149 -53.97 46.79 12.71
CA ARG E 149 -55.13 47.56 13.16
C ARG E 149 -54.69 48.81 13.90
N GLU E 150 -53.73 48.68 14.81
CA GLU E 150 -53.38 49.82 15.64
C GLU E 150 -52.56 50.84 14.86
N ILE E 151 -51.73 50.37 13.93
CA ILE E 151 -50.91 51.24 13.11
C ILE E 151 -51.80 52.17 12.29
N ARG E 152 -52.96 51.66 11.87
CA ARG E 152 -54.00 52.53 11.38
C ARG E 152 -54.48 53.47 12.47
N GLN E 153 -54.75 52.98 13.67
CA GLN E 153 -55.36 53.91 14.62
C GLN E 153 -54.34 54.77 15.32
N ILE E 154 -53.06 54.44 15.24
CA ILE E 154 -52.08 55.42 15.67
C ILE E 154 -52.04 56.57 14.69
N LYS E 155 -52.22 56.25 13.41
CA LYS E 155 -52.27 57.28 12.39
C LYS E 155 -53.49 58.16 12.54
N VAL E 156 -54.59 57.59 13.05
CA VAL E 156 -55.81 58.38 13.15
C VAL E 156 -55.74 59.35 14.32
N LEU E 157 -54.88 59.10 15.30
CA LEU E 157 -54.83 60.03 16.43
C LEU E 157 -54.08 61.30 16.10
N LYS E 158 -53.07 61.22 15.26
CA LYS E 158 -52.42 62.44 14.82
C LYS E 158 -53.28 63.24 13.87
N GLY E 159 -54.20 62.60 13.14
CA GLY E 159 -54.97 63.30 12.14
C GLY E 159 -56.01 64.24 12.71
N LEU E 160 -56.74 63.78 13.72
CA LEU E 160 -57.80 64.59 14.29
C LEU E 160 -57.31 65.76 15.12
N LYS E 161 -56.05 65.73 15.58
CA LYS E 161 -55.49 66.89 16.25
C LYS E 161 -55.31 68.02 15.26
N TYR E 162 -55.16 67.69 13.99
CA TYR E 162 -54.93 68.67 12.94
C TYR E 162 -56.24 69.15 12.33
N LEU E 163 -57.33 69.14 13.11
CA LEU E 163 -58.65 69.43 12.56
C LEU E 163 -58.82 70.91 12.25
N ASN E 164 -59.08 71.20 10.99
CA ASN E 164 -59.39 72.54 10.52
C ASN E 164 -60.89 72.79 10.64
N GLU E 165 -61.40 73.79 9.94
CA GLU E 165 -62.83 74.00 9.90
C GLU E 165 -63.37 73.44 8.58
N SER E 166 -64.28 72.48 8.69
CA SER E 166 -65.19 72.07 7.61
C SER E 166 -64.46 71.53 6.38
N HIS E 167 -63.31 70.90 6.59
CA HIS E 167 -62.58 70.33 5.46
C HIS E 167 -61.61 69.29 6.01
N LEU E 168 -61.78 68.04 5.62
CA LEU E 168 -60.92 66.96 6.10
C LEU E 168 -60.34 66.15 4.95
N GLN E 169 -59.36 65.31 5.29
CA GLN E 169 -58.69 64.47 4.31
C GLN E 169 -58.58 63.06 4.87
N LEU E 170 -59.60 62.26 4.67
CA LEU E 170 -59.51 60.84 4.97
C LEU E 170 -59.55 60.11 3.65
N ASP E 171 -58.44 59.46 3.29
CA ASP E 171 -58.34 58.84 1.98
C ASP E 171 -58.60 57.33 2.04
N ASN E 172 -58.01 56.65 3.00
CA ASN E 172 -58.05 55.20 3.05
C ASN E 172 -58.42 54.82 4.47
N LEU E 173 -59.71 54.62 4.70
CA LEU E 173 -60.20 54.15 5.98
C LEU E 173 -61.09 52.95 5.77
N SER E 174 -60.99 51.99 6.68
CA SER E 174 -61.90 50.86 6.69
C SER E 174 -63.31 51.32 7.01
N LEU E 175 -64.28 50.46 6.76
CA LEU E 175 -65.65 50.82 7.10
C LEU E 175 -65.85 50.80 8.61
N LEU E 176 -65.00 50.09 9.34
CA LEU E 176 -65.28 49.91 10.76
C LEU E 176 -64.93 51.17 11.54
N GLU E 177 -63.76 51.76 11.27
CA GLU E 177 -63.38 53.01 11.94
C GLU E 177 -64.32 54.14 11.57
N ILE E 178 -64.83 54.11 10.34
CA ILE E 178 -65.89 55.02 9.95
C ILE E 178 -67.13 54.80 10.80
N ASN E 179 -67.38 53.57 11.22
CA ASN E 179 -68.47 53.43 12.17
C ASN E 179 -68.02 53.71 13.59
N GLU E 180 -66.76 54.05 13.80
CA GLU E 180 -66.31 54.29 15.16
C GLU E 180 -65.81 55.70 15.39
N LEU E 181 -65.43 56.40 14.34
CA LEU E 181 -65.07 57.80 14.49
C LEU E 181 -66.32 58.66 14.48
N ARG E 182 -67.35 58.10 13.86
CA ARG E 182 -68.60 58.78 13.50
C ARG E 182 -69.29 59.50 14.65
N PRO E 183 -69.74 58.82 15.72
CA PRO E 183 -70.74 59.46 16.57
C PRO E 183 -70.17 60.51 17.50
N PHE E 184 -68.88 60.82 17.43
CA PHE E 184 -68.37 61.95 18.17
C PHE E 184 -67.82 63.05 17.28
N ILE E 185 -67.29 62.71 16.10
CA ILE E 185 -66.64 63.68 15.23
C ILE E 185 -67.64 64.68 14.67
N THR E 186 -68.92 64.34 14.67
CA THR E 186 -69.92 65.29 14.24
C THR E 186 -70.08 66.41 15.23
N GLU E 187 -70.51 66.08 16.44
CA GLU E 187 -71.01 67.10 17.35
C GLU E 187 -69.92 67.95 17.96
N ILE E 188 -68.65 67.57 17.84
CA ILE E 188 -67.64 68.55 18.22
C ILE E 188 -67.51 69.62 17.16
N MET E 189 -67.38 69.26 15.90
CA MET E 189 -67.23 70.26 14.87
C MET E 189 -68.54 70.96 14.59
N ASP E 190 -69.66 70.31 14.86
CA ASP E 190 -70.95 70.97 14.80
C ASP E 190 -71.12 72.02 15.88
N LYS E 191 -70.72 71.69 17.10
CA LYS E 191 -70.86 72.67 18.17
C LYS E 191 -69.87 73.80 17.99
N LEU E 192 -68.72 73.53 17.38
CA LEU E 192 -67.87 74.65 17.10
C LEU E 192 -68.26 75.34 15.81
N ARG E 193 -69.14 74.73 15.01
CA ARG E 193 -69.64 75.43 13.85
C ARG E 193 -70.56 76.57 14.27
N GLU E 194 -71.22 76.43 15.41
CA GLU E 194 -72.08 77.49 15.89
C GLU E 194 -71.26 78.73 16.24
N ILE E 195 -70.29 78.58 17.12
CA ILE E 195 -69.50 79.72 17.60
C ILE E 195 -68.67 80.36 16.51
N HIS E 196 -68.34 79.62 15.46
CA HIS E 196 -67.74 80.31 14.35
C HIS E 196 -68.76 81.13 13.56
N THR E 197 -69.94 80.56 13.32
CA THR E 197 -70.90 81.22 12.46
C THR E 197 -71.74 82.24 13.19
N ALA E 198 -72.10 81.95 14.44
CA ALA E 198 -72.93 82.91 15.16
C ALA E 198 -72.13 84.08 15.71
N SER E 199 -70.83 84.11 15.46
CA SER E 199 -70.02 85.27 15.79
C SER E 199 -70.21 86.40 14.79
N LEU E 200 -70.68 86.10 13.58
CA LEU E 200 -70.92 87.13 12.59
C LEU E 200 -72.35 87.08 12.10
N TYR F 3 -87.10 70.94 18.61
CA TYR F 3 -86.90 70.34 19.93
C TYR F 3 -87.32 71.33 21.02
N TYR F 4 -87.85 70.78 22.09
CA TYR F 4 -88.22 71.55 23.25
C TYR F 4 -87.07 71.74 24.21
N ASP F 5 -85.88 71.23 23.86
CA ASP F 5 -84.61 71.76 24.33
C ASP F 5 -84.37 71.60 25.83
N ILE F 6 -84.45 70.38 26.35
CA ILE F 6 -84.46 70.15 27.79
C ILE F 6 -83.07 70.37 28.37
N ASP F 7 -82.07 70.45 27.50
CA ASP F 7 -80.73 70.77 27.92
C ASP F 7 -80.55 72.21 28.33
N ASP F 8 -81.13 73.16 27.60
CA ASP F 8 -80.78 74.54 27.86
C ASP F 8 -81.93 75.41 28.32
N VAL F 9 -83.15 74.86 28.37
CA VAL F 9 -84.24 75.64 28.93
C VAL F 9 -84.01 75.88 30.41
N LEU F 10 -83.30 74.99 31.09
CA LEU F 10 -82.77 75.26 32.40
C LEU F 10 -81.52 76.12 32.36
N ALA F 11 -80.77 76.09 31.27
CA ALA F 11 -79.55 76.89 31.21
C ALA F 11 -79.88 78.36 31.10
N ASP F 12 -81.02 78.69 30.54
CA ASP F 12 -81.48 80.06 30.65
C ASP F 12 -82.22 80.32 31.95
N GLY F 13 -82.41 79.29 32.76
CA GLY F 13 -82.95 79.50 34.09
C GLY F 13 -81.95 80.06 35.08
N THR F 14 -80.68 80.15 34.72
CA THR F 14 -79.67 80.66 35.62
C THR F 14 -79.79 82.17 35.77
N GLU F 15 -79.09 82.69 36.76
CA GLU F 15 -79.17 84.11 37.09
C GLU F 15 -78.09 84.88 36.36
N PHE F 16 -78.14 86.20 36.49
CA PHE F 16 -77.32 87.10 35.73
C PHE F 16 -77.47 88.51 36.30
N PRO F 17 -76.40 89.14 36.76
CA PRO F 17 -76.53 90.43 37.42
C PRO F 17 -76.43 91.61 36.47
N CYS F 18 -77.49 92.43 36.44
CA CYS F 18 -77.54 93.66 35.66
C CYS F 18 -78.43 94.66 36.37
N LYS F 19 -78.54 95.87 35.81
CA LYS F 19 -79.29 96.93 36.45
C LYS F 19 -80.10 97.71 35.41
N PHE F 20 -80.64 98.86 35.82
CA PHE F 20 -81.58 99.64 35.04
C PHE F 20 -80.98 100.89 34.41
N GLN F 21 -81.77 101.52 33.53
CA GLN F 21 -81.53 102.83 32.95
C GLN F 21 -82.65 103.81 33.25
N TYR F 22 -83.87 103.31 33.48
CA TYR F 22 -85.04 104.11 33.86
C TYR F 22 -85.54 103.68 35.24
N ASP F 23 -86.57 104.37 35.73
CA ASP F 23 -87.20 104.09 37.01
C ASP F 23 -88.63 103.70 36.71
N ILE F 24 -88.99 102.46 37.00
CA ILE F 24 -90.27 101.89 36.57
C ILE F 24 -91.03 101.45 37.81
N PRO F 25 -92.33 101.76 37.92
CA PRO F 25 -93.14 101.22 39.02
C PRO F 25 -93.54 99.76 38.88
N GLY F 26 -93.03 99.03 37.90
CA GLY F 26 -93.38 97.63 37.76
C GLY F 26 -92.48 96.70 38.52
N LEU F 27 -92.86 96.34 39.74
CA LEU F 27 -92.06 95.50 40.60
C LEU F 27 -92.77 94.18 40.82
N GLY F 28 -92.00 93.10 40.91
CA GLY F 28 -92.56 91.82 41.32
C GLY F 28 -91.62 91.07 42.22
N TYR F 29 -90.80 91.81 42.97
CA TYR F 29 -89.71 91.23 43.74
C TYR F 29 -89.74 91.69 45.19
N ASN F 33 -90.55 93.83 48.15
CA ASN F 33 -91.82 93.50 47.50
C ASN F 33 -92.88 94.64 47.51
N PRO F 34 -92.94 95.50 48.54
CA PRO F 34 -93.56 96.81 48.33
C PRO F 34 -92.55 97.81 47.79
N GLY F 35 -92.96 99.06 47.75
CA GLY F 35 -92.16 100.09 47.12
C GLY F 35 -92.11 99.85 45.63
N ARG F 36 -93.27 99.97 44.98
CA ARG F 36 -93.41 99.54 43.58
C ARG F 36 -92.53 100.31 42.61
N PRO F 37 -92.29 101.62 42.74
CA PRO F 37 -91.20 102.23 41.95
C PRO F 37 -89.85 101.68 42.34
N ILE F 38 -89.18 101.09 41.36
CA ILE F 38 -87.81 100.61 41.51
C ILE F 38 -86.89 101.70 40.99
N THR F 39 -85.94 102.10 41.82
CA THR F 39 -85.03 103.18 41.45
C THR F 39 -84.04 102.71 40.39
N LYS F 40 -83.56 103.65 39.58
CA LYS F 40 -82.71 103.26 38.48
C LYS F 40 -81.30 102.96 38.95
N ASN F 41 -80.56 102.27 38.07
CA ASN F 41 -79.17 101.84 38.27
C ASN F 41 -79.04 100.95 39.51
N THR F 42 -80.09 100.18 39.77
CA THR F 42 -80.15 99.28 40.92
C THR F 42 -79.89 97.87 40.43
N LYS F 43 -78.83 97.26 40.97
CA LYS F 43 -78.35 95.98 40.47
C LYS F 43 -79.33 94.87 40.84
N LEU F 44 -79.80 94.14 39.84
CA LEU F 44 -80.77 93.08 40.05
C LEU F 44 -80.30 91.79 39.41
N SER F 45 -80.53 90.70 40.11
CA SER F 45 -80.29 89.37 39.59
C SER F 45 -81.36 89.08 38.54
N LEU F 46 -80.94 88.81 37.30
CA LEU F 46 -81.94 88.60 36.27
C LEU F 46 -81.85 87.18 35.71
N PRO F 47 -82.99 86.52 35.55
CA PRO F 47 -83.00 85.30 34.76
C PRO F 47 -82.81 85.63 33.29
N LEU F 48 -82.15 84.70 32.58
CA LEU F 48 -81.62 84.96 31.26
C LEU F 48 -82.68 85.18 30.21
N TRP F 49 -83.87 84.62 30.38
CA TRP F 49 -84.86 84.62 29.32
C TRP F 49 -85.44 85.99 29.09
N LEU F 50 -86.01 86.62 30.11
CA LEU F 50 -86.52 87.96 29.96
C LEU F 50 -85.42 88.97 29.74
N ALA F 51 -84.28 88.77 30.38
CA ALA F 51 -83.17 89.70 30.25
C ALA F 51 -82.55 89.67 28.88
N ARG F 52 -82.73 88.58 28.13
CA ARG F 52 -82.21 88.53 26.78
C ARG F 52 -82.96 89.49 25.87
N ILE F 53 -84.28 89.53 25.98
CA ILE F 53 -85.04 90.42 25.10
C ILE F 53 -85.28 91.78 25.69
N LEU F 54 -85.13 91.95 27.01
CA LEU F 54 -85.30 93.27 27.60
C LEU F 54 -84.16 94.20 27.29
N ALA F 55 -83.00 93.66 26.92
CA ALA F 55 -81.91 94.49 26.44
C ALA F 55 -82.06 94.85 24.97
N ILE F 56 -83.16 94.44 24.35
CA ILE F 56 -83.41 94.74 22.96
C ILE F 56 -84.52 95.77 22.80
N VAL F 57 -85.63 95.59 23.51
CA VAL F 57 -86.81 96.41 23.30
C VAL F 57 -86.62 97.73 24.03
N GLY F 58 -86.85 98.84 23.33
CA GLY F 58 -86.86 100.15 23.96
C GLY F 58 -88.26 100.59 24.32
N PRO F 68 -85.26 102.15 20.95
CA PRO F 68 -83.95 102.79 20.91
C PRO F 68 -83.13 102.46 22.14
N VAL F 69 -83.23 103.30 23.16
CA VAL F 69 -82.58 103.02 24.42
C VAL F 69 -83.36 101.93 25.13
N PRO F 70 -82.76 100.79 25.42
CA PRO F 70 -83.47 99.73 26.15
C PRO F 70 -83.61 100.08 27.62
N PHE F 71 -84.18 99.14 28.35
CA PHE F 71 -84.50 99.41 29.74
C PHE F 71 -83.45 98.91 30.71
N VAL F 72 -82.88 97.74 30.48
CA VAL F 72 -81.92 97.16 31.40
C VAL F 72 -80.53 97.60 31.00
N GLU F 73 -79.75 98.00 31.98
CA GLU F 73 -78.34 98.27 31.76
C GLU F 73 -77.65 96.93 31.77
N LEU F 74 -77.30 96.45 30.58
CA LEU F 74 -76.54 95.22 30.47
C LEU F 74 -75.12 95.46 30.93
N LEU F 75 -74.81 95.13 32.15
CA LEU F 75 -73.41 95.16 32.50
C LEU F 75 -72.80 93.79 32.21
N PRO F 76 -71.57 93.76 31.71
CA PRO F 76 -70.90 92.48 31.54
C PRO F 76 -70.42 91.92 32.87
N PRO F 77 -70.66 90.65 33.14
CA PRO F 77 -69.98 90.03 34.27
C PRO F 77 -68.56 89.66 33.88
N ASP F 78 -67.67 90.67 33.87
CA ASP F 78 -66.35 90.54 33.25
C ASP F 78 -65.43 89.59 34.01
N MET F 79 -65.81 89.16 35.21
CA MET F 79 -65.11 88.06 35.84
C MET F 79 -65.39 86.75 35.11
N PHE F 80 -66.51 86.63 34.40
CA PHE F 80 -66.65 85.60 33.39
C PHE F 80 -66.04 86.00 32.06
N SER F 81 -65.34 87.12 32.01
CA SER F 81 -64.50 87.44 30.87
C SER F 81 -63.02 87.47 31.21
N THR F 82 -62.57 88.32 32.15
CA THR F 82 -61.12 88.50 32.27
C THR F 82 -60.43 87.52 33.22
N LYS F 83 -61.09 87.07 34.29
CA LYS F 83 -60.41 86.18 35.22
C LYS F 83 -60.62 84.73 34.88
N VAL F 84 -61.06 84.46 33.67
CA VAL F 84 -61.05 83.11 33.15
C VAL F 84 -60.47 83.02 31.74
N MET F 85 -60.38 84.15 31.03
CA MET F 85 -59.71 84.08 29.74
C MET F 85 -58.23 83.78 29.89
N ASN F 86 -57.62 84.33 30.92
CA ASN F 86 -56.26 83.99 31.28
C ASN F 86 -56.09 82.55 31.64
N ALA F 87 -56.97 81.99 32.49
CA ALA F 87 -56.82 80.62 32.94
C ALA F 87 -57.05 79.62 31.82
N ILE F 88 -57.82 79.97 30.80
CA ILE F 88 -57.97 79.08 29.66
C ILE F 88 -56.94 79.36 28.57
N LYS F 89 -56.25 80.50 28.64
CA LYS F 89 -55.16 80.72 27.71
C LYS F 89 -53.86 80.12 28.21
N THR F 90 -53.88 79.42 29.33
CA THR F 90 -52.68 78.70 29.70
C THR F 90 -52.75 77.20 29.48
N ASP F 91 -53.60 76.47 30.19
CA ASP F 91 -53.49 75.02 30.16
C ASP F 91 -54.88 74.39 30.14
N PRO F 92 -55.34 73.97 29.00
CA PRO F 92 -56.74 73.55 28.86
C PRO F 92 -56.95 72.09 29.21
N VAL F 93 -56.29 71.64 30.26
CA VAL F 93 -56.24 70.21 30.49
C VAL F 93 -57.12 69.91 31.69
N ALA F 94 -56.77 70.49 32.83
CA ALA F 94 -57.54 70.35 34.05
C ALA F 94 -57.86 71.76 34.51
N LEU F 95 -59.06 72.22 34.22
CA LEU F 95 -59.46 73.54 34.61
C LEU F 95 -60.77 73.49 35.36
N ASP F 96 -61.02 74.53 36.14
CA ASP F 96 -62.35 74.73 36.69
C ASP F 96 -63.21 75.32 35.58
N LEU F 97 -63.73 74.47 34.70
CA LEU F 97 -64.67 74.94 33.69
C LEU F 97 -66.09 74.91 34.21
N HIS F 98 -66.31 74.42 35.42
CA HIS F 98 -67.61 73.96 35.81
C HIS F 98 -68.18 74.66 37.02
N SER F 99 -67.41 74.85 38.08
CA SER F 99 -68.00 75.41 39.28
C SER F 99 -68.17 76.91 39.15
N ILE F 100 -67.54 77.52 38.15
CA ILE F 100 -67.87 78.88 37.81
C ILE F 100 -69.16 78.99 37.03
N ASN F 101 -69.48 78.02 36.18
CA ASN F 101 -70.69 78.07 35.38
C ASN F 101 -71.09 76.66 35.06
N SER F 102 -72.32 76.27 35.44
CA SER F 102 -72.72 74.87 35.32
C SER F 102 -72.89 74.44 33.87
N HIS F 103 -72.96 75.39 32.95
CA HIS F 103 -72.64 75.11 31.57
C HIS F 103 -71.69 76.18 31.14
N PHE F 104 -70.84 75.83 30.17
CA PHE F 104 -69.92 76.77 29.57
C PHE F 104 -70.25 76.93 28.08
N PHE F 105 -71.20 76.14 27.56
CA PHE F 105 -71.47 76.18 26.11
C PHE F 105 -72.60 77.04 25.51
N SER F 106 -73.82 76.92 25.99
CA SER F 106 -74.89 77.74 25.44
C SER F 106 -74.91 79.11 26.10
N LEU F 107 -74.40 79.20 27.31
CA LEU F 107 -74.20 80.50 27.92
C LEU F 107 -73.16 81.28 27.16
N ALA F 108 -72.16 80.60 26.59
CA ALA F 108 -71.27 81.32 25.70
C ALA F 108 -71.92 81.63 24.37
N ILE F 109 -72.86 80.79 23.92
CA ILE F 109 -73.52 81.04 22.65
C ILE F 109 -74.42 82.27 22.75
N LYS F 110 -75.30 82.30 23.76
CA LYS F 110 -76.25 83.38 23.82
C LYS F 110 -75.63 84.66 24.35
N TRP F 111 -74.42 84.56 24.92
CA TRP F 111 -73.67 85.77 25.19
C TRP F 111 -73.25 86.45 23.91
N ILE F 112 -72.70 85.70 22.97
CA ILE F 112 -72.06 86.33 21.81
C ILE F 112 -73.08 86.83 20.80
N MET F 113 -74.34 86.44 20.93
CA MET F 113 -75.33 86.91 19.98
C MET F 113 -75.66 88.38 20.16
N LEU F 114 -75.85 88.82 21.40
CA LEU F 114 -76.02 90.24 21.64
C LEU F 114 -74.72 91.01 21.53
N PHE F 115 -73.60 90.35 21.78
CA PHE F 115 -72.35 91.06 21.97
C PHE F 115 -71.62 91.25 20.66
N SER F 116 -71.55 90.19 19.87
CA SER F 116 -70.89 90.11 18.56
C SER F 116 -69.45 90.62 18.59
N GLU F 117 -68.61 90.05 19.43
CA GLU F 117 -67.21 90.42 19.47
C GLU F 117 -66.34 89.20 19.27
N LYS F 118 -65.51 89.27 18.24
CA LYS F 118 -64.68 88.16 17.81
C LYS F 118 -63.48 87.90 18.70
N GLU F 119 -63.31 88.68 19.77
CA GLU F 119 -62.15 88.52 20.64
C GLU F 119 -62.22 87.19 21.40
N LEU F 120 -63.24 87.03 22.23
CA LEU F 120 -63.38 85.76 22.93
C LEU F 120 -63.96 84.69 22.03
N ALA F 121 -64.53 85.06 20.90
CA ALA F 121 -65.04 84.08 19.95
C ALA F 121 -63.92 83.31 19.28
N ASN F 122 -62.71 83.86 19.28
CA ASN F 122 -61.58 83.05 18.88
C ASN F 122 -61.14 82.10 20.00
N VAL F 123 -61.17 82.56 21.25
CA VAL F 123 -60.39 81.88 22.26
C VAL F 123 -61.09 80.65 22.82
N VAL F 124 -62.41 80.52 22.67
CA VAL F 124 -63.00 79.26 23.08
C VAL F 124 -62.95 78.27 21.95
N SER F 125 -62.71 78.75 20.73
CA SER F 125 -62.52 77.85 19.61
C SER F 125 -61.20 77.13 19.70
N GLU F 126 -60.23 77.72 20.39
CA GLU F 126 -59.04 76.96 20.72
C GLU F 126 -59.32 75.94 21.79
N LEU F 127 -60.25 76.23 22.69
CA LEU F 127 -60.44 75.42 23.88
C LEU F 127 -61.02 74.06 23.55
N LEU F 128 -61.97 74.01 22.63
CA LEU F 128 -62.81 72.83 22.50
C LEU F 128 -62.07 71.66 21.89
N LEU F 129 -61.28 71.93 20.85
CA LEU F 129 -60.46 70.87 20.27
C LEU F 129 -59.43 70.36 21.26
N GLN F 130 -58.93 71.23 22.13
CA GLN F 130 -57.99 70.79 23.15
C GLN F 130 -58.65 69.91 24.18
N ARG F 131 -59.88 70.26 24.57
CA ARG F 131 -60.63 69.37 25.42
C ARG F 131 -61.02 68.11 24.68
N ALA F 132 -61.26 68.23 23.38
CA ALA F 132 -61.57 67.05 22.59
C ALA F 132 -60.35 66.18 22.40
N GLN F 133 -59.16 66.78 22.37
CA GLN F 133 -57.95 65.99 22.17
C GLN F 133 -57.72 65.06 23.34
N GLU F 134 -58.04 65.52 24.55
CA GLU F 134 -58.07 64.62 25.69
C GLU F 134 -59.10 63.53 25.49
N LEU F 135 -60.30 63.91 25.08
CA LEU F 135 -61.48 63.09 25.31
C LEU F 135 -61.49 61.82 24.50
N ASN F 136 -61.09 61.89 23.24
CA ASN F 136 -61.06 60.69 22.41
C ASN F 136 -60.03 59.71 22.92
N HIS F 137 -58.81 60.17 23.16
CA HIS F 137 -57.80 59.28 23.69
C HIS F 137 -57.84 59.21 25.21
N HIS F 138 -58.96 59.60 25.81
CA HIS F 138 -59.26 59.18 27.17
C HIS F 138 -60.42 58.19 27.18
N ALA F 139 -60.88 57.75 26.02
CA ALA F 139 -62.12 57.04 25.95
C ALA F 139 -61.99 55.56 25.64
N SER F 140 -60.80 55.03 25.49
CA SER F 140 -60.69 53.62 25.17
C SER F 140 -60.59 52.78 26.44
N SER F 141 -61.26 51.63 26.41
CA SER F 141 -61.28 50.70 27.53
C SER F 141 -61.07 49.28 27.04
N THR F 162 -63.76 64.24 44.93
CA THR F 162 -64.56 63.03 45.10
C THR F 162 -65.58 63.17 46.23
N SER F 163 -65.77 64.40 46.70
CA SER F 163 -66.79 64.70 47.70
C SER F 163 -67.86 65.60 47.10
N THR F 164 -67.48 66.78 46.63
CA THR F 164 -68.43 67.69 46.00
C THR F 164 -68.02 68.15 44.59
N PHE F 165 -66.96 68.94 44.52
CA PHE F 165 -66.45 69.55 43.29
C PHE F 165 -65.86 68.76 42.09
N LEU F 166 -65.06 67.74 42.35
CA LEU F 166 -64.32 67.02 41.29
C LEU F 166 -65.02 66.25 40.15
N LEU F 167 -66.10 65.53 40.45
CA LEU F 167 -66.79 64.74 39.45
C LEU F 167 -67.31 65.59 38.31
N LYS F 168 -67.71 66.85 38.55
CA LYS F 168 -68.40 67.56 37.48
C LYS F 168 -67.44 68.21 36.49
N LEU F 169 -66.15 68.23 36.81
CA LEU F 169 -65.14 68.30 35.76
C LEU F 169 -65.26 67.10 34.83
N GLU F 170 -65.38 65.91 35.42
CA GLU F 170 -65.53 64.69 34.63
C GLU F 170 -66.97 64.47 34.17
N GLU F 171 -67.89 65.40 34.48
CA GLU F 171 -69.32 65.16 34.18
C GLU F 171 -69.87 66.09 33.09
N MET F 172 -69.34 67.32 32.95
CA MET F 172 -69.76 68.14 31.82
C MET F 172 -69.28 67.53 30.51
N GLU F 173 -68.12 66.87 30.55
CA GLU F 173 -67.67 66.12 29.41
C GLU F 173 -68.49 64.86 29.13
N LYS F 174 -69.33 64.40 30.08
CA LYS F 174 -69.90 63.04 30.04
C LYS F 174 -70.79 62.81 28.83
N GLU F 175 -71.88 63.59 28.71
CA GLU F 175 -72.82 63.53 27.60
C GLU F 175 -72.14 63.58 26.25
N ILE F 176 -71.08 64.36 26.13
CA ILE F 176 -70.39 64.56 24.88
C ILE F 176 -69.70 63.28 24.43
N TYR F 177 -69.34 62.42 25.39
CA TYR F 177 -68.65 61.18 25.10
C TYR F 177 -69.38 59.96 25.62
N LYS F 178 -70.48 60.15 26.35
CA LYS F 178 -71.31 59.04 26.76
C LYS F 178 -71.79 58.22 25.59
N LYS F 179 -72.10 58.87 24.47
CA LYS F 179 -72.31 58.17 23.22
C LYS F 179 -71.07 57.47 22.72
N SER F 180 -69.92 58.13 22.78
CA SER F 180 -68.75 57.69 22.04
C SER F 180 -68.15 56.40 22.57
N HIS F 181 -67.98 56.29 23.88
CA HIS F 181 -67.34 55.06 24.37
C HIS F 181 -68.34 53.93 24.39
N GLU F 182 -69.62 54.26 24.43
CA GLU F 182 -70.63 53.22 24.25
C GLU F 182 -70.63 52.68 22.84
N SER F 183 -70.14 53.47 21.89
CA SER F 183 -69.88 52.88 20.59
C SER F 183 -68.70 51.93 20.64
N TYR F 184 -67.62 52.29 21.34
CA TYR F 184 -66.45 51.41 21.37
C TYR F 184 -66.72 50.17 22.17
N LYS F 185 -67.63 50.26 23.13
CA LYS F 185 -67.92 49.13 23.99
C LYS F 185 -68.53 47.99 23.20
N ASP F 186 -69.54 48.27 22.37
CA ASP F 186 -70.15 47.20 21.63
C ASP F 186 -69.26 46.73 20.50
N THR F 187 -68.45 47.62 19.94
CA THR F 187 -67.65 47.28 18.78
C THR F 187 -66.55 46.30 19.12
N LYS F 188 -66.10 46.28 20.37
CA LYS F 188 -65.31 45.14 20.78
C LYS F 188 -66.17 43.91 20.89
N ARG F 189 -67.37 44.05 21.47
CA ARG F 189 -68.14 42.86 21.85
C ARG F 189 -68.73 42.16 20.65
N TRP F 190 -68.76 42.81 19.50
CA TRP F 190 -68.95 42.02 18.31
C TRP F 190 -67.64 41.41 17.84
N MET F 191 -66.56 42.18 17.92
CA MET F 191 -65.30 41.77 17.31
C MET F 191 -64.67 40.56 18.01
N PHE F 192 -64.94 40.36 19.30
CA PHE F 192 -64.47 39.14 19.91
C PHE F 192 -65.57 38.10 19.82
N LYS F 193 -65.44 37.00 20.55
CA LYS F 193 -66.39 35.89 20.43
C LYS F 193 -67.81 36.26 20.86
N ILE G 3 -52.87 49.85 -32.35
CA ILE G 3 -54.21 49.91 -32.92
C ILE G 3 -55.23 49.27 -31.98
N ASN G 4 -56.27 50.02 -31.65
CA ASN G 4 -57.36 49.50 -30.83
C ASN G 4 -58.47 48.91 -31.69
N ILE G 5 -58.88 47.68 -31.38
CA ILE G 5 -59.92 47.00 -32.14
C ILE G 5 -61.05 46.52 -31.23
N ASP G 6 -61.05 46.98 -29.98
CA ASP G 6 -62.04 46.57 -28.99
C ASP G 6 -63.47 46.79 -29.45
N ASP G 7 -63.68 47.89 -30.19
CA ASP G 7 -65.00 48.21 -30.71
C ASP G 7 -65.40 47.25 -31.83
N ILE G 8 -64.42 46.80 -32.60
CA ILE G 8 -64.68 45.88 -33.69
C ILE G 8 -64.95 44.48 -33.15
N LEU G 9 -64.22 44.12 -32.10
CA LEU G 9 -64.40 42.84 -31.42
C LEU G 9 -65.77 42.73 -30.76
N ALA G 10 -66.22 43.85 -30.19
CA ALA G 10 -67.53 43.90 -29.54
C ALA G 10 -68.66 43.63 -30.52
N GLU G 11 -68.53 44.15 -31.74
CA GLU G 11 -69.52 43.92 -32.80
C GLU G 11 -69.61 42.45 -33.18
N LEU G 12 -68.47 41.76 -33.15
CA LEU G 12 -68.40 40.36 -33.51
C LEU G 12 -69.04 39.47 -32.45
N ASP G 13 -68.97 39.92 -31.20
CA ASP G 13 -69.53 39.16 -30.08
C ASP G 13 -71.07 39.21 -30.08
N LYS G 14 -71.61 40.36 -30.47
CA LYS G 14 -73.06 40.56 -30.44
C LYS G 14 -73.78 39.72 -31.49
N GLU G 15 -73.07 39.39 -32.57
CA GLU G 15 -73.64 38.61 -33.67
C GLU G 15 -74.20 37.27 -33.20
N VAL G 54 -84.24 47.11 -14.47
CA VAL G 54 -85.04 46.01 -14.97
C VAL G 54 -84.56 44.66 -14.39
N SER G 55 -83.25 44.45 -14.36
CA SER G 55 -82.70 43.22 -13.82
C SER G 55 -82.69 43.31 -12.31
N PRO G 56 -83.01 42.21 -11.61
CA PRO G 56 -83.23 42.28 -10.14
C PRO G 56 -82.00 42.67 -9.34
N GLN G 57 -80.80 42.39 -9.84
CA GLN G 57 -79.61 42.91 -9.19
C GLN G 57 -79.50 44.42 -9.37
N GLN G 58 -79.87 44.92 -10.55
CA GLN G 58 -79.95 46.37 -10.73
C GLN G 58 -81.12 46.96 -9.97
N ASP G 59 -82.14 46.16 -9.68
CA ASP G 59 -83.25 46.64 -8.88
C ASP G 59 -82.96 46.54 -7.39
N PHE G 60 -81.87 45.87 -7.01
CA PHE G 60 -81.55 45.72 -5.61
C PHE G 60 -80.42 46.65 -5.17
N SER G 61 -79.39 46.83 -5.99
CA SER G 61 -78.19 47.53 -5.56
C SER G 61 -78.45 49.00 -5.32
N ASP G 62 -79.35 49.59 -6.10
CA ASP G 62 -79.76 50.96 -5.88
C ASP G 62 -80.55 51.11 -4.60
N LEU G 63 -81.31 50.07 -4.22
CA LEU G 63 -82.06 50.10 -2.98
C LEU G 63 -81.14 50.16 -1.77
N MET G 64 -80.00 49.48 -1.85
CA MET G 64 -78.97 49.66 -0.84
C MET G 64 -78.41 51.07 -0.86
N LYS G 65 -78.23 51.64 -2.04
CA LYS G 65 -77.82 53.03 -2.11
C LYS G 65 -78.91 53.96 -1.61
N SER G 66 -80.17 53.54 -1.78
CA SER G 66 -81.25 54.28 -1.15
C SER G 66 -81.18 54.20 0.37
N TRP G 67 -81.15 52.99 0.90
CA TRP G 67 -81.29 52.79 2.34
C TRP G 67 -80.10 53.27 3.15
N LYS G 68 -78.89 53.13 2.61
CA LYS G 68 -77.71 53.51 3.36
C LYS G 68 -77.64 55.00 3.59
N ASN G 69 -78.04 55.80 2.61
CA ASN G 69 -78.02 57.23 2.82
C ASN G 69 -79.16 57.72 3.68
N GLU G 70 -80.09 56.86 4.03
CA GLU G 70 -81.15 57.31 4.92
C GLU G 70 -80.61 57.51 6.33
N ARG G 71 -79.74 56.63 6.80
CA ARG G 71 -79.52 56.48 8.23
C ARG G 71 -78.70 57.60 8.83
N CYS G 72 -78.29 58.59 8.05
CA CYS G 72 -77.63 59.76 8.59
C CYS G 72 -78.13 61.02 7.92
N SER G 73 -79.33 60.97 7.43
CA SER G 73 -79.83 62.10 6.68
C SER G 73 -80.34 63.18 7.62
N PRO G 74 -80.08 64.44 7.31
CA PRO G 74 -80.63 65.52 8.14
C PRO G 74 -82.06 65.85 7.81
N GLU G 75 -82.43 65.85 6.53
CA GLU G 75 -83.80 66.11 6.16
C GLU G 75 -84.32 64.97 5.31
N LEU G 76 -85.59 65.02 4.97
CA LEU G 76 -86.24 63.88 4.34
C LEU G 76 -85.90 63.84 2.86
N LEU G 77 -85.98 62.64 2.30
CA LEU G 77 -85.71 62.54 0.88
C LEU G 77 -86.95 62.04 0.14
N PRO G 78 -87.04 62.27 -1.16
CA PRO G 78 -88.19 61.74 -1.91
C PRO G 78 -88.28 60.23 -1.91
N TYR G 79 -89.43 59.75 -1.48
CA TYR G 79 -89.74 58.33 -1.42
C TYR G 79 -89.85 57.74 -2.81
N PRO G 80 -88.90 56.95 -3.26
CA PRO G 80 -88.95 56.43 -4.64
C PRO G 80 -89.94 55.28 -4.75
N HIS G 81 -91.22 55.66 -4.84
CA HIS G 81 -92.34 54.74 -4.84
C HIS G 81 -92.40 53.85 -6.07
N GLN G 82 -91.83 54.28 -7.19
CA GLN G 82 -92.02 53.59 -8.45
C GLN G 82 -91.32 52.24 -8.46
N LEU G 83 -90.06 52.23 -8.04
CA LEU G 83 -89.31 50.99 -7.93
C LEU G 83 -89.78 50.12 -6.79
N MET G 84 -90.36 50.72 -5.75
CA MET G 84 -90.73 49.93 -4.57
C MET G 84 -91.90 49.01 -4.87
N LYS G 85 -92.95 49.55 -5.49
CA LYS G 85 -94.08 48.72 -5.90
C LYS G 85 -93.70 47.72 -6.98
N ARG G 86 -92.65 48.00 -7.76
CA ARG G 86 -92.21 47.12 -8.82
C ARG G 86 -91.65 45.83 -8.25
N LEU G 87 -90.92 45.92 -7.15
CA LEU G 87 -90.46 44.73 -6.47
C LEU G 87 -91.44 44.25 -5.42
N LEU G 88 -92.39 45.10 -5.02
CA LEU G 88 -93.39 44.67 -4.06
C LEU G 88 -94.33 43.63 -4.69
N ASN G 89 -94.47 43.67 -6.00
CA ASN G 89 -95.03 42.53 -6.70
C ASN G 89 -94.13 41.32 -6.62
N ARG G 90 -92.81 41.51 -6.66
CA ARG G 90 -91.90 40.36 -6.74
C ARG G 90 -91.87 39.59 -5.43
N ILE G 91 -91.92 40.30 -4.31
CA ILE G 91 -91.91 39.64 -3.02
C ILE G 91 -93.19 38.90 -2.75
N SER G 92 -94.27 39.25 -3.45
CA SER G 92 -95.46 38.41 -3.39
C SER G 92 -95.27 37.14 -4.18
N MET G 93 -94.51 37.20 -5.27
CA MET G 93 -94.49 36.09 -6.22
C MET G 93 -93.65 34.93 -5.71
N GLN G 94 -92.43 35.21 -5.27
CA GLN G 94 -91.55 34.12 -4.87
C GLN G 94 -91.98 33.52 -3.54
N SER G 95 -92.72 34.28 -2.74
CA SER G 95 -93.39 33.69 -1.59
C SER G 95 -94.45 32.69 -2.04
N GLN G 96 -95.14 32.99 -3.13
CA GLN G 96 -96.07 32.04 -3.69
C GLN G 96 -95.39 30.96 -4.50
N LEU G 97 -94.19 31.23 -5.03
CA LEU G 97 -93.46 30.20 -5.75
C LEU G 97 -93.01 29.10 -4.82
N ILE G 98 -92.45 29.46 -3.67
CA ILE G 98 -92.03 28.45 -2.70
C ILE G 98 -93.22 27.87 -1.96
N GLU G 99 -94.38 28.50 -2.06
CA GLU G 99 -95.57 28.02 -1.39
C GLU G 99 -96.03 26.69 -1.98
N ASN G 100 -96.01 26.58 -3.30
CA ASN G 100 -96.46 25.35 -3.94
C ASN G 100 -95.37 24.30 -4.01
N ILE G 101 -94.12 24.73 -4.22
CA ILE G 101 -93.07 23.78 -4.57
C ILE G 101 -92.55 23.05 -3.34
N SER G 102 -92.79 23.61 -2.17
CA SER G 102 -92.67 22.81 -0.96
C SER G 102 -93.79 21.80 -0.86
N MET G 103 -95.02 22.21 -1.17
CA MET G 103 -96.16 21.29 -1.09
C MET G 103 -96.08 20.22 -2.15
N GLY G 104 -95.47 20.52 -3.30
CA GLY G 104 -95.16 19.48 -4.25
C GLY G 104 -94.08 18.54 -3.77
N PHE G 105 -93.22 19.03 -2.86
CA PHE G 105 -92.18 18.15 -2.30
C PHE G 105 -92.72 17.27 -1.19
N LEU G 106 -93.76 17.73 -0.50
CA LEU G 106 -94.40 16.90 0.52
C LEU G 106 -95.18 15.74 -0.08
N ASP G 107 -95.89 15.99 -1.18
CA ASP G 107 -96.71 14.94 -1.79
C ASP G 107 -95.86 13.91 -2.52
N MET G 108 -94.68 14.31 -3.00
CA MET G 108 -93.78 13.37 -3.66
C MET G 108 -92.94 12.58 -2.66
N GLN G 109 -93.01 12.91 -1.37
CA GLN G 109 -92.27 12.20 -0.33
C GLN G 109 -93.09 10.99 0.12
N ASN G 110 -93.12 9.98 -0.76
CA ASN G 110 -93.73 8.66 -0.51
C ASN G 110 -95.20 8.69 -0.07
N GLU G 121 -85.15 14.41 -0.61
CA GLU G 121 -83.83 14.08 -1.12
C GLU G 121 -82.87 15.24 -0.88
N SER G 122 -82.84 16.19 -1.80
CA SER G 122 -81.97 17.36 -1.69
C SER G 122 -82.65 18.39 -0.79
N LYS G 123 -81.92 18.87 0.20
CA LYS G 123 -82.43 19.90 1.10
C LYS G 123 -81.72 21.22 0.85
N LEU G 124 -80.87 21.26 -0.17
CA LEU G 124 -80.29 22.52 -0.62
C LEU G 124 -81.32 23.55 -1.09
N PRO G 125 -82.11 23.29 -2.15
CA PRO G 125 -82.74 24.42 -2.84
C PRO G 125 -83.89 25.05 -2.09
N LEU G 126 -84.31 24.45 -0.98
CA LEU G 126 -85.35 25.07 -0.18
C LEU G 126 -84.77 26.14 0.72
N LEU G 127 -83.72 25.82 1.46
CA LEU G 127 -83.26 26.66 2.56
C LEU G 127 -82.67 27.97 2.07
N CYS G 128 -82.01 27.95 0.92
CA CYS G 128 -81.49 29.19 0.36
C CYS G 128 -82.61 30.10 -0.08
N MET G 129 -83.66 29.53 -0.67
CA MET G 129 -84.78 30.33 -1.11
C MET G 129 -85.55 30.92 0.04
N GLU G 130 -85.60 30.22 1.17
CA GLU G 130 -86.36 30.71 2.32
C GLU G 130 -85.67 31.90 2.95
N THR G 131 -84.36 31.85 3.07
CA THR G 131 -83.64 32.94 3.71
C THR G 131 -83.48 34.14 2.80
N GLU G 132 -83.46 33.96 1.50
CA GLU G 132 -83.15 35.07 0.61
C GLU G 132 -84.27 36.08 0.55
N LEU G 133 -85.52 35.64 0.60
CA LEU G 133 -86.62 36.59 0.54
C LEU G 133 -86.72 37.42 1.80
N GLU G 134 -86.50 36.81 2.96
CA GLU G 134 -86.74 37.53 4.20
C GLU G 134 -85.65 38.54 4.48
N ARG G 135 -84.44 38.30 3.95
CA ARG G 135 -83.39 39.28 4.12
C ARG G 135 -83.70 40.55 3.34
N LEU G 136 -84.22 40.42 2.12
CA LEU G 136 -84.77 41.60 1.47
C LEU G 136 -86.00 42.10 2.19
N LYS G 137 -86.78 41.20 2.77
CA LYS G 137 -87.91 41.65 3.56
C LYS G 137 -87.44 42.33 4.84
N PHE G 138 -86.27 41.96 5.34
CA PHE G 138 -85.73 42.63 6.51
C PHE G 138 -85.35 44.07 6.20
N VAL G 139 -84.88 44.33 4.99
CA VAL G 139 -84.33 45.63 4.65
C VAL G 139 -85.41 46.69 4.62
N ILE G 140 -86.55 46.37 3.99
CA ILE G 140 -87.62 47.35 3.95
C ILE G 140 -88.33 47.46 5.28
N ARG G 141 -88.11 46.51 6.18
CA ARG G 141 -88.70 46.61 7.51
C ARG G 141 -88.07 47.75 8.28
N SER G 142 -86.75 47.88 8.19
CA SER G 142 -86.12 49.06 8.76
C SER G 142 -86.43 50.31 7.96
N TYR G 143 -86.57 50.17 6.64
CA TYR G 143 -86.55 51.33 5.76
C TYR G 143 -87.82 52.16 5.91
N ILE G 144 -88.92 51.53 6.27
CA ILE G 144 -90.12 52.32 6.45
C ILE G 144 -90.28 52.79 7.88
N ARG G 145 -89.57 52.18 8.83
CA ARG G 145 -89.73 52.60 10.21
C ARG G 145 -89.00 53.90 10.47
N CYS G 146 -87.86 54.09 9.81
CA CYS G 146 -87.13 55.33 9.99
C CYS G 146 -87.84 56.48 9.32
N ARG G 147 -88.69 56.20 8.33
CA ARG G 147 -89.56 57.23 7.79
C ARG G 147 -90.50 57.74 8.87
N LEU G 148 -91.03 56.84 9.69
CA LEU G 148 -91.87 57.26 10.79
C LEU G 148 -91.06 58.03 11.82
N SER G 149 -89.82 57.63 12.05
CA SER G 149 -89.04 58.25 13.10
C SER G 149 -88.52 59.61 12.70
N LYS G 150 -88.52 59.92 11.41
CA LYS G 150 -88.15 61.26 11.00
C LYS G 150 -89.35 62.18 10.87
N ILE G 151 -90.52 61.62 10.61
CA ILE G 151 -91.68 62.44 10.30
C ILE G 151 -92.20 63.14 11.53
N ASP G 152 -92.25 62.42 12.64
CA ASP G 152 -92.86 62.90 13.88
C ASP G 152 -92.14 64.11 14.45
N LYS G 153 -90.80 64.09 14.41
CA LYS G 153 -90.06 65.25 14.85
C LYS G 153 -90.24 66.43 13.90
N PHE G 154 -90.38 66.15 12.61
CA PHE G 154 -90.39 67.19 11.60
C PHE G 154 -91.79 67.66 11.26
N SER G 155 -92.79 67.18 12.00
CA SER G 155 -94.19 67.23 11.57
C SER G 155 -94.71 68.65 11.45
N LEU G 156 -94.48 69.47 12.46
CA LEU G 156 -94.94 70.85 12.42
C LEU G 156 -94.24 71.66 11.36
N TYR G 157 -93.05 71.26 10.95
CA TYR G 157 -92.40 71.95 9.86
C TYR G 157 -93.04 71.61 8.52
N LEU G 158 -93.15 70.32 8.22
CA LEU G 158 -93.65 69.88 6.92
C LEU G 158 -95.12 70.23 6.75
N ARG G 159 -95.89 70.21 7.85
CA ARG G 159 -97.26 70.67 7.79
C ARG G 159 -97.32 72.14 7.46
N GLN G 160 -96.43 72.93 8.08
CA GLN G 160 -96.30 74.34 7.74
C GLN G 160 -95.79 74.53 6.34
N LEU G 161 -94.97 73.60 5.84
CA LEU G 161 -94.63 73.63 4.43
C LEU G 161 -95.85 73.34 3.57
N ASN G 162 -96.70 72.43 4.00
CA ASN G 162 -97.89 72.20 3.20
C ASN G 162 -99.02 73.14 3.56
N GLU G 163 -98.91 73.86 4.68
CA GLU G 163 -99.91 74.86 5.01
C GLU G 163 -99.88 76.04 4.04
N ASP G 164 -98.69 76.53 3.73
CA ASP G 164 -98.57 77.60 2.73
C ASP G 164 -98.52 76.99 1.35
N GLU G 165 -98.27 77.80 0.33
CA GLU G 165 -98.17 77.35 -1.04
C GLU G 165 -96.77 77.62 -1.53
N ASN G 166 -95.90 76.63 -1.41
CA ASN G 166 -94.51 76.74 -1.80
C ASN G 166 -94.21 75.77 -2.93
N SER G 167 -92.92 75.67 -3.26
CA SER G 167 -92.47 74.85 -4.37
C SER G 167 -92.65 73.36 -4.09
N LEU G 168 -92.38 72.90 -2.88
CA LEU G 168 -92.47 71.48 -2.59
C LEU G 168 -93.92 71.11 -2.28
N ILE G 169 -94.29 69.89 -2.64
CA ILE G 169 -95.59 69.34 -2.33
C ILE G 169 -95.41 67.99 -1.64
N SER G 170 -96.33 67.69 -0.73
CA SER G 170 -96.32 66.42 0.00
C SER G 170 -97.09 65.38 -0.79
N LEU G 171 -96.62 65.12 -2.00
CA LEU G 171 -97.35 64.30 -2.95
C LEU G 171 -96.67 62.92 -3.03
N THR G 172 -97.04 62.05 -3.97
CA THR G 172 -96.71 60.62 -4.00
C THR G 172 -95.22 60.33 -4.01
N ASP G 173 -94.42 61.14 -4.69
CA ASP G 173 -93.00 60.85 -4.71
C ASP G 173 -92.31 61.34 -3.43
N LEU G 174 -92.99 62.15 -2.63
CA LEU G 174 -92.49 62.53 -1.31
C LEU G 174 -92.90 61.57 -0.22
N LEU G 175 -94.19 61.22 -0.15
CA LEU G 175 -94.70 60.28 0.82
C LEU G 175 -95.80 59.46 0.16
N SER G 176 -95.97 58.23 0.62
CA SER G 176 -97.00 57.32 0.11
C SER G 176 -98.26 57.53 0.94
N LYS G 177 -99.24 56.63 0.88
CA LYS G 177 -100.55 56.86 1.47
C LYS G 177 -100.59 56.76 2.98
N ASP G 178 -100.14 55.64 3.55
CA ASP G 178 -100.43 55.35 4.95
C ASP G 178 -99.74 56.29 5.92
N GLU G 179 -98.57 56.82 5.58
CA GLU G 179 -97.89 57.69 6.51
C GLU G 179 -98.47 59.09 6.56
N ILE G 180 -99.01 59.62 5.46
CA ILE G 180 -99.73 60.87 5.60
C ILE G 180 -101.11 60.62 6.14
N LYS G 181 -101.61 59.41 6.01
CA LYS G 181 -102.72 58.99 6.85
C LYS G 181 -102.28 58.85 8.30
N TYR G 182 -101.06 58.37 8.53
CA TYR G 182 -100.54 58.36 9.89
C TYR G 182 -100.30 59.77 10.38
N HIS G 183 -99.75 60.62 9.54
CA HIS G 183 -99.32 61.95 9.95
C HIS G 183 -100.47 62.80 10.41
N ASP G 184 -101.54 62.87 9.63
CA ASP G 184 -102.65 63.74 9.98
C ASP G 184 -103.37 63.20 11.20
N THR G 185 -103.41 61.88 11.35
CA THR G 185 -104.11 61.31 12.49
C THR G 185 -103.34 61.47 13.79
N HIS G 186 -102.03 61.22 13.76
CA HIS G 186 -101.27 61.26 15.00
C HIS G 186 -101.07 62.69 15.47
N SER G 187 -100.84 63.62 14.54
CA SER G 187 -100.69 65.02 14.90
C SER G 187 -101.99 65.60 15.41
N LEU G 188 -103.11 65.04 14.98
CA LEU G 188 -104.39 65.40 15.59
C LEU G 188 -104.45 64.95 17.03
N ILE G 189 -104.18 63.68 17.30
CA ILE G 189 -104.40 63.15 18.64
C ILE G 189 -103.35 63.64 19.63
N TRP G 190 -102.17 64.03 19.13
CA TRP G 190 -101.20 64.69 19.99
C TRP G 190 -101.74 66.02 20.46
N LEU G 191 -102.46 66.72 19.58
CA LEU G 191 -103.06 67.98 19.95
C LEU G 191 -104.20 67.77 20.94
N LYS G 192 -104.80 66.58 20.94
CA LYS G 192 -105.85 66.31 21.89
C LYS G 192 -105.31 65.79 23.21
N LEU G 193 -104.00 65.66 23.32
CA LEU G 193 -103.41 65.49 24.64
C LEU G 193 -103.11 66.83 25.26
N VAL G 194 -102.58 67.76 24.49
CA VAL G 194 -102.20 69.05 25.01
C VAL G 194 -103.41 69.88 25.43
N ASN G 195 -104.47 69.84 24.63
CA ASN G 195 -105.52 70.84 24.74
C ASN G 195 -106.40 70.69 25.95
N ASP G 196 -106.72 69.47 26.38
CA ASP G 196 -107.77 69.27 27.37
C ASP G 196 -107.24 68.94 28.75
N SER G 197 -105.95 68.67 28.89
CA SER G 197 -105.43 68.27 30.18
C SER G 197 -104.31 69.21 30.62
N ILE G 198 -103.85 70.07 29.71
CA ILE G 198 -102.81 71.05 29.98
C ILE G 198 -103.24 72.45 29.61
N LEU G 199 -103.76 72.63 28.40
CA LEU G 199 -104.10 73.94 27.88
C LEU G 199 -105.53 74.36 28.22
N LYS G 200 -106.06 73.87 29.33
CA LYS G 200 -107.31 74.40 29.86
C LYS G 200 -107.15 75.83 30.35
N TYR G 201 -105.97 76.23 30.77
CA TYR G 201 -105.74 77.59 31.20
C TYR G 201 -104.85 78.31 30.21
N MET G 202 -105.11 78.11 28.95
CA MET G 202 -104.38 78.82 27.91
C MET G 202 -104.99 80.20 27.70
N PRO G 203 -104.22 81.26 27.80
CA PRO G 203 -104.73 82.58 27.43
C PRO G 203 -104.82 82.78 25.93
N GLU G 204 -105.13 84.00 25.51
CA GLU G 204 -105.53 84.23 24.12
C GLU G 204 -104.39 84.61 23.19
N GLU G 205 -103.17 84.15 23.47
CA GLU G 205 -102.07 84.35 22.54
C GLU G 205 -101.36 83.06 22.20
N LEU G 206 -101.86 81.91 22.65
CA LEU G 206 -101.14 80.67 22.47
C LEU G 206 -101.98 79.70 21.65
N GLN G 207 -102.58 80.22 20.58
CA GLN G 207 -103.64 79.51 19.87
C GLN G 207 -103.10 78.33 19.08
N ALA G 208 -102.34 78.60 18.03
CA ALA G 208 -101.71 77.52 17.28
C ALA G 208 -100.30 77.31 17.81
N ILE G 209 -99.87 76.07 17.78
CA ILE G 209 -98.53 75.72 18.25
C ILE G 209 -97.59 76.07 17.09
N ASN G 210 -97.15 77.31 17.09
CA ASN G 210 -96.15 77.82 16.17
C ASN G 210 -95.41 78.93 16.91
N ASP G 211 -94.54 79.65 16.22
CA ASP G 211 -93.75 80.69 16.85
C ASP G 211 -94.15 82.04 16.32
N THR G 212 -94.47 82.96 17.22
CA THR G 212 -94.42 84.37 16.89
C THR G 212 -92.97 84.86 16.94
N GLU G 213 -92.42 84.91 18.15
CA GLU G 213 -91.08 85.43 18.40
C GLU G 213 -90.65 85.04 19.80
N GLY G 214 -89.38 85.29 20.09
CA GLY G 214 -88.81 84.87 21.34
C GLY G 214 -88.04 83.58 21.15
N SER G 215 -88.62 82.48 21.59
CA SER G 215 -87.99 81.18 21.43
C SER G 215 -88.58 80.50 20.20
N VAL G 216 -87.86 80.55 19.09
CA VAL G 216 -88.28 79.93 17.85
C VAL G 216 -87.66 78.55 17.80
N ASN G 217 -88.26 77.58 18.50
CA ASN G 217 -87.73 76.23 18.45
C ASN G 217 -88.70 75.19 17.92
N MET G 218 -90.00 75.47 17.97
CA MET G 218 -91.02 74.55 17.52
C MET G 218 -91.16 74.49 16.01
N ILE G 219 -90.37 75.27 15.27
CA ILE G 219 -90.70 75.49 13.86
C ILE G 219 -89.98 74.50 12.97
N ASP G 220 -88.66 74.57 12.91
CA ASP G 220 -87.92 73.82 11.90
C ASP G 220 -86.70 73.20 12.54
N GLU G 221 -86.16 72.23 11.88
CA GLU G 221 -84.85 71.71 12.11
C GLU G 221 -83.87 72.38 11.17
N PRO G 222 -83.10 73.35 11.67
CA PRO G 222 -82.04 73.95 10.85
C PRO G 222 -80.72 73.22 11.06
N ASP G 223 -80.74 71.92 10.84
CA ASP G 223 -79.57 71.07 10.98
C ASP G 223 -78.79 71.02 9.67
N TRP G 224 -78.92 72.05 8.86
CA TRP G 224 -78.53 72.02 7.47
C TRP G 224 -77.02 72.10 7.28
N ASN G 225 -76.25 72.24 8.35
CA ASN G 225 -74.81 72.19 8.27
C ASN G 225 -74.23 71.04 9.07
N LYS G 226 -75.05 70.06 9.41
CA LYS G 226 -74.58 68.81 9.99
C LYS G 226 -73.65 68.12 8.99
N PHE G 227 -72.66 67.42 9.51
CA PHE G 227 -71.60 66.86 8.70
C PHE G 227 -71.84 65.38 8.52
N VAL G 228 -71.56 64.88 7.32
CA VAL G 228 -71.72 63.48 6.96
C VAL G 228 -70.48 63.10 6.16
N PHE G 229 -69.97 61.89 6.33
CA PHE G 229 -68.91 61.43 5.46
C PHE G 229 -69.46 61.13 4.07
N ILE G 230 -68.69 61.49 3.06
CA ILE G 230 -69.12 61.34 1.67
C ILE G 230 -68.09 60.50 0.94
N HIS G 231 -68.55 59.47 0.25
CA HIS G 231 -67.70 58.71 -0.65
C HIS G 231 -68.06 59.08 -2.07
N VAL G 232 -67.04 59.28 -2.90
CA VAL G 232 -67.24 59.85 -4.23
C VAL G 232 -67.17 58.76 -5.29
N ASN G 233 -68.22 58.66 -6.10
CA ASN G 233 -68.38 57.57 -7.06
C ASN G 233 -68.84 58.10 -8.40
N GLY G 234 -68.19 59.15 -8.90
CA GLY G 234 -68.54 59.70 -10.18
C GLY G 234 -68.26 58.73 -11.30
N PRO G 235 -69.24 58.49 -12.18
CA PRO G 235 -69.06 57.52 -13.26
C PRO G 235 -68.05 58.02 -14.28
N PRO G 236 -66.93 57.33 -14.45
CA PRO G 236 -65.84 57.87 -15.27
C PRO G 236 -66.14 57.78 -16.76
N ASP G 237 -66.27 58.93 -17.35
CA ASP G 237 -66.52 59.14 -18.76
C ASP G 237 -65.60 60.20 -19.36
N GLY G 238 -64.79 60.85 -18.55
CA GLY G 238 -63.84 61.84 -19.02
C GLY G 238 -62.43 61.56 -18.54
N GLU G 248 -66.65 63.64 -20.19
CA GLU G 248 -68.03 64.02 -20.46
C GLU G 248 -68.24 65.51 -20.23
N ASN G 249 -68.14 65.97 -18.98
CA ASN G 249 -68.27 67.38 -18.66
C ASN G 249 -67.05 67.82 -17.86
N GLU G 250 -65.85 67.49 -18.34
CA GLU G 250 -64.64 67.51 -17.53
C GLU G 250 -64.21 68.94 -17.18
N PHE G 251 -64.07 69.22 -15.88
CA PHE G 251 -63.71 70.55 -15.40
C PHE G 251 -62.49 70.57 -14.50
N GLY G 252 -62.00 69.42 -14.03
CA GLY G 252 -60.87 69.44 -13.10
C GLY G 252 -59.61 68.80 -13.66
N LYS G 253 -58.53 68.82 -12.89
CA LYS G 253 -57.31 68.20 -13.41
C LYS G 253 -57.33 66.68 -13.27
N PRO G 254 -57.53 66.04 -12.06
CA PRO G 254 -57.59 64.57 -12.07
C PRO G 254 -58.89 64.08 -12.70
N CYS G 255 -60.02 64.57 -12.20
CA CYS G 255 -61.32 64.23 -12.76
C CYS G 255 -62.26 65.42 -12.66
N TYR G 256 -63.51 65.23 -13.07
CA TYR G 256 -64.52 66.28 -13.00
C TYR G 256 -65.25 66.16 -11.67
N THR G 257 -64.88 67.02 -10.72
CA THR G 257 -65.68 67.28 -9.53
C THR G 257 -65.81 68.79 -9.41
N VAL G 258 -66.75 69.25 -8.59
CA VAL G 258 -66.99 70.67 -8.38
C VAL G 258 -67.17 70.86 -6.89
N THR G 259 -66.94 72.08 -6.40
CA THR G 259 -67.53 72.51 -5.13
C THR G 259 -67.61 74.03 -5.11
N ILE G 260 -68.40 74.53 -4.15
CA ILE G 260 -68.51 75.95 -3.84
C ILE G 260 -69.00 76.11 -2.40
N PRO G 261 -68.23 76.72 -1.52
CA PRO G 261 -68.74 76.99 -0.18
C PRO G 261 -69.59 78.23 -0.13
N ASP G 262 -69.92 78.66 1.08
CA ASP G 262 -70.43 80.01 1.25
C ASP G 262 -69.30 80.98 1.60
N LEU G 263 -68.18 80.48 2.10
CA LEU G 263 -67.11 81.34 2.58
C LEU G 263 -65.75 80.96 2.00
N LYS G 264 -65.48 79.67 1.94
CA LYS G 264 -64.11 79.22 1.81
C LYS G 264 -63.71 79.11 0.34
N GLU G 265 -62.47 78.68 0.12
CA GLU G 265 -61.96 78.40 -1.21
C GLU G 265 -62.64 77.14 -1.73
N GLU G 266 -62.62 76.95 -3.04
CA GLU G 266 -63.42 75.92 -3.68
C GLU G 266 -62.57 74.66 -3.86
N VAL G 267 -61.95 74.24 -2.77
CA VAL G 267 -61.17 73.02 -2.74
C VAL G 267 -62.13 71.85 -2.75
N GLU G 268 -62.00 71.01 -3.78
CA GLU G 268 -63.02 70.01 -4.07
C GLU G 268 -62.47 68.61 -3.88
N LEU G 269 -63.29 67.63 -4.21
CA LEU G 269 -62.95 66.23 -4.17
C LEU G 269 -62.25 65.84 -5.48
N THR G 270 -61.52 64.74 -5.50
CA THR G 270 -60.88 64.35 -6.73
C THR G 270 -61.61 63.17 -7.38
N ILE G 271 -61.54 61.97 -6.83
CA ILE G 271 -62.23 60.84 -7.43
C ILE G 271 -62.85 59.91 -6.39
N GLY G 272 -62.04 59.47 -5.43
CA GLY G 272 -62.46 58.43 -4.50
C GLY G 272 -61.96 58.65 -3.09
N SER G 273 -61.77 59.91 -2.70
CA SER G 273 -61.34 60.22 -1.35
C SER G 273 -62.56 60.63 -0.54
N ILE G 274 -62.47 60.42 0.77
CA ILE G 274 -63.62 60.59 1.66
C ILE G 274 -63.51 61.90 2.39
N TYR G 275 -64.26 62.90 1.99
CA TYR G 275 -64.14 64.19 2.67
C TYR G 275 -65.33 64.43 3.56
N VAL G 276 -65.21 65.43 4.43
CA VAL G 276 -66.24 65.77 5.39
C VAL G 276 -66.71 67.18 5.07
N MET G 277 -68.01 67.35 4.85
CA MET G 277 -68.55 68.65 4.49
C MET G 277 -69.90 68.85 5.14
N ARG G 278 -70.46 70.05 4.95
CA ARG G 278 -71.81 70.38 5.38
C ARG G 278 -72.82 69.80 4.38
N TYR G 279 -74.07 70.22 4.47
CA TYR G 279 -75.10 69.47 3.78
C TYR G 279 -75.68 70.17 2.56
N GLU G 280 -75.84 71.50 2.59
CA GLU G 280 -76.35 72.17 1.38
C GLU G 280 -75.32 72.13 0.28
N VAL G 281 -74.04 72.17 0.64
CA VAL G 281 -72.97 72.07 -0.34
C VAL G 281 -72.86 70.70 -0.96
N ILE G 282 -73.56 69.71 -0.41
CA ILE G 282 -73.64 68.38 -0.98
C ILE G 282 -75.08 68.04 -1.36
N ARG G 283 -76.00 68.97 -1.14
CA ARG G 283 -77.40 68.74 -1.46
C ARG G 283 -77.61 68.61 -2.96
N ASP G 284 -76.90 69.40 -3.76
CA ASP G 284 -77.10 69.41 -5.19
C ASP G 284 -76.63 68.14 -5.88
N LEU G 285 -75.46 67.63 -5.51
CA LEU G 285 -74.89 66.49 -6.21
C LEU G 285 -75.49 65.17 -5.77
N LEU G 286 -76.50 65.18 -4.92
CA LEU G 286 -77.19 63.94 -4.63
C LEU G 286 -78.49 63.82 -5.40
N ARG G 287 -78.92 64.91 -6.03
CA ARG G 287 -80.06 64.84 -6.94
C ARG G 287 -79.70 64.01 -8.16
N ASP G 288 -78.69 64.43 -8.90
CA ASP G 288 -78.02 63.55 -9.86
C ASP G 288 -77.19 62.61 -9.02
N ASP G 289 -77.65 61.37 -8.89
CA ASP G 289 -77.07 60.46 -7.91
C ASP G 289 -75.72 59.94 -8.39
N LYS G 290 -74.70 60.79 -8.30
CA LYS G 290 -73.37 60.43 -8.73
C LYS G 290 -72.40 60.25 -7.58
N VAL G 291 -72.76 60.57 -6.36
CA VAL G 291 -71.81 60.56 -5.26
C VAL G 291 -72.49 60.05 -3.99
N ALA G 292 -71.93 59.00 -3.41
CA ALA G 292 -72.65 58.23 -2.41
C ALA G 292 -72.33 58.74 -1.00
N LEU G 293 -72.75 57.98 0.00
CA LEU G 293 -72.54 58.34 1.39
C LEU G 293 -71.72 57.29 2.13
N ILE H 5 -79.64 -7.77 14.92
CA ILE H 5 -80.32 -7.81 13.63
C ILE H 5 -80.18 -6.45 12.94
N SER H 6 -79.80 -5.43 13.71
CA SER H 6 -79.75 -4.06 13.21
C SER H 6 -78.31 -3.72 12.89
N GLN H 7 -77.95 -3.77 11.60
CA GLN H 7 -76.61 -3.32 11.22
C GLN H 7 -76.49 -1.82 11.40
N PHE H 8 -75.34 -1.39 11.90
CA PHE H 8 -75.21 -0.07 12.50
C PHE H 8 -75.35 1.05 11.47
N SER H 9 -74.86 0.85 10.26
CA SER H 9 -75.01 1.87 9.24
C SER H 9 -76.46 1.98 8.77
N GLU H 10 -77.21 0.88 8.86
CA GLU H 10 -78.54 0.83 8.27
C GLU H 10 -79.55 1.67 9.01
N ALA H 11 -79.52 1.65 10.34
CA ALA H 11 -80.50 2.40 11.11
C ALA H 11 -80.29 3.89 10.97
N TYR H 12 -79.04 4.31 10.75
CA TYR H 12 -78.76 5.74 10.60
C TYR H 12 -79.35 6.30 9.32
N ASN H 13 -79.13 5.61 8.20
CA ASN H 13 -79.75 6.02 6.94
C ASN H 13 -81.25 5.86 6.99
N LYS H 14 -81.73 4.85 7.72
CA LYS H 14 -83.17 4.64 7.82
C LYS H 14 -83.84 5.73 8.63
N ILE H 15 -83.20 6.13 9.74
CA ILE H 15 -83.73 7.23 10.52
C ILE H 15 -83.45 8.58 9.88
N LEU H 16 -82.59 8.63 8.89
CA LEU H 16 -82.38 9.88 8.17
C LEU H 16 -83.59 10.27 7.35
N ARG H 17 -84.05 9.38 6.48
CA ARG H 17 -85.14 9.68 5.56
C ARG H 17 -86.50 9.79 6.23
N ASN H 18 -86.62 9.35 7.48
CA ASN H 18 -87.94 9.31 8.09
C ASN H 18 -88.32 10.67 8.63
N SER H 19 -87.35 11.47 9.07
CA SER H 19 -87.61 12.84 9.49
C SER H 19 -86.45 13.71 9.04
N SER H 20 -86.57 14.29 7.84
CA SER H 20 -85.56 15.20 7.34
C SER H 20 -86.23 16.36 6.61
N SER H 21 -87.40 16.75 7.08
CA SER H 21 -88.16 17.81 6.42
C SER H 21 -88.01 19.11 7.20
N HIS H 22 -88.37 20.20 6.54
CA HIS H 22 -88.23 21.52 7.13
C HIS H 22 -89.57 22.01 7.66
N SER H 23 -90.14 21.20 8.55
CA SER H 23 -91.44 21.46 9.16
C SER H 23 -91.38 20.90 10.57
N SER H 24 -92.54 20.67 11.18
CA SER H 24 -92.60 20.01 12.48
C SER H 24 -92.63 18.49 12.33
N CYS H 25 -91.62 17.92 11.68
CA CYS H 25 -91.45 16.47 11.59
C CYS H 25 -90.51 16.00 12.70
N GLN H 26 -90.76 16.49 13.89
CA GLN H 26 -89.73 16.59 14.91
C GLN H 26 -89.47 15.23 15.53
N LEU H 27 -88.23 14.79 15.45
CA LEU H 27 -87.77 13.66 16.24
C LEU H 27 -87.25 14.17 17.57
N VAL H 28 -87.51 13.41 18.62
CA VAL H 28 -87.22 13.85 19.97
C VAL H 28 -86.51 12.74 20.71
N ILE H 29 -85.44 13.09 21.42
CA ILE H 29 -84.67 12.12 22.18
C ILE H 29 -84.91 12.37 23.66
N PHE H 30 -84.76 11.30 24.43
CA PHE H 30 -84.96 11.31 25.88
C PHE H 30 -83.66 10.86 26.54
N VAL H 31 -83.32 11.46 27.67
CA VAL H 31 -82.16 11.01 28.43
C VAL H 31 -82.39 11.20 29.92
N SER H 32 -81.87 10.27 30.71
CA SER H 32 -81.81 10.39 32.15
C SER H 32 -80.66 11.32 32.51
N CYS H 33 -80.78 11.98 33.66
CA CYS H 33 -79.70 12.82 34.17
C CYS H 33 -78.95 12.15 35.31
N LEU H 34 -79.42 10.99 35.76
CA LEU H 34 -78.91 10.32 36.94
C LEU H 34 -77.61 9.56 36.68
N ASN H 35 -77.05 9.69 35.49
CA ASN H 35 -75.85 8.96 35.12
C ASN H 35 -74.98 9.89 34.29
N ILE H 36 -73.68 9.82 34.53
CA ILE H 36 -72.77 10.69 33.81
C ILE H 36 -72.56 10.19 32.40
N ASP H 37 -72.39 8.89 32.23
CA ASP H 37 -72.17 8.31 30.91
C ASP H 37 -73.39 8.46 30.02
N ALA H 38 -74.58 8.57 30.62
CA ALA H 38 -75.77 8.84 29.86
C ALA H 38 -75.71 10.19 29.18
N LEU H 39 -75.07 11.18 29.80
CA LEU H 39 -74.94 12.49 29.18
C LEU H 39 -74.04 12.45 27.96
N CYS H 40 -72.81 11.99 28.13
CA CYS H 40 -71.77 12.26 27.15
C CYS H 40 -72.01 11.50 25.86
N ALA H 41 -72.76 10.41 25.93
CA ALA H 41 -73.15 9.72 24.71
C ALA H 41 -74.08 10.60 23.89
N THR H 42 -74.99 11.29 24.55
CA THR H 42 -76.00 12.05 23.82
C THR H 42 -75.42 13.30 23.18
N LYS H 43 -74.42 13.89 23.83
CA LYS H 43 -73.88 15.16 23.38
C LYS H 43 -73.24 15.03 22.00
N MET H 44 -72.50 13.96 21.79
CA MET H 44 -71.88 13.76 20.48
C MET H 44 -72.90 13.40 19.41
N LEU H 45 -74.05 12.86 19.79
CA LEU H 45 -75.03 12.54 18.78
C LEU H 45 -75.74 13.77 18.29
N SER H 46 -75.93 14.75 19.16
CA SER H 46 -76.61 15.98 18.80
C SER H 46 -75.82 16.80 17.79
N LEU H 47 -74.52 16.91 17.98
CA LEU H 47 -73.74 17.82 17.14
C LEU H 47 -73.59 17.31 15.72
N LEU H 48 -73.57 15.99 15.52
CA LEU H 48 -73.58 15.51 14.15
C LEU H 48 -74.95 15.69 13.52
N PHE H 49 -76.01 15.69 14.32
CA PHE H 49 -77.31 16.04 13.78
C PHE H 49 -77.39 17.50 13.44
N LYS H 50 -76.59 18.35 14.08
CA LYS H 50 -76.48 19.73 13.64
C LYS H 50 -75.84 19.80 12.26
N LYS H 51 -74.69 19.16 12.07
CA LYS H 51 -74.05 19.27 10.78
C LYS H 51 -74.63 18.31 9.75
N GLN H 52 -75.67 17.55 10.12
CA GLN H 52 -76.50 16.91 9.11
C GLN H 52 -77.83 17.61 8.95
N LEU H 53 -78.01 18.72 9.67
CA LEU H 53 -79.02 19.74 9.41
C LEU H 53 -80.42 19.19 9.58
N VAL H 54 -80.74 18.75 10.80
CA VAL H 54 -82.05 18.23 11.11
C VAL H 54 -82.53 18.92 12.38
N GLN H 55 -83.84 19.07 12.51
CA GLN H 55 -84.45 19.72 13.65
C GLN H 55 -84.71 18.70 14.75
N SER H 56 -84.64 19.15 16.00
CA SER H 56 -84.58 18.23 17.12
C SER H 56 -85.28 18.82 18.33
N GLN H 57 -85.28 18.03 19.39
CA GLN H 57 -85.98 18.36 20.63
C GLN H 57 -85.42 17.45 21.72
N ILE H 58 -84.79 18.04 22.73
CA ILE H 58 -84.11 17.26 23.77
C ILE H 58 -84.81 17.52 25.08
N VAL H 59 -85.20 16.44 25.76
CA VAL H 59 -85.90 16.55 27.03
C VAL H 59 -85.22 15.62 28.02
N PRO H 60 -84.85 16.08 29.20
CA PRO H 60 -84.40 15.16 30.24
C PRO H 60 -85.57 14.64 31.05
N ILE H 61 -85.41 13.43 31.58
CA ILE H 61 -86.39 12.81 32.46
C ILE H 61 -85.63 12.18 33.60
N PHE H 62 -85.92 12.58 34.83
CA PHE H 62 -85.17 12.03 35.94
C PHE H 62 -85.85 10.83 36.58
N GLY H 63 -87.14 10.66 36.41
CA GLY H 63 -87.88 9.67 37.18
C GLY H 63 -88.57 8.66 36.29
N TYR H 64 -88.54 7.41 36.74
CA TYR H 64 -89.12 6.33 35.96
C TYR H 64 -90.64 6.39 35.97
N SER H 65 -91.25 6.91 37.02
CA SER H 65 -92.68 7.11 37.02
C SER H 65 -93.09 8.34 36.23
N GLU H 66 -92.13 9.18 35.84
CA GLU H 66 -92.42 10.41 35.12
C GLU H 66 -92.64 10.20 33.63
N LEU H 67 -92.27 9.01 33.13
CA LEU H 67 -92.22 8.77 31.69
C LEU H 67 -93.61 8.84 31.05
N ARG H 68 -94.65 8.53 31.81
CA ARG H 68 -95.99 8.62 31.27
C ARG H 68 -96.41 10.07 31.07
N ARG H 69 -96.06 10.94 32.01
CA ARG H 69 -96.47 12.33 31.99
C ARG H 69 -95.60 13.17 31.05
N HIS H 70 -94.64 12.55 30.36
CA HIS H 70 -93.79 13.30 29.43
C HIS H 70 -93.90 12.80 28.01
N TYR H 71 -94.43 11.60 27.80
CA TYR H 71 -94.61 11.13 26.43
C TYR H 71 -96.07 10.92 26.14
N SER H 72 -96.77 10.20 27.02
CA SER H 72 -98.06 9.58 26.71
C SER H 72 -99.21 10.57 26.79
N GLN H 73 -98.91 11.85 26.66
CA GLN H 73 -99.87 12.93 26.81
C GLN H 73 -99.64 14.03 25.78
N LEU H 74 -98.48 14.05 25.13
CA LEU H 74 -98.16 15.15 24.24
C LEU H 74 -97.45 14.59 23.02
N ASP H 75 -98.23 14.24 21.99
CA ASP H 75 -97.72 13.66 20.76
C ASP H 75 -98.58 14.14 19.62
N ASP H 76 -97.98 14.59 18.52
CA ASP H 76 -98.84 14.81 17.37
C ASP H 76 -98.42 14.04 16.13
N ASN H 77 -97.22 14.27 15.61
CA ASN H 77 -96.74 13.57 14.44
C ASN H 77 -95.28 13.20 14.63
N ILE H 78 -94.92 12.85 15.86
CA ILE H 78 -93.58 12.36 16.16
C ILE H 78 -93.51 10.92 15.66
N ASN H 79 -92.77 10.72 14.58
CA ASN H 79 -92.54 9.39 14.07
C ASN H 79 -91.31 8.74 14.66
N SER H 80 -90.33 9.52 15.12
CA SER H 80 -89.02 9.00 15.46
C SER H 80 -88.68 9.39 16.88
N LEU H 81 -89.03 8.54 17.82
CA LEU H 81 -88.68 8.74 19.20
C LEU H 81 -87.36 8.04 19.44
N LEU H 82 -86.54 8.59 20.32
CA LEU H 82 -85.24 8.02 20.63
C LEU H 82 -85.05 8.09 22.13
N LEU H 83 -84.34 7.12 22.68
CA LEU H 83 -84.29 6.95 24.12
C LEU H 83 -82.95 6.34 24.50
N VAL H 84 -82.43 6.71 25.67
CA VAL H 84 -81.11 6.26 26.09
C VAL H 84 -81.20 5.49 27.40
N GLY H 85 -81.29 4.17 27.32
CA GLY H 85 -81.10 3.33 28.49
C GLY H 85 -82.18 3.42 29.54
N PHE H 86 -83.35 2.87 29.28
CA PHE H 86 -84.41 2.95 30.27
C PHE H 86 -85.14 1.64 30.52
N GLY H 87 -85.19 0.75 29.53
CA GLY H 87 -86.12 -0.35 29.61
C GLY H 87 -85.57 -1.73 29.39
N GLY H 88 -84.34 -1.97 29.84
CA GLY H 88 -83.77 -3.29 29.73
C GLY H 88 -84.48 -4.29 30.63
N VAL H 89 -85.03 -3.80 31.74
CA VAL H 89 -85.66 -4.70 32.70
C VAL H 89 -87.18 -4.67 32.63
N ILE H 90 -87.82 -3.53 32.78
CA ILE H 90 -89.27 -3.49 32.72
C ILE H 90 -89.70 -3.25 31.28
N ASP H 91 -90.68 -4.01 30.82
CA ASP H 91 -91.16 -3.84 29.45
C ASP H 91 -92.03 -2.60 29.34
N LEU H 92 -91.60 -1.68 28.46
CA LEU H 92 -92.34 -0.44 28.28
C LEU H 92 -93.63 -0.67 27.51
N GLU H 93 -93.68 -1.70 26.67
CA GLU H 93 -94.86 -1.99 25.89
C GLU H 93 -95.97 -2.54 26.76
N ALA H 94 -95.63 -3.14 27.89
CA ALA H 94 -96.62 -3.39 28.92
C ALA H 94 -96.83 -2.18 29.82
N PHE H 95 -95.79 -1.36 30.00
CA PHE H 95 -95.93 -0.16 30.79
C PHE H 95 -96.76 0.88 30.05
N LEU H 96 -96.53 1.03 28.76
CA LEU H 96 -97.33 1.88 27.91
C LEU H 96 -97.98 1.05 26.82
N GLU H 97 -99.30 1.09 26.76
CA GLU H 97 -100.03 0.41 25.70
C GLU H 97 -99.81 1.18 24.41
N ILE H 98 -99.41 0.45 23.37
CA ILE H 98 -99.49 0.95 22.00
C ILE H 98 -100.17 -0.15 21.19
N ASP H 99 -101.38 0.13 20.72
CA ASP H 99 -102.09 -0.77 19.85
C ASP H 99 -101.40 -0.86 18.51
N PRO H 100 -101.33 -2.04 17.89
CA PRO H 100 -100.86 -2.13 16.51
C PRO H 100 -101.78 -1.38 15.56
N GLN H 101 -101.22 -0.38 14.88
CA GLN H 101 -101.98 0.48 13.98
C GLN H 101 -101.12 0.79 12.76
N GLU H 102 -101.75 0.63 11.59
CA GLU H 102 -101.11 0.74 10.27
C GLU H 102 -99.86 -0.11 10.13
N GLN H 114 -96.48 -4.60 10.95
CA GLN H 114 -96.04 -4.69 9.56
C GLN H 114 -95.92 -3.31 8.94
N SER H 115 -94.69 -2.81 8.85
CA SER H 115 -94.34 -1.49 8.30
C SER H 115 -95.09 -0.38 9.04
N PHE H 116 -94.73 -0.20 10.30
CA PHE H 116 -95.52 0.60 11.23
C PHE H 116 -95.36 2.09 10.99
N ARG H 117 -96.10 2.87 11.77
CA ARG H 117 -96.24 4.30 11.56
C ARG H 117 -95.36 5.15 12.45
N ARG H 118 -94.87 4.61 13.56
CA ARG H 118 -94.01 5.35 14.48
C ARG H 118 -93.09 4.33 15.12
N ASP H 119 -91.79 4.55 15.02
CA ASP H 119 -90.82 3.56 15.46
C ASP H 119 -89.81 4.23 16.37
N ILE H 120 -89.72 3.75 17.60
CA ILE H 120 -88.68 4.17 18.50
C ILE H 120 -87.47 3.30 18.26
N TYR H 121 -86.31 3.73 18.74
CA TYR H 121 -85.17 2.87 18.92
C TYR H 121 -84.96 2.67 20.41
N VAL H 122 -83.87 2.01 20.79
CA VAL H 122 -83.46 1.99 22.19
C VAL H 122 -81.95 1.78 22.26
N LEU H 123 -81.33 2.35 23.29
CA LEU H 123 -79.90 2.34 23.47
C LEU H 123 -79.59 1.84 24.88
N ASP H 124 -80.29 0.78 25.28
CA ASP H 124 -80.18 0.19 26.62
C ASP H 124 -78.76 -0.33 26.79
N ALA H 125 -78.21 -0.18 27.99
CA ALA H 125 -76.85 -0.59 28.25
C ALA H 125 -76.78 -1.71 29.26
N HIS H 126 -77.89 -2.32 29.62
CA HIS H 126 -77.89 -3.20 30.78
C HIS H 126 -77.87 -4.67 30.39
N ARG H 127 -77.50 -5.47 31.36
CA ARG H 127 -77.30 -6.90 31.20
C ARG H 127 -78.61 -7.69 31.09
N PRO H 128 -79.61 -7.58 31.97
CA PRO H 128 -80.84 -8.33 31.72
C PRO H 128 -81.61 -7.69 30.60
N TRP H 129 -81.98 -8.49 29.63
CA TRP H 129 -82.71 -7.98 28.48
C TRP H 129 -84.14 -8.45 28.56
N ASN H 130 -84.91 -8.10 27.55
CA ASN H 130 -86.29 -8.52 27.45
C ASN H 130 -86.55 -9.11 26.08
N LEU H 131 -86.94 -10.38 26.10
CA LEU H 131 -87.05 -11.25 24.94
C LEU H 131 -88.03 -10.72 23.90
N ASP H 132 -89.10 -10.09 24.34
CA ASP H 132 -90.07 -9.45 23.48
C ASP H 132 -89.48 -8.27 22.73
N ASN H 133 -88.49 -7.62 23.32
CA ASN H 133 -87.97 -6.39 22.74
C ASN H 133 -87.00 -6.65 21.62
N ILE H 134 -86.49 -7.87 21.49
CA ILE H 134 -85.66 -8.28 20.39
C ILE H 134 -86.40 -9.23 19.46
N PHE H 135 -87.09 -10.20 20.02
CA PHE H 135 -87.90 -11.14 19.24
C PHE H 135 -89.36 -10.78 19.36
N GLY H 136 -90.04 -10.67 18.23
CA GLY H 136 -91.31 -9.99 18.25
C GLY H 136 -91.10 -8.50 18.29
N SER H 137 -90.31 -7.97 17.36
CA SER H 137 -90.07 -6.54 17.25
C SER H 137 -90.86 -5.95 16.11
N GLN H 138 -91.73 -5.01 16.45
CA GLN H 138 -92.53 -4.32 15.45
C GLN H 138 -92.53 -2.82 15.61
N ILE H 139 -92.26 -2.29 16.79
CA ILE H 139 -92.10 -0.87 16.99
C ILE H 139 -90.82 -0.67 17.79
N ILE H 140 -90.38 -1.72 18.48
CA ILE H 140 -89.19 -1.60 19.30
C ILE H 140 -88.02 -2.07 18.45
N GLN H 141 -87.50 -1.17 17.62
CA GLN H 141 -86.30 -1.48 16.87
C GLN H 141 -85.09 -1.29 17.78
N CYS H 142 -84.68 -2.35 18.45
CA CYS H 142 -83.58 -2.28 19.40
C CYS H 142 -82.24 -2.33 18.69
N PHE H 143 -81.21 -1.88 19.39
CA PHE H 143 -79.83 -1.95 18.88
C PHE H 143 -79.29 -3.35 19.12
N ASP H 144 -79.56 -4.23 18.14
CA ASP H 144 -78.96 -5.56 18.08
C ASP H 144 -78.05 -5.64 16.86
N ASP H 145 -76.77 -5.40 17.11
CA ASP H 145 -75.68 -5.65 16.18
C ASP H 145 -74.66 -6.51 16.93
N GLY H 146 -73.39 -6.60 16.51
CA GLY H 146 -72.41 -7.40 17.21
C GLY H 146 -72.06 -6.95 18.62
N THR H 147 -73.08 -6.90 19.48
CA THR H 147 -72.93 -6.56 20.90
C THR H 147 -72.87 -7.83 21.71
N VAL H 148 -73.94 -8.60 21.69
CA VAL H 148 -73.99 -9.94 22.28
C VAL H 148 -74.36 -10.89 21.15
N ASP H 149 -73.44 -11.80 20.83
CA ASP H 149 -73.72 -12.83 19.84
C ASP H 149 -74.40 -14.04 20.46
N ASP H 150 -74.56 -14.03 21.78
CA ASP H 150 -75.07 -15.15 22.53
C ASP H 150 -76.27 -14.67 23.35
N THR H 151 -77.17 -13.96 22.68
CA THR H 151 -78.33 -13.33 23.33
C THR H 151 -79.28 -14.40 23.85
N LEU H 152 -78.84 -15.05 24.94
CA LEU H 152 -79.44 -16.23 25.55
C LEU H 152 -79.72 -17.30 24.50
N GLY H 153 -78.66 -17.85 23.91
CA GLY H 153 -78.72 -18.71 22.74
C GLY H 153 -79.51 -19.99 22.89
N GLU H 154 -79.96 -20.32 24.10
CA GLU H 154 -80.84 -21.45 24.32
C GLU H 154 -82.30 -21.13 24.11
N GLN H 155 -82.63 -19.89 23.75
CA GLN H 155 -84.02 -19.46 23.71
C GLN H 155 -84.74 -19.86 22.44
N LYS H 156 -84.07 -20.57 21.53
CA LYS H 156 -84.65 -20.87 20.24
C LYS H 156 -85.80 -21.88 20.31
N GLU H 157 -86.09 -22.44 21.48
CA GLU H 157 -87.25 -23.31 21.60
C GLU H 157 -88.13 -23.02 22.81
N ALA H 158 -87.77 -22.08 23.67
CA ALA H 158 -88.59 -21.90 24.88
C ALA H 158 -89.82 -21.06 24.58
N TYR H 159 -89.62 -19.80 24.24
CA TYR H 159 -90.75 -18.98 23.86
C TYR H 159 -91.23 -19.29 22.45
N TYR H 160 -90.34 -19.85 21.62
CA TYR H 160 -90.73 -20.27 20.29
C TYR H 160 -91.69 -21.43 20.30
N LYS H 161 -91.77 -22.16 21.40
CA LYS H 161 -92.88 -23.09 21.61
C LYS H 161 -93.90 -22.57 22.60
N LEU H 162 -93.60 -21.46 23.28
CA LEU H 162 -94.62 -20.83 24.10
C LEU H 162 -95.58 -19.99 23.29
N LEU H 163 -95.20 -19.59 22.09
CA LEU H 163 -96.06 -18.77 21.27
C LEU H 163 -97.27 -19.52 20.73
N GLU H 164 -97.13 -20.80 20.43
CA GLU H 164 -98.23 -21.59 19.91
C GLU H 164 -98.78 -22.57 20.94
N LEU H 165 -98.05 -22.80 22.04
CA LEU H 165 -98.28 -23.82 23.07
C LEU H 165 -98.64 -25.19 22.49
N ASN H 218 -105.92 -39.80 23.24
CA ASN H 218 -104.56 -40.18 22.90
C ASN H 218 -103.59 -39.06 23.26
N ASP H 219 -104.05 -37.81 23.10
CA ASP H 219 -103.26 -36.64 23.46
C ASP H 219 -103.13 -36.43 24.95
N LEU H 220 -103.84 -37.22 25.76
CA LEU H 220 -103.77 -37.09 27.22
C LEU H 220 -102.40 -37.43 27.76
N SER H 221 -101.69 -38.35 27.10
CA SER H 221 -100.31 -38.65 27.49
C SER H 221 -99.32 -37.85 26.67
N LYS H 222 -99.74 -37.34 25.51
CA LYS H 222 -98.83 -36.58 24.65
C LYS H 222 -98.75 -35.12 25.08
N ARG H 223 -99.90 -34.47 25.30
CA ARG H 223 -99.90 -33.08 25.73
C ARG H 223 -99.39 -32.92 27.15
N LYS H 224 -99.56 -33.96 27.98
CA LYS H 224 -99.04 -33.95 29.35
C LYS H 224 -97.51 -33.83 29.35
N GLN H 225 -96.86 -34.57 28.45
CA GLN H 225 -95.43 -34.36 28.22
C GLN H 225 -95.18 -32.98 27.64
N ARG H 226 -96.08 -32.50 26.76
CA ARG H 226 -95.88 -31.22 26.10
C ARG H 226 -96.05 -30.06 27.09
N LYS H 227 -96.85 -30.24 28.13
CA LYS H 227 -96.95 -29.22 29.16
C LYS H 227 -95.72 -29.20 30.05
N LYS H 228 -95.06 -30.35 30.22
CA LYS H 228 -93.84 -30.39 31.01
C LYS H 228 -92.66 -29.78 30.26
N GLN H 229 -92.62 -29.94 28.93
CA GLN H 229 -91.62 -29.27 28.13
C GLN H 229 -91.78 -27.76 28.20
N ILE H 230 -93.03 -27.30 28.20
CA ILE H 230 -93.33 -25.91 28.51
C ILE H 230 -92.88 -25.57 29.92
N HIS H 231 -93.11 -26.48 30.86
CA HIS H 231 -92.61 -26.28 32.21
C HIS H 231 -91.10 -26.40 32.27
N GLU H 232 -90.52 -27.21 31.39
CA GLU H 232 -89.07 -27.17 31.22
C GLU H 232 -88.63 -25.84 30.64
N TYR H 233 -89.42 -25.30 29.71
CA TYR H 233 -89.14 -23.96 29.21
C TYR H 233 -89.42 -22.91 30.27
N GLU H 234 -90.32 -23.20 31.20
CA GLU H 234 -90.68 -22.24 32.23
C GLU H 234 -89.55 -21.99 33.21
N GLY H 235 -88.79 -23.03 33.55
CA GLY H 235 -87.69 -22.85 34.49
C GLY H 235 -86.54 -22.06 33.90
N VAL H 236 -86.26 -22.26 32.62
CA VAL H 236 -85.17 -21.53 31.99
C VAL H 236 -85.59 -20.09 31.70
N LEU H 237 -86.88 -19.80 31.78
CA LEU H 237 -87.35 -18.43 31.87
C LEU H 237 -87.62 -18.02 33.30
N GLU H 238 -87.36 -18.91 34.26
CA GLU H 238 -87.51 -18.51 35.65
C GLU H 238 -86.16 -18.15 36.26
N GLU H 239 -85.13 -18.93 35.98
CA GLU H 239 -83.79 -18.53 36.40
C GLU H 239 -83.32 -17.32 35.62
N TYR H 240 -83.52 -17.32 34.30
CA TYR H 240 -83.41 -16.07 33.59
C TYR H 240 -84.59 -15.18 33.98
N TYR H 241 -84.42 -13.87 33.78
CA TYR H 241 -85.26 -12.81 34.33
C TYR H 241 -85.26 -12.85 35.87
N SER H 242 -84.17 -13.39 36.42
CA SER H 242 -83.90 -13.37 37.85
C SER H 242 -82.40 -13.20 38.09
N GLN H 243 -81.77 -12.26 37.37
CA GLN H 243 -80.35 -12.00 37.53
C GLN H 243 -80.16 -10.56 38.00
N GLY H 244 -79.03 -10.30 38.67
CA GLY H 244 -78.65 -8.94 38.97
C GLY H 244 -78.22 -8.22 37.70
N THR H 245 -78.06 -6.91 37.80
CA THR H 245 -77.80 -6.09 36.62
C THR H 245 -76.50 -5.33 36.81
N THR H 246 -75.84 -5.06 35.68
CA THR H 246 -74.83 -4.01 35.59
C THR H 246 -75.00 -3.36 34.23
N VAL H 247 -73.98 -2.61 33.84
CA VAL H 247 -73.79 -2.28 32.44
C VAL H 247 -72.56 -3.06 32.00
N VAL H 248 -72.72 -3.89 30.98
CA VAL H 248 -71.60 -4.67 30.49
C VAL H 248 -70.72 -3.82 29.59
N ASN H 249 -71.32 -3.04 28.70
CA ASN H 249 -70.59 -2.25 27.73
C ASN H 249 -71.16 -0.84 27.71
N SER H 250 -70.29 0.15 27.77
CA SER H 250 -70.76 1.52 27.87
C SER H 250 -71.34 2.01 26.56
N ILE H 251 -72.24 2.98 26.67
CA ILE H 251 -72.87 3.55 25.49
C ILE H 251 -71.91 4.42 24.73
N SER H 252 -70.80 4.80 25.35
CA SER H 252 -69.69 5.37 24.61
C SER H 252 -69.18 4.42 23.54
N ALA H 253 -69.14 3.13 23.83
CA ALA H 253 -68.53 2.17 22.92
C ALA H 253 -69.34 2.01 21.64
N GLN H 254 -70.66 2.07 21.74
CA GLN H 254 -71.47 1.72 20.59
C GLN H 254 -71.48 2.84 19.57
N ILE H 255 -71.85 4.04 19.98
CA ILE H 255 -72.06 5.10 19.03
C ILE H 255 -70.76 5.60 18.44
N TYR H 256 -69.66 5.48 19.17
CA TYR H 256 -68.38 5.86 18.61
C TYR H 256 -67.97 4.88 17.54
N SER H 257 -68.28 3.60 17.75
CA SER H 257 -68.01 2.63 16.71
C SER H 257 -68.90 2.85 15.50
N LEU H 258 -70.11 3.35 15.72
CA LEU H 258 -71.00 3.64 14.60
C LEU H 258 -70.49 4.79 13.76
N LEU H 259 -69.99 5.83 14.40
CA LEU H 259 -69.47 6.97 13.68
C LEU H 259 -68.21 6.60 12.90
N SER H 260 -67.42 5.66 13.43
CA SER H 260 -66.25 5.19 12.70
C SER H 260 -66.63 4.40 11.48
N ALA H 261 -67.80 3.75 11.49
CA ALA H 261 -68.31 3.14 10.28
C ALA H 261 -68.75 4.18 9.27
N ILE H 262 -69.06 5.38 9.74
CA ILE H 262 -69.30 6.50 8.84
C ILE H 262 -67.99 7.22 8.55
N GLY H 263 -67.15 7.40 9.58
CA GLY H 263 -65.80 7.87 9.36
C GLY H 263 -65.57 9.36 9.50
N GLU H 264 -65.91 9.93 10.65
CA GLU H 264 -65.74 11.37 10.87
C GLU H 264 -64.60 11.60 11.85
N THR H 265 -63.60 12.34 11.41
CA THR H 265 -62.33 12.46 12.12
C THR H 265 -62.35 13.78 12.89
N ASN H 266 -62.62 13.70 14.18
CA ASN H 266 -62.44 14.85 15.04
C ASN H 266 -61.99 14.37 16.41
N LEU H 267 -60.96 15.04 16.92
CA LEU H 267 -60.37 14.63 18.18
C LEU H 267 -61.29 14.97 19.36
N SER H 268 -62.18 15.93 19.15
CA SER H 268 -63.20 16.23 20.14
C SER H 268 -64.09 15.02 20.39
N ASN H 269 -64.41 14.28 19.34
CA ASN H 269 -65.08 13.00 19.52
C ASN H 269 -64.23 12.05 20.32
N LEU H 270 -62.97 11.91 19.93
CA LEU H 270 -62.03 11.09 20.67
C LEU H 270 -61.78 11.64 22.06
N TRP H 271 -61.94 12.93 22.25
CA TRP H 271 -61.97 13.40 23.63
C TRP H 271 -63.28 13.05 24.30
N LEU H 272 -64.37 12.98 23.55
CA LEU H 272 -65.65 12.81 24.22
C LEU H 272 -65.92 11.37 24.63
N ASN H 273 -65.61 10.41 23.77
CA ASN H 273 -66.03 9.03 24.02
C ASN H 273 -65.29 8.42 25.18
N ILE H 274 -64.06 8.87 25.42
CA ILE H 274 -63.29 8.32 26.51
C ILE H 274 -63.76 8.84 27.86
N LEU H 275 -64.56 9.88 27.88
CA LEU H 275 -65.07 10.39 29.14
C LEU H 275 -66.04 9.43 29.79
N GLY H 276 -66.94 8.86 29.00
CA GLY H 276 -67.98 8.04 29.58
C GLY H 276 -67.46 6.73 30.12
N THR H 277 -66.54 6.10 29.41
CA THR H 277 -65.95 4.89 29.92
C THR H 277 -65.04 5.16 31.11
N THR H 278 -64.55 6.39 31.26
CA THR H 278 -63.80 6.72 32.44
C THR H 278 -64.71 6.79 33.67
N SER H 279 -66.00 7.07 33.46
CA SER H 279 -66.90 7.17 34.59
C SER H 279 -67.17 5.83 35.25
N LEU H 280 -67.04 4.74 34.53
CA LEU H 280 -67.35 3.46 35.12
C LEU H 280 -66.13 2.85 35.80
N ASP H 281 -65.07 3.63 35.99
CA ASP H 281 -63.88 3.14 36.68
C ASP H 281 -64.11 2.95 38.18
N ILE H 282 -65.23 3.42 38.70
CA ILE H 282 -65.49 3.34 40.13
C ILE H 282 -66.71 2.47 40.40
N ALA H 283 -67.23 1.81 39.37
CA ALA H 283 -68.41 0.98 39.55
C ALA H 283 -68.02 -0.46 39.20
N TYR H 284 -67.15 -0.66 38.23
CA TYR H 284 -66.69 -1.99 37.89
C TYR H 284 -65.19 -1.96 37.62
N ALA H 285 -64.63 -3.12 37.25
CA ALA H 285 -63.22 -3.20 36.93
C ALA H 285 -62.97 -3.65 35.50
N GLN H 286 -63.42 -4.84 35.12
CA GLN H 286 -62.87 -5.44 33.91
C GLN H 286 -63.64 -5.03 32.67
N VAL H 287 -64.61 -4.15 32.79
CA VAL H 287 -65.29 -3.65 31.61
C VAL H 287 -64.41 -2.77 30.74
N TYR H 288 -63.66 -1.86 31.34
CA TYR H 288 -62.74 -1.01 30.63
C TYR H 288 -61.38 -1.66 30.51
N ASN H 289 -61.16 -2.74 31.24
CA ASN H 289 -59.93 -3.49 31.06
C ASN H 289 -59.89 -4.13 29.68
N ARG H 290 -61.06 -4.38 29.09
CA ARG H 290 -61.11 -4.74 27.68
C ARG H 290 -60.78 -3.57 26.76
N LEU H 291 -60.88 -2.34 27.24
CA LEU H 291 -60.75 -1.19 26.35
C LEU H 291 -59.39 -0.53 26.48
N TYR H 292 -58.48 -1.18 27.19
CA TYR H 292 -57.09 -0.73 27.18
C TYR H 292 -56.43 -0.79 25.81
N PRO H 293 -56.74 -1.73 24.92
CA PRO H 293 -56.27 -1.55 23.53
C PRO H 293 -57.03 -0.48 22.77
N LEU H 294 -58.34 -0.37 22.96
CA LEU H 294 -59.13 0.51 22.10
C LEU H 294 -58.92 1.96 22.47
N LEU H 295 -58.38 2.24 23.64
CA LEU H 295 -57.83 3.56 23.86
C LEU H 295 -56.51 3.77 23.11
N GLN H 296 -55.68 2.73 23.00
CA GLN H 296 -54.32 2.90 22.52
C GLN H 296 -54.23 3.09 21.01
N ASP H 297 -54.96 2.30 20.25
CA ASP H 297 -54.88 2.35 18.80
C ASP H 297 -55.40 3.65 18.22
N GLU H 298 -56.44 4.22 18.83
CA GLU H 298 -57.08 5.37 18.24
C GLU H 298 -56.25 6.62 18.40
N VAL H 299 -55.59 6.76 19.56
CA VAL H 299 -54.74 7.92 19.76
C VAL H 299 -53.48 7.86 18.92
N LYS H 300 -53.11 6.68 18.43
CA LYS H 300 -52.03 6.54 17.47
C LYS H 300 -52.50 6.59 16.04
N ARG H 301 -53.68 6.06 15.74
CA ARG H 301 -54.17 6.13 14.37
C ARG H 301 -54.62 7.54 14.04
N LEU H 302 -55.12 8.27 15.04
CA LEU H 302 -55.49 9.68 14.88
C LEU H 302 -54.38 10.57 15.36
N THR H 303 -53.14 10.18 15.07
CA THR H 303 -51.95 10.97 15.34
C THR H 303 -52.02 12.29 14.59
N PRO H 304 -52.05 13.42 15.28
CA PRO H 304 -52.06 14.69 14.56
C PRO H 304 -50.69 15.11 14.07
N SER H 305 -49.63 14.68 14.75
CA SER H 305 -48.32 15.26 14.50
C SER H 305 -47.24 14.32 15.01
N SER H 306 -46.10 14.32 14.31
CA SER H 306 -44.92 13.62 14.79
C SER H 306 -44.03 14.51 15.64
N ARG H 307 -43.95 15.80 15.32
CA ARG H 307 -43.17 16.76 16.08
C ARG H 307 -44.02 17.29 17.24
N ASN H 308 -43.41 18.09 18.12
CA ASN H 308 -44.21 18.87 19.05
C ASN H 308 -44.92 20.00 18.32
N SER H 309 -44.24 20.67 17.38
CA SER H 309 -44.72 21.82 16.61
C SER H 309 -45.21 22.91 17.55
N VAL H 310 -44.30 23.44 18.36
CA VAL H 310 -44.63 24.15 19.60
C VAL H 310 -45.27 25.50 19.34
N LYS H 311 -45.80 26.11 20.42
CA LYS H 311 -46.35 27.46 20.45
C LYS H 311 -47.53 27.63 19.50
N THR H 312 -48.31 26.59 19.33
CA THR H 312 -49.57 26.68 18.59
C THR H 312 -50.66 26.76 19.64
N PRO H 313 -51.36 27.89 19.75
CA PRO H 313 -52.39 28.03 20.79
C PRO H 313 -53.57 27.13 20.59
N ASP H 314 -53.79 26.70 19.37
CA ASP H 314 -54.83 25.79 18.96
C ASP H 314 -54.36 24.35 18.96
N THR H 315 -55.10 23.52 18.21
CA THR H 315 -54.81 22.17 17.71
C THR H 315 -54.97 21.05 18.72
N LEU H 316 -55.11 21.37 20.01
CA LEU H 316 -55.59 20.45 21.03
C LEU H 316 -54.79 19.16 21.09
N THR H 317 -53.53 19.22 21.47
CA THR H 317 -52.66 18.07 21.29
C THR H 317 -52.96 16.98 22.31
N LEU H 318 -52.87 15.73 21.89
CA LEU H 318 -53.17 14.58 22.73
C LEU H 318 -51.92 13.77 22.99
N ASN H 319 -51.73 13.37 24.25
CA ASN H 319 -50.56 12.64 24.68
C ASN H 319 -50.99 11.60 25.71
N ILE H 320 -50.01 10.98 26.35
CA ILE H 320 -50.24 10.11 27.50
C ILE H 320 -49.16 10.39 28.55
N GLN H 321 -49.55 10.30 29.82
CA GLN H 321 -48.70 10.60 30.95
C GLN H 321 -49.22 9.76 32.10
N PRO H 322 -48.37 9.33 33.02
CA PRO H 322 -48.87 8.57 34.17
C PRO H 322 -49.58 9.47 35.17
N ASP H 323 -50.33 8.85 36.07
CA ASP H 323 -51.27 9.55 36.94
C ASP H 323 -51.68 8.61 38.06
N TYR H 324 -52.44 9.14 39.01
CA TYR H 324 -52.63 8.48 40.30
C TYR H 324 -54.09 8.52 40.72
N TYR H 325 -54.35 7.59 41.65
CA TYR H 325 -55.60 7.45 42.39
C TYR H 325 -55.67 8.72 43.24
N LEU H 326 -54.50 9.19 43.72
CA LEU H 326 -54.43 10.47 44.43
C LEU H 326 -54.84 11.30 43.23
N PHE H 327 -55.88 12.08 43.44
CA PHE H 327 -56.52 12.71 42.29
C PHE H 327 -56.46 14.23 42.36
N LEU H 328 -56.93 14.84 41.26
CA LEU H 328 -57.01 16.28 40.97
C LEU H 328 -55.73 17.04 41.28
N LEU H 329 -54.59 16.35 41.20
CA LEU H 329 -53.32 16.92 41.60
C LEU H 329 -52.89 18.03 40.66
N ARG H 330 -52.98 17.78 39.36
CA ARG H 330 -52.60 18.76 38.35
C ARG H 330 -53.51 19.96 38.34
N HIS H 331 -54.73 19.82 38.83
CA HIS H 331 -55.54 21.00 39.04
C HIS H 331 -55.10 21.68 40.30
N SER H 332 -54.95 20.92 41.39
CA SER H 332 -54.47 21.53 42.63
C SER H 332 -54.52 20.70 43.91
N SER H 333 -54.19 21.40 44.99
CA SER H 333 -54.23 20.93 46.39
C SER H 333 -53.39 19.77 47.01
N LEU H 334 -52.14 19.53 46.63
CA LEU H 334 -51.47 18.46 47.36
C LEU H 334 -51.75 18.59 48.86
N TYR H 335 -52.26 19.75 49.28
CA TYR H 335 -52.82 19.90 50.62
C TYR H 335 -54.00 18.95 50.85
N ASP H 336 -55.10 19.09 50.12
CA ASP H 336 -56.25 18.23 50.41
C ASP H 336 -56.09 16.83 49.85
N SER H 337 -54.97 16.55 49.18
CA SER H 337 -54.53 15.18 48.99
C SER H 337 -54.37 14.46 50.31
N PHE H 338 -53.97 15.16 51.37
CA PHE H 338 -53.76 14.62 52.70
C PHE H 338 -54.98 13.89 53.23
N TYR H 339 -56.16 14.44 53.01
CA TYR H 339 -57.35 13.65 53.22
C TYR H 339 -57.32 12.44 52.29
N TYR H 340 -57.29 12.65 50.98
CA TYR H 340 -57.57 11.47 50.19
C TYR H 340 -56.31 10.68 49.89
N SER H 341 -55.18 11.05 50.49
CA SER H 341 -54.12 10.07 50.70
C SER H 341 -54.52 9.09 51.80
N ASN H 342 -55.20 9.59 52.84
CA ASN H 342 -55.70 8.73 53.92
C ASN H 342 -56.91 7.90 53.49
N TYR H 343 -57.64 8.34 52.46
CA TYR H 343 -58.51 7.46 51.69
C TYR H 343 -57.74 6.27 51.16
N VAL H 344 -56.57 6.51 50.60
CA VAL H 344 -55.75 5.42 50.09
C VAL H 344 -55.21 4.61 51.25
N ASN H 345 -54.89 5.26 52.37
CA ASN H 345 -54.59 4.46 53.55
C ASN H 345 -55.85 3.94 54.22
N ALA H 346 -57.04 4.49 53.89
CA ALA H 346 -58.25 3.78 54.23
C ALA H 346 -58.41 2.52 53.41
N LYS H 347 -57.79 2.47 52.24
CA LYS H 347 -57.69 1.21 51.55
C LYS H 347 -56.63 0.30 52.15
N LEU H 348 -55.80 0.79 53.07
CA LEU H 348 -54.83 -0.17 53.58
C LEU H 348 -55.22 -0.82 54.89
N SER H 349 -55.16 -0.11 56.03
CA SER H 349 -55.49 -0.75 57.30
C SER H 349 -56.00 0.23 58.36
N LEU H 350 -56.41 1.43 57.96
CA LEU H 350 -56.69 2.46 58.97
C LEU H 350 -57.69 3.46 58.42
N TRP H 351 -58.01 4.48 59.22
CA TRP H 351 -58.67 5.66 58.68
C TRP H 351 -58.03 6.91 59.24
N ASN H 352 -57.46 6.83 60.43
CA ASN H 352 -56.79 8.00 60.96
C ASN H 352 -55.47 7.70 61.69
N GLU H 353 -55.36 6.54 62.35
CA GLU H 353 -54.45 6.42 63.48
C GLU H 353 -52.97 6.39 63.15
N ASN H 354 -52.52 5.33 62.49
CA ASN H 354 -51.12 5.20 62.10
C ASN H 354 -50.71 6.21 61.05
N GLY H 355 -51.62 6.53 60.13
CA GLY H 355 -51.35 7.40 59.00
C GLY H 355 -51.00 8.80 59.44
N LYS H 356 -51.72 9.33 60.42
CA LYS H 356 -51.42 10.65 60.93
C LYS H 356 -50.09 10.69 61.68
N LYS H 357 -49.48 9.53 61.90
CA LYS H 357 -48.03 9.47 62.01
C LYS H 357 -47.40 9.08 60.67
N ARG H 358 -47.94 8.05 60.02
CA ARG H 358 -47.28 7.45 58.85
C ARG H 358 -47.19 8.40 57.66
N LEU H 359 -48.17 9.29 57.50
CA LEU H 359 -48.09 10.26 56.41
C LEU H 359 -46.92 11.21 56.60
N HIS H 360 -46.49 11.39 57.83
CA HIS H 360 -45.41 12.30 58.08
C HIS H 360 -44.03 11.67 57.96
N LYS H 361 -43.90 10.58 57.18
CA LYS H 361 -42.60 10.30 56.57
C LYS H 361 -42.59 10.73 55.12
N MET H 362 -43.74 10.64 54.47
CA MET H 362 -43.77 10.78 53.04
C MET H 362 -44.24 12.15 52.57
N PHE H 363 -44.74 13.00 53.46
CA PHE H 363 -45.38 14.19 52.93
C PHE H 363 -44.71 15.49 53.35
N ALA H 364 -44.67 15.85 54.64
CA ALA H 364 -44.17 17.16 55.06
C ALA H 364 -42.65 17.30 54.95
N ARG H 365 -41.98 16.33 54.30
CA ARG H 365 -40.63 16.41 53.74
C ARG H 365 -40.38 17.74 53.06
N MET H 366 -41.35 18.30 52.37
CA MET H 366 -41.26 19.65 51.86
C MET H 366 -42.45 20.44 52.41
N GLY H 367 -42.15 21.55 53.09
CA GLY H 367 -43.18 22.52 53.36
C GLY H 367 -43.73 23.07 52.07
N ILE H 368 -45.05 23.23 52.05
CA ILE H 368 -45.79 23.45 50.80
C ILE H 368 -46.11 24.93 50.67
N PRO H 369 -45.53 25.64 49.69
CA PRO H 369 -45.55 27.12 49.70
C PRO H 369 -46.83 27.82 49.26
N LEU H 370 -46.68 29.14 49.03
CA LEU H 370 -47.73 30.07 48.60
C LEU H 370 -47.62 30.66 47.20
N SER H 371 -46.40 30.86 46.69
CA SER H 371 -46.25 31.50 45.38
C SER H 371 -45.54 30.59 44.40
N THR H 372 -44.38 30.06 44.79
CA THR H 372 -43.66 29.08 44.00
C THR H 372 -44.31 27.71 44.05
N ALA H 373 -45.34 27.53 44.88
CA ALA H 373 -46.16 26.33 44.89
C ALA H 373 -47.15 26.32 43.73
N GLN H 374 -47.40 27.49 43.13
CA GLN H 374 -47.86 27.55 41.76
C GLN H 374 -46.84 27.01 40.80
N GLU H 375 -45.58 26.90 41.18
CA GLU H 375 -44.61 26.39 40.25
C GLU H 375 -44.07 25.05 40.76
N THR H 376 -43.90 24.88 42.08
CA THR H 376 -43.27 23.64 42.54
C THR H 376 -44.20 22.44 42.52
N TRP H 377 -45.46 22.59 42.96
CA TRP H 377 -46.36 21.44 42.75
C TRP H 377 -47.16 21.53 41.45
N LEU H 378 -46.81 22.47 40.58
CA LEU H 378 -47.18 22.37 39.17
C LEU H 378 -46.05 21.84 38.30
N TYR H 379 -44.84 22.43 38.37
CA TYR H 379 -43.70 22.04 37.53
C TYR H 379 -42.71 21.10 38.21
N MET H 380 -41.99 21.57 39.24
CA MET H 380 -40.89 20.75 39.75
C MET H 380 -41.37 19.67 40.71
N ASP H 381 -42.69 19.47 40.83
CA ASP H 381 -43.18 18.19 41.34
C ASP H 381 -42.94 17.09 40.32
N HIS H 382 -42.58 17.43 39.08
CA HIS H 382 -42.03 16.43 38.17
C HIS H 382 -40.68 15.93 38.64
N SER H 383 -39.95 16.71 39.44
CA SER H 383 -38.81 16.15 40.14
C SER H 383 -39.28 15.27 41.28
N ILE H 384 -40.49 15.50 41.76
CA ILE H 384 -40.99 14.77 42.93
C ILE H 384 -41.92 13.62 42.51
N LYS H 385 -42.62 13.77 41.39
CA LYS H 385 -43.33 12.65 40.78
C LYS H 385 -42.35 11.59 40.31
N ARG H 386 -41.23 12.03 39.76
CA ARG H 386 -40.07 11.17 39.58
C ARG H 386 -39.60 10.60 40.90
N GLU H 387 -39.60 11.43 41.95
CA GLU H 387 -39.11 10.96 43.24
C GLU H 387 -40.06 9.96 43.86
N LEU H 388 -41.37 10.20 43.79
CA LEU H 388 -42.32 9.14 44.11
C LEU H 388 -42.18 7.97 43.15
N GLY H 389 -41.91 8.27 41.88
CA GLY H 389 -41.58 7.23 40.93
C GLY H 389 -40.31 6.50 41.28
N ILE H 390 -39.37 7.19 41.96
CA ILE H 390 -38.25 6.45 42.53
C ILE H 390 -38.39 6.25 44.03
N ILE H 391 -39.52 6.60 44.63
CA ILE H 391 -39.88 6.08 45.95
C ILE H 391 -40.69 4.80 45.82
N PHE H 392 -41.67 4.76 44.93
CA PHE H 392 -42.55 3.62 44.98
C PHE H 392 -42.02 2.47 44.14
N ASP H 393 -40.95 2.65 43.38
CA ASP H 393 -40.31 1.49 42.79
C ASP H 393 -39.61 0.66 43.87
N LYS H 394 -39.13 1.34 44.92
CA LYS H 394 -38.64 0.62 46.09
C LYS H 394 -39.71 0.47 47.16
N ASN H 395 -40.93 0.97 46.91
CA ASN H 395 -42.13 0.45 47.56
C ASN H 395 -42.90 -0.51 46.68
N LEU H 396 -42.23 -1.23 45.77
CA LEU H 396 -42.97 -2.09 44.85
C LEU H 396 -42.78 -3.56 45.17
N ASP H 397 -41.52 -4.03 45.24
CA ASP H 397 -41.27 -5.41 45.67
C ASP H 397 -41.46 -5.59 47.17
N ARG H 398 -41.62 -4.50 47.92
CA ARG H 398 -41.79 -4.53 49.36
C ARG H 398 -43.21 -4.17 49.82
N TYR H 399 -43.83 -3.12 49.25
CA TYR H 399 -45.20 -2.78 49.62
C TYR H 399 -46.12 -3.50 48.68
N GLY H 400 -46.00 -3.31 47.36
CA GLY H 400 -46.81 -4.07 46.44
C GLY H 400 -48.24 -3.59 46.38
N LEU H 401 -48.48 -2.35 46.78
CA LEU H 401 -49.82 -1.80 46.74
C LEU H 401 -49.96 -0.98 45.46
N GLN H 402 -50.73 -1.53 44.52
CA GLN H 402 -50.72 -1.11 43.12
C GLN H 402 -52.04 -0.42 42.79
N ASP H 403 -52.47 0.44 43.69
CA ASP H 403 -53.63 1.27 43.48
C ASP H 403 -53.24 2.69 43.13
N ILE H 404 -51.97 2.93 42.83
CA ILE H 404 -51.47 4.27 42.70
C ILE H 404 -50.95 4.52 41.30
N ILE H 405 -49.99 3.69 40.87
CA ILE H 405 -49.45 3.84 39.54
C ILE H 405 -50.50 3.43 38.53
N ARG H 406 -50.80 4.31 37.59
CA ARG H 406 -51.75 3.98 36.56
C ARG H 406 -51.39 4.70 35.28
N ASP H 407 -51.78 4.08 34.17
CA ASP H 407 -51.44 4.56 32.85
C ASP H 407 -52.14 5.87 32.52
N GLY H 408 -53.46 5.88 32.54
CA GLY H 408 -54.27 7.06 32.40
C GLY H 408 -54.20 7.74 31.04
N PHE H 409 -54.82 8.91 31.01
CA PHE H 409 -54.89 9.67 29.78
C PHE H 409 -54.99 11.15 30.12
N VAL H 410 -54.57 12.00 29.18
CA VAL H 410 -54.45 13.43 29.42
C VAL H 410 -54.80 14.16 28.14
N ARG H 411 -55.08 15.46 28.26
CA ARG H 411 -55.24 16.34 27.10
C ARG H 411 -54.73 17.71 27.49
N THR H 412 -54.45 18.54 26.50
CA THR H 412 -54.14 19.93 26.74
C THR H 412 -54.89 20.82 25.78
N LEU H 413 -54.84 22.12 26.04
CA LEU H 413 -55.55 23.11 25.23
C LEU H 413 -54.62 24.05 24.50
N GLY H 414 -53.33 23.73 24.43
CA GLY H 414 -52.38 24.68 23.89
C GLY H 414 -51.82 25.58 24.98
N TYR H 415 -52.73 26.20 25.73
CA TYR H 415 -52.46 26.89 26.96
C TYR H 415 -53.49 26.44 27.98
N ARG H 416 -53.64 27.22 29.04
CA ARG H 416 -54.67 27.04 30.08
C ARG H 416 -54.51 25.73 30.83
N GLY H 417 -53.27 25.30 31.03
CA GLY H 417 -53.01 24.18 31.91
C GLY H 417 -53.34 22.84 31.29
N SER H 418 -52.76 21.82 31.89
CA SER H 418 -52.97 20.45 31.47
C SER H 418 -54.07 19.87 32.34
N ILE H 419 -55.08 19.30 31.71
CA ILE H 419 -56.22 18.73 32.42
C ILE H 419 -56.42 17.33 31.90
N SER H 420 -56.32 16.35 32.78
CA SER H 420 -56.51 14.97 32.37
C SER H 420 -57.98 14.62 32.50
N ALA H 421 -58.34 13.37 32.23
CA ALA H 421 -59.71 12.97 32.33
C ALA H 421 -60.03 12.26 33.64
N SER H 422 -59.04 12.04 34.49
CA SER H 422 -59.32 11.40 35.78
C SER H 422 -60.08 12.36 36.68
N GLU H 423 -59.53 13.55 36.87
CA GLU H 423 -60.18 14.58 37.67
C GLU H 423 -61.39 15.17 36.99
N PHE H 424 -61.49 15.01 35.67
CA PHE H 424 -62.49 15.76 34.92
C PHE H 424 -63.87 15.20 35.15
N VAL H 425 -63.97 13.88 35.32
CA VAL H 425 -65.24 13.28 35.67
C VAL H 425 -65.65 13.65 37.09
N GLU H 426 -64.69 13.99 37.94
CA GLU H 426 -65.00 14.36 39.30
C GLU H 426 -65.70 15.71 39.38
N ALA H 427 -65.30 16.66 38.55
CA ALA H 427 -65.98 17.95 38.53
C ALA H 427 -67.39 17.82 37.99
N LEU H 428 -67.60 16.93 37.04
CA LEU H 428 -68.93 16.79 36.47
C LEU H 428 -69.91 16.17 37.45
N THR H 429 -69.44 15.34 38.37
CA THR H 429 -70.35 14.79 39.35
C THR H 429 -70.80 15.83 40.35
N ALA H 430 -69.87 16.56 40.93
CA ALA H 430 -70.21 17.54 41.95
C ALA H 430 -70.97 18.72 41.39
N LEU H 431 -70.65 19.13 40.16
CA LEU H 431 -71.36 20.26 39.58
C LEU H 431 -72.77 19.87 39.20
N LEU H 432 -73.00 18.59 38.97
CA LEU H 432 -74.36 18.13 38.78
C LEU H 432 -75.12 18.18 40.09
N GLU H 433 -74.42 18.06 41.22
CA GLU H 433 -75.07 18.04 42.51
C GLU H 433 -75.49 19.43 42.95
N VAL H 434 -74.55 20.32 43.11
CA VAL H 434 -74.81 21.65 43.63
C VAL H 434 -74.61 22.64 42.50
N GLY H 435 -75.19 23.83 42.62
CA GLY H 435 -75.09 24.81 41.57
C GLY H 435 -76.42 25.44 41.26
N ASN H 436 -77.41 25.19 42.13
CA ASN H 436 -78.75 25.75 41.98
C ASN H 436 -78.76 27.27 42.09
N SER H 462 -101.29 17.67 48.91
CA SER H 462 -99.98 17.26 49.41
C SER H 462 -98.95 17.18 48.28
N ALA H 463 -97.81 16.52 48.57
CA ALA H 463 -96.72 16.26 47.62
C ALA H 463 -96.14 17.55 47.05
N GLN H 464 -96.20 18.62 47.82
CA GLN H 464 -95.80 19.92 47.31
C GLN H 464 -94.31 20.17 47.39
N LYS H 465 -93.56 19.35 48.11
CA LYS H 465 -92.13 19.56 48.21
C LYS H 465 -91.35 18.79 47.16
N LEU H 466 -91.87 17.64 46.75
CA LEU H 466 -91.16 16.82 45.78
C LEU H 466 -91.17 17.43 44.39
N THR H 467 -92.22 18.20 44.07
CA THR H 467 -92.23 18.91 42.79
C THR H 467 -91.16 19.98 42.75
N ASN H 468 -91.07 20.78 43.81
CA ASN H 468 -90.00 21.77 43.89
C ASN H 468 -88.66 21.15 44.24
N LEU H 469 -88.61 19.85 44.50
CA LEU H 469 -87.32 19.18 44.54
C LEU H 469 -86.97 18.59 43.19
N ARG H 470 -87.96 18.11 42.44
CA ARG H 470 -87.65 17.51 41.17
C ARG H 470 -87.36 18.53 40.09
N LYS H 471 -87.85 19.78 40.24
CA LYS H 471 -87.54 20.80 39.26
C LYS H 471 -86.12 21.29 39.42
N ARG H 472 -85.51 21.03 40.56
CA ARG H 472 -84.13 21.43 40.75
C ARG H 472 -83.18 20.58 39.94
N TRP H 473 -83.29 19.26 40.02
CA TRP H 473 -82.27 18.38 39.47
C TRP H 473 -82.23 18.40 37.96
N VAL H 474 -83.37 18.58 37.32
CA VAL H 474 -83.36 18.83 35.90
C VAL H 474 -82.65 20.14 35.57
N SER H 475 -82.85 21.18 36.37
CA SER H 475 -82.29 22.48 36.03
C SER H 475 -80.79 22.50 36.22
N ASN H 476 -80.31 21.93 37.33
CA ASN H 476 -78.87 21.95 37.54
C ASN H 476 -78.17 20.93 36.69
N PHE H 477 -78.90 19.96 36.14
CA PHE H 477 -78.33 19.13 35.09
C PHE H 477 -77.92 19.97 33.92
N TRP H 478 -78.73 20.98 33.61
CA TRP H 478 -78.61 21.66 32.35
C TRP H 478 -77.35 22.49 32.28
N LEU H 479 -76.88 22.98 33.43
CA LEU H 479 -75.66 23.76 33.41
C LEU H 479 -74.42 22.90 33.39
N SER H 480 -74.56 21.59 33.38
CA SER H 480 -73.39 20.75 33.18
C SER H 480 -73.25 20.33 31.73
N TRP H 481 -74.31 20.39 30.94
CA TRP H 481 -74.23 19.85 29.59
C TRP H 481 -73.46 20.78 28.69
N ASP H 482 -73.54 22.07 28.95
CA ASP H 482 -72.81 23.07 28.22
C ASP H 482 -71.41 23.27 28.76
N ALA H 483 -70.95 22.35 29.59
CA ALA H 483 -69.59 22.43 30.09
C ALA H 483 -68.55 21.94 29.13
N LEU H 484 -68.95 21.56 27.92
CA LEU H 484 -68.02 20.90 27.04
C LEU H 484 -67.51 21.82 25.95
N ASP H 485 -67.71 23.13 26.11
CA ASP H 485 -67.11 24.12 25.23
C ASP H 485 -65.84 24.68 25.86
N ASP H 486 -65.10 25.45 25.07
CA ASP H 486 -64.11 26.35 25.65
C ASP H 486 -64.74 27.56 26.31
N ARG H 487 -66.01 27.84 26.04
CA ARG H 487 -66.69 29.05 26.50
C ARG H 487 -66.92 29.04 28.00
N LYS H 488 -66.89 27.87 28.62
CA LYS H 488 -66.94 27.77 30.07
C LYS H 488 -65.51 27.60 30.56
N VAL H 489 -64.97 28.67 31.10
CA VAL H 489 -63.71 28.61 31.81
C VAL H 489 -63.90 28.96 33.27
N GLU H 490 -64.39 30.17 33.55
CA GLU H 490 -64.54 30.58 34.94
C GLU H 490 -65.76 29.97 35.60
N LEU H 491 -66.53 29.14 34.90
CA LEU H 491 -67.43 28.23 35.59
C LEU H 491 -66.84 26.84 35.73
N LEU H 492 -65.76 26.52 35.00
CA LEU H 492 -65.15 25.20 35.14
C LEU H 492 -64.50 25.04 36.49
N ASN H 493 -63.81 26.07 36.95
CA ASN H 493 -63.16 26.00 38.25
C ASN H 493 -64.17 26.08 39.38
N ARG H 494 -65.40 26.51 39.10
CA ARG H 494 -66.43 26.60 40.14
C ARG H 494 -66.77 25.23 40.70
N GLY H 495 -66.95 24.25 39.82
CA GLY H 495 -67.12 22.90 40.31
C GLY H 495 -65.87 22.35 40.96
N ILE H 496 -64.69 22.80 40.52
CA ILE H 496 -63.44 22.31 41.06
C ILE H 496 -63.32 22.70 42.53
N GLN H 497 -63.55 23.97 42.84
CA GLN H 497 -63.51 24.41 44.23
C GLN H 497 -64.72 23.90 44.98
N LEU H 498 -65.79 23.55 44.28
CA LEU H 498 -66.91 22.88 44.94
C LEU H 498 -66.56 21.46 45.34
N ALA H 499 -65.85 20.75 44.46
CA ALA H 499 -65.53 19.36 44.72
C ALA H 499 -64.64 19.16 45.92
N GLN H 500 -63.64 20.03 46.11
CA GLN H 500 -62.72 19.80 47.21
C GLN H 500 -63.23 20.35 48.53
N ASP H 501 -64.51 20.67 48.63
CA ASP H 501 -65.12 20.79 49.94
C ASP H 501 -66.16 19.71 50.18
N LEU H 502 -66.77 19.21 49.12
CA LEU H 502 -67.82 18.20 49.26
C LEU H 502 -67.25 16.91 49.84
N GLN H 503 -66.06 16.53 49.38
CA GLN H 503 -65.38 15.41 50.00
C GLN H 503 -65.03 15.73 51.44
N ARG H 504 -64.59 16.95 51.72
CA ARG H 504 -64.38 17.38 53.08
C ARG H 504 -65.68 17.46 53.85
N ALA H 505 -66.78 17.68 53.16
CA ALA H 505 -68.06 17.55 53.83
C ALA H 505 -68.42 16.09 54.06
N ILE H 506 -68.24 15.24 53.06
CA ILE H 506 -68.70 13.86 53.19
C ILE H 506 -67.82 13.07 54.15
N PHE H 507 -66.56 13.45 54.27
CA PHE H 507 -65.66 12.73 55.16
C PHE H 507 -65.87 13.19 56.58
N ASN H 508 -66.46 14.37 56.75
CA ASN H 508 -66.73 14.90 58.07
C ASN H 508 -67.76 14.05 58.81
N THR H 509 -68.68 13.43 58.08
CA THR H 509 -69.68 12.60 58.75
C THR H 509 -69.38 11.12 58.66
N GLY H 510 -68.54 10.71 57.72
CA GLY H 510 -68.17 9.31 57.61
C GLY H 510 -67.34 8.90 58.80
N VAL H 511 -66.47 9.82 59.22
CA VAL H 511 -65.70 9.59 60.44
C VAL H 511 -66.58 9.63 61.67
N ALA H 512 -67.75 10.25 61.58
CA ALA H 512 -68.65 10.23 62.73
C ALA H 512 -69.31 8.87 62.88
N ILE H 513 -69.86 8.33 61.78
CA ILE H 513 -70.64 7.10 61.89
C ILE H 513 -69.76 5.89 62.13
N LEU H 514 -68.48 5.98 61.80
CA LEU H 514 -67.53 4.98 62.27
C LEU H 514 -67.41 5.01 63.78
N GLU H 515 -67.13 6.18 64.35
CA GLU H 515 -66.82 6.26 65.76
C GLU H 515 -68.06 6.10 66.63
N LYS H 516 -69.24 6.32 66.06
CA LYS H 516 -70.47 5.96 66.75
C LYS H 516 -70.57 4.45 66.93
N LYS H 517 -69.97 3.70 65.99
CA LYS H 517 -70.01 2.24 65.95
C LYS H 517 -71.45 1.72 65.90
N LEU H 518 -72.19 2.14 64.88
CA LEU H 518 -73.54 1.68 64.68
C LEU H 518 -73.67 0.74 63.49
N ILE H 519 -72.56 0.25 62.97
CA ILE H 519 -72.61 -0.82 61.97
C ILE H 519 -72.74 -2.14 62.72
N LYS H 520 -73.79 -2.90 62.39
CA LYS H 520 -74.06 -4.16 63.06
C LYS H 520 -74.13 -5.25 62.01
N HIS H 521 -73.20 -6.21 62.11
CA HIS H 521 -73.28 -7.41 61.28
C HIS H 521 -74.30 -8.33 61.92
N LEU H 522 -75.53 -8.33 61.39
CA LEU H 522 -76.55 -9.14 62.02
C LEU H 522 -76.39 -10.61 61.66
N ARG H 523 -76.68 -10.97 60.44
CA ARG H 523 -76.24 -12.28 60.00
C ARG H 523 -75.66 -12.28 58.60
N ILE H 524 -76.22 -11.48 57.70
CA ILE H 524 -75.95 -11.63 56.28
C ILE H 524 -75.15 -10.43 55.83
N TYR H 525 -75.73 -9.26 56.04
CA TYR H 525 -75.21 -7.97 55.66
C TYR H 525 -74.74 -7.24 56.89
N ARG H 526 -74.46 -5.95 56.71
CA ARG H 526 -74.38 -5.05 57.84
C ARG H 526 -75.41 -3.95 57.62
N LEU H 527 -76.07 -3.54 58.69
CA LEU H 527 -77.10 -2.52 58.62
C LEU H 527 -76.60 -1.29 59.35
N CYS H 528 -76.81 -0.12 58.74
CA CYS H 528 -76.53 1.16 59.38
C CYS H 528 -77.69 2.09 59.11
N VAL H 529 -78.20 2.75 60.15
CA VAL H 529 -79.26 3.74 60.00
C VAL H 529 -78.72 5.06 60.53
N LEU H 530 -78.46 5.98 59.62
CA LEU H 530 -78.08 7.34 59.98
C LEU H 530 -79.39 8.02 60.38
N GLN H 531 -79.72 7.93 61.66
CA GLN H 531 -80.99 8.47 62.14
C GLN H 531 -80.99 9.99 62.12
N ASP H 532 -79.92 10.62 62.62
CA ASP H 532 -79.76 12.07 62.59
C ASP H 532 -78.31 12.43 62.87
N GLY H 533 -77.76 13.31 62.05
CA GLY H 533 -76.49 13.93 62.34
C GLY H 533 -76.56 15.39 61.95
N PRO H 534 -75.42 15.98 61.61
CA PRO H 534 -75.44 17.31 60.99
C PRO H 534 -75.44 17.23 59.47
N ASP H 535 -75.95 18.29 58.84
CA ASP H 535 -75.95 18.51 57.40
C ASP H 535 -76.67 17.40 56.64
N LEU H 536 -77.95 17.20 56.92
CA LEU H 536 -78.69 16.11 56.31
C LEU H 536 -79.19 16.45 54.92
N ASP H 537 -79.03 17.70 54.48
CA ASP H 537 -79.62 18.15 53.23
C ASP H 537 -78.93 17.57 52.00
N LEU H 538 -77.67 17.20 52.12
CA LEU H 538 -76.91 16.72 50.96
C LEU H 538 -77.11 15.24 50.70
N TYR H 539 -78.25 14.69 51.12
CA TYR H 539 -78.55 13.27 50.93
C TYR H 539 -79.92 13.07 50.31
N ARG H 540 -80.54 14.14 49.83
CA ARG H 540 -81.71 13.96 49.01
C ARG H 540 -81.36 13.50 47.61
N ASN H 541 -80.39 14.13 47.00
CA ASN H 541 -80.02 13.77 45.64
C ASN H 541 -79.17 12.52 45.66
N PRO H 542 -79.57 11.47 44.96
CA PRO H 542 -78.96 10.15 45.19
C PRO H 542 -77.54 10.01 44.69
N LEU H 543 -77.03 10.95 43.90
CA LEU H 543 -75.68 10.79 43.36
C LEU H 543 -74.61 10.90 44.42
N THR H 544 -74.89 11.62 45.51
CA THR H 544 -73.96 11.62 46.63
C THR H 544 -73.99 10.30 47.39
N LEU H 545 -75.08 9.56 47.33
CA LEU H 545 -75.22 8.42 48.22
C LEU H 545 -74.34 7.26 47.77
N LEU H 546 -74.22 7.06 46.46
CA LEU H 546 -73.33 6.01 45.97
C LEU H 546 -71.88 6.34 46.28
N ARG H 547 -71.52 7.62 46.33
CA ARG H 547 -70.18 8.00 46.74
C ARG H 547 -69.95 7.76 48.21
N LEU H 548 -70.95 8.08 49.04
CA LEU H 548 -70.87 7.78 50.46
C LEU H 548 -70.72 6.29 50.69
N GLY H 549 -71.48 5.49 49.97
CA GLY H 549 -71.21 4.08 49.94
C GLY H 549 -69.87 3.72 49.36
N ASN H 550 -69.42 4.48 48.35
CA ASN H 550 -68.12 4.21 47.76
C ASN H 550 -67.00 4.48 48.75
N TRP H 551 -67.21 5.42 49.64
CA TRP H 551 -66.28 5.54 50.75
C TRP H 551 -66.55 4.47 51.80
N LEU H 552 -67.80 4.06 51.96
CA LEU H 552 -68.11 3.13 53.03
C LEU H 552 -67.85 1.69 52.66
N ILE H 553 -67.92 1.33 51.38
CA ILE H 553 -67.54 -0.01 50.96
C ILE H 553 -66.04 -0.23 51.14
N GLU H 554 -65.26 0.85 51.20
CA GLU H 554 -63.82 0.71 51.31
C GLU H 554 -63.30 0.81 52.73
N CYS H 555 -64.15 1.16 53.70
CA CYS H 555 -63.70 1.00 55.08
C CYS H 555 -63.66 -0.47 55.44
N CYS H 556 -64.56 -1.25 54.87
CA CYS H 556 -64.60 -2.69 55.07
C CYS H 556 -63.86 -3.45 53.99
N ALA H 557 -63.00 -2.77 53.23
CA ALA H 557 -62.17 -3.44 52.25
C ALA H 557 -60.80 -3.83 52.81
N GLU H 558 -60.83 -4.42 54.00
CA GLU H 558 -59.68 -5.13 54.55
C GLU H 558 -59.75 -6.57 54.05
N SER H 559 -59.02 -7.48 54.68
CA SER H 559 -59.01 -8.89 54.30
C SER H 559 -60.41 -9.47 54.25
N GLU H 560 -61.09 -9.53 55.41
CA GLU H 560 -62.46 -10.01 55.59
C GLU H 560 -62.76 -11.31 54.85
N ASP H 561 -62.05 -12.36 55.22
CA ASP H 561 -62.06 -13.64 54.52
C ASP H 561 -63.35 -14.47 54.76
N LYS H 562 -64.41 -13.86 55.28
CA LYS H 562 -65.75 -14.41 55.28
C LYS H 562 -66.69 -13.20 55.24
N GLN H 563 -67.92 -13.42 54.73
CA GLN H 563 -69.00 -12.43 54.66
C GLN H 563 -68.60 -11.18 53.87
N LEU H 564 -68.38 -11.35 52.56
CA LEU H 564 -68.13 -10.24 51.66
C LEU H 564 -69.45 -9.68 51.16
N LEU H 565 -70.21 -9.09 52.08
CA LEU H 565 -71.50 -8.58 51.67
C LEU H 565 -71.56 -7.08 51.91
N PRO H 566 -72.02 -6.29 50.93
CA PRO H 566 -72.16 -4.84 51.13
C PRO H 566 -73.30 -4.48 52.07
N MET H 567 -73.51 -3.18 52.24
CA MET H 567 -74.38 -2.70 53.30
C MET H 567 -75.65 -2.14 52.71
N VAL H 568 -76.54 -1.72 53.60
CA VAL H 568 -77.72 -0.93 53.26
C VAL H 568 -77.81 0.16 54.30
N LEU H 569 -77.86 1.41 53.83
CA LEU H 569 -77.87 2.57 54.71
C LEU H 569 -79.28 3.15 54.80
N ALA H 570 -79.41 4.22 55.58
CA ALA H 570 -80.71 4.86 55.77
C ALA H 570 -80.50 6.29 56.22
N SER H 571 -81.27 7.22 55.65
CA SER H 571 -81.22 8.61 56.07
C SER H 571 -82.52 9.30 55.72
N ILE H 572 -82.81 10.38 56.45
CA ILE H 572 -84.06 11.10 56.29
C ILE H 572 -83.84 12.57 56.60
N ASP H 573 -84.41 13.43 55.76
CA ASP H 573 -84.35 14.88 55.90
C ASP H 573 -85.75 15.49 55.88
N GLU H 574 -86.63 14.90 55.09
CA GLU H 574 -87.91 15.50 54.75
C GLU H 574 -89.02 14.80 55.54
N ASN H 575 -90.25 15.25 55.36
CA ASN H 575 -91.42 14.76 56.07
C ASN H 575 -91.74 13.32 55.66
N THR H 576 -92.71 12.72 56.39
CA THR H 576 -93.31 11.39 56.24
C THR H 576 -92.33 10.23 56.07
N ASP H 577 -91.07 10.44 56.47
CA ASP H 577 -89.98 9.47 56.43
C ASP H 577 -89.85 8.83 55.06
N THR H 578 -89.44 9.63 54.07
CA THR H 578 -89.24 9.14 52.71
C THR H 578 -88.20 8.05 52.63
N TYR H 579 -87.03 8.26 53.25
CA TYR H 579 -86.00 7.25 53.49
C TYR H 579 -85.46 6.60 52.22
N LEU H 580 -84.70 7.35 51.42
CA LEU H 580 -84.15 6.83 50.18
C LEU H 580 -83.07 5.78 50.48
N VAL H 581 -83.56 4.59 50.80
CA VAL H 581 -82.68 3.49 51.14
C VAL H 581 -82.08 2.91 49.88
N ALA H 582 -80.86 2.42 49.99
CA ALA H 582 -80.15 1.90 48.83
C ALA H 582 -79.23 0.77 49.25
N GLY H 583 -78.80 0.02 48.24
CA GLY H 583 -77.84 -1.05 48.45
C GLY H 583 -76.59 -0.82 47.65
N LEU H 584 -75.51 -1.52 48.02
CA LEU H 584 -74.24 -1.38 47.36
C LEU H 584 -73.85 -2.70 46.73
N THR H 585 -72.64 -2.76 46.21
CA THR H 585 -72.06 -3.97 45.68
C THR H 585 -70.88 -4.38 46.53
N PRO H 586 -70.58 -5.67 46.67
CA PRO H 586 -69.32 -6.05 47.29
C PRO H 586 -68.17 -5.73 46.35
N ARG H 587 -66.97 -5.69 46.91
CA ARG H 587 -65.82 -5.23 46.16
C ARG H 587 -64.68 -6.23 46.20
N TYR H 588 -63.81 -6.16 45.20
CA TYR H 588 -62.65 -7.01 45.13
C TYR H 588 -61.38 -6.20 45.28
N PRO H 589 -60.41 -6.68 46.05
CA PRO H 589 -59.13 -6.00 46.22
C PRO H 589 -58.10 -6.35 45.15
N ARG H 590 -58.52 -6.27 43.89
CA ARG H 590 -57.68 -6.43 42.69
C ARG H 590 -57.00 -7.80 42.65
N GLY H 591 -57.85 -8.83 42.64
CA GLY H 591 -57.37 -10.20 42.61
C GLY H 591 -57.57 -10.91 41.28
N THR H 597 -63.47 -9.83 37.95
CA THR H 597 -64.34 -10.51 38.89
C THR H 597 -64.50 -11.97 38.49
N LYS H 598 -64.02 -12.85 39.37
CA LYS H 598 -64.13 -14.29 39.15
C LYS H 598 -65.52 -14.80 39.49
N LYS H 599 -66.02 -14.50 40.69
CA LYS H 599 -67.39 -14.90 41.01
C LYS H 599 -68.38 -13.93 40.36
N PRO H 600 -69.56 -14.41 39.96
CA PRO H 600 -70.55 -13.51 39.34
C PRO H 600 -71.39 -12.75 40.36
N ILE H 601 -70.83 -11.67 40.89
CA ILE H 601 -71.54 -10.91 41.91
C ILE H 601 -72.07 -9.60 41.34
N LEU H 602 -73.34 -9.62 40.94
CA LEU H 602 -73.98 -8.41 40.44
C LEU H 602 -74.82 -7.75 41.52
N ASN H 603 -75.90 -8.43 41.93
CA ASN H 603 -76.85 -7.93 42.93
C ASN H 603 -77.83 -9.05 43.26
N ASN H 604 -78.25 -9.13 44.51
CA ASN H 604 -79.34 -10.01 44.90
C ASN H 604 -80.57 -9.24 45.35
N PHE H 605 -80.45 -7.94 45.60
CA PHE H 605 -81.48 -7.17 46.28
C PHE H 605 -82.69 -6.89 45.40
N SER H 606 -82.47 -6.66 44.10
CA SER H 606 -83.58 -6.34 43.21
C SER H 606 -84.52 -7.51 43.05
N MET H 607 -84.00 -8.74 43.15
CA MET H 607 -84.86 -9.90 43.26
C MET H 607 -85.71 -9.84 44.51
N ALA H 608 -85.12 -9.44 45.64
CA ALA H 608 -85.90 -9.27 46.85
C ALA H 608 -86.73 -7.99 46.81
N PHE H 609 -86.31 -7.01 46.01
CA PHE H 609 -87.09 -5.79 45.89
C PHE H 609 -88.39 -6.02 45.16
N GLN H 610 -88.44 -7.01 44.28
CA GLN H 610 -89.71 -7.40 43.71
C GLN H 610 -90.61 -8.06 44.74
N GLN H 611 -90.02 -8.77 45.71
CA GLN H 611 -90.81 -9.51 46.69
C GLN H 611 -91.56 -8.63 47.65
N ILE H 612 -90.86 -7.67 48.25
CA ILE H 612 -91.47 -6.85 49.29
C ILE H 612 -92.45 -5.87 48.70
N THR H 613 -92.18 -5.41 47.48
CA THR H 613 -93.13 -4.59 46.74
C THR H 613 -94.37 -5.37 46.34
N ALA H 614 -94.30 -6.69 46.27
CA ALA H 614 -95.44 -7.50 45.88
C ALA H 614 -96.31 -7.90 47.06
N GLU H 615 -95.93 -7.56 48.29
CA GLU H 615 -96.62 -8.14 49.42
C GLU H 615 -97.91 -7.40 49.77
N THR H 616 -97.82 -6.14 50.18
CA THR H 616 -98.98 -5.48 50.80
C THR H 616 -99.28 -4.10 50.24
N ASP H 617 -98.34 -3.51 49.50
CA ASP H 617 -98.45 -2.16 48.91
C ASP H 617 -98.82 -1.11 49.96
N ALA H 618 -98.21 -1.23 51.14
CA ALA H 618 -98.54 -0.37 52.27
C ALA H 618 -97.54 0.78 52.36
N LYS H 619 -97.68 1.71 51.41
CA LYS H 619 -96.81 2.89 51.22
C LYS H 619 -95.34 2.47 51.04
N VAL H 620 -95.13 1.74 49.96
CA VAL H 620 -93.80 1.49 49.42
C VAL H 620 -93.76 2.08 48.01
N ARG H 621 -92.59 2.52 47.57
CA ARG H 621 -92.47 3.24 46.31
C ARG H 621 -91.22 2.78 45.58
N ILE H 622 -91.33 2.64 44.26
CA ILE H 622 -90.18 2.35 43.40
C ILE H 622 -90.12 3.38 42.28
N ASP H 623 -90.64 4.58 42.56
CA ASP H 623 -90.73 5.64 41.56
C ASP H 623 -89.38 6.17 41.13
N ASN H 624 -88.34 6.05 41.94
CA ASN H 624 -87.01 6.41 41.52
C ASN H 624 -86.52 5.45 40.45
N PHE H 625 -85.60 5.93 39.62
CA PHE H 625 -85.32 5.21 38.38
C PHE H 625 -84.49 3.96 38.63
N GLU H 626 -83.31 4.12 39.20
CA GLU H 626 -82.39 3.01 39.38
C GLU H 626 -82.96 2.05 40.43
N SER H 627 -82.95 0.75 40.10
CA SER H 627 -83.50 -0.26 40.98
C SER H 627 -82.72 -0.45 42.27
N SER H 628 -81.47 0.02 42.32
CA SER H 628 -80.68 -0.06 43.55
C SER H 628 -81.12 0.94 44.61
N ILE H 629 -82.10 1.79 44.32
CA ILE H 629 -82.63 2.74 45.29
C ILE H 629 -84.15 2.61 45.27
N ILE H 630 -84.75 2.53 46.45
CA ILE H 630 -86.20 2.54 46.62
C ILE H 630 -86.51 3.51 47.75
N GLU H 631 -87.77 3.54 48.19
CA GLU H 631 -88.16 4.28 49.38
C GLU H 631 -88.83 3.33 50.36
N ILE H 632 -89.01 3.80 51.59
CA ILE H 632 -89.68 3.04 52.64
C ILE H 632 -90.33 4.03 53.60
N ARG H 633 -91.29 3.53 54.37
CA ARG H 633 -91.88 4.22 55.51
C ARG H 633 -91.13 3.83 56.78
N ARG H 634 -91.28 4.67 57.82
CA ARG H 634 -90.55 4.48 59.07
C ARG H 634 -90.98 3.21 59.80
N GLU H 635 -92.28 2.96 59.84
CA GLU H 635 -92.80 1.76 60.46
C GLU H 635 -92.72 0.53 59.56
N ASP H 636 -92.12 0.66 58.38
CA ASP H 636 -91.98 -0.46 57.48
C ASP H 636 -90.55 -0.93 57.32
N LEU H 637 -89.57 -0.13 57.72
CA LEU H 637 -88.17 -0.54 57.62
C LEU H 637 -87.82 -1.63 58.63
N SER H 638 -88.50 -1.67 59.75
CA SER H 638 -88.26 -2.73 60.72
C SER H 638 -88.91 -4.05 60.30
N PRO H 639 -90.13 -4.09 59.72
CA PRO H 639 -90.54 -5.35 59.09
C PRO H 639 -89.92 -5.58 57.71
N PHE H 640 -89.20 -4.60 57.17
CA PHE H 640 -88.44 -4.81 55.95
C PHE H 640 -87.34 -5.84 56.17
N LEU H 641 -86.52 -5.62 57.20
CA LEU H 641 -85.36 -6.46 57.45
C LEU H 641 -85.75 -7.86 57.93
N GLU H 642 -86.86 -7.96 58.67
CA GLU H 642 -87.35 -9.27 59.10
C GLU H 642 -87.77 -10.13 57.93
N LYS H 643 -88.29 -9.49 56.89
CA LYS H 643 -88.52 -10.18 55.62
C LYS H 643 -87.24 -10.49 54.89
N LEU H 644 -86.14 -9.81 55.23
CA LEU H 644 -84.89 -9.96 54.50
C LEU H 644 -83.90 -10.88 55.19
N THR H 645 -83.98 -11.02 56.51
CA THR H 645 -83.06 -11.87 57.23
C THR H 645 -83.38 -13.35 57.07
N LEU H 646 -84.57 -13.68 56.60
CA LEU H 646 -84.95 -15.06 56.31
C LEU H 646 -84.97 -15.39 54.83
N SER H 647 -85.29 -14.43 53.97
CA SER H 647 -85.39 -14.68 52.54
C SER H 647 -83.98 -14.65 51.96
N GLY H 648 -83.29 -15.77 52.07
CA GLY H 648 -81.95 -15.87 51.52
C GLY H 648 -81.98 -16.20 50.05
N LEU H 649 -81.75 -15.20 49.20
CA LEU H 649 -81.89 -15.36 47.77
C LEU H 649 -80.57 -15.26 47.01
N LEU H 650 -79.44 -15.22 47.71
CA LEU H 650 -78.16 -15.15 47.04
C LEU H 650 -77.83 -16.50 46.44
N PRO I 201 -6.69 15.42 65.97
CA PRO I 201 -5.91 14.25 65.55
C PRO I 201 -6.74 13.27 64.77
N ASN I 202 -6.45 11.98 64.92
CA ASN I 202 -7.16 10.95 64.17
C ASN I 202 -7.87 9.94 65.06
N VAL I 203 -7.51 9.85 66.34
CA VAL I 203 -8.15 8.87 67.22
C VAL I 203 -9.57 9.25 67.59
N SER I 204 -9.95 10.51 67.40
CA SER I 204 -11.34 10.90 67.58
C SER I 204 -12.26 10.32 66.53
N ARG I 205 -11.71 9.95 65.36
CA ARG I 205 -12.49 9.24 64.35
C ARG I 205 -12.99 7.90 64.90
N THR I 206 -12.16 7.22 65.67
CA THR I 206 -12.64 6.03 66.34
C THR I 206 -13.59 6.37 67.46
N ILE I 207 -13.42 7.53 68.09
CA ILE I 207 -14.25 7.92 69.22
C ILE I 207 -15.70 8.08 68.79
N ALA I 208 -15.90 8.68 67.63
CA ALA I 208 -17.24 8.78 67.06
C ALA I 208 -17.81 7.41 66.75
N ARG I 209 -16.97 6.50 66.27
CA ARG I 209 -17.43 5.14 66.05
C ARG I 209 -17.72 4.46 67.38
N GLU I 210 -16.93 4.74 68.41
CA GLU I 210 -17.05 3.99 69.65
C GLU I 210 -18.28 4.42 70.44
N LEU I 211 -18.66 5.68 70.33
CA LEU I 211 -19.84 6.14 71.06
C LEU I 211 -21.13 5.78 70.36
N LYS I 212 -21.09 5.65 69.04
CA LYS I 212 -22.31 5.49 68.25
C LYS I 212 -23.01 4.18 68.60
N SER I 213 -22.26 3.10 68.56
CA SER I 213 -22.70 1.84 69.13
C SER I 213 -23.03 1.98 70.60
N PHE I 214 -22.21 2.70 71.37
CA PHE I 214 -22.47 2.91 72.80
C PHE I 214 -23.77 3.67 73.05
N LEU I 215 -24.28 4.37 72.04
CA LEU I 215 -25.62 4.92 72.13
C LEU I 215 -26.71 3.93 71.75
N LEU I 216 -26.82 3.56 70.47
CA LEU I 216 -28.05 2.95 69.99
C LEU I 216 -28.20 1.49 70.32
N GLU I 217 -27.11 0.80 70.68
CA GLU I 217 -27.19 -0.62 70.94
C GLU I 217 -27.91 -0.93 72.25
N TYR I 218 -28.05 0.04 73.13
CA TYR I 218 -28.64 -0.24 74.43
C TYR I 218 -29.81 0.69 74.71
N THR I 219 -30.80 0.09 75.34
CA THR I 219 -31.97 0.78 75.84
C THR I 219 -32.18 0.30 77.27
N ASP I 220 -32.35 1.22 78.20
CA ASP I 220 -32.62 0.85 79.57
C ASP I 220 -34.10 0.56 79.77
N GLU I 221 -34.44 0.06 80.97
CA GLU I 221 -35.81 -0.24 81.40
C GLU I 221 -36.50 -1.28 80.50
N THR I 222 -36.02 -2.53 80.62
CA THR I 222 -36.64 -3.73 80.03
C THR I 222 -36.78 -3.62 78.51
N GLY I 223 -35.80 -2.98 77.89
CA GLY I 223 -35.82 -2.79 76.44
C GLY I 223 -36.94 -1.84 76.03
N ARG I 224 -37.67 -2.24 74.98
CA ARG I 224 -38.66 -1.45 74.22
C ARG I 224 -38.01 -0.29 73.44
N SER I 225 -36.67 -0.29 73.30
CA SER I 225 -35.92 0.51 72.32
C SER I 225 -36.14 2.03 72.41
N VAL I 226 -35.67 2.64 73.49
CA VAL I 226 -36.02 4.01 73.83
C VAL I 226 -35.29 4.98 72.92
N TYR I 227 -33.97 4.83 72.83
CA TYR I 227 -33.19 5.77 72.04
C TYR I 227 -33.48 5.63 70.55
N GLY I 228 -33.89 4.44 70.10
CA GLY I 228 -34.38 4.29 68.75
C GLY I 228 -35.74 4.91 68.51
N ALA I 229 -36.47 5.22 69.59
CA ALA I 229 -37.79 5.83 69.44
C ALA I 229 -37.71 7.34 69.34
N ARG I 230 -36.80 7.98 70.08
CA ARG I 230 -36.66 9.43 69.99
C ARG I 230 -36.22 9.86 68.61
N ILE I 231 -35.36 9.07 67.96
CA ILE I 231 -34.82 9.50 66.68
C ILE I 231 -35.83 9.44 65.55
N ARG I 232 -36.57 8.35 65.41
CA ARG I 232 -37.49 8.21 64.29
C ARG I 232 -38.69 9.13 64.40
N THR I 233 -39.07 9.53 65.62
CA THR I 233 -40.25 10.35 65.82
C THR I 233 -39.97 11.81 65.56
N LEU I 234 -38.79 12.28 65.96
CA LEU I 234 -38.41 13.65 65.66
C LEU I 234 -37.81 13.74 64.28
N GLY I 235 -37.74 12.62 63.59
CA GLY I 235 -37.72 12.68 62.16
C GLY I 235 -39.07 13.00 61.58
N GLU I 236 -40.14 12.42 62.15
CA GLU I 236 -41.45 12.53 61.52
C GLU I 236 -42.06 13.91 61.64
N MET I 237 -41.58 14.74 62.55
CA MET I 237 -41.99 16.13 62.61
C MET I 237 -41.00 17.05 61.92
N ASN I 238 -39.78 16.57 61.68
CA ASN I 238 -38.67 17.30 61.08
C ASN I 238 -38.34 18.57 61.86
N SER I 239 -37.81 18.41 63.06
CA SER I 239 -37.67 19.54 63.96
C SER I 239 -36.32 19.66 64.65
N GLU I 240 -35.37 18.78 64.36
CA GLU I 240 -33.94 18.94 64.69
C GLU I 240 -33.68 19.04 66.20
N SER I 241 -33.93 17.94 66.90
CA SER I 241 -33.69 17.89 68.34
C SER I 241 -33.42 16.45 68.76
N LEU I 242 -32.56 16.27 69.75
CA LEU I 242 -32.39 15.00 70.44
C LEU I 242 -32.14 15.23 71.92
N GLU I 243 -32.15 14.15 72.69
CA GLU I 243 -32.05 14.22 74.14
C GLU I 243 -30.93 13.34 74.66
N VAL I 244 -30.84 13.27 75.99
CA VAL I 244 -30.00 12.33 76.71
C VAL I 244 -30.80 11.75 77.87
N ASN I 245 -30.98 10.43 77.88
CA ASN I 245 -31.77 9.77 78.91
C ASN I 245 -31.05 9.84 80.26
N TYR I 246 -31.82 9.97 81.33
CA TYR I 246 -31.25 10.27 82.64
C TYR I 246 -30.47 9.11 83.24
N ARG I 247 -31.05 7.90 83.18
CA ARG I 247 -30.41 6.75 83.80
C ARG I 247 -29.13 6.37 83.09
N HIS I 248 -29.00 6.71 81.82
CA HIS I 248 -27.73 6.56 81.12
C HIS I 248 -27.23 7.88 80.59
N LEU I 249 -27.66 8.98 81.19
CA LEU I 249 -26.81 10.15 81.22
C LEU I 249 -25.50 9.82 81.89
N ALA I 250 -25.58 9.39 83.15
CA ALA I 250 -24.40 9.26 83.99
C ALA I 250 -23.49 8.14 83.54
N GLU I 251 -24.05 7.07 82.97
CA GLU I 251 -23.18 6.03 82.44
C GLU I 251 -22.61 6.43 81.09
N SER I 252 -23.32 7.28 80.34
CA SER I 252 -22.67 7.96 79.23
C SER I 252 -21.83 9.13 79.68
N LYS I 253 -21.92 9.53 80.94
CA LYS I 253 -21.09 10.62 81.44
C LYS I 253 -19.79 10.10 82.07
N ALA I 254 -19.81 8.91 82.67
CA ALA I 254 -18.72 8.45 83.54
C ALA I 254 -17.40 8.29 82.80
N ILE I 255 -17.44 7.65 81.64
CA ILE I 255 -16.26 7.60 80.80
C ILE I 255 -16.17 8.77 79.84
N LEU I 256 -17.04 9.77 79.98
CA LEU I 256 -17.00 10.95 79.13
C LEU I 256 -17.00 12.26 79.90
N ALA I 257 -16.99 12.23 81.23
CA ALA I 257 -16.91 13.47 81.99
C ALA I 257 -15.55 14.12 81.84
N LEU I 258 -14.48 13.33 81.87
CA LEU I 258 -13.16 13.88 81.60
C LEU I 258 -13.03 14.31 80.15
N PHE I 259 -13.88 13.82 79.27
CA PHE I 259 -13.97 14.45 77.97
C PHE I 259 -15.22 15.30 77.83
N LEU I 260 -15.77 15.78 78.94
CA LEU I 260 -16.67 16.93 78.90
C LEU I 260 -15.99 18.20 79.32
N ALA I 261 -15.46 18.24 80.54
CA ALA I 261 -14.92 19.47 81.10
C ALA I 261 -13.60 19.88 80.47
N LYS I 262 -12.85 18.93 79.89
CA LYS I 262 -11.63 19.27 79.16
C LYS I 262 -11.97 20.01 77.87
N CYS I 263 -12.87 19.47 77.05
CA CYS I 263 -13.38 20.17 75.88
C CYS I 263 -14.87 19.92 75.79
N PRO I 264 -15.69 20.95 75.97
CA PRO I 264 -17.13 20.74 75.83
C PRO I 264 -17.67 20.97 74.44
N GLU I 265 -17.00 21.72 73.57
CA GLU I 265 -17.65 22.06 72.31
C GLU I 265 -17.10 21.29 71.12
N GLU I 266 -15.81 21.02 71.08
CA GLU I 266 -15.25 20.31 69.94
C GLU I 266 -15.59 18.84 70.03
N MET I 267 -15.84 18.37 71.24
CA MET I 267 -16.45 17.07 71.39
C MET I 267 -17.86 17.07 70.82
N LEU I 268 -18.57 18.19 70.92
CA LEU I 268 -19.92 18.25 70.38
C LEU I 268 -19.97 18.35 68.87
N LYS I 269 -19.03 19.08 68.26
CA LYS I 269 -19.00 19.15 66.80
C LYS I 269 -18.69 17.79 66.19
N ILE I 270 -17.86 17.00 66.85
CA ILE I 270 -17.68 15.64 66.38
C ILE I 270 -18.77 14.74 66.94
N PHE I 271 -19.48 15.19 67.98
CA PHE I 271 -20.66 14.44 68.38
C PHE I 271 -21.79 14.60 67.39
N ASP I 272 -21.82 15.70 66.64
CA ASP I 272 -22.98 15.91 65.80
C ASP I 272 -22.94 15.10 64.53
N LEU I 273 -21.77 14.95 63.92
CA LEU I 273 -21.72 14.35 62.59
C LEU I 273 -21.93 12.86 62.64
N VAL I 274 -21.96 12.25 63.82
CA VAL I 274 -22.37 10.86 63.89
C VAL I 274 -23.89 10.72 63.94
N ALA I 275 -24.61 11.75 64.37
CA ALA I 275 -26.06 11.64 64.44
C ALA I 275 -26.72 11.76 63.09
N MET I 276 -26.03 12.39 62.11
CA MET I 276 -26.44 12.28 60.73
C MET I 276 -26.50 10.83 60.29
N GLU I 277 -25.37 10.13 60.41
CA GLU I 277 -25.25 8.74 60.00
C GLU I 277 -25.97 7.81 60.94
N ALA I 278 -26.40 8.29 62.11
CA ALA I 278 -27.29 7.51 62.94
C ALA I 278 -28.65 7.37 62.28
N THR I 279 -29.22 8.47 61.82
CA THR I 279 -30.54 8.42 61.22
C THR I 279 -30.51 8.14 59.72
N GLU I 280 -29.33 8.24 59.10
CA GLU I 280 -29.26 8.20 57.64
C GLU I 280 -29.64 6.83 57.10
N LEU I 281 -29.17 5.78 57.78
CA LEU I 281 -29.65 4.44 57.50
C LEU I 281 -31.14 4.32 57.79
N HIS I 282 -31.64 5.01 58.80
CA HIS I 282 -33.05 4.86 59.13
C HIS I 282 -33.90 5.70 58.21
N TYR I 283 -33.76 7.02 58.25
CA TYR I 283 -34.38 7.84 57.23
C TYR I 283 -33.30 8.35 56.29
N PRO I 284 -33.39 8.05 55.02
CA PRO I 284 -32.44 8.61 54.08
C PRO I 284 -32.82 10.05 53.78
N ASP I 285 -31.94 10.70 53.05
CA ASP I 285 -32.26 11.90 52.28
C ASP I 285 -32.71 13.05 53.16
N TYR I 286 -32.06 13.16 54.32
CA TYR I 286 -32.12 14.41 55.08
C TYR I 286 -31.07 15.41 54.60
N ALA I 287 -30.67 15.34 53.34
CA ALA I 287 -29.74 16.29 52.77
C ALA I 287 -30.42 17.40 52.00
N ARG I 288 -31.33 17.07 51.09
CA ARG I 288 -32.10 18.09 50.41
C ARG I 288 -33.08 18.79 51.32
N ILE I 289 -33.39 18.21 52.48
CA ILE I 289 -34.26 18.85 53.46
C ILE I 289 -33.37 19.33 54.61
N HIS I 290 -32.94 20.59 54.49
CA HIS I 290 -32.27 21.45 55.47
C HIS I 290 -30.91 20.98 55.99
N SER I 291 -30.53 19.71 55.72
CA SER I 291 -29.18 19.17 55.81
C SER I 291 -28.49 19.41 57.17
N GLU I 292 -29.30 19.49 58.22
CA GLU I 292 -28.67 19.93 59.46
C GLU I 292 -29.34 19.42 60.73
N ILE I 293 -28.54 18.89 61.64
CA ILE I 293 -29.00 18.48 62.96
C ILE I 293 -27.97 19.00 63.96
N HIS I 294 -28.39 19.27 65.18
CA HIS I 294 -27.47 19.43 66.30
C HIS I 294 -28.17 19.03 67.58
N VAL I 295 -27.39 18.45 68.50
CA VAL I 295 -27.94 17.73 69.64
C VAL I 295 -28.33 18.67 70.75
N ARG I 296 -28.96 18.15 71.79
CA ARG I 296 -29.20 18.87 73.03
C ARG I 296 -28.90 17.98 74.21
N ILE I 297 -28.79 18.59 75.38
CA ILE I 297 -28.41 17.90 76.60
C ILE I 297 -29.52 18.07 77.61
N SER I 298 -29.88 16.98 78.28
CA SER I 298 -30.92 17.02 79.31
C SER I 298 -30.40 17.58 80.61
N ASP I 299 -31.14 17.32 81.69
CA ASP I 299 -30.81 17.84 83.01
C ASP I 299 -29.47 17.33 83.51
N PHE I 300 -28.86 18.10 84.39
CA PHE I 300 -27.48 17.92 84.77
C PHE I 300 -27.38 18.07 86.28
N PRO I 301 -26.52 17.34 86.95
CA PRO I 301 -26.40 17.53 88.41
C PRO I 301 -25.57 18.77 88.75
N THR I 302 -26.24 19.84 89.13
CA THR I 302 -25.65 21.12 89.50
C THR I 302 -26.77 21.99 90.06
N ILE I 303 -26.51 22.65 91.18
CA ILE I 303 -27.53 23.49 91.79
C ILE I 303 -27.35 24.98 91.50
N TYR I 304 -26.14 25.44 91.17
CA TYR I 304 -25.81 26.82 91.52
C TYR I 304 -26.40 27.82 90.54
N SER I 305 -26.35 29.08 90.96
CA SER I 305 -26.98 30.19 90.28
C SER I 305 -25.93 31.24 89.98
N LEU I 306 -26.40 32.43 89.60
CA LEU I 306 -25.57 33.49 89.04
C LEU I 306 -24.51 34.02 89.99
N ARG I 307 -24.68 33.82 91.30
CA ARG I 307 -23.75 34.34 92.29
C ARG I 307 -22.40 33.65 92.26
N GLU I 308 -22.29 32.48 91.64
CA GLU I 308 -21.09 31.66 91.79
C GLU I 308 -20.57 31.30 90.42
N LEU I 309 -19.69 32.12 89.89
CA LEU I 309 -19.05 31.87 88.62
C LEU I 309 -17.58 32.25 88.80
N ARG I 310 -16.73 31.26 88.81
CA ARG I 310 -15.30 31.53 88.96
C ARG I 310 -14.59 31.30 87.63
N GLU I 311 -13.28 31.58 87.63
CA GLU I 311 -12.43 31.27 86.48
C GLU I 311 -12.29 29.78 86.25
N SER I 312 -12.53 28.96 87.27
CA SER I 312 -12.49 27.52 87.07
C SER I 312 -13.69 27.02 86.31
N ASN I 313 -14.75 27.82 86.23
CA ASN I 313 -15.97 27.38 85.60
C ASN I 313 -15.94 27.53 84.09
N LEU I 314 -15.07 28.37 83.55
CA LEU I 314 -15.20 28.75 82.16
C LEU I 314 -14.76 27.62 81.23
N SER I 315 -15.18 27.76 79.97
CA SER I 315 -14.99 26.77 78.91
C SER I 315 -15.50 25.40 79.32
N SER I 316 -16.70 25.37 79.87
CA SER I 316 -17.27 24.13 80.37
C SER I 316 -18.79 24.23 80.38
N LEU I 317 -19.42 23.11 80.70
CA LEU I 317 -20.86 23.05 80.79
C LEU I 317 -21.29 23.72 82.08
N VAL I 318 -22.29 24.58 82.00
CA VAL I 318 -22.85 25.26 83.15
C VAL I 318 -24.37 25.25 83.05
N ARG I 319 -25.02 25.24 84.20
CA ARG I 319 -26.47 25.33 84.25
C ARG I 319 -26.84 26.44 85.21
N VAL I 320 -27.74 27.33 84.79
CA VAL I 320 -28.08 28.49 85.59
C VAL I 320 -29.49 28.92 85.23
N THR I 321 -30.13 29.65 86.15
CA THR I 321 -31.50 30.13 86.02
C THR I 321 -31.55 31.65 85.86
N GLY I 322 -32.74 32.19 85.96
CA GLY I 322 -32.93 33.63 85.94
C GLY I 322 -34.31 33.99 85.44
N VAL I 323 -34.49 35.28 85.22
CA VAL I 323 -35.68 35.79 84.53
C VAL I 323 -35.26 36.52 83.28
N VAL I 324 -35.93 36.22 82.18
CA VAL I 324 -35.74 36.90 80.92
C VAL I 324 -36.35 38.29 81.01
N THR I 325 -35.52 39.31 80.87
CA THR I 325 -35.97 40.68 80.73
C THR I 325 -36.05 41.07 79.26
N ARG I 326 -36.04 42.37 78.99
CA ARG I 326 -36.30 42.91 77.66
C ARG I 326 -35.33 42.39 76.61
N ARG I 327 -35.89 41.92 75.51
CA ARG I 327 -35.15 41.23 74.46
C ARG I 327 -35.28 41.98 73.15
N THR I 328 -34.51 41.51 72.18
CA THR I 328 -34.61 41.97 70.81
C THR I 328 -35.37 40.94 70.01
N GLY I 329 -35.40 41.14 68.69
CA GLY I 329 -36.09 40.26 67.79
C GLY I 329 -35.17 39.27 67.12
N VAL I 330 -35.57 38.86 65.93
CA VAL I 330 -34.88 37.84 65.18
C VAL I 330 -34.19 38.49 64.00
N PHE I 331 -32.90 38.24 63.86
CA PHE I 331 -32.18 38.72 62.70
C PHE I 331 -31.61 37.51 61.97
N PRO I 332 -31.22 37.64 60.72
CA PRO I 332 -30.39 36.61 60.11
C PRO I 332 -28.92 36.80 60.40
N GLN I 333 -28.21 35.69 60.51
CA GLN I 333 -26.78 35.66 60.75
C GLN I 333 -26.08 35.10 59.52
N LEU I 334 -24.89 35.62 59.21
CA LEU I 334 -24.16 35.21 58.01
C LEU I 334 -23.70 33.76 58.09
N LYS I 335 -22.86 33.43 59.09
CA LYS I 335 -22.53 32.08 59.54
C LYS I 335 -21.67 31.29 58.55
N TYR I 336 -21.58 31.77 57.32
CA TYR I 336 -20.78 31.08 56.31
C TYR I 336 -20.14 32.12 55.41
N VAL I 337 -18.97 32.62 55.82
CA VAL I 337 -18.41 33.82 55.23
C VAL I 337 -17.71 33.43 53.95
N LYS I 338 -18.31 33.78 52.82
CA LYS I 338 -17.58 33.72 51.58
C LYS I 338 -16.74 34.98 51.47
N PHE I 339 -15.43 34.79 51.43
CA PHE I 339 -14.49 35.90 51.39
C PHE I 339 -14.23 36.26 49.94
N ASN I 340 -13.94 37.53 49.70
CA ASN I 340 -13.84 38.05 48.34
C ASN I 340 -12.57 38.86 48.16
N CYS I 341 -11.63 38.33 47.36
CA CYS I 341 -10.50 39.11 46.88
C CYS I 341 -10.94 39.97 45.70
N LEU I 342 -10.14 40.99 45.39
CA LEU I 342 -10.44 41.86 44.26
C LEU I 342 -9.81 41.41 42.96
N LYS I 343 -8.51 41.09 42.97
CA LYS I 343 -7.77 40.68 41.77
C LYS I 343 -7.88 39.19 41.51
N CYS I 344 -7.56 38.38 42.51
CA CYS I 344 -7.67 36.92 42.40
C CYS I 344 -9.11 36.48 42.64
N GLY I 345 -9.29 35.18 42.93
CA GLY I 345 -10.63 34.65 43.11
C GLY I 345 -11.34 35.22 44.32
N SER I 346 -12.52 35.78 44.05
CA SER I 346 -13.38 36.39 45.05
C SER I 346 -14.26 35.36 45.76
N ILE I 347 -13.95 34.08 45.67
CA ILE I 347 -14.70 33.03 46.34
C ILE I 347 -13.71 32.22 47.15
N LEU I 348 -13.86 32.27 48.47
CA LEU I 348 -12.95 31.54 49.35
C LEU I 348 -13.70 30.47 50.13
N GLY I 349 -14.89 30.09 49.68
CA GLY I 349 -15.69 29.11 50.38
C GLY I 349 -16.50 29.74 51.48
N PRO I 350 -17.67 29.19 51.77
CA PRO I 350 -18.46 29.65 52.93
C PRO I 350 -17.79 29.24 54.22
N PHE I 351 -17.25 30.21 54.95
CA PHE I 351 -16.38 29.94 56.09
C PHE I 351 -17.15 29.39 57.29
N PHE I 352 -16.43 29.17 58.36
CA PHE I 352 -17.03 28.84 59.65
C PHE I 352 -16.75 30.00 60.59
N GLN I 353 -17.60 31.02 60.53
CA GLN I 353 -17.45 32.18 61.39
C GLN I 353 -17.75 31.81 62.83
N ASP I 354 -17.24 32.63 63.72
CA ASP I 354 -17.39 32.44 65.15
C ASP I 354 -18.67 33.11 65.63
N SER I 355 -18.76 33.31 66.94
CA SER I 355 -19.73 34.19 67.58
C SER I 355 -19.28 35.63 67.42
N ASN I 356 -19.79 36.52 68.27
CA ASN I 356 -19.54 37.96 68.12
C ASN I 356 -18.07 38.27 68.39
N GLU I 357 -17.24 38.00 67.39
CA GLU I 357 -15.81 38.29 67.41
C GLU I 357 -15.30 38.95 66.14
N GLU I 358 -16.06 38.89 65.03
CA GLU I 358 -15.78 39.54 63.74
C GLU I 358 -14.43 39.10 63.17
N ILE I 359 -14.37 37.81 62.88
CA ILE I 359 -13.14 37.16 62.43
C ILE I 359 -12.80 37.62 61.03
N ARG I 360 -11.63 38.22 60.87
CA ARG I 360 -11.12 38.62 59.56
C ARG I 360 -9.60 38.69 59.63
N ILE I 361 -8.99 38.93 58.48
CA ILE I 361 -7.55 39.04 58.37
C ILE I 361 -7.22 40.09 57.31
N SER I 362 -5.93 40.32 57.12
CA SER I 362 -5.47 41.28 56.12
C SER I 362 -5.20 40.61 54.78
N PHE I 363 -4.30 39.63 54.77
CA PHE I 363 -3.96 38.94 53.54
C PHE I 363 -3.40 37.57 53.88
N CYS I 364 -3.88 36.55 53.18
CA CYS I 364 -3.39 35.19 53.29
C CYS I 364 -3.82 34.42 52.05
N THR I 365 -2.86 33.72 51.43
CA THR I 365 -3.08 32.67 50.42
C THR I 365 -3.65 33.21 49.10
N ASN I 366 -3.66 34.52 48.93
CA ASN I 366 -3.92 35.11 47.62
C ASN I 366 -2.74 35.98 47.21
N CYS I 367 -2.39 36.91 48.10
CA CYS I 367 -1.24 37.78 47.97
C CYS I 367 -0.89 38.25 49.37
N LYS I 368 -0.10 39.31 49.47
CA LYS I 368 0.22 39.88 50.77
C LYS I 368 -0.13 41.36 50.85
N SER I 369 -0.91 41.87 49.89
CA SER I 369 -1.20 43.29 49.83
C SER I 369 -2.41 43.65 50.67
N LYS I 370 -2.76 44.93 50.68
CA LYS I 370 -3.87 45.45 51.47
C LYS I 370 -5.17 45.52 50.68
N GLY I 371 -5.35 44.60 49.74
CA GLY I 371 -6.62 44.44 49.08
C GLY I 371 -7.57 43.76 50.04
N PRO I 372 -8.54 44.49 50.56
CA PRO I 372 -9.36 43.98 51.66
C PRO I 372 -10.35 42.92 51.19
N PHE I 373 -10.64 42.01 52.11
CA PHE I 373 -11.63 40.96 51.86
C PHE I 373 -13.02 41.54 51.96
N ARG I 374 -13.84 41.25 50.95
CA ARG I 374 -15.14 41.87 50.77
C ARG I 374 -16.21 40.79 50.71
N VAL I 375 -17.39 41.18 50.25
CA VAL I 375 -18.55 40.30 50.20
C VAL I 375 -19.01 40.11 48.76
N ASN I 376 -19.72 39.02 48.52
CA ASN I 376 -20.61 38.89 47.37
C ASN I 376 -21.88 38.17 47.80
N GLY I 377 -22.76 37.82 46.88
CA GLY I 377 -24.13 37.55 47.27
C GLY I 377 -24.80 36.26 46.85
N GLU I 378 -24.11 35.12 46.84
CA GLU I 378 -24.78 33.90 46.44
C GLU I 378 -24.43 32.71 47.34
N LYS I 379 -25.46 31.93 47.66
CA LYS I 379 -25.36 30.60 48.29
C LYS I 379 -24.63 30.65 49.63
N THR I 380 -25.05 31.57 50.48
CA THR I 380 -24.59 31.62 51.86
C THR I 380 -25.82 31.50 52.72
N VAL I 381 -26.01 30.34 53.33
CA VAL I 381 -27.21 30.12 54.13
C VAL I 381 -27.13 30.94 55.41
N TYR I 382 -28.29 31.18 56.01
CA TYR I 382 -28.37 32.06 57.16
C TYR I 382 -29.07 31.36 58.30
N ARG I 383 -28.49 31.42 59.49
CA ARG I 383 -29.21 31.05 60.69
C ARG I 383 -29.63 32.31 61.42
N ASN I 384 -30.43 32.13 62.45
CA ASN I 384 -30.92 33.27 63.21
C ASN I 384 -30.28 33.33 64.58
N TYR I 385 -30.57 34.42 65.29
CA TYR I 385 -29.66 34.94 66.31
C TYR I 385 -30.45 35.93 67.14
N GLN I 386 -30.68 35.63 68.41
CA GLN I 386 -31.63 36.39 69.21
C GLN I 386 -31.05 36.58 70.59
N ARG I 387 -30.58 37.79 70.89
CA ARG I 387 -29.85 38.01 72.14
C ARG I 387 -30.80 38.46 73.23
N VAL I 388 -30.99 37.59 74.20
CA VAL I 388 -31.81 37.87 75.37
C VAL I 388 -30.87 38.19 76.51
N THR I 389 -30.97 39.40 77.04
CA THR I 389 -30.27 39.66 78.29
C THR I 389 -31.06 39.10 79.45
N LEU I 390 -30.35 38.74 80.51
CA LEU I 390 -30.95 37.95 81.58
C LEU I 390 -30.73 38.61 82.92
N GLN I 391 -31.79 38.68 83.72
CA GLN I 391 -31.71 39.09 85.11
C GLN I 391 -31.89 37.88 86.00
N GLU I 392 -31.28 37.94 87.17
CA GLU I 392 -31.43 36.87 88.14
C GLU I 392 -32.83 36.96 88.71
N ALA I 393 -33.55 35.86 88.68
CA ALA I 393 -34.91 35.83 89.20
C ALA I 393 -34.89 35.88 90.71
N PRO I 394 -35.66 36.76 91.34
CA PRO I 394 -35.52 37.00 92.78
C PRO I 394 -36.22 35.95 93.64
N GLY I 395 -35.89 34.69 93.42
CA GLY I 395 -36.44 33.57 94.14
C GLY I 395 -35.44 33.10 95.21
N THR I 396 -34.67 32.07 94.88
CA THR I 396 -33.60 31.61 95.78
C THR I 396 -32.44 32.60 95.70
N VAL I 397 -32.53 33.62 96.56
CA VAL I 397 -31.53 34.69 96.61
C VAL I 397 -31.53 35.27 98.01
N PRO I 398 -30.37 35.52 98.60
CA PRO I 398 -30.34 36.20 99.90
C PRO I 398 -30.78 37.65 99.74
N PRO I 399 -31.95 37.99 100.26
CA PRO I 399 -32.71 39.12 99.73
C PRO I 399 -32.18 40.45 100.22
N GLY I 400 -32.94 41.48 99.88
CA GLY I 400 -32.58 42.84 100.23
C GLY I 400 -31.53 43.47 99.36
N ARG I 401 -31.19 42.87 98.24
CA ARG I 401 -30.15 43.41 97.37
C ARG I 401 -30.64 43.47 95.93
N LEU I 402 -29.73 43.79 95.04
CA LEU I 402 -29.87 44.15 93.65
C LEU I 402 -29.90 42.92 92.76
N PRO I 403 -30.38 43.04 91.52
CA PRO I 403 -30.18 41.96 90.56
C PRO I 403 -28.82 42.05 89.91
N ARG I 404 -28.48 41.02 89.16
CA ARG I 404 -27.25 40.96 88.39
C ARG I 404 -27.57 40.58 86.94
N HIS I 405 -26.69 40.96 86.04
CA HIS I 405 -26.97 40.90 84.61
C HIS I 405 -26.00 39.95 83.93
N ARG I 406 -26.47 39.28 82.88
CA ARG I 406 -25.60 38.49 82.01
C ARG I 406 -26.05 38.68 80.58
N GLU I 407 -25.55 37.85 79.68
CA GLU I 407 -25.97 37.87 78.29
C GLU I 407 -26.11 36.45 77.78
N VAL I 408 -27.13 36.21 76.97
CA VAL I 408 -27.38 34.91 76.36
C VAL I 408 -27.47 35.12 74.87
N ILE I 409 -26.72 34.33 74.12
CA ILE I 409 -26.80 34.31 72.67
C ILE I 409 -27.42 32.99 72.27
N LEU I 410 -28.63 33.03 71.74
CA LEU I 410 -29.30 31.81 71.34
C LEU I 410 -28.73 31.25 70.05
N LEU I 411 -29.31 30.18 69.59
CA LEU I 411 -28.87 29.59 68.34
C LEU I 411 -30.05 29.40 67.40
N ALA I 412 -29.81 28.69 66.30
CA ALA I 412 -30.71 28.65 65.15
C ALA I 412 -32.10 28.12 65.45
N ASP I 413 -32.21 26.86 65.84
CA ASP I 413 -33.51 26.27 66.12
C ASP I 413 -33.93 26.47 67.57
N LEU I 414 -33.41 27.49 68.23
CA LEU I 414 -33.83 27.79 69.59
C LEU I 414 -34.38 29.20 69.69
N VAL I 415 -34.87 29.73 68.58
CA VAL I 415 -35.34 31.10 68.54
C VAL I 415 -36.72 31.18 69.17
N ASP I 416 -36.97 32.32 69.82
CA ASP I 416 -38.23 32.79 70.46
C ASP I 416 -39.02 31.69 71.18
N VAL I 417 -38.30 30.79 71.85
CA VAL I 417 -38.92 29.77 72.65
C VAL I 417 -39.49 30.35 73.92
N SER I 418 -38.74 31.23 74.58
CA SER I 418 -39.27 31.87 75.76
C SER I 418 -39.96 33.18 75.37
N LYS I 419 -40.56 33.84 76.36
CA LYS I 419 -41.33 35.06 76.18
C LYS I 419 -40.71 36.09 77.12
N PRO I 420 -40.97 37.36 76.94
CA PRO I 420 -40.43 38.35 77.88
C PRO I 420 -41.15 38.39 79.22
N GLY I 421 -40.72 37.58 80.18
CA GLY I 421 -41.23 37.73 81.53
C GLY I 421 -41.28 36.51 82.43
N GLU I 422 -41.22 35.31 81.88
CA GLU I 422 -41.24 34.13 82.71
C GLU I 422 -39.87 33.87 83.33
N GLU I 423 -39.77 32.76 84.05
CA GLU I 423 -38.49 32.29 84.56
C GLU I 423 -38.06 31.05 83.76
N VAL I 424 -36.76 30.96 83.49
CA VAL I 424 -36.23 29.91 82.66
C VAL I 424 -34.95 29.38 83.28
N GLU I 425 -34.32 28.42 82.62
CA GLU I 425 -32.99 27.98 82.96
C GLU I 425 -32.30 27.43 81.72
N VAL I 426 -31.00 27.63 81.66
CA VAL I 426 -30.26 27.35 80.45
C VAL I 426 -29.14 26.37 80.76
N THR I 427 -28.68 25.71 79.71
CA THR I 427 -27.70 24.65 79.82
C THR I 427 -26.53 24.95 78.92
N GLY I 428 -25.97 26.14 79.02
CA GLY I 428 -25.01 26.62 78.07
C GLY I 428 -23.57 26.25 78.39
N ILE I 429 -22.67 26.84 77.62
CA ILE I 429 -21.24 26.75 77.84
C ILE I 429 -20.80 28.13 78.28
N TYR I 430 -19.51 28.34 78.50
CA TYR I 430 -19.07 29.59 79.10
C TYR I 430 -17.93 30.19 78.28
N LYS I 431 -18.26 30.85 77.19
CA LYS I 431 -17.24 31.38 76.30
C LYS I 431 -16.99 32.84 76.63
N ASN I 432 -15.73 33.26 76.58
CA ASN I 432 -15.39 34.56 77.12
C ASN I 432 -14.74 35.44 76.07
N ASN I 433 -15.30 35.42 74.87
CA ASN I 433 -14.69 36.15 73.77
C ASN I 433 -14.98 37.64 73.64
N TYR I 434 -13.89 38.41 73.69
CA TYR I 434 -13.93 39.86 73.53
C TYR I 434 -12.52 40.30 73.17
N ASP I 435 -12.38 41.45 72.54
CA ASP I 435 -11.04 41.94 72.26
C ASP I 435 -10.38 42.54 73.48
N GLY I 436 -11.18 43.12 74.36
CA GLY I 436 -10.62 44.00 75.35
C GLY I 436 -10.89 45.45 75.01
N ASN I 437 -12.12 45.75 74.58
CA ASN I 437 -12.56 47.12 74.51
C ASN I 437 -13.88 47.25 75.26
N LEU I 438 -13.89 48.16 76.21
CA LEU I 438 -15.04 48.37 77.06
C LEU I 438 -15.09 49.85 77.37
N ASN I 439 -16.31 50.36 77.53
CA ASN I 439 -16.50 51.80 77.53
C ASN I 439 -17.44 52.36 78.60
N ALA I 440 -18.09 51.52 79.41
CA ALA I 440 -18.73 52.04 80.61
C ALA I 440 -17.71 52.22 81.72
N LYS I 441 -16.79 51.29 81.84
CA LYS I 441 -15.59 51.38 82.65
C LYS I 441 -14.42 51.68 81.71
N ASN I 442 -13.29 52.04 82.29
CA ASN I 442 -12.10 52.29 81.49
C ASN I 442 -11.56 50.98 80.90
N GLY I 443 -10.57 51.12 80.02
CA GLY I 443 -9.86 49.96 79.51
C GLY I 443 -8.95 49.36 80.57
N PHE I 444 -8.93 48.03 80.65
CA PHE I 444 -8.24 47.26 81.68
C PHE I 444 -7.94 45.87 81.15
N PRO I 445 -7.07 45.11 81.80
CA PRO I 445 -7.03 43.67 81.52
C PRO I 445 -8.26 42.95 82.04
N VAL I 446 -9.41 43.15 81.41
CA VAL I 446 -10.66 42.60 81.89
C VAL I 446 -11.37 41.91 80.74
N PHE I 447 -12.10 40.85 81.08
CA PHE I 447 -12.88 40.11 80.11
C PHE I 447 -14.33 40.00 80.55
N ALA I 448 -15.21 39.88 79.56
CA ALA I 448 -16.65 39.84 79.77
C ALA I 448 -17.17 38.49 79.36
N THR I 449 -18.28 38.07 79.97
CA THR I 449 -18.77 36.71 79.79
C THR I 449 -19.90 36.71 78.78
N ILE I 450 -20.04 35.61 78.06
CA ILE I 450 -21.11 35.38 77.11
C ILE I 450 -21.52 33.94 77.26
N ILE I 451 -22.78 33.69 77.59
CA ILE I 451 -23.27 32.33 77.72
C ILE I 451 -23.97 31.96 76.43
N GLU I 452 -23.33 31.13 75.63
CA GLU I 452 -23.99 30.54 74.47
C GLU I 452 -24.78 29.34 74.94
N ALA I 453 -26.09 29.38 74.75
CA ALA I 453 -26.94 28.35 75.30
C ALA I 453 -27.02 27.15 74.37
N ASN I 454 -27.36 26.03 74.94
CA ASN I 454 -27.52 24.80 74.17
C ASN I 454 -28.93 24.29 74.16
N SER I 455 -29.71 24.60 75.19
CA SER I 455 -31.08 24.14 75.31
C SER I 455 -31.83 25.07 76.26
N ILE I 456 -33.11 24.78 76.44
CA ILE I 456 -33.96 25.65 77.24
C ILE I 456 -35.18 24.85 77.67
N LYS I 457 -35.55 24.98 78.94
CA LYS I 457 -36.81 24.44 79.42
C LYS I 457 -37.56 25.54 80.14
N ARG I 458 -38.75 25.22 80.61
CA ARG I 458 -39.70 26.22 81.05
C ARG I 458 -39.67 26.43 82.56
N ARG I 459 -40.71 27.10 83.04
CA ARG I 459 -40.97 27.25 84.46
C ARG I 459 -41.10 25.89 85.11
N GLU I 460 -40.21 25.59 86.05
CA GLU I 460 -40.36 24.34 86.78
C GLU I 460 -40.98 24.60 88.15
N GLY I 461 -41.50 23.55 88.75
CA GLY I 461 -42.20 23.67 90.01
C GLY I 461 -42.07 22.43 90.84
N ASN I 462 -42.15 22.63 92.16
CA ASN I 462 -41.99 21.61 93.20
C ASN I 462 -40.67 20.88 93.02
N THR I 463 -39.57 21.63 93.20
CA THR I 463 -38.22 21.13 93.02
C THR I 463 -37.86 20.19 94.16
N ALA I 464 -38.38 18.97 94.09
CA ALA I 464 -38.08 17.96 95.10
C ALA I 464 -37.74 16.61 94.51
N ASN I 465 -37.82 16.45 93.19
CA ASN I 465 -37.65 15.17 92.51
C ASN I 465 -36.23 14.65 92.61
N GLU I 466 -36.04 13.41 92.15
CA GLU I 466 -34.67 12.88 92.10
C GLU I 466 -34.36 12.20 90.77
N GLY I 467 -35.35 11.65 90.06
CA GLY I 467 -35.05 10.98 88.81
C GLY I 467 -36.08 11.23 87.72
N GLU I 468 -37.03 12.13 87.99
CA GLU I 468 -38.12 12.38 87.05
C GLU I 468 -38.54 13.84 87.20
N GLU I 469 -39.57 14.24 86.43
CA GLU I 469 -40.20 15.55 86.31
C GLU I 469 -39.19 16.71 86.28
N GLY I 470 -38.04 16.48 85.63
CA GLY I 470 -37.08 17.52 85.39
C GLY I 470 -37.10 17.93 83.93
N LEU I 471 -37.71 17.10 83.10
CA LEU I 471 -37.85 17.42 81.69
C LEU I 471 -39.28 17.14 81.26
N ASP I 472 -39.83 18.04 80.46
CA ASP I 472 -41.12 17.82 79.83
C ASP I 472 -40.95 16.85 78.66
N VAL I 473 -40.81 15.56 78.98
CA VAL I 473 -40.37 14.58 77.99
C VAL I 473 -41.41 14.40 76.91
N PHE I 474 -42.61 13.97 77.32
CA PHE I 474 -43.86 14.16 76.59
C PHE I 474 -43.86 13.43 75.23
N SER I 475 -43.51 12.15 75.27
CA SER I 475 -43.41 11.32 74.07
C SER I 475 -44.16 10.02 74.36
N TRP I 476 -45.29 9.83 73.70
CA TRP I 476 -46.26 8.83 74.08
C TRP I 476 -46.53 7.93 72.89
N THR I 477 -45.64 6.97 72.63
CA THR I 477 -45.69 6.39 71.30
C THR I 477 -46.08 4.93 71.28
N GLU I 478 -45.26 4.05 71.86
CA GLU I 478 -45.52 2.63 71.70
C GLU I 478 -46.20 2.09 72.94
N GLU I 479 -45.62 2.34 74.11
CA GLU I 479 -46.15 1.78 75.34
C GLU I 479 -47.18 2.69 75.99
N GLU I 480 -46.97 4.00 75.96
CA GLU I 480 -47.82 4.97 76.62
C GLU I 480 -49.14 5.13 75.90
N GLU I 481 -49.09 5.18 74.56
CA GLU I 481 -50.30 5.42 73.80
C GLU I 481 -51.18 4.20 73.71
N ARG I 482 -50.56 3.01 73.60
CA ARG I 482 -51.30 1.75 73.75
C ARG I 482 -51.98 1.69 75.11
N GLU I 483 -51.31 2.18 76.14
CA GLU I 483 -51.90 2.21 77.47
C GLU I 483 -52.99 3.25 77.60
N PHE I 484 -52.84 4.41 76.96
CA PHE I 484 -53.82 5.47 77.16
C PHE I 484 -55.16 5.17 76.52
N ARG I 485 -55.21 4.24 75.59
CA ARG I 485 -56.50 3.86 75.04
C ARG I 485 -57.26 2.97 76.02
N LYS I 486 -56.61 1.95 76.55
CA LYS I 486 -57.28 0.99 77.42
C LYS I 486 -57.59 1.56 78.80
N ILE I 487 -57.02 2.70 79.14
CA ILE I 487 -57.46 3.42 80.33
C ILE I 487 -58.65 4.30 80.00
N SER I 488 -59.01 4.42 78.74
CA SER I 488 -60.10 5.30 78.34
C SER I 488 -61.38 4.56 77.99
N ARG I 489 -61.33 3.24 77.83
CA ARG I 489 -62.54 2.49 77.51
C ARG I 489 -63.08 1.73 78.69
N ASP I 490 -63.08 2.33 79.88
CA ASP I 490 -63.63 1.72 81.08
C ASP I 490 -64.91 2.43 81.45
N ARG I 491 -65.70 1.80 82.32
CA ARG I 491 -67.05 2.28 82.60
C ARG I 491 -67.19 3.01 83.93
N GLY I 492 -66.10 3.42 84.55
CA GLY I 492 -66.21 4.19 85.78
C GLY I 492 -65.17 5.27 85.91
N ILE I 493 -64.63 5.70 84.77
CA ILE I 493 -63.44 6.55 84.75
C ILE I 493 -63.67 7.92 85.34
N ILE I 494 -64.70 8.62 84.91
CA ILE I 494 -64.92 9.99 85.36
C ILE I 494 -65.42 9.99 86.80
N ASP I 495 -65.93 8.85 87.26
CA ASP I 495 -66.10 8.65 88.69
C ASP I 495 -64.77 8.33 89.39
N LYS I 496 -63.83 7.72 88.69
CA LYS I 496 -62.56 7.41 89.36
C LYS I 496 -61.61 8.59 89.30
N ILE I 497 -61.63 9.35 88.19
CA ILE I 497 -60.63 10.38 87.97
C ILE I 497 -60.80 11.54 88.95
N ILE I 498 -62.02 12.03 89.10
CA ILE I 498 -62.23 13.19 89.94
C ILE I 498 -62.09 12.84 91.41
N SER I 499 -62.17 11.56 91.78
CA SER I 499 -61.82 11.12 93.11
C SER I 499 -60.32 10.99 93.27
N SER I 500 -59.59 10.97 92.17
CA SER I 500 -58.16 10.75 92.20
C SER I 500 -57.36 12.02 92.02
N MET I 501 -58.01 13.17 91.84
CA MET I 501 -57.28 14.39 91.53
C MET I 501 -56.60 14.97 92.75
N ALA I 502 -57.39 15.46 93.71
CA ALA I 502 -56.84 16.01 94.94
C ALA I 502 -56.48 14.86 95.87
N PRO I 503 -55.23 14.60 96.11
CA PRO I 503 -54.86 13.34 96.76
C PRO I 503 -55.07 13.38 98.26
N SER I 504 -55.15 14.57 98.84
CA SER I 504 -54.94 14.70 100.27
C SER I 504 -56.04 15.51 100.91
N ILE I 505 -57.22 15.53 100.31
CA ILE I 505 -58.33 16.30 100.83
C ILE I 505 -59.56 15.40 100.85
N TYR I 506 -60.12 15.20 102.04
CA TYR I 506 -61.38 14.52 102.18
C TYR I 506 -62.48 15.55 102.28
N GLY I 507 -63.01 15.97 101.15
CA GLY I 507 -64.08 16.93 101.18
C GLY I 507 -65.25 16.44 100.36
N HIS I 508 -66.21 17.31 100.12
CA HIS I 508 -67.39 16.93 99.39
C HIS I 508 -67.09 16.94 97.90
N ARG I 509 -67.99 16.38 97.13
CA ARG I 509 -67.69 15.98 95.77
C ARG I 509 -67.61 17.12 94.78
N ASP I 510 -68.58 18.03 94.80
CA ASP I 510 -68.85 18.87 93.63
C ASP I 510 -67.72 19.83 93.32
N ILE I 511 -67.06 20.34 94.36
CA ILE I 511 -65.93 21.23 94.17
C ILE I 511 -64.80 20.56 93.42
N LYS I 512 -64.60 19.26 93.64
CA LYS I 512 -63.61 18.55 92.86
C LYS I 512 -64.08 18.37 91.43
N THR I 513 -65.39 18.21 91.24
CA THR I 513 -65.92 18.04 89.89
C THR I 513 -65.79 19.32 89.08
N ALA I 514 -66.06 20.46 89.71
CA ALA I 514 -65.95 21.72 88.99
C ALA I 514 -64.50 22.05 88.71
N VAL I 515 -63.63 21.84 89.69
CA VAL I 515 -62.23 22.12 89.45
C VAL I 515 -61.60 21.05 88.58
N ALA I 516 -62.25 19.90 88.41
CA ALA I 516 -61.87 19.04 87.32
C ALA I 516 -62.30 19.64 85.99
N CYS I 517 -63.48 20.23 85.95
CA CYS I 517 -64.01 20.78 84.72
C CYS I 517 -63.25 22.02 84.25
N SER I 518 -62.71 22.81 85.18
CA SER I 518 -62.09 24.08 84.81
C SER I 518 -60.85 23.91 83.98
N LEU I 519 -59.95 23.04 84.37
CA LEU I 519 -58.73 22.94 83.58
C LEU I 519 -58.91 22.02 82.39
N PHE I 520 -60.03 21.31 82.30
CA PHE I 520 -60.31 20.54 81.10
C PHE I 520 -60.91 21.39 79.99
N GLY I 521 -62.08 21.95 80.21
CA GLY I 521 -62.59 22.98 79.32
C GLY I 521 -63.13 22.43 78.02
N GLY I 522 -63.86 23.30 77.34
CA GLY I 522 -64.56 22.93 76.13
C GLY I 522 -63.84 23.33 74.86
N VAL I 523 -64.45 24.18 74.05
CA VAL I 523 -63.87 24.51 72.76
C VAL I 523 -64.02 25.99 72.43
N PRO I 524 -62.93 26.68 72.12
CA PRO I 524 -63.04 28.02 71.55
C PRO I 524 -63.52 27.92 70.12
N LYS I 525 -64.81 27.70 69.92
CA LYS I 525 -65.23 27.19 68.64
C LYS I 525 -65.37 28.31 67.63
N ASN I 526 -65.11 27.94 66.38
CA ASN I 526 -65.13 28.89 65.30
C ASN I 526 -66.57 29.22 64.96
N VAL I 527 -66.73 30.22 64.10
CA VAL I 527 -68.04 30.66 63.64
C VAL I 527 -67.79 31.33 62.29
N ASN I 528 -68.87 31.60 61.56
CA ASN I 528 -68.74 32.29 60.28
C ASN I 528 -68.53 33.79 60.49
N GLY I 529 -68.89 34.61 59.51
CA GLY I 529 -68.77 36.04 59.70
C GLY I 529 -69.79 36.58 60.68
N LYS I 530 -69.66 36.20 61.95
CA LYS I 530 -70.59 36.55 63.00
C LYS I 530 -69.84 36.40 64.32
N HIS I 531 -70.58 36.45 65.43
CA HIS I 531 -69.92 36.58 66.72
C HIS I 531 -69.33 35.26 67.18
N SER I 532 -68.19 35.34 67.83
CA SER I 532 -67.51 34.18 68.35
C SER I 532 -68.16 33.74 69.66
N ILE I 533 -67.75 32.56 70.12
CA ILE I 533 -68.36 31.87 71.23
C ILE I 533 -67.28 31.62 72.27
N ARG I 534 -67.59 31.92 73.53
CA ARG I 534 -66.61 31.76 74.60
C ARG I 534 -66.28 30.28 74.79
N GLY I 535 -64.99 29.97 74.75
CA GLY I 535 -64.57 28.59 74.92
C GLY I 535 -63.92 28.35 76.26
N ASP I 536 -64.33 29.11 77.27
CA ASP I 536 -63.76 28.99 78.59
C ASP I 536 -64.85 28.81 79.63
N ILE I 537 -64.48 28.18 80.74
CA ILE I 537 -65.40 27.84 81.81
C ILE I 537 -64.77 28.30 83.12
N ASN I 538 -65.45 29.19 83.83
CA ASN I 538 -64.85 29.89 84.95
C ASN I 538 -65.68 29.68 86.21
N VAL I 539 -65.02 29.24 87.26
CA VAL I 539 -65.68 28.76 88.45
C VAL I 539 -65.37 29.73 89.59
N LEU I 540 -66.15 29.68 90.64
CA LEU I 540 -65.92 30.51 91.80
C LEU I 540 -66.19 29.70 93.06
N LEU I 541 -65.28 29.82 94.01
CA LEU I 541 -65.38 29.09 95.27
C LEU I 541 -65.74 30.09 96.35
N LEU I 542 -66.84 29.83 97.05
CA LEU I 542 -67.12 30.54 98.27
C LEU I 542 -66.84 29.60 99.43
N GLY I 543 -66.16 30.10 100.45
CA GLY I 543 -65.77 29.24 101.54
C GLY I 543 -65.75 29.96 102.87
N ASP I 544 -65.40 29.21 103.89
CA ASP I 544 -65.20 29.61 105.26
C ASP I 544 -63.72 29.70 105.55
N PRO I 545 -63.32 30.61 106.40
CA PRO I 545 -61.92 30.67 106.80
C PRO I 545 -61.54 29.50 107.66
N GLY I 546 -61.13 28.41 107.03
CA GLY I 546 -60.71 27.26 107.79
C GLY I 546 -60.99 25.94 107.12
N THR I 547 -61.72 25.96 106.03
CA THR I 547 -61.75 24.77 105.21
C THR I 547 -60.59 24.85 104.24
N ALA I 548 -60.49 23.89 103.32
CA ALA I 548 -59.27 23.76 102.55
C ALA I 548 -59.38 24.43 101.19
N LYS I 549 -60.06 25.57 101.13
CA LYS I 549 -60.25 26.17 99.82
C LYS I 549 -58.95 26.78 99.29
N SER I 550 -58.05 27.21 100.18
CA SER I 550 -56.82 27.81 99.70
C SER I 550 -55.82 26.79 99.17
N GLN I 551 -56.12 25.50 99.23
CA GLN I 551 -55.14 24.52 98.83
C GLN I 551 -55.43 23.90 97.48
N ILE I 552 -56.70 23.74 97.14
CA ILE I 552 -57.04 23.13 95.86
C ILE I 552 -56.63 24.06 94.74
N LEU I 553 -56.76 25.35 94.95
CA LEU I 553 -56.21 26.31 94.02
C LEU I 553 -54.70 26.26 93.96
N LYS I 554 -54.05 25.94 95.07
CA LYS I 554 -52.60 25.78 95.02
C LYS I 554 -52.22 24.53 94.25
N TYR I 555 -52.97 23.45 94.47
CA TYR I 555 -52.60 22.16 93.93
C TYR I 555 -52.82 22.12 92.43
N VAL I 556 -53.82 22.83 91.93
CA VAL I 556 -54.06 22.82 90.51
C VAL I 556 -53.00 23.62 89.76
N GLU I 557 -52.31 24.52 90.45
CA GLU I 557 -51.26 25.31 89.81
C GLU I 557 -50.08 24.46 89.38
N LYS I 558 -49.71 23.47 90.20
CA LYS I 558 -48.67 22.55 89.75
C LYS I 558 -49.18 21.68 88.62
N THR I 559 -50.37 21.11 88.77
CA THR I 559 -50.85 20.10 87.82
C THR I 559 -51.21 20.70 86.47
N ALA I 560 -51.46 22.00 86.39
CA ALA I 560 -51.66 22.59 85.08
C ALA I 560 -50.32 22.69 84.36
N HIS I 561 -50.39 22.97 83.07
CA HIS I 561 -49.15 23.09 82.34
C HIS I 561 -48.50 24.46 82.52
N ARG I 562 -49.30 25.52 82.46
CA ARG I 562 -48.81 26.88 82.66
C ARG I 562 -49.78 27.60 83.59
N ALA I 563 -49.28 28.59 84.32
CA ALA I 563 -50.09 29.22 85.36
C ALA I 563 -49.54 30.58 85.70
N VAL I 564 -50.21 31.25 86.65
CA VAL I 564 -49.70 32.42 87.35
C VAL I 564 -50.52 32.52 88.64
N PHE I 565 -49.99 33.25 89.62
CA PHE I 565 -50.62 33.23 90.94
C PHE I 565 -50.76 34.63 91.52
N ALA I 566 -51.29 35.56 90.75
CA ALA I 566 -51.50 36.94 91.23
C ALA I 566 -52.56 36.93 92.32
N THR I 567 -52.14 37.18 93.56
CA THR I 567 -53.03 37.05 94.71
C THR I 567 -52.91 38.28 95.60
N GLY I 568 -54.04 38.68 96.17
CA GLY I 568 -54.04 39.62 97.28
C GLY I 568 -53.94 41.07 96.87
N GLN I 569 -52.93 41.76 97.39
CA GLN I 569 -52.73 43.15 97.09
C GLN I 569 -51.91 43.28 95.83
N GLY I 570 -51.70 44.53 95.43
CA GLY I 570 -50.84 44.82 94.30
C GLY I 570 -51.41 44.51 92.95
N ALA I 571 -52.59 43.93 92.87
CA ALA I 571 -53.20 43.62 91.60
C ALA I 571 -53.73 44.93 91.01
N SER I 572 -52.87 45.63 90.29
CA SER I 572 -53.29 46.88 89.67
C SER I 572 -53.92 46.58 88.32
N ALA I 573 -54.87 47.44 87.94
CA ALA I 573 -55.67 47.26 86.75
C ALA I 573 -54.84 47.24 85.49
N VAL I 574 -53.76 48.00 85.46
CA VAL I 574 -52.84 47.92 84.34
C VAL I 574 -51.91 46.73 84.52
N GLY I 575 -51.67 46.31 85.76
CA GLY I 575 -50.67 45.31 86.05
C GLY I 575 -51.03 43.92 85.61
N LEU I 576 -52.31 43.56 85.66
CA LEU I 576 -52.72 42.24 85.20
C LEU I 576 -52.57 42.12 83.69
N THR I 577 -53.27 42.96 82.97
CA THR I 577 -53.23 42.94 81.52
C THR I 577 -52.00 43.70 81.03
N ALA I 578 -52.00 44.08 79.77
CA ALA I 578 -50.83 44.71 79.17
C ALA I 578 -50.61 46.10 79.73
N SER I 579 -49.34 46.51 79.70
CA SER I 579 -48.93 47.84 80.09
C SER I 579 -47.96 48.38 79.05
N VAL I 580 -47.65 49.66 79.16
CA VAL I 580 -46.75 50.32 78.23
C VAL I 580 -45.54 50.76 79.02
N ARG I 581 -44.45 50.00 78.92
CA ARG I 581 -43.22 50.43 79.55
C ARG I 581 -42.53 51.44 78.65
N LYS I 582 -42.03 52.50 79.27
CA LYS I 582 -41.53 53.64 78.51
C LYS I 582 -40.21 53.31 77.86
N ASP I 583 -39.76 54.20 77.00
CA ASP I 583 -38.60 53.91 76.20
C ASP I 583 -37.32 54.31 76.93
N PRO I 584 -36.22 53.64 76.62
CA PRO I 584 -34.91 54.30 76.81
C PRO I 584 -34.68 55.35 75.72
N ILE I 585 -33.48 55.93 75.71
CA ILE I 585 -33.19 57.22 75.10
C ILE I 585 -33.44 57.24 73.59
N THR I 586 -33.12 56.13 72.90
CA THR I 586 -33.25 56.08 71.45
C THR I 586 -34.30 55.04 71.05
N LYS I 587 -35.28 54.88 71.93
CA LYS I 587 -36.23 53.77 71.80
C LYS I 587 -37.63 54.35 71.63
N GLU I 588 -38.63 53.47 71.67
CA GLU I 588 -40.01 53.81 71.31
C GLU I 588 -40.94 53.21 72.35
N TRP I 589 -42.15 53.78 72.43
CA TRP I 589 -43.08 53.34 73.47
C TRP I 589 -43.69 52.00 73.11
N THR I 590 -43.10 50.95 73.64
CA THR I 590 -43.43 49.59 73.31
C THR I 590 -44.45 49.02 74.29
N LEU I 591 -44.80 47.76 74.08
CA LEU I 591 -45.93 47.13 74.74
C LEU I 591 -45.47 45.90 75.50
N GLU I 592 -45.62 45.93 76.82
CA GLU I 592 -45.14 44.85 77.68
C GLU I 592 -46.31 44.29 78.46
N GLY I 593 -46.55 43.00 78.29
CA GLY I 593 -47.65 42.34 78.95
C GLY I 593 -47.39 42.11 80.42
N GLY I 594 -48.45 41.73 81.12
CA GLY I 594 -48.40 41.49 82.54
C GLY I 594 -48.71 40.06 82.91
N ALA I 595 -49.91 39.83 83.43
CA ALA I 595 -50.29 38.50 83.89
C ALA I 595 -51.04 37.70 82.83
N LEU I 596 -52.12 38.27 82.28
CA LEU I 596 -53.10 37.48 81.56
C LEU I 596 -52.54 36.98 80.23
N VAL I 597 -51.81 37.84 79.52
CA VAL I 597 -51.27 37.47 78.21
C VAL I 597 -50.19 36.40 78.30
N LEU I 598 -49.62 36.18 79.49
CA LEU I 598 -48.83 35.00 79.74
C LEU I 598 -49.73 33.80 80.01
N ALA I 599 -50.72 33.95 80.87
CA ALA I 599 -51.52 32.83 81.33
C ALA I 599 -52.65 32.57 80.36
N ASP I 600 -52.41 31.63 79.45
CA ASP I 600 -53.43 31.27 78.49
C ASP I 600 -54.46 30.33 79.10
N LYS I 601 -54.06 29.47 80.03
CA LYS I 601 -54.94 28.45 80.58
C LYS I 601 -54.86 28.33 82.09
N GLY I 602 -54.75 29.44 82.81
CA GLY I 602 -54.32 29.43 84.19
C GLY I 602 -55.32 30.00 85.16
N VAL I 603 -54.80 30.78 86.11
CA VAL I 603 -55.39 31.05 87.41
C VAL I 603 -55.08 32.49 87.78
N CYS I 604 -56.07 33.21 88.26
CA CYS I 604 -55.82 34.43 89.00
C CYS I 604 -56.45 34.30 90.38
N LEU I 605 -56.52 35.41 91.11
CA LEU I 605 -57.25 35.40 92.36
C LEU I 605 -57.85 36.78 92.59
N ILE I 606 -59.14 36.82 92.89
CA ILE I 606 -59.84 38.00 93.41
C ILE I 606 -60.68 37.55 94.61
N ASP I 607 -60.17 37.76 95.81
CA ASP I 607 -61.09 37.46 96.89
C ASP I 607 -61.75 38.72 97.41
N GLU I 608 -61.06 39.52 98.20
CA GLU I 608 -61.67 40.69 98.80
C GLU I 608 -60.69 41.82 99.09
N PHE I 609 -59.88 42.22 98.12
CA PHE I 609 -59.10 43.45 98.30
C PHE I 609 -60.08 44.61 98.22
N ASP I 610 -60.63 44.96 99.40
CA ASP I 610 -61.81 45.83 99.48
C ASP I 610 -61.53 47.24 98.99
N LYS I 611 -60.36 47.79 99.31
CA LYS I 611 -60.00 49.11 98.82
C LYS I 611 -59.72 49.07 97.32
N MET I 612 -59.00 48.04 96.88
CA MET I 612 -58.56 47.99 95.50
C MET I 612 -59.54 47.15 94.69
N ASN I 613 -60.77 47.03 95.17
CA ASN I 613 -61.77 46.28 94.43
C ASN I 613 -62.28 47.09 93.25
N ASP I 614 -62.60 48.35 93.49
CA ASP I 614 -63.09 49.22 92.43
C ASP I 614 -62.00 49.62 91.44
N GLN I 615 -60.74 49.34 91.73
CA GLN I 615 -59.70 49.70 90.79
C GLN I 615 -59.62 48.73 89.62
N ASP I 616 -59.54 47.43 89.88
CA ASP I 616 -59.23 46.48 88.82
C ASP I 616 -60.40 45.63 88.36
N ARG I 617 -61.53 45.65 89.08
CA ARG I 617 -62.65 44.82 88.68
C ARG I 617 -63.28 45.29 87.38
N THR I 618 -63.06 46.54 87.02
CA THR I 618 -63.37 47.06 85.71
C THR I 618 -62.35 46.66 84.65
N SER I 619 -61.43 45.76 84.97
CA SER I 619 -60.52 45.22 83.97
C SER I 619 -60.55 43.70 83.87
N ILE I 620 -61.30 43.00 84.71
CA ILE I 620 -61.34 41.56 84.58
C ILE I 620 -62.71 41.05 84.13
N HIS I 621 -63.78 41.80 84.40
CA HIS I 621 -65.08 41.38 83.92
C HIS I 621 -65.34 41.85 82.51
N GLU I 622 -64.35 42.46 81.87
CA GLU I 622 -64.37 42.67 80.44
C GLU I 622 -63.33 41.81 79.77
N ALA I 623 -62.71 40.91 80.53
CA ALA I 623 -61.87 39.88 79.93
C ALA I 623 -62.69 38.68 79.53
N MET I 624 -63.85 38.50 80.16
CA MET I 624 -64.72 37.38 79.80
C MET I 624 -65.84 37.83 78.87
N GLU I 625 -66.50 38.94 79.22
CA GLU I 625 -67.57 39.49 78.41
C GLU I 625 -67.06 39.87 77.03
N GLN I 626 -66.22 40.89 76.97
CA GLN I 626 -65.50 41.25 75.74
C GLN I 626 -64.26 40.37 75.71
N GLN I 627 -64.47 39.07 75.48
CA GLN I 627 -63.39 38.11 75.51
C GLN I 627 -62.37 38.42 74.43
N SER I 628 -61.10 38.11 74.73
CA SER I 628 -59.93 38.63 74.03
C SER I 628 -59.88 40.16 74.06
N ILE I 629 -59.61 40.75 75.23
CA ILE I 629 -59.60 42.20 75.39
C ILE I 629 -58.18 42.72 75.36
N SER I 630 -57.99 43.80 74.59
CA SER I 630 -56.83 44.66 74.77
C SER I 630 -57.21 46.10 74.45
N ILE I 631 -56.26 47.01 74.63
CA ILE I 631 -56.57 48.40 74.96
C ILE I 631 -55.55 49.28 74.25
N SER I 632 -55.79 50.59 74.27
CA SER I 632 -54.93 51.52 73.54
C SER I 632 -54.49 52.77 74.30
N LYS I 633 -53.92 52.61 75.50
CA LYS I 633 -53.50 53.79 76.26
C LYS I 633 -52.20 54.34 75.69
N ALA I 634 -52.31 55.53 75.10
CA ALA I 634 -51.21 56.45 74.82
C ALA I 634 -50.20 55.85 73.85
N GLY I 635 -50.71 54.99 72.98
CA GLY I 635 -49.82 54.21 72.17
C GLY I 635 -50.45 53.78 70.87
N ILE I 636 -50.47 52.47 70.67
CA ILE I 636 -50.98 51.87 69.47
C ILE I 636 -52.37 51.37 69.80
N VAL I 637 -53.24 51.26 68.81
CA VAL I 637 -54.54 50.63 69.01
C VAL I 637 -54.51 49.21 68.47
N THR I 638 -54.09 48.25 69.28
CA THR I 638 -54.13 46.86 68.86
C THR I 638 -55.09 46.09 69.74
N THR I 639 -55.11 44.77 69.52
CA THR I 639 -55.89 43.86 70.35
C THR I 639 -55.24 42.50 70.32
N LEU I 640 -54.71 42.06 71.45
CA LEU I 640 -54.08 40.76 71.54
C LEU I 640 -55.14 39.69 71.73
N GLN I 641 -54.70 38.43 71.82
CA GLN I 641 -55.62 37.35 72.11
C GLN I 641 -55.29 36.66 73.41
N ALA I 642 -56.31 36.47 74.24
CA ALA I 642 -56.13 35.86 75.55
C ALA I 642 -57.39 35.09 75.90
N ARG I 643 -57.38 33.78 75.67
CA ARG I 643 -58.51 32.96 76.05
C ARG I 643 -58.26 32.34 77.42
N CYS I 644 -58.13 33.21 78.40
CA CYS I 644 -57.73 32.80 79.74
C CYS I 644 -58.90 32.24 80.53
N SER I 645 -58.58 31.55 81.62
CA SER I 645 -59.55 30.96 82.53
C SER I 645 -59.39 31.61 83.89
N ILE I 646 -60.51 31.84 84.57
CA ILE I 646 -60.47 32.48 85.88
C ILE I 646 -61.02 31.53 86.92
N ILE I 647 -60.29 31.38 88.02
CA ILE I 647 -60.84 30.84 89.25
C ILE I 647 -60.62 31.90 90.33
N ALA I 648 -61.35 31.75 91.43
CA ALA I 648 -61.29 32.75 92.49
C ALA I 648 -61.77 32.13 93.79
N ALA I 649 -61.42 32.76 94.90
CA ALA I 649 -61.63 32.17 96.21
C ALA I 649 -62.19 33.15 97.21
N ALA I 650 -63.30 33.80 96.85
CA ALA I 650 -63.84 34.92 97.62
C ALA I 650 -64.26 34.51 99.03
N ASN I 651 -64.46 35.52 99.85
CA ASN I 651 -64.46 35.40 101.27
C ASN I 651 -65.55 36.29 101.82
N PRO I 652 -66.59 35.74 102.43
CA PRO I 652 -67.67 36.58 102.95
C PRO I 652 -67.22 37.29 104.21
N ASN I 653 -67.91 38.39 104.51
CA ASN I 653 -67.51 39.28 105.59
C ASN I 653 -67.85 38.65 106.93
N GLY I 654 -66.94 37.83 107.44
CA GLY I 654 -67.19 37.09 108.65
C GLY I 654 -67.43 35.63 108.39
N GLY I 655 -68.58 35.12 108.82
CA GLY I 655 -68.92 33.73 108.64
C GLY I 655 -69.60 33.47 107.30
N ARG I 656 -69.79 32.18 107.02
CA ARG I 656 -70.31 31.77 105.72
C ARG I 656 -71.81 32.02 105.62
N TYR I 657 -72.53 31.86 106.71
CA TYR I 657 -73.94 32.18 106.78
C TYR I 657 -73.95 33.43 107.64
N ASN I 658 -73.63 34.55 107.01
CA ASN I 658 -73.72 35.82 107.73
C ASN I 658 -75.18 36.25 107.83
N SER I 659 -76.07 35.60 107.08
CA SER I 659 -77.47 35.93 107.05
C SER I 659 -78.25 34.73 106.52
N THR I 660 -79.53 34.67 106.88
CA THR I 660 -80.51 33.96 106.08
C THR I 660 -80.85 34.72 104.83
N LEU I 661 -80.55 36.01 104.82
CA LEU I 661 -80.78 36.86 103.69
C LEU I 661 -79.84 36.46 102.55
N PRO I 662 -80.21 36.74 101.30
CA PRO I 662 -79.50 36.13 100.17
C PRO I 662 -78.10 36.64 99.88
N LEU I 663 -77.56 36.16 98.75
CA LEU I 663 -76.17 36.34 98.37
C LEU I 663 -75.81 37.79 98.08
N ALA I 664 -76.77 38.60 97.63
CA ALA I 664 -76.47 40.01 97.44
C ALA I 664 -76.32 40.73 98.76
N GLN I 665 -76.89 40.21 99.84
CA GLN I 665 -76.62 40.69 101.17
C GLN I 665 -75.33 40.15 101.75
N ASN I 666 -74.81 39.05 101.21
CA ASN I 666 -73.70 38.36 101.85
C ASN I 666 -72.36 38.87 101.34
N VAL I 667 -72.15 38.79 100.04
CA VAL I 667 -70.91 39.26 99.43
C VAL I 667 -71.02 40.77 99.24
N SER I 668 -69.88 41.42 99.03
CA SER I 668 -69.88 42.83 98.69
C SER I 668 -69.91 43.09 97.19
N LEU I 669 -69.81 42.05 96.36
CA LEU I 669 -69.89 42.24 94.92
C LEU I 669 -71.32 42.58 94.53
N THR I 670 -71.45 43.17 93.35
CA THR I 670 -72.77 43.40 92.81
C THR I 670 -73.11 42.30 91.82
N GLU I 671 -74.19 42.48 91.09
CA GLU I 671 -74.67 41.45 90.17
C GLU I 671 -73.83 41.17 88.94
N PRO I 672 -73.47 42.16 88.08
CA PRO I 672 -73.03 41.79 86.72
C PRO I 672 -71.68 41.10 86.67
N ILE I 673 -70.75 41.54 87.50
CA ILE I 673 -69.46 40.87 87.60
C ILE I 673 -69.63 39.50 88.22
N LEU I 674 -70.59 39.34 89.13
CA LEU I 674 -70.91 38.03 89.67
C LEU I 674 -71.55 37.14 88.62
N SER I 675 -72.25 37.73 87.66
CA SER I 675 -73.02 36.91 86.74
C SER I 675 -72.19 36.32 85.62
N ARG I 676 -70.90 36.65 85.52
CA ARG I 676 -70.07 36.05 84.50
C ARG I 676 -69.69 34.62 84.81
N PHE I 677 -69.86 34.17 86.04
CA PHE I 677 -69.34 32.86 86.43
C PHE I 677 -70.34 31.77 86.14
N ASP I 678 -70.00 30.52 86.45
CA ASP I 678 -70.92 29.44 86.15
C ASP I 678 -71.61 28.94 87.41
N ILE I 679 -70.91 28.91 88.54
CA ILE I 679 -71.47 28.29 89.72
C ILE I 679 -70.75 28.82 90.95
N LEU I 680 -71.52 28.98 92.02
CA LEU I 680 -71.03 29.54 93.27
C LEU I 680 -70.97 28.39 94.24
N CYS I 681 -69.87 27.65 94.20
CA CYS I 681 -69.73 26.53 95.12
C CYS I 681 -69.52 27.04 96.53
N VAL I 682 -70.38 26.56 97.43
CA VAL I 682 -70.48 27.06 98.79
C VAL I 682 -70.27 25.89 99.73
N VAL I 683 -69.65 26.16 100.87
CA VAL I 683 -69.35 25.14 101.87
C VAL I 683 -70.12 25.42 103.13
N ARG I 684 -70.20 24.40 104.00
CA ARG I 684 -70.99 24.44 105.22
C ARG I 684 -70.65 23.26 106.10
N ASP I 685 -70.56 23.50 107.41
CA ASP I 685 -70.64 22.47 108.44
C ASP I 685 -70.93 23.13 109.77
N LEU I 686 -71.87 22.56 110.53
CA LEU I 686 -72.03 23.03 111.89
C LEU I 686 -71.46 22.03 112.90
N VAL I 687 -72.05 20.84 112.97
CA VAL I 687 -71.80 19.86 114.02
C VAL I 687 -72.07 18.49 113.43
N ASP I 688 -71.06 17.61 113.45
CA ASP I 688 -71.26 16.24 112.99
C ASP I 688 -70.19 15.38 113.65
N GLU I 689 -70.62 14.32 114.32
CA GLU I 689 -69.67 13.43 114.95
C GLU I 689 -68.92 12.58 113.93
N GLU I 690 -69.66 11.85 113.08
CA GLU I 690 -69.03 10.89 112.19
C GLU I 690 -68.31 11.58 111.04
N ALA I 691 -68.79 12.74 110.63
CA ALA I 691 -68.12 13.44 109.54
C ALA I 691 -66.79 14.04 109.99
N ASP I 692 -66.70 14.40 111.27
CA ASP I 692 -65.51 15.09 111.73
C ASP I 692 -64.32 14.14 111.81
N GLU I 693 -64.53 12.93 112.33
CA GLU I 693 -63.47 11.93 112.35
C GLU I 693 -63.08 11.51 110.96
N ARG I 694 -64.03 11.52 110.03
CA ARG I 694 -63.75 11.22 108.64
C ARG I 694 -62.82 12.25 108.03
N LEU I 695 -62.80 13.45 108.63
CA LEU I 695 -61.66 14.31 108.41
C LEU I 695 -60.55 14.03 109.41
N ALA I 696 -60.89 13.83 110.68
CA ALA I 696 -59.87 13.85 111.73
C ALA I 696 -58.97 12.62 111.67
N THR I 697 -59.53 11.45 111.44
CA THR I 697 -58.68 10.30 111.23
C THR I 697 -57.93 10.40 109.91
N PHE I 698 -58.52 11.09 108.94
CA PHE I 698 -57.87 11.22 107.65
C PHE I 698 -56.64 12.10 107.71
N VAL I 699 -56.70 13.20 108.46
CA VAL I 699 -55.63 14.19 108.35
C VAL I 699 -54.38 13.75 109.08
N VAL I 700 -54.51 12.93 110.11
CA VAL I 700 -53.34 12.59 110.89
C VAL I 700 -52.45 11.59 110.20
N ASP I 701 -52.99 10.77 109.31
CA ASP I 701 -52.14 9.84 108.60
C ASP I 701 -51.29 10.52 107.53
N SER I 702 -51.74 11.67 107.03
CA SER I 702 -50.93 12.44 106.12
C SER I 702 -49.66 12.96 106.76
N HIS I 703 -49.72 13.33 108.04
CA HIS I 703 -48.51 13.72 108.75
C HIS I 703 -47.61 12.55 109.08
N VAL I 704 -48.08 11.32 108.92
CA VAL I 704 -47.15 10.21 108.98
C VAL I 704 -46.35 10.14 107.69
N ARG I 705 -46.78 10.84 106.64
CA ARG I 705 -46.05 10.86 105.38
C ARG I 705 -45.07 12.05 105.34
N SER I 706 -44.18 12.07 106.34
CA SER I 706 -43.17 13.10 106.44
C SER I 706 -41.83 12.55 106.03
N GLN I 737 -25.76 3.02 93.44
CA GLN I 737 -27.06 3.32 94.03
C GLN I 737 -28.14 3.28 92.98
N LEU I 738 -27.85 2.57 91.88
CA LEU I 738 -28.76 2.46 90.76
C LEU I 738 -30.04 1.71 91.14
N ASN I 739 -29.88 0.60 91.87
CA ASN I 739 -31.03 -0.03 92.48
C ASN I 739 -31.66 0.88 93.54
N ALA I 740 -30.84 1.60 94.30
CA ALA I 740 -31.35 2.44 95.38
C ALA I 740 -32.10 3.65 94.83
N ARG I 741 -31.64 4.19 93.69
CA ARG I 741 -32.40 5.22 93.00
C ARG I 741 -33.70 4.66 92.46
N GLN I 742 -33.70 3.42 92.02
CA GLN I 742 -34.93 2.73 91.69
C GLN I 742 -35.74 2.38 92.93
N ARG I 743 -35.06 1.95 94.02
CA ARG I 743 -35.79 1.46 95.19
C ARG I 743 -36.45 2.59 95.96
N ARG I 744 -35.84 3.78 95.96
CA ARG I 744 -36.50 4.95 96.53
C ARG I 744 -37.74 5.31 95.72
N LEU I 745 -37.70 5.09 94.41
CA LEU I 745 -38.84 5.38 93.55
C LEU I 745 -40.04 4.46 93.83
N GLN I 746 -39.80 3.17 94.04
CA GLN I 746 -40.90 2.28 94.41
C GLN I 746 -41.43 2.62 95.79
N ARG I 747 -40.53 3.05 96.70
CA ARG I 747 -40.98 3.64 97.95
C ARG I 747 -41.76 4.92 97.69
N GLN I 748 -41.29 5.72 96.74
CA GLN I 748 -42.05 6.89 96.34
C GLN I 748 -43.31 6.52 95.57
N ARG I 749 -43.35 5.34 94.98
CA ARG I 749 -44.59 4.93 94.31
C ARG I 749 -45.56 4.32 95.28
N LYS I 750 -45.07 3.56 96.26
CA LYS I 750 -45.98 2.90 97.21
C LYS I 750 -46.59 3.90 98.17
N LYS I 751 -45.86 4.96 98.49
CA LYS I 751 -46.36 5.93 99.46
C LYS I 751 -47.52 6.75 98.93
N GLU I 752 -47.69 6.82 97.62
CA GLU I 752 -48.87 7.43 97.05
C GLU I 752 -49.97 6.42 96.81
N GLU I 753 -49.68 5.14 97.02
CA GLU I 753 -50.56 4.09 96.58
C GLU I 753 -51.15 3.36 97.77
N GLU I 754 -51.58 4.10 98.80
CA GLU I 754 -52.26 3.48 99.92
C GLU I 754 -53.62 2.92 99.51
N ILE I 755 -54.31 3.60 98.60
CA ILE I 755 -55.54 3.08 98.03
C ILE I 755 -55.36 2.98 96.52
N SER I 756 -54.16 3.36 96.04
CA SER I 756 -53.77 3.45 94.64
C SER I 756 -54.77 4.23 93.78
N PRO I 757 -54.95 5.53 93.99
CA PRO I 757 -55.87 6.26 93.13
C PRO I 757 -55.19 6.87 91.92
N ILE I 758 -54.68 6.06 90.99
CA ILE I 758 -54.03 6.40 89.71
C ILE I 758 -53.09 7.61 89.83
N PRO I 759 -51.85 7.41 90.29
CA PRO I 759 -51.03 8.52 90.79
C PRO I 759 -50.57 9.47 89.70
N GLN I 760 -49.90 10.53 90.14
CA GLN I 760 -49.58 11.68 89.29
C GLN I 760 -48.42 11.44 88.35
N GLU I 761 -47.83 10.24 88.36
CA GLU I 761 -46.74 9.96 87.44
C GLU I 761 -47.23 9.90 86.00
N LEU I 762 -48.48 9.49 85.78
CA LEU I 762 -49.02 9.46 84.44
C LEU I 762 -50.21 10.37 84.26
N LEU I 763 -50.84 10.81 85.36
CA LEU I 763 -52.16 11.42 85.26
C LEU I 763 -52.09 12.78 84.59
N MET I 764 -51.12 13.59 84.94
CA MET I 764 -50.97 14.87 84.28
C MET I 764 -50.54 14.72 82.84
N LYS I 765 -49.90 13.61 82.49
CA LYS I 765 -49.27 13.54 81.19
C LYS I 765 -50.29 13.38 80.08
N TYR I 766 -51.47 12.84 80.36
CA TYR I 766 -52.44 12.73 79.28
C TYR I 766 -53.37 13.94 79.22
N ILE I 767 -53.33 14.78 80.24
CA ILE I 767 -54.09 16.02 80.23
C ILE I 767 -53.63 16.94 79.12
N HIS I 768 -52.32 17.04 78.91
CA HIS I 768 -51.79 18.01 77.96
C HIS I 768 -52.16 17.66 76.54
N TYR I 769 -52.37 16.37 76.24
CA TYR I 769 -52.97 16.15 74.94
C TYR I 769 -54.45 15.83 75.05
N ALA I 770 -55.04 16.02 76.21
CA ALA I 770 -56.49 16.10 76.25
C ALA I 770 -56.98 17.52 76.03
N ARG I 771 -56.10 18.44 75.71
CA ARG I 771 -56.48 19.83 75.55
C ARG I 771 -56.02 20.33 74.20
N THR I 772 -55.21 19.52 73.52
CA THR I 772 -54.60 19.95 72.26
C THR I 772 -54.74 18.91 71.16
N LYS I 773 -55.56 17.89 71.35
CA LYS I 773 -55.69 16.91 70.28
C LYS I 773 -57.12 16.47 69.99
N ILE I 774 -58.09 16.71 70.87
CA ILE I 774 -59.44 16.17 70.72
C ILE I 774 -60.45 17.31 70.72
N TYR I 775 -61.41 17.23 69.81
CA TYR I 775 -62.48 18.23 69.72
C TYR I 775 -63.83 17.54 69.66
N PRO I 776 -64.72 17.84 70.58
CA PRO I 776 -66.01 17.14 70.65
C PRO I 776 -67.05 17.78 69.75
N LYS I 777 -68.08 17.00 69.43
CA LYS I 777 -69.24 17.47 68.70
C LYS I 777 -70.50 16.88 69.32
N LEU I 778 -71.65 17.34 68.84
CA LEU I 778 -72.91 17.16 69.55
C LEU I 778 -73.94 16.43 68.68
N HIS I 779 -75.09 16.16 69.28
CA HIS I 779 -76.24 15.60 68.60
C HIS I 779 -77.36 16.62 68.66
N GLN I 780 -78.56 16.21 68.26
CA GLN I 780 -79.71 17.10 68.21
C GLN I 780 -80.91 16.50 68.92
N MET I 781 -81.04 15.17 68.87
CA MET I 781 -82.28 14.50 69.28
C MET I 781 -82.44 14.44 70.79
N ASP I 782 -81.38 14.69 71.54
CA ASP I 782 -81.39 14.61 73.00
C ASP I 782 -81.25 15.97 73.64
N MET I 783 -81.00 17.01 72.86
CA MET I 783 -80.72 18.31 73.44
C MET I 783 -81.99 19.04 73.84
N ASP I 784 -83.09 18.84 73.12
CA ASP I 784 -84.26 19.67 73.35
C ASP I 784 -85.09 19.19 74.53
N LYS I 785 -84.69 18.08 75.16
CA LYS I 785 -85.40 17.60 76.33
C LYS I 785 -85.12 18.45 77.56
N VAL I 786 -84.08 19.28 77.53
CA VAL I 786 -83.74 20.10 78.68
C VAL I 786 -84.17 21.54 78.53
N SER I 787 -84.78 21.90 77.40
CA SER I 787 -85.25 23.25 77.19
C SER I 787 -86.33 23.63 78.20
N ARG I 788 -87.31 22.76 78.40
CA ARG I 788 -88.28 22.99 79.46
C ARG I 788 -87.65 22.82 80.83
N VAL I 789 -86.66 21.96 80.96
CA VAL I 789 -85.95 21.79 82.22
C VAL I 789 -85.15 23.04 82.54
N TYR I 790 -84.69 23.74 81.52
CA TYR I 790 -84.16 25.08 81.74
C TYR I 790 -85.25 26.07 82.06
N ALA I 791 -86.25 26.19 81.19
CA ALA I 791 -87.10 27.36 81.20
C ALA I 791 -88.10 27.31 82.35
N ASP I 792 -88.60 26.12 82.68
CA ASP I 792 -89.46 26.02 83.85
C ASP I 792 -88.65 26.22 85.12
N LEU I 793 -87.36 25.90 85.07
CA LEU I 793 -86.49 26.33 86.15
C LEU I 793 -86.08 27.78 86.00
N ARG I 794 -86.15 28.32 84.78
CA ARG I 794 -85.95 29.76 84.67
C ARG I 794 -87.14 30.51 85.26
N ARG I 795 -88.34 29.95 85.12
CA ARG I 795 -89.55 30.61 85.63
C ARG I 795 -89.59 30.61 87.15
N GLU I 796 -89.31 29.47 87.78
CA GLU I 796 -89.31 29.41 89.23
C GLU I 796 -88.19 30.25 89.82
N SER I 797 -87.11 30.42 89.09
CA SER I 797 -86.04 31.26 89.57
C SER I 797 -86.28 32.73 89.29
N ILE I 798 -87.13 33.07 88.33
CA ILE I 798 -87.44 34.48 88.08
C ILE I 798 -88.60 34.94 88.95
N SER I 799 -89.62 34.09 89.08
CA SER I 799 -90.70 34.35 90.02
C SER I 799 -90.20 34.33 91.47
N THR I 800 -89.18 33.53 91.75
CA THR I 800 -88.52 33.56 93.05
C THR I 800 -87.02 33.56 92.82
N GLY I 801 -86.40 34.73 93.05
CA GLY I 801 -84.99 34.88 92.75
C GLY I 801 -84.27 35.84 93.66
N SER I 802 -83.04 35.46 94.00
CA SER I 802 -82.07 36.31 94.66
C SER I 802 -81.24 37.03 93.60
N PHE I 803 -80.55 36.26 92.75
CA PHE I 803 -79.84 36.63 91.53
C PHE I 803 -80.30 35.75 90.38
N PRO I 804 -80.44 36.30 89.18
CA PRO I 804 -81.11 35.55 88.11
C PRO I 804 -80.14 34.84 87.17
N ILE I 805 -80.64 33.77 86.60
CA ILE I 805 -80.03 33.17 85.44
C ILE I 805 -80.53 33.87 84.19
N THR I 806 -79.74 33.82 83.13
CA THR I 806 -80.02 34.56 81.92
C THR I 806 -79.67 33.74 80.69
N VAL I 807 -79.46 34.42 79.56
CA VAL I 807 -78.85 33.77 78.39
C VAL I 807 -77.45 33.26 78.67
N ARG I 808 -76.79 33.76 79.72
CA ARG I 808 -75.45 33.35 80.09
C ARG I 808 -75.37 31.89 80.50
N HIS I 809 -76.12 31.49 81.54
CA HIS I 809 -75.97 30.20 82.21
C HIS I 809 -76.17 29.01 81.30
N LEU I 810 -77.12 29.08 80.38
CA LEU I 810 -77.40 27.97 79.50
C LEU I 810 -76.26 27.70 78.54
N GLU I 811 -75.48 28.73 78.21
CA GLU I 811 -74.27 28.53 77.43
C GLU I 811 -73.23 27.75 78.22
N SER I 812 -73.25 27.88 79.54
CA SER I 812 -72.41 27.03 80.37
C SER I 812 -73.00 25.65 80.57
N ILE I 813 -74.30 25.49 80.40
CA ILE I 813 -74.93 24.19 80.59
C ILE I 813 -74.46 23.21 79.53
N LEU I 814 -74.47 23.64 78.27
CA LEU I 814 -73.97 22.75 77.25
C LEU I 814 -72.46 22.62 77.30
N ARG I 815 -71.74 23.61 77.84
CA ARG I 815 -70.28 23.52 77.81
C ARG I 815 -69.76 22.55 78.85
N ILE I 816 -70.22 22.66 80.09
CA ILE I 816 -69.68 21.73 81.08
C ILE I 816 -70.22 20.34 80.89
N ALA I 817 -71.25 20.17 80.05
CA ALA I 817 -71.60 18.85 79.58
C ALA I 817 -70.46 18.26 78.76
N GLU I 818 -70.01 18.97 77.75
CA GLU I 818 -69.08 18.35 76.83
C GLU I 818 -67.67 18.30 77.38
N SER I 819 -67.39 18.96 78.50
CA SER I 819 -66.11 18.76 79.15
C SER I 819 -66.00 17.34 79.67
N PHE I 820 -67.10 16.80 80.15
CA PHE I 820 -67.07 15.44 80.69
C PHE I 820 -66.80 14.44 79.59
N ALA I 821 -67.53 14.53 78.49
CA ALA I 821 -67.35 13.62 77.38
C ALA I 821 -66.02 13.82 76.67
N LYS I 822 -65.35 14.95 76.91
CA LYS I 822 -63.99 15.14 76.42
C LYS I 822 -63.02 14.23 77.16
N MET I 823 -63.39 13.75 78.33
CA MET I 823 -62.53 12.84 79.07
C MET I 823 -62.82 11.39 78.79
N ARG I 824 -63.86 11.11 78.02
CA ARG I 824 -63.99 9.78 77.45
C ARG I 824 -63.18 9.63 76.17
N LEU I 825 -62.60 10.75 75.69
CA LEU I 825 -61.71 10.79 74.52
C LEU I 825 -62.42 10.32 73.26
N SER I 826 -63.61 10.88 73.01
CA SER I 826 -64.56 10.19 72.17
C SER I 826 -65.32 11.07 71.19
N GLU I 827 -65.22 12.40 71.33
CA GLU I 827 -65.76 13.40 70.41
C GLU I 827 -67.30 13.49 70.43
N PHE I 828 -67.99 12.54 71.02
CA PHE I 828 -69.45 12.57 70.98
C PHE I 828 -69.99 13.05 72.32
N VAL I 829 -71.28 13.31 72.33
CA VAL I 829 -71.99 13.59 73.56
C VAL I 829 -73.09 12.55 73.71
N SER I 830 -73.24 12.03 74.92
CA SER I 830 -74.09 10.90 75.20
C SER I 830 -75.39 11.39 75.82
N SER I 831 -76.16 10.45 76.37
CA SER I 831 -77.21 10.79 77.31
C SER I 831 -76.75 10.69 78.75
N TYR I 832 -75.73 9.87 79.02
CA TYR I 832 -75.26 9.58 80.37
C TYR I 832 -74.63 10.79 81.05
N ASP I 833 -74.30 11.82 80.28
CA ASP I 833 -73.55 12.96 80.74
C ASP I 833 -74.40 14.19 80.96
N LEU I 834 -75.45 14.38 80.15
CA LEU I 834 -76.26 15.58 80.22
C LEU I 834 -77.01 15.64 81.54
N ASP I 835 -77.59 14.52 81.94
CA ASP I 835 -78.20 14.43 83.26
C ASP I 835 -77.17 14.56 84.37
N ARG I 836 -75.97 14.03 84.16
CA ARG I 836 -74.91 14.23 85.14
C ARG I 836 -74.52 15.71 85.21
N ALA I 837 -74.44 16.35 84.04
CA ALA I 837 -74.08 17.76 83.99
C ALA I 837 -75.20 18.64 84.54
N ILE I 838 -76.45 18.26 84.32
CA ILE I 838 -77.54 19.01 84.90
C ILE I 838 -77.56 18.85 86.40
N LYS I 839 -77.42 17.62 86.88
CA LYS I 839 -77.51 17.37 88.32
C LYS I 839 -76.27 17.84 89.06
N VAL I 840 -75.30 18.43 88.35
CA VAL I 840 -74.31 19.25 89.02
C VAL I 840 -74.82 20.67 89.21
N VAL I 841 -75.42 21.26 88.18
CA VAL I 841 -75.70 22.69 88.22
C VAL I 841 -76.88 23.04 89.13
N VAL I 842 -78.00 22.32 88.99
CA VAL I 842 -79.26 22.76 89.58
C VAL I 842 -79.24 22.78 91.10
N ASP I 843 -78.76 21.70 91.72
CA ASP I 843 -78.59 21.64 93.16
C ASP I 843 -77.59 22.65 93.67
N SER I 844 -76.49 22.84 92.95
CA SER I 844 -75.48 23.81 93.31
C SER I 844 -75.92 25.24 93.04
N PHE I 845 -76.97 25.44 92.25
CA PHE I 845 -77.61 26.74 92.29
C PHE I 845 -78.58 26.88 93.45
N VAL I 846 -79.49 25.92 93.64
CA VAL I 846 -80.62 26.14 94.53
C VAL I 846 -80.26 26.09 96.00
N ASP I 847 -79.15 25.46 96.36
CA ASP I 847 -78.90 25.21 97.78
C ASP I 847 -78.45 26.46 98.51
N ALA I 848 -78.14 27.53 97.78
CA ALA I 848 -77.63 28.74 98.39
C ALA I 848 -78.72 29.74 98.71
N GLN I 849 -79.98 29.34 98.67
CA GLN I 849 -81.02 30.35 98.69
C GLN I 849 -81.36 30.85 100.07
N LYS I 850 -81.93 29.99 100.92
CA LYS I 850 -82.60 30.47 102.12
C LYS I 850 -82.92 29.29 103.03
N VAL I 851 -83.71 29.54 104.09
CA VAL I 851 -84.48 28.49 104.74
C VAL I 851 -85.35 27.76 103.74
N SER I 852 -85.98 28.50 102.81
CA SER I 852 -86.86 27.89 101.82
C SER I 852 -86.08 27.13 100.76
N VAL I 853 -85.41 26.07 101.19
CA VAL I 853 -84.66 25.20 100.29
C VAL I 853 -85.21 23.77 100.33
N ARG I 854 -85.84 23.36 101.44
CA ARG I 854 -86.42 22.04 101.58
C ARG I 854 -87.58 21.82 100.63
N ARG I 855 -88.30 22.88 100.28
CA ARG I 855 -89.34 22.78 99.26
C ARG I 855 -88.73 22.56 97.88
N GLN I 856 -87.63 23.24 97.56
CA GLN I 856 -87.04 23.12 96.24
C GLN I 856 -86.38 21.77 96.03
N LEU I 857 -85.99 21.09 97.12
CA LEU I 857 -85.50 19.73 96.98
C LEU I 857 -86.63 18.77 96.63
N ARG I 858 -87.86 19.12 96.98
CA ARG I 858 -89.01 18.35 96.51
C ARG I 858 -89.28 18.62 95.03
N ARG I 859 -88.72 19.70 94.48
CA ARG I 859 -88.89 19.95 93.06
C ARG I 859 -87.89 19.16 92.23
N SER I 860 -86.64 19.07 92.70
CA SER I 860 -85.56 18.66 91.80
C SER I 860 -85.54 17.17 91.53
N PHE I 861 -86.17 16.37 92.39
CA PHE I 861 -86.23 14.94 92.09
C PHE I 861 -87.20 14.67 90.95
N ALA I 862 -88.12 15.59 90.68
CA ALA I 862 -88.89 15.52 89.44
C ALA I 862 -88.00 15.78 88.23
N ILE I 863 -87.02 16.66 88.37
CA ILE I 863 -86.04 16.89 87.32
C ILE I 863 -85.18 15.67 87.12
N TYR I 864 -84.83 15.01 88.22
CA TYR I 864 -84.19 13.70 88.14
C TYR I 864 -85.24 12.60 88.00
N PRO J 17 -20.42 79.40 23.82
CA PRO J 17 -21.83 79.05 23.83
C PRO J 17 -22.53 79.28 22.49
N ASP J 18 -22.87 78.87 21.27
CA ASP J 18 -23.78 79.63 20.42
C ASP J 18 -25.21 79.13 20.49
N ALA J 19 -25.42 77.84 20.74
CA ALA J 19 -26.78 77.31 20.79
C ALA J 19 -27.46 77.70 22.09
N VAL J 20 -26.75 77.59 23.21
CA VAL J 20 -27.35 77.89 24.51
C VAL J 20 -27.43 79.40 24.75
N PHE J 21 -26.81 80.19 23.88
CA PHE J 21 -26.85 81.64 24.06
C PHE J 21 -27.73 82.34 23.04
N GLY J 22 -28.08 81.68 21.94
CA GLY J 22 -28.79 82.36 20.87
C GLY J 22 -30.21 82.74 21.21
N ASP J 23 -30.97 81.81 21.80
CA ASP J 23 -32.34 82.13 22.21
C ASP J 23 -32.35 82.97 23.48
N ARG J 24 -31.21 83.09 24.15
CA ARG J 24 -31.09 84.18 25.10
C ARG J 24 -31.16 85.51 24.37
N VAL J 25 -30.29 85.72 23.38
CA VAL J 25 -30.19 87.02 22.70
C VAL J 25 -31.47 87.33 21.92
N ARG J 26 -32.09 86.31 21.32
CA ARG J 26 -33.37 86.53 20.65
C ARG J 26 -34.47 86.89 21.64
N ARG J 27 -34.39 86.37 22.85
CA ARG J 27 -35.24 86.89 23.91
C ARG J 27 -34.79 88.26 24.37
N PHE J 28 -33.47 88.53 24.29
CA PHE J 28 -32.94 89.79 24.77
C PHE J 28 -33.44 90.97 23.94
N GLN J 29 -33.85 90.70 22.70
CA GLN J 29 -34.61 91.67 21.90
C GLN J 29 -36.11 91.48 22.05
N GLU J 30 -36.57 90.36 22.60
CA GLU J 30 -38.00 90.11 22.70
C GLU J 30 -38.62 90.75 23.92
N PHE J 31 -38.07 90.48 25.11
CA PHE J 31 -38.77 90.95 26.30
C PHE J 31 -38.66 92.44 26.55
N LEU J 32 -37.93 93.18 25.71
CA LEU J 32 -37.84 94.62 25.95
C LEU J 32 -39.14 95.32 25.63
N ASP J 33 -39.96 94.75 24.77
CA ASP J 33 -41.33 95.23 24.70
C ASP J 33 -42.18 94.71 25.83
N THR J 34 -41.79 93.60 26.48
CA THR J 34 -42.58 93.10 27.61
C THR J 34 -42.29 93.87 28.89
N PHE J 35 -41.44 94.90 28.81
CA PHE J 35 -41.48 95.95 29.81
C PHE J 35 -41.58 97.34 29.18
N THR J 36 -42.44 97.51 28.17
CA THR J 36 -42.89 98.84 27.79
C THR J 36 -43.63 99.51 28.94
N SER J 37 -44.40 98.74 29.70
CA SER J 37 -45.14 99.30 30.82
C SER J 37 -44.37 99.25 32.13
N TYR J 38 -43.16 98.68 32.15
CA TYR J 38 -42.41 98.62 33.40
C TYR J 38 -41.11 99.38 33.35
N ARG J 39 -40.64 99.77 32.15
CA ARG J 39 -39.38 100.48 32.08
C ARG J 39 -39.50 101.89 32.65
N ASP J 40 -40.71 102.44 32.67
CA ASP J 40 -40.99 103.57 33.53
C ASP J 40 -40.94 103.20 35.00
N SER J 41 -41.50 102.05 35.37
CA SER J 41 -41.66 101.67 36.75
C SER J 41 -40.34 101.41 37.43
N VAL J 42 -39.41 100.77 36.73
CA VAL J 42 -38.18 100.35 37.37
C VAL J 42 -37.24 101.52 37.63
N ARG J 43 -37.40 102.64 36.91
CA ARG J 43 -36.55 103.77 37.21
C ARG J 43 -37.23 104.80 38.08
N SER J 44 -38.56 104.84 38.09
CA SER J 44 -39.25 105.79 38.96
C SER J 44 -39.12 105.42 40.42
N ILE J 45 -38.94 104.13 40.71
CA ILE J 45 -38.79 103.66 42.09
C ILE J 45 -37.44 103.97 42.70
N GLN J 46 -36.46 104.37 41.91
CA GLN J 46 -35.15 104.61 42.46
C GLN J 46 -34.75 106.07 42.44
N VAL J 47 -35.35 106.88 41.57
CA VAL J 47 -34.88 108.25 41.35
C VAL J 47 -35.16 109.11 42.57
N TYR J 48 -36.23 108.81 43.29
CA TYR J 48 -36.46 109.50 44.54
C TYR J 48 -35.68 108.88 45.68
N ASN J 49 -35.41 107.58 45.61
CA ASN J 49 -34.56 106.94 46.59
C ASN J 49 -33.14 107.42 46.46
N SER J 50 -32.72 107.73 45.23
CA SER J 50 -31.51 108.51 45.01
C SER J 50 -31.65 109.96 45.45
N ASN J 51 -32.86 110.50 45.42
CA ASN J 51 -33.03 111.89 45.82
C ASN J 51 -33.07 112.04 47.34
N ASN J 52 -33.93 111.27 48.02
CA ASN J 52 -34.09 111.45 49.46
C ASN J 52 -32.83 111.07 50.22
N ALA J 53 -32.04 110.14 49.70
CA ALA J 53 -30.79 109.76 50.35
C ALA J 53 -29.77 110.90 50.30
N ALA J 54 -29.89 111.80 49.31
CA ALA J 54 -29.05 112.98 49.26
C ALA J 54 -29.60 114.15 50.05
N ASN J 55 -30.85 114.06 50.52
CA ASN J 55 -31.48 115.10 51.35
C ASN J 55 -32.30 114.47 52.48
N TYR J 56 -31.67 113.59 53.25
CA TYR J 56 -32.28 113.05 54.45
C TYR J 56 -32.64 114.14 55.45
N ASN J 57 -31.76 115.13 55.63
CA ASN J 57 -32.01 116.19 56.58
C ASN J 57 -33.05 117.18 56.10
N ILE J 91 -34.47 102.69 49.84
CA ILE J 91 -35.30 102.27 50.97
C ILE J 91 -36.23 101.16 50.50
N LEU J 92 -36.31 100.95 49.20
CA LEU J 92 -37.10 99.83 48.70
C LEU J 92 -36.19 98.82 48.03
N PRO J 93 -36.50 97.53 48.08
CA PRO J 93 -35.69 96.55 47.37
C PRO J 93 -35.97 96.58 45.88
N HIS J 94 -35.38 95.61 45.20
CA HIS J 94 -35.39 95.60 43.74
C HIS J 94 -36.42 94.61 43.21
N ARG J 95 -37.65 95.08 43.17
CA ARG J 95 -38.80 94.25 42.84
C ARG J 95 -39.34 94.64 41.47
N ILE J 96 -39.36 93.68 40.56
CA ILE J 96 -39.72 93.91 39.18
C ILE J 96 -40.76 92.86 38.87
N ILE J 97 -42.03 93.15 39.12
CA ILE J 97 -43.07 92.15 39.01
C ILE J 97 -43.40 91.97 37.54
N ILE J 98 -43.02 90.82 37.01
CA ILE J 98 -43.34 90.45 35.64
C ILE J 98 -44.64 89.68 35.68
N SER J 99 -45.65 90.19 34.99
CA SER J 99 -46.89 89.44 34.94
C SER J 99 -46.81 88.32 33.92
N LEU J 100 -47.78 87.43 33.99
CA LEU J 100 -47.94 86.43 32.95
C LEU J 100 -48.37 87.02 31.63
N ASP J 101 -49.28 87.99 31.69
CA ASP J 101 -49.96 88.55 30.55
C ASP J 101 -49.01 89.12 29.52
N ASP J 102 -47.94 89.75 29.98
CA ASP J 102 -46.97 90.31 29.06
C ASP J 102 -45.98 89.26 28.57
N LEU J 103 -46.23 87.99 28.86
CA LEU J 103 -45.30 86.98 28.40
C LEU J 103 -46.09 85.76 27.95
N ARG J 104 -47.39 85.94 27.72
CA ARG J 104 -48.17 84.82 27.23
C ARG J 104 -48.98 85.21 26.02
N GLU J 105 -49.22 86.51 25.85
CA GLU J 105 -49.98 86.96 24.71
C GLU J 105 -49.21 86.82 23.41
N PHE J 106 -47.88 86.79 23.46
CA PHE J 106 -47.17 86.85 22.18
C PHE J 106 -45.84 86.12 22.17
N ASP J 107 -45.56 85.23 23.11
CA ASP J 107 -44.35 84.40 23.04
C ASP J 107 -44.76 83.02 23.51
N ARG J 108 -44.46 82.00 22.72
CA ARG J 108 -44.86 80.66 23.13
C ARG J 108 -43.68 79.75 23.36
N SER J 109 -42.68 79.79 22.48
CA SER J 109 -41.46 79.02 22.72
C SER J 109 -40.70 79.54 23.92
N PHE J 110 -40.64 80.85 24.07
CA PHE J 110 -40.06 81.45 25.25
C PHE J 110 -40.92 81.23 26.48
N TRP J 111 -42.23 81.05 26.30
CA TRP J 111 -43.13 80.84 27.42
C TRP J 111 -42.85 79.53 28.13
N SER J 112 -43.00 78.42 27.42
CA SER J 112 -43.07 77.14 28.10
C SER J 112 -41.72 76.67 28.58
N GLY J 113 -40.65 77.34 28.18
CA GLY J 113 -39.37 77.12 28.80
C GLY J 113 -39.36 77.53 30.27
N ILE J 114 -40.15 78.55 30.61
CA ILE J 114 -40.18 78.98 32.01
C ILE J 114 -41.00 78.04 32.87
N LEU J 115 -41.83 77.20 32.26
CA LEU J 115 -42.66 76.31 33.03
C LEU J 115 -42.31 74.85 32.80
N VAL J 116 -41.22 74.57 32.09
CA VAL J 116 -40.74 73.20 31.98
C VAL J 116 -39.35 73.09 32.56
N GLU J 117 -38.42 73.90 32.05
CA GLU J 117 -37.03 73.89 32.50
C GLU J 117 -36.70 75.28 33.03
N PRO J 118 -36.97 75.54 34.28
CA PRO J 118 -36.67 76.85 34.84
C PRO J 118 -35.26 76.93 35.37
N ALA J 119 -34.29 76.44 34.61
CA ALA J 119 -32.91 76.47 35.05
C ALA J 119 -31.96 77.08 34.04
N TYR J 120 -32.35 77.19 32.79
CA TYR J 120 -31.52 77.85 31.81
C TYR J 120 -32.09 79.20 31.42
N PHE J 121 -32.98 79.76 32.22
CA PHE J 121 -33.68 80.95 31.74
C PHE J 121 -33.66 82.11 32.72
N ILE J 122 -33.60 81.86 34.01
CA ILE J 122 -33.72 82.97 34.94
C ILE J 122 -32.42 83.78 35.03
N PRO J 123 -31.21 83.22 35.15
CA PRO J 123 -30.02 84.08 35.08
C PRO J 123 -29.78 84.68 33.71
N PRO J 124 -30.33 84.14 32.60
CA PRO J 124 -30.48 84.99 31.43
C PRO J 124 -31.33 86.21 31.67
N ALA J 125 -32.45 86.07 32.38
CA ALA J 125 -33.35 87.21 32.51
C ALA J 125 -32.79 88.26 33.45
N GLU J 126 -31.94 87.86 34.38
CA GLU J 126 -31.37 88.86 35.27
C GLU J 126 -30.31 89.67 34.57
N LYS J 127 -29.36 89.01 33.90
CA LYS J 127 -28.24 89.69 33.27
C LYS J 127 -28.70 90.67 32.21
N ALA J 128 -29.75 90.32 31.48
CA ALA J 128 -30.30 91.27 30.53
C ALA J 128 -31.18 92.30 31.22
N LEU J 129 -31.57 92.06 32.46
CA LEU J 129 -32.26 93.12 33.15
C LEU J 129 -31.33 94.23 33.59
N THR J 130 -30.23 93.87 34.25
CA THR J 130 -29.48 94.83 35.04
C THR J 130 -28.75 95.86 34.19
N ASP J 131 -28.58 95.60 32.89
CA ASP J 131 -27.98 96.62 32.04
C ASP J 131 -28.95 97.76 31.83
N LEU J 132 -30.24 97.48 31.88
CA LEU J 132 -31.21 98.54 31.75
C LEU J 132 -31.26 99.43 32.98
N ALA J 133 -30.78 98.93 34.11
CA ALA J 133 -30.66 99.79 35.28
C ALA J 133 -29.59 100.85 35.08
N ASP J 134 -28.47 100.47 34.46
CA ASP J 134 -27.42 101.46 34.25
C ASP J 134 -27.63 102.25 32.96
N SER J 135 -28.19 101.64 31.92
CA SER J 135 -28.45 102.38 30.69
C SER J 135 -29.51 103.44 30.86
N MET J 136 -30.38 103.28 31.86
CA MET J 136 -31.29 104.34 32.26
C MET J 136 -30.66 105.27 33.28
N ASP J 137 -29.86 104.74 34.19
CA ASP J 137 -29.36 105.50 35.34
C ASP J 137 -27.88 105.21 35.55
N ASP J 138 -27.03 106.13 35.10
CA ASP J 138 -25.60 106.00 35.32
C ASP J 138 -24.93 107.29 35.80
N VAL J 139 -25.61 108.43 35.71
CA VAL J 139 -25.01 109.73 36.03
C VAL J 139 -24.82 109.95 37.53
N PRO J 140 -25.74 109.61 38.45
CA PRO J 140 -25.38 109.69 39.87
C PRO J 140 -24.36 108.62 40.27
N HIS J 141 -23.59 108.95 41.29
CA HIS J 141 -22.50 108.09 41.75
C HIS J 141 -22.59 107.79 43.24
N HIS J 151 -26.47 93.64 44.58
CA HIS J 151 -27.63 94.40 44.12
C HIS J 151 -28.00 94.05 42.69
N PRO J 152 -28.58 92.87 42.47
CA PRO J 152 -28.69 92.36 41.10
C PRO J 152 -30.05 92.52 40.44
N TRP J 153 -31.08 93.01 41.16
CA TRP J 153 -32.45 93.15 40.68
C TRP J 153 -33.03 91.81 40.21
N LYS J 154 -33.21 90.89 41.15
CA LYS J 154 -33.82 89.64 40.75
C LYS J 154 -35.34 89.77 40.74
N LEU J 155 -36.00 88.72 40.28
CA LEU J 155 -37.38 88.79 39.83
C LEU J 155 -38.37 88.40 40.93
N SER J 156 -39.66 88.41 40.58
CA SER J 156 -40.69 87.89 41.45
C SER J 156 -41.66 86.97 40.73
N PHE J 157 -42.06 87.34 39.52
CA PHE J 157 -42.96 86.58 38.65
C PHE J 157 -44.34 86.29 39.24
N LYS J 158 -45.20 87.30 39.35
CA LYS J 158 -46.60 87.13 39.73
C LYS J 158 -47.46 86.76 38.53
N GLY J 159 -48.50 85.98 38.76
CA GLY J 159 -49.56 85.82 37.81
C GLY J 159 -50.50 84.72 38.25
N SER J 160 -51.10 84.08 37.26
CA SER J 160 -51.69 82.77 37.51
C SER J 160 -50.66 81.69 37.19
N PHE J 161 -51.11 80.44 37.15
CA PHE J 161 -50.23 79.40 36.67
C PHE J 161 -50.86 78.35 35.80
N GLY J 162 -52.16 78.13 35.90
CA GLY J 162 -52.72 77.01 35.16
C GLY J 162 -52.35 75.67 35.75
N ALA J 163 -52.96 75.35 36.89
CA ALA J 163 -52.93 74.02 37.50
C ALA J 163 -51.54 73.63 37.96
N HIS J 164 -51.02 74.42 38.88
CA HIS J 164 -49.90 74.00 39.71
C HIS J 164 -50.13 74.32 41.17
N ALA J 165 -51.38 74.31 41.62
CA ALA J 165 -51.69 74.50 43.04
C ALA J 165 -51.56 73.16 43.73
N LEU J 166 -50.32 72.69 43.80
CA LEU J 166 -50.00 71.45 44.46
C LEU J 166 -50.22 71.63 45.95
N SER J 167 -51.20 70.99 46.45
CA SER J 167 -51.28 70.94 47.90
C SER J 167 -50.22 69.98 48.43
N PRO J 168 -49.36 70.45 49.32
CA PRO J 168 -48.13 69.70 49.64
C PRO J 168 -48.35 68.41 50.40
N ARG J 169 -49.59 68.03 50.69
CA ARG J 169 -49.89 66.63 50.96
C ARG J 169 -49.54 65.79 49.74
N THR J 170 -49.77 66.33 48.56
CA THR J 170 -49.33 65.72 47.32
C THR J 170 -47.96 66.27 46.95
N LEU J 171 -47.04 65.38 46.61
CA LEU J 171 -45.81 65.76 45.93
C LEU J 171 -45.99 65.37 44.47
N THR J 172 -45.07 65.79 43.61
CA THR J 172 -45.25 65.62 42.19
C THR J 172 -44.33 64.53 41.65
N ALA J 173 -44.80 63.81 40.65
CA ALA J 173 -43.92 63.07 39.78
C ALA J 173 -43.68 63.81 38.48
N GLN J 174 -44.66 64.62 38.04
CA GLN J 174 -44.54 65.36 36.79
C GLN J 174 -43.54 66.50 36.96
N HIS J 175 -43.93 67.50 37.73
CA HIS J 175 -43.09 68.68 37.89
C HIS J 175 -42.34 68.61 39.20
N LEU J 176 -41.19 67.97 39.16
CA LEU J 176 -40.09 68.25 40.05
C LEU J 176 -39.24 69.23 39.28
N ASN J 177 -38.44 70.03 40.00
CA ASN J 177 -37.54 71.02 39.41
C ASN J 177 -38.26 71.99 38.50
N LYS J 178 -39.44 72.43 38.90
CA LYS J 178 -40.26 73.31 38.09
C LYS J 178 -40.88 74.41 38.94
N LEU J 179 -41.80 75.14 38.34
CA LEU J 179 -42.50 76.20 39.06
C LEU J 179 -43.65 75.61 39.86
N VAL J 180 -43.73 75.96 41.13
CA VAL J 180 -44.72 75.39 42.02
C VAL J 180 -45.42 76.53 42.74
N SER J 181 -46.75 76.43 42.86
CA SER J 181 -47.50 77.34 43.72
C SER J 181 -48.01 76.58 44.93
N VAL J 182 -47.65 77.07 46.11
CA VAL J 182 -47.90 76.39 47.38
C VAL J 182 -48.63 77.38 48.28
N GLU J 183 -49.60 76.89 49.04
CA GLU J 183 -50.23 77.68 50.07
C GLU J 183 -50.29 76.87 51.35
N GLY J 184 -50.63 77.52 52.44
CA GLY J 184 -50.74 76.85 53.72
C GLY J 184 -50.47 77.81 54.85
N ILE J 185 -50.09 77.23 55.99
CA ILE J 185 -49.77 77.98 57.21
C ILE J 185 -48.35 77.62 57.62
N VAL J 186 -47.64 78.58 58.20
CA VAL J 186 -46.31 78.34 58.73
C VAL J 186 -46.36 78.36 60.25
N THR J 187 -45.61 77.46 60.88
CA THR J 187 -45.57 77.35 62.34
C THR J 187 -44.15 77.05 62.82
N LYS J 188 -43.15 77.43 62.05
CA LYS J 188 -41.79 77.15 62.52
C LYS J 188 -41.05 78.42 62.89
N THR J 189 -40.89 79.32 61.92
CA THR J 189 -40.23 80.62 62.08
C THR J 189 -38.83 80.51 62.70
N SER J 190 -37.88 79.95 61.97
CA SER J 190 -36.52 79.82 62.49
C SER J 190 -35.77 81.15 62.54
N LEU J 191 -34.49 81.09 62.87
CA LEU J 191 -33.68 82.26 63.16
C LEU J 191 -33.38 83.07 61.90
N VAL J 192 -32.59 84.12 62.11
CA VAL J 192 -32.04 84.89 61.01
C VAL J 192 -30.53 84.90 61.17
N ARG J 193 -29.84 84.85 60.04
CA ARG J 193 -28.39 84.74 60.08
C ARG J 193 -27.80 85.24 58.78
N PRO J 194 -26.82 86.12 58.81
CA PRO J 194 -26.25 86.61 57.55
C PRO J 194 -25.33 85.61 56.90
N LYS J 195 -24.90 85.94 55.69
CA LYS J 195 -24.11 85.04 54.86
C LYS J 195 -23.35 85.85 53.82
N LEU J 196 -22.08 85.48 53.61
CA LEU J 196 -21.23 86.19 52.67
C LEU J 196 -21.44 85.67 51.25
N ILE J 197 -21.22 86.55 50.29
CA ILE J 197 -21.26 86.14 48.90
C ILE J 197 -19.98 86.59 48.21
N ARG J 198 -19.43 87.72 48.63
CA ARG J 198 -18.26 88.28 47.94
C ARG J 198 -17.50 89.18 48.93
N SER J 199 -16.23 88.84 49.15
CA SER J 199 -15.34 89.60 50.03
C SER J 199 -14.18 90.11 49.18
N VAL J 200 -13.72 91.32 49.48
CA VAL J 200 -12.65 91.90 48.69
C VAL J 200 -11.37 92.00 49.52
N HIS J 201 -10.28 91.53 48.93
CA HIS J 201 -9.00 91.56 49.62
C HIS J 201 -8.15 92.70 49.10
N TYR J 202 -7.15 93.06 49.88
CA TYR J 202 -6.37 94.26 49.60
C TYR J 202 -4.95 94.02 50.08
N ALA J 203 -4.00 94.06 49.16
CA ALA J 203 -2.61 94.01 49.56
C ALA J 203 -2.20 95.37 50.10
N ALA J 204 -1.96 95.42 51.41
CA ALA J 204 -1.57 96.66 52.07
C ALA J 204 -0.19 97.12 51.66
N LYS J 205 0.69 96.19 51.27
CA LYS J 205 1.90 96.55 50.57
C LYS J 205 1.57 96.56 49.09
N THR J 206 2.22 97.48 48.36
CA THR J 206 1.99 97.84 46.96
C THR J 206 0.60 98.42 46.69
N GLY J 207 -0.26 98.54 47.70
CA GLY J 207 -1.52 99.26 47.59
C GLY J 207 -2.55 98.69 46.64
N ARG J 208 -2.40 97.43 46.26
CA ARG J 208 -3.28 96.85 45.25
C ARG J 208 -4.37 96.02 45.91
N PHE J 209 -5.49 95.88 45.22
CA PHE J 209 -6.68 95.21 45.72
C PHE J 209 -6.81 93.80 45.15
N HIS J 210 -7.83 93.10 45.63
CA HIS J 210 -8.18 91.80 45.09
C HIS J 210 -9.70 91.65 45.02
N TYR J 211 -10.12 90.46 44.60
CA TYR J 211 -11.51 90.20 44.27
C TYR J 211 -11.77 88.73 44.44
N ARG J 212 -12.85 88.41 45.14
CA ARG J 212 -13.17 87.00 45.35
C ARG J 212 -14.65 86.85 45.64
N ASP J 213 -15.29 85.91 44.95
CA ASP J 213 -16.70 85.60 45.16
C ASP J 213 -16.84 84.16 45.60
N TYR J 214 -17.71 83.91 46.56
CA TYR J 214 -18.00 82.56 47.02
C TYR J 214 -19.35 82.12 46.50
N THR J 215 -19.38 80.93 45.93
CA THR J 215 -20.61 80.34 45.41
C THR J 215 -21.06 79.30 46.43
N ASP J 216 -22.35 79.04 46.48
CA ASP J 216 -22.93 78.18 47.50
C ASP J 216 -24.18 77.53 46.93
N ALA J 217 -25.03 76.99 47.81
CA ALA J 217 -26.30 76.41 47.39
C ALA J 217 -27.39 77.48 47.53
N THR J 218 -27.09 78.64 46.97
CA THR J 218 -27.93 79.82 47.10
C THR J 218 -28.14 80.56 45.78
N THR J 219 -27.37 80.23 44.74
CA THR J 219 -27.58 80.79 43.40
C THR J 219 -28.83 80.28 42.74
N THR J 220 -29.51 79.32 43.38
CA THR J 220 -30.83 78.79 43.08
C THR J 220 -30.84 77.92 41.84
N LEU J 221 -29.86 78.04 40.95
CA LEU J 221 -30.00 77.28 39.72
C LEU J 221 -28.78 76.45 39.34
N THR J 222 -27.60 77.06 39.33
CA THR J 222 -26.46 76.37 38.76
C THR J 222 -25.67 75.65 39.84
N THR J 223 -25.45 74.36 39.66
CA THR J 223 -24.72 73.53 40.61
C THR J 223 -23.24 73.69 40.31
N ARG J 224 -22.63 74.76 40.81
CA ARG J 224 -21.24 75.03 40.51
C ARG J 224 -20.35 74.20 41.42
N ILE J 225 -19.06 74.17 41.10
CA ILE J 225 -18.07 73.55 41.96
C ILE J 225 -17.98 74.39 43.21
N PRO J 226 -18.28 73.84 44.37
CA PRO J 226 -18.27 74.65 45.59
C PRO J 226 -16.86 75.01 46.01
N THR J 227 -16.76 76.02 46.85
CA THR J 227 -15.49 76.45 47.43
C THR J 227 -15.51 76.12 48.91
N PRO J 228 -14.95 74.98 49.34
CA PRO J 228 -15.11 74.52 50.73
C PRO J 228 -14.22 75.29 51.69
N ALA J 229 -14.38 76.60 51.72
CA ALA J 229 -13.42 77.50 52.32
C ALA J 229 -14.17 78.61 53.02
N ILE J 230 -13.55 79.18 54.05
CA ILE J 230 -14.17 80.28 54.76
C ILE J 230 -13.52 81.60 54.38
N TYR J 231 -12.19 81.61 54.34
CA TYR J 231 -11.43 82.83 54.11
C TYR J 231 -10.01 82.46 53.72
N PRO J 232 -9.50 82.96 52.60
CA PRO J 232 -8.13 82.62 52.21
C PRO J 232 -7.13 83.60 52.81
N THR J 233 -5.89 83.16 52.90
CA THR J 233 -4.78 84.02 53.29
C THR J 233 -3.62 83.81 52.32
N GLU J 234 -2.80 84.86 52.20
CA GLU J 234 -1.54 84.84 51.46
C GLU J 234 -1.68 84.47 50.00
N ASP J 235 -2.26 85.37 49.21
CA ASP J 235 -2.20 85.34 47.74
C ASP J 235 -0.75 85.37 47.25
N THR J 236 -0.52 85.12 45.95
CA THR J 236 0.81 84.82 45.43
C THR J 236 1.73 86.03 45.46
N GLU J 237 2.13 86.42 46.67
CA GLU J 237 2.98 87.56 46.94
C GLU J 237 3.49 87.42 48.36
N GLY J 238 4.34 88.35 48.75
CA GLY J 238 4.81 88.36 50.12
C GLY J 238 4.10 89.42 50.94
N ASN J 239 2.82 89.64 50.67
CA ASN J 239 2.07 90.68 51.35
C ASN J 239 1.01 90.03 52.23
N LYS J 240 0.97 90.50 53.48
CA LYS J 240 -0.05 90.06 54.42
C LYS J 240 -1.40 90.62 53.98
N LEU J 241 -2.34 89.73 53.70
CA LEU J 241 -3.59 90.09 53.05
C LEU J 241 -4.49 90.86 54.02
N THR J 242 -5.05 91.95 53.53
CA THR J 242 -6.03 92.72 54.29
C THR J 242 -7.35 92.68 53.55
N THR J 243 -8.43 92.74 54.31
CA THR J 243 -9.77 92.62 53.78
C THR J 243 -10.61 93.83 54.17
N GLU J 244 -11.25 94.42 53.18
CA GLU J 244 -12.15 95.56 53.39
C GLU J 244 -13.55 94.99 53.57
N TYR J 245 -14.13 95.20 54.75
CA TYR J 245 -15.42 94.62 55.07
C TYR J 245 -16.57 95.55 54.75
N GLY J 246 -16.29 96.81 54.46
CA GLY J 246 -17.34 97.71 54.05
C GLY J 246 -17.70 97.43 52.61
N TYR J 247 -16.76 96.92 51.84
CA TYR J 247 -17.00 96.63 50.44
C TYR J 247 -17.17 95.13 50.24
N SER J 248 -17.42 94.40 51.32
CA SER J 248 -17.76 92.98 51.21
C SER J 248 -19.26 92.88 51.43
N THR J 249 -19.91 92.12 50.57
CA THR J 249 -21.36 92.12 50.59
C THR J 249 -21.91 90.89 51.30
N PHE J 250 -23.08 91.08 51.88
CA PHE J 250 -23.72 90.07 52.71
C PHE J 250 -25.13 89.80 52.21
N ILE J 251 -25.73 88.76 52.80
CA ILE J 251 -27.12 88.40 52.54
C ILE J 251 -27.55 87.47 53.66
N ASP J 252 -28.85 87.31 53.85
CA ASP J 252 -29.38 86.54 54.95
C ASP J 252 -29.98 85.22 54.47
N HIS J 253 -30.56 84.48 55.40
CA HIS J 253 -30.83 83.06 55.18
C HIS J 253 -31.78 82.58 56.24
N GLN J 254 -32.99 82.19 55.87
CA GLN J 254 -33.99 81.83 56.86
C GLN J 254 -34.89 80.73 56.35
N ARG J 255 -34.99 79.64 57.10
CA ARG J 255 -35.86 78.53 56.74
C ARG J 255 -37.13 78.57 57.57
N ILE J 256 -38.23 78.11 56.99
CA ILE J 256 -39.54 78.10 57.61
C ILE J 256 -40.31 76.91 57.07
N THR J 257 -40.96 76.18 57.96
CA THR J 257 -41.74 75.00 57.59
C THR J 257 -43.20 75.37 57.47
N VAL J 258 -43.86 74.81 56.45
CA VAL J 258 -45.24 75.12 56.14
C VAL J 258 -46.09 73.88 56.30
N GLN J 259 -47.14 73.97 57.12
CA GLN J 259 -48.03 72.85 57.37
C GLN J 259 -49.05 72.75 56.24
N GLU J 260 -50.07 71.93 56.45
CA GLU J 260 -51.15 71.84 55.49
C GLU J 260 -52.37 72.57 56.02
N MET J 261 -53.07 73.24 55.10
CA MET J 261 -54.31 73.94 55.40
C MET J 261 -55.31 72.87 55.79
N PRO J 262 -55.62 72.71 57.06
CA PRO J 262 -56.15 71.43 57.55
C PRO J 262 -57.67 71.31 57.40
N GLU J 263 -58.17 71.70 56.24
CA GLU J 263 -59.58 71.59 55.97
C GLU J 263 -59.77 70.93 54.61
N MET J 264 -58.89 71.26 53.68
CA MET J 264 -58.94 70.69 52.34
C MET J 264 -58.09 69.44 52.21
N ALA J 265 -57.28 69.11 53.21
CA ALA J 265 -56.66 67.80 53.16
C ALA J 265 -57.62 66.77 53.72
N PRO J 266 -57.96 65.75 52.93
CA PRO J 266 -59.01 64.81 53.35
C PRO J 266 -58.56 63.91 54.49
N ALA J 267 -59.56 63.39 55.19
CA ALA J 267 -59.37 62.79 56.50
C ALA J 267 -58.78 61.40 56.38
N GLY J 268 -57.48 61.33 56.15
CA GLY J 268 -56.82 60.06 56.23
C GLY J 268 -55.43 60.18 56.81
N GLN J 269 -55.08 61.38 57.24
CA GLN J 269 -53.70 61.64 57.65
C GLN J 269 -53.66 62.90 58.48
N LEU J 270 -52.61 63.01 59.24
CA LEU J 270 -52.16 64.20 59.93
C LEU J 270 -51.64 65.20 58.89
N PRO J 271 -51.47 66.47 59.24
CA PRO J 271 -50.86 67.41 58.29
C PRO J 271 -49.40 67.10 58.06
N ARG J 272 -48.95 67.26 56.82
CA ARG J 272 -47.56 67.10 56.44
C ARG J 272 -46.91 68.48 56.34
N SER J 273 -45.63 68.48 55.95
CA SER J 273 -44.90 69.75 55.87
C SER J 273 -43.70 69.66 54.95
N ILE J 274 -43.39 70.80 54.33
CA ILE J 274 -42.12 71.03 53.68
C ILE J 274 -41.61 72.40 54.10
N ASP J 275 -40.49 72.82 53.52
CA ASP J 275 -39.78 73.99 53.98
C ASP J 275 -39.34 74.85 52.82
N VAL J 276 -38.97 76.09 53.09
CA VAL J 276 -38.65 77.04 52.04
C VAL J 276 -37.59 78.01 52.53
N ILE J 277 -36.59 78.25 51.68
CA ILE J 277 -35.55 79.22 51.93
C ILE J 277 -35.88 80.47 51.15
N LEU J 278 -36.03 81.58 51.83
CA LEU J 278 -36.31 82.85 51.18
C LEU J 278 -35.13 83.78 51.40
N ASP J 279 -35.26 85.01 50.90
CA ASP J 279 -34.20 85.98 51.03
C ASP J 279 -34.72 87.25 51.69
N ASP J 280 -33.86 88.27 51.76
CA ASP J 280 -34.03 89.46 52.59
C ASP J 280 -35.29 90.24 52.30
N ASP J 281 -35.73 90.20 51.05
CA ASP J 281 -36.79 91.07 50.55
C ASP J 281 -38.12 90.80 51.22
N LEU J 282 -38.37 89.59 51.70
CA LEU J 282 -39.62 89.33 52.40
C LEU J 282 -39.43 88.59 53.71
N VAL J 283 -38.30 88.79 54.39
CA VAL J 283 -38.18 88.31 55.76
C VAL J 283 -39.05 89.17 56.67
N ASP J 284 -39.25 88.66 57.91
CA ASP J 284 -40.06 89.25 58.98
C ASP J 284 -41.45 89.68 58.52
N LYS J 285 -41.98 88.98 57.53
CA LYS J 285 -43.24 89.28 56.88
C LYS J 285 -44.20 88.18 57.29
N THR J 286 -43.62 87.13 57.86
CA THR J 286 -44.31 85.87 58.08
C THR J 286 -44.51 85.69 59.58
N LYS J 287 -45.61 86.16 60.06
CA LYS J 287 -45.93 85.83 61.43
C LYS J 287 -46.49 84.41 61.49
N PRO J 288 -46.16 83.65 62.51
CA PRO J 288 -46.67 82.27 62.61
C PRO J 288 -48.17 82.22 62.82
N GLY J 289 -48.88 81.82 61.79
CA GLY J 289 -50.33 81.80 61.84
C GLY J 289 -50.97 82.59 60.71
N ASP J 290 -50.26 82.71 59.58
CA ASP J 290 -50.74 83.48 58.45
C ASP J 290 -51.05 82.55 57.28
N ARG J 291 -52.15 82.83 56.61
CA ARG J 291 -52.51 82.12 55.39
C ARG J 291 -51.58 82.61 54.30
N VAL J 292 -50.44 81.96 54.15
CA VAL J 292 -49.45 82.45 53.21
C VAL J 292 -49.58 81.70 51.89
N ASN J 293 -49.01 82.28 50.83
CA ASN J 293 -49.05 81.67 49.52
C ASN J 293 -47.74 82.07 48.83
N VAL J 294 -46.87 81.09 48.65
CA VAL J 294 -45.53 81.32 48.14
C VAL J 294 -45.46 80.69 46.76
N VAL J 295 -44.44 81.08 45.99
CA VAL J 295 -44.18 80.50 44.69
C VAL J 295 -42.68 80.54 44.43
N GLY J 296 -42.13 79.39 44.04
CA GLY J 296 -40.71 79.33 43.78
C GLY J 296 -40.34 78.12 42.95
N VAL J 297 -39.05 77.81 42.90
CA VAL J 297 -38.57 76.70 42.10
C VAL J 297 -38.49 75.48 43.00
N PHE J 298 -38.59 74.32 42.40
CA PHE J 298 -38.47 73.10 43.16
C PHE J 298 -37.03 72.64 43.01
N LYS J 299 -36.42 72.15 44.09
CA LYS J 299 -34.98 71.97 44.04
C LYS J 299 -34.53 70.91 45.02
N SER J 300 -33.63 70.06 44.55
CA SER J 300 -32.97 69.08 45.39
C SER J 300 -31.50 69.47 45.57
N LEU J 301 -30.94 69.06 46.69
CA LEU J 301 -29.52 69.26 46.94
C LEU J 301 -29.03 68.17 47.89
N GLY J 302 -27.72 68.03 47.95
CA GLY J 302 -27.15 67.05 48.84
C GLY J 302 -26.79 65.78 48.10
N ALA J 303 -25.73 65.14 48.55
CA ALA J 303 -25.25 63.92 47.91
C ALA J 303 -25.89 62.71 48.58
N GLY J 304 -26.70 61.97 47.83
CA GLY J 304 -27.31 60.76 48.36
C GLY J 304 -26.77 59.46 47.82
N GLY J 305 -25.89 58.81 48.58
CA GLY J 305 -25.41 57.52 48.19
C GLY J 305 -23.90 57.38 48.06
N MET J 306 -23.15 58.48 48.03
CA MET J 306 -21.72 58.40 47.84
C MET J 306 -20.91 59.05 48.95
N ASN J 307 -21.44 60.09 49.60
CA ASN J 307 -20.69 60.86 50.60
C ASN J 307 -20.39 60.04 51.85
N GLN J 308 -21.20 59.03 52.15
CA GLN J 308 -20.79 57.97 53.05
C GLN J 308 -20.82 56.66 52.26
N SER J 309 -20.08 55.69 52.75
CA SER J 309 -20.07 54.41 52.08
C SER J 309 -21.14 53.49 52.69
N ASN J 310 -21.63 52.58 51.83
CA ASN J 310 -22.67 51.56 51.98
C ASN J 310 -24.08 52.10 52.06
N SER J 311 -24.26 53.38 52.45
CA SER J 311 -25.42 54.25 52.30
C SER J 311 -26.80 53.60 52.31
N ASN J 312 -27.06 52.71 53.26
CA ASN J 312 -28.27 51.90 53.21
C ASN J 312 -29.39 52.61 53.97
N THR J 313 -30.50 52.87 53.26
CA THR J 313 -31.72 53.49 53.79
C THR J 313 -31.41 54.84 54.43
N LEU J 314 -30.99 55.76 53.57
CA LEU J 314 -30.77 57.15 53.94
C LEU J 314 -31.05 57.96 52.70
N ILE J 315 -32.13 58.75 52.74
CA ILE J 315 -32.45 59.65 51.66
C ILE J 315 -31.41 60.77 51.67
N GLY J 316 -31.07 61.22 50.48
CA GLY J 316 -30.01 62.19 50.34
C GLY J 316 -30.44 63.20 49.34
N PHE J 317 -31.75 63.42 49.29
CA PHE J 317 -32.36 64.32 48.34
C PHE J 317 -33.39 65.11 49.11
N LYS J 318 -32.92 66.18 49.71
CA LYS J 318 -33.81 67.01 50.48
C LYS J 318 -34.63 67.89 49.55
N THR J 319 -35.91 67.95 49.83
CA THR J 319 -36.83 68.84 49.15
C THR J 319 -36.59 70.26 49.63
N LEU J 320 -36.36 71.19 48.71
CA LEU J 320 -36.24 72.60 49.07
C LEU J 320 -37.01 73.46 48.11
N ILE J 321 -37.37 74.65 48.57
CA ILE J 321 -37.99 75.67 47.75
C ILE J 321 -37.18 76.94 47.94
N LEU J 322 -36.52 77.40 46.88
CA LEU J 322 -35.75 78.65 46.86
C LEU J 322 -36.60 79.63 46.08
N GLY J 323 -37.45 80.37 46.79
CA GLY J 323 -38.57 81.04 46.18
C GLY J 323 -38.57 82.54 46.37
N ASN J 324 -39.71 83.13 46.05
CA ASN J 324 -39.90 84.57 46.09
C ASN J 324 -41.30 84.93 46.56
N THR J 325 -41.56 86.23 46.68
CA THR J 325 -42.84 86.93 46.71
C THR J 325 -44.03 86.30 47.45
N VAL J 326 -43.96 86.19 48.76
CA VAL J 326 -45.12 85.70 49.49
C VAL J 326 -46.24 86.74 49.48
N TYR J 327 -47.45 86.28 49.74
CA TYR J 327 -48.60 87.15 49.92
C TYR J 327 -49.42 86.60 51.07
N PRO J 328 -49.80 87.43 52.01
CA PRO J 328 -50.90 87.04 52.90
C PRO J 328 -52.19 86.98 52.11
N LEU J 329 -53.06 86.07 52.49
CA LEU J 329 -54.39 86.00 51.91
C LEU J 329 -55.43 85.92 53.03
N HIS J 330 -56.69 85.77 52.62
CA HIS J 330 -57.83 85.93 53.53
C HIS J 330 -58.97 85.08 53.00
N ALA J 331 -59.15 83.89 53.57
CA ALA J 331 -60.27 83.03 53.23
C ALA J 331 -60.63 82.10 54.39
N ALA J 338 -55.80 92.82 56.43
CA ALA J 338 -54.75 93.78 56.71
C ALA J 338 -54.47 94.64 55.48
N ARG J 339 -54.79 94.10 54.31
CA ARG J 339 -54.41 94.71 53.03
C ARG J 339 -55.61 95.29 52.28
N GLN J 340 -56.79 95.29 52.89
CA GLN J 340 -57.99 95.55 52.10
C GLN J 340 -58.17 97.02 51.77
N MET J 341 -57.68 97.43 50.59
CA MET J 341 -57.81 98.79 50.09
C MET J 341 -59.21 98.95 49.53
N LEU J 342 -59.90 99.98 50.00
CA LEU J 342 -61.21 100.28 49.46
C LEU J 342 -61.19 101.59 48.68
N THR J 343 -62.17 101.73 47.77
CA THR J 343 -62.21 102.88 46.86
C THR J 343 -62.87 104.06 47.55
N ASP J 344 -63.15 105.10 46.77
CA ASP J 344 -63.92 106.24 47.27
C ASP J 344 -65.37 105.88 47.46
N PHE J 345 -65.88 104.92 46.68
CA PHE J 345 -67.28 104.58 46.70
C PHE J 345 -67.70 103.99 48.03
N ASP J 346 -67.14 102.83 48.38
CA ASP J 346 -67.51 102.13 49.61
C ASP J 346 -67.10 102.88 50.86
N ILE J 347 -66.05 103.69 50.79
CA ILE J 347 -65.68 104.51 51.93
C ILE J 347 -66.69 105.63 52.14
N ARG J 348 -67.42 106.03 51.09
CA ARG J 348 -68.43 107.06 51.23
C ARG J 348 -69.74 106.49 51.68
N ASN J 349 -70.09 105.30 51.18
CA ASN J 349 -71.34 104.65 51.57
C ASN J 349 -71.32 104.30 53.04
N ILE J 350 -70.16 103.91 53.57
CA ILE J 350 -70.07 103.57 54.97
C ILE J 350 -70.19 104.81 55.85
N ASN J 351 -69.84 105.98 55.33
CA ASN J 351 -70.19 107.22 55.99
C ASN J 351 -71.65 107.55 55.81
N LYS J 352 -72.22 107.16 54.68
CA LYS J 352 -73.62 107.46 54.40
C LYS J 352 -74.54 106.66 55.30
N LEU J 353 -74.22 105.38 55.53
CA LEU J 353 -74.98 104.62 56.50
C LEU J 353 -74.58 104.97 57.93
N SER J 354 -73.42 105.60 58.14
CA SER J 354 -73.09 106.11 59.47
C SER J 354 -74.03 107.23 59.89
N LYS J 355 -74.62 107.93 58.91
CA LYS J 355 -75.55 109.02 59.18
C LYS J 355 -76.87 108.51 59.79
N LYS J 356 -77.20 107.23 59.63
CA LYS J 356 -78.38 106.66 60.25
C LYS J 356 -78.12 106.51 61.74
N LYS J 357 -79.16 106.64 62.55
CA LYS J 357 -79.04 106.56 64.00
C LYS J 357 -79.67 105.27 64.51
N ASP J 358 -79.49 104.21 63.72
CA ASP J 358 -80.04 102.91 64.07
C ASP J 358 -79.04 101.80 63.84
N ILE J 359 -77.91 102.12 63.21
CA ILE J 359 -77.02 101.08 62.68
C ILE J 359 -76.29 100.31 63.77
N PHE J 360 -76.28 100.81 64.99
CA PHE J 360 -75.83 99.96 66.08
C PHE J 360 -76.78 98.81 66.31
N ASP J 361 -78.07 99.01 66.08
CA ASP J 361 -79.01 97.92 66.26
C ASP J 361 -79.07 96.97 65.08
N ILE J 362 -78.80 97.46 63.88
CA ILE J 362 -78.89 96.61 62.70
C ILE J 362 -77.74 95.61 62.69
N LEU J 363 -76.56 96.06 63.11
CA LEU J 363 -75.39 95.19 63.19
C LEU J 363 -75.56 94.09 64.20
N SER J 364 -76.32 94.33 65.27
CA SER J 364 -76.57 93.30 66.27
C SER J 364 -77.40 92.17 65.69
N GLN J 365 -78.43 92.50 64.93
CA GLN J 365 -79.32 91.48 64.39
C GLN J 365 -78.75 90.82 63.16
N SER J 366 -77.81 91.45 62.47
CA SER J 366 -77.24 90.90 61.25
C SER J 366 -75.97 90.12 61.50
N LEU J 367 -75.77 89.60 62.71
CA LEU J 367 -74.54 88.88 62.98
C LEU J 367 -74.72 87.37 62.88
N ALA J 368 -75.54 86.78 63.75
CA ALA J 368 -75.69 85.33 63.82
C ALA J 368 -77.01 84.92 63.19
N PRO J 369 -77.00 84.48 61.95
CA PRO J 369 -78.25 84.27 61.23
C PRO J 369 -78.84 82.90 61.48
N SER J 370 -78.85 82.44 62.73
CA SER J 370 -79.42 81.13 63.00
C SER J 370 -80.23 81.15 64.28
N ILE J 371 -79.89 82.05 65.18
CA ILE J 371 -80.33 81.96 66.56
C ILE J 371 -81.26 83.11 66.88
N TYR J 372 -82.31 82.84 67.62
CA TYR J 372 -83.20 83.88 68.11
C TYR J 372 -82.63 84.60 69.32
N GLY J 373 -82.93 85.89 69.40
CA GLY J 373 -82.80 86.71 70.57
C GLY J 373 -81.37 86.96 71.02
N HIS J 374 -81.24 87.07 72.35
CA HIS J 374 -79.98 87.31 73.06
C HIS J 374 -79.32 88.60 72.58
N ASP J 375 -80.13 89.64 72.37
CA ASP J 375 -79.60 90.90 71.86
C ASP J 375 -78.71 91.59 72.86
N HIS J 376 -78.85 91.27 74.15
CA HIS J 376 -77.85 91.70 75.09
C HIS J 376 -76.54 90.98 74.85
N ILE J 377 -76.58 89.71 74.46
CA ILE J 377 -75.35 89.00 74.17
C ILE J 377 -74.81 89.45 72.82
N LYS J 378 -75.70 89.66 71.87
CA LYS J 378 -75.26 89.95 70.51
C LYS J 378 -74.60 91.30 70.39
N LYS J 379 -75.07 92.31 71.12
CA LYS J 379 -74.39 93.59 71.10
C LYS J 379 -73.06 93.53 71.82
N ALA J 380 -72.95 92.65 72.82
CA ALA J 380 -71.73 92.54 73.59
C ALA J 380 -70.58 92.01 72.76
N ILE J 381 -70.85 91.05 71.88
CA ILE J 381 -69.80 90.44 71.09
C ILE J 381 -69.20 91.45 70.12
N LEU J 382 -70.07 92.18 69.42
CA LEU J 382 -69.57 93.21 68.52
C LEU J 382 -68.96 94.36 69.28
N LEU J 383 -69.39 94.58 70.52
CA LEU J 383 -68.72 95.59 71.32
C LEU J 383 -67.35 95.12 71.75
N MET J 384 -67.20 93.83 72.03
CA MET J 384 -65.91 93.33 72.47
C MET J 384 -64.97 93.19 71.30
N LEU J 385 -65.46 92.67 70.18
CA LEU J 385 -64.62 92.35 69.04
C LEU J 385 -63.96 93.58 68.46
N MET J 386 -64.68 94.70 68.45
CA MET J 386 -64.11 95.92 67.90
C MET J 386 -63.05 96.49 68.82
N GLY J 387 -63.27 96.43 70.13
CA GLY J 387 -62.20 96.73 71.06
C GLY J 387 -62.16 98.14 71.62
N GLY J 388 -61.85 98.23 72.91
CA GLY J 388 -61.67 99.50 73.59
C GLY J 388 -60.19 99.77 73.81
N VAL J 389 -59.84 101.07 73.86
CA VAL J 389 -58.44 101.47 73.85
C VAL J 389 -57.86 101.38 75.26
N GLU J 390 -56.52 101.42 75.33
CA GLU J 390 -55.79 101.58 76.57
C GLU J 390 -54.78 102.71 76.40
N LYS J 391 -55.00 103.81 77.11
CA LYS J 391 -54.08 104.93 77.07
C LYS J 391 -52.99 104.69 78.11
N ASN J 392 -51.77 104.49 77.65
CA ASN J 392 -50.68 104.15 78.56
C ASN J 392 -50.27 105.35 79.40
N LEU J 393 -50.05 105.12 80.69
CA LEU J 393 -49.62 106.19 81.56
C LEU J 393 -48.16 106.53 81.31
N GLU J 394 -47.90 107.81 81.15
CA GLU J 394 -46.54 108.33 80.98
C GLU J 394 -45.84 108.22 82.33
N ASN J 395 -44.76 107.42 82.35
CA ASN J 395 -43.98 107.12 83.56
C ASN J 395 -44.88 106.58 84.67
N GLY J 396 -45.78 105.72 84.26
CA GLY J 396 -46.71 105.09 85.19
C GLY J 396 -47.27 103.86 84.55
N SER J 397 -47.76 102.96 85.39
CA SER J 397 -48.36 101.73 84.91
C SER J 397 -49.68 102.03 84.21
N HIS J 398 -49.82 101.56 82.98
CA HIS J 398 -51.08 101.62 82.29
C HIS J 398 -52.08 100.67 82.93
N LEU J 399 -53.35 100.96 82.73
CA LEU J 399 -54.40 100.17 83.36
C LEU J 399 -54.88 99.07 82.39
N ARG J 400 -55.93 98.39 82.78
CA ARG J 400 -56.55 97.42 81.89
C ARG J 400 -57.37 98.15 80.85
N GLY J 401 -57.06 97.92 79.59
CA GLY J 401 -57.82 98.49 78.49
C GLY J 401 -58.36 97.39 77.62
N ASP J 402 -58.02 96.17 77.99
CA ASP J 402 -58.61 94.97 77.42
C ASP J 402 -60.00 94.79 77.99
N ILE J 403 -60.85 94.10 77.24
CA ILE J 403 -62.18 93.74 77.70
C ILE J 403 -62.28 92.21 77.66
N ASN J 404 -62.92 91.63 78.67
CA ASN J 404 -62.89 90.18 78.83
C ASN J 404 -64.21 89.64 79.38
N ILE J 405 -65.06 89.18 78.48
CA ILE J 405 -66.40 88.76 78.85
C ILE J 405 -66.40 87.26 79.06
N LEU J 406 -67.46 86.79 79.71
CA LEU J 406 -67.59 85.41 80.15
C LEU J 406 -69.04 84.98 79.95
N MET J 407 -69.24 83.68 79.76
CA MET J 407 -70.58 83.11 79.65
C MET J 407 -70.68 81.88 80.53
N VAL J 408 -71.90 81.51 80.89
CA VAL J 408 -72.17 80.21 81.48
C VAL J 408 -73.64 79.92 81.19
N GLY J 409 -73.98 78.64 81.07
CA GLY J 409 -75.35 78.28 80.77
C GLY J 409 -75.55 76.78 80.80
N ASP J 410 -76.79 76.42 81.13
CA ASP J 410 -77.23 75.05 81.09
C ASP J 410 -77.21 74.54 79.65
N PRO J 411 -76.90 73.26 79.42
CA PRO J 411 -76.34 72.82 78.14
C PRO J 411 -77.30 72.94 76.96
N SER J 412 -76.70 72.84 75.77
CA SER J 412 -77.36 72.87 74.47
C SER J 412 -78.17 74.14 74.25
N THR J 413 -77.72 75.23 74.83
CA THR J 413 -78.40 76.50 74.65
C THR J 413 -77.53 77.49 73.89
N ALA J 414 -76.79 77.00 72.88
CA ALA J 414 -76.01 77.80 71.94
C ALA J 414 -74.91 78.60 72.63
N LYS J 415 -74.33 78.02 73.68
CA LYS J 415 -73.20 78.70 74.29
C LYS J 415 -71.94 78.53 73.45
N SER J 416 -71.78 77.37 72.79
CA SER J 416 -70.61 77.17 71.96
C SER J 416 -70.90 77.45 70.50
N GLN J 417 -72.15 77.74 70.16
CA GLN J 417 -72.51 78.07 68.78
C GLN J 417 -71.77 79.29 68.29
N LEU J 418 -72.01 80.43 68.91
CA LEU J 418 -71.43 81.69 68.49
C LEU J 418 -69.95 81.80 68.81
N LEU J 419 -69.39 80.83 69.50
CA LEU J 419 -67.97 80.88 69.79
C LEU J 419 -67.11 80.45 68.64
N ARG J 420 -67.65 79.71 67.67
CA ARG J 420 -66.80 79.24 66.59
C ARG J 420 -66.87 80.13 65.37
N PHE J 421 -67.89 80.97 65.24
CA PHE J 421 -67.97 81.80 64.06
C PHE J 421 -67.36 83.18 64.27
N VAL J 422 -66.95 83.49 65.50
CA VAL J 422 -66.10 84.65 65.70
C VAL J 422 -64.72 84.40 65.12
N LEU J 423 -64.34 83.13 64.94
CA LEU J 423 -63.05 82.80 64.36
C LEU J 423 -63.04 82.94 62.86
N ASN J 424 -64.20 82.94 62.20
CA ASN J 424 -64.18 83.09 60.76
C ASN J 424 -63.96 84.53 60.36
N THR J 425 -64.55 85.47 61.08
CA THR J 425 -64.38 86.89 60.83
C THR J 425 -63.34 87.51 61.75
N ALA J 426 -62.35 86.72 62.14
CA ALA J 426 -61.49 87.03 63.27
C ALA J 426 -60.52 88.17 63.02
N SER J 427 -60.24 88.50 61.76
CA SER J 427 -59.21 89.44 61.34
C SER J 427 -57.86 89.16 62.00
N LEU J 428 -57.29 87.99 61.68
CA LEU J 428 -56.01 87.50 62.19
C LEU J 428 -56.03 87.39 63.71
N ALA J 429 -56.99 86.62 64.21
CA ALA J 429 -57.09 86.30 65.63
C ALA J 429 -57.41 84.81 65.71
N ILE J 430 -56.37 84.01 65.71
CA ILE J 430 -56.51 82.55 65.74
C ILE J 430 -56.47 82.09 67.18
N ALA J 431 -57.49 81.38 67.60
CA ALA J 431 -57.63 80.95 68.98
C ALA J 431 -57.31 79.48 69.12
N THR J 432 -57.28 79.01 70.35
CA THR J 432 -57.06 77.60 70.64
C THR J 432 -58.41 76.96 70.96
N THR J 433 -58.36 75.69 71.36
CA THR J 433 -59.55 74.95 71.74
C THR J 433 -59.61 74.73 73.24
N GLY J 434 -58.75 75.42 73.97
CA GLY J 434 -58.78 75.36 75.41
C GLY J 434 -58.23 74.09 76.01
N ARG J 435 -57.56 73.25 75.23
CA ARG J 435 -56.86 72.11 75.79
C ARG J 435 -55.64 72.62 76.56
N GLY J 436 -55.65 72.37 77.86
CA GLY J 436 -54.91 73.19 78.79
C GLY J 436 -53.57 72.66 79.21
N SER J 437 -52.79 72.20 78.26
CA SER J 437 -51.41 71.88 78.51
C SER J 437 -50.63 73.16 78.77
N SER J 438 -49.51 73.07 79.49
CA SER J 438 -48.66 74.22 79.81
C SER J 438 -47.95 74.68 78.55
N GLY J 439 -48.32 75.87 78.08
CA GLY J 439 -48.03 76.25 76.72
C GLY J 439 -49.08 77.20 76.22
N VAL J 440 -50.11 77.38 77.06
CA VAL J 440 -51.18 78.33 76.73
C VAL J 440 -50.73 79.77 76.73
N GLY J 441 -49.62 80.09 77.40
CA GLY J 441 -49.14 81.45 77.43
C GLY J 441 -47.64 81.52 77.57
N LEU J 442 -46.97 80.39 77.39
CA LEU J 442 -45.57 80.30 77.72
C LEU J 442 -44.77 79.71 76.58
N THR J 443 -43.58 79.23 76.90
CA THR J 443 -42.66 78.71 75.91
C THR J 443 -42.30 77.25 76.15
N ALA J 444 -42.06 76.94 77.43
CA ALA J 444 -41.50 75.68 77.93
C ALA J 444 -40.10 75.40 77.37
N ALA J 445 -39.34 76.45 77.07
CA ALA J 445 -37.92 76.44 76.73
C ALA J 445 -37.57 75.51 75.58
N VAL J 446 -38.45 75.38 74.60
CA VAL J 446 -38.22 74.50 73.47
C VAL J 446 -37.30 75.19 72.49
N THR J 447 -36.08 74.68 72.38
CA THR J 447 -35.08 75.27 71.50
C THR J 447 -34.70 74.38 70.33
N THR J 448 -34.69 73.06 70.50
CA THR J 448 -34.24 72.05 69.53
C THR J 448 -32.82 72.28 69.02
N ASP J 449 -32.01 72.97 69.82
CA ASP J 449 -30.58 73.25 69.69
C ASP J 449 -30.23 74.22 68.56
N ARG J 450 -31.22 74.50 67.69
CA ARG J 450 -31.18 75.35 66.50
C ARG J 450 -29.86 75.39 65.77
N GLU J 451 -29.49 74.21 65.25
CA GLU J 451 -28.25 73.93 64.53
C GLU J 451 -27.03 74.21 65.38
N THR J 452 -26.94 73.50 66.51
CA THR J 452 -25.73 73.30 67.30
C THR J 452 -25.17 74.63 67.82
N GLY J 453 -25.87 75.26 68.75
CA GLY J 453 -25.32 76.43 69.39
C GLY J 453 -26.23 77.64 69.41
N GLU J 454 -27.53 77.42 69.26
CA GLU J 454 -28.51 78.50 69.28
C GLU J 454 -29.71 78.05 70.11
N ARG J 455 -30.02 78.78 71.18
CA ARG J 455 -31.16 78.42 72.02
C ARG J 455 -32.25 79.47 71.88
N ARG J 456 -33.46 79.02 71.57
CA ARG J 456 -34.52 79.95 71.24
C ARG J 456 -35.74 79.71 72.11
N LEU J 457 -36.27 80.78 72.65
CA LEU J 457 -37.49 80.75 73.44
C LEU J 457 -38.67 80.79 72.48
N GLU J 458 -39.11 79.62 72.04
CA GLU J 458 -40.11 79.51 70.98
C GLU J 458 -41.50 79.90 71.45
N ALA J 459 -42.15 80.79 70.70
CA ALA J 459 -43.42 81.39 71.07
C ALA J 459 -44.58 80.39 71.13
N GLY J 460 -45.13 80.15 72.31
CA GLY J 460 -46.23 79.21 72.40
C GLY J 460 -47.54 79.72 71.85
N ALA J 461 -48.16 80.71 72.52
CA ALA J 461 -49.54 81.05 72.17
C ALA J 461 -49.89 82.52 72.35
N MET J 462 -48.92 83.39 72.60
CA MET J 462 -49.24 84.79 72.80
C MET J 462 -48.81 85.66 71.63
N VAL J 463 -47.92 85.17 70.77
CA VAL J 463 -47.57 85.90 69.55
C VAL J 463 -48.73 85.92 68.56
N LEU J 464 -49.70 85.02 68.70
CA LEU J 464 -50.88 85.03 67.87
C LEU J 464 -52.00 85.84 68.50
N ALA J 465 -52.00 85.96 69.83
CA ALA J 465 -53.08 86.62 70.55
C ALA J 465 -52.96 88.12 70.58
N ASP J 466 -51.88 88.68 70.04
CA ASP J 466 -51.58 90.09 70.24
C ASP J 466 -52.46 90.95 69.33
N ARG J 467 -53.18 91.88 69.94
CA ARG J 467 -54.19 92.73 69.29
C ARG J 467 -55.23 91.89 68.56
N GLY J 468 -55.61 90.78 69.17
CA GLY J 468 -56.59 89.88 68.61
C GLY J 468 -57.45 89.36 69.73
N VAL J 469 -58.16 88.28 69.46
CA VAL J 469 -59.02 87.65 70.46
C VAL J 469 -58.70 86.17 70.50
N VAL J 470 -58.96 85.54 71.64
CA VAL J 470 -58.83 84.10 71.80
C VAL J 470 -60.11 83.59 72.41
N CYS J 471 -60.25 82.26 72.42
CA CYS J 471 -61.36 81.65 73.14
C CYS J 471 -60.94 80.28 73.61
N ILE J 472 -61.30 79.96 74.83
CA ILE J 472 -60.94 78.70 75.46
C ILE J 472 -62.17 78.16 76.15
N ASP J 473 -62.25 76.85 76.26
CA ASP J 473 -63.40 76.18 76.87
C ASP J 473 -63.00 75.36 78.08
N GLU J 474 -64.03 74.96 78.82
CA GLU J 474 -63.97 73.96 79.90
C GLU J 474 -63.04 74.40 81.02
N PHE J 475 -63.48 75.43 81.71
CA PHE J 475 -62.65 75.98 82.79
C PHE J 475 -62.60 75.05 83.98
N ASP J 476 -63.75 74.60 84.47
CA ASP J 476 -63.78 73.71 85.62
C ASP J 476 -63.27 72.31 85.28
N LYS J 477 -63.22 71.95 84.01
CA LYS J 477 -62.66 70.67 83.61
C LYS J 477 -61.20 70.82 83.25
N MET J 478 -60.45 71.44 84.14
CA MET J 478 -59.03 71.68 83.97
C MET J 478 -58.31 71.36 85.26
N THR J 479 -57.00 71.28 85.16
CA THR J 479 -56.15 71.03 86.31
C THR J 479 -55.91 72.36 87.06
N ASP J 480 -54.92 72.38 87.93
CA ASP J 480 -54.53 73.62 88.56
C ASP J 480 -53.57 74.45 87.72
N VAL J 481 -52.70 73.79 86.94
CA VAL J 481 -51.52 74.45 86.42
C VAL J 481 -51.81 75.44 85.30
N ASP J 482 -52.98 75.36 84.68
CA ASP J 482 -53.33 76.42 83.75
C ASP J 482 -53.89 77.64 84.47
N ARG J 483 -54.56 77.43 85.61
CA ARG J 483 -55.24 78.51 86.29
C ARG J 483 -54.23 79.52 86.87
N VAL J 484 -53.05 79.06 87.26
CA VAL J 484 -52.03 80.00 87.70
C VAL J 484 -51.49 80.81 86.53
N ALA J 485 -51.60 80.30 85.31
CA ALA J 485 -51.11 81.06 84.16
C ALA J 485 -52.11 82.12 83.74
N ILE J 486 -53.40 81.85 83.89
CA ILE J 486 -54.39 82.83 83.47
C ILE J 486 -54.52 83.92 84.52
N HIS J 487 -54.00 83.67 85.73
CA HIS J 487 -53.90 84.73 86.71
C HIS J 487 -52.94 85.82 86.25
N GLU J 488 -51.77 85.44 85.77
CA GLU J 488 -50.71 86.40 85.46
C GLU J 488 -51.05 87.23 84.25
N VAL J 489 -51.51 86.58 83.19
CA VAL J 489 -51.78 87.27 81.92
C VAL J 489 -53.00 88.16 81.97
N MET J 490 -53.79 88.11 83.03
CA MET J 490 -54.90 89.02 83.17
C MET J 490 -54.58 90.23 84.03
N GLU J 491 -53.90 90.04 85.15
CA GLU J 491 -53.46 91.16 85.95
C GLU J 491 -52.38 91.97 85.26
N GLN J 492 -51.64 91.35 84.35
CA GLN J 492 -50.52 92.00 83.69
C GLN J 492 -50.60 91.64 82.22
N GLN J 493 -50.29 92.60 81.37
CA GLN J 493 -50.31 92.34 79.94
C GLN J 493 -49.22 91.38 79.49
N THR J 494 -48.15 91.22 80.25
CA THR J 494 -47.00 90.47 79.79
C THR J 494 -46.77 89.23 80.62
N VAL J 495 -46.12 88.25 80.00
CA VAL J 495 -45.50 87.16 80.71
C VAL J 495 -44.00 87.41 80.69
N THR J 496 -43.32 86.90 81.71
CA THR J 496 -41.86 86.94 81.78
C THR J 496 -41.41 85.63 82.37
N ILE J 497 -40.44 84.99 81.75
CA ILE J 497 -40.09 83.63 82.08
C ILE J 497 -38.57 83.47 82.04
N ALA J 498 -38.04 82.60 82.89
CA ALA J 498 -36.65 82.19 82.81
C ALA J 498 -36.57 80.73 83.19
N LYS J 499 -36.72 79.85 82.19
CA LYS J 499 -36.85 78.42 82.46
C LYS J 499 -35.49 77.76 82.60
N ALA J 500 -34.70 77.72 81.54
CA ALA J 500 -33.31 77.30 81.62
C ALA J 500 -32.46 78.35 80.92
N GLY J 501 -33.03 79.53 80.74
CA GLY J 501 -32.39 80.57 79.97
C GLY J 501 -32.80 81.95 80.42
N ILE J 502 -33.22 82.74 79.48
CA ILE J 502 -33.17 84.19 79.56
C ILE J 502 -34.49 84.72 80.10
N HIS J 503 -34.39 85.62 81.09
CA HIS J 503 -35.53 86.42 81.52
C HIS J 503 -35.88 87.36 80.38
N THR J 504 -37.14 87.36 79.98
CA THR J 504 -37.57 88.24 78.89
C THR J 504 -39.01 88.63 79.08
N THR J 505 -39.26 89.93 79.11
CA THR J 505 -40.59 90.51 79.21
C THR J 505 -41.08 90.81 77.82
N LEU J 506 -41.85 89.91 77.23
CA LEU J 506 -42.45 90.15 75.93
C LEU J 506 -43.91 90.54 76.11
N ASN J 507 -44.35 91.48 75.29
CA ASN J 507 -45.63 92.13 75.52
C ASN J 507 -46.74 91.40 74.79
N ALA J 508 -47.97 91.62 75.26
CA ALA J 508 -49.13 90.89 74.75
C ALA J 508 -50.39 91.69 75.05
N ARG J 509 -51.24 91.87 74.04
CA ARG J 509 -52.52 92.53 74.19
C ARG J 509 -53.60 91.51 73.84
N CYS J 510 -54.15 90.86 74.86
CA CYS J 510 -55.07 89.76 74.67
C CYS J 510 -56.43 90.07 75.25
N SER J 511 -57.41 89.24 74.90
CA SER J 511 -58.78 89.40 75.35
C SER J 511 -59.44 88.03 75.27
N VAL J 512 -59.68 87.42 76.42
CA VAL J 512 -60.21 86.06 76.41
C VAL J 512 -61.72 86.10 76.24
N ILE J 513 -62.27 84.98 75.79
CA ILE J 513 -63.70 84.76 75.74
C ILE J 513 -63.94 83.41 76.37
N ALA J 514 -64.81 83.35 77.36
CA ALA J 514 -64.90 82.17 78.19
C ALA J 514 -66.13 81.35 77.87
N ALA J 515 -66.10 80.09 78.30
CA ALA J 515 -67.25 79.20 78.17
C ALA J 515 -67.09 78.10 79.21
N ALA J 516 -67.94 78.11 80.22
CA ALA J 516 -67.99 77.00 81.15
C ALA J 516 -69.43 76.60 81.39
N ASN J 517 -69.62 75.54 82.17
CA ASN J 517 -70.93 74.98 82.44
C ASN J 517 -71.10 74.86 83.94
N PRO J 518 -72.33 74.98 84.44
CA PRO J 518 -72.55 74.76 85.86
C PRO J 518 -72.40 73.28 86.19
N VAL J 519 -72.30 73.00 87.49
CA VAL J 519 -71.89 71.67 87.92
C VAL J 519 -73.11 70.78 88.09
N PHE J 520 -74.00 71.16 88.99
CA PHE J 520 -75.07 70.29 89.47
C PHE J 520 -76.36 70.52 88.68
N GLY J 521 -76.25 70.39 87.35
CA GLY J 521 -77.43 70.40 86.49
C GLY J 521 -78.16 71.72 86.49
N GLN J 522 -79.45 71.66 86.84
CA GLN J 522 -80.29 72.85 86.96
C GLN J 522 -80.50 73.24 88.43
N TYR J 523 -79.42 73.61 89.09
CA TYR J 523 -79.45 73.94 90.52
C TYR J 523 -79.22 75.42 90.77
N ASP J 524 -79.31 76.25 89.74
CA ASP J 524 -78.96 77.66 89.86
C ASP J 524 -79.98 78.44 90.67
N VAL J 525 -81.28 78.11 90.51
CA VAL J 525 -82.33 78.93 91.13
C VAL J 525 -82.59 78.57 92.58
N ASN J 526 -82.43 77.32 92.99
CA ASN J 526 -82.77 76.87 94.32
C ASN J 526 -81.63 77.04 95.32
N ARG J 527 -80.55 77.68 94.91
CA ARG J 527 -79.39 77.86 95.77
C ARG J 527 -78.89 79.28 95.55
N ASP J 528 -77.68 79.54 95.98
CA ASP J 528 -77.11 80.84 95.70
C ASP J 528 -76.80 80.96 94.21
N PRO J 529 -77.07 82.13 93.61
CA PRO J 529 -76.57 82.37 92.26
C PRO J 529 -75.06 82.43 92.19
N HIS J 530 -74.40 82.94 93.23
CA HIS J 530 -72.96 82.88 93.33
C HIS J 530 -72.50 81.48 93.72
N GLN J 531 -71.18 81.29 93.72
CA GLN J 531 -70.43 80.04 93.90
C GLN J 531 -70.91 78.89 92.99
N ASN J 532 -71.66 79.21 91.94
CA ASN J 532 -72.39 78.19 91.19
C ASN J 532 -71.47 77.36 90.34
N ILE J 533 -70.27 77.86 90.06
CA ILE J 533 -69.20 77.07 89.49
C ILE J 533 -68.06 76.85 90.49
N ALA J 534 -67.88 77.77 91.45
CA ALA J 534 -66.88 77.73 92.50
C ALA J 534 -65.46 77.48 92.00
N LEU J 535 -65.11 78.04 90.85
CA LEU J 535 -63.73 78.18 90.45
C LEU J 535 -63.25 79.44 91.18
N PRO J 536 -61.93 79.62 91.36
CA PRO J 536 -61.45 80.72 92.22
C PRO J 536 -61.87 82.10 91.75
N ASP J 537 -62.18 82.95 92.73
CA ASP J 537 -62.70 84.29 92.49
C ASP J 537 -61.60 85.26 92.12
N SER J 538 -60.37 84.77 92.05
CA SER J 538 -59.28 85.49 91.42
C SER J 538 -59.59 85.86 89.97
N LEU J 539 -60.33 85.02 89.27
CA LEU J 539 -60.74 85.31 87.90
C LEU J 539 -62.06 86.04 87.80
N LEU J 540 -63.02 85.68 88.65
CA LEU J 540 -64.32 86.35 88.65
C LEU J 540 -64.18 87.82 89.01
N SER J 541 -63.28 88.14 89.94
CA SER J 541 -62.98 89.53 90.22
C SER J 541 -62.22 90.17 89.08
N ARG J 542 -61.46 89.39 88.32
CA ARG J 542 -60.77 89.97 87.18
C ARG J 542 -61.64 89.99 85.93
N PHE J 543 -62.83 89.39 86.00
CA PHE J 543 -63.77 89.49 84.90
C PHE J 543 -64.93 90.39 85.27
N ASP J 544 -65.73 90.75 84.27
CA ASP J 544 -66.81 91.69 84.52
C ASP J 544 -68.21 91.14 84.27
N LEU J 545 -68.45 90.42 83.18
CA LEU J 545 -69.80 90.10 82.77
C LEU J 545 -70.02 88.61 82.88
N LEU J 546 -70.98 88.21 83.69
CA LEU J 546 -71.27 86.81 83.92
C LEU J 546 -72.70 86.58 83.45
N PHE J 547 -72.86 86.42 82.15
CA PHE J 547 -74.19 86.23 81.59
C PHE J 547 -74.67 84.83 81.90
N VAL J 548 -75.84 84.73 82.49
CA VAL J 548 -76.39 83.45 82.89
C VAL J 548 -77.55 83.16 81.95
N VAL J 549 -77.34 82.27 81.00
CA VAL J 549 -78.31 82.03 79.93
C VAL J 549 -79.47 81.20 80.47
N THR J 550 -80.68 81.74 80.35
CA THR J 550 -81.89 81.05 80.76
C THR J 550 -82.40 80.16 79.62
N ASP J 551 -83.24 79.21 79.98
CA ASP J 551 -83.79 78.25 79.03
C ASP J 551 -85.27 78.00 79.34
N ASP J 552 -86.01 79.07 79.64
CA ASP J 552 -87.38 78.91 80.11
C ASP J 552 -88.30 78.52 78.96
N ILE J 553 -89.38 77.83 79.30
CA ILE J 553 -90.19 77.09 78.34
C ILE J 553 -91.52 77.81 78.19
N ASN J 554 -91.74 78.42 77.03
CA ASN J 554 -92.98 79.10 76.72
C ASN J 554 -93.45 78.67 75.33
N GLU J 555 -94.76 78.45 75.21
CA GLU J 555 -95.31 77.75 74.06
C GLU J 555 -95.23 78.57 72.79
N ILE J 556 -95.16 79.89 72.91
CA ILE J 556 -94.90 80.70 71.73
C ILE J 556 -93.39 80.80 71.50
N ARG J 557 -92.59 80.65 72.55
CA ARG J 557 -91.14 80.79 72.42
C ARG J 557 -90.54 79.63 71.65
N ASP J 558 -90.88 78.40 72.03
CA ASP J 558 -90.31 77.24 71.37
C ASP J 558 -90.90 76.99 69.99
N ARG J 559 -92.15 77.36 69.79
CA ARG J 559 -92.77 77.22 68.48
C ARG J 559 -92.08 78.08 67.45
N SER J 560 -91.73 79.30 67.84
CA SER J 560 -90.91 80.18 67.04
C SER J 560 -89.54 79.60 66.75
N ILE J 561 -88.98 78.87 67.71
CA ILE J 561 -87.68 78.22 67.51
C ILE J 561 -87.79 77.11 66.47
N SER J 562 -88.88 76.34 66.55
CA SER J 562 -89.00 75.09 65.80
C SER J 562 -89.01 75.31 64.29
N GLU J 563 -89.61 76.40 63.83
CA GLU J 563 -89.58 76.63 62.40
C GLU J 563 -88.27 77.23 61.93
N HIS J 564 -87.61 78.02 62.77
CA HIS J 564 -86.44 78.75 62.32
C HIS J 564 -85.23 77.86 62.15
N VAL J 565 -85.12 76.81 62.96
CA VAL J 565 -84.13 75.80 62.63
C VAL J 565 -84.52 75.05 61.36
N LEU J 566 -85.81 74.80 61.18
CA LEU J 566 -86.28 74.05 60.03
C LEU J 566 -86.17 74.84 58.74
N ARG J 567 -86.28 76.15 58.81
CA ARG J 567 -86.25 76.96 57.61
C ARG J 567 -84.84 77.15 57.07
N THR J 568 -83.83 76.65 57.79
CA THR J 568 -82.45 76.86 57.41
C THR J 568 -81.67 75.57 57.26
N HIS J 569 -82.21 74.62 56.52
CA HIS J 569 -81.37 73.49 56.12
C HIS J 569 -81.13 73.48 54.63
N ARG J 570 -81.31 74.63 53.99
CA ARG J 570 -81.26 74.70 52.56
C ARG J 570 -80.33 75.83 52.11
N VAL J 651 -75.14 94.49 56.70
CA VAL J 651 -76.13 93.43 56.71
C VAL J 651 -75.48 92.19 56.11
N THR J 652 -74.33 92.38 55.46
CA THR J 652 -73.58 91.28 54.90
C THR J 652 -72.29 91.06 55.69
N ILE J 653 -71.69 89.90 55.51
CA ILE J 653 -70.49 89.54 56.25
C ILE J 653 -69.25 90.31 55.79
N PRO J 654 -68.84 90.36 54.51
CA PRO J 654 -67.57 91.05 54.21
C PRO J 654 -67.64 92.55 54.36
N PHE J 655 -68.83 93.14 54.25
CA PHE J 655 -68.97 94.53 54.64
C PHE J 655 -68.80 94.72 56.13
N LEU J 656 -69.20 93.72 56.92
CA LEU J 656 -69.10 93.84 58.37
C LEU J 656 -67.66 93.82 58.83
N ARG J 657 -66.84 92.97 58.22
CA ARG J 657 -65.45 92.91 58.62
C ARG J 657 -64.68 94.14 58.18
N LYS J 658 -65.12 94.84 57.14
CA LYS J 658 -64.49 96.08 56.75
C LYS J 658 -64.80 97.21 57.70
N TYR J 659 -66.04 97.25 58.18
CA TYR J 659 -66.49 98.35 59.03
C TYR J 659 -65.75 98.37 60.36
N VAL J 660 -65.51 97.21 60.94
CA VAL J 660 -64.78 97.18 62.20
C VAL J 660 -63.31 97.47 61.97
N GLN J 661 -62.74 96.93 60.89
CA GLN J 661 -61.32 97.15 60.65
C GLN J 661 -61.06 98.53 60.08
N TYR J 662 -62.09 99.24 59.65
CA TYR J 662 -61.93 100.67 59.43
C TYR J 662 -62.04 101.43 60.72
N ALA J 663 -62.87 100.94 61.64
CA ALA J 663 -63.08 101.61 62.91
C ALA J 663 -62.00 101.32 63.93
N LYS J 664 -60.97 100.56 63.57
CA LYS J 664 -59.80 100.47 64.44
C LYS J 664 -58.79 101.55 64.10
N GLU J 665 -59.05 102.34 63.06
CA GLU J 665 -58.14 103.37 62.62
C GLU J 665 -58.73 104.76 62.75
N ARG J 666 -59.73 104.92 63.59
CA ARG J 666 -60.27 106.25 63.82
C ARG J 666 -59.99 106.70 65.24
N VAL J 667 -60.05 108.01 65.43
CA VAL J 667 -59.48 108.65 66.60
C VAL J 667 -60.41 108.39 67.78
N ILE J 668 -59.90 108.57 68.99
CA ILE J 668 -60.62 108.17 70.19
C ILE J 668 -60.96 109.42 71.02
N PRO J 669 -62.24 109.71 71.25
CA PRO J 669 -62.61 110.96 71.93
C PRO J 669 -62.23 111.10 73.39
N GLN J 670 -62.80 110.23 74.24
CA GLN J 670 -62.59 110.16 75.71
C GLN J 670 -63.03 111.39 76.51
N LEU J 671 -63.50 112.43 75.83
CA LEU J 671 -63.49 113.74 76.49
C LEU J 671 -64.84 114.45 76.28
N THR J 672 -65.70 114.36 77.30
CA THR J 672 -66.89 115.20 77.43
C THR J 672 -67.31 115.20 78.88
N GLN J 673 -67.39 116.39 79.50
CA GLN J 673 -67.76 116.47 80.90
C GLN J 673 -69.21 116.11 81.15
N GLU J 674 -70.07 116.27 80.14
CA GLU J 674 -71.47 115.92 80.29
C GLU J 674 -71.71 114.44 80.52
N ALA J 675 -71.04 113.58 79.75
CA ALA J 675 -71.27 112.16 79.87
C ALA J 675 -70.66 111.61 81.14
N ILE J 676 -69.60 112.24 81.66
CA ILE J 676 -69.03 111.73 82.89
C ILE J 676 -69.84 112.16 84.10
N ASN J 677 -70.65 113.21 83.97
CA ASN J 677 -71.46 113.62 85.09
C ASN J 677 -72.64 112.71 85.34
N VAL J 678 -73.22 112.13 84.29
CA VAL J 678 -74.42 111.32 84.45
C VAL J 678 -74.09 109.90 84.90
N ILE J 679 -72.97 109.34 84.45
CA ILE J 679 -72.66 107.96 84.78
C ILE J 679 -72.30 107.77 86.25
N VAL J 680 -71.74 108.79 86.89
CA VAL J 680 -71.38 108.62 88.28
C VAL J 680 -72.62 108.68 89.16
N LYS J 681 -73.62 109.48 88.78
CA LYS J 681 -74.95 109.37 89.38
C LYS J 681 -75.54 108.00 89.13
N ASN J 682 -75.34 107.50 87.91
CA ASN J 682 -75.82 106.18 87.55
C ASN J 682 -75.09 105.10 88.33
N TYR J 683 -73.85 105.37 88.73
CA TYR J 683 -73.15 104.44 89.60
C TYR J 683 -73.64 104.49 91.03
N THR J 684 -73.88 105.69 91.57
CA THR J 684 -74.10 105.85 93.00
C THR J 684 -75.38 105.19 93.47
N ASP J 685 -76.41 105.19 92.63
CA ASP J 685 -77.66 104.58 93.06
C ASP J 685 -77.53 103.06 93.12
N LEU J 686 -76.82 102.47 92.15
CA LEU J 686 -76.52 101.06 92.27
C LEU J 686 -75.38 100.82 93.24
N ARG J 687 -74.59 101.85 93.55
CA ARG J 687 -73.66 101.74 94.67
C ARG J 687 -74.40 101.70 96.00
N ASN J 688 -75.64 102.18 96.02
CA ASN J 688 -76.52 101.88 97.14
C ASN J 688 -77.26 100.57 96.96
N ASP J 689 -77.24 100.01 95.76
CA ASP J 689 -78.08 98.86 95.46
C ASP J 689 -77.27 97.62 95.09
N ASP J 690 -75.95 97.71 95.07
CA ASP J 690 -75.15 96.50 94.93
C ASP J 690 -75.01 95.74 96.23
N ASN J 691 -74.82 96.46 97.35
CA ASN J 691 -74.42 95.83 98.61
C ASN J 691 -75.61 95.28 99.38
N THR J 692 -76.78 95.89 99.27
CA THR J 692 -78.02 95.38 99.86
C THR J 692 -78.73 94.39 98.97
N LYS J 693 -78.10 93.99 97.86
CA LYS J 693 -78.67 93.06 96.88
C LYS J 693 -77.55 92.15 96.38
N LYS J 694 -77.80 91.56 95.21
CA LYS J 694 -77.16 90.35 94.61
C LYS J 694 -75.64 90.36 94.72
N SER J 695 -74.94 91.27 94.06
CA SER J 695 -73.53 91.05 93.84
C SER J 695 -72.72 92.32 94.11
N PRO J 696 -71.70 92.25 94.96
CA PRO J 696 -70.89 93.42 95.22
C PRO J 696 -70.01 93.77 94.03
N ILE J 697 -69.99 95.05 93.69
CA ILE J 697 -69.18 95.53 92.59
C ILE J 697 -68.08 96.41 93.15
N THR J 698 -67.05 96.62 92.34
CA THR J 698 -65.82 97.22 92.80
C THR J 698 -65.48 98.44 91.95
N ALA J 699 -64.33 99.04 92.23
CA ALA J 699 -63.91 100.24 91.52
C ALA J 699 -63.52 99.97 90.07
N ARG J 700 -63.02 98.77 89.77
CA ARG J 700 -62.66 98.43 88.41
C ARG J 700 -63.86 98.33 87.50
N THR J 701 -65.05 98.09 88.06
CA THR J 701 -66.28 98.09 87.30
C THR J 701 -66.58 99.45 86.71
N LEU J 702 -66.08 100.51 87.33
CA LEU J 702 -66.19 101.84 86.73
C LEU J 702 -65.32 101.96 85.50
N GLU J 703 -64.20 101.26 85.48
CA GLU J 703 -63.35 101.28 84.29
C GLU J 703 -63.96 100.47 83.17
N THR J 704 -64.89 99.58 83.48
CA THR J 704 -65.77 99.10 82.43
C THR J 704 -66.70 100.20 81.96
N LEU J 705 -67.27 100.94 82.91
CA LEU J 705 -68.38 101.84 82.60
C LEU J 705 -67.94 103.02 81.75
N ILE J 706 -66.65 103.35 81.79
CA ILE J 706 -66.12 104.19 80.72
C ILE J 706 -65.91 103.40 79.44
N ARG J 707 -65.44 102.15 79.54
CA ARG J 707 -64.88 101.47 78.38
C ARG J 707 -65.94 101.00 77.41
N LEU J 708 -67.08 100.55 77.91
CA LEU J 708 -68.17 100.17 77.02
C LEU J 708 -68.67 101.37 76.23
N ALA J 709 -68.89 102.49 76.90
CA ALA J 709 -69.33 103.68 76.20
C ALA J 709 -68.23 104.22 75.31
N THR J 710 -66.97 104.01 75.68
CA THR J 710 -65.86 104.44 74.84
C THR J 710 -65.85 103.70 73.52
N ALA J 711 -66.08 102.40 73.57
CA ALA J 711 -66.20 101.65 72.33
C ALA J 711 -67.53 101.93 71.65
N HIS J 712 -68.55 102.26 72.41
CA HIS J 712 -69.85 102.55 71.80
C HIS J 712 -69.79 103.81 70.97
N ALA J 713 -68.94 104.76 71.33
CA ALA J 713 -68.69 105.88 70.46
C ALA J 713 -67.84 105.49 69.27
N LYS J 714 -67.06 104.41 69.40
CA LYS J 714 -66.30 103.96 68.23
C LYS J 714 -67.21 103.36 67.18
N VAL J 715 -68.37 102.85 67.59
CA VAL J 715 -69.38 102.44 66.62
C VAL J 715 -69.94 103.66 65.91
N ARG J 716 -70.06 104.77 66.62
CA ARG J 716 -70.61 105.99 66.05
C ARG J 716 -69.67 106.65 65.06
N LEU J 717 -68.36 106.39 65.16
CA LEU J 717 -67.31 107.03 64.37
C LEU J 717 -67.36 108.55 64.52
N SER J 718 -67.17 109.00 65.76
CA SER J 718 -67.18 110.42 66.07
C SER J 718 -66.15 110.70 67.15
N LYS J 719 -65.86 111.98 67.33
CA LYS J 719 -64.91 112.40 68.34
C LYS J 719 -65.57 113.12 69.51
N THR J 720 -66.88 112.97 69.67
CA THR J 720 -67.57 113.57 70.81
C THR J 720 -68.28 112.47 71.58
N VAL J 721 -67.89 112.29 72.84
CA VAL J 721 -68.58 111.37 73.73
C VAL J 721 -69.95 111.95 74.01
N ASN J 722 -70.98 111.36 73.42
CA ASN J 722 -72.31 111.95 73.49
C ASN J 722 -72.97 111.60 74.82
N LYS J 723 -74.27 111.82 74.89
CA LYS J 723 -75.08 111.37 76.02
C LYS J 723 -75.67 109.99 75.80
N VAL J 724 -76.06 109.67 74.56
CA VAL J 724 -76.86 108.49 74.25
C VAL J 724 -76.10 107.19 74.53
N ASP J 725 -74.78 107.22 74.43
CA ASP J 725 -73.94 106.07 74.74
C ASP J 725 -74.01 105.66 76.20
N ALA J 726 -74.23 106.62 77.10
CA ALA J 726 -74.26 106.31 78.52
C ALA J 726 -75.56 105.63 78.93
N LYS J 727 -76.55 105.57 78.06
CA LYS J 727 -77.79 104.92 78.43
C LYS J 727 -77.76 103.44 78.11
N VAL J 728 -77.07 103.05 77.04
CA VAL J 728 -76.98 101.63 76.72
C VAL J 728 -75.97 100.95 77.62
N ALA J 729 -75.00 101.70 78.15
CA ALA J 729 -74.00 101.12 79.03
C ALA J 729 -74.61 100.77 80.38
N ALA J 730 -75.45 101.65 80.91
CA ALA J 730 -76.15 101.36 82.15
C ALA J 730 -77.13 100.23 81.97
N ASN J 731 -77.87 100.24 80.85
CA ASN J 731 -78.93 99.26 80.65
C ASN J 731 -78.38 97.88 80.35
N LEU J 732 -77.16 97.80 79.84
CA LEU J 732 -76.59 96.48 79.58
C LEU J 732 -76.18 95.81 80.86
N LEU J 733 -75.65 96.58 81.81
CA LEU J 733 -75.29 96.01 83.09
C LEU J 733 -76.51 95.62 83.91
N ARG J 734 -77.62 96.33 83.70
CA ARG J 734 -78.82 96.06 84.46
C ARG J 734 -79.41 94.71 84.12
N PHE J 735 -79.26 94.25 82.89
CA PHE J 735 -79.64 92.87 82.59
C PHE J 735 -78.56 91.89 83.05
N ALA J 736 -77.30 92.31 82.98
CA ALA J 736 -76.20 91.47 83.42
C ALA J 736 -76.23 91.23 84.92
N LEU J 737 -76.85 92.13 85.67
CA LEU J 737 -76.93 91.97 87.10
C LEU J 737 -78.33 91.61 87.57
N LEU J 738 -79.35 91.97 86.79
CA LEU J 738 -80.73 91.69 87.18
C LEU J 738 -81.53 91.17 85.99
N LEU K 177 26.95 92.81 91.30
CA LEU K 177 26.27 91.64 91.82
C LEU K 177 25.73 90.75 90.69
N ARG K 178 24.96 89.73 91.05
CA ARG K 178 24.39 88.81 90.09
C ARG K 178 23.00 89.27 89.69
N ILE K 179 22.86 89.77 88.47
CA ILE K 179 21.59 90.22 87.96
C ILE K 179 21.01 89.14 87.05
N ILE K 180 19.71 88.91 87.18
CA ILE K 180 19.00 87.85 86.48
C ILE K 180 18.35 88.44 85.24
N TRP K 181 18.29 87.65 84.17
CA TRP K 181 17.48 87.99 82.99
C TRP K 181 16.02 88.18 83.37
N GLY K 182 15.46 87.29 84.19
CA GLY K 182 14.05 87.32 84.51
C GLY K 182 13.61 88.44 85.43
N THR K 183 14.19 88.50 86.62
CA THR K 183 13.84 89.52 87.60
C THR K 183 14.82 90.68 87.55
N ASN K 184 14.74 91.55 88.55
CA ASN K 184 15.75 92.57 88.78
C ASN K 184 16.30 92.46 90.19
N VAL K 185 16.07 91.32 90.85
CA VAL K 185 16.30 91.25 92.28
C VAL K 185 17.77 91.05 92.59
N SER K 186 18.13 91.27 93.85
CA SER K 186 19.52 91.36 94.27
C SER K 186 20.11 90.00 94.61
N ILE K 187 21.23 90.04 95.31
CA ILE K 187 21.91 88.87 95.81
C ILE K 187 21.74 88.91 97.31
N GLN K 188 22.34 87.95 98.01
CA GLN K 188 22.00 87.68 99.40
C GLN K 188 22.50 88.75 100.37
N GLU K 189 22.12 90.00 100.12
CA GLU K 189 22.11 91.02 101.15
C GLU K 189 20.93 90.83 102.07
N CYS K 190 19.80 90.36 101.54
CA CYS K 190 18.59 90.13 102.31
C CYS K 190 18.78 89.10 103.40
N THR K 191 19.66 88.13 103.19
CA THR K 191 20.10 87.26 104.28
C THR K 191 20.71 88.07 105.40
N THR K 192 21.72 88.88 105.08
CA THR K 192 22.32 89.79 106.03
C THR K 192 21.32 90.83 106.51
N ASN K 193 20.43 91.27 105.62
CA ASN K 193 19.43 92.26 106.01
C ASN K 193 18.38 91.66 106.92
N PHE K 194 18.03 90.38 106.74
CA PHE K 194 17.12 89.72 107.65
C PHE K 194 17.70 89.59 109.05
N ARG K 195 18.98 89.25 109.16
CA ARG K 195 19.57 88.94 110.47
C ARG K 195 19.61 90.18 111.35
N ASN K 196 20.03 91.31 110.79
CA ASN K 196 19.97 92.55 111.56
C ASN K 196 18.55 93.04 111.77
N PHE K 197 17.64 92.75 110.84
CA PHE K 197 16.23 92.99 111.09
C PHE K 197 15.73 92.13 112.23
N LEU K 198 16.06 90.84 112.21
CA LEU K 198 15.52 89.93 113.20
C LEU K 198 16.16 90.06 114.57
N MET K 199 17.49 90.05 114.64
CA MET K 199 18.16 89.98 115.93
C MET K 199 18.10 91.31 116.67
N SER K 200 18.33 92.40 115.97
CA SER K 200 18.31 93.71 116.60
C SER K 200 16.93 94.35 116.55
N PHE K 201 15.89 93.63 116.96
CA PHE K 201 14.55 94.16 116.86
C PHE K 201 13.90 94.38 118.23
N LYS K 202 13.55 93.29 118.91
CA LYS K 202 13.04 93.16 120.29
C LYS K 202 11.70 93.83 120.56
N TYR K 203 11.37 94.87 119.79
CA TYR K 203 10.08 95.52 119.63
C TYR K 203 10.30 96.64 118.64
N LYS K 204 9.29 96.93 117.85
CA LYS K 204 9.27 98.07 116.94
C LYS K 204 7.82 98.49 116.87
N PHE K 205 7.44 99.12 115.77
CA PHE K 205 6.06 99.26 115.27
C PHE K 205 5.10 99.99 116.20
N ARG K 206 5.58 100.54 117.31
CA ARG K 206 4.70 101.24 118.24
C ARG K 206 4.27 102.60 117.72
N LYS K 207 4.93 103.10 116.68
CA LYS K 207 4.78 104.48 116.25
C LYS K 207 3.50 104.66 115.47
N ILE K 208 3.08 103.65 114.72
CA ILE K 208 1.80 103.71 114.03
C ILE K 208 0.68 103.53 115.03
N LEU K 209 0.89 102.66 116.01
CA LEU K 209 -0.09 102.35 117.05
C LEU K 209 0.22 103.08 118.36
N ASP K 210 0.66 104.34 118.28
CA ASP K 210 1.01 105.14 119.44
C ASP K 210 -0.18 105.35 120.37
N GLU K 211 -0.15 104.64 121.49
CA GLU K 211 -1.07 104.84 122.60
C GLU K 211 -0.36 105.47 123.78
N ARG K 212 0.70 104.82 124.25
CA ARG K 212 1.57 105.37 125.27
C ARG K 212 2.53 106.36 124.64
N ASP K 221 7.17 92.44 125.97
CA ASP K 221 7.39 93.30 124.81
C ASP K 221 8.86 93.66 124.61
N GLU K 222 9.70 93.24 125.57
CA GLU K 222 11.13 93.49 125.48
C GLU K 222 11.85 92.54 124.53
N GLU K 223 11.18 91.51 124.03
CA GLU K 223 11.76 90.61 123.07
C GLU K 223 10.75 90.31 121.97
N LEU K 224 11.26 90.21 120.75
CA LEU K 224 10.45 90.00 119.56
C LEU K 224 9.75 88.66 119.60
N TYR K 225 8.54 88.62 119.02
CA TYR K 225 7.77 87.40 118.87
C TYR K 225 8.52 86.33 118.10
N TYR K 226 9.27 86.74 117.08
CA TYR K 226 9.95 85.79 116.20
C TYR K 226 11.15 85.14 116.88
N ILE K 227 11.78 85.84 117.83
CA ILE K 227 13.01 85.35 118.43
C ILE K 227 12.75 84.14 119.31
N LYS K 228 11.74 84.24 120.18
CA LYS K 228 11.36 83.12 121.02
C LYS K 228 10.77 81.99 120.20
N GLN K 229 9.99 82.32 119.17
CA GLN K 229 9.39 81.29 118.35
C GLN K 229 10.42 80.56 117.50
N LEU K 230 11.51 81.24 117.14
CA LEU K 230 12.58 80.59 116.39
C LEU K 230 13.24 79.50 117.22
N ASN K 231 13.38 79.74 118.52
CA ASN K 231 13.81 78.70 119.41
C ASN K 231 12.75 77.62 119.60
N GLU K 232 11.47 77.96 119.37
CA GLU K 232 10.40 77.03 119.71
C GLU K 232 10.28 75.91 118.70
N MET K 233 10.30 76.24 117.40
CA MET K 233 10.28 75.25 116.34
C MET K 233 11.53 74.38 116.33
N ARG K 234 12.65 74.92 116.83
CA ARG K 234 13.88 74.16 117.00
C ARG K 234 13.69 72.97 117.92
N GLU K 235 12.88 73.13 118.97
CA GLU K 235 12.60 72.04 119.89
C GLU K 235 11.20 71.46 119.71
N LEU K 236 10.48 71.86 118.67
CA LEU K 236 9.27 71.17 118.26
C LEU K 236 9.45 70.41 116.94
N GLY K 237 10.28 70.92 116.05
CA GLY K 237 10.59 70.25 114.81
C GLY K 237 9.72 70.63 113.63
N THR K 238 8.79 71.57 113.81
CA THR K 238 7.86 71.92 112.73
C THR K 238 8.58 72.71 111.66
N SER K 239 7.97 72.79 110.49
CA SER K 239 8.62 73.33 109.29
C SER K 239 8.03 74.66 108.86
N ASN K 240 7.23 75.28 109.71
CA ASN K 240 6.40 76.39 109.28
C ASN K 240 6.62 77.60 110.18
N LEU K 241 6.90 78.74 109.55
CA LEU K 241 7.00 80.02 110.24
C LEU K 241 5.97 80.96 109.66
N ASN K 242 4.94 81.27 110.45
CA ASN K 242 3.88 82.16 109.99
C ASN K 242 4.36 83.58 110.19
N LEU K 243 4.99 84.13 109.17
CA LEU K 243 5.51 85.49 109.24
C LEU K 243 4.39 86.49 109.10
N ASP K 244 4.34 87.45 110.01
CA ASP K 244 3.36 88.53 109.88
C ASP K 244 3.63 89.37 108.64
N ALA K 245 4.91 89.55 108.29
CA ALA K 245 5.36 90.22 107.07
C ALA K 245 4.81 91.65 106.95
N ARG K 246 4.59 92.27 108.09
CA ARG K 246 4.19 93.67 108.14
C ARG K 246 5.21 94.41 108.97
N ASN K 247 6.46 93.94 108.91
CA ASN K 247 7.54 94.50 109.68
C ASN K 247 8.54 95.24 108.84
N LEU K 248 8.68 94.92 107.56
CA LEU K 248 9.64 95.59 106.71
C LEU K 248 9.26 97.03 106.44
N LEU K 249 7.98 97.37 106.50
CA LEU K 249 7.57 98.76 106.51
C LEU K 249 7.69 99.39 107.89
N ALA K 250 7.78 98.59 108.94
CA ALA K 250 7.98 99.11 110.30
C ALA K 250 9.46 99.05 110.68
N TYR K 251 10.31 98.72 109.72
CA TYR K 251 11.75 98.74 109.93
C TYR K 251 12.37 99.71 108.93
N LYS K 252 13.43 100.39 109.38
CA LYS K 252 14.05 101.46 108.60
C LYS K 252 14.70 100.95 107.31
N GLN K 253 15.22 99.74 107.33
CA GLN K 253 15.75 99.11 106.13
C GLN K 253 14.69 98.21 105.55
N THR K 254 15.11 97.38 104.59
CA THR K 254 14.30 96.33 103.96
C THR K 254 13.05 96.89 103.29
N GLU K 255 13.16 98.10 102.76
CA GLU K 255 12.07 98.61 101.93
C GLU K 255 12.13 97.98 100.55
N ASP K 256 13.32 97.91 99.96
CA ASP K 256 13.45 97.37 98.62
C ASP K 256 13.19 95.87 98.60
N LEU K 257 13.54 95.18 99.68
CA LEU K 257 13.07 93.82 99.91
C LEU K 257 11.55 93.77 99.98
N TYR K 258 10.96 94.70 100.70
CA TYR K 258 9.51 94.68 100.92
C TYR K 258 8.75 94.89 99.63
N HIS K 259 9.23 95.77 98.76
CA HIS K 259 8.49 95.99 97.54
C HIS K 259 8.90 95.01 96.45
N GLN K 260 10.03 94.32 96.62
CA GLN K 260 10.31 93.21 95.72
C GLN K 260 9.45 92.00 96.07
N LEU K 261 9.14 91.82 97.34
CA LEU K 261 8.24 90.76 97.81
C LEU K 261 6.87 90.84 97.19
N LEU K 262 6.34 92.03 96.99
CA LEU K 262 5.08 92.21 96.32
C LEU K 262 5.26 92.29 94.81
N ASN K 263 6.43 91.90 94.30
CA ASN K 263 6.66 92.02 92.87
C ASN K 263 7.35 90.83 92.21
N TYR K 264 7.96 89.93 92.95
CA TYR K 264 8.54 88.71 92.37
C TYR K 264 8.33 87.53 93.30
N PRO K 265 7.09 87.22 93.63
CA PRO K 265 6.87 86.35 94.79
C PRO K 265 6.98 84.87 94.48
N GLN K 266 8.02 84.48 93.76
CA GLN K 266 8.32 83.06 93.64
C GLN K 266 9.79 82.86 93.93
N GLU K 267 10.60 83.84 93.54
CA GLU K 267 12.02 83.79 93.78
C GLU K 267 12.35 84.19 95.22
N VAL K 268 11.65 85.20 95.73
CA VAL K 268 12.01 85.76 97.02
C VAL K 268 11.63 84.84 98.17
N ILE K 269 10.62 84.00 98.01
CA ILE K 269 10.41 82.98 99.01
C ILE K 269 11.48 81.92 98.91
N SER K 270 11.95 81.64 97.69
CA SER K 270 12.99 80.65 97.49
C SER K 270 14.33 81.13 98.00
N ILE K 271 14.54 82.44 98.03
CA ILE K 271 15.71 82.96 98.73
C ILE K 271 15.51 82.82 100.23
N MET K 272 14.32 83.16 100.73
CA MET K 272 14.10 83.22 102.16
C MET K 272 14.04 81.84 102.79
N ASP K 273 13.78 80.80 102.00
CA ASP K 273 13.82 79.46 102.56
C ASP K 273 15.25 78.97 102.77
N GLN K 274 16.21 79.57 102.06
CA GLN K 274 17.61 79.26 102.31
C GLN K 274 18.11 79.93 103.58
N THR K 275 17.56 81.09 103.93
CA THR K 275 18.02 81.83 105.09
C THR K 275 17.67 81.14 106.38
N ILE K 276 16.39 80.78 106.54
CA ILE K 276 15.87 80.22 107.78
C ILE K 276 16.55 78.91 108.14
N LYS K 277 16.89 78.10 107.15
CA LYS K 277 17.67 76.90 107.41
C LYS K 277 19.09 77.26 107.82
N ASP K 278 19.67 78.28 107.19
CA ASP K 278 21.01 78.71 107.58
C ASP K 278 20.98 79.53 108.86
N CYS K 279 19.92 80.31 109.08
CA CYS K 279 19.80 81.03 110.35
C CYS K 279 19.53 80.06 111.49
N MET K 280 18.89 78.92 111.19
CA MET K 280 18.82 77.86 112.18
C MET K 280 20.19 77.30 112.50
N VAL K 281 21.06 77.20 111.49
CA VAL K 281 22.44 76.79 111.73
C VAL K 281 23.16 77.84 112.56
N SER K 282 22.80 79.11 112.40
CA SER K 282 23.39 80.19 113.19
C SER K 282 23.04 80.09 114.68
N LEU K 283 21.97 79.39 115.04
CA LEU K 283 21.74 79.03 116.43
C LEU K 283 22.30 77.64 116.76
N ILE K 284 22.39 76.77 115.76
CA ILE K 284 22.99 75.45 115.94
C ILE K 284 24.49 75.51 116.17
N VAL K 285 25.20 76.45 115.53
CA VAL K 285 26.63 76.60 115.76
C VAL K 285 26.98 77.11 117.15
N ASP K 286 26.01 77.61 117.91
CA ASP K 286 26.31 78.05 119.26
C ASP K 286 26.50 76.88 120.20
N ASN K 287 25.48 76.05 120.37
CA ASN K 287 25.54 74.87 121.22
C ASN K 287 25.51 73.63 120.34
N ASN K 288 26.52 72.77 120.47
CA ASN K 288 26.66 71.58 119.63
C ASN K 288 26.01 70.35 120.27
N LEU K 289 24.99 70.56 121.09
CA LEU K 289 24.34 69.47 121.78
C LEU K 289 22.85 69.47 121.42
N ASP K 290 22.54 70.08 120.29
CA ASP K 290 21.17 70.43 119.91
C ASP K 290 20.69 69.51 118.79
N TYR K 291 20.11 68.38 119.20
CA TYR K 291 19.45 67.40 118.32
C TYR K 291 20.40 66.86 117.26
N ASP K 292 21.65 66.58 117.69
CA ASP K 292 22.64 65.78 116.98
C ASP K 292 23.15 66.41 115.68
N LEU K 293 22.67 67.62 115.37
CA LEU K 293 23.23 68.51 114.37
C LEU K 293 23.14 67.94 112.95
N ASP K 294 22.26 66.96 112.76
CA ASP K 294 22.04 66.45 111.40
C ASP K 294 20.56 66.42 110.99
N GLU K 295 19.68 65.91 111.87
CA GLU K 295 18.33 65.57 111.44
C GLU K 295 17.41 66.78 111.36
N ILE K 296 17.60 67.79 112.22
CA ILE K 296 16.96 69.09 112.06
C ILE K 296 17.71 69.98 111.09
N GLU K 297 18.61 69.41 110.30
CA GLU K 297 19.31 70.10 109.23
C GLU K 297 19.16 69.40 107.90
N THR K 298 18.26 68.43 107.81
CA THR K 298 17.94 67.78 106.56
C THR K 298 16.52 68.08 106.08
N LYS K 299 15.54 67.97 106.97
CA LYS K 299 14.17 68.33 106.60
C LYS K 299 14.07 69.85 106.44
N PHE K 300 13.59 70.28 105.29
CA PHE K 300 13.51 71.70 104.99
C PHE K 300 12.38 72.34 105.78
N TYR K 301 12.44 73.66 105.86
CA TYR K 301 11.40 74.44 106.48
C TYR K 301 10.76 75.31 105.41
N LYS K 302 9.77 76.09 105.83
CA LYS K 302 9.17 77.05 104.92
C LYS K 302 8.54 78.17 105.72
N VAL K 303 8.26 79.26 105.02
CA VAL K 303 7.79 80.47 105.63
C VAL K 303 6.38 80.75 105.14
N ARG K 304 5.69 81.66 105.83
CA ARG K 304 4.30 82.00 105.49
C ARG K 304 4.06 83.47 105.76
N PRO K 305 4.26 84.31 104.74
CA PRO K 305 3.83 85.71 104.85
C PRO K 305 2.34 85.82 104.66
N TYR K 306 1.72 86.65 105.49
CA TYR K 306 0.27 86.77 105.45
C TYR K 306 -0.12 88.18 105.84
N ASN K 307 -1.44 88.46 105.74
CA ASN K 307 -2.10 89.75 106.06
C ASN K 307 -1.42 90.95 105.37
N VAL K 308 -0.81 90.72 104.23
CA VAL K 308 0.06 91.70 103.59
C VAL K 308 -0.83 92.66 102.79
N GLY K 309 -0.81 93.93 103.17
CA GLY K 309 -1.64 94.92 102.52
C GLY K 309 -3.11 94.68 102.79
N SER K 310 -3.94 95.03 101.82
CA SER K 310 -5.35 94.71 101.86
C SER K 310 -5.91 94.72 100.45
N CYS K 311 -6.97 93.95 100.25
CA CYS K 311 -7.78 94.03 99.05
C CYS K 311 -9.22 94.29 99.48
N LYS K 312 -10.15 94.22 98.54
CA LYS K 312 -11.54 94.53 98.87
C LYS K 312 -12.56 93.52 98.35
N GLY K 313 -12.21 92.64 97.42
CA GLY K 313 -13.20 91.75 96.85
C GLY K 313 -12.71 91.02 95.63
N MET K 314 -13.49 91.07 94.56
CA MET K 314 -13.08 90.47 93.30
C MET K 314 -13.27 91.40 92.11
N ARG K 315 -14.10 92.46 92.21
CA ARG K 315 -14.33 93.37 91.10
C ARG K 315 -13.28 94.47 91.04
N GLU K 316 -12.03 94.05 91.17
CA GLU K 316 -10.89 94.95 91.10
C GLU K 316 -9.71 94.22 90.47
N LEU K 317 -9.92 92.96 90.10
CA LEU K 317 -8.81 92.13 89.63
C LEU K 317 -8.51 92.44 88.19
N ASN K 318 -7.69 93.37 87.98
CA ASN K 318 -7.24 93.90 86.71
C ASN K 318 -6.20 92.96 86.08
N PRO K 319 -6.06 92.97 84.75
CA PRO K 319 -5.15 92.00 84.11
C PRO K 319 -3.68 92.23 84.41
N ASN K 320 -3.27 93.42 84.83
CA ASN K 320 -1.87 93.69 85.10
C ASN K 320 -1.35 93.00 86.36
N ASP K 321 -2.26 92.53 87.21
CA ASP K 321 -1.90 91.87 88.46
C ASP K 321 -1.47 90.45 88.13
N ILE K 322 -0.23 90.32 87.65
CA ILE K 322 0.21 89.03 87.14
C ILE K 322 0.90 88.22 88.21
N ASP K 323 1.87 88.79 88.91
CA ASP K 323 2.55 88.08 89.98
C ASP K 323 2.55 88.97 91.22
N LYS K 324 1.44 88.95 91.94
CA LYS K 324 1.28 89.80 93.10
C LYS K 324 0.68 88.98 94.22
N LEU K 325 0.67 89.54 95.41
CA LEU K 325 -0.02 88.95 96.53
C LEU K 325 -1.44 89.49 96.53
N ILE K 326 -2.41 88.64 96.82
CA ILE K 326 -3.80 89.03 96.85
C ILE K 326 -4.36 88.56 98.18
N ASN K 327 -5.21 89.38 98.80
CA ASN K 327 -5.77 89.05 100.10
C ASN K 327 -7.29 88.95 99.96
N LEU K 328 -7.77 87.74 99.72
CA LEU K 328 -9.19 87.55 99.41
C LEU K 328 -10.00 87.46 100.68
N LYS K 329 -11.30 87.71 100.55
CA LYS K 329 -12.27 87.52 101.61
C LYS K 329 -13.48 86.87 100.97
N GLY K 330 -13.69 85.58 101.23
CA GLY K 330 -14.78 84.88 100.59
C GLY K 330 -15.26 83.63 101.28
N LEU K 331 -15.78 82.71 100.49
CA LEU K 331 -16.42 81.50 100.98
C LEU K 331 -16.01 80.29 100.17
N VAL K 332 -15.55 79.27 100.86
CA VAL K 332 -15.25 77.97 100.28
C VAL K 332 -16.56 77.21 100.08
N LEU K 333 -16.67 76.47 98.97
CA LEU K 333 -17.94 75.81 98.71
C LEU K 333 -17.82 74.29 98.72
N ARG K 334 -16.95 73.73 97.88
CA ARG K 334 -16.84 72.28 97.79
C ARG K 334 -15.41 71.89 97.44
N SER K 335 -15.10 70.62 97.63
CA SER K 335 -13.72 70.17 97.55
C SER K 335 -13.65 68.99 96.59
N THR K 336 -12.47 68.39 96.52
CA THR K 336 -12.18 67.16 95.78
C THR K 336 -11.06 66.43 96.50
N PRO K 337 -10.97 65.13 96.33
CA PRO K 337 -9.81 64.41 96.84
C PRO K 337 -8.55 64.74 96.06
N VAL K 338 -7.41 64.33 96.63
CA VAL K 338 -6.11 64.73 96.14
C VAL K 338 -5.75 63.93 94.90
N ILE K 339 -5.33 64.62 93.85
CA ILE K 339 -4.75 63.96 92.70
C ILE K 339 -3.24 64.15 92.83
N PRO K 340 -2.38 63.34 92.22
CA PRO K 340 -0.95 63.47 92.50
C PRO K 340 -0.23 64.36 91.51
N ASP K 341 1.00 64.70 91.86
CA ASP K 341 1.85 65.59 91.07
C ASP K 341 3.05 64.84 90.51
N MET K 342 3.70 65.44 89.53
CA MET K 342 4.87 64.82 88.91
C MET K 342 6.13 65.53 89.38
N LYS K 343 6.70 65.04 90.48
CA LYS K 343 7.92 65.60 91.01
C LYS K 343 9.16 64.80 90.68
N VAL K 344 9.03 63.52 90.36
CA VAL K 344 10.17 62.70 89.96
C VAL K 344 9.64 61.60 89.07
N ALA K 345 10.43 61.19 88.09
CA ALA K 345 10.03 60.14 87.18
C ALA K 345 10.89 58.91 87.36
N PHE K 346 10.58 57.87 86.59
CA PHE K 346 11.33 56.63 86.65
C PHE K 346 11.35 56.05 85.24
N PHE K 347 12.39 55.32 84.91
CA PHE K 347 12.49 54.69 83.61
C PHE K 347 13.15 53.34 83.73
N LYS K 348 12.81 52.46 82.78
CA LYS K 348 13.49 51.19 82.59
C LYS K 348 13.15 50.68 81.21
N CYS K 349 14.17 50.39 80.40
CA CYS K 349 13.94 49.74 79.13
C CYS K 349 14.05 48.24 79.34
N ASN K 350 14.11 47.48 78.25
CA ASN K 350 14.25 46.04 78.36
C ASN K 350 15.73 45.65 78.22
N VAL K 351 16.51 46.12 79.19
CA VAL K 351 17.78 45.49 79.55
C VAL K 351 17.46 44.68 80.79
N CYS K 352 18.47 44.03 81.37
CA CYS K 352 18.27 43.29 82.59
C CYS K 352 17.89 44.17 83.77
N ASP K 353 18.48 45.36 83.89
CA ASP K 353 18.32 46.16 85.10
C ASP K 353 18.69 47.60 84.79
N HIS K 354 17.73 48.51 84.91
CA HIS K 354 18.01 49.91 84.73
C HIS K 354 17.04 50.74 85.55
N THR K 355 17.53 51.37 86.61
CA THR K 355 16.69 52.08 87.53
C THR K 355 17.02 53.57 87.57
N MET K 356 17.14 54.21 86.41
CA MET K 356 17.37 55.64 86.43
C MET K 356 16.11 56.38 86.88
N ALA K 357 16.32 57.61 87.34
CA ALA K 357 15.22 58.42 87.85
C ALA K 357 15.43 59.84 87.35
N VAL K 358 14.77 60.19 86.27
CA VAL K 358 14.94 61.49 85.65
C VAL K 358 14.04 62.49 86.34
N GLU K 359 14.58 63.68 86.57
CA GLU K 359 13.83 64.78 87.16
C GLU K 359 13.06 65.48 86.07
N ILE K 360 12.09 66.30 86.47
CA ILE K 360 11.35 67.04 85.45
C ILE K 360 11.49 68.53 85.70
N ASP K 361 10.88 68.99 86.80
CA ASP K 361 10.88 70.40 87.26
C ASP K 361 10.45 71.36 86.15
N ARG K 362 9.54 70.93 85.30
CA ARG K 362 9.13 71.73 84.16
C ARG K 362 7.70 71.39 83.76
N GLY K 363 7.36 71.68 82.51
CA GLY K 363 6.17 71.12 81.92
C GLY K 363 6.54 70.06 80.90
N VAL K 364 7.80 69.67 80.88
CA VAL K 364 8.38 68.84 79.84
C VAL K 364 9.16 67.70 80.47
N ILE K 365 8.68 66.47 80.29
CA ILE K 365 9.46 65.28 80.61
C ILE K 365 10.40 65.02 79.45
N GLN K 366 11.69 64.88 79.73
CA GLN K 366 12.67 64.58 78.69
C GLN K 366 13.10 63.12 78.77
N GLU K 367 13.28 62.51 77.61
CA GLU K 367 13.48 61.09 77.43
C GLU K 367 14.78 60.82 76.67
N PRO K 368 15.39 59.66 76.86
CA PRO K 368 16.50 59.27 75.99
C PRO K 368 16.00 58.46 74.80
N ALA K 369 16.88 58.32 73.82
CA ALA K 369 16.60 57.50 72.64
C ALA K 369 17.74 56.53 72.36
N ARG K 370 18.60 56.30 73.33
CA ARG K 370 19.72 55.38 73.23
C ARG K 370 19.69 54.48 74.44
N CYS K 371 20.25 53.29 74.30
CA CYS K 371 20.26 52.39 75.43
C CYS K 371 21.31 52.81 76.46
N GLU K 372 21.45 51.95 77.47
CA GLU K 372 22.20 52.24 78.67
C GLU K 372 22.64 50.92 79.26
N ARG K 373 23.47 50.99 80.31
CA ARG K 373 23.86 49.85 81.15
C ARG K 373 24.63 48.78 80.38
N ILE K 374 25.08 49.13 79.18
CA ILE K 374 25.88 48.28 78.32
C ILE K 374 26.65 49.24 77.42
N ASP K 375 27.62 48.71 76.68
CA ASP K 375 28.31 49.53 75.70
C ASP K 375 27.75 49.38 74.29
N CYS K 376 26.99 48.33 74.01
CA CYS K 376 26.47 48.12 72.66
C CYS K 376 25.06 47.55 72.77
N ASN K 377 24.09 48.47 72.81
CA ASN K 377 22.68 48.12 72.70
C ASN K 377 21.97 49.30 72.03
N GLU K 378 21.02 48.97 71.19
CA GLU K 378 20.46 49.87 70.19
C GLU K 378 19.49 50.85 70.81
N PRO K 379 18.83 51.67 69.98
CA PRO K 379 17.73 52.47 70.50
C PRO K 379 16.57 51.56 70.88
N ASN K 380 16.41 51.33 72.18
CA ASN K 380 15.48 50.32 72.65
C ASN K 380 14.18 50.95 73.11
N SER K 381 13.20 50.10 73.35
CA SER K 381 11.91 50.54 73.86
C SER K 381 12.03 50.89 75.33
N MET K 382 11.96 52.17 75.65
CA MET K 382 11.98 52.64 77.02
C MET K 382 10.55 52.63 77.55
N SER K 383 10.33 51.92 78.64
CA SER K 383 9.01 51.84 79.24
C SER K 383 8.91 52.80 80.42
N LEU K 384 7.67 53.06 80.86
CA LEU K 384 7.39 54.09 81.86
C LEU K 384 6.77 53.38 83.05
N ILE K 385 7.60 52.91 83.98
CA ILE K 385 7.09 52.22 85.14
C ILE K 385 6.60 53.31 86.08
N HIS K 386 5.34 53.67 85.95
CA HIS K 386 4.76 54.81 86.63
C HIS K 386 4.66 54.67 88.13
N ASN K 387 4.26 53.52 88.63
CA ASN K 387 3.96 53.40 90.05
C ASN K 387 5.18 53.06 90.88
N ARG K 388 6.28 53.76 90.65
CA ARG K 388 7.46 53.53 91.44
C ARG K 388 8.01 54.84 91.95
N CYS K 389 7.93 55.89 91.13
CA CYS K 389 8.46 57.19 91.53
C CYS K 389 7.44 57.92 92.40
N SER K 390 7.93 58.62 93.41
CA SER K 390 7.04 59.15 94.43
C SER K 390 6.37 60.43 93.97
N PHE K 391 5.18 60.66 94.50
CA PHE K 391 4.40 61.87 94.24
C PHE K 391 3.92 62.46 95.56
N ALA K 392 3.78 63.79 95.58
CA ALA K 392 3.22 64.49 96.72
C ALA K 392 1.73 64.73 96.51
N ASP K 393 1.16 65.61 97.30
CA ASP K 393 -0.26 65.90 97.23
C ASP K 393 -0.50 67.15 96.40
N LYS K 394 -1.77 67.40 96.10
CA LYS K 394 -2.25 68.63 95.49
C LYS K 394 -3.77 68.60 95.59
N GLN K 395 -4.39 69.75 95.78
CA GLN K 395 -5.84 69.77 95.88
C GLN K 395 -6.38 71.08 95.33
N VAL K 396 -7.45 70.98 94.55
CA VAL K 396 -8.14 72.14 94.00
C VAL K 396 -9.45 72.33 94.75
N ILE K 397 -9.72 73.58 95.13
CA ILE K 397 -10.84 73.93 95.97
C ILE K 397 -11.57 75.10 95.32
N LYS K 398 -12.89 74.99 95.17
CA LYS K 398 -13.68 76.03 94.55
C LYS K 398 -14.12 77.06 95.58
N LEU K 399 -14.01 78.34 95.23
CA LEU K 399 -14.41 79.44 96.09
C LEU K 399 -15.45 80.30 95.38
N GLN K 400 -16.32 80.92 96.16
CA GLN K 400 -17.18 82.01 95.71
C GLN K 400 -17.09 83.11 96.77
N GLU K 401 -16.95 84.35 96.32
CA GLU K 401 -16.82 85.47 97.25
C GLU K 401 -18.08 85.63 98.09
N THR K 402 -17.87 86.04 99.33
CA THR K 402 -18.99 86.41 100.18
C THR K 402 -19.61 87.69 99.66
N PRO K 403 -20.92 87.73 99.46
CA PRO K 403 -21.54 88.92 98.86
C PRO K 403 -21.49 90.15 99.76
N ASP K 404 -20.34 90.78 99.85
CA ASP K 404 -20.15 91.87 100.78
C ASP K 404 -20.37 93.22 100.10
N PHE K 405 -21.33 93.97 100.67
CA PHE K 405 -21.95 95.20 100.14
C PHE K 405 -22.14 95.16 98.63
N VAL K 406 -22.67 94.05 98.16
CA VAL K 406 -23.00 93.94 96.73
C VAL K 406 -24.22 94.81 96.43
N PRO K 407 -24.27 95.51 95.30
CA PRO K 407 -25.31 96.52 95.10
C PRO K 407 -26.63 95.94 94.59
N ASP K 408 -27.08 94.86 95.23
CA ASP K 408 -28.40 94.21 95.06
C ASP K 408 -28.76 93.85 93.61
N GLY K 409 -27.74 93.77 92.77
CA GLY K 409 -27.97 93.30 91.41
C GLY K 409 -26.98 92.26 90.93
N GLN K 410 -25.82 92.21 91.58
CA GLN K 410 -24.73 91.39 91.05
C GLN K 410 -24.69 90.05 91.76
N THR K 411 -24.44 89.00 90.97
CA THR K 411 -24.33 87.65 91.47
C THR K 411 -22.89 87.38 91.91
N PRO K 412 -22.68 86.79 93.09
CA PRO K 412 -21.32 86.48 93.50
C PRO K 412 -20.73 85.33 92.68
N HIS K 413 -19.62 85.63 92.00
CA HIS K 413 -19.02 84.66 91.08
C HIS K 413 -17.94 83.83 91.73
N SER K 414 -17.15 83.13 90.92
CA SER K 414 -16.34 82.04 91.43
C SER K 414 -14.88 82.25 91.10
N ILE K 415 -14.04 81.54 91.84
CA ILE K 415 -12.61 81.41 91.57
C ILE K 415 -12.15 80.15 92.29
N SER K 416 -11.00 79.63 91.89
CA SER K 416 -10.55 78.35 92.39
C SER K 416 -9.27 78.50 93.20
N LEU K 417 -8.91 77.43 93.88
CA LEU K 417 -7.72 77.38 94.72
C LEU K 417 -6.84 76.21 94.31
N CYS K 418 -5.56 76.29 94.69
CA CYS K 418 -4.62 75.19 94.53
C CYS K 418 -3.67 75.20 95.71
N VAL K 419 -3.60 74.12 96.46
CA VAL K 419 -2.71 74.03 97.60
C VAL K 419 -1.63 73.01 97.28
N TYR K 420 -0.49 73.11 97.93
CA TYR K 420 0.57 72.13 97.71
C TYR K 420 0.97 71.42 98.99
N ASP K 421 1.18 72.16 100.05
CA ASP K 421 1.70 71.58 101.29
C ASP K 421 0.61 70.91 102.11
N GLU K 422 0.89 70.71 103.38
CA GLU K 422 -0.02 70.09 104.34
C GLU K 422 -1.01 71.10 104.92
N LEU K 423 -1.58 71.94 104.06
CA LEU K 423 -2.75 72.71 104.40
C LEU K 423 -3.99 72.03 103.88
N VAL K 424 -3.85 70.81 103.37
CA VAL K 424 -4.96 69.97 103.01
C VAL K 424 -5.69 69.53 104.28
N ASP K 425 -6.93 69.05 104.12
CA ASP K 425 -7.85 68.59 105.15
C ASP K 425 -7.99 69.51 106.36
N SER K 426 -7.76 70.81 106.18
CA SER K 426 -7.92 71.77 107.24
C SER K 426 -8.79 72.90 106.70
N CYS K 427 -8.85 72.97 105.38
CA CYS K 427 -9.76 73.88 104.70
C CYS K 427 -11.01 73.11 104.30
N ARG K 428 -11.79 72.74 105.30
CA ARG K 428 -13.04 72.07 105.00
C ARG K 428 -14.04 73.06 104.43
N ALA K 429 -14.92 72.55 103.59
CA ALA K 429 -15.83 73.39 102.82
C ALA K 429 -17.01 73.81 103.68
N GLY K 430 -17.27 75.11 103.74
CA GLY K 430 -18.41 75.63 104.46
C GLY K 430 -18.12 76.68 105.51
N ASP K 431 -16.95 77.29 105.47
CA ASP K 431 -16.60 78.27 106.48
C ASP K 431 -16.13 79.54 105.80
N ARG K 432 -16.18 80.64 106.55
CA ARG K 432 -15.64 81.90 106.09
C ARG K 432 -14.13 81.79 105.93
N ILE K 433 -13.60 82.52 104.95
CA ILE K 433 -12.19 82.37 104.61
C ILE K 433 -11.57 83.73 104.31
N GLU K 434 -10.26 83.81 104.57
CA GLU K 434 -9.40 84.92 104.24
C GLU K 434 -8.07 84.29 103.80
N VAL K 435 -7.84 84.32 102.50
CA VAL K 435 -6.68 83.63 101.97
C VAL K 435 -5.61 84.66 101.64
N THR K 436 -4.35 84.20 101.63
CA THR K 436 -3.17 85.01 101.36
C THR K 436 -2.42 84.32 100.23
N GLY K 437 -2.62 84.76 99.01
CA GLY K 437 -2.05 84.01 97.92
C GLY K 437 -1.45 84.81 96.79
N THR K 438 -0.69 84.13 95.95
CA THR K 438 -0.11 84.72 94.76
C THR K 438 -1.06 84.55 93.58
N PHE K 439 -0.57 84.83 92.39
CA PHE K 439 -1.38 84.86 91.19
C PHE K 439 -0.71 84.05 90.10
N ARG K 440 -1.51 83.42 89.26
CA ARG K 440 -1.00 82.61 88.18
C ARG K 440 -2.11 82.36 87.17
N SER K 441 -1.72 82.22 85.91
CA SER K 441 -2.67 81.92 84.83
C SER K 441 -2.09 80.82 83.97
N ILE K 442 -2.96 80.00 83.39
CA ILE K 442 -2.53 78.84 82.63
C ILE K 442 -3.23 78.80 81.28
N PRO K 443 -2.67 78.13 80.28
CA PRO K 443 -3.40 77.94 79.02
C PRO K 443 -4.28 76.70 79.04
N ILE K 444 -5.23 76.66 78.11
CA ILE K 444 -6.12 75.52 77.98
C ILE K 444 -6.07 75.00 76.54
N ARG K 445 -6.28 73.69 76.42
CA ARG K 445 -6.38 73.04 75.12
C ARG K 445 -7.80 73.24 74.59
N ALA K 446 -7.91 73.85 73.42
CA ALA K 446 -9.24 74.14 72.88
C ALA K 446 -9.95 72.87 72.41
N ASN K 447 -9.36 72.18 71.44
CA ASN K 447 -9.82 70.84 71.10
C ASN K 447 -9.27 69.87 72.13
N SER K 448 -10.09 68.91 72.51
CA SER K 448 -9.73 67.95 73.54
C SER K 448 -8.63 66.99 73.10
N ARG K 449 -8.41 66.86 71.80
CA ARG K 449 -7.43 65.91 71.28
C ARG K 449 -6.35 66.56 70.44
N GLN K 450 -6.27 67.89 70.42
CA GLN K 450 -5.15 68.59 69.80
C GLN K 450 -4.39 69.35 70.86
N ARG K 451 -3.20 69.83 70.50
CA ARG K 451 -2.45 70.73 71.37
C ARG K 451 -2.73 72.19 71.05
N VAL K 452 -3.66 72.46 70.14
CA VAL K 452 -4.04 73.84 69.85
C VAL K 452 -4.79 74.44 71.04
N LEU K 453 -4.75 75.78 71.13
CA LEU K 453 -5.24 76.46 72.32
C LEU K 453 -6.41 77.39 72.05
N SER K 455 -8.79 81.27 73.28
CA SER K 455 -7.59 81.53 74.06
C SER K 455 -7.89 82.51 75.17
N LEU K 456 -9.17 82.60 75.53
CA LEU K 456 -9.54 83.22 76.79
C LEU K 456 -8.97 82.34 77.89
N TYR K 457 -7.90 82.79 78.54
CA TYR K 457 -7.22 81.99 79.54
C TYR K 457 -8.06 81.79 80.79
N LYS K 458 -7.66 80.82 81.60
CA LYS K 458 -8.22 80.64 82.93
C LYS K 458 -7.11 80.94 83.92
N THR K 459 -7.43 81.70 84.96
CA THR K 459 -6.51 81.93 86.05
C THR K 459 -6.95 81.19 87.29
N TYR K 460 -6.10 81.26 88.30
CA TYR K 460 -6.41 80.80 89.64
C TYR K 460 -5.48 81.53 90.59
N VAL K 461 -5.44 81.07 91.82
CA VAL K 461 -4.48 81.57 92.80
C VAL K 461 -3.78 80.40 93.42
N ASP K 462 -2.60 80.65 93.96
CA ASP K 462 -1.82 79.62 94.65
C ASP K 462 -1.61 80.10 96.08
N VAL K 463 -2.17 79.35 97.03
CA VAL K 463 -2.14 79.77 98.43
C VAL K 463 -0.76 79.52 99.01
N VAL K 464 -0.26 80.47 99.77
CA VAL K 464 0.89 80.28 100.63
C VAL K 464 0.47 80.08 102.07
N HIS K 465 -0.61 80.74 102.49
CA HIS K 465 -1.10 80.63 103.87
C HIS K 465 -2.57 80.99 103.86
N VAL K 466 -3.37 80.24 104.58
CA VAL K 466 -4.80 80.50 104.62
C VAL K 466 -5.15 80.95 106.03
N LYS K 467 -6.33 81.54 106.19
CA LYS K 467 -6.87 81.86 107.50
C LYS K 467 -8.39 81.86 107.42
N LYS K 468 -9.03 81.30 108.45
CA LYS K 468 -10.48 81.25 108.50
C LYS K 468 -11.07 82.63 108.70
N VAL K 469 -10.70 83.28 109.80
CA VAL K 469 -11.19 84.62 110.11
C VAL K 469 -12.33 84.57 111.12
N SER K 470 -13.42 83.90 110.76
CA SER K 470 -14.58 83.77 111.63
C SER K 470 -15.27 85.12 111.83
N VAL K 498 -10.93 65.52 123.32
CA VAL K 498 -9.88 65.65 124.30
C VAL K 498 -9.36 67.08 124.33
N ARG K 499 -9.93 67.90 125.20
CA ARG K 499 -9.40 69.22 125.45
C ARG K 499 -8.08 69.10 126.21
N GLN K 500 -7.20 70.07 126.03
CA GLN K 500 -5.97 70.13 126.82
C GLN K 500 -6.34 70.48 128.25
N ILE K 501 -6.54 69.46 129.07
CA ILE K 501 -7.00 69.66 130.43
C ILE K 501 -5.81 70.11 131.26
N THR K 502 -5.90 71.32 131.82
CA THR K 502 -4.85 71.87 132.66
C THR K 502 -5.11 71.44 134.09
N ASP K 503 -4.47 72.08 135.06
CA ASP K 503 -4.72 71.78 136.46
C ASP K 503 -5.37 72.92 137.24
N GLN K 504 -5.21 74.17 136.80
CA GLN K 504 -5.83 75.27 137.52
C GLN K 504 -7.34 75.30 137.34
N ASP K 505 -7.85 74.78 136.23
CA ASP K 505 -9.28 74.56 136.06
C ASP K 505 -9.81 73.53 137.04
N LEU K 506 -9.11 72.41 137.21
CA LEU K 506 -9.55 71.36 138.13
C LEU K 506 -9.53 71.85 139.57
N ALA K 507 -8.56 72.67 139.93
CA ALA K 507 -8.56 73.29 141.24
C ALA K 507 -9.65 74.35 141.35
N LYS K 508 -9.98 75.03 140.26
CA LYS K 508 -11.02 76.04 140.33
C LYS K 508 -12.40 75.40 140.39
N ILE K 509 -12.61 74.31 139.64
CA ILE K 509 -13.92 73.67 139.69
C ILE K 509 -14.13 72.93 141.00
N ARG K 510 -13.06 72.49 141.67
CA ARG K 510 -13.23 71.70 142.88
C ARG K 510 -13.68 72.53 144.05
N GLU K 511 -13.20 73.77 144.14
CA GLU K 511 -13.81 74.71 145.07
C GLU K 511 -15.26 74.99 144.69
N VAL K 512 -15.53 75.12 143.40
CA VAL K 512 -16.91 75.23 142.94
C VAL K 512 -17.65 73.93 143.24
N ALA K 513 -16.98 72.79 143.09
CA ALA K 513 -17.56 71.53 143.54
C ALA K 513 -17.61 71.44 145.06
N ALA K 514 -16.81 72.22 145.77
CA ALA K 514 -16.93 72.27 147.22
C ALA K 514 -18.06 73.18 147.67
N ARG K 515 -18.56 74.05 146.81
CA ARG K 515 -19.60 74.98 147.21
C ARG K 515 -20.94 74.28 147.28
N GLU K 516 -21.65 74.51 148.38
CA GLU K 516 -23.03 74.05 148.56
C GLU K 516 -23.98 74.68 147.55
N ASP K 517 -23.67 75.87 147.08
CA ASP K 517 -24.58 76.71 146.32
C ASP K 517 -24.66 76.33 144.84
N LEU K 518 -23.91 75.30 144.42
CA LEU K 518 -23.83 74.90 143.02
C LEU K 518 -25.17 74.44 142.47
N TYR K 519 -26.01 73.89 143.34
CA TYR K 519 -27.43 73.70 143.07
C TYR K 519 -28.08 74.97 142.56
N SER K 520 -27.90 76.08 143.26
CA SER K 520 -28.49 77.36 142.88
C SER K 520 -27.56 78.23 142.07
N LEU K 521 -26.24 78.06 142.20
CA LEU K 521 -25.31 78.82 141.38
C LEU K 521 -25.40 78.40 139.92
N LEU K 522 -25.62 77.11 139.67
CA LEU K 522 -25.90 76.70 138.30
C LEU K 522 -27.33 77.00 137.92
N ALA K 523 -28.22 77.15 138.89
CA ALA K 523 -29.59 77.54 138.58
C ALA K 523 -29.65 79.00 138.11
N ARG K 524 -28.85 79.87 138.69
CA ARG K 524 -28.87 81.26 138.27
C ARG K 524 -28.03 81.51 137.04
N SER K 525 -27.03 80.67 136.76
CA SER K 525 -26.07 80.99 135.71
C SER K 525 -26.57 80.63 134.32
N ILE K 526 -27.57 79.76 134.20
CA ILE K 526 -28.12 79.44 132.89
C ILE K 526 -29.05 80.54 132.39
N ALA K 527 -29.42 81.49 133.25
CA ALA K 527 -30.40 82.52 132.88
C ALA K 527 -29.77 83.88 133.08
N PRO K 528 -29.15 84.41 132.05
CA PRO K 528 -28.62 85.77 132.15
C PRO K 528 -29.70 86.81 131.89
N SER K 529 -30.77 86.39 131.22
CA SER K 529 -31.89 87.27 130.93
C SER K 529 -33.24 86.65 131.21
N ILE K 530 -33.31 85.33 131.33
CA ILE K 530 -34.60 84.63 131.36
C ILE K 530 -35.24 84.86 132.72
N TYR K 531 -36.58 84.93 132.73
CA TYR K 531 -37.39 84.89 133.94
C TYR K 531 -37.19 83.61 134.74
N GLU K 532 -37.71 83.57 135.96
CA GLU K 532 -37.20 82.67 137.00
C GLU K 532 -37.38 81.18 136.71
N LEU K 533 -38.62 80.68 136.85
CA LEU K 533 -39.09 79.35 136.43
C LEU K 533 -38.10 78.22 136.76
N GLU K 534 -37.86 78.05 138.07
CA GLU K 534 -36.78 77.19 138.55
C GLU K 534 -36.93 75.73 138.17
N ASP K 535 -38.17 75.29 137.97
CA ASP K 535 -38.45 73.86 137.79
C ASP K 535 -37.92 73.35 136.46
N VAL K 536 -38.06 74.13 135.40
CA VAL K 536 -37.51 73.74 134.11
C VAL K 536 -36.00 73.87 134.07
N LYS K 537 -35.41 74.62 134.99
CA LYS K 537 -33.96 74.73 135.03
C LYS K 537 -33.33 73.45 135.54
N LYS K 538 -34.07 72.67 136.32
CA LYS K 538 -33.54 71.39 136.77
C LYS K 538 -33.44 70.39 135.63
N GLY K 539 -34.48 70.28 134.82
CA GLY K 539 -34.47 69.29 133.75
C GLY K 539 -33.50 69.61 132.65
N ILE K 540 -33.41 70.89 132.27
CA ILE K 540 -32.53 71.31 131.17
C ILE K 540 -31.08 71.09 131.55
N LEU K 541 -30.73 71.45 132.78
CA LEU K 541 -29.37 71.22 133.27
C LEU K 541 -29.07 69.73 133.38
N LEU K 542 -29.99 68.97 133.94
CA LEU K 542 -29.74 67.54 134.13
C LEU K 542 -29.75 66.77 132.83
N GLN K 543 -30.40 67.29 131.79
CA GLN K 543 -30.41 66.59 130.52
C GLN K 543 -29.04 66.64 129.87
N LEU K 544 -28.40 67.81 129.91
CA LEU K 544 -27.04 67.92 129.40
C LEU K 544 -26.07 67.14 130.28
N PHE K 545 -26.36 67.06 131.57
CA PHE K 545 -25.59 66.23 132.48
C PHE K 545 -26.17 64.81 132.45
N GLY K 546 -26.03 64.17 131.30
CA GLY K 546 -26.88 63.06 130.95
C GLY K 546 -26.48 61.65 131.35
N GLY K 547 -26.02 61.46 132.58
CA GLY K 547 -25.66 60.15 133.07
C GLY K 547 -24.49 59.55 132.33
N THR K 548 -24.48 58.22 132.15
CA THR K 548 -23.51 57.57 131.28
C THR K 548 -24.16 56.31 130.71
N ASN K 549 -23.39 55.52 129.99
CA ASN K 549 -23.89 54.30 129.35
C ASN K 549 -23.49 53.12 130.23
N LYS K 550 -24.31 52.85 131.24
CA LYS K 550 -24.06 51.75 132.18
C LYS K 550 -24.54 50.46 131.54
N THR K 551 -23.70 49.92 130.67
CA THR K 551 -24.02 48.72 129.91
C THR K 551 -23.29 47.54 130.53
N PHE K 552 -24.00 46.44 130.70
CA PHE K 552 -23.42 45.22 131.24
C PHE K 552 -22.71 44.46 130.11
N THR K 553 -22.07 43.35 130.45
CA THR K 553 -21.49 42.48 129.43
C THR K 553 -22.52 41.57 128.78
N LYS K 554 -23.31 40.86 129.59
CA LYS K 554 -24.38 40.01 129.09
C LYS K 554 -25.69 40.52 129.70
N GLY K 555 -26.65 40.87 128.85
CA GLY K 555 -27.94 41.33 129.31
C GLY K 555 -27.94 42.81 129.62
N GLY K 556 -29.16 43.36 129.61
CA GLY K 556 -29.34 44.75 129.99
C GLY K 556 -29.33 45.73 128.83
N ARG K 557 -28.15 46.30 128.60
CA ARG K 557 -27.90 47.37 127.62
C ARG K 557 -28.78 48.59 127.91
N TYR K 558 -28.55 49.17 129.09
CA TYR K 558 -29.32 50.31 129.57
C TYR K 558 -28.44 51.55 129.48
N ARG K 559 -29.00 52.60 128.91
CA ARG K 559 -28.35 53.88 128.87
C ARG K 559 -29.12 54.87 129.74
N GLY K 560 -28.40 55.82 130.31
CA GLY K 560 -28.98 56.70 131.30
C GLY K 560 -29.63 57.93 130.72
N ASP K 561 -29.94 57.89 129.43
CA ASP K 561 -30.48 59.03 128.72
C ASP K 561 -31.94 59.25 129.08
N ILE K 562 -32.34 60.52 129.08
CA ILE K 562 -33.69 60.91 129.44
C ILE K 562 -34.24 61.77 128.31
N ASN K 563 -35.48 62.21 128.47
CA ASN K 563 -36.15 62.98 127.43
C ASN K 563 -37.22 63.87 128.06
N ILE K 564 -36.85 65.11 128.31
CA ILE K 564 -37.78 66.06 128.88
C ILE K 564 -38.55 66.74 127.75
N LEU K 565 -39.67 67.37 128.09
CA LEU K 565 -40.42 68.13 127.11
C LEU K 565 -41.07 69.33 127.77
N LEU K 566 -41.39 70.32 126.96
CA LEU K 566 -42.20 71.43 127.41
C LEU K 566 -43.33 71.62 126.43
N CYS K 567 -44.47 72.06 126.94
CA CYS K 567 -45.60 72.44 126.11
C CYS K 567 -46.47 73.40 126.91
N GLY K 568 -47.30 74.13 126.21
CA GLY K 568 -48.21 75.06 126.87
C GLY K 568 -48.31 76.41 126.20
N ASP K 569 -48.11 77.47 126.98
CA ASP K 569 -48.26 78.86 126.58
C ASP K 569 -47.25 79.19 125.49
N PRO K 570 -47.72 79.78 124.39
CA PRO K 570 -46.81 80.22 123.34
C PRO K 570 -46.00 81.43 123.83
N SER K 571 -44.88 81.68 123.14
CA SER K 571 -44.05 82.87 123.33
C SER K 571 -43.49 82.98 124.75
N THR K 572 -42.86 81.92 125.24
CA THR K 572 -42.19 82.03 126.52
C THR K 572 -40.70 81.85 126.33
N SER K 573 -40.15 82.49 125.29
CA SER K 573 -38.77 82.31 124.83
C SER K 573 -38.46 80.84 124.59
N LYS K 574 -39.42 80.15 123.97
CA LYS K 574 -39.34 78.74 123.67
C LYS K 574 -38.13 78.39 122.82
N SER K 575 -37.79 79.26 121.87
CA SER K 575 -36.67 78.98 120.99
C SER K 575 -35.34 79.47 121.58
N GLN K 576 -35.34 80.64 122.21
CA GLN K 576 -34.09 81.21 122.70
C GLN K 576 -33.52 80.41 123.86
N ILE K 577 -34.38 79.81 124.67
CA ILE K 577 -33.93 78.83 125.66
C ILE K 577 -33.28 77.65 124.96
N LEU K 578 -33.91 77.17 123.90
CA LEU K 578 -33.32 76.10 123.10
C LEU K 578 -32.08 76.60 122.37
N GLN K 579 -32.10 77.85 121.92
CA GLN K 579 -30.91 78.45 121.33
C GLN K 579 -29.79 78.57 122.35
N TYR K 580 -30.16 78.83 123.60
CA TYR K 580 -29.16 78.90 124.66
C TYR K 580 -28.53 77.54 124.92
N VAL K 581 -29.32 76.47 124.77
CA VAL K 581 -28.78 75.12 124.90
C VAL K 581 -27.84 74.80 123.74
N HIS K 582 -28.20 75.26 122.54
CA HIS K 582 -27.33 75.08 121.39
C HIS K 582 -26.04 75.89 121.54
N LYS K 583 -26.10 76.98 122.29
CA LYS K 583 -24.90 77.77 122.55
C LYS K 583 -23.90 77.00 123.40
N ILE K 584 -24.40 76.33 124.45
CA ILE K 584 -23.49 75.68 125.38
C ILE K 584 -23.09 74.28 124.97
N THR K 585 -23.59 73.80 123.86
CA THR K 585 -23.14 72.49 123.41
C THR K 585 -22.23 72.65 122.20
N PRO K 586 -21.02 72.10 122.23
CA PRO K 586 -20.12 72.28 121.07
C PRO K 586 -20.51 71.44 119.88
N ARG K 587 -21.14 70.29 120.09
CA ARG K 587 -21.49 69.37 119.01
C ARG K 587 -22.93 68.91 119.22
N GLY K 588 -23.85 69.47 118.43
CA GLY K 588 -25.25 69.13 118.50
C GLY K 588 -25.88 69.40 117.15
N VAL K 589 -27.21 69.36 117.12
CA VAL K 589 -27.96 69.57 115.88
C VAL K 589 -29.09 70.54 116.13
N TYR K 590 -29.51 71.22 115.06
CA TYR K 590 -30.63 72.15 115.07
C TYR K 590 -31.70 71.69 114.09
N THR K 591 -32.96 71.65 114.55
CA THR K 591 -34.02 71.17 113.69
C THR K 591 -34.41 72.25 112.68
N SER K 592 -35.22 71.87 111.72
CA SER K 592 -35.62 72.77 110.65
C SER K 592 -37.14 72.89 110.60
N GLY K 593 -37.60 73.96 109.95
CA GLY K 593 -38.99 74.06 109.61
C GLY K 593 -39.26 73.41 108.27
N LYS K 594 -39.66 72.13 108.33
CA LYS K 594 -40.00 71.30 107.18
C LYS K 594 -38.89 71.27 106.13
N GLY K 595 -37.66 71.12 106.60
CA GLY K 595 -36.55 70.89 105.71
C GLY K 595 -36.18 69.42 105.73
N SER K 596 -36.99 68.62 106.43
CA SER K 596 -36.78 67.19 106.53
C SER K 596 -38.14 66.52 106.58
N SER K 597 -38.15 65.21 106.29
CA SER K 597 -39.37 64.44 106.17
C SER K 597 -39.11 62.98 106.55
N ALA K 598 -39.96 62.07 106.09
CA ALA K 598 -39.73 60.65 106.29
C ALA K 598 -38.51 60.14 105.52
N VAL K 599 -38.24 60.69 104.34
CA VAL K 599 -37.10 60.26 103.54
C VAL K 599 -35.98 61.30 103.52
N GLY K 600 -36.25 62.54 103.90
CA GLY K 600 -35.22 63.57 103.85
C GLY K 600 -34.33 63.60 105.07
N LEU K 601 -34.45 62.62 105.95
CA LEU K 601 -33.58 62.54 107.12
C LEU K 601 -32.36 61.69 106.85
N THR K 602 -32.55 60.43 106.47
CA THR K 602 -31.45 59.55 106.10
C THR K 602 -31.91 58.80 104.86
N ALA K 603 -31.18 57.74 104.49
CA ALA K 603 -31.53 56.80 103.43
C ALA K 603 -31.61 57.51 102.08
N TYR K 604 -30.43 57.89 101.60
CA TYR K 604 -30.36 58.80 100.47
C TYR K 604 -29.93 58.08 99.20
N ILE K 605 -30.53 58.54 98.10
CA ILE K 605 -30.23 58.06 96.75
C ILE K 605 -29.88 59.28 95.88
N THR K 606 -29.46 60.37 96.53
CA THR K 606 -29.19 61.61 95.84
C THR K 606 -28.09 61.56 94.80
N ARG K 607 -28.33 62.26 93.70
CA ARG K 607 -27.41 62.36 92.59
C ARG K 607 -26.50 63.57 92.73
N ASP K 608 -25.29 63.33 93.22
CA ASP K 608 -24.31 64.38 93.42
C ASP K 608 -23.83 64.91 92.09
N VAL K 609 -23.34 66.15 92.09
CA VAL K 609 -23.01 66.84 90.85
C VAL K 609 -21.58 66.55 90.42
N ASP K 610 -20.91 65.63 91.12
CA ASP K 610 -19.54 65.29 90.81
C ASP K 610 -19.41 63.95 90.11
N THR K 611 -20.21 62.93 90.48
CA THR K 611 -20.13 61.64 89.82
C THR K 611 -21.47 60.97 89.53
N LYS K 612 -22.60 61.58 89.93
CA LYS K 612 -23.96 61.05 89.72
C LYS K 612 -24.12 59.64 90.31
N GLN K 613 -23.54 59.40 91.47
CA GLN K 613 -23.58 58.09 92.09
C GLN K 613 -24.21 58.18 93.47
N LEU K 614 -24.14 57.08 94.19
CA LEU K 614 -24.83 56.95 95.46
C LEU K 614 -24.04 57.62 96.57
N VAL K 615 -24.76 58.22 97.52
CA VAL K 615 -24.16 58.74 98.74
C VAL K 615 -25.15 58.59 99.89
N LEU K 616 -24.73 57.92 100.94
CA LEU K 616 -25.54 57.76 102.13
C LEU K 616 -25.10 58.79 103.13
N GLU K 617 -25.85 59.86 103.26
CA GLU K 617 -25.56 60.84 104.29
C GLU K 617 -26.41 60.52 105.51
N SER K 618 -25.82 60.70 106.67
CA SER K 618 -26.47 60.32 107.92
C SER K 618 -27.62 61.27 108.21
N GLY K 619 -28.46 60.87 109.15
CA GLY K 619 -29.50 61.73 109.65
C GLY K 619 -28.97 62.66 110.71
N ALA K 620 -29.74 63.71 111.00
CA ALA K 620 -29.38 64.64 112.06
C ALA K 620 -29.41 63.96 113.43
N LEU K 621 -30.22 62.91 113.58
CA LEU K 621 -30.28 62.17 114.83
C LEU K 621 -28.99 61.43 115.14
N VAL K 622 -28.46 60.68 114.18
CA VAL K 622 -27.17 60.03 114.40
C VAL K 622 -26.06 61.07 114.41
N LEU K 623 -26.27 62.22 113.77
CA LEU K 623 -25.26 63.26 113.70
C LEU K 623 -24.96 63.89 115.05
N SER K 624 -25.88 63.78 116.00
CA SER K 624 -25.69 64.35 117.33
C SER K 624 -25.17 63.30 118.30
N ASP K 625 -24.32 62.43 117.80
CA ASP K 625 -23.65 61.43 118.63
C ASP K 625 -22.63 62.15 119.52
N GLY K 626 -23.09 62.60 120.68
CA GLY K 626 -22.24 63.42 121.52
C GLY K 626 -22.85 64.77 121.79
N GLY K 627 -24.18 64.82 121.85
CA GLY K 627 -24.88 66.05 122.15
C GLY K 627 -26.33 65.86 122.53
N VAL K 628 -27.15 66.90 122.33
CA VAL K 628 -28.58 66.83 122.58
C VAL K 628 -29.27 67.27 121.29
N CYS K 629 -30.15 66.42 120.77
CA CYS K 629 -30.94 66.77 119.60
C CYS K 629 -32.03 67.76 120.01
N CYS K 630 -32.01 68.95 119.42
CA CYS K 630 -33.09 69.89 119.65
C CYS K 630 -34.07 69.81 118.48
N ILE K 631 -35.34 69.60 118.81
CA ILE K 631 -36.37 69.32 117.82
C ILE K 631 -37.68 69.95 118.26
N ASP K 632 -38.45 70.42 117.28
CA ASP K 632 -39.66 71.20 117.53
C ASP K 632 -40.79 70.77 116.61
N GLU K 633 -41.82 71.63 116.53
CA GLU K 633 -43.05 71.52 115.76
C GLU K 633 -43.65 70.12 115.75
N PHE K 634 -43.87 69.56 116.93
CA PHE K 634 -44.30 68.17 117.01
C PHE K 634 -45.79 67.97 116.91
N ASP K 635 -46.58 69.00 117.15
CA ASP K 635 -48.00 68.88 116.83
C ASP K 635 -48.25 69.08 115.35
N LYS K 636 -47.28 69.61 114.62
CA LYS K 636 -47.42 69.88 113.19
C LYS K 636 -46.52 68.99 112.34
N MET K 637 -45.81 68.05 112.94
CA MET K 637 -45.02 67.10 112.18
C MET K 637 -45.93 66.02 111.60
N SER K 638 -45.64 65.64 110.35
CA SER K 638 -46.53 64.73 109.63
C SER K 638 -46.38 63.30 110.13
N ASP K 639 -47.36 62.47 109.80
CA ASP K 639 -47.40 61.11 110.32
C ASP K 639 -46.83 60.09 109.36
N SER K 640 -46.43 60.50 108.16
CA SER K 640 -45.51 59.69 107.38
C SER K 640 -44.16 59.61 108.07
N THR K 641 -43.68 60.73 108.59
CA THR K 641 -42.59 60.75 109.57
C THR K 641 -43.20 60.70 110.96
N ARG K 642 -42.43 61.08 111.98
CA ARG K 642 -42.73 60.83 113.39
C ARG K 642 -42.96 59.34 113.59
N SER K 643 -42.05 58.61 112.96
CA SER K 643 -42.12 57.17 112.83
C SER K 643 -40.84 56.48 113.20
N VAL K 644 -39.70 57.15 113.06
CA VAL K 644 -38.43 56.54 113.41
C VAL K 644 -38.00 56.93 114.80
N LEU K 645 -38.55 58.01 115.35
CA LEU K 645 -38.10 58.48 116.66
C LEU K 645 -38.56 57.57 117.78
N HIS K 646 -39.61 56.80 117.55
CA HIS K 646 -39.96 55.71 118.46
C HIS K 646 -38.85 54.68 118.46
N GLU K 647 -38.32 54.37 117.28
CA GLU K 647 -37.29 53.35 117.17
C GLU K 647 -35.98 53.80 117.78
N VAL K 648 -35.63 55.08 117.66
CA VAL K 648 -34.46 55.54 118.38
C VAL K 648 -34.76 55.66 119.87
N MET K 649 -36.03 55.79 120.24
CA MET K 649 -36.38 55.81 121.66
C MET K 649 -36.31 54.44 122.29
N GLU K 650 -36.25 53.37 121.50
CA GLU K 650 -36.11 52.06 122.10
C GLU K 650 -34.71 51.46 121.93
N GLN K 651 -34.20 51.37 120.71
CA GLN K 651 -32.97 50.64 120.48
C GLN K 651 -31.80 51.53 120.13
N GLN K 652 -31.99 52.86 120.23
CA GLN K 652 -30.94 53.86 120.00
C GLN K 652 -30.38 53.77 118.58
N THR K 653 -31.22 53.41 117.62
CA THR K 653 -30.73 53.10 116.28
C THR K 653 -31.70 53.58 115.22
N ILE K 654 -31.24 53.50 113.97
CA ILE K 654 -32.06 53.69 112.79
C ILE K 654 -31.90 52.46 111.94
N SER K 655 -33.01 51.82 111.61
CA SER K 655 -33.02 50.73 110.65
C SER K 655 -33.39 51.28 109.29
N ILE K 656 -32.45 51.24 108.34
CA ILE K 656 -32.69 51.80 107.02
C ILE K 656 -33.24 50.73 106.09
N ALA K 657 -34.44 50.95 105.59
CA ALA K 657 -35.09 50.03 104.65
C ALA K 657 -34.94 50.54 103.22
N LYS K 658 -33.71 50.56 102.73
CA LYS K 658 -33.43 51.03 101.39
C LYS K 658 -32.96 49.86 100.53
N ALA K 659 -33.25 49.96 99.23
CA ALA K 659 -32.75 49.04 98.22
C ALA K 659 -31.29 49.25 97.88
N GLY K 660 -30.62 50.21 98.52
CA GLY K 660 -29.18 50.25 98.38
C GLY K 660 -28.51 49.30 99.34
N ILE K 661 -28.98 49.27 100.59
CA ILE K 661 -28.18 48.71 101.68
C ILE K 661 -29.07 48.36 102.86
N ILE K 662 -28.53 47.54 103.77
CA ILE K 662 -29.16 47.25 105.05
C ILE K 662 -28.16 47.50 106.17
N THR K 663 -28.56 48.26 107.19
CA THR K 663 -27.67 48.59 108.32
C THR K 663 -28.50 48.99 109.52
N THR K 664 -28.24 48.35 110.66
CA THR K 664 -28.82 48.78 111.93
C THR K 664 -27.79 49.62 112.68
N LEU K 665 -27.45 50.76 112.09
CA LEU K 665 -26.51 51.66 112.72
C LEU K 665 -27.15 52.35 113.92
N ASN K 666 -26.37 52.49 114.99
CA ASN K 666 -26.89 53.01 116.23
C ASN K 666 -26.89 54.54 116.22
N ALA K 667 -27.37 55.13 117.30
CA ALA K 667 -27.37 56.57 117.46
C ALA K 667 -27.31 56.87 118.94
N ARG K 668 -26.14 57.28 119.41
CA ARG K 668 -25.91 57.61 120.81
C ARG K 668 -26.31 59.06 121.03
N SER K 669 -27.61 59.31 121.09
CA SER K 669 -28.10 60.68 121.04
C SER K 669 -29.22 60.91 122.05
N SER K 670 -29.38 62.16 122.43
CA SER K 670 -30.32 62.60 123.46
C SER K 670 -31.26 63.67 122.92
N ILE K 671 -32.46 63.74 123.50
CA ILE K 671 -33.54 64.53 122.92
C ILE K 671 -34.31 65.31 123.97
N LEU K 672 -34.82 66.46 123.55
CA LEU K 672 -35.81 67.25 124.27
C LEU K 672 -36.88 67.65 123.27
N ALA K 673 -38.10 67.90 123.76
CA ALA K 673 -39.22 68.18 122.89
C ALA K 673 -39.88 69.51 123.24
N SER K 674 -40.36 70.21 122.21
CA SER K 674 -40.93 71.54 122.39
C SER K 674 -42.20 71.69 121.56
N ALA K 675 -43.35 71.39 122.16
CA ALA K 675 -44.58 71.36 121.39
C ALA K 675 -45.16 72.76 121.24
N ASN K 676 -46.40 72.80 120.75
CA ASN K 676 -47.18 74.00 120.56
C ASN K 676 -48.65 73.70 120.76
N PRO K 677 -49.42 74.62 121.33
CA PRO K 677 -50.85 74.37 121.51
C PRO K 677 -51.60 74.51 120.19
N ILE K 678 -52.89 74.19 120.24
CA ILE K 678 -53.73 74.22 119.06
C ILE K 678 -54.66 75.43 119.08
N GLY K 679 -55.55 75.53 120.06
CA GLY K 679 -56.50 76.62 120.06
C GLY K 679 -55.93 77.97 120.41
N SER K 680 -55.62 78.19 121.69
CA SER K 680 -54.91 79.41 122.06
C SER K 680 -53.89 79.12 123.14
N ARG K 681 -54.09 78.06 123.89
CA ARG K 681 -53.54 77.98 125.24
C ARG K 681 -53.59 76.53 125.71
N TYR K 682 -53.26 76.33 126.98
CA TYR K 682 -53.36 75.01 127.57
C TYR K 682 -54.74 74.73 128.14
N ASN K 683 -55.68 75.68 128.02
CA ASN K 683 -57.12 75.71 128.29
C ASN K 683 -57.50 74.85 129.49
N PRO K 684 -57.15 75.28 130.69
CA PRO K 684 -57.25 74.40 131.87
C PRO K 684 -58.69 74.21 132.30
N ASN K 685 -58.83 73.47 133.41
CA ASN K 685 -60.07 72.79 133.85
C ASN K 685 -60.58 71.89 132.72
N LEU K 686 -59.64 71.28 132.02
CA LEU K 686 -59.86 70.27 130.99
C LEU K 686 -58.72 69.28 131.14
N PRO K 687 -58.94 68.01 130.83
CA PRO K 687 -57.80 67.11 130.67
C PRO K 687 -56.96 67.55 129.50
N VAL K 688 -55.75 68.04 129.76
CA VAL K 688 -54.96 68.74 128.74
C VAL K 688 -54.40 67.81 127.69
N THR K 689 -54.42 66.50 127.94
CA THR K 689 -53.98 65.51 126.97
C THR K 689 -54.84 65.50 125.71
N GLU K 690 -56.12 65.85 125.82
CA GLU K 690 -56.98 65.91 124.65
C GLU K 690 -56.70 67.12 123.79
N ASN K 691 -56.03 68.14 124.33
CA ASN K 691 -55.59 69.25 123.48
C ASN K 691 -54.46 68.79 122.57
N ILE K 692 -53.32 68.48 123.15
CA ILE K 692 -52.15 68.06 122.39
C ILE K 692 -52.33 66.62 121.95
N ASP K 693 -52.69 66.44 120.68
CA ASP K 693 -52.90 65.10 120.15
C ASP K 693 -51.57 64.40 119.91
N LEU K 694 -51.50 63.14 120.34
CA LEU K 694 -50.25 62.41 120.43
C LEU K 694 -50.52 60.94 120.64
N PRO K 695 -49.70 60.06 120.07
CA PRO K 695 -49.89 58.62 120.27
C PRO K 695 -49.60 58.21 121.69
N PRO K 696 -50.57 57.56 122.35
CA PRO K 696 -50.37 57.05 123.71
C PRO K 696 -49.31 55.97 123.84
N PRO K 697 -48.92 55.24 122.77
CA PRO K 697 -47.63 54.51 122.85
C PRO K 697 -46.45 55.38 123.19
N LEU K 698 -46.24 56.51 122.51
CA LEU K 698 -45.08 57.32 122.79
C LEU K 698 -45.25 58.16 124.04
N LEU K 699 -46.43 58.12 124.65
CA LEU K 699 -46.56 58.56 126.03
C LEU K 699 -45.63 57.79 126.95
N SER K 700 -45.40 56.50 126.67
CA SER K 700 -44.55 55.63 127.46
C SER K 700 -43.06 55.86 127.22
N ARG K 701 -42.72 56.89 126.46
CA ARG K 701 -41.36 57.08 125.98
C ARG K 701 -40.67 58.30 126.55
N PHE K 702 -41.41 59.35 126.85
CA PHE K 702 -40.83 60.37 127.70
C PHE K 702 -41.10 60.05 129.16
N ASP K 703 -40.27 60.59 130.05
CA ASP K 703 -40.37 60.27 131.47
C ASP K 703 -41.32 61.20 132.21
N LEU K 704 -41.00 62.49 132.25
CA LEU K 704 -41.83 63.44 132.96
C LEU K 704 -42.02 64.66 132.07
N VAL K 705 -43.22 65.22 132.15
CA VAL K 705 -43.59 66.37 131.36
C VAL K 705 -43.66 67.55 132.30
N TYR K 706 -43.84 68.73 131.72
CA TYR K 706 -44.41 69.83 132.48
C TYR K 706 -45.11 70.78 131.53
N LEU K 707 -46.03 71.51 132.11
CA LEU K 707 -46.74 72.58 131.45
C LEU K 707 -46.32 73.87 132.11
N VAL K 708 -46.21 74.90 131.38
CA VAL K 708 -46.06 76.20 132.00
C VAL K 708 -47.44 76.74 132.33
N LEU K 709 -47.49 77.66 133.28
CA LEU K 709 -48.74 78.23 133.76
C LEU K 709 -48.93 79.63 133.23
N ASP K 710 -50.18 80.12 133.33
CA ASP K 710 -50.50 81.50 132.98
C ASP K 710 -51.76 81.90 133.70
N LYS K 711 -51.83 83.16 134.12
CA LYS K 711 -53.04 83.76 134.65
C LYS K 711 -52.98 85.26 134.38
N VAL K 712 -53.86 86.01 135.03
CA VAL K 712 -53.74 87.47 135.04
C VAL K 712 -52.51 87.80 135.87
N ASP K 713 -52.52 87.37 137.14
CA ASP K 713 -51.35 87.30 138.03
C ASP K 713 -50.70 88.66 138.22
N GLU K 714 -51.42 89.59 138.86
CA GLU K 714 -51.06 91.00 138.78
C GLU K 714 -49.78 91.32 139.54
N LYS K 715 -49.46 90.59 140.59
CA LYS K 715 -48.22 90.88 141.31
C LYS K 715 -47.01 90.36 140.55
N ASN K 716 -47.18 89.32 139.73
CA ASN K 716 -46.07 88.72 139.02
C ASN K 716 -45.89 89.30 137.62
N ASP K 717 -46.99 89.60 136.92
CA ASP K 717 -46.88 90.22 135.60
C ASP K 717 -46.30 91.61 135.70
N ARG K 718 -46.63 92.33 136.77
CA ARG K 718 -45.96 93.59 137.06
C ARG K 718 -44.49 93.37 137.32
N GLU K 719 -44.14 92.31 138.05
CA GLU K 719 -42.75 91.99 138.29
C GLU K 719 -42.04 91.58 137.01
N LEU K 720 -42.74 90.85 136.13
CA LEU K 720 -42.15 90.49 134.86
C LEU K 720 -41.96 91.71 133.96
N ALA K 721 -42.78 92.74 134.16
CA ALA K 721 -42.53 93.99 133.46
C ALA K 721 -41.27 94.66 133.96
N LYS K 722 -40.93 94.49 135.24
CA LYS K 722 -39.75 95.10 135.79
C LYS K 722 -38.48 94.51 135.23
N HIS K 723 -38.53 93.23 134.84
CA HIS K 723 -37.39 92.61 134.17
C HIS K 723 -37.16 93.25 132.81
N LEU K 724 -38.23 93.45 132.06
CA LEU K 724 -38.13 94.06 130.74
C LEU K 724 -38.11 95.59 130.82
N THR K 725 -38.48 96.15 131.97
CA THR K 725 -38.09 97.52 132.27
C THR K 725 -36.59 97.67 132.20
N ASN K 726 -35.86 96.74 132.81
CA ASN K 726 -34.42 96.68 132.70
C ASN K 726 -34.02 96.01 131.39
N LEU K 727 -32.74 95.61 131.32
CA LEU K 727 -32.08 95.01 130.17
C LEU K 727 -32.27 95.76 128.86
N TYR K 728 -32.43 97.06 128.96
CA TYR K 728 -32.35 97.90 127.79
C TYR K 728 -31.36 99.03 127.99
N LEU K 729 -31.28 99.58 129.20
CA LEU K 729 -30.41 100.71 129.47
C LEU K 729 -28.96 100.24 129.60
N GLU K 730 -28.04 101.19 129.39
CA GLU K 730 -26.58 101.00 129.48
C GLU K 730 -26.05 99.87 128.61
N VAL K 741 -20.61 83.58 139.81
CA VAL K 741 -19.84 83.48 138.58
C VAL K 741 -20.75 82.97 137.47
N LEU K 742 -20.77 83.71 136.36
CA LEU K 742 -21.60 83.40 135.20
C LEU K 742 -20.69 83.28 134.00
N PRO K 743 -19.93 82.20 133.89
CA PRO K 743 -18.92 82.11 132.83
C PRO K 743 -19.54 81.69 131.50
N VAL K 744 -18.69 81.66 130.48
CA VAL K 744 -19.13 81.34 129.13
C VAL K 744 -18.44 80.06 128.64
N GLU K 745 -17.27 79.75 129.22
CA GLU K 745 -16.53 78.54 128.89
C GLU K 745 -16.21 77.69 130.11
N PHE K 746 -16.10 78.28 131.30
CA PHE K 746 -15.61 77.58 132.47
C PHE K 746 -16.58 76.50 132.94
N LEU K 747 -17.87 76.77 132.89
CA LEU K 747 -18.85 75.73 133.19
C LEU K 747 -18.95 74.70 132.08
N THR K 748 -18.60 75.07 130.86
CA THR K 748 -18.71 74.15 129.74
C THR K 748 -17.64 73.09 129.79
N MET K 749 -16.42 73.49 130.12
CA MET K 749 -15.38 72.51 130.37
C MET K 749 -15.57 71.82 131.71
N TYR K 750 -16.38 72.40 132.60
CA TYR K 750 -16.67 71.79 133.88
C TYR K 750 -17.56 70.57 133.72
N ILE K 751 -18.52 70.60 132.80
CA ILE K 751 -19.35 69.42 132.58
C ILE K 751 -18.70 68.41 131.65
N SER K 752 -18.02 68.87 130.60
CA SER K 752 -17.48 67.95 129.61
C SER K 752 -16.30 67.17 130.15
N TYR K 753 -15.62 67.66 131.18
CA TYR K 753 -14.79 66.77 131.96
C TYR K 753 -15.65 65.81 132.76
N ALA K 754 -16.71 66.32 133.39
CA ALA K 754 -17.38 65.60 134.47
C ALA K 754 -18.46 64.67 134.00
N LYS K 755 -18.38 64.17 132.78
CA LYS K 755 -19.41 63.27 132.29
C LYS K 755 -18.92 61.85 132.09
N GLU K 756 -17.61 61.66 131.92
CA GLU K 756 -17.09 60.40 131.45
C GLU K 756 -15.90 59.96 132.28
N HIS K 757 -15.48 60.78 133.23
CA HIS K 757 -14.29 60.46 133.98
C HIS K 757 -14.65 59.67 135.22
N ILE K 758 -15.52 60.23 136.06
CA ILE K 758 -15.97 59.51 137.24
C ILE K 758 -17.37 58.97 136.98
N HIS K 759 -17.51 57.66 137.06
CA HIS K 759 -18.79 57.00 136.84
C HIS K 759 -19.27 56.48 138.19
N PRO K 760 -20.23 57.15 138.83
CA PRO K 760 -20.44 56.97 140.26
C PRO K 760 -21.23 55.72 140.58
N ILE K 761 -21.32 55.45 141.88
CA ILE K 761 -21.74 54.17 142.43
C ILE K 761 -23.17 54.26 142.91
N ILE K 762 -23.69 53.16 143.43
CA ILE K 762 -25.01 53.14 144.06
C ILE K 762 -24.97 52.19 145.27
N THR K 763 -25.45 52.68 146.41
CA THR K 763 -25.46 51.89 147.63
C THR K 763 -26.87 51.64 148.14
N GLU K 764 -26.97 50.90 149.25
CA GLU K 764 -28.23 50.58 149.90
C GLU K 764 -28.93 51.80 150.47
N ALA K 765 -28.18 52.89 150.70
CA ALA K 765 -28.73 54.09 151.32
C ALA K 765 -29.79 54.77 150.47
N ALA K 766 -29.84 54.48 149.17
CA ALA K 766 -30.88 55.02 148.32
C ALA K 766 -32.07 54.09 148.18
N LYS K 767 -31.82 52.79 148.09
CA LYS K 767 -32.86 51.82 147.77
C LYS K 767 -33.87 51.65 148.89
N THR K 768 -33.49 51.94 150.13
CA THR K 768 -34.42 51.81 151.24
C THR K 768 -35.49 52.89 151.19
N GLU K 769 -35.08 54.13 150.95
CA GLU K 769 -36.03 55.21 150.71
C GLU K 769 -36.75 55.06 149.39
N LEU K 770 -36.13 54.42 148.42
CA LEU K 770 -36.69 54.32 147.08
C LEU K 770 -37.94 53.46 147.07
N VAL K 771 -37.90 52.32 147.74
CA VAL K 771 -39.10 51.51 147.85
C VAL K 771 -40.12 52.15 148.78
N ARG K 772 -39.68 53.01 149.71
CA ARG K 772 -40.61 53.70 150.57
C ARG K 772 -41.41 54.74 149.82
N ALA K 773 -40.87 55.24 148.71
CA ALA K 773 -41.63 56.16 147.89
C ALA K 773 -42.71 55.46 147.09
N TYR K 774 -42.39 54.34 146.46
CA TYR K 774 -43.31 53.80 145.47
C TYR K 774 -44.49 53.09 146.10
N VAL K 775 -44.29 52.49 147.27
CA VAL K 775 -45.39 51.78 147.93
C VAL K 775 -46.46 52.76 148.41
N GLY K 776 -46.10 54.02 148.64
CA GLY K 776 -47.09 55.04 148.92
C GLY K 776 -47.57 55.64 147.63
N MET K 777 -46.75 55.55 146.59
CA MET K 777 -47.17 56.05 145.29
C MET K 777 -48.23 55.15 144.67
N ARG K 778 -48.16 53.84 144.95
CA ARG K 778 -49.20 52.95 144.47
C ARG K 778 -50.49 53.11 145.26
N LYS K 779 -50.41 53.70 146.45
CA LYS K 779 -51.59 53.95 147.26
C LYS K 779 -52.47 55.03 146.66
N ALA K 793 -48.18 55.20 135.82
CA ALA K 793 -47.60 53.99 135.21
C ALA K 793 -47.20 53.03 136.29
N THR K 794 -46.57 51.93 135.91
CA THR K 794 -46.07 50.98 136.91
C THR K 794 -44.57 51.13 137.11
N THR K 795 -43.80 50.82 136.07
CA THR K 795 -42.35 50.73 136.19
C THR K 795 -41.62 51.63 135.23
N ARG K 796 -42.32 52.22 134.25
CA ARG K 796 -41.73 53.25 133.41
C ARG K 796 -41.24 54.40 134.26
N GLN K 797 -42.07 54.83 135.21
CA GLN K 797 -41.69 55.86 136.15
C GLN K 797 -40.57 55.41 137.07
N LEU K 798 -40.42 54.11 137.30
CA LEU K 798 -39.41 53.65 138.26
C LEU K 798 -38.03 53.59 137.63
N GLU K 799 -37.95 53.23 136.36
CA GLU K 799 -36.65 53.19 135.71
C GLU K 799 -36.05 54.56 135.55
N SER K 800 -36.84 55.54 135.15
CA SER K 800 -36.26 56.84 134.92
C SER K 800 -36.02 57.61 136.21
N MET K 801 -36.74 57.27 137.29
CA MET K 801 -36.64 58.06 138.51
C MET K 801 -35.28 57.92 139.18
N ILE K 802 -34.55 56.86 138.90
CA ILE K 802 -33.21 56.74 139.45
C ILE K 802 -32.17 57.42 138.57
N ARG K 803 -32.46 57.62 137.29
CA ARG K 803 -31.43 58.09 136.38
C ARG K 803 -31.11 59.55 136.62
N LEU K 804 -32.15 60.36 136.77
CA LEU K 804 -31.95 61.75 137.16
C LEU K 804 -31.58 61.85 138.64
N ALA K 805 -31.96 60.84 139.43
CA ALA K 805 -31.43 60.78 140.78
C ALA K 805 -29.95 60.46 140.78
N GLU K 806 -29.50 59.65 139.83
CA GLU K 806 -28.08 59.38 139.72
C GLU K 806 -27.34 60.61 139.22
N ALA K 807 -27.89 61.29 138.21
CA ALA K 807 -27.18 62.40 137.59
C ALA K 807 -27.10 63.61 138.49
N HIS K 808 -28.10 63.83 139.34
CA HIS K 808 -28.02 64.90 140.32
C HIS K 808 -26.97 64.59 141.36
N ALA K 809 -26.86 63.32 141.76
CA ALA K 809 -25.73 62.92 142.57
C ALA K 809 -24.43 63.03 141.79
N LYS K 810 -24.49 62.82 140.49
CA LYS K 810 -23.30 62.97 139.67
C LYS K 810 -22.96 64.44 139.45
N MET K 811 -23.93 65.33 139.58
CA MET K 811 -23.68 66.74 139.32
C MET K 811 -23.14 67.45 140.54
N LYS K 812 -23.90 67.43 141.64
CA LYS K 812 -23.55 68.24 142.80
C LYS K 812 -22.37 67.68 143.59
N LEU K 813 -22.11 66.38 143.50
CA LEU K 813 -21.02 65.75 144.23
C LEU K 813 -20.33 64.81 143.27
N LYS K 814 -19.27 65.28 142.62
CA LYS K 814 -18.65 64.56 141.50
C LYS K 814 -17.72 63.46 142.02
N ASN K 815 -18.23 62.67 142.97
CA ASN K 815 -17.49 61.49 143.42
C ASN K 815 -18.28 60.20 143.44
N VAL K 816 -19.34 60.16 144.23
CA VAL K 816 -20.00 58.94 144.70
C VAL K 816 -21.50 59.14 144.77
N VAL K 817 -22.21 58.12 145.26
CA VAL K 817 -23.66 58.16 145.40
C VAL K 817 -24.04 59.11 146.54
N GLU K 818 -25.30 59.54 146.53
CA GLU K 818 -25.91 60.30 147.61
C GLU K 818 -27.14 59.54 148.09
N LEU K 819 -27.50 59.72 149.36
CA LEU K 819 -28.74 59.19 149.92
C LEU K 819 -29.86 60.20 149.97
N GLU K 820 -29.55 61.50 150.01
CA GLU K 820 -30.55 62.54 150.07
C GLU K 820 -30.80 63.22 148.72
N ASP K 821 -30.20 62.71 147.65
CA ASP K 821 -30.49 63.19 146.32
C ASP K 821 -31.88 62.78 145.84
N VAL K 822 -32.56 61.92 146.58
CA VAL K 822 -33.85 61.42 146.11
C VAL K 822 -35.00 62.28 146.56
N GLN K 823 -34.81 63.20 147.51
CA GLN K 823 -35.89 64.11 147.83
C GLN K 823 -36.09 65.14 146.73
N GLU K 824 -35.04 65.48 145.99
CA GLU K 824 -35.24 66.32 144.82
C GLU K 824 -35.66 65.51 143.60
N ALA K 825 -35.42 64.20 143.63
CA ALA K 825 -36.02 63.34 142.62
C ALA K 825 -37.53 63.30 142.79
N VAL K 826 -37.99 63.06 144.01
CA VAL K 826 -39.43 63.07 144.24
C VAL K 826 -39.99 64.47 144.26
N ARG K 827 -39.14 65.50 144.29
CA ARG K 827 -39.63 66.86 144.15
C ARG K 827 -40.06 67.15 142.72
N LEU K 828 -39.30 66.70 141.72
CA LEU K 828 -39.64 67.03 140.36
C LEU K 828 -40.79 66.18 139.84
N ILE K 829 -40.80 64.89 140.17
CA ILE K 829 -41.86 64.02 139.66
C ILE K 829 -43.19 64.24 140.37
N ARG K 830 -43.18 64.79 141.59
CA ARG K 830 -44.45 65.13 142.20
C ARG K 830 -45.05 66.33 141.49
N SER K 831 -44.22 67.23 141.00
CA SER K 831 -44.70 68.30 140.14
C SER K 831 -45.07 67.80 138.77
N ALA K 832 -44.54 66.66 138.34
CA ALA K 832 -44.95 66.08 137.08
C ALA K 832 -46.38 65.58 137.13
N ILE K 833 -46.79 64.96 138.24
CA ILE K 833 -48.14 64.45 138.35
C ILE K 833 -49.13 65.52 138.79
N LYS K 834 -48.68 66.76 139.01
CA LYS K 834 -49.63 67.83 139.27
C LYS K 834 -50.37 68.22 138.01
N ASP K 835 -49.84 67.86 136.84
CA ASP K 835 -50.42 68.22 135.56
C ASP K 835 -51.62 67.34 135.18
N TYR K 836 -51.99 66.36 136.00
CA TYR K 836 -53.02 65.40 135.65
C TYR K 836 -54.09 65.23 136.73
N ALA K 837 -54.61 66.34 137.27
CA ALA K 837 -55.70 66.27 138.22
C ALA K 837 -57.06 66.37 137.54
N THR K 838 -57.14 67.14 136.45
CA THR K 838 -58.37 67.43 135.68
C THR K 838 -59.53 67.93 136.54
N GLN K 851 -60.06 59.37 128.21
CA GLN K 851 -60.37 58.48 127.11
C GLN K 851 -59.15 57.63 126.72
N THR K 852 -58.03 58.31 126.52
CA THR K 852 -56.80 57.63 126.09
C THR K 852 -56.19 56.75 127.19
N GLY K 853 -55.71 57.35 128.27
CA GLY K 853 -55.30 56.60 129.44
C GLY K 853 -56.30 56.63 130.56
N LYS K 854 -57.50 57.12 130.26
CA LYS K 854 -58.57 57.29 131.22
C LYS K 854 -59.77 56.45 130.81
N SER K 855 -60.55 56.02 131.80
CA SER K 855 -61.67 55.12 131.57
C SER K 855 -62.92 55.49 132.36
N VAL K 856 -62.97 56.69 132.95
CA VAL K 856 -64.16 57.10 133.71
C VAL K 856 -65.34 57.32 132.78
N ILE K 857 -65.11 58.00 131.65
CA ILE K 857 -66.10 58.04 130.58
C ILE K 857 -66.26 56.68 129.92
N GLN K 858 -65.23 55.82 130.00
CA GLN K 858 -65.30 54.52 129.35
C GLN K 858 -65.83 53.43 130.26
N ARG K 859 -66.17 53.74 131.51
CA ARG K 859 -66.93 52.78 132.29
C ARG K 859 -68.43 53.03 132.16
N LYS K 860 -68.82 54.14 131.53
CA LYS K 860 -70.23 54.42 131.33
C LYS K 860 -70.66 54.39 129.87
N LEU K 861 -69.77 54.68 128.92
CA LEU K 861 -70.19 54.78 127.52
C LEU K 861 -70.44 53.40 126.92
N GLN K 862 -69.64 52.39 127.29
CA GLN K 862 -69.88 51.06 126.77
C GLN K 862 -71.08 50.40 127.44
N GLU K 863 -71.45 50.84 128.64
CA GLU K 863 -72.58 50.23 129.33
C GLU K 863 -73.91 50.62 128.71
N ASP K 864 -74.20 51.93 128.64
CA ASP K 864 -75.51 52.36 128.16
C ASP K 864 -75.66 52.15 126.66
N LEU K 865 -74.56 52.07 125.91
CA LEU K 865 -74.67 51.74 124.50
C LEU K 865 -74.91 50.25 124.31
N SER K 866 -74.58 49.43 125.32
CA SER K 866 -74.99 48.04 125.31
C SER K 866 -76.42 47.86 125.81
N ARG K 867 -77.08 48.95 126.20
CA ARG K 867 -78.48 48.87 126.60
C ARG K 867 -79.41 49.25 125.44
N GLU K 868 -79.02 50.26 124.66
CA GLU K 868 -79.88 50.77 123.58
C GLU K 868 -79.98 49.83 122.38
N ILE K 869 -79.25 48.73 122.37
CA ILE K 869 -79.43 47.70 121.36
C ILE K 869 -80.53 46.72 121.75
N MET K 870 -80.53 46.30 123.02
CA MET K 870 -81.37 45.17 123.44
C MET K 870 -82.85 45.57 123.54
N ASN K 871 -83.15 46.87 123.62
CA ASN K 871 -84.54 47.28 123.76
C ASN K 871 -85.30 47.21 122.45
N VAL K 872 -84.78 47.84 121.39
CA VAL K 872 -85.48 47.91 120.12
C VAL K 872 -85.41 46.56 119.42
N LEU K 873 -84.35 45.78 119.70
CA LEU K 873 -84.26 44.43 119.17
C LEU K 873 -85.20 43.46 119.89
N LYS K 874 -85.82 43.90 121.00
CA LYS K 874 -86.92 43.13 121.56
C LYS K 874 -88.28 43.72 121.16
N ASP K 875 -88.29 44.94 120.60
CA ASP K 875 -89.51 45.50 120.03
C ASP K 875 -89.70 45.07 118.58
N GLN K 876 -88.61 45.07 117.81
CA GLN K 876 -88.68 44.88 116.37
C GLN K 876 -88.45 43.42 116.01
N ALA K 877 -89.35 42.86 115.19
CA ALA K 877 -89.21 41.48 114.75
C ALA K 877 -88.07 41.33 113.76
N SER K 878 -87.72 42.39 113.05
CA SER K 878 -86.58 42.40 112.14
C SER K 878 -85.34 42.94 112.85
N ASP K 879 -84.26 43.03 112.07
CA ASP K 879 -83.03 43.70 112.48
C ASP K 879 -82.87 45.05 111.81
N SER K 880 -83.95 45.59 111.28
CA SER K 880 -83.90 46.82 110.50
C SER K 880 -83.79 48.04 111.41
N MET K 881 -82.72 48.79 111.25
CA MET K 881 -82.55 50.04 111.99
C MET K 881 -81.99 51.08 111.02
N SER K 882 -82.81 52.07 110.71
CA SER K 882 -82.45 53.08 109.73
C SER K 882 -81.79 54.26 110.42
N PHE K 883 -81.23 55.17 109.61
CA PHE K 883 -80.41 56.24 110.16
C PHE K 883 -81.24 57.34 110.81
N ASN K 884 -82.46 57.56 110.33
CA ASN K 884 -83.30 58.60 110.92
C ASN K 884 -83.82 58.21 112.30
N GLU K 885 -83.84 56.92 112.63
CA GLU K 885 -84.27 56.49 113.96
C GLU K 885 -83.17 56.71 115.00
N LEU K 886 -81.94 56.34 114.68
CA LEU K 886 -80.86 56.36 115.66
C LEU K 886 -80.43 57.77 116.04
N ILE K 887 -80.52 58.74 115.14
CA ILE K 887 -80.34 60.14 115.55
C ILE K 887 -81.47 60.58 116.47
N LYS K 888 -82.68 60.07 116.26
CA LYS K 888 -83.85 60.46 117.05
C LYS K 888 -84.15 59.44 118.14
N GLN K 889 -83.13 58.69 118.57
CA GLN K 889 -83.28 57.80 119.71
C GLN K 889 -82.22 58.07 120.78
N ILE K 890 -80.96 58.24 120.37
CA ILE K 890 -79.85 58.21 121.32
C ILE K 890 -79.16 59.56 121.51
N ASN K 891 -79.52 60.56 120.72
CA ASN K 891 -78.99 61.90 120.94
C ASN K 891 -79.71 62.64 122.05
N GLU K 892 -80.88 62.15 122.45
CA GLU K 892 -81.75 62.88 123.36
C GLU K 892 -82.26 62.05 124.53
N HIS K 893 -81.93 60.75 124.61
CA HIS K 893 -82.18 59.99 125.83
C HIS K 893 -81.37 60.53 127.00
N SER K 894 -80.16 60.99 126.72
CA SER K 894 -79.27 61.57 127.74
C SER K 894 -78.37 62.61 127.07
N GLN K 895 -78.07 63.68 127.79
CA GLN K 895 -77.22 64.74 127.29
C GLN K 895 -75.79 64.65 127.82
N ASP K 896 -75.31 63.43 128.13
CA ASP K 896 -73.96 63.23 128.61
C ASP K 896 -72.99 62.82 127.51
N ARG K 897 -73.49 62.58 126.30
CA ARG K 897 -72.66 62.13 125.19
C ARG K 897 -72.73 63.15 124.07
N VAL K 898 -71.63 63.30 123.34
CA VAL K 898 -71.51 64.27 122.26
C VAL K 898 -72.38 63.81 121.08
N GLU K 899 -72.69 64.74 120.18
CA GLU K 899 -73.67 64.48 119.13
C GLU K 899 -73.16 63.54 118.04
N SER K 900 -72.08 63.92 117.35
CA SER K 900 -71.59 63.12 116.23
C SER K 900 -70.10 62.86 116.31
N SER K 901 -69.42 63.34 117.35
CA SER K 901 -67.98 63.16 117.42
C SER K 901 -67.60 61.76 117.87
N ASP K 902 -68.46 61.08 118.64
CA ASP K 902 -68.15 59.75 119.14
C ASP K 902 -69.21 58.70 118.80
N ILE K 903 -70.29 59.07 118.11
CA ILE K 903 -71.28 58.05 117.75
C ILE K 903 -70.88 57.30 116.49
N GLN K 904 -70.03 57.89 115.65
CA GLN K 904 -69.55 57.17 114.48
C GLN K 904 -68.54 56.11 114.87
N GLU K 905 -67.64 56.42 115.81
CA GLU K 905 -66.72 55.45 116.36
C GLU K 905 -67.38 54.51 117.35
N ALA K 906 -68.62 54.79 117.75
CA ALA K 906 -69.33 53.88 118.64
C ALA K 906 -69.72 52.60 117.93
N LEU K 907 -69.92 52.67 116.61
CA LEU K 907 -70.44 51.52 115.87
C LEU K 907 -69.35 50.67 115.23
N SER K 908 -68.12 51.17 115.15
CA SER K 908 -67.05 50.40 114.51
C SER K 908 -66.58 49.25 115.39
N ARG K 909 -66.70 49.40 116.71
CA ARG K 909 -66.44 48.31 117.65
C ARG K 909 -67.59 47.31 117.70
N LEU K 910 -68.82 47.75 117.40
CA LEU K 910 -69.94 46.83 117.25
C LEU K 910 -69.90 46.13 115.91
N GLN K 911 -69.23 46.73 114.93
CA GLN K 911 -68.89 46.04 113.70
C GLN K 911 -67.94 44.88 113.97
N GLN K 912 -67.08 45.02 114.99
CA GLN K 912 -66.16 43.95 115.35
C GLN K 912 -66.77 42.93 116.31
N GLU K 913 -67.82 43.31 117.05
CA GLU K 913 -68.37 42.47 118.12
C GLU K 913 -69.68 41.78 117.73
N ASP K 914 -69.77 41.26 116.51
CA ASP K 914 -70.85 40.40 115.98
C ASP K 914 -72.25 40.92 116.25
N LYS K 915 -72.44 42.21 116.01
CA LYS K 915 -73.76 42.80 116.16
C LYS K 915 -74.34 43.31 114.84
N VAL K 916 -73.66 44.24 114.18
CA VAL K 916 -74.27 45.03 113.13
C VAL K 916 -73.38 45.06 111.89
N ILE K 917 -73.86 45.74 110.84
CA ILE K 917 -73.11 45.96 109.62
C ILE K 917 -73.45 47.35 109.08
N VAL K 918 -72.59 47.84 108.19
CA VAL K 918 -72.71 49.18 107.61
C VAL K 918 -73.21 49.06 106.18
N LEU K 919 -74.23 49.86 105.84
CA LEU K 919 -74.69 49.91 104.45
C LEU K 919 -74.94 51.36 104.02
N GLY K 920 -73.95 52.22 104.15
CA GLY K 920 -74.05 53.60 103.70
C GLY K 920 -74.52 54.52 104.81
N GLU K 921 -74.95 55.73 104.44
CA GLU K 921 -75.51 56.67 105.42
C GLU K 921 -77.02 56.52 105.47
N GLY K 922 -77.48 55.28 105.62
CA GLY K 922 -78.88 54.93 105.64
C GLY K 922 -79.17 53.68 106.46
N VAL K 923 -79.81 52.72 105.80
CA VAL K 923 -80.23 51.44 106.34
C VAL K 923 -79.03 50.65 106.86
N ARG K 924 -79.23 49.89 107.93
CA ARG K 924 -78.26 48.98 108.54
C ARG K 924 -78.84 47.55 108.57
N ARG K 925 -78.13 46.69 109.30
CA ARG K 925 -78.53 45.29 109.50
C ARG K 925 -77.94 44.80 110.81
N SER K 926 -78.80 44.34 111.72
CA SER K 926 -78.43 44.08 113.12
C SER K 926 -78.37 42.57 113.40
N VAL K 927 -78.25 42.23 114.71
CA VAL K 927 -78.02 40.86 115.16
C VAL K 927 -79.35 40.14 115.38
N ARG K 928 -79.36 38.83 115.15
CA ARG K 928 -80.52 37.98 115.29
C ARG K 928 -80.17 36.71 116.06
N LEU K 929 -81.21 36.02 116.50
CA LEU K 929 -81.06 34.78 117.27
C LEU K 929 -81.79 33.62 116.60
N ASN L 24 -25.85 37.38 31.79
CA ASN L 24 -25.93 37.32 30.34
C ASN L 24 -27.08 38.16 29.83
N THR L 25 -27.24 38.18 28.51
CA THR L 25 -28.38 38.82 27.89
C THR L 25 -29.09 37.75 27.08
N GLU L 26 -29.96 38.19 26.18
CA GLU L 26 -30.71 37.30 25.30
C GLU L 26 -31.97 36.81 25.98
N ILE L 27 -32.06 37.02 27.29
CA ILE L 27 -33.24 36.67 28.03
C ILE L 27 -34.22 37.65 27.43
N ILE L 28 -33.68 38.85 27.19
CA ILE L 28 -34.43 39.96 26.62
C ILE L 28 -35.11 39.53 25.33
N LYS L 29 -34.43 38.72 24.52
CA LYS L 29 -35.06 38.26 23.29
C LYS L 29 -36.07 37.17 23.58
N SER L 30 -36.00 36.56 24.76
CA SER L 30 -36.98 35.54 25.09
C SER L 30 -38.27 36.15 25.63
N PHE L 31 -38.30 37.46 25.84
CA PHE L 31 -39.50 38.05 26.39
C PHE L 31 -40.14 39.10 25.50
N LYS L 32 -39.34 39.86 24.77
CA LYS L 32 -39.91 40.72 23.74
C LYS L 32 -40.58 39.89 22.67
N ASN L 33 -40.05 38.70 22.40
CA ASN L 33 -40.74 37.71 21.58
C ASN L 33 -41.70 36.85 22.40
N PHE L 34 -42.18 37.34 23.53
CA PHE L 34 -43.12 36.56 24.29
C PHE L 34 -44.37 37.32 24.72
N ILE L 35 -44.29 38.62 24.91
CA ILE L 35 -45.44 39.34 25.44
C ILE L 35 -46.20 40.01 24.32
N LEU L 36 -45.65 40.04 23.12
CA LEU L 36 -46.44 40.54 22.01
C LEU L 36 -47.28 39.46 21.34
N GLU L 37 -47.37 38.26 21.91
CA GLU L 37 -48.19 37.24 21.28
C GLU L 37 -48.90 36.29 22.23
N PHE L 38 -48.67 36.39 23.55
CA PHE L 38 -49.33 35.49 24.47
C PHE L 38 -50.82 35.83 24.51
N ARG L 39 -51.64 34.80 24.40
CA ARG L 39 -53.08 34.99 24.34
C ARG L 39 -53.74 33.68 24.72
N LEU L 40 -54.97 33.77 25.17
CA LEU L 40 -55.85 32.63 25.07
C LEU L 40 -56.64 32.84 23.79
N ASP L 41 -57.72 32.10 23.57
CA ASP L 41 -58.22 31.83 22.22
C ASP L 41 -58.83 33.07 21.57
N SER L 42 -57.98 33.77 20.82
CA SER L 42 -58.30 34.91 19.95
C SER L 42 -58.84 36.09 20.76
N GLN L 43 -58.01 36.58 21.65
CA GLN L 43 -58.26 37.88 22.29
C GLN L 43 -57.04 38.76 22.32
N PHE L 44 -55.84 38.19 22.15
CA PHE L 44 -54.63 39.01 22.02
C PHE L 44 -54.54 40.06 23.11
N ILE L 45 -54.63 39.61 24.34
CA ILE L 45 -54.67 40.49 25.50
C ILE L 45 -53.54 41.45 25.91
N TYR L 46 -52.26 41.10 25.78
CA TYR L 46 -51.33 42.03 26.41
C TYR L 46 -51.02 43.21 25.54
N ARG L 47 -51.07 43.05 24.23
CA ARG L 47 -51.08 44.25 23.42
C ARG L 47 -52.40 44.99 23.56
N ASP L 48 -53.49 44.28 23.84
CA ASP L 48 -54.78 44.94 24.00
C ASP L 48 -54.96 45.60 25.36
N GLN L 49 -53.94 45.59 26.21
CA GLN L 49 -54.05 46.43 27.39
C GLN L 49 -52.90 47.42 27.51
N LEU L 50 -51.73 47.07 26.99
CA LEU L 50 -50.61 48.01 27.00
C LEU L 50 -50.88 49.22 26.13
N ARG L 51 -51.44 48.98 24.95
CA ARG L 51 -52.05 50.04 24.14
C ARG L 51 -53.04 50.83 24.95
N ASN L 52 -53.85 50.15 25.74
CA ASN L 52 -54.80 50.84 26.59
C ASN L 52 -54.13 51.45 27.81
N ASN L 53 -52.86 51.16 28.06
CA ASN L 53 -52.24 51.70 29.26
C ASN L 53 -51.20 52.74 28.96
N ILE L 54 -50.73 52.82 27.71
CA ILE L 54 -49.86 53.92 27.35
C ILE L 54 -50.65 55.18 27.11
N LEU L 55 -51.96 55.07 26.96
CA LEU L 55 -52.76 56.21 26.55
C LEU L 55 -53.07 57.09 27.75
N VAL L 56 -53.86 56.59 28.66
CA VAL L 56 -53.98 57.20 29.98
C VAL L 56 -52.75 56.80 30.78
N LYS L 57 -52.07 57.80 31.34
CA LYS L 57 -50.68 57.64 31.74
C LYS L 57 -50.59 56.86 33.04
N ASN L 58 -50.16 55.60 32.96
CA ASN L 58 -49.92 54.84 34.17
C ASN L 58 -48.59 54.11 34.13
N TYR L 59 -48.25 53.58 32.97
CA TYR L 59 -47.03 52.83 32.70
C TYR L 59 -46.83 51.63 33.61
N SER L 60 -47.72 50.63 33.54
CA SER L 60 -47.63 49.50 34.46
C SER L 60 -48.18 48.26 33.80
N LEU L 61 -47.87 47.10 34.36
CA LEU L 61 -48.28 45.81 33.83
C LEU L 61 -48.91 44.97 34.91
N THR L 62 -49.32 43.78 34.55
CA THR L 62 -49.58 42.67 35.46
C THR L 62 -49.23 41.39 34.70
N VAL L 63 -49.14 40.27 35.41
CA VAL L 63 -49.04 38.99 34.73
C VAL L 63 -50.20 38.14 35.18
N ASN L 64 -50.42 37.00 34.50
CA ASN L 64 -51.72 36.36 34.62
C ASN L 64 -51.74 34.97 35.24
N MET L 65 -51.55 33.97 34.38
CA MET L 65 -51.64 32.57 34.74
C MET L 65 -50.41 31.69 34.54
N GLU L 66 -50.71 30.43 34.23
CA GLU L 66 -49.77 29.33 34.10
C GLU L 66 -48.63 29.20 33.06
N HIS L 67 -48.79 29.57 31.79
CA HIS L 67 -47.64 29.21 30.98
C HIS L 67 -46.55 30.21 31.25
N LEU L 68 -46.97 31.37 31.73
CA LEU L 68 -45.97 32.34 32.15
C LEU L 68 -45.25 31.57 33.26
N ILE L 69 -46.03 30.91 34.12
CA ILE L 69 -45.57 30.04 35.17
C ILE L 69 -44.95 28.78 34.57
N GLY L 70 -45.57 28.28 33.50
CA GLY L 70 -45.11 27.02 32.91
C GLY L 70 -43.71 27.12 32.34
N TYR L 71 -43.46 28.12 31.50
CA TYR L 71 -42.07 28.34 31.10
C TYR L 71 -41.40 29.40 31.93
N ASN L 72 -42.16 30.22 32.66
CA ASN L 72 -41.48 31.23 33.47
C ASN L 72 -40.75 30.63 34.63
N GLU L 73 -41.17 29.49 35.17
CA GLU L 73 -40.29 28.76 36.05
C GLU L 73 -39.07 28.26 35.31
N ASP L 74 -39.24 27.84 34.06
CA ASP L 74 -38.09 27.54 33.23
C ASP L 74 -37.27 28.79 32.94
N ILE L 75 -37.85 29.99 33.10
CA ILE L 75 -37.00 31.16 33.23
C ILE L 75 -36.68 31.39 34.71
N TYR L 76 -37.60 31.07 35.63
CA TYR L 76 -37.29 31.30 37.04
C TYR L 76 -36.32 30.26 37.58
N LYS L 77 -36.13 29.14 36.89
CA LYS L 77 -35.02 28.27 37.26
C LYS L 77 -33.69 28.87 36.85
N LYS L 78 -33.71 29.92 36.03
CA LYS L 78 -32.54 30.79 35.96
C LYS L 78 -32.82 32.20 36.49
N LEU L 79 -34.00 32.45 37.07
CA LEU L 79 -34.20 33.70 37.79
C LEU L 79 -34.24 33.54 39.31
N SER L 80 -34.49 32.33 39.83
CA SER L 80 -34.49 32.11 41.28
C SER L 80 -33.15 32.38 41.93
N ASP L 81 -32.06 32.25 41.16
CA ASP L 81 -30.72 32.50 41.67
C ASP L 81 -30.56 33.95 42.09
N GLU L 82 -31.16 34.86 41.35
CA GLU L 82 -31.12 36.23 41.78
C GLU L 82 -32.34 36.98 41.28
N PRO L 83 -33.50 36.82 41.90
CA PRO L 83 -34.68 37.61 41.51
C PRO L 83 -34.63 39.03 42.04
N SER L 84 -33.49 39.68 41.90
CA SER L 84 -33.28 41.02 42.41
C SER L 84 -32.48 41.85 41.43
N ASP L 85 -32.01 41.26 40.33
CA ASP L 85 -31.31 42.04 39.33
C ASP L 85 -31.84 41.74 37.94
N ILE L 86 -32.47 40.58 37.79
CA ILE L 86 -32.96 40.19 36.48
C ILE L 86 -34.47 40.20 36.53
N ILE L 87 -35.01 40.65 37.64
CA ILE L 87 -36.38 41.15 37.66
C ILE L 87 -36.44 42.46 36.85
N PRO L 88 -35.52 43.44 37.01
CA PRO L 88 -35.58 44.56 36.07
C PRO L 88 -34.97 44.26 34.71
N LEU L 89 -34.53 43.04 34.45
CA LEU L 89 -34.18 42.73 33.08
C LEU L 89 -35.42 42.44 32.26
N PHE L 90 -36.54 42.13 32.93
CA PHE L 90 -37.84 42.35 32.32
C PHE L 90 -38.04 43.79 31.93
N GLU L 91 -37.64 44.71 32.81
CA GLU L 91 -38.08 46.09 32.72
C GLU L 91 -37.47 46.81 31.53
N THR L 92 -36.24 46.47 31.16
CA THR L 92 -35.65 47.07 29.98
C THR L 92 -36.31 46.61 28.71
N ALA L 93 -36.93 45.44 28.72
CA ALA L 93 -37.53 44.89 27.51
C ALA L 93 -38.77 45.66 27.08
N ILE L 94 -39.71 45.86 27.99
CA ILE L 94 -41.02 46.40 27.61
C ILE L 94 -40.95 47.85 27.18
N THR L 95 -39.87 48.55 27.48
CA THR L 95 -39.68 49.85 26.86
C THR L 95 -39.36 49.69 25.39
N GLN L 96 -38.66 48.62 25.02
CA GLN L 96 -38.32 48.44 23.62
C GLN L 96 -39.51 47.93 22.82
N VAL L 97 -40.54 47.44 23.50
CA VAL L 97 -41.78 47.19 22.78
C VAL L 97 -42.69 48.39 22.90
N ALA L 98 -42.39 49.31 23.80
CA ALA L 98 -43.24 50.48 23.95
C ALA L 98 -43.08 51.43 22.78
N LYS L 99 -41.84 51.63 22.31
CA LYS L 99 -41.60 52.57 21.22
C LYS L 99 -42.17 52.07 19.90
N ARG L 100 -42.39 50.76 19.79
CA ARG L 100 -43.12 50.22 18.67
C ARG L 100 -44.57 50.68 18.65
N ILE L 101 -45.13 51.05 19.80
CA ILE L 101 -46.52 51.51 19.85
C ILE L 101 -46.57 53.02 20.00
N SER L 102 -45.44 53.69 19.82
CA SER L 102 -45.46 55.15 19.77
C SER L 102 -45.50 55.65 18.34
N ILE L 103 -44.58 55.20 17.49
CA ILE L 103 -44.48 55.71 16.14
C ILE L 103 -44.71 54.60 15.12
N ASN L 130 -38.02 62.84 22.61
CA ASN L 130 -38.57 61.64 23.23
C ASN L 130 -38.86 61.85 24.70
N SER L 131 -40.08 61.49 25.11
CA SER L 131 -40.55 61.58 26.48
C SER L 131 -41.06 60.18 26.86
N LEU L 132 -40.16 59.34 27.33
CA LEU L 132 -40.59 58.00 27.67
C LEU L 132 -39.99 57.58 29.00
N PRO L 133 -40.80 57.36 30.01
CA PRO L 133 -40.28 56.88 31.28
C PRO L 133 -40.10 55.38 31.26
N THR L 134 -39.51 54.81 32.31
CA THR L 134 -39.44 53.38 32.46
C THR L 134 -40.71 52.93 33.16
N PHE L 135 -40.89 51.62 33.23
CA PHE L 135 -42.15 51.06 33.71
C PHE L 135 -41.94 50.43 35.06
N GLN L 136 -42.98 49.77 35.55
CA GLN L 136 -42.87 48.99 36.77
C GLN L 136 -43.64 47.70 36.59
N LEU L 137 -43.49 46.79 37.53
CA LEU L 137 -44.13 45.49 37.45
C LEU L 137 -45.09 45.32 38.62
N ILE L 138 -46.14 44.55 38.42
CA ILE L 138 -47.08 44.17 39.47
C ILE L 138 -47.38 42.70 39.26
N LEU L 139 -47.37 41.93 40.34
CA LEU L 139 -47.47 40.47 40.26
C LEU L 139 -48.79 39.98 40.83
N ASN L 140 -48.99 38.67 40.76
CA ASN L 140 -50.12 37.97 41.35
C ASN L 140 -49.78 36.51 41.58
N SER L 141 -50.11 36.02 42.77
CA SER L 141 -49.94 34.60 43.13
C SER L 141 -50.74 34.37 44.40
N ASN L 142 -51.31 33.18 44.55
CA ASN L 142 -52.17 32.92 45.71
C ASN L 142 -52.20 31.42 46.00
N ALA L 143 -51.39 30.98 46.97
CA ALA L 143 -51.74 29.65 47.47
C ALA L 143 -52.05 29.64 48.96
N ASN L 144 -51.17 30.14 49.82
CA ASN L 144 -51.56 30.34 51.20
C ASN L 144 -50.75 31.46 51.83
N GLN L 145 -50.76 31.51 53.15
CA GLN L 145 -50.17 32.63 53.87
C GLN L 145 -49.50 32.11 55.13
N ILE L 146 -48.21 31.79 55.05
CA ILE L 146 -47.42 31.55 56.23
C ILE L 146 -47.23 32.89 56.91
N PRO L 147 -47.86 33.12 58.06
CA PRO L 147 -47.98 34.49 58.56
C PRO L 147 -46.66 35.14 58.95
N LEU L 148 -46.01 34.69 60.00
CA LEU L 148 -44.74 35.29 60.35
C LEU L 148 -43.78 34.25 60.94
N ARG L 149 -43.76 33.02 60.42
CA ARG L 149 -43.00 31.98 61.08
C ARG L 149 -41.69 31.73 60.35
N ASP L 150 -41.72 31.28 59.11
CA ASP L 150 -40.51 30.70 58.53
C ASP L 150 -39.76 31.82 57.83
N LEU L 151 -38.94 32.53 58.57
CA LEU L 151 -38.50 33.83 58.09
C LEU L 151 -36.99 34.02 58.11
N ASP L 152 -36.19 32.96 58.22
CA ASP L 152 -34.77 33.19 57.96
C ASP L 152 -34.11 32.04 57.23
N SER L 153 -34.74 30.87 57.22
CA SER L 153 -34.01 29.69 56.78
C SER L 153 -34.00 29.60 55.28
N GLU L 154 -35.17 29.41 54.69
CA GLU L 154 -35.29 29.18 53.27
C GLU L 154 -36.04 30.29 52.58
N HIS L 155 -36.01 31.49 53.15
CA HIS L 155 -36.80 32.56 52.59
C HIS L 155 -36.02 33.83 52.41
N VAL L 156 -34.71 33.75 52.29
CA VAL L 156 -33.98 34.91 51.83
C VAL L 156 -34.06 34.96 50.32
N SER L 157 -34.56 36.07 49.79
CA SER L 157 -34.73 36.33 48.35
C SER L 157 -35.55 35.26 47.65
N LYS L 158 -36.72 34.93 48.19
CA LYS L 158 -37.72 34.15 47.47
C LYS L 158 -39.04 34.91 47.54
N ILE L 159 -40.03 34.47 46.78
CA ILE L 159 -41.28 35.22 46.68
C ILE L 159 -42.19 34.82 47.82
N VAL L 160 -42.59 35.79 48.62
CA VAL L 160 -43.36 35.52 49.82
C VAL L 160 -44.72 36.19 49.67
N ARG L 161 -45.69 35.72 50.46
CA ARG L 161 -47.02 36.32 50.52
C ARG L 161 -47.42 36.49 51.98
N LEU L 162 -47.88 37.69 52.33
CA LEU L 162 -48.16 38.06 53.72
C LEU L 162 -49.60 38.51 53.83
N SER L 163 -50.18 38.36 55.01
CA SER L 163 -51.44 39.01 55.33
C SER L 163 -51.27 39.87 56.57
N GLY L 164 -51.48 41.17 56.45
CA GLY L 164 -51.26 42.04 57.60
C GLY L 164 -52.21 43.21 57.71
N ILE L 165 -52.05 44.00 58.77
CA ILE L 165 -52.81 45.22 58.96
C ILE L 165 -51.85 46.39 59.00
N ILE L 166 -51.99 47.30 58.05
CA ILE L 166 -51.04 48.39 57.96
C ILE L 166 -51.43 49.48 58.95
N ILE L 167 -50.45 49.97 59.70
CA ILE L 167 -50.77 50.90 60.78
C ILE L 167 -50.15 52.27 60.61
N SER L 168 -48.98 52.40 60.00
CA SER L 168 -48.28 53.67 60.12
C SER L 168 -47.60 54.02 58.81
N THR L 169 -47.87 55.23 58.34
CA THR L 169 -47.31 55.73 57.10
C THR L 169 -46.28 56.78 57.45
N SER L 170 -45.18 56.80 56.72
CA SER L 170 -44.25 57.91 56.86
C SER L 170 -44.50 58.90 55.75
N VAL L 171 -43.84 60.05 55.84
CA VAL L 171 -43.91 61.06 54.80
C VAL L 171 -43.04 60.61 53.65
N LEU L 172 -43.28 61.16 52.47
CA LEU L 172 -42.63 60.70 51.26
C LEU L 172 -41.17 61.15 51.25
N SER L 173 -40.43 60.67 50.25
CA SER L 173 -39.03 61.01 50.12
C SER L 173 -38.66 60.94 48.65
N SER L 174 -37.36 60.84 48.34
CA SER L 174 -36.95 60.72 46.96
C SER L 174 -35.61 60.01 46.87
N ARG L 175 -35.50 59.09 45.91
CA ARG L 175 -34.21 58.60 45.44
C ARG L 175 -34.22 58.74 43.93
N ALA L 176 -33.04 58.78 43.35
CA ALA L 176 -32.94 59.06 41.92
C ALA L 176 -32.91 57.78 41.10
N THR L 177 -33.08 57.94 39.81
CA THR L 177 -32.96 56.81 38.91
C THR L 177 -32.20 57.17 37.65
N TYR L 178 -31.95 58.45 37.43
CA TYR L 178 -31.18 58.86 36.25
C TYR L 178 -30.40 60.11 36.61
N LEU L 179 -29.08 60.03 36.49
CA LEU L 179 -28.21 61.07 36.99
C LEU L 179 -27.29 61.58 35.89
N SER L 180 -26.59 62.65 36.23
CA SER L 180 -25.54 63.24 35.40
C SER L 180 -24.37 63.67 36.28
N ILE L 181 -23.17 63.40 35.79
CA ILE L 181 -22.00 63.28 36.64
C ILE L 181 -20.88 64.09 36.01
N MET L 182 -20.23 64.94 36.83
CA MET L 182 -19.14 65.78 36.37
C MET L 182 -17.85 65.43 37.10
N CYS L 183 -16.82 65.12 36.34
CA CYS L 183 -15.44 65.21 36.78
C CYS L 183 -15.06 66.67 37.03
N ARG L 184 -14.21 66.92 38.02
CA ARG L 184 -14.01 68.26 38.54
C ARG L 184 -13.13 69.12 37.63
N ASN L 185 -11.87 68.71 37.45
CA ASN L 185 -10.88 69.56 36.80
C ASN L 185 -10.57 69.04 35.40
N CYS L 186 -11.33 68.04 34.99
CA CYS L 186 -11.06 67.39 33.73
C CYS L 186 -12.35 67.38 32.91
N ARG L 187 -13.48 67.55 33.61
CA ARG L 187 -14.81 67.81 33.06
C ARG L 187 -15.35 66.71 32.14
N HIS L 188 -15.33 65.48 32.61
CA HIS L 188 -16.00 64.37 31.95
C HIS L 188 -17.48 64.49 32.24
N THR L 189 -18.30 64.02 31.32
CA THR L 189 -19.75 63.98 31.52
C THR L 189 -20.27 62.60 31.16
N THR L 190 -20.97 61.97 32.10
CA THR L 190 -21.59 60.68 31.86
C THR L 190 -22.98 60.67 32.46
N SER L 191 -23.62 59.50 32.40
CA SER L 191 -24.93 59.33 32.99
C SER L 191 -25.11 57.87 33.37
N ILE L 192 -25.51 57.63 34.62
CA ILE L 192 -25.70 56.29 35.14
C ILE L 192 -27.14 56.16 35.62
N THR L 193 -27.75 55.02 35.34
CA THR L 193 -29.09 54.68 35.81
C THR L 193 -29.00 53.61 36.89
N ILE L 194 -29.79 53.79 37.94
CA ILE L 194 -29.78 52.91 39.10
C ILE L 194 -31.18 52.35 39.23
N ASN L 195 -31.40 51.12 38.78
CA ASN L 195 -32.78 50.67 38.70
C ASN L 195 -33.26 49.85 39.88
N ASN L 196 -32.71 48.66 40.10
CA ASN L 196 -33.13 47.87 41.22
C ASN L 196 -31.95 47.63 42.15
N PHE L 197 -32.28 47.15 43.32
CA PHE L 197 -31.46 47.30 44.50
C PHE L 197 -31.09 45.91 45.02
N ASN L 198 -30.06 45.87 45.84
CA ASN L 198 -29.48 44.60 46.29
C ASN L 198 -30.43 43.82 47.20
N THR L 201 -32.40 50.86 48.91
CA THR L 201 -31.87 51.33 50.19
C THR L 201 -30.70 52.27 49.98
N GLY L 202 -30.13 52.25 48.77
CA GLY L 202 -28.96 53.03 48.48
C GLY L 202 -27.71 52.19 48.25
N ASN L 203 -26.81 52.72 47.40
CA ASN L 203 -25.50 52.16 47.07
C ASN L 203 -25.60 50.75 46.47
N THR L 204 -26.21 50.70 45.29
CA THR L 204 -26.03 49.53 44.44
C THR L 204 -24.65 49.58 43.77
N VAL L 205 -24.36 50.68 43.08
CA VAL L 205 -23.03 50.95 42.54
C VAL L 205 -22.57 52.28 43.12
N SER L 206 -21.28 52.56 42.94
CA SER L 206 -20.72 53.81 43.41
C SER L 206 -20.21 54.63 42.24
N LEU L 207 -19.65 55.80 42.55
CA LEU L 207 -19.07 56.58 41.47
C LEU L 207 -17.56 56.39 41.44
N PRO L 208 -16.99 56.04 40.31
CA PRO L 208 -15.57 55.67 40.29
C PRO L 208 -14.63 56.88 40.29
N ARG L 209 -13.34 56.65 40.07
CA ARG L 209 -12.32 57.69 40.12
C ARG L 209 -11.85 58.15 38.75
N SER L 210 -12.36 57.57 37.68
CA SER L 210 -11.80 57.77 36.34
C SER L 210 -12.69 58.74 35.57
N CYS L 211 -12.14 59.90 35.22
CA CYS L 211 -12.85 60.87 34.38
C CYS L 211 -12.04 61.12 33.13
N ASN L 235 -9.09 62.11 33.51
CA ASN L 235 -7.72 62.12 33.99
C ASN L 235 -7.55 63.14 35.11
N CYS L 236 -8.66 63.55 35.69
CA CYS L 236 -8.65 64.53 36.77
C CYS L 236 -8.49 63.79 38.10
N GLY L 237 -8.65 64.52 39.22
CA GLY L 237 -8.29 64.01 40.54
C GLY L 237 -9.17 62.88 41.09
N PRO L 238 -8.86 62.41 42.31
CA PRO L 238 -9.70 61.38 42.94
C PRO L 238 -11.07 61.95 43.31
N ASP L 239 -12.06 61.04 43.41
CA ASP L 239 -13.50 61.16 43.64
C ASP L 239 -14.11 62.47 43.13
N PRO L 240 -13.91 62.82 41.87
CA PRO L 240 -14.15 64.20 41.45
C PRO L 240 -15.59 64.44 41.08
N TYR L 241 -16.47 63.56 41.54
CA TYR L 241 -17.79 63.45 40.96
C TYR L 241 -18.83 64.10 41.86
N ILE L 242 -19.79 64.74 41.24
CA ILE L 242 -20.77 65.59 41.89
C ILE L 242 -22.13 65.35 41.27
N ILE L 243 -23.17 65.63 42.05
CA ILE L 243 -24.53 65.38 41.62
C ILE L 243 -25.19 66.71 41.32
N ILE L 244 -25.34 67.02 40.04
CA ILE L 244 -26.03 68.20 39.64
C ILE L 244 -27.53 67.95 39.79
N HIS L 245 -28.30 69.00 39.78
CA HIS L 245 -29.75 68.82 39.76
C HIS L 245 -30.24 69.68 38.61
N GLU L 246 -30.08 69.18 37.40
CA GLU L 246 -30.59 69.86 36.22
C GLU L 246 -31.28 68.84 35.32
N SER L 247 -30.73 67.64 35.28
CA SER L 247 -31.23 66.57 34.42
C SER L 247 -31.31 65.33 35.29
N SER L 248 -32.43 65.14 35.96
CA SER L 248 -32.57 64.08 36.93
C SER L 248 -34.03 63.67 37.03
N LYS L 249 -34.22 62.40 37.32
CA LYS L 249 -35.55 61.87 37.60
C LYS L 249 -35.54 61.32 39.02
N PHE L 250 -36.71 61.08 39.57
CA PHE L 250 -36.79 60.61 40.95
C PHE L 250 -37.95 59.66 41.17
N ILE L 251 -37.73 58.73 42.08
CA ILE L 251 -38.74 57.80 42.55
C ILE L 251 -38.91 58.04 44.05
N ASP L 252 -40.08 57.69 44.59
CA ASP L 252 -40.36 57.91 46.01
C ASP L 252 -40.50 56.60 46.76
N GLN L 253 -40.07 56.59 48.01
CA GLN L 253 -40.17 55.41 48.87
C GLN L 253 -41.04 55.75 50.07
N GLN L 254 -41.37 54.77 50.89
CA GLN L 254 -42.35 54.98 51.95
C GLN L 254 -41.85 54.75 53.37
N PHE L 255 -41.30 53.57 53.65
CA PHE L 255 -41.11 53.05 55.00
C PHE L 255 -42.40 53.07 55.80
N LEU L 256 -43.46 52.59 55.18
CA LEU L 256 -44.65 52.28 55.94
C LEU L 256 -44.45 50.98 56.69
N LYS L 257 -45.09 50.86 57.85
CA LYS L 257 -44.86 49.75 58.75
C LYS L 257 -46.01 48.75 58.70
N LEU L 258 -45.67 47.48 58.79
CA LEU L 258 -46.69 46.45 58.67
C LEU L 258 -46.84 45.77 60.01
N GLN L 259 -48.06 45.36 60.32
CA GLN L 259 -48.37 44.68 61.56
C GLN L 259 -49.09 43.37 61.27
N GLU L 260 -48.78 42.37 62.08
CA GLU L 260 -49.36 41.05 61.99
C GLU L 260 -50.85 41.09 62.30
N ILE L 261 -51.64 40.36 61.51
CA ILE L 261 -53.07 40.22 61.82
C ILE L 261 -53.24 39.42 63.11
N PRO L 262 -53.94 39.96 64.13
CA PRO L 262 -53.80 39.46 65.50
C PRO L 262 -54.63 38.22 65.83
N GLU L 263 -54.63 37.26 64.94
CA GLU L 263 -55.49 36.10 65.15
C GLU L 263 -54.83 34.78 64.86
N LEU L 264 -53.66 34.75 64.25
CA LEU L 264 -53.19 33.51 63.66
C LEU L 264 -52.28 32.72 64.57
N VAL L 265 -51.45 33.37 65.39
CA VAL L 265 -50.60 32.56 66.26
C VAL L 265 -50.81 32.91 67.73
N PRO L 266 -51.85 32.34 68.37
CA PRO L 266 -51.99 32.51 69.82
C PRO L 266 -51.39 31.39 70.65
N VAL L 267 -50.35 31.68 71.43
CA VAL L 267 -50.07 30.85 72.60
C VAL L 267 -50.04 31.76 73.81
N GLY L 268 -49.05 32.64 73.86
CA GLY L 268 -48.95 33.66 74.89
C GLY L 268 -48.23 34.90 74.41
N GLU L 269 -48.02 35.00 73.11
CA GLU L 269 -47.07 35.96 72.57
C GLU L 269 -47.74 37.29 72.24
N MET L 270 -46.91 38.26 71.95
CA MET L 270 -47.13 39.62 71.48
C MET L 270 -46.69 39.71 70.02
N PRO L 271 -47.34 40.51 69.18
CA PRO L 271 -47.02 40.45 67.75
C PRO L 271 -45.79 41.28 67.42
N ARG L 272 -45.17 40.98 66.28
CA ARG L 272 -43.99 41.68 65.83
C ARG L 272 -44.31 42.50 64.58
N ASN L 273 -43.28 43.07 63.98
CA ASN L 273 -43.48 44.03 62.91
C ASN L 273 -42.27 44.08 61.98
N LEU L 274 -42.53 44.46 60.74
CA LEU L 274 -41.52 44.57 59.69
C LEU L 274 -41.57 45.95 59.09
N THR L 275 -40.84 46.13 58.00
CA THR L 275 -40.80 47.37 57.27
C THR L 275 -40.77 47.11 55.76
N MET L 276 -41.27 48.07 54.99
CA MET L 276 -41.21 47.92 53.54
C MET L 276 -41.29 49.26 52.85
N THR L 277 -40.85 49.27 51.59
CA THR L 277 -40.89 50.41 50.69
C THR L 277 -41.71 50.06 49.45
N CYS L 278 -41.87 51.04 48.56
CA CYS L 278 -42.52 50.78 47.28
C CYS L 278 -42.16 51.80 46.21
N ASP L 279 -42.81 51.70 45.04
CA ASP L 279 -42.58 52.61 43.92
C ASP L 279 -43.79 53.53 43.83
N ARG L 280 -43.72 54.58 43.02
CA ARG L 280 -44.67 55.67 43.02
C ARG L 280 -46.01 55.26 42.42
N TYR L 281 -46.01 54.39 41.41
CA TYR L 281 -47.29 54.09 40.82
C TYR L 281 -48.00 52.96 41.52
N LEU L 282 -47.64 52.71 42.77
CA LEU L 282 -48.42 51.90 43.69
C LEU L 282 -48.40 52.46 45.09
N THR L 283 -47.92 53.68 45.29
CA THR L 283 -47.94 54.28 46.62
C THR L 283 -49.26 55.00 46.86
N ASN L 284 -49.42 55.39 48.13
CA ASN L 284 -50.59 56.09 48.64
C ASN L 284 -51.87 55.34 48.27
N LYS L 285 -51.83 54.03 48.40
CA LYS L 285 -52.98 53.22 48.09
C LYS L 285 -53.59 52.56 49.30
N VAL L 286 -53.13 52.89 50.50
CA VAL L 286 -53.60 52.27 51.72
C VAL L 286 -53.81 53.33 52.78
N ILE L 287 -54.84 53.13 53.59
CA ILE L 287 -55.07 53.93 54.78
C ILE L 287 -54.85 53.01 55.97
N PRO L 288 -54.46 53.51 57.13
CA PRO L 288 -54.26 52.62 58.28
C PRO L 288 -55.58 52.12 58.82
N GLY L 289 -55.63 50.83 59.12
CA GLY L 289 -56.79 50.21 59.73
C GLY L 289 -57.48 49.22 58.84
N THR L 290 -56.75 48.59 57.93
CA THR L 290 -57.37 47.71 56.96
C THR L 290 -56.73 46.33 56.97
N ARG L 291 -57.50 45.38 56.46
CA ARG L 291 -57.01 44.05 56.12
C ARG L 291 -56.28 44.22 54.81
N VAL L 292 -55.14 43.56 54.64
CA VAL L 292 -54.41 43.65 53.40
C VAL L 292 -53.62 42.37 53.20
N THR L 293 -53.28 42.12 51.94
CA THR L 293 -52.39 41.04 51.56
C THR L 293 -51.34 41.59 50.59
N ILE L 294 -50.18 40.98 50.54
CA ILE L 294 -49.06 41.57 49.85
C ILE L 294 -48.08 40.48 49.41
N VAL L 295 -47.37 40.73 48.31
CA VAL L 295 -46.49 39.75 47.71
C VAL L 295 -45.20 40.39 47.25
N GLY L 296 -44.07 39.84 47.69
CA GLY L 296 -42.81 40.47 47.36
C GLY L 296 -41.61 39.70 47.86
N ILE L 297 -40.49 40.43 47.94
CA ILE L 297 -39.18 39.81 48.16
C ILE L 297 -38.81 39.98 49.64
N TYR L 298 -37.76 39.28 50.06
CA TYR L 298 -37.37 39.28 51.46
C TYR L 298 -35.89 39.61 51.58
N SER L 299 -35.46 40.61 50.83
CA SER L 299 -34.03 40.95 50.79
C SER L 299 -33.60 41.66 52.05
N ILE L 300 -32.29 41.96 52.13
CA ILE L 300 -31.65 42.38 53.37
C ILE L 300 -30.79 43.61 53.14
N TYR L 301 -31.02 44.65 53.93
CA TYR L 301 -30.12 45.80 53.99
C TYR L 301 -29.30 45.75 55.26
N ASN L 302 -28.37 46.69 55.39
CA ASN L 302 -27.45 46.80 56.52
C ASN L 302 -27.26 48.27 56.88
N SER L 303 -27.93 48.71 57.93
CA SER L 303 -27.77 50.08 58.41
C SER L 303 -26.69 50.15 59.47
N LYS L 304 -25.84 51.17 59.37
CA LYS L 304 -24.86 51.50 60.42
C LYS L 304 -25.36 52.63 61.31
N ASN L 305 -26.58 52.48 61.84
CA ASN L 305 -27.29 53.50 62.63
C ASN L 305 -27.34 54.86 61.94
N SER L 319 -23.65 45.86 69.04
CA SER L 319 -24.65 44.83 68.83
C SER L 319 -24.03 43.58 68.23
N GLY L 320 -22.98 43.09 68.86
CA GLY L 320 -22.40 41.81 68.51
C GLY L 320 -21.71 41.78 67.17
N VAL L 321 -21.77 40.64 66.50
CA VAL L 321 -21.10 40.46 65.20
C VAL L 321 -21.89 41.21 64.13
N ALA L 322 -21.33 41.25 62.91
CA ALA L 322 -21.89 42.03 61.83
C ALA L 322 -23.24 41.47 61.39
N ILE L 323 -24.28 41.92 62.05
CA ILE L 323 -25.63 41.45 61.80
C ILE L 323 -26.44 42.54 61.13
N ARG L 324 -27.34 42.14 60.26
CA ARG L 324 -28.14 43.03 59.43
C ARG L 324 -29.61 42.92 59.80
N THR L 325 -30.48 43.54 59.01
CA THR L 325 -31.87 43.50 59.42
C THR L 325 -32.79 43.04 58.30
N PRO L 326 -34.00 42.63 58.61
CA PRO L 326 -34.91 42.19 57.56
C PRO L 326 -35.85 43.29 57.11
N TYR L 327 -36.30 43.21 55.86
CA TYR L 327 -37.31 44.09 55.33
C TYR L 327 -37.87 43.45 54.08
N ILE L 328 -39.07 43.90 53.71
CA ILE L 328 -39.75 43.42 52.51
C ILE L 328 -39.63 44.47 51.43
N LYS L 329 -39.33 44.04 50.23
CA LYS L 329 -39.43 44.88 49.04
C LYS L 329 -40.72 44.39 48.41
N ILE L 330 -41.73 45.27 48.34
CA ILE L 330 -43.02 44.79 47.88
C ILE L 330 -43.12 44.93 46.36
N LEU L 331 -44.10 44.23 45.80
CA LEU L 331 -44.29 44.41 44.38
C LEU L 331 -45.70 44.87 44.07
N GLY L 332 -46.71 44.18 44.56
CA GLY L 332 -48.08 44.47 44.17
C GLY L 332 -49.07 44.16 45.27
N ILE L 333 -49.92 45.12 45.55
CA ILE L 333 -50.94 44.96 46.57
C ILE L 333 -52.24 44.62 45.87
N GLN L 334 -52.56 43.35 45.82
CA GLN L 334 -53.86 42.95 45.28
C GLN L 334 -54.70 42.78 46.53
N SER L 335 -55.16 43.91 47.02
CA SER L 335 -55.74 43.99 48.35
C SER L 335 -57.21 43.60 48.30
N ASP L 336 -57.91 43.77 49.41
CA ASP L 336 -59.36 43.86 49.36
C ASP L 336 -59.72 45.33 49.27
N VAL L 337 -61.00 45.68 49.41
CA VAL L 337 -61.46 47.02 49.05
C VAL L 337 -60.97 48.05 50.06
N GLU L 338 -61.11 49.34 49.70
CA GLU L 338 -60.51 50.43 50.46
C GLU L 338 -61.04 50.50 51.88
N THR L 339 -62.34 50.21 52.05
CA THR L 339 -63.02 50.03 53.34
C THR L 339 -62.87 51.23 54.27
N VAL L 346 -61.86 58.97 45.19
CA VAL L 346 -61.56 57.70 45.82
C VAL L 346 -62.80 56.81 45.81
N THR L 347 -63.73 57.08 44.89
CA THR L 347 -64.95 56.29 44.73
C THR L 347 -65.08 55.70 43.34
N MET L 348 -63.98 55.30 42.72
CA MET L 348 -63.99 54.73 41.38
C MET L 348 -64.08 53.22 41.48
N PHE L 349 -64.98 52.62 40.71
CA PHE L 349 -65.11 51.18 40.62
C PHE L 349 -65.86 50.87 39.32
N THR L 350 -66.15 49.59 39.11
CA THR L 350 -66.75 49.18 37.85
C THR L 350 -68.25 49.46 37.84
N GLU L 351 -68.93 48.93 36.83
CA GLU L 351 -70.34 49.26 36.63
C GLU L 351 -71.30 48.12 36.93
N GLU L 352 -70.89 46.86 36.86
CA GLU L 352 -71.82 45.78 37.12
C GLU L 352 -72.14 45.65 38.59
N GLU L 353 -71.30 46.21 39.45
CA GLU L 353 -71.61 46.30 40.88
C GLU L 353 -72.86 47.14 41.11
N GLU L 354 -72.94 48.32 40.49
CA GLU L 354 -74.05 49.21 40.73
C GLU L 354 -75.30 48.77 39.99
N GLU L 355 -75.16 47.86 39.02
CA GLU L 355 -76.31 47.39 38.26
C GLU L 355 -77.23 46.57 39.14
N GLU L 356 -76.67 45.62 39.89
CA GLU L 356 -77.48 44.85 40.83
C GLU L 356 -77.99 45.72 41.96
N PHE L 357 -77.22 46.73 42.35
CA PHE L 357 -77.63 47.60 43.44
C PHE L 357 -78.87 48.38 43.08
N LEU L 358 -78.90 48.91 41.86
CA LEU L 358 -80.11 49.55 41.39
C LEU L 358 -81.21 48.54 41.14
N GLN L 359 -80.85 47.31 40.81
CA GLN L 359 -81.87 46.28 40.65
C GLN L 359 -82.41 45.83 42.01
N LEU L 360 -81.62 46.00 43.07
CA LEU L 360 -82.14 45.70 44.39
C LEU L 360 -82.90 46.88 44.97
N SER L 361 -82.43 48.10 44.70
CA SER L 361 -83.00 49.28 45.34
C SER L 361 -84.38 49.64 44.81
N ARG L 362 -84.79 49.07 43.68
CA ARG L 362 -86.15 49.30 43.23
C ARG L 362 -87.15 48.40 43.94
N ASN L 363 -86.71 47.25 44.42
CA ASN L 363 -87.58 46.41 45.24
C ASN L 363 -87.75 47.07 46.59
N PRO L 364 -88.92 47.55 46.94
CA PRO L 364 -89.06 48.36 48.15
C PRO L 364 -89.33 47.51 49.40
N LYS L 365 -88.39 46.62 49.70
CA LYS L 365 -88.49 45.82 50.91
C LYS L 365 -87.21 45.91 51.74
N LEU L 366 -86.37 46.89 51.45
CA LEU L 366 -85.04 47.01 52.03
C LEU L 366 -85.06 47.22 53.55
N TYR L 367 -85.99 48.01 54.05
CA TYR L 367 -86.02 48.39 55.45
C TYR L 367 -86.34 47.22 56.36
N GLU L 368 -87.19 46.30 55.90
CA GLU L 368 -87.54 45.15 56.72
C GLU L 368 -86.63 43.97 56.48
N ILE L 369 -86.03 43.88 55.29
CA ILE L 369 -85.22 42.71 54.97
C ILE L 369 -83.82 42.82 55.55
N LEU L 370 -83.38 44.01 55.91
CA LEU L 370 -82.05 44.15 56.50
C LEU L 370 -82.03 43.72 57.95
N THR L 371 -83.10 44.01 58.68
CA THR L 371 -83.23 43.68 60.09
C THR L 371 -83.19 42.20 60.36
N ASN L 372 -83.61 41.39 59.40
CA ASN L 372 -83.36 39.97 59.51
C ASN L 372 -81.97 39.63 59.01
N SER L 373 -81.46 40.35 58.03
CA SER L 373 -80.23 39.92 57.38
C SER L 373 -78.98 40.56 57.93
N ILE L 374 -79.07 41.65 58.68
CA ILE L 374 -77.89 42.22 59.32
C ILE L 374 -77.30 41.23 60.31
N ALA L 375 -78.04 40.91 61.35
CA ALA L 375 -77.47 40.13 62.45
C ALA L 375 -78.09 38.75 62.44
N PRO L 376 -77.45 37.76 61.83
CA PRO L 376 -78.05 36.42 61.73
C PRO L 376 -77.95 35.61 63.00
N SER L 377 -77.71 36.25 64.13
CA SER L 377 -77.38 35.60 65.36
C SER L 377 -77.95 36.36 66.53
N ILE L 378 -79.05 37.09 66.31
CA ILE L 378 -79.63 38.00 67.28
C ILE L 378 -81.13 37.78 67.28
N PHE L 379 -81.68 37.40 68.43
CA PHE L 379 -83.12 37.16 68.55
C PHE L 379 -83.85 38.49 68.57
N GLY L 380 -84.31 38.91 67.39
CA GLY L 380 -85.26 40.00 67.33
C GLY L 380 -84.63 41.35 67.60
N ASN L 381 -85.13 41.99 68.66
CA ASN L 381 -84.68 43.29 69.16
C ASN L 381 -84.87 44.38 68.11
N GLU L 382 -86.12 44.55 67.69
CA GLU L 382 -86.42 45.28 66.47
C GLU L 382 -86.19 46.77 66.59
N ASP L 383 -86.41 47.34 67.77
CA ASP L 383 -86.20 48.77 67.95
C ASP L 383 -84.72 49.11 67.94
N ILE L 384 -83.90 48.23 68.49
CA ILE L 384 -82.48 48.50 68.53
C ILE L 384 -81.84 48.30 67.16
N LYS L 385 -82.30 47.28 66.44
CA LYS L 385 -81.67 46.89 65.19
C LYS L 385 -81.81 47.96 64.13
N LYS L 386 -82.93 48.67 64.14
CA LYS L 386 -83.10 49.75 63.18
C LYS L 386 -82.23 50.95 63.49
N ALA L 387 -81.80 51.10 64.73
CA ALA L 387 -80.95 52.23 65.08
C ALA L 387 -79.54 52.07 64.56
N ILE L 388 -79.14 50.86 64.20
CA ILE L 388 -77.78 50.59 63.82
C ILE L 388 -77.55 50.84 62.34
N VAL L 389 -78.54 50.53 61.52
CA VAL L 389 -78.39 50.73 60.09
C VAL L 389 -78.42 52.21 59.76
N CYS L 390 -79.16 53.02 60.52
CA CYS L 390 -79.11 54.44 60.26
C CYS L 390 -77.85 55.06 60.82
N LEU L 391 -77.27 54.44 61.83
CA LEU L 391 -76.04 54.96 62.40
C LEU L 391 -74.87 54.74 61.45
N LEU L 392 -74.91 53.65 60.70
CA LEU L 392 -73.76 53.32 59.87
C LEU L 392 -73.62 54.27 58.69
N MET L 393 -74.73 54.74 58.13
CA MET L 393 -74.62 55.56 56.95
C MET L 393 -74.60 57.05 57.25
N GLY L 394 -75.46 57.53 58.12
CA GLY L 394 -75.39 58.93 58.49
C GLY L 394 -76.27 59.82 57.62
N GLY L 395 -76.03 61.12 57.76
CA GLY L 395 -76.79 62.11 57.04
C GLY L 395 -75.97 62.86 56.01
N SER L 396 -75.62 64.11 56.30
CA SER L 396 -74.91 64.95 55.35
C SER L 396 -74.06 65.95 56.14
N LYS L 397 -73.66 67.02 55.48
CA LYS L 397 -72.86 68.07 56.11
C LYS L 397 -73.08 69.38 55.37
N LYS L 398 -73.47 70.41 56.11
CA LYS L 398 -73.77 71.68 55.47
C LYS L 398 -72.67 72.69 55.75
N ILE L 399 -72.21 73.32 54.68
CA ILE L 399 -71.19 74.34 54.77
C ILE L 399 -71.85 75.62 54.25
N LEU L 400 -73.14 75.74 54.61
CA LEU L 400 -74.12 76.68 54.07
C LEU L 400 -73.60 78.13 54.07
N PRO L 401 -74.04 78.96 53.10
CA PRO L 401 -73.34 80.23 52.83
C PRO L 401 -73.42 81.23 53.97
N ASP L 402 -72.72 80.91 55.05
CA ASP L 402 -72.45 81.75 56.20
C ASP L 402 -71.18 81.18 56.81
N GLY L 403 -70.93 81.45 58.09
CA GLY L 403 -69.74 80.88 58.70
C GLY L 403 -69.91 79.53 59.36
N MET L 404 -71.03 79.31 60.05
CA MET L 404 -71.19 78.18 60.94
C MET L 404 -71.52 76.92 60.16
N ARG L 405 -71.84 75.84 60.88
CA ARG L 405 -72.23 74.59 60.25
C ARG L 405 -73.10 73.79 61.21
N LEU L 406 -73.85 72.87 60.65
CA LEU L 406 -74.60 71.88 61.39
C LEU L 406 -73.76 70.61 61.48
N ARG L 407 -74.09 69.77 62.45
CA ARG L 407 -73.40 68.50 62.60
C ARG L 407 -74.30 67.38 62.12
N GLY L 408 -73.97 66.81 60.97
CA GLY L 408 -74.73 65.72 60.42
C GLY L 408 -74.31 64.34 60.89
N ASP L 409 -74.68 63.97 62.11
CA ASP L 409 -74.42 62.63 62.62
C ASP L 409 -75.34 62.31 63.80
N ILE L 410 -75.42 61.02 64.12
CA ILE L 410 -76.23 60.51 65.23
C ILE L 410 -75.37 59.61 66.10
N ASN L 411 -75.66 59.59 67.39
CA ASN L 411 -74.87 58.82 68.35
C ASN L 411 -75.75 58.18 69.41
N VAL L 412 -75.70 56.86 69.49
CA VAL L 412 -76.66 56.10 70.27
C VAL L 412 -76.00 55.58 71.53
N LEU L 413 -76.83 55.13 72.47
CA LEU L 413 -76.36 54.46 73.67
C LEU L 413 -77.19 53.22 73.92
N LEU L 414 -76.61 52.27 74.64
CA LEU L 414 -77.28 51.05 75.05
C LEU L 414 -76.97 50.83 76.51
N LEU L 415 -77.90 51.08 77.40
CA LEU L 415 -77.66 50.74 78.79
C LEU L 415 -78.74 49.79 79.25
N GLY L 416 -78.33 48.80 80.04
CA GLY L 416 -79.24 47.77 80.50
C GLY L 416 -78.54 46.67 81.26
N ASP L 417 -79.30 45.66 81.66
CA ASP L 417 -78.84 44.56 82.50
C ASP L 417 -77.82 43.71 81.76
N PRO L 418 -76.93 43.04 82.47
CA PRO L 418 -76.05 42.08 81.82
C PRO L 418 -76.84 40.91 81.28
N GLY L 419 -76.42 40.43 80.12
CA GLY L 419 -77.09 39.31 79.51
C GLY L 419 -78.20 39.74 78.57
N THR L 420 -78.01 40.88 77.90
CA THR L 420 -78.97 41.37 76.91
C THR L 420 -78.26 41.75 75.62
N ALA L 421 -77.06 41.21 75.42
CA ALA L 421 -76.34 41.19 74.14
C ALA L 421 -75.98 42.57 73.62
N LYS L 422 -75.84 43.52 74.54
CA LYS L 422 -75.27 44.79 74.15
C LYS L 422 -73.78 44.69 73.86
N SER L 423 -73.10 43.68 74.41
CA SER L 423 -71.67 43.58 74.16
C SER L 423 -71.39 43.03 72.78
N GLN L 424 -71.79 41.77 72.56
CA GLN L 424 -71.43 41.04 71.36
C GLN L 424 -72.09 41.59 70.12
N LEU L 425 -73.09 42.45 70.26
CA LEU L 425 -73.59 43.21 69.13
C LEU L 425 -72.55 44.19 68.63
N LEU L 426 -71.62 44.61 69.48
CA LEU L 426 -70.70 45.67 69.06
C LEU L 426 -69.54 45.15 68.24
N LYS L 427 -69.10 43.91 68.47
CA LYS L 427 -68.14 43.30 67.55
C LYS L 427 -68.73 43.12 66.17
N PHE L 428 -70.05 43.03 66.10
CA PHE L 428 -70.71 42.80 64.84
C PHE L 428 -70.73 44.04 63.97
N VAL L 429 -70.68 45.23 64.57
CA VAL L 429 -70.64 46.40 63.72
C VAL L 429 -69.23 46.66 63.25
N GLU L 430 -68.23 46.05 63.89
CA GLU L 430 -66.85 46.39 63.58
C GLU L 430 -66.43 45.85 62.22
N LYS L 431 -66.76 44.60 61.91
CA LYS L 431 -66.35 44.03 60.65
C LYS L 431 -67.14 44.60 59.49
N VAL L 432 -68.39 44.98 59.73
CA VAL L 432 -69.22 45.48 58.65
C VAL L 432 -68.98 46.95 58.36
N SER L 433 -68.28 47.64 59.19
CA SER L 433 -68.04 49.04 58.92
C SER L 433 -66.95 49.18 57.87
N PRO L 434 -66.94 50.26 57.10
CA PRO L 434 -65.75 50.55 56.29
C PRO L 434 -64.52 50.78 57.13
N ILE L 435 -64.56 51.75 58.04
CA ILE L 435 -63.47 52.01 58.95
C ILE L 435 -64.02 51.86 60.34
N ALA L 436 -63.39 51.01 61.14
CA ALA L 436 -63.86 50.84 62.50
C ALA L 436 -62.65 50.57 63.37
N VAL L 437 -62.71 51.08 64.59
CA VAL L 437 -61.73 50.73 65.61
C VAL L 437 -62.51 50.12 66.75
N TYR L 438 -61.80 49.61 67.74
CA TYR L 438 -62.48 48.97 68.87
C TYR L 438 -61.58 49.23 70.08
N THR L 439 -61.86 50.30 70.80
CA THR L 439 -61.03 50.62 71.94
C THR L 439 -61.84 50.43 73.21
N SER L 440 -62.82 49.54 73.15
CA SER L 440 -63.87 49.46 74.15
C SER L 440 -63.29 48.85 75.42
N GLY L 441 -62.61 49.67 76.19
CA GLY L 441 -62.35 49.30 77.56
C GLY L 441 -61.58 50.37 78.30
N LYS L 442 -62.12 50.77 79.45
CA LYS L 442 -61.39 51.53 80.47
C LYS L 442 -60.84 52.86 79.99
N GLY L 443 -61.32 53.37 78.85
CA GLY L 443 -60.91 54.68 78.38
C GLY L 443 -59.53 54.75 77.74
N SER L 444 -58.58 54.00 78.31
CA SER L 444 -57.19 53.89 77.85
C SER L 444 -56.50 55.25 77.83
N SER L 445 -56.39 55.83 79.05
CA SER L 445 -55.72 57.10 79.30
C SER L 445 -56.30 58.22 78.46
N ALA L 446 -57.51 58.67 78.82
CA ALA L 446 -58.36 59.49 77.96
C ALA L 446 -57.71 60.78 77.47
N ALA L 447 -56.70 61.27 78.16
CA ALA L 447 -55.90 62.34 77.59
C ALA L 447 -55.06 61.87 76.42
N GLY L 448 -54.64 60.61 76.42
CA GLY L 448 -53.85 60.10 75.32
C GLY L 448 -54.71 59.34 74.34
N LEU L 449 -56.01 59.55 74.42
CA LEU L 449 -56.91 59.01 73.41
C LEU L 449 -56.83 59.81 72.12
N THR L 450 -56.73 61.14 72.24
CA THR L 450 -56.86 62.01 71.08
C THR L 450 -55.53 62.46 70.49
N ALA L 451 -54.47 62.55 71.27
CA ALA L 451 -53.23 63.16 70.81
C ALA L 451 -52.09 62.71 71.69
N SER L 452 -50.89 62.66 71.13
CA SER L 452 -49.70 62.34 71.88
C SER L 452 -48.53 63.05 71.23
N VAL L 453 -47.59 63.53 72.03
CA VAL L 453 -46.36 64.12 71.52
C VAL L 453 -45.21 63.56 72.32
N GLN L 454 -44.09 63.34 71.66
CA GLN L 454 -42.94 62.84 72.39
C GLN L 454 -41.67 63.35 71.74
N ARG L 455 -40.55 63.20 72.46
CA ARG L 455 -39.24 63.54 71.96
C ARG L 455 -38.88 62.64 70.77
N ASP L 456 -37.89 63.07 70.01
CA ASP L 456 -37.64 62.37 68.79
C ASP L 456 -36.21 61.83 68.75
N PRO L 457 -36.01 60.65 68.15
CA PRO L 457 -34.65 60.13 68.00
C PRO L 457 -33.77 60.99 67.11
N MET L 458 -34.33 61.59 66.08
CA MET L 458 -33.62 62.52 65.21
C MET L 458 -34.14 63.92 65.50
N THR L 459 -33.22 64.87 65.68
CA THR L 459 -33.46 66.30 65.84
C THR L 459 -34.24 66.68 67.09
N ARG L 460 -34.57 65.72 67.97
CA ARG L 460 -35.05 65.97 69.33
C ARG L 460 -36.33 66.79 69.37
N GLU L 461 -37.24 66.49 68.46
CA GLU L 461 -38.33 67.42 68.19
C GLU L 461 -39.66 66.92 68.76
N PHE L 462 -40.65 67.80 68.76
CA PHE L 462 -41.99 67.54 69.29
C PHE L 462 -42.98 67.60 68.14
N TYR L 463 -43.31 66.47 67.55
CA TYR L 463 -44.32 66.47 66.51
C TYR L 463 -45.46 65.54 66.90
N LEU L 464 -46.53 65.59 66.12
CA LEU L 464 -47.75 64.85 66.44
C LEU L 464 -47.70 63.46 65.82
N GLU L 465 -48.06 62.46 66.62
CA GLU L 465 -47.99 61.08 66.15
C GLU L 465 -49.31 60.34 66.27
N GLY L 466 -49.90 60.30 67.46
CA GLY L 466 -50.91 59.30 67.76
C GLY L 466 -52.29 59.86 68.04
N GLY L 467 -53.28 58.98 67.95
CA GLY L 467 -54.65 59.34 68.25
C GLY L 467 -55.61 58.20 67.99
N ALA L 468 -56.70 58.15 68.73
CA ALA L 468 -57.76 57.19 68.41
C ALA L 468 -58.79 57.78 67.47
N MET L 469 -58.93 59.10 67.44
CA MET L 469 -59.97 59.71 66.63
C MET L 469 -59.50 59.96 65.20
N VAL L 470 -58.29 60.48 65.04
CA VAL L 470 -57.73 60.80 63.72
C VAL L 470 -57.57 59.58 62.85
N LEU L 471 -57.38 58.41 63.45
CA LEU L 471 -57.41 57.16 62.72
C LEU L 471 -58.82 56.84 62.24
N ALA L 472 -59.83 57.23 62.99
CA ALA L 472 -61.19 56.71 62.83
C ALA L 472 -62.14 57.70 62.17
N ASP L 473 -61.69 58.46 61.18
CA ASP L 473 -62.57 59.45 60.58
C ASP L 473 -63.38 58.84 59.45
N GLY L 474 -64.60 59.35 59.27
CA GLY L 474 -65.54 58.79 58.33
C GLY L 474 -66.35 57.62 58.85
N GLY L 475 -65.92 56.99 59.93
CA GLY L 475 -66.55 55.77 60.36
C GLY L 475 -67.14 55.85 61.76
N VAL L 476 -66.77 54.89 62.62
CA VAL L 476 -67.47 54.72 63.87
C VAL L 476 -66.52 54.11 64.90
N VAL L 477 -66.50 54.68 66.09
CA VAL L 477 -65.73 54.11 67.20
C VAL L 477 -66.72 53.39 68.09
N CYS L 478 -66.22 52.66 69.07
CA CYS L 478 -67.09 51.94 69.99
C CYS L 478 -66.38 51.71 71.30
N ILE L 479 -66.95 52.22 72.38
CA ILE L 479 -66.34 52.19 73.69
C ILE L 479 -67.37 51.73 74.69
N ASP L 480 -66.96 51.52 75.94
CA ASP L 480 -67.92 51.11 76.95
C ASP L 480 -67.51 51.64 78.31
N GLU L 481 -68.15 51.08 79.34
CA GLU L 481 -67.92 51.35 80.76
C GLU L 481 -68.02 52.83 81.07
N PHE L 482 -69.21 53.37 80.96
CA PHE L 482 -69.36 54.77 81.28
C PHE L 482 -69.87 54.99 82.69
N ASP L 483 -69.46 54.13 83.63
CA ASP L 483 -69.71 54.39 85.03
C ASP L 483 -68.41 54.71 85.77
N LYS L 484 -67.42 53.81 85.67
CA LYS L 484 -66.19 53.89 86.45
C LYS L 484 -65.06 54.55 85.69
N MET L 485 -65.36 55.50 84.82
CA MET L 485 -64.34 56.40 84.32
C MET L 485 -64.82 57.80 84.64
N ARG L 486 -64.06 58.52 85.47
CA ARG L 486 -64.49 59.84 85.90
C ARG L 486 -63.35 60.82 85.75
N ASP L 487 -62.18 60.28 85.43
CA ASP L 487 -60.94 61.03 85.41
C ASP L 487 -60.91 62.03 84.28
N GLU L 488 -60.86 61.55 83.05
CA GLU L 488 -60.67 62.43 81.91
C GLU L 488 -61.56 62.04 80.74
N ASP L 489 -62.34 60.96 80.87
CA ASP L 489 -63.13 60.45 79.75
C ASP L 489 -64.23 61.41 79.34
N ARG L 490 -64.76 62.16 80.31
CA ARG L 490 -65.82 63.09 79.98
C ARG L 490 -65.23 64.39 79.49
N VAL L 491 -64.12 64.82 80.06
CA VAL L 491 -63.48 66.05 79.61
C VAL L 491 -62.77 65.87 78.28
N ALA L 492 -62.60 64.63 77.79
CA ALA L 492 -62.01 64.42 76.49
C ALA L 492 -63.03 64.28 75.38
N ILE L 493 -64.29 63.95 75.70
CA ILE L 493 -65.27 63.81 74.64
C ILE L 493 -66.17 65.01 74.50
N HIS L 494 -66.11 65.98 75.43
CA HIS L 494 -66.98 67.14 75.32
C HIS L 494 -66.62 68.00 74.12
N GLU L 495 -65.34 68.25 73.91
CA GLU L 495 -64.90 68.97 72.73
C GLU L 495 -64.89 68.09 71.49
N ALA L 496 -64.52 66.82 71.62
CA ALA L 496 -64.45 65.89 70.51
C ALA L 496 -65.79 65.64 69.84
N MET L 497 -66.87 65.75 70.60
CA MET L 497 -68.22 65.71 70.10
C MET L 497 -68.77 67.13 70.00
N GLU L 498 -69.88 67.26 69.27
CA GLU L 498 -70.78 68.41 69.10
C GLU L 498 -70.24 69.48 68.16
N GLN L 499 -68.94 69.49 67.88
CA GLN L 499 -68.40 70.42 66.90
C GLN L 499 -67.35 69.74 66.05
N GLN L 500 -66.76 68.67 66.60
CA GLN L 500 -65.84 67.77 65.90
C GLN L 500 -64.62 68.50 65.37
N THR L 501 -64.12 69.44 66.18
CA THR L 501 -63.00 70.27 65.77
C THR L 501 -62.08 70.48 66.96
N ILE L 502 -61.03 69.67 67.05
CA ILE L 502 -60.10 69.73 68.15
C ILE L 502 -58.90 70.54 67.70
N SER L 503 -58.19 71.10 68.66
CA SER L 503 -56.85 71.59 68.41
C SER L 503 -56.01 71.34 69.64
N ILE L 504 -54.89 70.68 69.45
CA ILE L 504 -54.00 70.40 70.56
C ILE L 504 -53.19 71.65 70.82
N ALA L 505 -53.10 72.04 72.08
CA ALA L 505 -52.28 73.18 72.46
C ALA L 505 -51.08 72.73 73.29
N LYS L 506 -50.47 71.62 72.90
CA LYS L 506 -49.29 71.14 73.60
C LYS L 506 -48.08 71.89 73.06
N ALA L 507 -46.89 71.48 73.45
CA ALA L 507 -45.67 72.29 73.37
C ALA L 507 -45.29 72.71 71.95
N GLY L 508 -45.82 72.07 70.94
CA GLY L 508 -45.48 72.43 69.58
C GLY L 508 -46.56 73.23 68.89
N ILE L 509 -47.41 72.52 68.16
CA ILE L 509 -48.34 73.12 67.24
C ILE L 509 -49.66 73.37 67.93
N THR L 510 -50.46 74.26 67.34
CA THR L 510 -51.86 74.44 67.68
C THR L 510 -52.68 74.45 66.39
N THR L 511 -53.03 73.26 65.90
CA THR L 511 -53.69 73.15 64.61
C THR L 511 -55.05 72.51 64.74
N VAL L 512 -56.01 73.06 64.03
CA VAL L 512 -57.37 72.55 64.05
C VAL L 512 -57.46 71.49 62.98
N LEU L 513 -57.21 70.24 63.35
CA LEU L 513 -57.33 69.16 62.41
C LEU L 513 -58.79 68.71 62.32
N ASN L 514 -59.18 68.26 61.13
CA ASN L 514 -60.58 67.95 60.89
C ASN L 514 -60.97 66.64 61.57
N SER L 515 -62.26 66.53 61.86
CA SER L 515 -62.82 65.34 62.44
C SER L 515 -64.27 65.24 62.01
N ARG L 516 -64.69 64.04 61.59
CA ARG L 516 -66.09 63.79 61.24
C ARG L 516 -66.52 62.45 61.80
N THR L 517 -66.31 62.25 63.10
CA THR L 517 -66.48 60.94 63.71
C THR L 517 -67.91 60.68 64.17
N SER L 518 -68.12 59.47 64.67
CA SER L 518 -69.44 58.97 65.07
C SER L 518 -69.26 57.97 66.20
N VAL L 519 -69.80 58.28 67.37
CA VAL L 519 -69.47 57.46 68.54
C VAL L 519 -70.58 56.49 68.89
N LEU L 520 -70.29 55.59 69.82
CA LEU L 520 -71.21 54.53 70.21
C LEU L 520 -70.73 54.07 71.57
N ALA L 521 -71.63 53.81 72.50
CA ALA L 521 -71.24 53.37 73.84
C ALA L 521 -72.25 52.42 74.42
N ALA L 522 -71.81 51.62 75.38
CA ALA L 522 -72.65 50.64 76.03
C ALA L 522 -72.25 50.47 77.48
N ALA L 523 -72.94 51.14 78.40
CA ALA L 523 -72.53 51.15 79.78
C ALA L 523 -73.41 50.24 80.62
N ASN L 524 -73.24 50.34 81.92
CA ASN L 524 -74.09 49.67 82.89
C ASN L 524 -74.64 50.71 83.83
N PRO L 525 -75.89 50.61 84.22
CA PRO L 525 -76.37 51.45 85.31
C PRO L 525 -75.97 50.87 86.65
N ILE L 526 -76.48 51.44 87.74
CA ILE L 526 -76.06 51.04 89.08
C ILE L 526 -76.71 49.70 89.36
N TYR L 527 -76.01 48.64 88.97
CA TYR L 527 -76.43 47.22 88.89
C TYR L 527 -77.84 47.00 88.37
N GLY L 528 -78.28 47.81 87.41
CA GLY L 528 -79.42 47.49 86.57
C GLY L 528 -80.82 47.53 87.15
N ARG L 529 -81.10 46.66 88.11
CA ARG L 529 -82.48 46.44 88.56
C ARG L 529 -82.96 47.58 89.45
N TYR L 530 -82.07 48.11 90.29
CA TYR L 530 -82.44 49.16 91.23
C TYR L 530 -82.74 50.48 90.53
N ASP L 531 -82.09 50.74 89.39
CA ASP L 531 -82.43 51.89 88.55
C ASP L 531 -83.78 51.68 87.85
N ASP L 532 -84.28 50.46 87.84
CA ASP L 532 -85.63 50.18 87.35
C ASP L 532 -86.55 49.74 88.48
N LEU L 533 -86.20 50.05 89.73
CA LEU L 533 -87.06 49.82 90.88
C LEU L 533 -87.06 50.95 91.90
N LYS L 534 -86.71 52.16 91.50
CA LYS L 534 -86.57 53.30 92.39
C LYS L 534 -87.07 54.54 91.66
N SER L 535 -86.79 55.73 92.20
CA SER L 535 -86.80 56.98 91.46
C SER L 535 -85.89 56.86 90.25
N PRO L 536 -86.28 57.43 89.10
CA PRO L 536 -85.53 57.19 87.86
C PRO L 536 -84.23 57.97 87.75
N GLY L 537 -83.66 58.48 88.84
CA GLY L 537 -82.36 59.10 88.79
C GLY L 537 -81.24 58.09 88.68
N ASP L 538 -80.19 58.33 89.46
CA ASP L 538 -78.99 57.50 89.69
C ASP L 538 -78.43 56.75 88.47
N ASN L 539 -78.28 57.44 87.35
CA ASN L 539 -77.62 56.86 86.19
C ASN L 539 -76.16 57.27 86.06
N ILE L 540 -75.90 58.54 85.80
CA ILE L 540 -74.57 59.11 85.89
C ILE L 540 -74.48 59.77 87.25
N ASP L 541 -73.27 59.71 87.83
CA ASP L 541 -73.06 59.99 89.25
C ASP L 541 -73.43 61.43 89.63
N PHE L 542 -73.09 62.40 88.80
CA PHE L 542 -73.46 63.78 89.09
C PHE L 542 -74.18 64.43 87.92
N GLN L 543 -73.60 64.30 86.72
CA GLN L 543 -73.92 65.20 85.62
C GLN L 543 -74.74 64.51 84.55
N THR L 544 -75.67 65.27 83.98
CA THR L 544 -76.51 64.81 82.89
C THR L 544 -76.08 65.48 81.59
N THR L 545 -75.02 66.28 81.66
CA THR L 545 -74.62 67.07 80.52
C THR L 545 -74.04 66.24 79.39
N ILE L 546 -73.54 65.04 79.68
CA ILE L 546 -73.24 64.11 78.60
C ILE L 546 -74.52 63.58 77.99
N LEU L 547 -75.56 63.41 78.79
CA LEU L 547 -76.76 62.75 78.30
C LEU L 547 -77.54 63.64 77.37
N SER L 548 -77.38 64.96 77.49
CA SER L 548 -77.98 65.86 76.54
C SER L 548 -77.21 65.88 75.23
N ARG L 549 -75.98 65.37 75.24
CA ARG L 549 -75.18 65.44 74.03
C ARG L 549 -75.42 64.25 73.12
N PHE L 550 -75.93 63.16 73.66
CA PHE L 550 -76.38 62.05 72.83
C PHE L 550 -77.90 62.08 72.75
N ASP L 551 -78.41 61.70 71.58
CA ASP L 551 -79.85 61.78 71.37
C ASP L 551 -80.56 60.45 71.66
N MET L 552 -80.12 59.39 71.03
CA MET L 552 -80.85 58.13 71.06
C MET L 552 -80.42 57.34 72.29
N ILE L 553 -81.37 56.91 73.10
CA ILE L 553 -81.10 56.11 74.28
C ILE L 553 -82.11 54.98 74.35
N PHE L 554 -81.62 53.75 74.38
CA PHE L 554 -82.46 52.58 74.63
C PHE L 554 -82.31 52.19 76.09
N ILE L 555 -83.40 51.74 76.69
CA ILE L 555 -83.36 51.19 78.04
C ILE L 555 -84.03 49.83 77.97
N VAL L 556 -83.24 48.77 77.83
CA VAL L 556 -83.79 47.42 77.77
C VAL L 556 -84.11 46.95 79.18
N LYS L 557 -84.83 45.84 79.30
CA LYS L 557 -85.15 45.28 80.61
C LYS L 557 -85.29 43.76 80.57
N ASP L 558 -85.80 43.18 81.66
CA ASP L 558 -85.98 41.74 81.75
C ASP L 558 -87.43 41.41 82.08
N ASP L 559 -88.08 40.75 81.13
CA ASP L 559 -89.46 40.32 81.27
C ASP L 559 -89.48 38.93 81.90
N HIS L 560 -90.61 38.25 81.79
CA HIS L 560 -90.63 36.82 82.08
C HIS L 560 -91.62 36.06 81.20
N ASN L 561 -91.78 36.48 79.94
CA ASN L 561 -92.79 35.89 79.07
C ASN L 561 -92.43 34.45 78.74
N GLU L 562 -93.35 33.54 79.06
CA GLU L 562 -93.04 32.13 79.06
C GLU L 562 -93.00 31.53 77.66
N GLU L 563 -93.38 32.27 76.63
CA GLU L 563 -93.26 31.71 75.29
C GLU L 563 -92.08 32.28 74.52
N ARG L 564 -91.57 33.44 74.90
CA ARG L 564 -90.46 34.02 74.15
C ARG L 564 -89.11 33.50 74.59
N ASP L 565 -89.00 32.97 75.81
CA ASP L 565 -87.75 32.41 76.28
C ASP L 565 -87.50 31.03 75.68
N ILE L 566 -88.55 30.23 75.52
CA ILE L 566 -88.38 28.86 75.09
C ILE L 566 -87.96 28.82 73.63
N SER L 567 -88.47 29.76 72.85
CA SER L 567 -87.96 29.97 71.50
C SER L 567 -86.50 30.39 71.51
N ILE L 568 -86.11 31.23 72.46
CA ILE L 568 -84.71 31.63 72.58
C ILE L 568 -83.88 30.44 73.01
N ALA L 569 -84.38 29.68 73.98
CA ALA L 569 -83.72 28.43 74.35
C ALA L 569 -83.80 27.40 73.23
N ASN L 570 -84.79 27.53 72.34
CA ASN L 570 -84.74 26.76 71.11
C ASN L 570 -83.80 27.37 70.08
N HIS L 571 -83.56 28.67 70.17
CA HIS L 571 -82.74 29.34 69.16
C HIS L 571 -81.27 29.02 69.31
N VAL L 572 -80.72 29.18 70.51
CA VAL L 572 -79.27 29.22 70.64
C VAL L 572 -78.64 27.85 70.58
N ILE L 573 -79.41 26.78 70.76
CA ILE L 573 -78.82 25.45 70.59
C ILE L 573 -78.70 25.11 69.12
N ASN L 574 -79.55 25.66 68.27
CA ASN L 574 -79.38 25.51 66.84
C ASN L 574 -78.15 26.25 66.35
N ILE L 575 -77.81 27.37 66.98
CA ILE L 575 -76.67 28.16 66.53
C ILE L 575 -75.40 27.74 67.23
N HIS L 576 -75.51 27.02 68.34
CA HIS L 576 -74.28 26.61 68.99
C HIS L 576 -73.72 25.41 68.28
N THR L 577 -74.44 24.30 68.32
CA THR L 577 -73.95 23.05 67.77
C THR L 577 -74.98 22.47 66.83
N GLY L 578 -74.51 21.68 65.88
CA GLY L 578 -75.33 21.23 64.78
C GLY L 578 -75.05 22.07 63.56
N ASN L 579 -74.81 23.37 63.82
CA ASN L 579 -74.71 24.48 62.84
C ASN L 579 -75.70 24.34 61.68
N ALA L 580 -76.94 24.00 62.04
CA ALA L 580 -77.96 23.70 61.03
C ALA L 580 -78.52 24.98 60.46
N ASN L 581 -78.57 26.04 61.26
CA ASN L 581 -78.98 27.33 60.74
C ASN L 581 -77.91 27.95 59.85
N ALA L 582 -76.65 27.51 59.97
CA ALA L 582 -75.65 27.87 58.96
C ALA L 582 -75.96 27.21 57.63
N MET L 583 -76.66 26.07 57.66
CA MET L 583 -77.20 25.50 56.43
C MET L 583 -78.57 26.09 56.08
N GLN L 584 -79.34 26.52 57.08
CA GLN L 584 -80.62 27.16 56.81
C GLN L 584 -80.44 28.55 56.23
N ASN L 585 -79.60 29.38 56.88
CA ASN L 585 -79.43 30.75 56.43
C ASN L 585 -78.65 30.82 55.13
N GLN L 586 -77.83 29.81 54.83
CA GLN L 586 -77.26 29.68 53.50
C GLN L 586 -78.31 29.29 52.46
N GLN L 587 -79.42 28.69 52.87
CA GLN L 587 -80.47 28.30 51.93
C GLN L 587 -81.43 29.45 51.66
N GLU L 588 -81.71 30.29 52.65
CA GLU L 588 -82.47 31.50 52.37
C GLU L 588 -81.57 32.68 51.99
N GLU L 589 -80.26 32.45 51.84
CA GLU L 589 -79.37 33.50 51.38
C GLU L 589 -79.56 33.77 49.91
N ASN L 590 -79.53 32.72 49.09
CA ASN L 590 -79.27 32.83 47.66
C ASN L 590 -80.44 33.37 46.86
N GLY L 591 -81.57 33.62 47.52
CA GLY L 591 -82.63 34.36 46.86
C GLY L 591 -83.27 35.43 47.72
N SER L 592 -83.03 35.40 49.03
CA SER L 592 -83.78 36.30 49.89
C SER L 592 -82.90 37.13 50.81
N GLU L 593 -81.80 36.59 51.31
CA GLU L 593 -81.05 37.35 52.29
C GLU L 593 -79.74 37.87 51.72
N ILE L 594 -79.03 38.65 52.52
CA ILE L 594 -77.78 39.29 52.11
C ILE L 594 -76.70 38.91 53.11
N SER L 595 -75.57 38.43 52.59
CA SER L 595 -74.44 38.08 53.44
C SER L 595 -73.66 39.32 53.83
N ILE L 596 -72.56 39.09 54.55
CA ILE L 596 -71.82 40.21 55.13
C ILE L 596 -70.99 40.95 54.08
N GLU L 597 -70.41 40.23 53.13
CA GLU L 597 -69.54 40.91 52.18
C GLU L 597 -70.30 41.70 51.14
N LYS L 598 -71.61 41.53 51.05
CA LYS L 598 -72.38 42.36 50.15
C LYS L 598 -72.88 43.63 50.80
N MET L 599 -73.13 43.60 52.10
CA MET L 599 -73.58 44.80 52.80
C MET L 599 -72.54 45.88 52.85
N LYS L 600 -71.27 45.52 53.06
CA LYS L 600 -70.20 46.49 53.16
C LYS L 600 -70.00 47.27 51.89
N ARG L 601 -70.05 46.59 50.75
CA ARG L 601 -69.68 47.25 49.51
C ARG L 601 -70.74 48.23 49.04
N TYR L 602 -71.99 48.02 49.41
CA TYR L 602 -72.98 48.95 48.86
C TYR L 602 -73.21 50.13 49.79
N ILE L 603 -72.74 50.06 51.03
CA ILE L 603 -72.91 51.19 51.93
C ILE L 603 -71.99 52.33 51.54
N THR L 604 -70.74 52.01 51.24
CA THR L 604 -69.84 53.03 50.73
C THR L 604 -70.23 53.56 49.37
N TYR L 605 -70.96 52.79 48.59
CA TYR L 605 -71.44 53.32 47.33
C TYR L 605 -72.63 54.24 47.54
N CYS L 606 -73.60 53.85 48.37
CA CYS L 606 -74.79 54.66 48.49
C CYS L 606 -74.55 55.92 49.30
N ARG L 607 -73.61 55.90 50.22
CA ARG L 607 -73.30 57.13 50.96
C ARG L 607 -72.62 58.14 50.06
N LEU L 608 -71.69 57.68 49.23
CA LEU L 608 -70.83 58.57 48.46
C LEU L 608 -71.43 58.93 47.12
N LYS L 609 -72.73 58.74 46.93
CA LYS L 609 -73.32 59.19 45.68
C LYS L 609 -74.43 60.20 45.90
N CYS L 610 -75.45 59.84 46.68
CA CYS L 610 -76.64 60.67 46.71
C CYS L 610 -76.58 61.64 47.89
N ALA L 611 -77.35 62.72 47.77
CA ALA L 611 -77.35 63.80 48.75
C ALA L 611 -78.79 64.23 49.00
N PRO L 612 -79.40 63.77 50.09
CA PRO L 612 -80.83 64.01 50.27
C PRO L 612 -81.14 65.39 50.82
N ARG L 613 -82.44 65.65 50.93
CA ARG L 613 -83.00 66.86 51.52
C ARG L 613 -84.46 66.55 51.82
N LEU L 614 -84.98 67.04 52.93
CA LEU L 614 -86.37 66.73 53.24
C LEU L 614 -87.31 67.77 52.63
N SER L 615 -88.54 67.33 52.36
CA SER L 615 -89.49 68.18 51.66
C SER L 615 -90.13 69.18 52.61
N PRO L 616 -90.45 70.38 52.12
CA PRO L 616 -91.12 71.38 52.98
C PRO L 616 -92.53 71.01 53.40
N GLN L 617 -93.13 69.97 52.83
CA GLN L 617 -94.38 69.48 53.36
C GLN L 617 -94.20 68.80 54.71
N ALA L 618 -92.99 68.33 55.01
CA ALA L 618 -92.74 67.74 56.31
C ALA L 618 -92.55 68.80 57.38
N ALA L 619 -92.37 70.07 57.00
CA ALA L 619 -92.07 71.11 57.97
C ALA L 619 -93.27 71.37 58.89
N GLU L 620 -94.47 71.22 58.37
CA GLU L 620 -95.64 71.33 59.24
C GLU L 620 -95.78 70.11 60.13
N LYS L 621 -95.21 68.98 59.74
CA LYS L 621 -95.47 67.74 60.45
C LYS L 621 -94.72 67.69 61.77
N LEU L 622 -93.43 67.99 61.75
CA LEU L 622 -92.64 67.85 62.97
C LEU L 622 -92.88 68.99 63.93
N SER L 623 -93.24 70.15 63.41
CA SER L 623 -93.54 71.30 64.27
C SER L 623 -94.77 71.03 65.12
N SER L 624 -95.79 70.42 64.51
CA SER L 624 -96.97 70.03 65.27
C SER L 624 -96.66 68.88 66.20
N ASN L 625 -95.61 68.12 65.91
CA ASN L 625 -95.25 67.02 66.77
C ASN L 625 -94.60 67.49 68.07
N PHE L 626 -93.74 68.49 68.00
CA PHE L 626 -92.90 68.82 69.14
C PHE L 626 -93.68 69.50 70.26
N VAL L 627 -94.66 70.35 69.92
CA VAL L 627 -95.31 71.21 70.89
C VAL L 627 -96.08 70.44 71.94
N THR L 628 -96.57 69.25 71.61
CA THR L 628 -97.13 68.37 72.63
C THR L 628 -96.09 67.47 73.27
N ILE L 629 -94.96 67.23 72.60
CA ILE L 629 -93.88 66.44 73.18
C ILE L 629 -93.23 67.19 74.32
N ARG L 630 -92.92 68.46 74.10
CA ARG L 630 -92.50 69.33 75.17
C ARG L 630 -93.59 69.47 76.23
N LYS L 631 -94.85 69.51 75.83
CA LYS L 631 -95.95 69.65 76.79
C LYS L 631 -96.11 68.39 77.63
N GLN L 632 -95.91 67.21 77.01
CA GLN L 632 -95.87 65.98 77.77
C GLN L 632 -94.73 65.97 78.78
N LEU L 633 -93.62 66.60 78.42
CA LEU L 633 -92.60 66.88 79.42
C LEU L 633 -93.05 67.97 80.39
N LEU L 634 -93.77 68.99 79.89
CA LEU L 634 -94.12 70.13 80.72
C LEU L 634 -95.14 69.74 81.79
N ILE L 635 -96.01 68.78 81.48
CA ILE L 635 -96.96 68.29 82.48
C ILE L 635 -96.28 67.43 83.53
N ASN L 636 -95.06 66.97 83.27
CA ASN L 636 -94.38 66.09 84.19
C ASN L 636 -93.55 66.85 85.22
N GLU L 637 -93.07 68.06 84.86
CA GLU L 637 -92.23 68.81 85.78
C GLU L 637 -93.03 69.40 86.93
N LEU L 638 -94.29 69.74 86.69
CA LEU L 638 -95.14 70.32 87.73
C LEU L 638 -95.52 69.31 88.80
N GLU L 639 -95.33 68.02 88.52
CA GLU L 639 -95.54 66.95 89.49
C GLU L 639 -94.28 66.64 90.29
N SER L 640 -93.33 67.59 90.35
CA SER L 640 -92.06 67.47 91.06
C SER L 640 -91.25 66.27 90.58
N THR L 641 -91.24 66.10 89.26
CA THR L 641 -90.46 65.04 88.61
C THR L 641 -89.40 65.69 87.73
N GLU L 642 -88.15 65.63 88.18
CA GLU L 642 -87.01 66.17 87.45
C GLU L 642 -86.09 65.05 86.98
N ARG L 643 -84.96 65.46 86.40
CA ARG L 643 -83.95 64.48 86.00
C ARG L 643 -82.56 64.94 86.41
N PRO L 647 -83.65 63.47 80.23
CA PRO L 647 -83.59 64.90 79.95
C PRO L 647 -83.80 65.22 78.48
N ILE L 648 -84.75 66.10 78.17
CA ILE L 648 -85.03 66.48 76.79
C ILE L 648 -84.71 67.96 76.61
N THR L 649 -83.89 68.28 75.61
CA THR L 649 -83.69 69.65 75.19
C THR L 649 -83.66 69.60 73.66
N ILE L 650 -83.25 70.67 72.99
CA ILE L 650 -83.55 70.82 71.56
C ILE L 650 -82.58 70.12 70.63
N ARG L 651 -81.53 69.47 71.14
CA ARG L 651 -80.66 68.73 70.24
C ARG L 651 -81.37 67.55 69.62
N GLN L 652 -82.29 66.95 70.36
CA GLN L 652 -83.03 65.83 69.83
C GLN L 652 -83.96 66.25 68.72
N LEU L 653 -84.48 67.47 68.78
CA LEU L 653 -85.41 67.94 67.75
C LEU L 653 -84.68 68.22 66.47
N GLU L 654 -83.42 68.64 66.56
CA GLU L 654 -82.61 68.67 65.36
C GLU L 654 -81.88 67.36 65.15
N ALA L 655 -82.16 66.34 65.97
CA ALA L 655 -81.64 65.01 65.69
C ALA L 655 -82.64 64.14 64.96
N ILE L 656 -83.93 64.40 65.12
CA ILE L 656 -84.93 63.63 64.39
C ILE L 656 -84.85 63.92 62.90
N ILE L 657 -84.49 65.16 62.55
CA ILE L 657 -84.37 65.52 61.15
C ILE L 657 -83.16 64.85 60.51
N ARG L 658 -82.17 64.46 61.30
CA ARG L 658 -81.13 63.63 60.73
C ARG L 658 -81.58 62.19 60.64
N ILE L 659 -82.46 61.77 61.54
CA ILE L 659 -82.96 60.40 61.50
C ILE L 659 -83.84 60.20 60.28
N THR L 660 -84.69 61.16 59.98
CA THR L 660 -85.49 61.03 58.77
C THR L 660 -84.68 61.24 57.52
N GLU L 661 -83.50 61.86 57.63
CA GLU L 661 -82.65 61.97 56.46
C GLU L 661 -81.92 60.66 56.22
N SER L 662 -81.82 59.81 57.26
CA SER L 662 -81.02 58.61 57.17
C SER L 662 -81.63 57.58 56.23
N LEU L 663 -82.92 57.31 56.36
CA LEU L 663 -83.52 56.33 55.47
C LEU L 663 -83.67 56.88 54.05
N ALA L 664 -83.54 58.19 53.88
CA ALA L 664 -83.48 58.75 52.54
C ALA L 664 -82.17 58.44 51.87
N LYS L 665 -81.11 58.25 52.66
CA LYS L 665 -79.89 57.72 52.08
C LYS L 665 -80.05 56.24 51.76
N LEU L 666 -80.94 55.56 52.48
CA LEU L 666 -81.13 54.14 52.23
C LEU L 666 -81.90 53.89 50.95
N GLU L 667 -82.99 54.61 50.74
CA GLU L 667 -83.78 54.47 49.54
C GLU L 667 -83.15 55.18 48.34
N LEU L 668 -82.14 56.03 48.57
CA LEU L 668 -81.51 56.89 47.58
C LEU L 668 -82.53 57.68 46.76
N SER L 669 -83.41 58.38 47.48
CA SER L 669 -84.33 59.31 46.88
C SER L 669 -83.91 60.73 47.23
N PRO L 670 -83.92 61.67 46.28
CA PRO L 670 -83.45 63.03 46.59
C PRO L 670 -84.46 63.87 47.32
N ILE L 671 -85.58 63.31 47.79
CA ILE L 671 -86.52 64.01 48.63
C ILE L 671 -86.75 63.19 49.89
N ALA L 672 -87.68 63.67 50.73
CA ALA L 672 -88.20 62.88 51.83
C ALA L 672 -89.70 63.07 51.89
N GLN L 673 -90.41 62.02 52.32
CA GLN L 673 -91.87 61.99 52.25
C GLN L 673 -92.49 61.76 53.62
N GLU L 674 -93.80 61.49 53.61
CA GLU L 674 -94.54 61.44 54.87
C GLU L 674 -94.65 60.03 55.41
N ARG L 675 -94.83 59.02 54.55
CA ARG L 675 -94.69 57.65 55.01
C ARG L 675 -93.23 57.34 55.32
N HIS L 676 -92.32 58.12 54.77
CA HIS L 676 -90.95 58.13 55.22
C HIS L 676 -90.86 58.58 56.67
N VAL L 677 -91.46 59.73 56.99
CA VAL L 677 -91.18 60.38 58.27
C VAL L 677 -92.05 59.87 59.39
N ASP L 678 -93.20 59.27 59.09
CA ASP L 678 -94.07 58.80 60.16
C ASP L 678 -93.51 57.54 60.79
N GLU L 679 -92.79 56.75 60.00
CA GLU L 679 -92.11 55.59 60.55
C GLU L 679 -90.90 56.00 61.35
N ALA L 680 -90.32 57.16 61.03
CA ALA L 680 -89.15 57.64 61.74
C ALA L 680 -89.48 58.05 63.17
N ILE L 681 -90.52 58.89 63.35
CA ILE L 681 -90.98 59.22 64.68
C ILE L 681 -91.45 58.00 65.44
N ARG L 682 -92.02 57.01 64.74
CA ARG L 682 -92.40 55.74 65.36
C ARG L 682 -91.23 55.02 66.01
N LEU L 683 -89.99 55.29 65.57
CA LEU L 683 -88.85 54.84 66.33
C LEU L 683 -88.59 55.76 67.52
N PHE L 684 -88.75 57.06 67.34
CA PHE L 684 -88.34 57.96 68.42
C PHE L 684 -89.48 58.22 69.41
N GLN L 685 -90.73 58.16 68.96
CA GLN L 685 -91.87 58.25 69.88
C GLN L 685 -91.84 57.11 70.87
N ALA L 686 -91.42 55.93 70.41
CA ALA L 686 -91.19 54.81 71.29
C ALA L 686 -90.07 55.06 72.30
N SER L 687 -89.06 55.86 71.93
CA SER L 687 -87.97 56.13 72.87
C SER L 687 -88.18 57.43 73.63
N THR L 688 -89.30 58.11 73.43
CA THR L 688 -89.67 59.20 74.32
C THR L 688 -90.37 58.71 75.56
N MET L 689 -91.16 57.65 75.44
CA MET L 689 -91.94 57.15 76.57
C MET L 689 -91.04 56.52 77.62
N ASP L 690 -90.02 55.77 77.18
CA ASP L 690 -89.10 55.14 78.12
C ASP L 690 -88.18 56.15 78.77
N ALA L 691 -88.11 57.35 78.22
CA ALA L 691 -87.45 58.44 78.92
C ALA L 691 -88.25 58.93 80.11
N ALA L 692 -89.51 58.51 80.25
CA ALA L 692 -90.33 58.90 81.39
C ALA L 692 -90.60 57.77 82.37
N SER L 693 -90.88 56.56 81.89
CA SER L 693 -91.22 55.45 82.75
C SER L 693 -89.96 54.72 83.23
N VAL M 103 22.69 45.99 93.26
CA VAL M 103 22.96 45.96 94.69
C VAL M 103 21.66 45.70 95.45
N ASP M 104 20.55 46.16 94.87
CA ASP M 104 19.24 45.82 95.40
C ASP M 104 18.81 44.41 95.00
N ASP M 105 19.44 43.86 93.96
CA ASP M 105 19.12 42.51 93.51
C ASP M 105 19.44 41.48 94.59
N VAL M 106 20.62 41.59 95.19
CA VAL M 106 20.97 40.71 96.30
C VAL M 106 20.21 41.12 97.56
N THR M 107 19.80 42.38 97.68
CA THR M 107 19.01 42.81 98.82
C THR M 107 17.67 42.13 98.83
N GLY M 108 17.00 42.08 97.68
CA GLY M 108 15.83 41.24 97.55
C GLY M 108 16.15 39.77 97.68
N GLU M 109 17.36 39.38 97.28
CA GLU M 109 17.76 38.01 97.53
C GLU M 109 18.12 37.79 99.00
N LYS M 110 18.52 38.86 99.69
CA LYS M 110 18.73 38.75 101.13
C LYS M 110 17.42 38.54 101.87
N VAL M 111 16.39 39.31 101.49
CA VAL M 111 15.11 39.20 102.19
C VAL M 111 14.35 37.96 101.75
N ARG M 112 14.79 37.30 100.68
CA ARG M 112 14.14 36.09 100.24
C ARG M 112 14.39 34.95 101.21
N GLU M 113 15.66 34.67 101.50
CA GLU M 113 15.99 33.55 102.37
C GLU M 113 15.71 33.86 103.82
N ALA M 114 15.86 35.13 104.21
CA ALA M 114 15.56 35.54 105.57
C ALA M 114 14.09 35.35 105.87
N PHE M 115 13.24 35.56 104.88
CA PHE M 115 11.85 35.16 104.99
C PHE M 115 11.72 33.65 105.03
N GLU M 116 12.53 32.95 104.23
CA GLU M 116 12.37 31.51 104.09
C GLU M 116 12.71 30.79 105.38
N GLN M 117 13.77 31.23 106.06
CA GLN M 117 14.15 30.64 107.33
C GLN M 117 13.13 30.91 108.42
N PHE M 118 12.31 31.94 108.26
CA PHE M 118 11.24 32.17 109.22
C PHE M 118 10.18 31.09 109.12
N LEU M 119 9.93 30.57 107.92
CA LEU M 119 9.07 29.41 107.80
C LEU M 119 9.81 28.13 108.14
N GLU M 120 11.12 28.19 108.26
CA GLU M 120 11.88 27.07 108.78
C GLU M 120 12.02 27.11 110.29
N ASP M 121 12.04 28.29 110.91
CA ASP M 121 12.21 28.29 112.35
C ASP M 121 10.88 28.14 113.05
N PHE M 122 10.94 28.03 114.36
CA PHE M 122 9.78 28.01 115.22
C PHE M 122 9.16 29.40 115.25
N SER M 123 7.89 29.43 115.56
CA SER M 123 7.27 30.71 115.92
C SER M 123 6.40 30.53 117.14
N VAL M 124 6.73 29.58 118.02
CA VAL M 124 5.83 29.11 119.07
C VAL M 124 6.59 29.12 120.38
N GLN M 125 6.01 29.76 121.39
CA GLN M 125 6.64 29.90 122.69
C GLN M 125 6.30 28.80 123.67
N SER M 126 5.12 28.19 123.59
CA SER M 126 4.66 27.24 124.60
C SER M 126 4.68 25.84 124.00
N THR M 127 5.27 24.91 124.75
CA THR M 127 5.42 23.53 124.32
C THR M 127 4.44 22.63 125.05
N ASP M 128 3.56 21.98 124.27
CA ASP M 128 2.60 20.97 124.72
C ASP M 128 1.63 21.47 125.78
N THR M 129 1.34 22.76 125.79
CA THR M 129 0.25 23.34 126.56
C THR M 129 -0.79 23.88 125.60
N GLY M 130 -1.10 23.09 124.56
CA GLY M 130 -1.56 23.62 123.30
C GLY M 130 -0.37 24.13 122.50
N GLU M 131 -0.69 24.76 121.37
CA GLU M 131 0.26 25.51 120.55
C GLU M 131 1.43 24.65 120.07
N VAL M 132 1.16 23.72 119.14
CA VAL M 132 2.19 22.90 118.54
C VAL M 132 3.21 23.78 117.82
N GLU M 133 4.49 23.38 117.91
CA GLU M 133 5.58 24.11 117.28
C GLU M 133 5.45 24.05 115.76
N LYS M 134 6.13 25.00 115.10
CA LYS M 134 6.36 25.03 113.66
C LYS M 134 5.04 25.05 112.87
N VAL M 135 4.31 26.16 113.07
CA VAL M 135 2.96 26.28 112.54
C VAL M 135 2.94 26.44 111.03
N TYR M 136 4.04 26.89 110.42
CA TYR M 136 4.00 27.19 109.00
C TYR M 136 4.07 25.92 108.18
N ARG M 137 4.70 24.87 108.73
CA ARG M 137 4.61 23.58 108.07
C ARG M 137 3.19 23.03 108.16
N ALA M 138 2.49 23.32 109.25
CA ALA M 138 1.08 22.97 109.33
C ALA M 138 0.25 23.84 108.39
N GLN M 139 0.71 25.05 108.11
CA GLN M 139 0.04 25.89 107.11
C GLN M 139 0.20 25.30 105.72
N ILE M 140 1.29 24.58 105.48
CA ILE M 140 1.42 23.85 104.24
C ILE M 140 0.50 22.63 104.24
N GLU M 141 0.42 21.94 105.37
CA GLU M 141 -0.22 20.63 105.37
C GLU M 141 -1.74 20.72 105.41
N PHE M 142 -2.29 21.76 106.02
CA PHE M 142 -3.72 22.01 105.88
C PHE M 142 -4.06 22.37 104.45
N MET M 143 -3.14 23.02 103.75
CA MET M 143 -3.35 23.45 102.38
C MET M 143 -3.32 22.29 101.39
N LYS M 144 -2.49 21.27 101.64
CA LYS M 144 -2.41 20.16 100.69
C LYS M 144 -3.55 19.18 100.81
N ILE M 145 -4.57 19.47 101.63
CA ILE M 145 -5.78 18.68 101.72
C ILE M 145 -6.93 19.36 101.01
N TYR M 146 -7.27 20.57 101.44
CA TYR M 146 -8.45 21.25 100.92
C TYR M 146 -8.15 22.07 99.68
N ASP M 147 -6.87 22.32 99.39
CA ASP M 147 -6.36 22.85 98.14
C ASP M 147 -6.95 24.23 97.81
N LEU M 148 -6.65 25.23 98.63
CA LEU M 148 -7.24 26.55 98.49
C LEU M 148 -6.32 27.60 97.91
N ASN M 149 -5.01 27.36 97.92
CA ASN M 149 -3.97 28.23 97.35
C ASN M 149 -3.95 29.61 98.02
N THR M 150 -3.76 29.60 99.34
CA THR M 150 -3.52 30.82 100.11
C THR M 150 -2.37 30.59 101.08
N ILE M 151 -1.93 31.69 101.70
CA ILE M 151 -1.18 31.67 102.95
C ILE M 151 -1.84 32.71 103.85
N TYR M 152 -1.41 32.75 105.10
CA TYR M 152 -1.89 33.78 106.03
C TYR M 152 -0.77 34.08 107.03
N ILE M 153 -0.05 35.16 106.79
CA ILE M 153 1.06 35.55 107.65
C ILE M 153 0.70 36.81 108.39
N ASP M 154 1.27 36.96 109.57
CA ASP M 154 0.96 38.06 110.45
C ASP M 154 2.08 39.09 110.39
N TYR M 155 1.84 40.24 111.04
CA TYR M 155 2.88 41.25 111.14
C TYR M 155 3.65 41.18 112.43
N GLN M 156 3.13 40.47 113.43
CA GLN M 156 3.80 40.33 114.71
C GLN M 156 5.09 39.56 114.60
N HIS M 157 5.04 38.35 114.05
CA HIS M 157 6.16 37.44 114.19
C HIS M 157 7.28 37.78 113.23
N LEU M 158 6.99 38.52 112.16
CA LEU M 158 8.07 39.01 111.35
C LEU M 158 8.67 40.28 111.92
N SER M 159 7.89 41.03 112.71
CA SER M 159 8.50 42.15 113.43
C SER M 159 9.42 41.65 114.54
N MET M 160 8.97 40.67 115.30
CA MET M 160 9.73 40.15 116.43
C MET M 160 10.71 39.05 116.06
N ARG M 161 11.11 38.96 114.79
CA ARG M 161 12.24 38.12 114.43
C ARG M 161 13.51 38.92 114.20
N GLU M 162 13.45 39.94 113.35
CA GLU M 162 14.61 40.78 113.10
C GLU M 162 14.60 42.06 113.92
N ASN M 163 13.63 42.19 114.84
CA ASN M 163 13.47 43.36 115.72
C ASN M 163 13.33 44.65 114.92
N GLY M 164 12.64 44.56 113.80
CA GLY M 164 12.47 45.70 112.94
C GLY M 164 13.59 45.95 111.95
N ALA M 165 14.58 45.06 111.87
CA ALA M 165 15.60 45.22 110.84
C ALA M 165 15.04 44.90 109.47
N LEU M 166 14.06 43.99 109.41
CA LEU M 166 13.40 43.64 108.16
C LEU M 166 11.97 44.14 108.09
N ALA M 167 11.27 44.22 109.23
CA ALA M 167 9.87 44.62 109.23
C ALA M 167 9.71 46.07 108.81
N MET M 168 10.73 46.90 109.01
CA MET M 168 10.70 48.23 108.44
C MET M 168 11.19 48.24 107.01
N ALA M 169 11.90 47.21 106.58
CA ALA M 169 12.32 47.16 105.19
C ALA M 169 11.17 46.69 104.31
N ILE M 170 10.35 45.79 104.81
CA ILE M 170 9.34 45.15 103.97
C ILE M 170 8.20 46.07 103.60
N SER M 171 8.00 47.17 104.32
CA SER M 171 6.99 48.12 103.90
C SER M 171 7.43 48.85 102.65
N GLU M 172 8.73 48.96 102.43
CA GLU M 172 9.26 49.68 101.28
C GLU M 172 9.99 48.79 100.29
N GLN M 173 9.64 47.52 100.18
CA GLN M 173 10.14 46.67 99.10
C GLN M 173 9.05 46.01 98.29
N TYR M 174 8.01 45.48 98.93
CA TYR M 174 7.08 44.54 98.32
C TYR M 174 6.20 45.17 97.26
N TYR M 175 5.95 46.46 97.34
CA TYR M 175 5.27 47.17 96.29
C TYR M 175 6.06 47.18 95.00
N ARG M 176 7.39 47.17 95.09
CA ARG M 176 8.29 46.87 94.00
C ARG M 176 8.60 45.39 93.94
N PHE M 177 8.82 44.77 95.10
CA PHE M 177 9.18 43.37 95.14
C PHE M 177 7.95 42.57 95.54
N LEU M 178 6.89 42.72 94.75
CA LEU M 178 5.93 41.63 94.69
C LEU M 178 6.62 40.36 94.21
N PRO M 179 7.32 40.31 93.00
CA PRO M 179 7.81 39.01 92.55
C PRO M 179 9.10 38.58 93.21
N PHE M 180 9.23 38.76 94.51
CA PHE M 180 10.39 38.32 95.24
C PHE M 180 10.04 37.41 96.39
N LEU M 181 9.09 37.82 97.23
CA LEU M 181 8.61 36.94 98.28
C LEU M 181 7.89 35.76 97.68
N GLN M 182 7.10 36.01 96.64
CA GLN M 182 6.38 34.93 96.00
C GLN M 182 7.30 34.02 95.20
N LYS M 183 8.40 34.54 94.69
CA LYS M 183 9.38 33.66 94.08
C LYS M 183 10.06 32.79 95.13
N GLY M 184 10.20 33.31 96.35
CA GLY M 184 10.84 32.53 97.40
C GLY M 184 9.97 31.38 97.88
N LEU M 185 8.67 31.62 98.05
CA LEU M 185 7.81 30.56 98.52
C LEU M 185 7.62 29.48 97.47
N ARG M 186 7.71 29.84 96.19
CA ARG M 186 7.83 28.83 95.16
C ARG M 186 9.11 28.02 95.30
N ARG M 187 10.17 28.64 95.79
CA ARG M 187 11.41 27.90 95.95
C ARG M 187 11.33 26.96 97.13
N VAL M 188 10.61 27.34 98.18
CA VAL M 188 10.57 26.49 99.37
C VAL M 188 9.56 25.36 99.24
N VAL M 189 8.56 25.49 98.37
CA VAL M 189 7.54 24.44 98.30
C VAL M 189 8.05 23.21 97.56
N ARG M 190 8.91 23.40 96.55
CA ARG M 190 9.53 22.28 95.84
C ARG M 190 10.39 21.45 96.75
N LYS M 191 11.08 22.09 97.68
CA LYS M 191 11.88 21.38 98.65
C LYS M 191 11.03 20.75 99.75
N TYR M 192 9.74 21.04 99.78
CA TYR M 192 8.86 20.52 100.81
C TYR M 192 7.67 19.73 100.26
N ALA M 193 6.94 20.30 99.35
CA ALA M 193 5.74 19.61 98.90
C ALA M 193 5.93 19.15 97.46
N PRO M 194 5.07 18.27 96.91
CA PRO M 194 5.19 18.03 95.47
C PRO M 194 4.44 19.08 94.65
N GLU M 260 -0.38 24.43 87.88
CA GLU M 260 -1.64 24.28 88.60
C GLU M 260 -1.55 25.06 89.90
N ARG M 261 -0.38 25.65 90.13
CA ARG M 261 -0.06 26.30 91.38
C ARG M 261 0.02 27.80 91.15
N VAL M 262 -0.83 28.56 91.84
CA VAL M 262 -0.84 30.02 91.79
C VAL M 262 -1.09 30.49 93.21
N PHE M 263 -0.30 31.46 93.69
CA PHE M 263 -0.38 31.91 95.06
C PHE M 263 -0.61 33.41 95.17
N GLN M 264 -0.49 33.88 96.41
CA GLN M 264 -0.66 35.27 96.77
C GLN M 264 -0.04 35.44 98.14
N ILE M 265 0.15 36.67 98.57
CA ILE M 265 0.72 36.95 99.87
C ILE M 265 -0.30 37.75 100.66
N SER M 266 -0.72 37.20 101.79
CA SER M 266 -1.74 37.84 102.59
C SER M 266 -1.18 38.18 103.96
N PHE M 267 -0.77 39.43 104.13
CA PHE M 267 -0.51 39.96 105.45
C PHE M 267 -1.84 40.27 106.09
N PHE M 268 -1.83 40.41 107.41
CA PHE M 268 -2.96 40.95 108.12
C PHE M 268 -2.46 41.45 109.46
N ASN M 269 -3.30 42.23 110.14
CA ASN M 269 -3.08 42.74 111.49
C ASN M 269 -1.80 43.55 111.63
N LEU M 270 -1.73 44.68 110.93
CA LEU M 270 -0.76 45.70 111.27
C LEU M 270 -1.33 46.43 112.48
N PRO M 271 -0.52 47.04 113.33
CA PRO M 271 -1.09 47.75 114.48
C PRO M 271 -1.99 48.94 114.16
N THR M 272 -1.54 49.90 113.36
CA THR M 272 -2.19 51.20 113.30
C THR M 272 -3.30 51.21 112.26
N VAL M 273 -4.45 51.80 112.59
CA VAL M 273 -5.58 51.90 111.67
C VAL M 273 -5.87 53.38 111.46
N HIS M 274 -5.88 53.81 110.20
CA HIS M 274 -6.03 55.20 109.82
C HIS M 274 -7.46 55.45 109.37
N ARG M 275 -7.74 56.67 108.91
CA ARG M 275 -8.98 57.00 108.25
C ARG M 275 -8.66 57.40 106.82
N ILE M 276 -9.71 57.61 106.01
CA ILE M 276 -9.50 57.83 104.59
C ILE M 276 -9.03 59.23 104.27
N ARG M 277 -8.89 60.10 105.25
CA ARG M 277 -8.50 61.48 105.01
C ARG M 277 -7.02 61.69 105.31
N ASP M 278 -6.25 60.63 105.36
CA ASP M 278 -4.86 60.75 105.80
C ASP M 278 -3.91 60.04 104.85
N ILE M 279 -4.17 60.13 103.54
CA ILE M 279 -3.47 59.31 102.56
C ILE M 279 -2.91 60.17 101.41
N ARG M 280 -1.70 60.71 101.60
CA ARG M 280 -1.16 61.49 100.50
C ARG M 280 0.24 61.14 100.01
N SER M 281 1.26 61.28 100.86
CA SER M 281 2.62 61.42 100.36
C SER M 281 3.51 60.24 100.64
N GLU M 282 3.72 59.94 101.92
CA GLU M 282 4.41 58.73 102.34
C GLU M 282 3.64 57.50 101.93
N LYS M 283 2.33 57.62 101.80
CA LYS M 283 1.50 56.50 101.39
C LYS M 283 1.54 56.43 99.87
N ILE M 284 2.63 55.88 99.37
CA ILE M 284 2.70 55.34 98.02
C ILE M 284 3.64 54.15 98.07
N GLY M 285 3.13 52.99 97.71
CA GLY M 285 3.89 51.78 97.92
C GLY M 285 4.01 51.32 99.36
N SER M 286 3.18 51.85 100.25
CA SER M 286 3.25 51.46 101.65
C SER M 286 2.27 50.34 101.96
N LEU M 287 2.04 50.11 103.25
CA LEU M 287 1.04 49.14 103.69
C LEU M 287 0.23 49.79 104.80
N LEU M 288 -1.02 50.12 104.53
CA LEU M 288 -1.77 50.93 105.48
C LEU M 288 -3.18 50.41 105.65
N SER M 289 -3.47 49.86 106.82
CA SER M 289 -4.80 49.34 107.11
C SER M 289 -5.81 50.48 107.17
N ILE M 290 -6.97 50.24 106.56
CA ILE M 290 -7.96 51.29 106.40
C ILE M 290 -9.34 50.76 106.77
N SER M 291 -10.04 51.53 107.59
CA SER M 291 -11.38 51.20 108.02
C SER M 291 -12.38 51.82 107.06
N GLY M 292 -13.66 51.61 107.33
CA GLY M 292 -14.70 52.29 106.61
C GLY M 292 -15.89 51.37 106.41
N THR M 293 -16.85 51.88 105.63
CA THR M 293 -18.03 51.10 105.28
C THR M 293 -18.21 51.12 103.77
N VAL M 294 -18.88 50.09 103.26
CA VAL M 294 -18.86 49.79 101.84
C VAL M 294 -20.26 49.89 101.25
N THR M 295 -20.35 50.32 99.99
CA THR M 295 -21.60 50.58 99.33
C THR M 295 -21.41 50.35 97.84
N ARG M 296 -22.44 49.82 97.16
CA ARG M 296 -22.50 49.68 95.71
C ARG M 296 -21.39 48.79 95.18
N THR M 297 -21.56 47.48 95.37
CA THR M 297 -20.62 46.52 94.79
C THR M 297 -20.78 46.43 93.27
N SER M 298 -20.01 45.54 92.65
CA SER M 298 -20.19 45.22 91.25
C SER M 298 -19.96 43.72 91.06
N GLU M 299 -19.91 43.30 89.81
CA GLU M 299 -20.00 41.90 89.46
C GLU M 299 -18.62 41.27 89.41
N VAL M 300 -18.52 40.06 88.87
CA VAL M 300 -17.31 39.25 88.94
C VAL M 300 -16.84 38.95 87.53
N ARG M 301 -15.76 39.59 87.11
CA ARG M 301 -15.21 39.40 85.78
C ARG M 301 -13.79 38.89 85.91
N PRO M 302 -13.19 38.30 84.88
CA PRO M 302 -11.81 37.83 84.98
C PRO M 302 -10.75 38.81 84.48
N GLU M 303 -9.54 38.64 85.03
CA GLU M 303 -8.34 39.38 84.71
C GLU M 303 -7.32 38.44 84.05
N LEU M 304 -6.14 38.95 83.68
CA LEU M 304 -5.21 38.15 82.88
C LEU M 304 -3.85 37.80 83.48
N TYR M 305 -3.09 38.83 83.88
CA TYR M 305 -1.76 38.85 84.49
C TYR M 305 -0.64 38.16 83.71
N LYS M 306 -0.95 37.44 82.62
CA LYS M 306 0.02 36.70 81.83
C LYS M 306 -0.74 36.17 80.63
N ALA M 307 -0.16 36.23 79.45
CA ALA M 307 -0.81 35.71 78.27
C ALA M 307 0.22 34.89 77.53
N SER M 308 -0.22 34.24 76.45
CA SER M 308 0.68 33.69 75.45
C SER M 308 0.29 34.11 74.04
N PHE M 309 -0.26 35.31 73.89
CA PHE M 309 -0.63 35.81 72.57
C PHE M 309 0.63 36.18 71.82
N THR M 310 0.60 35.96 70.52
CA THR M 310 1.67 36.42 69.64
C THR M 310 1.10 36.52 68.22
N CYS M 311 1.87 37.16 67.34
CA CYS M 311 1.45 37.36 65.96
C CYS M 311 1.53 36.05 65.19
N ASP M 312 0.64 35.92 64.20
CA ASP M 312 0.60 34.75 63.34
C ASP M 312 1.51 34.91 62.12
N MET M 313 2.58 35.71 62.25
CA MET M 313 3.55 35.94 61.20
C MET M 313 4.23 34.64 60.78
N CYS M 314 4.92 33.98 61.71
CA CYS M 314 5.41 32.65 61.44
C CYS M 314 4.85 31.67 62.48
N ARG M 315 4.98 32.03 63.75
CA ARG M 315 4.56 31.17 64.85
C ARG M 315 4.10 32.05 66.00
N ALA M 316 2.89 31.78 66.50
CA ALA M 316 2.26 32.61 67.52
C ALA M 316 2.33 31.96 68.89
N ILE M 317 3.45 31.30 69.20
CA ILE M 317 3.55 30.54 70.43
C ILE M 317 4.56 31.18 71.37
N VAL M 318 4.67 32.51 71.31
CA VAL M 318 5.59 33.25 72.16
C VAL M 318 4.85 33.69 73.40
N ASP M 319 5.22 33.10 74.54
CA ASP M 319 4.69 33.52 75.83
C ASP M 319 5.38 34.81 76.24
N ASN M 320 4.76 35.93 75.90
CA ASN M 320 5.30 37.26 76.15
C ASN M 320 5.14 37.65 77.60
N VAL M 321 5.55 38.88 77.89
CA VAL M 321 5.62 39.35 79.27
C VAL M 321 4.78 40.60 79.42
N GLU M 322 4.79 41.17 80.63
CA GLU M 322 4.34 42.53 80.94
C GLU M 322 2.85 42.71 80.65
N GLN M 323 2.03 42.02 81.44
CA GLN M 323 0.59 42.23 81.41
C GLN M 323 0.20 43.36 82.36
N SER M 324 0.63 44.57 82.01
CA SER M 324 0.40 45.76 82.80
C SER M 324 -0.95 46.38 82.46
N PHE M 325 -1.17 47.63 82.84
CA PHE M 325 -2.46 48.29 82.70
C PHE M 325 -2.87 48.57 81.26
N LYS M 326 -2.03 48.27 80.26
CA LYS M 326 -2.38 48.49 78.86
C LYS M 326 -2.02 47.30 77.99
N TYR M 327 -2.35 46.10 78.43
CA TYR M 327 -1.63 44.89 78.02
C TYR M 327 -2.12 44.30 76.71
N THR M 328 -2.74 45.10 75.84
CA THR M 328 -3.27 44.56 74.59
C THR M 328 -2.24 44.60 73.46
N GLU M 329 -0.96 44.45 73.77
CA GLU M 329 0.10 44.43 72.75
C GLU M 329 1.29 43.65 73.24
N PRO M 330 1.32 42.35 73.01
CA PRO M 330 2.54 41.57 73.24
C PRO M 330 3.46 41.70 72.05
N THR M 331 4.58 42.41 72.23
CA THR M 331 5.41 42.73 71.08
C THR M 331 6.90 42.62 71.35
N PHE M 332 7.32 41.82 72.32
CA PHE M 332 8.72 41.74 72.71
C PHE M 332 9.26 40.35 72.43
N CYS M 333 10.45 40.32 71.80
CA CYS M 333 11.25 39.12 71.51
C CYS M 333 10.47 38.06 70.75
N PRO M 334 10.20 38.27 69.46
CA PRO M 334 9.56 37.23 68.66
C PRO M 334 10.44 36.00 68.50
N ASN M 335 9.81 34.89 68.13
CA ASN M 335 10.45 33.58 68.16
C ASN M 335 11.55 33.47 67.11
N PRO M 336 11.20 33.41 65.83
CA PRO M 336 12.22 33.46 64.79
C PRO M 336 12.41 34.89 64.30
N SER M 337 13.30 35.03 63.32
CA SER M 337 13.41 36.28 62.58
C SER M 337 12.19 36.39 61.69
N CYS M 338 11.14 37.00 62.23
CA CYS M 338 9.86 37.12 61.54
C CYS M 338 9.39 38.55 61.69
N GLU M 339 8.12 38.81 61.38
CA GLU M 339 7.55 40.13 61.56
C GLU M 339 6.95 40.26 62.95
N ASN M 340 7.47 41.19 63.73
CA ASN M 340 7.06 41.37 65.11
C ASN M 340 6.07 42.52 65.21
N ARG M 341 5.19 42.42 66.20
CA ARG M 341 4.12 43.38 66.53
C ARG M 341 3.18 43.58 65.33
N ALA M 342 3.01 42.50 64.59
CA ALA M 342 2.19 42.56 63.38
C ALA M 342 0.78 42.12 63.73
N PHE M 343 0.67 41.33 64.78
CA PHE M 343 -0.59 40.80 65.25
C PHE M 343 -0.43 40.29 66.66
N TRP M 344 -1.51 39.71 67.17
CA TRP M 344 -1.55 38.96 68.41
C TRP M 344 -2.84 38.15 68.38
N THR M 345 -2.83 37.01 69.04
CA THR M 345 -4.03 36.18 69.13
C THR M 345 -4.15 35.71 70.57
N LEU M 346 -4.96 36.41 71.34
CA LEU M 346 -5.15 36.07 72.75
C LEU M 346 -6.01 34.83 72.84
N ASN M 347 -5.36 33.67 72.90
CA ASN M 347 -6.07 32.42 73.06
C ASN M 347 -6.65 32.34 74.46
N VAL M 348 -7.63 31.47 74.63
CA VAL M 348 -8.33 31.25 75.88
C VAL M 348 -7.93 29.94 76.52
N THR M 349 -6.83 29.34 76.07
CA THR M 349 -6.57 27.93 76.26
C THR M 349 -5.36 27.66 77.15
N ARG M 350 -4.61 28.70 77.49
CA ARG M 350 -3.35 28.45 78.16
C ARG M 350 -2.99 29.46 79.23
N SER M 351 -3.67 30.59 79.34
CA SER M 351 -3.29 31.59 80.33
C SER M 351 -4.31 31.63 81.47
N ARG M 352 -3.83 31.34 82.67
CA ARG M 352 -4.69 31.32 83.85
C ARG M 352 -5.18 32.72 84.19
N PHE M 353 -6.38 32.78 84.75
CA PHE M 353 -7.04 34.03 85.05
C PHE M 353 -7.23 34.16 86.55
N LEU M 354 -7.67 35.34 86.98
CA LEU M 354 -8.02 35.55 88.38
C LEU M 354 -9.13 36.58 88.45
N ASP M 355 -10.02 36.40 89.42
CA ASP M 355 -11.35 37.01 89.39
C ASP M 355 -11.52 38.06 90.48
N TRP M 356 -12.22 39.13 90.15
CA TRP M 356 -12.18 40.32 90.97
C TRP M 356 -13.47 41.12 90.85
N GLN M 357 -13.54 42.18 91.63
CA GLN M 357 -14.67 43.10 91.61
C GLN M 357 -14.22 44.45 92.15
N LYS M 358 -14.90 45.50 91.71
CA LYS M 358 -14.54 46.87 92.04
C LYS M 358 -15.61 47.45 92.94
N VAL M 359 -15.20 47.99 94.10
CA VAL M 359 -16.15 48.48 95.09
C VAL M 359 -15.74 49.86 95.58
N ARG M 360 -16.74 50.62 96.05
CA ARG M 360 -16.54 51.93 96.65
C ARG M 360 -16.74 51.83 98.15
N ILE M 361 -15.97 52.62 98.90
CA ILE M 361 -16.12 52.62 100.34
C ILE M 361 -16.54 53.99 100.81
N GLN M 362 -16.70 54.15 102.12
CA GLN M 362 -17.27 55.36 102.69
C GLN M 362 -16.88 55.44 104.14
N GLU M 363 -16.87 56.65 104.68
CA GLU M 363 -16.37 56.86 106.03
C GLU M 363 -17.44 56.59 107.08
N ASN M 364 -16.99 56.11 108.24
CA ASN M 364 -17.85 55.67 109.34
C ASN M 364 -18.64 56.83 109.94
N ALA M 365 -19.66 56.47 110.71
CA ALA M 365 -20.61 57.41 111.28
C ALA M 365 -20.16 58.00 112.61
N ASN M 366 -19.22 57.38 113.31
CA ASN M 366 -18.74 57.91 114.57
C ASN M 366 -17.47 58.72 114.40
N GLU M 367 -17.22 59.25 113.20
CA GLU M 367 -16.04 60.08 113.00
C GLU M 367 -16.35 61.32 112.19
N ILE M 368 -17.51 61.33 111.55
CA ILE M 368 -17.86 62.42 110.62
C ILE M 368 -18.00 63.73 111.40
N PRO M 369 -17.15 64.73 111.11
CA PRO M 369 -17.15 65.97 111.90
C PRO M 369 -18.43 66.77 111.78
N THR M 370 -18.76 67.15 110.55
CA THR M 370 -20.05 67.71 110.21
C THR M 370 -20.62 66.99 108.99
N GLY M 371 -21.78 67.44 108.56
CA GLY M 371 -22.36 66.96 107.32
C GLY M 371 -21.70 67.64 106.14
N SER M 372 -20.48 67.23 105.83
CA SER M 372 -19.59 68.00 104.96
C SER M 372 -19.23 67.24 103.69
N MET M 373 -20.25 66.69 102.99
CA MET M 373 -20.22 65.84 101.79
C MET M 373 -19.13 64.78 101.93
N PRO M 374 -19.38 63.75 102.74
CA PRO M 374 -18.30 62.85 103.17
C PRO M 374 -17.65 62.10 102.02
N ARG M 375 -16.36 62.37 101.83
CA ARG M 375 -15.66 61.95 100.63
C ARG M 375 -15.37 60.46 100.68
N THR M 376 -14.85 59.95 99.56
CA THR M 376 -14.76 58.51 99.38
C THR M 376 -13.69 58.19 98.35
N LEU M 377 -13.41 56.89 98.22
CA LEU M 377 -12.51 56.38 97.21
C LEU M 377 -12.90 54.94 96.88
N ASP M 378 -12.17 54.39 95.92
CA ASP M 378 -12.50 53.09 95.33
C ASP M 378 -11.36 52.11 95.57
N VAL M 379 -11.65 50.83 95.41
CA VAL M 379 -10.72 49.78 95.78
C VAL M 379 -10.99 48.53 94.96
N ILE M 380 -9.92 47.93 94.46
CA ILE M 380 -9.96 46.67 93.72
C ILE M 380 -9.50 45.57 94.65
N LEU M 381 -10.27 44.50 94.78
CA LEU M 381 -9.86 43.36 95.60
C LEU M 381 -9.68 42.21 94.61
N ARG M 382 -8.51 41.58 94.57
CA ARG M 382 -8.27 40.55 93.55
C ARG M 382 -7.96 39.06 93.82
N GLY M 383 -7.97 38.54 95.05
CA GLY M 383 -7.63 37.13 95.14
C GLY M 383 -8.81 36.21 95.36
N ASP M 384 -8.83 35.51 96.49
CA ASP M 384 -10.01 34.83 96.97
C ASP M 384 -10.93 35.77 97.73
N SER M 385 -10.54 37.04 97.84
CA SER M 385 -11.27 38.09 98.51
C SER M 385 -12.61 38.40 97.85
N VAL M 386 -12.80 37.93 96.62
CA VAL M 386 -14.01 38.03 95.83
C VAL M 386 -15.21 37.56 96.62
N GLU M 387 -16.32 38.29 96.47
CA GLU M 387 -17.62 38.13 97.11
C GLU M 387 -17.54 37.83 98.60
N ARG M 388 -16.61 38.45 99.27
CA ARG M 388 -16.55 38.31 100.71
C ARG M 388 -16.92 39.58 101.46
N ALA M 389 -16.70 40.75 100.88
CA ALA M 389 -17.22 41.98 101.44
C ALA M 389 -18.70 42.09 101.11
N LYS M 390 -19.53 41.59 101.99
CA LYS M 390 -20.95 41.85 101.90
C LYS M 390 -21.17 43.36 102.04
N PRO M 391 -21.91 43.99 101.13
CA PRO M 391 -22.13 45.45 101.23
C PRO M 391 -22.94 45.80 102.47
N GLY M 392 -22.38 46.67 103.31
CA GLY M 392 -23.09 47.12 104.49
C GLY M 392 -22.48 46.81 105.84
N ASP M 393 -21.15 46.89 105.97
CA ASP M 393 -20.55 46.60 107.27
C ASP M 393 -19.31 47.45 107.46
N ARG M 394 -18.98 47.69 108.72
CA ARG M 394 -17.76 48.39 109.13
C ARG M 394 -16.57 47.46 108.93
N CYS M 395 -15.71 47.78 107.96
CA CYS M 395 -14.78 46.82 107.41
C CYS M 395 -13.36 47.38 107.37
N LYS M 396 -12.37 46.48 107.47
CA LYS M 396 -10.95 46.81 107.44
C LYS M 396 -10.29 46.20 106.21
N PHE M 397 -9.05 46.60 105.94
CA PHE M 397 -8.43 46.20 104.69
C PHE M 397 -6.92 45.99 104.83
N THR M 398 -6.31 45.57 103.71
CA THR M 398 -4.92 45.16 103.66
C THR M 398 -3.96 46.33 103.65
N GLY M 399 -3.94 47.11 102.57
CA GLY M 399 -3.14 48.30 102.70
C GLY M 399 -2.22 48.78 101.60
N VAL M 400 -2.01 48.04 100.52
CA VAL M 400 -1.12 48.55 99.49
C VAL M 400 -1.84 49.61 98.66
N GLU M 401 -1.26 50.80 98.62
CA GLU M 401 -1.81 51.90 97.86
C GLU M 401 -1.20 51.86 96.47
N ILE M 402 -1.90 52.42 95.49
CA ILE M 402 -1.51 52.30 94.09
C ILE M 402 -2.11 53.44 93.29
N VAL M 403 -1.38 53.89 92.28
CA VAL M 403 -1.91 54.87 91.34
C VAL M 403 -2.35 54.10 90.10
N VAL M 404 -3.25 54.69 89.33
CA VAL M 404 -3.74 54.09 88.08
C VAL M 404 -3.85 55.17 87.01
N PRO M 405 -3.37 54.93 85.81
CA PRO M 405 -3.60 55.85 84.69
C PRO M 405 -4.79 55.44 83.84
N ASP M 406 -4.98 56.14 82.71
CA ASP M 406 -5.61 55.59 81.50
C ASP M 406 -4.67 55.83 80.33
N VAL M 407 -4.36 54.75 79.62
CA VAL M 407 -3.35 54.81 78.56
C VAL M 407 -3.90 55.38 77.26
N THR M 408 -5.21 55.61 77.17
CA THR M 408 -5.92 56.04 75.96
C THR M 408 -5.68 55.09 74.80
N GLN M 409 -6.26 53.88 74.90
CA GLN M 409 -6.18 52.77 73.95
C GLN M 409 -6.89 53.11 72.62
N LEU M 410 -6.97 52.11 71.74
CA LEU M 410 -7.52 52.20 70.39
C LEU M 410 -9.05 52.21 70.34
N GLY M 411 -9.73 52.47 71.45
CA GLY M 411 -11.18 52.62 71.45
C GLY M 411 -11.64 53.87 70.73
N LEU M 412 -12.95 54.12 70.72
CA LEU M 412 -13.49 55.17 69.87
C LEU M 412 -13.13 56.58 70.35
N PRO M 413 -13.18 56.92 71.66
CA PRO M 413 -12.53 58.17 72.07
C PRO M 413 -11.05 57.97 72.38
N GLY M 414 -10.28 59.05 72.38
CA GLY M 414 -8.88 58.97 72.73
C GLY M 414 -8.67 58.78 74.22
N LYS M 428 -15.19 73.75 84.03
CA LYS M 428 -15.46 73.04 85.27
C LYS M 428 -14.22 72.94 86.14
N THR M 429 -13.31 72.07 85.76
CA THR M 429 -12.11 71.84 86.52
C THR M 429 -10.87 72.02 85.67
N THR M 430 -9.75 72.29 86.35
CA THR M 430 -8.44 72.37 85.71
C THR M 430 -7.69 71.08 85.92
N GLU M 431 -8.41 69.95 85.90
CA GLU M 431 -7.86 68.64 86.19
C GLU M 431 -6.85 68.25 85.12
N GLY M 432 -5.88 67.44 85.53
CA GLY M 432 -4.76 67.16 84.67
C GLY M 432 -3.81 68.34 84.50
N LEU M 433 -3.88 69.35 85.37
CA LEU M 433 -2.88 70.41 85.35
C LEU M 433 -1.50 69.85 85.64
N ASN M 434 -1.43 68.86 86.52
CA ASN M 434 -0.24 68.03 86.67
C ASN M 434 0.08 67.28 85.39
N SER M 435 -0.93 66.88 84.63
CA SER M 435 -0.68 66.00 83.51
C SER M 435 -0.19 66.73 82.27
N GLY M 436 -0.29 68.06 82.25
CA GLY M 436 0.31 68.82 81.17
C GLY M 436 1.81 68.68 81.12
N VAL M 437 2.43 68.42 82.27
CA VAL M 437 3.84 68.07 82.31
C VAL M 437 4.05 66.67 81.73
N THR M 438 3.06 65.79 81.84
CA THR M 438 3.23 64.39 81.46
C THR M 438 3.14 64.16 79.96
N GLY M 439 3.22 65.20 79.16
CA GLY M 439 3.22 65.05 77.72
C GLY M 439 4.53 64.51 77.20
N LEU M 440 4.57 64.34 75.88
CA LEU M 440 5.74 63.90 75.10
C LEU M 440 6.35 62.59 75.64
N ARG M 441 5.57 61.52 75.53
CA ARG M 441 6.15 60.18 75.61
C ARG M 441 6.46 59.75 74.18
N SER M 442 6.90 58.51 73.99
CA SER M 442 7.28 58.09 72.64
C SER M 442 6.05 57.81 71.79
N LEU M 443 4.92 57.48 72.41
CA LEU M 443 3.66 57.47 71.67
C LEU M 443 3.02 58.85 71.74
N GLY M 444 1.76 58.95 71.34
CA GLY M 444 1.21 60.23 70.90
C GLY M 444 1.07 61.25 72.00
N VAL M 445 1.16 62.52 71.60
CA VAL M 445 1.08 63.60 72.56
C VAL M 445 -0.35 63.79 73.03
N ARG M 446 -0.53 63.66 74.33
CA ARG M 446 -1.82 63.71 74.99
C ARG M 446 -1.57 64.27 76.38
N ASP M 447 -2.45 63.94 77.31
CA ASP M 447 -2.22 64.21 78.73
C ASP M 447 -2.64 62.98 79.51
N LEU M 448 -1.68 62.24 80.02
CA LEU M 448 -2.03 61.13 80.89
C LEU M 448 -2.15 61.60 82.33
N THR M 449 -3.38 61.57 82.82
CA THR M 449 -3.68 61.99 84.17
C THR M 449 -3.48 60.82 85.12
N TYR M 450 -3.93 61.01 86.36
CA TYR M 450 -3.81 59.97 87.37
C TYR M 450 -4.94 60.12 88.36
N LYS M 451 -5.15 59.06 89.14
CA LYS M 451 -6.01 59.15 90.32
C LYS M 451 -5.58 58.10 91.31
N ILE M 452 -5.58 58.49 92.59
CA ILE M 452 -5.21 57.57 93.66
C ILE M 452 -6.34 56.58 93.85
N SER M 453 -6.01 55.30 93.81
CA SER M 453 -6.93 54.23 94.06
C SER M 453 -6.28 53.21 95.00
N PHE M 454 -6.90 52.05 95.15
CA PHE M 454 -6.50 51.14 96.19
C PHE M 454 -6.56 49.73 95.64
N LEU M 455 -5.55 48.94 95.96
CA LEU M 455 -5.54 47.51 95.74
C LEU M 455 -5.51 46.81 97.09
N ALA M 456 -6.33 45.80 97.27
CA ALA M 456 -6.35 45.09 98.52
C ALA M 456 -5.76 43.72 98.34
N CYS M 457 -5.65 42.98 99.43
CA CYS M 457 -5.40 41.55 99.36
C CYS M 457 -6.25 40.72 100.30
N HIS M 458 -6.74 41.29 101.39
CA HIS M 458 -7.35 40.51 102.45
C HIS M 458 -8.36 41.33 103.22
N VAL M 459 -9.55 40.79 103.37
CA VAL M 459 -10.65 41.50 104.00
C VAL M 459 -10.82 40.95 105.40
N ILE M 460 -11.44 41.76 106.26
CA ILE M 460 -11.99 41.31 107.52
C ILE M 460 -13.15 42.24 107.84
N SER M 461 -14.06 41.75 108.68
CA SER M 461 -15.22 42.55 109.07
C SER M 461 -15.45 42.34 110.56
N ILE M 462 -14.80 43.15 111.38
CA ILE M 462 -15.00 43.12 112.83
C ILE M 462 -16.18 44.05 113.09
N GLY M 463 -17.37 43.46 113.18
CA GLY M 463 -18.60 44.23 113.30
C GLY M 463 -19.60 43.75 112.26
N SER M 510 -13.54 18.91 121.29
CA SER M 510 -13.38 19.71 122.49
C SER M 510 -14.02 19.04 123.68
N ASP M 511 -14.12 19.80 124.76
CA ASP M 511 -14.98 19.46 125.89
C ASP M 511 -16.34 20.12 125.77
N GLU M 512 -16.46 21.15 124.94
CA GLU M 512 -17.73 21.81 124.75
C GLU M 512 -18.66 20.97 123.90
N ILE M 513 -18.11 20.23 122.94
CA ILE M 513 -18.90 19.21 122.27
C ILE M 513 -19.21 18.08 123.25
N ASN M 514 -18.33 17.85 124.23
CA ASN M 514 -18.66 16.90 125.29
C ASN M 514 -19.59 17.52 126.31
N GLU M 515 -19.61 18.85 126.40
CA GLU M 515 -20.47 19.52 127.37
C GLU M 515 -21.93 19.31 127.06
N LEU M 516 -22.28 19.25 125.77
CA LEU M 516 -23.64 18.94 125.38
C LEU M 516 -24.04 17.53 125.80
N LYS M 517 -23.12 16.58 125.66
CA LYS M 517 -23.43 15.18 125.96
C LYS M 517 -23.67 14.95 127.44
N GLU M 518 -23.05 15.76 128.29
CA GLU M 518 -23.44 15.76 129.69
C GLU M 518 -24.76 16.47 129.88
N MET M 519 -24.94 17.62 129.23
CA MET M 519 -26.12 18.44 129.46
C MET M 519 -27.36 17.82 128.82
N VAL M 520 -27.19 16.99 127.79
CA VAL M 520 -28.35 16.30 127.25
C VAL M 520 -28.80 15.18 128.20
N LYS M 521 -27.92 14.73 129.09
CA LYS M 521 -28.27 13.66 130.02
C LYS M 521 -28.67 14.22 131.38
N ASP M 522 -29.35 15.35 131.40
CA ASP M 522 -29.93 15.86 132.64
C ASP M 522 -31.38 15.43 132.75
N GLU M 523 -32.11 15.96 133.72
CA GLU M 523 -33.47 15.51 133.92
C GLU M 523 -34.47 16.66 134.03
N HIS M 524 -34.07 17.76 134.66
CA HIS M 524 -34.99 18.87 134.89
C HIS M 524 -34.75 20.03 133.92
N ILE M 525 -34.07 19.79 132.81
CA ILE M 525 -33.64 20.87 131.93
C ILE M 525 -34.79 21.55 131.21
N TYR M 526 -35.96 20.94 131.20
CA TYR M 526 -37.17 21.65 130.83
C TYR M 526 -37.45 22.79 131.80
N ASP M 527 -37.28 22.53 133.10
CA ASP M 527 -37.49 23.60 134.06
C ASP M 527 -36.27 24.50 134.17
N LYS M 528 -35.08 23.97 133.90
CA LYS M 528 -33.89 24.80 133.91
C LYS M 528 -33.93 25.84 132.80
N LEU M 529 -34.48 25.47 131.64
CA LEU M 529 -34.55 26.41 130.54
C LEU M 529 -35.56 27.51 130.81
N VAL M 530 -36.73 27.15 131.35
CA VAL M 530 -37.79 28.13 131.54
C VAL M 530 -37.47 29.10 132.66
N ARG M 531 -36.56 28.76 133.55
CA ARG M 531 -36.15 29.69 134.58
C ARG M 531 -35.02 30.59 134.11
N SER M 532 -34.39 30.27 132.99
CA SER M 532 -33.17 30.94 132.59
C SER M 532 -33.36 31.70 131.29
N ILE M 533 -34.53 32.30 131.10
CA ILE M 533 -34.81 32.95 129.83
C ILE M 533 -34.31 34.39 129.85
N ALA M 534 -34.88 35.20 130.71
CA ALA M 534 -34.49 36.61 130.74
C ALA M 534 -34.71 37.18 132.12
N PRO M 535 -33.73 37.92 132.65
CA PRO M 535 -33.88 38.52 133.96
C PRO M 535 -34.75 39.77 133.99
N ALA M 536 -35.21 40.26 132.83
CA ALA M 536 -35.97 41.50 132.80
C ALA M 536 -37.42 41.32 133.19
N VAL M 537 -37.87 40.09 133.47
CA VAL M 537 -39.22 39.83 133.91
C VAL M 537 -39.14 38.98 135.17
N PHE M 538 -40.18 39.05 135.99
CA PHE M 538 -40.35 38.16 137.10
C PHE M 538 -41.71 37.49 137.03
N GLY M 539 -41.77 36.23 137.42
CA GLY M 539 -43.03 35.51 137.41
C GLY M 539 -43.51 35.20 136.00
N HIS M 540 -44.79 34.82 135.92
CA HIS M 540 -45.50 34.48 134.70
C HIS M 540 -44.81 33.39 133.91
N GLU M 541 -44.77 32.16 134.42
CA GLU M 541 -44.13 31.09 133.67
C GLU M 541 -44.91 30.68 132.44
N ALA M 542 -46.17 31.10 132.30
CA ALA M 542 -46.97 30.71 131.14
C ALA M 542 -46.43 31.36 129.88
N VAL M 543 -46.16 32.67 129.90
CA VAL M 543 -45.61 33.35 128.73
C VAL M 543 -44.20 32.89 128.44
N LYS M 544 -43.46 32.49 129.46
CA LYS M 544 -42.10 32.05 129.27
C LYS M 544 -42.02 30.71 128.55
N LYS M 545 -43.00 29.83 128.78
CA LYS M 545 -42.99 28.56 128.08
C LYS M 545 -43.25 28.73 126.60
N GLY M 546 -44.01 29.76 126.24
CA GLY M 546 -44.35 29.93 124.84
C GLY M 546 -43.21 30.44 124.00
N ILE M 547 -42.54 31.50 124.46
CA ILE M 547 -41.48 32.14 123.69
C ILE M 547 -40.29 31.23 123.46
N LEU M 548 -40.06 30.27 124.36
CA LEU M 548 -39.01 29.29 124.12
C LEU M 548 -39.34 28.40 122.93
N LEU M 549 -40.57 27.93 122.85
CA LEU M 549 -40.96 27.07 121.75
C LEU M 549 -40.96 27.79 120.42
N GLN M 550 -41.25 29.09 120.42
CA GLN M 550 -41.12 29.90 119.22
C GLN M 550 -39.67 30.04 118.83
N MET M 551 -38.78 30.12 119.81
CA MET M 551 -37.37 30.34 119.55
C MET M 551 -36.77 29.14 118.83
N LEU M 552 -37.11 27.94 119.26
CA LEU M 552 -36.73 26.76 118.50
C LEU M 552 -37.64 26.62 117.29
N GLY M 553 -37.26 25.73 116.38
CA GLY M 553 -38.07 25.41 115.23
C GLY M 553 -38.68 24.03 115.37
N GLY M 554 -39.72 23.77 114.60
CA GLY M 554 -40.38 22.48 114.64
C GLY M 554 -40.05 21.58 113.46
N VAL M 555 -41.06 21.12 112.75
CA VAL M 555 -40.87 20.40 111.49
C VAL M 555 -41.54 21.20 110.38
N HIS M 556 -41.09 20.95 109.16
CA HIS M 556 -41.64 21.60 107.98
C HIS M 556 -41.83 20.63 106.83
N LYS M 557 -41.19 19.48 106.88
CA LYS M 557 -41.32 18.47 105.85
C LYS M 557 -42.75 17.91 105.89
N SER M 558 -43.33 17.72 104.71
CA SER M 558 -44.74 17.36 104.65
C SER M 558 -45.04 16.42 103.50
N THR M 559 -46.31 16.35 103.10
CA THR M 559 -46.86 15.40 102.14
C THR M 559 -46.17 15.50 100.78
N VAL M 560 -46.30 14.44 100.00
CA VAL M 560 -45.66 14.39 98.71
C VAL M 560 -46.55 14.99 97.64
N GLU M 561 -45.93 15.78 96.76
CA GLU M 561 -46.55 16.40 95.58
C GLU M 561 -47.75 17.28 95.97
N GLY M 562 -47.46 18.43 96.52
CA GLY M 562 -48.49 19.41 96.80
C GLY M 562 -48.11 20.33 97.91
N ILE M 563 -48.97 20.38 98.92
CA ILE M 563 -48.98 21.39 99.97
C ILE M 563 -47.73 21.25 100.82
N LYS M 564 -47.07 22.37 101.06
CA LYS M 564 -46.18 22.45 102.20
C LYS M 564 -46.97 23.00 103.39
N LEU M 565 -46.93 22.28 104.50
CA LEU M 565 -47.72 22.62 105.66
C LEU M 565 -47.06 23.78 106.42
N ARG M 566 -47.52 23.99 107.64
CA ARG M 566 -46.95 25.04 108.46
C ARG M 566 -45.52 24.67 108.88
N GLY M 567 -44.67 25.69 108.97
CA GLY M 567 -43.32 25.47 109.39
C GLY M 567 -43.14 25.59 110.89
N ASP M 568 -44.02 26.37 111.52
CA ASP M 568 -43.84 26.71 112.93
C ASP M 568 -45.16 27.11 113.58
N ILE M 569 -45.01 27.73 114.74
CA ILE M 569 -46.10 28.24 115.56
C ILE M 569 -45.92 29.74 115.63
N ASN M 570 -46.99 30.50 115.59
CA ASN M 570 -46.88 31.93 115.82
C ASN M 570 -47.74 32.35 117.00
N ILE M 571 -47.10 33.04 117.96
CA ILE M 571 -47.72 33.42 119.21
C ILE M 571 -47.53 34.92 119.40
N CYS M 572 -48.64 35.62 119.63
CA CYS M 572 -48.67 37.00 120.03
C CYS M 572 -48.97 37.07 121.52
N VAL M 573 -48.87 38.28 122.08
CA VAL M 573 -49.23 38.55 123.47
C VAL M 573 -49.87 39.92 123.47
N VAL M 574 -51.07 40.04 124.02
CA VAL M 574 -51.67 41.35 124.20
C VAL M 574 -51.49 41.74 125.66
N GLY M 575 -51.56 43.04 125.92
CA GLY M 575 -51.45 43.55 127.27
C GLY M 575 -51.46 45.06 127.27
N ASP M 576 -51.55 45.61 128.47
CA ASP M 576 -51.47 47.05 128.63
C ASP M 576 -50.05 47.52 128.33
N PRO M 577 -49.90 48.63 127.60
CA PRO M 577 -48.55 49.12 127.27
C PRO M 577 -47.87 49.71 128.50
N SER M 578 -46.57 49.99 128.30
CA SER M 578 -45.66 50.42 129.36
C SER M 578 -45.65 49.43 130.52
N THR M 579 -45.61 48.14 130.19
CA THR M 579 -45.60 47.08 131.19
C THR M 579 -44.54 46.09 130.74
N SER M 580 -44.60 44.86 131.24
CA SER M 580 -43.58 43.87 130.96
C SER M 580 -43.62 43.32 129.54
N LYS M 581 -44.55 43.79 128.71
CA LYS M 581 -44.62 43.37 127.31
C LYS M 581 -43.38 43.77 126.51
N SER M 582 -42.77 44.92 126.80
CA SER M 582 -41.68 45.40 125.98
C SER M 582 -40.39 44.64 126.22
N GLN M 583 -40.34 43.84 127.28
CA GLN M 583 -39.06 43.29 127.71
C GLN M 583 -38.66 42.09 126.86
N PHE M 584 -39.62 41.23 126.51
CA PHE M 584 -39.35 40.11 125.62
C PHE M 584 -38.93 40.60 124.26
N LEU M 585 -39.62 41.63 123.76
CA LEU M 585 -39.29 42.26 122.50
C LEU M 585 -37.87 42.79 122.49
N LYS M 586 -37.46 43.43 123.58
CA LYS M 586 -36.07 43.82 123.71
C LYS M 586 -35.16 42.61 123.87
N TYR M 587 -35.67 41.49 124.35
CA TYR M 587 -34.81 40.36 124.62
C TYR M 587 -34.42 39.61 123.36
N VAL M 588 -35.37 39.39 122.45
CA VAL M 588 -35.14 38.41 121.40
C VAL M 588 -34.31 38.93 120.25
N VAL M 589 -34.38 40.23 119.96
CA VAL M 589 -33.75 40.78 118.76
C VAL M 589 -32.25 40.78 118.81
N GLY M 590 -31.65 40.60 119.98
CA GLY M 590 -30.22 40.46 120.07
C GLY M 590 -29.90 39.02 120.35
N PHE M 591 -30.93 38.25 120.71
CA PHE M 591 -30.73 36.85 121.08
C PHE M 591 -31.01 35.90 119.94
N ALA M 592 -31.91 36.23 119.07
CA ALA M 592 -32.24 35.32 117.99
C ALA M 592 -31.26 35.48 116.83
N PRO M 593 -31.09 34.46 116.01
CA PRO M 593 -30.33 34.63 114.77
C PRO M 593 -31.07 35.51 113.79
N ARG M 594 -30.39 36.60 113.38
CA ARG M 594 -30.77 37.61 112.39
C ARG M 594 -32.24 38.02 112.37
N SER M 595 -32.82 38.19 113.54
CA SER M 595 -34.22 38.58 113.65
C SER M 595 -34.34 40.09 113.77
N VAL M 596 -35.33 40.65 113.07
CA VAL M 596 -35.43 42.08 112.88
C VAL M 596 -36.69 42.59 113.56
N TYR M 597 -36.74 43.90 113.72
CA TYR M 597 -37.82 44.53 114.49
C TYR M 597 -38.31 45.75 113.73
N THR M 598 -39.62 45.87 113.63
CA THR M 598 -40.26 46.99 112.97
C THR M 598 -41.47 47.36 113.82
N SER M 599 -41.93 48.61 113.70
CA SER M 599 -43.14 49.09 114.37
C SER M 599 -44.35 49.05 113.46
N GLY M 600 -44.17 49.09 112.15
CA GLY M 600 -45.28 48.90 111.24
C GLY M 600 -46.19 50.08 111.08
N LYS M 601 -45.83 51.24 111.59
CA LYS M 601 -46.64 52.42 111.33
C LYS M 601 -46.44 52.92 109.90
N ALA M 602 -45.25 52.71 109.34
CA ALA M 602 -44.98 53.03 107.93
C ALA M 602 -45.64 52.03 107.02
N SER M 603 -46.97 52.11 106.92
CA SER M 603 -47.78 51.08 106.28
C SER M 603 -48.19 51.43 104.86
N SER M 604 -47.81 52.61 104.37
CA SER M 604 -48.29 53.04 103.06
C SER M 604 -47.15 53.17 102.05
N ALA M 605 -45.94 53.43 102.51
CA ALA M 605 -44.81 53.53 101.58
C ALA M 605 -44.30 52.14 101.20
N ALA M 606 -43.76 51.42 102.16
CA ALA M 606 -43.13 50.12 101.91
C ALA M 606 -43.01 49.38 103.24
N GLY M 607 -42.11 48.40 103.28
CA GLY M 607 -41.75 47.78 104.53
C GLY M 607 -42.60 46.57 104.86
N LEU M 608 -43.61 46.78 105.69
CA LEU M 608 -44.61 45.76 105.93
C LEU M 608 -45.31 45.38 104.65
N THR M 609 -45.99 46.34 104.05
CA THR M 609 -46.53 46.19 102.71
C THR M 609 -45.38 46.17 101.71
N ALA M 610 -45.26 45.07 101.00
CA ALA M 610 -44.21 44.90 99.98
C ALA M 610 -44.61 45.74 98.77
N ALA M 611 -43.79 46.72 98.41
CA ALA M 611 -44.17 47.75 97.44
C ALA M 611 -43.01 48.09 96.51
N VAL M 612 -43.26 48.01 95.22
CA VAL M 612 -42.24 48.15 94.19
C VAL M 612 -41.72 49.58 94.15
N VAL M 613 -40.45 49.76 93.82
CA VAL M 613 -39.91 51.11 93.68
C VAL M 613 -40.09 51.59 92.24
N ARG M 614 -40.06 52.90 92.06
CA ARG M 614 -40.16 53.48 90.74
C ARG M 614 -38.80 53.35 90.04
N ASP M 615 -38.81 53.54 88.72
CA ASP M 615 -37.65 53.49 87.85
C ASP M 615 -36.52 54.40 88.32
N GLU M 616 -35.31 53.84 88.33
CA GLU M 616 -34.13 54.59 88.71
C GLU M 616 -32.93 53.96 88.03
N GLU M 617 -32.17 54.80 87.30
CA GLU M 617 -30.92 54.44 86.62
C GLU M 617 -31.11 53.32 85.60
N GLY M 618 -32.25 53.32 84.91
CA GLY M 618 -32.45 52.40 83.81
C GLY M 618 -33.27 51.17 84.11
N GLY M 619 -33.85 51.06 85.31
CA GLY M 619 -34.73 49.94 85.58
C GLY M 619 -35.99 50.27 86.39
N ASP M 620 -37.16 50.08 85.79
CA ASP M 620 -38.41 50.10 86.54
C ASP M 620 -38.71 48.67 87.01
N TYR M 621 -39.64 48.56 87.95
CA TYR M 621 -40.10 47.29 88.50
C TYR M 621 -38.93 46.50 89.08
N THR M 622 -38.37 46.97 90.19
CA THR M 622 -37.37 46.17 90.88
C THR M 622 -37.92 45.77 92.24
N ILE M 623 -37.34 44.74 92.82
CA ILE M 623 -37.82 44.31 94.12
C ILE M 623 -37.38 45.30 95.20
N GLU M 624 -38.05 45.24 96.32
CA GLU M 624 -37.84 46.15 97.42
C GLU M 624 -37.48 45.39 98.68
N ALA M 625 -37.10 46.14 99.69
CA ALA M 625 -36.81 45.61 101.02
C ALA M 625 -38.09 45.48 101.81
N GLY M 626 -37.96 45.44 103.13
CA GLY M 626 -39.10 45.24 103.98
C GLY M 626 -38.74 44.14 104.95
N ALA M 627 -39.02 44.31 106.23
CA ALA M 627 -38.47 43.40 107.24
C ALA M 627 -39.32 42.14 107.37
N LEU M 628 -39.72 41.61 106.23
CA LEU M 628 -40.62 40.47 106.15
C LEU M 628 -40.00 39.35 105.34
N MET M 629 -39.46 39.68 104.19
CA MET M 629 -38.86 38.66 103.35
C MET M 629 -37.42 38.38 103.72
N LEU M 630 -36.91 38.99 104.77
CA LEU M 630 -35.59 38.66 105.27
C LEU M 630 -35.62 38.00 106.64
N ALA M 631 -36.73 37.37 107.01
CA ALA M 631 -36.76 36.55 108.22
C ALA M 631 -36.48 35.09 107.89
N ASP M 632 -35.47 34.90 107.06
CA ASP M 632 -34.94 33.58 106.81
C ASP M 632 -34.04 33.24 107.97
N ASN M 633 -34.29 32.08 108.58
CA ASN M 633 -33.85 31.65 109.91
C ASN M 633 -33.96 32.78 110.94
N GLY M 634 -35.03 33.56 110.83
CA GLY M 634 -35.22 34.71 111.69
C GLY M 634 -36.66 34.79 112.14
N ILE M 635 -36.82 35.32 113.34
CA ILE M 635 -38.12 35.41 113.98
C ILE M 635 -38.44 36.89 114.05
N CYS M 636 -39.08 37.42 113.01
CA CYS M 636 -39.34 38.83 112.93
C CYS M 636 -40.39 39.23 113.97
N CYS M 637 -40.27 40.46 114.46
CA CYS M 637 -41.16 40.93 115.49
C CYS M 637 -41.68 42.31 115.12
N ILE M 638 -42.95 42.52 115.41
CA ILE M 638 -43.71 43.64 114.88
C ILE M 638 -44.90 43.87 115.80
N ASP M 639 -45.19 45.13 116.12
CA ASP M 639 -46.19 45.43 117.14
C ASP M 639 -47.23 46.41 116.62
N GLU M 640 -48.21 46.71 117.49
CA GLU M 640 -49.26 47.71 117.30
C GLU M 640 -50.11 47.46 116.06
N PHE M 641 -50.91 46.41 116.07
CA PHE M 641 -51.78 46.09 114.95
C PHE M 641 -52.96 47.03 114.77
N ASP M 642 -53.32 47.84 115.77
CA ASP M 642 -54.52 48.64 115.65
C ASP M 642 -54.36 49.85 114.76
N LYS M 643 -53.15 50.38 114.67
CA LYS M 643 -52.94 51.74 114.19
C LYS M 643 -52.60 51.80 112.70
N MET M 644 -52.54 50.67 112.03
CA MET M 644 -52.27 50.64 110.60
C MET M 644 -53.60 50.72 109.86
N ASP M 645 -53.53 50.55 108.55
CA ASP M 645 -54.73 50.67 107.74
C ASP M 645 -55.41 49.31 107.62
N ILE M 646 -56.34 49.20 106.68
CA ILE M 646 -57.05 47.95 106.45
C ILE M 646 -56.46 47.15 105.30
N SER M 647 -55.56 47.74 104.52
CA SER M 647 -55.07 47.03 103.34
C SER M 647 -54.04 45.97 103.70
N ASP M 648 -53.14 46.27 104.64
CA ASP M 648 -52.15 45.30 105.05
C ASP M 648 -52.76 44.13 105.81
N GLN M 649 -53.92 44.35 106.42
CA GLN M 649 -54.58 43.36 107.25
C GLN M 649 -55.06 42.16 106.46
N VAL M 650 -55.20 42.28 105.14
CA VAL M 650 -55.35 41.09 104.32
C VAL M 650 -54.00 40.68 103.74
N ALA M 651 -53.04 41.61 103.67
CA ALA M 651 -51.76 41.30 103.05
C ALA M 651 -50.95 40.33 103.90
N ILE M 652 -50.78 40.66 105.19
CA ILE M 652 -50.09 39.73 106.06
C ILE M 652 -50.94 38.52 106.37
N HIS M 653 -52.25 38.65 106.21
CA HIS M 653 -53.15 37.51 106.30
C HIS M 653 -52.86 36.49 105.21
N GLU M 654 -52.46 36.97 104.03
CA GLU M 654 -51.96 36.05 103.03
C GLU M 654 -50.58 35.53 103.41
N ALA M 655 -49.79 36.33 104.09
CA ALA M 655 -48.44 35.94 104.47
C ALA M 655 -48.41 34.93 105.61
N MET M 656 -49.56 34.61 106.18
CA MET M 656 -49.60 33.73 107.34
C MET M 656 -49.86 32.27 106.98
N GLU M 657 -50.83 32.02 106.09
CA GLU M 657 -51.29 30.65 105.86
C GLU M 657 -50.23 29.82 105.14
N GLN M 658 -49.85 30.21 103.95
CA GLN M 658 -48.78 29.55 103.22
C GLN M 658 -47.56 30.46 103.28
N GLN M 659 -46.38 29.88 103.16
CA GLN M 659 -45.18 30.62 103.47
C GLN M 659 -44.67 31.47 102.33
N THR M 660 -45.45 31.70 101.28
CA THR M 660 -45.00 32.60 100.23
C THR M 660 -45.89 33.82 100.21
N ILE M 661 -45.46 34.81 99.42
CA ILE M 661 -46.30 35.94 99.05
C ILE M 661 -46.17 36.09 97.54
N SER M 662 -47.15 36.73 96.95
CA SER M 662 -47.18 36.94 95.52
C SER M 662 -47.38 38.42 95.24
N ILE M 663 -46.78 38.88 94.15
CA ILE M 663 -46.97 40.25 93.73
C ILE M 663 -46.85 40.30 92.21
N ALA M 664 -47.71 41.11 91.59
CA ALA M 664 -47.68 41.30 90.15
C ALA M 664 -47.95 42.76 89.85
N LYS M 665 -47.41 43.64 90.68
CA LYS M 665 -47.74 45.06 90.65
C LYS M 665 -46.88 45.76 89.61
N ALA M 666 -47.50 46.12 88.48
CA ALA M 666 -46.94 47.01 87.46
C ALA M 666 -45.61 46.50 86.90
N GLY M 667 -45.63 45.30 86.37
CA GLY M 667 -44.42 44.58 86.06
C GLY M 667 -44.81 43.12 86.12
N ILE M 668 -43.87 42.20 85.95
CA ILE M 668 -44.25 40.80 85.83
C ILE M 668 -44.61 40.25 87.20
N HIS M 669 -45.23 39.07 87.21
CA HIS M 669 -45.56 38.44 88.48
C HIS M 669 -44.30 38.00 89.19
N ALA M 670 -44.40 37.93 90.50
CA ALA M 670 -43.28 37.49 91.31
C ALA M 670 -43.83 36.56 92.37
N THR M 671 -43.09 35.49 92.62
CA THR M 671 -43.40 34.52 93.66
C THR M 671 -42.15 34.37 94.51
N LEU M 672 -42.12 35.04 95.64
CA LEU M 672 -41.01 34.87 96.56
C LEU M 672 -41.46 34.09 97.79
N ASN M 673 -40.71 33.04 98.09
CA ASN M 673 -41.03 32.10 99.16
C ASN M 673 -40.26 32.49 100.41
N ALA M 674 -40.83 33.40 101.18
CA ALA M 674 -40.17 33.86 102.38
C ALA M 674 -40.82 33.19 103.57
N ARG M 675 -40.29 32.05 103.98
CA ARG M 675 -40.88 31.35 105.11
C ARG M 675 -40.53 32.09 106.40
N THR M 676 -41.54 32.23 107.26
CA THR M 676 -41.50 33.25 108.30
C THR M 676 -42.04 32.70 109.62
N SER M 677 -41.91 33.53 110.65
CA SER M 677 -42.34 33.16 112.00
C SER M 677 -42.67 34.48 112.71
N ILE M 678 -43.93 34.88 112.67
CA ILE M 678 -44.29 36.19 113.22
C ILE M 678 -44.53 36.07 114.72
N LEU M 679 -44.54 37.23 115.37
CA LEU M 679 -44.71 37.35 116.81
C LEU M 679 -45.14 38.79 117.10
N ALA M 680 -46.28 38.95 117.75
CA ALA M 680 -46.89 40.28 117.79
C ALA M 680 -47.20 40.74 119.19
N ALA M 681 -47.47 42.03 119.31
CA ALA M 681 -47.95 42.61 120.55
C ALA M 681 -48.80 43.83 120.29
N ALA M 682 -50.11 43.65 120.14
CA ALA M 682 -50.98 44.78 119.87
C ALA M 682 -51.52 45.35 121.18
N ASN M 683 -52.55 46.18 121.08
CA ASN M 683 -53.06 46.90 122.23
C ASN M 683 -54.54 46.63 122.41
N PRO M 684 -55.02 46.61 123.65
CA PRO M 684 -56.46 46.47 123.88
C PRO M 684 -57.22 47.74 123.48
N VAL M 685 -58.54 47.64 123.53
CA VAL M 685 -59.38 48.73 123.03
C VAL M 685 -59.42 49.91 124.00
N GLY M 686 -59.01 49.72 125.25
CA GLY M 686 -59.09 50.80 126.21
C GLY M 686 -57.87 50.91 127.09
N GLY M 687 -56.93 49.98 126.93
CA GLY M 687 -55.79 49.95 127.82
C GLY M 687 -56.01 49.01 128.98
N ARG M 688 -57.25 48.96 129.47
CA ARG M 688 -57.60 48.03 130.53
C ARG M 688 -58.46 46.90 129.99
N TYR M 689 -58.13 45.69 130.41
CA TYR M 689 -58.78 44.50 129.91
C TYR M 689 -60.09 44.28 130.64
N ASN M 690 -61.18 44.11 129.89
CA ASN M 690 -62.46 43.74 130.46
C ASN M 690 -62.38 42.33 131.04
N ARG M 691 -63.21 42.05 132.03
CA ARG M 691 -63.14 40.80 132.74
C ARG M 691 -64.38 39.94 132.56
N LYS M 692 -65.56 40.52 132.76
CA LYS M 692 -66.80 39.77 132.62
C LYS M 692 -67.11 39.42 131.18
N LEU M 693 -66.57 40.17 130.22
CA LEU M 693 -66.85 39.98 128.81
C LEU M 693 -65.90 38.92 128.25
N SER M 694 -65.82 38.80 126.93
CA SER M 694 -64.83 37.96 126.30
C SER M 694 -63.78 38.82 125.64
N LEU M 695 -62.79 38.15 125.08
CA LEU M 695 -61.75 38.83 124.31
C LEU M 695 -62.21 39.14 122.90
N ARG M 696 -63.40 38.67 122.51
CA ARG M 696 -63.93 38.95 121.17
C ARG M 696 -64.15 40.43 120.95
N GLY M 697 -64.42 41.18 122.01
CA GLY M 697 -64.49 42.62 121.91
C GLY M 697 -63.17 43.33 122.13
N ASN M 698 -62.26 42.78 122.91
CA ASN M 698 -61.02 43.46 123.19
C ASN M 698 -59.90 43.07 122.24
N LEU M 699 -60.15 42.18 121.29
CA LEU M 699 -59.12 41.85 120.32
C LEU M 699 -58.82 43.00 119.36
N ASN M 700 -59.85 43.77 118.98
CA ASN M 700 -59.74 44.96 118.12
C ASN M 700 -59.15 44.63 116.75
N MET M 701 -59.42 43.42 116.29
CA MET M 701 -59.07 42.97 114.96
C MET M 701 -60.33 42.45 114.29
N THR M 702 -60.18 41.77 113.16
CA THR M 702 -61.30 41.07 112.57
C THR M 702 -61.35 39.65 113.07
N ALA M 703 -62.29 38.87 112.58
CA ALA M 703 -62.47 37.48 113.00
C ALA M 703 -61.51 36.45 112.39
N PRO M 704 -61.29 36.36 111.06
CA PRO M 704 -60.58 35.18 110.55
C PRO M 704 -59.10 35.18 110.83
N ILE M 705 -58.50 36.34 111.11
CA ILE M 705 -57.09 36.32 111.48
C ILE M 705 -56.88 35.84 112.89
N MET M 706 -57.93 35.83 113.71
CA MET M 706 -57.82 35.27 115.04
C MET M 706 -57.72 33.75 114.96
N SER M 707 -58.61 33.13 114.20
CA SER M 707 -58.56 31.69 114.03
C SER M 707 -57.37 31.25 113.20
N ARG M 708 -56.81 32.16 112.39
CA ARG M 708 -55.59 31.86 111.66
C ARG M 708 -54.39 31.83 112.62
N PHE M 709 -54.59 32.31 113.83
CA PHE M 709 -53.56 32.42 114.83
C PHE M 709 -53.77 31.40 115.95
N ASP M 710 -52.76 31.25 116.81
CA ASP M 710 -52.88 30.49 118.06
C ASP M 710 -53.32 31.42 119.19
N LEU M 711 -53.22 30.96 120.43
CA LEU M 711 -53.73 31.81 121.49
C LEU M 711 -52.62 32.67 122.10
N PHE M 712 -53.04 33.80 122.64
CA PHE M 712 -52.23 34.96 122.89
C PHE M 712 -51.66 35.01 124.28
N PHE M 713 -52.22 34.24 125.21
CA PHE M 713 -51.78 34.21 126.61
C PHE M 713 -51.77 35.60 127.23
N VAL M 714 -52.96 36.16 127.43
CA VAL M 714 -53.15 37.55 127.79
C VAL M 714 -52.54 37.85 129.16
N ILE M 715 -51.76 38.92 129.23
CA ILE M 715 -51.13 39.35 130.47
C ILE M 715 -52.10 40.22 131.25
N LEU M 716 -52.38 39.80 132.48
CA LEU M 716 -53.21 40.56 133.41
C LEU M 716 -52.33 41.30 134.40
N ASP M 717 -52.94 42.26 135.11
CA ASP M 717 -52.25 43.09 136.09
C ASP M 717 -53.09 43.24 137.35
N ASP M 718 -52.45 43.71 138.42
CA ASP M 718 -53.09 43.91 139.72
C ASP M 718 -52.31 44.94 140.53
N CYS M 719 -53.03 45.67 141.37
CA CYS M 719 -52.44 46.65 142.28
C CYS M 719 -52.34 46.05 143.69
N ASN M 720 -51.47 45.05 143.82
CA ASN M 720 -51.35 44.32 145.06
C ASN M 720 -50.14 44.79 145.85
N GLU M 721 -50.33 44.91 147.16
CA GLU M 721 -49.37 45.57 148.04
C GLU M 721 -48.13 44.71 148.32
N LYS M 722 -48.14 43.45 147.91
CA LYS M 722 -46.96 42.61 148.11
C LYS M 722 -46.15 42.48 146.82
N ILE M 723 -46.82 42.36 145.68
CA ILE M 723 -46.13 42.07 144.42
C ILE M 723 -45.34 43.24 143.91
N ASP M 724 -45.65 44.43 144.37
CA ASP M 724 -44.95 45.63 143.96
C ASP M 724 -43.57 45.74 144.58
N THR M 725 -43.48 45.41 145.88
CA THR M 725 -42.23 45.57 146.60
C THR M 725 -41.22 44.54 146.14
N GLU M 726 -41.68 43.33 145.85
CA GLU M 726 -40.76 42.32 145.37
C GLU M 726 -40.31 42.61 143.94
N LEU M 727 -41.20 43.17 143.12
CA LEU M 727 -40.80 43.62 141.79
C LEU M 727 -39.92 44.83 141.88
N ALA M 728 -40.09 45.64 142.92
CA ALA M 728 -39.16 46.74 143.16
C ALA M 728 -37.79 46.21 143.52
N SER M 729 -37.71 45.23 144.41
CA SER M 729 -36.43 44.65 144.74
C SER M 729 -35.85 43.86 143.57
N HIS M 730 -36.70 43.26 142.76
CA HIS M 730 -36.25 42.58 141.56
C HIS M 730 -35.70 43.55 140.53
N ILE M 731 -36.25 44.76 140.46
CA ILE M 731 -35.77 45.70 139.46
C ILE M 731 -34.54 46.47 139.94
N VAL M 732 -34.32 46.61 141.25
CA VAL M 732 -33.23 47.48 141.66
C VAL M 732 -31.89 46.78 141.51
N ASP M 733 -31.84 45.47 141.64
CA ASP M 733 -30.61 44.77 141.40
C ASP M 733 -30.26 44.72 139.94
N LEU M 734 -31.25 44.91 139.06
CA LEU M 734 -31.00 44.94 137.63
C LEU M 734 -30.15 46.13 137.25
N HIS M 735 -30.58 47.33 137.58
CA HIS M 735 -29.84 48.53 137.21
C HIS M 735 -28.81 48.90 138.25
N MET M 736 -28.42 47.96 139.09
CA MET M 736 -27.16 48.08 139.78
C MET M 736 -26.02 48.16 138.78
N LYS M 737 -24.99 48.91 139.14
CA LYS M 737 -23.77 48.91 138.33
C LYS M 737 -23.17 47.52 138.30
N ARG M 738 -23.10 46.85 139.45
CA ARG M 738 -22.71 45.44 139.49
C ARG M 738 -23.37 44.79 140.71
N ASP M 739 -24.47 44.10 140.47
CA ASP M 739 -24.95 43.08 141.41
C ASP M 739 -25.46 41.91 140.56
N GLU M 740 -24.54 41.05 140.17
CA GLU M 740 -24.87 39.88 139.35
C GLU M 740 -24.96 38.64 140.23
N ALA M 741 -25.94 38.68 141.14
CA ALA M 741 -26.10 37.59 142.09
C ALA M 741 -27.05 36.52 141.57
N ILE M 742 -27.94 36.88 140.65
CA ILE M 742 -28.80 35.92 139.99
C ILE M 742 -27.96 34.98 139.13
N GLU M 743 -28.19 33.68 139.27
CA GLU M 743 -27.46 32.69 138.50
C GLU M 743 -28.41 32.01 137.52
N PRO M 744 -28.45 32.44 136.27
CA PRO M 744 -28.99 31.58 135.23
C PRO M 744 -28.07 30.39 135.03
N PRO M 745 -28.63 29.18 135.02
CA PRO M 745 -27.78 27.98 134.88
C PRO M 745 -27.13 27.83 133.52
N PHE M 746 -27.51 28.64 132.55
CA PHE M 746 -26.92 28.58 131.22
C PHE M 746 -26.48 29.97 130.80
N SER M 747 -25.51 30.01 129.90
CA SER M 747 -25.03 31.26 129.34
C SER M 747 -25.88 31.65 128.15
N ALA M 748 -25.57 32.79 127.54
CA ALA M 748 -26.12 33.13 126.24
C ALA M 748 -25.64 32.20 125.13
N GLU M 749 -24.34 31.91 125.09
CA GLU M 749 -23.85 31.11 123.99
C GLU M 749 -24.06 29.62 124.21
N GLN M 750 -23.97 29.15 125.45
CA GLN M 750 -24.11 27.71 125.67
C GLN M 750 -25.56 27.28 125.69
N LEU M 751 -26.48 28.23 125.78
CA LEU M 751 -27.83 27.94 125.37
C LEU M 751 -27.96 27.95 123.85
N ARG M 752 -27.22 28.85 123.19
CA ARG M 752 -27.33 29.02 121.75
C ARG M 752 -26.85 27.80 121.00
N ARG M 753 -25.74 27.23 121.41
CA ARG M 753 -25.33 26.00 120.76
C ARG M 753 -26.18 24.82 121.18
N TYR M 754 -26.84 24.90 122.34
CA TYR M 754 -27.67 23.79 122.80
C TYR M 754 -28.88 23.61 121.91
N ILE M 755 -29.58 24.71 121.60
CA ILE M 755 -30.69 24.59 120.67
C ILE M 755 -30.21 24.30 119.26
N LYS M 756 -28.97 24.67 118.94
CA LYS M 756 -28.39 24.24 117.68
C LYS M 756 -28.10 22.76 117.67
N TYR M 757 -27.96 22.13 118.84
CA TYR M 757 -28.03 20.69 118.86
C TYR M 757 -29.46 20.20 118.78
N ALA M 758 -30.41 21.00 119.24
CA ALA M 758 -31.78 20.53 119.31
C ALA M 758 -32.47 20.52 117.96
N ARG M 759 -32.06 21.37 117.03
CA ARG M 759 -32.80 21.53 115.79
C ARG M 759 -32.63 20.36 114.85
N THR M 760 -31.55 19.60 114.97
CA THR M 760 -31.19 18.67 113.93
C THR M 760 -31.76 17.27 114.13
N PHE M 761 -32.99 17.16 114.62
CA PHE M 761 -33.67 15.87 114.60
C PHE M 761 -34.94 15.97 113.76
N LYS M 762 -35.71 14.91 113.78
CA LYS M 762 -37.00 14.87 113.09
C LYS M 762 -37.87 13.89 113.85
N PRO M 763 -38.45 14.30 114.97
CA PRO M 763 -39.19 13.35 115.80
C PRO M 763 -40.54 13.00 115.19
N ILE M 764 -40.81 11.70 115.11
CA ILE M 764 -42.03 11.18 114.51
C ILE M 764 -42.79 10.39 115.57
N LEU M 765 -44.09 10.63 115.67
CA LEU M 765 -44.97 9.80 116.48
C LEU M 765 -45.05 8.43 115.80
N THR M 766 -45.15 7.38 116.59
CA THR M 766 -45.41 6.05 116.06
C THR M 766 -46.44 5.32 116.91
N LYS M 767 -46.80 5.86 118.06
CA LYS M 767 -47.63 5.15 119.01
C LYS M 767 -49.10 5.20 118.58
N GLU M 768 -49.96 4.60 119.38
CA GLU M 768 -51.39 4.55 119.08
C GLU M 768 -52.16 5.68 119.74
N ALA M 769 -51.45 6.72 120.18
CA ALA M 769 -52.09 7.90 120.76
C ALA M 769 -52.75 8.78 119.72
N ARG M 770 -52.60 8.44 118.42
CA ARG M 770 -53.46 8.99 117.39
C ARG M 770 -54.93 8.78 117.73
N SER M 771 -55.27 7.56 118.17
CA SER M 771 -56.61 7.30 118.67
C SER M 771 -56.90 8.07 119.94
N TYR M 772 -55.89 8.26 120.79
CA TYR M 772 -56.05 9.14 121.93
C TYR M 772 -56.14 10.60 121.53
N LEU M 773 -55.50 10.96 120.41
CA LEU M 773 -55.56 12.34 119.95
C LEU M 773 -56.94 12.74 119.47
N VAL M 774 -57.54 11.91 118.61
CA VAL M 774 -58.72 12.33 117.86
C VAL M 774 -59.95 12.52 118.73
N GLU M 775 -60.03 11.83 119.86
CA GLU M 775 -61.21 11.98 120.70
C GLU M 775 -61.24 13.29 121.46
N LYS M 776 -60.08 13.77 121.90
CA LYS M 776 -60.07 14.94 122.76
C LYS M 776 -60.42 16.20 122.00
N TYR M 777 -59.93 16.34 120.77
CA TYR M 777 -60.39 17.43 119.94
C TYR M 777 -61.86 17.25 119.59
N LYS M 778 -62.28 16.02 119.32
CA LYS M 778 -63.70 15.77 119.08
C LYS M 778 -64.51 16.10 120.30
N GLU M 779 -63.94 15.92 121.49
CA GLU M 779 -64.56 16.48 122.66
C GLU M 779 -64.41 18.00 122.70
N LEU M 780 -63.31 18.53 122.19
CA LEU M 780 -63.03 19.95 122.35
C LEU M 780 -63.95 20.81 121.51
N ARG M 781 -64.14 20.44 120.24
CA ARG M 781 -64.90 21.29 119.32
C ARG M 781 -66.38 21.37 119.68
N LYS M 782 -66.91 20.37 120.40
CA LYS M 782 -68.31 20.39 120.83
C LYS M 782 -68.57 21.33 121.99
N ASP M 783 -67.55 22.01 122.50
CA ASP M 783 -67.70 22.95 123.60
C ASP M 783 -67.88 24.38 123.13
N ASP M 784 -66.96 24.87 122.28
CA ASP M 784 -66.96 26.26 121.84
C ASP M 784 -68.00 26.53 120.76
N ALA M 785 -68.59 25.48 120.18
CA ALA M 785 -69.75 25.64 119.32
C ALA M 785 -70.98 25.64 120.22
N GLN M 786 -71.28 26.81 120.79
CA GLN M 786 -72.32 26.90 121.80
C GLN M 786 -73.72 26.89 121.19
N GLY M 787 -73.82 26.89 119.87
CA GLY M 787 -75.13 26.84 119.24
C GLY M 787 -74.97 26.91 117.74
N PHE M 788 -76.09 26.73 117.05
CA PHE M 788 -76.10 26.88 115.61
C PHE M 788 -75.91 28.33 115.18
N SER M 789 -76.23 29.28 116.05
CA SER M 789 -76.11 30.70 115.75
C SER M 789 -75.23 31.37 116.79
N ARG M 790 -74.36 30.60 117.44
CA ARG M 790 -73.40 31.15 118.39
C ARG M 790 -72.07 31.48 117.73
N SER M 791 -71.04 31.67 118.55
CA SER M 791 -69.77 32.28 118.22
C SER M 791 -69.08 31.59 117.05
N SER M 792 -68.52 32.41 116.16
CA SER M 792 -67.73 31.95 115.03
C SER M 792 -66.25 31.90 115.35
N TYR M 793 -65.90 31.70 116.61
CA TYR M 793 -64.55 31.31 116.99
C TYR M 793 -64.44 29.79 117.00
N ARG M 794 -64.94 29.20 115.93
CA ARG M 794 -65.10 27.78 115.85
C ARG M 794 -63.75 27.16 115.52
N ILE M 795 -63.14 26.56 116.52
CA ILE M 795 -61.76 26.09 116.43
C ILE M 795 -61.73 24.87 115.54
N THR M 796 -61.37 25.09 114.28
CA THR M 796 -61.60 24.10 113.24
C THR M 796 -60.40 23.19 113.04
N VAL M 797 -60.40 22.49 111.90
CA VAL M 797 -59.37 21.52 111.55
C VAL M 797 -58.00 22.14 111.31
N ARG M 798 -57.91 23.47 111.27
CA ARG M 798 -56.61 24.11 111.26
C ARG M 798 -55.83 23.81 112.52
N GLN M 799 -56.51 23.73 113.65
CA GLN M 799 -55.83 23.76 114.93
C GLN M 799 -55.37 22.40 115.38
N LEU M 800 -55.70 21.35 114.65
CA LEU M 800 -55.09 20.07 114.93
C LEU M 800 -53.64 20.08 114.52
N GLU M 801 -53.33 20.84 113.48
CA GLU M 801 -51.98 20.95 112.98
C GLU M 801 -51.05 21.63 113.97
N SER M 802 -51.46 22.77 114.51
CA SER M 802 -50.69 23.40 115.57
C SER M 802 -50.65 22.55 116.82
N MET M 803 -51.67 21.71 117.04
CA MET M 803 -51.71 20.82 118.18
C MET M 803 -50.64 19.74 118.07
N ILE M 804 -50.46 19.16 116.88
CA ILE M 804 -49.40 18.18 116.76
C ILE M 804 -48.05 18.83 116.51
N ARG M 805 -48.00 19.98 115.84
CA ARG M 805 -46.71 20.57 115.58
C ARG M 805 -46.20 21.38 116.77
N LEU M 806 -47.03 21.60 117.78
CA LEU M 806 -46.43 21.95 119.05
C LEU M 806 -45.83 20.72 119.70
N SER M 807 -46.44 19.56 119.45
CA SER M 807 -46.13 18.39 120.24
C SER M 807 -44.81 17.78 119.82
N GLU M 808 -44.45 17.91 118.55
CA GLU M 808 -43.10 17.55 118.17
C GLU M 808 -42.09 18.57 118.63
N ALA M 809 -42.50 19.81 118.82
CA ALA M 809 -41.56 20.85 119.21
C ALA M 809 -41.16 20.69 120.67
N ILE M 810 -42.12 20.42 121.54
CA ILE M 810 -41.79 20.22 122.95
C ILE M 810 -41.03 18.94 123.18
N ALA M 811 -41.21 17.94 122.33
CA ALA M 811 -40.35 16.78 122.40
C ALA M 811 -38.98 17.05 121.80
N ARG M 812 -38.88 18.07 120.92
CA ARG M 812 -37.57 18.48 120.45
C ARG M 812 -36.81 19.26 121.52
N ALA M 813 -37.50 19.67 122.58
CA ALA M 813 -36.80 20.25 123.72
C ALA M 813 -36.12 19.18 124.56
N ASN M 814 -36.81 18.09 124.86
CA ASN M 814 -36.25 17.07 125.73
C ASN M 814 -35.59 15.93 124.97
N CYS M 815 -35.41 16.10 123.66
CA CYS M 815 -34.55 15.24 122.82
C CYS M 815 -35.05 13.80 122.77
N VAL M 816 -36.35 13.63 122.60
CA VAL M 816 -36.98 12.33 122.44
C VAL M 816 -37.58 12.27 121.05
N ASP M 817 -37.31 11.19 120.32
CA ASP M 817 -37.71 11.12 118.92
C ASP M 817 -39.12 10.54 118.78
N GLU M 818 -39.46 9.58 119.62
CA GLU M 818 -40.83 9.08 119.67
C GLU M 818 -41.68 10.06 120.46
N ILE M 819 -42.99 10.02 120.20
CA ILE M 819 -43.89 10.89 120.95
C ILE M 819 -44.78 10.05 121.85
N THR M 820 -44.73 10.31 123.14
CA THR M 820 -45.54 9.61 124.11
C THR M 820 -46.95 10.18 124.11
N PRO M 821 -47.94 9.42 124.57
CA PRO M 821 -49.22 10.04 124.95
C PRO M 821 -49.11 10.89 126.21
N SER M 822 -48.04 10.76 126.97
CA SER M 822 -47.86 11.62 128.13
C SER M 822 -47.37 13.00 127.76
N PHE M 823 -46.67 13.15 126.63
CA PHE M 823 -46.15 14.46 126.25
C PHE M 823 -47.26 15.35 125.72
N ILE M 824 -48.18 14.79 124.95
CA ILE M 824 -49.27 15.58 124.40
C ILE M 824 -50.35 15.89 125.40
N ALA M 825 -50.30 15.28 126.59
CA ALA M 825 -51.21 15.65 127.65
C ALA M 825 -51.01 17.09 128.07
N GLU M 826 -49.76 17.52 128.22
CA GLU M 826 -49.52 18.90 128.58
C GLU M 826 -49.68 19.83 127.40
N ALA M 827 -49.68 19.30 126.19
CA ALA M 827 -50.12 20.05 125.03
C ALA M 827 -51.60 20.37 125.10
N TYR M 828 -52.40 19.44 125.62
CA TYR M 828 -53.84 19.68 125.74
C TYR M 828 -54.11 20.77 126.76
N ASP M 829 -53.48 20.67 127.94
CA ASP M 829 -53.81 21.62 128.99
C ASP M 829 -53.16 22.96 128.76
N LEU M 830 -52.18 23.04 127.86
CA LEU M 830 -51.77 24.33 127.34
C LEU M 830 -52.92 24.99 126.59
N LEU M 831 -53.74 24.19 125.91
CA LEU M 831 -54.87 24.78 125.23
C LEU M 831 -56.14 24.68 126.05
N ARG M 832 -56.18 23.82 127.06
CA ARG M 832 -57.27 23.90 128.03
C ARG M 832 -57.18 25.22 128.80
N GLN M 833 -56.00 25.56 129.29
CA GLN M 833 -55.80 26.84 129.95
C GLN M 833 -55.92 28.01 128.98
N SER M 834 -55.65 27.78 127.70
CA SER M 834 -55.95 28.78 126.69
C SER M 834 -57.43 28.94 126.45
N ILE M 835 -58.17 27.82 126.32
CA ILE M 835 -59.59 27.92 125.98
C ILE M 835 -60.43 28.41 127.17
N ILE M 836 -59.95 28.31 128.40
CA ILE M 836 -60.66 28.99 129.47
C ILE M 836 -60.32 30.48 129.45
N ARG M 837 -59.12 30.85 129.01
CA ARG M 837 -58.82 32.25 128.74
C ARG M 837 -59.53 32.73 127.49
N VAL M 838 -59.93 31.82 126.61
CA VAL M 838 -60.91 32.17 125.59
C VAL M 838 -62.27 32.39 126.23
N ASP M 839 -62.75 31.42 127.01
CA ASP M 839 -64.17 31.38 127.38
C ASP M 839 -64.42 32.16 128.66
N VAL M 840 -65.13 33.29 128.49
CA VAL M 840 -65.59 34.26 129.50
C VAL M 840 -64.65 34.51 130.67
N MET N 1 -2.38 85.69 40.29
CA MET N 1 -3.23 84.54 40.00
C MET N 1 -4.40 84.91 39.11
N SER N 2 -4.83 83.96 38.27
CA SER N 2 -5.90 84.22 37.31
C SER N 2 -7.26 83.95 37.93
N ALA N 3 -8.31 83.99 37.08
CA ALA N 3 -9.72 83.82 37.47
C ALA N 3 -10.16 84.86 38.50
N ALA N 4 -10.15 86.13 38.06
CA ALA N 4 -10.84 87.26 38.71
C ALA N 4 -10.28 87.55 40.11
N LEU N 5 -9.00 87.27 40.27
CA LEU N 5 -8.32 87.70 41.47
C LEU N 5 -8.11 89.21 41.54
N PRO N 6 -7.73 89.94 40.48
CA PRO N 6 -7.75 91.41 40.60
C PRO N 6 -9.17 91.94 40.55
N SER N 7 -9.34 93.10 41.14
CA SER N 7 -10.64 93.75 41.16
C SER N 7 -10.65 94.96 40.23
N ILE N 8 -11.77 95.65 40.25
CA ILE N 8 -11.91 96.91 39.55
C ILE N 8 -11.09 97.97 40.27
N GLN N 9 -10.67 98.97 39.53
CA GLN N 9 -9.94 100.07 40.13
C GLN N 9 -10.90 100.96 40.90
N LEU N 10 -10.69 101.03 42.21
CA LEU N 10 -11.55 101.84 43.04
C LEU N 10 -10.95 103.22 43.21
N PRO N 11 -11.75 104.27 43.11
CA PRO N 11 -11.22 105.61 43.32
C PRO N 11 -10.91 105.92 44.78
N VAL N 12 -11.47 105.16 45.71
CA VAL N 12 -11.25 105.39 47.13
C VAL N 12 -10.00 104.60 47.53
N ASP N 13 -8.90 105.30 47.74
CA ASP N 13 -7.66 104.68 48.19
C ASP N 13 -7.45 104.96 49.67
N TYR N 14 -6.27 104.61 50.17
CA TYR N 14 -5.90 104.86 51.56
C TYR N 14 -4.76 105.85 51.70
N ASN N 15 -3.91 105.98 50.67
CA ASN N 15 -2.77 106.88 50.77
C ASN N 15 -3.21 108.34 50.80
N ASN N 16 -4.36 108.65 50.18
CA ASN N 16 -4.96 109.95 50.31
C ASN N 16 -5.48 110.22 51.72
N LEU N 17 -5.81 109.17 52.46
CA LEU N 17 -6.17 109.37 53.85
C LEU N 17 -4.95 109.31 54.74
N PHE N 18 -3.91 108.58 54.31
CA PHE N 18 -2.71 108.41 55.12
C PHE N 18 -2.00 109.74 55.35
N ASN N 19 -1.86 110.54 54.30
CA ASN N 19 -1.28 111.85 54.50
C ASN N 19 -2.27 112.83 55.12
N GLU N 20 -3.57 112.52 55.10
CA GLU N 20 -4.50 113.41 55.75
C GLU N 20 -4.50 113.19 57.26
N ILE N 21 -3.98 112.06 57.72
CA ILE N 21 -3.73 111.94 59.15
C ILE N 21 -2.38 112.53 59.51
N THR N 22 -1.48 112.66 58.53
CA THR N 22 -0.25 113.39 58.81
C THR N 22 -0.53 114.86 59.04
N ASP N 23 -1.55 115.43 58.40
CA ASP N 23 -2.00 116.76 58.77
C ASP N 23 -3.05 116.70 59.87
N PHE N 24 -3.09 115.63 60.64
CA PHE N 24 -3.60 115.71 62.00
C PHE N 24 -2.47 115.86 62.99
N LEU N 25 -1.41 116.58 62.61
CA LEU N 25 -0.36 117.03 63.52
C LEU N 25 -0.84 118.28 64.24
N VAL N 26 0.07 119.07 64.82
CA VAL N 26 -0.36 120.30 65.45
C VAL N 26 -0.79 121.28 64.35
N THR N 27 -2.08 121.27 64.09
CA THR N 27 -2.74 122.26 63.24
C THR N 27 -4.09 122.70 63.76
N PHE N 28 -4.77 121.91 64.58
CA PHE N 28 -6.09 122.29 65.04
C PHE N 28 -6.00 123.25 66.21
N LYS N 29 -6.08 124.54 65.91
CA LYS N 29 -5.82 125.60 66.89
C LYS N 29 -7.10 126.24 67.41
N GLN N 30 -8.27 125.87 66.90
CA GLN N 30 -9.52 126.40 67.44
C GLN N 30 -9.82 125.78 68.81
N ASP N 31 -9.66 124.47 68.91
CA ASP N 31 -9.81 123.77 70.17
C ASP N 31 -8.70 122.75 70.31
N LYS N 59 -3.89 123.99 76.41
CA LYS N 59 -4.41 125.24 75.87
C LYS N 59 -4.03 125.39 74.39
N GLY N 60 -3.02 124.64 73.95
CA GLY N 60 -2.59 124.68 72.57
C GLY N 60 -3.29 123.64 71.73
N PRO N 61 -2.53 122.68 71.19
CA PRO N 61 -3.17 121.53 70.53
C PRO N 61 -3.82 120.61 71.57
N LYS N 62 -5.15 120.65 71.61
CA LYS N 62 -5.87 120.07 72.73
C LYS N 62 -5.84 118.56 72.72
N TYR N 63 -5.95 117.94 71.54
CA TYR N 63 -5.81 116.49 71.46
C TYR N 63 -4.38 116.06 71.71
N MET N 64 -3.40 116.93 71.48
CA MET N 64 -2.04 116.68 71.90
C MET N 64 -1.84 116.90 73.40
N ALA N 65 -2.70 117.71 74.02
CA ALA N 65 -2.61 117.90 75.46
C ALA N 65 -3.01 116.64 76.20
N MET N 66 -4.02 115.93 75.69
CA MET N 66 -4.39 114.63 76.23
C MET N 66 -3.32 113.57 76.00
N LEU N 67 -2.45 113.78 75.00
CA LEU N 67 -1.37 112.84 74.75
C LEU N 67 -0.32 112.87 75.85
N GLN N 68 -0.25 113.97 76.61
CA GLN N 68 0.73 114.06 77.67
C GLN N 68 0.26 113.42 78.96
N LYS N 69 -1.05 113.36 79.19
CA LYS N 69 -1.60 112.78 80.42
C LYS N 69 -1.80 111.27 80.32
N VAL N 70 -1.11 110.61 79.38
CA VAL N 70 -1.17 109.15 79.26
C VAL N 70 0.26 108.63 79.39
N ALA N 71 1.20 109.35 78.76
CA ALA N 71 2.60 108.95 78.75
C ALA N 71 3.22 108.95 80.15
N ASN N 72 2.73 109.81 81.03
CA ASN N 72 3.08 109.80 82.44
C ASN N 72 2.27 108.80 83.26
N ARG N 73 1.55 107.89 82.60
CA ARG N 73 1.00 106.67 83.18
C ARG N 73 0.01 106.90 84.32
N GLU N 74 -1.14 107.52 84.03
CA GLU N 74 -2.22 107.57 85.00
C GLU N 74 -3.58 107.25 84.39
N LEU N 75 -3.68 107.21 83.06
CA LEU N 75 -4.96 106.99 82.41
C LEU N 75 -4.71 106.45 81.01
N ASN N 76 -5.51 105.47 80.59
CA ASN N 76 -5.20 104.73 79.38
C ASN N 76 -6.32 104.74 78.35
N SER N 77 -7.03 105.84 78.21
CA SER N 77 -8.10 105.89 77.20
C SER N 77 -8.11 107.27 76.56
N VAL N 78 -7.61 107.34 75.33
CA VAL N 78 -7.80 108.55 74.54
C VAL N 78 -9.18 108.52 73.94
N ILE N 79 -9.66 109.70 73.54
CA ILE N 79 -11.00 109.86 72.96
C ILE N 79 -10.82 110.67 71.68
N ILE N 80 -10.98 110.02 70.53
CA ILE N 80 -10.81 110.72 69.26
C ILE N 80 -12.16 110.94 68.63
N ASP N 81 -12.83 112.04 68.95
CA ASP N 81 -14.24 112.17 68.63
C ASP N 81 -14.42 112.58 67.18
N LEU N 82 -15.67 112.85 66.81
CA LEU N 82 -15.98 113.44 65.53
C LEU N 82 -16.06 114.95 65.61
N ASP N 83 -16.17 115.50 66.81
CA ASP N 83 -16.21 116.95 66.97
C ASP N 83 -14.91 117.59 66.53
N ASP N 84 -13.79 116.95 66.87
CA ASP N 84 -12.49 117.43 66.43
C ASP N 84 -12.23 117.13 64.96
N ILE N 85 -13.14 116.42 64.29
CA ILE N 85 -13.00 116.21 62.85
C ILE N 85 -13.87 117.19 62.09
N LEU N 86 -15.10 117.41 62.58
CA LEU N 86 -16.02 118.30 61.89
C LEU N 86 -15.57 119.76 61.96
N GLN N 87 -15.08 120.20 63.12
CA GLN N 87 -14.53 121.54 63.21
C GLN N 87 -13.26 121.66 62.40
N TYR N 88 -12.48 120.58 62.35
CA TYR N 88 -11.34 120.52 61.43
C TYR N 88 -11.79 120.56 59.99
N GLN N 89 -12.97 120.02 59.70
CA GLN N 89 -13.54 120.21 58.38
C GLN N 89 -14.30 121.52 58.27
N ASN N 90 -14.65 122.15 59.40
CA ASN N 90 -15.29 123.46 59.33
C ASN N 90 -14.30 124.52 58.87
N GLU N 91 -13.08 124.50 59.40
CA GLU N 91 -12.06 125.41 58.92
C GLU N 91 -11.29 124.88 57.72
N LYS N 92 -11.78 123.82 57.08
CA LYS N 92 -11.42 123.52 55.70
C LYS N 92 -12.51 123.93 54.73
N PHE N 93 -13.30 124.94 55.10
CA PHE N 93 -14.28 125.48 54.17
C PHE N 93 -13.66 126.52 53.25
N LEU N 94 -12.51 127.07 53.63
CA LEU N 94 -11.89 128.14 52.85
C LEU N 94 -10.73 127.66 51.98
N GLN N 95 -10.01 126.62 52.39
CA GLN N 95 -8.96 126.05 51.53
C GLN N 95 -9.64 125.28 50.42
N GLY N 96 -9.68 125.89 49.24
CA GLY N 96 -10.30 125.28 48.09
C GLY N 96 -9.40 124.25 47.41
N THR N 97 -9.19 123.12 48.07
CA THR N 97 -8.42 122.02 47.52
C THR N 97 -9.16 120.71 47.78
N GLN N 98 -8.67 119.64 47.18
CA GLN N 98 -9.34 118.35 47.22
C GLN N 98 -9.05 117.68 48.57
N ALA N 99 -10.04 117.74 49.47
CA ALA N 99 -9.98 117.01 50.74
C ALA N 99 -11.18 116.09 50.81
N ASP N 100 -10.93 114.79 50.72
CA ASP N 100 -11.98 113.78 50.74
C ASP N 100 -12.69 113.75 52.09
N ASP N 101 -13.89 113.21 52.07
CA ASP N 101 -14.71 113.18 53.28
C ASP N 101 -14.18 112.13 54.25
N LEU N 102 -14.28 112.46 55.53
CA LEU N 102 -13.77 111.62 56.60
C LEU N 102 -14.84 110.77 57.23
N VAL N 103 -16.01 111.34 57.54
CA VAL N 103 -17.09 110.52 58.09
C VAL N 103 -17.71 109.62 57.05
N SER N 104 -17.40 109.82 55.77
CA SER N 104 -17.73 108.85 54.75
C SER N 104 -17.00 107.53 54.97
N ALA N 105 -15.68 107.55 54.91
CA ALA N 105 -14.88 106.34 54.96
C ALA N 105 -14.93 105.67 56.31
N ILE N 106 -15.06 106.44 57.40
CA ILE N 106 -15.11 105.80 58.71
C ILE N 106 -16.49 105.23 59.04
N GLN N 107 -17.52 105.52 58.25
CA GLN N 107 -18.70 104.68 58.35
C GLN N 107 -18.74 103.63 57.26
N GLN N 108 -17.88 103.75 56.24
CA GLN N 108 -17.78 102.67 55.26
C GLN N 108 -17.15 101.43 55.88
N ASN N 109 -15.89 101.53 56.32
CA ASN N 109 -15.17 100.41 56.93
C ASN N 109 -14.48 100.96 58.17
N ALA N 110 -15.18 100.91 59.29
CA ALA N 110 -14.70 101.59 60.49
C ALA N 110 -13.50 100.90 61.11
N ASN N 111 -13.41 99.57 60.99
CA ASN N 111 -12.33 98.87 61.67
C ASN N 111 -10.99 99.12 61.04
N HIS N 112 -10.96 99.55 59.79
CA HIS N 112 -9.69 99.88 59.16
C HIS N 112 -9.14 101.22 59.61
N PHE N 113 -9.88 101.96 60.43
CA PHE N 113 -9.48 103.26 60.91
C PHE N 113 -8.92 103.23 62.32
N THR N 114 -8.13 102.21 62.65
CA THR N 114 -7.31 102.26 63.86
C THR N 114 -5.86 101.86 63.62
N GLU N 115 -5.60 101.06 62.60
CA GLU N 115 -4.26 100.56 62.34
C GLU N 115 -3.39 101.57 61.59
N LEU N 116 -3.98 102.34 60.68
CA LEU N 116 -3.24 103.46 60.11
C LEU N 116 -3.19 104.63 61.07
N PHE N 117 -4.05 104.62 62.08
CA PHE N 117 -4.08 105.68 63.08
C PHE N 117 -2.90 105.58 64.02
N CYS N 118 -2.63 104.39 64.57
CA CYS N 118 -1.50 104.18 65.46
C CYS N 118 -0.15 104.33 64.77
N ARG N 119 -0.06 104.02 63.48
CA ARG N 119 1.17 104.28 62.75
C ARG N 119 1.36 105.74 62.40
N ALA N 120 0.43 106.61 62.81
CA ALA N 120 0.64 108.04 62.74
C ALA N 120 1.01 108.67 64.07
N ILE N 121 0.70 108.02 65.20
CA ILE N 121 0.97 108.66 66.48
C ILE N 121 2.45 108.57 66.84
N ASP N 122 3.11 107.49 66.46
CA ASP N 122 4.46 107.21 66.90
C ASP N 122 5.47 108.20 66.35
N ASN N 123 5.26 108.73 65.15
CA ASN N 123 6.14 109.77 64.64
C ASN N 123 5.93 111.10 65.36
N ASN N 124 4.83 111.24 66.11
CA ASN N 124 4.49 112.48 66.80
C ASN N 124 4.15 112.24 68.26
N MET N 125 4.82 111.34 68.91
CA MET N 125 4.62 111.11 70.33
C MET N 125 5.86 111.55 71.10
N PRO N 126 5.74 112.50 72.02
CA PRO N 126 6.89 112.88 72.84
C PRO N 126 7.16 111.88 73.96
N LEU N 127 8.21 111.06 73.80
CA LEU N 127 8.38 109.91 74.70
C LEU N 127 8.84 110.30 76.11
N PRO N 128 10.04 110.92 76.32
CA PRO N 128 10.51 110.95 77.72
C PRO N 128 10.00 112.15 78.51
N THR N 129 8.68 112.33 78.50
CA THR N 129 8.08 113.48 79.15
C THR N 129 7.70 113.22 80.60
N LYS N 130 7.93 112.03 81.11
CA LYS N 130 7.61 111.69 82.49
C LYS N 130 8.88 111.43 83.27
N GLU N 131 8.70 111.23 84.58
CA GLU N 131 9.80 111.06 85.52
C GLU N 131 9.44 109.93 86.49
N ILE N 132 9.97 108.73 86.22
CA ILE N 132 9.74 107.52 87.02
C ILE N 132 11.09 106.90 87.33
N ASP N 133 11.45 106.84 88.62
CA ASP N 133 12.83 106.47 88.95
C ASP N 133 13.06 104.95 89.01
N TYR N 134 12.51 104.28 90.03
CA TYR N 134 12.63 102.83 90.15
C TYR N 134 11.26 102.19 90.28
N LYS N 135 10.52 102.61 91.29
CA LYS N 135 9.16 102.17 91.55
C LYS N 135 8.19 103.15 90.92
N ASP N 136 6.93 103.10 91.36
CA ASP N 136 5.84 104.02 90.97
C ASP N 136 5.43 103.82 89.51
N ASP N 137 5.72 102.63 88.97
CA ASP N 137 5.20 102.21 87.67
C ASP N 137 5.22 100.70 87.61
N VAL N 138 4.09 100.11 87.24
CA VAL N 138 4.02 98.66 87.02
C VAL N 138 4.80 98.32 85.75
N LEU N 139 5.65 97.29 85.85
CA LEU N 139 6.35 96.67 84.73
C LEU N 139 7.30 97.68 84.07
N ASP N 140 8.17 98.23 84.90
CA ASP N 140 8.91 99.43 84.51
C ASP N 140 10.38 99.16 84.25
N VAL N 141 11.11 98.60 85.21
CA VAL N 141 12.52 98.35 85.01
C VAL N 141 12.72 97.16 84.09
N ILE N 142 11.75 96.25 84.04
CA ILE N 142 11.92 95.01 83.31
C ILE N 142 11.68 95.17 81.82
N LEU N 143 10.71 96.00 81.42
CA LEU N 143 10.55 96.28 79.99
C LEU N 143 11.75 97.03 79.43
N ASN N 144 12.33 97.94 80.22
CA ASN N 144 13.58 98.57 79.82
C ASN N 144 14.74 97.59 79.91
N GLN N 145 14.68 96.65 80.86
CA GLN N 145 15.63 95.54 80.84
C GLN N 145 15.45 94.70 79.60
N ARG N 146 14.20 94.46 79.21
CA ARG N 146 13.93 93.71 77.98
C ARG N 146 14.28 94.51 76.74
N ARG N 147 13.99 95.82 76.74
CA ARG N 147 14.30 96.64 75.59
C ARG N 147 15.80 96.77 75.38
N LEU N 148 16.55 96.96 76.48
CA LEU N 148 18.01 97.03 76.37
C LEU N 148 18.61 95.68 76.05
N ARG N 149 17.94 94.59 76.42
CA ARG N 149 18.43 93.28 76.04
C ARG N 149 18.17 93.00 74.57
N ASN N 150 17.18 93.67 73.97
CA ASN N 150 17.04 93.59 72.52
C ASN N 150 17.82 94.70 71.82
N GLU N 151 18.05 95.83 72.49
CA GLU N 151 18.81 96.91 71.88
C GLU N 151 20.30 96.59 71.81
N ARG N 152 20.85 95.96 72.84
CA ARG N 152 22.24 95.53 72.76
C ARG N 152 22.39 94.35 71.81
N MET N 153 21.36 93.52 71.69
CA MET N 153 21.36 92.46 70.69
C MET N 153 20.97 92.94 69.30
N LEU N 154 20.83 94.25 69.10
CA LEU N 154 20.75 94.80 67.75
C LEU N 154 22.12 95.01 67.13
N SER N 155 23.19 94.95 67.93
CA SER N 155 24.56 95.12 67.42
C SER N 155 25.51 94.11 68.03
N ASP N 156 25.04 92.88 68.28
CA ASP N 156 25.86 91.81 68.87
C ASP N 156 26.29 90.76 67.86
N ARG N 157 26.66 91.17 66.64
CA ARG N 157 27.21 90.23 65.67
C ARG N 157 28.73 90.30 65.61
N THR N 158 29.31 91.48 65.88
CA THR N 158 30.75 91.64 65.91
C THR N 158 31.17 92.54 67.08
N THR N 189 18.40 89.12 64.34
CA THR N 189 17.82 90.46 64.44
C THR N 189 16.35 90.45 64.06
N GLU N 190 15.51 90.93 64.97
CA GLU N 190 14.07 91.07 64.75
C GLU N 190 13.62 92.36 65.40
N LEU N 191 13.04 93.26 64.60
CA LEU N 191 12.47 94.48 65.14
C LEU N 191 11.23 94.16 65.95
N PHE N 192 10.81 95.12 66.75
CA PHE N 192 9.59 94.96 67.53
C PHE N 192 8.40 94.99 66.58
N PRO N 193 7.48 94.03 66.65
CA PRO N 193 6.15 94.26 66.11
C PRO N 193 5.51 95.42 66.85
N PRO N 194 4.68 96.22 66.16
CA PRO N 194 4.22 97.48 66.76
C PRO N 194 3.28 97.29 67.92
N ASN N 195 2.75 96.09 68.12
CA ASN N 195 1.83 95.81 69.20
C ASN N 195 2.52 95.72 70.55
N LEU N 196 3.84 95.60 70.59
CA LEU N 196 4.52 95.41 71.87
C LEU N 196 4.51 96.66 72.73
N THR N 197 4.99 97.78 72.19
CA THR N 197 5.10 99.00 72.98
C THR N 197 3.95 99.92 72.63
N ARG N 198 2.80 99.70 73.26
CA ARG N 198 1.71 100.64 73.12
C ARG N 198 1.38 101.30 74.44
N ARG N 199 1.00 100.47 75.41
CA ARG N 199 0.50 100.89 76.72
C ARG N 199 -0.64 101.91 76.63
N TYR N 200 -1.47 101.79 75.60
CA TYR N 200 -2.56 102.74 75.35
C TYR N 200 -3.53 102.09 74.38
N PHE N 201 -4.69 102.69 74.23
CA PHE N 201 -5.73 102.21 73.32
C PHE N 201 -6.28 103.35 72.50
N LEU N 202 -7.25 103.04 71.66
CA LEU N 202 -7.96 104.04 70.88
C LEU N 202 -9.45 103.93 71.16
N TYR N 203 -10.17 105.01 70.90
CA TYR N 203 -11.62 105.04 71.03
C TYR N 203 -12.20 106.01 70.01
N PHE N 204 -13.52 105.92 69.85
CA PHE N 204 -14.25 106.73 68.89
C PHE N 204 -15.52 107.24 69.57
N LYS N 205 -16.10 108.28 69.00
CA LYS N 205 -17.34 108.82 69.55
C LYS N 205 -18.11 109.59 68.49
N PRO N 206 -19.31 109.16 68.12
CA PRO N 206 -20.10 109.85 67.10
C PRO N 206 -20.89 111.02 67.68
N LEU N 207 -21.77 111.58 66.84
CA LEU N 207 -22.50 112.80 67.12
C LEU N 207 -23.99 112.63 66.81
N SER N 208 -24.84 113.20 67.65
CA SER N 208 -26.27 113.29 67.33
C SER N 208 -26.85 114.61 67.84
N GLN N 209 -26.12 115.70 67.63
CA GLN N 209 -26.50 117.02 68.11
C GLN N 209 -26.93 117.87 66.91
N ASN N 210 -27.18 119.16 67.13
CA ASN N 210 -27.59 120.08 66.09
C ASN N 210 -26.53 120.33 65.03
N CYS N 211 -25.31 119.85 65.23
CA CYS N 211 -24.35 119.79 64.13
C CYS N 211 -24.83 118.88 63.01
N ALA N 212 -25.55 117.80 63.34
CA ALA N 212 -26.24 117.05 62.30
C ALA N 212 -27.32 117.87 61.62
N ARG N 213 -27.92 118.82 62.33
CA ARG N 213 -28.87 119.74 61.74
C ARG N 213 -28.20 121.01 61.24
N ARG N 214 -26.88 121.12 61.39
CA ARG N 214 -26.17 122.22 60.74
C ARG N 214 -26.06 121.97 59.24
N TYR N 215 -25.35 120.92 58.86
CA TYR N 215 -25.11 120.64 57.46
C TYR N 215 -24.66 119.19 57.31
N ARG N 216 -24.91 118.65 56.14
CA ARG N 216 -24.68 117.24 55.87
C ARG N 216 -24.47 117.09 54.38
N ILE N 220 -26.90 111.28 61.52
CA ILE N 220 -27.10 110.48 60.32
C ILE N 220 -26.53 109.08 60.57
N SER N 221 -25.25 109.01 60.90
CA SER N 221 -24.61 107.75 61.24
C SER N 221 -24.77 107.41 62.71
N SER N 222 -25.62 108.12 63.44
CA SER N 222 -25.81 107.89 64.86
C SER N 222 -27.26 108.10 65.28
N LYS N 223 -28.19 107.67 64.45
CA LYS N 223 -29.58 107.57 64.90
C LYS N 223 -29.74 106.27 65.70
N PRO N 224 -30.47 106.29 66.80
CA PRO N 224 -30.55 105.08 67.61
C PRO N 224 -31.48 104.06 66.99
N LEU N 225 -30.96 103.30 66.03
CA LEU N 225 -31.73 102.26 65.37
C LEU N 225 -31.90 101.10 66.33
N SER N 226 -32.99 100.37 66.17
CA SER N 226 -33.24 99.19 66.97
C SER N 226 -32.47 98.01 66.38
N VAL N 227 -32.56 96.86 67.04
CA VAL N 227 -31.89 95.67 66.58
C VAL N 227 -32.64 95.05 65.39
N ARG N 228 -33.86 95.48 65.13
CA ARG N 228 -34.74 94.73 64.26
C ARG N 228 -34.43 94.96 62.78
N GLN N 229 -33.94 96.14 62.46
CA GLN N 229 -33.77 96.55 61.07
C GLN N 229 -32.31 96.60 60.65
N ILE N 230 -31.47 95.74 61.23
CA ILE N 230 -30.05 96.02 61.26
C ILE N 230 -29.22 95.07 60.42
N LYS N 231 -29.86 94.12 59.76
CA LYS N 231 -29.14 93.01 59.14
C LYS N 231 -28.61 93.33 57.73
N GLY N 232 -28.81 94.55 57.24
CA GLY N 232 -28.58 94.80 55.83
C GLY N 232 -27.14 95.15 55.50
N ASP N 233 -26.93 96.36 55.01
CA ASP N 233 -25.60 96.87 54.69
C ASP N 233 -24.90 97.44 55.92
N PHE N 234 -25.50 97.25 57.08
CA PHE N 234 -24.97 97.74 58.35
C PHE N 234 -23.98 96.78 58.96
N LEU N 235 -23.28 96.01 58.14
CA LEU N 235 -22.34 95.01 58.62
C LEU N 235 -20.95 95.43 58.17
N GLY N 236 -20.17 95.93 59.13
CA GLY N 236 -18.86 96.45 58.85
C GLY N 236 -18.85 97.95 59.01
N GLN N 237 -19.77 98.48 59.81
CA GLN N 237 -19.94 99.90 59.98
C GLN N 237 -19.87 100.23 61.47
N LEU N 238 -20.26 101.46 61.82
CA LEU N 238 -20.31 101.96 63.19
C LEU N 238 -21.75 102.39 63.41
N ILE N 239 -22.45 101.71 64.30
CA ILE N 239 -23.86 101.94 64.57
C ILE N 239 -24.05 101.91 66.08
N THR N 240 -24.88 102.81 66.61
CA THR N 240 -25.26 102.64 68.00
C THR N 240 -26.65 102.03 68.12
N VAL N 241 -26.85 101.26 69.18
CA VAL N 241 -28.12 100.59 69.46
C VAL N 241 -28.37 100.70 70.96
N ARG N 242 -29.61 101.04 71.34
CA ARG N 242 -30.01 101.01 72.74
C ARG N 242 -30.51 99.62 73.07
N GLY N 243 -30.66 99.34 74.36
CA GLY N 243 -31.15 98.04 74.77
C GLY N 243 -31.17 97.90 76.27
N ILE N 244 -31.17 96.64 76.71
CA ILE N 244 -31.09 96.29 78.11
C ILE N 244 -30.04 95.20 78.26
N ILE N 245 -29.04 95.47 79.09
CA ILE N 245 -27.89 94.58 79.17
C ILE N 245 -28.22 93.42 80.08
N THR N 246 -28.01 92.21 79.59
CA THR N 246 -28.15 90.99 80.37
C THR N 246 -26.95 90.08 80.11
N ARG N 247 -26.83 89.05 80.95
CA ARG N 247 -25.78 88.03 80.90
C ARG N 247 -24.38 88.64 80.97
N VAL N 248 -24.04 89.22 82.13
CA VAL N 248 -22.72 89.80 82.32
C VAL N 248 -21.80 88.68 82.75
N SER N 249 -20.77 88.42 81.96
CA SER N 249 -19.74 87.47 82.36
C SER N 249 -18.70 88.16 83.24
N ASP N 250 -17.56 87.52 83.42
CA ASP N 250 -16.50 88.13 84.20
C ASP N 250 -15.45 88.77 83.30
N VAL N 251 -14.33 89.14 83.91
CA VAL N 251 -13.22 89.78 83.22
C VAL N 251 -12.08 88.76 83.15
N LYS N 252 -11.73 88.40 81.96
CA LYS N 252 -10.69 87.40 81.82
C LYS N 252 -9.53 87.96 81.01
N PRO N 253 -8.30 87.56 81.30
CA PRO N 253 -7.15 88.07 80.54
C PRO N 253 -7.09 87.45 79.16
N ALA N 254 -7.09 88.30 78.15
CA ALA N 254 -6.85 87.83 76.80
C ALA N 254 -5.40 88.08 76.42
N VAL N 255 -5.02 87.52 75.28
CA VAL N 255 -3.64 87.54 74.82
C VAL N 255 -3.53 88.44 73.60
N GLU N 256 -2.43 89.20 73.52
CA GLU N 256 -2.20 90.11 72.42
C GLU N 256 -0.77 89.99 71.94
N VAL N 257 0.11 89.50 72.79
CA VAL N 257 1.51 89.33 72.48
C VAL N 257 1.98 88.01 73.08
N ILE N 258 3.11 87.51 72.59
CA ILE N 258 3.59 86.22 73.01
C ILE N 258 5.07 86.34 73.33
N ALA N 259 5.58 85.38 74.11
CA ALA N 259 7.01 85.28 74.37
C ALA N 259 7.32 83.82 74.70
N TYR N 260 7.96 83.13 73.77
CA TYR N 260 8.50 81.82 74.05
C TYR N 260 9.99 81.94 74.35
N THR N 261 10.43 81.27 75.41
CA THR N 261 11.85 81.17 75.73
C THR N 261 12.26 79.71 75.56
N CYS N 262 13.47 79.50 75.07
CA CYS N 262 14.01 78.18 74.83
C CYS N 262 15.16 77.84 75.77
N ASP N 263 15.46 78.77 76.70
CA ASP N 263 16.57 78.77 77.67
C ASP N 263 17.94 78.41 77.11
N GLN N 264 18.17 78.66 75.82
CA GLN N 264 19.51 78.51 75.28
C GLN N 264 19.99 79.82 74.67
N CYS N 265 19.14 80.47 73.87
CA CYS N 265 19.55 81.70 73.24
C CYS N 265 18.89 82.90 73.90
N GLY N 266 17.72 82.69 74.49
CA GLY N 266 16.98 83.79 75.06
C GLY N 266 16.32 84.71 74.05
N TYR N 267 16.22 84.30 72.79
CA TYR N 267 15.54 85.11 71.80
C TYR N 267 14.05 84.83 71.84
N GLU N 268 13.30 85.77 72.37
CA GLU N 268 11.87 85.60 72.59
C GLU N 268 11.13 85.81 71.29
N VAL N 269 10.56 84.76 70.75
CA VAL N 269 9.85 84.88 69.49
C VAL N 269 8.49 85.51 69.72
N PHE N 270 8.21 86.56 68.96
CA PHE N 270 6.97 87.31 69.06
C PHE N 270 6.04 86.90 67.93
N GLN N 271 4.74 87.05 68.16
CA GLN N 271 3.77 86.82 67.11
C GLN N 271 2.51 87.63 67.42
N GLU N 272 1.76 87.90 66.37
CA GLU N 272 0.47 88.54 66.49
C GLU N 272 -0.53 87.50 66.99
N VAL N 273 -1.50 87.96 67.77
CA VAL N 273 -2.52 87.04 68.25
C VAL N 273 -3.68 87.03 67.28
N ASN N 274 -4.02 85.84 66.81
CA ASN N 274 -5.16 85.62 65.93
C ASN N 274 -6.41 85.33 66.77
N SER N 275 -7.35 84.60 66.20
CA SER N 275 -8.59 84.25 66.86
C SER N 275 -8.34 83.32 68.06
N ARG N 276 -9.41 82.88 68.70
CA ARG N 276 -9.40 82.25 70.01
C ARG N 276 -8.68 80.91 70.07
N THR N 277 -8.26 80.36 68.94
CA THR N 277 -7.49 79.13 68.92
C THR N 277 -6.26 79.34 68.06
N PHE N 278 -5.11 78.96 68.59
CA PHE N 278 -3.84 79.12 67.89
C PHE N 278 -2.92 78.00 68.34
N THR N 279 -1.70 78.05 67.82
CA THR N 279 -0.78 76.94 67.97
C THR N 279 0.62 77.46 68.19
N PRO N 280 1.37 76.92 69.13
CA PRO N 280 2.79 77.26 69.25
C PRO N 280 3.60 76.68 68.12
N LEU N 281 4.77 77.27 67.91
CA LEU N 281 5.66 76.84 66.85
C LEU N 281 6.74 75.91 67.39
N SER N 282 7.73 75.62 66.55
CA SER N 282 8.82 74.70 66.89
C SER N 282 9.91 75.39 67.69
N GLU N 283 11.07 74.73 67.80
CA GLU N 283 12.21 75.29 68.49
C GLU N 283 13.41 75.57 67.58
N CYS N 284 13.46 74.96 66.40
CA CYS N 284 14.54 75.22 65.43
C CYS N 284 14.06 76.20 64.37
N THR N 285 13.86 77.45 64.81
CA THR N 285 13.45 78.53 63.93
C THR N 285 14.23 79.82 64.19
N SER N 286 14.94 79.93 65.31
CA SER N 286 15.57 81.17 65.72
C SER N 286 16.88 81.39 64.99
N GLU N 287 17.69 82.32 65.53
CA GLU N 287 18.89 82.79 64.87
C GLU N 287 20.18 82.38 65.58
N GLU N 288 20.13 82.14 66.89
CA GLU N 288 21.32 81.77 67.64
C GLU N 288 21.22 80.36 68.20
N CYS N 289 20.15 80.06 68.93
CA CYS N 289 19.93 78.77 69.55
C CYS N 289 19.53 77.70 68.55
N SER N 290 19.23 78.09 67.32
CA SER N 290 18.91 77.17 66.24
C SER N 290 20.21 76.79 65.51
N GLN N 291 20.06 76.24 64.30
CA GLN N 291 21.07 75.99 63.27
C GLN N 291 22.32 75.23 63.74
N ASN N 292 22.23 74.50 64.85
CA ASN N 292 23.34 73.71 65.35
C ASN N 292 22.82 72.31 65.66
N GLN N 293 23.65 71.47 66.28
CA GLN N 293 23.23 70.13 66.68
C GLN N 293 22.44 70.18 67.98
N THR N 294 22.40 71.32 68.64
CA THR N 294 21.65 71.48 69.87
C THR N 294 20.73 72.68 69.69
N LYS N 295 19.45 72.47 69.95
CA LYS N 295 18.45 73.54 69.89
C LYS N 295 17.80 73.64 71.26
N GLY N 296 17.65 74.86 71.75
CA GLY N 296 16.93 75.08 72.98
C GLY N 296 15.45 74.76 72.82
N GLN N 297 14.92 74.00 73.76
CA GLN N 297 13.53 73.58 73.67
C GLN N 297 12.62 74.68 74.20
N LEU N 298 11.68 75.12 73.37
CA LEU N 298 10.88 76.29 73.68
C LEU N 298 9.85 75.97 74.76
N PHE N 299 9.54 76.99 75.55
CA PHE N 299 8.33 77.00 76.36
C PHE N 299 7.94 78.45 76.60
N MET N 300 6.82 78.63 77.28
CA MET N 300 6.19 79.93 77.38
C MET N 300 6.77 80.76 78.50
N SER N 301 6.30 82.00 78.60
CA SER N 301 6.61 82.88 79.71
C SER N 301 5.42 83.77 80.03
N THR N 302 5.17 83.95 81.32
CA THR N 302 4.02 84.72 81.78
C THR N 302 4.29 86.21 81.87
N ARG N 303 5.28 86.61 82.66
CA ARG N 303 5.59 88.00 82.96
C ARG N 303 6.02 88.82 81.75
N ALA N 304 6.52 88.18 80.71
CA ALA N 304 6.93 88.90 79.50
C ALA N 304 5.83 88.93 78.46
N SER N 305 4.60 88.63 78.85
CA SER N 305 3.48 88.52 77.93
C SER N 305 2.37 89.44 78.42
N LYS N 306 2.24 90.60 77.79
CA LYS N 306 1.24 91.60 78.15
C LYS N 306 -0.16 91.09 77.83
N PHE N 307 -1.08 91.26 78.78
CA PHE N 307 -2.42 90.72 78.66
C PHE N 307 -3.47 91.79 78.90
N SER N 308 -4.57 91.67 78.17
CA SER N 308 -5.60 92.71 78.10
C SER N 308 -6.86 92.29 78.85
N ALA N 309 -7.89 93.12 78.77
CA ALA N 309 -9.16 92.90 79.42
C ALA N 309 -10.20 92.44 78.41
N PHE N 310 -11.22 91.73 78.92
CA PHE N 310 -12.19 91.06 78.06
C PHE N 310 -13.40 90.64 78.90
N GLN N 311 -14.59 90.88 78.38
CA GLN N 311 -15.83 90.66 79.11
C GLN N 311 -16.97 90.69 78.12
N GLU N 312 -17.91 89.75 78.25
CA GLU N 312 -18.94 89.51 77.24
C GLU N 312 -20.32 89.80 77.80
N CYS N 313 -21.18 90.37 76.96
CA CYS N 313 -22.51 90.75 77.39
C CYS N 313 -23.49 90.59 76.24
N LYS N 314 -24.78 90.56 76.56
CA LYS N 314 -25.84 90.34 75.60
C LYS N 314 -26.96 91.35 75.80
N ILE N 315 -27.56 91.76 74.68
CA ILE N 315 -28.55 92.83 74.67
C ILE N 315 -29.91 92.23 74.33
N GLN N 316 -30.96 92.99 74.61
CA GLN N 316 -32.32 92.66 74.20
C GLN N 316 -32.98 93.93 73.69
N GLU N 317 -34.30 93.96 73.58
CA GLU N 317 -34.94 95.16 73.05
C GLU N 317 -35.84 95.75 74.13
N LEU N 318 -36.20 97.02 73.95
CA LEU N 318 -36.87 97.87 74.93
C LEU N 318 -38.29 97.47 75.26
N SER N 319 -38.88 96.53 74.51
CA SER N 319 -40.25 96.04 74.69
C SER N 319 -41.28 97.16 74.56
N GLN N 320 -40.96 98.16 73.74
CA GLN N 320 -41.95 99.18 73.42
C GLN N 320 -41.86 99.52 71.94
N GLN N 321 -40.69 99.31 71.36
CA GLN N 321 -40.50 99.49 69.93
C GLN N 321 -40.52 98.16 69.19
N VAL N 322 -40.71 97.06 69.91
CA VAL N 322 -40.92 95.75 69.30
C VAL N 322 -42.24 95.78 68.53
N PRO N 323 -42.33 95.18 67.34
CA PRO N 323 -43.64 95.08 66.68
C PRO N 323 -44.59 94.15 67.40
N VAL N 324 -45.83 94.07 66.90
CA VAL N 324 -46.86 93.21 67.49
C VAL N 324 -46.54 91.74 67.34
N GLY N 325 -45.65 91.39 66.44
CA GLY N 325 -45.36 90.01 66.18
C GLY N 325 -44.30 89.47 67.10
N HIS N 326 -43.17 89.10 66.51
CA HIS N 326 -42.25 88.13 67.07
C HIS N 326 -41.58 88.62 68.34
N ILE N 327 -40.94 87.68 69.02
CA ILE N 327 -40.25 87.95 70.28
C ILE N 327 -38.96 88.68 69.93
N PRO N 328 -38.34 89.42 70.85
CA PRO N 328 -37.06 90.04 70.52
C PRO N 328 -35.95 89.03 70.60
N ARG N 329 -34.83 89.35 69.98
CA ARG N 329 -33.68 88.46 70.02
C ARG N 329 -32.44 89.18 70.55
N SER N 330 -31.44 88.37 70.88
CA SER N 330 -30.22 88.86 71.50
C SER N 330 -29.20 89.31 70.46
N LEU N 331 -28.02 89.66 70.96
CA LEU N 331 -26.89 90.10 70.16
C LEU N 331 -25.66 90.01 71.04
N ASN N 332 -24.50 89.82 70.42
CA ASN N 332 -23.28 89.71 71.19
C ASN N 332 -22.43 90.98 71.09
N ILE N 333 -21.83 91.34 72.22
CA ILE N 333 -21.02 92.54 72.34
C ILE N 333 -19.74 92.17 73.07
N HIS N 334 -18.66 92.91 72.83
CA HIS N 334 -17.38 92.66 73.46
C HIS N 334 -16.85 93.96 74.04
N VAL N 335 -15.77 93.87 74.81
CA VAL N 335 -15.09 95.07 75.30
C VAL N 335 -13.59 94.94 75.05
N ASN N 336 -12.96 96.10 74.90
CA ASN N 336 -11.52 96.24 74.79
C ASN N 336 -11.12 97.56 75.43
N GLY N 337 -9.82 97.75 75.62
CA GLY N 337 -9.35 98.99 76.21
C GLY N 337 -9.62 99.05 77.69
N THR N 338 -10.32 100.09 78.14
CA THR N 338 -10.68 100.23 79.55
C THR N 338 -12.08 100.81 79.75
N LEU N 339 -13.05 100.37 78.95
CA LEU N 339 -14.45 100.60 79.27
C LEU N 339 -15.01 99.50 80.14
N VAL N 340 -14.16 98.61 80.64
CA VAL N 340 -14.59 97.40 81.32
C VAL N 340 -15.11 97.75 82.71
N ARG N 341 -15.86 96.83 83.30
CA ARG N 341 -16.43 96.95 84.65
C ARG N 341 -17.32 98.18 84.80
N SER N 342 -17.98 98.57 83.71
CA SER N 342 -18.81 99.76 83.72
C SER N 342 -20.22 99.50 83.21
N LEU N 343 -20.65 98.25 83.12
CA LEU N 343 -22.02 97.91 82.77
C LEU N 343 -22.63 97.15 83.93
N SER N 344 -23.96 96.99 83.90
CA SER N 344 -24.61 96.25 84.95
C SER N 344 -25.84 95.55 84.41
N PRO N 345 -26.23 94.41 85.00
CA PRO N 345 -27.52 93.82 84.64
C PRO N 345 -28.69 94.71 85.05
N GLY N 346 -29.46 95.15 84.07
CA GLY N 346 -30.55 96.07 84.30
C GLY N 346 -30.27 97.50 83.89
N ASP N 347 -29.22 97.75 83.13
CA ASP N 347 -28.85 99.10 82.70
C ASP N 347 -29.60 99.46 81.43
N ILE N 348 -30.42 100.50 81.50
CA ILE N 348 -31.18 100.95 80.33
C ILE N 348 -30.25 101.89 79.57
N VAL N 349 -29.40 101.31 78.74
CA VAL N 349 -28.28 102.03 78.18
C VAL N 349 -28.27 101.87 76.66
N ASP N 350 -27.20 102.38 76.08
CA ASP N 350 -26.92 102.27 74.67
C ASP N 350 -25.42 102.23 74.49
N VAL N 351 -24.96 101.46 73.52
CA VAL N 351 -23.55 101.38 73.21
C VAL N 351 -23.37 101.84 71.77
N THR N 352 -22.28 102.53 71.51
CA THR N 352 -21.88 102.90 70.16
C THR N 352 -20.64 102.11 69.82
N GLY N 353 -20.62 101.49 68.65
CA GLY N 353 -19.46 100.68 68.35
C GLY N 353 -19.45 100.19 66.93
N ILE N 354 -18.37 99.48 66.60
CA ILE N 354 -18.11 99.10 65.21
C ILE N 354 -18.43 97.64 64.99
N PHE N 355 -18.62 97.26 63.73
CA PHE N 355 -19.27 96.01 63.35
C PHE N 355 -18.28 95.14 62.62
N LEU N 356 -18.31 93.84 62.89
CA LEU N 356 -17.55 92.85 62.14
C LEU N 356 -18.12 91.47 62.41
N PRO N 357 -18.09 90.58 61.43
CA PRO N 357 -18.47 89.18 61.66
C PRO N 357 -17.26 88.36 62.04
N ALA N 358 -17.47 87.10 62.38
CA ALA N 358 -16.36 86.27 62.81
C ALA N 358 -16.50 84.89 62.20
N PRO N 359 -15.41 84.21 61.87
CA PRO N 359 -15.53 82.83 61.41
C PRO N 359 -15.83 81.91 62.58
N TYR N 360 -16.18 80.67 62.26
CA TYR N 360 -16.61 79.71 63.27
C TYR N 360 -15.56 78.67 63.59
N THR N 361 -14.69 78.35 62.63
CA THR N 361 -13.59 77.38 62.63
C THR N 361 -13.85 76.06 63.37
N GLY N 362 -15.04 75.51 63.24
CA GLY N 362 -15.32 74.20 63.81
C GLY N 362 -16.47 73.50 63.13
N PHE N 363 -16.25 72.25 62.71
CA PHE N 363 -17.18 71.45 61.90
C PHE N 363 -17.70 72.24 60.71
N LYS N 364 -16.82 72.70 59.86
CA LYS N 364 -17.14 73.68 58.83
C LYS N 364 -17.58 73.06 57.52
N ALA N 365 -17.48 71.74 57.38
CA ALA N 365 -17.82 71.12 56.10
C ALA N 365 -19.26 70.61 56.07
N LEU N 366 -19.62 69.69 56.97
CA LEU N 366 -20.95 69.10 56.98
C LEU N 366 -21.98 70.15 57.41
N LYS N 367 -21.83 70.65 58.63
CA LYS N 367 -22.52 71.85 59.04
C LYS N 367 -21.59 73.04 58.82
N ALA N 368 -22.05 74.22 59.25
CA ALA N 368 -21.31 75.48 59.23
C ALA N 368 -20.79 75.82 57.84
N GLY N 369 -21.74 75.92 56.91
CA GLY N 369 -21.40 76.20 55.53
C GLY N 369 -20.87 77.60 55.33
N LEU N 370 -21.74 78.60 55.35
CA LEU N 370 -21.32 79.98 55.37
C LEU N 370 -22.16 80.77 56.36
N LEU N 371 -22.37 80.19 57.53
CA LEU N 371 -22.99 80.98 58.58
C LEU N 371 -21.95 81.86 59.26
N THR N 372 -22.45 82.88 59.94
CA THR N 372 -21.66 84.08 60.16
C THR N 372 -21.56 84.47 61.62
N GLU N 373 -22.70 84.38 62.33
CA GLU N 373 -22.88 84.60 63.78
C GLU N 373 -22.06 85.77 64.32
N THR N 374 -22.39 86.95 63.82
CA THR N 374 -21.55 88.12 64.05
C THR N 374 -21.71 88.64 65.47
N TYR N 375 -20.79 89.51 65.86
CA TYR N 375 -20.98 90.34 67.03
C TYR N 375 -20.75 91.79 66.66
N LEU N 376 -20.89 92.67 67.63
CA LEU N 376 -20.51 94.05 67.41
C LEU N 376 -19.42 94.35 68.42
N GLU N 377 -18.52 95.26 68.07
CA GLU N 377 -17.40 95.63 68.92
C GLU N 377 -17.63 97.03 69.47
N ALA N 378 -17.48 97.18 70.78
CA ALA N 378 -17.87 98.39 71.47
C ALA N 378 -16.84 99.49 71.35
N GLN N 379 -17.32 100.72 71.39
CA GLN N 379 -16.46 101.90 71.38
C GLN N 379 -16.78 102.89 72.49
N PHE N 380 -18.05 103.09 72.80
CA PHE N 380 -18.39 104.08 73.81
C PHE N 380 -19.69 103.67 74.49
N VAL N 381 -19.82 104.03 75.76
CA VAL N 381 -21.02 103.79 76.53
C VAL N 381 -21.52 105.13 77.05
N ARG N 382 -22.77 105.45 76.75
CA ARG N 382 -23.42 106.64 77.30
C ARG N 382 -24.52 106.18 78.24
N GLN N 383 -24.15 105.88 79.49
CA GLN N 383 -25.11 105.37 80.48
C GLN N 383 -26.16 106.42 80.82
N HIS N 384 -27.30 105.95 81.29
CA HIS N 384 -28.44 106.82 81.47
C HIS N 384 -29.25 106.36 82.66
N LYS N 385 -29.98 107.31 83.25
CA LYS N 385 -30.99 107.10 84.28
C LYS N 385 -30.42 106.42 85.52
N LYS N 386 -29.56 107.13 86.23
CA LYS N 386 -28.91 106.65 87.47
C LYS N 386 -29.91 106.29 88.56
N LEU N 393 -25.09 113.41 102.18
CA LEU N 393 -24.81 113.35 103.61
C LEU N 393 -23.85 114.46 103.99
N THR N 394 -24.42 115.64 104.29
CA THR N 394 -23.69 116.92 104.45
C THR N 394 -22.74 117.17 103.30
N SER N 395 -23.20 116.92 102.07
CA SER N 395 -22.38 117.12 100.87
C SER N 395 -23.26 117.73 99.80
N ASP N 396 -23.29 119.08 99.78
CA ASP N 396 -24.11 119.97 98.94
C ASP N 396 -25.57 119.51 98.77
N VAL N 397 -26.13 118.93 99.83
CA VAL N 397 -27.51 118.43 99.81
C VAL N 397 -28.20 118.87 101.09
N GLU N 398 -27.49 119.59 101.95
CA GLU N 398 -28.02 119.98 103.26
C GLU N 398 -29.11 121.04 103.16
N GLU N 399 -29.23 121.70 102.01
CA GLU N 399 -30.25 122.71 101.81
C GLU N 399 -31.65 122.11 101.83
N ARG N 400 -31.81 120.87 101.41
CA ARG N 400 -33.12 120.24 101.41
C ARG N 400 -33.40 119.53 102.73
N VAL N 401 -32.35 119.22 103.49
CA VAL N 401 -32.54 118.73 104.85
C VAL N 401 -33.04 119.85 105.75
N MET N 402 -32.61 121.09 105.48
CA MET N 402 -33.14 122.23 106.21
C MET N 402 -34.59 122.51 105.86
N GLU N 403 -35.02 122.16 104.64
CA GLU N 403 -36.41 122.40 104.23
C GLU N 403 -37.40 121.58 105.04
N LEU N 404 -36.99 120.42 105.53
CA LEU N 404 -37.85 119.70 106.46
C LEU N 404 -37.72 120.24 107.87
N ILE N 405 -36.55 120.76 108.23
CA ILE N 405 -36.35 121.28 109.59
C ILE N 405 -37.06 122.62 109.76
N THR N 406 -36.96 123.50 108.75
CA THR N 406 -37.63 124.79 108.85
C THR N 406 -39.14 124.66 108.75
N SER N 407 -39.63 123.87 107.79
CA SER N 407 -41.07 123.75 107.65
C SER N 407 -41.67 122.85 108.73
N GLY N 408 -40.88 121.96 109.31
CA GLY N 408 -41.40 121.00 110.28
C GLY N 408 -42.29 119.98 109.61
N ASP N 409 -43.51 119.83 110.14
CA ASP N 409 -44.61 119.09 109.55
C ASP N 409 -44.27 117.62 109.30
N VAL N 410 -43.90 116.90 110.36
CA VAL N 410 -43.52 115.50 110.26
C VAL N 410 -44.72 114.57 110.13
N TYR N 411 -45.70 114.69 111.01
CA TYR N 411 -46.75 113.71 111.15
C TYR N 411 -47.80 113.78 110.04
N ASN N 412 -47.82 114.85 109.26
CA ASN N 412 -48.91 114.98 108.31
C ASN N 412 -48.46 115.24 106.89
N ARG N 413 -47.49 116.14 106.69
CA ARG N 413 -47.04 116.44 105.33
C ARG N 413 -46.24 115.28 104.75
N LEU N 414 -45.47 114.61 105.60
CA LEU N 414 -44.82 113.40 105.17
C LEU N 414 -45.81 112.26 105.01
N ALA N 415 -46.90 112.28 105.77
CA ALA N 415 -47.96 111.32 105.56
C ALA N 415 -48.65 111.52 104.23
N LYS N 416 -48.87 112.78 103.84
CA LYS N 416 -49.36 113.04 102.49
C LYS N 416 -48.29 112.90 101.43
N SER N 417 -47.02 112.78 101.82
CA SER N 417 -45.96 112.71 100.82
C SER N 417 -45.90 111.33 100.19
N ILE N 418 -45.71 110.29 100.99
CA ILE N 418 -45.69 108.93 100.49
C ILE N 418 -47.11 108.50 100.14
N ALA N 419 -47.27 107.99 98.92
CA ALA N 419 -48.51 107.50 98.31
C ALA N 419 -49.71 108.43 98.44
N PRO N 420 -49.72 109.60 97.79
CA PRO N 420 -50.91 110.46 97.84
C PRO N 420 -52.01 110.09 96.87
N GLU N 421 -51.99 108.87 96.35
CA GLU N 421 -52.81 108.49 95.20
C GLU N 421 -53.98 107.60 95.60
N ILE N 422 -54.45 107.73 96.84
CA ILE N 422 -55.55 106.92 97.32
C ILE N 422 -56.59 107.82 97.97
N TYR N 423 -57.61 107.18 98.54
CA TYR N 423 -58.74 107.87 99.14
C TYR N 423 -58.81 107.52 100.61
N GLY N 424 -58.42 108.46 101.47
CA GLY N 424 -58.47 108.24 102.91
C GLY N 424 -57.20 107.58 103.42
N ASN N 425 -57.36 106.77 104.47
CA ASN N 425 -56.37 105.80 104.94
C ASN N 425 -55.08 106.47 105.40
N LEU N 426 -55.18 107.59 106.10
CA LEU N 426 -53.96 108.24 106.59
C LEU N 426 -53.35 107.45 107.74
N ASP N 427 -54.15 106.60 108.40
CA ASP N 427 -53.63 105.79 109.50
C ASP N 427 -52.61 104.78 109.02
N VAL N 428 -52.88 104.12 107.88
CA VAL N 428 -51.98 103.09 107.40
C VAL N 428 -50.78 103.66 106.67
N LYS N 429 -50.90 104.84 106.06
CA LYS N 429 -49.75 105.48 105.44
C LYS N 429 -48.80 106.05 106.47
N LYS N 430 -49.28 106.22 107.70
CA LYS N 430 -48.45 106.61 108.83
C LYS N 430 -47.78 105.42 109.50
N ALA N 431 -48.44 104.26 109.47
CA ALA N 431 -47.87 103.06 110.07
C ALA N 431 -46.65 102.53 109.35
N LEU N 432 -46.38 102.99 108.14
CA LEU N 432 -45.30 102.44 107.33
C LEU N 432 -44.04 103.27 107.35
N LEU N 433 -44.17 104.59 107.44
CA LEU N 433 -43.02 105.48 107.36
C LEU N 433 -42.08 105.32 108.54
N LEU N 434 -42.61 104.96 109.70
CA LEU N 434 -41.79 104.61 110.85
C LEU N 434 -40.94 103.37 110.60
N LEU N 435 -41.40 102.45 109.77
CA LEU N 435 -40.69 101.22 109.52
C LEU N 435 -39.70 101.37 108.36
N LEU N 436 -39.80 102.46 107.60
CA LEU N 436 -38.86 102.74 106.53
C LEU N 436 -37.57 103.37 107.03
N VAL N 437 -37.46 103.64 108.33
CA VAL N 437 -36.22 104.11 108.91
C VAL N 437 -35.56 103.07 109.83
N GLY N 438 -36.33 102.27 110.57
CA GLY N 438 -35.80 101.20 111.38
C GLY N 438 -34.86 101.65 112.48
N GLY N 439 -33.57 101.39 112.26
CA GLY N 439 -32.55 101.73 113.24
C GLY N 439 -32.11 100.55 114.07
N VAL N 440 -30.87 100.59 114.58
CA VAL N 440 -30.35 99.56 115.46
C VAL N 440 -31.14 99.56 116.76
N ASP N 441 -31.71 98.41 117.10
CA ASP N 441 -32.57 98.23 118.26
C ASP N 441 -31.84 98.52 119.56
N LYS N 442 -30.76 97.78 119.82
CA LYS N 442 -29.90 98.02 120.97
C LYS N 442 -28.57 97.32 120.70
N ARG N 443 -27.48 98.06 120.88
CA ARG N 443 -26.14 97.50 120.75
C ARG N 443 -25.91 96.62 121.98
N VAL N 444 -26.15 95.32 121.80
CA VAL N 444 -26.25 94.42 122.94
C VAL N 444 -24.90 94.02 123.52
N GLY N 445 -23.84 93.98 122.72
CA GLY N 445 -22.52 93.68 123.24
C GLY N 445 -22.33 92.22 123.61
N ASP N 446 -23.00 91.77 124.66
CA ASP N 446 -23.01 90.37 125.02
C ASP N 446 -23.82 89.56 124.01
N GLY N 447 -23.72 88.24 124.12
CA GLY N 447 -24.47 87.35 123.25
C GLY N 447 -25.95 87.29 123.56
N MET N 448 -26.65 88.41 123.34
CA MET N 448 -28.10 88.48 123.43
C MET N 448 -28.62 89.15 122.17
N LYS N 449 -28.77 88.37 121.11
CA LYS N 449 -29.21 88.88 119.83
C LYS N 449 -30.72 89.10 119.91
N ILE N 450 -31.11 90.35 120.12
CA ILE N 450 -32.51 90.68 120.35
C ILE N 450 -33.23 90.82 119.02
N ARG N 451 -34.55 90.69 119.05
CA ARG N 451 -35.38 90.88 117.88
C ARG N 451 -35.36 92.35 117.48
N GLY N 452 -35.27 92.59 116.18
CA GLY N 452 -35.51 93.92 115.63
C GLY N 452 -36.41 93.80 114.43
N ASP N 453 -36.73 94.96 113.83
CA ASP N 453 -37.40 95.06 112.53
C ASP N 453 -38.77 94.37 112.49
N ILE N 454 -39.74 94.92 113.22
CA ILE N 454 -41.11 94.40 113.25
C ILE N 454 -41.75 94.41 111.87
N ASN N 455 -42.77 93.57 111.72
CA ASN N 455 -43.38 93.31 110.42
C ASN N 455 -44.89 93.47 110.52
N VAL N 456 -45.46 94.21 109.58
CA VAL N 456 -46.88 94.51 109.58
C VAL N 456 -47.51 93.77 108.42
N CYS N 457 -48.65 93.15 108.66
CA CYS N 457 -49.38 92.47 107.60
C CYS N 457 -50.74 93.12 107.42
N LEU N 458 -51.25 93.02 106.20
CA LEU N 458 -52.54 93.58 105.88
C LEU N 458 -53.47 92.47 105.40
N MET N 459 -54.75 92.77 105.41
CA MET N 459 -55.76 91.86 104.90
C MET N 459 -56.99 92.67 104.51
N GLY N 460 -57.85 92.04 103.73
CA GLY N 460 -59.02 92.72 103.20
C GLY N 460 -59.04 92.69 101.69
N ASP N 461 -60.21 92.85 101.08
CA ASP N 461 -60.38 92.72 99.64
C ASP N 461 -61.04 93.95 99.04
N PRO N 462 -60.32 95.04 98.90
CA PRO N 462 -60.91 96.18 98.18
C PRO N 462 -60.85 95.96 96.69
N GLY N 463 -61.51 96.83 95.94
CA GLY N 463 -61.49 96.74 94.50
C GLY N 463 -60.64 97.84 93.90
N VAL N 464 -59.79 98.44 94.72
CA VAL N 464 -59.01 99.59 94.31
C VAL N 464 -57.62 99.10 93.90
N ALA N 465 -57.53 97.81 93.54
CA ALA N 465 -56.31 97.17 93.06
C ALA N 465 -55.21 97.30 94.10
N LYS N 466 -55.39 96.60 95.22
CA LYS N 466 -54.52 96.70 96.40
C LYS N 466 -53.04 96.48 96.10
N SER N 467 -52.73 95.78 94.99
CA SER N 467 -51.36 95.45 94.63
C SER N 467 -50.53 96.70 94.34
N GLN N 468 -51.03 97.58 93.47
CA GLN N 468 -50.31 98.80 93.16
C GLN N 468 -50.41 99.85 94.26
N LEU N 469 -51.13 99.57 95.34
CA LEU N 469 -51.00 100.43 96.51
C LEU N 469 -49.69 100.15 97.22
N LEU N 470 -49.48 98.90 97.63
CA LEU N 470 -48.28 98.55 98.37
C LEU N 470 -47.03 98.52 97.52
N LYS N 471 -47.09 97.92 96.34
CA LYS N 471 -45.87 97.72 95.56
C LYS N 471 -45.34 99.03 95.00
N ALA N 472 -46.19 100.05 94.86
CA ALA N 472 -45.71 101.36 94.45
C ALA N 472 -44.84 101.97 95.53
N ILE N 473 -45.10 101.67 96.79
CA ILE N 473 -44.21 102.10 97.86
C ILE N 473 -42.87 101.40 97.76
N CYS N 474 -42.89 100.14 97.33
CA CYS N 474 -41.68 99.32 97.34
C CYS N 474 -40.72 99.74 96.24
N LYS N 475 -41.25 100.20 95.12
CA LYS N 475 -40.41 100.57 94.00
C LYS N 475 -39.80 101.97 94.14
N ILE N 476 -40.10 102.67 95.23
CA ILE N 476 -39.41 103.92 95.54
C ILE N 476 -38.68 103.86 96.87
N SER N 477 -39.01 102.91 97.73
CA SER N 477 -38.29 102.72 98.97
C SER N 477 -36.94 102.07 98.71
N PRO N 478 -35.93 102.33 99.56
CA PRO N 478 -34.58 101.81 99.30
C PRO N 478 -34.48 100.31 99.49
N ARG N 479 -33.70 99.68 98.59
CA ARG N 479 -33.34 98.26 98.50
C ARG N 479 -34.48 97.27 98.69
N GLY N 480 -35.71 97.71 98.47
CA GLY N 480 -36.86 96.87 98.74
C GLY N 480 -37.31 96.14 97.51
N VAL N 481 -37.02 94.85 97.46
CA VAL N 481 -37.20 94.09 96.25
C VAL N 481 -38.64 93.59 96.15
N TYR N 482 -39.17 93.58 94.94
CA TYR N 482 -40.52 93.14 94.66
C TYR N 482 -40.53 91.62 94.57
N THR N 483 -41.61 91.01 95.02
CA THR N 483 -41.82 89.61 94.71
C THR N 483 -43.31 89.33 94.59
N THR N 484 -43.61 88.10 94.25
CA THR N 484 -44.97 87.65 93.99
C THR N 484 -45.07 86.19 94.42
N GLY N 485 -46.14 85.52 94.02
CA GLY N 485 -46.29 84.12 94.37
C GLY N 485 -45.49 83.19 93.48
N LYS N 486 -45.60 83.37 92.17
CA LYS N 486 -44.86 82.59 91.20
C LYS N 486 -43.39 82.98 91.22
N GLY N 487 -42.56 82.08 90.71
CA GLY N 487 -41.13 82.34 90.61
C GLY N 487 -40.36 81.92 91.84
N SER N 488 -39.82 82.90 92.56
CA SER N 488 -39.01 82.65 93.76
C SER N 488 -39.96 82.26 94.89
N SER N 489 -40.30 80.97 94.95
CA SER N 489 -41.18 80.44 95.98
C SER N 489 -40.38 80.26 97.28
N GLY N 490 -40.99 79.66 98.31
CA GLY N 490 -40.35 79.58 99.61
C GLY N 490 -39.14 78.67 99.68
N VAL N 491 -39.00 77.77 98.70
CA VAL N 491 -37.76 77.01 98.56
C VAL N 491 -36.71 77.81 97.79
N GLY N 492 -37.12 78.63 96.82
CA GLY N 492 -36.20 79.47 96.08
C GLY N 492 -36.29 80.91 96.56
N LEU N 493 -36.74 81.08 97.81
CA LEU N 493 -36.68 82.39 98.44
C LEU N 493 -35.28 82.69 98.93
N THR N 494 -34.62 81.69 99.50
CA THR N 494 -33.22 81.76 99.83
C THR N 494 -32.38 81.46 98.59
N ALA N 495 -31.12 81.13 98.80
CA ALA N 495 -30.27 80.74 97.70
C ALA N 495 -30.25 79.23 97.53
N ALA N 496 -29.86 78.78 96.35
CA ALA N 496 -29.76 77.36 96.05
C ALA N 496 -28.69 77.18 94.98
N VAL N 497 -28.46 75.94 94.58
CA VAL N 497 -27.54 75.63 93.49
C VAL N 497 -28.33 75.11 92.29
N MET N 498 -27.99 75.63 91.11
CA MET N 498 -28.74 75.30 89.90
C MET N 498 -27.83 74.99 88.72
N LYS N 499 -28.43 74.89 87.54
CA LYS N 499 -27.74 74.76 86.28
C LYS N 499 -27.27 76.15 85.83
N ASP N 500 -26.16 76.16 85.11
CA ASP N 500 -25.55 77.36 84.59
C ASP N 500 -25.13 77.07 83.15
N PRO N 501 -24.64 78.08 82.38
CA PRO N 501 -24.01 77.76 81.11
C PRO N 501 -22.70 76.99 81.23
N VAL N 502 -22.03 76.77 80.09
CA VAL N 502 -20.83 75.93 79.97
C VAL N 502 -19.66 76.43 80.83
N THR N 503 -19.74 77.66 81.35
CA THR N 503 -18.82 78.20 82.34
C THR N 503 -19.17 77.60 83.72
N ASP N 504 -18.72 78.22 84.80
CA ASP N 504 -18.66 77.59 86.12
C ASP N 504 -20.05 77.32 86.67
N GLU N 505 -20.48 76.07 86.58
CA GLU N 505 -21.79 75.64 87.04
C GLU N 505 -21.79 75.47 88.55
N MET N 506 -22.98 75.15 89.07
CA MET N 506 -23.23 74.94 90.51
C MET N 506 -22.85 76.17 91.34
N ILE N 507 -23.20 77.35 90.83
CA ILE N 507 -23.07 78.59 91.58
C ILE N 507 -24.26 78.69 92.53
N LEU N 508 -24.18 79.62 93.49
CA LEU N 508 -25.21 79.76 94.51
C LEU N 508 -26.20 80.84 94.08
N GLU N 509 -27.10 80.49 93.14
CA GLU N 509 -28.12 81.42 92.70
C GLU N 509 -29.14 81.69 93.80
N GLY N 510 -29.49 82.96 93.96
CA GLY N 510 -30.35 83.34 95.06
C GLY N 510 -31.78 83.66 94.64
N GLY N 511 -32.59 83.95 95.66
CA GLY N 511 -33.97 84.37 95.50
C GLY N 511 -34.18 85.82 95.83
N ALA N 512 -34.64 86.12 97.04
CA ALA N 512 -34.82 87.51 97.43
C ALA N 512 -34.11 87.83 98.74
N LEU N 513 -34.22 86.92 99.72
CA LEU N 513 -33.78 87.25 101.07
C LEU N 513 -32.28 87.15 101.26
N VAL N 514 -31.57 86.44 100.38
CA VAL N 514 -30.12 86.45 100.46
C VAL N 514 -29.54 87.71 99.84
N LEU N 515 -30.35 88.47 99.09
CA LEU N 515 -29.89 89.73 98.52
C LEU N 515 -30.58 90.96 99.08
N ALA N 516 -31.82 90.84 99.53
CA ALA N 516 -32.49 91.97 100.15
C ALA N 516 -32.33 91.92 101.66
N ASP N 517 -31.10 91.81 102.15
CA ASP N 517 -30.89 91.88 103.59
C ASP N 517 -30.99 93.32 104.06
N ASN N 518 -31.70 93.50 105.18
CA ASN N 518 -31.90 94.79 105.86
C ASN N 518 -32.57 95.80 104.92
N GLY N 519 -33.79 95.48 104.55
CA GLY N 519 -34.56 96.30 103.64
C GLY N 519 -36.03 96.02 103.75
N ILE N 520 -36.69 95.91 102.60
CA ILE N 520 -38.12 95.70 102.52
C ILE N 520 -38.36 94.44 101.70
N CYS N 521 -39.09 93.49 102.26
CA CYS N 521 -39.49 92.29 101.55
C CYS N 521 -40.99 92.39 101.29
N CYS N 522 -41.35 93.06 100.21
CA CYS N 522 -42.75 93.35 99.91
C CYS N 522 -43.35 92.18 99.14
N ILE N 523 -44.13 91.39 99.82
CA ILE N 523 -44.67 90.15 99.27
C ILE N 523 -46.12 90.36 98.90
N ASP N 524 -46.59 89.59 97.92
CA ASP N 524 -48.01 89.44 97.67
C ASP N 524 -48.36 87.97 97.56
N GLU N 525 -49.66 87.74 97.37
CA GLU N 525 -50.24 86.44 97.01
C GLU N 525 -49.89 85.38 98.04
N PHE N 526 -50.33 85.58 99.28
CA PHE N 526 -49.88 84.76 100.38
C PHE N 526 -50.46 83.34 100.35
N ASP N 527 -51.50 83.09 99.58
CA ASP N 527 -52.00 81.73 99.46
C ASP N 527 -51.29 80.92 98.38
N LYS N 528 -50.20 81.45 97.81
CA LYS N 528 -49.53 80.82 96.67
C LYS N 528 -48.25 80.14 97.12
N MET N 529 -48.13 78.86 96.78
CA MET N 529 -46.94 78.02 96.99
C MET N 529 -46.57 77.96 98.48
N ASP N 530 -47.60 77.61 99.26
CA ASP N 530 -47.53 77.76 100.70
C ASP N 530 -46.80 76.61 101.36
N GLU N 531 -46.62 75.51 100.64
CA GLU N 531 -45.88 74.36 101.15
C GLU N 531 -44.43 74.72 101.40
N SER N 532 -43.88 75.63 100.61
CA SER N 532 -42.54 76.15 100.84
C SER N 532 -42.56 77.53 101.51
N ASP N 533 -43.65 78.28 101.33
CA ASP N 533 -43.70 79.64 101.87
C ASP N 533 -43.93 79.66 103.37
N ARG N 534 -44.69 78.71 103.90
CA ARG N 534 -44.98 78.74 105.33
C ARG N 534 -43.75 78.42 106.16
N THR N 535 -42.83 77.63 105.61
CA THR N 535 -41.50 77.54 106.19
C THR N 535 -40.75 78.84 106.04
N ALA N 536 -40.90 79.50 104.89
CA ALA N 536 -40.08 80.63 104.51
C ALA N 536 -40.37 81.87 105.34
N ILE N 537 -41.59 82.00 105.86
CA ILE N 537 -41.91 83.19 106.62
C ILE N 537 -41.45 83.05 108.06
N HIS N 538 -41.57 81.84 108.61
CA HIS N 538 -41.08 81.60 109.97
C HIS N 538 -39.56 81.75 110.05
N GLU N 539 -38.84 81.33 109.01
CA GLU N 539 -37.39 81.29 109.07
C GLU N 539 -36.75 82.67 109.01
N VAL N 540 -37.51 83.70 108.63
CA VAL N 540 -37.00 85.07 108.71
C VAL N 540 -37.55 85.79 109.93
N MET N 541 -38.78 85.48 110.35
CA MET N 541 -39.29 85.94 111.64
C MET N 541 -38.46 85.37 112.78
N GLU N 542 -38.02 84.12 112.65
CA GLU N 542 -36.94 83.65 113.49
C GLU N 542 -35.64 84.35 113.08
N GLN N 543 -34.92 84.84 114.08
CA GLN N 543 -33.73 85.63 113.84
C GLN N 543 -32.58 84.73 113.40
N GLN N 544 -31.97 85.10 112.27
CA GLN N 544 -30.69 84.60 111.80
C GLN N 544 -30.65 83.10 111.55
N THR N 545 -31.46 82.61 110.62
CA THR N 545 -31.26 81.23 110.16
C THR N 545 -31.50 81.10 108.66
N ILE N 546 -31.32 82.16 107.90
CA ILE N 546 -31.40 82.09 106.44
C ILE N 546 -30.20 81.28 105.98
N SER N 547 -30.45 80.06 105.54
CA SER N 547 -29.38 79.13 105.25
C SER N 547 -29.76 78.28 104.06
N ILE N 548 -28.83 77.42 103.66
CA ILE N 548 -29.04 76.44 102.63
C ILE N 548 -28.75 75.09 103.27
N SER N 549 -29.77 74.45 103.83
CA SER N 549 -29.59 73.16 104.50
C SER N 549 -29.79 72.07 103.46
N LYS N 550 -28.91 72.06 102.46
CA LYS N 550 -28.98 71.12 101.35
C LYS N 550 -27.87 70.10 101.52
N ALA N 551 -27.69 69.26 100.51
CA ALA N 551 -26.60 68.29 100.48
C ALA N 551 -25.33 68.89 99.89
N GLY N 552 -25.31 70.20 99.69
CA GLY N 552 -24.12 70.84 99.17
C GLY N 552 -23.27 71.44 100.27
N ILE N 553 -23.91 72.12 101.22
CA ILE N 553 -23.21 72.82 102.28
C ILE N 553 -24.19 73.06 103.43
N ASN N 554 -23.65 73.42 104.59
CA ASN N 554 -24.46 73.75 105.75
C ASN N 554 -24.03 75.08 106.35
N THR N 555 -23.92 76.09 105.50
CA THR N 555 -23.51 77.43 105.89
C THR N 555 -24.76 78.31 106.05
N THR N 556 -24.74 79.21 107.03
CA THR N 556 -25.89 80.03 107.38
C THR N 556 -25.53 81.50 107.36
N LEU N 557 -26.33 82.30 106.69
CA LEU N 557 -26.10 83.73 106.56
C LEU N 557 -27.17 84.49 107.34
N ASN N 558 -27.13 85.82 107.23
CA ASN N 558 -27.84 86.70 108.15
C ASN N 558 -29.33 86.80 107.81
N ALA N 559 -30.04 87.58 108.63
CA ALA N 559 -31.47 87.81 108.46
C ALA N 559 -31.82 89.09 109.18
N ARG N 560 -32.11 90.17 108.43
CA ARG N 560 -32.39 91.45 109.07
C ARG N 560 -33.48 92.28 108.39
N THR N 561 -34.42 91.67 107.69
CA THR N 561 -35.30 92.40 106.79
C THR N 561 -36.75 92.37 107.28
N SER N 562 -37.44 93.50 107.14
CA SER N 562 -38.85 93.62 107.49
C SER N 562 -39.75 93.00 106.42
N ILE N 563 -40.95 92.63 106.84
CA ILE N 563 -41.90 91.89 106.03
C ILE N 563 -43.18 92.72 105.96
N LEU N 564 -43.71 92.90 104.76
CA LEU N 564 -44.99 93.58 104.57
C LEU N 564 -45.91 92.69 103.74
N ALA N 565 -46.91 92.09 104.42
CA ALA N 565 -47.76 91.09 103.81
C ALA N 565 -49.18 91.60 103.59
N ALA N 566 -49.84 91.04 102.58
CA ALA N 566 -51.22 91.36 102.27
C ALA N 566 -51.93 90.08 101.88
N ALA N 567 -52.66 89.50 102.83
CA ALA N 567 -53.35 88.24 102.59
C ALA N 567 -54.72 88.49 102.01
N ASN N 568 -55.04 87.75 100.98
CA ASN N 568 -56.32 87.91 100.34
C ASN N 568 -57.34 87.04 101.06
N PRO N 569 -58.60 87.45 101.09
CA PRO N 569 -59.59 86.67 101.85
C PRO N 569 -60.04 85.39 101.18
N LEU N 570 -61.09 84.75 101.71
CA LEU N 570 -61.71 83.60 101.08
C LEU N 570 -62.67 84.11 100.01
N TYR N 571 -63.54 83.26 99.49
CA TYR N 571 -64.41 83.58 98.38
C TYR N 571 -65.35 84.72 98.73
N GLY N 572 -65.56 85.60 97.75
CA GLY N 572 -66.35 86.81 97.93
C GLY N 572 -65.73 87.76 98.93
N ARG N 573 -66.52 88.16 99.92
CA ARG N 573 -66.03 89.05 100.95
C ARG N 573 -65.73 88.22 102.17
N TYR N 574 -64.80 88.71 102.98
CA TYR N 574 -64.64 88.17 104.33
C TYR N 574 -65.90 88.55 105.07
N ASN N 575 -66.59 87.56 105.60
CA ASN N 575 -67.79 87.81 106.36
C ASN N 575 -67.41 88.31 107.74
N PRO N 576 -67.69 89.58 108.07
CA PRO N 576 -67.30 90.08 109.39
C PRO N 576 -68.15 89.53 110.51
N ARG N 577 -69.40 89.15 110.21
CA ARG N 577 -70.23 88.48 111.18
C ARG N 577 -69.76 87.04 111.43
N LEU N 578 -69.04 86.45 110.49
CA LEU N 578 -68.44 85.15 110.73
C LEU N 578 -67.16 85.30 111.52
N SER N 579 -66.52 84.18 111.80
CA SER N 579 -65.31 84.18 112.60
C SER N 579 -64.14 84.65 111.76
N PRO N 580 -63.17 85.35 112.33
CA PRO N 580 -61.95 85.64 111.58
C PRO N 580 -61.04 84.42 111.54
N LEU N 581 -59.91 84.56 110.84
CA LEU N 581 -59.02 83.45 110.49
C LEU N 581 -59.77 82.34 109.76
N ASP N 582 -60.72 82.74 108.92
CA ASP N 582 -61.36 81.83 107.99
C ASP N 582 -60.65 81.77 106.65
N ASN N 583 -59.65 82.63 106.47
CA ASN N 583 -59.01 82.86 105.18
C ASN N 583 -57.49 82.96 105.26
N ILE N 584 -56.94 83.32 106.42
CA ILE N 584 -55.53 83.14 106.69
C ILE N 584 -55.38 81.77 107.32
N ASN N 585 -54.33 81.05 106.93
CA ASN N 585 -54.19 79.66 107.32
C ASN N 585 -53.09 79.44 108.37
N LEU N 586 -52.53 80.50 108.93
CA LEU N 586 -51.44 80.36 109.90
C LEU N 586 -51.84 81.00 111.22
N PRO N 587 -52.36 80.24 112.18
CA PRO N 587 -52.65 80.82 113.49
C PRO N 587 -51.37 81.13 114.28
N ALA N 588 -50.40 80.22 114.23
CA ALA N 588 -49.21 80.36 115.06
C ALA N 588 -48.26 81.44 114.57
N ALA N 589 -48.37 81.84 113.31
CA ALA N 589 -47.52 82.89 112.77
C ALA N 589 -48.05 84.26 113.09
N LEU N 590 -49.28 84.35 113.57
CA LEU N 590 -49.98 85.63 113.58
C LEU N 590 -50.17 86.18 114.97
N LEU N 591 -50.84 85.41 115.82
CA LEU N 591 -51.30 85.90 117.11
C LEU N 591 -50.20 85.98 118.15
N SER N 592 -48.97 85.58 117.81
CA SER N 592 -47.89 85.58 118.78
C SER N 592 -46.60 86.16 118.22
N ARG N 593 -46.43 86.21 116.91
CA ARG N 593 -45.17 86.66 116.35
C ARG N 593 -45.32 87.87 115.43
N PHE N 594 -46.45 88.55 115.43
CA PHE N 594 -46.58 89.85 114.78
C PHE N 594 -46.91 90.90 115.80
N ASP N 595 -47.13 92.15 115.37
CA ASP N 595 -47.39 93.22 116.33
C ASP N 595 -48.71 93.94 116.06
N ILE N 596 -49.00 94.26 114.79
CA ILE N 596 -50.17 95.07 114.46
C ILE N 596 -50.78 94.58 113.16
N LEU N 597 -52.09 94.79 113.03
CA LEU N 597 -52.83 94.43 111.84
C LEU N 597 -53.61 95.62 111.33
N PHE N 598 -54.26 95.41 110.20
CA PHE N 598 -55.15 96.39 109.61
C PHE N 598 -56.26 95.66 108.87
N LEU N 599 -57.01 96.41 108.07
CA LEU N 599 -58.08 95.85 107.29
C LEU N 599 -58.42 96.84 106.18
N MET N 600 -59.06 96.33 105.13
CA MET N 600 -59.52 97.17 104.03
C MET N 600 -60.98 96.82 103.70
N LEU N 601 -61.80 96.75 104.75
CA LEU N 601 -63.19 96.36 104.59
C LEU N 601 -63.98 97.47 103.90
N ASP N 602 -64.97 97.06 103.10
CA ASP N 602 -65.81 97.97 102.34
C ASP N 602 -67.20 98.00 102.95
N ILE N 603 -67.59 99.16 103.44
CA ILE N 603 -68.95 99.39 103.89
C ILE N 603 -69.62 100.36 102.91
N PRO N 604 -70.88 100.13 102.52
CA PRO N 604 -71.58 101.12 101.69
C PRO N 604 -71.80 102.45 102.37
N SER N 605 -71.35 103.53 101.73
CA SER N 605 -71.50 104.88 102.28
C SER N 605 -71.56 105.86 101.12
N ARG N 606 -72.68 106.59 101.04
CA ARG N 606 -73.00 107.35 99.83
C ARG N 606 -72.06 108.51 99.59
N ASP N 607 -71.76 109.29 100.64
CA ASP N 607 -70.97 110.50 100.49
C ASP N 607 -69.54 110.20 100.06
N ASP N 608 -68.97 109.10 100.54
CA ASP N 608 -67.59 108.80 100.20
C ASP N 608 -67.44 108.32 98.77
N ASP N 609 -68.39 107.51 98.30
CA ASP N 609 -68.21 106.81 97.04
C ASP N 609 -68.40 107.74 95.84
N GLU N 610 -69.32 108.69 95.91
CA GLU N 610 -69.41 109.69 94.86
C GLU N 610 -68.18 110.58 94.84
N LYS N 611 -67.62 110.89 96.00
CA LYS N 611 -66.31 111.49 96.04
C LYS N 611 -65.26 110.56 95.48
N LEU N 612 -65.38 109.26 95.79
CA LEU N 612 -64.51 108.28 95.17
C LEU N 612 -64.82 108.12 93.69
N ALA N 613 -66.05 108.42 93.29
CA ALA N 613 -66.37 108.40 91.87
C ALA N 613 -65.72 109.55 91.13
N GLU N 614 -65.79 110.75 91.70
CA GLU N 614 -65.05 111.87 91.14
C GLU N 614 -63.55 111.66 91.24
N HIS N 615 -63.11 110.89 92.23
CA HIS N 615 -61.70 110.56 92.40
C HIS N 615 -61.17 109.78 91.21
N VAL N 616 -61.93 108.79 90.74
CA VAL N 616 -61.40 107.95 89.67
C VAL N 616 -61.69 108.53 88.29
N THR N 617 -62.68 109.38 88.17
CA THR N 617 -63.02 109.91 86.87
C THR N 617 -62.21 111.15 86.51
N TYR N 618 -61.68 111.84 87.51
CA TYR N 618 -60.84 113.01 87.32
C TYR N 618 -59.54 112.67 86.60
N VAL N 619 -59.08 111.43 86.73
CA VAL N 619 -57.78 111.08 86.17
C VAL N 619 -57.87 110.76 84.69
N HIS N 620 -59.06 110.76 84.11
CA HIS N 620 -59.20 110.35 82.72
C HIS N 620 -59.25 111.51 81.76
N MET N 621 -59.97 112.58 82.09
CA MET N 621 -60.09 113.70 81.18
C MET N 621 -58.78 114.46 81.05
N HIS N 622 -58.16 114.78 82.17
CA HIS N 622 -56.78 115.23 82.18
C HIS N 622 -55.87 114.01 82.18
N ASN N 623 -54.61 114.22 82.52
CA ASN N 623 -53.75 113.10 82.89
C ASN N 623 -53.10 113.26 84.26
N LYS N 624 -53.37 114.34 85.00
CA LYS N 624 -52.69 114.57 86.25
C LYS N 624 -53.59 114.27 87.44
N GLN N 625 -53.00 113.83 88.55
CA GLN N 625 -53.79 113.45 89.73
C GLN N 625 -53.75 114.30 91.00
N PRO N 626 -52.76 115.20 91.13
CA PRO N 626 -52.54 116.02 92.34
C PRO N 626 -53.59 117.08 92.71
N ASP N 627 -53.82 117.26 94.01
CA ASP N 627 -54.76 118.28 94.49
C ASP N 627 -54.65 118.39 96.01
N LEU N 628 -55.64 119.04 96.62
CA LEU N 628 -55.85 119.12 98.07
C LEU N 628 -54.67 119.73 98.82
N ASP N 629 -54.23 120.90 98.31
CA ASP N 629 -53.30 121.88 98.93
C ASP N 629 -52.06 121.25 99.56
N PHE N 630 -51.57 120.18 98.94
CA PHE N 630 -50.36 119.53 99.39
C PHE N 630 -49.28 119.74 98.34
N THR N 631 -48.17 120.31 98.74
CA THR N 631 -47.05 120.47 97.84
C THR N 631 -46.29 119.15 97.73
N PRO N 632 -46.21 118.56 96.53
CA PRO N 632 -45.55 117.24 96.41
C PRO N 632 -44.06 117.31 96.66
N VAL N 633 -43.56 116.32 97.37
CA VAL N 633 -42.19 116.32 97.87
C VAL N 633 -41.38 115.29 97.09
N GLU N 634 -40.13 115.63 96.79
CA GLU N 634 -39.24 114.70 96.11
C GLU N 634 -38.83 113.57 97.05
N PRO N 635 -38.76 112.33 96.55
CA PRO N 635 -38.48 111.19 97.42
C PRO N 635 -37.05 111.13 97.92
N SER N 636 -36.13 111.87 97.29
CA SER N 636 -34.77 111.91 97.79
C SER N 636 -34.68 112.64 99.12
N LYS N 637 -35.57 113.61 99.33
CA LYS N 637 -35.51 114.46 100.51
C LYS N 637 -35.80 113.67 101.78
N MET N 638 -36.87 112.89 101.77
CA MET N 638 -37.18 112.07 102.92
C MET N 638 -36.21 110.90 103.05
N ARG N 639 -35.68 110.43 101.92
CA ARG N 639 -34.63 109.43 101.93
C ARG N 639 -33.40 109.92 102.65
N GLU N 640 -33.03 111.17 102.38
CA GLU N 640 -31.98 111.80 103.17
C GLU N 640 -32.44 112.04 104.60
N TYR N 641 -33.73 112.34 104.79
CA TYR N 641 -34.22 112.52 106.14
C TYR N 641 -34.26 111.21 106.92
N ILE N 642 -34.58 110.10 106.25
CA ILE N 642 -34.52 108.80 106.89
C ILE N 642 -33.08 108.42 107.22
N ALA N 643 -32.19 108.61 106.25
CA ALA N 643 -30.78 108.26 106.44
C ALA N 643 -30.14 109.14 107.50
N TYR N 644 -30.57 110.39 107.63
CA TYR N 644 -30.08 111.20 108.74
C TYR N 644 -30.71 110.76 110.04
N ALA N 645 -32.00 110.43 110.03
CA ALA N 645 -32.66 109.90 111.21
C ALA N 645 -32.12 108.54 111.63
N LYS N 646 -31.62 107.74 110.69
CA LYS N 646 -31.02 106.47 111.04
C LYS N 646 -29.64 106.64 111.66
N THR N 647 -29.09 107.84 111.63
CA THR N 647 -27.81 108.15 112.24
C THR N 647 -27.95 108.91 113.55
N LYS N 648 -29.03 108.69 114.30
CA LYS N 648 -29.18 109.33 115.60
C LYS N 648 -29.17 108.33 116.75
N ARG N 649 -30.12 107.39 116.74
CA ARG N 649 -30.37 106.36 117.76
C ARG N 649 -30.39 106.91 119.19
N PRO N 650 -31.44 107.63 119.60
CA PRO N 650 -31.50 108.12 120.97
C PRO N 650 -31.74 107.01 121.98
N VAL N 651 -31.37 107.29 123.22
CA VAL N 651 -31.48 106.36 124.33
C VAL N 651 -32.58 106.86 125.25
N MET N 652 -33.44 105.95 125.70
CA MET N 652 -34.59 106.34 126.49
C MET N 652 -34.21 106.76 127.90
N SER N 653 -35.13 107.48 128.54
CA SER N 653 -35.05 107.93 129.92
C SER N 653 -35.68 106.90 130.83
N GLU N 654 -35.98 107.30 132.08
CA GLU N 654 -36.61 106.38 133.00
C GLU N 654 -38.12 106.54 133.07
N ALA N 655 -38.65 107.74 132.83
CA ALA N 655 -40.08 107.97 132.92
C ALA N 655 -40.88 107.24 131.85
N VAL N 656 -40.24 106.92 130.72
CA VAL N 656 -40.89 106.14 129.68
C VAL N 656 -41.16 104.70 130.09
N ASN N 657 -40.20 104.03 130.72
CA ASN N 657 -40.46 102.67 131.18
C ASN N 657 -41.39 102.64 132.37
N ASP N 658 -41.43 103.72 133.14
CA ASP N 658 -42.46 103.89 134.15
C ASP N 658 -43.84 104.05 133.54
N TYR N 659 -43.92 104.60 132.33
CA TYR N 659 -45.24 104.81 131.74
C TYR N 659 -45.71 103.62 130.93
N VAL N 660 -44.83 102.67 130.63
CA VAL N 660 -45.32 101.53 129.87
C VAL N 660 -45.70 100.38 130.77
N VAL N 661 -45.15 100.31 132.00
CA VAL N 661 -45.57 99.25 132.92
C VAL N 661 -47.00 99.47 133.38
N GLN N 662 -47.41 100.72 133.59
CA GLN N 662 -48.81 101.03 133.78
C GLN N 662 -49.60 100.88 132.48
N ALA N 663 -48.96 101.04 131.32
CA ALA N 663 -49.68 100.82 130.08
C ALA N 663 -49.96 99.34 129.87
N TYR N 664 -49.01 98.48 130.20
CA TYR N 664 -49.19 97.05 129.99
C TYR N 664 -50.18 96.46 130.97
N ILE N 665 -50.24 96.99 132.19
CA ILE N 665 -51.25 96.56 133.15
C ILE N 665 -52.64 96.90 132.65
N ARG N 666 -52.80 98.11 132.12
CA ARG N 666 -54.07 98.49 131.52
C ARG N 666 -54.27 97.76 130.20
N LEU N 667 -53.19 97.30 129.58
CA LEU N 667 -53.31 96.40 128.44
C LEU N 667 -53.64 94.99 128.90
N ARG N 668 -53.19 94.60 130.09
CA ARG N 668 -53.44 93.24 130.59
C ARG N 668 -54.87 93.04 131.02
N GLN N 669 -55.46 94.03 131.67
CA GLN N 669 -56.71 93.84 132.39
C GLN N 669 -57.90 93.73 131.44
N ASP N 670 -57.98 94.60 130.44
CA ASP N 670 -59.10 94.61 129.51
C ASP N 670 -59.07 93.46 128.52
N SER N 671 -57.87 93.04 128.11
CA SER N 671 -57.73 91.85 127.28
C SER N 671 -58.12 90.59 128.05
N LYS N 672 -57.93 90.60 129.37
CA LYS N 672 -58.37 89.52 130.25
C LYS N 672 -59.79 89.70 130.74
N ARG N 673 -60.60 90.47 130.02
CA ARG N 673 -62.03 90.58 130.31
C ARG N 673 -62.90 89.86 129.29
N GLU N 674 -62.53 89.89 128.02
CA GLU N 674 -63.37 89.34 126.96
C GLU N 674 -63.33 87.82 126.97
N MET N 675 -62.14 87.26 126.69
CA MET N 675 -61.89 85.81 126.63
C MET N 675 -62.86 85.11 125.67
N ASP N 676 -63.16 85.76 124.54
CA ASP N 676 -64.20 85.26 123.65
C ASP N 676 -63.63 85.01 122.26
N SER N 677 -64.34 84.21 121.50
CA SER N 677 -63.98 83.86 120.13
C SER N 677 -64.83 84.59 119.10
N LYS N 678 -65.40 85.73 119.49
CA LYS N 678 -66.29 86.50 118.63
C LYS N 678 -65.51 87.37 117.64
N PHE N 679 -64.76 88.34 118.16
CA PHE N 679 -63.98 89.25 117.33
C PHE N 679 -62.49 89.24 117.60
N SER N 680 -62.07 89.35 118.85
CA SER N 680 -60.72 89.83 119.13
C SER N 680 -59.70 88.70 119.13
N PHE N 681 -58.43 89.09 118.97
CA PHE N 681 -57.29 88.19 119.00
C PHE N 681 -56.34 88.63 120.10
N GLY N 682 -55.37 87.78 120.39
CA GLY N 682 -54.32 88.11 121.33
C GLY N 682 -54.77 88.03 122.78
N GLN N 683 -53.82 87.69 123.64
CA GLN N 683 -54.06 87.64 125.08
C GLN N 683 -52.93 88.34 125.81
N ALA N 684 -52.51 89.48 125.25
CA ALA N 684 -51.57 90.44 125.87
C ALA N 684 -50.20 89.81 126.13
N THR N 685 -49.52 89.46 125.04
CA THR N 685 -48.18 88.90 125.19
C THR N 685 -47.16 90.01 125.48
N PRO N 686 -46.10 89.69 126.21
CA PRO N 686 -44.94 90.58 126.27
C PRO N 686 -44.28 90.79 124.92
N ARG N 687 -44.47 89.87 123.97
CA ARG N 687 -43.99 90.10 122.62
C ARG N 687 -44.72 91.28 121.97
N THR N 688 -45.96 91.53 122.35
CA THR N 688 -46.58 92.81 122.02
C THR N 688 -46.04 93.95 122.86
N LEU N 689 -45.63 93.68 124.09
CA LEU N 689 -45.10 94.76 124.93
C LEU N 689 -43.75 95.24 124.42
N LEU N 690 -42.88 94.32 124.03
CA LEU N 690 -41.58 94.74 123.51
C LEU N 690 -41.70 95.43 122.16
N GLY N 691 -42.71 95.08 121.38
CA GLY N 691 -42.90 95.73 120.09
C GLY N 691 -43.33 97.17 120.24
N ILE N 692 -44.10 97.48 121.28
CA ILE N 692 -44.55 98.84 121.46
C ILE N 692 -43.42 99.71 121.99
N ILE N 693 -42.37 99.09 122.53
CA ILE N 693 -41.15 99.84 122.81
C ILE N 693 -40.37 100.05 121.52
N ARG N 694 -40.50 99.13 120.57
CA ARG N 694 -39.69 99.19 119.36
C ARG N 694 -40.12 100.33 118.47
N LEU N 695 -41.42 100.47 118.24
CA LEU N 695 -41.91 101.52 117.35
C LEU N 695 -41.84 102.89 117.98
N SER N 696 -41.78 102.97 119.31
CA SER N 696 -41.69 104.26 119.97
C SER N 696 -40.35 104.92 119.71
N GLN N 697 -39.27 104.19 119.94
CA GLN N 697 -37.95 104.73 119.61
C GLN N 697 -37.75 104.88 118.12
N ALA N 698 -38.50 104.12 117.31
CA ALA N 698 -38.53 104.38 115.88
C ALA N 698 -39.16 105.73 115.58
N LEU N 699 -40.31 106.02 116.19
CA LEU N 699 -40.88 107.35 115.98
C LEU N 699 -40.12 108.41 116.76
N ALA N 700 -39.39 108.02 117.81
CA ALA N 700 -38.44 108.94 118.41
C ALA N 700 -37.20 109.12 117.56
N LYS N 701 -36.93 108.21 116.62
CA LYS N 701 -35.79 108.39 115.74
C LYS N 701 -36.11 109.36 114.60
N LEU N 702 -37.28 109.22 113.99
CA LEU N 702 -37.63 110.10 112.87
C LEU N 702 -37.94 111.51 113.35
N ARG N 703 -38.53 111.64 114.52
CA ARG N 703 -38.93 112.96 115.00
C ARG N 703 -38.06 113.26 116.21
N LEU N 704 -36.75 113.09 116.04
CA LEU N 704 -35.83 113.31 117.15
C LEU N 704 -35.72 114.80 117.44
N ALA N 705 -36.31 115.20 118.57
CA ALA N 705 -35.94 116.46 119.20
C ALA N 705 -35.37 116.21 120.59
N ASP N 706 -34.84 115.00 120.83
CA ASP N 706 -34.37 114.52 122.13
C ASP N 706 -35.44 114.65 123.20
N MET N 707 -36.63 114.12 122.92
CA MET N 707 -37.76 114.27 123.83
C MET N 707 -38.41 112.93 124.17
N VAL N 708 -37.61 111.91 124.46
CA VAL N 708 -38.13 110.59 124.82
C VAL N 708 -38.82 110.68 126.18
N ASP N 709 -40.15 110.78 126.13
CA ASP N 709 -40.95 111.11 127.31
C ASP N 709 -42.31 110.46 127.23
N ILE N 710 -43.25 110.94 128.05
CA ILE N 710 -44.59 110.38 128.07
C ILE N 710 -45.35 110.73 126.80
N ASP N 711 -45.12 111.92 126.24
CA ASP N 711 -45.87 112.35 125.07
C ASP N 711 -45.40 111.64 123.80
N ASP N 712 -44.13 111.27 123.74
CA ASP N 712 -43.61 110.52 122.61
C ASP N 712 -44.23 109.13 122.54
N VAL N 713 -44.34 108.45 123.69
CA VAL N 713 -44.96 107.14 123.71
C VAL N 713 -46.48 107.28 123.66
N GLU N 714 -46.99 108.47 123.92
CA GLU N 714 -48.42 108.69 123.73
C GLU N 714 -48.78 108.75 122.26
N GLU N 715 -47.81 109.08 121.41
CA GLU N 715 -48.00 108.91 119.98
C GLU N 715 -48.04 107.43 119.61
N ALA N 716 -47.38 106.59 120.41
CA ALA N 716 -47.24 105.19 120.06
C ALA N 716 -48.52 104.41 120.33
N LEU N 717 -49.07 104.55 121.54
CA LEU N 717 -50.31 103.84 121.86
C LEU N 717 -51.48 104.43 121.09
N ARG N 718 -51.32 105.65 120.59
CA ARG N 718 -52.26 106.23 119.66
C ARG N 718 -52.37 105.40 118.38
N LEU N 719 -51.30 104.71 117.98
CA LEU N 719 -51.38 103.91 116.77
C LEU N 719 -51.87 102.49 117.03
N VAL N 720 -51.60 101.92 118.21
CA VAL N 720 -52.01 100.54 118.44
C VAL N 720 -53.51 100.43 118.67
N ARG N 721 -54.16 101.50 119.10
CA ARG N 721 -55.59 101.45 119.32
C ARG N 721 -56.39 101.64 118.05
N VAL N 722 -55.83 102.34 117.05
CA VAL N 722 -56.53 102.52 115.79
C VAL N 722 -56.20 101.43 114.79
N SER N 723 -55.05 100.77 114.94
CA SER N 723 -54.80 99.56 114.15
C SER N 723 -55.69 98.43 114.63
N LYS N 724 -55.89 98.32 115.92
CA LYS N 724 -56.78 97.32 116.46
C LYS N 724 -58.21 97.80 116.27
N GLU N 725 -59.15 96.85 116.30
CA GLU N 725 -60.60 97.07 116.15
C GLU N 725 -60.93 97.74 114.82
N SER N 726 -60.19 97.40 113.78
CA SER N 726 -60.57 97.85 112.43
C SER N 726 -61.73 97.03 111.90
N LEU N 727 -62.05 95.93 112.56
CA LEU N 727 -63.15 95.04 112.22
C LEU N 727 -64.45 95.41 112.91
N TYR N 728 -64.43 96.36 113.83
CA TYR N 728 -65.62 96.63 114.64
C TYR N 728 -66.62 97.50 113.90
N GLN N 729 -66.26 97.95 112.70
CA GLN N 729 -67.23 98.58 111.83
C GLN N 729 -67.74 97.53 110.85
N MET O 1 -52.28 -116.47 -5.20
CA MET O 1 -53.11 -117.66 -5.03
C MET O 1 -54.05 -117.85 -6.21
N TYR O 2 -54.82 -116.81 -6.53
CA TYR O 2 -55.85 -116.92 -7.56
C TYR O 2 -55.69 -115.92 -8.69
N GLY O 3 -55.65 -114.63 -8.39
CA GLY O 3 -55.47 -113.62 -9.41
C GLY O 3 -54.03 -113.15 -9.46
N ASP O 4 -53.14 -114.05 -9.05
CA ASP O 4 -51.74 -113.73 -8.80
C ASP O 4 -51.02 -113.30 -10.08
N LEU O 5 -51.30 -113.98 -11.17
CA LEU O 5 -50.65 -113.63 -12.43
C LEU O 5 -51.13 -112.29 -12.94
N GLY O 6 -52.38 -111.94 -12.63
CA GLY O 6 -52.88 -110.62 -12.99
C GLY O 6 -52.21 -109.51 -12.22
N ASN O 7 -51.74 -109.81 -11.01
CA ASN O 7 -50.99 -108.81 -10.26
C ASN O 7 -49.67 -108.50 -10.93
N LYS O 8 -48.93 -109.51 -11.33
CA LYS O 8 -47.71 -109.25 -12.06
C LYS O 8 -48.01 -108.85 -13.50
N LEU O 9 -49.22 -109.11 -14.00
CA LEU O 9 -49.60 -108.57 -15.29
C LEU O 9 -49.76 -107.06 -15.21
N VAL O 10 -50.54 -106.58 -14.24
CA VAL O 10 -50.69 -105.14 -14.12
C VAL O 10 -49.43 -104.50 -13.59
N LEU O 11 -48.53 -105.28 -12.98
CA LEU O 11 -47.26 -104.72 -12.54
C LEU O 11 -46.39 -104.34 -13.72
N GLU O 12 -46.25 -105.23 -14.72
CA GLU O 12 -45.47 -104.85 -15.88
C GLU O 12 -46.21 -103.85 -16.75
N ALA O 13 -47.53 -103.73 -16.58
CA ALA O 13 -48.26 -102.65 -17.22
C ALA O 13 -47.82 -101.29 -16.70
N LYS O 14 -47.41 -101.23 -15.44
CA LYS O 14 -46.94 -99.97 -14.88
C LYS O 14 -45.64 -99.51 -15.53
N ARG O 15 -44.83 -100.46 -16.01
CA ARG O 15 -43.55 -100.10 -16.60
C ARG O 15 -43.72 -99.48 -17.97
N THR O 16 -44.77 -99.87 -18.69
CA THR O 16 -45.01 -99.34 -20.01
C THR O 16 -45.41 -97.89 -19.96
N LYS O 17 -46.06 -97.48 -18.88
CA LYS O 17 -46.43 -96.07 -18.77
C LYS O 17 -45.21 -95.22 -18.45
N GLN O 18 -44.39 -95.67 -17.50
CA GLN O 18 -43.28 -94.84 -17.05
C GLN O 18 -42.16 -94.78 -18.07
N LEU O 19 -42.05 -95.80 -18.93
CA LEU O 19 -41.10 -95.71 -20.03
C LEU O 19 -41.48 -94.60 -20.99
N TYR O 20 -42.73 -94.58 -21.44
CA TYR O 20 -43.13 -93.58 -22.41
C TYR O 20 -43.23 -92.20 -21.77
N ALA O 21 -44.01 -92.09 -20.70
CA ALA O 21 -44.46 -90.79 -20.23
C ALA O 21 -43.35 -89.96 -19.59
N ARG O 22 -42.24 -90.58 -19.21
CA ARG O 22 -41.13 -89.84 -18.63
C ARG O 22 -40.10 -89.38 -19.64
N SER O 23 -39.79 -90.19 -20.65
CA SER O 23 -38.69 -89.88 -21.55
C SER O 23 -39.07 -88.87 -22.60
N ASN O 24 -39.96 -89.27 -23.51
CA ASN O 24 -40.30 -88.46 -24.68
C ASN O 24 -41.58 -88.96 -25.32
N GLN O 25 -41.88 -88.47 -26.53
CA GLN O 25 -43.06 -88.91 -27.26
C GLN O 25 -42.84 -90.24 -27.98
N ASP O 26 -41.60 -90.60 -28.30
CA ASP O 26 -41.32 -91.79 -29.10
C ASP O 26 -41.68 -93.04 -28.33
N VAL O 27 -42.73 -93.72 -28.76
CA VAL O 27 -43.34 -94.76 -27.97
C VAL O 27 -42.53 -96.06 -27.98
N ASN O 28 -42.39 -96.71 -29.15
CA ASN O 28 -41.91 -98.08 -29.31
C ASN O 28 -42.56 -99.00 -28.28
N LEU O 29 -43.86 -99.20 -28.44
CA LEU O 29 -44.64 -100.04 -27.52
C LEU O 29 -44.06 -101.44 -27.47
N PRO O 30 -43.90 -102.04 -26.27
CA PRO O 30 -43.09 -103.26 -26.15
C PRO O 30 -43.61 -104.49 -26.87
N MET O 31 -44.74 -105.05 -26.43
CA MET O 31 -45.24 -106.33 -26.90
C MET O 31 -46.61 -106.57 -26.30
N TYR O 32 -47.35 -107.49 -26.90
CA TYR O 32 -48.61 -107.95 -26.35
C TYR O 32 -48.38 -109.30 -25.70
N HIS O 33 -48.93 -109.50 -24.51
CA HIS O 33 -48.56 -110.67 -23.73
C HIS O 33 -49.59 -111.78 -23.90
N GLU O 34 -49.62 -112.33 -25.11
CA GLU O 34 -50.53 -113.44 -25.43
C GLU O 34 -50.22 -114.66 -24.61
N ASP O 35 -48.94 -114.97 -24.44
CA ASP O 35 -48.48 -116.02 -23.54
C ASP O 35 -48.94 -115.81 -22.12
N ILE O 36 -48.93 -114.57 -21.63
CA ILE O 36 -49.35 -114.35 -20.26
C ILE O 36 -50.86 -114.43 -20.15
N ILE O 37 -51.59 -113.83 -21.10
CA ILE O 37 -53.03 -113.86 -20.99
C ILE O 37 -53.60 -115.22 -21.35
N ARG O 38 -52.82 -116.08 -22.00
CA ARG O 38 -53.34 -117.43 -22.22
C ARG O 38 -53.35 -118.23 -20.94
N ASN O 39 -52.51 -117.87 -19.98
CA ASN O 39 -52.55 -118.55 -18.70
C ASN O 39 -53.82 -118.23 -17.94
N ILE O 40 -54.18 -116.94 -17.89
CA ILE O 40 -55.41 -116.58 -17.20
C ILE O 40 -56.62 -116.95 -18.03
N LEU O 41 -56.46 -117.10 -19.35
CA LEU O 41 -57.55 -117.67 -20.11
C LEU O 41 -57.69 -119.16 -19.84
N LYS O 42 -56.61 -119.81 -19.42
CA LYS O 42 -56.74 -121.19 -18.98
C LYS O 42 -57.40 -121.30 -17.62
N GLU O 43 -57.09 -120.38 -16.69
CA GLU O 43 -57.65 -120.50 -15.36
C GLU O 43 -59.13 -120.14 -15.34
N VAL O 44 -59.52 -119.18 -16.19
CA VAL O 44 -60.93 -118.83 -16.26
C VAL O 44 -61.73 -119.95 -16.91
N SER O 45 -61.09 -120.77 -17.74
CA SER O 45 -61.76 -121.92 -18.31
C SER O 45 -62.00 -122.99 -17.27
N ASN O 46 -60.98 -123.25 -16.45
CA ASN O 46 -61.13 -124.26 -15.41
C ASN O 46 -62.11 -123.80 -14.33
N LEU O 47 -62.11 -122.50 -14.03
CA LEU O 47 -63.00 -121.97 -13.02
C LEU O 47 -64.45 -122.00 -13.50
N ARG O 48 -64.67 -121.85 -14.80
CA ARG O 48 -66.05 -121.82 -15.28
C ARG O 48 -66.67 -123.21 -15.27
N LYS O 49 -65.88 -124.24 -15.57
CA LYS O 49 -66.49 -125.57 -15.50
C LYS O 49 -66.57 -126.06 -14.06
N ASN O 50 -65.91 -125.38 -13.14
CA ASN O 50 -66.04 -125.69 -11.73
C ASN O 50 -67.43 -125.35 -11.19
N THR O 51 -67.99 -124.22 -11.59
CA THR O 51 -69.24 -123.82 -10.99
C THR O 51 -70.44 -124.52 -11.60
N GLU O 52 -70.38 -124.97 -12.84
CA GLU O 52 -71.51 -125.64 -13.43
C GLU O 52 -71.72 -127.03 -12.86
N TYR O 53 -70.69 -127.61 -12.26
CA TYR O 53 -70.90 -128.79 -11.43
C TYR O 53 -71.74 -128.46 -10.22
N LEU O 54 -71.40 -127.38 -9.52
CA LEU O 54 -72.21 -126.98 -8.40
C LEU O 54 -73.50 -126.32 -8.85
N LYS O 55 -73.56 -125.82 -10.08
CA LYS O 55 -74.84 -125.47 -10.64
C LYS O 55 -75.67 -126.72 -10.94
N GLU O 56 -75.01 -127.86 -11.13
CA GLU O 56 -75.70 -129.12 -11.37
C GLU O 56 -76.14 -129.80 -10.08
N GLN O 57 -75.44 -129.56 -8.97
CA GLN O 57 -75.75 -130.24 -7.73
C GLN O 57 -76.63 -129.42 -6.80
N GLN O 58 -76.81 -128.13 -7.08
CA GLN O 58 -77.58 -127.24 -6.22
C GLN O 58 -79.06 -127.60 -6.15
N GLN O 59 -79.56 -128.38 -7.10
CA GLN O 59 -80.90 -128.91 -7.05
C GLN O 59 -80.96 -130.35 -6.55
N LEU O 60 -79.81 -131.03 -6.48
CA LEU O 60 -79.78 -132.45 -6.21
C LEU O 60 -79.00 -132.81 -4.96
N GLY O 61 -77.96 -132.06 -4.62
CA GLY O 61 -77.08 -132.44 -3.54
C GLY O 61 -77.33 -131.67 -2.26
N MET O 62 -76.55 -130.61 -2.06
CA MET O 62 -76.65 -129.75 -0.88
C MET O 62 -77.94 -128.94 -0.83
N LEU O 63 -78.69 -128.88 -1.94
CA LEU O 63 -80.03 -128.31 -2.02
C LEU O 63 -80.04 -126.83 -1.64
N ASP O 64 -79.41 -126.04 -2.53
CA ASP O 64 -79.18 -124.58 -2.42
C ASP O 64 -78.76 -124.16 -1.01
N ASP O 65 -77.76 -124.86 -0.50
CA ASP O 65 -77.26 -124.68 0.84
C ASP O 65 -76.58 -123.32 0.98
N LYS O 66 -76.67 -122.75 2.19
CA LYS O 66 -76.04 -121.46 2.50
C LYS O 66 -74.53 -121.50 2.31
N VAL O 67 -73.89 -122.63 2.63
CA VAL O 67 -72.49 -122.84 2.32
C VAL O 67 -72.25 -122.74 0.83
N ALA O 68 -73.12 -123.35 0.03
CA ALA O 68 -72.95 -123.34 -1.42
C ALA O 68 -73.16 -121.96 -2.00
N LYS O 69 -74.00 -121.14 -1.36
CA LYS O 69 -74.22 -119.77 -1.81
C LYS O 69 -72.94 -118.94 -1.70
N CYS O 70 -72.23 -119.09 -0.57
CA CYS O 70 -70.92 -118.48 -0.45
C CYS O 70 -69.92 -119.12 -1.40
N GLN O 71 -70.07 -120.42 -1.65
CA GLN O 71 -69.20 -121.07 -2.62
C GLN O 71 -69.46 -120.57 -4.02
N TYR O 72 -70.66 -120.05 -4.28
CA TYR O 72 -70.86 -119.35 -5.54
C TYR O 72 -70.21 -117.99 -5.54
N PHE O 73 -70.11 -117.33 -4.40
CA PHE O 73 -69.59 -115.97 -4.38
C PHE O 73 -68.10 -115.92 -4.66
N VAL O 74 -67.33 -116.82 -4.07
CA VAL O 74 -65.90 -116.88 -4.33
C VAL O 74 -65.64 -117.18 -5.80
N THR O 75 -66.43 -118.06 -6.40
CA THR O 75 -66.31 -118.28 -7.82
C THR O 75 -66.89 -117.13 -8.62
N LEU O 76 -67.87 -116.42 -8.06
CA LEU O 76 -68.34 -115.23 -8.76
C LEU O 76 -67.30 -114.12 -8.65
N LEU O 77 -66.76 -113.90 -7.47
CA LEU O 77 -65.92 -112.73 -7.24
C LEU O 77 -64.59 -112.87 -7.94
N CYS O 78 -64.02 -114.08 -7.95
CA CYS O 78 -62.72 -114.28 -8.56
C CYS O 78 -62.78 -114.17 -10.06
N MET O 79 -63.97 -114.34 -10.65
CA MET O 79 -64.14 -114.03 -12.05
C MET O 79 -63.91 -112.56 -12.31
N GLU O 80 -64.73 -111.72 -11.68
CA GLU O 80 -64.71 -110.30 -12.02
C GLU O 80 -63.45 -109.61 -11.53
N ARG O 81 -62.84 -110.14 -10.46
CA ARG O 81 -61.56 -109.62 -10.01
C ARG O 81 -60.50 -109.85 -11.07
N ASN O 82 -60.55 -111.00 -11.71
CA ASN O 82 -59.73 -111.17 -12.89
C ASN O 82 -60.20 -110.29 -14.02
N LYS O 83 -61.51 -110.06 -14.14
CA LYS O 83 -62.02 -109.29 -15.27
C LYS O 83 -61.60 -107.83 -15.19
N ARG O 84 -61.37 -107.34 -13.98
CA ARG O 84 -60.97 -105.95 -13.81
C ARG O 84 -59.61 -105.69 -14.42
N CYS O 85 -58.65 -106.60 -14.25
CA CYS O 85 -57.32 -106.32 -14.73
C CYS O 85 -57.21 -106.46 -16.23
N LEU O 86 -57.74 -107.55 -16.78
CA LEU O 86 -57.47 -107.93 -18.16
C LEU O 86 -57.99 -106.93 -19.18
N LEU O 87 -58.97 -106.11 -18.82
CA LEU O 87 -59.31 -105.03 -19.72
C LEU O 87 -58.51 -103.78 -19.42
N ALA O 88 -58.06 -103.62 -18.17
CA ALA O 88 -57.32 -102.42 -17.81
C ALA O 88 -55.99 -102.38 -18.51
N TYR O 89 -55.31 -103.52 -18.57
CA TYR O 89 -54.15 -103.65 -19.42
C TYR O 89 -54.52 -103.51 -20.88
N GLN O 90 -55.73 -103.92 -21.26
CA GLN O 90 -56.15 -103.77 -22.63
C GLN O 90 -56.41 -102.31 -22.98
N ARG O 91 -56.92 -101.54 -22.02
CA ARG O 91 -57.18 -100.14 -22.34
C ARG O 91 -55.90 -99.34 -22.41
N LEU O 92 -55.00 -99.54 -21.44
CA LEU O 92 -53.78 -98.76 -21.43
C LEU O 92 -52.87 -99.11 -22.58
N ARG O 93 -53.04 -100.31 -23.13
CA ARG O 93 -52.45 -100.61 -24.43
C ARG O 93 -53.02 -99.69 -25.50
N THR O 94 -54.33 -99.69 -25.69
CA THR O 94 -54.88 -98.96 -26.82
C THR O 94 -55.01 -97.49 -26.55
N ASP O 95 -54.84 -97.03 -25.32
CA ASP O 95 -54.89 -95.60 -25.11
C ASP O 95 -53.52 -94.95 -25.24
N ILE O 96 -52.59 -95.57 -25.96
CA ILE O 96 -51.34 -94.89 -26.27
C ILE O 96 -51.01 -94.92 -27.76
N LEU O 97 -51.60 -95.83 -28.51
CA LEU O 97 -51.42 -95.78 -29.96
C LEU O 97 -52.28 -94.71 -30.60
N ASP O 98 -53.33 -94.28 -29.92
CA ASP O 98 -54.13 -93.16 -30.39
C ASP O 98 -53.30 -91.90 -30.44
N SER O 99 -52.43 -91.74 -29.45
CA SER O 99 -51.47 -90.65 -29.47
C SER O 99 -50.51 -90.80 -30.64
N MET O 100 -50.12 -92.04 -30.97
CA MET O 100 -49.43 -92.26 -32.22
C MET O 100 -50.36 -92.00 -33.40
N ALA O 101 -51.64 -92.30 -33.26
CA ALA O 101 -52.58 -92.05 -34.34
C ALA O 101 -52.93 -90.58 -34.47
N TRP O 102 -52.79 -89.79 -33.42
CA TRP O 102 -53.17 -88.40 -33.54
C TRP O 102 -52.06 -87.57 -34.17
N ASN O 103 -50.83 -87.73 -33.69
CA ASN O 103 -49.77 -86.81 -34.09
C ASN O 103 -49.32 -87.00 -35.52
N ASN O 104 -49.48 -88.19 -36.07
CA ASN O 104 -49.15 -88.39 -37.46
C ASN O 104 -50.38 -88.92 -38.17
N ASN O 105 -51.51 -88.21 -38.00
CA ASN O 105 -52.80 -88.59 -38.54
C ASN O 105 -52.94 -88.34 -40.04
N GLY O 106 -51.84 -88.13 -40.74
CA GLY O 106 -51.86 -87.79 -42.15
C GLY O 106 -51.32 -86.41 -42.39
N LEU O 107 -50.04 -86.36 -42.70
CA LEU O 107 -49.39 -85.12 -43.08
C LEU O 107 -48.51 -85.27 -44.31
N ASP O 108 -47.95 -86.47 -44.51
CA ASP O 108 -47.09 -86.75 -45.66
C ASP O 108 -47.04 -88.27 -45.80
N LEU O 109 -47.81 -88.80 -46.76
CA LEU O 109 -47.92 -90.22 -47.08
C LEU O 109 -48.42 -90.99 -45.84
N MET O 110 -49.69 -90.78 -45.50
CA MET O 110 -50.29 -91.28 -44.27
C MET O 110 -50.28 -92.80 -44.17
N SER O 111 -50.71 -93.50 -45.22
CA SER O 111 -50.91 -94.94 -45.12
C SER O 111 -49.60 -95.71 -45.01
N SER O 112 -48.46 -95.05 -45.18
CA SER O 112 -47.16 -95.58 -44.78
C SER O 112 -47.06 -95.48 -43.27
N ILE O 113 -47.75 -96.40 -42.59
CA ILE O 113 -47.59 -96.58 -41.15
C ILE O 113 -46.70 -97.80 -40.99
N THR O 114 -46.00 -98.16 -42.06
CA THR O 114 -44.94 -99.14 -42.17
C THR O 114 -43.63 -98.49 -41.73
N PHE O 115 -42.50 -99.16 -42.01
CA PHE O 115 -41.17 -98.95 -41.43
C PHE O 115 -41.24 -98.62 -39.95
N SER O 116 -42.07 -99.37 -39.22
CA SER O 116 -42.46 -98.99 -37.87
C SER O 116 -42.73 -100.27 -37.09
N GLN O 117 -41.71 -100.71 -36.34
CA GLN O 117 -41.80 -101.72 -35.30
C GLN O 117 -42.34 -103.05 -35.81
N GLN O 118 -41.61 -103.66 -36.76
CA GLN O 118 -42.08 -104.82 -37.51
C GLN O 118 -42.38 -106.02 -36.61
N ASP O 119 -41.64 -106.16 -35.51
CA ASP O 119 -41.92 -107.24 -34.57
C ASP O 119 -43.25 -107.03 -33.85
N THR O 120 -43.70 -105.79 -33.74
CA THR O 120 -45.01 -105.50 -33.21
C THR O 120 -45.94 -104.93 -34.27
N ASN O 121 -45.48 -104.82 -35.52
CA ASN O 121 -46.36 -104.33 -36.58
C ASN O 121 -47.23 -105.46 -37.11
N ASN O 122 -46.88 -106.71 -36.77
CA ASN O 122 -47.80 -107.82 -36.95
C ASN O 122 -48.69 -108.01 -35.73
N LEU O 123 -48.19 -107.64 -34.54
CA LEU O 123 -48.98 -107.61 -33.32
C LEU O 123 -50.18 -106.70 -33.43
N SER O 124 -49.92 -105.43 -33.73
CA SER O 124 -50.96 -104.45 -33.92
C SER O 124 -51.54 -104.48 -35.33
N HIS O 125 -51.23 -105.50 -36.13
CA HIS O 125 -51.91 -105.67 -37.40
C HIS O 125 -53.34 -106.15 -37.19
N GLN O 126 -53.56 -106.96 -36.16
CA GLN O 126 -54.91 -107.23 -35.68
C GLN O 126 -55.53 -105.97 -35.11
N GLU O 127 -54.70 -105.03 -34.69
CA GLU O 127 -55.22 -103.80 -34.16
C GLU O 127 -55.16 -102.70 -35.20
N GLN O 128 -54.56 -103.00 -36.36
CA GLN O 128 -54.49 -102.04 -37.46
C GLN O 128 -55.87 -101.72 -37.98
N GLU O 129 -56.71 -102.74 -38.14
CA GLU O 129 -58.07 -102.48 -38.52
C GLU O 129 -58.81 -101.70 -37.45
N TYR O 130 -58.48 -101.90 -36.19
CA TYR O 130 -58.88 -100.93 -35.19
C TYR O 130 -58.21 -99.60 -35.42
N LEU O 131 -56.90 -99.60 -35.65
CA LEU O 131 -56.13 -98.37 -35.89
C LEU O 131 -56.62 -97.62 -37.12
N LYS O 132 -56.85 -98.31 -38.23
CA LYS O 132 -57.30 -97.59 -39.41
C LYS O 132 -58.74 -97.15 -39.27
N GLU O 133 -59.50 -97.79 -38.38
CA GLU O 133 -60.84 -97.28 -38.13
C GLU O 133 -60.80 -96.03 -37.26
N TYR O 134 -59.67 -95.76 -36.60
CA TYR O 134 -59.47 -94.39 -36.17
C TYR O 134 -59.14 -93.52 -37.38
N CYS O 135 -58.27 -94.03 -38.25
CA CYS O 135 -57.75 -93.24 -39.36
C CYS O 135 -58.83 -92.91 -40.37
N ASP O 136 -59.71 -93.86 -40.64
CA ASP O 136 -60.85 -93.54 -41.49
C ASP O 136 -61.76 -92.56 -40.80
N LEU O 137 -61.97 -92.72 -39.49
CA LEU O 137 -62.83 -91.82 -38.76
C LEU O 137 -62.19 -90.45 -38.62
N ILE O 138 -60.87 -90.40 -38.52
CA ILE O 138 -60.24 -89.11 -38.36
C ILE O 138 -60.22 -88.34 -39.67
N THR O 139 -60.41 -89.02 -40.81
CA THR O 139 -60.47 -88.32 -42.07
C THR O 139 -61.77 -87.54 -42.20
N ASP O 140 -62.90 -88.19 -41.89
CA ASP O 140 -64.17 -87.49 -42.01
C ASP O 140 -64.34 -86.44 -40.94
N LEU O 141 -63.62 -86.54 -39.82
CA LEU O 141 -63.61 -85.40 -38.91
C LEU O 141 -62.79 -84.26 -39.47
N LYS O 142 -61.85 -84.54 -40.35
CA LYS O 142 -61.17 -83.44 -41.01
C LYS O 142 -62.05 -82.82 -42.09
N SER O 143 -62.86 -83.63 -42.77
CA SER O 143 -63.68 -83.10 -43.85
C SER O 143 -65.04 -82.63 -43.36
N GLY O 144 -65.57 -83.25 -42.30
CA GLY O 144 -66.87 -82.89 -41.78
C GLY O 144 -66.94 -81.54 -41.10
N ASP O 145 -65.79 -80.95 -40.77
CA ASP O 145 -65.76 -79.56 -40.43
C ASP O 145 -66.17 -78.72 -41.62
N LEU O 146 -67.07 -77.79 -41.37
CA LEU O 146 -67.71 -77.05 -42.45
C LEU O 146 -66.74 -76.05 -43.05
N VAL O 147 -65.72 -75.66 -42.28
CA VAL O 147 -64.61 -74.92 -42.85
C VAL O 147 -63.32 -75.70 -42.66
N ASP O 148 -62.28 -75.28 -43.34
CA ASP O 148 -60.98 -75.94 -43.29
C ASP O 148 -60.25 -75.45 -42.04
N ILE O 149 -60.24 -76.29 -41.01
CA ILE O 149 -59.41 -76.06 -39.84
C ILE O 149 -58.45 -77.23 -39.77
N ASP O 150 -57.21 -76.96 -39.45
CA ASP O 150 -56.23 -78.03 -39.30
C ASP O 150 -56.57 -78.78 -38.03
N LEU O 151 -56.58 -80.09 -38.11
CA LEU O 151 -56.65 -80.91 -36.92
C LEU O 151 -55.41 -81.78 -36.79
N SER O 152 -54.51 -81.69 -37.76
CA SER O 152 -53.28 -82.46 -37.77
C SER O 152 -52.18 -81.55 -37.21
N GLY O 153 -51.96 -81.65 -35.90
CA GLY O 153 -50.83 -80.96 -35.34
C GLY O 153 -51.06 -79.47 -35.14
N SER O 154 -49.94 -78.74 -35.02
CA SER O 154 -49.90 -77.33 -34.65
C SER O 154 -50.61 -77.09 -33.32
N LEU O 155 -50.03 -77.63 -32.25
CA LEU O 155 -50.61 -77.46 -30.93
C LEU O 155 -49.92 -76.36 -30.14
N VAL O 156 -48.64 -76.15 -30.36
CA VAL O 156 -47.92 -75.04 -29.73
C VAL O 156 -48.37 -73.72 -30.38
N PRO O 157 -48.64 -72.67 -29.61
CA PRO O 157 -49.08 -71.41 -30.19
C PRO O 157 -47.99 -70.75 -31.01
N PRO O 158 -48.36 -69.94 -32.01
CA PRO O 158 -47.35 -69.21 -32.77
C PRO O 158 -46.96 -67.94 -32.05
N SER O 159 -45.72 -67.50 -32.29
CA SER O 159 -45.22 -66.30 -31.65
C SER O 159 -44.91 -65.27 -32.71
N ASP O 160 -43.98 -65.54 -33.63
CA ASP O 160 -43.51 -64.55 -34.58
C ASP O 160 -43.91 -64.94 -35.99
N VAL O 161 -43.30 -64.28 -36.97
CA VAL O 161 -43.68 -64.51 -38.36
C VAL O 161 -42.43 -64.78 -39.19
N PHE O 162 -41.26 -64.77 -38.57
CA PHE O 162 -40.03 -65.05 -39.31
C PHE O 162 -39.08 -65.89 -38.48
N ILE O 163 -38.76 -67.08 -38.98
CA ILE O 163 -38.09 -68.12 -38.23
C ILE O 163 -36.98 -68.70 -39.08
N ASP O 164 -35.77 -68.73 -38.54
CA ASP O 164 -34.64 -69.33 -39.23
C ASP O 164 -34.68 -70.85 -39.02
N VAL O 165 -34.70 -71.60 -40.12
CA VAL O 165 -34.77 -73.06 -40.04
C VAL O 165 -33.68 -73.65 -40.93
N ARG O 166 -32.98 -74.65 -40.40
CA ARG O 166 -31.97 -75.38 -41.15
C ARG O 166 -32.54 -76.74 -41.54
N VAL O 167 -31.84 -77.44 -42.43
CA VAL O 167 -32.26 -78.77 -42.87
C VAL O 167 -31.07 -79.71 -42.82
N LEU O 168 -31.38 -81.00 -42.60
CA LEU O 168 -30.45 -82.09 -42.83
C LEU O 168 -31.27 -83.36 -43.03
N LYS O 169 -30.55 -84.48 -43.21
CA LYS O 169 -31.01 -85.86 -43.39
C LYS O 169 -32.16 -86.04 -44.37
N ASP O 170 -32.27 -85.17 -45.37
CA ASP O 170 -33.41 -85.22 -46.27
C ASP O 170 -32.99 -84.80 -47.66
N ALA O 171 -33.73 -85.26 -48.66
CA ALA O 171 -33.45 -84.92 -50.04
C ALA O 171 -34.74 -84.97 -50.83
N GLY O 172 -34.62 -84.73 -52.14
CA GLY O 172 -35.70 -84.82 -53.09
C GLY O 172 -36.39 -83.50 -53.24
N GLU O 173 -37.48 -83.50 -54.00
CA GLU O 173 -38.32 -82.31 -54.16
C GLU O 173 -39.68 -82.63 -53.58
N ILE O 174 -40.10 -81.80 -52.63
CA ILE O 174 -41.34 -81.99 -51.88
C ILE O 174 -42.05 -80.66 -52.07
N GLN O 175 -43.14 -80.44 -51.32
CA GLN O 175 -43.86 -79.16 -51.17
C GLN O 175 -44.35 -78.60 -52.52
N THR O 176 -45.24 -79.37 -53.14
CA THR O 176 -45.83 -78.91 -54.39
C THR O 176 -46.82 -77.76 -54.18
N GLU O 177 -47.36 -77.60 -52.97
CA GLU O 177 -48.32 -76.55 -52.70
C GLU O 177 -47.64 -75.40 -51.94
N TYR O 178 -48.35 -74.27 -51.87
CA TYR O 178 -47.92 -73.05 -51.18
C TYR O 178 -46.58 -72.53 -51.73
N GLY O 179 -46.34 -72.76 -53.01
CA GLY O 179 -45.06 -72.44 -53.60
C GLY O 179 -44.03 -73.49 -53.27
N VAL O 180 -43.30 -73.95 -54.28
CA VAL O 180 -42.27 -74.96 -54.06
C VAL O 180 -41.05 -74.27 -53.47
N PHE O 181 -40.55 -74.83 -52.38
CA PHE O 181 -39.43 -74.27 -51.65
C PHE O 181 -38.09 -74.80 -52.13
N ASN O 182 -38.10 -75.80 -53.02
CA ASN O 182 -36.92 -76.34 -53.70
C ASN O 182 -35.88 -76.83 -52.71
N LEU O 183 -36.20 -77.87 -51.96
CA LEU O 183 -35.32 -78.30 -50.88
C LEU O 183 -34.09 -79.01 -51.46
N ILE O 184 -32.94 -78.38 -51.34
CA ILE O 184 -31.67 -79.04 -51.62
C ILE O 184 -31.14 -79.47 -50.25
N LYS O 185 -30.17 -80.38 -50.25
CA LYS O 185 -29.56 -80.85 -49.03
C LYS O 185 -28.82 -79.71 -48.32
N ASP O 186 -28.85 -79.78 -46.98
CA ASP O 186 -28.09 -78.98 -45.99
C ASP O 186 -27.96 -77.50 -46.33
N SER O 187 -29.12 -76.85 -46.38
CA SER O 187 -29.22 -75.46 -46.79
C SER O 187 -30.36 -74.81 -46.03
N GLN O 188 -30.07 -73.75 -45.28
CA GLN O 188 -31.08 -73.20 -44.41
C GLN O 188 -32.06 -72.33 -45.18
N PHE O 189 -33.13 -71.95 -44.50
CA PHE O 189 -34.15 -71.10 -45.06
C PHE O 189 -34.26 -69.87 -44.19
N PHE O 190 -35.14 -68.96 -44.59
CA PHE O 190 -35.59 -67.90 -43.72
C PHE O 190 -36.98 -67.48 -44.20
N VAL O 191 -38.01 -68.10 -43.63
CA VAL O 191 -39.33 -68.07 -44.24
C VAL O 191 -40.38 -67.55 -43.28
N ARG O 192 -41.63 -67.51 -43.73
CA ARG O 192 -42.72 -67.19 -42.83
C ARG O 192 -43.12 -68.39 -41.97
N GLN O 193 -44.18 -68.23 -41.19
CA GLN O 193 -44.46 -69.13 -40.09
C GLN O 193 -45.24 -70.37 -40.50
N SER O 194 -46.36 -70.18 -41.18
CA SER O 194 -47.36 -71.24 -41.29
C SER O 194 -46.94 -72.39 -42.20
N ASP O 195 -45.91 -72.19 -43.03
CA ASP O 195 -45.56 -73.22 -43.99
C ASP O 195 -44.88 -74.41 -43.35
N VAL O 196 -43.96 -74.16 -42.43
CA VAL O 196 -43.10 -75.22 -41.92
C VAL O 196 -43.78 -76.10 -40.88
N GLU O 197 -45.02 -75.78 -40.51
CA GLU O 197 -45.70 -76.56 -39.50
C GLU O 197 -46.00 -77.97 -39.99
N ARG O 198 -46.27 -78.11 -41.28
CA ARG O 198 -46.51 -79.41 -41.86
C ARG O 198 -45.22 -80.14 -42.21
N LEU O 199 -44.08 -79.54 -41.94
CA LEU O 199 -42.83 -80.22 -42.24
C LEU O 199 -42.02 -80.52 -41.00
N ILE O 200 -42.16 -79.71 -39.96
CA ILE O 200 -41.47 -79.97 -38.71
C ILE O 200 -42.05 -81.21 -38.04
N GLN O 201 -43.37 -81.27 -37.96
CA GLN O 201 -44.06 -82.49 -37.54
C GLN O 201 -43.80 -83.65 -38.50
N GLN O 202 -43.58 -83.36 -39.78
CA GLN O 202 -43.15 -84.40 -40.69
C GLN O 202 -41.75 -84.88 -40.33
N GLY O 203 -40.90 -83.98 -39.83
CA GLY O 203 -39.61 -84.39 -39.33
C GLY O 203 -38.52 -84.26 -40.36
N TYR O 204 -38.71 -83.37 -41.33
CA TYR O 204 -37.73 -83.14 -42.39
C TYR O 204 -36.81 -81.97 -42.08
N LEU O 205 -37.40 -80.84 -41.71
CA LEU O 205 -36.61 -79.75 -41.18
C LEU O 205 -36.21 -80.10 -39.76
N GLN O 206 -35.13 -79.48 -39.28
CA GLN O 206 -34.63 -79.94 -37.99
C GLN O 206 -34.71 -78.91 -36.89
N LYS O 207 -34.13 -77.74 -37.09
CA LYS O 207 -33.99 -76.83 -35.96
C LYS O 207 -34.74 -75.55 -36.20
N ILE O 208 -35.38 -75.07 -35.15
CA ILE O 208 -36.03 -73.77 -35.18
C ILE O 208 -34.99 -72.70 -34.92
N LEU P 3 -56.32 -84.33 -28.80
CA LEU P 3 -55.92 -85.29 -27.79
C LEU P 3 -54.49 -85.07 -27.32
N PRO P 4 -54.28 -84.07 -26.48
CA PRO P 4 -52.92 -83.71 -26.07
C PRO P 4 -52.29 -84.76 -25.19
N ALA P 5 -53.00 -85.12 -24.11
CA ALA P 5 -52.64 -86.18 -23.15
C ALA P 5 -51.32 -85.91 -22.44
N HIS P 6 -50.83 -84.69 -22.52
CA HIS P 6 -49.51 -84.36 -22.01
C HIS P 6 -49.62 -83.30 -20.94
N LEU P 7 -50.20 -82.17 -21.31
CA LEU P 7 -50.40 -81.04 -20.41
C LEU P 7 -51.85 -80.64 -20.58
N GLN P 8 -52.72 -81.23 -19.75
CA GLN P 8 -54.15 -81.05 -19.85
C GLN P 8 -54.75 -80.32 -18.66
N GLN P 9 -54.28 -80.60 -17.46
CA GLN P 9 -54.89 -80.04 -16.27
C GLN P 9 -54.48 -78.61 -16.01
N THR P 10 -53.56 -78.07 -16.78
CA THR P 10 -53.11 -76.70 -16.62
C THR P 10 -52.68 -76.14 -17.96
N PHE P 11 -52.19 -74.91 -17.93
CA PHE P 11 -51.64 -74.32 -19.14
C PHE P 11 -50.13 -74.55 -19.20
N SER P 12 -49.67 -74.72 -20.32
CA SER P 12 -48.27 -74.66 -20.59
C SER P 12 -47.80 -73.22 -20.52
N PRO P 13 -46.52 -72.96 -20.25
CA PRO P 13 -46.05 -71.57 -20.16
C PRO P 13 -45.93 -70.84 -21.48
N GLU P 14 -46.40 -71.39 -22.59
CA GLU P 14 -46.28 -70.66 -23.84
C GLU P 14 -47.58 -70.01 -24.27
N GLU P 15 -48.66 -70.30 -23.59
CA GLU P 15 -49.91 -69.65 -23.92
C GLU P 15 -50.37 -68.72 -22.82
N ILE P 16 -49.71 -68.75 -21.67
CA ILE P 16 -50.06 -67.77 -20.66
C ILE P 16 -49.60 -66.40 -21.10
N GLN P 17 -48.55 -66.34 -21.91
CA GLN P 17 -48.23 -65.10 -22.60
C GLN P 17 -49.22 -64.81 -23.71
N PHE P 18 -49.94 -65.81 -24.19
CA PHE P 18 -50.83 -65.56 -25.30
C PHE P 18 -52.09 -64.84 -24.84
N ILE P 19 -52.48 -64.97 -23.58
CA ILE P 19 -53.68 -64.22 -23.22
C ILE P 19 -53.32 -62.81 -22.81
N VAL P 20 -52.06 -62.52 -22.54
CA VAL P 20 -51.70 -61.18 -22.08
C VAL P 20 -51.23 -60.32 -23.23
N GLU P 21 -50.78 -60.93 -24.33
CA GLU P 21 -50.37 -60.16 -25.49
C GLU P 21 -51.54 -59.47 -26.18
N ASN P 22 -52.76 -59.90 -25.92
CA ASN P 22 -53.93 -59.28 -26.51
C ASN P 22 -54.47 -58.14 -25.66
N GLU P 23 -53.63 -57.51 -24.86
CA GLU P 23 -54.03 -56.31 -24.17
C GLU P 23 -53.33 -55.09 -24.77
N PRO P 24 -53.96 -53.93 -24.77
CA PRO P 24 -53.35 -52.77 -25.44
C PRO P 24 -52.57 -51.87 -24.48
N ILE P 25 -51.56 -51.20 -25.05
CA ILE P 25 -50.78 -50.17 -24.37
C ILE P 25 -50.59 -48.99 -25.30
N LYS P 26 -49.74 -48.05 -24.91
CA LYS P 26 -49.53 -46.82 -25.66
C LYS P 26 -48.17 -46.82 -26.34
N ILE P 27 -48.09 -46.16 -27.49
CA ILE P 27 -46.87 -46.10 -28.29
C ILE P 27 -46.53 -44.66 -28.61
N PHE P 28 -45.39 -44.45 -29.25
CA PHE P 28 -45.14 -43.22 -30.00
C PHE P 28 -44.96 -43.57 -31.46
N PRO P 29 -45.96 -43.30 -32.29
CA PRO P 29 -45.88 -43.71 -33.68
C PRO P 29 -44.93 -42.83 -34.47
N ARG P 30 -44.58 -43.29 -35.67
CA ARG P 30 -43.75 -42.49 -36.56
C ARG P 30 -44.29 -42.38 -37.97
N ILE P 31 -44.98 -43.39 -38.49
CA ILE P 31 -45.29 -43.45 -39.90
C ILE P 31 -46.54 -42.67 -40.27
N THR P 32 -46.80 -42.55 -41.56
CA THR P 32 -48.12 -42.22 -42.06
C THR P 32 -49.14 -43.25 -41.62
N TRP P 50 -57.68 -49.47 -45.57
CA TRP P 50 -56.36 -49.54 -46.16
C TRP P 50 -55.39 -50.26 -45.28
N GLN P 51 -54.99 -49.56 -44.22
CA GLN P 51 -53.87 -49.96 -43.39
C GLN P 51 -54.17 -51.21 -42.57
N LEU P 52 -55.21 -51.18 -41.76
CA LEU P 52 -55.53 -52.27 -40.86
C LEU P 52 -57.02 -52.54 -40.92
N ILE P 53 -57.40 -53.74 -41.36
CA ILE P 53 -58.81 -54.12 -41.52
C ILE P 53 -58.99 -55.43 -40.74
N THR P 54 -58.34 -55.52 -39.59
CA THR P 54 -58.02 -56.81 -38.96
C THR P 54 -59.12 -57.30 -38.02
N THR P 55 -60.35 -56.81 -38.25
CA THR P 55 -61.60 -57.14 -37.53
C THR P 55 -61.61 -56.68 -36.07
N ASP P 56 -60.51 -56.12 -35.58
CA ASP P 56 -60.45 -55.45 -34.29
C ASP P 56 -59.46 -54.27 -34.36
N ASP P 57 -59.60 -53.51 -35.45
CA ASP P 57 -58.49 -52.78 -36.02
C ASP P 57 -58.26 -51.42 -35.34
N LYS P 58 -59.19 -50.49 -35.54
CA LYS P 58 -58.94 -49.05 -35.46
C LYS P 58 -57.64 -48.66 -36.20
N ALA P 59 -57.69 -48.80 -37.51
CA ALA P 59 -56.71 -48.17 -38.37
C ALA P 59 -56.92 -46.67 -38.36
N LEU P 60 -55.83 -45.95 -38.38
CA LEU P 60 -55.91 -44.51 -38.43
C LEU P 60 -55.48 -44.06 -39.82
N ASN P 61 -55.47 -42.75 -40.00
CA ASN P 61 -54.97 -42.12 -41.22
C ASN P 61 -53.45 -42.02 -41.16
N ASN P 62 -52.88 -41.08 -41.91
CA ASN P 62 -51.52 -40.66 -41.70
C ASN P 62 -51.33 -40.30 -40.23
N MET P 63 -50.63 -41.17 -39.50
CA MET P 63 -50.60 -41.06 -38.05
C MET P 63 -49.57 -40.03 -37.64
N VAL P 64 -49.84 -39.34 -36.54
CA VAL P 64 -49.03 -38.22 -36.10
C VAL P 64 -48.17 -38.66 -34.94
N ALA P 65 -46.90 -38.28 -34.98
CA ALA P 65 -45.99 -38.58 -33.89
C ALA P 65 -46.28 -37.68 -32.71
N MET P 66 -45.50 -37.89 -31.65
CA MET P 66 -45.57 -37.14 -30.38
C MET P 66 -46.97 -37.20 -29.78
N ARG P 67 -47.60 -38.37 -29.86
CA ARG P 67 -48.92 -38.53 -29.28
C ARG P 67 -49.12 -39.98 -28.88
N SER P 68 -49.95 -40.18 -27.86
CA SER P 68 -50.31 -41.50 -27.39
C SER P 68 -51.48 -42.07 -28.18
N THR P 69 -51.59 -43.39 -28.15
CA THR P 69 -52.72 -44.12 -28.75
C THR P 69 -52.75 -45.51 -28.13
N GLU P 70 -53.93 -45.94 -27.69
CA GLU P 70 -54.12 -47.29 -27.15
C GLU P 70 -54.03 -48.29 -28.29
N VAL P 71 -52.90 -48.96 -28.43
CA VAL P 71 -52.68 -49.94 -29.49
C VAL P 71 -52.41 -51.29 -28.85
N VAL P 72 -52.93 -52.36 -29.46
CA VAL P 72 -52.69 -53.71 -28.94
C VAL P 72 -51.21 -54.07 -29.10
N LEU P 73 -50.78 -55.03 -28.28
CA LEU P 73 -49.36 -55.21 -28.06
C LEU P 73 -48.69 -55.93 -29.22
N TRP P 74 -49.24 -57.06 -29.63
CA TRP P 74 -48.58 -58.00 -30.53
C TRP P 74 -48.32 -57.43 -31.90
N ILE P 75 -49.18 -56.55 -32.40
CA ILE P 75 -48.90 -55.85 -33.64
C ILE P 75 -47.81 -54.82 -33.47
N ALA P 76 -47.61 -54.29 -32.26
CA ALA P 76 -46.59 -53.28 -32.07
C ALA P 76 -45.21 -53.90 -31.95
N LEU P 77 -45.14 -55.12 -31.41
CA LEU P 77 -43.89 -55.86 -31.45
C LEU P 77 -43.51 -56.17 -32.89
N LEU P 78 -44.48 -56.56 -33.71
CA LEU P 78 -44.19 -56.74 -35.13
C LEU P 78 -43.85 -55.42 -35.79
N LEU P 79 -44.44 -54.34 -35.30
CA LEU P 79 -44.10 -53.03 -35.84
C LEU P 79 -42.73 -52.57 -35.39
N LYS P 80 -42.15 -53.21 -34.39
CA LYS P 80 -40.83 -52.82 -33.93
C LYS P 80 -39.72 -53.58 -34.64
N GLN P 81 -40.02 -54.74 -35.23
CA GLN P 81 -39.00 -55.50 -35.94
C GLN P 81 -38.63 -54.82 -37.25
N GLN P 82 -39.60 -54.28 -37.96
CA GLN P 82 -39.35 -53.44 -39.11
C GLN P 82 -38.86 -52.06 -38.71
N SER P 83 -38.93 -51.72 -37.43
CA SER P 83 -38.37 -50.53 -36.79
C SER P 83 -38.87 -49.24 -37.44
N LYS P 84 -40.18 -49.03 -37.29
CA LYS P 84 -40.73 -47.73 -37.64
C LYS P 84 -41.64 -47.16 -36.58
N CYS P 85 -41.49 -47.52 -35.32
CA CYS P 85 -42.19 -46.87 -34.23
C CYS P 85 -41.32 -46.95 -32.98
N SER P 86 -41.87 -46.49 -31.86
CA SER P 86 -41.18 -46.55 -30.58
C SER P 86 -42.21 -46.75 -29.48
N ILE P 87 -41.76 -47.31 -28.36
CA ILE P 87 -42.66 -47.65 -27.26
C ILE P 87 -42.39 -46.71 -26.10
N VAL P 88 -43.45 -46.40 -25.36
CA VAL P 88 -43.35 -45.73 -24.08
C VAL P 88 -43.59 -46.80 -23.02
N ALA P 89 -42.86 -46.72 -21.97
CA ALA P 89 -43.09 -47.67 -20.91
C ALA P 89 -44.36 -47.31 -20.14
N PRO P 90 -45.00 -48.29 -19.51
CA PRO P 90 -46.11 -47.95 -18.61
C PRO P 90 -45.63 -47.20 -17.39
N GLN P 91 -46.56 -46.52 -16.72
CA GLN P 91 -46.28 -45.47 -15.77
C GLN P 91 -45.65 -45.95 -14.48
N TRP P 92 -45.64 -47.26 -14.22
CA TRP P 92 -45.06 -47.76 -12.98
C TRP P 92 -43.70 -48.40 -13.21
N LEU P 93 -43.14 -48.25 -14.40
CA LEU P 93 -41.89 -48.90 -14.75
C LEU P 93 -40.67 -48.02 -14.51
N THR P 94 -40.74 -47.13 -13.55
CA THR P 94 -39.54 -46.44 -13.12
C THR P 94 -39.09 -46.98 -11.78
N THR P 95 -37.79 -46.84 -11.52
CA THR P 95 -37.23 -47.34 -10.27
C THR P 95 -37.69 -46.52 -9.07
N LYS P 96 -38.08 -45.26 -9.30
CA LYS P 96 -38.55 -44.44 -8.20
C LYS P 96 -39.98 -44.77 -7.82
N GLU P 97 -40.63 -45.65 -8.56
CA GLU P 97 -41.98 -46.06 -8.23
C GLU P 97 -42.04 -47.40 -7.51
N LEU P 98 -41.14 -48.33 -7.83
CA LEU P 98 -41.25 -49.68 -7.31
C LEU P 98 -40.85 -49.75 -5.84
N ASP P 99 -40.02 -48.82 -5.40
CA ASP P 99 -39.55 -48.75 -4.03
C ASP P 99 -40.68 -48.58 -3.04
N ARG P 100 -41.68 -47.77 -3.38
CA ARG P 100 -42.81 -47.58 -2.50
C ARG P 100 -43.67 -48.83 -2.41
N LYS P 101 -43.56 -49.75 -3.35
CA LYS P 101 -44.21 -51.04 -3.20
C LYS P 101 -43.50 -51.91 -2.18
N ILE P 102 -42.18 -51.82 -2.08
CA ILE P 102 -41.48 -52.72 -1.20
C ILE P 102 -41.61 -52.30 0.26
N GLN P 103 -42.07 -51.09 0.53
CA GLN P 103 -42.26 -50.70 1.92
C GLN P 103 -43.62 -51.10 2.45
N TYR P 104 -44.65 -51.14 1.61
CA TYR P 104 -45.98 -51.47 2.11
C TYR P 104 -46.10 -52.94 2.41
N GLU P 105 -45.20 -53.75 1.85
CA GLU P 105 -45.18 -55.17 2.13
C GLU P 105 -44.24 -55.53 3.29
N LYS P 106 -43.13 -54.82 3.43
CA LYS P 106 -42.18 -55.17 4.48
C LYS P 106 -42.72 -54.81 5.86
N THR P 107 -43.68 -53.88 5.90
CA THR P 107 -44.43 -53.60 7.12
C THR P 107 -45.68 -54.46 7.24
N HIS P 108 -46.01 -55.24 6.22
CA HIS P 108 -47.24 -56.03 6.21
C HIS P 108 -46.93 -57.47 5.82
N PRO P 109 -46.60 -58.32 6.79
CA PRO P 109 -46.32 -59.72 6.48
C PRO P 109 -47.56 -60.57 6.25
N ASP P 110 -48.74 -59.97 6.23
CA ASP P 110 -49.98 -60.71 6.10
C ASP P 110 -50.27 -61.13 4.66
N ARG P 111 -49.94 -60.29 3.70
CA ARG P 111 -50.38 -60.47 2.32
C ARG P 111 -49.54 -59.56 1.44
N PHE P 112 -49.81 -59.61 0.15
CA PHE P 112 -49.15 -58.67 -0.73
C PHE P 112 -50.06 -57.47 -1.01
N SER P 113 -49.45 -56.29 -1.09
CA SER P 113 -50.22 -55.05 -1.14
C SER P 113 -50.71 -54.67 -2.54
N GLU P 114 -49.82 -54.28 -3.45
CA GLU P 114 -50.28 -53.59 -4.65
C GLU P 114 -49.63 -54.17 -5.91
N LEU P 115 -50.47 -54.59 -6.82
CA LEU P 115 -50.03 -55.54 -7.83
C LEU P 115 -50.38 -55.08 -9.23
N PRO P 116 -49.42 -55.02 -10.15
CA PRO P 116 -49.75 -54.70 -11.55
C PRO P 116 -50.41 -55.83 -12.32
N TRP P 117 -50.51 -57.03 -11.74
CA TRP P 117 -51.31 -58.19 -12.12
C TRP P 117 -50.78 -58.96 -13.32
N ASN P 118 -49.86 -58.39 -14.09
CA ASN P 118 -49.27 -59.19 -15.16
C ASN P 118 -47.80 -58.87 -15.33
N TRP P 119 -47.17 -58.42 -14.25
CA TRP P 119 -45.89 -57.76 -14.29
C TRP P 119 -44.75 -58.64 -14.75
N LEU P 120 -44.74 -59.92 -14.37
CA LEU P 120 -43.59 -60.76 -14.65
C LEU P 120 -43.49 -61.10 -16.12
N VAL P 121 -44.60 -61.44 -16.75
CA VAL P 121 -44.53 -61.72 -18.16
C VAL P 121 -44.41 -60.45 -18.97
N LEU P 122 -44.74 -59.31 -18.38
CA LEU P 122 -44.64 -58.06 -19.11
C LEU P 122 -43.22 -57.59 -19.26
N ALA P 123 -42.36 -57.89 -18.30
CA ALA P 123 -40.98 -57.43 -18.39
C ALA P 123 -40.18 -58.24 -19.39
N ARG P 124 -40.45 -59.55 -19.45
CA ARG P 124 -39.63 -60.43 -20.30
C ARG P 124 -39.87 -60.15 -21.77
N ILE P 125 -41.07 -59.76 -22.15
CA ILE P 125 -41.27 -59.28 -23.51
C ILE P 125 -40.58 -57.95 -23.68
N LEU P 126 -40.53 -57.15 -22.63
CA LEU P 126 -40.01 -55.81 -22.73
C LEU P 126 -38.51 -55.73 -22.70
N PHE P 127 -37.80 -56.86 -22.70
CA PHE P 127 -36.35 -56.83 -22.65
C PHE P 127 -35.71 -57.36 -23.92
N ASN P 128 -36.39 -57.23 -25.04
CA ASN P 128 -35.87 -57.63 -26.35
C ASN P 128 -36.21 -56.49 -27.29
N LYS P 129 -35.20 -55.65 -27.56
CA LYS P 129 -35.28 -54.38 -28.31
C LYS P 129 -36.45 -53.51 -27.84
N ALA P 130 -36.72 -53.57 -26.55
CA ALA P 130 -37.70 -52.70 -25.92
C ALA P 130 -37.12 -52.17 -24.63
N LYS P 131 -35.82 -52.36 -24.47
CA LYS P 131 -35.00 -51.99 -23.32
C LYS P 131 -33.96 -50.97 -23.69
N ASP P 132 -33.39 -51.08 -24.89
CA ASP P 132 -32.42 -50.15 -25.46
C ASP P 132 -33.05 -48.83 -25.92
N ASP P 133 -34.30 -48.57 -25.56
CA ASP P 133 -35.02 -47.34 -25.85
C ASP P 133 -35.15 -46.44 -24.63
N PHE P 134 -35.27 -47.04 -23.45
CA PHE P 134 -35.60 -46.31 -22.24
C PHE P 134 -34.36 -45.69 -21.62
N HIS P 135 -34.57 -44.73 -20.72
CA HIS P 135 -33.48 -43.91 -20.17
C HIS P 135 -32.95 -44.55 -18.89
N ASP P 136 -31.73 -45.10 -19.01
CA ASP P 136 -30.93 -45.87 -18.06
C ASP P 136 -31.71 -46.91 -17.25
N PRO P 137 -32.17 -48.01 -17.84
CA PRO P 137 -32.74 -49.08 -17.03
C PRO P 137 -31.83 -50.28 -16.77
N ILE P 138 -30.69 -50.40 -17.45
CA ILE P 138 -29.83 -51.55 -17.22
C ILE P 138 -29.13 -51.38 -15.89
N HIS P 139 -28.74 -52.50 -15.30
CA HIS P 139 -28.12 -52.64 -13.97
C HIS P 139 -28.93 -51.97 -12.86
N GLU P 140 -30.21 -51.71 -13.13
CA GLU P 140 -31.09 -51.11 -12.16
C GLU P 140 -32.42 -51.83 -12.16
N LEU P 141 -32.92 -52.16 -13.35
CA LEU P 141 -34.27 -52.65 -13.43
C LEU P 141 -34.34 -54.12 -13.09
N ARG P 142 -33.43 -54.91 -13.66
CA ARG P 142 -33.33 -56.31 -13.28
C ARG P 142 -32.92 -56.46 -11.83
N GLY P 143 -32.21 -55.47 -11.30
CA GLY P 143 -32.05 -55.37 -9.87
C GLY P 143 -33.40 -55.19 -9.20
N LYS P 144 -34.21 -54.28 -9.73
CA LYS P 144 -35.44 -53.94 -9.03
C LYS P 144 -36.62 -54.82 -9.38
N ILE P 145 -36.39 -55.98 -9.98
CA ILE P 145 -37.51 -56.87 -10.28
C ILE P 145 -37.32 -58.22 -9.64
N GLN P 146 -36.13 -58.78 -9.80
CA GLN P 146 -35.89 -60.15 -9.37
C GLN P 146 -35.91 -60.27 -7.86
N ASP P 147 -35.61 -59.16 -7.16
CA ASP P 147 -35.88 -59.09 -5.74
C ASP P 147 -37.37 -59.22 -5.45
N LEU P 148 -38.20 -58.62 -6.28
CA LEU P 148 -39.61 -58.61 -5.96
C LEU P 148 -40.27 -59.92 -6.31
N ARG P 149 -39.64 -60.73 -7.14
CA ARG P 149 -40.20 -62.03 -7.42
C ARG P 149 -40.15 -62.93 -6.20
N GLU P 150 -39.01 -62.99 -5.52
CA GLU P 150 -38.87 -63.92 -4.43
C GLU P 150 -39.63 -63.45 -3.19
N ILE P 151 -39.70 -62.14 -2.99
CA ILE P 151 -40.43 -61.58 -1.85
C ILE P 151 -41.89 -61.96 -1.93
N ARG P 152 -42.42 -62.03 -3.14
CA ARG P 152 -43.69 -62.69 -3.35
C ARG P 152 -43.62 -64.17 -2.98
N GLN P 153 -42.58 -64.89 -3.42
CA GLN P 153 -42.65 -66.32 -3.17
C GLN P 153 -42.17 -66.68 -1.78
N ILE P 154 -41.51 -65.77 -1.08
CA ILE P 154 -41.29 -66.03 0.34
C ILE P 154 -42.62 -65.91 1.07
N LYS P 155 -43.45 -64.98 0.63
CA LYS P 155 -44.76 -64.83 1.22
C LYS P 155 -45.65 -66.02 0.94
N VAL P 156 -45.44 -66.67 -0.22
CA VAL P 156 -46.31 -67.78 -0.56
C VAL P 156 -45.95 -69.02 0.23
N LEU P 157 -44.74 -69.11 0.78
CA LEU P 157 -44.39 -70.31 1.53
C LEU P 157 -45.00 -70.33 2.91
N LYS P 158 -45.13 -69.17 3.53
CA LYS P 158 -45.84 -69.13 4.80
C LYS P 158 -47.33 -69.34 4.64
N GLY P 159 -47.89 -69.01 3.49
CA GLY P 159 -49.34 -69.09 3.32
C GLY P 159 -49.87 -70.50 3.25
N LEU P 160 -49.20 -71.35 2.48
CA LEU P 160 -49.67 -72.72 2.30
C LEU P 160 -49.49 -73.60 3.53
N LYS P 161 -48.59 -73.23 4.45
CA LYS P 161 -48.51 -73.96 5.71
C LYS P 161 -49.75 -73.76 6.54
N TYR P 162 -50.43 -72.64 6.32
CA TYR P 162 -51.63 -72.29 7.08
C TYR P 162 -52.88 -72.82 6.40
N LEU P 163 -52.77 -73.93 5.67
CA LEU P 163 -53.89 -74.41 4.86
C LEU P 163 -54.98 -75.02 5.71
N ASN P 164 -56.18 -74.44 5.62
CA ASN P 164 -57.37 -74.96 6.28
C ASN P 164 -58.05 -75.97 5.37
N GLU P 165 -59.31 -76.26 5.62
CA GLU P 165 -60.07 -77.10 4.72
C GLU P 165 -60.95 -76.21 3.86
N SER P 166 -60.76 -76.29 2.55
CA SER P 166 -61.71 -75.84 1.52
C SER P 166 -62.00 -74.35 1.59
N HIS P 167 -61.02 -73.55 2.01
CA HIS P 167 -61.21 -72.11 2.06
C HIS P 167 -59.85 -71.45 2.11
N LEU P 168 -59.53 -70.66 1.10
CA LEU P 168 -58.23 -69.99 1.03
C LEU P 168 -58.39 -68.49 0.82
N GLN P 169 -57.28 -67.78 0.98
CA GLN P 169 -57.25 -66.32 0.83
C GLN P 169 -56.03 -65.94 -0.01
N LEU P 170 -56.19 -65.95 -1.31
CA LEU P 170 -55.17 -65.41 -2.19
C LEU P 170 -55.75 -64.16 -2.82
N ASP P 171 -55.19 -63.00 -2.47
CA ASP P 171 -55.77 -61.75 -2.93
C ASP P 171 -55.03 -61.17 -4.14
N ASN P 172 -53.71 -61.17 -4.10
CA ASN P 172 -52.91 -60.50 -5.12
C ASN P 172 -51.83 -61.49 -5.53
N LEU P 173 -52.10 -62.23 -6.60
CA LEU P 173 -51.14 -63.15 -7.17
C LEU P 173 -51.01 -62.87 -8.65
N SER P 174 -49.80 -62.97 -9.17
CA SER P 174 -49.58 -62.90 -10.60
C SER P 174 -50.19 -64.10 -11.29
N LEU P 175 -50.33 -64.01 -12.60
CA LEU P 175 -50.85 -65.16 -13.32
C LEU P 175 -49.84 -66.28 -13.38
N LEU P 176 -48.56 -65.98 -13.19
CA LEU P 176 -47.55 -67.00 -13.40
C LEU P 176 -47.50 -67.98 -12.23
N GLU P 177 -47.53 -67.47 -11.00
CA GLU P 177 -47.55 -68.34 -9.82
C GLU P 177 -48.82 -69.15 -9.76
N ILE P 178 -49.92 -68.57 -10.25
CA ILE P 178 -51.14 -69.33 -10.43
C ILE P 178 -50.94 -70.45 -11.42
N ASN P 179 -50.07 -70.27 -12.41
CA ASN P 179 -49.77 -71.43 -13.23
C ASN P 179 -48.70 -72.30 -12.61
N GLU P 180 -48.20 -71.94 -11.43
CA GLU P 180 -47.14 -72.74 -10.84
C GLU P 180 -47.52 -73.33 -9.50
N LEU P 181 -48.50 -72.76 -8.82
CA LEU P 181 -48.99 -73.37 -7.60
C LEU P 181 -49.99 -74.47 -7.93
N ARG P 182 -50.58 -74.31 -9.12
CA ARG P 182 -51.74 -75.07 -9.58
C ARG P 182 -51.58 -76.59 -9.51
N PRO P 183 -50.63 -77.22 -10.21
CA PRO P 183 -50.78 -78.65 -10.44
C PRO P 183 -50.44 -79.50 -9.25
N PHE P 184 -50.10 -78.92 -8.10
CA PHE P 184 -49.94 -79.71 -6.91
C PHE P 184 -50.95 -79.35 -5.82
N ILE P 185 -51.40 -78.09 -5.75
CA ILE P 185 -52.28 -77.65 -4.68
C ILE P 185 -53.65 -78.28 -4.78
N THR P 186 -54.01 -78.80 -5.93
CA THR P 186 -55.26 -79.52 -6.05
C THR P 186 -55.22 -80.85 -5.33
N GLU P 187 -54.33 -81.74 -5.78
CA GLU P 187 -54.45 -83.13 -5.38
C GLU P 187 -53.98 -83.38 -3.96
N ILE P 188 -53.32 -82.43 -3.30
CA ILE P 188 -53.15 -82.64 -1.87
C ILE P 188 -54.44 -82.38 -1.11
N MET P 189 -55.10 -81.26 -1.37
CA MET P 189 -56.33 -80.98 -0.66
C MET P 189 -57.47 -81.85 -1.15
N ASP P 190 -57.40 -82.31 -2.40
CA ASP P 190 -58.35 -83.28 -2.88
C ASP P 190 -58.19 -84.63 -2.21
N LYS P 191 -56.96 -85.09 -2.06
CA LYS P 191 -56.77 -86.38 -1.41
C LYS P 191 -57.08 -86.29 0.07
N LEU P 192 -56.89 -85.12 0.66
CA LEU P 192 -57.34 -85.03 2.04
C LEU P 192 -58.81 -84.71 2.12
N ARG P 193 -59.43 -84.32 1.01
CA ARG P 193 -60.88 -84.15 1.03
C ARG P 193 -61.57 -85.50 1.17
N GLU P 194 -60.95 -86.56 0.68
CA GLU P 194 -61.54 -87.89 0.82
C GLU P 194 -61.60 -88.30 2.27
N ILE P 195 -60.46 -88.31 2.96
CA ILE P 195 -60.39 -88.77 4.33
C ILE P 195 -61.17 -87.90 5.29
N HIS P 196 -61.40 -86.64 4.96
CA HIS P 196 -62.32 -85.90 5.78
C HIS P 196 -63.77 -86.33 5.53
N THR P 197 -64.14 -86.51 4.26
CA THR P 197 -65.54 -86.75 3.96
C THR P 197 -65.90 -88.21 4.08
N ALA P 198 -65.00 -89.12 3.72
CA ALA P 198 -65.34 -90.53 3.82
C ALA P 198 -65.24 -91.05 5.24
N SER P 199 -64.88 -90.21 6.19
CA SER P 199 -64.91 -90.57 7.59
C SER P 199 -66.32 -90.56 8.16
N LEU P 200 -67.24 -89.83 7.52
CA LEU P 200 -68.62 -89.80 7.97
C LEU P 200 -69.57 -90.22 6.85
N TYR Q 3 -62.45 -94.52 -14.39
CA TYR Q 3 -61.09 -95.01 -14.55
C TYR Q 3 -61.01 -96.47 -14.10
N TYR Q 4 -60.17 -97.22 -14.79
CA TYR Q 4 -59.89 -98.59 -14.44
C TYR Q 4 -58.80 -98.72 -13.40
N ASP Q 5 -58.28 -97.60 -12.91
CA ASP Q 5 -57.67 -97.49 -11.58
C ASP Q 5 -56.40 -98.31 -11.40
N ILE Q 6 -55.39 -98.10 -12.26
CA ILE Q 6 -54.23 -98.98 -12.32
C ILE Q 6 -53.33 -98.73 -11.11
N ASP Q 7 -53.58 -97.64 -10.39
CA ASP Q 7 -52.87 -97.37 -9.17
C ASP Q 7 -53.27 -98.27 -8.02
N ASP Q 8 -54.56 -98.56 -7.85
CA ASP Q 8 -54.96 -99.23 -6.64
C ASP Q 8 -55.59 -100.60 -6.86
N VAL Q 9 -55.77 -101.02 -8.11
CA VAL Q 9 -56.25 -102.37 -8.32
C VAL Q 9 -55.21 -103.37 -7.88
N LEU Q 10 -53.94 -103.01 -7.93
CA LEU Q 10 -52.91 -103.76 -7.26
C LEU Q 10 -52.86 -103.48 -5.77
N ALA Q 11 -53.32 -102.31 -5.32
CA ALA Q 11 -53.26 -102.03 -3.89
C ALA Q 11 -54.28 -102.86 -3.13
N ASP Q 12 -55.36 -103.26 -3.79
CA ASP Q 12 -56.21 -104.26 -3.18
C ASP Q 12 -55.71 -105.68 -3.44
N GLY Q 13 -54.65 -105.82 -4.22
CA GLY Q 13 -54.02 -107.11 -4.37
C GLY Q 13 -53.18 -107.54 -3.19
N THR Q 14 -52.95 -106.65 -2.24
CA THR Q 14 -52.13 -106.98 -1.09
C THR Q 14 -52.89 -107.90 -0.13
N GLU Q 15 -52.14 -108.46 0.81
CA GLU Q 15 -52.70 -109.43 1.73
C GLU Q 15 -53.18 -108.74 3.01
N PHE Q 16 -53.83 -109.51 3.87
CA PHE Q 16 -54.51 -109.01 5.02
C PHE Q 16 -54.92 -110.17 5.92
N PRO Q 17 -54.46 -110.22 7.15
CA PRO Q 17 -54.73 -111.39 8.00
C PRO Q 17 -56.01 -111.27 8.79
N CYS Q 18 -56.93 -112.22 8.58
CA CYS Q 18 -58.17 -112.33 9.32
C CYS Q 18 -58.59 -113.79 9.41
N LYS Q 19 -59.68 -114.06 10.11
CA LYS Q 19 -60.11 -115.44 10.33
C LYS Q 19 -61.62 -115.55 10.19
N PHE Q 20 -62.18 -116.70 10.62
CA PHE Q 20 -63.57 -117.06 10.40
C PHE Q 20 -64.44 -116.94 11.66
N GLN Q 21 -65.75 -117.07 11.44
CA GLN Q 21 -66.77 -117.18 12.46
C GLN Q 21 -67.57 -118.47 12.33
N TYR Q 22 -67.65 -119.05 11.12
CA TYR Q 22 -68.30 -120.32 10.84
C TYR Q 22 -67.29 -121.33 10.28
N ASP Q 23 -67.74 -122.56 10.05
CA ASP Q 23 -66.92 -123.62 9.49
C ASP Q 23 -67.55 -123.99 8.16
N ILE Q 24 -66.83 -123.77 7.07
CA ILE Q 24 -67.38 -123.87 5.73
C ILE Q 24 -66.57 -124.91 4.95
N PRO Q 25 -67.20 -125.84 4.25
CA PRO Q 25 -66.46 -126.76 3.37
C PRO Q 25 -65.96 -126.14 2.07
N GLY Q 26 -66.06 -124.83 1.87
CA GLY Q 26 -65.55 -124.23 0.64
C GLY Q 26 -64.11 -123.80 0.74
N LEU Q 27 -63.20 -124.66 0.29
CA LEU Q 27 -61.77 -124.40 0.38
C LEU Q 27 -61.21 -124.27 -1.03
N GLY Q 28 -60.23 -123.38 -1.20
CA GLY Q 28 -59.49 -123.33 -2.44
C GLY Q 28 -58.02 -123.07 -2.20
N TYR Q 29 -57.54 -123.50 -1.04
CA TYR Q 29 -56.20 -123.16 -0.59
C TYR Q 29 -55.40 -124.39 -0.18
N ASN Q 33 -54.74 -127.91 0.90
CA ASN Q 33 -55.58 -127.98 -0.29
C ASN Q 33 -56.64 -129.12 -0.30
N PRO Q 34 -56.37 -130.28 0.32
CA PRO Q 34 -57.50 -131.13 0.75
C PRO Q 34 -57.98 -130.71 2.12
N GLY Q 35 -58.88 -131.53 2.67
CA GLY Q 35 -59.55 -131.18 3.91
C GLY Q 35 -60.47 -130.01 3.67
N ARG Q 36 -61.52 -130.26 2.86
CA ARG Q 36 -62.35 -129.18 2.36
C ARG Q 36 -63.10 -128.41 3.45
N PRO Q 37 -63.60 -129.03 4.54
CA PRO Q 37 -64.04 -128.21 5.67
C PRO Q 37 -62.88 -127.47 6.31
N ILE Q 38 -62.99 -126.15 6.35
CA ILE Q 38 -62.04 -125.29 7.01
C ILE Q 38 -62.61 -124.98 8.39
N THR Q 39 -61.82 -125.24 9.43
CA THR Q 39 -62.28 -125.04 10.79
C THR Q 39 -62.37 -123.56 11.11
N LYS Q 40 -63.27 -123.22 12.03
CA LYS Q 40 -63.50 -121.80 12.30
C LYS Q 40 -62.39 -121.22 13.17
N ASN Q 41 -62.34 -119.89 13.17
CA ASN Q 41 -61.37 -119.08 13.91
C ASN Q 41 -59.94 -119.40 13.48
N THR Q 42 -59.77 -119.75 12.21
CA THR Q 42 -58.48 -120.12 11.65
C THR Q 42 -57.96 -118.94 10.84
N LYS Q 43 -56.80 -118.45 11.24
CA LYS Q 43 -56.27 -117.21 10.67
C LYS Q 43 -55.82 -117.43 9.24
N LEU Q 44 -56.36 -116.64 8.32
CA LEU Q 44 -56.05 -116.77 6.91
C LEU Q 44 -55.63 -115.44 6.33
N SER Q 45 -54.63 -115.50 5.47
CA SER Q 45 -54.19 -114.34 4.70
C SER Q 45 -55.25 -114.06 3.64
N LEU Q 46 -55.84 -112.87 3.67
CA LEU Q 46 -56.89 -112.59 2.72
C LEU Q 46 -56.50 -111.47 1.78
N PRO Q 47 -56.75 -111.62 0.50
CA PRO Q 47 -56.68 -110.49 -0.42
C PRO Q 47 -57.84 -109.54 -0.16
N LEU Q 48 -57.57 -108.25 -0.36
CA LEU Q 48 -58.45 -107.19 0.09
C LEU Q 48 -59.79 -107.16 -0.60
N TRP Q 49 -59.86 -107.63 -1.84
CA TRP Q 49 -61.06 -107.43 -2.63
C TRP Q 49 -62.22 -108.27 -2.15
N LEU Q 50 -62.04 -109.58 -2.06
CA LEU Q 50 -63.10 -110.42 -1.52
C LEU Q 50 -63.33 -110.18 -0.05
N ALA Q 51 -62.27 -109.90 0.70
CA ALA Q 51 -62.39 -109.70 2.12
C ALA Q 51 -63.10 -108.40 2.45
N ARG Q 52 -63.15 -107.45 1.51
CA ARG Q 52 -63.88 -106.23 1.77
C ARG Q 52 -65.37 -106.49 1.80
N ILE Q 53 -65.88 -107.29 0.87
CA ILE Q 53 -67.31 -107.53 0.86
C ILE Q 53 -67.73 -108.75 1.67
N LEU Q 54 -66.79 -109.64 1.98
CA LEU Q 54 -67.15 -110.80 2.79
C LEU Q 54 -67.39 -110.44 4.25
N ALA Q 55 -66.87 -109.30 4.70
CA ALA Q 55 -67.20 -108.81 6.03
C ALA Q 55 -68.52 -108.05 6.04
N ILE Q 56 -69.23 -108.02 4.91
CA ILE Q 56 -70.51 -107.35 4.82
C ILE Q 56 -71.65 -108.35 4.71
N VAL Q 57 -71.51 -109.33 3.84
CA VAL Q 57 -72.61 -110.24 3.52
C VAL Q 57 -72.70 -111.30 4.61
N GLY Q 58 -73.90 -111.49 5.14
CA GLY Q 58 -74.16 -112.57 6.07
C GLY Q 58 -74.72 -113.79 5.38
N PRO Q 68 -76.74 -110.66 8.38
CA PRO Q 68 -76.55 -110.26 9.77
C PRO Q 68 -75.12 -110.48 10.23
N VAL Q 69 -74.88 -111.65 10.80
CA VAL Q 69 -73.53 -112.04 11.18
C VAL Q 69 -72.77 -112.39 9.92
N PRO Q 70 -71.69 -111.70 9.61
CA PRO Q 70 -70.90 -112.04 8.43
C PRO Q 70 -70.07 -113.29 8.67
N PHE Q 71 -69.27 -113.63 7.68
CA PHE Q 71 -68.54 -114.89 7.73
C PHE Q 71 -67.12 -114.74 8.23
N VAL Q 72 -66.42 -113.69 7.83
CA VAL Q 72 -65.03 -113.53 8.19
C VAL Q 72 -64.97 -112.72 9.48
N GLU Q 73 -64.12 -113.17 10.39
CA GLU Q 73 -63.83 -112.41 11.59
C GLU Q 73 -62.80 -111.37 11.17
N LEU Q 74 -63.27 -110.13 11.02
CA LEU Q 74 -62.36 -109.04 10.73
C LEU Q 74 -61.55 -108.70 11.96
N LEU Q 75 -60.35 -109.21 12.05
CA LEU Q 75 -59.52 -108.71 13.11
C LEU Q 75 -58.73 -107.51 12.61
N PRO Q 76 -58.55 -106.49 13.44
CA PRO Q 76 -57.70 -105.37 13.05
C PRO Q 76 -56.24 -105.76 13.13
N PRO Q 77 -55.46 -105.43 12.10
CA PRO Q 77 -54.00 -105.54 12.25
C PRO Q 77 -53.50 -104.32 13.01
N ASP Q 78 -53.66 -104.35 14.34
CA ASP Q 78 -53.47 -103.15 15.17
C ASP Q 78 -52.01 -102.70 15.26
N MET Q 79 -51.08 -103.52 14.77
CA MET Q 79 -49.73 -103.01 14.58
C MET Q 79 -49.68 -102.00 13.44
N PHE Q 80 -50.60 -102.08 12.49
CA PHE Q 80 -50.84 -100.95 11.60
C PHE Q 80 -51.77 -99.91 12.21
N SER Q 81 -52.10 -100.06 13.49
CA SER Q 81 -52.76 -98.99 14.22
C SER Q 81 -51.89 -98.45 15.36
N THR Q 82 -51.47 -99.26 16.34
CA THR Q 82 -50.86 -98.66 17.52
C THR Q 82 -49.35 -98.45 17.42
N LYS Q 83 -48.61 -99.31 16.72
CA LYS Q 83 -47.16 -99.14 16.68
C LYS Q 83 -46.72 -98.29 15.52
N VAL Q 84 -47.65 -97.56 14.92
CA VAL Q 84 -47.29 -96.53 13.97
C VAL Q 84 -48.02 -95.23 14.22
N MET Q 85 -49.11 -95.24 15.00
CA MET Q 85 -49.73 -93.97 15.35
C MET Q 85 -48.82 -93.14 16.23
N ASN Q 86 -48.09 -93.79 17.13
CA ASN Q 86 -47.09 -93.14 17.92
C ASN Q 86 -45.97 -92.58 17.07
N ALA Q 87 -45.44 -93.34 16.13
CA ALA Q 87 -44.31 -92.89 15.33
C ALA Q 87 -44.67 -91.76 14.39
N ILE Q 88 -45.94 -91.65 14.00
CA ILE Q 88 -46.35 -90.50 13.21
C ILE Q 88 -46.85 -89.36 14.07
N LYS Q 89 -47.13 -89.59 15.34
CA LYS Q 89 -47.46 -88.49 16.23
C LYS Q 89 -46.22 -87.83 16.80
N THR Q 90 -45.03 -88.27 16.40
CA THR Q 90 -43.86 -87.51 16.81
C THR Q 90 -43.25 -86.66 15.71
N ASP Q 91 -42.70 -87.24 14.65
CA ASP Q 91 -41.90 -86.43 13.74
C ASP Q 91 -42.16 -86.84 12.30
N PRO Q 92 -42.96 -86.10 11.59
CA PRO Q 92 -43.44 -86.56 10.28
C PRO Q 92 -42.49 -86.17 9.15
N VAL Q 93 -41.20 -86.31 9.40
CA VAL Q 93 -40.24 -85.73 8.49
C VAL Q 93 -39.58 -86.87 7.73
N ALA Q 94 -38.91 -87.74 8.47
CA ALA Q 94 -38.28 -88.92 7.90
C ALA Q 94 -38.85 -90.11 8.66
N LEU Q 95 -39.81 -90.78 8.08
CA LEU Q 95 -40.40 -91.93 8.71
C LEU Q 95 -40.39 -93.12 7.78
N ASP Q 96 -40.49 -94.30 8.37
CA ASP Q 96 -40.77 -95.48 7.57
C ASP Q 96 -42.26 -95.48 7.26
N LEU Q 97 -42.67 -94.73 6.25
CA LEU Q 97 -44.05 -94.78 5.80
C LEU Q 97 -44.27 -95.88 4.79
N HIS Q 98 -43.22 -96.58 4.39
CA HIS Q 98 -43.26 -97.31 3.16
C HIS Q 98 -42.98 -98.80 3.30
N SER Q 99 -41.98 -99.20 4.08
CA SER Q 99 -41.67 -100.62 4.12
C SER Q 99 -42.64 -101.36 5.01
N ILE Q 100 -43.42 -100.65 5.80
CA ILE Q 100 -44.54 -101.27 6.48
C ILE Q 100 -45.72 -101.49 5.54
N ASN Q 101 -45.96 -100.59 4.59
CA ASN Q 101 -47.09 -100.72 3.69
C ASN Q 101 -46.73 -100.01 2.40
N SER Q 102 -46.76 -100.74 1.28
CA SER Q 102 -46.28 -100.18 0.02
C SER Q 102 -47.17 -99.07 -0.50
N HIS Q 103 -48.37 -98.94 0.02
CA HIS Q 103 -49.09 -97.69 -0.05
C HIS Q 103 -49.57 -97.42 1.35
N PHE Q 104 -49.73 -96.13 1.65
CA PHE Q 104 -50.28 -95.69 2.92
C PHE Q 104 -51.58 -94.93 2.67
N PHE Q 105 -51.96 -94.69 1.41
CA PHE Q 105 -53.14 -93.87 1.13
C PHE Q 105 -54.52 -94.50 0.85
N SER Q 106 -54.63 -95.42 -0.10
CA SER Q 106 -55.93 -96.03 -0.35
C SER Q 106 -56.19 -97.17 0.61
N LEU Q 107 -55.14 -97.77 1.13
CA LEU Q 107 -55.31 -98.72 2.21
C LEU Q 107 -55.84 -98.03 3.45
N ALA Q 108 -55.46 -96.76 3.67
CA ALA Q 108 -56.11 -96.05 4.74
C ALA Q 108 -57.52 -95.63 4.37
N ILE Q 109 -57.80 -95.42 3.09
CA ILE Q 109 -59.15 -95.04 2.68
C ILE Q 109 -60.11 -96.19 2.88
N LYS Q 110 -59.78 -97.36 2.33
CA LYS Q 110 -60.72 -98.46 2.38
C LYS Q 110 -60.75 -99.11 3.74
N TRP Q 111 -59.77 -98.81 4.59
CA TRP Q 111 -59.90 -99.19 5.98
C TRP Q 111 -61.02 -98.43 6.67
N ILE Q 112 -61.06 -97.12 6.48
CA ILE Q 112 -61.97 -96.31 7.28
C ILE Q 112 -63.41 -96.42 6.81
N MET Q 113 -63.64 -96.99 5.64
CA MET Q 113 -65.02 -97.10 5.16
C MET Q 113 -65.81 -98.13 5.93
N LEU Q 114 -65.23 -99.29 6.20
CA LEU Q 114 -65.89 -100.25 7.05
C LEU Q 114 -65.82 -99.87 8.51
N PHE Q 115 -64.81 -99.12 8.90
CA PHE Q 115 -64.52 -98.93 10.31
C PHE Q 115 -65.26 -97.74 10.87
N SER Q 116 -65.24 -96.62 10.14
CA SER Q 116 -65.87 -95.34 10.47
C SER Q 116 -65.51 -94.85 11.86
N GLU Q 117 -64.22 -94.69 12.15
CA GLU Q 117 -63.80 -94.15 13.43
C GLU Q 117 -62.93 -92.94 13.22
N LYS Q 118 -63.36 -91.82 13.79
CA LYS Q 118 -62.71 -90.53 13.59
C LYS Q 118 -61.41 -90.38 14.37
N GLU Q 119 -60.98 -91.40 15.11
CA GLU Q 119 -59.77 -91.29 15.90
C GLU Q 119 -58.54 -91.19 15.01
N LEU Q 120 -58.27 -92.21 14.21
CA LEU Q 120 -57.15 -92.13 13.31
C LEU Q 120 -57.47 -91.30 12.08
N ALA Q 121 -58.74 -91.02 11.84
CA ALA Q 121 -59.11 -90.16 10.74
C ALA Q 121 -58.72 -88.72 10.98
N ASN Q 122 -58.49 -88.34 12.23
CA ASN Q 122 -57.86 -87.06 12.46
C ASN Q 122 -56.36 -87.12 12.23
N VAL Q 123 -55.71 -88.22 12.62
CA VAL Q 123 -54.27 -88.14 12.78
C VAL Q 123 -53.50 -88.29 11.49
N VAL Q 124 -54.10 -88.84 10.43
CA VAL Q 124 -53.37 -88.80 9.17
C VAL Q 124 -53.65 -87.51 8.45
N SER Q 125 -54.70 -86.78 8.85
CA SER Q 125 -54.94 -85.48 8.29
C SER Q 125 -53.92 -84.48 8.78
N GLU Q 126 -53.33 -84.72 9.95
CA GLU Q 126 -52.17 -83.92 10.32
C GLU Q 126 -50.95 -84.30 9.49
N LEU Q 127 -50.86 -85.56 9.09
CA LEU Q 127 -49.63 -86.07 8.48
C LEU Q 127 -49.40 -85.47 7.11
N LEU Q 128 -50.45 -85.32 6.31
CA LEU Q 128 -50.27 -85.10 4.88
C LEU Q 128 -49.77 -83.71 4.58
N LEU Q 129 -50.33 -82.71 5.26
CA LEU Q 129 -49.83 -81.35 5.08
C LEU Q 129 -48.39 -81.22 5.57
N GLN Q 130 -48.02 -81.98 6.59
CA GLN Q 130 -46.65 -81.94 7.05
C GLN Q 130 -45.71 -82.56 6.05
N ARG Q 131 -46.13 -83.66 5.42
CA ARG Q 131 -45.35 -84.21 4.33
C ARG Q 131 -45.38 -83.28 3.13
N ALA Q 132 -46.49 -82.58 2.94
CA ALA Q 132 -46.56 -81.62 1.86
C ALA Q 132 -45.72 -80.40 2.14
N GLN Q 133 -45.55 -80.05 3.41
CA GLN Q 133 -44.75 -78.87 3.74
C GLN Q 133 -43.30 -79.09 3.38
N GLU Q 134 -42.81 -80.31 3.53
CA GLU Q 134 -41.51 -80.66 2.99
C GLU Q 134 -41.51 -80.53 1.48
N LEU Q 135 -42.53 -81.08 0.83
CA LEU Q 135 -42.42 -81.46 -0.56
C LEU Q 135 -42.34 -80.28 -1.50
N ASN Q 136 -43.13 -79.24 -1.26
CA ASN Q 136 -43.07 -78.06 -2.11
C ASN Q 136 -41.73 -77.37 -2.00
N HIS Q 137 -41.29 -77.12 -0.78
CA HIS Q 137 -39.98 -76.49 -0.61
C HIS Q 137 -38.85 -77.51 -0.58
N HIS Q 138 -39.11 -78.71 -1.08
CA HIS Q 138 -38.02 -79.59 -1.48
C HIS Q 138 -37.98 -79.73 -2.99
N ALA Q 139 -38.78 -78.96 -3.70
CA ALA Q 139 -38.98 -79.23 -5.11
C ALA Q 139 -38.35 -78.21 -6.04
N SER Q 140 -37.68 -77.20 -5.54
CA SER Q 140 -37.10 -76.23 -6.45
C SER Q 140 -35.68 -76.62 -6.86
N SER Q 141 -35.37 -76.38 -8.14
CA SER Q 141 -34.07 -76.70 -8.69
C SER Q 141 -33.57 -75.56 -9.55
N THR Q 162 -29.74 -96.63 0.02
CA THR Q 162 -29.31 -96.58 -1.36
C THR Q 162 -29.00 -97.96 -1.92
N SER Q 163 -29.40 -99.00 -1.19
CA SER Q 163 -29.28 -100.37 -1.65
C SER Q 163 -30.65 -101.00 -1.88
N THR Q 164 -31.46 -101.06 -0.82
CA THR Q 164 -32.82 -101.59 -0.94
C THR Q 164 -33.91 -100.64 -0.45
N PHE Q 165 -33.93 -100.40 0.86
CA PHE Q 165 -34.94 -99.59 1.56
C PHE Q 165 -35.13 -98.07 1.37
N LEU Q 166 -34.05 -97.32 1.27
CA LEU Q 166 -34.12 -95.84 1.24
C LEU Q 166 -34.84 -95.05 0.12
N LEU Q 167 -34.70 -95.47 -1.13
CA LEU Q 167 -35.29 -94.77 -2.25
C LEU Q 167 -36.81 -94.69 -2.13
N LYS Q 168 -37.47 -95.71 -1.55
CA LYS Q 168 -38.92 -95.69 -1.65
C LYS Q 168 -39.59 -94.83 -0.58
N LEU Q 169 -38.81 -94.36 0.39
CA LEU Q 169 -39.19 -93.15 1.10
C LEU Q 169 -39.28 -91.98 0.12
N GLU Q 170 -38.25 -91.84 -0.73
CA GLU Q 170 -38.23 -90.78 -1.72
C GLU Q 170 -39.05 -91.13 -2.96
N GLU Q 171 -39.74 -92.30 -2.98
CA GLU Q 171 -40.44 -92.73 -4.21
C GLU Q 171 -41.96 -92.76 -4.05
N MET Q 172 -42.49 -92.99 -2.83
CA MET Q 172 -43.94 -92.85 -2.67
C MET Q 172 -44.35 -91.40 -2.84
N GLU Q 173 -43.48 -90.48 -2.44
CA GLU Q 173 -43.72 -89.07 -2.71
C GLU Q 173 -43.60 -88.70 -4.19
N LYS Q 174 -43.01 -89.57 -5.05
CA LYS Q 174 -42.56 -89.17 -6.38
C LYS Q 174 -43.69 -88.71 -7.28
N GLU Q 175 -44.66 -89.60 -7.56
CA GLU Q 175 -45.84 -89.31 -8.36
C GLU Q 175 -46.56 -88.05 -7.94
N ILE Q 176 -46.61 -87.80 -6.64
CA ILE Q 176 -47.34 -86.67 -6.09
C ILE Q 176 -46.68 -85.35 -6.49
N TYR Q 177 -45.36 -85.39 -6.74
CA TYR Q 177 -44.62 -84.20 -7.11
C TYR Q 177 -43.89 -84.35 -8.43
N LYS Q 178 -43.94 -85.53 -9.05
CA LYS Q 178 -43.39 -85.70 -10.39
C LYS Q 178 -44.01 -84.74 -11.37
N LYS Q 179 -45.31 -84.47 -11.24
CA LYS Q 179 -45.93 -83.40 -11.97
C LYS Q 179 -45.39 -82.04 -11.58
N SER Q 180 -45.20 -81.79 -10.29
CA SER Q 180 -45.01 -80.43 -9.78
C SER Q 180 -43.67 -79.83 -10.19
N HIS Q 181 -42.58 -80.57 -10.03
CA HIS Q 181 -41.29 -79.96 -10.37
C HIS Q 181 -41.10 -79.95 -11.87
N GLU Q 182 -41.80 -80.82 -12.59
CA GLU Q 182 -41.80 -80.74 -14.03
C GLU Q 182 -42.53 -79.50 -14.50
N SER Q 183 -43.44 -78.97 -13.69
CA SER Q 183 -43.96 -77.65 -13.99
C SER Q 183 -42.91 -76.58 -13.78
N TYR Q 184 -42.13 -76.66 -12.69
CA TYR Q 184 -41.15 -75.62 -12.43
C TYR Q 184 -40.01 -75.69 -13.42
N LYS Q 185 -39.74 -76.89 -13.95
CA LYS Q 185 -38.63 -77.06 -14.88
C LYS Q 185 -38.86 -76.28 -16.15
N ASP Q 186 -40.05 -76.40 -16.74
CA ASP Q 186 -40.27 -75.68 -17.99
C ASP Q 186 -40.46 -74.19 -17.74
N THR Q 187 -41.00 -73.83 -16.59
CA THR Q 187 -41.32 -72.44 -16.32
C THR Q 187 -40.08 -71.59 -16.16
N LYS Q 188 -38.97 -72.20 -15.75
CA LYS Q 188 -37.71 -71.48 -15.92
C LYS Q 188 -37.33 -71.41 -17.38
N ARG Q 189 -37.50 -72.51 -18.12
CA ARG Q 189 -36.92 -72.60 -19.45
C ARG Q 189 -37.66 -71.75 -20.45
N TRP Q 190 -38.86 -71.30 -20.11
CA TRP Q 190 -39.40 -70.20 -20.89
C TRP Q 190 -38.85 -68.87 -20.38
N MET Q 191 -38.74 -68.73 -19.07
CA MET Q 191 -38.42 -67.44 -18.47
C MET Q 191 -36.99 -66.98 -18.78
N PHE Q 192 -36.07 -67.89 -19.02
CA PHE Q 192 -34.76 -67.46 -19.46
C PHE Q 192 -34.74 -67.46 -20.97
N LYS Q 193 -33.56 -67.34 -21.58
CA LYS Q 193 -33.47 -67.22 -23.02
C LYS Q 193 -33.95 -68.46 -23.79
N ILE R 3 -72.78 -31.19 -6.74
CA ILE R 3 -73.81 -31.53 -7.71
C ILE R 3 -73.25 -32.39 -8.85
N ASN R 4 -73.87 -33.54 -9.07
CA ASN R 4 -73.48 -34.41 -10.18
C ASN R 4 -74.28 -34.10 -11.43
N ILE R 5 -73.60 -33.92 -12.55
CA ILE R 5 -74.24 -33.60 -13.82
C ILE R 5 -73.83 -34.57 -14.92
N ASP R 6 -73.17 -35.66 -14.54
CA ASP R 6 -72.67 -36.66 -15.48
C ASP R 6 -73.76 -37.20 -16.39
N ASP R 7 -74.97 -37.36 -15.84
CA ASP R 7 -76.10 -37.85 -16.60
C ASP R 7 -76.58 -36.81 -17.62
N ILE R 8 -76.47 -35.53 -17.25
CA ILE R 8 -76.88 -34.45 -18.14
C ILE R 8 -75.86 -34.27 -19.26
N LEU R 9 -74.59 -34.43 -18.91
CA LEU R 9 -73.49 -34.34 -19.88
C LEU R 9 -73.58 -35.46 -20.91
N ALA R 10 -73.95 -36.65 -20.46
CA ALA R 10 -74.09 -37.81 -21.34
C ALA R 10 -75.16 -37.59 -22.40
N GLU R 11 -76.26 -36.95 -22.01
CA GLU R 11 -77.34 -36.62 -22.94
C GLU R 11 -76.88 -35.66 -24.04
N LEU R 12 -75.99 -34.75 -23.67
CA LEU R 12 -75.49 -33.76 -24.61
C LEU R 12 -74.52 -34.38 -25.62
N ASP R 13 -73.82 -35.42 -25.19
CA ASP R 13 -72.86 -36.12 -26.06
C ASP R 13 -73.57 -36.93 -27.14
N LYS R 14 -74.70 -37.53 -26.78
CA LYS R 14 -75.43 -38.41 -27.68
C LYS R 14 -76.06 -37.64 -28.85
N GLU R 15 -76.35 -36.36 -28.62
CA GLU R 15 -76.99 -35.51 -29.62
C GLU R 15 -76.19 -35.45 -30.92
N VAL R 54 -72.50 -58.56 -31.02
CA VAL R 54 -72.61 -58.10 -32.39
C VAL R 54 -71.26 -57.56 -32.91
N SER R 55 -70.56 -56.77 -32.10
CA SER R 55 -69.27 -56.23 -32.49
C SER R 55 -68.22 -57.32 -32.31
N PRO R 56 -67.26 -57.41 -33.24
CA PRO R 56 -66.32 -58.57 -33.23
C PRO R 56 -65.42 -58.64 -32.02
N GLN R 57 -65.12 -57.52 -31.37
CA GLN R 57 -64.42 -57.59 -30.09
C GLN R 57 -65.32 -58.16 -29.01
N GLN R 58 -66.60 -57.80 -29.03
CA GLN R 58 -67.54 -58.45 -28.12
C GLN R 58 -67.81 -59.88 -28.51
N ASP R 59 -67.60 -60.23 -29.78
CA ASP R 59 -67.75 -61.61 -30.20
C ASP R 59 -66.49 -62.42 -29.94
N PHE R 60 -65.39 -61.76 -29.58
CA PHE R 60 -64.16 -62.47 -29.33
C PHE R 60 -63.85 -62.63 -27.85
N SER R 61 -64.11 -61.60 -27.04
CA SER R 61 -63.65 -61.59 -25.65
C SER R 61 -64.38 -62.64 -24.82
N ASP R 62 -65.66 -62.88 -25.13
CA ASP R 62 -66.40 -63.94 -24.48
C ASP R 62 -65.88 -65.30 -24.87
N LEU R 63 -65.38 -65.45 -26.10
CA LEU R 63 -64.81 -66.72 -26.53
C LEU R 63 -63.57 -67.08 -25.72
N MET R 64 -62.78 -66.07 -25.37
CA MET R 64 -61.71 -66.31 -24.42
C MET R 64 -62.24 -66.70 -23.06
N LYS R 65 -63.33 -66.08 -22.62
CA LYS R 65 -63.95 -66.50 -21.38
C LYS R 65 -64.54 -67.88 -21.50
N SER R 66 -64.97 -68.24 -22.71
CA SER R 66 -65.38 -69.61 -22.96
C SER R 66 -64.21 -70.57 -22.85
N TRP R 67 -63.15 -70.32 -23.61
CA TRP R 67 -62.06 -71.27 -23.75
C TRP R 67 -61.23 -71.43 -22.49
N LYS R 68 -61.02 -70.35 -21.74
CA LYS R 68 -60.17 -70.41 -20.56
C LYS R 68 -60.78 -71.27 -19.48
N ASN R 69 -62.09 -71.22 -19.30
CA ASN R 69 -62.70 -72.05 -18.29
C ASN R 69 -62.83 -73.50 -18.72
N GLU R 70 -62.51 -73.81 -19.98
CA GLU R 70 -62.53 -75.20 -20.37
C GLU R 70 -61.41 -75.98 -19.73
N ARG R 71 -60.21 -75.39 -19.66
CA ARG R 71 -59.01 -76.18 -19.50
C ARG R 71 -58.81 -76.71 -18.08
N CYS R 72 -59.74 -76.45 -17.18
CA CYS R 72 -59.69 -77.04 -15.86
C CYS R 72 -61.07 -77.48 -15.42
N SER R 73 -61.91 -77.77 -16.36
CA SER R 73 -63.28 -78.09 -16.01
C SER R 73 -63.39 -79.54 -15.58
N PRO R 74 -64.19 -79.81 -14.55
CA PRO R 74 -64.39 -81.20 -14.15
C PRO R 74 -65.42 -81.91 -14.99
N GLU R 75 -66.51 -81.24 -15.36
CA GLU R 75 -67.52 -81.85 -16.21
C GLU R 75 -67.74 -80.98 -17.42
N LEU R 76 -68.55 -81.45 -18.35
CA LEU R 76 -68.68 -80.81 -19.64
C LEU R 76 -69.59 -79.59 -19.54
N LEU R 77 -69.39 -78.66 -20.46
CA LEU R 77 -70.25 -77.49 -20.43
C LEU R 77 -71.04 -77.41 -21.72
N PRO R 78 -72.16 -76.68 -21.74
CA PRO R 78 -72.91 -76.52 -22.98
C PRO R 78 -72.14 -75.82 -24.08
N TYR R 79 -72.04 -76.49 -25.22
CA TYR R 79 -71.38 -75.99 -26.40
C TYR R 79 -72.13 -74.81 -26.99
N PRO R 80 -71.62 -73.60 -26.86
CA PRO R 80 -72.36 -72.42 -27.37
C PRO R 80 -72.25 -72.30 -28.88
N HIS R 81 -73.07 -73.11 -29.55
CA HIS R 81 -73.05 -73.26 -31.00
C HIS R 81 -73.50 -72.01 -31.75
N GLN R 82 -74.29 -71.16 -31.11
CA GLN R 82 -74.93 -70.05 -31.82
C GLN R 82 -73.90 -69.01 -32.22
N LEU R 83 -73.06 -68.61 -31.28
CA LEU R 83 -72.00 -67.66 -31.57
C LEU R 83 -70.89 -68.25 -32.43
N MET R 84 -70.70 -69.58 -32.37
CA MET R 84 -69.59 -70.19 -33.08
C MET R 84 -69.81 -70.15 -34.58
N LYS R 85 -71.00 -70.56 -35.03
CA LYS R 85 -71.33 -70.47 -36.44
C LYS R 85 -71.42 -69.03 -36.93
N ARG R 86 -71.69 -68.09 -36.03
CA ARG R 86 -71.80 -66.68 -36.39
C ARG R 86 -70.44 -66.13 -36.82
N LEU R 87 -69.39 -66.54 -36.14
CA LEU R 87 -68.06 -66.16 -36.57
C LEU R 87 -67.46 -67.17 -37.52
N LEU R 88 -68.02 -68.37 -37.61
CA LEU R 88 -67.52 -69.35 -38.56
C LEU R 88 -67.82 -68.90 -39.99
N ASN R 89 -68.85 -68.09 -40.17
CA ASN R 89 -68.99 -67.36 -41.41
C ASN R 89 -67.89 -66.33 -41.58
N ARG R 90 -67.46 -65.68 -40.49
CA ARG R 90 -66.52 -64.57 -40.61
C ARG R 90 -65.15 -65.06 -41.02
N ILE R 91 -64.73 -66.21 -40.49
CA ILE R 91 -63.42 -66.76 -40.82
C ILE R 91 -63.38 -67.26 -42.25
N SER R 92 -64.53 -67.53 -42.85
CA SER R 92 -64.55 -67.80 -44.28
C SER R 92 -64.37 -66.51 -45.08
N MET R 93 -64.87 -65.39 -44.56
CA MET R 93 -64.96 -64.19 -45.36
C MET R 93 -63.60 -63.50 -45.51
N GLN R 94 -62.90 -63.30 -44.39
CA GLN R 94 -61.66 -62.56 -44.46
C GLN R 94 -60.55 -63.40 -45.09
N SER R 95 -60.69 -64.72 -45.05
CA SER R 95 -59.83 -65.56 -45.85
C SER R 95 -60.07 -65.32 -47.33
N GLN R 96 -61.32 -65.11 -47.71
CA GLN R 96 -61.61 -64.75 -49.09
C GLN R 96 -61.34 -63.28 -49.38
N LEU R 97 -61.35 -62.43 -48.37
CA LEU R 97 -61.01 -61.02 -48.60
C LEU R 97 -59.54 -60.87 -48.94
N ILE R 98 -58.66 -61.54 -48.20
CA ILE R 98 -57.25 -61.47 -48.51
C ILE R 98 -56.89 -62.32 -49.72
N GLU R 99 -57.80 -63.20 -50.14
CA GLU R 99 -57.56 -64.04 -51.30
C GLU R 99 -57.48 -63.23 -52.58
N ASN R 100 -58.37 -62.26 -52.73
CA ASN R 100 -58.38 -61.45 -53.94
C ASN R 100 -57.39 -60.29 -53.86
N ILE R 101 -57.24 -59.69 -52.68
CA ILE R 101 -56.54 -58.43 -52.60
C ILE R 101 -55.03 -58.63 -52.62
N SER R 102 -54.57 -59.83 -52.33
CA SER R 102 -53.22 -60.19 -52.69
C SER R 102 -53.08 -60.36 -54.19
N MET R 103 -54.05 -61.00 -54.83
CA MET R 103 -53.99 -61.22 -56.28
C MET R 103 -54.15 -59.92 -57.03
N GLY R 104 -54.89 -58.96 -56.47
CA GLY R 104 -54.88 -57.62 -57.03
C GLY R 104 -53.56 -56.90 -56.83
N PHE R 105 -52.79 -57.31 -55.81
CA PHE R 105 -51.49 -56.69 -55.61
C PHE R 105 -50.43 -57.31 -56.51
N LEU R 106 -50.61 -58.57 -56.92
CA LEU R 106 -49.70 -59.18 -57.86
C LEU R 106 -49.85 -58.62 -59.27
N ASP R 107 -51.09 -58.36 -59.71
CA ASP R 107 -51.31 -57.86 -61.06
C ASP R 107 -50.93 -56.40 -61.19
N MET R 108 -50.99 -55.64 -60.10
CA MET R 108 -50.58 -54.24 -60.13
C MET R 108 -49.07 -54.08 -59.99
N GLN R 109 -48.34 -55.16 -59.71
CA GLN R 109 -46.89 -55.13 -59.58
C GLN R 109 -46.26 -55.26 -60.96
N ASN R 110 -46.38 -54.19 -61.74
CA ASN R 110 -45.75 -54.02 -63.07
C ASN R 110 -46.06 -55.13 -64.08
N GLU R 121 -45.24 -52.22 -52.91
CA GLU R 121 -44.87 -51.01 -52.20
C GLU R 121 -44.90 -51.23 -50.70
N SER R 122 -46.07 -51.06 -50.10
CA SER R 122 -46.25 -51.25 -48.67
C SER R 122 -46.44 -52.74 -48.38
N LYS R 123 -45.66 -53.27 -47.46
CA LYS R 123 -45.77 -54.67 -47.05
C LYS R 123 -46.36 -54.77 -45.66
N LEU R 124 -46.78 -53.64 -45.08
CA LEU R 124 -47.53 -53.65 -43.83
C LEU R 124 -48.86 -54.39 -43.93
N PRO R 125 -49.83 -53.97 -44.77
CA PRO R 125 -51.21 -54.39 -44.50
C PRO R 125 -51.49 -55.83 -44.85
N LEU R 126 -50.55 -56.51 -45.49
CA LEU R 126 -50.72 -57.93 -45.76
C LEU R 126 -50.41 -58.77 -44.54
N LEU R 127 -49.24 -58.55 -43.95
CA LEU R 127 -48.70 -59.47 -42.95
C LEU R 127 -49.51 -59.48 -41.66
N CYS R 128 -50.06 -58.32 -41.28
CA CYS R 128 -50.91 -58.28 -40.10
C CYS R 128 -52.20 -59.03 -40.32
N MET R 129 -52.77 -58.91 -41.52
CA MET R 129 -54.00 -59.61 -41.83
C MET R 129 -53.80 -61.11 -41.90
N GLU R 130 -52.62 -61.55 -42.34
CA GLU R 130 -52.36 -62.97 -42.47
C GLU R 130 -52.26 -63.64 -41.10
N THR R 131 -51.59 -63.00 -40.17
CA THR R 131 -51.41 -63.58 -38.85
C THR R 131 -52.64 -63.48 -37.99
N GLU R 132 -53.49 -62.48 -38.20
CA GLU R 132 -54.59 -62.26 -37.29
C GLU R 132 -55.67 -63.32 -37.42
N LEU R 133 -55.91 -63.81 -38.63
CA LEU R 133 -56.95 -64.83 -38.79
C LEU R 133 -56.52 -66.16 -38.20
N GLU R 134 -55.25 -66.53 -38.37
CA GLU R 134 -54.84 -67.87 -37.95
C GLU R 134 -54.71 -67.97 -36.45
N ARG R 135 -54.46 -66.85 -35.78
CA ARG R 135 -54.41 -66.88 -34.33
C ARG R 135 -55.79 -67.16 -33.76
N LEU R 136 -56.83 -66.53 -34.31
CA LEU R 136 -58.17 -66.97 -33.96
C LEU R 136 -58.44 -68.37 -34.45
N LYS R 137 -57.87 -68.74 -35.60
CA LYS R 137 -58.02 -70.11 -36.05
C LYS R 137 -57.25 -71.07 -35.15
N PHE R 138 -56.18 -70.60 -34.52
CA PHE R 138 -55.46 -71.45 -33.58
C PHE R 138 -56.30 -71.74 -32.35
N VAL R 139 -57.12 -70.78 -31.91
CA VAL R 139 -57.83 -70.91 -30.64
C VAL R 139 -58.89 -72.00 -30.72
N ILE R 140 -59.66 -72.02 -31.82
CA ILE R 140 -60.67 -73.05 -31.92
C ILE R 140 -60.07 -74.40 -32.28
N ARG R 141 -58.80 -74.42 -32.70
CA ARG R 141 -58.14 -75.68 -32.95
C ARG R 141 -57.92 -76.44 -31.66
N SER R 142 -57.50 -75.75 -30.62
CA SER R 142 -57.45 -76.39 -29.32
C SER R 142 -58.83 -76.62 -28.75
N TYR R 143 -59.78 -75.72 -29.04
CA TYR R 143 -61.04 -75.70 -28.31
C TYR R 143 -61.92 -76.89 -28.66
N ILE R 144 -61.79 -77.41 -29.87
CA ILE R 144 -62.59 -78.57 -30.18
C ILE R 144 -61.86 -79.86 -29.87
N ARG R 145 -60.55 -79.82 -29.70
CA ARG R 145 -59.84 -81.06 -29.43
C ARG R 145 -60.04 -81.50 -27.99
N CYS R 146 -60.13 -80.54 -27.08
CA CYS R 146 -60.36 -80.88 -25.69
C CYS R 146 -61.77 -81.38 -25.47
N ARG R 147 -62.69 -81.01 -26.35
CA ARG R 147 -64.01 -81.63 -26.32
C ARG R 147 -63.91 -83.11 -26.58
N LEU R 148 -63.05 -83.51 -27.52
CA LEU R 148 -62.83 -84.93 -27.76
C LEU R 148 -62.16 -85.58 -26.57
N SER R 149 -61.24 -84.87 -25.93
CA SER R 149 -60.47 -85.48 -24.86
C SER R 149 -61.28 -85.60 -23.58
N LYS R 150 -62.39 -84.88 -23.47
CA LYS R 150 -63.24 -85.07 -22.32
C LYS R 150 -64.34 -86.08 -22.58
N ILE R 151 -64.74 -86.26 -23.83
CA ILE R 151 -65.90 -87.07 -24.14
C ILE R 151 -65.59 -88.54 -23.94
N ASP R 152 -64.42 -88.96 -24.40
CA ASP R 152 -64.04 -90.37 -24.42
C ASP R 152 -63.97 -90.98 -23.01
N LYS R 153 -63.42 -90.22 -22.06
CA LYS R 153 -63.41 -90.71 -20.69
C LYS R 153 -64.80 -90.74 -20.11
N PHE R 154 -65.65 -89.79 -20.48
CA PHE R 154 -66.95 -89.63 -19.86
C PHE R 154 -68.04 -90.38 -20.59
N SER R 155 -67.67 -91.18 -21.59
CA SER R 155 -68.62 -91.67 -22.61
C SER R 155 -69.68 -92.56 -22.03
N LEU R 156 -69.29 -93.54 -21.23
CA LEU R 156 -70.26 -94.45 -20.63
C LEU R 156 -71.17 -93.75 -19.65
N TYR R 157 -70.74 -92.64 -19.08
CA TYR R 157 -71.63 -91.88 -18.22
C TYR R 157 -72.69 -91.14 -19.02
N LEU R 158 -72.26 -90.36 -20.01
CA LEU R 158 -73.18 -89.54 -20.76
C LEU R 158 -74.13 -90.37 -21.61
N ARG R 159 -73.65 -91.51 -22.10
CA ARG R 159 -74.52 -92.44 -22.79
C ARG R 159 -75.58 -92.98 -21.84
N GLN R 160 -75.17 -93.31 -20.62
CA GLN R 160 -76.12 -93.72 -19.59
C GLN R 160 -77.02 -92.58 -19.19
N LEU R 161 -76.54 -91.34 -19.27
CA LEU R 161 -77.43 -90.22 -19.10
C LEU R 161 -78.42 -90.15 -20.25
N ASN R 162 -77.98 -90.43 -21.47
CA ASN R 162 -78.95 -90.41 -22.55
C ASN R 162 -79.68 -91.73 -22.70
N GLU R 163 -79.21 -92.79 -22.05
CA GLU R 163 -79.93 -94.05 -22.08
C GLU R 163 -81.25 -93.96 -21.32
N ASP R 164 -81.24 -93.35 -20.14
CA ASP R 164 -82.48 -93.15 -19.41
C ASP R 164 -83.14 -91.86 -19.88
N GLU R 165 -84.21 -91.45 -19.22
CA GLU R 165 -84.92 -90.23 -19.58
C GLU R 165 -84.81 -89.29 -18.38
N ASN R 166 -83.84 -88.41 -18.43
CA ASN R 166 -83.59 -87.45 -17.37
C ASN R 166 -83.75 -86.04 -17.89
N SER R 167 -83.39 -85.07 -17.04
CA SER R 167 -83.56 -83.66 -17.36
C SER R 167 -82.64 -83.20 -18.49
N LEU R 168 -81.40 -83.66 -18.51
CA LEU R 168 -80.47 -83.20 -19.53
C LEU R 168 -80.65 -84.00 -20.81
N ILE R 169 -80.42 -83.34 -21.94
CA ILE R 169 -80.46 -83.98 -23.24
C ILE R 169 -79.15 -83.69 -23.97
N SER R 170 -78.71 -84.64 -24.78
CA SER R 170 -77.50 -84.51 -25.57
C SER R 170 -77.85 -83.86 -26.90
N LEU R 171 -78.38 -82.66 -26.84
CA LEU R 171 -78.95 -81.99 -28.00
C LEU R 171 -77.98 -80.88 -28.44
N THR R 172 -78.35 -80.01 -29.38
CA THR R 172 -77.47 -79.10 -30.12
C THR R 172 -76.68 -78.15 -29.23
N ASP R 173 -77.27 -77.66 -28.14
CA ASP R 173 -76.51 -76.75 -27.30
C ASP R 173 -75.56 -77.48 -26.38
N LEU R 174 -75.70 -78.80 -26.26
CA LEU R 174 -74.74 -79.63 -25.53
C LEU R 174 -73.60 -80.11 -26.42
N LEU R 175 -73.91 -80.68 -27.58
CA LEU R 175 -72.92 -81.14 -28.53
C LEU R 175 -73.42 -80.86 -29.93
N SER R 176 -72.50 -80.67 -30.85
CA SER R 176 -72.82 -80.43 -32.26
C SER R 176 -72.87 -81.77 -32.99
N LYS R 177 -72.85 -81.80 -34.31
CA LYS R 177 -73.11 -83.02 -35.06
C LYS R 177 -71.97 -84.02 -35.04
N ASP R 178 -70.77 -83.61 -35.43
CA ASP R 178 -69.71 -84.57 -35.74
C ASP R 178 -69.22 -85.34 -34.53
N GLU R 179 -69.25 -84.74 -33.35
CA GLU R 179 -68.75 -85.44 -32.18
C GLU R 179 -69.72 -86.49 -31.65
N ILE R 180 -71.02 -86.28 -31.76
CA ILE R 180 -71.91 -87.39 -31.42
C ILE R 180 -71.97 -88.38 -32.56
N LYS R 181 -71.63 -87.95 -33.76
CA LYS R 181 -71.26 -88.91 -34.79
C LYS R 181 -69.95 -89.60 -34.46
N TYR R 182 -69.00 -88.86 -33.88
CA TYR R 182 -67.79 -89.50 -33.40
C TYR R 182 -68.08 -90.42 -32.23
N HIS R 183 -68.92 -89.96 -31.30
CA HIS R 183 -69.16 -90.67 -30.06
C HIS R 183 -69.76 -92.04 -30.29
N ASP R 184 -70.83 -92.10 -31.07
CA ASP R 184 -71.50 -93.37 -31.27
C ASP R 184 -70.65 -94.32 -32.07
N THR R 185 -69.83 -93.79 -32.97
CA THR R 185 -69.01 -94.65 -33.79
C THR R 185 -67.82 -95.21 -33.03
N HIS R 186 -67.14 -94.37 -32.25
CA HIS R 186 -65.94 -94.83 -31.57
C HIS R 186 -66.28 -95.75 -30.42
N SER R 187 -67.36 -95.45 -29.70
CA SER R 187 -67.77 -96.32 -28.60
C SER R 187 -68.28 -97.66 -29.11
N LEU R 188 -68.77 -97.68 -30.35
CA LEU R 188 -69.06 -98.95 -30.98
C LEU R 188 -67.80 -99.76 -31.23
N ILE R 189 -66.81 -99.16 -31.87
CA ILE R 189 -65.64 -99.92 -32.29
C ILE R 189 -64.74 -100.28 -31.12
N TRP R 190 -64.79 -99.51 -30.04
CA TRP R 190 -64.11 -99.90 -28.82
C TRP R 190 -64.73 -101.17 -28.26
N LEU R 191 -66.04 -101.30 -28.38
CA LEU R 191 -66.71 -102.51 -27.93
C LEU R 191 -66.36 -103.69 -28.83
N LYS R 192 -65.99 -103.41 -30.07
CA LYS R 192 -65.60 -104.50 -30.96
C LYS R 192 -64.13 -104.84 -30.81
N LEU R 193 -63.41 -104.15 -29.94
CA LEU R 193 -62.11 -104.65 -29.53
C LEU R 193 -62.24 -105.59 -28.35
N VAL R 194 -63.09 -105.23 -27.39
CA VAL R 194 -63.24 -106.04 -26.19
C VAL R 194 -63.90 -107.37 -26.48
N ASN R 195 -64.91 -107.39 -27.33
CA ASN R 195 -65.82 -108.52 -27.41
C ASN R 195 -65.22 -109.74 -28.06
N ASP R 196 -64.40 -109.59 -29.09
CA ASP R 196 -64.02 -110.73 -29.92
C ASP R 196 -62.61 -111.22 -29.67
N SER R 197 -61.82 -110.50 -28.89
CA SER R 197 -60.44 -110.91 -28.69
C SER R 197 -60.14 -111.06 -27.20
N ILE R 198 -61.08 -110.63 -26.36
CA ILE R 198 -60.95 -110.74 -24.92
C ILE R 198 -62.16 -111.42 -24.30
N LEU R 199 -63.37 -110.95 -24.64
CA LEU R 199 -64.59 -111.44 -24.04
C LEU R 199 -65.18 -112.65 -24.76
N LYS R 200 -64.34 -113.44 -25.40
CA LYS R 200 -64.77 -114.73 -25.91
C LYS R 200 -65.11 -115.69 -24.79
N TYR R 201 -64.51 -115.55 -23.63
CA TYR R 201 -64.83 -116.39 -22.49
C TYR R 201 -65.56 -115.59 -21.43
N MET R 202 -66.48 -114.79 -21.86
CA MET R 202 -67.30 -114.04 -20.92
C MET R 202 -68.46 -114.92 -20.43
N PRO R 203 -68.62 -115.09 -19.14
CA PRO R 203 -69.83 -115.78 -18.64
C PRO R 203 -71.05 -114.90 -18.68
N GLU R 204 -72.16 -115.37 -18.11
CA GLU R 204 -73.46 -114.75 -18.36
C GLU R 204 -73.85 -113.70 -17.33
N GLU R 205 -72.89 -113.01 -16.74
CA GLU R 205 -73.20 -111.89 -15.87
C GLU R 205 -72.45 -110.63 -16.26
N LEU R 206 -71.72 -110.63 -17.36
CA LEU R 206 -70.88 -109.50 -17.71
C LEU R 206 -71.31 -108.93 -19.03
N GLN R 207 -72.62 -108.77 -19.21
CA GLN R 207 -73.21 -108.50 -20.50
C GLN R 207 -72.93 -107.09 -20.99
N ALA R 208 -73.50 -106.10 -20.32
CA ALA R 208 -73.20 -104.72 -20.65
C ALA R 208 -72.10 -104.21 -19.72
N ILE R 209 -71.27 -103.33 -20.27
CA ILE R 209 -70.17 -102.77 -19.48
C ILE R 209 -70.80 -101.65 -18.66
N ASN R 210 -71.28 -102.03 -17.48
CA ASN R 210 -71.79 -101.13 -16.48
C ASN R 210 -71.53 -101.79 -15.13
N ASP R 211 -72.06 -101.21 -14.07
CA ASP R 211 -71.82 -101.73 -12.73
C ASP R 211 -73.10 -102.25 -12.14
N THR R 212 -73.07 -103.50 -11.67
CA THR R 212 -74.05 -103.94 -10.70
C THR R 212 -73.66 -103.46 -9.31
N GLU R 213 -72.56 -104.00 -8.79
CA GLU R 213 -72.11 -103.71 -7.44
C GLU R 213 -70.69 -104.24 -7.29
N GLY R 214 -70.07 -103.89 -6.16
CA GLY R 214 -68.68 -104.23 -5.94
C GLY R 214 -67.80 -103.05 -6.27
N SER R 215 -67.15 -103.10 -7.41
CA SER R 215 -66.28 -102.01 -7.86
C SER R 215 -67.07 -101.15 -8.84
N VAL R 216 -67.59 -100.03 -8.36
CA VAL R 216 -68.35 -99.10 -9.19
C VAL R 216 -67.37 -98.06 -9.69
N ASN R 217 -66.61 -98.37 -10.72
CA ASN R 217 -65.68 -97.37 -11.26
C ASN R 217 -65.93 -97.03 -12.72
N MET R 218 -66.60 -97.89 -13.47
CA MET R 218 -66.87 -97.67 -14.87
C MET R 218 -67.99 -96.67 -15.13
N ILE R 219 -68.62 -96.14 -14.08
CA ILE R 219 -69.89 -95.47 -14.27
C ILE R 219 -69.70 -93.99 -14.50
N ASP R 220 -69.22 -93.26 -13.48
CA ASP R 220 -69.24 -91.81 -13.52
C ASP R 220 -67.91 -91.28 -13.02
N GLU R 221 -67.65 -90.06 -13.33
CA GLU R 221 -66.63 -89.25 -12.70
C GLU R 221 -67.26 -88.43 -11.61
N PRO R 222 -67.09 -88.83 -10.35
CA PRO R 222 -67.56 -88.02 -9.24
C PRO R 222 -66.45 -87.09 -8.76
N ASP R 223 -65.91 -86.30 -9.67
CA ASP R 223 -64.86 -85.35 -9.39
C ASP R 223 -65.44 -84.01 -8.95
N TRP R 224 -66.65 -84.04 -8.41
CA TRP R 224 -67.48 -82.86 -8.25
C TRP R 224 -67.02 -81.96 -7.11
N ASN R 225 -65.98 -82.35 -6.38
CA ASN R 225 -65.40 -81.50 -5.36
C ASN R 225 -63.95 -81.17 -5.66
N LYS R 226 -63.53 -81.35 -6.90
CA LYS R 226 -62.23 -80.86 -7.36
C LYS R 226 -62.20 -79.35 -7.24
N PHE R 227 -61.02 -78.83 -6.96
CA PHE R 227 -60.85 -77.42 -6.62
C PHE R 227 -60.30 -76.69 -7.82
N VAL R 228 -60.78 -75.48 -8.04
CA VAL R 228 -60.35 -74.62 -9.13
C VAL R 228 -60.22 -73.22 -8.55
N PHE R 229 -59.21 -72.46 -9.00
CA PHE R 229 -59.15 -71.07 -8.60
C PHE R 229 -60.22 -70.27 -9.30
N ILE R 230 -60.83 -69.34 -8.58
CA ILE R 230 -61.93 -68.55 -9.11
C ILE R 230 -61.58 -67.09 -8.98
N HIS R 231 -61.73 -66.35 -10.06
CA HIS R 231 -61.61 -64.90 -10.03
C HIS R 231 -62.99 -64.30 -10.14
N VAL R 232 -63.27 -63.30 -9.33
CA VAL R 232 -64.63 -62.78 -9.19
C VAL R 232 -64.78 -61.48 -9.96
N ASN R 233 -65.77 -61.43 -10.85
CA ASN R 233 -65.95 -60.33 -11.78
C ASN R 233 -67.41 -59.93 -11.86
N GLY R 234 -68.05 -59.75 -10.71
CA GLY R 234 -69.44 -59.35 -10.69
C GLY R 234 -69.61 -57.94 -11.23
N PRO R 235 -70.53 -57.75 -12.16
CA PRO R 235 -70.71 -56.43 -12.78
C PRO R 235 -71.30 -55.45 -11.79
N PRO R 236 -70.57 -54.39 -11.44
CA PRO R 236 -71.00 -53.52 -10.35
C PRO R 236 -72.15 -52.61 -10.74
N ASP R 237 -73.26 -52.86 -10.09
CA ASP R 237 -74.51 -52.12 -10.24
C ASP R 237 -75.12 -51.75 -8.90
N GLY R 238 -74.53 -52.20 -7.80
CA GLY R 238 -74.99 -51.84 -6.47
C GLY R 238 -73.89 -51.29 -5.59
N GLU R 248 -78.01 -53.46 -7.37
CA GLU R 248 -79.01 -54.20 -8.13
C GLU R 248 -79.73 -55.22 -7.26
N ASN R 249 -79.03 -56.24 -6.79
CA ASN R 249 -79.60 -57.22 -5.88
C ASN R 249 -78.74 -57.35 -4.64
N GLU R 250 -78.41 -56.20 -4.03
CA GLU R 250 -77.30 -56.13 -3.07
C GLU R 250 -77.64 -56.85 -1.77
N PHE R 251 -76.78 -57.80 -1.37
CA PHE R 251 -76.99 -58.59 -0.17
C PHE R 251 -75.82 -58.57 0.81
N GLY R 252 -74.66 -58.06 0.41
CA GLY R 252 -73.52 -58.08 1.31
C GLY R 252 -73.04 -56.72 1.75
N LYS R 253 -72.02 -56.66 2.62
CA LYS R 253 -71.55 -55.35 3.05
C LYS R 253 -70.63 -54.70 2.00
N PRO R 254 -69.50 -55.32 1.52
CA PRO R 254 -68.75 -54.62 0.46
C PRO R 254 -69.49 -54.63 -0.86
N CYS R 255 -69.88 -55.82 -1.30
CA CYS R 255 -70.66 -55.97 -2.53
C CYS R 255 -71.63 -57.13 -2.40
N TYR R 256 -72.35 -57.43 -3.47
CA TYR R 256 -73.30 -58.54 -3.49
C TYR R 256 -72.58 -59.78 -4.00
N THR R 257 -72.19 -60.65 -3.07
CA THR R 257 -71.81 -62.02 -3.39
C THR R 257 -72.59 -62.92 -2.45
N VAL R 258 -72.64 -64.21 -2.76
CA VAL R 258 -73.36 -65.20 -1.94
C VAL R 258 -72.45 -66.41 -1.85
N THR R 259 -72.64 -67.23 -0.81
CA THR R 259 -72.21 -68.61 -0.84
C THR R 259 -73.04 -69.44 0.12
N ILE R 260 -72.94 -70.75 -0.03
CA ILE R 260 -73.52 -71.74 0.88
C ILE R 260 -72.78 -73.06 0.74
N PRO R 261 -72.16 -73.56 1.78
CA PRO R 261 -71.53 -74.88 1.69
C PRO R 261 -72.52 -75.99 1.93
N ASP R 262 -72.02 -77.20 2.07
CA ASP R 262 -72.84 -78.26 2.64
C ASP R 262 -72.62 -78.38 4.14
N LEU R 263 -71.51 -77.87 4.65
CA LEU R 263 -71.17 -78.05 6.06
C LEU R 263 -70.80 -76.74 6.74
N LYS R 264 -70.04 -75.91 6.05
CA LYS R 264 -69.31 -74.86 6.73
C LYS R 264 -70.14 -73.59 6.84
N GLU R 265 -69.54 -72.57 7.44
CA GLU R 265 -70.13 -71.24 7.52
C GLU R 265 -70.13 -70.63 6.13
N GLU R 266 -70.98 -69.63 5.91
CA GLU R 266 -71.22 -69.10 4.58
C GLU R 266 -70.32 -67.90 4.33
N VAL R 267 -69.04 -68.11 4.58
CA VAL R 267 -68.02 -67.10 4.32
C VAL R 267 -67.82 -67.01 2.81
N GLU R 268 -68.06 -65.84 2.26
CA GLU R 268 -68.17 -65.68 0.82
C GLU R 268 -67.03 -64.82 0.28
N LEU R 269 -67.11 -64.55 -1.01
CA LEU R 269 -66.17 -63.68 -1.71
C LEU R 269 -66.62 -62.24 -1.56
N THR R 270 -65.73 -61.28 -1.79
CA THR R 270 -66.15 -59.91 -1.68
C THR R 270 -66.30 -59.26 -3.06
N ILE R 271 -65.22 -59.00 -3.78
CA ILE R 271 -65.35 -58.40 -5.10
C ILE R 271 -64.35 -58.98 -6.11
N GLY R 272 -63.07 -58.98 -5.75
CA GLY R 272 -62.02 -59.32 -6.69
C GLY R 272 -60.90 -60.13 -6.07
N SER R 273 -61.21 -60.92 -5.05
CA SER R 273 -60.21 -61.77 -4.43
C SER R 273 -60.36 -63.18 -4.98
N ILE R 274 -59.26 -63.93 -4.94
CA ILE R 274 -59.20 -65.23 -5.61
C ILE R 274 -59.32 -66.33 -4.57
N TYR R 275 -60.47 -66.95 -4.47
CA TYR R 275 -60.62 -67.98 -3.46
C TYR R 275 -60.60 -69.35 -4.10
N VAL R 276 -60.45 -70.37 -3.26
CA VAL R 276 -60.38 -71.75 -3.71
C VAL R 276 -61.57 -72.48 -3.11
N MET R 277 -62.38 -73.12 -3.96
CA MET R 277 -63.58 -73.80 -3.49
C MET R 277 -63.79 -75.08 -4.30
N ARG R 278 -64.81 -75.83 -3.91
CA ARG R 278 -65.25 -77.02 -4.62
C ARG R 278 -66.09 -76.60 -5.83
N TYR R 279 -66.79 -77.53 -6.44
CA TYR R 279 -67.33 -77.24 -7.77
C TYR R 279 -68.84 -77.07 -7.80
N GLU R 280 -69.61 -77.83 -7.01
CA GLU R 280 -71.05 -77.61 -7.02
C GLU R 280 -71.40 -76.30 -6.38
N VAL R 281 -70.62 -75.88 -5.39
CA VAL R 281 -70.81 -74.59 -4.75
C VAL R 281 -70.47 -73.42 -5.66
N ILE R 282 -69.85 -73.67 -6.80
CA ILE R 282 -69.58 -72.66 -7.80
C ILE R 282 -70.29 -73.02 -9.12
N ARG R 283 -71.02 -74.12 -9.13
CA ARG R 283 -71.74 -74.54 -10.33
C ARG R 283 -72.84 -73.56 -10.69
N ASP R 284 -73.54 -73.03 -9.68
CA ASP R 284 -74.68 -72.16 -9.93
C ASP R 284 -74.29 -70.81 -10.51
N LEU R 285 -73.25 -70.18 -9.98
CA LEU R 285 -72.89 -68.84 -10.38
C LEU R 285 -72.13 -68.79 -11.69
N LEU R 286 -71.95 -69.92 -12.36
CA LEU R 286 -71.37 -69.86 -13.69
C LEU R 286 -72.42 -69.98 -14.76
N ARG R 287 -73.65 -70.32 -14.39
CA ARG R 287 -74.75 -70.27 -15.33
C ARG R 287 -75.04 -68.84 -15.73
N ASP R 288 -75.38 -68.00 -14.76
CA ASP R 288 -75.31 -66.56 -14.94
C ASP R 288 -73.84 -66.21 -14.91
N ASP R 289 -73.28 -65.93 -16.09
CA ASP R 289 -71.83 -65.83 -16.21
C ASP R 289 -71.33 -64.52 -15.61
N LYS R 290 -71.28 -64.46 -14.29
CA LYS R 290 -70.83 -63.28 -13.60
C LYS R 290 -69.48 -63.45 -12.92
N VAL R 291 -68.93 -64.65 -12.88
CA VAL R 291 -67.71 -64.88 -12.12
C VAL R 291 -66.80 -65.86 -12.85
N ALA R 292 -65.58 -65.43 -13.12
CA ALA R 292 -64.74 -66.10 -14.09
C ALA R 292 -63.86 -67.15 -13.41
N LEU R 293 -62.90 -67.68 -14.15
CA LEU R 293 -62.00 -68.70 -13.66
C LEU R 293 -60.54 -68.24 -13.72
N ILE S 5 -19.68 -48.83 -62.83
CA ILE S 5 -20.88 -48.29 -63.44
C ILE S 5 -22.05 -48.42 -62.47
N SER S 6 -21.89 -49.25 -61.45
CA SER S 6 -22.96 -49.56 -60.52
C SER S 6 -22.76 -48.74 -59.25
N GLN S 7 -23.52 -47.65 -59.11
CA GLN S 7 -23.46 -46.88 -57.88
C GLN S 7 -24.09 -47.70 -56.75
N PHE S 8 -23.46 -47.64 -55.58
CA PHE S 8 -23.68 -48.63 -54.54
C PHE S 8 -25.08 -48.56 -53.96
N SER S 9 -25.65 -47.37 -53.83
CA SER S 9 -27.01 -47.28 -53.32
C SER S 9 -28.02 -47.78 -54.33
N GLU S 10 -27.70 -47.69 -55.62
CA GLU S 10 -28.66 -47.98 -56.67
C GLU S 10 -29.01 -49.45 -56.77
N ALA S 11 -28.02 -50.33 -56.68
CA ALA S 11 -28.28 -51.75 -56.81
C ALA S 11 -29.09 -52.29 -55.65
N TYR S 12 -28.95 -51.68 -54.47
CA TYR S 12 -29.70 -52.12 -53.31
C TYR S 12 -31.18 -51.85 -53.46
N ASN S 13 -31.54 -50.62 -53.85
CA ASN S 13 -32.94 -50.31 -54.11
C ASN S 13 -33.45 -51.07 -55.32
N LYS S 14 -32.59 -51.31 -56.30
CA LYS S 14 -33.02 -52.04 -57.49
C LYS S 14 -33.29 -53.49 -57.17
N ILE S 15 -32.43 -54.11 -56.35
CA ILE S 15 -32.68 -55.48 -55.93
C ILE S 15 -33.75 -55.57 -54.86
N LEU S 16 -34.13 -54.45 -54.26
CA LEU S 16 -35.23 -54.47 -53.32
C LEU S 16 -36.55 -54.76 -54.00
N ARG S 17 -36.92 -53.96 -54.99
CA ARG S 17 -38.20 -54.07 -55.65
C ARG S 17 -38.34 -55.31 -56.51
N ASN S 18 -37.26 -56.01 -56.81
CA ASN S 18 -37.37 -57.11 -57.75
C ASN S 18 -37.86 -58.37 -57.07
N SER S 19 -37.57 -58.53 -55.79
CA SER S 19 -38.10 -59.65 -55.01
C SER S 19 -38.41 -59.15 -53.60
N SER S 20 -39.63 -58.69 -53.39
CA SER S 20 -40.06 -58.25 -52.07
C SER S 20 -41.49 -58.70 -51.82
N SER S 21 -41.87 -59.84 -52.38
CA SER S 21 -43.23 -60.32 -52.25
C SER S 21 -43.30 -61.43 -51.20
N HIS S 22 -44.52 -61.71 -50.77
CA HIS S 22 -44.75 -62.69 -49.73
C HIS S 22 -45.18 -64.02 -50.33
N SER S 23 -44.36 -64.53 -51.23
CA SER S 23 -44.61 -65.77 -51.94
C SER S 23 -43.26 -66.41 -52.18
N SER S 24 -43.18 -67.33 -53.14
CA SER S 24 -41.91 -67.92 -53.53
C SER S 24 -41.21 -67.08 -54.60
N CYS S 25 -40.96 -65.82 -54.30
CA CYS S 25 -40.16 -64.95 -55.18
C CYS S 25 -38.71 -64.95 -54.73
N GLN S 26 -38.21 -66.15 -54.49
CA GLN S 26 -37.08 -66.35 -53.60
C GLN S 26 -35.79 -65.96 -54.29
N LEU S 27 -35.07 -65.01 -53.69
CA LEU S 27 -33.70 -64.75 -54.07
C LEU S 27 -32.78 -65.63 -53.24
N VAL S 28 -31.72 -66.11 -53.85
CA VAL S 28 -30.85 -67.10 -53.26
C VAL S 28 -29.41 -66.66 -53.44
N ILE S 29 -28.64 -66.74 -52.36
CA ILE S 29 -27.23 -66.37 -52.40
C ILE S 29 -26.39 -67.63 -52.30
N PHE S 30 -25.19 -67.55 -52.86
CA PHE S 30 -24.22 -68.64 -52.89
C PHE S 30 -22.95 -68.18 -52.20
N VAL S 31 -22.30 -69.08 -51.46
CA VAL S 31 -21.02 -68.74 -50.86
C VAL S 31 -20.13 -69.97 -50.80
N SER S 32 -18.83 -69.77 -50.99
CA SER S 32 -17.83 -70.79 -50.75
C SER S 32 -17.57 -70.87 -49.26
N CYS S 33 -17.14 -72.05 -48.81
CA CYS S 33 -16.76 -72.24 -47.41
C CYS S 33 -15.25 -72.28 -47.24
N LEU S 34 -14.51 -72.26 -48.33
CA LEU S 34 -13.06 -72.46 -48.32
C LEU S 34 -12.29 -71.21 -47.92
N ASN S 35 -12.99 -70.16 -47.51
CA ASN S 35 -12.35 -68.91 -47.16
C ASN S 35 -13.08 -68.33 -45.96
N ILE S 36 -12.31 -67.77 -45.04
CA ILE S 36 -12.92 -67.23 -43.83
C ILE S 36 -13.59 -65.90 -44.12
N ASP S 37 -12.93 -65.04 -44.91
CA ASP S 37 -13.49 -63.74 -45.24
C ASP S 37 -14.74 -63.86 -46.08
N ALA S 38 -14.87 -64.96 -46.83
CA ALA S 38 -16.08 -65.21 -47.58
C ALA S 38 -17.28 -65.38 -46.67
N LEU S 39 -17.08 -65.97 -45.48
CA LEU S 39 -18.17 -66.13 -44.54
C LEU S 39 -18.66 -64.79 -44.01
N CYS S 40 -17.76 -64.02 -43.40
CA CYS S 40 -18.18 -62.92 -42.54
C CYS S 40 -18.81 -61.80 -43.33
N ALA S 41 -18.49 -61.71 -44.62
CA ALA S 41 -19.17 -60.74 -45.46
C ALA S 41 -20.64 -61.11 -45.60
N THR S 42 -20.92 -62.40 -45.75
CA THR S 42 -22.29 -62.81 -46.01
C THR S 42 -23.17 -62.69 -44.78
N LYS S 43 -22.59 -62.88 -43.60
CA LYS S 43 -23.39 -62.92 -42.38
C LYS S 43 -24.04 -61.58 -42.11
N MET S 44 -23.31 -60.50 -42.31
CA MET S 44 -23.88 -59.18 -42.09
C MET S 44 -24.89 -58.81 -43.15
N LEU S 45 -24.82 -59.42 -44.34
CA LEU S 45 -25.81 -59.10 -45.35
C LEU S 45 -27.13 -59.76 -45.06
N SER S 46 -27.10 -60.93 -44.48
CA SER S 46 -28.31 -61.67 -44.15
C SER S 46 -29.15 -60.96 -43.11
N LEU S 47 -28.52 -60.45 -42.05
CA LEU S 47 -29.28 -59.92 -40.94
C LEU S 47 -29.98 -58.61 -41.29
N LEU S 48 -29.40 -57.81 -42.19
CA LEU S 48 -30.15 -56.64 -42.63
C LEU S 48 -31.29 -57.03 -43.53
N PHE S 49 -31.16 -58.14 -44.25
CA PHE S 49 -32.29 -58.65 -45.00
C PHE S 49 -33.37 -59.19 -44.09
N LYS S 50 -33.01 -59.61 -42.89
CA LYS S 50 -34.03 -59.94 -41.90
C LYS S 50 -34.80 -58.70 -41.48
N LYS S 51 -34.09 -57.64 -41.10
CA LYS S 51 -34.83 -56.46 -40.65
C LYS S 51 -35.30 -55.61 -41.81
N GLN S 52 -35.08 -56.03 -43.06
CA GLN S 52 -35.82 -55.46 -44.18
C GLN S 52 -36.88 -56.41 -44.68
N LEU S 53 -37.03 -57.55 -44.00
CA LEU S 53 -38.19 -58.42 -44.05
C LEU S 53 -38.37 -59.02 -45.44
N VAL S 54 -37.39 -59.80 -45.88
CA VAL S 54 -37.43 -60.46 -47.17
C VAL S 54 -37.10 -61.93 -46.95
N GLN S 55 -37.65 -62.79 -47.79
CA GLN S 55 -37.42 -64.22 -47.71
C GLN S 55 -36.18 -64.60 -48.51
N SER S 56 -35.49 -65.64 -48.05
CA SER S 56 -34.16 -65.91 -48.57
C SER S 56 -33.89 -67.41 -48.59
N GLN S 57 -32.68 -67.75 -49.04
CA GLN S 57 -32.26 -69.11 -49.22
C GLN S 57 -30.75 -69.11 -49.35
N ILE S 58 -30.05 -69.75 -48.42
CA ILE S 58 -28.60 -69.72 -48.38
C ILE S 58 -28.08 -71.11 -48.62
N VAL S 59 -27.17 -71.25 -49.57
CA VAL S 59 -26.60 -72.55 -49.93
C VAL S 59 -25.09 -72.39 -49.98
N PRO S 60 -24.33 -73.23 -49.32
CA PRO S 60 -22.88 -73.23 -49.53
C PRO S 60 -22.51 -74.16 -50.68
N ILE S 61 -21.41 -73.83 -51.35
CA ILE S 61 -20.86 -74.65 -52.41
C ILE S 61 -19.36 -74.71 -52.21
N PHE S 62 -18.81 -75.90 -52.06
CA PHE S 62 -17.39 -75.98 -51.79
C PHE S 62 -16.56 -76.19 -53.06
N GLY S 63 -17.15 -76.69 -54.13
CA GLY S 63 -16.39 -77.10 -55.28
C GLY S 63 -16.77 -76.36 -56.54
N TYR S 64 -15.75 -76.04 -57.33
CA TYR S 64 -16.00 -75.27 -58.55
C TYR S 64 -16.67 -76.12 -59.62
N SER S 65 -16.44 -77.43 -59.63
CA SER S 65 -17.17 -78.30 -60.54
C SER S 65 -18.58 -78.59 -60.06
N GLU S 66 -18.90 -78.23 -58.82
CA GLU S 66 -20.22 -78.50 -58.24
C GLU S 66 -21.27 -77.50 -58.65
N LEU S 67 -20.84 -76.36 -59.23
CA LEU S 67 -21.73 -75.24 -59.48
C LEU S 67 -22.82 -75.57 -60.48
N ARG S 68 -22.55 -76.50 -61.39
CA ARG S 68 -23.57 -76.89 -62.35
C ARG S 68 -24.67 -77.70 -61.68
N ARG S 69 -24.31 -78.59 -60.78
CA ARG S 69 -25.25 -79.48 -60.12
C ARG S 69 -26.00 -78.79 -58.99
N HIS S 70 -25.76 -77.50 -58.76
CA HIS S 70 -26.49 -76.80 -57.70
C HIS S 70 -27.30 -75.63 -58.23
N TYR S 71 -27.02 -75.17 -59.45
CA TYR S 71 -27.85 -74.11 -60.00
C TYR S 71 -28.57 -74.59 -61.23
N SER S 72 -27.83 -75.19 -62.16
CA SER S 72 -28.29 -75.37 -63.54
C SER S 72 -29.25 -76.55 -63.71
N GLN S 73 -29.91 -76.91 -62.62
CA GLN S 73 -30.79 -78.07 -62.58
C GLN S 73 -32.03 -77.80 -61.75
N LEU S 74 -32.02 -76.75 -60.93
CA LEU S 74 -33.13 -76.51 -60.01
C LEU S 74 -33.41 -75.02 -59.98
N ASP S 75 -34.30 -74.56 -60.85
CA ASP S 75 -34.66 -73.16 -60.96
C ASP S 75 -36.13 -73.08 -61.36
N ASP S 76 -36.89 -72.24 -60.70
CA ASP S 76 -38.22 -72.02 -61.26
C ASP S 76 -38.54 -70.56 -61.57
N ASN S 77 -38.53 -69.68 -60.57
CA ASN S 77 -38.79 -68.28 -60.79
C ASN S 77 -37.82 -67.44 -59.96
N ILE S 78 -36.59 -67.91 -59.85
CA ILE S 78 -35.55 -67.16 -59.19
C ILE S 78 -35.11 -66.06 -60.14
N ASN S 79 -35.47 -64.83 -59.83
CA ASN S 79 -35.02 -63.70 -60.61
C ASN S 79 -33.72 -63.11 -60.11
N SER S 80 -33.38 -63.29 -58.83
CA SER S 80 -32.30 -62.57 -58.21
C SER S 80 -31.33 -63.55 -57.58
N LEU S 81 -30.34 -63.95 -58.35
CA LEU S 81 -29.29 -64.81 -57.85
C LEU S 81 -28.17 -63.90 -57.34
N LEU S 82 -27.49 -64.35 -56.31
CA LEU S 82 -26.40 -63.58 -55.72
C LEU S 82 -25.26 -64.54 -55.43
N LEU S 83 -24.03 -64.05 -55.53
CA LEU S 83 -22.87 -64.92 -55.50
C LEU S 83 -21.70 -64.16 -54.91
N VAL S 84 -20.83 -64.86 -54.19
CA VAL S 84 -19.72 -64.22 -53.51
C VAL S 84 -18.39 -64.79 -53.99
N GLY S 85 -17.77 -64.12 -54.97
CA GLY S 85 -16.40 -64.39 -55.31
C GLY S 85 -16.14 -65.73 -55.96
N PHE S 86 -16.55 -65.91 -57.21
CA PHE S 86 -16.30 -67.19 -57.86
C PHE S 86 -15.74 -67.10 -59.26
N GLY S 87 -16.00 -66.01 -59.97
CA GLY S 87 -15.75 -66.02 -61.40
C GLY S 87 -14.93 -64.88 -61.95
N GLY S 88 -13.95 -64.41 -61.19
CA GLY S 88 -13.06 -63.37 -61.69
C GLY S 88 -12.19 -63.86 -62.80
N VAL S 89 -11.88 -65.16 -62.79
CA VAL S 89 -10.96 -65.71 -63.78
C VAL S 89 -11.68 -66.49 -64.89
N ILE S 90 -12.46 -67.50 -64.56
CA ILE S 90 -13.14 -68.27 -65.59
C ILE S 90 -14.50 -67.62 -65.85
N ASP S 91 -14.85 -67.45 -67.12
CA ASP S 91 -16.14 -66.87 -67.46
C ASP S 91 -17.26 -67.87 -67.25
N LEU S 92 -18.20 -67.51 -66.38
CA LEU S 92 -19.32 -68.40 -66.09
C LEU S 92 -20.31 -68.45 -67.24
N GLU S 93 -20.38 -67.38 -68.04
CA GLU S 93 -21.31 -67.34 -69.15
C GLU S 93 -20.85 -68.26 -70.28
N ALA S 94 -19.56 -68.55 -70.35
CA ALA S 94 -19.09 -69.66 -71.17
C ALA S 94 -19.18 -70.98 -70.43
N PHE S 95 -19.05 -70.94 -69.09
CA PHE S 95 -19.18 -72.17 -68.32
C PHE S 95 -20.63 -72.63 -68.28
N LEU S 96 -21.55 -71.69 -68.11
CA LEU S 96 -22.96 -71.96 -68.17
C LEU S 96 -23.59 -71.16 -69.29
N GLU S 97 -24.22 -71.84 -70.23
CA GLU S 97 -24.94 -71.17 -71.30
C GLU S 97 -26.19 -70.55 -70.72
N ILE S 98 -26.40 -69.27 -71.00
CA ILE S 98 -27.69 -68.62 -70.82
C ILE S 98 -27.98 -67.89 -72.13
N ASP S 99 -28.98 -68.36 -72.85
CA ASP S 99 -29.43 -67.70 -74.05
C ASP S 99 -30.07 -66.36 -73.70
N PRO S 100 -29.86 -65.32 -74.51
CA PRO S 100 -30.62 -64.08 -74.32
C PRO S 100 -32.10 -64.30 -74.56
N GLN S 101 -32.89 -64.04 -73.53
CA GLN S 101 -34.33 -64.25 -73.56
C GLN S 101 -35.02 -63.12 -72.81
N GLU S 102 -36.05 -62.57 -73.46
CA GLU S 102 -36.80 -61.39 -73.02
C GLU S 102 -35.91 -60.19 -72.70
N GLN S 114 -31.46 -56.72 -73.23
CA GLN S 114 -32.23 -55.49 -73.08
C GLN S 114 -33.38 -55.69 -72.10
N SER S 115 -33.18 -55.21 -70.86
CA SER S 115 -34.14 -55.32 -69.76
C SER S 115 -34.52 -56.77 -69.49
N PHE S 116 -33.54 -57.53 -69.01
CA PHE S 116 -33.63 -58.98 -68.97
C PHE S 116 -34.54 -59.47 -67.86
N ARG S 117 -34.71 -60.79 -67.81
CA ARG S 117 -35.70 -61.43 -66.96
C ARG S 117 -35.11 -61.99 -65.66
N ARG S 118 -33.82 -62.22 -65.61
CA ARG S 118 -33.18 -62.74 -64.40
C ARG S 118 -31.77 -62.19 -64.36
N ASP S 119 -31.41 -61.52 -63.29
CA ASP S 119 -30.15 -60.82 -63.22
C ASP S 119 -29.41 -61.23 -61.96
N ILE S 120 -28.22 -61.78 -62.13
CA ILE S 120 -27.34 -62.06 -61.01
C ILE S 120 -26.54 -60.80 -60.75
N TYR S 121 -25.93 -60.73 -59.58
CA TYR S 121 -24.84 -59.80 -59.31
C TYR S 121 -23.56 -60.61 -59.19
N VAL S 122 -22.47 -59.97 -58.81
CA VAL S 122 -21.25 -60.69 -58.42
C VAL S 122 -20.45 -59.83 -57.46
N LEU S 123 -19.75 -60.48 -56.54
CA LEU S 123 -19.00 -59.83 -55.49
C LEU S 123 -17.58 -60.38 -55.50
N ASP S 124 -17.01 -60.50 -56.70
CA ASP S 124 -15.67 -61.06 -56.92
C ASP S 124 -14.66 -60.15 -56.22
N ALA S 125 -13.63 -60.76 -55.64
CA ALA S 125 -12.64 -60.01 -54.91
C ALA S 125 -11.27 -60.09 -55.54
N HIS S 126 -11.16 -60.64 -56.74
CA HIS S 126 -9.85 -60.98 -57.25
C HIS S 126 -9.33 -59.98 -58.26
N ARG S 127 -8.04 -60.04 -58.47
CA ARG S 127 -7.29 -59.11 -59.31
C ARG S 127 -7.51 -59.34 -60.81
N PRO S 128 -7.36 -60.54 -61.39
CA PRO S 128 -7.66 -60.66 -62.82
C PRO S 128 -9.16 -60.61 -63.03
N TRP S 129 -9.59 -59.75 -63.92
CA TRP S 129 -11.00 -59.61 -64.19
C TRP S 129 -11.31 -60.20 -65.56
N ASN S 130 -12.57 -60.10 -65.94
CA ASN S 130 -13.01 -60.56 -67.24
C ASN S 130 -13.78 -59.47 -67.95
N LEU S 131 -13.26 -59.07 -69.09
CA LEU S 131 -13.68 -57.90 -69.85
C LEU S 131 -15.14 -57.97 -70.28
N ASP S 132 -15.62 -59.16 -70.58
CA ASP S 132 -17.01 -59.41 -70.93
C ASP S 132 -17.92 -59.18 -69.75
N ASN S 133 -17.43 -59.38 -68.54
CA ASN S 133 -18.28 -59.31 -67.38
C ASN S 133 -18.54 -57.89 -66.93
N ILE S 134 -17.76 -56.93 -67.40
CA ILE S 134 -18.00 -55.52 -67.15
C ILE S 134 -18.48 -54.82 -68.40
N PHE S 135 -17.84 -55.09 -69.54
CA PHE S 135 -18.24 -54.52 -70.81
C PHE S 135 -18.97 -55.57 -71.63
N GLY S 136 -20.15 -55.21 -72.14
CA GLY S 136 -21.06 -56.24 -72.59
C GLY S 136 -21.73 -56.90 -71.42
N SER S 137 -22.35 -56.11 -70.54
CA SER S 137 -23.09 -56.61 -69.41
C SER S 137 -24.59 -56.55 -69.67
N GLN S 138 -25.21 -57.71 -69.63
CA GLN S 138 -26.65 -57.80 -69.84
C GLN S 138 -27.33 -58.66 -68.80
N ILE S 139 -26.64 -59.59 -68.17
CA ILE S 139 -27.19 -60.35 -67.05
C ILE S 139 -26.18 -60.31 -65.93
N ILE S 140 -24.92 -60.02 -66.26
CA ILE S 140 -23.88 -59.99 -65.26
C ILE S 140 -23.75 -58.56 -64.78
N GLN S 141 -24.61 -58.16 -63.86
CA GLN S 141 -24.47 -56.85 -63.25
C GLN S 141 -23.41 -56.92 -62.17
N CYS S 142 -22.17 -56.63 -62.54
CA CYS S 142 -21.05 -56.72 -61.63
C CYS S 142 -20.97 -55.50 -60.74
N PHE S 143 -20.25 -55.64 -59.62
CA PHE S 143 -20.00 -54.53 -58.71
C PHE S 143 -18.85 -53.70 -59.25
N ASP S 144 -19.20 -52.75 -60.12
CA ASP S 144 -18.27 -51.71 -60.59
C ASP S 144 -18.74 -50.36 -60.07
N ASP S 145 -18.14 -49.96 -58.96
CA ASP S 145 -18.20 -48.62 -58.40
C ASP S 145 -16.75 -48.16 -58.19
N GLY S 146 -16.49 -47.14 -57.36
CA GLY S 146 -15.11 -46.71 -57.14
C GLY S 146 -14.19 -47.70 -56.47
N THR S 147 -14.02 -48.86 -57.11
CA THR S 147 -13.13 -49.91 -56.67
C THR S 147 -11.80 -49.80 -57.43
N VAL S 148 -11.86 -49.98 -58.74
CA VAL S 148 -10.75 -49.74 -59.64
C VAL S 148 -11.21 -48.69 -60.64
N ASP S 149 -10.57 -47.54 -60.62
CA ASP S 149 -10.84 -46.49 -61.59
C ASP S 149 -10.04 -46.69 -62.87
N ASP S 150 -9.15 -47.67 -62.88
CA ASP S 150 -8.23 -47.89 -63.96
C ASP S 150 -8.40 -49.33 -64.43
N THR S 151 -9.66 -49.72 -64.67
CA THR S 151 -10.02 -51.09 -65.03
C THR S 151 -9.47 -51.43 -66.41
N LEU S 152 -8.13 -51.62 -66.45
CA LEU S 152 -7.32 -51.75 -67.65
C LEU S 152 -7.62 -50.66 -68.66
N GLY S 153 -7.30 -49.41 -68.30
CA GLY S 153 -7.72 -48.22 -69.02
C GLY S 153 -7.26 -48.11 -70.45
N GLU S 154 -6.40 -49.02 -70.92
CA GLU S 154 -5.99 -49.07 -72.32
C GLU S 154 -6.96 -49.87 -73.18
N GLN S 155 -8.02 -50.42 -72.60
CA GLN S 155 -8.87 -51.35 -73.32
C GLN S 155 -9.88 -50.67 -74.21
N LYS S 156 -9.87 -49.34 -74.27
CA LYS S 156 -10.91 -48.62 -75.00
C LYS S 156 -10.80 -48.78 -76.51
N GLU S 157 -9.78 -49.45 -77.02
CA GLU S 157 -9.72 -49.72 -78.45
C GLU S 157 -9.38 -51.16 -78.81
N ALA S 158 -9.09 -52.03 -77.84
CA ALA S 158 -8.66 -53.37 -78.22
C ALA S 158 -9.85 -54.25 -78.57
N TYR S 159 -10.70 -54.54 -77.59
CA TYR S 159 -11.90 -55.30 -77.89
C TYR S 159 -12.95 -54.43 -78.56
N TYR S 160 -12.88 -53.12 -78.35
CA TYR S 160 -13.80 -52.20 -79.01
C TYR S 160 -13.57 -52.15 -80.50
N LYS S 161 -12.41 -52.58 -80.99
CA LYS S 161 -12.24 -52.85 -82.40
C LYS S 161 -12.23 -54.33 -82.72
N LEU S 162 -12.20 -55.19 -81.70
CA LEU S 162 -12.38 -56.61 -81.95
C LEU S 162 -13.83 -56.99 -82.13
N LEU S 163 -14.76 -56.16 -81.68
CA LEU S 163 -16.16 -56.48 -81.81
C LEU S 163 -16.67 -56.38 -83.24
N GLU S 164 -16.13 -55.46 -84.03
CA GLU S 164 -16.55 -55.31 -85.41
C GLU S 164 -15.51 -55.81 -86.40
N LEU S 165 -14.29 -56.07 -85.93
CA LEU S 165 -13.09 -56.38 -86.73
C LEU S 165 -12.93 -55.50 -87.96
N ASN S 218 -7.63 -52.64 -103.17
CA ASN S 218 -7.10 -51.49 -102.45
C ASN S 218 -7.03 -51.78 -100.96
N ASP S 219 -8.01 -52.53 -100.45
CA ASP S 219 -8.05 -52.93 -99.06
C ASP S 219 -7.02 -53.99 -98.70
N LEU S 220 -6.31 -54.52 -99.70
CA LEU S 220 -5.29 -55.55 -99.45
C LEU S 220 -4.13 -55.01 -98.64
N SER S 221 -3.81 -53.72 -98.80
CA SER S 221 -2.77 -53.10 -97.98
C SER S 221 -3.38 -52.40 -96.76
N LYS S 222 -4.68 -52.09 -96.81
CA LYS S 222 -5.31 -51.41 -95.70
C LYS S 222 -5.76 -52.38 -94.61
N ARG S 223 -6.44 -53.47 -94.99
CA ARG S 223 -6.88 -54.45 -94.01
C ARG S 223 -5.71 -55.22 -93.42
N LYS S 224 -4.62 -55.37 -94.19
CA LYS S 224 -3.41 -56.02 -93.70
C LYS S 224 -2.81 -55.27 -92.52
N GLN S 225 -2.79 -53.93 -92.61
CA GLN S 225 -2.47 -53.13 -91.43
C GLN S 225 -3.52 -53.27 -90.36
N ARG S 226 -4.79 -53.39 -90.76
CA ARG S 226 -5.88 -53.49 -89.79
C ARG S 226 -5.86 -54.82 -89.05
N LYS S 227 -5.34 -55.87 -89.69
CA LYS S 227 -5.18 -57.14 -88.98
C LYS S 227 -4.03 -57.09 -87.99
N LYS S 228 -3.01 -56.28 -88.29
CA LYS S 228 -1.89 -56.15 -87.36
C LYS S 228 -2.25 -55.31 -86.15
N GLN S 229 -3.12 -54.31 -86.34
CA GLN S 229 -3.64 -53.55 -85.21
C GLN S 229 -4.45 -54.44 -84.30
N ILE S 230 -5.24 -55.34 -84.89
CA ILE S 230 -5.90 -56.40 -84.13
C ILE S 230 -4.86 -57.29 -83.47
N HIS S 231 -3.78 -57.61 -84.19
CA HIS S 231 -2.69 -58.36 -83.58
C HIS S 231 -1.95 -57.53 -82.56
N GLU S 232 -1.91 -56.21 -82.75
CA GLU S 232 -1.42 -55.34 -81.69
C GLU S 232 -2.37 -55.37 -80.51
N TYR S 233 -3.68 -55.43 -80.78
CA TYR S 233 -4.65 -55.61 -79.70
C TYR S 233 -4.56 -57.00 -79.11
N GLU S 234 -4.11 -57.97 -79.90
CA GLU S 234 -4.04 -59.34 -79.42
C GLU S 234 -2.96 -59.53 -78.36
N GLY S 235 -1.83 -58.83 -78.49
CA GLY S 235 -0.78 -58.98 -77.50
C GLY S 235 -1.14 -58.36 -76.16
N VAL S 236 -1.84 -57.24 -76.19
CA VAL S 236 -2.24 -56.58 -74.95
C VAL S 236 -3.39 -57.33 -74.29
N LEU S 237 -4.04 -58.22 -75.03
CA LEU S 237 -4.91 -59.20 -74.43
C LEU S 237 -4.20 -60.53 -74.24
N GLU S 238 -2.92 -60.61 -74.58
CA GLU S 238 -2.18 -61.84 -74.31
C GLU S 238 -1.37 -61.71 -73.04
N GLU S 239 -0.71 -60.58 -72.84
CA GLU S 239 -0.05 -60.35 -71.57
C GLU S 239 -1.06 -60.15 -70.46
N TYR S 240 -2.11 -59.38 -70.70
CA TYR S 240 -3.25 -59.45 -69.82
C TYR S 240 -3.94 -60.79 -70.05
N TYR S 241 -4.72 -61.22 -69.05
CA TYR S 241 -5.25 -62.57 -68.89
C TYR S 241 -4.11 -63.59 -68.81
N SER S 242 -2.95 -63.12 -68.34
CA SER S 242 -1.81 -63.96 -68.02
C SER S 242 -1.09 -63.41 -66.80
N GLN S 243 -1.84 -63.05 -65.76
CA GLN S 243 -1.26 -62.52 -64.53
C GLN S 243 -1.61 -63.47 -63.37
N GLY S 244 -0.78 -63.44 -62.33
CA GLY S 244 -1.14 -64.12 -61.10
C GLY S 244 -2.25 -63.38 -60.39
N THR S 245 -2.82 -64.02 -59.38
CA THR S 245 -4.00 -63.48 -58.71
C THR S 245 -3.72 -63.28 -57.23
N THR S 246 -4.41 -62.31 -56.65
CA THR S 246 -4.61 -62.22 -55.22
C THR S 246 -6.01 -61.71 -54.99
N VAL S 247 -6.28 -61.27 -53.78
CA VAL S 247 -7.38 -60.37 -53.51
C VAL S 247 -6.75 -59.02 -53.18
N VAL S 248 -7.12 -58.00 -53.94
CA VAL S 248 -6.58 -56.68 -53.69
C VAL S 248 -7.31 -56.02 -52.54
N ASN S 249 -8.64 -56.13 -52.52
CA ASN S 249 -9.46 -55.47 -51.51
C ASN S 249 -10.47 -56.46 -50.98
N SER S 250 -10.59 -56.54 -49.66
CA SER S 250 -11.45 -57.54 -49.06
C SER S 250 -12.91 -57.19 -49.25
N ILE S 251 -13.75 -58.23 -49.24
CA ILE S 251 -15.18 -58.04 -49.40
C ILE S 251 -15.79 -57.45 -48.16
N SER S 252 -15.07 -57.47 -47.05
CA SER S 252 -15.44 -56.65 -45.90
C SER S 252 -15.48 -55.17 -46.26
N ALA S 253 -14.56 -54.71 -47.09
CA ALA S 253 -14.46 -53.28 -47.35
C ALA S 253 -15.64 -52.77 -48.16
N GLN S 254 -16.16 -53.57 -49.08
CA GLN S 254 -17.16 -53.05 -49.99
C GLN S 254 -18.50 -52.91 -49.30
N ILE S 255 -19.00 -53.99 -48.73
CA ILE S 255 -20.37 -53.98 -48.23
C ILE S 255 -20.51 -53.13 -46.99
N TYR S 256 -19.43 -52.98 -46.22
CA TYR S 256 -19.51 -52.10 -45.07
C TYR S 256 -19.58 -50.66 -45.52
N SER S 257 -18.87 -50.33 -46.59
CA SER S 257 -18.99 -48.99 -47.14
C SER S 257 -20.36 -48.76 -47.73
N LEU S 258 -21.00 -49.80 -48.25
CA LEU S 258 -22.34 -49.66 -48.80
C LEU S 258 -23.35 -49.38 -47.70
N LEU S 259 -23.22 -50.07 -46.58
CA LEU S 259 -24.15 -49.86 -45.48
C LEU S 259 -23.98 -48.48 -44.87
N SER S 260 -22.75 -47.95 -44.89
CA SER S 260 -22.53 -46.60 -44.41
C SER S 260 -23.15 -45.57 -45.33
N ALA S 261 -23.30 -45.89 -46.62
CA ALA S 261 -24.07 -45.02 -47.50
C ALA S 261 -25.55 -45.09 -47.19
N ILE S 262 -25.99 -46.18 -46.56
CA ILE S 262 -27.34 -46.24 -46.03
C ILE S 262 -27.38 -45.70 -44.60
N GLY S 263 -26.38 -46.05 -43.81
CA GLY S 263 -26.21 -45.40 -42.51
C GLY S 263 -26.81 -46.11 -41.33
N GLU S 264 -26.43 -47.38 -41.08
CA GLU S 264 -26.96 -48.15 -39.97
C GLU S 264 -25.89 -48.32 -38.91
N THR S 265 -26.18 -47.85 -37.72
CA THR S 265 -25.19 -47.71 -36.66
C THR S 265 -25.34 -48.90 -35.71
N ASN S 266 -24.48 -49.89 -35.87
CA ASN S 266 -24.38 -50.96 -34.89
C ASN S 266 -22.94 -51.40 -34.78
N LEU S 267 -22.48 -51.54 -33.54
CA LEU S 267 -21.10 -51.89 -33.29
C LEU S 267 -20.82 -53.33 -33.64
N SER S 268 -21.87 -54.17 -33.65
CA SER S 268 -21.75 -55.53 -34.13
C SER S 268 -21.29 -55.57 -35.56
N ASN S 269 -21.81 -54.66 -36.39
CA ASN S 269 -21.27 -54.51 -37.74
C ASN S 269 -19.81 -54.12 -37.71
N LEU S 270 -19.48 -53.11 -36.91
CA LEU S 270 -18.10 -52.70 -36.73
C LEU S 270 -17.27 -53.79 -36.06
N TRP S 271 -17.90 -54.65 -35.28
CA TRP S 271 -17.16 -55.84 -34.89
C TRP S 271 -17.04 -56.83 -36.03
N LEU S 272 -18.02 -56.87 -36.92
CA LEU S 272 -17.99 -57.92 -37.92
C LEU S 272 -17.04 -57.62 -39.07
N ASN S 273 -17.01 -56.40 -39.56
CA ASN S 273 -16.28 -56.11 -40.79
C ASN S 273 -14.78 -56.20 -40.58
N ILE S 274 -14.32 -55.94 -39.35
CA ILE S 274 -12.90 -55.99 -39.09
C ILE S 274 -12.39 -57.41 -38.98
N LEU S 275 -13.30 -58.38 -38.86
CA LEU S 275 -12.87 -59.76 -38.77
C LEU S 275 -12.29 -60.24 -40.09
N GLY S 276 -12.94 -59.90 -41.20
CA GLY S 276 -12.52 -60.46 -42.48
C GLY S 276 -11.20 -59.89 -42.95
N THR S 277 -11.00 -58.60 -42.75
CA THR S 277 -9.71 -58.03 -43.10
C THR S 277 -8.61 -58.49 -42.17
N THR S 278 -8.95 -58.95 -40.98
CA THR S 278 -7.94 -59.52 -40.10
C THR S 278 -7.49 -60.87 -40.63
N SER S 279 -8.33 -61.56 -41.40
CA SER S 279 -7.95 -62.86 -41.89
C SER S 279 -6.87 -62.80 -42.95
N LEU S 280 -6.75 -61.68 -43.65
CA LEU S 280 -5.76 -61.60 -44.71
C LEU S 280 -4.41 -61.13 -44.19
N ASP S 281 -4.24 -61.07 -42.87
CA ASP S 281 -2.97 -60.66 -42.28
C ASP S 281 -1.89 -61.71 -42.46
N ILE S 282 -2.24 -62.90 -42.93
CA ILE S 282 -1.27 -63.98 -43.06
C ILE S 282 -1.12 -64.39 -44.52
N ALA S 283 -1.74 -63.63 -45.44
CA ALA S 283 -1.67 -63.96 -46.85
C ALA S 283 -0.98 -62.81 -47.56
N TYR S 284 -1.20 -61.58 -47.13
CA TYR S 284 -0.53 -60.44 -47.74
C TYR S 284 -0.12 -59.45 -46.65
N ALA S 285 0.48 -58.33 -47.06
CA ALA S 285 0.89 -57.32 -46.10
C ALA S 285 0.20 -55.98 -46.33
N GLN S 286 0.38 -55.38 -47.51
CA GLN S 286 0.04 -53.96 -47.60
C GLN S 286 -1.40 -53.72 -47.98
N VAL S 287 -2.21 -54.78 -48.07
CA VAL S 287 -3.62 -54.58 -48.32
C VAL S 287 -4.34 -53.95 -47.14
N TYR S 288 -4.08 -54.41 -45.93
CA TYR S 288 -4.66 -53.85 -44.74
C TYR S 288 -3.82 -52.73 -44.20
N ASN S 289 -2.61 -52.56 -44.72
CA ASN S 289 -1.81 -51.41 -44.35
C ASN S 289 -2.45 -50.13 -44.86
N ARG S 290 -3.25 -50.23 -45.92
CA ARG S 290 -4.10 -49.12 -46.31
C ARG S 290 -5.25 -48.90 -45.34
N LEU S 291 -5.63 -49.89 -44.54
CA LEU S 291 -6.82 -49.79 -43.72
C LEU S 291 -6.51 -49.46 -42.28
N TYR S 292 -5.25 -49.16 -42.00
CA TYR S 292 -4.91 -48.62 -40.69
C TYR S 292 -5.59 -47.30 -40.35
N PRO S 293 -5.86 -46.39 -41.29
CA PRO S 293 -6.77 -45.29 -40.93
C PRO S 293 -8.22 -45.70 -40.81
N LEU S 294 -8.70 -46.59 -41.67
CA LEU S 294 -10.13 -46.86 -41.70
C LEU S 294 -10.56 -47.73 -40.54
N LEU S 295 -9.62 -48.36 -39.87
CA LEU S 295 -9.95 -48.87 -38.56
C LEU S 295 -10.03 -47.77 -37.52
N GLN S 296 -9.20 -46.74 -37.62
CA GLN S 296 -9.06 -45.76 -36.55
C GLN S 296 -10.23 -44.78 -36.46
N ASP S 297 -10.66 -44.26 -37.59
CA ASP S 297 -11.70 -43.25 -37.61
C ASP S 297 -13.05 -43.79 -37.15
N GLU S 298 -13.36 -45.03 -37.48
CA GLU S 298 -14.69 -45.55 -37.21
C GLU S 298 -14.88 -45.84 -35.73
N VAL S 299 -13.83 -46.34 -35.08
CA VAL S 299 -13.95 -46.61 -33.64
C VAL S 299 -13.98 -45.33 -32.83
N LYS S 300 -13.55 -44.21 -33.40
CA LYS S 300 -13.71 -42.91 -32.78
C LYS S 300 -14.98 -42.20 -33.19
N ARG S 301 -15.41 -42.37 -34.44
CA ARG S 301 -16.66 -41.73 -34.86
C ARG S 301 -17.84 -42.45 -34.24
N LEU S 302 -17.73 -43.75 -34.03
CA LEU S 302 -18.76 -44.54 -33.36
C LEU S 302 -18.41 -44.72 -31.90
N THR S 303 -17.88 -43.66 -31.29
CA THR S 303 -17.60 -43.61 -29.87
C THR S 303 -18.89 -43.78 -29.08
N PRO S 304 -19.01 -44.84 -28.27
CA PRO S 304 -20.22 -44.99 -27.47
C PRO S 304 -20.21 -44.13 -26.22
N SER S 305 -19.05 -43.81 -25.69
CA SER S 305 -18.97 -43.22 -24.37
C SER S 305 -17.63 -42.53 -24.18
N SER S 306 -17.65 -41.45 -23.40
CA SER S 306 -16.43 -40.79 -22.98
C SER S 306 -15.90 -41.35 -21.66
N ARG S 307 -16.79 -41.72 -20.76
CA ARG S 307 -16.44 -42.29 -19.47
C ARG S 307 -16.23 -43.80 -19.64
N ASN S 308 -15.76 -44.46 -18.59
CA ASN S 308 -15.85 -45.92 -18.57
C ASN S 308 -17.29 -46.37 -18.36
N SER S 309 -18.04 -45.70 -17.49
CA SER S 309 -19.42 -46.01 -17.11
C SER S 309 -19.54 -47.45 -16.66
N VAL S 310 -18.83 -47.79 -15.58
CA VAL S 310 -18.45 -49.15 -15.23
C VAL S 310 -19.64 -50.00 -14.81
N LYS S 311 -19.42 -51.31 -14.70
CA LYS S 311 -20.35 -52.31 -14.17
C LYS S 311 -21.64 -52.38 -14.99
N THR S 312 -21.54 -52.16 -16.28
CA THR S 312 -22.66 -52.38 -17.18
C THR S 312 -22.41 -53.71 -17.85
N PRO S 313 -23.23 -54.73 -17.58
CA PRO S 313 -22.99 -56.06 -18.16
C PRO S 313 -23.16 -56.10 -19.65
N ASP S 314 -23.92 -55.17 -20.19
CA ASP S 314 -24.17 -55.00 -21.60
C ASP S 314 -23.18 -54.03 -22.24
N THR S 315 -23.61 -53.50 -23.39
CA THR S 315 -23.12 -52.34 -24.14
C THR S 315 -21.86 -52.55 -24.95
N LEU S 316 -21.15 -53.67 -24.73
CA LEU S 316 -20.11 -54.17 -25.64
C LEU S 316 -19.03 -53.13 -25.93
N THR S 317 -18.25 -52.74 -24.93
CA THR S 317 -17.40 -51.57 -25.11
C THR S 317 -16.19 -51.90 -25.98
N LEU S 318 -15.79 -50.94 -26.81
CA LEU S 318 -14.70 -51.11 -27.74
C LEU S 318 -13.53 -50.22 -27.36
N ASN S 319 -12.33 -50.76 -27.41
CA ASN S 319 -11.11 -50.07 -27.01
C ASN S 319 -10.00 -50.48 -27.96
N ILE S 320 -8.77 -50.09 -27.62
CA ILE S 320 -7.56 -50.56 -28.29
C ILE S 320 -6.50 -50.84 -27.24
N GLN S 321 -5.69 -51.87 -27.49
CA GLN S 321 -4.67 -52.33 -26.57
C GLN S 321 -3.60 -52.98 -27.44
N PRO S 322 -2.34 -52.94 -27.05
CA PRO S 322 -1.30 -53.61 -27.85
C PRO S 322 -1.37 -55.12 -27.67
N ASP S 323 -0.70 -55.83 -28.58
CA ASP S 323 -0.84 -57.27 -28.72
C ASP S 323 0.31 -57.79 -29.57
N TYR S 324 0.38 -59.12 -29.69
CA TYR S 324 1.59 -59.76 -30.19
C TYR S 324 1.25 -60.85 -31.19
N TYR S 325 2.32 -61.17 -31.95
CA TYR S 325 2.40 -62.27 -32.89
C TYR S 325 2.31 -63.52 -32.01
N LEU S 326 2.90 -63.46 -30.81
CA LEU S 326 2.76 -64.53 -29.84
C LEU S 326 1.27 -64.36 -29.65
N PHE S 327 0.55 -65.44 -29.86
CA PHE S 327 -0.89 -65.30 -29.98
C PHE S 327 -1.63 -66.08 -28.90
N LEU S 328 -2.96 -65.90 -28.91
CA LEU S 328 -3.98 -66.44 -28.01
C LEU S 328 -3.62 -66.35 -26.54
N LEU S 329 -2.82 -65.34 -26.19
CA LEU S 329 -2.29 -65.22 -24.84
C LEU S 329 -3.39 -64.90 -23.84
N ARG S 330 -4.23 -63.93 -24.17
CA ARG S 330 -5.33 -63.53 -23.31
C ARG S 330 -6.37 -64.62 -23.15
N HIS S 331 -6.46 -65.53 -24.11
CA HIS S 331 -7.29 -66.69 -23.87
C HIS S 331 -6.55 -67.66 -22.99
N SER S 332 -5.29 -67.95 -23.32
CA SER S 332 -4.52 -68.83 -22.46
C SER S 332 -3.15 -69.32 -22.96
N SER S 333 -2.59 -70.23 -22.16
CA SER S 333 -1.34 -70.96 -22.41
C SER S 333 0.08 -70.37 -22.54
N LEU S 334 0.47 -69.31 -21.83
CA LEU S 334 1.87 -68.92 -22.00
C LEU S 334 2.76 -70.16 -22.01
N TYR S 335 2.23 -71.30 -21.56
CA TYR S 335 2.89 -72.58 -21.78
C TYR S 335 3.06 -72.91 -23.25
N ASP S 336 1.98 -73.07 -24.02
CA ASP S 336 2.17 -73.45 -25.42
C ASP S 336 2.58 -72.28 -26.29
N SER S 337 2.71 -71.08 -25.72
CA SER S 337 3.50 -70.04 -26.35
C SER S 337 4.91 -70.49 -26.62
N PHE S 338 5.48 -71.35 -25.77
CA PHE S 338 6.83 -71.89 -25.89
C PHE S 338 7.09 -72.54 -27.23
N TYR S 339 6.13 -73.30 -27.74
CA TYR S 339 6.20 -73.67 -29.14
C TYR S 339 6.17 -72.43 -30.01
N TYR S 340 5.13 -71.62 -29.93
CA TYR S 340 5.07 -70.64 -31.01
C TYR S 340 5.81 -69.38 -30.65
N SER S 341 6.53 -69.35 -29.53
CA SER S 341 7.67 -68.44 -29.40
C SER S 341 8.83 -68.92 -30.28
N ASN S 342 9.02 -70.25 -30.36
CA ASN S 342 10.05 -70.83 -31.22
C ASN S 342 9.67 -70.77 -32.70
N TYR S 343 8.37 -70.68 -33.02
CA TYR S 343 7.92 -70.17 -34.31
C TYR S 343 8.49 -68.80 -34.59
N VAL S 344 8.46 -67.91 -33.61
CA VAL S 344 9.02 -66.59 -33.80
C VAL S 344 10.54 -66.69 -33.88
N ASN S 345 11.13 -67.60 -33.12
CA ASN S 345 12.55 -67.86 -33.35
C ASN S 345 12.78 -68.72 -34.58
N ALA S 346 11.74 -69.40 -35.09
CA ALA S 346 11.84 -69.94 -36.44
C ALA S 346 11.86 -68.83 -37.46
N LYS S 347 11.30 -67.68 -37.14
CA LYS S 347 11.52 -66.52 -37.98
C LYS S 347 12.90 -65.93 -37.78
N LEU S 348 13.66 -66.35 -36.77
CA LEU S 348 14.96 -65.70 -36.67
C LEU S 348 16.11 -66.48 -37.31
N SER S 349 16.56 -67.58 -36.69
CA SER S 349 17.70 -68.30 -37.28
C SER S 349 17.72 -69.79 -36.90
N LEU S 350 16.61 -70.33 -36.41
CA LEU S 350 16.67 -71.68 -35.84
C LEU S 350 15.31 -72.34 -35.93
N TRP S 351 15.21 -73.56 -35.41
CA TRP S 351 13.90 -74.13 -35.12
C TRP S 351 13.90 -74.79 -33.76
N ASN S 352 15.06 -75.27 -33.32
CA ASN S 352 15.11 -75.85 -31.98
C ASN S 352 16.35 -75.49 -31.18
N GLU S 353 17.50 -75.31 -31.84
CA GLU S 353 18.78 -75.53 -31.18
C GLU S 353 19.19 -74.50 -30.14
N ASN S 354 19.47 -73.27 -30.58
CA ASN S 354 19.86 -72.20 -29.67
C ASN S 354 18.73 -71.76 -28.77
N GLY S 355 17.49 -71.78 -29.28
CA GLY S 355 16.33 -71.30 -28.57
C GLY S 355 16.03 -72.11 -27.34
N LYS S 356 16.16 -73.43 -27.44
CA LYS S 356 15.95 -74.27 -26.27
C LYS S 356 17.05 -74.09 -25.23
N LYS S 357 18.09 -73.34 -25.55
CA LYS S 357 18.82 -72.61 -24.53
C LYS S 357 18.32 -71.16 -24.43
N ARG S 358 18.17 -70.47 -25.58
CA ARG S 358 17.92 -69.04 -25.59
C ARG S 358 16.59 -68.65 -24.98
N LEU S 359 15.58 -69.50 -25.09
CA LEU S 359 14.29 -69.22 -24.45
C LEU S 359 14.42 -69.19 -22.94
N HIS S 360 15.41 -69.89 -22.41
CA HIS S 360 15.56 -69.93 -20.98
C HIS S 360 16.40 -68.79 -20.43
N LYS S 361 16.47 -67.65 -21.11
CA LYS S 361 16.74 -66.40 -20.42
C LYS S 361 15.46 -65.62 -20.22
N MET S 362 14.54 -65.75 -21.17
CA MET S 362 13.40 -64.85 -21.21
C MET S 362 12.13 -65.47 -20.65
N PHE S 363 12.11 -66.77 -20.37
CA PHE S 363 10.81 -67.34 -20.07
C PHE S 363 10.69 -67.92 -18.66
N ALA S 364 11.47 -68.95 -18.28
CA ALA S 364 11.29 -69.62 -16.99
C ALA S 364 11.77 -68.80 -15.79
N ARG S 365 12.11 -67.52 -16.03
CA ARG S 365 12.23 -66.46 -15.04
C ARG S 365 11.13 -66.52 -13.99
N MET S 366 9.92 -66.85 -14.38
CA MET S 366 8.86 -67.13 -13.43
C MET S 366 8.34 -68.52 -13.71
N GLY S 367 8.35 -69.38 -12.70
CA GLY S 367 7.59 -70.60 -12.76
C GLY S 367 6.12 -70.29 -12.88
N ILE S 368 5.45 -71.06 -13.73
CA ILE S 368 4.12 -70.71 -14.22
C ILE S 368 3.08 -71.54 -13.46
N PRO S 369 2.24 -70.91 -12.62
CA PRO S 369 1.45 -71.66 -11.63
C PRO S 369 0.20 -72.39 -12.11
N LEU S 370 -0.61 -72.82 -11.13
CA LEU S 370 -1.87 -73.54 -11.29
C LEU S 370 -3.17 -72.83 -10.91
N SER S 371 -3.12 -71.93 -9.92
CA SER S 371 -4.35 -71.26 -9.48
C SER S 371 -4.26 -69.76 -9.66
N THR S 372 -3.20 -69.15 -9.15
CA THR S 372 -2.95 -67.74 -9.34
C THR S 372 -2.45 -67.44 -10.75
N ALA S 373 -2.18 -68.46 -11.55
CA ALA S 373 -1.90 -68.31 -12.97
C ALA S 373 -3.16 -68.05 -13.78
N GLN S 374 -4.33 -68.35 -13.22
CA GLN S 374 -5.55 -67.70 -13.63
C GLN S 374 -5.52 -66.22 -13.31
N GLU S 375 -4.64 -65.76 -12.44
CA GLU S 375 -4.63 -64.34 -12.14
C GLU S 375 -3.31 -63.75 -12.63
N THR S 376 -2.19 -64.46 -12.52
CA THR S 376 -0.91 -63.82 -12.86
C THR S 376 -0.68 -63.72 -14.37
N TRP S 377 -0.99 -64.76 -15.16
CA TRP S 377 -0.91 -64.53 -16.61
C TRP S 377 -2.24 -64.12 -17.22
N LEU S 378 -3.23 -63.80 -16.39
CA LEU S 378 -4.36 -62.99 -16.83
C LEU S 378 -4.22 -61.53 -16.44
N TYR S 379 -3.97 -61.22 -15.15
CA TYR S 379 -3.89 -59.84 -14.66
C TYR S 379 -2.47 -59.31 -14.52
N MET S 380 -1.66 -59.86 -13.59
CA MET S 380 -0.38 -59.21 -13.31
C MET S 380 0.70 -59.59 -14.33
N ASP S 381 0.32 -60.28 -15.42
CA ASP S 381 1.16 -60.24 -16.61
C ASP S 381 1.13 -58.87 -17.26
N HIS S 382 0.19 -58.00 -16.85
CA HIS S 382 0.30 -56.59 -17.20
C HIS S 382 1.50 -55.93 -16.53
N SER S 383 1.95 -56.49 -15.40
CA SER S 383 3.26 -56.08 -14.90
C SER S 383 4.37 -56.66 -15.76
N ILE S 384 4.07 -57.76 -16.46
CA ILE S 384 5.10 -58.46 -17.22
C ILE S 384 5.02 -58.09 -18.71
N LYS S 385 3.82 -57.78 -19.21
CA LYS S 385 3.69 -57.18 -20.53
C LYS S 385 4.33 -55.81 -20.57
N ARG S 386 4.16 -55.05 -19.50
CA ARG S 386 4.99 -53.88 -19.25
C ARG S 386 6.46 -54.25 -19.19
N GLU S 387 6.78 -55.38 -18.56
CA GLU S 387 8.17 -55.77 -18.41
C GLU S 387 8.76 -56.20 -19.75
N LEU S 388 8.03 -56.96 -20.55
CA LEU S 388 8.42 -57.17 -21.94
C LEU S 388 8.41 -55.86 -22.71
N GLY S 389 7.44 -54.99 -22.39
CA GLY S 389 7.44 -53.64 -22.94
C GLY S 389 8.64 -52.85 -22.48
N ILE S 390 9.15 -53.15 -21.28
CA ILE S 390 10.44 -52.57 -20.92
C ILE S 390 11.59 -53.57 -21.04
N ILE S 391 11.36 -54.76 -21.59
CA ILE S 391 12.43 -55.60 -22.11
C ILE S 391 12.69 -55.30 -23.58
N PHE S 392 11.63 -55.20 -24.38
CA PHE S 392 11.92 -55.13 -25.79
C PHE S 392 12.15 -53.71 -26.27
N ASP S 393 11.96 -52.71 -25.41
CA ASP S 393 12.42 -51.38 -25.78
C ASP S 393 13.95 -51.34 -25.75
N LYS S 394 14.56 -52.13 -24.87
CA LYS S 394 16.01 -52.31 -24.91
C LYS S 394 16.41 -53.53 -25.71
N ASN S 395 15.43 -54.27 -26.27
CA ASN S 395 15.68 -55.10 -27.46
C ASN S 395 15.22 -54.43 -28.74
N LEU S 396 15.23 -53.09 -28.80
CA LEU S 396 14.70 -52.43 -30.00
C LEU S 396 15.81 -51.80 -30.84
N ASP S 397 16.66 -50.97 -30.23
CA ASP S 397 17.81 -50.43 -30.96
C ASP S 397 18.92 -51.46 -31.12
N ARG S 398 18.81 -52.61 -30.43
CA ARG S 398 19.79 -53.67 -30.47
C ARG S 398 19.33 -54.91 -31.21
N TYR S 399 18.10 -55.38 -31.00
CA TYR S 399 17.60 -56.54 -31.74
C TYR S 399 16.90 -56.03 -32.98
N GLY S 400 15.90 -55.17 -32.87
CA GLY S 400 15.29 -54.59 -34.04
C GLY S 400 14.38 -55.55 -34.75
N LEU S 401 13.89 -56.56 -34.04
CA LEU S 401 13.00 -57.52 -34.66
C LEU S 401 11.57 -57.14 -34.29
N GLN S 402 10.86 -56.65 -35.29
CA GLN S 402 9.62 -55.89 -35.11
C GLN S 402 8.44 -56.71 -35.63
N ASP S 403 8.45 -57.98 -35.29
CA ASP S 403 7.35 -58.88 -35.58
C ASP S 403 6.50 -59.14 -34.36
N ILE S 404 6.70 -58.37 -33.30
CA ILE S 404 6.09 -58.69 -32.02
C ILE S 404 5.18 -57.57 -31.58
N ILE S 405 5.71 -56.36 -31.47
CA ILE S 405 4.89 -55.24 -31.08
C ILE S 405 3.93 -54.90 -32.21
N ARG S 406 2.64 -54.86 -31.89
CA ARG S 406 1.67 -54.50 -32.90
C ARG S 406 0.50 -53.80 -32.23
N ASP S 407 -0.14 -52.94 -33.03
CA ASP S 407 -1.21 -52.09 -32.54
C ASP S 407 -2.45 -52.89 -32.19
N GLY S 408 -3.00 -53.62 -33.15
CA GLY S 408 -4.09 -54.55 -32.94
C GLY S 408 -5.41 -53.92 -32.53
N PHE S 409 -6.33 -54.81 -32.18
CA PHE S 409 -7.66 -54.39 -31.80
C PHE S 409 -8.25 -55.41 -30.85
N VAL S 410 -9.20 -54.96 -30.03
CA VAL S 410 -9.75 -55.78 -28.95
C VAL S 410 -11.23 -55.46 -28.81
N ARG S 411 -11.96 -56.33 -28.12
CA ARG S 411 -13.34 -56.06 -27.72
C ARG S 411 -13.57 -56.74 -26.39
N THR S 412 -14.62 -56.33 -25.70
CA THR S 412 -15.05 -57.02 -24.50
C THR S 412 -16.56 -57.21 -24.51
N LEU S 413 -17.04 -58.01 -23.57
CA LEU S 413 -18.47 -58.32 -23.48
C LEU S 413 -19.11 -57.80 -22.21
N GLY S 414 -18.44 -56.90 -21.50
CA GLY S 414 -18.93 -56.49 -20.20
C GLY S 414 -18.40 -57.40 -19.10
N TYR S 415 -18.57 -58.68 -19.29
CA TYR S 415 -17.92 -59.73 -18.52
C TYR S 415 -17.39 -60.75 -19.51
N ARG S 416 -17.09 -61.96 -19.01
CA ARG S 416 -16.68 -63.12 -19.80
C ARG S 416 -15.35 -62.90 -20.51
N GLY S 417 -14.46 -62.15 -19.89
CA GLY S 417 -13.11 -62.06 -20.40
C GLY S 417 -12.97 -61.15 -21.59
N SER S 418 -11.74 -60.74 -21.83
CA SER S 418 -11.41 -59.88 -22.94
C SER S 418 -10.94 -60.77 -24.07
N ILE S 419 -11.51 -60.59 -25.25
CA ILE S 419 -11.18 -61.41 -26.41
C ILE S 419 -10.89 -60.47 -27.55
N SER S 420 -9.68 -60.53 -28.08
CA SER S 420 -9.31 -59.66 -29.19
C SER S 420 -9.67 -60.36 -30.49
N ALA S 421 -9.33 -59.75 -31.61
CA ALA S 421 -9.64 -60.36 -32.89
C ALA S 421 -8.45 -61.06 -33.50
N SER S 422 -7.27 -61.00 -32.88
CA SER S 422 -6.12 -61.72 -33.40
C SER S 422 -6.30 -63.21 -33.24
N GLU S 423 -6.57 -63.64 -32.02
CA GLU S 423 -6.81 -65.05 -31.72
C GLU S 423 -8.16 -65.52 -32.25
N PHE S 424 -9.07 -64.61 -32.55
CA PHE S 424 -10.44 -65.00 -32.81
C PHE S 424 -10.56 -65.62 -34.19
N VAL S 425 -9.77 -65.13 -35.14
CA VAL S 425 -9.73 -65.75 -36.45
C VAL S 425 -9.08 -67.11 -36.39
N GLU S 426 -8.23 -67.35 -35.39
CA GLU S 426 -7.57 -68.64 -35.26
C GLU S 426 -8.54 -69.73 -34.86
N ALA S 427 -9.49 -69.42 -33.97
CA ALA S 427 -10.48 -70.42 -33.59
C ALA S 427 -11.40 -70.75 -34.74
N LEU S 428 -11.70 -69.76 -35.59
CA LEU S 428 -12.61 -70.01 -36.69
C LEU S 428 -12.00 -70.90 -37.75
N THR S 429 -10.68 -70.86 -37.90
CA THR S 429 -10.05 -71.75 -38.87
C THR S 429 -10.08 -73.19 -38.41
N ALA S 430 -9.65 -73.45 -37.19
CA ALA S 430 -9.58 -74.80 -36.70
C ALA S 430 -10.95 -75.42 -36.48
N LEU S 431 -11.92 -74.62 -36.06
CA LEU S 431 -13.25 -75.17 -35.85
C LEU S 431 -13.93 -75.47 -37.18
N LEU S 432 -13.50 -74.79 -38.24
CA LEU S 432 -13.97 -75.18 -39.56
C LEU S 432 -13.37 -76.50 -39.98
N GLU S 433 -12.20 -76.83 -39.46
CA GLU S 433 -11.52 -78.05 -39.85
C GLU S 433 -12.13 -79.27 -39.18
N VAL S 434 -12.08 -79.31 -37.88
CA VAL S 434 -12.53 -80.47 -37.13
C VAL S 434 -13.80 -80.09 -36.38
N GLY S 435 -14.60 -81.07 -36.00
CA GLY S 435 -15.85 -80.79 -35.33
C GLY S 435 -16.98 -81.61 -35.89
N ASN S 436 -16.63 -82.60 -36.71
CA ASN S 436 -17.61 -83.49 -37.33
C ASN S 436 -18.36 -84.33 -36.29
N SER S 462 -17.87 -96.27 -58.73
CA SER S 462 -16.72 -95.71 -58.02
C SER S 462 -17.06 -94.35 -57.40
N ALA S 463 -16.00 -93.61 -57.00
CA ALA S 463 -16.10 -92.25 -56.46
C ALA S 463 -16.96 -92.17 -55.20
N GLN S 464 -16.99 -93.27 -54.45
CA GLN S 464 -17.89 -93.36 -53.31
C GLN S 464 -17.34 -92.74 -52.05
N LYS S 465 -16.05 -92.42 -52.02
CA LYS S 465 -15.47 -91.84 -50.82
C LYS S 465 -15.50 -90.31 -50.86
N LEU S 466 -15.40 -89.73 -52.05
CA LEU S 466 -15.36 -88.29 -52.17
C LEU S 466 -16.71 -87.65 -51.86
N THR S 467 -17.80 -88.37 -52.13
CA THR S 467 -19.11 -87.86 -51.74
C THR S 467 -19.26 -87.79 -50.23
N ASN S 468 -18.88 -88.87 -49.54
CA ASN S 468 -18.90 -88.84 -48.09
C ASN S 468 -17.73 -88.06 -47.51
N LEU S 469 -16.82 -87.56 -48.34
CA LEU S 469 -15.89 -86.57 -47.85
C LEU S 469 -16.40 -85.16 -48.10
N ARG S 470 -17.12 -84.95 -49.20
CA ARG S 470 -17.58 -83.60 -49.49
C ARG S 470 -18.80 -83.23 -48.65
N LYS S 471 -19.55 -84.21 -48.16
CA LYS S 471 -20.69 -83.88 -47.31
C LYS S 471 -20.23 -83.47 -45.92
N ARG S 472 -19.00 -83.80 -45.58
CA ARG S 472 -18.48 -83.39 -44.28
C ARG S 472 -18.22 -81.90 -44.22
N TRP S 473 -17.50 -81.36 -45.20
CA TRP S 473 -16.99 -80.00 -45.09
C TRP S 473 -18.07 -78.96 -45.17
N VAL S 474 -19.13 -79.22 -45.92
CA VAL S 474 -20.30 -78.37 -45.86
C VAL S 474 -20.93 -78.42 -44.47
N SER S 475 -20.99 -79.59 -43.84
CA SER S 475 -21.71 -79.71 -42.58
C SER S 475 -20.93 -79.03 -41.46
N ASN S 476 -19.62 -79.25 -41.41
CA ASN S 476 -18.86 -78.65 -40.34
C ASN S 476 -18.63 -77.17 -40.58
N PHE S 477 -18.81 -76.70 -41.82
CA PHE S 477 -18.89 -75.27 -42.05
C PHE S 477 -20.02 -74.67 -41.26
N TRP S 478 -21.13 -75.40 -41.19
CA TRP S 478 -22.37 -74.81 -40.73
C TRP S 478 -22.32 -74.51 -39.25
N LEU S 479 -21.55 -75.28 -38.49
CA LEU S 479 -21.47 -75.00 -37.07
C LEU S 479 -20.49 -73.89 -36.76
N SER S 480 -19.84 -73.32 -37.75
CA SER S 480 -19.05 -72.13 -37.49
C SER S 480 -19.80 -70.85 -37.78
N TRP S 481 -20.87 -70.92 -38.56
CA TRP S 481 -21.53 -69.68 -38.98
C TRP S 481 -22.36 -69.12 -37.85
N ASP S 482 -22.89 -69.99 -37.02
CA ASP S 482 -23.66 -69.59 -35.85
C ASP S 482 -22.76 -69.31 -34.66
N ALA S 483 -21.47 -69.17 -34.88
CA ALA S 483 -20.57 -68.84 -33.80
C ALA S 483 -20.56 -67.36 -33.46
N LEU S 484 -21.40 -66.57 -34.09
CA LEU S 484 -21.30 -65.13 -33.93
C LEU S 484 -22.37 -64.58 -33.01
N ASP S 485 -23.03 -65.44 -32.25
CA ASP S 485 -23.96 -65.02 -31.21
C ASP S 485 -23.25 -65.04 -29.86
N ASP S 486 -23.93 -64.50 -28.85
CA ASP S 486 -23.57 -64.81 -27.48
C ASP S 486 -24.01 -66.20 -27.06
N ARG S 487 -24.90 -66.83 -27.83
CA ARG S 487 -25.49 -68.12 -27.46
C ARG S 487 -24.50 -69.25 -27.52
N LYS S 488 -23.41 -69.08 -28.24
CA LYS S 488 -22.33 -70.04 -28.24
C LYS S 488 -21.26 -69.53 -27.28
N VAL S 489 -21.22 -70.15 -26.11
CA VAL S 489 -20.13 -69.93 -25.18
C VAL S 489 -19.33 -71.20 -24.98
N GLU S 490 -19.99 -72.26 -24.49
CA GLU S 490 -19.26 -73.48 -24.22
C GLU S 490 -18.98 -74.29 -25.47
N LEU S 491 -19.36 -73.80 -26.65
CA LEU S 491 -18.76 -74.30 -27.87
C LEU S 491 -17.66 -73.39 -28.37
N LEU S 492 -17.56 -72.16 -27.87
CA LEU S 492 -16.49 -71.27 -28.32
C LEU S 492 -15.15 -71.76 -27.84
N ASN S 493 -15.06 -72.21 -26.59
CA ASN S 493 -13.81 -72.73 -26.08
C ASN S 493 -13.46 -74.08 -26.67
N ARG S 494 -14.42 -74.76 -27.30
CA ARG S 494 -14.16 -76.06 -27.90
C ARG S 494 -13.16 -75.95 -29.05
N GLY S 495 -13.34 -74.96 -29.91
CA GLY S 495 -12.34 -74.70 -30.92
C GLY S 495 -11.03 -74.21 -30.34
N ILE S 496 -11.09 -73.50 -29.22
CA ILE S 496 -9.89 -72.96 -28.59
C ILE S 496 -8.99 -74.09 -28.11
N GLN S 497 -9.55 -75.05 -27.39
CA GLN S 497 -8.76 -76.20 -26.97
C GLN S 497 -8.45 -77.12 -28.13
N LEU S 498 -9.23 -77.03 -29.21
CA LEU S 498 -8.86 -77.74 -30.43
C LEU S 498 -7.66 -77.12 -31.11
N ALA S 499 -7.61 -75.79 -31.14
CA ALA S 499 -6.55 -75.10 -31.85
C ALA S 499 -5.18 -75.34 -31.23
N GLN S 500 -5.09 -75.37 -29.91
CA GLN S 500 -3.78 -75.51 -29.30
C GLN S 500 -3.33 -76.96 -29.20
N ASP S 501 -3.97 -77.88 -29.90
CA ASP S 501 -3.33 -79.15 -30.18
C ASP S 501 -3.03 -79.33 -31.65
N LEU S 502 -3.80 -78.69 -32.52
CA LEU S 502 -3.59 -78.85 -33.95
C LEU S 502 -2.25 -78.29 -34.37
N GLN S 503 -1.87 -77.15 -33.80
CA GLN S 503 -0.52 -76.66 -34.02
C GLN S 503 0.51 -77.62 -33.44
N ARG S 504 0.23 -78.17 -32.26
CA ARG S 504 1.10 -79.20 -31.71
C ARG S 504 1.06 -80.47 -32.55
N ALA S 505 -0.04 -80.70 -33.26
CA ALA S 505 -0.03 -81.78 -34.23
C ALA S 505 0.78 -81.40 -35.47
N ILE S 506 0.58 -80.19 -36.00
CA ILE S 506 1.21 -79.84 -37.26
C ILE S 506 2.71 -79.63 -37.09
N PHE S 507 3.14 -79.23 -35.90
CA PHE S 507 4.55 -79.00 -35.66
C PHE S 507 5.25 -80.30 -35.40
N ASN S 508 4.48 -81.32 -35.01
CA ASN S 508 5.05 -82.62 -34.75
C ASN S 508 5.61 -83.26 -36.02
N THR S 509 5.01 -82.96 -37.18
CA THR S 509 5.51 -83.53 -38.41
C THR S 509 6.37 -82.58 -39.21
N GLY S 510 6.27 -81.27 -38.94
CA GLY S 510 7.10 -80.31 -39.65
C GLY S 510 8.54 -80.47 -39.22
N VAL S 511 8.73 -80.75 -37.93
CA VAL S 511 10.06 -81.06 -37.44
C VAL S 511 10.56 -82.38 -37.96
N ALA S 512 9.66 -83.27 -38.40
CA ALA S 512 10.12 -84.51 -38.97
C ALA S 512 10.68 -84.30 -40.38
N ILE S 513 9.95 -83.57 -41.22
CA ILE S 513 10.34 -83.45 -42.61
C ILE S 513 11.54 -82.55 -42.79
N LEU S 514 11.80 -81.68 -41.81
CA LEU S 514 13.08 -81.00 -41.77
C LEU S 514 14.22 -81.97 -41.55
N GLU S 515 14.12 -82.80 -40.51
CA GLU S 515 15.24 -83.64 -40.12
C GLU S 515 15.43 -84.81 -41.07
N LYS S 516 14.39 -85.16 -41.82
CA LYS S 516 14.57 -86.10 -42.91
C LYS S 516 15.47 -85.53 -43.99
N LYS S 517 15.44 -84.20 -44.15
CA LYS S 517 16.17 -83.46 -45.18
C LYS S 517 15.81 -83.94 -46.57
N LEU S 518 14.52 -83.86 -46.90
CA LEU S 518 14.04 -84.21 -48.22
C LEU S 518 13.64 -83.00 -49.04
N ILE S 519 13.99 -81.80 -48.61
CA ILE S 519 13.81 -80.62 -49.44
C ILE S 519 15.02 -80.54 -50.39
N LYS S 520 14.74 -80.50 -51.69
CA LYS S 520 15.78 -80.47 -52.69
C LYS S 520 15.59 -79.25 -53.56
N HIS S 521 16.56 -78.35 -53.54
CA HIS S 521 16.57 -77.23 -54.47
C HIS S 521 17.08 -77.75 -55.80
N LEU S 522 16.18 -78.04 -56.73
CA LEU S 522 16.63 -78.62 -57.98
C LEU S 522 17.24 -77.56 -58.89
N ARG S 523 16.41 -76.70 -59.44
CA ARG S 523 16.99 -75.52 -60.04
C ARG S 523 16.22 -74.26 -59.71
N ILE S 524 14.90 -74.34 -59.66
CA ILE S 524 14.07 -73.15 -59.66
C ILE S 524 13.42 -73.01 -58.30
N TYR S 525 12.71 -74.05 -57.91
CA TYR S 525 11.95 -74.15 -56.68
C TYR S 525 12.66 -75.10 -55.74
N ARG S 526 11.97 -75.47 -54.68
CA ARG S 526 12.32 -76.65 -53.92
C ARG S 526 11.14 -77.59 -53.94
N LEU S 527 11.40 -78.88 -54.06
CA LEU S 527 10.37 -79.89 -54.12
C LEU S 527 10.45 -80.74 -52.86
N CYS S 528 9.30 -81.02 -52.28
CA CYS S 528 9.20 -81.93 -51.15
C CYS S 528 8.00 -82.84 -51.38
N VAL S 529 8.19 -84.14 -51.23
CA VAL S 529 7.10 -85.10 -51.33
C VAL S 529 6.99 -85.83 -50.01
N LEU S 530 5.95 -85.54 -49.25
CA LEU S 530 5.64 -86.25 -48.03
C LEU S 530 5.01 -87.56 -48.49
N GLN S 531 5.86 -88.57 -48.69
CA GLN S 531 5.38 -89.85 -49.21
C GLN S 531 4.54 -90.58 -48.18
N ASP S 532 5.02 -90.68 -46.94
CA ASP S 532 4.29 -91.28 -45.83
C ASP S 532 4.93 -90.88 -44.51
N GLY S 533 4.08 -90.47 -43.57
CA GLY S 533 4.49 -90.29 -42.20
C GLY S 533 3.40 -90.79 -41.29
N PRO S 534 3.32 -90.24 -40.08
CA PRO S 534 2.15 -90.49 -39.24
C PRO S 534 1.10 -89.41 -39.40
N ASP S 535 -0.15 -89.78 -39.10
CA ASP S 535 -1.33 -88.92 -39.06
C ASP S 535 -1.58 -88.23 -40.40
N LEU S 536 -1.82 -89.00 -41.44
CA LEU S 536 -2.00 -88.45 -42.77
C LEU S 536 -3.41 -87.93 -43.00
N ASP S 537 -4.33 -88.17 -42.07
CA ASP S 537 -5.73 -87.85 -42.29
C ASP S 537 -6.02 -86.37 -42.28
N LEU S 538 -5.19 -85.57 -41.60
CA LEU S 538 -5.44 -84.14 -41.46
C LEU S 538 -4.93 -83.34 -42.64
N TYR S 539 -4.81 -83.96 -43.81
CA TYR S 539 -4.33 -83.28 -45.00
C TYR S 539 -5.26 -83.49 -46.18
N ARG S 540 -6.44 -84.03 -45.95
CA ARG S 540 -7.45 -84.01 -46.99
C ARG S 540 -8.06 -82.63 -47.14
N ASN S 541 -8.43 -82.01 -46.06
CA ASN S 541 -9.07 -80.72 -46.13
C ASN S 541 -8.01 -79.64 -46.36
N PRO S 542 -8.13 -78.84 -47.42
CA PRO S 542 -6.99 -78.03 -47.85
C PRO S 542 -6.68 -76.86 -46.96
N LEU S 543 -7.54 -76.52 -46.01
CA LEU S 543 -7.28 -75.34 -45.18
C LEU S 543 -6.10 -75.56 -44.23
N THR S 544 -5.81 -76.80 -43.87
CA THR S 544 -4.60 -77.06 -43.12
C THR S 544 -3.35 -76.94 -43.97
N LEU S 545 -3.47 -77.12 -45.28
CA LEU S 545 -2.27 -77.23 -46.09
C LEU S 545 -1.60 -75.88 -46.27
N LEU S 546 -2.38 -74.83 -46.42
CA LEU S 546 -1.81 -73.49 -46.51
C LEU S 546 -1.13 -73.08 -45.22
N ARG S 547 -1.63 -73.57 -44.08
CA ARG S 547 -0.96 -73.31 -42.82
C ARG S 547 0.33 -74.08 -42.69
N LEU S 548 0.34 -75.34 -43.15
CA LEU S 548 1.57 -76.12 -43.18
C LEU S 548 2.60 -75.45 -44.07
N GLY S 549 2.18 -74.97 -45.23
CA GLY S 549 3.04 -74.11 -46.00
C GLY S 549 3.38 -72.82 -45.30
N ASN S 550 2.42 -72.25 -44.54
CA ASN S 550 2.70 -71.02 -43.81
C ASN S 550 3.75 -71.23 -42.75
N TRP S 551 3.79 -72.42 -42.18
CA TRP S 551 4.94 -72.74 -41.35
C TRP S 551 6.16 -73.06 -42.19
N LEU S 552 5.97 -73.65 -43.37
CA LEU S 552 7.11 -74.08 -44.15
C LEU S 552 7.73 -72.96 -44.97
N ILE S 553 6.95 -71.96 -45.36
CA ILE S 553 7.55 -70.80 -46.02
C ILE S 553 8.42 -70.00 -45.07
N GLU S 554 8.23 -70.16 -43.76
CA GLU S 554 8.99 -69.41 -42.79
C GLU S 554 10.20 -70.14 -42.25
N CYS S 555 10.36 -71.42 -42.56
CA CYS S 555 11.63 -72.06 -42.23
C CYS S 555 12.71 -71.55 -43.17
N CYS S 556 12.32 -71.24 -44.41
CA CYS S 556 13.23 -70.69 -45.40
C CYS S 556 13.16 -69.18 -45.45
N ALA S 557 12.62 -68.54 -44.42
CA ALA S 557 12.61 -67.08 -44.35
C ALA S 557 13.81 -66.55 -43.58
N GLU S 558 14.99 -67.07 -43.91
CA GLU S 558 16.25 -66.49 -43.52
C GLU S 558 16.63 -65.47 -44.58
N SER S 559 17.90 -65.04 -44.62
CA SER S 559 18.39 -64.08 -45.61
C SER S 559 18.05 -64.52 -47.03
N GLU S 560 18.65 -65.64 -47.48
CA GLU S 560 18.45 -66.25 -48.79
C GLU S 560 18.48 -65.27 -49.93
N ASP S 561 19.61 -64.61 -50.12
CA ASP S 561 19.78 -63.51 -51.05
C ASP S 561 19.86 -63.94 -52.53
N LYS S 562 19.45 -65.17 -52.85
CA LYS S 562 19.18 -65.63 -54.20
C LYS S 562 18.10 -66.70 -54.08
N GLN S 563 17.33 -66.89 -55.16
CA GLN S 563 16.28 -67.91 -55.27
C GLN S 563 15.20 -67.79 -54.19
N LEU S 564 14.44 -66.69 -54.24
CA LEU S 564 13.30 -66.50 -53.36
C LEU S 564 12.06 -67.14 -53.99
N LEU S 565 12.09 -68.48 -54.06
CA LEU S 565 10.97 -69.13 -54.69
C LEU S 565 10.31 -70.08 -53.69
N PRO S 566 8.97 -70.05 -53.56
CA PRO S 566 8.29 -70.99 -52.67
C PRO S 566 8.28 -72.42 -53.19
N MET S 567 7.62 -73.29 -52.45
CA MET S 567 7.76 -74.71 -52.66
C MET S 567 6.49 -75.28 -53.25
N VAL S 568 6.54 -76.57 -53.55
CA VAL S 568 5.37 -77.35 -53.89
C VAL S 568 5.48 -78.67 -53.14
N LEU S 569 4.46 -78.99 -52.36
CA LEU S 569 4.46 -80.17 -51.52
C LEU S 569 3.61 -81.27 -52.14
N ALA S 570 3.56 -82.41 -51.46
CA ALA S 570 2.80 -83.55 -51.94
C ALA S 570 2.44 -84.46 -50.77
N SER S 571 1.21 -84.94 -50.75
CA SER S 571 0.79 -85.89 -49.73
C SER S 571 -0.40 -86.69 -50.25
N ILE S 572 -0.57 -87.89 -49.67
CA ILE S 572 -1.62 -88.80 -50.10
C ILE S 572 -2.08 -89.64 -48.91
N ASP S 573 -3.39 -89.80 -48.80
CA ASP S 573 -4.04 -90.58 -47.76
C ASP S 573 -4.98 -91.62 -48.37
N GLU S 574 -5.62 -91.26 -49.47
CA GLU S 574 -6.74 -92.01 -50.01
C GLU S 574 -6.26 -92.79 -51.24
N ASN S 575 -7.17 -93.55 -51.85
CA ASN S 575 -6.88 -94.42 -52.98
C ASN S 575 -6.54 -93.61 -54.23
N THR S 576 -6.11 -94.31 -55.28
CA THR S 576 -5.76 -93.87 -56.65
C THR S 576 -4.84 -92.66 -56.73
N ASP S 577 -4.12 -92.36 -55.63
CA ASP S 577 -3.15 -91.27 -55.51
C ASP S 577 -3.76 -89.95 -55.94
N THR S 578 -4.74 -89.45 -55.18
CA THR S 578 -5.39 -88.17 -55.47
C THR S 578 -4.40 -87.01 -55.46
N TYR S 579 -3.56 -86.92 -54.42
CA TYR S 579 -2.41 -86.02 -54.34
C TYR S 579 -2.75 -84.54 -54.48
N LEU S 580 -3.40 -83.96 -53.48
CA LEU S 580 -3.81 -82.55 -53.53
C LEU S 580 -2.56 -81.67 -53.43
N VAL S 581 -1.89 -81.56 -54.58
CA VAL S 581 -0.67 -80.77 -54.66
C VAL S 581 -1.03 -79.31 -54.70
N ALA S 582 -0.16 -78.47 -54.14
CA ALA S 582 -0.42 -77.05 -54.08
C ALA S 582 0.88 -76.28 -54.15
N GLY S 583 0.74 -74.98 -54.40
CA GLY S 583 1.86 -74.08 -54.43
C GLY S 583 1.71 -72.97 -53.42
N LEU S 584 2.80 -72.30 -53.10
CA LEU S 584 2.79 -71.25 -52.10
C LEU S 584 3.21 -69.95 -52.78
N THR S 585 3.38 -68.93 -51.97
CA THR S 585 3.89 -67.65 -52.42
C THR S 585 5.24 -67.39 -51.77
N PRO S 586 6.16 -66.68 -52.42
CA PRO S 586 7.36 -66.24 -51.71
C PRO S 586 6.99 -65.14 -50.72
N ARG S 587 7.89 -64.89 -49.78
CA ARG S 587 7.59 -64.00 -48.69
C ARG S 587 8.65 -62.92 -48.54
N TYR S 588 8.23 -61.81 -47.93
CA TYR S 588 9.15 -60.71 -47.66
C TYR S 588 9.36 -60.53 -46.17
N PRO S 589 10.60 -60.31 -45.75
CA PRO S 589 10.90 -60.08 -44.34
C PRO S 589 10.75 -58.62 -43.91
N ARG S 590 9.61 -58.02 -44.25
CA ARG S 590 9.18 -56.68 -43.84
C ARG S 590 10.19 -55.61 -44.28
N GLY S 591 10.37 -55.54 -45.59
CA GLY S 591 11.29 -54.58 -46.18
C GLY S 591 10.62 -53.43 -46.90
N THR S 597 5.08 -54.85 -50.72
CA THR S 597 5.76 -55.62 -51.76
C THR S 597 6.20 -54.70 -52.88
N LYS S 598 7.51 -54.61 -53.07
CA LYS S 598 8.07 -53.80 -54.16
C LYS S 598 8.00 -54.52 -55.50
N LYS S 599 8.50 -55.77 -55.56
CA LYS S 599 8.37 -56.51 -56.80
C LYS S 599 6.96 -57.09 -56.91
N PRO S 600 6.41 -57.20 -58.13
CA PRO S 600 5.05 -57.76 -58.28
C PRO S 600 5.02 -59.29 -58.31
N ILE S 601 5.07 -59.89 -57.11
CA ILE S 601 5.11 -61.34 -57.04
C ILE S 601 3.76 -61.89 -56.58
N LEU S 602 2.94 -62.28 -57.54
CA LEU S 602 1.65 -62.89 -57.22
C LEU S 602 1.72 -64.41 -57.31
N ASN S 603 1.92 -64.93 -58.52
CA ASN S 603 1.98 -66.36 -58.81
C ASN S 603 2.40 -66.54 -60.26
N ASN S 604 3.17 -67.60 -60.52
CA ASN S 604 3.47 -68.00 -61.88
C ASN S 604 2.85 -69.35 -62.23
N PHE S 605 2.39 -70.10 -61.23
CA PHE S 605 2.02 -71.50 -61.41
C PHE S 605 0.72 -71.69 -62.16
N SER S 606 -0.26 -70.81 -61.94
CA SER S 606 -1.55 -70.95 -62.59
C SER S 606 -1.43 -70.76 -64.10
N MET S 607 -0.49 -69.93 -64.54
CA MET S 607 -0.15 -69.89 -65.96
C MET S 607 0.37 -71.23 -66.44
N ALA S 608 1.23 -71.88 -65.65
CA ALA S 608 1.68 -73.22 -66.02
C ALA S 608 0.61 -74.26 -65.75
N PHE S 609 -0.32 -73.99 -64.84
CA PHE S 609 -1.39 -74.93 -64.58
C PHE S 609 -2.37 -75.02 -65.74
N GLN S 610 -2.49 -73.95 -66.51
CA GLN S 610 -3.24 -74.03 -67.76
C GLN S 610 -2.52 -74.90 -68.78
N GLN S 611 -1.18 -74.90 -68.76
CA GLN S 611 -0.41 -75.61 -69.77
C GLN S 611 -0.51 -77.11 -69.63
N ILE S 612 -0.28 -77.63 -68.44
CA ILE S 612 -0.22 -79.07 -68.23
C ILE S 612 -1.61 -79.67 -68.34
N THR S 613 -2.62 -78.92 -67.90
CA THR S 613 -4.00 -79.34 -68.10
C THR S 613 -4.41 -79.34 -69.56
N ALA S 614 -3.71 -78.60 -70.42
CA ALA S 614 -4.04 -78.55 -71.83
C ALA S 614 -3.34 -79.61 -72.65
N GLU S 615 -2.48 -80.41 -72.04
CA GLU S 615 -1.64 -81.28 -72.86
C GLU S 615 -2.32 -82.56 -73.28
N THR S 616 -2.68 -83.43 -72.32
CA THR S 616 -3.06 -84.79 -72.66
C THR S 616 -4.34 -85.26 -71.98
N ASP S 617 -4.81 -84.55 -70.95
CA ASP S 617 -6.00 -84.88 -70.16
C ASP S 617 -5.96 -86.32 -69.63
N ALA S 618 -4.78 -86.73 -69.19
CA ALA S 618 -4.56 -88.12 -68.75
C ALA S 618 -4.68 -88.21 -67.23
N LYS S 619 -5.93 -88.11 -66.77
CA LYS S 619 -6.33 -88.08 -65.36
C LYS S 619 -5.61 -86.97 -64.59
N VAL S 620 -5.91 -85.76 -65.01
CA VAL S 620 -5.60 -84.56 -64.24
C VAL S 620 -6.93 -83.87 -63.93
N ARG S 621 -6.98 -83.16 -62.80
CA ARG S 621 -8.24 -82.60 -62.32
C ARG S 621 -7.99 -81.20 -61.78
N ILE S 622 -8.92 -80.28 -62.06
CA ILE S 622 -8.90 -78.94 -61.48
C ILE S 622 -10.24 -78.66 -60.82
N ASP S 623 -10.90 -79.72 -60.36
CA ASP S 623 -12.24 -79.62 -59.77
C ASP S 623 -12.27 -78.86 -58.46
N ASN S 624 -11.16 -78.80 -57.73
CA ASN S 624 -11.10 -77.98 -56.54
C ASN S 624 -11.14 -76.51 -56.92
N PHE S 625 -11.62 -75.68 -55.99
CA PHE S 625 -12.01 -74.33 -56.37
C PHE S 625 -10.81 -73.43 -56.60
N GLU S 626 -9.97 -73.28 -55.59
CA GLU S 626 -8.84 -72.36 -55.66
C GLU S 626 -7.81 -72.89 -56.64
N SER S 627 -7.35 -72.02 -57.53
CA SER S 627 -6.40 -72.41 -58.58
C SER S 627 -5.02 -72.78 -58.03
N SER S 628 -4.71 -72.38 -56.80
CA SER S 628 -3.44 -72.75 -56.19
C SER S 628 -3.39 -74.21 -55.76
N ILE S 629 -4.48 -74.96 -55.91
CA ILE S 629 -4.52 -76.38 -55.58
C ILE S 629 -5.10 -77.11 -56.76
N ILE S 630 -4.45 -78.20 -57.17
CA ILE S 630 -4.95 -79.10 -58.21
C ILE S 630 -4.80 -80.51 -57.69
N GLU S 631 -5.02 -81.50 -58.55
CA GLU S 631 -4.72 -82.89 -58.24
C GLU S 631 -3.79 -83.45 -59.30
N ILE S 632 -3.22 -84.62 -59.03
CA ILE S 632 -2.35 -85.32 -59.96
C ILE S 632 -2.45 -86.81 -59.68
N ARG S 633 -2.02 -87.60 -60.65
CA ARG S 633 -1.82 -89.04 -60.54
C ARG S 633 -0.37 -89.32 -60.16
N ARG S 634 -0.13 -90.52 -59.62
CA ARG S 634 1.20 -90.88 -59.12
C ARG S 634 2.22 -90.99 -60.24
N GLU S 635 1.83 -91.58 -61.36
CA GLU S 635 2.71 -91.69 -62.51
C GLU S 635 2.74 -90.42 -63.35
N ASP S 636 2.09 -89.36 -62.91
CA ASP S 636 2.07 -88.11 -63.65
C ASP S 636 2.82 -86.99 -62.94
N LEU S 637 3.11 -87.15 -61.64
CA LEU S 637 3.85 -86.12 -60.91
C LEU S 637 5.32 -86.07 -61.33
N SER S 638 5.88 -87.19 -61.76
CA SER S 638 7.25 -87.19 -62.23
C SER S 638 7.37 -86.60 -63.64
N PRO S 639 6.46 -86.84 -64.60
CA PRO S 639 6.49 -85.99 -65.80
C PRO S 639 5.88 -84.62 -65.61
N PHE S 640 5.27 -84.35 -64.46
CA PHE S 640 4.83 -82.99 -64.14
C PHE S 640 6.01 -82.05 -64.03
N LEU S 641 6.98 -82.42 -63.20
CA LEU S 641 8.11 -81.56 -62.91
C LEU S 641 9.04 -81.41 -64.11
N GLU S 642 9.16 -82.45 -64.94
CA GLU S 642 9.98 -82.34 -66.15
C GLU S 642 9.39 -81.35 -67.12
N LYS S 643 8.08 -81.23 -67.16
CA LYS S 643 7.43 -80.15 -67.89
C LYS S 643 7.61 -78.81 -67.20
N LEU S 644 7.97 -78.79 -65.93
CA LEU S 644 8.05 -77.55 -65.18
C LEU S 644 9.47 -77.03 -65.02
N THR S 645 10.46 -77.91 -65.08
CA THR S 645 11.84 -77.47 -64.94
C THR S 645 12.37 -76.80 -66.19
N LEU S 646 11.70 -76.97 -67.32
CA LEU S 646 12.07 -76.29 -68.55
C LEU S 646 11.17 -75.11 -68.90
N SER S 647 9.89 -75.18 -68.55
CA SER S 647 8.93 -74.13 -68.90
C SER S 647 9.10 -73.00 -67.89
N GLY S 648 10.08 -72.14 -68.14
CA GLY S 648 10.31 -71.00 -67.28
C GLY S 648 9.40 -69.84 -67.63
N LEU S 649 8.35 -69.65 -66.85
CA LEU S 649 7.32 -68.66 -67.18
C LEU S 649 7.29 -67.50 -66.19
N LEU S 650 8.26 -67.39 -65.30
CA LEU S 650 8.28 -66.28 -64.36
C LEU S 650 8.71 -65.01 -65.10
N PRO T 201 36.16 -56.13 9.94
CA PRO T 201 36.81 -54.84 9.68
C PRO T 201 36.42 -54.26 8.34
N ASN T 202 37.35 -53.56 7.69
CA ASN T 202 37.05 -52.92 6.41
C ASN T 202 37.94 -53.41 5.28
N VAL T 203 39.08 -54.04 5.57
CA VAL T 203 39.96 -54.50 4.51
C VAL T 203 39.41 -55.70 3.76
N SER T 204 38.44 -56.40 4.32
CA SER T 204 37.77 -57.47 3.60
C SER T 204 36.93 -56.94 2.45
N ARG T 205 36.51 -55.68 2.51
CA ARG T 205 35.83 -55.04 1.39
C ARG T 205 36.73 -55.03 0.16
N THR T 206 38.01 -54.77 0.34
CA THR T 206 38.94 -54.89 -0.76
C THR T 206 39.16 -56.35 -1.15
N ILE T 207 39.06 -57.26 -0.18
CA ILE T 207 39.33 -58.66 -0.43
C ILE T 207 38.31 -59.22 -1.42
N ALA T 208 37.05 -58.84 -1.24
CA ALA T 208 36.02 -59.22 -2.19
C ALA T 208 36.28 -58.62 -3.56
N ARG T 209 36.78 -57.39 -3.61
CA ARG T 209 37.15 -56.82 -4.89
C ARG T 209 38.36 -57.55 -5.46
N GLU T 210 39.30 -57.96 -4.61
CA GLU T 210 40.56 -58.49 -5.11
C GLU T 210 40.37 -59.90 -5.67
N LEU T 211 39.45 -60.67 -5.09
CA LEU T 211 39.23 -62.02 -5.58
C LEU T 211 38.36 -62.06 -6.81
N LYS T 212 37.48 -61.07 -6.98
CA LYS T 212 36.49 -61.10 -8.04
C LYS T 212 37.14 -61.07 -9.40
N SER T 213 38.01 -60.10 -9.60
CA SER T 213 38.92 -60.10 -10.74
C SER T 213 39.77 -61.35 -10.78
N PHE T 214 40.29 -61.79 -9.63
CA PHE T 214 41.11 -63.00 -9.57
C PHE T 214 40.33 -64.26 -9.98
N LEU T 215 38.99 -64.19 -9.95
CA LEU T 215 38.20 -65.24 -10.54
C LEU T 215 37.98 -65.07 -12.04
N LEU T 216 37.21 -64.07 -12.47
CA LEU T 216 36.65 -64.10 -13.81
C LEU T 216 37.62 -63.68 -14.89
N GLU T 217 38.71 -63.00 -14.54
CA GLU T 217 39.64 -62.52 -15.55
C GLU T 217 40.44 -63.63 -16.19
N TYR T 218 40.51 -64.81 -15.56
CA TYR T 218 41.35 -65.86 -16.08
C TYR T 218 40.55 -67.13 -16.28
N THR T 219 40.90 -67.80 -17.37
CA THR T 219 40.41 -69.11 -17.70
C THR T 219 41.61 -69.95 -18.07
N ASP T 220 41.71 -71.14 -17.51
CA ASP T 220 42.80 -72.04 -17.85
C ASP T 220 42.47 -72.83 -19.12
N GLU T 221 43.47 -73.58 -19.61
CA GLU T 221 43.36 -74.46 -20.79
C GLU T 221 42.97 -73.69 -22.05
N THR T 222 43.92 -72.90 -22.56
CA THR T 222 43.88 -72.23 -23.87
C THR T 222 42.65 -71.32 -24.00
N GLY T 223 42.28 -70.69 -22.91
CA GLY T 223 41.12 -69.81 -22.89
C GLY T 223 39.83 -70.59 -23.10
N ARG T 224 38.97 -70.08 -23.98
CA ARG T 224 37.57 -70.48 -24.21
C ARG T 224 36.66 -70.17 -23.02
N SER T 225 37.12 -69.36 -22.06
CA SER T 225 36.30 -68.70 -21.03
C SER T 225 35.46 -69.63 -20.15
N VAL T 226 36.11 -70.42 -19.31
CA VAL T 226 35.48 -71.52 -18.60
C VAL T 226 34.61 -71.00 -17.48
N TYR T 227 35.18 -70.14 -16.63
CA TYR T 227 34.44 -69.64 -15.49
C TYR T 227 33.30 -68.73 -15.91
N GLY T 228 33.44 -68.05 -17.04
CA GLY T 228 32.33 -67.31 -17.61
C GLY T 228 31.25 -68.19 -18.20
N ALA T 229 31.56 -69.47 -18.43
CA ALA T 229 30.55 -70.38 -18.98
C ALA T 229 29.70 -71.02 -17.91
N ARG T 230 30.28 -71.36 -16.75
CA ARG T 230 29.50 -71.93 -15.66
C ARG T 230 28.45 -70.97 -15.17
N ILE T 231 28.77 -69.68 -15.12
CA ILE T 231 27.84 -68.73 -14.53
C ILE T 231 26.62 -68.46 -15.40
N ARG T 232 26.79 -68.23 -16.69
CA ARG T 232 25.65 -67.90 -17.53
C ARG T 232 24.73 -69.07 -17.77
N THR T 233 25.24 -70.29 -17.69
CA THR T 233 24.44 -71.47 -17.98
C THR T 233 23.58 -71.88 -16.79
N LEU T 234 24.13 -71.75 -15.58
CA LEU T 234 23.33 -72.02 -14.39
C LEU T 234 22.53 -70.81 -14.00
N GLY T 235 22.67 -69.74 -14.77
CA GLY T 235 21.61 -68.78 -14.81
C GLY T 235 20.43 -69.27 -15.64
N GLU T 236 20.70 -69.94 -16.76
CA GLU T 236 19.63 -70.27 -17.69
C GLU T 236 18.71 -71.37 -17.19
N MET T 237 19.13 -72.14 -16.20
CA MET T 237 18.25 -73.09 -15.54
C MET T 237 17.68 -72.55 -14.26
N ASN T 238 18.29 -71.49 -13.71
CA ASN T 238 17.93 -70.85 -12.45
C ASN T 238 17.96 -71.84 -11.29
N SER T 239 19.14 -72.30 -10.91
CA SER T 239 19.25 -73.40 -9.98
C SER T 239 20.26 -73.20 -8.86
N GLU T 240 20.94 -72.06 -8.79
CA GLU T 240 21.69 -71.60 -7.62
C GLU T 240 22.85 -72.54 -7.25
N SER T 241 23.85 -72.60 -8.13
CA SER T 241 25.03 -73.44 -7.87
C SER T 241 26.22 -72.87 -8.63
N LEU T 242 27.40 -72.98 -8.04
CA LEU T 242 28.66 -72.72 -8.73
C LEU T 242 29.72 -73.72 -8.29
N GLU T 243 30.86 -73.71 -8.97
CA GLU T 243 31.91 -74.69 -8.74
C GLU T 243 33.25 -74.00 -8.48
N VAL T 244 34.28 -74.83 -8.36
CA VAL T 244 35.67 -74.40 -8.34
C VAL T 244 36.49 -75.33 -9.23
N ASN T 245 37.13 -74.77 -10.26
CA ASN T 245 37.91 -75.57 -11.21
C ASN T 245 39.13 -76.14 -10.53
N TYR T 246 39.52 -77.36 -10.94
CA TYR T 246 40.56 -78.09 -10.20
C TYR T 246 41.95 -77.50 -10.39
N ARG T 247 42.31 -77.18 -11.63
CA ARG T 247 43.65 -76.68 -11.90
C ARG T 247 43.89 -75.33 -11.29
N HIS T 248 42.83 -74.55 -11.05
CA HIS T 248 42.96 -73.32 -10.29
C HIS T 248 42.07 -73.35 -9.06
N LEU T 249 41.73 -74.53 -8.59
CA LEU T 249 41.48 -74.68 -7.16
C LEU T 249 42.70 -74.28 -6.39
N ALA T 250 43.83 -74.96 -6.64
CA ALA T 250 45.01 -74.84 -5.81
C ALA T 250 45.69 -73.49 -5.95
N GLU T 251 45.60 -72.86 -7.11
CA GLU T 251 46.15 -71.52 -7.23
C GLU T 251 45.18 -70.50 -6.65
N SER T 252 43.89 -70.79 -6.63
CA SER T 252 42.99 -70.02 -5.80
C SER T 252 43.04 -70.45 -4.34
N LYS T 253 43.71 -71.58 -4.05
CA LYS T 253 43.84 -72.00 -2.66
C LYS T 253 45.12 -71.47 -2.01
N ALA T 254 46.20 -71.31 -2.80
CA ALA T 254 47.54 -71.09 -2.25
C ALA T 254 47.65 -69.80 -1.46
N ILE T 255 47.14 -68.70 -2.01
CA ILE T 255 47.06 -67.47 -1.25
C ILE T 255 45.76 -67.36 -0.45
N LEU T 256 44.96 -68.42 -0.40
CA LEU T 256 43.73 -68.40 0.37
C LEU T 256 43.59 -69.57 1.31
N ALA T 257 44.57 -70.46 1.40
CA ALA T 257 44.49 -71.56 2.36
C ALA T 257 44.61 -71.06 3.79
N LEU T 258 45.52 -70.10 4.03
CA LEU T 258 45.59 -69.49 5.34
C LEU T 258 44.36 -68.64 5.63
N PHE T 259 43.62 -68.26 4.60
CA PHE T 259 42.30 -67.73 4.88
C PHE T 259 41.21 -68.72 4.54
N LEU T 260 41.52 -70.01 4.55
CA LEU T 260 40.48 -71.04 4.66
C LEU T 260 40.41 -71.60 6.07
N ALA T 261 41.50 -72.16 6.56
CA ALA T 261 41.48 -72.87 7.83
C ALA T 261 41.35 -71.93 9.02
N LYS T 262 41.77 -70.67 8.88
CA LYS T 262 41.57 -69.69 9.95
C LYS T 262 40.09 -69.36 10.11
N CYS T 263 39.41 -69.02 9.02
CA CYS T 263 37.96 -68.83 9.04
C CYS T 263 37.40 -69.45 7.78
N PRO T 264 36.62 -70.52 7.89
CA PRO T 264 36.02 -71.10 6.69
C PRO T 264 34.65 -70.54 6.35
N GLU T 265 33.91 -69.97 7.29
CA GLU T 265 32.52 -69.63 6.95
C GLU T 265 32.30 -68.14 6.73
N GLU T 266 32.98 -67.28 7.49
CA GLU T 266 32.76 -65.86 7.33
C GLU T 266 33.46 -65.38 6.08
N MET T 267 34.50 -66.09 5.68
CA MET T 267 35.05 -65.87 4.36
C MET T 267 34.04 -66.24 3.29
N LEU T 268 33.19 -67.24 3.54
CA LEU T 268 32.20 -67.63 2.55
C LEU T 268 31.02 -66.68 2.48
N LYS T 269 30.59 -66.11 3.60
CA LYS T 269 29.51 -65.14 3.57
C LYS T 269 29.92 -63.89 2.83
N ILE T 270 31.18 -63.49 2.95
CA ILE T 270 31.64 -62.39 2.11
C ILE T 270 32.07 -62.92 0.75
N PHE T 271 32.28 -64.23 0.61
CA PHE T 271 32.48 -64.77 -0.72
C PHE T 271 31.19 -64.78 -1.51
N ASP T 272 30.04 -64.82 -0.85
CA ASP T 272 28.82 -64.98 -1.61
C ASP T 272 28.34 -63.69 -2.22
N LEU T 273 28.48 -62.57 -1.51
CA LEU T 273 27.86 -61.35 -1.99
C LEU T 273 28.61 -60.74 -3.16
N VAL T 274 29.78 -61.27 -3.51
CA VAL T 274 30.40 -60.84 -4.75
C VAL T 274 29.87 -61.61 -5.95
N ALA T 275 29.31 -62.81 -5.73
CA ALA T 275 28.81 -63.58 -6.87
C ALA T 275 27.47 -63.07 -7.36
N MET T 276 26.73 -62.35 -6.52
CA MET T 276 25.59 -61.57 -6.99
C MET T 276 26.03 -60.58 -8.04
N GLU T 277 26.98 -59.71 -7.69
CA GLU T 277 27.47 -58.68 -8.57
C GLU T 277 28.35 -59.23 -9.68
N ALA T 278 28.77 -60.49 -9.56
CA ALA T 278 29.40 -61.15 -10.68
C ALA T 278 28.42 -61.35 -11.82
N THR T 279 27.25 -61.90 -11.51
CA THR T 279 26.28 -62.17 -12.56
C THR T 279 25.35 -61.00 -12.84
N GLU T 280 25.33 -59.99 -11.96
CA GLU T 280 24.34 -58.94 -12.05
C GLU T 280 24.53 -58.10 -13.30
N LEU T 281 25.77 -57.77 -13.62
CA LEU T 281 26.09 -57.18 -14.91
C LEU T 281 25.73 -58.12 -16.05
N HIS T 282 25.88 -59.42 -15.86
CA HIS T 282 25.60 -60.32 -16.97
C HIS T 282 24.10 -60.56 -17.09
N TYR T 283 23.50 -61.17 -16.07
CA TYR T 283 22.04 -61.23 -16.04
C TYR T 283 21.55 -60.26 -14.99
N PRO T 284 20.77 -59.29 -15.36
CA PRO T 284 20.18 -58.41 -14.35
C PRO T 284 19.02 -59.13 -13.68
N ASP T 285 18.51 -58.49 -12.64
CA ASP T 285 17.17 -58.73 -12.12
C ASP T 285 17.00 -60.14 -11.58
N TYR T 286 18.06 -60.65 -10.95
CA TYR T 286 17.92 -61.81 -10.09
C TYR T 286 17.48 -61.42 -8.69
N ALA T 287 16.77 -60.31 -8.53
CA ALA T 287 16.25 -59.90 -7.25
C ALA T 287 14.80 -60.29 -7.06
N ARG T 288 13.92 -59.99 -8.01
CA ARG T 288 12.55 -60.45 -7.92
C ARG T 288 12.43 -61.95 -8.09
N ILE T 289 13.44 -62.61 -8.63
CA ILE T 289 13.44 -64.06 -8.74
C ILE T 289 14.40 -64.61 -7.69
N HIS T 290 13.83 -64.92 -6.53
CA HIS T 290 14.36 -65.67 -5.38
C HIS T 290 15.57 -65.06 -4.67
N SER T 291 16.21 -64.05 -5.27
CA SER T 291 17.15 -63.11 -4.65
C SER T 291 18.30 -63.79 -3.89
N GLU T 292 18.68 -64.98 -4.35
CA GLU T 292 19.61 -65.70 -3.50
C GLU T 292 20.52 -66.67 -4.23
N ILE T 293 21.81 -66.61 -3.94
CA ILE T 293 22.80 -67.54 -4.45
C ILE T 293 23.69 -67.93 -3.28
N HIS T 294 24.26 -69.13 -3.31
CA HIS T 294 25.37 -69.48 -2.44
C HIS T 294 26.22 -70.53 -3.14
N VAL T 295 27.53 -70.46 -2.89
CA VAL T 295 28.51 -71.16 -3.70
C VAL T 295 28.65 -72.60 -3.25
N ARG T 296 29.41 -73.38 -3.99
CA ARG T 296 29.82 -74.72 -3.58
C ARG T 296 31.29 -74.91 -3.89
N ILE T 297 31.86 -75.96 -3.30
CA ILE T 297 33.28 -76.25 -3.40
C ILE T 297 33.45 -77.61 -4.02
N SER T 298 34.37 -77.73 -4.96
CA SER T 298 34.65 -78.99 -5.62
C SER T 298 35.52 -79.90 -4.76
N ASP T 299 36.13 -80.89 -5.40
CA ASP T 299 36.95 -81.88 -4.70
C ASP T 299 38.16 -81.24 -4.04
N PHE T 300 38.64 -81.89 -3.00
CA PHE T 300 39.61 -81.33 -2.10
C PHE T 300 40.67 -82.39 -1.81
N PRO T 301 41.92 -82.02 -1.63
CA PRO T 301 42.93 -83.04 -1.29
C PRO T 301 42.87 -83.44 0.17
N THR T 302 42.28 -84.60 0.44
CA THR T 302 42.11 -85.18 1.78
C THR T 302 41.58 -86.58 1.59
N ILE T 303 42.14 -87.54 2.31
CA ILE T 303 41.69 -88.92 2.18
C ILE T 303 40.77 -89.37 3.31
N TYR T 304 40.79 -88.72 4.48
CA TYR T 304 40.45 -89.47 5.69
C TYR T 304 38.94 -89.62 5.87
N SER T 305 38.60 -90.50 6.79
CA SER T 305 37.25 -90.92 7.04
C SER T 305 36.90 -90.69 8.49
N LEU T 306 35.80 -91.27 8.94
CA LEU T 306 35.17 -90.98 10.21
C LEU T 306 36.03 -91.32 11.42
N ARG T 307 37.01 -92.21 11.26
CA ARG T 307 37.85 -92.64 12.37
C ARG T 307 38.79 -91.55 12.87
N GLU T 308 39.00 -90.48 12.12
CA GLU T 308 40.06 -89.54 12.44
C GLU T 308 39.48 -88.14 12.47
N LEU T 309 39.03 -87.72 13.63
CA LEU T 309 38.52 -86.38 13.83
C LEU T 309 39.08 -85.92 15.18
N ARG T 310 39.98 -84.97 15.13
CA ARG T 310 40.54 -84.44 16.36
C ARG T 310 40.01 -83.04 16.62
N GLU T 311 40.42 -82.47 17.75
CA GLU T 311 40.10 -81.09 18.08
C GLU T 311 40.81 -80.11 17.16
N SER T 312 41.89 -80.52 16.50
CA SER T 312 42.53 -79.65 15.54
C SER T 312 41.73 -79.53 14.26
N ASN T 313 40.80 -80.43 14.03
CA ASN T 313 40.05 -80.43 12.79
C ASN T 313 38.89 -79.47 12.80
N LEU T 314 38.41 -79.06 13.97
CA LEU T 314 37.14 -78.36 14.03
C LEU T 314 37.26 -76.93 13.51
N SER T 315 36.09 -76.37 13.20
CA SER T 315 35.93 -75.05 12.59
C SER T 315 36.74 -74.92 11.31
N SER T 316 36.65 -75.93 10.45
CA SER T 316 37.43 -75.96 9.24
C SER T 316 36.74 -76.82 8.21
N LEU T 317 37.31 -76.81 7.00
CA LEU T 317 36.79 -77.64 5.92
C LEU T 317 37.19 -79.07 6.16
N VAL T 318 36.23 -79.98 6.01
CA VAL T 318 36.46 -81.40 6.16
C VAL T 318 35.75 -82.14 5.04
N ARG T 319 36.31 -83.27 4.64
CA ARG T 319 35.69 -84.13 3.65
C ARG T 319 35.63 -85.53 4.19
N VAL T 320 34.45 -86.16 4.12
CA VAL T 320 34.27 -87.48 4.73
C VAL T 320 33.17 -88.20 3.96
N THR T 321 33.17 -89.53 4.06
CA THR T 321 32.24 -90.42 3.38
C THR T 321 31.30 -91.09 4.37
N GLY T 322 30.56 -92.06 3.88
CA GLY T 322 29.70 -92.87 4.71
C GLY T 322 28.55 -93.44 3.93
N VAL T 323 27.61 -94.03 4.65
CA VAL T 323 26.34 -94.46 4.08
C VAL T 323 25.21 -93.74 4.80
N VAL T 324 24.29 -93.21 4.01
CA VAL T 324 23.09 -92.57 4.52
C VAL T 324 22.14 -93.66 5.03
N THR T 325 21.85 -93.62 6.32
CA THR T 325 20.81 -94.45 6.92
C THR T 325 19.51 -93.69 7.00
N ARG T 326 18.62 -94.14 7.88
CA ARG T 326 17.25 -93.65 7.96
C ARG T 326 17.18 -92.14 8.24
N ARG T 327 16.39 -91.46 7.43
CA ARG T 327 16.32 -90.02 7.41
C ARG T 327 14.91 -89.55 7.73
N THR T 328 14.78 -88.25 7.91
CA THR T 328 13.50 -87.59 8.04
C THR T 328 13.13 -86.95 6.72
N GLY T 329 12.06 -86.16 6.74
CA GLY T 329 11.58 -85.48 5.56
C GLY T 329 12.02 -84.04 5.52
N VAL T 330 11.20 -83.24 4.85
CA VAL T 330 11.50 -81.84 4.60
C VAL T 330 10.59 -80.99 5.47
N PHE T 331 11.17 -80.08 6.22
CA PHE T 331 10.38 -79.14 6.98
C PHE T 331 10.74 -77.75 6.52
N PRO T 332 9.93 -76.74 6.81
CA PRO T 332 10.40 -75.37 6.66
C PRO T 332 11.12 -74.88 7.89
N GLN T 333 12.11 -74.02 7.65
CA GLN T 333 12.92 -73.39 8.69
C GLN T 333 12.62 -71.90 8.73
N LEU T 334 12.61 -71.32 9.94
CA LEU T 334 12.28 -69.91 10.09
C LEU T 334 13.32 -69.00 9.43
N LYS T 335 14.57 -69.05 9.91
CA LYS T 335 15.78 -68.52 9.26
C LYS T 335 15.83 -66.98 9.27
N TYR T 336 14.73 -66.33 9.57
CA TYR T 336 14.70 -64.88 9.61
C TYR T 336 13.77 -64.44 10.72
N VAL T 337 14.30 -64.34 11.94
CA VAL T 337 13.47 -64.22 13.13
C VAL T 337 13.03 -62.78 13.27
N LYS T 338 11.77 -62.51 12.98
CA LYS T 338 11.21 -61.24 13.38
C LYS T 338 10.82 -61.35 14.85
N PHE T 339 11.46 -60.52 15.67
CA PHE T 339 11.23 -60.55 17.11
C PHE T 339 10.08 -59.61 17.44
N ASN T 340 9.35 -59.91 18.50
CA ASN T 340 8.12 -59.19 18.81
C ASN T 340 8.10 -58.79 20.28
N CYS T 341 8.21 -57.48 20.53
CA CYS T 341 7.92 -56.94 21.85
C CYS T 341 6.42 -56.79 22.04
N LEU T 342 5.98 -56.66 23.30
CA LEU T 342 4.57 -56.49 23.57
C LEU T 342 4.14 -55.03 23.63
N LYS T 343 4.87 -54.19 24.36
CA LYS T 343 4.53 -52.78 24.53
C LYS T 343 5.09 -51.91 23.42
N CYS T 344 6.39 -52.02 23.17
CA CYS T 344 7.06 -51.28 22.10
C CYS T 344 6.85 -51.98 20.77
N GLY T 345 7.67 -51.64 19.77
CA GLY T 345 7.52 -52.22 18.45
C GLY T 345 7.79 -53.70 18.41
N SER T 346 6.80 -54.43 17.91
CA SER T 346 6.83 -55.87 17.77
C SER T 346 7.51 -56.32 16.48
N ILE T 347 8.27 -55.45 15.84
CA ILE T 347 9.00 -55.79 14.63
C ILE T 347 10.45 -55.41 14.85
N LEU T 348 11.33 -56.41 14.87
CA LEU T 348 12.74 -56.16 15.11
C LEU T 348 13.57 -56.56 13.89
N GLY T 349 12.93 -56.71 12.73
CA GLY T 349 13.63 -57.12 11.54
C GLY T 349 13.74 -58.63 11.46
N PRO T 350 13.74 -59.17 10.24
CA PRO T 350 14.00 -60.61 10.07
C PRO T 350 15.45 -60.94 10.37
N PHE T 351 15.69 -61.62 11.49
CA PHE T 351 17.03 -61.81 12.03
C PHE T 351 17.87 -62.76 11.18
N PHE T 352 19.09 -62.99 11.64
CA PHE T 352 19.93 -64.04 11.07
C PHE T 352 20.13 -65.10 12.14
N GLN T 353 19.17 -66.02 12.20
CA GLN T 353 19.22 -67.10 13.16
C GLN T 353 20.34 -68.06 12.80
N ASP T 354 20.77 -68.81 13.80
CA ASP T 354 21.85 -69.77 13.67
C ASP T 354 21.30 -71.11 13.24
N SER T 355 22.11 -72.15 13.40
CA SER T 355 21.68 -73.55 13.34
C SER T 355 20.97 -73.92 14.63
N ASN T 356 20.90 -75.21 14.94
CA ASN T 356 20.13 -75.70 16.08
C ASN T 356 20.79 -75.25 17.39
N GLU T 357 20.56 -73.98 17.73
CA GLU T 357 21.03 -73.38 18.97
C GLU T 357 19.96 -72.57 19.70
N GLU T 358 18.86 -72.19 19.02
CA GLU T 358 17.71 -71.48 19.57
C GLU T 358 18.10 -70.15 20.21
N ILE T 359 18.61 -69.27 19.36
CA ILE T 359 19.16 -67.99 19.79
C ILE T 359 18.03 -67.08 20.23
N ARG T 360 18.09 -66.64 21.49
CA ARG T 360 17.15 -65.68 22.03
C ARG T 360 17.81 -64.95 23.18
N ILE T 361 17.11 -63.95 23.71
CA ILE T 361 17.57 -63.16 24.83
C ILE T 361 16.38 -62.79 25.70
N SER T 362 16.67 -62.07 26.78
CA SER T 362 15.63 -61.63 27.70
C SER T 362 15.13 -60.23 27.33
N PHE T 363 16.03 -59.25 27.32
CA PHE T 363 15.65 -57.88 27.01
C PHE T 363 16.88 -57.14 26.51
N CYS T 364 16.70 -56.42 25.40
CA CYS T 364 17.73 -55.55 24.86
C CYS T 364 17.06 -54.55 23.92
N THR T 365 17.39 -53.27 24.10
CA THR T 365 17.13 -52.18 23.14
C THR T 365 15.65 -51.84 23.00
N ASN T 366 14.80 -52.39 23.88
CA ASN T 366 13.43 -51.93 23.99
C ASN T 366 13.16 -51.46 25.41
N CYS T 367 13.46 -52.33 26.36
CA CYS T 367 13.38 -52.06 27.78
C CYS T 367 14.30 -53.06 28.46
N LYS T 368 14.14 -53.24 29.77
CA LYS T 368 14.92 -54.23 30.49
C LYS T 368 14.03 -55.21 31.24
N SER T 369 12.74 -55.23 30.94
CA SER T 369 11.80 -56.04 31.70
C SER T 369 11.70 -57.45 31.13
N LYS T 370 10.87 -58.29 31.75
CA LYS T 370 10.69 -59.67 31.35
C LYS T 370 9.52 -59.86 30.39
N GLY T 371 9.26 -58.85 29.56
CA GLY T 371 8.32 -59.02 28.48
C GLY T 371 8.98 -59.83 27.39
N PRO T 372 8.54 -61.07 27.22
CA PRO T 372 9.27 -62.00 26.37
C PRO T 372 9.07 -61.69 24.89
N PHE T 373 10.11 -62.02 24.12
CA PHE T 373 10.07 -61.85 22.67
C PHE T 373 9.22 -62.96 22.05
N ARG T 374 8.31 -62.57 21.19
CA ARG T 374 7.28 -63.45 20.65
C ARG T 374 7.37 -63.44 19.14
N VAL T 375 6.32 -63.95 18.50
CA VAL T 375 6.26 -64.09 17.05
C VAL T 375 5.11 -63.27 16.48
N ASN T 376 5.23 -62.95 15.20
CA ASN T 376 4.07 -62.57 14.38
C ASN T 376 4.25 -63.19 13.01
N GLY T 377 3.37 -62.85 12.06
CA GLY T 377 3.23 -63.72 10.90
C GLY T 377 3.32 -63.16 9.51
N GLU T 378 4.23 -62.22 9.23
CA GLU T 378 4.31 -61.69 7.88
C GLU T 378 5.74 -61.51 7.40
N LYS T 379 5.97 -61.89 6.12
CA LYS T 379 7.17 -61.61 5.35
C LYS T 379 8.43 -62.16 6.00
N THR T 380 8.37 -63.43 6.40
CA THR T 380 9.54 -64.15 6.87
C THR T 380 9.71 -65.34 5.95
N VAL T 381 10.70 -65.28 5.08
CA VAL T 381 10.88 -66.36 4.12
C VAL T 381 11.41 -67.60 4.82
N TYR T 382 11.22 -68.75 4.19
CA TYR T 382 11.56 -70.00 4.82
C TYR T 382 12.46 -70.81 3.91
N ARG T 383 13.54 -71.35 4.47
CA ARG T 383 14.30 -72.36 3.77
C ARG T 383 13.98 -73.71 4.38
N ASN T 384 14.49 -74.76 3.75
CA ASN T 384 14.21 -76.10 4.23
C ASN T 384 15.45 -76.73 4.84
N TYR T 385 15.26 -77.90 5.43
CA TYR T 385 16.11 -78.38 6.51
C TYR T 385 15.85 -79.86 6.68
N GLN T 386 16.82 -80.70 6.41
CA GLN T 386 16.60 -82.13 6.28
C GLN T 386 17.75 -82.87 6.94
N ARG T 387 17.53 -83.42 8.13
CA ARG T 387 18.62 -83.98 8.91
C ARG T 387 18.76 -85.45 8.60
N VAL T 388 19.86 -85.80 7.95
CA VAL T 388 20.21 -87.16 7.63
C VAL T 388 21.26 -87.60 8.62
N THR T 389 20.97 -88.62 9.40
CA THR T 389 22.03 -89.21 10.19
C THR T 389 22.84 -90.16 9.32
N LEU T 390 24.10 -90.33 9.66
CA LEU T 390 25.04 -90.98 8.78
C LEU T 390 25.76 -92.11 9.49
N GLN T 391 25.85 -93.26 8.82
CA GLN T 391 26.68 -94.36 9.26
C GLN T 391 27.90 -94.47 8.37
N GLU T 392 28.97 -94.96 8.95
CA GLU T 392 30.19 -95.18 8.19
C GLU T 392 29.96 -96.36 7.26
N ALA T 393 30.23 -96.17 5.99
CA ALA T 393 30.03 -97.24 5.02
C ALA T 393 31.12 -98.30 5.19
N PRO T 394 30.77 -99.57 5.27
CA PRO T 394 31.76 -100.60 5.65
C PRO T 394 32.64 -101.04 4.49
N GLY T 395 33.30 -100.08 3.84
CA GLY T 395 34.19 -100.31 2.74
C GLY T 395 35.65 -100.27 3.23
N THR T 396 36.29 -99.13 3.06
CA THR T 396 37.64 -98.93 3.59
C THR T 396 37.56 -98.75 5.11
N VAL T 397 37.59 -99.90 5.80
CA VAL T 397 37.47 -99.92 7.26
C VAL T 397 38.19 -101.17 7.76
N PRO T 398 38.98 -101.07 8.82
CA PRO T 398 39.56 -102.28 9.41
C PRO T 398 38.48 -103.13 10.05
N PRO T 399 38.18 -104.28 9.47
CA PRO T 399 36.87 -104.89 9.65
C PRO T 399 36.73 -105.61 10.98
N GLY T 400 35.61 -106.29 11.11
CA GLY T 400 35.29 -107.02 12.31
C GLY T 400 34.77 -106.17 13.45
N ARG T 401 34.41 -104.92 13.19
CA ARG T 401 33.94 -104.05 14.26
C ARG T 401 32.65 -103.35 13.84
N LEU T 402 32.22 -102.42 14.65
CA LEU T 402 30.96 -101.72 14.70
C LEU T 402 30.96 -100.52 13.76
N PRO T 403 29.79 -100.00 13.40
CA PRO T 403 29.74 -98.70 12.73
C PRO T 403 29.81 -97.57 13.75
N ARG T 404 29.96 -96.35 13.23
CA ARG T 404 29.96 -95.14 14.04
C ARG T 404 28.98 -94.14 13.43
N HIS T 405 28.49 -93.24 14.27
CA HIS T 405 27.36 -92.38 13.91
C HIS T 405 27.80 -90.94 13.92
N ARG T 406 27.19 -90.13 13.04
CA ARG T 406 27.35 -88.68 13.08
C ARG T 406 26.02 -88.04 12.77
N GLU T 407 26.03 -86.74 12.51
CA GLU T 407 24.83 -86.03 12.10
C GLU T 407 25.16 -85.05 10.99
N VAL T 408 24.26 -84.92 10.03
CA VAL T 408 24.41 -84.00 8.91
C VAL T 408 23.17 -83.12 8.88
N ILE T 409 23.37 -81.82 8.85
CA ILE T 409 22.30 -80.87 8.65
C ILE T 409 22.44 -80.27 7.27
N LEU T 410 21.53 -80.58 6.38
CA LEU T 410 21.61 -80.06 5.03
C LEU T 410 21.21 -78.60 4.98
N LEU T 411 21.20 -78.06 3.77
CA LEU T 411 20.79 -76.68 3.61
C LEU T 411 19.72 -76.57 2.55
N ALA T 412 19.40 -75.34 2.15
CA ALA T 412 18.20 -75.01 1.39
C ALA T 412 18.10 -75.70 0.03
N ASP T 413 19.02 -75.40 -0.87
CA ASP T 413 18.98 -75.99 -2.20
C ASP T 413 19.75 -77.31 -2.26
N LEU T 414 19.91 -77.99 -1.14
CA LEU T 414 20.56 -79.29 -1.13
C LEU T 414 19.64 -80.35 -0.57
N VAL T 415 18.34 -80.13 -0.65
CA VAL T 415 17.37 -81.03 -0.06
C VAL T 415 17.19 -82.23 -0.97
N ASP T 416 16.94 -83.38 -0.32
CA ASP T 416 16.63 -84.72 -0.88
C ASP T 416 17.41 -85.09 -2.14
N VAL T 417 18.68 -84.71 -2.18
CA VAL T 417 19.55 -85.09 -3.27
C VAL T 417 19.91 -86.55 -3.19
N SER T 418 20.24 -87.03 -1.99
CA SER T 418 20.53 -88.44 -1.86
C SER T 418 19.25 -89.20 -1.50
N LYS T 419 19.36 -90.52 -1.41
CA LYS T 419 18.24 -91.41 -1.16
C LYS T 419 18.64 -92.24 0.05
N PRO T 420 17.70 -92.89 0.72
CA PRO T 420 18.09 -93.73 1.86
C PRO T 420 18.74 -95.05 1.47
N GLY T 421 20.06 -95.07 1.31
CA GLY T 421 20.74 -96.35 1.13
C GLY T 421 22.03 -96.38 0.33
N GLU T 422 22.30 -95.37 -0.48
CA GLU T 422 23.53 -95.36 -1.24
C GLU T 422 24.70 -94.92 -0.37
N GLU T 423 25.87 -94.81 -1.00
CA GLU T 423 27.03 -94.23 -0.35
C GLU T 423 27.30 -92.85 -0.93
N VAL T 424 27.70 -91.93 -0.06
CA VAL T 424 27.89 -90.54 -0.46
C VAL T 424 29.18 -90.02 0.15
N GLU T 425 29.48 -88.75 -0.09
CA GLU T 425 30.54 -88.05 0.61
C GLU T 425 30.23 -86.57 0.64
N VAL T 426 30.62 -85.93 1.72
CA VAL T 426 30.21 -84.56 1.97
C VAL T 426 31.43 -83.69 2.15
N THR T 427 31.24 -82.39 1.95
CA THR T 427 32.31 -81.42 1.96
C THR T 427 31.99 -80.32 2.94
N GLY T 428 31.66 -80.69 4.17
CA GLY T 428 31.11 -79.76 5.13
C GLY T 428 32.17 -79.04 5.95
N ILE T 429 31.67 -78.31 6.95
CA ILE T 429 32.49 -77.65 7.94
C ILE T 429 32.26 -78.40 9.24
N TYR T 430 32.86 -77.97 10.34
CA TYR T 430 32.81 -78.76 11.55
C TYR T 430 32.38 -77.90 12.72
N LYS T 431 31.09 -77.65 12.86
CA LYS T 431 30.59 -76.77 13.89
C LYS T 431 30.15 -77.58 15.09
N ASN T 432 30.43 -77.09 16.28
CA ASN T 432 30.28 -77.92 17.47
C ASN T 432 29.31 -77.30 18.46
N ASN T 433 28.21 -76.77 17.95
CA ASN T 433 27.27 -76.05 18.82
C ASN T 433 26.26 -76.85 19.61
N TYR T 434 26.35 -76.70 20.92
CA TYR T 434 25.44 -77.33 21.87
C TYR T 434 25.55 -76.54 23.17
N ASP T 435 24.52 -76.61 24.01
CA ASP T 435 24.62 -75.95 25.30
C ASP T 435 25.47 -76.73 26.28
N GLY T 436 25.46 -78.05 26.15
CA GLY T 436 25.96 -78.86 27.24
C GLY T 436 24.80 -79.50 28.00
N ASN T 437 23.82 -80.00 27.28
CA ASN T 437 22.83 -80.87 27.89
C ASN T 437 22.75 -82.15 27.07
N LEU T 438 22.95 -83.27 27.75
CA LEU T 438 22.96 -84.57 27.12
C LEU T 438 22.36 -85.54 28.12
N ASN T 439 21.70 -86.56 27.59
CA ASN T 439 20.83 -87.37 28.43
C ASN T 439 20.90 -88.87 28.20
N ALA T 440 21.67 -89.37 27.22
CA ALA T 440 21.99 -90.80 27.20
C ALA T 440 23.14 -91.10 28.15
N LYS T 441 24.12 -90.22 28.19
CA LYS T 441 25.18 -90.17 29.19
C LYS T 441 24.83 -89.06 30.17
N ASN T 442 25.54 -89.02 31.29
CA ASN T 442 25.33 -87.96 32.26
C ASN T 442 25.83 -86.62 31.72
N GLY T 443 25.55 -85.57 32.47
CA GLY T 443 26.10 -84.26 32.16
C GLY T 443 27.58 -84.19 32.50
N PHE T 444 28.37 -83.57 31.62
CA PHE T 444 29.82 -83.52 31.67
C PHE T 444 30.31 -82.31 30.90
N PRO T 445 31.56 -81.91 31.07
CA PRO T 445 32.15 -80.98 30.09
C PRO T 445 32.38 -81.63 28.75
N VAL T 446 31.33 -81.92 28.00
CA VAL T 446 31.44 -82.64 26.74
C VAL T 446 30.68 -81.90 25.67
N PHE T 447 31.18 -81.99 24.45
CA PHE T 447 30.53 -81.38 23.31
C PHE T 447 30.29 -82.40 22.20
N ALA T 448 29.27 -82.13 21.40
CA ALA T 448 28.82 -83.03 20.35
C ALA T 448 29.05 -82.36 19.01
N THR T 449 29.23 -83.16 17.97
CA THR T 449 29.62 -82.63 16.67
C THR T 449 28.40 -82.54 15.78
N ILE T 450 28.41 -81.58 14.87
CA ILE T 450 27.38 -81.38 13.87
C ILE T 450 28.09 -80.99 12.58
N ILE T 451 27.92 -81.76 11.54
CA ILE T 451 28.54 -81.44 10.26
C ILE T 451 27.51 -80.75 9.40
N GLU T 452 27.64 -79.44 9.24
CA GLU T 452 26.83 -78.72 8.27
C GLU T 452 27.49 -78.86 6.91
N ALA T 453 26.76 -79.46 5.98
CA ALA T 453 27.35 -79.78 4.68
C ALA T 453 27.28 -78.59 3.75
N ASN T 454 28.16 -78.59 2.77
CA ASN T 454 28.18 -77.55 1.78
C ASN T 454 27.86 -78.04 0.39
N SER T 455 28.11 -79.32 0.11
CA SER T 455 27.85 -79.90 -1.19
C SER T 455 27.73 -81.41 -1.03
N ILE T 456 27.46 -82.08 -2.15
CA ILE T 456 27.22 -83.51 -2.12
C ILE T 456 27.43 -84.07 -3.52
N LYS T 457 28.13 -85.19 -3.61
CA LYS T 457 28.22 -85.92 -4.85
C LYS T 457 27.85 -87.36 -4.60
N ARG T 458 27.84 -88.16 -5.65
CA ARG T 458 27.22 -89.47 -5.62
C ARG T 458 28.22 -90.59 -5.34
N ARG T 459 27.77 -91.80 -5.61
CA ARG T 459 28.61 -92.99 -5.59
C ARG T 459 29.77 -92.83 -6.56
N GLU T 460 30.98 -92.84 -6.05
CA GLU T 460 32.12 -92.79 -6.95
C GLU T 460 32.71 -94.19 -7.13
N GLY T 461 33.49 -94.35 -8.18
CA GLY T 461 34.04 -95.66 -8.51
C GLY T 461 35.37 -95.53 -9.20
N ASN T 462 36.19 -96.57 -9.02
CA ASN T 462 37.56 -96.69 -9.52
C ASN T 462 38.39 -95.50 -9.07
N THR T 463 38.58 -95.40 -7.75
CA THR T 463 39.30 -94.31 -7.12
C THR T 463 40.79 -94.43 -7.42
N ALA T 464 41.18 -94.04 -8.63
CA ALA T 464 42.57 -94.08 -9.02
C ALA T 464 43.01 -92.81 -9.74
N ASN T 465 42.11 -91.89 -10.00
CA ASN T 465 42.37 -90.70 -10.80
C ASN T 465 43.33 -89.74 -10.11
N GLU T 466 43.74 -88.70 -10.85
CA GLU T 466 44.57 -87.67 -10.23
C GLU T 466 44.10 -86.26 -10.56
N GLY T 467 43.46 -86.03 -11.70
CA GLY T 467 43.04 -84.68 -12.04
C GLY T 467 41.68 -84.62 -12.69
N GLU T 468 40.97 -85.75 -12.76
CA GLU T 468 39.70 -85.82 -13.45
C GLU T 468 38.84 -86.88 -12.75
N GLU T 469 37.63 -87.10 -13.28
CA GLU T 469 36.56 -88.02 -12.85
C GLU T 469 36.36 -88.02 -11.34
N GLY T 470 36.50 -86.86 -10.72
CA GLY T 470 36.17 -86.69 -9.31
C GLY T 470 34.88 -85.92 -9.15
N LEU T 471 34.46 -85.26 -10.23
CA LEU T 471 33.21 -84.53 -10.23
C LEU T 471 32.44 -84.86 -11.49
N ASP T 472 31.13 -85.07 -11.34
CA ASP T 472 30.24 -85.22 -12.47
C ASP T 472 29.99 -83.84 -13.09
N VAL T 473 30.97 -83.35 -13.85
CA VAL T 473 30.97 -81.95 -14.26
C VAL T 473 29.83 -81.68 -15.24
N PHE T 474 29.85 -82.38 -16.36
CA PHE T 474 28.68 -82.65 -17.20
C PHE T 474 28.09 -81.37 -17.80
N SER T 475 28.96 -80.57 -18.42
CA SER T 475 28.57 -79.28 -19.00
C SER T 475 29.16 -79.22 -20.40
N TRP T 476 28.29 -79.28 -21.40
CA TRP T 476 28.70 -79.57 -22.77
C TRP T 476 28.20 -78.45 -23.67
N THR T 477 28.91 -77.32 -23.69
CA THR T 477 28.23 -76.16 -24.23
C THR T 477 28.84 -75.63 -25.51
N GLU T 478 30.07 -75.13 -25.46
CA GLU T 478 30.61 -74.47 -26.63
C GLU T 478 31.52 -75.41 -27.41
N GLU T 479 32.48 -76.01 -26.72
CA GLU T 479 33.44 -76.86 -27.39
C GLU T 479 32.99 -78.32 -27.48
N GLU T 480 32.35 -78.83 -26.44
CA GLU T 480 31.94 -80.22 -26.34
C GLU T 480 30.77 -80.52 -27.25
N GLU T 481 29.80 -79.60 -27.28
CA GLU T 481 28.60 -79.85 -28.06
C GLU T 481 28.82 -79.64 -29.54
N ARG T 482 29.64 -78.66 -29.91
CA ARG T 482 30.11 -78.53 -31.28
C ARG T 482 30.84 -79.78 -31.72
N GLU T 483 31.61 -80.38 -30.81
CA GLU T 483 32.31 -81.61 -31.13
C GLU T 483 31.38 -82.81 -31.21
N PHE T 484 30.36 -82.86 -30.36
CA PHE T 484 29.51 -84.05 -30.33
C PHE T 484 28.63 -84.19 -31.55
N ARG T 485 28.44 -83.11 -32.30
CA ARG T 485 27.69 -83.24 -33.53
C ARG T 485 28.55 -83.87 -34.63
N LYS T 486 29.77 -83.37 -34.81
CA LYS T 486 30.64 -83.85 -35.88
C LYS T 486 31.19 -85.24 -35.62
N ILE T 487 31.08 -85.74 -34.39
CA ILE T 487 31.36 -87.14 -34.14
C ILE T 487 30.14 -87.99 -34.44
N SER T 488 29.00 -87.38 -34.70
CA SER T 488 27.78 -88.12 -34.93
C SER T 488 27.38 -88.20 -36.39
N ARG T 489 27.98 -87.42 -37.28
CA ARG T 489 27.63 -87.48 -38.69
C ARG T 489 28.67 -88.20 -39.52
N ASP T 490 29.21 -89.30 -39.01
CA ASP T 490 30.19 -90.10 -39.73
C ASP T 490 29.52 -91.41 -40.17
N ARG T 491 30.16 -92.11 -41.10
CA ARG T 491 29.53 -93.26 -41.73
C ARG T 491 30.05 -94.61 -41.24
N GLY T 492 30.74 -94.65 -40.12
CA GLY T 492 31.17 -95.93 -39.59
C GLY T 492 31.14 -95.99 -38.08
N ILE T 493 30.29 -95.14 -37.48
CA ILE T 493 30.34 -94.92 -36.04
C ILE T 493 29.94 -96.13 -35.22
N ILE T 494 28.80 -96.74 -35.54
CA ILE T 494 28.31 -97.84 -34.73
C ILE T 494 29.14 -99.08 -34.98
N ASP T 495 29.87 -99.10 -36.09
CA ASP T 495 30.94 -100.07 -36.25
C ASP T 495 32.18 -99.68 -35.45
N LYS T 496 32.42 -98.40 -35.23
CA LYS T 496 33.60 -98.02 -34.45
C LYS T 496 33.33 -98.06 -32.96
N ILE T 497 32.11 -97.69 -32.55
CA ILE T 497 31.83 -97.52 -31.13
C ILE T 497 31.84 -98.85 -30.39
N ILE T 498 31.17 -99.85 -30.94
CA ILE T 498 31.07 -101.12 -30.24
C ILE T 498 32.39 -101.87 -30.27
N SER T 499 33.30 -101.53 -31.17
CA SER T 499 34.66 -102.03 -31.11
C SER T 499 35.49 -101.27 -30.10
N SER T 500 35.01 -100.12 -29.67
CA SER T 500 35.76 -99.27 -28.77
C SER T 500 35.29 -99.34 -27.34
N MET T 501 34.26 -100.13 -27.04
CA MET T 501 33.70 -100.14 -25.70
C MET T 501 34.56 -100.90 -24.72
N ALA T 502 34.66 -102.23 -24.89
CA ALA T 502 35.49 -103.05 -24.02
C ALA T 502 36.93 -102.91 -24.48
N PRO T 503 37.78 -102.28 -23.72
CA PRO T 503 39.09 -101.90 -24.26
C PRO T 503 40.08 -103.06 -24.27
N SER T 504 39.82 -104.08 -23.47
CA SER T 504 40.88 -105.00 -23.12
C SER T 504 40.44 -106.44 -23.33
N ILE T 505 39.49 -106.66 -24.22
CA ILE T 505 38.98 -108.00 -24.47
C ILE T 505 38.95 -108.23 -25.97
N TYR T 506 39.69 -109.23 -26.42
CA TYR T 506 39.62 -109.67 -27.81
C TYR T 506 38.66 -110.85 -27.89
N GLY T 507 37.39 -110.56 -28.07
CA GLY T 507 36.43 -111.64 -28.20
C GLY T 507 35.60 -111.46 -29.45
N HIS T 508 34.57 -112.24 -29.57
CA HIS T 508 33.72 -112.19 -30.75
C HIS T 508 32.77 -111.01 -30.62
N ARG T 509 32.13 -110.69 -31.73
CA ARG T 509 31.48 -109.40 -31.88
C ARG T 509 30.18 -109.26 -31.12
N ASP T 510 29.28 -110.24 -31.21
CA ASP T 510 27.87 -110.01 -30.93
C ASP T 510 27.61 -109.68 -29.48
N ILE T 511 28.38 -110.28 -28.56
CA ILE T 511 28.23 -109.98 -27.15
C ILE T 511 28.55 -108.53 -26.84
N LYS T 512 29.48 -107.93 -27.56
CA LYS T 512 29.73 -106.51 -27.39
C LYS T 512 28.57 -105.71 -27.94
N THR T 513 27.96 -106.19 -29.03
CA THR T 513 26.85 -105.47 -29.63
C THR T 513 25.62 -105.49 -28.73
N ALA T 514 25.36 -106.63 -28.10
CA ALA T 514 24.20 -106.70 -27.22
C ALA T 514 24.44 -105.90 -25.95
N VAL T 515 25.64 -105.99 -25.39
CA VAL T 515 25.92 -105.22 -24.20
C VAL T 515 26.12 -103.76 -24.53
N ALA T 516 26.34 -103.42 -25.80
CA ALA T 516 26.17 -102.04 -26.20
C ALA T 516 24.70 -101.67 -26.20
N CYS T 517 23.85 -102.58 -26.66
CA CYS T 517 22.42 -102.29 -26.76
C CYS T 517 21.75 -102.17 -25.41
N SER T 518 22.23 -102.90 -24.40
CA SER T 518 21.54 -102.97 -23.12
C SER T 518 21.56 -101.64 -22.38
N LEU T 519 22.71 -100.99 -22.29
CA LEU T 519 22.70 -99.75 -21.53
C LEU T 519 22.25 -98.58 -22.38
N PHE T 520 22.09 -98.77 -23.68
CA PHE T 520 21.51 -97.72 -24.50
C PHE T 520 19.99 -97.69 -24.44
N GLY T 521 19.35 -98.75 -24.89
CA GLY T 521 17.94 -98.92 -24.63
C GLY T 521 17.05 -98.07 -25.51
N GLY T 522 15.77 -98.43 -25.50
CA GLY T 522 14.80 -97.78 -26.34
C GLY T 522 13.97 -96.74 -25.65
N VAL T 523 12.66 -96.93 -25.58
CA VAL T 523 11.78 -95.90 -25.02
C VAL T 523 10.69 -96.50 -24.15
N PRO T 524 10.56 -96.05 -22.91
CA PRO T 524 9.38 -96.38 -22.12
C PRO T 524 8.19 -95.61 -22.64
N LYS T 525 7.61 -96.07 -23.75
CA LYS T 525 6.78 -95.16 -24.50
C LYS T 525 5.38 -95.10 -23.91
N ASN T 526 4.78 -93.94 -24.06
CA ASN T 526 3.48 -93.67 -23.51
C ASN T 526 2.43 -94.38 -24.36
N VAL T 527 1.20 -94.37 -23.87
CA VAL T 527 0.07 -94.97 -24.56
C VAL T 527 -1.17 -94.26 -24.01
N ASN T 528 -2.30 -94.47 -24.67
CA ASN T 528 -3.55 -93.87 -24.21
C ASN T 528 -4.11 -94.64 -23.01
N GLY T 529 -5.42 -94.59 -22.79
CA GLY T 529 -5.99 -95.36 -21.71
C GLY T 529 -6.01 -96.84 -22.02
N LYS T 530 -4.83 -97.44 -22.09
CA LYS T 530 -4.64 -98.84 -22.45
C LYS T 530 -3.29 -99.27 -21.90
N HIS T 531 -2.82 -100.43 -22.33
CA HIS T 531 -1.68 -101.03 -21.67
C HIS T 531 -0.38 -100.37 -22.10
N SER T 532 0.53 -100.25 -21.16
CA SER T 532 1.84 -99.67 -21.42
C SER T 532 2.75 -100.69 -22.09
N ILE T 533 3.89 -100.19 -22.56
CA ILE T 533 4.81 -100.93 -23.40
C ILE T 533 6.15 -100.94 -22.70
N ARG T 534 6.78 -102.11 -22.62
CA ARG T 534 8.06 -102.23 -21.95
C ARG T 534 9.13 -101.46 -22.69
N GLY T 535 9.82 -100.58 -21.98
CA GLY T 535 10.86 -99.78 -22.58
C GLY T 535 12.25 -100.23 -22.18
N ASP T 536 12.40 -101.52 -21.89
CA ASP T 536 13.67 -102.05 -21.45
C ASP T 536 14.06 -103.25 -22.29
N ILE T 537 15.36 -103.50 -22.37
CA ILE T 537 15.93 -104.56 -23.18
C ILE T 537 16.90 -105.34 -22.31
N ASN T 538 16.65 -106.62 -22.15
CA ASN T 538 17.35 -107.43 -21.15
C ASN T 538 18.02 -108.61 -21.81
N VAL T 539 19.31 -108.78 -21.54
CA VAL T 539 20.15 -109.71 -22.27
C VAL T 539 20.58 -110.78 -21.29
N LEU T 540 21.05 -111.90 -21.82
CA LEU T 540 21.54 -112.97 -21.00
C LEU T 540 22.77 -113.58 -21.65
N LEU T 541 23.80 -113.79 -20.84
CA LEU T 541 25.06 -114.35 -21.31
C LEU T 541 25.15 -115.77 -20.82
N LEU T 542 25.33 -116.71 -21.73
CA LEU T 542 25.72 -118.06 -21.37
C LEU T 542 27.17 -118.23 -21.72
N GLY T 543 27.95 -118.80 -20.80
CA GLY T 543 29.37 -118.91 -21.03
C GLY T 543 29.96 -120.16 -20.42
N ASP T 544 31.25 -120.30 -20.60
CA ASP T 544 32.12 -121.33 -20.08
C ASP T 544 32.92 -120.77 -18.91
N PRO T 545 33.21 -121.60 -17.95
CA PRO T 545 34.07 -121.15 -16.85
C PRO T 545 35.49 -120.94 -17.31
N GLY T 546 35.79 -119.75 -17.79
CA GLY T 546 37.15 -119.48 -18.23
C GLY T 546 37.24 -118.52 -19.37
N THR T 547 36.12 -118.18 -19.97
CA THR T 547 36.16 -117.03 -20.87
C THR T 547 35.90 -115.79 -20.04
N ALA T 548 35.80 -114.64 -20.68
CA ALA T 548 35.82 -113.39 -19.94
C ALA T 548 34.43 -112.85 -19.67
N LYS T 549 33.49 -113.74 -19.39
CA LYS T 549 32.12 -113.26 -19.22
C LYS T 549 31.97 -112.51 -17.90
N SER T 550 32.78 -112.84 -16.88
CA SER T 550 32.63 -112.15 -15.61
C SER T 550 33.21 -110.75 -15.61
N GLN T 551 33.82 -110.31 -16.72
CA GLN T 551 34.47 -109.02 -16.70
C GLN T 551 33.71 -107.95 -17.43
N ILE T 552 33.00 -108.32 -18.50
CA ILE T 552 32.25 -107.33 -19.25
C ILE T 552 31.11 -106.79 -18.41
N LEU T 553 30.52 -107.66 -17.60
CA LEU T 553 29.55 -107.20 -16.62
C LEU T 553 30.19 -106.33 -15.55
N LYS T 554 31.44 -106.57 -15.21
CA LYS T 554 32.11 -105.69 -14.28
C LYS T 554 32.39 -104.35 -14.91
N TYR T 555 32.80 -104.36 -16.17
CA TYR T 555 33.26 -103.14 -16.82
C TYR T 555 32.11 -102.21 -17.12
N VAL T 556 30.93 -102.77 -17.40
CA VAL T 556 29.80 -101.92 -17.69
C VAL T 556 29.28 -101.24 -16.43
N GLU T 557 29.59 -101.78 -15.25
CA GLU T 557 29.14 -101.19 -14.00
C GLU T 557 29.80 -99.83 -13.76
N LYS T 558 31.07 -99.70 -14.11
CA LYS T 558 31.68 -98.38 -14.01
C LYS T 558 31.11 -97.45 -15.06
N THR T 559 31.03 -97.90 -16.30
CA THR T 559 30.68 -97.02 -17.40
C THR T 559 29.22 -96.58 -17.37
N ALA T 560 28.35 -97.30 -16.67
CA ALA T 560 27.00 -96.81 -16.50
C ALA T 560 26.99 -95.66 -15.52
N HIS T 561 25.87 -94.96 -15.47
CA HIS T 561 25.81 -93.85 -14.54
C HIS T 561 25.48 -94.31 -13.13
N ARG T 562 24.52 -95.22 -12.99
CA ARG T 562 24.15 -95.77 -11.70
C ARG T 562 24.03 -97.28 -11.84
N ALA T 563 24.24 -98.01 -10.74
CA ALA T 563 24.31 -99.47 -10.83
C ALA T 563 24.06 -100.09 -9.47
N VAL T 564 24.11 -101.42 -9.44
CA VAL T 564 24.19 -102.21 -8.21
C VAL T 564 24.74 -103.57 -8.65
N PHE T 565 25.28 -104.32 -7.70
CA PHE T 565 25.98 -105.55 -8.06
C PHE T 565 25.60 -106.72 -7.17
N ALA T 566 24.31 -106.94 -6.98
CA ALA T 566 23.83 -108.07 -6.15
C ALA T 566 24.18 -109.37 -6.86
N THR T 567 25.12 -110.12 -6.28
CA THR T 567 25.65 -111.31 -6.94
C THR T 567 25.68 -112.47 -5.95
N GLY T 568 25.40 -113.67 -6.44
CA GLY T 568 25.71 -114.90 -5.73
C GLY T 568 24.68 -115.28 -4.70
N GLN T 569 25.12 -115.43 -3.46
CA GLN T 569 24.23 -115.82 -2.38
C GLN T 569 23.58 -114.58 -1.79
N GLY T 570 22.71 -114.81 -0.82
CA GLY T 570 22.11 -113.74 -0.08
C GLY T 570 21.05 -112.96 -0.81
N ALA T 571 20.81 -113.26 -2.07
CA ALA T 571 19.78 -112.55 -2.82
C ALA T 571 18.43 -113.08 -2.37
N SER T 572 17.89 -112.50 -1.30
CA SER T 572 16.59 -112.90 -0.81
C SER T 572 15.50 -112.18 -1.57
N ALA T 573 14.36 -112.86 -1.71
CA ALA T 573 13.24 -112.38 -2.51
C ALA T 573 12.69 -111.07 -2.00
N VAL T 574 12.73 -110.85 -0.71
CA VAL T 574 12.36 -109.56 -0.18
C VAL T 574 13.52 -108.58 -0.30
N GLY T 575 14.75 -109.11 -0.31
CA GLY T 575 15.92 -108.25 -0.24
C GLY T 575 16.20 -107.46 -1.48
N LEU T 576 15.88 -108.00 -2.65
CA LEU T 576 16.08 -107.25 -3.89
C LEU T 576 15.12 -106.09 -3.98
N THR T 577 13.83 -106.38 -3.96
CA THR T 577 12.80 -105.36 -4.07
C THR T 577 12.57 -104.74 -2.69
N ALA T 578 11.44 -104.07 -2.51
CA ALA T 578 11.17 -103.34 -1.29
C ALA T 578 10.93 -104.29 -0.13
N SER T 579 11.22 -103.81 1.07
CA SER T 579 10.96 -104.52 2.30
C SER T 579 10.34 -103.55 3.30
N VAL T 580 9.87 -104.11 4.41
CA VAL T 580 9.22 -103.32 5.44
C VAL T 580 10.08 -103.42 6.68
N ARG T 581 10.87 -102.40 6.95
CA ARG T 581 11.62 -102.39 8.18
C ARG T 581 10.73 -101.90 9.31
N LYS T 582 10.82 -102.59 10.45
CA LYS T 582 9.87 -102.37 11.52
C LYS T 582 10.13 -101.05 12.20
N ASP T 583 9.23 -100.67 13.08
CA ASP T 583 9.29 -99.35 13.66
C ASP T 583 10.15 -99.37 14.91
N PRO T 584 10.76 -98.24 15.26
CA PRO T 584 11.09 -97.99 16.66
C PRO T 584 9.85 -97.64 17.46
N ILE T 585 10.05 -97.29 18.74
CA ILE T 585 9.02 -97.35 19.78
C ILE T 585 7.80 -96.46 19.49
N THR T 586 8.05 -95.28 18.93
CA THR T 586 6.95 -94.33 18.68
C THR T 586 6.78 -94.10 17.18
N LYS T 587 7.08 -95.15 16.42
CA LYS T 587 7.17 -95.01 14.98
C LYS T 587 6.15 -95.94 14.33
N GLU T 588 6.22 -96.06 13.01
CA GLU T 588 5.19 -96.71 12.21
C GLU T 588 5.86 -97.63 11.19
N TRP T 589 5.12 -98.62 10.71
CA TRP T 589 5.69 -99.61 9.80
C TRP T 589 5.89 -99.02 8.43
N THR T 590 7.10 -98.55 8.18
CA THR T 590 7.45 -97.82 6.99
C THR T 590 8.03 -98.75 5.93
N LEU T 591 8.41 -98.17 4.80
CA LEU T 591 8.74 -98.90 3.60
C LEU T 591 10.15 -98.57 3.16
N GLU T 592 11.03 -99.57 3.17
CA GLU T 592 12.44 -99.36 2.85
C GLU T 592 12.82 -100.23 1.67
N GLY T 593 13.27 -99.61 0.60
CA GLY T 593 13.64 -100.32 -0.59
C GLY T 593 14.94 -101.07 -0.45
N GLY T 594 15.20 -101.92 -1.44
CA GLY T 594 16.39 -102.74 -1.45
C GLY T 594 17.30 -102.46 -2.62
N ALA T 595 17.29 -103.34 -3.61
CA ALA T 595 18.16 -103.19 -4.77
C ALA T 595 17.50 -102.47 -5.93
N LEU T 596 16.35 -102.96 -6.38
CA LEU T 596 15.82 -102.59 -7.69
C LEU T 596 15.36 -101.14 -7.71
N VAL T 597 14.69 -100.70 -6.65
CA VAL T 597 14.18 -99.33 -6.61
C VAL T 597 15.28 -98.28 -6.55
N LEU T 598 16.50 -98.68 -6.19
CA LEU T 598 17.66 -97.83 -6.40
C LEU T 598 18.10 -97.90 -7.85
N ALA T 599 18.22 -99.10 -8.40
CA ALA T 599 18.83 -99.28 -9.72
C ALA T 599 17.78 -99.10 -10.80
N ASP T 600 17.73 -97.88 -11.31
CA ASP T 600 16.79 -97.60 -12.38
C ASP T 600 17.29 -98.09 -13.73
N LYS T 601 18.60 -98.08 -13.95
CA LYS T 601 19.18 -98.41 -15.25
C LYS T 601 20.37 -99.35 -15.15
N GLY T 602 20.35 -100.33 -14.26
CA GLY T 602 21.53 -101.04 -13.87
C GLY T 602 21.51 -102.53 -14.13
N VAL T 603 22.01 -103.27 -13.14
CA VAL T 603 22.56 -104.61 -13.29
C VAL T 603 22.18 -105.41 -12.06
N CYS T 604 21.72 -106.63 -12.26
CA CYS T 604 21.71 -107.61 -11.18
C CYS T 604 22.52 -108.83 -11.62
N LEU T 605 22.42 -109.91 -10.86
CA LEU T 605 23.02 -111.16 -11.30
C LEU T 605 22.19 -112.32 -10.78
N ILE T 606 21.83 -113.24 -11.68
CA ILE T 606 21.27 -114.55 -11.34
C ILE T 606 22.03 -115.58 -12.17
N ASP T 607 23.01 -116.25 -11.57
CA ASP T 607 23.57 -117.32 -12.37
C ASP T 607 22.99 -118.66 -11.95
N GLU T 608 23.44 -119.22 -10.84
CA GLU T 608 22.97 -120.55 -10.44
C GLU T 608 23.01 -120.79 -8.93
N PHE T 609 22.42 -119.88 -8.16
CA PHE T 609 22.24 -120.20 -6.74
C PHE T 609 21.13 -121.26 -6.66
N ASP T 610 21.56 -122.52 -6.74
CA ASP T 610 20.65 -123.64 -6.99
C ASP T 610 19.65 -123.87 -5.87
N LYS T 611 20.10 -123.72 -4.62
CA LYS T 611 19.17 -123.86 -3.50
C LYS T 611 18.24 -122.66 -3.43
N MET T 612 18.77 -121.46 -3.63
CA MET T 612 17.98 -120.25 -3.46
C MET T 612 17.42 -119.82 -4.80
N ASN T 613 17.32 -120.74 -5.74
CA ASN T 613 16.76 -120.40 -7.04
C ASN T 613 15.25 -120.28 -6.95
N ASP T 614 14.60 -121.24 -6.30
CA ASP T 614 13.15 -121.21 -6.15
C ASP T 614 12.68 -120.14 -5.16
N GLN T 615 13.59 -119.53 -4.41
CA GLN T 615 13.16 -118.50 -3.47
C GLN T 615 12.85 -117.19 -4.16
N ASP T 616 13.78 -116.67 -4.97
CA ASP T 616 13.65 -115.31 -5.48
C ASP T 616 13.26 -115.21 -6.94
N ARG T 617 13.30 -116.31 -7.70
CA ARG T 617 12.98 -116.22 -9.11
C ARG T 617 11.52 -115.91 -9.34
N THR T 618 10.68 -116.16 -8.34
CA THR T 618 9.30 -115.69 -8.33
C THR T 618 9.19 -114.23 -7.95
N SER T 619 10.29 -113.50 -7.86
CA SER T 619 10.25 -112.06 -7.64
C SER T 619 10.98 -111.27 -8.71
N ILE T 620 11.65 -111.89 -9.66
CA ILE T 620 12.31 -111.10 -10.69
C ILE T 620 11.67 -111.27 -12.05
N HIS T 621 11.01 -112.40 -12.31
CA HIS T 621 10.33 -112.57 -13.57
C HIS T 621 8.93 -111.97 -13.56
N GLU T 622 8.57 -111.33 -12.46
CA GLU T 622 7.41 -110.46 -12.44
C GLU T 622 7.83 -109.01 -12.32
N ALA T 623 9.12 -108.75 -12.42
CA ALA T 623 9.59 -107.38 -12.56
C ALA T 623 9.61 -106.95 -14.01
N MET T 624 9.66 -107.91 -14.93
CA MET T 624 9.63 -107.57 -16.34
C MET T 624 8.24 -107.76 -16.92
N GLU T 625 7.62 -108.90 -16.62
CA GLU T 625 6.27 -109.20 -17.10
C GLU T 625 5.28 -108.18 -16.57
N GLN T 626 5.04 -108.19 -15.26
CA GLN T 626 4.27 -107.15 -14.58
C GLN T 626 5.26 -106.03 -14.29
N GLN T 627 5.68 -105.32 -15.33
CA GLN T 627 6.70 -104.30 -15.21
C GLN T 627 6.17 -103.16 -14.34
N SER T 628 7.09 -102.53 -13.59
CA SER T 628 6.81 -101.69 -12.43
C SER T 628 6.03 -102.45 -11.36
N ILE T 629 6.68 -103.39 -10.68
CA ILE T 629 6.02 -104.22 -9.67
C ILE T 629 6.33 -103.70 -8.27
N SER T 630 5.28 -103.60 -7.46
CA SER T 630 5.44 -103.54 -6.02
C SER T 630 4.26 -104.24 -5.35
N ILE T 631 4.31 -104.31 -4.01
CA ILE T 631 3.67 -105.39 -3.27
C ILE T 631 3.11 -104.80 -1.99
N SER T 632 2.33 -105.60 -1.26
CA SER T 632 1.67 -105.10 -0.06
C SER T 632 1.73 -106.00 1.17
N LYS T 633 2.94 -106.44 1.58
CA LYS T 633 3.04 -107.32 2.73
C LYS T 633 2.89 -106.50 4.02
N ALA T 634 1.76 -106.75 4.70
CA ALA T 634 1.54 -106.44 6.11
C ALA T 634 1.59 -104.92 6.37
N GLY T 635 1.20 -104.19 5.35
CA GLY T 635 1.40 -102.77 5.39
C GLY T 635 0.42 -102.00 4.55
N ILE T 636 0.97 -101.22 3.63
CA ILE T 636 0.21 -100.37 2.75
C ILE T 636 0.12 -101.10 1.42
N VAL T 637 -0.92 -100.83 0.64
CA VAL T 637 -0.98 -101.36 -0.72
C VAL T 637 -0.60 -100.26 -1.70
N THR T 638 0.67 -100.11 -1.99
CA THR T 638 1.11 -99.15 -3.00
C THR T 638 1.75 -99.89 -4.16
N THR T 639 2.29 -99.10 -5.09
CA THR T 639 3.05 -99.63 -6.21
C THR T 639 4.04 -98.57 -6.66
N LEU T 640 5.33 -98.84 -6.49
CA LEU T 640 6.36 -97.91 -6.91
C LEU T 640 6.63 -98.09 -8.40
N GLN T 641 7.54 -97.28 -8.92
CA GLN T 641 7.94 -97.44 -10.31
C GLN T 641 9.41 -97.81 -10.45
N ALA T 642 9.67 -98.82 -11.26
CA ALA T 642 11.02 -99.31 -11.44
C ALA T 642 11.16 -99.84 -12.86
N ARG T 643 11.70 -99.02 -13.76
CA ARG T 643 11.93 -99.49 -15.12
C ARG T 643 13.37 -99.98 -15.25
N CYS T 644 13.68 -101.01 -14.49
CA CYS T 644 15.04 -101.50 -14.38
C CYS T 644 15.42 -102.39 -15.56
N SER T 645 16.72 -102.62 -15.71
CA SER T 645 17.28 -103.47 -16.75
C SER T 645 17.99 -104.64 -16.09
N ILE T 646 17.88 -105.81 -16.69
CA ILE T 646 18.50 -107.00 -16.13
C ILE T 646 19.53 -107.53 -17.10
N ILE T 647 20.72 -107.81 -16.59
CA ILE T 647 21.68 -108.69 -17.26
C ILE T 647 21.98 -109.83 -16.30
N ALA T 648 22.56 -110.90 -16.85
CA ALA T 648 22.81 -112.10 -16.05
C ALA T 648 23.89 -112.92 -16.72
N ALA T 649 24.50 -113.81 -15.95
CA ALA T 649 25.69 -114.51 -16.41
C ALA T 649 25.65 -116.00 -16.08
N ALA T 650 24.56 -116.66 -16.47
CA ALA T 650 24.28 -118.03 -16.05
C ALA T 650 25.35 -119.01 -16.52
N ASN T 651 25.33 -120.19 -15.91
CA ASN T 651 26.41 -121.09 -15.89
C ASN T 651 25.88 -122.50 -16.04
N PRO T 652 26.17 -123.19 -17.13
CA PRO T 652 25.64 -124.54 -17.30
C PRO T 652 26.37 -125.52 -16.39
N ASN T 653 25.70 -126.63 -16.13
CA ASN T 653 26.17 -127.61 -15.15
C ASN T 653 27.33 -128.38 -15.72
N GLY T 654 28.54 -127.83 -15.59
CA GLY T 654 29.72 -128.44 -16.17
C GLY T 654 30.21 -127.65 -17.37
N GLY T 655 30.30 -128.31 -18.52
CA GLY T 655 30.77 -127.67 -19.73
C GLY T 655 29.65 -127.01 -20.50
N ARG T 656 30.07 -126.27 -21.54
CA ARG T 656 29.12 -125.46 -22.30
C ARG T 656 28.26 -126.31 -23.22
N TYR T 657 28.83 -127.36 -23.77
CA TYR T 657 28.11 -128.32 -24.58
C TYR T 657 28.06 -129.53 -23.68
N ASN T 658 27.14 -129.50 -22.72
CA ASN T 658 26.93 -130.66 -21.88
C ASN T 658 26.16 -131.73 -22.62
N SER T 659 25.59 -131.37 -23.77
CA SER T 659 24.79 -132.28 -24.58
C SER T 659 24.70 -131.72 -26.00
N THR T 660 24.46 -132.63 -26.94
CA THR T 660 23.84 -132.25 -28.20
C THR T 660 22.36 -131.96 -28.03
N LEU T 661 21.80 -132.44 -26.94
CA LEU T 661 20.42 -132.22 -26.60
C LEU T 661 20.22 -130.74 -26.27
N PRO T 662 18.99 -130.21 -26.45
CA PRO T 662 18.81 -128.76 -26.43
C PRO T 662 18.92 -128.06 -25.09
N LEU T 663 18.58 -126.77 -25.11
CA LEU T 663 18.81 -125.86 -24.00
C LEU T 663 17.96 -126.18 -22.77
N ALA T 664 16.80 -126.79 -22.95
CA ALA T 664 16.03 -127.21 -21.80
C ALA T 664 16.67 -128.39 -21.08
N GLN T 665 17.49 -129.17 -21.79
CA GLN T 665 18.32 -130.18 -21.16
C GLN T 665 19.58 -129.60 -20.53
N ASN T 666 19.99 -128.41 -20.95
CA ASN T 666 21.31 -127.92 -20.56
C ASN T 666 21.24 -127.10 -19.28
N VAL T 667 20.43 -126.05 -19.27
CA VAL T 667 20.25 -125.22 -18.10
C VAL T 667 19.25 -125.89 -17.17
N SER T 668 19.24 -125.46 -15.91
CA SER T 668 18.24 -125.94 -14.98
C SER T 668 17.00 -125.05 -14.94
N LEU T 669 17.00 -123.92 -15.63
CA LEU T 669 15.81 -123.08 -15.67
C LEU T 669 14.73 -123.75 -16.51
N THR T 670 13.51 -123.31 -16.29
CA THR T 670 12.42 -123.76 -17.13
C THR T 670 12.15 -122.72 -18.20
N GLU T 671 11.05 -122.88 -18.93
CA GLU T 671 10.75 -122.00 -20.05
C GLU T 671 10.35 -120.56 -19.71
N PRO T 672 9.35 -120.28 -18.85
CA PRO T 672 8.75 -118.94 -18.87
C PRO T 672 9.66 -117.85 -18.37
N ILE T 673 10.43 -118.13 -17.33
CA ILE T 673 11.40 -117.16 -16.84
C ILE T 673 12.52 -117.00 -17.85
N LEU T 674 12.85 -118.06 -18.58
CA LEU T 674 13.82 -117.94 -19.67
C LEU T 674 13.25 -117.12 -20.82
N SER T 675 11.94 -117.13 -21.01
CA SER T 675 11.39 -116.52 -22.20
C SER T 675 11.25 -115.01 -22.07
N ARG T 676 11.54 -114.43 -20.92
CA ARG T 676 11.47 -112.98 -20.80
C ARG T 676 12.64 -112.27 -21.47
N PHE T 677 13.71 -112.98 -21.81
CA PHE T 677 14.91 -112.31 -22.29
C PHE T 677 14.85 -112.12 -23.79
N ASP T 678 15.90 -111.53 -24.36
CA ASP T 678 15.87 -111.27 -25.79
C ASP T 678 16.76 -112.25 -26.54
N ILE T 679 17.89 -112.64 -25.96
CA ILE T 679 18.85 -113.42 -26.71
C ILE T 679 19.77 -114.15 -25.73
N LEU T 680 20.12 -115.37 -26.10
CA LEU T 680 20.94 -116.23 -25.26
C LEU T 680 22.30 -116.30 -25.93
N CYS T 681 23.13 -115.32 -25.65
CA CYS T 681 24.46 -115.30 -26.23
C CYS T 681 25.31 -116.41 -25.63
N VAL T 682 25.85 -117.24 -26.52
CA VAL T 682 26.52 -118.47 -26.14
C VAL T 682 27.94 -118.42 -26.72
N VAL T 683 28.88 -119.00 -25.99
CA VAL T 683 30.28 -119.01 -26.39
C VAL T 683 30.72 -120.44 -26.68
N ARG T 684 31.86 -120.55 -27.36
CA ARG T 684 32.39 -121.83 -27.82
C ARG T 684 33.82 -121.67 -28.31
N ASP T 685 34.68 -122.63 -27.98
CA ASP T 685 35.95 -122.85 -28.67
C ASP T 685 36.42 -124.25 -28.33
N LEU T 686 36.88 -125.00 -29.33
CA LEU T 686 37.56 -126.24 -29.04
C LEU T 686 39.07 -126.12 -29.22
N VAL T 687 39.50 -125.90 -30.46
CA VAL T 687 40.92 -125.99 -30.86
C VAL T 687 41.11 -125.05 -32.04
N ASP T 688 42.01 -124.08 -31.90
CA ASP T 688 42.33 -123.19 -33.02
C ASP T 688 43.73 -122.64 -32.77
N GLU T 689 44.60 -122.80 -33.75
CA GLU T 689 45.95 -122.28 -33.62
C GLU T 689 45.97 -120.76 -33.73
N GLU T 690 45.45 -120.22 -34.83
CA GLU T 690 45.58 -118.79 -35.09
C GLU T 690 44.68 -117.97 -34.18
N ALA T 691 43.55 -118.52 -33.77
CA ALA T 691 42.67 -117.76 -32.90
C ALA T 691 43.24 -117.67 -31.49
N ASP T 692 44.02 -118.66 -31.08
CA ASP T 692 44.49 -118.68 -29.70
C ASP T 692 45.57 -117.62 -29.47
N GLU T 693 46.52 -117.50 -30.41
CA GLU T 693 47.52 -116.44 -30.33
C GLU T 693 46.89 -115.07 -30.43
N ARG T 694 45.80 -114.95 -31.18
CA ARG T 694 45.06 -113.70 -31.29
C ARG T 694 44.48 -113.32 -29.96
N LEU T 695 44.27 -114.29 -29.09
CA LEU T 695 44.14 -113.96 -27.67
C LEU T 695 45.49 -113.92 -26.99
N ALA T 696 46.38 -114.87 -27.27
CA ALA T 696 47.56 -115.04 -26.44
C ALA T 696 48.58 -113.92 -26.62
N THR T 697 48.80 -113.47 -27.86
CA THR T 697 49.61 -112.29 -28.02
C THR T 697 48.92 -111.05 -27.51
N PHE T 698 47.59 -111.04 -27.53
CA PHE T 698 46.86 -109.88 -27.08
C PHE T 698 46.96 -109.70 -25.57
N VAL T 699 46.89 -110.78 -24.82
CA VAL T 699 46.73 -110.63 -23.37
C VAL T 699 48.04 -110.25 -22.70
N VAL T 700 49.17 -110.62 -23.29
CA VAL T 700 50.43 -110.35 -22.60
C VAL T 700 50.85 -108.90 -22.69
N ASP T 701 50.40 -108.17 -23.71
CA ASP T 701 50.74 -106.77 -23.79
C ASP T 701 49.97 -105.93 -22.78
N SER T 702 48.79 -106.39 -22.36
CA SER T 702 48.06 -105.72 -21.30
C SER T 702 48.80 -105.75 -19.98
N HIS T 703 49.51 -106.82 -19.67
CA HIS T 703 50.32 -106.85 -18.48
C HIS T 703 51.58 -106.03 -18.59
N VAL T 704 51.93 -105.55 -19.79
CA VAL T 704 52.96 -104.54 -19.86
C VAL T 704 52.39 -103.19 -19.43
N ARG T 705 51.07 -103.07 -19.33
CA ARG T 705 50.46 -101.83 -18.87
C ARG T 705 50.21 -101.86 -17.36
N SER T 706 51.30 -102.08 -16.63
CA SER T 706 51.26 -102.12 -15.18
C SER T 706 51.83 -100.84 -14.60
N GLN T 737 54.65 -78.92 -10.34
CA GLN T 737 54.36 -80.16 -11.03
C GLN T 737 53.16 -79.99 -11.93
N LEU T 738 52.87 -78.74 -12.28
CA LEU T 738 51.71 -78.42 -13.10
C LEU T 738 51.86 -78.98 -14.51
N ASN T 739 53.05 -78.84 -15.10
CA ASN T 739 53.35 -79.57 -16.32
C ASN T 739 53.35 -81.06 -16.08
N ALA T 740 53.87 -81.51 -14.94
CA ALA T 740 53.99 -82.94 -14.66
C ALA T 740 52.61 -83.56 -14.43
N ARG T 741 51.70 -82.81 -13.81
CA ARG T 741 50.32 -83.25 -13.71
C ARG T 741 49.66 -83.31 -15.08
N GLN T 742 50.01 -82.38 -15.95
CA GLN T 742 49.61 -82.48 -17.34
C GLN T 742 50.37 -83.59 -18.08
N ARG T 743 51.67 -83.75 -17.80
CA ARG T 743 52.48 -84.69 -18.57
C ARG T 743 52.15 -86.14 -18.23
N ARG T 744 51.77 -86.40 -16.98
CA ARG T 744 51.28 -87.72 -16.62
C ARG T 744 49.96 -88.02 -17.34
N LEU T 745 49.15 -86.99 -17.57
CA LEU T 745 47.88 -87.17 -18.26
C LEU T 745 48.06 -87.55 -19.73
N GLN T 746 49.01 -86.91 -20.41
CA GLN T 746 49.29 -87.31 -21.79
C GLN T 746 49.89 -88.70 -21.84
N ARG T 747 50.70 -89.05 -20.84
CA ARG T 747 51.09 -90.44 -20.67
C ARG T 747 49.89 -91.31 -20.38
N GLN T 748 48.96 -90.81 -19.56
CA GLN T 748 47.72 -91.55 -19.34
C GLN T 748 46.82 -91.51 -20.57
N ARG T 749 47.00 -90.53 -21.46
CA ARG T 749 46.22 -90.54 -22.68
C ARG T 749 46.84 -91.42 -23.74
N LYS T 750 48.17 -91.44 -23.83
CA LYS T 750 48.81 -92.24 -24.87
C LYS T 750 48.71 -93.73 -24.56
N LYS T 751 48.70 -94.09 -23.28
CA LYS T 751 48.68 -95.50 -22.91
C LYS T 751 47.36 -96.16 -23.24
N GLU T 752 46.29 -95.40 -23.41
CA GLU T 752 45.04 -95.94 -23.90
C GLU T 752 44.93 -95.86 -25.41
N GLU T 753 45.90 -95.22 -26.04
CA GLU T 753 45.76 -94.87 -27.44
C GLU T 753 46.78 -95.63 -28.29
N GLU T 754 46.94 -96.92 -28.01
CA GLU T 754 47.80 -97.75 -28.84
C GLU T 754 47.22 -97.92 -30.24
N ILE T 755 45.90 -98.01 -30.35
CA ILE T 755 45.23 -98.02 -31.65
C ILE T 755 44.27 -96.84 -31.70
N SER T 756 44.23 -96.07 -30.60
CA SER T 756 43.33 -94.94 -30.36
C SER T 756 41.86 -95.28 -30.62
N PRO T 757 41.25 -96.16 -29.85
CA PRO T 757 39.83 -96.44 -30.10
C PRO T 757 38.91 -95.56 -29.27
N ILE T 758 38.89 -94.23 -29.52
CA ILE T 758 38.05 -93.18 -28.90
C ILE T 758 37.90 -93.36 -27.39
N PRO T 759 38.86 -92.91 -26.60
CA PRO T 759 38.97 -93.38 -25.21
C PRO T 759 37.87 -92.85 -24.30
N GLN T 760 37.91 -93.33 -23.06
CA GLN T 760 36.81 -93.15 -22.12
C GLN T 760 36.74 -91.76 -21.50
N GLU T 761 37.65 -90.86 -21.88
CA GLU T 761 37.59 -89.51 -21.35
C GLU T 761 36.38 -88.75 -21.86
N LEU T 762 35.90 -89.07 -23.05
CA LEU T 762 34.72 -88.43 -23.57
C LEU T 762 33.59 -89.40 -23.84
N LEU T 763 33.88 -90.71 -23.90
CA LEU T 763 32.91 -91.65 -24.46
C LEU T 763 31.72 -91.83 -23.54
N MET T 764 31.96 -91.96 -22.25
CA MET T 764 30.86 -92.06 -21.32
C MET T 764 30.08 -90.77 -21.22
N LYS T 765 30.69 -89.65 -21.54
CA LYS T 765 30.05 -88.38 -21.22
C LYS T 765 28.89 -88.08 -22.15
N TYR T 766 28.87 -88.64 -23.36
CA TYR T 766 27.73 -88.36 -24.22
C TYR T 766 26.66 -89.43 -24.08
N ILE T 767 26.96 -90.52 -23.41
CA ILE T 767 25.96 -91.54 -23.11
C ILE T 767 24.86 -90.99 -22.23
N HIS T 768 25.21 -90.20 -21.22
CA HIS T 768 24.24 -89.74 -20.25
C HIS T 768 23.22 -88.80 -20.88
N TYR T 769 23.60 -88.07 -21.92
CA TYR T 769 22.52 -87.40 -22.61
C TYR T 769 22.14 -88.10 -23.89
N ALA T 770 22.63 -89.31 -24.11
CA ALA T 770 22.00 -90.14 -25.11
C ALA T 770 20.87 -90.97 -24.52
N ARG T 771 20.51 -90.74 -23.26
CA ARG T 771 19.49 -91.53 -22.61
C ARG T 771 18.44 -90.60 -22.04
N THR T 772 18.72 -89.30 -22.04
CA THR T 772 17.83 -88.34 -21.41
C THR T 772 17.53 -87.14 -22.30
N LYS T 773 17.86 -87.20 -23.58
CA LYS T 773 17.57 -86.06 -24.42
C LYS T 773 16.97 -86.40 -25.78
N ILE T 774 17.07 -87.64 -26.26
CA ILE T 774 16.68 -87.99 -27.62
C ILE T 774 15.64 -89.09 -27.58
N TYR T 775 14.60 -88.96 -28.41
CA TYR T 775 13.54 -89.96 -28.51
C TYR T 775 13.30 -90.30 -29.97
N PRO T 776 13.42 -91.56 -30.34
CA PRO T 776 13.30 -91.94 -31.75
C PRO T 776 11.85 -92.20 -32.15
N LYS T 777 11.61 -92.15 -33.45
CA LYS T 777 10.32 -92.51 -34.03
C LYS T 777 10.56 -93.32 -35.30
N LEU T 778 9.47 -93.82 -35.86
CA LEU T 778 9.54 -94.90 -36.85
C LEU T 778 8.86 -94.49 -38.15
N HIS T 779 8.95 -95.38 -39.14
CA HIS T 779 8.27 -95.25 -40.41
C HIS T 779 7.28 -96.40 -40.53
N GLN T 780 6.70 -96.57 -41.71
CA GLN T 780 5.70 -97.59 -41.94
C GLN T 780 6.02 -98.43 -43.17
N MET T 781 6.64 -97.80 -44.18
CA MET T 781 6.77 -98.41 -45.51
C MET T 781 7.83 -99.50 -45.55
N ASP T 782 8.70 -99.56 -44.55
CA ASP T 782 9.79 -100.53 -44.50
C ASP T 782 9.59 -101.57 -43.43
N MET T 783 8.57 -101.41 -42.60
CA MET T 783 8.41 -102.30 -41.47
C MET T 783 7.77 -103.63 -41.85
N ASP T 784 6.89 -103.62 -42.85
CA ASP T 784 6.11 -104.82 -43.12
C ASP T 784 6.86 -105.83 -43.96
N LYS T 785 8.08 -105.50 -44.38
CA LYS T 785 8.90 -106.44 -45.14
C LYS T 785 9.47 -107.55 -44.27
N VAL T 786 9.44 -107.38 -42.94
CA VAL T 786 9.98 -108.38 -42.05
C VAL T 786 8.90 -109.24 -41.40
N SER T 787 7.63 -108.97 -41.68
CA SER T 787 6.55 -109.76 -41.12
C SER T 787 6.62 -111.21 -41.56
N ARG T 788 6.81 -111.44 -42.86
CA ARG T 788 7.06 -112.80 -43.33
C ARG T 788 8.41 -113.31 -42.88
N VAL T 789 9.39 -112.43 -42.74
CA VAL T 789 10.70 -112.84 -42.25
C VAL T 789 10.60 -113.25 -40.79
N TYR T 790 9.67 -112.65 -40.05
CA TYR T 790 9.35 -113.18 -38.74
C TYR T 790 8.58 -114.48 -38.83
N ALA T 791 7.46 -114.48 -39.55
CA ALA T 791 6.47 -115.53 -39.37
C ALA T 791 6.91 -116.83 -40.04
N ASP T 792 7.58 -116.72 -41.19
CA ASP T 792 8.11 -117.92 -41.79
C ASP T 792 9.27 -118.46 -40.98
N LEU T 793 9.97 -117.58 -40.26
CA LEU T 793 10.89 -118.07 -39.26
C LEU T 793 10.17 -118.46 -37.98
N ARG T 794 8.97 -117.93 -37.74
CA ARG T 794 8.20 -118.47 -36.64
C ARG T 794 7.72 -119.88 -36.95
N ARG T 795 7.40 -120.15 -38.21
CA ARG T 795 6.91 -121.47 -38.61
C ARG T 795 7.98 -122.53 -38.52
N GLU T 796 9.18 -122.24 -39.04
CA GLU T 796 10.26 -123.22 -38.97
C GLU T 796 10.73 -123.44 -37.55
N SER T 797 10.57 -122.43 -36.70
CA SER T 797 10.92 -122.61 -35.30
C SER T 797 9.81 -123.27 -34.50
N ILE T 798 8.57 -123.24 -34.96
CA ILE T 798 7.50 -123.94 -34.25
C ILE T 798 7.39 -125.38 -34.71
N SER T 799 7.51 -125.59 -36.03
CA SER T 799 7.60 -126.95 -36.57
C SER T 799 8.87 -127.66 -36.11
N THR T 800 9.94 -126.91 -35.88
CA THR T 800 11.15 -127.45 -35.31
C THR T 800 11.62 -126.50 -34.21
N GLY T 801 11.43 -126.90 -32.96
CA GLY T 801 11.73 -126.01 -31.85
C GLY T 801 12.19 -126.74 -30.60
N SER T 802 13.16 -126.11 -29.94
CA SER T 802 13.60 -126.45 -28.59
C SER T 802 12.80 -125.66 -27.58
N PHE T 803 12.89 -124.33 -27.66
CA PHE T 803 12.11 -123.31 -26.99
C PHE T 803 11.54 -122.33 -28.01
N PRO T 804 10.31 -121.85 -27.83
CA PRO T 804 9.66 -121.10 -28.91
C PRO T 804 9.77 -119.60 -28.76
N ILE T 805 9.71 -118.95 -29.89
CA ILE T 805 9.46 -117.52 -29.95
C ILE T 805 7.96 -117.28 -29.92
N THR T 806 7.55 -116.11 -29.46
CA THR T 806 6.15 -115.80 -29.25
C THR T 806 5.85 -114.38 -29.65
N VAL T 807 4.75 -113.82 -29.12
CA VAL T 807 4.51 -112.38 -29.20
C VAL T 807 5.59 -111.56 -28.50
N ARG T 808 6.35 -112.18 -27.61
CA ARG T 808 7.41 -111.52 -26.89
C ARG T 808 8.53 -111.02 -27.80
N HIS T 809 9.20 -111.93 -28.53
CA HIS T 809 10.43 -111.67 -29.25
C HIS T 809 10.33 -110.56 -30.28
N LEU T 810 9.21 -110.48 -30.99
CA LEU T 810 9.06 -109.47 -32.02
C LEU T 810 8.99 -108.07 -31.44
N GLU T 811 8.53 -107.94 -30.20
CA GLU T 811 8.58 -106.66 -29.51
C GLU T 811 10.02 -106.26 -29.22
N SER T 812 10.90 -107.24 -29.06
CA SER T 812 12.31 -106.93 -28.95
C SER T 812 12.97 -106.69 -30.30
N ILE T 813 12.36 -107.19 -31.38
CA ILE T 813 12.93 -107.01 -32.71
C ILE T 813 12.89 -105.56 -33.11
N LEU T 814 11.74 -104.91 -32.92
CA LEU T 814 11.68 -103.51 -33.24
C LEU T 814 12.44 -102.66 -32.22
N ARG T 815 12.60 -103.13 -30.98
CA ARG T 815 13.25 -102.29 -29.99
C ARG T 815 14.76 -102.24 -30.18
N ILE T 816 15.40 -103.39 -30.35
CA ILE T 816 16.85 -103.32 -30.52
C ILE T 816 17.23 -102.77 -31.88
N ALA T 817 16.27 -102.67 -32.81
CA ALA T 817 16.49 -101.87 -34.00
C ALA T 817 16.70 -100.42 -33.63
N GLU T 818 15.76 -99.83 -32.89
CA GLU T 818 15.83 -98.40 -32.70
C GLU T 818 16.87 -98.00 -31.67
N SER T 819 17.43 -98.95 -30.93
CA SER T 819 18.57 -98.60 -30.09
C SER T 819 19.76 -98.20 -30.93
N PHE T 820 19.94 -98.85 -32.07
CA PHE T 820 21.06 -98.52 -32.93
C PHE T 820 20.92 -97.13 -33.50
N ALA T 821 19.75 -96.81 -34.05
CA ALA T 821 19.51 -95.50 -34.62
C ALA T 821 19.46 -94.41 -33.57
N LYS T 822 19.31 -94.76 -32.30
CA LYS T 822 19.44 -93.80 -31.22
C LYS T 822 20.87 -93.33 -31.07
N MET T 823 21.83 -94.10 -31.58
CA MET T 823 23.22 -93.68 -31.52
C MET T 823 23.66 -92.92 -32.74
N ARG T 824 22.82 -92.82 -33.74
CA ARG T 824 23.06 -91.84 -34.78
C ARG T 824 22.55 -90.47 -34.39
N LEU T 825 21.86 -90.37 -33.24
CA LEU T 825 21.37 -89.12 -32.65
C LEU T 825 20.40 -88.41 -33.58
N SER T 826 19.41 -89.15 -34.09
CA SER T 826 18.76 -88.75 -35.33
C SER T 826 17.25 -88.92 -35.35
N GLU T 827 16.68 -89.62 -34.35
CA GLU T 827 15.23 -89.79 -34.14
C GLU T 827 14.54 -90.66 -35.20
N PHE T 828 15.20 -90.97 -36.31
CA PHE T 828 14.53 -91.74 -37.34
C PHE T 828 15.01 -93.17 -37.32
N VAL T 829 14.33 -94.01 -38.08
CA VAL T 829 14.77 -95.37 -38.32
C VAL T 829 14.97 -95.54 -39.81
N SER T 830 16.07 -96.18 -40.17
CA SER T 830 16.52 -96.28 -41.55
C SER T 830 16.15 -97.64 -42.12
N SER T 831 16.71 -97.95 -43.27
CA SER T 831 16.76 -99.33 -43.73
C SER T 831 18.07 -100.01 -43.36
N TYR T 832 19.14 -99.25 -43.16
CA TYR T 832 20.48 -99.77 -42.91
C TYR T 832 20.59 -100.50 -41.58
N ASP T 833 19.62 -100.31 -40.70
CA ASP T 833 19.66 -100.78 -39.34
C ASP T 833 18.80 -102.01 -39.10
N LEU T 834 17.66 -102.10 -39.80
CA LEU T 834 16.72 -103.18 -39.56
C LEU T 834 17.32 -104.52 -39.98
N ASP T 835 17.97 -104.54 -41.13
CA ASP T 835 18.72 -105.72 -41.53
C ASP T 835 19.89 -105.99 -40.61
N ARG T 836 20.55 -104.95 -40.10
CA ARG T 836 21.60 -105.15 -39.13
C ARG T 836 21.01 -105.71 -37.84
N ALA T 837 19.86 -105.20 -37.43
CA ALA T 837 19.22 -105.68 -36.21
C ALA T 837 18.68 -107.09 -36.38
N ILE T 838 18.18 -107.42 -37.57
CA ILE T 838 17.73 -108.77 -37.81
C ILE T 838 18.90 -109.73 -37.82
N LYS T 839 19.97 -109.36 -38.53
CA LYS T 839 21.11 -110.28 -38.65
C LYS T 839 21.93 -110.34 -37.38
N VAL T 840 21.52 -109.63 -36.32
CA VAL T 840 21.98 -109.97 -34.98
C VAL T 840 21.13 -111.09 -34.37
N VAL T 841 19.81 -110.99 -34.49
CA VAL T 841 18.95 -111.89 -33.72
C VAL T 841 18.93 -113.32 -34.27
N VAL T 842 18.73 -113.46 -35.59
CA VAL T 842 18.39 -114.75 -36.16
C VAL T 842 19.49 -115.78 -36.03
N ASP T 843 20.72 -115.42 -36.35
CA ASP T 843 21.87 -116.27 -36.17
C ASP T 843 22.13 -116.60 -34.71
N SER T 844 21.98 -115.60 -33.84
CA SER T 844 22.15 -115.80 -32.41
C SER T 844 21.00 -116.57 -31.78
N PHE T 845 19.88 -116.69 -32.46
CA PHE T 845 18.93 -117.70 -32.04
C PHE T 845 19.28 -119.08 -32.57
N VAL T 846 19.54 -119.22 -33.87
CA VAL T 846 19.58 -120.54 -34.48
C VAL T 846 20.84 -121.33 -34.15
N ASP T 847 21.92 -120.67 -33.74
CA ASP T 847 23.19 -121.37 -33.62
C ASP T 847 23.25 -122.24 -32.38
N ALA T 848 22.26 -122.12 -31.48
CA ALA T 848 22.27 -122.86 -30.24
C ALA T 848 21.51 -124.17 -30.33
N GLN T 849 21.15 -124.60 -31.53
CA GLN T 849 20.17 -125.68 -31.59
C GLN T 849 20.77 -127.07 -31.39
N LYS T 850 21.60 -127.52 -32.33
CA LYS T 850 21.93 -128.94 -32.40
C LYS T 850 23.10 -129.15 -33.37
N VAL T 851 23.40 -130.41 -33.70
CA VAL T 851 24.11 -130.75 -34.92
C VAL T 851 23.39 -130.17 -36.13
N SER T 852 22.05 -130.23 -36.16
CA SER T 852 21.29 -129.73 -37.28
C SER T 852 21.26 -128.21 -37.32
N VAL T 853 22.42 -127.60 -37.51
CA VAL T 853 22.56 -126.17 -37.62
C VAL T 853 23.12 -125.78 -38.99
N ARG T 854 23.88 -126.67 -39.64
CA ARG T 854 24.45 -126.41 -40.96
C ARG T 854 23.38 -126.28 -42.03
N ARG T 855 22.24 -126.95 -41.85
CA ARG T 855 21.12 -126.77 -42.75
C ARG T 855 20.48 -125.39 -42.58
N GLN T 856 20.37 -124.93 -41.33
CA GLN T 856 19.72 -123.64 -41.08
C GLN T 856 20.58 -122.47 -41.54
N LEU T 857 21.89 -122.66 -41.64
CA LEU T 857 22.74 -121.63 -42.21
C LEU T 857 22.51 -121.52 -43.72
N ARG T 858 22.06 -122.61 -44.35
CA ARG T 858 21.63 -122.50 -45.74
C ARG T 858 20.30 -121.77 -45.87
N ARG T 859 19.56 -121.64 -44.77
CA ARG T 859 18.31 -120.89 -44.82
C ARG T 859 18.57 -119.39 -44.70
N SER T 860 19.49 -119.00 -43.82
CA SER T 860 19.51 -117.61 -43.37
C SER T 860 20.12 -116.66 -44.40
N PHE T 861 20.92 -117.19 -45.34
CA PHE T 861 21.43 -116.31 -46.37
C PHE T 861 20.33 -115.91 -47.35
N ALA T 862 19.25 -116.68 -47.41
CA ALA T 862 18.07 -116.21 -48.12
C ALA T 862 17.42 -115.04 -47.38
N ILE T 863 17.48 -115.05 -46.05
CA ILE T 863 16.99 -113.92 -45.27
C ILE T 863 17.89 -112.71 -45.49
N TYR T 864 19.19 -112.95 -45.61
CA TYR T 864 20.11 -111.90 -46.03
C TYR T 864 20.15 -111.82 -47.56
N PRO U 17 -34.73 -66.56 40.35
CA PRO U 17 -35.14 -67.16 39.06
C PRO U 17 -36.54 -66.74 38.62
N ASP U 18 -37.35 -65.88 37.99
CA ASP U 18 -38.76 -66.17 37.79
C ASP U 18 -39.05 -66.73 36.41
N ALA U 19 -38.26 -66.37 35.40
CA ALA U 19 -38.52 -66.86 34.05
C ALA U 19 -38.09 -68.31 33.92
N VAL U 20 -36.91 -68.65 34.46
CA VAL U 20 -36.38 -70.00 34.31
C VAL U 20 -37.04 -70.95 35.30
N PHE U 21 -37.84 -70.44 36.22
CA PHE U 21 -38.50 -71.29 37.20
C PHE U 21 -40.00 -71.42 36.95
N GLY U 22 -40.59 -70.52 36.17
CA GLY U 22 -42.04 -70.50 36.02
C GLY U 22 -42.60 -71.69 35.28
N ASP U 23 -42.01 -72.04 34.14
CA ASP U 23 -42.45 -73.21 33.39
C ASP U 23 -41.99 -74.50 34.04
N ARG U 24 -41.08 -74.42 35.02
CA ARG U 24 -40.93 -75.54 35.92
C ARG U 24 -42.20 -75.74 36.72
N VAL U 25 -42.67 -74.70 37.42
CA VAL U 25 -43.81 -74.84 38.32
C VAL U 25 -45.09 -75.14 37.55
N ARG U 26 -45.24 -74.56 36.35
CA ARG U 26 -46.40 -74.90 35.51
C ARG U 26 -46.33 -76.33 35.03
N ARG U 27 -45.15 -76.87 34.83
CA ARG U 27 -45.02 -78.30 34.64
C ARG U 27 -45.22 -79.05 35.94
N PHE U 28 -44.87 -78.43 37.08
CA PHE U 28 -44.96 -79.10 38.38
C PHE U 28 -46.42 -79.38 38.73
N GLN U 29 -47.36 -78.62 38.16
CA GLN U 29 -48.77 -78.97 38.20
C GLN U 29 -49.21 -79.79 37.00
N GLU U 30 -48.40 -79.85 35.94
CA GLU U 30 -48.81 -80.55 34.74
C GLU U 30 -48.52 -82.03 34.81
N PHE U 31 -47.28 -82.43 35.13
CA PHE U 31 -46.97 -83.84 35.02
C PHE U 31 -47.55 -84.69 36.13
N LEU U 32 -48.23 -84.10 37.11
CA LEU U 32 -48.80 -84.92 38.17
C LEU U 32 -49.96 -85.76 37.68
N ASP U 33 -50.63 -85.32 36.62
CA ASP U 33 -51.52 -86.25 35.95
C ASP U 33 -50.78 -87.22 35.06
N THR U 34 -49.55 -86.90 34.64
CA THR U 34 -48.80 -87.84 33.81
C THR U 34 -48.16 -88.93 34.63
N PHE U 35 -48.40 -88.94 35.95
CA PHE U 35 -48.27 -90.18 36.71
C PHE U 35 -49.51 -90.49 37.55
N THR U 36 -50.70 -90.34 36.95
CA THR U 36 -51.88 -90.99 37.50
C THR U 36 -51.73 -92.50 37.51
N SER U 37 -51.09 -93.05 36.48
CA SER U 37 -50.89 -94.48 36.40
C SER U 37 -49.58 -94.94 37.02
N TYR U 38 -48.74 -94.03 37.52
CA TYR U 38 -47.48 -94.45 38.12
C TYR U 38 -47.37 -94.09 39.59
N ARG U 39 -48.24 -93.22 40.10
CA ARG U 39 -48.15 -92.86 41.51
C ARG U 39 -48.54 -94.01 42.41
N ASP U 40 -49.33 -94.94 41.91
CA ASP U 40 -49.43 -96.24 42.53
C ASP U 40 -48.15 -97.04 42.44
N SER U 41 -47.50 -97.01 41.27
CA SER U 41 -46.35 -97.86 41.00
C SER U 41 -45.16 -97.48 41.83
N VAL U 42 -44.94 -96.18 42.03
CA VAL U 42 -43.73 -95.75 42.69
C VAL U 42 -43.76 -96.00 44.18
N ARG U 43 -44.94 -96.15 44.77
CA ARG U 43 -44.97 -96.47 46.19
C ARG U 43 -45.18 -97.95 46.46
N SER U 44 -45.76 -98.69 45.51
CA SER U 44 -45.94 -100.11 45.72
C SER U 44 -44.62 -100.86 45.68
N ILE U 45 -43.64 -100.31 44.95
CA ILE U 45 -42.32 -100.94 44.84
C ILE U 45 -41.47 -100.80 46.08
N GLN U 46 -41.83 -99.93 47.01
CA GLN U 46 -41.01 -99.73 48.17
C GLN U 46 -41.63 -100.23 49.45
N VAL U 47 -42.96 -100.36 49.51
CA VAL U 47 -43.65 -100.64 50.76
C VAL U 47 -43.34 -102.04 51.24
N TYR U 48 -43.11 -102.97 50.31
CA TYR U 48 -42.68 -104.29 50.70
C TYR U 48 -41.19 -104.34 50.94
N ASN U 49 -40.43 -103.49 50.24
CA ASN U 49 -39.00 -103.39 50.50
C ASN U 49 -38.74 -102.77 51.85
N SER U 50 -39.62 -101.87 52.28
CA SER U 50 -39.69 -101.45 53.67
C SER U 50 -40.21 -102.54 54.59
N ASN U 51 -41.04 -103.45 54.08
CA ASN U 51 -41.57 -104.50 54.92
C ASN U 51 -40.56 -105.64 55.12
N ASN U 52 -40.03 -106.18 54.01
CA ASN U 52 -39.14 -107.34 54.12
C ASN U 52 -37.85 -106.99 54.84
N ALA U 53 -37.38 -105.74 54.74
CA ALA U 53 -36.18 -105.34 55.45
C ALA U 53 -36.39 -105.32 56.96
N ALA U 54 -37.64 -105.16 57.41
CA ALA U 54 -37.96 -105.26 58.83
C ALA U 54 -38.24 -106.69 59.28
N ASN U 55 -38.38 -107.63 58.35
CA ASN U 55 -38.60 -109.04 58.66
C ASN U 55 -37.81 -109.94 57.72
N TYR U 56 -36.49 -109.68 57.63
CA TYR U 56 -35.59 -110.57 56.90
C TYR U 56 -35.61 -111.99 57.47
N ASN U 57 -35.64 -112.13 58.79
CA ASN U 57 -35.61 -113.45 59.40
C ASN U 57 -36.95 -114.15 59.29
N ILE U 91 -34.31 -103.45 47.91
CA ILE U 91 -33.63 -104.45 47.11
C ILE U 91 -33.77 -104.08 45.63
N LEU U 92 -34.63 -103.13 45.33
CA LEU U 92 -34.73 -102.65 43.96
C LEU U 92 -34.29 -101.20 43.89
N PRO U 93 -33.70 -100.75 42.79
CA PRO U 93 -33.33 -99.35 42.66
C PRO U 93 -34.56 -98.50 42.37
N HIS U 94 -34.28 -97.23 42.07
CA HIS U 94 -35.34 -96.24 41.97
C HIS U 94 -35.63 -95.94 40.50
N ARG U 95 -36.43 -96.81 39.91
CA ARG U 95 -36.74 -96.79 38.48
C ARG U 95 -38.16 -96.34 38.26
N ILE U 96 -38.31 -95.24 37.52
CA ILE U 96 -39.59 -94.60 37.30
C ILE U 96 -39.71 -94.42 35.81
N ILE U 97 -40.22 -95.42 35.11
CA ILE U 97 -40.21 -95.42 33.66
C ILE U 97 -41.32 -94.49 33.19
N ILE U 98 -40.93 -93.36 32.64
CA ILE U 98 -41.87 -92.41 32.06
C ILE U 98 -41.97 -92.76 30.58
N SER U 99 -43.18 -93.07 30.14
CA SER U 99 -43.35 -93.33 28.72
C SER U 99 -43.45 -92.03 27.95
N LEU U 100 -43.33 -92.16 26.64
CA LEU U 100 -43.62 -91.04 25.76
C LEU U 100 -45.08 -90.66 25.75
N ASP U 101 -45.94 -91.67 25.76
CA ASP U 101 -47.37 -91.53 25.55
C ASP U 101 -48.01 -90.63 26.56
N ASP U 102 -47.57 -90.66 27.80
CA ASP U 102 -48.12 -89.80 28.82
C ASP U 102 -47.48 -88.41 28.79
N LEU U 103 -46.70 -88.11 27.76
CA LEU U 103 -46.11 -86.80 27.71
C LEU U 103 -46.10 -86.30 26.27
N ARG U 104 -46.93 -86.92 25.44
CA ARG U 104 -47.01 -86.45 24.07
C ARG U 104 -48.46 -86.25 23.65
N GLU U 105 -49.37 -86.92 24.35
CA GLU U 105 -50.77 -86.76 24.02
C GLU U 105 -51.31 -85.40 24.39
N PHE U 106 -50.70 -84.70 25.33
CA PHE U 106 -51.35 -83.49 25.80
C PHE U 106 -50.39 -82.41 26.27
N ASP U 107 -49.11 -82.45 25.94
CA ASP U 107 -48.21 -81.34 26.25
C ASP U 107 -47.30 -81.19 25.05
N ARG U 108 -47.19 -79.99 24.51
CA ARG U 108 -46.35 -79.82 23.34
C ARG U 108 -45.19 -78.88 23.60
N SER U 109 -45.42 -77.77 24.30
CA SER U 109 -44.31 -76.90 24.67
C SER U 109 -43.40 -77.58 25.67
N PHE U 110 -43.97 -78.29 26.61
CA PHE U 110 -43.18 -79.09 27.53
C PHE U 110 -42.53 -80.28 26.86
N TRP U 111 -43.13 -80.76 25.76
CA TRP U 111 -42.58 -81.91 25.04
C TRP U 111 -41.25 -81.59 24.41
N SER U 112 -41.23 -80.62 23.49
CA SER U 112 -40.08 -80.50 22.62
C SER U 112 -38.90 -79.88 23.32
N GLY U 113 -39.09 -79.35 24.53
CA GLY U 113 -37.97 -78.98 25.36
C GLY U 113 -37.13 -80.18 25.75
N ILE U 114 -37.76 -81.35 25.90
CA ILE U 114 -36.99 -82.53 26.27
C ILE U 114 -36.21 -83.09 25.10
N LEU U 115 -36.55 -82.70 23.88
CA LEU U 115 -35.87 -83.23 22.73
C LEU U 115 -35.10 -82.16 21.96
N VAL U 116 -35.00 -80.95 22.51
CA VAL U 116 -34.14 -79.94 21.92
C VAL U 116 -33.07 -79.53 22.91
N GLU U 117 -33.48 -79.09 24.10
CA GLU U 117 -32.55 -78.65 25.14
C GLU U 117 -32.77 -79.52 26.36
N PRO U 118 -32.12 -80.64 26.43
CA PRO U 118 -32.28 -81.52 27.59
C PRO U 118 -31.34 -81.17 28.71
N ALA U 119 -31.21 -79.89 29.03
CA ALA U 119 -30.32 -79.46 30.09
C ALA U 119 -30.98 -78.58 31.12
N TYR U 120 -32.11 -77.98 30.81
CA TYR U 120 -32.82 -77.21 31.80
C TYR U 120 -34.08 -77.91 32.28
N PHE U 121 -34.19 -79.21 32.06
CA PHE U 121 -35.46 -79.85 32.32
C PHE U 121 -35.37 -81.08 33.20
N ILE U 122 -34.27 -81.80 33.17
CA ILE U 122 -34.24 -83.06 33.92
C ILE U 122 -34.05 -82.83 35.42
N PRO U 123 -33.15 -81.98 35.93
CA PRO U 123 -33.15 -81.72 37.38
C PRO U 123 -34.38 -80.95 37.85
N PRO U 124 -35.11 -80.23 37.01
CA PRO U 124 -36.50 -79.93 37.39
C PRO U 124 -37.33 -81.17 37.61
N ALA U 125 -37.22 -82.18 36.76
CA ALA U 125 -38.13 -83.30 36.88
C ALA U 125 -37.77 -84.18 38.08
N GLU U 126 -36.51 -84.16 38.50
CA GLU U 126 -36.15 -84.95 39.66
C GLU U 126 -36.65 -84.32 40.94
N LYS U 127 -36.38 -83.02 41.12
CA LYS U 127 -36.72 -82.33 42.35
C LYS U 127 -38.21 -82.34 42.61
N ALA U 128 -39.01 -82.22 41.55
CA ALA U 128 -40.44 -82.35 41.73
C ALA U 128 -40.88 -83.80 41.84
N LEU U 129 -40.00 -84.74 41.48
CA LEU U 129 -40.38 -86.11 41.76
C LEU U 129 -40.25 -86.46 43.22
N THR U 130 -39.10 -86.14 43.83
CA THR U 130 -38.73 -86.76 45.09
C THR U 130 -39.58 -86.30 46.25
N ASP U 131 -40.31 -85.19 46.11
CA ASP U 131 -41.22 -84.80 47.16
C ASP U 131 -42.41 -85.74 47.22
N LEU U 132 -42.77 -86.33 46.10
CA LEU U 132 -43.86 -87.29 46.10
C LEU U 132 -43.46 -88.59 46.77
N ALA U 133 -42.16 -88.87 46.86
CA ALA U 133 -41.71 -90.03 47.62
C ALA U 133 -41.97 -89.84 49.11
N ASP U 134 -41.75 -88.63 49.62
CA ASP U 134 -41.99 -88.41 51.04
C ASP U 134 -43.44 -88.04 51.34
N SER U 135 -44.10 -87.32 50.43
CA SER U 135 -45.51 -86.99 50.65
C SER U 135 -46.40 -88.22 50.61
N MET U 136 -45.97 -89.27 49.95
CA MET U 136 -46.63 -90.56 50.04
C MET U 136 -46.12 -91.38 51.21
N ASP U 137 -44.83 -91.31 51.50
CA ASP U 137 -44.19 -92.21 52.46
C ASP U 137 -43.24 -91.42 53.36
N ASP U 138 -43.70 -91.11 54.56
CA ASP U 138 -42.86 -90.44 55.55
C ASP U 138 -42.93 -91.04 56.94
N VAL U 139 -43.89 -91.92 57.22
CA VAL U 139 -44.10 -92.46 58.56
C VAL U 139 -43.04 -93.49 58.97
N PRO U 140 -42.59 -94.43 58.13
CA PRO U 140 -41.45 -95.26 58.55
C PRO U 140 -40.16 -94.45 58.59
N HIS U 141 -39.24 -94.89 59.46
CA HIS U 141 -37.99 -94.19 59.69
C HIS U 141 -36.78 -95.12 59.55
N HIS U 151 -29.87 -91.07 47.19
CA HIS U 151 -31.10 -91.75 46.82
C HIS U 151 -32.12 -90.80 46.21
N PRO U 152 -31.88 -90.37 44.97
CA PRO U 152 -32.65 -89.23 44.43
C PRO U 152 -33.80 -89.59 43.50
N TRP U 153 -33.98 -90.88 43.15
CA TRP U 153 -34.99 -91.36 42.20
C TRP U 153 -34.86 -90.69 40.83
N LYS U 154 -33.76 -90.97 40.15
CA LYS U 154 -33.64 -90.39 38.82
C LYS U 154 -34.37 -91.27 37.80
N LEU U 155 -34.42 -90.79 36.57
CA LEU U 155 -35.37 -91.25 35.57
C LEU U 155 -34.79 -92.33 34.68
N SER U 156 -35.60 -92.79 33.72
CA SER U 156 -35.12 -93.69 32.66
C SER U 156 -35.57 -93.25 31.28
N PHE U 157 -36.83 -92.82 31.16
CA PHE U 157 -37.43 -92.34 29.92
C PHE U 157 -37.43 -93.33 28.76
N LYS U 158 -38.27 -94.37 28.84
CA LYS U 158 -38.49 -95.30 27.73
C LYS U 158 -39.54 -94.75 26.76
N GLY U 159 -39.39 -95.08 25.49
CA GLY U 159 -40.47 -94.92 24.53
C GLY U 159 -39.95 -95.17 23.14
N SER U 160 -40.57 -94.50 22.18
CA SER U 160 -39.94 -94.33 20.88
C SER U 160 -39.15 -93.02 20.87
N PHE U 161 -38.70 -92.62 19.69
CA PHE U 161 -38.12 -91.29 19.59
C PHE U 161 -38.45 -90.53 18.34
N GLY U 162 -38.83 -91.18 17.25
CA GLY U 162 -39.00 -90.41 16.04
C GLY U 162 -37.69 -89.95 15.44
N ALA U 163 -36.95 -90.90 14.85
CA ALA U 163 -35.78 -90.64 14.01
C ALA U 163 -34.63 -90.01 14.81
N HIS U 164 -34.16 -90.76 15.79
CA HIS U 164 -32.86 -90.51 16.36
C HIS U 164 -32.07 -91.80 16.54
N ALA U 165 -32.27 -92.77 15.66
CA ALA U 165 -31.48 -93.99 15.67
C ALA U 165 -30.19 -93.73 14.90
N LEU U 166 -29.37 -92.88 15.49
CA LEU U 166 -28.08 -92.54 14.93
C LEU U 166 -27.19 -93.77 15.00
N SER U 167 -26.90 -94.32 13.88
CA SER U 167 -25.86 -95.32 13.90
C SER U 167 -24.51 -94.63 14.06
N PRO U 168 -23.73 -95.02 15.08
CA PRO U 168 -22.57 -94.20 15.48
C PRO U 168 -21.42 -94.20 14.50
N ARG U 169 -21.54 -94.87 13.35
CA ARG U 169 -20.71 -94.51 12.21
C ARG U 169 -21.00 -93.07 11.80
N THR U 170 -22.26 -92.67 11.92
CA THR U 170 -22.64 -91.27 11.73
C THR U 170 -22.62 -90.57 13.07
N LEU U 171 -22.00 -89.40 13.11
CA LEU U 171 -22.17 -88.46 14.21
C LEU U 171 -23.09 -87.37 13.70
N THR U 172 -23.55 -86.51 14.60
CA THR U 172 -24.58 -85.54 14.24
C THR U 172 -23.98 -84.14 14.13
N ALA U 173 -24.52 -83.35 13.23
CA ALA U 173 -24.38 -81.92 13.29
C ALA U 173 -25.63 -81.27 13.87
N GLN U 174 -26.80 -81.90 13.69
CA GLN U 174 -28.06 -81.35 14.18
C GLN U 174 -28.12 -81.49 15.69
N HIS U 175 -28.28 -82.73 16.16
CA HIS U 175 -28.42 -82.97 17.58
C HIS U 175 -27.11 -83.43 18.17
N LEU U 176 -26.30 -82.47 18.57
CA LEU U 176 -25.34 -82.63 19.63
C LEU U 176 -26.06 -82.13 20.87
N ASN U 177 -25.63 -82.59 22.04
CA ASN U 177 -26.19 -82.21 23.33
C ASN U 177 -27.69 -82.45 23.40
N LYS U 178 -28.14 -83.58 22.87
CA LYS U 178 -29.56 -83.89 22.81
C LYS U 178 -29.79 -85.36 23.17
N LEU U 179 -31.02 -85.81 22.95
CA LEU U 179 -31.36 -87.20 23.22
C LEU U 179 -30.95 -88.06 22.04
N VAL U 180 -30.25 -89.15 22.32
CA VAL U 180 -29.71 -90.01 21.27
C VAL U 180 -30.12 -91.44 21.59
N SER U 181 -30.53 -92.18 20.57
CA SER U 181 -30.72 -93.62 20.70
C SER U 181 -29.64 -94.34 19.91
N VAL U 182 -28.89 -95.21 20.58
CA VAL U 182 -27.72 -95.87 20.04
C VAL U 182 -27.90 -97.36 20.24
N GLU U 183 -27.50 -98.15 19.26
CA GLU U 183 -27.45 -99.60 19.42
C GLU U 183 -26.11 -100.09 18.92
N GLY U 184 -25.81 -101.35 19.20
CA GLY U 184 -24.57 -101.93 18.75
C GLY U 184 -24.13 -103.04 19.70
N ILE U 185 -22.83 -103.33 19.66
CA ILE U 185 -22.22 -104.36 20.49
C ILE U 185 -21.13 -103.71 21.31
N VAL U 186 -20.91 -104.20 22.53
CA VAL U 186 -19.82 -103.73 23.38
C VAL U 186 -18.76 -104.81 23.47
N THR U 187 -17.49 -104.38 23.45
CA THR U 187 -16.35 -105.29 23.52
C THR U 187 -15.24 -104.71 24.37
N LYS U 188 -15.57 -103.83 25.31
CA LYS U 188 -14.51 -103.30 26.15
C LYS U 188 -14.60 -103.78 27.57
N THR U 189 -15.72 -103.48 28.23
CA THR U 189 -16.02 -103.89 29.60
C THR U 189 -14.91 -103.51 30.60
N SER U 190 -14.73 -102.22 30.85
CA SER U 190 -13.71 -101.78 31.80
C SER U 190 -14.06 -102.08 33.25
N LEU U 191 -13.24 -101.59 34.17
CA LEU U 191 -13.32 -101.93 35.58
C LEU U 191 -14.53 -101.33 36.26
N VAL U 192 -14.62 -101.55 37.56
CA VAL U 192 -15.59 -100.90 38.40
C VAL U 192 -14.84 -100.20 39.52
N ARG U 193 -15.33 -99.05 39.90
CA ARG U 193 -14.63 -98.24 40.89
C ARG U 193 -15.59 -97.27 41.56
N PRO U 194 -15.63 -97.21 42.88
CA PRO U 194 -16.56 -96.30 43.54
C PRO U 194 -16.10 -94.86 43.47
N LYS U 195 -16.98 -93.97 43.92
CA LYS U 195 -16.76 -92.53 43.82
C LYS U 195 -17.62 -91.81 44.85
N LEU U 196 -17.04 -90.81 45.50
CA LEU U 196 -17.74 -90.07 46.53
C LEU U 196 -18.58 -88.96 45.93
N ILE U 197 -19.66 -88.62 46.61
CA ILE U 197 -20.46 -87.48 46.20
C ILE U 197 -20.67 -86.55 47.38
N ARG U 198 -20.74 -87.10 48.59
CA ARG U 198 -21.03 -86.29 49.77
C ARG U 198 -20.47 -87.00 51.02
N SER U 199 -19.60 -86.31 51.72
CA SER U 199 -18.98 -86.81 52.95
C SER U 199 -19.37 -85.86 54.08
N VAL U 200 -19.62 -86.42 55.26
CA VAL U 200 -20.04 -85.59 56.38
C VAL U 200 -18.94 -85.52 57.43
N HIS U 201 -18.64 -84.31 57.87
CA HIS U 201 -17.61 -84.12 58.87
C HIS U 201 -18.24 -83.87 60.23
N TYR U 202 -17.43 -84.04 61.26
CA TYR U 202 -17.96 -84.03 62.62
C TYR U 202 -16.88 -83.48 63.53
N ALA U 203 -17.16 -82.36 64.18
CA ALA U 203 -16.25 -81.86 65.19
C ALA U 203 -16.41 -82.70 66.44
N ALA U 204 -15.39 -83.48 66.77
CA ALA U 204 -15.40 -84.34 67.94
C ALA U 204 -15.35 -83.54 69.23
N LYS U 205 -14.76 -82.36 69.21
CA LYS U 205 -14.95 -81.41 70.29
C LYS U 205 -16.17 -80.57 69.94
N THR U 206 -16.92 -80.19 70.98
CA THR U 206 -18.23 -79.54 70.95
C THR U 206 -19.34 -80.38 70.31
N GLY U 207 -19.03 -81.59 69.85
CA GLY U 207 -20.03 -82.56 69.42
C GLY U 207 -20.85 -82.17 68.20
N ARG U 208 -20.40 -81.21 67.42
CA ARG U 208 -21.19 -80.70 66.31
C ARG U 208 -20.73 -81.31 65.00
N PHE U 209 -21.65 -81.37 64.04
CA PHE U 209 -21.42 -82.02 62.76
C PHE U 209 -21.13 -81.00 61.66
N HIS U 210 -20.86 -81.52 60.47
CA HIS U 210 -20.69 -80.70 59.29
C HIS U 210 -21.30 -81.38 58.08
N TYR U 211 -21.15 -80.74 56.94
CA TYR U 211 -21.86 -81.12 55.72
C TYR U 211 -21.04 -80.66 54.54
N ARG U 212 -20.82 -81.55 53.58
CA ARG U 212 -20.05 -81.16 52.40
C ARG U 212 -20.40 -82.07 51.24
N ASP U 213 -20.66 -81.49 50.09
CA ASP U 213 -20.95 -82.23 48.87
C ASP U 213 -19.92 -81.87 47.82
N TYR U 214 -19.46 -82.87 47.09
CA TYR U 214 -18.51 -82.67 45.99
C TYR U 214 -19.23 -82.82 44.67
N THR U 215 -19.03 -81.86 43.79
CA THR U 215 -19.61 -81.87 42.46
C THR U 215 -18.50 -82.29 41.50
N ASP U 216 -18.88 -82.88 40.38
CA ASP U 216 -17.93 -83.47 39.46
C ASP U 216 -18.53 -83.42 38.06
N ALA U 217 -17.96 -84.20 37.14
CA ALA U 217 -18.49 -84.32 35.78
C ALA U 217 -19.43 -85.52 35.73
N THR U 218 -20.34 -85.56 36.70
CA THR U 218 -21.23 -86.68 36.90
C THR U 218 -22.67 -86.26 37.15
N THR U 219 -22.93 -84.97 37.42
CA THR U 219 -24.29 -84.46 37.55
C THR U 219 -25.03 -84.42 36.22
N THR U 220 -24.33 -84.74 35.14
CA THR U 220 -24.83 -84.98 33.78
C THR U 220 -25.28 -83.71 33.08
N LEU U 221 -25.58 -82.64 33.82
CA LEU U 221 -26.12 -81.49 33.10
C LEU U 221 -25.43 -80.17 33.41
N THR U 222 -25.25 -79.83 34.67
CA THR U 222 -24.81 -78.48 34.99
C THR U 222 -23.30 -78.45 35.16
N THR U 223 -22.65 -77.57 34.42
CA THR U 223 -21.20 -77.41 34.47
C THR U 223 -20.87 -76.49 35.64
N ARG U 224 -20.82 -77.04 36.84
CA ARG U 224 -20.59 -76.23 38.02
C ARG U 224 -19.10 -75.95 38.16
N ILE U 225 -18.77 -75.03 39.06
CA ILE U 225 -17.39 -74.76 39.43
C ILE U 225 -16.89 -76.00 40.16
N PRO U 226 -15.87 -76.68 39.66
CA PRO U 226 -15.42 -77.91 40.30
C PRO U 226 -14.71 -77.61 41.61
N THR U 227 -14.59 -78.64 42.43
CA THR U 227 -13.87 -78.57 43.70
C THR U 227 -12.61 -79.42 43.57
N PRO U 228 -11.45 -78.84 43.23
CA PRO U 228 -10.26 -79.66 42.90
C PRO U 228 -9.59 -80.21 44.15
N ALA U 229 -10.35 -80.98 44.92
CA ALA U 229 -9.99 -81.32 46.29
C ALA U 229 -10.40 -82.76 46.55
N ILE U 230 -9.69 -83.40 47.45
CA ILE U 230 -10.03 -84.77 47.81
C ILE U 230 -10.74 -84.81 49.16
N TYR U 231 -10.20 -84.09 50.13
CA TYR U 231 -10.70 -84.13 51.49
C TYR U 231 -10.18 -82.91 52.25
N PRO U 232 -11.05 -82.13 52.88
CA PRO U 232 -10.56 -80.96 53.62
C PRO U 232 -10.23 -81.33 55.05
N THR U 233 -9.39 -80.50 55.66
CA THR U 233 -9.10 -80.60 57.09
C THR U 233 -9.18 -79.22 57.71
N GLU U 234 -9.48 -79.21 59.02
CA GLU U 234 -9.48 -78.03 59.87
C GLU U 234 -10.41 -76.91 59.40
N ASP U 235 -11.71 -77.14 59.54
CA ASP U 235 -12.73 -76.09 59.45
C ASP U 235 -12.49 -74.99 60.49
N THR U 236 -13.21 -73.85 60.39
CA THR U 236 -12.86 -72.63 61.12
C THR U 236 -13.09 -72.77 62.62
N GLU U 237 -12.25 -73.58 63.25
CA GLU U 237 -12.30 -73.87 64.67
C GLU U 237 -10.97 -74.50 65.06
N GLY U 238 -10.82 -74.77 66.34
CA GLY U 238 -9.64 -75.46 66.80
C GLY U 238 -9.91 -76.93 67.07
N ASN U 239 -10.78 -77.53 66.26
CA ASN U 239 -11.15 -78.92 66.47
C ASN U 239 -10.62 -79.77 65.32
N LYS U 240 -9.99 -80.88 65.70
CA LYS U 240 -9.51 -81.85 64.74
C LYS U 240 -10.69 -82.54 64.10
N LEU U 241 -10.82 -82.42 62.79
CA LEU U 241 -12.02 -82.82 62.08
C LEU U 241 -12.12 -84.34 62.01
N THR U 242 -13.29 -84.86 62.31
CA THR U 242 -13.57 -86.28 62.17
C THR U 242 -14.66 -86.47 61.13
N THR U 243 -14.59 -87.59 60.44
CA THR U 243 -15.49 -87.89 59.34
C THR U 243 -16.22 -89.20 59.59
N GLU U 244 -17.53 -89.17 59.46
CA GLU U 244 -18.37 -90.35 59.58
C GLU U 244 -18.54 -90.95 58.20
N TYR U 245 -18.03 -92.16 58.01
CA TYR U 245 -18.04 -92.79 56.69
C TYR U 245 -19.27 -93.64 56.46
N GLY U 246 -20.02 -93.93 57.50
CA GLY U 246 -21.26 -94.66 57.31
C GLY U 246 -22.32 -93.75 56.76
N TYR U 247 -22.20 -92.45 57.04
CA TYR U 247 -23.16 -91.48 56.56
C TYR U 247 -22.57 -90.68 55.40
N SER U 248 -21.50 -91.19 54.80
CA SER U 248 -20.97 -90.60 53.58
C SER U 248 -21.40 -91.50 52.44
N THR U 249 -21.88 -90.88 51.38
CA THR U 249 -22.48 -91.67 50.33
C THR U 249 -21.55 -91.84 49.14
N PHE U 250 -21.73 -92.96 48.45
CA PHE U 250 -20.85 -93.36 47.37
C PHE U 250 -21.68 -93.64 46.12
N ILE U 251 -20.95 -93.84 45.01
CA ILE U 251 -21.54 -94.24 43.74
C ILE U 251 -20.40 -94.76 42.88
N ASP U 252 -20.73 -95.51 41.84
CA ASP U 252 -19.74 -96.16 41.00
C ASP U 252 -19.65 -95.50 39.63
N HIS U 253 -18.82 -96.08 38.78
CA HIS U 253 -18.33 -95.36 37.61
C HIS U 253 -17.70 -96.36 36.66
N GLN U 254 -18.29 -96.56 35.49
CA GLN U 254 -17.80 -97.58 34.59
C GLN U 254 -17.96 -97.16 33.14
N ARG U 255 -16.88 -97.20 32.38
CA ARG U 255 -16.91 -96.86 30.97
C ARG U 255 -16.88 -98.14 30.13
N ILE U 256 -17.52 -98.10 28.98
CA ILE U 256 -17.62 -99.22 28.06
C ILE U 256 -17.71 -98.66 26.65
N THR U 257 -16.94 -99.26 25.74
CA THR U 257 -16.91 -98.84 24.35
C THR U 257 -17.82 -99.72 23.52
N VAL U 258 -18.54 -99.09 22.59
CA VAL U 258 -19.52 -99.78 21.77
C VAL U 258 -19.10 -99.73 20.30
N GLN U 259 -19.01 -100.89 19.67
CA GLN U 259 -18.60 -100.99 18.28
C GLN U 259 -19.80 -100.71 17.38
N GLU U 260 -19.65 -100.99 16.10
CA GLU U 260 -20.77 -100.88 15.18
C GLU U 260 -21.29 -102.25 14.83
N MET U 261 -22.61 -102.33 14.71
CA MET U 261 -23.30 -103.55 14.30
C MET U 261 -22.88 -103.82 12.86
N PRO U 262 -22.00 -104.77 12.64
CA PRO U 262 -21.17 -104.75 11.41
C PRO U 262 -21.87 -105.40 10.22
N GLU U 263 -23.13 -105.06 10.03
CA GLU U 263 -23.88 -105.58 8.90
C GLU U 263 -24.60 -104.44 8.21
N MET U 264 -25.08 -103.49 9.01
CA MET U 264 -25.76 -102.32 8.48
C MET U 264 -24.82 -101.15 8.24
N ALA U 265 -23.58 -101.24 8.68
CA ALA U 265 -22.63 -100.22 8.25
C ALA U 265 -22.09 -100.60 6.88
N PRO U 266 -22.26 -99.74 5.88
CA PRO U 266 -21.89 -100.11 4.51
C PRO U 266 -20.39 -100.21 4.30
N ALA U 267 -20.03 -100.96 3.28
CA ALA U 267 -18.68 -101.46 3.10
C ALA U 267 -17.77 -100.37 2.58
N GLY U 268 -17.34 -99.48 3.46
CA GLY U 268 -16.31 -98.55 3.08
C GLY U 268 -15.37 -98.25 4.21
N GLN U 269 -15.55 -98.95 5.33
CA GLN U 269 -14.80 -98.63 6.54
C GLN U 269 -14.86 -99.80 7.50
N LEU U 270 -13.92 -99.82 8.39
CA LEU U 270 -13.87 -100.64 9.57
C LEU U 270 -14.92 -100.14 10.56
N PRO U 271 -15.29 -100.93 11.57
CA PRO U 271 -16.22 -100.42 12.58
C PRO U 271 -15.59 -99.32 13.42
N ARG U 272 -16.39 -98.32 13.77
CA ARG U 272 -15.99 -97.23 14.65
C ARG U 272 -16.52 -97.51 16.04
N SER U 273 -16.27 -96.56 16.96
CA SER U 273 -16.70 -96.74 18.33
C SER U 273 -16.80 -95.43 19.08
N ILE U 274 -17.73 -95.41 20.04
CA ILE U 274 -17.78 -94.40 21.08
C ILE U 274 -18.00 -95.09 22.41
N ASP U 275 -18.17 -94.31 23.45
CA ASP U 275 -18.16 -94.82 24.82
C ASP U 275 -19.28 -94.22 25.62
N VAL U 276 -19.59 -94.82 26.77
CA VAL U 276 -20.72 -94.42 27.57
C VAL U 276 -20.44 -94.66 29.04
N ILE U 277 -20.75 -93.67 29.85
CA ILE U 277 -20.65 -93.77 31.30
C ILE U 277 -22.03 -94.02 31.85
N LEU U 278 -22.19 -95.13 32.55
CA LEU U 278 -23.47 -95.46 33.16
C LEU U 278 -23.31 -95.45 34.68
N ASP U 279 -24.39 -95.78 35.37
CA ASP U 279 -24.36 -95.79 36.82
C ASP U 279 -24.78 -97.15 37.36
N ASP U 280 -24.90 -97.25 38.69
CA ASP U 280 -25.02 -98.49 39.45
C ASP U 280 -26.19 -99.36 39.03
N ASP U 281 -27.26 -98.73 38.58
CA ASP U 281 -28.53 -99.38 38.37
C ASP U 281 -28.49 -100.42 37.27
N LEU U 282 -27.60 -100.28 36.30
CA LEU U 282 -27.48 -101.30 35.26
C LEU U 282 -26.05 -101.71 34.99
N VAL U 283 -25.17 -101.67 36.00
CA VAL U 283 -23.87 -102.31 35.86
C VAL U 283 -24.04 -103.82 35.88
N ASP U 284 -22.96 -104.52 35.49
CA ASP U 284 -22.83 -105.98 35.38
C ASP U 284 -24.00 -106.63 34.62
N LYS U 285 -24.56 -105.88 33.68
CA LYS U 285 -25.74 -106.27 32.92
C LYS U 285 -25.26 -106.52 31.51
N THR U 286 -24.04 -106.07 31.26
CA THR U 286 -23.48 -105.96 29.92
C THR U 286 -22.39 -106.99 29.75
N LYS U 287 -22.76 -108.15 29.30
CA LYS U 287 -21.73 -109.09 28.95
C LYS U 287 -21.16 -108.73 27.59
N PRO U 288 -19.86 -108.86 27.38
CA PRO U 288 -19.28 -108.52 26.09
C PRO U 288 -19.74 -109.45 24.98
N GLY U 289 -20.57 -108.93 24.09
CA GLY U 289 -21.14 -109.73 23.03
C GLY U 289 -22.66 -109.68 23.03
N ASP U 290 -23.24 -108.60 23.54
CA ASP U 290 -24.68 -108.46 23.63
C ASP U 290 -25.16 -107.37 22.68
N ARG U 291 -26.28 -107.65 22.02
CA ARG U 291 -26.94 -106.65 21.18
C ARG U 291 -27.60 -105.65 22.12
N VAL U 292 -26.86 -104.62 22.49
CA VAL U 292 -27.40 -103.68 23.47
C VAL U 292 -28.00 -102.48 22.77
N ASN U 293 -28.84 -101.75 23.50
CA ASN U 293 -29.49 -100.56 22.96
C ASN U 293 -29.64 -99.59 24.13
N VAL U 294 -28.88 -98.51 24.09
CA VAL U 294 -28.80 -97.56 25.18
C VAL U 294 -29.44 -96.28 24.70
N VAL U 295 -29.77 -95.40 25.64
CA VAL U 295 -30.28 -94.08 25.34
C VAL U 295 -29.86 -93.12 26.44
N GLY U 296 -29.30 -91.99 26.03
CA GLY U 296 -28.85 -91.02 26.99
C GLY U 296 -28.64 -89.65 26.39
N VAL U 297 -27.95 -88.77 27.12
CA VAL U 297 -27.73 -87.43 26.65
C VAL U 297 -26.39 -87.39 25.94
N PHE U 298 -26.25 -86.45 25.03
CA PHE U 298 -24.99 -86.29 24.35
C PHE U 298 -24.23 -85.19 25.08
N LYS U 299 -22.93 -85.36 25.27
CA LYS U 299 -22.25 -84.47 26.19
C LYS U 299 -20.78 -84.37 25.87
N SER U 300 -20.28 -83.14 25.92
CA SER U 300 -18.86 -82.87 25.79
C SER U 300 -18.31 -82.41 27.13
N LEU U 301 -17.02 -82.66 27.35
CA LEU U 301 -16.36 -82.17 28.53
C LEU U 301 -14.88 -82.01 28.22
N GLY U 302 -14.20 -81.28 29.08
CA GLY U 302 -12.78 -81.10 28.91
C GLY U 302 -12.48 -79.77 28.25
N ALA U 303 -11.35 -79.19 28.62
CA ALA U 303 -10.96 -77.89 28.09
C ALA U 303 -10.09 -78.09 26.85
N GLY U 304 -10.58 -77.63 25.69
CA GLY U 304 -9.82 -77.73 24.46
C GLY U 304 -9.27 -76.42 23.94
N GLY U 305 -8.00 -76.15 24.20
CA GLY U 305 -7.38 -74.97 23.64
C GLY U 305 -6.77 -74.01 24.62
N MET U 306 -7.05 -74.14 25.92
CA MET U 306 -6.54 -73.20 26.90
C MET U 306 -5.74 -73.85 28.01
N ASN U 307 -6.04 -75.09 28.39
CA ASN U 307 -5.40 -75.75 29.53
C ASN U 307 -3.92 -76.04 29.28
N GLN U 308 -3.52 -76.17 28.03
CA GLN U 308 -2.11 -76.04 27.67
C GLN U 308 -2.00 -74.87 26.70
N SER U 309 -0.80 -74.32 26.61
CA SER U 309 -0.61 -73.22 25.68
C SER U 309 -0.13 -73.75 24.33
N ASN U 310 -0.47 -72.98 23.31
CA ASN U 310 -0.25 -73.13 21.86
C ASN U 310 -1.09 -74.21 21.20
N SER U 311 -1.56 -75.20 21.98
CA SER U 311 -2.64 -76.16 21.71
C SER U 311 -2.87 -76.59 20.27
N ASN U 312 -1.82 -76.92 19.53
CA ASN U 312 -1.93 -77.14 18.10
C ASN U 312 -2.24 -78.61 17.83
N THR U 313 -3.37 -78.84 17.14
CA THR U 313 -3.83 -80.16 16.71
C THR U 313 -3.97 -81.11 17.91
N LEU U 314 -4.91 -80.76 18.77
CA LEU U 314 -5.29 -81.58 19.91
C LEU U 314 -6.76 -81.29 20.16
N ILE U 315 -7.60 -82.29 19.92
CA ILE U 315 -9.00 -82.17 20.22
C ILE U 315 -9.15 -82.18 21.73
N GLY U 316 -10.12 -81.42 22.20
CA GLY U 316 -10.28 -81.23 23.62
C GLY U 316 -11.75 -81.28 23.92
N PHE U 317 -12.45 -82.06 23.11
CA PHE U 317 -13.90 -82.18 23.20
C PHE U 317 -14.20 -83.65 23.05
N LYS U 318 -14.14 -84.35 24.16
CA LYS U 318 -14.40 -85.77 24.15
C LYS U 318 -15.90 -86.01 24.08
N THR U 319 -16.28 -86.91 23.21
CA THR U 319 -17.65 -87.39 23.09
C THR U 319 -17.96 -88.29 24.28
N LEU U 320 -19.03 -88.01 25.00
CA LEU U 320 -19.47 -88.88 26.07
C LEU U 320 -20.97 -89.07 26.03
N ILE U 321 -21.42 -90.17 26.60
CA ILE U 321 -22.82 -90.44 26.80
C ILE U 321 -23.02 -90.79 28.27
N LEU U 322 -23.76 -89.92 28.98
CA LEU U 322 -24.11 -90.13 30.39
C LEU U 322 -25.58 -90.54 30.37
N GLY U 323 -25.82 -91.84 30.32
CA GLY U 323 -27.10 -92.37 29.90
C GLY U 323 -27.77 -93.24 30.94
N ASN U 324 -28.81 -93.92 30.50
CA ASN U 324 -29.63 -94.77 31.35
C ASN U 324 -30.09 -96.01 30.60
N THR U 325 -30.80 -96.89 31.31
CA THR U 325 -31.71 -97.95 30.85
C THR U 325 -31.34 -98.77 29.60
N VAL U 326 -30.29 -99.58 29.69
CA VAL U 326 -29.99 -100.44 28.56
C VAL U 326 -31.03 -101.55 28.45
N TYR U 327 -31.12 -102.14 27.27
CA TYR U 327 -31.96 -103.33 27.05
C TYR U 327 -31.17 -104.27 26.16
N PRO U 328 -31.09 -105.54 26.51
CA PRO U 328 -30.70 -106.53 25.52
C PRO U 328 -31.80 -106.66 24.49
N LEU U 329 -31.40 -106.93 23.25
CA LEU U 329 -32.35 -107.22 22.19
C LEU U 329 -31.94 -108.49 21.46
N HIS U 330 -32.70 -108.82 20.42
CA HIS U 330 -32.62 -110.12 19.76
C HIS U 330 -33.03 -109.95 18.31
N ALA U 331 -32.05 -109.84 17.42
CA ALA U 331 -32.31 -109.77 15.98
C ALA U 331 -31.12 -110.31 15.19
N ALA U 338 -33.33 -114.44 26.15
CA ALA U 338 -33.20 -114.55 27.59
C ALA U 338 -34.43 -113.98 28.28
N ARG U 339 -35.14 -113.10 27.59
CA ARG U 339 -36.23 -112.33 28.20
C ARG U 339 -37.60 -112.74 27.66
N GLN U 340 -37.66 -113.79 26.85
CA GLN U 340 -38.88 -114.03 26.08
C GLN U 340 -40.00 -114.63 26.93
N MET U 341 -40.85 -113.76 27.47
CA MET U 341 -42.01 -114.17 28.27
C MET U 341 -43.10 -114.62 27.32
N LEU U 342 -43.61 -115.81 27.55
CA LEU U 342 -44.73 -116.30 26.75
C LEU U 342 -45.99 -116.43 27.61
N THR U 343 -47.14 -116.38 26.93
CA THR U 343 -48.43 -116.35 27.60
C THR U 343 -48.85 -117.77 27.99
N ASP U 344 -50.10 -117.91 28.43
CA ASP U 344 -50.68 -119.22 28.69
C ASP U 344 -50.96 -119.95 27.39
N PHE U 345 -51.23 -119.21 26.32
CA PHE U 345 -51.64 -119.81 25.06
C PHE U 345 -50.53 -120.65 24.45
N ASP U 346 -49.40 -120.01 24.11
CA ASP U 346 -48.30 -120.69 23.44
C ASP U 346 -47.62 -121.70 24.35
N ILE U 347 -47.65 -121.50 25.67
CA ILE U 347 -47.11 -122.49 26.58
C ILE U 347 -48.00 -123.72 26.63
N ARG U 348 -49.27 -123.59 26.28
CA ARG U 348 -50.16 -124.75 26.26
C ARG U 348 -50.09 -125.48 24.94
N ASN U 349 -49.97 -124.73 23.84
CA ASN U 349 -49.86 -125.34 22.52
C ASN U 349 -48.59 -126.16 22.41
N ILE U 350 -47.51 -125.70 23.03
CA ILE U 350 -46.26 -126.45 22.96
C ILE U 350 -46.35 -127.72 23.79
N ASN U 351 -47.21 -127.77 24.80
CA ASN U 351 -47.53 -129.02 25.44
C ASN U 351 -48.47 -129.85 24.59
N LYS U 352 -49.33 -129.18 23.81
CA LYS U 352 -50.29 -129.89 22.98
C LYS U 352 -49.59 -130.59 21.83
N LEU U 353 -48.61 -129.95 21.21
CA LEU U 353 -47.81 -130.65 20.22
C LEU U 353 -46.80 -131.58 20.86
N SER U 354 -46.49 -131.41 22.15
CA SER U 354 -45.65 -132.40 22.83
C SER U 354 -46.35 -133.74 22.94
N LYS U 355 -47.69 -133.74 22.91
CA LYS U 355 -48.47 -134.96 22.99
C LYS U 355 -48.32 -135.83 21.75
N LYS U 356 -47.89 -135.25 20.62
CA LYS U 356 -47.64 -136.03 19.41
C LYS U 356 -46.36 -136.83 19.61
N LYS U 357 -46.29 -138.01 19.00
CA LYS U 357 -45.15 -138.91 19.14
C LYS U 357 -44.34 -138.94 17.84
N ASP U 358 -44.27 -137.78 17.20
CA ASP U 358 -43.56 -137.66 15.93
C ASP U 358 -42.69 -136.41 15.88
N ILE U 359 -42.84 -135.54 16.88
CA ILE U 359 -42.29 -134.20 16.79
C ILE U 359 -40.78 -134.14 16.88
N PHE U 360 -40.15 -135.23 17.31
CA PHE U 360 -38.71 -135.31 17.15
C PHE U 360 -38.32 -135.40 15.68
N ASP U 361 -39.15 -136.04 14.87
CA ASP U 361 -38.84 -136.13 13.46
C ASP U 361 -39.20 -134.88 12.68
N ILE U 362 -40.23 -134.16 13.12
CA ILE U 362 -40.67 -132.96 12.38
C ILE U 362 -39.65 -131.85 12.54
N LEU U 363 -39.07 -131.74 13.73
CA LEU U 363 -38.07 -130.72 14.00
C LEU U 363 -36.79 -130.96 13.20
N SER U 364 -36.48 -132.22 12.90
CA SER U 364 -35.31 -132.52 12.08
C SER U 364 -35.47 -132.01 10.67
N GLN U 365 -36.64 -132.20 10.08
CA GLN U 365 -36.87 -131.81 8.70
C GLN U 365 -37.17 -130.33 8.56
N SER U 366 -37.61 -129.67 9.64
CA SER U 366 -37.96 -128.26 9.58
C SER U 366 -36.81 -127.37 9.99
N LEU U 367 -35.57 -127.83 9.87
CA LEU U 367 -34.46 -126.99 10.31
C LEU U 367 -33.80 -126.27 9.14
N ALA U 368 -33.20 -127.01 8.20
CA ALA U 368 -32.42 -126.41 7.11
C ALA U 368 -33.23 -126.48 5.83
N PRO U 369 -33.89 -125.41 5.45
CA PRO U 369 -34.84 -125.49 4.32
C PRO U 369 -34.17 -125.30 2.99
N SER U 370 -33.02 -125.92 2.76
CA SER U 370 -32.38 -125.76 1.48
C SER U 370 -31.79 -127.08 1.00
N ILE U 371 -31.48 -127.96 1.93
CA ILE U 371 -30.61 -129.09 1.64
C ILE U 371 -31.40 -130.38 1.78
N TYR U 372 -31.17 -131.32 0.88
CA TYR U 372 -31.74 -132.64 0.98
C TYR U 372 -31.00 -133.52 1.97
N GLY U 373 -31.78 -134.38 2.64
CA GLY U 373 -31.30 -135.52 3.39
C GLY U 373 -30.49 -135.17 4.62
N HIS U 374 -29.54 -136.07 4.89
CA HIS U 374 -28.61 -136.01 6.04
C HIS U 374 -29.37 -135.95 7.36
N ASP U 375 -30.43 -136.77 7.45
CA ASP U 375 -31.25 -136.75 8.66
C ASP U 375 -30.51 -137.32 9.86
N HIS U 376 -29.47 -138.10 9.64
CA HIS U 376 -28.58 -138.43 10.72
C HIS U 376 -27.80 -137.20 11.18
N ILE U 377 -27.43 -136.34 10.24
CA ILE U 377 -26.74 -135.12 10.64
C ILE U 377 -27.72 -134.13 11.24
N LYS U 378 -28.91 -134.06 10.66
CA LYS U 378 -29.87 -133.04 11.07
C LYS U 378 -30.40 -133.27 12.48
N LYS U 379 -30.60 -134.53 12.87
CA LYS U 379 -31.02 -134.79 14.23
C LYS U 379 -29.89 -134.54 15.21
N ALA U 380 -28.66 -134.73 14.77
CA ALA U 380 -27.51 -134.54 15.64
C ALA U 380 -27.34 -133.10 16.06
N ILE U 381 -27.58 -132.16 15.15
CA ILE U 381 -27.38 -130.76 15.43
C ILE U 381 -28.37 -130.28 16.48
N LEU U 382 -29.64 -130.63 16.30
CA LEU U 382 -30.64 -130.26 17.29
C LEU U 382 -30.43 -131.03 18.58
N LEU U 383 -29.84 -132.21 18.51
CA LEU U 383 -29.51 -132.90 19.74
C LEU U 383 -28.36 -132.22 20.46
N MET U 384 -27.40 -131.70 19.70
CA MET U 384 -26.26 -131.07 20.33
C MET U 384 -26.64 -129.69 20.85
N LEU U 385 -27.39 -128.93 20.04
CA LEU U 385 -27.68 -127.53 20.35
C LEU U 385 -28.49 -127.40 21.63
N MET U 386 -29.40 -128.33 21.86
CA MET U 386 -30.22 -128.27 23.07
C MET U 386 -29.40 -128.62 24.30
N GLY U 387 -28.50 -129.59 24.20
CA GLY U 387 -27.53 -129.80 25.25
C GLY U 387 -27.86 -130.86 26.28
N GLY U 388 -26.84 -131.62 26.66
CA GLY U 388 -26.95 -132.62 27.72
C GLY U 388 -26.30 -132.12 28.99
N VAL U 389 -26.81 -132.61 30.12
CA VAL U 389 -26.44 -132.05 31.42
C VAL U 389 -25.12 -132.65 31.89
N GLU U 390 -24.52 -132.01 32.90
CA GLU U 390 -23.39 -132.54 33.63
C GLU U 390 -23.69 -132.45 35.12
N LYS U 391 -23.85 -133.59 35.77
CA LYS U 391 -24.09 -133.63 37.20
C LYS U 391 -22.75 -133.64 37.91
N ASN U 392 -22.45 -132.57 38.63
CA ASN U 392 -21.14 -132.44 39.25
C ASN U 392 -21.00 -133.40 40.43
N LEU U 393 -19.84 -134.03 40.52
CA LEU U 393 -19.60 -134.93 41.64
C LEU U 393 -19.35 -134.14 42.92
N GLU U 394 -20.04 -134.54 43.97
CA GLU U 394 -19.85 -133.95 45.29
C GLU U 394 -18.51 -134.44 45.84
N ASN U 395 -17.60 -133.49 46.08
CA ASN U 395 -16.23 -133.73 46.54
C ASN U 395 -15.52 -134.72 45.60
N GLY U 396 -15.74 -134.49 44.31
CA GLY U 396 -15.13 -135.31 43.29
C GLY U 396 -15.18 -134.56 41.99
N SER U 397 -14.28 -134.95 41.09
CA SER U 397 -14.23 -134.33 39.77
C SER U 397 -15.47 -134.70 38.97
N HIS U 398 -16.17 -133.69 38.45
CA HIS U 398 -17.25 -133.95 37.52
C HIS U 398 -16.70 -134.44 36.20
N LEU U 399 -17.54 -135.14 35.45
CA LEU U 399 -17.10 -135.71 34.20
C LEU U 399 -17.42 -134.78 33.03
N ARG U 400 -17.22 -135.27 31.82
CA ARG U 400 -17.61 -134.51 30.64
C ARG U 400 -19.12 -134.60 30.47
N GLY U 401 -19.77 -133.45 30.44
CA GLY U 401 -21.19 -133.40 30.20
C GLY U 401 -21.47 -132.55 28.99
N ASP U 402 -20.40 -132.02 28.43
CA ASP U 402 -20.42 -131.34 27.15
C ASP U 402 -20.51 -132.37 26.04
N ILE U 403 -21.04 -131.98 24.90
CA ILE U 403 -21.09 -132.83 23.72
C ILE U 403 -20.33 -132.10 22.60
N ASN U 404 -19.56 -132.84 21.82
CA ASN U 404 -18.65 -132.21 20.86
C ASN U 404 -18.53 -133.02 19.58
N ILE U 405 -19.29 -132.63 18.57
CA ILE U 405 -19.38 -133.39 17.35
C ILE U 405 -18.41 -132.80 16.33
N LEU U 406 -18.14 -133.57 15.30
CA LEU U 406 -17.14 -133.26 14.29
C LEU U 406 -17.67 -133.67 12.93
N MET U 407 -17.20 -133.01 11.89
CA MET U 407 -17.55 -133.37 10.52
C MET U 407 -16.28 -133.40 9.68
N VAL U 408 -16.35 -134.12 8.55
CA VAL U 408 -15.34 -134.03 7.51
C VAL U 408 -16.02 -134.47 6.22
N GLY U 409 -15.56 -133.93 5.11
CA GLY U 409 -16.18 -134.28 3.84
C GLY U 409 -15.44 -133.67 2.66
N ASP U 410 -15.53 -134.38 1.55
CA ASP U 410 -15.01 -133.90 0.28
C ASP U 410 -15.77 -132.65 -0.15
N PRO U 411 -15.11 -131.70 -0.83
CA PRO U 411 -15.58 -130.30 -0.80
C PRO U 411 -16.91 -130.07 -1.51
N SER U 412 -17.46 -128.88 -1.23
CA SER U 412 -18.71 -128.37 -1.79
C SER U 412 -19.89 -129.29 -1.54
N THR U 413 -19.87 -129.99 -0.41
CA THR U 413 -20.97 -130.85 -0.06
C THR U 413 -21.68 -130.36 1.19
N ALA U 414 -21.84 -129.04 1.32
CA ALA U 414 -22.62 -128.36 2.36
C ALA U 414 -22.07 -128.66 3.75
N LYS U 415 -20.76 -128.77 3.87
CA LYS U 415 -20.20 -128.92 5.21
C LYS U 415 -20.17 -127.58 5.94
N SER U 416 -19.96 -126.48 5.22
CA SER U 416 -19.96 -125.18 5.87
C SER U 416 -21.30 -124.48 5.74
N GLN U 417 -22.24 -125.06 5.00
CA GLN U 417 -23.56 -124.48 4.86
C GLN U 417 -24.26 -124.35 6.20
N LEU U 418 -24.53 -125.48 6.84
CA LEU U 418 -25.26 -125.50 8.09
C LEU U 418 -24.46 -124.98 9.26
N LEU U 419 -23.19 -124.68 9.07
CA LEU U 419 -22.40 -124.14 10.14
C LEU U 419 -22.64 -122.67 10.41
N ARG U 420 -23.18 -121.93 9.43
CA ARG U 420 -23.35 -120.51 9.65
C ARG U 420 -24.75 -120.15 10.12
N PHE U 421 -25.73 -121.03 9.93
CA PHE U 421 -27.07 -120.68 10.36
C PHE U 421 -27.39 -121.19 11.75
N VAL U 422 -26.49 -121.96 12.35
CA VAL U 422 -26.60 -122.22 13.78
C VAL U 422 -26.30 -120.95 14.57
N LEU U 423 -25.59 -120.01 13.97
CA LEU U 423 -25.28 -118.75 14.64
C LEU U 423 -26.44 -117.79 14.63
N ASN U 424 -27.42 -117.96 13.73
CA ASN U 424 -28.54 -117.04 13.74
C ASN U 424 -29.52 -117.37 14.85
N THR U 425 -29.74 -118.65 15.11
CA THR U 425 -30.62 -119.09 16.19
C THR U 425 -29.83 -119.47 17.44
N ALA U 426 -28.70 -118.81 17.66
CA ALA U 426 -27.68 -119.28 18.57
C ALA U 426 -28.06 -119.16 20.04
N SER U 427 -29.03 -118.31 20.37
CA SER U 427 -29.41 -117.94 21.74
C SER U 427 -28.19 -117.52 22.57
N LEU U 428 -27.56 -116.42 22.17
CA LEU U 428 -26.37 -115.84 22.79
C LEU U 428 -25.22 -116.83 22.82
N ALA U 429 -24.85 -117.31 21.64
CA ALA U 429 -23.71 -118.17 21.45
C ALA U 429 -22.97 -117.66 20.22
N ILE U 430 -22.09 -116.69 20.43
CA ILE U 430 -21.36 -116.07 19.34
C ILE U 430 -20.04 -116.80 19.17
N ALA U 431 -19.79 -117.27 17.96
CA ALA U 431 -18.62 -118.08 17.68
C ALA U 431 -17.59 -117.26 16.92
N THR U 432 -16.43 -117.86 16.71
CA THR U 432 -15.37 -117.25 15.93
C THR U 432 -15.35 -117.86 14.54
N THR U 433 -14.36 -117.48 13.74
CA THR U 433 -14.21 -118.01 12.39
C THR U 433 -13.02 -118.95 12.32
N GLY U 434 -12.49 -119.34 13.47
CA GLY U 434 -11.43 -120.30 13.51
C GLY U 434 -10.07 -119.78 13.10
N ARG U 435 -9.90 -118.47 12.96
CA ARG U 435 -8.58 -117.91 12.73
C ARG U 435 -7.78 -118.03 14.01
N GLY U 436 -6.70 -118.80 13.94
CA GLY U 436 -6.15 -119.45 15.10
C GLY U 436 -4.98 -118.76 15.76
N SER U 437 -5.11 -117.46 15.94
CA SER U 437 -4.14 -116.73 16.75
C SER U 437 -4.33 -117.13 18.21
N SER U 438 -3.27 -116.98 19.01
CA SER U 438 -3.28 -117.32 20.44
C SER U 438 -4.15 -116.31 21.17
N GLY U 439 -5.28 -116.77 21.68
CA GLY U 439 -6.35 -115.88 22.06
C GLY U 439 -7.68 -116.57 21.89
N VAL U 440 -7.62 -117.79 21.34
CA VAL U 440 -8.81 -118.60 21.17
C VAL U 440 -9.39 -119.08 22.49
N GLY U 441 -8.61 -119.10 23.55
CA GLY U 441 -9.11 -119.54 24.84
C GLY U 441 -8.40 -118.87 25.99
N LEU U 442 -7.64 -117.83 25.68
CA LEU U 442 -6.75 -117.26 26.68
C LEU U 442 -6.92 -115.75 26.78
N THR U 443 -5.93 -115.09 27.33
CA THR U 443 -5.97 -113.67 27.58
C THR U 443 -4.85 -112.92 26.86
N ALA U 444 -3.66 -113.50 26.92
CA ALA U 444 -2.38 -112.91 26.52
C ALA U 444 -2.04 -111.65 27.29
N ALA U 445 -2.50 -111.56 28.54
CA ALA U 445 -2.14 -110.57 29.55
C ALA U 445 -2.31 -109.13 29.09
N VAL U 446 -3.34 -108.87 28.28
CA VAL U 446 -3.59 -107.54 27.77
C VAL U 446 -4.28 -106.71 28.83
N THR U 447 -3.56 -105.74 29.36
CA THR U 447 -4.10 -104.89 30.42
C THR U 447 -4.31 -103.46 30.01
N THR U 448 -3.46 -102.90 29.13
CA THR U 448 -3.45 -101.50 28.69
C THR U 448 -3.33 -100.50 29.84
N ASP U 449 -2.77 -100.97 30.97
CA ASP U 449 -2.40 -100.24 32.20
C ASP U 449 -3.59 -99.77 33.02
N ARG U 450 -4.80 -99.83 32.42
CA ARG U 450 -6.11 -99.44 32.95
C ARG U 450 -6.10 -98.24 33.88
N GLU U 451 -5.68 -97.11 33.31
CA GLU U 451 -5.53 -95.82 33.96
C GLU U 451 -4.55 -95.88 35.11
N THR U 452 -3.30 -96.25 34.77
CA THR U 452 -2.10 -96.05 35.57
C THR U 452 -2.21 -96.75 36.93
N GLY U 453 -2.16 -98.08 36.91
CA GLY U 453 -2.08 -98.81 38.16
C GLY U 453 -3.11 -99.90 38.32
N GLU U 454 -3.65 -100.39 37.22
CA GLU U 454 -4.64 -101.47 37.24
C GLU U 454 -4.29 -102.45 36.12
N ARG U 455 -4.06 -103.71 36.47
CA ARG U 455 -3.74 -104.72 35.47
C ARG U 455 -4.87 -105.73 35.37
N ARG U 456 -5.37 -105.94 34.17
CA ARG U 456 -6.57 -106.75 34.00
C ARG U 456 -6.31 -107.87 33.01
N LEU U 457 -6.73 -109.07 33.40
CA LEU U 457 -6.67 -110.24 32.55
C LEU U 457 -7.89 -110.24 31.64
N GLU U 458 -7.76 -109.59 30.48
CA GLU U 458 -8.90 -109.34 29.61
C GLU U 458 -9.36 -110.61 28.89
N ALA U 459 -10.66 -110.87 28.96
CA ALA U 459 -11.25 -112.11 28.48
C ALA U 459 -11.18 -112.27 26.97
N GLY U 460 -10.42 -113.26 26.48
CA GLY U 460 -10.31 -113.45 25.04
C GLY U 460 -11.56 -114.03 24.40
N ALA U 461 -11.86 -115.31 24.67
CA ALA U 461 -12.88 -115.97 23.88
C ALA U 461 -13.70 -117.02 24.63
N MET U 462 -13.56 -117.10 25.95
CA MET U 462 -14.31 -118.10 26.70
C MET U 462 -15.45 -117.51 27.51
N VAL U 463 -15.44 -116.20 27.75
CA VAL U 463 -16.56 -115.54 28.41
C VAL U 463 -17.78 -115.50 27.51
N LEU U 464 -17.61 -115.66 26.20
CA LEU U 464 -18.72 -115.74 25.28
C LEU U 464 -19.19 -117.17 25.06
N ALA U 465 -18.29 -118.13 25.25
CA ALA U 465 -18.57 -119.53 24.97
C ALA U 465 -19.30 -120.24 26.09
N ASP U 466 -19.54 -119.57 27.21
CA ASP U 466 -20.03 -120.24 28.40
C ASP U 466 -21.52 -120.52 28.29
N ARG U 467 -21.88 -121.80 28.43
CA ARG U 467 -23.24 -122.32 28.23
C ARG U 467 -23.77 -121.95 26.84
N GLY U 468 -22.89 -122.02 25.86
CA GLY U 468 -23.23 -121.72 24.48
C GLY U 468 -22.50 -122.68 23.59
N VAL U 469 -22.43 -122.35 22.32
CA VAL U 469 -21.73 -123.17 21.34
C VAL U 469 -20.77 -122.29 20.56
N VAL U 470 -19.71 -122.89 20.03
CA VAL U 470 -18.77 -122.22 19.16
C VAL U 470 -18.60 -123.06 17.91
N CYS U 471 -17.93 -122.48 16.92
CA CYS U 471 -17.56 -123.26 15.75
C CYS U 471 -16.31 -122.67 15.15
N ILE U 472 -15.39 -123.54 14.77
CA ILE U 472 -14.11 -123.14 14.22
C ILE U 472 -13.83 -124.02 13.00
N ASP U 473 -13.09 -123.48 12.05
CA ASP U 473 -12.78 -124.17 10.81
C ASP U 473 -11.29 -124.37 10.64
N GLU U 474 -10.97 -125.23 9.67
CA GLU U 474 -9.63 -125.44 9.11
C GLU U 474 -8.65 -125.93 10.18
N PHE U 475 -8.88 -127.16 10.62
CA PHE U 475 -8.04 -127.71 11.67
C PHE U 475 -6.66 -128.04 11.16
N ASP U 476 -6.55 -128.76 10.06
CA ASP U 476 -5.25 -129.12 9.51
C ASP U 476 -4.53 -127.93 8.90
N LYS U 477 -5.24 -126.85 8.60
CA LYS U 477 -4.59 -125.64 8.11
C LYS U 477 -4.31 -124.69 9.25
N MET U 478 -3.68 -125.21 10.29
CA MET U 478 -3.34 -124.44 11.46
C MET U 478 -1.92 -124.78 11.87
N THR U 479 -1.38 -123.96 12.76
CA THR U 479 -0.05 -124.17 13.30
C THR U 479 -0.12 -125.21 14.43
N ASP U 480 0.93 -125.29 15.24
CA ASP U 480 0.90 -126.14 16.42
C ASP U 480 0.25 -125.45 17.60
N VAL U 481 0.41 -124.14 17.74
CA VAL U 481 0.17 -123.46 19.01
C VAL U 481 -1.30 -123.35 19.38
N ASP U 482 -2.21 -123.52 18.44
CA ASP U 482 -3.60 -123.60 18.84
C ASP U 482 -3.97 -124.99 19.31
N ARG U 483 -3.31 -126.02 18.76
CA ARG U 483 -3.68 -127.40 19.06
C ARG U 483 -3.38 -127.75 20.51
N VAL U 484 -2.35 -127.16 21.09
CA VAL U 484 -2.10 -127.38 22.51
C VAL U 484 -3.16 -126.70 23.37
N ALA U 485 -3.81 -125.66 22.85
CA ALA U 485 -4.84 -125.00 23.64
C ALA U 485 -6.15 -125.77 23.60
N ILE U 486 -6.45 -126.43 22.48
CA ILE U 486 -7.69 -127.16 22.40
C ILE U 486 -7.58 -128.49 23.14
N HIS U 487 -6.34 -128.92 23.42
CA HIS U 487 -6.16 -130.06 24.30
C HIS U 487 -6.67 -129.78 25.70
N GLU U 488 -6.31 -128.63 26.26
CA GLU U 488 -6.59 -128.33 27.66
C GLU U 488 -8.07 -128.10 27.89
N VAL U 489 -8.69 -127.30 27.03
CA VAL U 489 -10.09 -126.92 27.22
C VAL U 489 -11.05 -128.05 26.94
N MET U 490 -10.59 -129.17 26.40
CA MET U 490 -11.47 -130.32 26.22
C MET U 490 -11.35 -131.33 27.35
N GLU U 491 -10.14 -131.63 27.79
CA GLU U 491 -9.97 -132.51 28.94
C GLU U 491 -10.45 -131.86 30.23
N GLN U 492 -10.46 -130.54 30.27
CA GLN U 492 -10.80 -129.81 31.47
C GLN U 492 -11.73 -128.67 31.06
N GLN U 493 -12.72 -128.41 31.89
CA GLN U 493 -13.64 -127.31 31.58
C GLN U 493 -12.98 -125.94 31.69
N THR U 494 -11.89 -125.80 32.42
CA THR U 494 -11.32 -124.50 32.71
C THR U 494 -9.96 -124.32 32.10
N VAL U 495 -9.60 -123.07 31.86
CA VAL U 495 -8.24 -122.67 31.62
C VAL U 495 -7.74 -121.98 32.88
N THR U 496 -6.43 -122.06 33.11
CA THR U 496 -5.79 -121.35 34.21
C THR U 496 -4.45 -120.86 33.68
N ILE U 497 -4.15 -119.60 33.92
CA ILE U 497 -3.03 -118.96 33.26
C ILE U 497 -2.33 -118.05 34.26
N ALA U 498 -1.01 -117.91 34.11
CA ALA U 498 -0.25 -116.90 34.84
C ALA U 498 0.83 -116.38 33.92
N LYS U 499 0.52 -115.36 33.14
CA LYS U 499 1.43 -114.89 32.10
C LYS U 499 2.47 -113.93 32.65
N ALA U 500 2.05 -112.75 33.13
CA ALA U 500 2.93 -111.87 33.86
C ALA U 500 2.22 -111.45 35.13
N GLY U 501 1.21 -112.22 35.52
CA GLY U 501 0.37 -111.88 36.62
C GLY U 501 -0.22 -113.09 37.31
N ILE U 502 -1.52 -113.06 37.46
CA ILE U 502 -2.21 -113.82 38.49
C ILE U 502 -2.67 -115.16 37.94
N HIS U 503 -2.39 -116.21 38.69
CA HIS U 503 -2.99 -117.52 38.45
C HIS U 503 -4.47 -117.41 38.75
N THR U 504 -5.31 -117.80 37.80
CA THR U 504 -6.74 -117.72 38.00
C THR U 504 -7.44 -118.83 37.23
N THR U 505 -8.22 -119.63 37.93
CA THR U 505 -9.03 -120.69 37.36
C THR U 505 -10.42 -120.15 37.12
N LEU U 506 -10.69 -119.72 35.89
CA LEU U 506 -12.02 -119.27 35.52
C LEU U 506 -12.72 -120.36 34.74
N ASN U 507 -14.01 -120.52 35.00
CA ASN U 507 -14.74 -121.68 34.52
C ASN U 507 -15.35 -121.41 33.16
N ALA U 508 -15.65 -122.50 32.45
CA ALA U 508 -16.12 -122.42 31.07
C ALA U 508 -16.87 -123.69 30.72
N ARG U 509 -18.06 -123.54 30.15
CA ARG U 509 -18.86 -124.67 29.67
C ARG U 509 -19.03 -124.49 28.16
N CYS U 510 -18.17 -125.16 27.41
CA CYS U 510 -18.11 -124.97 25.97
C CYS U 510 -18.44 -126.26 25.22
N SER U 511 -18.67 -126.11 23.93
CA SER U 511 -19.01 -127.25 23.07
C SER U 511 -18.62 -126.86 21.64
N VAL U 512 -17.56 -127.46 21.15
CA VAL U 512 -17.06 -127.08 19.84
C VAL U 512 -17.84 -127.79 18.75
N ILE U 513 -17.81 -127.22 17.56
CA ILE U 513 -18.33 -127.84 16.35
C ILE U 513 -17.25 -127.73 15.30
N ALA U 514 -16.87 -128.84 14.72
CA ALA U 514 -15.68 -128.87 13.90
C ALA U 514 -16.00 -128.90 12.42
N ALA U 515 -15.00 -128.55 11.62
CA ALA U 515 -15.10 -128.63 10.17
C ALA U 515 -13.68 -128.71 9.61
N ALA U 516 -13.32 -129.85 9.07
CA ALA U 516 -12.06 -129.97 8.35
C ALA U 516 -12.29 -130.70 7.05
N ASN U 517 -11.23 -130.81 6.26
CA ASN U 517 -11.30 -131.40 4.94
C ASN U 517 -10.23 -132.46 4.83
N PRO U 518 -10.45 -133.52 4.07
CA PRO U 518 -9.38 -134.51 3.85
C PRO U 518 -8.28 -133.92 2.99
N VAL U 519 -7.14 -134.59 2.98
CA VAL U 519 -5.94 -134.01 2.39
C VAL U 519 -5.86 -134.34 0.90
N PHE U 520 -5.80 -135.63 0.59
CA PHE U 520 -5.43 -136.09 -0.74
C PHE U 520 -6.68 -136.36 -1.60
N GLY U 521 -7.53 -135.33 -1.70
CA GLY U 521 -8.66 -135.37 -2.61
C GLY U 521 -9.69 -136.43 -2.25
N GLN U 522 -9.95 -137.32 -3.20
CA GLN U 522 -10.87 -138.45 -3.00
C GLN U 522 -10.10 -139.76 -2.78
N TYR U 523 -9.34 -139.81 -1.68
CA TYR U 523 -8.51 -140.97 -1.37
C TYR U 523 -9.02 -141.76 -0.18
N ASP U 524 -10.26 -141.52 0.24
CA ASP U 524 -10.77 -142.10 1.47
C ASP U 524 -11.04 -143.60 1.31
N VAL U 525 -11.52 -144.03 0.14
CA VAL U 525 -11.96 -145.41 -0.03
C VAL U 525 -10.84 -146.37 -0.35
N ASN U 526 -9.80 -145.92 -1.06
CA ASN U 526 -8.73 -146.80 -1.52
C ASN U 526 -7.62 -146.96 -0.49
N ARG U 527 -7.79 -146.42 0.70
CA ARG U 527 -6.77 -146.46 1.74
C ARG U 527 -7.47 -146.77 3.04
N ASP U 528 -6.79 -146.54 4.13
CA ASP U 528 -7.45 -146.69 5.41
C ASP U 528 -8.47 -145.57 5.61
N PRO U 529 -9.63 -145.88 6.17
CA PRO U 529 -10.54 -144.82 6.59
C PRO U 529 -9.97 -143.99 7.72
N HIS U 530 -9.20 -144.59 8.63
CA HIS U 530 -8.49 -143.86 9.66
C HIS U 530 -7.26 -143.18 9.06
N GLN U 531 -6.58 -142.38 9.89
CA GLN U 531 -5.47 -141.48 9.59
C GLN U 531 -5.71 -140.54 8.40
N ASN U 532 -6.97 -140.38 7.99
CA ASN U 532 -7.29 -139.76 6.72
C ASN U 532 -7.06 -138.27 6.75
N ILE U 533 -7.02 -137.70 7.95
CA ILE U 533 -6.55 -136.34 8.15
C ILE U 533 -5.22 -136.30 8.89
N ALA U 534 -4.95 -137.31 9.73
CA ALA U 534 -3.72 -137.48 10.51
C ALA U 534 -3.34 -136.25 11.33
N LEU U 535 -4.34 -135.56 11.88
CA LEU U 535 -4.11 -134.62 12.96
C LEU U 535 -4.06 -135.47 14.21
N PRO U 536 -3.46 -134.99 15.32
CA PRO U 536 -3.22 -135.86 16.47
C PRO U 536 -4.48 -136.46 17.08
N ASP U 537 -4.35 -137.71 17.50
CA ASP U 537 -5.47 -138.50 18.02
C ASP U 537 -5.79 -138.14 19.45
N SER U 538 -5.05 -137.19 20.01
CA SER U 538 -5.43 -136.53 21.25
C SER U 538 -6.82 -135.90 21.16
N LEU U 539 -7.20 -135.39 19.99
CA LEU U 539 -8.52 -134.82 19.80
C LEU U 539 -9.55 -135.83 19.33
N LEU U 540 -9.15 -136.74 18.44
CA LEU U 540 -10.06 -137.77 17.95
C LEU U 540 -10.54 -138.66 19.08
N SER U 541 -9.65 -138.98 20.02
CA SER U 541 -10.05 -139.70 21.21
C SER U 541 -10.91 -138.83 22.11
N ARG U 542 -10.71 -137.52 22.08
CA ARG U 542 -11.56 -136.67 22.90
C ARG U 542 -12.85 -136.29 22.17
N PHE U 543 -12.99 -136.67 20.91
CA PHE U 543 -14.25 -136.47 20.21
C PHE U 543 -14.96 -137.80 20.01
N ASP U 544 -16.21 -137.73 19.60
CA ASP U 544 -17.01 -138.94 19.46
C ASP U 544 -17.49 -139.24 18.06
N LEU U 545 -18.00 -138.27 17.32
CA LEU U 545 -18.70 -138.57 16.08
C LEU U 545 -17.90 -138.01 14.91
N LEU U 546 -17.51 -138.88 14.00
CA LEU U 546 -16.72 -138.49 12.85
C LEU U 546 -17.56 -138.83 11.62
N PHE U 547 -18.49 -137.94 11.29
CA PHE U 547 -19.35 -138.18 10.16
C PHE U 547 -18.58 -137.95 8.87
N VAL U 548 -18.59 -138.94 8.00
CA VAL U 548 -17.85 -138.87 6.75
C VAL U 548 -18.88 -138.70 5.65
N VAL U 549 -19.00 -137.49 5.12
CA VAL U 549 -20.06 -137.16 4.17
C VAL U 549 -19.71 -137.74 2.81
N THR U 550 -20.61 -138.57 2.27
CA THR U 550 -20.47 -139.16 0.95
C THR U 550 -21.03 -138.22 -0.11
N ASP U 551 -20.62 -138.43 -1.34
CA ASP U 551 -21.03 -137.60 -2.47
C ASP U 551 -21.29 -138.49 -3.69
N ASP U 552 -21.97 -139.61 -3.48
CA ASP U 552 -22.13 -140.58 -4.55
C ASP U 552 -23.15 -140.10 -5.58
N ILE U 553 -22.99 -140.56 -6.81
CA ILE U 553 -23.65 -139.99 -7.97
C ILE U 553 -24.70 -140.95 -8.46
N ASN U 554 -25.97 -140.57 -8.30
CA ASN U 554 -27.10 -141.37 -8.76
C ASN U 554 -28.07 -140.47 -9.50
N GLU U 555 -28.60 -140.97 -10.61
CA GLU U 555 -29.30 -140.13 -11.57
C GLU U 555 -30.63 -139.64 -11.05
N ILE U 556 -31.22 -140.33 -10.10
CA ILE U 556 -32.39 -139.79 -9.43
C ILE U 556 -31.98 -138.86 -8.29
N ARG U 557 -30.79 -139.09 -7.74
CA ARG U 557 -30.34 -138.29 -6.58
C ARG U 557 -30.01 -136.87 -6.99
N ASP U 558 -29.23 -136.70 -8.06
CA ASP U 558 -28.83 -135.37 -8.48
C ASP U 558 -29.95 -134.61 -9.18
N ARG U 559 -30.85 -135.34 -9.86
CA ARG U 559 -31.99 -134.71 -10.50
C ARG U 559 -32.90 -134.06 -9.48
N SER U 560 -33.11 -134.75 -8.38
CA SER U 560 -33.84 -134.19 -7.25
C SER U 560 -33.14 -132.97 -6.65
N ILE U 561 -31.81 -132.96 -6.67
CA ILE U 561 -31.06 -131.80 -6.18
C ILE U 561 -31.26 -130.61 -7.10
N SER U 562 -31.25 -130.86 -8.40
CA SER U 562 -31.18 -129.80 -9.40
C SER U 562 -32.40 -128.88 -9.38
N GLU U 563 -33.57 -129.42 -9.10
CA GLU U 563 -34.73 -128.54 -9.04
C GLU U 563 -34.83 -127.82 -7.71
N HIS U 564 -34.36 -128.44 -6.63
CA HIS U 564 -34.58 -127.88 -5.31
C HIS U 564 -33.71 -126.66 -5.05
N VAL U 565 -32.51 -126.62 -5.63
CA VAL U 565 -31.79 -125.37 -5.61
C VAL U 565 -32.46 -124.35 -6.51
N LEU U 566 -33.02 -124.79 -7.63
CA LEU U 566 -33.66 -123.88 -8.57
C LEU U 566 -34.97 -123.34 -8.05
N ARG U 567 -35.66 -124.10 -7.23
CA ARG U 567 -36.97 -123.66 -6.74
C ARG U 567 -36.85 -122.64 -5.63
N THR U 568 -35.64 -122.34 -5.18
CA THR U 568 -35.43 -121.44 -4.06
C THR U 568 -34.52 -120.29 -4.39
N HIS U 569 -34.78 -119.58 -5.48
CA HIS U 569 -34.10 -118.31 -5.66
C HIS U 569 -35.08 -117.17 -5.61
N ARG U 570 -36.24 -117.39 -5.00
CA ARG U 570 -37.30 -116.41 -5.02
C ARG U 570 -37.83 -116.17 -3.62
N VAL U 651 -42.30 -125.82 13.21
CA VAL U 651 -42.14 -125.84 11.77
C VAL U 651 -41.64 -124.46 11.36
N THR U 652 -41.72 -123.50 12.28
CA THR U 652 -41.21 -122.16 12.04
C THR U 652 -39.97 -121.90 12.88
N ILE U 653 -39.22 -120.87 12.51
CA ILE U 653 -37.98 -120.55 13.20
C ILE U 653 -38.19 -119.97 14.60
N PRO U 654 -38.98 -118.89 14.83
CA PRO U 654 -39.03 -118.35 16.20
C PRO U 654 -39.75 -119.23 17.18
N PHE U 655 -40.66 -120.09 16.72
CA PHE U 655 -41.18 -121.13 17.59
C PHE U 655 -40.11 -122.15 17.94
N LEU U 656 -39.17 -122.40 17.04
CA LEU U 656 -38.16 -123.40 17.30
C LEU U 656 -37.20 -122.93 18.37
N ARG U 657 -36.84 -121.65 18.34
CA ARG U 657 -35.91 -121.15 19.35
C ARG U 657 -36.56 -121.05 20.71
N LYS U 658 -37.89 -120.93 20.79
CA LYS U 658 -38.57 -120.95 22.07
C LYS U 658 -38.61 -122.32 22.68
N TYR U 659 -38.82 -123.34 21.84
CA TYR U 659 -38.97 -124.70 22.32
C TYR U 659 -37.71 -125.22 22.98
N VAL U 660 -36.55 -124.91 22.40
CA VAL U 660 -35.32 -125.36 23.00
C VAL U 660 -35.01 -124.55 24.26
N GLN U 661 -35.26 -123.25 24.23
CA GLN U 661 -34.96 -122.44 25.40
C GLN U 661 -35.99 -122.60 26.48
N TYR U 662 -37.13 -123.21 26.18
CA TYR U 662 -38.00 -123.67 27.26
C TYR U 662 -37.51 -125.01 27.79
N ALA U 663 -36.93 -125.83 26.92
CA ALA U 663 -36.45 -127.14 27.31
C ALA U 663 -35.09 -127.12 27.99
N LYS U 664 -34.51 -125.93 28.20
CA LYS U 664 -33.34 -125.86 29.05
C LYS U 664 -33.72 -125.62 30.50
N GLU U 665 -35.01 -125.45 30.76
CA GLU U 665 -35.51 -125.17 32.09
C GLU U 665 -36.40 -126.27 32.62
N ARG U 666 -36.30 -127.47 32.06
CA ARG U 666 -37.08 -128.56 32.59
C ARG U 666 -36.18 -129.61 33.21
N VAL U 667 -36.76 -130.42 34.08
CA VAL U 667 -36.01 -131.24 35.02
C VAL U 667 -35.41 -132.41 34.24
N ILE U 668 -34.41 -133.05 34.83
CA ILE U 668 -33.62 -134.06 34.13
C ILE U 668 -33.85 -135.42 34.79
N PRO U 669 -34.37 -136.41 34.06
CA PRO U 669 -34.72 -137.70 34.71
C PRO U 669 -33.56 -138.56 35.19
N GLN U 670 -32.72 -139.01 34.24
CA GLN U 670 -31.52 -139.86 34.46
C GLN U 670 -31.80 -141.25 35.03
N LEU U 671 -33.05 -141.58 35.35
CA LEU U 671 -33.28 -142.67 36.30
C LEU U 671 -34.38 -143.59 35.78
N THR U 672 -33.96 -144.71 35.18
CA THR U 672 -34.82 -145.85 34.89
C THR U 672 -33.93 -147.07 34.69
N GLN U 673 -34.16 -148.11 35.48
CA GLN U 673 -33.34 -149.31 35.38
C GLN U 673 -33.59 -150.08 34.10
N GLU U 674 -34.77 -149.92 33.50
CA GLU U 674 -35.09 -150.62 32.25
C GLU U 674 -34.23 -150.16 31.09
N ALA U 675 -34.03 -148.85 30.94
CA ALA U 675 -33.28 -148.34 29.81
C ALA U 675 -31.80 -148.61 29.97
N ILE U 676 -31.31 -148.72 31.20
CA ILE U 676 -29.90 -148.98 31.37
C ILE U 676 -29.60 -150.47 31.17
N ASN U 677 -30.60 -151.33 31.28
CA ASN U 677 -30.36 -152.75 31.06
C ASN U 677 -30.18 -153.08 29.59
N VAL U 678 -30.89 -152.39 28.70
CA VAL U 678 -30.85 -152.74 27.29
C VAL U 678 -29.63 -152.17 26.60
N ILE U 679 -29.17 -150.99 26.99
CA ILE U 679 -28.05 -150.35 26.31
C ILE U 679 -26.73 -151.07 26.55
N VAL U 680 -26.57 -151.72 27.70
CA VAL U 680 -25.31 -152.39 27.95
C VAL U 680 -25.23 -153.68 27.16
N LYS U 681 -26.37 -154.35 26.94
CA LYS U 681 -26.45 -155.41 25.95
C LYS U 681 -26.14 -154.88 24.56
N ASN U 682 -26.68 -153.70 24.27
CA ASN U 682 -26.43 -153.05 22.99
C ASN U 682 -24.97 -152.64 22.86
N TYR U 683 -24.29 -152.40 23.97
CA TYR U 683 -22.87 -152.15 23.91
C TYR U 683 -22.06 -153.42 23.70
N THR U 684 -22.42 -154.51 24.38
CA THR U 684 -21.55 -155.68 24.44
C THR U 684 -21.40 -156.36 23.09
N ASP U 685 -22.45 -156.34 22.28
CA ASP U 685 -22.34 -157.00 20.98
C ASP U 685 -21.44 -156.21 20.05
N LEU U 686 -21.52 -154.88 20.09
CA LEU U 686 -20.54 -154.10 19.36
C LEU U 686 -19.22 -154.03 20.10
N ARG U 687 -19.21 -154.33 21.39
CA ARG U 687 -17.95 -154.54 22.08
C ARG U 687 -17.27 -155.82 21.61
N ASN U 688 -18.04 -156.74 21.03
CA ASN U 688 -17.45 -157.82 20.28
C ASN U 688 -17.19 -157.44 18.83
N ASP U 689 -17.75 -156.34 18.37
CA ASP U 689 -17.71 -156.01 16.96
C ASP U 689 -16.96 -154.72 16.68
N ASP U 690 -16.47 -154.03 17.70
CA ASP U 690 -15.58 -152.90 17.45
C ASP U 690 -14.15 -153.34 17.14
N ASN U 691 -13.65 -154.35 17.84
CA ASN U 691 -12.24 -154.70 17.80
C ASN U 691 -11.87 -155.58 16.61
N THR U 692 -12.80 -156.45 16.18
CA THR U 692 -12.61 -157.25 14.97
C THR U 692 -13.03 -156.53 13.70
N LYS U 693 -13.36 -155.24 13.80
CA LYS U 693 -13.81 -154.41 12.70
C LYS U 693 -13.20 -153.01 12.84
N LYS U 694 -13.84 -152.05 12.17
CA LYS U 694 -13.37 -150.70 11.77
C LYS U 694 -12.64 -149.97 12.89
N SER U 695 -13.31 -149.60 13.99
CA SER U 695 -12.75 -148.58 14.84
C SER U 695 -12.89 -148.97 16.30
N PRO U 696 -11.80 -148.96 17.06
CA PRO U 696 -11.89 -149.29 18.49
C PRO U 696 -12.56 -148.17 19.27
N ILE U 697 -13.49 -148.57 20.13
CA ILE U 697 -14.21 -147.63 20.96
C ILE U 697 -13.80 -147.86 22.41
N THR U 698 -14.07 -146.85 23.23
CA THR U 698 -13.53 -146.81 24.57
C THR U 698 -14.65 -146.66 25.59
N ALA U 699 -14.28 -146.53 26.86
CA ALA U 699 -15.27 -146.42 27.93
C ALA U 699 -16.01 -145.09 27.92
N ARG U 700 -15.37 -144.03 27.45
CA ARG U 700 -16.02 -142.73 27.37
C ARG U 700 -17.15 -142.70 26.35
N THR U 701 -17.11 -143.60 25.37
CA THR U 701 -18.20 -143.74 24.42
C THR U 701 -19.49 -144.17 25.08
N LEU U 702 -19.39 -144.87 26.21
CA LEU U 702 -20.57 -145.17 26.99
C LEU U 702 -21.17 -143.92 27.62
N GLU U 703 -20.33 -142.96 27.96
CA GLU U 703 -20.84 -141.71 28.50
C GLU U 703 -21.49 -140.86 27.42
N THR U 704 -21.19 -141.14 26.16
CA THR U 704 -22.05 -140.64 25.12
C THR U 704 -23.38 -141.37 25.15
N LEU U 705 -23.35 -142.70 25.31
CA LEU U 705 -24.52 -143.52 25.09
C LEU U 705 -25.58 -143.30 26.16
N ILE U 706 -25.18 -142.80 27.33
CA ILE U 706 -26.18 -142.20 28.20
C ILE U 706 -26.59 -140.82 27.71
N ARG U 707 -25.65 -140.02 27.21
CA ARG U 707 -25.89 -138.59 27.07
C ARG U 707 -26.80 -138.26 25.90
N LEU U 708 -26.68 -138.99 24.80
CA LEU U 708 -27.59 -138.78 23.69
C LEU U 708 -29.03 -139.10 24.07
N ALA U 709 -29.23 -140.24 24.73
CA ALA U 709 -30.57 -140.58 25.17
C ALA U 709 -31.04 -139.66 26.27
N THR U 710 -30.11 -139.12 27.07
CA THR U 710 -30.48 -138.18 28.12
C THR U 710 -31.05 -136.91 27.52
N ALA U 711 -30.41 -136.40 26.47
CA ALA U 711 -30.95 -135.26 25.78
C ALA U 711 -32.17 -135.64 24.95
N HIS U 712 -32.23 -136.88 24.48
CA HIS U 712 -33.37 -137.30 23.70
C HIS U 712 -34.64 -137.32 24.52
N ALA U 713 -34.52 -137.59 25.82
CA ALA U 713 -35.66 -137.43 26.71
C ALA U 713 -35.94 -135.96 26.97
N LYS U 714 -34.94 -135.08 26.82
CA LYS U 714 -35.22 -133.66 26.98
C LYS U 714 -36.05 -133.14 25.82
N VAL U 715 -35.98 -133.78 24.67
CA VAL U 715 -36.89 -133.46 23.58
C VAL U 715 -38.31 -133.88 23.94
N ARG U 716 -38.43 -134.98 24.66
CA ARG U 716 -39.73 -135.49 25.05
C ARG U 716 -40.41 -134.64 26.11
N LEU U 717 -39.64 -133.88 26.89
CA LEU U 717 -40.11 -133.10 28.04
C LEU U 717 -40.83 -133.98 29.05
N SER U 718 -40.09 -134.95 29.58
CA SER U 718 -40.65 -135.88 30.56
C SER U 718 -39.57 -136.21 31.59
N LYS U 719 -39.99 -136.81 32.69
CA LYS U 719 -39.08 -137.20 33.75
C LYS U 719 -38.89 -138.70 33.84
N THR U 720 -39.25 -139.45 32.79
CA THR U 720 -39.06 -140.88 32.78
C THR U 720 -38.20 -141.24 31.57
N VAL U 721 -37.02 -141.80 31.83
CA VAL U 721 -36.18 -142.31 30.76
C VAL U 721 -36.87 -143.54 30.18
N ASN U 722 -37.43 -143.39 29.00
CA ASN U 722 -38.25 -144.44 28.42
C ASN U 722 -37.37 -145.54 27.82
N LYS U 723 -38.01 -146.39 27.02
CA LYS U 723 -37.29 -147.36 26.21
C LYS U 723 -36.96 -146.85 24.82
N VAL U 724 -37.86 -146.04 24.23
CA VAL U 724 -37.78 -145.68 22.82
C VAL U 724 -36.57 -144.83 22.50
N ASP U 725 -36.08 -144.06 23.47
CA ASP U 725 -34.89 -143.25 23.33
C ASP U 725 -33.63 -144.07 23.11
N ALA U 726 -33.59 -145.29 23.67
CA ALA U 726 -32.40 -146.12 23.54
C ALA U 726 -32.28 -146.75 22.17
N LYS U 727 -33.32 -146.65 21.34
CA LYS U 727 -33.23 -147.26 20.02
C LYS U 727 -32.66 -146.28 19.01
N VAL U 728 -32.93 -144.99 19.17
CA VAL U 728 -32.36 -144.02 18.25
C VAL U 728 -30.90 -143.76 18.58
N ALA U 729 -30.51 -143.96 19.84
CA ALA U 729 -29.14 -143.74 20.23
C ALA U 729 -28.22 -144.80 19.65
N ALA U 730 -28.66 -146.07 19.69
CA ALA U 730 -27.91 -147.14 19.07
C ALA U 730 -27.86 -146.98 17.56
N ASN U 731 -28.99 -146.62 16.96
CA ASN U 731 -29.06 -146.57 15.51
C ASN U 731 -28.30 -145.37 14.94
N LEU U 732 -28.11 -144.33 15.74
CA LEU U 732 -27.35 -143.19 15.23
C LEU U 732 -25.87 -143.51 15.17
N LEU U 733 -25.37 -144.26 16.15
CA LEU U 733 -23.97 -144.66 16.12
C LEU U 733 -23.71 -145.67 15.03
N ARG U 734 -24.71 -146.48 14.70
CA ARG U 734 -24.53 -147.52 13.69
C ARG U 734 -24.30 -146.93 12.31
N PHE U 735 -24.88 -145.77 12.01
CA PHE U 735 -24.51 -145.09 10.78
C PHE U 735 -23.21 -144.34 10.94
N ALA U 736 -22.94 -143.82 12.13
CA ALA U 736 -21.69 -143.11 12.39
C ALA U 736 -20.49 -144.03 12.32
N LEU U 737 -20.69 -145.33 12.54
CA LEU U 737 -19.59 -146.27 12.49
C LEU U 737 -19.66 -147.16 11.26
N LEU U 738 -20.85 -147.35 10.69
CA LEU U 738 -21.01 -148.21 9.52
C LEU U 738 -21.93 -147.57 8.50
N LEU V 177 27.38 -93.90 89.05
CA LEU V 177 28.11 -94.05 87.79
C LEU V 177 27.53 -93.12 86.71
N ARG V 178 28.01 -93.27 85.48
CA ARG V 178 27.55 -92.47 84.36
C ARG V 178 26.42 -93.17 83.63
N ILE V 179 25.21 -92.67 83.77
CA ILE V 179 24.06 -93.23 83.12
C ILE V 179 23.71 -92.37 81.91
N ILE V 180 23.38 -93.04 80.80
CA ILE V 180 23.15 -92.42 79.52
C ILE V 180 21.65 -92.21 79.35
N TRP V 181 21.26 -91.11 78.69
CA TRP V 181 19.89 -90.92 78.24
C TRP V 181 19.43 -92.05 77.32
N GLY V 182 20.27 -92.46 76.38
CA GLY V 182 19.88 -93.45 75.39
C GLY V 182 19.77 -94.88 75.90
N THR V 183 20.83 -95.40 76.47
CA THR V 183 20.86 -96.77 76.97
C THR V 183 20.62 -96.78 78.48
N ASN V 184 20.83 -97.95 79.08
CA ASN V 184 20.90 -98.07 80.53
C ASN V 184 22.21 -98.69 80.96
N VAL V 185 23.21 -98.69 80.07
CA VAL V 185 24.38 -99.50 80.29
C VAL V 185 25.35 -98.82 81.25
N SER V 186 26.29 -99.60 81.76
CA SER V 186 27.15 -99.20 82.86
C SER V 186 28.37 -98.44 82.39
N ILE V 187 29.34 -98.34 83.29
CA ILE V 187 30.63 -97.72 83.02
C ILE V 187 31.62 -98.86 83.04
N GLN V 188 32.90 -98.54 82.88
CA GLN V 188 33.92 -99.53 82.55
C GLN V 188 34.26 -100.46 83.72
N GLU V 189 33.24 -101.11 84.26
CA GLU V 189 33.44 -102.33 85.03
C GLU V 189 33.71 -103.50 84.11
N CYS V 190 33.09 -103.51 82.93
CA CYS V 190 33.25 -104.57 81.95
C CYS V 190 34.68 -104.69 81.46
N THR V 191 35.43 -103.60 81.44
CA THR V 191 36.87 -103.67 81.24
C THR V 191 37.53 -104.52 82.33
N THR V 192 37.27 -104.15 83.58
CA THR V 192 37.74 -104.94 84.72
C THR V 192 37.10 -106.32 84.73
N ASN V 193 35.83 -106.41 84.32
CA ASN V 193 35.16 -107.70 84.30
C ASN V 193 35.70 -108.58 83.19
N PHE V 194 36.11 -108.00 82.05
CA PHE V 194 36.73 -108.79 81.00
C PHE V 194 38.07 -109.38 81.44
N ARG V 195 38.88 -108.59 82.16
CA ARG V 195 40.24 -109.01 82.47
C ARG V 195 40.24 -110.21 83.41
N ASN V 196 39.40 -110.18 84.44
CA ASN V 196 39.28 -111.34 85.31
C ASN V 196 38.56 -112.49 84.62
N PHE V 197 37.66 -112.20 83.69
CA PHE V 197 37.10 -113.25 82.85
C PHE V 197 38.18 -113.86 81.97
N LEU V 198 39.00 -113.03 81.33
CA LEU V 198 39.98 -113.54 80.40
C LEU V 198 41.17 -114.19 81.06
N MET V 199 41.80 -113.53 82.02
CA MET V 199 43.06 -114.01 82.56
C MET V 199 42.87 -115.20 83.48
N SER V 200 41.86 -115.16 84.34
CA SER V 200 41.61 -116.26 85.26
C SER V 200 40.64 -117.27 84.69
N PHE V 201 40.88 -117.75 83.47
CA PHE V 201 39.95 -118.67 82.84
C PHE V 201 40.55 -120.05 82.62
N LYS V 202 41.48 -120.17 81.67
CA LYS V 202 42.34 -121.31 81.32
C LYS V 202 41.60 -122.55 80.82
N TYR V 203 40.34 -122.71 81.24
CA TYR V 203 39.32 -123.63 80.72
C TYR V 203 38.09 -123.39 81.58
N LYS V 204 36.93 -123.54 80.98
CA LYS V 204 35.66 -123.49 81.67
C LYS V 204 34.76 -124.43 80.89
N PHE V 205 33.45 -124.18 80.95
CA PHE V 205 32.42 -124.66 80.01
C PHE V 205 32.30 -126.18 79.89
N ARG V 206 33.02 -126.95 80.69
CA ARG V 206 32.94 -128.40 80.60
C ARG V 206 31.65 -128.96 81.16
N LYS V 207 30.92 -128.15 81.91
CA LYS V 207 29.79 -128.62 82.71
C LYS V 207 28.56 -128.86 81.85
N ILE V 208 28.40 -128.07 80.80
CA ILE V 208 27.31 -128.31 79.85
C ILE V 208 27.65 -129.50 78.98
N LEU V 209 28.93 -129.63 78.62
CA LEU V 209 29.44 -130.71 77.78
C LEU V 209 30.12 -131.80 78.58
N ASP V 210 29.58 -132.13 79.76
CA ASP V 210 30.14 -133.14 80.65
C ASP V 210 30.20 -134.51 80.00
N GLU V 211 31.40 -134.91 79.62
CA GLU V 211 31.72 -136.26 79.17
C GLU V 211 32.55 -136.99 80.20
N ARG V 212 33.68 -136.42 80.57
CA ARG V 212 34.50 -136.93 81.66
C ARG V 212 33.91 -136.48 82.98
N ASP V 221 44.35 -127.96 76.98
CA ASP V 221 43.14 -127.49 77.64
C ASP V 221 43.43 -126.75 78.94
N GLU V 222 44.71 -126.74 79.34
CA GLU V 222 45.12 -126.03 80.55
C GLU V 222 45.24 -124.53 80.35
N GLU V 223 45.14 -124.05 79.12
CA GLU V 223 45.18 -122.63 78.85
C GLU V 223 44.11 -122.27 77.83
N LEU V 224 43.50 -121.11 78.05
CA LEU V 224 42.39 -120.63 77.23
C LEU V 224 42.84 -120.37 75.80
N TYR V 225 41.93 -120.60 74.86
CA TYR V 225 42.15 -120.31 73.45
C TYR V 225 42.47 -118.83 73.22
N TYR V 226 41.84 -117.94 73.97
CA TYR V 226 42.00 -116.50 73.75
C TYR V 226 43.35 -116.00 74.23
N ILE V 227 43.93 -116.66 75.23
CA ILE V 227 45.17 -116.17 75.85
C ILE V 227 46.34 -116.31 74.89
N LYS V 228 46.49 -117.49 74.30
CA LYS V 228 47.55 -117.71 73.32
C LYS V 228 47.31 -116.90 72.05
N GLN V 229 46.04 -116.79 71.64
CA GLN V 229 45.73 -116.03 70.43
C GLN V 229 45.95 -114.54 70.62
N LEU V 230 45.79 -114.05 71.87
CA LEU V 230 46.05 -112.64 72.14
C LEU V 230 47.52 -112.32 71.94
N ASN V 231 48.40 -113.25 72.30
CA ASN V 231 49.81 -113.10 71.97
C ASN V 231 50.05 -113.27 70.48
N GLU V 232 49.16 -113.96 69.76
CA GLU V 232 49.45 -114.31 68.37
C GLU V 232 49.27 -113.12 67.45
N MET V 233 48.15 -112.39 67.59
CA MET V 233 47.91 -111.18 66.82
C MET V 233 48.89 -110.07 67.14
N ARG V 234 49.45 -110.09 68.36
CA ARG V 234 50.50 -109.17 68.75
C ARG V 234 51.73 -109.30 67.86
N GLU V 235 52.06 -110.52 67.47
CA GLU V 235 53.21 -110.77 66.59
C GLU V 235 52.79 -111.10 65.17
N LEU V 236 51.51 -110.98 64.84
CA LEU V 236 51.06 -111.00 63.45
C LEU V 236 50.59 -109.64 62.96
N GLY V 237 50.02 -108.83 63.85
CA GLY V 237 49.61 -107.48 63.52
C GLY V 237 48.18 -107.34 63.06
N THR V 238 47.40 -108.42 63.03
CA THR V 238 46.04 -108.35 62.51
C THR V 238 45.13 -107.64 63.50
N SER V 239 43.98 -107.20 63.02
CA SER V 239 43.10 -106.30 63.77
C SER V 239 41.82 -106.99 64.22
N ASN V 240 41.77 -108.31 64.12
CA ASN V 240 40.50 -109.01 64.24
C ASN V 240 40.60 -110.11 65.29
N LEU V 241 39.65 -110.10 66.22
CA LEU V 241 39.51 -111.15 67.22
C LEU V 241 38.14 -111.77 67.06
N ASN V 242 38.11 -113.02 66.59
CA ASN V 242 36.83 -113.71 66.39
C ASN V 242 36.42 -114.31 67.72
N LEU V 243 35.66 -113.55 68.48
CA LEU V 243 35.20 -113.97 69.80
C LEU V 243 34.08 -115.00 69.64
N ASP V 244 34.21 -116.13 70.33
CA ASP V 244 33.12 -117.09 70.34
C ASP V 244 31.89 -116.52 71.01
N ALA V 245 32.07 -115.68 72.04
CA ALA V 245 31.01 -114.95 72.74
C ALA V 245 29.93 -115.86 73.29
N ARG V 246 30.33 -117.07 73.66
CA ARG V 246 29.44 -118.01 74.31
C ARG V 246 30.09 -118.40 75.62
N ASN V 247 30.83 -117.46 76.20
CA ASN V 247 31.55 -117.69 77.43
C ASN V 247 30.96 -116.95 78.61
N LEU V 248 30.27 -115.84 78.39
CA LEU V 248 29.70 -115.07 79.48
C LEU V 248 28.57 -115.81 80.17
N LEU V 249 27.88 -116.71 79.47
CA LEU V 249 26.97 -117.64 80.12
C LEU V 249 27.68 -118.82 80.75
N ALA V 250 28.92 -119.10 80.34
CA ALA V 250 29.71 -120.17 80.94
C ALA V 250 30.66 -119.61 81.99
N TYR V 251 30.49 -118.34 82.34
CA TYR V 251 31.25 -117.71 83.41
C TYR V 251 30.26 -117.18 84.44
N LYS V 252 30.67 -117.26 85.71
CA LYS V 252 29.80 -116.92 86.82
C LYS V 252 29.42 -115.45 86.86
N GLN V 253 30.31 -114.57 86.41
CA GLN V 253 30.00 -113.17 86.29
C GLN V 253 29.61 -112.89 84.85
N THR V 254 29.53 -111.59 84.52
CA THR V 254 29.30 -111.07 83.18
C THR V 254 27.98 -111.58 82.59
N GLU V 255 26.98 -111.74 83.46
CA GLU V 255 25.65 -112.01 82.95
C GLU V 255 24.99 -110.73 82.46
N ASP V 256 25.12 -109.65 83.24
CA ASP V 256 24.49 -108.40 82.86
C ASP V 256 25.17 -107.79 81.65
N LEU V 257 26.48 -107.99 81.52
CA LEU V 257 27.17 -107.73 80.27
C LEU V 257 26.60 -108.55 79.13
N TYR V 258 26.36 -109.83 79.38
CA TYR V 258 25.92 -110.74 78.34
C TYR V 258 24.55 -110.38 77.82
N HIS V 259 23.65 -109.97 78.70
CA HIS V 259 22.33 -109.64 78.23
C HIS V 259 22.24 -108.20 77.78
N GLN V 260 23.21 -107.36 78.14
CA GLN V 260 23.27 -106.04 77.52
C GLN V 260 23.82 -106.12 76.10
N LEU V 261 24.70 -107.09 75.84
CA LEU V 261 25.23 -107.35 74.51
C LEU V 261 24.14 -107.70 73.51
N LEU V 262 23.14 -108.45 73.92
CA LEU V 262 22.01 -108.75 73.07
C LEU V 262 20.95 -107.65 73.16
N ASN V 263 21.28 -106.49 73.70
CA ASN V 263 20.27 -105.46 73.84
C ASN V 263 20.74 -104.05 73.48
N TYR V 264 22.02 -103.77 73.38
CA TYR V 264 22.49 -102.46 72.92
C TYR V 264 23.71 -102.61 72.03
N PRO V 265 23.60 -103.35 70.94
CA PRO V 265 24.81 -103.83 70.28
C PRO V 265 25.43 -102.82 69.32
N GLN V 266 25.56 -101.58 69.76
CA GLN V 266 26.36 -100.63 69.01
C GLN V 266 27.31 -99.95 69.96
N GLU V 267 26.85 -99.74 71.19
CA GLU V 267 27.66 -99.11 72.21
C GLU V 267 28.62 -100.11 72.83
N VAL V 268 28.15 -101.34 73.04
CA VAL V 268 28.94 -102.30 73.78
C VAL V 268 30.11 -102.85 72.98
N ILE V 269 30.02 -102.85 71.65
CA ILE V 269 31.21 -103.14 70.87
C ILE V 269 32.16 -101.97 70.92
N SER V 270 31.63 -100.75 70.98
CA SER V 270 32.45 -99.56 71.05
C SER V 270 33.14 -99.43 72.39
N ILE V 271 32.55 -100.00 73.44
CA ILE V 271 33.27 -100.10 74.70
C ILE V 271 34.36 -101.16 74.58
N MET V 272 34.02 -102.30 73.97
CA MET V 272 34.95 -103.43 73.96
C MET V 272 36.12 -103.21 73.02
N ASP V 273 36.00 -102.28 72.07
CA ASP V 273 37.14 -101.97 71.23
C ASP V 273 38.16 -101.11 71.96
N GLN V 274 37.74 -100.41 73.01
CA GLN V 274 38.68 -99.68 73.84
C GLN V 274 39.46 -100.61 74.75
N THR V 275 38.85 -101.72 75.16
CA THR V 275 39.49 -102.63 76.10
C THR V 275 40.65 -103.37 75.46
N ILE V 276 40.42 -103.98 74.30
CA ILE V 276 41.39 -104.83 73.63
C ILE V 276 42.65 -104.05 73.26
N LYS V 277 42.51 -102.79 72.88
CA LYS V 277 43.68 -101.96 72.66
C LYS V 277 44.40 -101.65 73.96
N ASP V 278 43.64 -101.41 75.03
CA ASP V 278 44.26 -101.18 76.33
C ASP V 278 44.74 -102.48 76.97
N CYS V 279 44.03 -103.59 76.74
CA CYS V 279 44.52 -104.87 77.24
C CYS V 279 45.75 -105.32 76.46
N MET V 280 45.86 -104.89 75.20
CA MET V 280 47.12 -105.07 74.50
C MET V 280 48.23 -104.27 75.14
N VAL V 281 47.93 -103.07 75.64
CA VAL V 281 48.92 -102.30 76.37
C VAL V 281 49.27 -102.99 77.69
N SER V 282 48.31 -103.71 78.27
CA SER V 282 48.56 -104.47 79.49
C SER V 282 49.54 -105.62 79.29
N LEU V 283 49.72 -106.09 78.06
CA LEU V 283 50.84 -106.98 77.75
C LEU V 283 52.06 -106.23 77.22
N ILE V 284 51.85 -105.06 76.63
CA ILE V 284 52.94 -104.20 76.17
C ILE V 284 53.71 -103.60 77.34
N VAL V 285 53.05 -103.24 78.44
CA VAL V 285 53.75 -102.70 79.61
C VAL V 285 54.62 -103.72 80.31
N ASP V 286 54.49 -105.01 80.01
CA ASP V 286 55.37 -105.99 80.63
C ASP V 286 56.78 -105.94 80.03
N ASN V 287 56.90 -106.20 78.74
CA ASN V 287 58.18 -106.15 78.05
C ASN V 287 58.19 -104.95 77.11
N ASN V 288 59.18 -104.07 77.28
CA ASN V 288 59.27 -102.83 76.50
C ASN V 288 60.10 -103.00 75.25
N LEU V 289 60.16 -104.20 74.70
CA LEU V 289 60.97 -104.49 73.53
C LEU V 289 60.08 -105.03 72.42
N ASP V 290 58.79 -104.73 72.52
CA ASP V 290 57.74 -105.39 71.74
C ASP V 290 57.22 -104.42 70.68
N TYR V 291 57.88 -104.45 69.52
CA TYR V 291 57.48 -103.72 68.30
C TYR V 291 57.41 -102.22 68.55
N ASP V 292 58.39 -101.70 69.30
CA ASP V 292 58.74 -100.29 69.43
C ASP V 292 57.68 -99.44 70.13
N LEU V 293 56.59 -100.08 70.57
CA LEU V 293 55.62 -99.54 71.51
C LEU V 293 54.85 -98.35 70.95
N ASP V 294 54.86 -98.19 69.62
CA ASP V 294 54.06 -97.14 69.02
C ASP V 294 53.16 -97.63 67.89
N GLU V 295 53.68 -98.44 66.98
CA GLU V 295 52.97 -98.72 65.73
C GLU V 295 51.88 -99.76 65.88
N ILE V 296 52.04 -100.74 66.77
CA ILE V 296 50.96 -101.62 67.16
C ILE V 296 50.09 -101.00 68.25
N GLU V 297 50.20 -99.69 68.46
CA GLU V 297 49.35 -98.94 69.36
C GLU V 297 48.69 -97.75 68.67
N THR V 298 48.77 -97.70 67.36
CA THR V 298 48.06 -96.69 66.59
C THR V 298 46.97 -97.27 65.70
N LYS V 299 47.23 -98.35 64.99
CA LYS V 299 46.19 -99.01 64.21
C LYS V 299 45.24 -99.71 65.16
N PHE V 300 43.95 -99.40 65.02
CA PHE V 300 42.94 -99.93 65.90
C PHE V 300 42.68 -101.40 65.59
N TYR V 301 42.06 -102.08 66.53
CA TYR V 301 41.64 -103.45 66.34
C TYR V 301 40.14 -103.50 66.39
N LYS V 302 39.59 -104.70 66.23
CA LYS V 302 38.16 -104.88 66.38
C LYS V 302 37.87 -106.33 66.75
N VAL V 303 36.65 -106.54 67.23
CA VAL V 303 36.24 -107.81 67.76
C VAL V 303 35.14 -108.38 66.88
N ARG V 304 34.85 -109.67 67.05
CA ARG V 304 33.84 -110.35 66.25
C ARG V 304 33.13 -111.39 67.09
N PRO V 305 32.04 -111.00 67.74
CA PRO V 305 31.18 -112.00 68.38
C PRO V 305 30.34 -112.73 67.35
N TYR V 306 30.24 -114.04 67.52
CA TYR V 306 29.51 -114.84 66.56
C TYR V 306 28.88 -116.03 67.26
N ASN V 307 28.10 -116.81 66.49
CA ASN V 307 27.36 -118.01 66.90
C ASN V 307 26.50 -117.79 68.16
N VAL V 308 26.05 -116.55 68.36
CA VAL V 308 25.43 -116.15 69.62
C VAL V 308 23.95 -116.55 69.56
N GLY V 309 23.56 -117.44 70.47
CA GLY V 309 22.20 -117.93 70.49
C GLY V 309 21.90 -118.79 69.27
N SER V 310 20.64 -118.74 68.84
CA SER V 310 20.25 -119.36 67.59
C SER V 310 18.97 -118.71 67.09
N CYS V 311 18.79 -118.76 65.77
CA CYS V 311 17.53 -118.41 65.16
C CYS V 311 17.08 -119.60 64.32
N LYS V 312 16.03 -119.42 63.52
CA LYS V 312 15.52 -120.55 62.74
C LYS V 312 15.26 -120.23 61.27
N GLY V 313 15.19 -118.97 60.86
CA GLY V 313 14.84 -118.67 59.48
C GLY V 313 14.55 -117.21 59.26
N MET V 314 13.41 -116.93 58.65
CA MET V 314 12.98 -115.56 58.43
C MET V 314 11.54 -115.30 58.84
N ARG V 315 10.71 -116.34 58.97
CA ARG V 315 9.29 -116.17 59.33
C ARG V 315 9.12 -116.11 60.85
N GLU V 316 9.97 -115.32 61.48
CA GLU V 316 9.92 -115.10 62.92
C GLU V 316 10.36 -113.68 63.24
N LEU V 317 10.67 -112.91 62.19
CA LEU V 317 11.26 -111.59 62.39
C LEU V 317 10.17 -110.60 62.72
N ASN V 318 9.87 -110.47 63.94
CA ASN V 318 8.85 -109.62 64.53
C ASN V 318 9.34 -108.19 64.61
N PRO V 319 8.43 -107.20 64.61
CA PRO V 319 8.87 -105.80 64.57
C PRO V 319 9.60 -105.32 65.82
N ASN V 320 9.44 -105.99 66.96
CA ASN V 320 10.09 -105.55 68.19
C ASN V 320 11.59 -105.79 68.18
N ASP V 321 12.08 -106.62 67.26
CA ASP V 321 13.50 -106.95 67.18
C ASP V 321 14.21 -105.79 66.49
N ILE V 322 14.45 -104.74 67.27
CA ILE V 322 14.96 -103.52 66.66
C ILE V 322 16.47 -103.46 66.70
N ASP V 323 17.09 -103.71 67.86
CA ASP V 323 18.54 -103.73 67.95
C ASP V 323 18.96 -105.01 68.65
N LYS V 324 19.02 -106.09 67.88
CA LYS V 324 19.34 -107.39 68.43
C LYS V 324 20.34 -108.07 67.51
N LEU V 325 20.90 -109.16 67.99
CA LEU V 325 21.74 -110.00 67.15
C LEU V 325 20.85 -111.04 66.49
N ILE V 326 21.09 -111.33 65.23
CA ILE V 326 20.31 -112.30 64.48
C ILE V 326 21.29 -113.26 63.85
N ASN V 327 20.94 -114.54 63.84
CA ASN V 327 21.82 -115.58 63.31
C ASN V 327 21.13 -116.23 62.12
N LEU V 328 21.39 -115.73 60.92
CA LEU V 328 20.67 -116.18 59.75
C LEU V 328 21.29 -117.43 59.18
N LYS V 329 20.50 -118.16 58.40
CA LYS V 329 20.97 -119.31 57.64
C LYS V 329 20.34 -119.21 56.26
N GLY V 330 21.13 -118.85 55.26
CA GLY V 330 20.56 -118.65 53.94
C GLY V 330 21.54 -118.76 52.79
N LEU V 331 21.24 -118.03 51.72
CA LEU V 331 21.97 -118.12 50.46
C LEU V 331 22.21 -116.73 49.88
N VAL V 332 23.45 -116.45 49.57
CA VAL V 332 23.85 -115.26 48.86
C VAL V 332 23.55 -115.44 47.38
N LEU V 333 23.10 -114.38 46.72
CA LEU V 333 22.73 -114.55 45.33
C LEU V 333 23.59 -113.73 44.38
N ARG V 334 23.67 -112.41 44.56
CA ARG V 334 24.42 -111.57 43.64
C ARG V 334 24.99 -110.38 44.39
N SER V 335 25.95 -109.70 43.77
CA SER V 335 26.71 -108.69 44.46
C SER V 335 26.69 -107.40 43.65
N THR V 336 27.45 -106.42 44.09
CA THR V 336 27.70 -105.16 43.41
C THR V 336 29.09 -104.69 43.78
N PRO V 337 29.71 -103.87 42.94
CA PRO V 337 30.96 -103.25 43.35
C PRO V 337 30.76 -102.20 44.43
N VAL V 338 31.87 -101.78 45.02
CA VAL V 338 31.87 -100.94 46.20
C VAL V 338 31.54 -99.51 45.83
N ILE V 339 30.60 -98.91 46.52
CA ILE V 339 30.37 -97.48 46.41
C ILE V 339 30.99 -96.86 47.65
N PRO V 340 31.36 -95.58 47.67
CA PRO V 340 32.10 -95.07 48.82
C PRO V 340 31.21 -94.45 49.89
N ASP V 341 31.80 -94.20 51.04
CA ASP V 341 31.12 -93.66 52.20
C ASP V 341 31.62 -92.26 52.53
N MET V 342 30.86 -91.53 53.34
CA MET V 342 31.25 -90.17 53.72
C MET V 342 31.74 -90.18 55.15
N LYS V 343 33.05 -90.38 55.32
CA LYS V 343 33.65 -90.37 56.63
C LYS V 343 34.38 -89.07 56.97
N VAL V 344 34.78 -88.28 55.97
CA VAL V 344 35.42 -87.00 56.21
C VAL V 344 35.12 -86.13 55.00
N ALA V 345 34.98 -84.84 55.24
CA ALA V 345 34.70 -83.90 54.16
C ALA V 345 35.87 -82.95 53.96
N PHE V 346 35.73 -82.08 52.97
CA PHE V 346 36.75 -81.09 52.67
C PHE V 346 36.06 -79.83 52.19
N PHE V 347 36.66 -78.69 52.43
CA PHE V 347 36.09 -77.44 51.98
C PHE V 347 37.18 -76.48 51.55
N LYS V 348 36.82 -75.59 50.63
CA LYS V 348 37.66 -74.46 50.24
C LYS V 348 36.78 -73.44 49.54
N CYS V 349 36.78 -72.21 50.03
CA CYS V 349 36.11 -71.14 49.32
C CYS V 349 37.11 -70.47 48.40
N ASN V 350 36.75 -69.32 47.85
CA ASN V 350 37.67 -68.59 46.97
C ASN V 350 38.41 -67.52 47.77
N VAL V 351 39.19 -68.00 48.73
CA VAL V 351 40.33 -67.25 49.25
C VAL V 351 41.54 -67.87 48.56
N CYS V 352 42.74 -67.40 48.90
CA CYS V 352 43.95 -67.97 48.34
C CYS V 352 44.17 -69.42 48.76
N ASP V 353 43.86 -69.78 50.00
CA ASP V 353 44.25 -71.09 50.52
C ASP V 353 43.40 -71.39 51.75
N HIS V 354 42.60 -72.44 51.67
CA HIS V 354 41.83 -72.87 52.83
C HIS V 354 41.56 -74.36 52.75
N THR V 355 42.21 -75.12 53.61
CA THR V 355 42.13 -76.57 53.55
C THR V 355 41.51 -77.14 54.81
N MET V 356 40.37 -76.62 55.24
CA MET V 356 39.72 -77.23 56.39
C MET V 356 39.10 -78.56 56.01
N ALA V 357 38.87 -79.38 57.03
CA ALA V 357 38.34 -80.73 56.82
C ALA V 357 37.31 -80.98 57.90
N VAL V 358 36.04 -80.76 57.57
CA VAL V 358 34.96 -80.90 58.54
C VAL V 358 34.54 -82.36 58.62
N GLU V 359 34.31 -82.82 59.83
CA GLU V 359 33.83 -84.16 60.09
C GLU V 359 32.32 -84.18 59.91
N ILE V 360 31.76 -85.38 59.81
CA ILE V 360 30.30 -85.45 59.70
C ILE V 360 29.74 -86.29 60.82
N ASP V 361 30.04 -87.60 60.78
CA ASP V 361 29.62 -88.61 61.77
C ASP V 361 28.11 -88.56 62.04
N ARG V 362 27.33 -88.25 61.00
CA ARG V 362 25.90 -88.09 61.17
C ARG V 362 25.19 -88.41 59.86
N GLY V 363 23.98 -87.89 59.73
CA GLY V 363 23.33 -87.84 58.43
C GLY V 363 23.32 -86.43 57.90
N VAL V 364 24.06 -85.55 58.56
CA VAL V 364 23.99 -84.10 58.33
C VAL V 364 25.38 -83.54 58.17
N ILE V 365 25.71 -83.07 56.97
CA ILE V 365 26.92 -82.29 56.75
C ILE V 365 26.62 -80.86 57.18
N GLN V 366 27.45 -80.29 58.04
CA GLN V 366 27.28 -78.91 58.47
C GLN V 366 28.30 -78.01 57.80
N GLU V 367 27.86 -76.82 57.42
CA GLU V 367 28.58 -75.88 56.59
C GLU V 367 28.73 -74.53 57.30
N PRO V 368 29.75 -73.75 56.96
CA PRO V 368 29.80 -72.37 57.45
C PRO V 368 29.16 -71.43 56.43
N ALA V 369 28.90 -70.20 56.91
CA ALA V 369 28.36 -69.16 56.06
C ALA V 369 29.16 -67.87 56.20
N ARG V 370 30.36 -67.96 56.76
CA ARG V 370 31.25 -66.82 56.93
C ARG V 370 32.60 -67.22 56.38
N CYS V 371 33.39 -66.23 55.97
CA CYS V 371 34.70 -66.55 55.46
C CYS V 371 35.67 -66.90 56.58
N GLU V 372 36.92 -67.08 56.17
CA GLU V 372 37.96 -67.64 57.01
C GLU V 372 39.29 -67.15 56.47
N ARG V 373 40.37 -67.46 57.21
CA ARG V 373 41.76 -67.26 56.77
C ARG V 373 42.10 -65.78 56.55
N ILE V 374 41.23 -64.90 57.03
CA ILE V 374 41.40 -63.46 56.96
C ILE V 374 40.56 -62.91 58.11
N ASP V 375 40.72 -61.64 58.40
CA ASP V 375 39.87 -60.99 59.39
C ASP V 375 38.69 -60.26 58.77
N CYS V 376 38.72 -59.94 57.49
CA CYS V 376 37.63 -59.20 56.86
C CYS V 376 37.40 -59.76 55.46
N ASN V 377 36.54 -60.76 55.37
CA ASN V 377 36.04 -61.26 54.11
C ASN V 377 34.62 -61.78 54.33
N GLU V 378 33.77 -61.55 53.36
CA GLU V 378 32.33 -61.61 53.49
C GLU V 378 31.83 -63.04 53.50
N PRO V 379 30.52 -63.23 53.51
CA PRO V 379 29.98 -64.58 53.29
C PRO V 379 30.25 -65.01 51.86
N ASN V 380 31.25 -65.86 51.68
CA ASN V 380 31.74 -66.18 50.36
C ASN V 380 31.18 -67.51 49.88
N SER V 381 31.40 -67.77 48.59
CA SER V 381 30.98 -69.03 48.01
C SER V 381 31.93 -70.14 48.43
N MET V 382 31.43 -71.03 49.27
CA MET V 382 32.18 -72.19 49.70
C MET V 382 31.95 -73.31 48.70
N SER V 383 33.04 -73.83 48.13
CA SER V 383 32.95 -74.90 47.16
C SER V 383 33.25 -76.24 47.83
N LEU V 384 32.91 -77.32 47.16
CA LEU V 384 32.96 -78.67 47.71
C LEU V 384 33.94 -79.47 46.87
N ILE V 385 35.21 -79.42 47.22
CA ILE V 385 36.22 -80.15 46.48
C ILE V 385 36.11 -81.59 46.94
N HIS V 386 35.29 -82.36 46.24
CA HIS V 386 34.91 -83.69 46.66
C HIS V 386 36.04 -84.71 46.59
N ASN V 387 36.85 -84.68 45.55
CA ASN V 387 37.82 -85.75 45.36
C ASN V 387 39.13 -85.50 46.08
N ARG V 388 39.04 -85.10 47.34
CA ARG V 388 40.26 -84.89 48.11
C ARG V 388 40.16 -85.60 49.45
N CYS V 389 38.97 -85.61 50.03
CA CYS V 389 38.79 -86.24 51.33
C CYS V 389 38.59 -87.73 51.15
N SER V 390 39.16 -88.52 52.06
CA SER V 390 39.24 -89.96 51.85
C SER V 390 37.92 -90.63 52.20
N PHE V 391 37.67 -91.75 51.53
CA PHE V 391 36.50 -92.59 51.77
C PHE V 391 36.94 -94.04 51.92
N ALA V 392 36.18 -94.79 52.72
CA ALA V 392 36.40 -96.22 52.88
C ALA V 392 35.49 -96.99 51.94
N ASP V 393 35.34 -98.29 52.18
CA ASP V 393 34.52 -99.14 51.34
C ASP V 393 33.15 -99.32 51.96
N LYS V 394 32.25 -99.92 51.18
CA LYS V 394 30.94 -100.38 51.61
C LYS V 394 30.38 -101.24 50.50
N GLN V 395 29.63 -102.27 50.85
CA GLN V 395 29.08 -103.14 49.81
C GLN V 395 27.74 -103.70 50.27
N VAL V 396 26.77 -103.69 49.36
CA VAL V 396 25.46 -104.26 49.61
C VAL V 396 25.35 -105.57 48.84
N ILE V 397 24.84 -106.59 49.52
CA ILE V 397 24.78 -107.95 49.00
C ILE V 397 23.37 -108.47 49.23
N LYS V 398 22.76 -109.02 48.18
CA LYS V 398 21.40 -109.53 48.27
C LYS V 398 21.41 -110.99 48.72
N LEU V 399 20.52 -111.33 49.64
CA LEU V 399 20.37 -112.68 50.16
C LEU V 399 18.95 -113.17 49.93
N GLN V 400 18.82 -114.49 49.79
CA GLN V 400 17.54 -115.18 49.87
C GLN V 400 17.75 -116.39 50.75
N GLU V 401 16.83 -116.63 51.68
CA GLU V 401 16.96 -117.75 52.61
C GLU V 401 16.94 -119.09 51.86
N THR V 402 17.71 -120.02 52.39
CA THR V 402 17.66 -121.39 51.88
C THR V 402 16.32 -121.99 52.27
N PRO V 403 15.59 -122.59 51.31
CA PRO V 403 14.26 -123.10 51.63
C PRO V 403 14.27 -124.30 52.57
N ASP V 404 14.49 -124.05 53.85
CA ASP V 404 14.66 -125.14 54.80
C ASP V 404 13.36 -125.47 55.51
N PHE V 405 12.95 -126.74 55.36
CA PHE V 405 11.63 -127.32 55.71
C PHE V 405 10.48 -126.36 55.43
N VAL V 406 10.50 -125.78 54.24
CA VAL V 406 9.39 -124.93 53.83
C VAL V 406 8.19 -125.81 53.52
N PRO V 407 6.96 -125.42 53.87
CA PRO V 407 5.83 -126.35 53.78
C PRO V 407 5.21 -126.41 52.40
N ASP V 408 6.06 -126.56 51.38
CA ASP V 408 5.73 -126.82 49.96
C ASP V 408 4.71 -125.84 49.35
N GLY V 409 4.57 -124.68 49.97
CA GLY V 409 3.73 -123.65 49.38
C GLY V 409 4.38 -122.28 49.36
N GLN V 410 5.36 -122.06 50.21
CA GLN V 410 5.88 -120.73 50.40
C GLN V 410 7.15 -120.50 49.58
N THR V 411 7.23 -119.32 48.98
CA THR V 411 8.38 -118.92 48.18
C THR V 411 9.45 -118.33 49.07
N PRO V 412 10.71 -118.72 48.92
CA PRO V 412 11.78 -118.12 49.73
C PRO V 412 12.03 -116.67 49.31
N HIS V 413 11.85 -115.75 50.27
CA HIS V 413 11.96 -114.32 49.99
C HIS V 413 13.36 -113.78 50.26
N SER V 414 13.46 -112.46 50.30
CA SER V 414 14.76 -111.82 50.18
C SER V 414 15.03 -110.91 51.37
N ILE V 415 16.33 -110.62 51.54
CA ILE V 415 16.81 -109.61 52.48
C ILE V 415 18.20 -109.23 52.01
N SER V 416 18.68 -108.08 52.46
CA SER V 416 19.93 -107.54 51.95
C SER V 416 20.97 -107.48 53.05
N LEU V 417 22.21 -107.22 52.64
CA LEU V 417 23.34 -107.13 53.54
C LEU V 417 24.06 -105.80 53.35
N CYS V 418 24.83 -105.41 54.37
CA CYS V 418 25.72 -104.25 54.29
C CYS V 418 26.97 -104.55 55.08
N VAL V 419 28.12 -104.49 54.44
CA VAL V 419 29.38 -104.76 55.12
C VAL V 419 30.16 -103.45 55.18
N TYR V 420 31.07 -103.33 56.15
CA TYR V 420 31.88 -102.13 56.22
C TYR V 420 33.37 -102.42 56.12
N ASP V 421 33.84 -103.41 56.87
CA ASP V 421 35.27 -103.68 56.94
C ASP V 421 35.74 -104.49 55.75
N GLU V 422 36.91 -105.12 55.92
CA GLU V 422 37.54 -105.94 54.91
C GLU V 422 37.00 -107.36 54.91
N LEU V 423 35.69 -107.51 55.00
CA LEU V 423 35.03 -108.76 54.70
C LEU V 423 34.48 -108.73 53.30
N VAL V 424 34.81 -107.70 52.53
CA VAL V 424 34.53 -107.62 51.11
C VAL V 424 35.38 -108.65 50.39
N ASP V 425 35.00 -108.97 49.15
CA ASP V 425 35.60 -109.95 48.24
C ASP V 425 35.92 -111.31 48.85
N SER V 426 35.19 -111.70 49.89
CA SER V 426 35.38 -112.99 50.51
C SER V 426 34.01 -113.65 50.60
N CYS V 427 32.98 -112.81 50.51
CA CYS V 427 31.62 -113.29 50.42
C CYS V 427 31.20 -113.30 48.95
N ARG V 428 31.80 -114.22 48.21
CA ARG V 428 31.41 -114.35 46.82
C ARG V 428 30.03 -114.99 46.72
N ALA V 429 29.31 -114.64 45.66
CA ALA V 429 27.91 -115.01 45.52
C ALA V 429 27.82 -116.45 45.01
N GLY V 430 27.05 -117.27 45.71
CA GLY V 430 26.81 -118.63 45.28
C GLY V 430 27.12 -119.71 46.29
N ASP V 431 27.27 -119.37 47.56
CA ASP V 431 27.63 -120.36 48.55
C ASP V 431 26.65 -120.27 49.72
N ARG V 432 26.59 -121.35 50.47
CA ARG V 432 25.81 -121.38 51.70
C ARG V 432 26.39 -120.41 52.71
N ILE V 433 25.52 -119.82 53.53
CA ILE V 433 25.95 -118.75 54.42
C ILE V 433 25.27 -118.90 55.77
N GLU V 434 25.97 -118.41 56.80
CA GLU V 434 25.50 -118.28 58.16
C GLU V 434 26.08 -116.96 58.67
N VAL V 435 25.23 -115.96 58.75
CA VAL V 435 25.71 -114.63 59.10
C VAL V 435 25.37 -114.34 60.55
N THR V 436 26.15 -113.44 61.14
CA THR V 436 26.04 -113.02 62.55
C THR V 436 25.90 -111.51 62.54
N GLY V 437 24.68 -111.00 62.60
CA GLY V 437 24.53 -109.57 62.41
C GLY V 437 23.54 -108.89 63.32
N THR V 438 23.61 -107.56 63.34
CA THR V 438 22.68 -106.74 64.08
C THR V 438 21.51 -106.36 63.18
N PHE V 439 20.70 -105.42 63.64
CA PHE V 439 19.47 -105.06 62.98
C PHE V 439 19.40 -103.55 62.84
N ARG V 440 18.78 -103.09 61.76
CA ARG V 440 18.65 -101.67 61.50
C ARG V 440 17.57 -101.46 60.44
N SER V 441 16.89 -100.32 60.53
CA SER V 441 15.88 -99.94 59.57
C SER V 441 16.08 -98.49 59.17
N ILE V 442 15.73 -98.16 57.93
CA ILE V 442 15.99 -96.83 57.41
C ILE V 442 14.72 -96.26 56.76
N PRO V 443 14.59 -94.94 56.64
CA PRO V 443 13.48 -94.38 55.89
C PRO V 443 13.78 -94.25 54.40
N ILE V 444 12.73 -94.12 53.61
CA ILE V 444 12.84 -93.92 52.17
C ILE V 444 12.11 -92.66 51.75
N ARG V 445 12.63 -92.03 50.71
CA ARG V 445 11.98 -90.88 50.08
C ARG V 445 10.91 -91.38 49.15
N ALA V 446 9.67 -90.95 49.39
CA ALA V 446 8.56 -91.44 48.58
C ALA V 446 8.59 -90.86 47.18
N ASN V 447 8.51 -89.54 47.05
CA ASN V 447 8.78 -88.89 45.78
C ASN V 447 10.29 -88.81 45.60
N SER V 448 10.73 -89.03 44.37
CA SER V 448 12.15 -89.06 44.06
C SER V 448 12.81 -87.70 44.17
N ARG V 449 12.03 -86.62 44.14
CA ARG V 449 12.59 -85.29 44.18
C ARG V 449 12.08 -84.45 45.34
N GLN V 450 11.39 -85.05 46.31
CA GLN V 450 11.04 -84.37 47.55
C GLN V 450 11.72 -85.08 48.71
N ARG V 451 11.71 -84.43 49.86
CA ARG V 451 12.19 -85.07 51.09
C ARG V 451 11.06 -85.73 51.86
N VAL V 452 9.84 -85.74 51.30
CA VAL V 452 8.73 -86.44 51.94
C VAL V 452 8.95 -87.95 51.90
N LEU V 453 8.31 -88.65 52.82
CA LEU V 453 8.61 -90.06 53.03
C LEU V 453 7.41 -90.97 52.79
N SER V 455 5.20 -95.03 53.79
CA SER V 455 6.15 -95.04 54.90
C SER V 455 6.29 -96.45 55.44
N LEU V 456 5.97 -97.42 54.60
CA LEU V 456 6.39 -98.79 54.84
C LEU V 456 7.91 -98.79 54.73
N TYR V 457 8.59 -98.88 55.87
CA TYR V 457 10.05 -98.81 55.90
C TYR V 457 10.70 -100.01 55.23
N LYS V 458 11.98 -99.87 54.93
CA LYS V 458 12.81 -100.98 54.51
C LYS V 458 13.84 -101.21 55.59
N THR V 459 14.05 -102.47 55.95
CA THR V 459 15.11 -102.83 56.86
C THR V 459 16.23 -103.55 56.13
N TYR V 460 17.28 -103.81 56.88
CA TYR V 460 18.37 -104.66 56.43
C TYR V 460 19.07 -105.18 57.68
N VAL V 461 20.23 -105.77 57.50
CA VAL V 461 21.08 -106.18 58.61
C VAL V 461 22.47 -105.64 58.36
N ASP V 462 23.23 -105.49 59.43
CA ASP V 462 24.62 -105.04 59.36
C ASP V 462 25.49 -106.15 59.94
N VAL V 463 26.34 -106.72 59.09
CA VAL V 463 27.14 -107.87 59.51
C VAL V 463 28.29 -107.40 60.38
N VAL V 464 28.54 -108.12 61.46
CA VAL V 464 29.76 -107.99 62.22
C VAL V 464 30.75 -109.10 61.89
N HIS V 465 30.24 -110.30 61.59
CA HIS V 465 31.08 -111.45 61.26
C HIS V 465 30.25 -112.41 60.43
N VAL V 466 30.83 -112.96 59.39
CA VAL V 466 30.12 -113.88 58.53
C VAL V 466 30.75 -115.25 58.69
N LYS V 467 30.05 -116.29 58.24
CA LYS V 467 30.60 -117.62 58.15
C LYS V 467 29.89 -118.39 57.05
N LYS V 468 30.67 -119.16 56.28
CA LYS V 468 30.11 -119.95 55.19
C LYS V 468 29.25 -121.08 55.72
N VAL V 469 29.87 -121.96 56.51
CA VAL V 469 29.17 -123.10 57.09
C VAL V 469 29.17 -124.28 56.13
N SER V 470 28.81 -124.02 54.88
CA SER V 470 28.77 -125.07 53.86
C SER V 470 28.07 -126.32 54.39
N VAL V 498 49.15 -122.46 45.25
CA VAL V 498 50.24 -122.64 46.19
C VAL V 498 49.71 -123.08 47.55
N ARG V 499 49.67 -124.40 47.75
CA ARG V 499 49.37 -124.94 49.07
C ARG V 499 50.55 -124.69 49.99
N GLN V 500 50.27 -124.57 51.29
CA GLN V 500 51.32 -124.48 52.28
C GLN V 500 52.02 -125.84 52.35
N ILE V 501 53.08 -125.99 51.58
CA ILE V 501 53.78 -127.27 51.48
C ILE V 501 54.65 -127.42 52.72
N THR V 502 54.36 -128.45 53.52
CA THR V 502 55.12 -128.73 54.73
C THR V 502 56.29 -129.64 54.35
N ASP V 503 56.91 -130.27 55.32
CA ASP V 503 57.99 -131.21 55.04
C ASP V 503 57.67 -132.66 55.40
N GLN V 504 56.74 -132.90 56.33
CA GLN V 504 56.41 -134.27 56.69
C GLN V 504 55.63 -134.97 55.60
N ASP V 505 54.88 -134.23 54.79
CA ASP V 505 54.27 -134.76 53.59
C ASP V 505 55.30 -135.21 52.56
N LEU V 506 56.34 -134.39 52.33
CA LEU V 506 57.37 -134.73 51.36
C LEU V 506 58.17 -135.94 51.81
N ALA V 507 58.40 -136.08 53.11
CA ALA V 507 59.02 -137.29 53.63
C ALA V 507 58.07 -138.48 53.56
N LYS V 508 56.76 -138.24 53.71
CA LYS V 508 55.82 -139.34 53.63
C LYS V 508 55.62 -139.81 52.21
N ILE V 509 55.57 -138.88 51.25
CA ILE V 509 55.40 -139.29 49.87
C ILE V 509 56.66 -139.92 49.30
N ARG V 510 57.84 -139.58 49.84
CA ARG V 510 59.07 -140.11 49.26
C ARG V 510 59.28 -141.57 49.59
N GLU V 511 58.88 -142.00 50.79
CA GLU V 511 58.80 -143.42 51.06
C GLU V 511 57.75 -144.08 50.17
N VAL V 512 56.62 -143.40 49.96
CA VAL V 512 55.64 -143.88 49.00
C VAL V 512 56.24 -143.84 47.60
N ALA V 513 57.04 -142.81 47.30
CA ALA V 513 57.79 -142.80 46.05
C ALA V 513 58.93 -143.81 46.05
N ALA V 514 59.36 -144.25 47.23
CA ALA V 514 60.34 -145.34 47.29
C ALA V 514 59.70 -146.70 47.12
N ARG V 515 58.39 -146.82 47.29
CA ARG V 515 57.74 -148.12 47.20
C ARG V 515 57.58 -148.53 45.74
N GLU V 516 57.96 -149.78 45.45
CA GLU V 516 57.75 -150.40 44.16
C GLU V 516 56.28 -150.54 43.81
N ASP V 517 55.42 -150.64 44.82
CA ASP V 517 54.03 -151.03 44.67
C ASP V 517 53.13 -149.88 44.23
N LEU V 518 53.70 -148.67 44.06
CA LEU V 518 52.92 -147.47 43.73
C LEU V 518 52.20 -147.59 42.41
N TYR V 519 52.77 -148.36 41.47
CA TYR V 519 52.07 -148.84 40.30
C TYR V 519 50.73 -149.47 40.66
N SER V 520 50.73 -150.41 41.60
CA SER V 520 49.51 -151.09 42.01
C SER V 520 48.84 -150.48 43.22
N LEU V 521 49.60 -149.78 44.08
CA LEU V 521 48.99 -149.10 45.20
C LEU V 521 48.13 -147.94 44.74
N LEU V 522 48.54 -147.25 43.68
CA LEU V 522 47.65 -146.26 43.11
C LEU V 522 46.59 -146.91 42.23
N ALA V 523 46.84 -148.14 41.76
CA ALA V 523 45.81 -148.84 41.01
C ALA V 523 44.66 -149.28 41.91
N ARG V 524 44.97 -149.68 43.14
CA ARG V 524 43.91 -150.10 44.03
C ARG V 524 43.23 -148.93 44.73
N SER V 525 43.91 -147.79 44.87
CA SER V 525 43.38 -146.72 45.70
C SER V 525 42.36 -145.85 44.99
N ILE V 526 42.31 -145.88 43.67
CA ILE V 526 41.29 -145.12 42.95
C ILE V 526 39.94 -145.83 42.97
N ALA V 527 39.89 -147.08 43.41
CA ALA V 527 38.65 -147.87 43.37
C ALA V 527 38.33 -148.34 44.77
N PRO V 528 37.56 -147.58 45.51
CA PRO V 528 37.12 -148.03 46.84
C PRO V 528 35.93 -148.95 46.73
N SER V 529 35.21 -148.87 45.62
CA SER V 529 34.04 -149.70 45.38
C SER V 529 34.00 -150.30 43.99
N ILE V 530 34.77 -149.77 43.04
CA ILE V 530 34.61 -150.13 41.64
C ILE V 530 35.21 -151.52 41.42
N TYR V 531 34.60 -152.28 40.51
CA TYR V 531 35.16 -153.51 39.99
C TYR V 531 36.52 -153.32 39.31
N GLU V 532 37.21 -154.41 39.00
CA GLU V 532 38.67 -154.40 38.83
C GLU V 532 39.17 -153.56 37.67
N LEU V 533 39.01 -154.06 36.43
CA LEU V 533 39.22 -153.36 35.15
C LEU V 533 40.49 -152.51 35.14
N GLU V 534 41.64 -153.19 35.28
CA GLU V 534 42.92 -152.51 35.54
C GLU V 534 43.35 -151.60 34.39
N ASP V 535 42.92 -151.90 33.17
CA ASP V 535 43.43 -151.22 31.99
C ASP V 535 42.98 -149.78 31.92
N VAL V 536 41.72 -149.51 32.28
CA VAL V 536 41.23 -148.15 32.32
C VAL V 536 41.77 -147.38 33.49
N LYS V 537 42.30 -148.07 34.51
CA LYS V 537 42.88 -147.37 35.64
C LYS V 537 44.20 -146.74 35.27
N LYS V 538 44.87 -147.28 34.25
CA LYS V 538 46.12 -146.67 33.80
C LYS V 538 45.87 -145.34 33.12
N GLY V 539 44.89 -145.29 32.22
CA GLY V 539 44.65 -144.06 31.47
C GLY V 539 44.08 -142.94 32.31
N ILE V 540 43.17 -143.28 33.22
CA ILE V 540 42.52 -142.27 34.06
C ILE V 540 43.53 -141.64 34.99
N LEU V 541 44.38 -142.47 35.59
CA LEU V 541 45.44 -141.96 36.46
C LEU V 541 46.45 -141.13 35.68
N LEU V 542 46.89 -141.63 34.52
CA LEU V 542 47.89 -140.92 33.76
C LEU V 542 47.35 -139.65 33.12
N GLN V 543 46.04 -139.55 32.92
CA GLN V 543 45.49 -138.33 32.34
C GLN V 543 45.57 -137.19 33.33
N LEU V 544 45.24 -137.45 34.60
CA LEU V 544 45.40 -136.43 35.63
C LEU V 544 46.87 -136.13 35.87
N PHE V 545 47.72 -137.12 35.69
CA PHE V 545 49.16 -136.91 35.75
C PHE V 545 49.65 -136.50 34.37
N GLY V 546 49.23 -135.31 33.95
CA GLY V 546 49.19 -134.97 32.54
C GLY V 546 50.43 -134.34 31.91
N GLY V 547 51.62 -134.84 32.21
CA GLY V 547 52.83 -134.33 31.61
C GLY V 547 53.12 -132.89 32.00
N THR V 548 53.70 -132.11 31.09
CA THR V 548 53.84 -130.67 31.28
C THR V 548 53.81 -130.00 29.91
N ASN V 549 54.05 -128.71 29.88
CA ASN V 549 54.03 -127.94 28.64
C ASN V 549 55.46 -127.72 28.19
N LYS V 550 56.00 -128.72 27.48
CA LYS V 550 57.37 -128.69 26.99
C LYS V 550 57.40 -127.86 25.71
N THR V 551 57.41 -126.55 25.90
CA THR V 551 57.37 -125.60 24.79
C THR V 551 58.77 -125.04 24.55
N PHE V 552 59.18 -124.98 23.31
CA PHE V 552 60.47 -124.44 22.95
C PHE V 552 60.37 -122.93 22.85
N THR V 553 61.48 -122.25 22.58
CA THR V 553 61.44 -120.82 22.34
C THR V 553 61.04 -120.48 20.92
N LYS V 554 61.66 -121.09 19.93
CA LYS V 554 61.30 -120.91 18.53
C LYS V 554 60.91 -122.27 17.97
N GLY V 555 59.70 -122.37 17.45
CA GLY V 555 59.23 -123.61 16.85
C GLY V 555 58.66 -124.57 17.89
N GLY V 556 57.84 -125.49 17.38
CA GLY V 556 57.29 -126.53 18.21
C GLY V 556 55.94 -126.22 18.80
N ARG V 557 55.96 -125.71 20.03
CA ARG V 557 54.77 -125.44 20.87
C ARG V 557 53.96 -126.72 21.08
N TYR V 558 54.60 -127.69 21.72
CA TYR V 558 54.01 -129.00 21.98
C TYR V 558 53.66 -129.09 23.46
N ARG V 559 52.44 -129.52 23.72
CA ARG V 559 51.99 -129.78 25.07
C ARG V 559 51.76 -131.29 25.24
N GLY V 560 51.99 -131.76 26.46
CA GLY V 560 51.97 -133.19 26.70
C GLY V 560 50.61 -133.75 27.03
N ASP V 561 49.56 -133.01 26.68
CA ASP V 561 48.21 -133.38 27.01
C ASP V 561 47.73 -134.52 26.13
N ILE V 562 46.88 -135.36 26.69
CA ILE V 562 46.35 -136.53 26.01
C ILE V 562 44.84 -136.48 26.12
N ASN V 563 44.18 -137.48 25.51
CA ASN V 563 42.73 -137.50 25.46
C ASN V 563 42.25 -138.95 25.35
N ILE V 564 41.92 -139.54 26.48
CA ILE V 564 41.43 -140.90 26.49
C ILE V 564 39.91 -140.88 26.31
N LEU V 565 39.34 -142.03 25.96
CA LEU V 565 37.90 -142.12 25.85
C LEU V 565 37.47 -143.53 26.24
N LEU V 566 36.21 -143.64 26.62
CA LEU V 566 35.60 -144.94 26.82
C LEU V 566 34.29 -144.97 26.06
N CYS V 567 33.94 -146.15 25.56
CA CYS V 567 32.65 -146.38 24.94
C CYS V 567 32.35 -147.86 25.02
N GLY V 568 31.08 -148.20 24.85
CA GLY V 568 30.68 -149.59 24.87
C GLY V 568 29.43 -149.86 25.67
N ASP V 569 29.51 -150.82 26.59
CA ASP V 569 28.41 -151.31 27.40
C ASP V 569 27.87 -150.20 28.28
N PRO V 570 26.56 -149.99 28.26
CA PRO V 570 25.94 -149.01 29.15
C PRO V 570 25.99 -149.51 30.59
N SER V 571 25.84 -148.57 31.52
CA SER V 571 25.69 -148.84 32.95
C SER V 571 26.90 -149.57 33.53
N THR V 572 28.09 -149.02 33.32
CA THR V 572 29.25 -149.61 33.98
C THR V 572 29.85 -148.58 34.92
N SER V 573 28.98 -147.90 35.68
CA SER V 573 29.33 -146.75 36.53
C SER V 573 30.08 -145.69 35.74
N LYS V 574 29.59 -145.45 34.53
CA LYS V 574 30.17 -144.49 33.59
C LYS V 574 30.25 -143.09 34.18
N SER V 575 29.24 -142.70 34.95
CA SER V 575 29.23 -141.36 35.52
C SER V 575 29.95 -141.29 36.85
N GLN V 576 29.79 -142.31 37.70
CA GLN V 576 30.37 -142.25 39.03
C GLN V 576 31.89 -142.34 38.99
N ILE V 577 32.44 -143.05 38.01
CA ILE V 577 33.86 -143.00 37.75
C ILE V 577 34.27 -141.59 37.37
N LEU V 578 33.50 -140.96 36.50
CA LEU V 578 33.74 -139.57 36.15
C LEU V 578 33.47 -138.65 37.34
N GLN V 579 32.45 -138.98 38.14
CA GLN V 579 32.22 -138.24 39.37
C GLN V 579 33.37 -138.40 40.34
N TYR V 580 33.99 -139.57 40.35
CA TYR V 580 35.15 -139.80 41.19
C TYR V 580 36.33 -138.96 40.75
N VAL V 581 36.47 -138.75 39.44
CA VAL V 581 37.52 -137.88 38.93
C VAL V 581 37.24 -136.43 39.30
N HIS V 582 35.97 -136.02 39.26
CA HIS V 582 35.61 -134.69 39.69
C HIS V 582 35.82 -134.50 41.19
N LYS V 583 35.76 -135.60 41.95
CA LYS V 583 36.04 -135.51 43.37
C LYS V 583 37.50 -135.17 43.63
N ILE V 584 38.41 -135.82 42.91
CA ILE V 584 39.83 -135.65 43.19
C ILE V 584 40.44 -134.46 42.49
N THR V 585 39.68 -133.73 41.72
CA THR V 585 40.25 -132.53 41.13
C THR V 585 39.67 -131.30 41.81
N PRO V 586 40.51 -130.39 42.32
CA PRO V 586 39.96 -129.22 43.00
C PRO V 586 39.36 -128.19 42.06
N ARG V 587 39.88 -128.10 40.83
CA ARG V 587 39.43 -127.09 39.88
C ARG V 587 39.22 -127.77 38.54
N GLY V 588 37.95 -128.00 38.19
CA GLY V 588 37.58 -128.64 36.93
C GLY V 588 36.19 -128.19 36.56
N VAL V 589 35.62 -128.87 35.56
CA VAL V 589 34.29 -128.52 35.06
C VAL V 589 33.45 -129.78 34.92
N TYR V 590 32.14 -129.61 34.98
CA TYR V 590 31.17 -130.68 34.81
C TYR V 590 30.25 -130.36 33.64
N THR V 591 30.07 -131.32 32.74
CA THR V 591 29.24 -131.07 31.58
C THR V 591 27.77 -131.12 31.94
N SER V 592 26.91 -130.72 31.02
CA SER V 592 25.49 -130.66 31.27
C SER V 592 24.74 -131.49 30.25
N GLY V 593 23.50 -131.82 30.58
CA GLY V 593 22.60 -132.38 29.61
C GLY V 593 21.87 -131.28 28.87
N LYS V 594 22.42 -130.91 27.71
CA LYS V 594 21.88 -129.90 26.81
C LYS V 594 21.60 -128.57 27.52
N GLY V 595 22.56 -128.16 28.35
CA GLY V 595 22.51 -126.83 28.93
C GLY V 595 23.47 -125.92 28.21
N SER V 596 24.06 -126.44 27.14
CA SER V 596 24.99 -125.68 26.31
C SER V 596 24.81 -126.11 24.86
N SER V 597 25.29 -125.26 23.95
CA SER V 597 25.12 -125.46 22.52
C SER V 597 26.28 -124.85 21.76
N ALA V 598 26.06 -124.54 20.47
CA ALA V 598 27.07 -123.84 19.70
C ALA V 598 27.31 -122.41 20.17
N VAL V 599 26.27 -121.73 20.65
CA VAL V 599 26.40 -120.36 21.14
C VAL V 599 26.32 -120.27 22.66
N GLY V 600 25.81 -121.29 23.34
CA GLY V 600 25.66 -121.22 24.78
C GLY V 600 26.90 -121.59 25.55
N LEU V 601 28.03 -121.76 24.86
CA LEU V 601 29.29 -122.05 25.52
C LEU V 601 30.08 -120.79 25.81
N THR V 602 30.39 -120.01 24.79
CA THR V 602 31.06 -118.73 24.96
C THR V 602 30.37 -117.76 24.02
N ALA V 603 30.98 -116.59 23.80
CA ALA V 603 30.56 -115.58 22.82
C ALA V 603 29.17 -115.05 23.15
N TYR V 604 29.12 -114.29 24.24
CA TYR V 604 27.84 -113.93 24.82
C TYR V 604 27.48 -112.48 24.54
N ILE V 605 26.18 -112.27 24.35
CA ILE V 605 25.57 -110.96 24.14
C ILE V 605 24.45 -110.78 25.16
N THR V 606 24.51 -111.54 26.24
CA THR V 606 23.46 -111.55 27.25
C THR V 606 23.21 -110.22 27.93
N ARG V 607 21.92 -109.95 28.15
CA ARG V 607 21.45 -108.74 28.80
C ARG V 607 21.30 -108.96 30.30
N ASP V 608 22.30 -108.52 31.05
CA ASP V 608 22.29 -108.67 32.50
C ASP V 608 21.25 -107.76 33.11
N VAL V 609 20.80 -108.11 34.31
CA VAL V 609 19.66 -107.44 34.93
C VAL V 609 20.11 -106.24 35.74
N ASP V 610 21.40 -105.90 35.65
CA ASP V 610 21.95 -104.77 36.39
C ASP V 610 22.21 -103.56 35.52
N THR V 611 22.68 -103.74 34.29
CA THR V 611 22.94 -102.60 33.41
C THR V 611 22.51 -102.79 31.95
N LYS V 612 22.00 -103.96 31.58
CA LYS V 612 21.56 -104.29 30.21
C LYS V 612 22.66 -104.08 29.18
N GLN V 613 23.89 -104.44 29.54
CA GLN V 613 25.02 -104.22 28.65
C GLN V 613 25.70 -105.56 28.35
N LEU V 614 26.86 -105.46 27.71
CA LEU V 614 27.56 -106.63 27.22
C LEU V 614 28.34 -107.30 28.33
N VAL V 615 28.40 -108.62 28.29
CA VAL V 615 29.25 -109.41 29.17
C VAL V 615 29.75 -110.64 28.43
N LEU V 616 31.06 -110.79 28.36
CA LEU V 616 31.66 -111.97 27.74
C LEU V 616 32.03 -112.92 28.85
N GLU V 617 31.22 -113.95 29.04
CA GLU V 617 31.57 -114.98 30.00
C GLU V 617 32.27 -116.11 29.25
N SER V 618 33.27 -116.68 29.90
CA SER V 618 34.09 -117.68 29.25
C SER V 618 33.31 -118.98 29.08
N GLY V 619 33.86 -119.87 28.26
CA GLY V 619 33.31 -121.20 28.13
C GLY V 619 33.81 -122.09 29.24
N ALA V 620 33.13 -123.23 29.40
CA ALA V 620 33.55 -124.22 30.38
C ALA V 620 34.89 -124.83 30.00
N LEU V 621 35.22 -124.85 28.72
CA LEU V 621 36.50 -125.36 28.26
C LEU V 621 37.67 -124.52 28.71
N VAL V 622 37.61 -123.20 28.52
CA VAL V 622 38.67 -122.35 29.02
C VAL V 622 38.59 -122.27 30.55
N LEU V 623 37.41 -122.52 31.12
CA LEU V 623 37.24 -122.44 32.58
C LEU V 623 38.02 -123.52 33.31
N SER V 624 38.37 -124.61 32.64
CA SER V 624 39.12 -125.70 33.27
C SER V 624 40.60 -125.56 33.01
N ASP V 625 41.08 -124.32 33.00
CA ASP V 625 42.50 -124.04 32.88
C ASP V 625 43.20 -124.46 34.16
N GLY V 626 43.61 -125.72 34.22
CA GLY V 626 44.14 -126.24 35.46
C GLY V 626 43.34 -127.43 35.97
N GLY V 627 42.79 -128.20 35.03
CA GLY V 627 42.05 -129.40 35.38
C GLY V 627 41.81 -130.34 34.22
N VAL V 628 40.76 -131.15 34.31
CA VAL V 628 40.36 -132.05 33.25
C VAL V 628 38.90 -131.77 32.94
N CYS V 629 38.60 -131.46 31.69
CA CYS V 629 37.22 -131.26 31.26
C CYS V 629 36.52 -132.61 31.17
N CYS V 630 35.46 -132.79 31.95
CA CYS V 630 34.66 -134.00 31.82
C CYS V 630 33.44 -133.69 30.98
N ILE V 631 33.25 -134.49 29.92
CA ILE V 631 32.23 -134.22 28.91
C ILE V 631 31.67 -135.54 28.42
N ASP V 632 30.37 -135.52 28.09
CA ASP V 632 29.61 -136.71 27.77
C ASP V 632 28.69 -136.48 26.58
N GLU V 633 27.73 -137.41 26.42
CA GLU V 633 26.70 -137.50 25.39
C GLU V 633 27.19 -137.11 24.00
N PHE V 634 28.26 -137.76 23.54
CA PHE V 634 28.88 -137.34 22.29
C PHE V 634 28.27 -137.97 21.06
N ASP V 635 27.56 -139.09 21.20
CA ASP V 635 26.79 -139.56 20.07
C ASP V 635 25.49 -138.79 19.90
N LYS V 636 25.09 -138.03 20.92
CA LYS V 636 23.85 -137.26 20.89
C LYS V 636 24.10 -135.76 20.88
N MET V 637 25.34 -135.32 20.79
CA MET V 637 25.63 -133.90 20.67
C MET V 637 25.40 -133.45 19.23
N SER V 638 24.82 -132.26 19.08
CA SER V 638 24.40 -131.79 17.77
C SER V 638 25.61 -131.34 16.95
N ASP V 639 25.39 -131.22 15.63
CA ASP V 639 26.48 -130.93 14.71
C ASP V 639 26.58 -129.46 14.36
N SER V 640 25.65 -128.64 14.85
CA SER V 640 25.91 -127.21 14.90
C SER V 640 27.03 -126.92 15.89
N THR V 641 27.02 -127.57 17.05
CA THR V 641 28.19 -127.66 17.91
C THR V 641 28.96 -128.91 17.55
N ARG V 642 29.83 -129.38 18.45
CA ARG V 642 30.86 -130.39 18.16
C ARG V 642 31.71 -129.90 16.99
N SER V 643 32.03 -128.62 17.12
CA SER V 643 32.67 -127.87 16.06
C SER V 643 33.86 -127.07 16.56
N VAL V 644 33.90 -126.71 17.84
CA VAL V 644 35.01 -125.96 18.37
C VAL V 644 36.01 -126.87 19.06
N LEU V 645 35.58 -128.08 19.43
CA LEU V 645 36.47 -128.96 20.19
C LEU V 645 37.58 -129.52 19.31
N HIS V 646 37.38 -129.55 18.01
CA HIS V 646 38.48 -129.80 17.08
C HIS V 646 39.51 -128.71 17.18
N GLU V 647 39.05 -127.47 17.27
CA GLU V 647 39.94 -126.33 17.31
C GLU V 647 40.71 -126.26 18.62
N VAL V 648 40.08 -126.63 19.74
CA VAL V 648 40.87 -126.73 20.96
C VAL V 648 41.75 -127.96 20.93
N MET V 649 41.41 -128.97 20.12
CA MET V 649 42.28 -130.12 19.99
C MET V 649 43.51 -129.83 19.15
N GLU V 650 43.53 -128.73 18.41
CA GLU V 650 44.74 -128.42 17.67
C GLU V 650 45.52 -127.25 18.27
N GLN V 651 44.90 -126.09 18.48
CA GLN V 651 45.66 -124.92 18.87
C GLN V 651 45.42 -124.50 20.30
N GLN V 652 44.71 -125.33 21.08
CA GLN V 652 44.44 -125.10 22.50
C GLN V 652 43.71 -123.79 22.74
N THR V 653 42.84 -123.41 21.80
CA THR V 653 42.23 -122.08 21.86
C THR V 653 40.79 -122.12 21.39
N ILE V 654 40.13 -120.99 21.59
CA ILE V 654 38.81 -120.71 21.03
C ILE V 654 38.92 -119.42 20.24
N SER V 655 38.56 -119.47 18.96
CA SER V 655 38.45 -118.28 18.16
C SER V 655 36.99 -117.82 18.15
N ILE V 656 36.73 -116.67 18.74
CA ILE V 656 35.37 -116.16 18.85
C ILE V 656 35.03 -115.29 17.65
N ALA V 657 34.03 -115.70 16.89
CA ALA V 657 33.57 -114.95 15.72
C ALA V 657 32.33 -114.15 16.07
N LYS V 658 32.49 -113.17 16.94
CA LYS V 658 31.38 -112.34 17.36
C LYS V 658 31.58 -110.92 16.85
N ALA V 659 30.45 -110.23 16.61
CA ALA V 659 30.42 -108.82 16.27
C ALA V 659 30.69 -107.91 17.46
N GLY V 660 30.92 -108.45 18.63
CA GLY V 660 31.41 -107.63 19.70
C GLY V 660 32.91 -107.45 19.61
N ILE V 661 33.64 -108.53 19.35
CA ILE V 661 35.07 -108.56 19.62
C ILE V 661 35.74 -109.67 18.83
N ILE V 662 37.07 -109.60 18.74
CA ILE V 662 37.89 -110.66 18.17
C ILE V 662 39.00 -111.02 19.16
N THR V 663 39.17 -112.31 19.46
CA THR V 663 40.18 -112.76 20.41
C THR V 663 40.48 -114.22 20.17
N THR V 664 41.77 -114.54 20.01
CA THR V 664 42.21 -115.94 19.99
C THR V 664 42.75 -116.33 21.36
N LEU V 665 41.85 -116.29 22.34
CA LEU V 665 42.23 -116.67 23.69
C LEU V 665 42.45 -118.18 23.78
N ASN V 666 43.49 -118.56 24.52
CA ASN V 666 43.90 -119.94 24.60
C ASN V 666 43.06 -120.69 25.63
N ALA V 667 43.33 -121.98 25.76
CA ALA V 667 42.67 -122.81 26.76
C ALA V 667 43.62 -123.94 27.12
N ARG V 668 44.24 -123.83 28.28
CA ARG V 668 45.17 -124.83 28.77
C ARG V 668 44.39 -125.92 29.50
N SER V 669 43.74 -126.78 28.72
CA SER V 669 42.76 -127.69 29.28
C SER V 669 42.89 -129.09 28.71
N SER V 670 42.42 -130.07 29.48
CA SER V 670 42.53 -131.48 29.17
C SER V 670 41.17 -132.15 29.17
N ILE V 671 41.03 -133.23 28.38
CA ILE V 671 39.73 -133.81 28.09
C ILE V 671 39.75 -135.33 28.15
N LEU V 672 38.60 -135.89 28.53
CA LEU V 672 38.28 -137.30 28.39
C LEU V 672 36.88 -137.39 27.81
N ALA V 673 36.59 -138.49 27.12
CA ALA V 673 35.31 -138.64 26.44
C ALA V 673 34.58 -139.90 26.90
N SER V 674 33.25 -139.79 26.94
CA SER V 674 32.43 -140.89 27.43
C SER V 674 31.20 -141.08 26.57
N ALA V 675 31.29 -141.95 25.57
CA ALA V 675 30.23 -142.08 24.59
C ALA V 675 29.12 -142.98 25.10
N ASN V 676 28.22 -143.32 24.19
CA ASN V 676 27.09 -144.21 24.42
C ASN V 676 26.78 -144.99 23.16
N PRO V 677 26.36 -146.25 23.27
CA PRO V 677 26.03 -147.01 22.07
C PRO V 677 24.67 -146.58 21.53
N ILE V 678 24.34 -147.15 20.38
CA ILE V 678 23.09 -146.82 19.68
C ILE V 678 22.05 -147.91 19.84
N GLY V 679 22.34 -149.11 19.33
CA GLY V 679 21.35 -150.16 19.38
C GLY V 679 21.12 -150.77 20.74
N SER V 680 22.06 -151.58 21.22
CA SER V 680 21.98 -152.06 22.58
C SER V 680 23.36 -152.11 23.23
N ARG V 681 24.40 -152.20 22.40
CA ARG V 681 25.65 -152.79 22.86
C ARG V 681 26.74 -152.41 21.87
N TYR V 682 27.92 -153.00 22.07
CA TYR V 682 29.02 -152.80 21.13
C TYR V 682 28.99 -153.79 19.99
N ASN V 683 27.98 -154.69 19.95
CA ASN V 683 27.57 -155.65 18.93
C ASN V 683 28.73 -156.26 18.15
N PRO V 684 29.52 -157.11 18.80
CA PRO V 684 30.80 -157.53 18.21
C PRO V 684 30.61 -158.50 17.06
N ASN V 685 31.75 -158.95 16.54
CA ASN V 685 31.91 -159.58 15.22
C ASN V 685 31.36 -158.64 14.15
N LEU V 686 31.57 -157.34 14.36
CA LEU V 686 31.26 -156.27 13.43
C LEU V 686 32.40 -155.26 13.59
N PRO V 687 32.76 -154.53 12.56
CA PRO V 687 33.63 -153.37 12.76
C PRO V 687 32.89 -152.33 13.58
N VAL V 688 33.33 -152.10 14.82
CA VAL V 688 32.55 -151.34 15.78
C VAL V 688 32.53 -149.85 15.49
N THR V 689 33.39 -149.40 14.59
CA THR V 689 33.41 -148.00 14.18
C THR V 689 32.14 -147.60 13.45
N GLU V 690 31.49 -148.53 12.76
CA GLU V 690 30.24 -148.23 12.09
C GLU V 690 29.08 -148.09 13.05
N ASN V 691 29.20 -148.61 14.27
CA ASN V 691 28.18 -148.35 15.28
C ASN V 691 28.24 -146.89 15.72
N ILE V 692 29.33 -146.52 16.40
CA ILE V 692 29.50 -145.17 16.90
C ILE V 692 29.87 -144.25 15.75
N ASP V 693 28.89 -143.48 15.26
CA ASP V 693 29.13 -142.56 14.17
C ASP V 693 29.91 -141.34 14.65
N LEU V 694 30.93 -140.97 13.88
CA LEU V 694 31.92 -140.00 14.29
C LEU V 694 32.74 -139.54 13.10
N PRO V 695 33.15 -138.28 13.06
CA PRO V 695 33.98 -137.80 11.96
C PRO V 695 35.37 -138.42 11.99
N PRO V 696 35.77 -139.06 10.90
CA PRO V 696 37.14 -139.63 10.79
C PRO V 696 38.26 -138.61 10.84
N PRO V 697 38.04 -137.31 10.55
CA PRO V 697 39.04 -136.32 11.00
C PRO V 697 39.32 -136.34 12.48
N LEU V 698 38.31 -136.34 13.35
CA LEU V 698 38.58 -136.30 14.78
C LEU V 698 38.96 -137.67 15.31
N LEU V 699 38.92 -138.70 14.46
CA LEU V 699 39.64 -139.92 14.77
C LEU V 699 41.12 -139.67 15.00
N SER V 700 41.71 -138.72 14.26
CA SER V 700 43.12 -138.36 14.35
C SER V 700 43.45 -137.52 15.57
N ARG V 701 42.49 -137.34 16.47
CA ARG V 701 42.62 -136.37 17.56
C ARG V 701 42.67 -137.00 18.93
N PHE V 702 42.01 -138.13 19.13
CA PHE V 702 42.33 -138.89 20.31
C PHE V 702 43.46 -139.88 20.00
N ASP V 703 44.17 -140.30 21.04
CA ASP V 703 45.32 -141.17 20.86
C ASP V 703 44.95 -142.64 20.86
N LEU V 704 44.42 -143.14 21.96
CA LEU V 704 44.08 -144.55 22.07
C LEU V 704 42.69 -144.66 22.69
N VAL V 705 41.94 -145.63 22.20
CA VAL V 705 40.59 -145.86 22.66
C VAL V 705 40.61 -147.13 23.48
N TYR V 706 39.48 -147.41 24.11
CA TYR V 706 39.19 -148.78 24.50
C TYR V 706 37.69 -148.99 24.57
N LEU V 707 37.32 -150.24 24.43
CA LEU V 707 35.96 -150.70 24.59
C LEU V 707 35.94 -151.57 25.83
N VAL V 708 34.90 -151.52 26.56
CA VAL V 708 34.71 -152.52 27.61
C VAL V 708 34.08 -153.75 26.99
N LEU V 709 34.25 -154.88 27.65
CA LEU V 709 33.77 -156.16 27.16
C LEU V 709 32.54 -156.60 27.93
N ASP V 710 31.82 -157.58 27.37
CA ASP V 710 30.68 -158.19 28.05
C ASP V 710 30.45 -159.57 27.46
N LYS V 711 30.05 -160.51 28.30
CA LYS V 711 29.59 -161.82 27.86
C LYS V 711 28.62 -162.35 28.91
N VAL V 712 28.31 -163.65 28.83
CA VAL V 712 27.59 -164.31 29.90
C VAL V 712 28.54 -164.38 31.09
N ASP V 713 29.70 -165.04 30.88
CA ASP V 713 30.87 -164.98 31.75
C ASP V 713 30.56 -165.45 33.17
N GLU V 714 30.23 -166.73 33.32
CA GLU V 714 29.55 -167.18 34.54
C GLU V 714 30.48 -167.18 35.75
N LYS V 715 31.78 -167.35 35.56
CA LYS V 715 32.68 -167.33 36.72
C LYS V 715 32.92 -165.90 37.19
N ASN V 716 32.81 -164.92 36.30
CA ASN V 716 33.08 -163.54 36.64
C ASN V 716 31.84 -162.77 37.06
N ASP V 717 30.70 -163.03 36.41
CA ASP V 717 29.46 -162.38 36.81
C ASP V 717 29.02 -162.84 38.19
N ARG V 718 29.28 -164.11 38.52
CA ARG V 718 29.09 -164.57 39.90
C ARG V 718 30.03 -163.84 40.84
N GLU V 719 31.28 -163.63 40.42
CA GLU V 719 32.23 -162.88 41.24
C GLU V 719 31.82 -161.43 41.37
N LEU V 720 31.27 -160.85 40.30
CA LEU V 720 30.78 -159.47 40.39
C LEU V 720 29.57 -159.37 41.30
N ALA V 721 28.81 -160.46 41.41
CA ALA V 721 27.73 -160.47 42.39
C ALA V 721 28.27 -160.47 43.82
N LYS V 722 29.44 -161.09 44.03
CA LYS V 722 30.01 -161.13 45.36
C LYS V 722 30.48 -159.75 45.83
N HIS V 723 30.85 -158.89 44.89
CA HIS V 723 31.18 -157.52 45.24
C HIS V 723 29.95 -156.79 45.75
N LEU V 724 28.84 -156.94 45.06
CA LEU V 724 27.59 -156.30 45.45
C LEU V 724 26.85 -157.10 46.49
N THR V 725 27.22 -158.35 46.71
CA THR V 725 26.87 -159.04 47.94
C THR V 725 27.38 -158.26 49.14
N ASN V 726 28.63 -157.83 49.07
CA ASN V 726 29.20 -156.95 50.08
C ASN V 726 28.77 -155.51 49.82
N LEU V 727 29.47 -154.58 50.47
CA LEU V 727 29.26 -153.13 50.45
C LEU V 727 27.82 -152.72 50.73
N TYR V 728 27.13 -153.51 51.50
CA TYR V 728 25.85 -153.09 52.05
C TYR V 728 25.81 -153.27 53.55
N LEU V 729 26.42 -154.32 54.07
CA LEU V 729 26.40 -154.60 55.50
C LEU V 729 27.36 -153.68 56.24
N GLU V 730 27.10 -153.52 57.55
CA GLU V 730 27.88 -152.71 58.49
C GLU V 730 28.09 -151.26 58.05
N VAL V 741 47.31 -147.89 51.75
CA VAL V 741 46.79 -146.58 52.15
C VAL V 741 45.87 -146.06 51.06
N LEU V 742 44.65 -145.69 51.46
CA LEU V 742 43.63 -145.18 50.55
C LEU V 742 43.20 -143.81 51.06
N PRO V 743 44.04 -142.79 50.87
CA PRO V 743 43.74 -141.49 51.45
C PRO V 743 42.74 -140.70 50.62
N VAL V 744 42.37 -139.53 51.14
CA VAL V 744 41.37 -138.69 50.50
C VAL V 744 41.99 -137.35 50.10
N GLU V 745 43.08 -136.96 50.78
CA GLU V 745 43.82 -135.74 50.48
C GLU V 745 45.29 -135.97 50.21
N PHE V 746 45.89 -137.02 50.79
CA PHE V 746 47.32 -137.22 50.75
C PHE V 746 47.84 -137.52 49.35
N LEU V 747 47.10 -138.31 48.58
CA LEU V 747 47.45 -138.52 47.19
C LEU V 747 47.16 -137.30 46.33
N THR V 748 46.22 -136.46 46.75
CA THR V 748 45.85 -135.29 45.95
C THR V 748 46.92 -134.23 46.02
N MET V 749 47.46 -134.01 47.22
CA MET V 749 48.62 -133.14 47.32
C MET V 749 49.88 -133.81 46.82
N TYR V 750 49.87 -135.13 46.67
CA TYR V 750 51.01 -135.86 46.14
C TYR V 750 51.17 -135.62 44.65
N ILE V 751 50.07 -135.52 43.91
CA ILE V 751 50.19 -135.23 42.48
C ILE V 751 50.34 -133.75 42.20
N SER V 752 49.61 -132.90 42.92
CA SER V 752 49.61 -131.47 42.63
C SER V 752 50.93 -130.81 42.99
N TYR V 753 51.70 -131.40 43.90
CA TYR V 753 53.11 -131.05 43.95
C TYR V 753 53.84 -131.57 42.73
N ALA V 754 53.58 -132.81 42.36
CA ALA V 754 54.46 -133.56 41.47
C ALA V 754 54.15 -133.35 40.00
N LYS V 755 53.58 -132.23 39.63
CA LYS V 755 53.26 -132.00 38.23
C LYS V 755 54.08 -130.90 37.62
N GLU V 756 54.62 -129.99 38.42
CA GLU V 756 55.18 -128.75 37.90
C GLU V 756 56.53 -128.46 38.53
N HIS V 757 56.95 -129.31 39.47
CA HIS V 757 58.18 -129.01 40.17
C HIS V 757 59.36 -129.67 39.46
N ILE V 758 59.30 -130.97 39.28
CA ILE V 758 60.35 -131.66 38.55
C ILE V 758 59.85 -131.97 37.15
N HIS V 759 60.56 -131.45 36.16
CA HIS V 759 60.20 -131.65 34.76
C HIS V 759 61.25 -132.58 34.16
N PRO V 760 60.95 -133.85 33.96
CA PRO V 760 62.00 -134.85 33.79
C PRO V 760 62.57 -134.88 32.39
N ILE V 761 63.62 -135.68 32.24
CA ILE V 761 64.53 -135.64 31.10
C ILE V 761 64.22 -136.78 30.15
N ILE V 762 64.96 -136.86 29.06
CA ILE V 762 64.87 -137.98 28.14
C ILE V 762 66.27 -138.32 27.61
N THR V 763 66.64 -139.59 27.68
CA THR V 763 67.95 -140.04 27.23
C THR V 763 67.85 -141.01 26.06
N GLU V 764 69.01 -141.46 25.57
CA GLU V 764 69.12 -142.41 24.48
C GLU V 764 68.57 -143.79 24.86
N ALA V 765 68.48 -144.09 26.15
CA ALA V 765 68.05 -145.41 26.62
C ALA V 765 66.60 -145.73 26.25
N ALA V 766 65.80 -144.73 25.91
CA ALA V 766 64.44 -144.98 25.46
C ALA V 766 64.34 -145.05 23.95
N LYS V 767 65.07 -144.21 23.24
CA LYS V 767 64.93 -144.07 21.79
C LYS V 767 65.39 -145.29 21.03
N THR V 768 66.30 -146.07 21.59
CA THR V 768 66.78 -147.27 20.92
C THR V 768 65.71 -148.34 20.87
N GLU V 769 65.04 -148.57 22.00
CA GLU V 769 63.89 -149.46 22.01
C GLU V 769 62.69 -148.87 21.29
N LEU V 770 62.60 -147.54 21.25
CA LEU V 770 61.45 -146.88 20.66
C LEU V 770 61.36 -147.12 19.17
N VAL V 771 62.48 -146.99 18.46
CA VAL V 771 62.48 -147.31 17.05
C VAL V 771 62.37 -148.81 16.81
N ARG V 772 62.78 -149.63 17.78
CA ARG V 772 62.63 -151.07 17.64
C ARG V 772 61.18 -151.50 17.71
N ALA V 773 60.35 -150.71 18.36
CA ALA V 773 58.93 -151.00 18.37
C ALA V 773 58.26 -150.69 17.05
N TYR V 774 58.54 -149.53 16.47
CA TYR V 774 57.72 -149.09 15.36
C TYR V 774 58.06 -149.79 14.06
N VAL V 775 59.31 -150.18 13.89
CA VAL V 775 59.70 -150.87 12.66
C VAL V 775 59.07 -152.25 12.58
N GLY V 776 58.71 -152.85 13.71
CA GLY V 776 57.96 -154.07 13.71
C GLY V 776 56.48 -153.76 13.67
N MET V 777 56.12 -152.56 14.12
CA MET V 777 54.73 -152.15 14.06
C MET V 777 54.31 -151.84 12.63
N ARG V 778 55.24 -151.34 11.82
CA ARG V 778 54.92 -151.13 10.42
C ARG V 778 54.88 -152.44 9.65
N LYS V 779 55.45 -153.50 10.20
CA LYS V 779 55.41 -154.81 9.56
C LYS V 779 54.01 -155.41 9.61
N ALA V 793 47.86 -145.79 12.05
CA ALA V 793 48.32 -144.48 11.60
C ALA V 793 49.79 -144.53 11.31
N THR V 794 50.39 -143.38 11.00
CA THR V 794 51.82 -143.31 10.78
C THR V 794 52.54 -142.72 12.00
N THR V 795 52.27 -141.45 12.28
CA THR V 795 53.03 -140.71 13.26
C THR V 795 52.15 -140.10 14.35
N ARG V 796 50.84 -140.11 14.16
CA ARG V 796 49.92 -139.73 15.23
C ARG V 796 50.13 -140.63 16.43
N GLN V 797 50.23 -141.92 16.19
CA GLN V 797 50.53 -142.87 17.24
C GLN V 797 51.92 -142.68 17.83
N LEU V 798 52.84 -142.11 17.06
CA LEU V 798 54.22 -141.99 17.55
C LEU V 798 54.38 -140.80 18.47
N GLU V 799 53.68 -139.71 18.20
CA GLU V 799 53.80 -138.55 19.06
C GLU V 799 53.19 -138.80 20.42
N SER V 800 52.05 -139.43 20.49
CA SER V 800 51.42 -139.63 21.78
C SER V 800 52.05 -140.75 22.56
N MET V 801 52.71 -141.70 21.90
CA MET V 801 53.22 -142.87 22.59
C MET V 801 54.36 -142.54 23.53
N ILE V 802 55.04 -141.42 23.33
CA ILE V 802 56.08 -141.03 24.27
C ILE V 802 55.52 -140.21 25.43
N ARG V 803 54.36 -139.59 25.26
CA ARG V 803 53.88 -138.65 26.26
C ARG V 803 53.40 -139.38 27.49
N LEU V 804 52.63 -140.44 27.31
CA LEU V 804 52.27 -141.27 28.43
C LEU V 804 53.44 -142.13 28.87
N ALA V 805 54.39 -142.38 27.97
CA ALA V 805 55.64 -143.00 28.42
C ALA V 805 56.43 -142.05 29.28
N GLU V 806 56.37 -140.75 28.98
CA GLU V 806 57.04 -139.78 29.82
C GLU V 806 56.34 -139.66 31.17
N ALA V 807 55.01 -139.60 31.15
CA ALA V 807 54.26 -139.34 32.38
C ALA V 807 54.30 -140.53 33.33
N HIS V 808 54.37 -141.75 32.80
CA HIS V 808 54.54 -142.89 33.68
C HIS V 808 55.92 -142.91 34.31
N ALA V 809 56.93 -142.48 33.55
CA ALA V 809 58.23 -142.23 34.16
C ALA V 809 58.15 -141.06 35.12
N LYS V 810 57.28 -140.09 34.84
CA LYS V 810 57.11 -138.96 35.74
C LYS V 810 56.32 -139.37 36.98
N MET V 811 55.52 -140.43 36.88
CA MET V 811 54.68 -140.80 38.01
C MET V 811 55.43 -141.71 38.98
N LYS V 812 55.91 -142.85 38.49
CA LYS V 812 56.47 -143.86 39.39
C LYS V 812 57.84 -143.49 39.93
N LEU V 813 58.58 -142.65 39.22
CA LEU V 813 59.92 -142.25 39.65
C LEU V 813 60.02 -140.75 39.43
N LYS V 814 59.75 -139.96 40.48
CA LYS V 814 59.59 -138.52 40.36
C LYS V 814 60.96 -137.84 40.32
N ASN V 815 61.85 -138.35 39.49
CA ASN V 815 63.12 -137.69 39.26
C ASN V 815 63.50 -137.47 37.80
N VAL V 816 63.65 -138.57 37.06
CA VAL V 816 64.36 -138.62 35.79
C VAL V 816 63.66 -139.58 34.83
N VAL V 817 64.26 -139.78 33.66
CA VAL V 817 63.72 -140.68 32.64
C VAL V 817 63.88 -142.13 33.10
N GLU V 818 63.10 -143.01 32.47
CA GLU V 818 63.21 -144.45 32.62
C GLU V 818 63.45 -145.07 31.24
N LEU V 819 64.12 -146.22 31.20
CA LEU V 819 64.29 -146.99 29.98
C LEU V 819 63.30 -148.14 29.87
N GLU V 820 62.76 -148.64 30.98
CA GLU V 820 61.81 -149.74 30.96
C GLU V 820 60.37 -149.29 31.13
N ASP V 821 60.12 -147.98 31.15
CA ASP V 821 58.76 -147.47 31.15
C ASP V 821 58.04 -147.69 29.83
N VAL V 822 58.76 -148.12 28.80
CA VAL V 822 58.14 -148.24 27.49
C VAL V 822 57.50 -149.59 27.27
N GLN V 823 57.79 -150.60 28.10
CA GLN V 823 57.06 -151.85 27.96
C GLN V 823 55.62 -151.72 28.44
N GLU V 824 55.35 -150.82 29.37
CA GLU V 824 53.96 -150.55 29.71
C GLU V 824 53.34 -149.54 28.77
N ALA V 825 54.16 -148.78 28.05
CA ALA V 825 53.63 -147.98 26.96
C ALA V 825 53.13 -148.87 25.84
N VAL V 826 53.95 -149.85 25.43
CA VAL V 826 53.52 -150.77 24.41
C VAL V 826 52.52 -151.79 24.95
N ARG V 827 52.36 -151.86 26.27
CA ARG V 827 51.32 -152.71 26.84
C ARG V 827 49.94 -152.11 26.61
N LEU V 828 49.79 -150.79 26.78
CA LEU V 828 48.46 -150.21 26.65
C LEU V 828 48.05 -150.06 25.20
N ILE V 829 48.98 -149.63 24.34
CA ILE V 829 48.62 -149.42 22.95
C ILE V 829 48.46 -150.73 22.18
N ARG V 830 49.05 -151.83 22.65
CA ARG V 830 48.77 -153.10 22.00
C ARG V 830 47.36 -153.54 22.32
N SER V 831 46.86 -153.20 23.51
CA SER V 831 45.46 -153.42 23.83
C SER V 831 44.57 -152.42 23.11
N ALA V 832 45.10 -151.28 22.69
CA ALA V 832 44.32 -150.35 21.90
C ALA V 832 44.01 -150.89 20.52
N ILE V 833 44.99 -151.57 19.88
CA ILE V 833 44.76 -152.11 18.55
C ILE V 833 44.08 -153.48 18.60
N LYS V 834 43.77 -154.00 19.78
CA LYS V 834 42.98 -155.22 19.84
C LYS V 834 41.53 -154.95 19.48
N ASP V 835 41.10 -153.69 19.53
CA ASP V 835 39.73 -153.30 19.25
C ASP V 835 39.42 -153.24 17.75
N TYR V 836 40.38 -153.52 16.88
CA TYR V 836 40.20 -153.36 15.45
C TYR V 836 40.61 -154.58 14.64
N ALA V 837 40.18 -155.77 15.06
CA ALA V 837 40.45 -156.97 14.28
C ALA V 837 39.32 -157.29 13.31
N THR V 838 38.08 -156.98 13.70
CA THR V 838 36.84 -157.25 12.94
C THR V 838 36.69 -158.71 12.49
N GLN V 851 35.02 -149.05 5.66
CA GLN V 851 34.57 -148.01 4.73
C GLN V 851 35.26 -146.68 5.02
N THR V 852 35.23 -146.27 6.28
CA THR V 852 35.81 -144.99 6.69
C THR V 852 37.33 -144.97 6.61
N GLY V 853 38.00 -145.76 7.45
CA GLY V 853 39.44 -145.96 7.33
C GLY V 853 39.80 -147.27 6.69
N LYS V 854 38.81 -147.96 6.14
CA LYS V 854 38.96 -149.28 5.55
C LYS V 854 38.60 -149.22 4.07
N SER V 855 39.23 -150.09 3.29
CA SER V 855 39.06 -150.09 1.84
C SER V 855 38.89 -151.48 1.24
N VAL V 856 38.66 -152.51 2.06
CA VAL V 856 38.48 -153.86 1.55
C VAL V 856 37.18 -153.98 0.77
N ILE V 857 36.10 -153.43 1.30
CA ILE V 857 34.88 -153.24 0.53
C ILE V 857 35.06 -152.19 -0.56
N GLN V 858 36.01 -151.28 -0.39
CA GLN V 858 36.21 -150.22 -1.37
C GLN V 858 37.24 -150.58 -2.44
N ARG V 859 37.84 -151.77 -2.38
CA ARG V 859 38.59 -152.23 -3.53
C ARG V 859 37.72 -153.07 -4.46
N LYS V 860 36.50 -153.40 -4.04
CA LYS V 860 35.59 -154.16 -4.89
C LYS V 860 34.37 -153.37 -5.34
N LEU V 861 33.91 -152.39 -4.55
CA LEU V 861 32.66 -151.71 -4.90
C LEU V 861 32.85 -150.75 -6.07
N GLN V 862 34.00 -150.07 -6.14
CA GLN V 862 34.23 -149.19 -7.27
C GLN V 862 34.56 -149.96 -8.54
N GLU V 863 35.05 -151.19 -8.42
CA GLU V 863 35.41 -151.96 -9.60
C GLU V 863 34.16 -152.45 -10.36
N ASP V 864 33.30 -153.21 -9.69
CA ASP V 864 32.15 -153.80 -10.37
C ASP V 864 31.11 -152.75 -10.75
N LEU V 865 31.08 -151.62 -10.05
CA LEU V 865 30.18 -150.54 -10.46
C LEU V 865 30.74 -149.80 -11.67
N SER V 866 32.05 -149.91 -11.90
CA SER V 866 32.62 -149.42 -13.15
C SER V 866 32.47 -150.44 -14.28
N ARG V 867 31.88 -151.61 -14.00
CA ARG V 867 31.61 -152.59 -15.04
C ARG V 867 30.18 -152.49 -15.54
N GLU V 868 29.23 -152.24 -14.63
CA GLU V 868 27.81 -152.22 -14.99
C GLU V 868 27.39 -150.99 -15.79
N ILE V 869 28.29 -150.04 -16.01
CA ILE V 869 28.03 -148.94 -16.92
C ILE V 869 28.37 -149.31 -18.35
N MET V 870 29.52 -149.96 -18.55
CA MET V 870 30.07 -150.14 -19.89
C MET V 870 29.31 -151.20 -20.69
N ASN V 871 28.53 -152.06 -20.02
CA ASN V 871 27.83 -153.11 -20.75
C ASN V 871 26.58 -152.58 -21.45
N VAL V 872 25.70 -151.90 -20.71
CA VAL V 872 24.44 -151.44 -21.27
C VAL V 872 24.69 -150.25 -22.19
N LEU V 873 25.75 -149.49 -21.93
CA LEU V 873 26.14 -148.40 -22.83
C LEU V 873 26.78 -148.91 -24.12
N LYS V 874 27.08 -150.21 -24.19
CA LYS V 874 27.42 -150.82 -25.47
C LYS V 874 26.24 -151.56 -26.09
N ASP V 875 25.17 -151.79 -25.31
CA ASP V 875 23.95 -152.34 -25.87
C ASP V 875 23.03 -151.24 -26.40
N GLN V 876 22.94 -150.13 -25.67
CA GLN V 876 21.96 -149.09 -25.95
C GLN V 876 22.59 -148.00 -26.81
N ALA V 877 21.90 -147.64 -27.90
CA ALA V 877 22.39 -146.57 -28.76
C ALA V 877 22.24 -145.20 -28.11
N SER V 878 21.30 -145.06 -27.20
CA SER V 878 21.12 -143.84 -26.43
C SER V 878 21.87 -143.92 -25.10
N ASP V 879 21.71 -142.86 -24.31
CA ASP V 879 22.19 -142.82 -22.93
C ASP V 879 21.04 -142.94 -21.94
N SER V 880 19.90 -143.44 -22.40
CA SER V 880 18.70 -143.48 -21.58
C SER V 880 18.74 -144.66 -20.61
N MET V 881 18.68 -144.35 -19.32
CA MET V 881 18.62 -145.39 -18.30
C MET V 881 17.60 -144.95 -17.26
N SER V 882 16.48 -145.67 -17.20
CA SER V 882 15.39 -145.30 -16.33
C SER V 882 15.54 -146.01 -14.99
N PHE V 883 14.70 -145.61 -14.02
CA PHE V 883 14.87 -146.07 -12.65
C PHE V 883 14.41 -147.51 -12.46
N ASN V 884 13.41 -147.95 -13.24
CA ASN V 884 12.94 -149.31 -13.10
C ASN V 884 13.92 -150.34 -13.65
N GLU V 885 14.85 -149.93 -14.51
CA GLU V 885 15.86 -150.85 -15.01
C GLU V 885 16.96 -151.09 -13.99
N LEU V 886 17.46 -150.02 -13.36
CA LEU V 886 18.62 -150.12 -12.48
C LEU V 886 18.33 -150.85 -11.18
N ILE V 887 17.10 -150.78 -10.66
CA ILE V 887 16.73 -151.65 -9.55
C ILE V 887 16.68 -153.10 -9.99
N LYS V 888 16.30 -153.36 -11.25
CA LYS V 888 16.16 -154.72 -11.77
C LYS V 888 17.36 -155.11 -12.60
N GLN V 889 18.52 -154.49 -12.34
CA GLN V 889 19.77 -154.91 -12.96
C GLN V 889 20.85 -155.19 -11.93
N ILE V 890 20.99 -154.33 -10.93
CA ILE V 890 22.17 -154.37 -10.07
C ILE V 890 21.88 -154.80 -8.64
N ASN V 891 20.62 -154.96 -8.27
CA ASN V 891 20.29 -155.48 -6.96
C ASN V 891 20.39 -156.99 -6.89
N GLU V 892 20.44 -157.65 -8.05
CA GLU V 892 20.34 -159.10 -8.12
C GLU V 892 21.42 -159.77 -8.97
N HIS V 893 22.32 -158.99 -9.61
CA HIS V 893 23.51 -159.58 -10.21
C HIS V 893 24.41 -160.21 -9.16
N SER V 894 24.48 -159.61 -7.98
CA SER V 894 25.28 -160.11 -6.87
C SER V 894 24.63 -159.68 -5.57
N GLN V 895 24.71 -160.55 -4.56
CA GLN V 895 24.14 -160.27 -3.26
C GLN V 895 25.18 -159.83 -2.23
N ASP V 896 26.25 -159.18 -2.69
CA ASP V 896 27.31 -158.69 -1.81
C ASP V 896 27.14 -157.21 -1.47
N ARG V 897 26.18 -156.54 -2.08
CA ARG V 897 25.96 -155.12 -1.87
C ARG V 897 24.57 -154.90 -1.31
N VAL V 898 24.43 -153.87 -0.46
CA VAL V 898 23.17 -153.56 0.19
C VAL V 898 22.18 -152.99 -0.83
N GLU V 899 20.90 -153.01 -0.50
CA GLU V 899 19.85 -152.68 -1.46
C GLU V 899 19.79 -151.20 -1.81
N SER V 900 19.54 -150.33 -0.83
CA SER V 900 19.37 -148.92 -1.09
C SER V 900 20.20 -148.03 -0.17
N SER V 901 20.98 -148.63 0.73
CA SER V 901 21.75 -147.81 1.66
C SER V 901 22.99 -147.21 1.00
N ASP V 902 23.55 -147.88 -0.02
CA ASP V 902 24.77 -147.38 -0.66
C ASP V 902 24.63 -147.20 -2.16
N ILE V 903 23.46 -147.49 -2.76
CA ILE V 903 23.32 -147.26 -4.20
C ILE V 903 22.98 -145.82 -4.52
N GLN V 904 22.42 -145.08 -3.56
CA GLN V 904 22.16 -143.67 -3.80
C GLN V 904 23.44 -142.86 -3.75
N GLU V 905 24.34 -143.18 -2.81
CA GLU V 905 25.66 -142.56 -2.76
C GLU V 905 26.61 -143.14 -3.79
N ALA V 906 26.21 -144.21 -4.48
CA ALA V 906 27.04 -144.75 -5.55
C ALA V 906 27.04 -143.85 -6.77
N LEU V 907 25.97 -143.08 -6.96
CA LEU V 907 25.83 -142.28 -8.18
C LEU V 907 26.29 -140.83 -8.01
N SER V 908 26.48 -140.37 -6.77
CA SER V 908 26.88 -138.97 -6.57
C SER V 908 28.34 -138.76 -6.96
N ARG V 909 29.17 -139.79 -6.83
CA ARG V 909 30.55 -139.76 -7.31
C ARG V 909 30.63 -139.90 -8.83
N LEU V 910 29.65 -140.58 -9.44
CA LEU V 910 29.57 -140.62 -10.90
C LEU V 910 28.99 -139.34 -11.46
N GLN V 911 28.24 -138.61 -10.62
CA GLN V 911 27.86 -137.25 -10.94
C GLN V 911 29.09 -136.34 -11.03
N GLN V 912 30.11 -136.64 -10.22
CA GLN V 912 31.35 -135.86 -10.25
C GLN V 912 32.33 -136.35 -11.31
N GLU V 913 32.22 -137.60 -11.78
CA GLU V 913 33.21 -138.20 -12.67
C GLU V 913 32.74 -138.31 -14.11
N ASP V 914 32.09 -137.25 -14.62
CA ASP V 914 31.70 -137.03 -16.04
C ASP V 914 31.02 -138.24 -16.69
N LYS V 915 30.08 -138.82 -15.96
CA LYS V 915 29.30 -139.92 -16.51
C LYS V 915 27.82 -139.58 -16.69
N VAL V 916 27.14 -139.22 -15.61
CA VAL V 916 25.69 -139.24 -15.59
C VAL V 916 25.15 -137.93 -15.01
N ILE V 917 23.82 -137.80 -14.99
CA ILE V 917 23.13 -136.67 -14.38
C ILE V 917 21.85 -137.18 -13.72
N VAL V 918 21.31 -136.36 -12.81
CA VAL V 918 20.11 -136.70 -12.05
C VAL V 918 18.92 -135.93 -12.60
N LEU V 919 17.80 -136.64 -12.82
CA LEU V 919 16.57 -135.96 -13.23
C LEU V 919 15.37 -136.52 -12.46
N GLY V 920 15.43 -136.51 -11.13
CA GLY V 920 14.32 -136.95 -10.31
C GLY V 920 14.42 -138.41 -9.94
N GLU V 921 13.32 -138.99 -9.45
CA GLU V 921 13.29 -140.42 -9.15
C GLU V 921 12.77 -141.20 -10.35
N GLY V 922 13.35 -140.94 -11.52
CA GLY V 922 12.95 -141.52 -12.78
C GLY V 922 14.09 -141.61 -13.77
N VAL V 923 13.85 -141.03 -14.94
CA VAL V 923 14.76 -140.99 -16.08
C VAL V 923 16.07 -140.30 -15.70
N ARG V 924 17.18 -140.76 -16.29
CA ARG V 924 18.51 -140.20 -16.16
C ARG V 924 19.07 -139.83 -17.54
N ARG V 925 20.36 -139.50 -17.57
CA ARG V 925 21.08 -139.16 -18.78
C ARG V 925 22.55 -139.51 -18.59
N SER V 926 23.10 -140.35 -19.46
CA SER V 926 24.41 -140.97 -19.27
C SER V 926 25.45 -140.39 -20.23
N VAL V 927 26.64 -141.05 -20.28
CA VAL V 927 27.80 -140.54 -21.01
C VAL V 927 27.78 -141.06 -22.45
N ARG V 928 28.31 -140.25 -23.36
CA ARG V 928 28.37 -140.54 -24.78
C ARG V 928 29.77 -140.26 -25.33
N LEU V 929 30.01 -140.76 -26.54
CA LEU V 929 31.30 -140.59 -27.21
C LEU V 929 31.13 -139.94 -28.58
N ASN W 24 -8.67 -54.01 8.36
CA ASN W 24 -9.73 -53.03 8.15
C ASN W 24 -11.05 -53.71 7.86
N THR W 25 -12.09 -52.90 7.66
CA THR W 25 -13.37 -53.41 7.21
C THR W 25 -13.69 -52.71 5.90
N GLU W 26 -14.95 -52.78 5.50
CA GLU W 26 -15.44 -52.14 4.28
C GLU W 26 -15.21 -53.03 3.08
N ILE W 27 -14.41 -54.08 3.26
CA ILE W 27 -14.20 -55.04 2.22
C ILE W 27 -15.57 -55.65 2.13
N ILE W 28 -16.16 -55.79 3.31
CA ILE W 28 -17.49 -56.35 3.48
C ILE W 28 -18.49 -55.63 2.60
N LYS W 29 -18.35 -54.31 2.48
CA LYS W 29 -19.28 -53.58 1.63
C LYS W 29 -18.91 -53.77 0.16
N SER W 30 -17.69 -54.23 -0.11
CA SER W 30 -17.32 -54.48 -1.50
C SER W 30 -17.81 -55.83 -1.98
N PHE W 31 -18.37 -56.65 -1.10
CA PHE W 31 -18.80 -57.97 -1.53
C PHE W 31 -20.28 -58.22 -1.34
N LYS W 32 -20.89 -57.66 -0.30
CA LYS W 32 -22.34 -57.70 -0.21
C LYS W 32 -22.95 -56.91 -1.34
N ASN W 33 -22.29 -55.86 -1.79
CA ASN W 33 -22.65 -55.17 -3.03
C ASN W 33 -22.00 -55.82 -4.25
N PHE W 34 -21.64 -57.09 -4.17
CA PHE W 34 -21.07 -57.73 -5.35
C PHE W 34 -21.69 -59.06 -5.69
N ILE W 35 -22.23 -59.80 -4.74
CA ILE W 35 -22.71 -61.14 -5.05
C ILE W 35 -24.22 -61.12 -5.23
N LEU W 36 -24.87 -60.01 -4.89
CA LEU W 36 -26.30 -59.93 -5.21
C LEU W 36 -26.55 -59.40 -6.61
N GLU W 37 -25.53 -59.23 -7.45
CA GLU W 37 -25.79 -58.73 -8.79
C GLU W 37 -24.89 -59.28 -9.87
N PHE W 38 -23.90 -60.11 -9.55
CA PHE W 38 -23.02 -60.65 -10.58
C PHE W 38 -23.80 -61.64 -11.43
N ARG W 39 -23.69 -61.49 -12.74
CA ARG W 39 -24.44 -62.31 -13.66
C ARG W 39 -23.75 -62.27 -15.01
N LEU W 40 -23.99 -63.29 -15.80
CA LEU W 40 -23.83 -63.11 -17.23
C LEU W 40 -25.22 -62.77 -17.76
N ASP W 41 -25.43 -62.83 -19.07
CA ASP W 41 -26.48 -62.04 -19.71
C ASP W 41 -27.88 -62.54 -19.36
N SER W 42 -28.44 -61.92 -18.32
CA SER W 42 -29.82 -62.08 -17.85
C SER W 42 -30.10 -63.50 -17.37
N GLN W 43 -29.36 -63.91 -16.36
CA GLN W 43 -29.71 -65.12 -15.62
C GLN W 43 -29.63 -64.93 -14.12
N PHE W 44 -28.93 -63.90 -13.65
CA PHE W 44 -28.96 -63.56 -12.23
C PHE W 44 -28.68 -64.77 -11.36
N ILE W 45 -27.59 -65.44 -11.64
CA ILE W 45 -27.23 -66.69 -10.99
C ILE W 45 -26.97 -66.84 -9.48
N TYR W 46 -26.33 -65.90 -8.80
CA TYR W 46 -25.97 -66.29 -7.44
C TYR W 46 -27.11 -66.12 -6.46
N ARG W 47 -28.01 -65.17 -6.71
CA ARG W 47 -29.23 -65.23 -5.96
C ARG W 47 -30.09 -66.39 -6.41
N ASP W 48 -29.97 -66.82 -7.67
CA ASP W 48 -30.76 -67.95 -8.14
C ASP W 48 -30.20 -69.30 -7.72
N GLN W 49 -29.14 -69.33 -6.93
CA GLN W 49 -28.79 -70.61 -6.35
C GLN W 49 -28.74 -70.56 -4.83
N LEU W 50 -28.44 -69.40 -4.25
CA LEU W 50 -28.45 -69.28 -2.80
C LEU W 50 -29.84 -69.44 -2.24
N ARG W 51 -30.82 -68.82 -2.89
CA ARG W 51 -32.23 -69.10 -2.67
C ARG W 51 -32.50 -70.59 -2.80
N ASN W 52 -31.90 -71.22 -3.79
CA ASN W 52 -32.06 -72.65 -3.95
C ASN W 52 -31.22 -73.44 -2.95
N ASN W 53 -30.32 -72.78 -2.21
CA ASN W 53 -29.49 -73.54 -1.30
C ASN W 53 -29.82 -73.29 0.15
N ILE W 54 -30.56 -72.23 0.45
CA ILE W 54 -31.04 -72.07 1.81
C ILE W 54 -32.24 -72.96 2.07
N LEU W 55 -32.85 -73.49 1.02
CA LEU W 55 -34.09 -74.21 1.20
C LEU W 55 -33.83 -75.63 1.66
N VAL W 56 -33.23 -76.43 0.81
CA VAL W 56 -32.66 -77.70 1.24
C VAL W 56 -31.34 -77.39 1.92
N LYS W 57 -31.18 -77.90 3.13
CA LYS W 57 -30.20 -77.35 4.06
C LYS W 57 -28.80 -77.80 3.70
N ASN W 58 -28.00 -76.89 3.15
CA ASN W 58 -26.61 -77.21 2.89
C ASN W 58 -25.68 -76.11 3.37
N TYR W 59 -26.10 -74.86 3.17
CA TYR W 59 -25.37 -73.65 3.53
C TYR W 59 -23.97 -73.57 2.91
N SER W 60 -23.86 -73.50 1.59
CA SER W 60 -22.56 -73.52 0.96
C SER W 60 -22.60 -72.75 -0.35
N LEU W 61 -21.45 -72.38 -0.86
CA LEU W 61 -21.31 -71.60 -2.08
C LEU W 61 -20.34 -72.26 -3.02
N THR W 62 -20.13 -71.64 -4.18
CA THR W 62 -19.00 -71.85 -5.05
C THR W 62 -18.71 -70.50 -5.72
N VAL W 63 -17.55 -70.39 -6.36
CA VAL W 63 -17.31 -69.23 -7.21
C VAL W 63 -17.03 -69.72 -8.61
N ASN W 64 -17.00 -68.82 -9.58
CA ASN W 64 -17.12 -69.28 -10.96
C ASN W 64 -15.93 -69.02 -11.89
N MET W 65 -15.95 -67.84 -12.48
CA MET W 65 -14.96 -67.43 -13.48
C MET W 65 -14.11 -66.20 -13.19
N GLU W 66 -13.79 -65.53 -14.29
CA GLU W 66 -12.90 -64.38 -14.37
C GLU W 66 -13.10 -63.00 -13.70
N HIS W 67 -14.28 -62.40 -13.66
CA HIS W 67 -14.19 -61.05 -13.13
C HIS W 67 -14.05 -61.15 -11.65
N LEU W 68 -14.51 -62.28 -11.11
CA LEU W 68 -14.31 -62.51 -9.70
C LEU W 68 -12.77 -62.50 -9.61
N ILE W 69 -12.13 -63.18 -10.57
CA ILE W 69 -10.70 -63.21 -10.74
C ILE W 69 -10.19 -61.85 -11.19
N GLY W 70 -10.96 -61.19 -12.06
CA GLY W 70 -10.53 -59.93 -12.63
C GLY W 70 -10.39 -58.83 -11.59
N TYR W 71 -11.44 -58.62 -10.79
CA TYR W 71 -11.26 -57.71 -9.66
C TYR W 71 -10.93 -58.46 -8.38
N ASN W 72 -11.16 -59.76 -8.32
CA ASN W 72 -10.83 -60.46 -7.09
C ASN W 72 -9.35 -60.55 -6.87
N GLU W 73 -8.53 -60.59 -7.91
CA GLU W 73 -7.11 -60.35 -7.70
C GLU W 73 -6.87 -58.94 -7.21
N ASP W 74 -7.62 -57.97 -7.71
CA ASP W 74 -7.57 -56.64 -7.13
C ASP W 74 -8.11 -56.63 -5.71
N ILE W 75 -8.88 -57.64 -5.31
CA ILE W 75 -9.06 -57.86 -3.88
C ILE W 75 -7.97 -58.82 -3.38
N TYR W 76 -7.52 -59.77 -4.20
CA TYR W 76 -6.48 -60.68 -3.71
C TYR W 76 -5.12 -60.01 -3.68
N LYS W 77 -4.94 -58.88 -4.35
CA LYS W 77 -3.73 -58.11 -4.11
C LYS W 77 -3.78 -57.42 -2.76
N LYS W 78 -4.94 -57.39 -2.11
CA LYS W 78 -4.97 -57.15 -0.68
C LYS W 78 -5.46 -58.36 0.11
N LEU W 79 -5.67 -59.52 -0.54
CA LEU W 79 -5.90 -60.74 0.23
C LEU W 79 -4.73 -61.72 0.20
N SER W 80 -3.80 -61.60 -0.76
CA SER W 80 -2.64 -62.48 -0.80
C SER W 80 -1.74 -62.33 0.41
N ASP W 81 -1.76 -61.16 1.05
CA ASP W 81 -0.95 -60.92 2.23
C ASP W 81 -1.36 -61.85 3.37
N GLU W 82 -2.63 -62.11 3.50
CA GLU W 82 -3.05 -63.06 4.49
C GLU W 82 -4.34 -63.76 4.08
N PRO W 83 -4.30 -64.72 3.16
CA PRO W 83 -5.51 -65.48 2.82
C PRO W 83 -5.86 -66.51 3.86
N SER W 84 -5.83 -66.13 5.13
CA SER W 84 -6.08 -67.04 6.23
C SER W 84 -6.90 -66.35 7.31
N ASP W 85 -7.17 -65.06 7.16
CA ASP W 85 -8.03 -64.39 8.14
C ASP W 85 -9.10 -63.58 7.43
N ILE W 86 -8.87 -63.23 6.18
CA ILE W 86 -9.81 -62.40 5.46
C ILE W 86 -10.44 -63.25 4.36
N ILE W 87 -10.09 -64.53 4.35
CA ILE W 87 -10.94 -65.52 3.71
C ILE W 87 -12.24 -65.66 4.49
N PRO W 88 -12.27 -65.76 5.84
CA PRO W 88 -13.58 -65.71 6.49
C PRO W 88 -14.15 -64.31 6.63
N LEU W 89 -13.48 -63.28 6.10
CA LEU W 89 -14.18 -62.01 6.03
C LEU W 89 -15.15 -61.96 4.88
N PHE W 90 -14.97 -62.86 3.90
CA PHE W 90 -16.09 -63.25 3.05
C PHE W 90 -17.23 -63.82 3.86
N GLU W 91 -16.91 -64.66 4.84
CA GLU W 91 -17.90 -65.52 5.46
C GLU W 91 -18.90 -64.73 6.30
N THR W 92 -18.46 -63.66 6.94
CA THR W 92 -19.39 -62.84 7.70
C THR W 92 -20.35 -62.09 6.79
N ALA W 93 -19.97 -61.84 5.55
CA ALA W 93 -20.81 -61.07 4.66
C ALA W 93 -22.07 -61.83 4.25
N ILE W 94 -21.92 -63.05 3.75
CA ILE W 94 -23.04 -63.76 3.15
C ILE W 94 -24.11 -64.15 4.15
N THR W 95 -23.80 -64.13 5.44
CA THR W 95 -24.87 -64.25 6.41
C THR W 95 -25.72 -62.99 6.43
N GLN W 96 -25.12 -61.84 6.18
CA GLN W 96 -25.89 -60.61 6.20
C GLN W 96 -26.70 -60.45 4.93
N VAL W 97 -26.39 -61.21 3.89
CA VAL W 97 -27.30 -61.27 2.77
C VAL W 97 -28.25 -62.43 2.93
N ALA W 98 -27.95 -63.35 3.84
CA ALA W 98 -28.84 -64.49 4.03
C ALA W 98 -30.15 -64.07 4.71
N LYS W 99 -30.06 -63.19 5.70
CA LYS W 99 -31.25 -62.79 6.44
C LYS W 99 -32.18 -61.95 5.58
N ARG W 100 -31.65 -61.34 4.53
CA ARG W 100 -32.50 -60.70 3.55
C ARG W 100 -33.38 -61.69 2.81
N ILE W 101 -32.98 -62.96 2.73
CA ILE W 101 -33.78 -63.96 2.03
C ILE W 101 -34.51 -64.84 3.03
N SER W 102 -34.52 -64.44 4.31
CA SER W 102 -35.34 -65.14 5.28
C SER W 102 -36.68 -64.44 5.47
N ILE W 103 -36.64 -63.15 5.78
CA ILE W 103 -37.87 -62.41 6.10
C ILE W 103 -38.12 -61.29 5.11
N ASN W 130 -34.23 -66.93 16.15
CA ASN W 130 -33.37 -67.04 14.98
C ASN W 130 -32.54 -68.31 15.02
N SER W 131 -32.58 -69.07 13.92
CA SER W 131 -31.81 -70.29 13.73
C SER W 131 -31.02 -70.13 12.45
N LEU W 132 -29.83 -69.56 12.56
CA LEU W 132 -29.04 -69.35 11.37
C LEU W 132 -27.60 -69.72 11.61
N PRO W 133 -27.10 -70.73 10.94
CA PRO W 133 -25.68 -71.08 11.10
C PRO W 133 -24.82 -70.23 10.20
N THR W 134 -23.51 -70.35 10.33
CA THR W 134 -22.60 -69.70 9.41
C THR W 134 -22.39 -70.63 8.23
N PHE W 135 -21.71 -70.13 7.21
CA PHE W 135 -21.60 -70.84 5.95
C PHE W 135 -20.19 -71.35 5.78
N GLN W 136 -19.91 -71.91 4.61
CA GLN W 136 -18.56 -72.29 4.25
C GLN W 136 -18.33 -71.94 2.79
N LEU W 137 -17.10 -72.05 2.35
CA LEU W 137 -16.74 -71.70 0.99
C LEU W 137 -16.20 -72.92 0.28
N ILE W 138 -16.38 -72.95 -1.04
CA ILE W 138 -15.81 -73.98 -1.90
C ILE W 138 -15.30 -73.28 -3.13
N LEU W 139 -14.10 -73.62 -3.57
CA LEU W 139 -13.42 -72.90 -4.64
C LEU W 139 -13.30 -73.76 -5.89
N ASN W 140 -12.74 -73.15 -6.94
CA ASN W 140 -12.42 -73.81 -8.19
C ASN W 140 -11.31 -73.05 -8.92
N SER W 141 -10.32 -73.80 -9.41
CA SER W 141 -9.23 -73.26 -10.21
C SER W 141 -8.53 -74.43 -10.87
N ASN W 142 -8.02 -74.25 -12.09
CA ASN W 142 -7.41 -75.37 -12.79
C ASN W 142 -6.40 -74.84 -13.81
N ALA W 143 -5.10 -74.85 -13.46
CA ALA W 143 -4.18 -74.71 -14.58
C ALA W 143 -3.23 -75.89 -14.71
N ASN W 144 -2.50 -76.26 -13.66
CA ASN W 144 -1.76 -77.51 -13.69
C ASN W 144 -1.57 -78.06 -12.29
N GLN W 145 -0.63 -78.99 -12.18
CA GLN W 145 -0.45 -79.72 -10.94
C GLN W 145 1.02 -79.96 -10.70
N ILE W 146 1.68 -79.06 -9.98
CA ILE W 146 3.02 -79.33 -9.48
C ILE W 146 2.87 -80.35 -8.38
N PRO W 147 3.31 -81.59 -8.60
CA PRO W 147 2.89 -82.69 -7.71
C PRO W 147 3.38 -82.56 -6.29
N LEU W 148 4.67 -82.70 -6.03
CA LEU W 148 5.14 -82.56 -4.67
C LEU W 148 6.54 -81.93 -4.64
N ARG W 149 6.83 -80.96 -5.50
CA ARG W 149 8.20 -80.49 -5.60
C ARG W 149 8.37 -79.16 -4.88
N ASP W 150 7.69 -78.10 -5.29
CA ASP W 150 8.09 -76.77 -4.85
C ASP W 150 7.30 -76.44 -3.60
N LEU W 151 7.82 -76.87 -2.46
CA LEU W 151 6.95 -76.95 -1.29
C LEU W 151 7.51 -76.25 -0.05
N ASP W 152 8.50 -75.37 -0.19
CA ASP W 152 8.80 -74.56 0.97
C ASP W 152 9.16 -73.11 0.62
N SER W 153 9.52 -72.87 -0.63
CA SER W 153 10.14 -71.60 -0.94
C SER W 153 9.10 -70.51 -1.10
N GLU W 154 8.28 -70.65 -2.13
CA GLU W 154 7.31 -69.62 -2.49
C GLU W 154 5.89 -70.11 -2.32
N HIS W 155 5.68 -71.08 -1.44
CA HIS W 155 4.36 -71.65 -1.34
C HIS W 155 3.88 -71.75 0.08
N VAL W 156 4.39 -70.93 0.97
CA VAL W 156 3.75 -70.80 2.26
C VAL W 156 2.59 -69.84 2.12
N SER W 157 1.39 -70.29 2.49
CA SER W 157 0.13 -69.54 2.42
C SER W 157 -0.16 -68.96 1.04
N LYS W 158 -0.08 -69.78 0.01
CA LYS W 158 -0.61 -69.44 -1.30
C LYS W 158 -1.54 -70.58 -1.74
N ILE W 159 -2.28 -70.38 -2.82
CA ILE W 159 -3.29 -71.34 -3.22
C ILE W 159 -2.63 -72.41 -4.07
N VAL W 160 -2.73 -73.66 -3.64
CA VAL W 160 -2.05 -74.75 -4.31
C VAL W 160 -3.09 -75.71 -4.85
N ARG W 161 -2.70 -76.54 -5.82
CA ARG W 161 -3.53 -77.59 -6.37
C ARG W 161 -2.73 -78.89 -6.45
N LEU W 162 -3.30 -79.96 -5.93
CA LEU W 162 -2.63 -81.25 -5.78
C LEU W 162 -3.41 -82.31 -6.52
N SER W 163 -2.71 -83.35 -6.95
CA SER W 163 -3.36 -84.57 -7.40
C SER W 163 -2.84 -85.75 -6.60
N GLY W 164 -3.73 -86.43 -5.87
CA GLY W 164 -3.28 -87.53 -5.03
C GLY W 164 -4.22 -88.70 -4.91
N ILE W 165 -3.81 -89.74 -4.19
CA ILE W 165 -4.64 -90.89 -3.90
C ILE W 165 -4.84 -90.97 -2.40
N ILE W 166 -6.08 -90.86 -1.95
CA ILE W 166 -6.32 -90.83 -0.52
C ILE W 166 -6.36 -92.25 0.01
N ILE W 167 -5.66 -92.49 1.11
CA ILE W 167 -5.50 -93.84 1.60
C ILE W 167 -6.10 -94.08 2.97
N SER W 168 -6.11 -93.11 3.87
CA SER W 168 -6.42 -93.45 5.24
C SER W 168 -7.26 -92.37 5.87
N THR W 169 -8.37 -92.79 6.47
CA THR W 169 -9.29 -91.89 7.12
C THR W 169 -9.17 -92.10 8.62
N SER W 170 -9.23 -91.03 9.38
CA SER W 170 -9.33 -91.17 10.81
C SER W 170 -10.78 -91.04 11.24
N VAL W 171 -11.04 -91.32 12.51
CA VAL W 171 -12.38 -91.16 13.05
C VAL W 171 -12.60 -89.68 13.29
N LEU W 172 -13.86 -89.28 13.41
CA LEU W 172 -14.21 -87.88 13.49
C LEU W 172 -13.85 -87.30 14.85
N SER W 173 -13.99 -86.00 14.98
CA SER W 173 -13.67 -85.32 16.23
C SER W 173 -14.55 -84.08 16.34
N SER W 174 -14.17 -83.14 17.20
CA SER W 174 -14.92 -81.91 17.32
C SER W 174 -14.04 -80.78 17.79
N ARG W 175 -14.20 -79.61 17.18
CA ARG W 175 -13.72 -78.36 17.74
C ARG W 175 -14.90 -77.40 17.74
N ALA W 176 -14.84 -76.38 18.57
CA ALA W 176 -15.99 -75.50 18.73
C ALA W 176 -15.88 -74.30 17.82
N THR W 177 -16.98 -73.57 17.70
CA THR W 177 -16.97 -72.33 16.95
C THR W 177 -17.77 -71.24 17.65
N TYR W 178 -18.50 -71.60 18.70
CA TYR W 178 -19.25 -70.59 19.44
C TYR W 178 -19.32 -71.04 20.89
N LEU W 179 -18.81 -70.20 21.79
CA LEU W 179 -18.64 -70.61 23.16
C LEU W 179 -19.32 -69.61 24.10
N SER W 180 -19.35 -70.00 25.37
CA SER W 180 -19.81 -69.16 26.47
C SER W 180 -18.91 -69.36 27.68
N ILE W 181 -18.60 -68.25 28.34
CA ILE W 181 -17.41 -68.14 29.17
C ILE W 181 -17.83 -67.52 30.51
N MET W 182 -17.43 -68.14 31.60
CA MET W 182 -17.74 -67.67 32.94
C MET W 182 -16.47 -67.30 33.69
N CYS W 183 -16.42 -66.07 34.17
CA CYS W 183 -15.55 -65.68 35.28
C CYS W 183 -16.00 -66.37 36.56
N ARG W 184 -15.04 -66.71 37.43
CA ARG W 184 -15.30 -67.63 38.53
C ARG W 184 -16.05 -66.97 39.68
N ASN W 185 -15.42 -65.97 40.30
CA ASN W 185 -15.93 -65.41 41.56
C ASN W 185 -16.54 -64.03 41.33
N CYS W 186 -16.61 -63.67 40.07
CA CYS W 186 -17.07 -62.34 39.73
C CYS W 186 -18.21 -62.47 38.71
N ARG W 187 -18.28 -63.63 38.05
CA ARG W 187 -19.38 -64.10 37.22
C ARG W 187 -19.69 -63.22 36.02
N HIS W 188 -18.67 -62.92 35.22
CA HIS W 188 -18.86 -62.27 33.94
C HIS W 188 -19.34 -63.32 32.96
N THR W 189 -20.11 -62.90 31.97
CA THR W 189 -20.56 -63.79 30.90
C THR W 189 -20.31 -63.13 29.56
N THR W 190 -19.58 -63.83 28.69
CA THR W 190 -19.33 -63.36 27.34
C THR W 190 -19.47 -64.52 26.37
N SER W 191 -19.16 -64.24 25.11
CA SER W 191 -19.20 -65.25 24.07
C SER W 191 -18.22 -64.88 22.98
N ILE W 192 -17.35 -65.84 22.62
CA ILE W 192 -16.34 -65.62 21.60
C ILE W 192 -16.53 -66.66 20.51
N THR W 193 -16.38 -66.22 19.26
CA THR W 193 -16.43 -67.09 18.09
C THR W 193 -15.04 -67.25 17.50
N ILE W 194 -14.71 -68.48 17.13
CA ILE W 194 -13.38 -68.82 16.63
C ILE W 194 -13.59 -69.40 15.23
N ASN W 195 -13.35 -68.59 14.20
CA ASN W 195 -13.76 -69.04 12.88
C ASN W 195 -12.65 -69.70 12.07
N ASN W 196 -11.63 -68.96 11.68
CA ASN W 196 -10.56 -69.56 10.91
C ASN W 196 -9.26 -69.44 11.67
N PHE W 197 -8.28 -70.17 11.21
CA PHE W 197 -7.15 -70.61 11.99
C PHE W 197 -5.88 -70.08 11.35
N ASN W 198 -4.82 -70.07 12.13
CA ASN W 198 -3.57 -69.44 11.73
C ASN W 198 -2.89 -70.17 10.57
N THR W 201 -6.26 -75.90 14.06
CA THR W 201 -5.37 -76.72 14.85
C THR W 201 -5.52 -76.42 16.34
N GLY W 202 -6.15 -75.28 16.65
CA GLY W 202 -6.27 -74.84 18.02
C GLY W 202 -5.46 -73.59 18.34
N ASN W 203 -5.98 -72.80 19.28
CA ASN W 203 -5.36 -71.59 19.83
C ASN W 203 -5.08 -70.54 18.75
N THR W 204 -6.17 -70.04 18.18
CA THR W 204 -6.08 -68.77 17.46
C THR W 204 -6.00 -67.61 18.44
N VAL W 205 -6.98 -67.53 19.36
CA VAL W 205 -6.96 -66.58 20.46
C VAL W 205 -7.04 -67.38 21.75
N SER W 206 -6.77 -66.71 22.86
CA SER W 206 -6.87 -67.36 24.16
C SER W 206 -7.95 -66.69 25.01
N LEU W 207 -8.10 -67.19 26.23
CA LEU W 207 -9.06 -66.52 27.11
C LEU W 207 -8.34 -65.61 28.08
N PRO W 208 -8.72 -64.36 28.17
CA PRO W 208 -7.93 -63.40 28.95
C PRO W 208 -8.18 -63.49 30.45
N ARG W 209 -7.65 -62.54 31.22
CA ARG W 209 -7.75 -62.55 32.67
C ARG W 209 -8.79 -61.59 33.23
N SER W 210 -9.48 -60.84 32.39
CA SER W 210 -10.32 -59.74 32.82
C SER W 210 -11.78 -60.16 32.78
N CYS W 211 -12.42 -60.19 33.94
CA CYS W 211 -13.85 -60.49 34.03
C CYS W 211 -14.56 -59.32 34.70
N ASN W 235 -13.55 -58.50 37.55
CA ASN W 235 -12.62 -58.11 38.59
C ASN W 235 -12.28 -59.28 39.48
N CYS W 236 -12.56 -60.49 39.00
CA CYS W 236 -12.30 -61.70 39.76
C CYS W 236 -10.86 -62.16 39.46
N GLY W 237 -10.49 -63.36 39.93
CA GLY W 237 -9.11 -63.81 39.94
C GLY W 237 -8.49 -64.10 38.59
N PRO W 238 -7.22 -64.54 38.57
CA PRO W 238 -6.57 -64.91 37.30
C PRO W 238 -7.18 -66.18 36.73
N ASP W 239 -7.05 -66.31 35.39
CA ASP W 239 -7.56 -67.31 34.43
C ASP W 239 -8.89 -67.94 34.85
N PRO W 240 -9.91 -67.14 35.15
CA PRO W 240 -11.06 -67.67 35.88
C PRO W 240 -12.08 -68.32 34.96
N TYR W 241 -11.64 -68.65 33.75
CA TYR W 241 -12.57 -68.92 32.67
C TYR W 241 -12.71 -70.40 32.43
N ILE W 242 -13.92 -70.82 32.11
CA ILE W 242 -14.31 -72.21 32.03
C ILE W 242 -15.21 -72.40 30.84
N ILE W 243 -15.25 -73.62 30.33
CA ILE W 243 -16.00 -73.95 29.13
C ILE W 243 -17.22 -74.75 29.54
N ILE W 244 -18.38 -74.11 29.54
CA ILE W 244 -19.61 -74.79 29.81
C ILE W 244 -20.00 -75.57 28.56
N HIS W 245 -20.91 -76.50 28.70
CA HIS W 245 -21.44 -77.17 27.54
C HIS W 245 -22.95 -77.09 27.68
N GLU W 246 -23.48 -75.91 27.36
CA GLU W 246 -24.92 -75.73 27.36
C GLU W 246 -25.33 -74.97 26.11
N SER W 247 -24.48 -74.05 25.68
CA SER W 247 -24.75 -73.20 24.52
C SER W 247 -23.47 -73.22 23.69
N SER W 248 -23.37 -74.19 22.78
CA SER W 248 -22.14 -74.40 22.03
C SER W 248 -22.48 -75.04 20.71
N LYS W 249 -21.67 -74.71 19.71
CA LYS W 249 -21.75 -75.36 18.42
C LYS W 249 -20.41 -76.04 18.15
N PHE W 250 -20.39 -76.92 17.17
CA PHE W 250 -19.18 -77.68 16.91
C PHE W 250 -19.00 -77.98 15.43
N ILE W 251 -17.73 -78.02 15.03
CA ILE W 251 -17.32 -78.41 13.69
C ILE W 251 -16.44 -79.64 13.83
N ASP W 252 -16.35 -80.46 12.79
CA ASP W 252 -15.57 -81.69 12.84
C ASP W 252 -14.38 -81.62 11.90
N GLN W 253 -13.27 -82.24 12.31
CA GLN W 253 -12.06 -82.29 11.50
C GLN W 253 -11.74 -83.75 11.19
N GLN W 254 -10.75 -84.01 10.33
CA GLN W 254 -10.51 -85.36 9.85
C GLN W 254 -9.15 -85.94 10.15
N PHE W 255 -8.08 -85.25 9.77
CA PHE W 255 -6.73 -85.81 9.67
C PHE W 255 -6.72 -87.06 8.79
N LEU W 256 -7.36 -86.95 7.64
CA LEU W 256 -7.15 -87.96 6.62
C LEU W 256 -5.82 -87.71 5.94
N LYS W 257 -5.20 -88.79 5.49
CA LYS W 257 -3.83 -88.72 4.96
C LYS W 257 -3.83 -88.82 3.45
N LEU W 258 -2.94 -88.07 2.83
CA LEU W 258 -2.90 -88.02 1.38
C LEU W 258 -1.63 -88.67 0.90
N GLN W 259 -1.71 -89.34 -0.23
CA GLN W 259 -0.57 -90.01 -0.83
C GLN W 259 -0.39 -89.54 -2.27
N GLU W 260 0.87 -89.42 -2.66
CA GLU W 260 1.26 -89.03 -4.00
C GLU W 260 0.84 -90.05 -5.03
N ILE W 261 0.31 -89.58 -6.16
CA ILE W 261 0.00 -90.48 -7.28
C ILE W 261 1.30 -91.05 -7.84
N PRO W 262 1.46 -92.40 -7.91
CA PRO W 262 2.79 -93.00 -8.05
C PRO W 262 3.32 -93.06 -9.47
N GLU W 263 3.20 -91.97 -10.20
CA GLU W 263 3.60 -92.00 -11.59
C GLU W 263 4.39 -90.79 -12.05
N LEU W 264 4.46 -89.72 -11.25
CA LEU W 264 4.90 -88.45 -11.80
C LEU W 264 6.38 -88.20 -11.59
N VAL W 265 6.98 -88.63 -10.49
CA VAL W 265 8.41 -88.38 -10.36
C VAL W 265 9.20 -89.66 -10.17
N PRO W 266 9.52 -90.37 -11.25
CA PRO W 266 10.43 -91.53 -11.15
C PRO W 266 11.90 -91.21 -11.40
N VAL W 267 12.75 -91.33 -10.39
CA VAL W 267 14.16 -91.56 -10.67
C VAL W 267 14.57 -92.82 -9.93
N GLY W 268 14.56 -92.76 -8.60
CA GLY W 268 14.79 -93.91 -7.76
C GLY W 268 14.09 -93.83 -6.43
N GLU W 269 13.18 -92.88 -6.29
CA GLU W 269 12.67 -92.48 -4.99
C GLU W 269 11.44 -93.28 -4.60
N MET W 270 11.05 -93.12 -3.36
CA MET W 270 9.89 -93.59 -2.63
C MET W 270 8.97 -92.41 -2.36
N PRO W 271 7.65 -92.57 -2.34
CA PRO W 271 6.77 -91.41 -2.26
C PRO W 271 6.62 -90.92 -0.83
N ARG W 272 6.22 -89.67 -0.68
CA ARG W 272 6.02 -89.08 0.64
C ARG W 272 4.53 -88.81 0.86
N ASN W 273 4.22 -88.13 1.96
CA ASN W 273 2.85 -87.99 2.40
C ASN W 273 2.66 -86.73 3.23
N LEU W 274 1.44 -86.21 3.21
CA LEU W 274 1.06 -85.01 3.94
C LEU W 274 -0.16 -85.31 4.80
N THR W 275 -0.71 -84.26 5.37
CA THR W 275 -1.91 -84.36 6.20
C THR W 275 -2.84 -83.19 5.93
N MET W 276 -4.14 -83.40 6.16
CA MET W 276 -5.08 -82.32 5.99
C MET W 276 -6.35 -82.55 6.79
N THR W 277 -7.08 -81.45 7.02
CA THR W 277 -8.37 -81.43 7.70
C THR W 277 -9.42 -80.85 6.77
N CYS W 278 -10.66 -80.82 7.26
CA CYS W 278 -11.73 -80.17 6.51
C CYS W 278 -12.91 -79.75 7.38
N ASP W 279 -13.98 -79.25 6.75
CA ASP W 279 -15.19 -78.82 7.46
C ASP W 279 -16.26 -79.87 7.20
N ARG W 280 -17.38 -79.80 7.92
CA ARG W 280 -18.38 -80.84 7.94
C ARG W 280 -19.16 -80.94 6.65
N TYR W 281 -19.43 -79.83 5.99
CA TYR W 281 -20.24 -79.96 4.80
C TYR W 281 -19.43 -80.26 3.57
N LEU W 282 -18.23 -80.80 3.76
CA LEU W 282 -17.47 -81.43 2.70
C LEU W 282 -16.73 -82.67 3.21
N THR W 283 -17.04 -83.15 4.40
CA THR W 283 -16.41 -84.37 4.88
C THR W 283 -17.18 -85.59 4.45
N ASN W 284 -16.54 -86.74 4.69
CA ASN W 284 -17.05 -88.05 4.34
C ASN W 284 -17.45 -88.13 2.88
N LYS W 285 -16.64 -87.53 2.02
CA LYS W 285 -16.93 -87.53 0.61
C LYS W 285 -15.95 -88.36 -0.18
N VAL W 286 -15.06 -89.09 0.45
CA VAL W 286 -14.04 -89.87 -0.22
C VAL W 286 -13.91 -91.23 0.43
N ILE W 287 -13.67 -92.24 -0.39
CA ILE W 287 -13.33 -93.58 0.07
C ILE W 287 -11.88 -93.80 -0.30
N PRO W 288 -11.13 -94.64 0.41
CA PRO W 288 -9.74 -94.87 0.04
C PRO W 288 -9.64 -95.70 -1.22
N GLY W 289 -8.74 -95.29 -2.11
CA GLY W 289 -8.47 -96.02 -3.33
C GLY W 289 -8.89 -95.29 -4.59
N THR W 290 -8.89 -93.96 -4.55
CA THR W 290 -9.39 -93.19 -5.67
C THR W 290 -8.37 -92.17 -6.14
N ARG W 291 -8.55 -91.77 -7.39
CA ARG W 291 -7.88 -90.61 -7.96
C ARG W 291 -8.61 -89.40 -7.41
N VAL W 292 -7.89 -88.36 -7.05
CA VAL W 292 -8.53 -87.15 -6.55
C VAL W 292 -7.65 -85.95 -6.85
N THR W 293 -8.28 -84.80 -6.87
CA THR W 293 -7.61 -83.52 -6.98
C THR W 293 -8.16 -82.58 -5.93
N ILE W 294 -7.36 -81.61 -5.50
CA ILE W 294 -7.71 -80.84 -4.32
C ILE W 294 -7.03 -79.48 -4.39
N VAL W 295 -7.66 -78.47 -3.79
CA VAL W 295 -7.18 -77.09 -3.86
C VAL W 295 -7.32 -76.41 -2.51
N GLY W 296 -6.22 -75.83 -2.03
CA GLY W 296 -6.25 -75.24 -0.71
C GLY W 296 -4.97 -74.55 -0.33
N ILE W 297 -4.82 -74.37 0.99
CA ILE W 297 -3.77 -73.53 1.54
C ILE W 297 -2.63 -74.40 2.04
N TYR W 298 -1.50 -73.80 2.35
CA TYR W 298 -0.31 -74.53 2.74
C TYR W 298 0.22 -73.98 4.05
N SER W 299 -0.67 -73.75 5.01
CA SER W 299 -0.27 -73.12 6.26
C SER W 299 0.45 -74.10 7.17
N ILE W 300 0.89 -73.60 8.32
CA ILE W 300 1.85 -74.32 9.17
C ILE W 300 1.39 -74.31 10.62
N TYR W 301 1.31 -75.49 11.22
CA TYR W 301 1.12 -75.62 12.66
C TYR W 301 2.42 -76.03 13.31
N ASN W 302 2.40 -76.09 14.64
CA ASN W 302 3.56 -76.41 15.47
C ASN W 302 3.12 -77.29 16.63
N SER W 303 3.36 -78.59 16.53
CA SER W 303 3.04 -79.51 17.61
C SER W 303 4.23 -79.69 18.53
N LYS W 304 3.98 -79.67 19.84
CA LYS W 304 4.98 -80.02 20.85
C LYS W 304 4.81 -81.47 21.32
N ASN W 305 4.76 -82.41 20.38
CA ASN W 305 4.48 -83.83 20.61
C ASN W 305 3.22 -84.07 21.45
N SER W 319 14.79 -82.46 18.54
CA SER W 319 14.77 -82.34 17.09
C SER W 319 15.26 -80.97 16.65
N GLY W 320 16.44 -80.60 17.12
CA GLY W 320 17.12 -79.41 16.65
C GLY W 320 16.46 -78.11 17.04
N VAL W 321 16.56 -77.11 16.16
CA VAL W 321 16.00 -75.78 16.43
C VAL W 321 14.48 -75.85 16.29
N ALA W 322 13.80 -74.74 16.62
CA ALA W 322 12.36 -74.69 16.67
C ALA W 322 11.77 -74.82 15.27
N ILE W 323 11.56 -76.07 14.88
CA ILE W 323 11.06 -76.39 13.55
C ILE W 323 9.63 -76.90 13.65
N ARG W 324 8.83 -76.59 12.66
CA ARG W 324 7.41 -76.89 12.63
C ARG W 324 7.12 -77.88 11.50
N THR W 325 5.84 -78.11 11.24
CA THR W 325 5.55 -79.12 10.21
C THR W 325 4.60 -78.62 9.15
N PRO W 326 4.52 -79.28 8.02
CA PRO W 326 3.61 -78.83 6.97
C PRO W 326 2.29 -79.57 7.00
N TYR W 327 1.24 -78.92 6.53
CA TYR W 327 -0.06 -79.54 6.34
C TYR W 327 -0.87 -78.68 5.41
N ILE W 328 -1.89 -79.27 4.82
CA ILE W 328 -2.79 -78.59 3.91
C ILE W 328 -4.09 -78.31 4.63
N LYS W 329 -4.61 -77.11 4.47
CA LYS W 329 -5.96 -76.77 4.88
C LYS W 329 -6.71 -76.80 3.56
N ILE W 330 -7.67 -77.71 3.42
CA ILE W 330 -8.30 -77.86 2.11
C ILE W 330 -9.51 -76.95 2.02
N LEU W 331 -9.96 -76.75 0.80
CA LEU W 331 -11.18 -75.96 0.67
C LEU W 331 -12.25 -76.74 -0.07
N GLY W 332 -11.96 -77.26 -1.24
CA GLY W 332 -12.98 -77.88 -2.06
C GLY W 332 -12.44 -79.00 -2.91
N ILE W 333 -13.11 -80.14 -2.87
CA ILE W 333 -12.72 -81.29 -3.64
C ILE W 333 -13.60 -81.35 -4.87
N GLN W 334 -13.10 -80.85 -5.98
CA GLN W 334 -13.83 -80.98 -7.23
C GLN W 334 -13.18 -82.19 -7.86
N SER W 335 -13.63 -83.35 -7.38
CA SER W 335 -12.96 -84.60 -7.68
C SER W 335 -13.41 -85.16 -9.01
N ASP W 336 -13.00 -86.37 -9.31
CA ASP W 336 -13.69 -87.15 -10.31
C ASP W 336 -14.70 -88.02 -9.58
N VAL W 337 -15.34 -88.96 -10.27
CA VAL W 337 -16.51 -89.65 -9.72
C VAL W 337 -16.12 -90.58 -8.57
N GLU W 338 -17.13 -91.05 -7.83
CA GLU W 338 -16.90 -91.79 -6.59
C GLU W 338 -16.16 -93.09 -6.83
N THR W 339 -16.42 -93.75 -7.96
CA THR W 339 -15.69 -94.90 -8.48
C THR W 339 -15.59 -96.07 -7.48
N VAL W 346 -25.91 -93.16 -2.15
CA VAL W 346 -24.65 -92.81 -2.76
C VAL W 346 -24.70 -93.02 -4.27
N THR W 347 -25.91 -93.03 -4.84
CA THR W 347 -26.13 -93.18 -6.27
C THR W 347 -26.88 -92.01 -6.88
N MET W 348 -26.64 -90.80 -6.39
CA MET W 348 -27.32 -89.61 -6.88
C MET W 348 -26.47 -88.96 -7.96
N PHE W 349 -27.10 -88.63 -9.09
CA PHE W 349 -26.45 -87.92 -10.17
C PHE W 349 -27.53 -87.28 -11.02
N THR W 350 -27.13 -86.66 -12.12
CA THR W 350 -28.08 -85.92 -12.94
C THR W 350 -28.88 -86.85 -13.84
N GLU W 351 -29.62 -86.27 -14.77
CA GLU W 351 -30.54 -87.04 -15.59
C GLU W 351 -30.12 -87.20 -17.04
N GLU W 352 -29.33 -86.30 -17.60
CA GLU W 352 -28.96 -86.43 -19.00
C GLU W 352 -27.95 -87.56 -19.22
N GLU W 353 -27.27 -87.97 -18.15
CA GLU W 353 -26.41 -89.15 -18.21
C GLU W 353 -27.22 -90.40 -18.54
N GLU W 354 -28.34 -90.59 -17.83
CA GLU W 354 -29.13 -91.80 -18.02
C GLU W 354 -29.97 -91.74 -19.28
N GLU W 355 -30.12 -90.56 -19.87
CA GLU W 355 -30.91 -90.42 -21.08
C GLU W 355 -30.22 -91.11 -22.26
N GLU W 356 -28.93 -90.85 -22.43
CA GLU W 356 -28.18 -91.53 -23.48
C GLU W 356 -28.04 -93.02 -23.18
N PHE W 357 -27.97 -93.37 -21.90
CA PHE W 357 -27.81 -94.77 -21.52
C PHE W 357 -29.02 -95.58 -21.92
N LEU W 358 -30.21 -95.02 -21.68
CA LEU W 358 -31.42 -95.67 -22.14
C LEU W 358 -31.53 -95.59 -23.66
N GLN W 359 -30.95 -94.54 -24.26
CA GLN W 359 -30.94 -94.48 -25.72
C GLN W 359 -29.95 -95.47 -26.31
N LEU W 360 -28.93 -95.85 -25.54
CA LEU W 360 -28.03 -96.89 -26.03
C LEU W 360 -28.57 -98.28 -25.73
N SER W 361 -29.22 -98.44 -24.58
CA SER W 361 -29.63 -99.77 -24.14
C SER W 361 -30.80 -100.32 -24.94
N ARG W 362 -31.49 -99.49 -25.72
CA ARG W 362 -32.53 -100.02 -26.58
C ARG W 362 -31.95 -100.60 -27.87
N ASN W 363 -30.79 -100.13 -28.31
CA ASN W 363 -30.13 -100.73 -29.44
C ASN W 363 -29.56 -102.07 -29.02
N PRO W 364 -30.07 -103.18 -29.52
CA PRO W 364 -29.67 -104.48 -28.98
C PRO W 364 -28.44 -105.05 -29.66
N LYS W 365 -27.33 -104.32 -29.55
CA LYS W 365 -26.07 -104.79 -30.09
C LYS W 365 -24.97 -104.73 -29.04
N LEU W 366 -25.34 -104.56 -27.77
CA LEU W 366 -24.41 -104.30 -26.67
C LEU W 366 -23.44 -105.45 -26.43
N TYR W 367 -23.89 -106.69 -26.53
CA TYR W 367 -23.07 -107.85 -26.19
C TYR W 367 -21.93 -108.06 -27.17
N GLU W 368 -22.14 -107.73 -28.42
CA GLU W 368 -21.08 -107.92 -29.41
C GLU W 368 -20.23 -106.68 -29.57
N ILE W 369 -20.79 -105.50 -29.29
CA ILE W 369 -20.04 -104.27 -29.51
C ILE W 369 -19.08 -103.97 -28.38
N LEU W 370 -19.27 -104.57 -27.21
CA LEU W 370 -18.36 -104.33 -26.11
C LEU W 370 -17.06 -105.08 -26.28
N THR W 371 -17.14 -106.30 -26.81
CA THR W 371 -16.00 -107.18 -27.01
C THR W 371 -14.98 -106.59 -27.97
N ASN W 372 -15.42 -105.77 -28.90
CA ASN W 372 -14.47 -105.00 -29.69
C ASN W 372 -14.06 -103.75 -28.94
N SER W 373 -14.94 -103.15 -28.15
CA SER W 373 -14.66 -101.84 -27.60
C SER W 373 -14.08 -101.87 -26.20
N ILE W 374 -14.15 -102.99 -25.47
CA ILE W 374 -13.48 -103.05 -24.18
C ILE W 374 -11.98 -102.92 -24.36
N ALA W 375 -11.36 -103.87 -25.03
CA ALA W 375 -9.90 -103.93 -25.06
C ALA W 375 -9.44 -103.57 -26.45
N PRO W 376 -9.08 -102.31 -26.71
CA PRO W 376 -8.69 -101.90 -28.06
C PRO W 376 -7.29 -102.32 -28.45
N SER W 377 -6.71 -103.28 -27.74
CA SER W 377 -5.32 -103.62 -27.87
C SER W 377 -5.12 -105.10 -27.68
N ILE W 378 -6.15 -105.89 -28.00
CA ILE W 378 -6.18 -107.32 -27.72
C ILE W 378 -6.70 -108.01 -28.97
N PHE W 379 -5.89 -108.91 -29.54
CA PHE W 379 -6.29 -109.63 -30.75
C PHE W 379 -7.30 -110.70 -30.37
N GLY W 380 -8.58 -110.36 -30.51
CA GLY W 380 -9.61 -111.38 -30.46
C GLY W 380 -9.89 -111.89 -29.06
N ASN W 381 -9.66 -113.20 -28.90
CA ASN W 381 -9.82 -113.95 -27.66
C ASN W 381 -11.23 -113.87 -27.14
N GLU W 382 -12.17 -114.34 -27.96
CA GLU W 382 -13.58 -114.04 -27.77
C GLU W 382 -14.19 -114.73 -26.59
N ASP W 383 -13.74 -115.94 -26.27
CA ASP W 383 -14.28 -116.66 -25.12
C ASP W 383 -13.84 -116.03 -23.82
N ILE W 384 -12.61 -115.52 -23.79
CA ILE W 384 -12.13 -114.92 -22.55
C ILE W 384 -12.74 -113.55 -22.34
N LYS W 385 -12.91 -112.79 -23.42
CA LYS W 385 -13.34 -111.41 -23.32
C LYS W 385 -14.74 -111.30 -22.77
N LYS W 386 -15.60 -112.25 -23.10
CA LYS W 386 -16.95 -112.24 -22.57
C LYS W 386 -17.00 -112.58 -21.09
N ALA W 387 -16.00 -113.27 -20.57
CA ALA W 387 -15.99 -113.61 -19.17
C ALA W 387 -15.67 -112.43 -18.28
N ILE W 388 -15.12 -111.36 -18.84
CA ILE W 388 -14.66 -110.24 -18.06
C ILE W 388 -15.78 -109.24 -17.84
N VAL W 389 -16.64 -109.06 -18.84
CA VAL W 389 -17.72 -108.10 -18.69
C VAL W 389 -18.76 -108.62 -17.73
N CYS W 390 -18.95 -109.94 -17.66
CA CYS W 390 -19.90 -110.43 -16.67
C CYS W 390 -19.28 -110.45 -15.30
N LEU W 391 -17.96 -110.53 -15.22
CA LEU W 391 -17.31 -110.51 -13.92
C LEU W 391 -17.38 -109.13 -13.29
N LEU W 392 -17.36 -108.09 -14.11
CA LEU W 392 -17.28 -106.75 -13.57
C LEU W 392 -18.60 -106.34 -12.91
N MET W 393 -19.72 -106.78 -13.45
CA MET W 393 -20.99 -106.33 -12.89
C MET W 393 -21.56 -107.26 -11.84
N GLY W 394 -21.54 -108.56 -12.07
CA GLY W 394 -22.01 -109.48 -11.05
C GLY W 394 -23.49 -109.80 -11.14
N GLY W 395 -23.98 -110.41 -10.07
CA GLY W 395 -25.37 -110.82 -10.01
C GLY W 395 -26.16 -110.04 -8.98
N SER W 396 -26.47 -110.68 -7.85
CA SER W 396 -27.31 -110.07 -6.82
C SER W 396 -26.91 -110.64 -5.47
N LYS W 397 -27.80 -110.51 -4.50
CA LYS W 397 -27.55 -111.04 -3.16
C LYS W 397 -28.89 -111.31 -2.48
N LYS W 398 -29.08 -112.53 -2.00
CA LYS W 398 -30.35 -112.88 -1.41
C LYS W 398 -30.23 -113.00 0.10
N ILE W 399 -31.14 -112.33 0.78
CA ILE W 399 -31.20 -112.35 2.23
C ILE W 399 -32.54 -112.99 2.58
N LEU W 400 -32.89 -113.99 1.75
CA LEU W 400 -34.21 -114.62 1.64
C LEU W 400 -34.77 -115.05 3.00
N PRO W 401 -36.10 -115.05 3.18
CA PRO W 401 -36.68 -115.11 4.53
C PRO W 401 -36.43 -116.44 5.24
N ASP W 402 -35.17 -116.64 5.61
CA ASP W 402 -34.68 -117.69 6.47
C ASP W 402 -33.38 -117.16 7.05
N GLY W 403 -32.48 -118.01 7.50
CA GLY W 403 -31.23 -117.51 8.03
C GLY W 403 -30.08 -117.39 7.05
N MET W 404 -29.95 -118.34 6.12
CA MET W 404 -28.77 -118.47 5.30
C MET W 404 -28.80 -117.50 4.15
N ARG W 405 -27.84 -117.62 3.23
CA ARG W 405 -27.78 -116.77 2.06
C ARG W 405 -27.03 -117.50 0.95
N LEU W 406 -27.26 -117.05 -0.27
CA LEU W 406 -26.50 -117.47 -1.43
C LEU W 406 -25.40 -116.46 -1.68
N ARG W 407 -24.39 -116.88 -2.41
CA ARG W 407 -23.30 -115.98 -2.77
C ARG W 407 -23.44 -115.58 -4.23
N GLY W 408 -23.82 -114.33 -4.45
CA GLY W 408 -23.96 -113.82 -5.79
C GLY W 408 -22.71 -113.23 -6.39
N ASP W 409 -21.77 -114.07 -6.83
CA ASP W 409 -20.56 -113.61 -7.51
C ASP W 409 -19.94 -114.74 -8.31
N ILE W 410 -19.04 -114.37 -9.23
CA ILE W 410 -18.31 -115.31 -10.08
C ILE W 410 -16.82 -114.99 -9.99
N ASN W 411 -15.99 -116.02 -10.12
CA ASN W 411 -14.55 -115.86 -10.00
C ASN W 411 -13.81 -116.74 -10.99
N VAL W 412 -13.02 -116.11 -11.86
CA VAL W 412 -12.46 -116.78 -13.02
C VAL W 412 -10.98 -117.04 -12.79
N LEU W 413 -10.41 -117.89 -13.63
CA LEU W 413 -8.98 -118.13 -13.66
C LEU W 413 -8.48 -118.13 -15.08
N LEU W 414 -7.20 -117.83 -15.26
CA LEU W 414 -6.54 -117.86 -16.55
C LEU W 414 -5.21 -118.57 -16.36
N LEU W 415 -5.10 -119.81 -16.80
CA LEU W 415 -3.81 -120.47 -16.75
C LEU W 415 -3.42 -120.88 -18.16
N GLY W 416 -2.14 -120.70 -18.47
CA GLY W 416 -1.65 -121.00 -19.79
C GLY W 416 -0.20 -120.59 -19.98
N ASP W 417 0.30 -120.77 -21.19
CA ASP W 417 1.70 -120.55 -21.55
C ASP W 417 2.05 -119.07 -21.43
N PRO W 418 3.32 -118.75 -21.18
CA PRO W 418 3.75 -117.35 -21.25
C PRO W 418 3.63 -116.83 -22.66
N GLY W 419 3.23 -115.57 -22.77
CA GLY W 419 3.10 -114.96 -24.07
C GLY W 419 1.71 -115.13 -24.64
N THR W 420 0.69 -115.13 -23.79
CA THR W 420 -0.70 -115.22 -24.23
C THR W 420 -1.55 -114.15 -23.54
N ALA W 421 -0.88 -113.10 -23.05
CA ALA W 421 -1.49 -111.83 -22.65
C ALA W 421 -2.45 -111.97 -21.47
N LYS W 422 -2.25 -112.99 -20.66
CA LYS W 422 -2.96 -113.05 -19.41
C LYS W 422 -2.49 -112.01 -18.41
N SER W 423 -1.25 -111.52 -18.56
CA SER W 423 -0.77 -110.53 -17.61
C SER W 423 -1.35 -109.16 -17.90
N GLN W 424 -1.02 -108.60 -19.05
CA GLN W 424 -1.33 -107.23 -19.38
C GLN W 424 -2.82 -107.00 -19.58
N LEU W 425 -3.60 -108.07 -19.71
CA LEU W 425 -5.04 -107.95 -19.64
C LEU W 425 -5.50 -107.53 -18.25
N LEU W 426 -4.71 -107.82 -17.22
CA LEU W 426 -5.19 -107.57 -15.87
C LEU W 426 -5.01 -106.13 -15.43
N LYS W 427 -3.99 -105.43 -15.94
CA LYS W 427 -3.91 -103.99 -15.72
C LYS W 427 -5.07 -103.28 -16.38
N PHE W 428 -5.64 -103.90 -17.40
CA PHE W 428 -6.72 -103.28 -18.14
C PHE W 428 -8.03 -103.30 -17.37
N VAL W 429 -8.20 -104.28 -16.49
CA VAL W 429 -9.44 -104.26 -15.73
C VAL W 429 -9.32 -103.31 -14.55
N GLU W 430 -8.10 -102.91 -14.20
CA GLU W 430 -7.92 -102.12 -12.98
C GLU W 430 -8.43 -100.70 -13.14
N LYS W 431 -8.12 -100.05 -14.25
CA LYS W 431 -8.57 -98.68 -14.44
C LYS W 431 -10.05 -98.60 -14.73
N VAL W 432 -10.61 -99.63 -15.34
CA VAL W 432 -12.02 -99.59 -15.70
C VAL W 432 -12.92 -99.98 -14.55
N SER W 433 -12.38 -100.53 -13.50
CA SER W 433 -13.24 -100.91 -12.40
C SER W 433 -13.60 -99.67 -11.58
N PRO W 434 -14.74 -99.68 -10.90
CA PRO W 434 -14.99 -98.64 -9.90
C PRO W 434 -13.97 -98.68 -8.77
N ILE W 435 -13.85 -99.79 -8.08
CA ILE W 435 -12.86 -99.96 -7.04
C ILE W 435 -12.00 -101.13 -7.43
N ALA W 436 -10.69 -100.91 -7.51
CA ALA W 436 -9.81 -102.00 -7.85
C ALA W 436 -8.52 -101.83 -7.08
N VAL W 437 -7.93 -102.95 -6.70
CA VAL W 437 -6.59 -102.94 -6.15
C VAL W 437 -5.76 -103.82 -7.03
N TYR W 438 -4.46 -103.87 -6.80
CA TYR W 438 -3.59 -104.68 -7.64
C TYR W 438 -2.47 -105.16 -6.73
N THR W 439 -2.63 -106.33 -6.14
CA THR W 439 -1.62 -106.82 -5.23
C THR W 439 -0.95 -108.02 -5.85
N SER W 440 -0.93 -108.07 -7.18
CA SER W 440 -0.60 -109.27 -7.92
C SER W 440 0.88 -109.53 -7.83
N GLY W 441 1.30 -110.10 -6.71
CA GLY W 441 2.61 -110.70 -6.67
C GLY W 441 2.90 -111.33 -5.33
N LYS W 442 3.29 -112.60 -5.36
CA LYS W 442 3.95 -113.29 -4.24
C LYS W 442 3.11 -113.33 -2.97
N GLY W 443 1.81 -113.06 -3.05
CA GLY W 443 0.94 -113.17 -1.89
C GLY W 443 1.03 -112.03 -0.89
N SER W 444 2.25 -111.53 -0.66
CA SER W 444 2.56 -110.42 0.24
C SER W 444 2.11 -110.73 1.66
N SER W 445 2.73 -111.78 2.22
CA SER W 445 2.52 -112.23 3.60
C SER W 445 1.06 -112.52 3.87
N ALA W 446 0.56 -113.64 3.33
CA ALA W 446 -0.86 -113.91 3.19
C ALA W 446 -1.63 -113.87 4.51
N ALA W 447 -0.96 -114.05 5.64
CA ALA W 447 -1.61 -113.76 6.91
C ALA W 447 -1.86 -112.28 7.12
N GLY W 448 -1.00 -111.43 6.56
CA GLY W 448 -1.19 -110.00 6.71
C GLY W 448 -1.85 -109.42 5.49
N LEU W 449 -2.47 -110.27 4.69
CA LEU W 449 -3.29 -109.80 3.59
C LEU W 449 -4.63 -109.28 4.10
N THR W 450 -5.22 -109.96 5.09
CA THR W 450 -6.57 -109.67 5.50
C THR W 450 -6.69 -108.78 6.73
N ALA W 451 -5.71 -108.79 7.63
CA ALA W 451 -5.86 -108.11 8.90
C ALA W 451 -4.48 -107.87 9.49
N SER W 452 -4.34 -106.83 10.30
CA SER W 452 -3.10 -106.55 11.00
C SER W 452 -3.47 -105.83 12.29
N VAL W 453 -2.75 -106.11 13.36
CA VAL W 453 -2.91 -105.40 14.62
C VAL W 453 -1.54 -105.05 15.13
N GLN W 454 -1.42 -103.89 15.75
CA GLN W 454 -0.13 -103.53 16.30
C GLN W 454 -0.33 -102.64 17.52
N ARG W 455 0.75 -102.47 18.29
CA ARG W 455 0.76 -101.59 19.44
C ARG W 455 0.53 -100.15 18.99
N ASP W 456 0.17 -99.31 19.95
CA ASP W 456 -0.23 -97.99 19.57
C ASP W 456 0.64 -96.94 20.23
N PRO W 457 0.93 -95.84 19.54
CA PRO W 457 1.68 -94.74 20.18
C PRO W 457 0.94 -94.09 21.33
N MET W 458 -0.38 -93.99 21.24
CA MET W 458 -1.20 -93.47 22.33
C MET W 458 -1.95 -94.64 22.92
N THR W 459 -1.95 -94.75 24.25
CA THR W 459 -2.70 -95.70 25.07
C THR W 459 -2.33 -97.16 24.86
N ARG W 460 -1.31 -97.46 24.03
CA ARG W 460 -0.65 -98.77 23.95
C ARG W 460 -1.62 -99.89 23.59
N GLU W 461 -2.52 -99.61 22.65
CA GLU W 461 -3.67 -100.47 22.46
C GLU W 461 -3.56 -101.33 21.20
N PHE W 462 -4.45 -102.30 21.07
CA PHE W 462 -4.50 -103.24 19.96
C PHE W 462 -5.79 -103.01 19.20
N TYR W 463 -5.76 -102.23 18.14
CA TYR W 463 -6.95 -102.07 17.31
C TYR W 463 -6.65 -102.46 15.89
N LEU W 464 -7.70 -102.53 15.09
CA LEU W 464 -7.59 -103.04 13.72
C LEU W 464 -7.28 -101.90 12.77
N GLU W 465 -6.31 -102.13 11.88
CA GLU W 465 -5.89 -101.10 10.96
C GLU W 465 -5.96 -101.52 9.50
N GLY W 466 -5.32 -102.62 9.13
CA GLY W 466 -5.00 -102.87 7.74
C GLY W 466 -5.69 -104.07 7.14
N GLY W 467 -5.70 -104.12 5.81
CA GLY W 467 -6.26 -105.23 5.08
C GLY W 467 -6.25 -105.00 3.59
N ALA W 468 -6.15 -106.06 2.80
CA ALA W 468 -6.32 -105.92 1.36
C ALA W 468 -7.76 -106.14 0.93
N MET W 469 -8.55 -106.85 1.73
CA MET W 469 -9.91 -107.15 1.33
C MET W 469 -10.88 -106.05 1.73
N VAL W 470 -10.77 -105.56 2.97
CA VAL W 470 -11.66 -104.52 3.49
C VAL W 470 -11.56 -103.22 2.70
N LEU W 471 -10.42 -102.96 2.10
CA LEU W 471 -10.30 -101.84 1.17
C LEU W 471 -11.07 -102.11 -0.12
N ALA W 472 -11.17 -103.37 -0.53
CA ALA W 472 -11.59 -103.72 -1.88
C ALA W 472 -13.00 -104.28 -1.96
N ASP W 473 -13.93 -103.74 -1.18
CA ASP W 473 -15.28 -104.29 -1.19
C ASP W 473 -16.12 -103.65 -2.28
N GLY W 474 -17.04 -104.43 -2.84
CA GLY W 474 -17.84 -104.02 -3.98
C GLY W 474 -17.19 -104.22 -5.32
N GLY W 475 -15.87 -104.42 -5.36
CA GLY W 475 -15.15 -104.45 -6.62
C GLY W 475 -14.43 -105.74 -6.88
N VAL W 476 -13.15 -105.66 -7.20
CA VAL W 476 -12.44 -106.81 -7.73
C VAL W 476 -10.96 -106.69 -7.39
N VAL W 477 -10.39 -107.78 -6.89
CA VAL W 477 -8.96 -107.83 -6.64
C VAL W 477 -8.34 -108.62 -7.78
N CYS W 478 -7.02 -108.65 -7.84
CA CYS W 478 -6.33 -109.40 -8.89
C CYS W 478 -4.96 -109.79 -8.42
N ILE W 479 -4.69 -111.09 -8.42
CA ILE W 479 -3.46 -111.64 -7.90
C ILE W 479 -2.92 -112.65 -8.90
N ASP W 480 -1.73 -113.18 -8.64
CA ASP W 480 -1.18 -114.17 -9.54
C ASP W 480 -0.30 -115.15 -8.78
N GLU W 481 0.47 -115.91 -9.55
CA GLU W 481 1.46 -116.89 -9.10
C GLU W 481 0.85 -117.89 -8.14
N PHE W 482 -0.03 -118.73 -8.63
CA PHE W 482 -0.62 -119.73 -7.77
C PHE W 482 0.07 -121.06 -7.90
N ASP W 483 1.39 -121.05 -8.10
CA ASP W 483 2.18 -122.28 -8.01
C ASP W 483 3.08 -122.24 -6.79
N LYS W 484 3.92 -121.20 -6.69
CA LYS W 484 4.97 -121.12 -5.67
C LYS W 484 4.55 -120.32 -4.45
N MET W 485 3.28 -120.36 -4.09
CA MET W 485 2.86 -119.92 -2.78
C MET W 485 2.14 -121.09 -2.15
N ARG W 486 2.68 -121.61 -1.05
CA ARG W 486 2.10 -122.79 -0.42
C ARG W 486 1.95 -122.55 1.06
N ASP W 487 2.51 -121.45 1.52
CA ASP W 487 2.62 -121.15 2.93
C ASP W 487 1.27 -120.87 3.55
N GLU W 488 0.66 -119.75 3.17
CA GLU W 488 -0.56 -119.31 3.81
C GLU W 488 -1.59 -118.79 2.81
N ASP W 489 -1.24 -118.76 1.52
CA ASP W 489 -2.12 -118.17 0.52
C ASP W 489 -3.40 -118.96 0.34
N ARG W 490 -3.33 -120.26 0.54
CA ARG W 490 -4.51 -121.08 0.38
C ARG W 490 -5.33 -121.08 1.65
N VAL W 491 -4.65 -121.08 2.80
CA VAL W 491 -5.37 -121.04 4.07
C VAL W 491 -5.94 -119.66 4.36
N ALA W 492 -5.56 -118.63 3.61
CA ALA W 492 -6.14 -117.31 3.79
C ALA W 492 -7.32 -117.04 2.87
N ILE W 493 -7.44 -117.76 1.76
CA ILE W 493 -8.56 -117.50 0.86
C ILE W 493 -9.69 -118.49 1.02
N HIS W 494 -9.50 -119.57 1.78
CA HIS W 494 -10.57 -120.54 1.94
C HIS W 494 -11.76 -119.96 2.69
N GLU W 495 -11.51 -119.25 3.78
CA GLU W 495 -12.56 -118.56 4.50
C GLU W 495 -12.99 -117.28 3.82
N ALA W 496 -12.04 -116.54 3.22
CA ALA W 496 -12.32 -115.27 2.56
C ALA W 496 -13.25 -115.42 1.37
N MET W 497 -13.22 -116.57 0.73
CA MET W 497 -14.14 -116.92 -0.34
C MET W 497 -15.21 -117.87 0.23
N GLU W 498 -16.28 -118.02 -0.55
CA GLU W 498 -17.42 -118.96 -0.43
C GLU W 498 -18.43 -118.57 0.62
N GLN W 499 -18.08 -117.69 1.55
CA GLN W 499 -19.07 -117.19 2.50
C GLN W 499 -18.88 -115.70 2.74
N GLN W 500 -17.65 -115.23 2.48
CA GLN W 500 -17.28 -113.82 2.48
C GLN W 500 -17.54 -113.17 3.85
N THR W 501 -17.23 -113.91 4.89
CA THR W 501 -17.51 -113.45 6.25
C THR W 501 -16.36 -113.87 7.15
N ILE W 502 -15.41 -112.97 7.37
CA ILE W 502 -14.24 -113.25 8.18
C ILE W 502 -14.48 -112.69 9.57
N SER W 503 -13.79 -113.25 10.54
CA SER W 503 -13.67 -112.61 11.83
C SER W 503 -12.28 -112.88 12.36
N ILE W 504 -11.58 -111.82 12.71
CA ILE W 504 -10.25 -111.96 13.25
C ILE W 504 -10.38 -112.33 14.71
N ALA W 505 -9.63 -113.34 15.15
CA ALA W 505 -9.61 -113.73 16.55
C ALA W 505 -8.26 -113.42 17.17
N LYS W 506 -7.69 -112.27 16.83
CA LYS W 506 -6.42 -111.88 17.41
C LYS W 506 -6.70 -111.24 18.77
N ALA W 507 -5.69 -110.66 19.39
CA ALA W 507 -5.66 -110.35 20.82
C ALA W 507 -6.75 -109.40 21.28
N GLY W 508 -7.38 -108.67 20.38
CA GLY W 508 -8.41 -107.73 20.77
C GLY W 508 -9.80 -108.24 20.47
N ILE W 509 -10.32 -107.85 19.32
CA ILE W 509 -11.71 -108.02 18.98
C ILE W 509 -11.90 -109.32 18.24
N THR W 510 -13.15 -109.79 18.22
CA THR W 510 -13.60 -110.87 17.34
C THR W 510 -14.89 -110.43 16.66
N THR W 511 -14.77 -109.69 15.57
CA THR W 511 -15.91 -109.10 14.90
C THR W 511 -16.05 -109.60 13.48
N VAL W 512 -17.29 -109.90 13.11
CA VAL W 512 -17.57 -110.41 11.78
C VAL W 512 -17.83 -109.18 10.90
N LEU W 513 -16.78 -108.69 10.27
CA LEU W 513 -16.93 -107.57 9.36
C LEU W 513 -17.37 -108.06 7.99
N ASN W 514 -18.17 -107.24 7.32
CA ASN W 514 -18.77 -107.66 6.07
C ASN W 514 -17.74 -107.69 4.95
N SER W 515 -18.02 -108.52 3.95
CA SER W 515 -17.19 -108.63 2.77
C SER W 515 -18.07 -109.06 1.61
N ARG W 516 -17.92 -108.41 0.47
CA ARG W 516 -18.63 -108.79 -0.74
C ARG W 516 -17.69 -108.74 -1.94
N THR W 517 -16.55 -109.40 -1.82
CA THR W 517 -15.47 -109.26 -2.79
C THR W 517 -15.62 -110.21 -3.98
N SER W 518 -14.69 -110.06 -4.92
CA SER W 518 -14.70 -110.80 -6.19
C SER W 518 -13.26 -110.98 -6.65
N VAL W 519 -12.80 -112.21 -6.75
CA VAL W 519 -11.37 -112.42 -6.99
C VAL W 519 -11.07 -112.79 -8.42
N LEU W 520 -9.79 -112.81 -8.76
CA LEU W 520 -9.32 -113.04 -10.12
C LEU W 520 -7.88 -113.48 -9.97
N ALA W 521 -7.45 -114.48 -10.74
CA ALA W 521 -6.08 -114.96 -10.66
C ALA W 521 -5.57 -115.41 -12.00
N ALA W 522 -4.25 -115.44 -12.14
CA ALA W 522 -3.62 -115.86 -13.38
C ALA W 522 -2.30 -116.55 -13.09
N ALA W 523 -2.29 -117.86 -13.07
CA ALA W 523 -1.11 -118.59 -12.66
C ALA W 523 -0.40 -119.19 -13.87
N ASN W 524 0.58 -120.03 -13.57
CA ASN W 524 1.28 -120.81 -14.57
C ASN W 524 1.16 -122.28 -14.19
N PRO W 525 0.97 -123.15 -15.14
CA PRO W 525 1.11 -124.57 -14.85
C PRO W 525 2.57 -124.99 -14.84
N ILE W 526 2.83 -126.29 -14.74
CA ILE W 526 4.20 -126.77 -14.61
C ILE W 526 4.85 -126.65 -15.98
N TYR W 527 5.43 -125.47 -16.23
CA TYR W 527 5.95 -124.94 -17.49
C TYR W 527 5.08 -125.23 -18.72
N GLY W 528 3.78 -125.22 -18.55
CA GLY W 528 2.85 -125.10 -19.66
C GLY W 528 2.64 -126.26 -20.61
N ARG W 529 3.70 -126.63 -21.34
CA ARG W 529 3.55 -127.57 -22.45
C ARG W 529 3.38 -129.00 -21.96
N TYR W 530 4.09 -129.36 -20.89
CA TYR W 530 4.05 -130.73 -20.38
C TYR W 530 2.70 -131.06 -19.75
N ASP W 531 2.01 -130.07 -19.18
CA ASP W 531 0.64 -130.25 -18.72
C ASP W 531 -0.33 -130.38 -19.88
N ASP W 532 0.10 -130.04 -21.09
CA ASP W 532 -0.68 -130.30 -22.30
C ASP W 532 -0.02 -131.35 -23.18
N LEU W 533 0.87 -132.16 -22.62
CA LEU W 533 1.47 -133.29 -23.32
C LEU W 533 1.61 -134.54 -22.47
N LYS W 534 0.80 -134.68 -21.43
CA LYS W 534 0.91 -135.79 -20.49
C LYS W 534 -0.51 -136.18 -20.05
N SER W 535 -0.63 -136.98 -18.99
CA SER W 535 -1.85 -137.10 -18.21
C SER W 535 -2.28 -135.73 -17.71
N PRO W 536 -3.58 -135.45 -17.71
CA PRO W 536 -4.04 -134.08 -17.41
C PRO W 536 -3.99 -133.69 -15.94
N GLY W 537 -3.21 -134.37 -15.11
CA GLY W 537 -3.04 -133.96 -13.73
C GLY W 537 -2.09 -132.79 -13.62
N ASP W 538 -1.20 -132.87 -12.61
CA ASP W 538 -0.08 -131.97 -12.30
C ASP W 538 -0.32 -130.47 -12.49
N ASN W 539 -1.45 -129.98 -12.00
CA ASN W 539 -1.69 -128.53 -12.00
C ASN W 539 -1.38 -127.88 -10.67
N ILE W 540 -2.15 -128.19 -9.64
CA ILE W 540 -1.82 -127.82 -8.27
C ILE W 540 -1.14 -129.02 -7.65
N ASP W 541 -0.16 -128.75 -6.77
CA ASP W 541 0.80 -129.74 -6.31
C ASP W 541 0.14 -130.91 -5.58
N PHE W 542 -0.84 -130.65 -4.73
CA PHE W 542 -1.52 -131.73 -4.04
C PHE W 542 -3.03 -131.64 -4.20
N GLN W 543 -3.59 -130.45 -3.96
CA GLN W 543 -5.00 -130.32 -3.67
C GLN W 543 -5.77 -129.68 -4.82
N THR W 544 -6.99 -130.17 -5.01
CA THR W 544 -7.90 -129.65 -6.03
C THR W 544 -9.02 -128.86 -5.36
N THR W 545 -8.93 -128.74 -4.04
CA THR W 545 -10.03 -128.14 -3.28
C THR W 545 -10.15 -126.65 -3.52
N ILE W 546 -9.08 -125.98 -3.94
CA ILE W 546 -9.24 -124.63 -4.45
C ILE W 546 -9.94 -124.62 -5.78
N LEU W 547 -9.72 -125.64 -6.61
CA LEU W 547 -10.23 -125.61 -7.96
C LEU W 547 -11.72 -125.85 -7.99
N SER W 548 -12.27 -126.51 -6.97
CA SER W 548 -13.70 -126.62 -6.86
C SER W 548 -14.33 -125.33 -6.38
N ARG W 549 -13.54 -124.43 -5.83
CA ARG W 549 -14.10 -123.20 -5.29
C ARG W 549 -14.23 -122.12 -6.34
N PHE W 550 -13.47 -122.22 -7.42
CA PHE W 550 -13.67 -121.35 -8.56
C PHE W 550 -14.40 -122.10 -9.65
N ASP W 551 -15.26 -121.41 -10.38
CA ASP W 551 -16.07 -122.06 -11.39
C ASP W 551 -15.44 -121.99 -12.78
N MET W 552 -15.15 -120.79 -13.24
CA MET W 552 -14.76 -120.59 -14.63
C MET W 552 -13.25 -120.78 -14.75
N ILE W 553 -12.85 -121.65 -15.68
CA ILE W 553 -11.44 -121.91 -15.94
C ILE W 553 -11.22 -121.93 -17.44
N PHE W 554 -10.33 -121.07 -17.93
CA PHE W 554 -9.87 -121.11 -19.30
C PHE W 554 -8.54 -121.83 -19.35
N ILE W 555 -8.32 -122.61 -20.40
CA ILE W 555 -7.02 -123.22 -20.65
C ILE W 555 -6.63 -122.86 -22.08
N VAL W 556 -5.83 -121.82 -22.23
CA VAL W 556 -5.38 -121.40 -23.54
C VAL W 556 -4.24 -122.30 -23.99
N LYS W 557 -3.86 -122.21 -25.27
CA LYS W 557 -2.75 -122.99 -25.80
C LYS W 557 -2.02 -122.29 -26.93
N ASP W 558 -1.14 -123.02 -27.61
CA ASP W 558 -0.36 -122.46 -28.72
C ASP W 558 -0.58 -123.29 -29.98
N ASP W 559 -1.19 -122.67 -30.96
CA ASP W 559 -1.45 -123.29 -32.25
C ASP W 559 -0.25 -123.03 -33.16
N HIS W 560 -0.44 -123.22 -34.47
CA HIS W 560 0.52 -122.73 -35.44
C HIS W 560 -0.13 -122.28 -36.73
N ASN W 561 -1.34 -121.72 -36.66
CA ASN W 561 -2.09 -121.36 -37.87
C ASN W 561 -1.41 -120.23 -38.61
N GLU W 562 -1.07 -120.48 -39.86
CA GLU W 562 -0.18 -119.61 -40.61
C GLU W 562 -0.86 -118.35 -41.09
N GLU W 563 -2.17 -118.22 -40.95
CA GLU W 563 -2.78 -116.96 -41.33
C GLU W 563 -3.16 -116.08 -40.15
N ARG W 564 -3.29 -116.64 -38.96
CA ARG W 564 -3.66 -115.84 -37.82
C ARG W 564 -2.48 -115.15 -37.16
N ASP W 565 -1.28 -115.66 -37.33
CA ASP W 565 -0.10 -115.02 -36.78
C ASP W 565 0.31 -113.80 -37.57
N ILE W 566 0.18 -113.86 -38.90
CA ILE W 566 0.68 -112.79 -39.74
C ILE W 566 -0.18 -111.55 -39.58
N SER W 567 -1.48 -111.75 -39.35
CA SER W 567 -2.35 -110.67 -38.94
C SER W 567 -1.94 -110.10 -37.60
N ILE W 568 -1.55 -110.96 -36.66
CA ILE W 568 -1.06 -110.49 -35.37
C ILE W 568 0.24 -109.74 -35.53
N ALA W 569 1.14 -110.29 -36.35
CA ALA W 569 2.36 -109.57 -36.70
C ALA W 569 2.06 -108.35 -37.53
N ASN W 570 0.92 -108.33 -38.23
CA ASN W 570 0.46 -107.08 -38.81
C ASN W 570 -0.21 -106.18 -37.80
N HIS W 571 -0.75 -106.76 -36.72
CA HIS W 571 -1.48 -105.97 -35.74
C HIS W 571 -0.58 -105.12 -34.88
N VAL W 572 0.45 -105.72 -34.29
CA VAL W 572 1.13 -105.04 -33.19
C VAL W 572 2.10 -103.98 -33.68
N ILE W 573 2.49 -104.00 -34.94
CA ILE W 573 3.32 -102.91 -35.43
C ILE W 573 2.49 -101.66 -35.69
N ASN W 574 1.20 -101.81 -36.00
CA ASN W 574 0.32 -100.67 -36.07
C ASN W 574 0.09 -100.04 -34.72
N ILE W 575 0.09 -100.85 -33.66
CA ILE W 575 -0.18 -100.33 -32.32
C ILE W 575 1.11 -99.92 -31.63
N HIS W 576 2.26 -100.37 -32.12
CA HIS W 576 3.47 -99.96 -31.45
C HIS W 576 3.84 -98.57 -31.92
N THR W 577 4.15 -98.43 -33.20
CA THR W 577 4.64 -97.17 -33.73
C THR W 577 3.83 -96.80 -34.95
N GLY W 578 3.75 -95.51 -35.22
CA GLY W 578 2.85 -94.96 -36.20
C GLY W 578 1.63 -94.40 -35.50
N ASN W 579 1.22 -95.09 -34.43
CA ASN W 579 -0.04 -94.93 -33.69
C ASN W 579 -1.22 -94.60 -34.58
N ALA W 580 -1.32 -95.34 -35.70
CA ALA W 580 -2.32 -95.05 -36.71
C ALA W 580 -3.68 -95.60 -36.29
N ASN W 581 -3.68 -96.71 -35.55
CA ASN W 581 -4.93 -97.19 -35.00
C ASN W 581 -5.45 -96.34 -33.87
N ALA W 582 -4.58 -95.52 -33.25
CA ALA W 582 -5.09 -94.49 -32.35
C ALA W 582 -5.83 -93.40 -33.13
N MET W 583 -5.50 -93.24 -34.41
CA MET W 583 -6.33 -92.40 -35.28
C MET W 583 -7.47 -93.19 -35.90
N GLN W 584 -7.30 -94.50 -36.10
CA GLN W 584 -8.40 -95.31 -36.61
C GLN W 584 -9.48 -95.51 -35.57
N ASN W 585 -9.10 -95.91 -34.36
CA ASN W 585 -10.10 -96.21 -33.33
C ASN W 585 -10.73 -94.94 -32.80
N GLN W 586 -10.06 -93.79 -32.94
CA GLN W 586 -10.72 -92.51 -32.70
C GLN W 586 -11.71 -92.16 -33.81
N GLN W 587 -11.56 -92.76 -35.00
CA GLN W 587 -12.48 -92.48 -36.09
C GLN W 587 -13.72 -93.37 -36.03
N GLU W 588 -13.57 -94.61 -35.59
CA GLU W 588 -14.73 -95.43 -35.33
C GLU W 588 -15.26 -95.27 -33.91
N GLU W 589 -14.69 -94.37 -33.13
CA GLU W 589 -15.20 -94.09 -31.78
C GLU W 589 -16.51 -93.33 -31.85
N ASN W 590 -16.52 -92.24 -32.61
CA ASN W 590 -17.51 -91.16 -32.44
C ASN W 590 -18.88 -91.53 -33.00
N GLY W 591 -19.02 -92.70 -33.60
CA GLY W 591 -20.34 -93.19 -33.93
C GLY W 591 -20.58 -94.64 -33.60
N SER W 592 -19.51 -95.40 -33.34
CA SER W 592 -19.68 -96.84 -33.21
C SER W 592 -19.09 -97.41 -31.93
N GLU W 593 -17.97 -96.88 -31.46
CA GLU W 593 -17.33 -97.53 -30.32
C GLU W 593 -17.47 -96.70 -29.06
N ILE W 594 -16.99 -97.26 -27.95
CA ILE W 594 -17.12 -96.63 -26.65
C ILE W 594 -15.72 -96.53 -26.03
N SER W 595 -15.36 -95.34 -25.57
CA SER W 595 -14.07 -95.14 -24.93
C SER W 595 -14.12 -95.60 -23.48
N ILE W 596 -13.00 -95.40 -22.78
CA ILE W 596 -12.87 -95.95 -21.45
C ILE W 596 -13.67 -95.16 -20.42
N GLU W 597 -13.73 -93.84 -20.55
CA GLU W 597 -14.41 -93.06 -19.53
C GLU W 597 -15.92 -93.15 -19.62
N LYS W 598 -16.46 -93.71 -20.69
CA LYS W 598 -17.88 -93.92 -20.77
C LYS W 598 -18.30 -95.27 -20.21
N MET W 599 -17.45 -96.27 -20.31
CA MET W 599 -17.78 -97.58 -19.78
C MET W 599 -17.87 -97.60 -18.27
N LYS W 600 -16.98 -96.90 -17.59
CA LYS W 600 -16.98 -96.87 -16.14
C LYS W 600 -18.24 -96.27 -15.56
N ARG W 601 -18.73 -95.19 -16.14
CA ARG W 601 -19.82 -94.48 -15.52
C ARG W 601 -21.14 -95.21 -15.64
N TYR W 602 -21.29 -96.04 -16.68
CA TYR W 602 -22.60 -96.65 -16.80
C TYR W 602 -22.67 -97.99 -16.10
N ILE W 603 -21.52 -98.55 -15.72
CA ILE W 603 -21.55 -99.82 -15.01
C ILE W 603 -22.06 -99.63 -13.58
N THR W 604 -21.57 -98.59 -12.91
CA THR W 604 -22.09 -98.27 -11.59
C THR W 604 -23.54 -97.81 -11.62
N TYR W 605 -24.01 -97.29 -12.75
CA TYR W 605 -25.41 -96.95 -12.82
C TYR W 605 -26.26 -98.19 -13.04
N CYS W 606 -25.86 -99.08 -13.96
CA CYS W 606 -26.72 -100.21 -14.27
C CYS W 606 -26.71 -101.26 -13.18
N ARG W 607 -25.62 -101.37 -12.42
CA ARG W 607 -25.62 -102.32 -11.31
C ARG W 607 -26.53 -101.84 -10.20
N LEU W 608 -26.48 -100.55 -9.90
CA LEU W 608 -27.15 -100.01 -8.71
C LEU W 608 -28.58 -99.60 -9.02
N LYS W 609 -29.16 -100.08 -10.10
CA LYS W 609 -30.57 -99.76 -10.32
C LYS W 609 -31.43 -101.00 -10.43
N CYS W 610 -31.10 -101.89 -11.36
CA CYS W 610 -32.04 -102.97 -11.65
C CYS W 610 -31.67 -104.23 -10.87
N ALA W 611 -32.66 -105.10 -10.71
CA ALA W 611 -32.54 -106.30 -9.89
C ALA W 611 -33.21 -107.46 -10.62
N PRO W 612 -32.43 -108.30 -11.29
CA PRO W 612 -33.02 -109.31 -12.16
C PRO W 612 -33.50 -110.53 -11.40
N ARG W 613 -34.12 -111.43 -12.16
CA ARG W 613 -34.58 -112.75 -11.72
C ARG W 613 -34.81 -113.56 -12.97
N LEU W 614 -34.50 -114.85 -12.92
CA LEU W 614 -34.70 -115.66 -14.13
C LEU W 614 -36.10 -116.25 -14.15
N SER W 615 -36.59 -116.51 -15.36
CA SER W 615 -37.96 -116.97 -15.53
C SER W 615 -38.08 -118.47 -15.24
N PRO W 616 -39.21 -118.90 -14.69
CA PRO W 616 -39.41 -120.34 -14.43
C PRO W 616 -39.51 -121.20 -15.68
N GLN W 617 -39.63 -120.60 -16.87
CA GLN W 617 -39.50 -121.40 -18.09
C GLN W 617 -38.08 -121.88 -18.31
N ALA W 618 -37.10 -121.20 -17.73
CA ALA W 618 -35.73 -121.67 -17.84
C ALA W 618 -35.44 -122.82 -16.91
N ALA W 619 -36.31 -123.09 -15.95
CA ALA W 619 -36.05 -124.12 -14.95
C ALA W 619 -36.03 -125.51 -15.56
N GLU W 620 -36.84 -125.73 -16.59
CA GLU W 620 -36.76 -127.00 -17.30
C GLU W 620 -35.52 -127.08 -18.17
N LYS W 621 -34.95 -125.95 -18.54
CA LYS W 621 -33.88 -125.95 -19.52
C LYS W 621 -32.59 -126.42 -18.92
N LEU W 622 -32.20 -125.87 -17.77
CA LEU W 622 -30.91 -126.20 -17.20
C LEU W 622 -30.92 -127.56 -16.52
N SER W 623 -32.08 -127.98 -16.03
CA SER W 623 -32.19 -129.29 -15.42
C SER W 623 -31.96 -130.39 -16.43
N SER W 624 -32.51 -130.23 -17.63
CA SER W 624 -32.25 -131.18 -18.69
C SER W 624 -30.82 -131.08 -19.19
N ASN W 625 -30.18 -129.94 -18.96
CA ASN W 625 -28.81 -129.79 -19.38
C ASN W 625 -27.84 -130.56 -18.50
N PHE W 626 -28.06 -130.55 -17.19
CA PHE W 626 -27.05 -131.05 -16.27
C PHE W 626 -26.93 -132.57 -16.28
N VAL W 627 -28.05 -133.26 -16.45
CA VAL W 627 -28.08 -134.71 -16.25
C VAL W 627 -27.24 -135.46 -17.27
N THR W 628 -27.04 -134.91 -18.46
CA THR W 628 -26.08 -135.46 -19.39
C THR W 628 -24.68 -134.89 -19.19
N ILE W 629 -24.56 -133.71 -18.59
CA ILE W 629 -23.25 -133.13 -18.30
C ILE W 629 -22.54 -133.94 -17.23
N ARG W 630 -23.26 -134.25 -16.16
CA ARG W 630 -22.76 -135.20 -15.17
C ARG W 630 -22.53 -136.57 -15.79
N LYS W 631 -23.40 -136.99 -16.71
CA LYS W 631 -23.23 -138.30 -17.36
C LYS W 631 -22.01 -138.33 -18.27
N GLN W 632 -21.74 -137.23 -18.96
CA GLN W 632 -20.51 -137.10 -19.73
C GLN W 632 -19.30 -137.18 -18.81
N LEU W 633 -19.41 -136.66 -17.61
CA LEU W 633 -18.40 -136.93 -16.60
C LEU W 633 -18.48 -138.37 -16.11
N LEU W 634 -19.69 -138.91 -15.98
CA LEU W 634 -19.85 -140.24 -15.40
C LEU W 634 -19.30 -141.33 -16.32
N ILE W 635 -19.38 -141.11 -17.63
CA ILE W 635 -18.80 -142.05 -18.57
C ILE W 635 -17.28 -141.96 -18.60
N ASN W 636 -16.70 -140.91 -18.03
CA ASN W 636 -15.27 -140.74 -18.07
C ASN W 636 -14.59 -141.38 -16.87
N GLU W 637 -15.28 -141.47 -15.73
CA GLU W 637 -14.65 -142.03 -14.53
C GLU W 637 -14.47 -143.54 -14.63
N LEU W 638 -15.37 -144.21 -15.34
CA LEU W 638 -15.29 -145.66 -15.47
C LEU W 638 -14.12 -146.09 -16.37
N GLU W 639 -13.56 -145.16 -17.13
CA GLU W 639 -12.37 -145.41 -17.93
C GLU W 639 -11.09 -145.11 -17.17
N SER W 640 -11.14 -145.12 -15.83
CA SER W 640 -10.02 -144.88 -14.93
C SER W 640 -9.38 -143.51 -15.19
N THR W 641 -10.24 -142.52 -15.39
CA THR W 641 -9.82 -141.14 -15.61
C THR W 641 -10.35 -140.29 -14.45
N GLU W 642 -9.45 -139.89 -13.55
CA GLU W 642 -9.80 -139.06 -12.41
C GLU W 642 -9.14 -137.69 -12.52
N ARG W 643 -9.29 -136.89 -11.48
CA ARG W 643 -8.63 -135.59 -11.43
C ARG W 643 -7.98 -135.36 -10.08
N PRO W 647 -12.16 -130.98 -12.34
CA PRO W 647 -13.10 -131.48 -11.34
C PRO W 647 -14.44 -130.75 -11.38
N ILE W 648 -15.54 -131.48 -11.50
CA ILE W 648 -16.86 -130.88 -11.55
C ILE W 648 -17.65 -131.32 -10.33
N THR W 649 -18.20 -130.36 -9.59
CA THR W 649 -19.15 -130.64 -8.53
C THR W 649 -20.23 -129.57 -8.67
N ILE W 650 -21.13 -129.42 -7.69
CA ILE W 650 -22.37 -128.68 -7.92
C ILE W 650 -22.25 -127.18 -7.76
N ARG W 651 -21.08 -126.64 -7.38
CA ARG W 651 -20.97 -125.19 -7.32
C ARG W 651 -21.09 -124.56 -8.69
N GLN W 652 -20.62 -125.25 -9.72
CA GLN W 652 -20.72 -124.74 -11.06
C GLN W 652 -22.16 -124.68 -11.53
N LEU W 653 -22.99 -125.62 -11.08
CA LEU W 653 -24.38 -125.64 -11.51
C LEU W 653 -25.16 -124.51 -10.88
N GLU W 654 -24.77 -124.11 -9.68
CA GLU W 654 -25.32 -122.88 -9.15
C GLU W 654 -24.45 -121.68 -9.53
N ALA W 655 -23.44 -121.89 -10.37
CA ALA W 655 -22.70 -120.76 -10.92
C ALA W 655 -23.19 -120.36 -12.30
N ILE W 656 -23.77 -121.29 -13.05
CA ILE W 656 -24.31 -120.95 -14.35
C ILE W 656 -25.51 -120.03 -14.20
N ILE W 657 -26.28 -120.23 -13.12
CA ILE W 657 -27.44 -119.38 -12.90
C ILE W 657 -27.03 -117.97 -12.53
N ARG W 658 -25.83 -117.77 -12.00
CA ARG W 658 -25.34 -116.41 -11.85
C ARG W 658 -24.83 -115.88 -13.17
N ILE W 659 -24.33 -116.76 -14.04
CA ILE W 659 -23.84 -116.32 -15.33
C ILE W 659 -24.98 -115.85 -16.20
N THR W 660 -26.10 -116.58 -16.19
CA THR W 660 -27.24 -116.11 -16.96
C THR W 660 -27.92 -114.92 -16.30
N GLU W 661 -27.67 -114.69 -15.03
CA GLU W 661 -28.20 -113.49 -14.41
C GLU W 661 -27.36 -112.29 -14.79
N SER W 662 -26.12 -112.52 -15.21
CA SER W 662 -25.20 -111.43 -15.46
C SER W 662 -25.59 -110.60 -16.68
N LEU W 663 -25.90 -111.25 -17.80
CA LEU W 663 -26.28 -110.47 -18.97
C LEU W 663 -27.67 -109.86 -18.81
N ALA W 664 -28.44 -110.33 -17.84
CA ALA W 664 -29.69 -109.67 -17.51
C ALA W 664 -29.44 -108.34 -16.81
N LYS W 665 -28.32 -108.22 -16.12
CA LYS W 665 -27.93 -106.91 -15.63
C LYS W 665 -27.44 -106.05 -16.77
N LEU W 666 -26.94 -106.67 -17.84
CA LEU W 666 -26.42 -105.89 -18.96
C LEU W 666 -27.56 -105.30 -19.78
N GLU W 667 -28.55 -106.11 -20.11
CA GLU W 667 -29.71 -105.65 -20.87
C GLU W 667 -30.69 -104.84 -20.02
N LEU W 668 -30.54 -104.88 -18.69
CA LEU W 668 -31.46 -104.30 -17.70
C LEU W 668 -32.90 -104.68 -17.98
N SER W 669 -33.13 -105.98 -18.08
CA SER W 669 -34.47 -106.54 -18.17
C SER W 669 -34.80 -107.25 -16.87
N PRO W 670 -35.99 -107.07 -16.31
CA PRO W 670 -36.30 -107.71 -15.02
C PRO W 670 -36.66 -109.18 -15.13
N ILE W 671 -36.48 -109.80 -16.29
CA ILE W 671 -36.66 -111.24 -16.44
C ILE W 671 -35.40 -111.82 -17.07
N ALA W 672 -35.44 -113.11 -17.35
CA ALA W 672 -34.44 -113.76 -18.18
C ALA W 672 -35.13 -114.69 -19.15
N GLN W 673 -34.56 -114.85 -20.35
CA GLN W 673 -35.22 -115.57 -21.43
C GLN W 673 -34.36 -116.72 -21.94
N GLU W 674 -34.78 -117.28 -23.07
CA GLU W 674 -34.16 -118.51 -23.55
C GLU W 674 -33.06 -118.23 -24.56
N ARG W 675 -33.22 -117.24 -25.44
CA ARG W 675 -32.08 -116.79 -26.23
C ARG W 675 -31.07 -116.07 -25.36
N HIS W 676 -31.50 -115.59 -24.21
CA HIS W 676 -30.60 -115.18 -23.17
C HIS W 676 -29.75 -116.35 -22.69
N VAL W 677 -30.39 -117.45 -22.32
CA VAL W 677 -29.68 -118.49 -21.57
C VAL W 677 -28.96 -119.48 -22.48
N ASP W 678 -29.36 -119.58 -23.75
CA ASP W 678 -28.69 -120.55 -24.61
C ASP W 678 -27.32 -120.04 -25.03
N GLU W 679 -27.17 -118.73 -25.09
CA GLU W 679 -25.85 -118.17 -25.35
C GLU W 679 -24.97 -118.28 -24.12
N ALA W 680 -25.59 -118.32 -22.94
CA ALA W 680 -24.82 -118.42 -21.70
C ALA W 680 -24.15 -119.77 -21.56
N ILE W 681 -24.90 -120.87 -21.73
CA ILE W 681 -24.31 -122.19 -21.73
C ILE W 681 -23.30 -122.35 -22.85
N ARG W 682 -23.52 -121.69 -23.99
CA ARG W 682 -22.56 -121.68 -25.09
C ARG W 682 -21.20 -121.13 -24.68
N LEU W 683 -21.14 -120.31 -23.63
CA LEU W 683 -19.85 -120.00 -23.06
C LEU W 683 -19.37 -121.12 -22.15
N PHE W 684 -20.26 -121.74 -21.38
CA PHE W 684 -19.79 -122.70 -20.40
C PHE W 684 -19.69 -124.11 -20.96
N GLN W 685 -20.52 -124.44 -21.96
CA GLN W 685 -20.39 -125.72 -22.65
C GLN W 685 -19.04 -125.83 -23.34
N ALA W 686 -18.57 -124.70 -23.87
CA ALA W 686 -17.22 -124.61 -24.40
C ALA W 686 -16.16 -124.83 -23.34
N SER W 687 -16.42 -124.44 -22.08
CA SER W 687 -15.42 -124.63 -21.04
C SER W 687 -15.64 -125.91 -20.24
N THR W 688 -16.64 -126.71 -20.62
CA THR W 688 -16.73 -128.06 -20.07
C THR W 688 -15.87 -129.04 -20.83
N MET W 689 -15.72 -128.85 -22.14
CA MET W 689 -14.97 -129.78 -22.96
C MET W 689 -13.48 -129.71 -22.65
N ASP W 690 -12.96 -128.49 -22.45
CA ASP W 690 -11.54 -128.32 -22.15
C ASP W 690 -11.22 -128.78 -20.74
N ALA W 691 -12.23 -128.96 -19.90
CA ALA W 691 -12.03 -129.62 -18.62
C ALA W 691 -11.76 -131.11 -18.79
N ALA W 692 -11.98 -131.68 -19.98
CA ALA W 692 -11.72 -133.08 -20.23
C ALA W 692 -10.50 -133.33 -21.12
N SER W 693 -10.33 -132.55 -22.18
CA SER W 693 -9.24 -132.76 -23.12
C SER W 693 -7.97 -132.07 -22.67
N VAL X 103 52.14 -74.22 54.21
CA VAL X 103 53.32 -75.05 54.48
C VAL X 103 53.44 -76.13 53.41
N ASP X 104 52.31 -76.56 52.88
CA ASP X 104 52.31 -77.46 51.73
C ASP X 104 52.59 -76.71 50.43
N ASP X 105 52.41 -75.39 50.44
CA ASP X 105 52.67 -74.58 49.26
C ASP X 105 54.13 -74.62 48.87
N VAL X 106 55.03 -74.46 49.84
CA VAL X 106 56.45 -74.60 49.59
C VAL X 106 56.83 -76.06 49.40
N THR X 107 56.05 -76.99 49.98
CA THR X 107 56.31 -78.41 49.78
C THR X 107 56.12 -78.80 48.33
N GLY X 108 55.02 -78.34 47.72
CA GLY X 108 54.88 -78.47 46.29
C GLY X 108 55.90 -77.65 45.54
N GLU X 109 56.34 -76.54 46.12
CA GLU X 109 57.43 -75.81 45.49
C GLU X 109 58.76 -76.50 45.72
N LYS X 110 58.86 -77.30 46.79
CA LYS X 110 60.06 -78.11 46.98
C LYS X 110 60.15 -79.22 45.94
N VAL X 111 59.02 -79.89 45.68
CA VAL X 111 59.03 -80.99 44.73
C VAL X 111 59.06 -80.49 43.30
N ARG X 112 58.83 -79.20 43.09
CA ARG X 112 58.88 -78.64 41.76
C ARG X 112 60.31 -78.60 41.23
N GLU X 113 61.20 -77.98 41.99
CA GLU X 113 62.58 -77.84 41.53
C GLU X 113 63.36 -79.13 41.65
N ALA X 114 63.02 -79.95 42.66
CA ALA X 114 63.66 -81.25 42.82
C ALA X 114 63.35 -82.14 41.64
N PHE X 115 62.15 -82.02 41.10
CA PHE X 115 61.86 -82.65 39.82
C PHE X 115 62.64 -81.99 38.69
N GLU X 116 62.79 -80.66 38.75
CA GLU X 116 63.39 -79.94 37.64
C GLU X 116 64.86 -80.28 37.49
N GLN X 117 65.57 -80.39 38.62
CA GLN X 117 66.97 -80.76 38.59
C GLN X 117 67.18 -82.18 38.11
N PHE X 118 66.16 -83.03 38.21
CA PHE X 118 66.27 -84.36 37.65
C PHE X 118 66.33 -84.33 36.13
N LEU X 119 65.63 -83.39 35.51
CA LEU X 119 65.80 -83.19 34.08
C LEU X 119 67.05 -82.39 33.76
N GLU X 120 67.67 -81.80 34.79
CA GLU X 120 68.97 -81.19 34.61
C GLU X 120 70.10 -82.16 34.85
N ASP X 121 69.93 -83.15 35.72
CA ASP X 121 71.05 -84.05 35.96
C ASP X 121 71.07 -85.17 34.93
N PHE X 122 72.11 -85.98 35.00
CA PHE X 122 72.25 -87.18 34.21
C PHE X 122 71.26 -88.22 34.70
N SER X 123 70.92 -89.13 33.82
CA SER X 123 70.25 -90.33 34.26
C SER X 123 70.85 -91.55 33.60
N VAL X 124 72.14 -91.50 33.26
CA VAL X 124 72.78 -92.45 32.36
C VAL X 124 74.05 -92.96 33.03
N GLN X 125 74.19 -94.28 33.11
CA GLN X 125 75.32 -94.89 33.77
C GLN X 125 76.49 -95.19 32.85
N SER X 126 76.25 -95.46 31.56
CA SER X 126 77.29 -95.93 30.66
C SER X 126 77.63 -94.81 29.67
N THR X 127 78.91 -94.54 29.52
CA THR X 127 79.41 -93.48 28.66
C THR X 127 80.01 -94.07 27.38
N ASP X 128 79.42 -93.68 26.25
CA ASP X 128 79.87 -93.99 24.89
C ASP X 128 79.96 -95.49 24.61
N THR X 129 79.16 -96.29 25.28
CA THR X 129 78.94 -97.69 24.93
C THR X 129 77.51 -97.86 24.47
N GLY X 130 77.05 -96.93 23.63
CA GLY X 130 75.64 -96.58 23.56
C GLY X 130 75.29 -95.65 24.71
N GLU X 131 73.99 -95.36 24.83
CA GLU X 131 73.40 -94.66 25.97
C GLU X 131 74.01 -93.28 26.20
N VAL X 132 73.73 -92.34 25.29
CA VAL X 132 74.17 -90.96 25.44
C VAL X 132 73.62 -90.35 26.73
N GLU X 133 74.44 -89.54 27.39
CA GLU X 133 74.06 -88.88 28.64
C GLU X 133 72.92 -87.88 28.40
N LYS X 134 72.22 -87.55 29.49
CA LYS X 134 71.25 -86.44 29.56
C LYS X 134 70.11 -86.64 28.56
N VAL X 135 69.35 -87.72 28.80
CA VAL X 135 68.32 -88.14 27.86
C VAL X 135 67.12 -87.19 27.84
N TYR X 136 66.92 -86.42 28.90
CA TYR X 136 65.71 -85.62 28.97
C TYR X 136 65.82 -84.38 28.09
N ARG X 137 67.04 -83.91 27.88
CA ARG X 137 67.22 -82.86 26.88
C ARG X 137 66.98 -83.41 25.48
N ALA X 138 67.32 -84.67 25.25
CA ALA X 138 66.95 -85.30 23.99
C ALA X 138 65.45 -85.53 23.90
N GLN X 139 64.78 -85.71 25.05
CA GLN X 139 63.34 -85.79 25.05
C GLN X 139 62.70 -84.47 24.67
N ILE X 140 63.38 -83.36 24.95
CA ILE X 140 62.93 -82.08 24.45
C ILE X 140 63.19 -81.97 22.96
N GLU X 141 64.35 -82.45 22.51
CA GLU X 141 64.78 -82.14 21.14
C GLU X 141 64.11 -83.02 20.11
N PHE X 142 63.77 -84.25 20.47
CA PHE X 142 62.92 -85.05 19.58
C PHE X 142 61.54 -84.43 19.47
N MET X 143 61.07 -83.79 20.54
CA MET X 143 59.76 -83.17 20.57
C MET X 143 59.69 -81.91 19.73
N LYS X 144 60.75 -81.12 19.67
CA LYS X 144 60.70 -79.89 18.89
C LYS X 144 60.82 -80.09 17.39
N ILE X 145 60.83 -81.34 16.93
CA ILE X 145 60.80 -81.65 15.51
C ILE X 145 59.42 -82.13 15.08
N TYR X 146 58.94 -83.20 15.69
CA TYR X 146 57.70 -83.80 15.25
C TYR X 146 56.48 -83.22 15.94
N ASP X 147 56.69 -82.46 17.01
CA ASP X 147 55.70 -81.60 17.65
C ASP X 147 54.48 -82.37 18.14
N LEU X 148 54.67 -83.27 19.10
CA LEU X 148 53.61 -84.15 19.55
C LEU X 148 53.01 -83.77 20.90
N ASN X 149 53.71 -82.96 21.70
CA ASN X 149 53.26 -82.45 22.99
C ASN X 149 53.02 -83.59 23.99
N THR X 150 54.07 -84.37 24.23
CA THR X 150 54.08 -85.38 25.29
C THR X 150 55.39 -85.31 26.05
N ILE X 151 55.44 -86.04 27.16
CA ILE X 151 56.67 -86.49 27.79
C ILE X 151 56.49 -87.98 28.08
N TYR X 152 57.57 -88.62 28.52
CA TYR X 152 57.49 -90.02 28.94
C TYR X 152 58.53 -90.26 30.03
N ILE X 153 58.07 -90.23 31.28
CA ILE X 153 58.97 -90.42 32.41
C ILE X 153 58.67 -91.76 33.07
N ASP X 154 59.70 -92.33 33.67
CA ASP X 154 59.61 -93.64 34.27
C ASP X 154 59.50 -93.53 35.78
N TYR X 155 59.25 -94.65 36.44
CA TYR X 155 59.22 -94.67 37.88
C TYR X 155 60.53 -95.11 38.49
N GLN X 156 61.41 -95.71 37.70
CA GLN X 156 62.70 -96.16 38.21
C GLN X 156 63.60 -95.00 38.60
N HIS X 157 63.83 -94.07 37.70
CA HIS X 157 64.89 -93.10 37.91
C HIS X 157 64.49 -92.02 38.89
N LEU X 158 63.19 -91.82 39.09
CA LEU X 158 62.79 -90.92 40.16
C LEU X 158 62.79 -91.63 41.51
N SER X 159 62.63 -92.96 41.51
CA SER X 159 62.81 -93.68 42.76
C SER X 159 64.27 -93.69 43.18
N MET X 160 65.17 -93.97 42.24
CA MET X 160 66.59 -94.06 42.53
C MET X 160 67.32 -92.74 42.46
N ARG X 161 66.63 -91.62 42.60
CA ARG X 161 67.31 -90.35 42.82
C ARG X 161 67.25 -89.91 44.28
N GLU X 162 66.05 -89.87 44.86
CA GLU X 162 65.91 -89.49 46.26
C GLU X 162 65.83 -90.69 47.18
N ASN X 163 66.00 -91.91 46.64
CA ASN X 163 65.95 -93.17 47.38
C ASN X 163 64.61 -93.35 48.10
N GLY X 164 63.55 -92.90 47.45
CA GLY X 164 62.24 -92.98 48.03
C GLY X 164 61.86 -91.84 48.95
N ALA X 165 62.70 -90.80 49.06
CA ALA X 165 62.30 -89.64 49.84
C ALA X 165 61.25 -88.84 49.10
N LEU X 166 61.27 -88.88 47.77
CA LEU X 166 60.27 -88.20 46.96
C LEU X 166 59.33 -89.17 46.25
N ALA X 167 59.83 -90.35 45.89
CA ALA X 167 59.01 -91.30 45.13
C ALA X 167 57.86 -91.83 45.97
N MET X 168 58.00 -91.84 47.29
CA MET X 168 56.85 -92.12 48.13
C MET X 168 56.01 -90.88 48.38
N ALA X 169 56.57 -89.69 48.18
CA ALA X 169 55.76 -88.51 48.34
C ALA X 169 54.88 -88.27 47.12
N ILE X 170 55.37 -88.62 45.94
CA ILE X 170 54.66 -88.26 44.71
C ILE X 170 53.42 -89.09 44.48
N SER X 171 53.28 -90.23 45.13
CA SER X 171 52.02 -90.95 45.01
C SER X 171 50.91 -90.23 45.74
N GLU X 172 51.25 -89.43 46.75
CA GLU X 172 50.25 -88.73 47.53
C GLU X 172 50.31 -87.22 47.39
N GLN X 173 50.77 -86.70 46.25
CA GLN X 173 50.66 -85.28 45.96
C GLN X 173 49.96 -84.97 44.66
N TYR X 174 50.27 -85.71 43.58
CA TYR X 174 49.93 -85.32 42.22
C TYR X 174 48.45 -85.38 41.93
N TYR X 175 47.71 -86.21 42.64
CA TYR X 175 46.26 -86.21 42.55
C TYR X 175 45.67 -84.90 43.03
N ARG X 176 46.30 -84.26 44.01
CA ARG X 176 46.06 -82.88 44.37
C ARG X 176 46.93 -81.94 43.59
N PHE X 177 48.20 -82.30 43.41
CA PHE X 177 49.14 -81.44 42.71
C PHE X 177 49.34 -81.97 41.30
N LEU X 178 48.23 -82.08 40.57
CA LEU X 178 48.36 -82.01 39.12
C LEU X 178 48.99 -80.67 38.75
N PRO X 179 48.43 -79.46 39.12
CA PRO X 179 49.02 -78.24 38.56
C PRO X 179 50.28 -77.77 39.25
N PHE X 180 51.17 -78.69 39.57
CA PHE X 180 52.45 -78.34 40.17
C PHE X 180 53.62 -78.87 39.38
N LEU X 181 53.60 -80.15 39.03
CA LEU X 181 54.64 -80.69 38.16
C LEU X 181 54.53 -80.08 36.78
N GLN X 182 53.30 -79.91 36.31
CA GLN X 182 53.10 -79.33 34.99
C GLN X 182 53.41 -77.84 34.98
N LYS X 183 53.23 -77.15 36.10
CA LYS X 183 53.67 -75.78 36.18
C LYS X 183 55.19 -75.69 36.15
N GLY X 184 55.86 -76.71 36.70
CA GLY X 184 57.31 -76.70 36.71
C GLY X 184 57.91 -76.92 35.35
N LEU X 185 57.34 -77.85 34.57
CA LEU X 185 57.90 -78.11 33.25
C LEU X 185 57.63 -76.96 32.30
N ARG X 186 56.55 -76.21 32.51
CA ARG X 186 56.39 -74.94 31.83
C ARG X 186 57.46 -73.95 32.23
N ARG X 187 57.95 -74.03 33.47
CA ARG X 187 58.99 -73.10 33.87
C ARG X 187 60.32 -73.47 33.26
N VAL X 188 60.57 -74.77 33.07
CA VAL X 188 61.87 -75.17 32.55
C VAL X 188 61.97 -75.07 31.04
N VAL X 189 60.84 -75.08 30.33
CA VAL X 189 60.91 -75.05 28.88
C VAL X 189 61.24 -73.66 28.35
N ARG X 190 60.79 -72.60 29.04
CA ARG X 190 61.13 -71.23 28.66
C ARG X 190 62.61 -70.98 28.79
N LYS X 191 63.23 -71.57 29.80
CA LYS X 191 64.66 -71.44 29.98
C LYS X 191 65.43 -72.33 29.01
N TYR X 192 64.75 -73.20 28.27
CA TYR X 192 65.41 -74.10 27.35
C TYR X 192 64.92 -73.98 25.92
N ALA X 193 63.64 -74.04 25.69
CA ALA X 193 63.17 -74.02 24.31
C ALA X 193 62.45 -72.71 24.03
N PRO X 194 62.15 -72.36 22.76
CA PRO X 194 61.28 -71.19 22.58
C PRO X 194 59.81 -71.55 22.70
N GLU X 260 49.95 -72.18 22.31
CA GLU X 260 50.01 -73.27 21.34
C GLU X 260 50.57 -74.50 22.05
N ARG X 261 50.93 -74.32 23.32
CA ARG X 261 51.64 -75.33 24.09
C ARG X 261 50.69 -75.87 25.15
N VAL X 262 50.41 -77.17 25.09
CA VAL X 262 49.60 -77.87 26.08
C VAL X 262 50.26 -79.22 26.33
N PHE X 263 50.43 -79.60 27.60
CA PHE X 263 51.16 -80.80 27.95
C PHE X 263 50.34 -81.75 28.81
N GLN X 264 51.03 -82.76 29.31
CA GLN X 264 50.47 -83.79 30.17
C GLN X 264 51.65 -84.48 30.82
N ILE X 265 51.37 -85.28 31.84
CA ILE X 265 52.42 -86.00 32.54
C ILE X 265 52.13 -87.48 32.40
N SER X 266 53.06 -88.21 31.80
CA SER X 266 52.87 -89.63 31.55
C SER X 266 53.92 -90.42 32.30
N PHE X 267 53.55 -90.94 33.46
CA PHE X 267 54.33 -91.97 34.12
C PHE X 267 54.06 -93.27 33.41
N PHE X 268 54.95 -94.23 33.60
CA PHE X 268 54.70 -95.60 33.20
C PHE X 268 55.62 -96.48 34.01
N ASN X 269 55.34 -97.78 33.98
CA ASN X 269 56.13 -98.85 34.59
C ASN X 269 56.34 -98.66 36.08
N LEU X 270 55.27 -98.71 36.84
CA LEU X 270 55.37 -98.92 38.28
C LEU X 270 55.61 -100.41 38.44
N PRO X 271 56.25 -100.87 39.53
CA PRO X 271 56.47 -102.32 39.68
C PRO X 271 55.21 -103.17 39.79
N THR X 272 54.31 -102.85 40.72
CA THR X 272 53.28 -103.81 41.13
C THR X 272 52.05 -103.70 40.25
N VAL X 273 51.49 -104.83 39.83
CA VAL X 273 50.28 -104.87 39.03
C VAL X 273 49.20 -105.62 39.79
N HIS X 274 48.06 -104.97 39.99
CA HIS X 274 46.96 -105.49 40.80
C HIS X 274 45.89 -106.07 39.89
N ARG X 275 44.79 -106.51 40.49
CA ARG X 275 43.59 -106.89 39.75
C ARG X 275 42.47 -105.94 40.16
N ILE X 276 41.34 -106.05 39.47
CA ILE X 276 40.27 -105.09 39.67
C ILE X 276 39.48 -105.30 40.94
N ARG X 277 39.79 -106.35 41.70
CA ARG X 277 39.04 -106.66 42.91
C ARG X 277 39.77 -106.18 44.15
N ASP X 278 40.72 -105.25 44.00
CA ASP X 278 41.56 -104.88 45.12
C ASP X 278 41.64 -103.37 45.27
N ILE X 279 40.55 -102.66 45.04
CA ILE X 279 40.57 -101.21 44.91
C ILE X 279 39.52 -100.56 45.82
N ARG X 280 39.88 -100.30 47.08
CA ARG X 280 38.89 -99.66 47.93
C ARG X 280 39.31 -98.39 48.68
N SER X 281 40.30 -98.51 49.56
CA SER X 281 40.44 -97.50 50.62
C SER X 281 41.67 -96.62 50.49
N GLU X 282 42.83 -97.25 50.53
CA GLU X 282 44.09 -96.56 50.24
C GLU X 282 44.12 -96.07 48.81
N LYS X 283 43.41 -96.74 47.92
CA LYS X 283 43.35 -96.36 46.54
C LYS X 283 42.30 -95.26 46.41
N ILE X 284 42.70 -94.06 46.79
CA ILE X 284 42.03 -92.84 46.36
C ILE X 284 43.11 -91.77 46.24
N GLY X 285 43.27 -91.22 45.05
CA GLY X 285 44.39 -90.35 44.80
C GLY X 285 45.72 -91.04 44.68
N SER X 286 45.74 -92.36 44.50
CA SER X 286 47.00 -93.09 44.39
C SER X 286 47.41 -93.27 42.95
N LEU X 287 48.36 -94.15 42.71
CA LEU X 287 48.79 -94.50 41.36
C LEU X 287 48.90 -96.02 41.29
N LEU X 288 47.99 -96.67 40.59
CA LEU X 288 47.93 -98.13 40.67
C LEU X 288 47.73 -98.73 39.30
N SER X 289 48.75 -99.41 38.79
CA SER X 289 48.67 -100.07 37.50
C SER X 289 47.67 -101.21 37.53
N ILE X 290 46.85 -101.29 36.49
CA ILE X 290 45.76 -102.25 36.46
C ILE X 290 45.71 -102.97 35.13
N SER X 291 45.60 -104.29 35.20
CA SER X 291 45.51 -105.14 34.04
C SER X 291 44.06 -105.33 33.67
N GLY X 292 43.82 -106.09 32.61
CA GLY X 292 42.48 -106.49 32.26
C GLY X 292 42.32 -106.54 30.76
N THR X 293 41.08 -106.77 30.34
CA THR X 293 40.73 -106.78 28.93
C THR X 293 39.56 -105.85 28.68
N VAL X 294 39.44 -105.35 27.47
CA VAL X 294 38.59 -104.22 27.17
C VAL X 294 37.51 -104.62 26.18
N THR X 295 36.33 -104.02 26.31
CA THR X 295 35.16 -104.37 25.52
C THR X 295 34.29 -103.13 25.39
N ARG X 296 33.64 -102.97 24.23
CA ARG X 296 32.64 -101.94 23.98
C ARG X 296 33.21 -100.53 24.14
N THR X 297 33.97 -100.10 23.15
CA THR X 297 34.46 -98.73 23.12
C THR X 297 33.34 -97.74 22.83
N SER X 298 33.69 -96.46 22.75
CA SER X 298 32.77 -95.43 22.29
C SER X 298 33.54 -94.44 21.43
N GLU X 299 32.88 -93.35 21.08
CA GLU X 299 33.34 -92.47 20.03
C GLU X 299 34.23 -91.37 20.61
N VAL X 300 34.52 -90.35 19.81
CA VAL X 300 35.53 -89.35 20.15
C VAL X 300 34.86 -87.98 20.18
N ARG X 301 34.68 -87.44 21.37
CA ARG X 301 34.04 -86.14 21.53
C ARG X 301 35.03 -85.22 22.25
N PRO X 302 34.83 -83.90 22.20
CA PRO X 302 35.77 -83.00 22.90
C PRO X 302 35.32 -82.57 24.29
N GLU X 303 36.33 -82.21 25.10
CA GLU X 303 36.21 -81.72 26.46
C GLU X 303 36.67 -80.26 26.52
N LEU X 304 36.64 -79.62 27.69
CA LEU X 304 36.88 -78.19 27.76
C LEU X 304 38.09 -77.70 28.56
N TYR X 305 38.15 -78.07 29.84
CA TYR X 305 39.16 -77.78 30.87
C TYR X 305 39.44 -76.30 31.15
N LYS X 306 38.90 -75.38 30.37
CA LYS X 306 39.13 -73.93 30.51
C LYS X 306 38.22 -73.27 29.50
N ALA X 307 37.57 -72.19 29.87
CA ALA X 307 36.72 -71.47 28.95
C ALA X 307 37.06 -70.00 29.09
N SER X 308 36.44 -69.18 28.25
CA SER X 308 36.38 -67.74 28.46
C SER X 308 34.97 -67.20 28.35
N PHE X 309 33.98 -67.98 28.76
CA PHE X 309 32.60 -67.53 28.73
C PHE X 309 32.39 -66.54 29.85
N THR X 310 31.55 -65.54 29.58
CA THR X 310 31.11 -64.60 30.60
C THR X 310 29.79 -63.98 30.15
N CYS X 311 29.13 -63.30 31.08
CA CYS X 311 27.85 -62.68 30.80
C CYS X 311 28.02 -61.46 29.91
N ASP X 312 27.00 -61.20 29.10
CA ASP X 312 26.98 -60.04 28.22
C ASP X 312 26.39 -58.81 28.89
N MET X 313 26.52 -58.73 30.22
CA MET X 313 26.05 -57.60 31.01
C MET X 313 26.73 -56.30 30.59
N CYS X 314 28.04 -56.24 30.72
CA CYS X 314 28.79 -55.14 30.14
C CYS X 314 29.82 -55.66 29.15
N ARG X 315 30.61 -56.63 29.58
CA ARG X 315 31.69 -57.18 28.77
C ARG X 315 31.87 -58.64 29.12
N ALA X 316 31.84 -59.50 28.10
CA ALA X 316 31.88 -60.94 28.28
C ALA X 316 33.25 -61.51 27.99
N ILE X 317 34.31 -60.80 28.37
CA ILE X 317 35.66 -61.22 28.02
C ILE X 317 36.42 -61.63 29.27
N VAL X 318 35.72 -62.19 30.25
CA VAL X 318 36.33 -62.65 31.49
C VAL X 318 36.69 -64.11 31.34
N ASP X 319 37.99 -64.39 31.30
CA ASP X 319 38.47 -65.77 31.29
C ASP X 319 38.37 -66.32 32.70
N ASN X 320 37.26 -66.98 32.99
CA ASN X 320 36.96 -67.52 34.31
C ASN X 320 37.73 -68.79 34.57
N VAL X 321 37.46 -69.38 35.72
CA VAL X 321 38.23 -70.52 36.20
C VAL X 321 37.31 -71.69 36.45
N GLU X 322 37.90 -72.80 36.94
CA GLU X 322 37.20 -73.92 37.55
C GLU X 322 36.25 -74.62 36.58
N GLN X 323 36.85 -75.24 35.57
CA GLN X 323 36.10 -76.11 34.66
C GLN X 323 36.01 -77.53 35.21
N SER X 324 35.30 -77.65 36.31
CA SER X 324 35.13 -78.91 37.03
C SER X 324 33.97 -79.71 36.43
N PHE X 325 33.48 -80.72 37.17
CA PHE X 325 32.48 -81.64 36.65
C PHE X 325 31.10 -81.01 36.44
N LYS X 326 30.90 -79.73 36.77
CA LYS X 326 29.62 -79.08 36.57
C LYS X 326 29.76 -77.70 35.94
N TYR X 327 30.60 -77.57 34.93
CA TYR X 327 31.25 -76.31 34.59
C TYR X 327 30.41 -75.38 33.75
N THR X 328 29.09 -75.52 33.76
CA THR X 328 28.25 -74.68 32.92
C THR X 328 27.84 -73.38 33.61
N GLU X 329 28.69 -72.83 34.47
CA GLU X 329 28.40 -71.56 35.14
C GLU X 329 29.70 -70.86 35.52
N PRO X 330 30.24 -70.05 34.64
CA PRO X 330 31.34 -69.16 35.01
C PRO X 330 30.80 -67.92 35.68
N THR X 331 31.03 -67.80 36.98
CA THR X 331 30.37 -66.73 37.73
C THR X 331 31.26 -66.06 38.76
N PHE X 332 32.58 -66.09 38.60
CA PHE X 332 33.50 -65.57 39.58
C PHE X 332 34.29 -64.40 39.01
N CYS X 333 34.35 -63.32 39.81
CA CYS X 333 35.12 -62.09 39.56
C CYS X 333 34.80 -61.46 38.22
N PRO X 334 33.64 -60.83 38.06
CA PRO X 334 33.34 -60.10 36.82
C PRO X 334 34.27 -58.92 36.62
N ASN X 335 34.32 -58.45 35.37
CA ASN X 335 35.32 -57.48 34.96
C ASN X 335 35.09 -56.12 35.60
N PRO X 336 34.04 -55.40 35.20
CA PRO X 336 33.68 -54.17 35.91
C PRO X 336 32.64 -54.45 36.98
N SER X 337 32.24 -53.37 37.65
CA SER X 337 31.07 -53.43 38.53
C SER X 337 29.85 -53.53 37.64
N CYS X 338 29.46 -54.77 37.35
CA CYS X 338 28.36 -55.04 36.43
C CYS X 338 27.49 -56.11 37.08
N GLU X 339 26.60 -56.71 36.31
CA GLU X 339 25.76 -57.79 36.81
C GLU X 339 26.44 -59.13 36.55
N ASN X 340 26.74 -59.84 37.63
CA ASN X 340 27.48 -61.10 37.56
C ASN X 340 26.50 -62.27 37.63
N ARG X 341 26.90 -63.36 36.99
CA ARG X 341 26.17 -64.63 36.90
C ARG X 341 24.79 -64.42 36.25
N ALA X 342 24.75 -63.47 35.33
CA ALA X 342 23.49 -63.11 34.69
C ALA X 342 23.38 -63.89 33.39
N PHE X 343 24.53 -64.28 32.85
CA PHE X 343 24.61 -65.01 31.60
C PHE X 343 25.98 -65.62 31.48
N TRP X 344 26.19 -66.26 30.34
CA TRP X 344 27.49 -66.76 29.89
C TRP X 344 27.36 -67.03 28.40
N THR X 345 28.45 -66.90 27.68
CA THR X 345 28.45 -67.18 26.24
C THR X 345 29.69 -68.00 25.95
N LEU X 346 29.54 -69.32 25.90
CA LEU X 346 30.65 -70.21 25.63
C LEU X 346 31.02 -70.10 24.16
N ASN X 347 31.97 -69.23 23.86
CA ASN X 347 32.45 -69.09 22.50
C ASN X 347 33.27 -70.33 22.13
N VAL X 348 33.44 -70.52 20.82
CA VAL X 348 34.16 -71.65 20.27
C VAL X 348 35.51 -71.22 19.71
N THR X 349 35.97 -70.02 20.08
CA THR X 349 36.98 -69.31 19.31
C THR X 349 38.28 -69.14 20.07
N ARG X 350 38.30 -69.48 21.35
CA ARG X 350 39.46 -69.14 22.16
C ARG X 350 39.84 -70.18 23.20
N SER X 351 39.03 -71.19 23.46
CA SER X 351 39.37 -72.16 24.49
C SER X 351 39.74 -73.49 23.86
N ARG X 352 40.97 -73.92 24.11
CA ARG X 352 41.48 -75.16 23.57
C ARG X 352 40.76 -76.35 24.19
N PHE X 353 40.63 -77.41 23.39
CA PHE X 353 39.89 -78.60 23.79
C PHE X 353 40.83 -79.79 23.85
N LEU X 354 40.32 -80.90 24.36
CA LEU X 354 41.07 -82.14 24.36
C LEU X 354 40.10 -83.30 24.26
N ASP X 355 40.52 -84.35 23.55
CA ASP X 355 39.61 -85.35 23.00
C ASP X 355 39.76 -86.70 23.67
N TRP X 356 38.64 -87.39 23.86
CA TRP X 356 38.62 -88.52 24.77
C TRP X 356 37.56 -89.52 24.37
N GLN X 357 37.53 -90.64 25.09
CA GLN X 357 36.52 -91.67 24.89
C GLN X 357 36.39 -92.47 26.17
N LYS X 358 35.22 -93.05 26.37
CA LYS X 358 34.87 -93.77 27.59
C LYS X 358 34.76 -95.25 27.29
N VAL X 359 35.49 -96.09 28.03
CA VAL X 359 35.53 -97.52 27.74
C VAL X 359 35.33 -98.31 29.02
N ARG X 360 34.84 -99.55 28.84
CA ARG X 360 34.66 -100.50 29.91
C ARG X 360 35.70 -101.59 29.82
N ILE X 361 36.16 -102.08 30.98
CA ILE X 361 37.15 -103.14 30.99
C ILE X 361 36.57 -104.37 31.65
N GLN X 362 37.37 -105.43 31.74
CA GLN X 362 36.89 -106.72 32.18
C GLN X 362 38.08 -107.55 32.64
N GLU X 363 37.82 -108.52 33.50
CA GLU X 363 38.90 -109.28 34.12
C GLU X 363 39.36 -110.42 33.22
N ASN X 364 40.65 -110.74 33.32
CA ASN X 364 41.32 -111.72 32.47
C ASN X 364 40.78 -113.13 32.73
N ALA X 365 41.11 -114.02 31.79
CA ALA X 365 40.61 -115.39 31.79
C ALA X 365 41.44 -116.36 32.62
N ASN X 366 42.70 -116.02 32.93
CA ASN X 366 43.53 -116.90 33.74
C ASN X 366 43.52 -116.50 35.21
N GLU X 367 42.47 -115.81 35.65
CA GLU X 367 42.39 -115.45 37.06
C GLU X 367 40.99 -115.68 37.62
N ILE X 368 40.02 -115.87 36.74
CA ILE X 368 38.62 -115.96 37.16
C ILE X 368 38.43 -117.22 38.00
N PRO X 369 38.03 -117.07 39.28
CA PRO X 369 37.94 -118.23 40.19
C PRO X 369 36.87 -119.22 39.79
N THR X 370 35.63 -118.74 39.71
CA THR X 370 34.53 -119.50 39.13
C THR X 370 33.79 -118.60 38.15
N GLY X 371 32.74 -119.16 37.56
CA GLY X 371 31.85 -118.38 36.72
C GLY X 371 30.91 -117.56 37.57
N SER X 372 31.43 -116.48 38.16
CA SER X 372 30.76 -115.81 39.27
C SER X 372 30.40 -114.37 38.93
N MET X 373 29.74 -114.17 37.75
CA MET X 373 29.35 -112.91 37.10
C MET X 373 30.49 -111.90 37.19
N PRO X 374 31.53 -112.06 36.36
CA PRO X 374 32.79 -111.33 36.57
C PRO X 374 32.61 -109.82 36.45
N ARG X 375 32.89 -109.14 37.55
CA ARG X 375 32.54 -107.74 37.69
C ARG X 375 33.50 -106.86 36.88
N THR X 376 33.18 -105.58 36.84
CA THR X 376 33.87 -104.69 35.92
C THR X 376 33.74 -103.25 36.39
N LEU X 377 34.47 -102.38 35.71
CA LEU X 377 34.40 -100.94 35.93
C LEU X 377 34.75 -100.21 34.64
N ASP X 378 34.67 -98.89 34.72
CA ASP X 378 34.79 -98.01 33.57
C ASP X 378 35.99 -97.09 33.74
N VAL X 379 36.44 -96.49 32.65
CA VAL X 379 37.66 -95.72 32.64
C VAL X 379 37.63 -94.69 31.52
N ILE X 380 38.04 -93.47 31.85
CA ILE X 380 38.16 -92.37 30.92
C ILE X 380 39.62 -92.21 30.58
N LEU X 381 39.96 -92.18 29.29
CA LEU X 381 41.35 -91.94 28.88
C LEU X 381 41.33 -90.60 28.15
N ARG X 382 42.13 -89.64 28.57
CA ARG X 382 42.05 -88.29 27.96
C ARG X 382 43.18 -87.58 27.20
N GLY X 383 44.34 -88.15 26.93
CA GLY X 383 45.31 -87.34 26.23
C GLY X 383 45.46 -87.66 24.75
N ASP X 384 46.65 -88.10 24.35
CA ASP X 384 46.86 -88.71 23.05
C ASP X 384 46.51 -90.20 23.09
N SER X 385 46.08 -90.69 24.24
CA SER X 385 45.69 -92.06 24.48
C SER X 385 44.48 -92.48 23.66
N VAL X 386 43.75 -91.52 23.12
CA VAL X 386 42.60 -91.66 22.25
C VAL X 386 42.92 -92.61 21.10
N GLU X 387 41.94 -93.47 20.79
CA GLU X 387 41.94 -94.52 19.77
C GLU X 387 43.21 -95.36 19.74
N ARG X 388 43.77 -95.62 20.90
CA ARG X 388 44.92 -96.50 20.95
C ARG X 388 44.62 -97.84 21.61
N ALA X 389 43.67 -97.91 22.52
CA ALA X 389 43.19 -99.19 23.02
C ALA X 389 42.26 -99.79 21.99
N LYS X 390 42.82 -100.61 21.10
CA LYS X 390 42.00 -101.43 20.24
C LYS X 390 41.20 -102.39 21.11
N PRO X 391 39.88 -102.49 20.94
CA PRO X 391 39.08 -103.40 21.78
C PRO X 391 39.44 -104.85 21.53
N GLY X 392 39.82 -105.56 22.58
CA GLY X 392 40.14 -106.97 22.46
C GLY X 392 41.56 -107.41 22.80
N ASP X 393 42.17 -106.82 23.82
CA ASP X 393 43.52 -107.24 24.17
C ASP X 393 43.74 -107.13 25.67
N ARG X 394 44.68 -107.94 26.17
CA ARG X 394 45.10 -107.91 27.56
C ARG X 394 45.96 -106.68 27.79
N CYS X 395 45.47 -105.72 28.55
CA CYS X 395 45.98 -104.36 28.53
C CYS X 395 46.25 -103.85 29.95
N LYS X 396 47.23 -102.94 30.07
CA LYS X 396 47.64 -102.33 31.32
C LYS X 396 47.36 -100.83 31.30
N PHE X 397 47.48 -100.18 32.45
CA PHE X 397 47.05 -98.79 32.54
C PHE X 397 47.91 -97.97 33.49
N THR X 398 47.57 -96.68 33.58
CA THR X 398 48.35 -95.69 34.30
C THR X 398 48.12 -95.76 35.80
N GLY X 399 46.94 -95.40 36.27
CA GLY X 399 46.73 -95.64 37.67
C GLY X 399 46.06 -94.65 38.58
N VAL X 400 45.76 -93.43 38.15
CA VAL X 400 45.11 -92.50 39.07
C VAL X 400 43.65 -92.84 39.21
N GLU X 401 43.22 -93.10 40.43
CA GLU X 401 41.85 -93.43 40.72
C GLU X 401 41.12 -92.13 41.03
N ILE X 402 39.80 -92.11 40.83
CA ILE X 402 39.02 -90.89 40.93
C ILE X 402 37.56 -91.24 41.21
N VAL X 403 36.89 -90.39 41.98
CA VAL X 403 35.46 -90.51 42.18
C VAL X 403 34.77 -89.52 41.26
N VAL X 404 33.52 -89.77 40.93
CA VAL X 404 32.72 -88.88 40.09
C VAL X 404 31.32 -88.75 40.65
N PRO X 405 30.78 -87.55 40.75
CA PRO X 405 29.38 -87.38 41.12
C PRO X 405 28.48 -87.22 39.91
N ASP X 406 27.20 -86.90 40.17
CA ASP X 406 26.34 -86.14 39.23
C ASP X 406 25.76 -84.95 40.00
N VAL X 407 25.95 -83.76 39.44
CA VAL X 407 25.58 -82.54 40.13
C VAL X 407 24.10 -82.22 40.04
N THR X 408 23.34 -82.98 39.21
CA THR X 408 21.93 -82.75 38.91
C THR X 408 21.70 -81.35 38.34
N GLN X 409 22.17 -81.13 37.11
CA GLN X 409 22.12 -79.88 36.34
C GLN X 409 20.66 -79.54 35.95
N LEU X 410 20.53 -78.48 35.15
CA LEU X 410 19.27 -77.89 34.71
C LEU X 410 18.57 -78.69 33.61
N GLY X 411 18.95 -79.94 33.36
CA GLY X 411 18.24 -80.78 32.41
C GLY X 411 16.85 -81.16 32.87
N LEU X 412 16.16 -81.98 32.08
CA LEU X 412 14.74 -82.21 32.35
C LEU X 412 14.49 -83.05 33.60
N PRO X 413 15.24 -84.14 33.90
CA PRO X 413 15.14 -84.70 35.26
C PRO X 413 16.10 -84.02 36.21
N GLY X 414 15.85 -84.14 37.50
CA GLY X 414 16.74 -83.59 38.50
C GLY X 414 18.03 -84.38 38.63
N LYS X 428 14.33 -102.02 44.82
CA LYS X 428 15.50 -102.67 44.23
C LYS X 428 16.71 -102.56 45.14
N THR X 429 17.30 -101.36 45.17
CA THR X 429 18.49 -101.13 45.95
C THR X 429 18.29 -99.98 46.92
N THR X 430 19.13 -99.98 47.95
CA THR X 430 19.17 -98.89 48.91
C THR X 430 20.35 -97.98 48.60
N GLU X 431 20.62 -97.79 47.31
CA GLU X 431 21.77 -97.04 46.84
C GLU X 431 21.64 -95.57 47.23
N GLY X 432 22.78 -94.94 47.42
CA GLY X 432 22.79 -93.61 47.99
C GLY X 432 22.44 -93.57 49.46
N LEU X 433 22.49 -94.71 50.16
CA LEU X 433 22.33 -94.67 51.61
C LEU X 433 23.45 -93.85 52.26
N ASN X 434 24.65 -93.92 51.70
CA ASN X 434 25.71 -92.99 52.01
C ASN X 434 25.32 -91.56 51.64
N SER X 435 24.54 -91.39 50.58
CA SER X 435 24.31 -90.05 50.07
C SER X 435 23.23 -89.30 50.84
N GLY X 436 22.46 -90.01 51.66
CA GLY X 436 21.53 -89.32 52.54
C GLY X 436 22.20 -88.42 53.54
N VAL X 437 23.44 -88.74 53.90
CA VAL X 437 24.25 -87.83 54.68
C VAL X 437 24.69 -86.64 53.85
N THR X 438 24.81 -86.80 52.52
CA THR X 438 25.36 -85.76 51.66
C THR X 438 24.36 -84.66 51.34
N GLY X 439 23.24 -84.60 52.04
CA GLY X 439 22.28 -83.54 51.83
C GLY X 439 22.74 -82.22 52.37
N LEU X 440 21.90 -81.21 52.20
CA LEU X 440 22.08 -79.83 52.69
C LEU X 440 23.42 -79.22 52.28
N ARG X 441 23.59 -79.02 50.98
CA ARG X 441 24.61 -78.10 50.49
C ARG X 441 23.95 -76.75 50.32
N SER X 442 24.66 -75.76 49.78
CA SER X 442 24.06 -74.44 49.67
C SER X 442 23.06 -74.38 48.52
N LEU X 443 23.21 -75.24 47.52
CA LEU X 443 22.15 -75.41 46.54
C LEU X 443 21.19 -76.48 47.01
N GLY X 444 20.29 -76.93 46.14
CA GLY X 444 19.06 -77.55 46.57
C GLY X 444 19.24 -78.89 47.26
N VAL X 445 18.31 -79.21 48.14
CA VAL X 445 18.40 -80.44 48.90
C VAL X 445 18.02 -81.62 48.02
N ARG X 446 18.97 -82.54 47.89
CA ARG X 446 18.86 -83.71 47.05
C ARG X 446 19.69 -84.80 47.71
N ASP X 447 20.16 -85.74 46.91
CA ASP X 447 21.14 -86.72 47.37
C ASP X 447 22.19 -86.87 46.27
N LEU X 448 23.38 -86.33 46.52
CA LEU X 448 24.45 -86.55 45.57
C LEU X 448 25.19 -87.84 45.91
N THR X 449 25.04 -88.82 45.04
CA THR X 449 25.67 -90.12 45.21
C THR X 449 27.07 -90.08 44.62
N TYR X 450 27.68 -91.24 44.52
CA TYR X 450 29.02 -91.36 43.98
C TYR X 450 29.18 -92.72 43.33
N LYS X 451 30.23 -92.84 42.51
CA LYS X 451 30.66 -94.14 42.04
C LYS X 451 32.14 -94.07 41.71
N ILE X 452 32.87 -95.12 42.07
CA ILE X 452 34.29 -95.20 41.79
C ILE X 452 34.47 -95.45 40.31
N SER X 453 35.28 -94.60 39.68
CA SER X 453 35.65 -94.74 38.29
C SER X 453 37.15 -94.52 38.15
N PHE X 454 37.62 -94.38 36.92
CA PHE X 454 39.04 -94.42 36.66
C PHE X 454 39.36 -93.37 35.63
N LEU X 455 40.47 -92.66 35.85
CA LEU X 455 41.07 -91.80 34.86
C LEU X 455 42.44 -92.35 34.50
N ALA X 456 42.75 -92.42 33.23
CA ALA X 456 44.04 -92.93 32.83
C ALA X 456 44.90 -91.80 32.31
N CYS X 457 46.14 -92.12 31.97
CA CYS X 457 46.96 -91.21 31.18
C CYS X 457 47.73 -91.91 30.07
N HIS X 458 48.01 -93.19 30.18
CA HIS X 458 48.94 -93.86 29.28
C HIS X 458 48.62 -95.33 29.16
N VAL X 459 48.51 -95.80 27.93
CA VAL X 459 48.12 -97.17 27.66
C VAL X 459 49.36 -97.95 27.27
N ILE X 460 49.28 -99.26 27.43
CA ILE X 460 50.21 -100.20 26.83
C ILE X 460 49.45 -101.50 26.63
N SER X 461 49.93 -102.32 25.71
CA SER X 461 49.29 -103.60 25.43
C SER X 461 50.38 -104.64 25.23
N ILE X 462 50.82 -105.25 26.32
CA ILE X 462 51.81 -106.33 26.26
C ILE X 462 51.00 -107.61 26.06
N GLY X 463 50.87 -108.02 24.80
CA GLY X 463 50.02 -109.13 24.44
C GLY X 463 49.09 -108.72 23.31
N SER X 510 71.60 -99.27 11.47
CA SER X 510 72.11 -100.41 12.23
C SER X 510 73.06 -101.23 11.39
N ASP X 511 73.40 -102.40 11.92
CA ASP X 511 74.03 -103.45 11.14
C ASP X 511 73.01 -104.43 10.59
N GLU X 512 71.81 -104.44 11.15
CA GLU X 512 70.76 -105.32 10.65
C GLU X 512 70.20 -104.82 9.35
N ILE X 513 70.13 -103.50 9.18
CA ILE X 513 69.86 -102.97 7.85
C ILE X 513 71.04 -103.24 6.93
N ASN X 514 72.26 -103.32 7.48
CA ASN X 514 73.39 -103.74 6.69
C ASN X 514 73.41 -105.25 6.50
N GLU X 515 72.75 -105.98 7.39
CA GLU X 515 72.73 -107.43 7.30
C GLU X 515 72.00 -107.90 6.06
N LEU X 516 70.93 -107.18 5.67
CA LEU X 516 70.24 -107.49 4.44
C LEU X 516 71.12 -107.28 3.22
N LYS X 517 71.93 -106.22 3.23
CA LYS X 517 72.76 -105.90 2.08
C LYS X 517 73.86 -106.93 1.86
N GLU X 518 74.31 -107.58 2.93
CA GLU X 518 75.16 -108.74 2.75
C GLU X 518 74.36 -109.93 2.28
N MET X 519 73.19 -110.15 2.90
CA MET X 519 72.42 -111.34 2.59
C MET X 519 71.76 -111.27 1.23
N VAL X 520 71.52 -110.06 0.71
CA VAL X 520 71.01 -109.98 -0.65
C VAL X 520 72.10 -110.31 -1.66
N LYS X 521 73.37 -110.21 -1.27
CA LYS X 521 74.47 -110.51 -2.17
C LYS X 521 74.99 -111.92 -1.99
N ASP X 522 74.11 -112.87 -1.70
CA ASP X 522 74.48 -114.27 -1.69
C ASP X 522 74.18 -114.91 -3.04
N GLU X 523 74.27 -116.24 -3.12
CA GLU X 523 74.09 -116.87 -4.42
C GLU X 523 73.13 -118.06 -4.35
N HIS X 524 73.17 -118.82 -3.27
CA HIS X 524 72.34 -120.01 -3.16
C HIS X 524 71.12 -119.81 -2.27
N ILE X 525 70.73 -118.55 -2.02
CA ILE X 525 69.69 -118.27 -1.03
C ILE X 525 68.32 -118.74 -1.46
N TYR X 526 68.13 -119.04 -2.74
CA TYR X 526 66.96 -119.80 -3.15
C TYR X 526 66.94 -121.18 -2.51
N ASP X 527 68.09 -121.84 -2.47
CA ASP X 527 68.13 -123.14 -1.82
C ASP X 527 68.25 -123.02 -0.32
N LYS X 528 68.84 -121.93 0.17
CA LYS X 528 68.91 -121.73 1.60
C LYS X 528 67.53 -121.49 2.21
N LEU X 529 66.65 -120.82 1.46
CA LEU X 529 65.31 -120.57 1.97
C LEU X 529 64.50 -121.84 2.01
N VAL X 530 64.58 -122.65 0.95
CA VAL X 530 63.73 -123.84 0.86
C VAL X 530 64.16 -124.91 1.84
N ARG X 531 65.39 -124.87 2.33
CA ARG X 531 65.81 -125.82 3.35
C ARG X 531 65.48 -125.34 4.74
N SER X 532 65.09 -124.09 4.90
CA SER X 532 64.96 -123.48 6.21
C SER X 532 63.53 -123.07 6.49
N ILE X 533 62.57 -123.86 6.03
CA ILE X 533 61.18 -123.47 6.19
C ILE X 533 60.63 -123.94 7.53
N ALA X 534 60.57 -125.24 7.73
CA ALA X 534 60.01 -125.75 8.97
C ALA X 534 60.61 -127.09 9.31
N PRO X 535 61.02 -127.29 10.56
CA PRO X 535 61.58 -128.58 10.97
C PRO X 535 60.55 -129.67 11.19
N ALA X 536 59.27 -129.38 11.09
CA ALA X 536 58.25 -130.37 11.38
C ALA X 536 58.02 -131.34 10.23
N VAL X 537 58.68 -131.15 9.10
CA VAL X 537 58.56 -132.05 7.96
C VAL X 537 59.98 -132.44 7.53
N PHE X 538 60.08 -133.59 6.89
CA PHE X 538 61.30 -134.00 6.24
C PHE X 538 61.02 -134.34 4.78
N GLY X 539 61.96 -134.01 3.90
CA GLY X 539 61.80 -134.32 2.50
C GLY X 539 60.74 -133.46 1.85
N HIS X 540 60.34 -133.91 0.64
CA HIS X 540 59.33 -133.29 -0.20
C HIS X 540 59.64 -131.83 -0.49
N GLU X 541 60.68 -131.55 -1.27
CA GLU X 541 60.99 -130.17 -1.59
C GLU X 541 59.98 -129.53 -2.53
N ALA X 542 59.12 -130.33 -3.17
CA ALA X 542 58.14 -129.77 -4.10
C ALA X 542 57.10 -128.94 -3.36
N VAL X 543 56.53 -129.47 -2.28
CA VAL X 543 55.55 -128.71 -1.51
C VAL X 543 56.19 -127.53 -0.80
N LYS X 544 57.46 -127.63 -0.46
CA LYS X 544 58.14 -126.55 0.21
C LYS X 544 58.37 -125.37 -0.69
N LYS X 545 58.59 -125.60 -1.98
CA LYS X 545 58.77 -124.49 -2.90
C LYS X 545 57.49 -123.70 -3.08
N GLY X 546 56.35 -124.37 -2.97
CA GLY X 546 55.09 -123.68 -3.21
C GLY X 546 54.70 -122.75 -2.08
N ILE X 547 54.75 -123.23 -0.85
CA ILE X 547 54.30 -122.46 0.31
C ILE X 547 55.13 -121.21 0.55
N LEU X 548 56.39 -121.22 0.12
CA LEU X 548 57.20 -120.01 0.20
C LEU X 548 56.67 -118.93 -0.73
N LEU X 549 56.33 -119.30 -1.95
CA LEU X 549 55.83 -118.33 -2.91
C LEU X 549 54.47 -117.79 -2.52
N GLN X 550 53.66 -118.60 -1.85
CA GLN X 550 52.40 -118.11 -1.29
C GLN X 550 52.66 -117.13 -0.16
N MET X 551 53.71 -117.37 0.62
CA MET X 551 54.01 -116.53 1.77
C MET X 551 54.38 -115.11 1.33
N LEU X 552 55.20 -115.01 0.30
CA LEU X 552 55.44 -113.70 -0.29
C LEU X 552 54.25 -113.29 -1.14
N GLY X 553 54.23 -112.03 -1.53
CA GLY X 553 53.21 -111.51 -2.43
C GLY X 553 53.80 -111.25 -3.79
N GLY X 554 52.93 -111.15 -4.79
CA GLY X 554 53.38 -110.89 -6.15
C GLY X 554 53.14 -109.46 -6.60
N VAL X 555 52.44 -109.28 -7.72
CA VAL X 555 51.99 -107.96 -8.15
C VAL X 555 50.47 -107.96 -8.18
N HIS X 556 49.90 -106.76 -8.12
CA HIS X 556 48.47 -106.58 -8.17
C HIS X 556 48.07 -105.41 -9.04
N LYS X 557 48.99 -104.53 -9.36
CA LYS X 557 48.74 -103.40 -10.23
C LYS X 557 48.45 -103.91 -11.64
N SER X 558 47.46 -103.32 -12.28
CA SER X 558 47.00 -103.86 -13.56
C SER X 558 46.53 -102.76 -14.51
N THR X 559 45.74 -103.15 -15.51
CA THR X 559 45.31 -102.31 -16.63
C THR X 559 44.57 -101.07 -16.17
N VAL X 560 44.52 -100.08 -17.04
CA VAL X 560 43.89 -98.81 -16.70
C VAL X 560 42.40 -98.87 -17.01
N GLU X 561 41.59 -98.33 -16.09
CA GLU X 561 40.14 -98.17 -16.21
C GLU X 561 39.44 -99.50 -16.46
N GLY X 562 39.35 -100.30 -15.42
CA GLY X 562 38.58 -101.55 -15.49
C GLY X 562 39.06 -102.55 -14.50
N ILE X 563 39.40 -103.72 -15.01
CA ILE X 563 39.61 -104.94 -14.25
C ILE X 563 40.83 -104.78 -13.38
N LYS X 564 40.69 -105.15 -12.10
CA LYS X 564 41.87 -105.50 -11.33
C LYS X 564 42.10 -106.99 -11.44
N LEU X 565 43.31 -107.37 -11.81
CA LEU X 565 43.64 -108.77 -12.06
C LEU X 565 43.85 -109.51 -10.75
N ARG X 566 44.42 -110.69 -10.84
CA ARG X 566 44.70 -111.47 -9.65
C ARG X 566 45.81 -110.81 -8.84
N GLY X 567 45.69 -110.92 -7.51
CA GLY X 567 46.70 -110.36 -6.65
C GLY X 567 47.79 -111.36 -6.32
N ASP X 568 47.47 -112.65 -6.38
CA ASP X 568 48.37 -113.68 -5.91
C ASP X 568 48.06 -115.04 -6.55
N ILE X 569 48.66 -116.05 -5.94
CA ILE X 569 48.51 -117.45 -6.33
C ILE X 569 47.83 -118.14 -5.16
N ASN X 570 46.94 -119.07 -5.44
CA ASN X 570 46.38 -119.88 -4.36
C ASN X 570 46.65 -121.35 -4.61
N ILE X 571 47.25 -122.00 -3.61
CA ILE X 571 47.69 -123.39 -3.70
C ILE X 571 47.09 -124.15 -2.53
N CYS X 572 46.42 -125.25 -2.84
CA CYS X 572 45.95 -126.23 -1.89
C CYS X 572 46.86 -127.45 -1.95
N VAL X 573 46.67 -128.37 -1.01
CA VAL X 573 47.38 -129.64 -0.98
C VAL X 573 46.37 -130.68 -0.52
N VAL X 574 46.20 -131.75 -1.28
CA VAL X 574 45.37 -132.85 -0.80
C VAL X 574 46.31 -133.94 -0.30
N GLY X 575 45.77 -134.79 0.55
CA GLY X 575 46.51 -135.92 1.08
C GLY X 575 45.69 -136.68 2.10
N ASP X 576 46.23 -137.82 2.51
CA ASP X 576 45.61 -138.60 3.56
C ASP X 576 45.74 -137.88 4.89
N PRO X 577 44.69 -137.84 5.70
CA PRO X 577 44.76 -137.15 6.98
C PRO X 577 45.62 -137.90 7.98
N SER X 578 45.88 -137.22 9.11
CA SER X 578 46.82 -137.66 10.15
C SER X 578 48.19 -137.96 9.57
N THR X 579 48.66 -137.08 8.69
CA THR X 579 49.96 -137.21 8.04
C THR X 579 50.62 -135.85 8.10
N SER X 580 51.62 -135.61 7.26
CA SER X 580 52.39 -134.38 7.31
C SER X 580 51.63 -133.15 6.81
N LYS X 581 50.38 -133.32 6.38
CA LYS X 581 49.56 -132.20 5.94
C LYS X 581 49.29 -131.19 7.05
N SER X 582 49.14 -131.64 8.31
CA SER X 582 48.75 -130.74 9.37
C SER X 582 49.89 -129.83 9.81
N GLN X 583 51.11 -130.12 9.38
CA GLN X 583 52.27 -129.45 9.96
C GLN X 583 52.45 -128.06 9.38
N PHE X 584 52.26 -127.92 8.07
CA PHE X 584 52.34 -126.61 7.44
C PHE X 584 51.25 -125.69 7.97
N LEU X 585 50.05 -126.23 8.13
CA LEU X 585 48.93 -125.51 8.71
C LEU X 585 49.25 -125.01 10.10
N LYS X 586 49.87 -125.85 10.92
CA LYS X 586 50.35 -125.39 12.20
C LYS X 586 51.50 -124.41 12.06
N TYR X 587 52.24 -124.46 10.96
CA TYR X 587 53.41 -123.61 10.84
C TYR X 587 53.05 -122.17 10.52
N VAL X 588 52.11 -121.95 9.60
CA VAL X 588 51.97 -120.62 9.02
C VAL X 588 51.22 -119.65 9.90
N VAL X 589 50.27 -120.13 10.71
CA VAL X 589 49.36 -119.26 11.44
C VAL X 589 50.05 -118.48 12.55
N GLY X 590 51.26 -118.88 12.96
CA GLY X 590 52.01 -118.10 13.90
C GLY X 590 53.13 -117.41 13.18
N PHE X 591 53.36 -117.82 11.94
CA PHE X 591 54.45 -117.26 11.16
C PHE X 591 54.02 -116.16 10.22
N ALA X 592 52.81 -116.22 9.73
CA ALA X 592 52.39 -115.21 8.78
C ALA X 592 51.88 -113.97 9.52
N PRO X 593 51.91 -112.80 8.88
CA PRO X 593 51.24 -111.64 9.46
C PRO X 593 49.73 -111.80 9.44
N ARG X 594 49.14 -111.72 10.65
CA ARG X 594 47.72 -111.74 10.99
C ARG X 594 46.85 -112.71 10.19
N SER X 595 47.36 -113.92 9.98
CA SER X 595 46.64 -114.93 9.23
C SER X 595 45.86 -115.82 10.18
N VAL X 596 44.64 -116.15 9.79
CA VAL X 596 43.69 -116.79 10.68
C VAL X 596 43.35 -118.18 10.15
N TYR X 597 42.75 -118.98 11.02
CA TYR X 597 42.51 -120.38 10.72
C TYR X 597 41.10 -120.74 11.14
N THR X 598 40.40 -121.44 10.26
CA THR X 598 39.04 -121.89 10.50
C THR X 598 38.94 -123.30 9.93
N SER X 599 37.99 -124.08 10.45
CA SER X 599 37.70 -125.41 9.94
C SER X 599 36.54 -125.43 8.96
N GLY X 600 35.64 -124.46 9.03
CA GLY X 600 34.61 -124.34 8.03
C GLY X 600 33.46 -125.31 8.14
N LYS X 601 33.37 -126.05 9.24
CA LYS X 601 32.20 -126.88 9.43
C LYS X 601 30.99 -126.05 9.81
N ALA X 602 31.20 -124.92 10.49
CA ALA X 602 30.12 -123.99 10.80
C ALA X 602 29.72 -123.21 9.56
N SER X 603 29.03 -123.89 8.65
CA SER X 603 28.77 -123.38 7.31
C SER X 603 27.37 -122.81 7.14
N SER X 604 26.54 -122.86 8.18
CA SER X 604 25.15 -122.43 8.03
C SER X 604 24.84 -121.19 8.87
N ALA X 605 25.55 -120.99 9.97
CA ALA X 605 25.30 -119.81 10.79
C ALA X 605 25.98 -118.59 10.18
N ALA X 606 27.31 -118.59 10.17
CA ALA X 606 28.09 -117.44 9.71
C ALA X 606 29.50 -117.91 9.40
N GLY X 607 30.44 -116.97 9.39
CA GLY X 607 31.84 -117.31 9.33
C GLY X 607 32.37 -117.39 7.91
N LEU X 608 32.43 -118.61 7.38
CA LEU X 608 32.73 -118.80 5.97
C LEU X 608 31.70 -118.11 5.10
N THR X 609 30.46 -118.54 5.22
CA THR X 609 29.34 -117.85 4.62
C THR X 609 29.11 -116.54 5.37
N ALA X 610 29.24 -115.43 4.66
CA ALA X 610 29.02 -114.10 5.23
C ALA X 610 27.52 -113.90 5.41
N ALA X 611 27.09 -113.70 6.65
CA ALA X 611 25.67 -113.76 7.00
C ALA X 611 25.31 -112.68 8.02
N VAL X 612 24.30 -111.89 7.69
CA VAL X 612 23.92 -110.70 8.45
C VAL X 612 23.34 -111.12 9.78
N VAL X 613 23.55 -110.30 10.82
CA VAL X 613 22.95 -110.58 12.12
C VAL X 613 21.57 -109.93 12.21
N ARG X 614 20.75 -110.46 13.10
CA ARG X 614 19.44 -109.89 13.33
C ARG X 614 19.58 -108.63 14.18
N ASP X 615 18.51 -107.83 14.20
CA ASP X 615 18.40 -106.57 14.95
C ASP X 615 18.73 -106.75 16.43
N GLU X 616 19.56 -105.83 16.92
CA GLU X 616 19.94 -105.83 18.33
C GLU X 616 20.29 -104.41 18.73
N GLU X 617 19.63 -103.93 19.79
CA GLU X 617 19.86 -102.61 20.40
C GLU X 617 19.65 -101.46 19.43
N GLY X 618 18.66 -101.61 18.55
CA GLY X 618 18.27 -100.51 17.69
C GLY X 618 18.79 -100.54 16.28
N GLY X 619 19.48 -101.60 15.87
CA GLY X 619 19.90 -101.72 14.49
C GLY X 619 19.77 -103.09 13.86
N ASP X 620 18.94 -103.22 12.83
CA ASP X 620 18.95 -104.40 11.98
C ASP X 620 19.92 -104.17 10.84
N TYR X 621 20.27 -105.27 10.15
CA TYR X 621 21.16 -105.25 8.99
C TYR X 621 22.51 -104.63 9.35
N THR X 622 23.30 -105.32 10.15
CA THR X 622 24.65 -104.85 10.40
C THR X 622 25.62 -105.88 9.82
N ILE X 623 26.85 -105.45 9.59
CA ILE X 623 27.82 -106.38 9.05
C ILE X 623 28.25 -107.37 10.12
N GLU X 624 28.82 -108.47 9.67
CA GLU X 624 29.22 -109.57 10.52
C GLU X 624 30.70 -109.84 10.37
N ALA X 625 31.20 -110.71 11.23
CA ALA X 625 32.56 -111.19 11.19
C ALA X 625 32.67 -112.36 10.22
N GLY X 626 33.71 -113.16 10.39
CA GLY X 626 33.95 -114.25 9.49
C GLY X 626 35.39 -114.17 9.08
N ALA X 627 36.11 -115.29 9.08
CA ALA X 627 37.56 -115.22 8.94
C ALA X 627 37.98 -115.14 7.46
N LEU X 628 37.27 -114.31 6.72
CA LEU X 628 37.44 -114.18 5.30
C LEU X 628 37.71 -112.75 4.92
N MET X 629 36.93 -111.82 5.45
CA MET X 629 37.12 -110.42 5.13
C MET X 629 38.16 -109.76 6.02
N LEU X 630 38.81 -110.51 6.88
CA LEU X 630 39.91 -109.99 7.66
C LEU X 630 41.25 -110.60 7.29
N ALA X 631 41.39 -111.14 6.07
CA ALA X 631 42.70 -111.58 5.59
C ALA X 631 43.36 -110.47 4.77
N ASP X 632 43.28 -109.27 5.32
CA ASP X 632 44.03 -108.15 4.79
C ASP X 632 45.46 -108.29 5.30
N ASN X 633 46.41 -108.27 4.37
CA ASN X 633 47.80 -108.73 4.50
C ASN X 633 47.90 -110.05 5.26
N GLY X 634 46.93 -110.94 5.01
CA GLY X 634 46.86 -112.19 5.72
C GLY X 634 46.54 -113.32 4.77
N ILE X 635 47.06 -114.48 5.09
CA ILE X 635 46.92 -115.67 4.26
C ILE X 635 46.03 -116.62 5.04
N CYS X 636 44.72 -116.51 4.85
CA CYS X 636 43.78 -117.32 5.62
C CYS X 636 43.88 -118.77 5.20
N CYS X 637 43.63 -119.65 6.16
CA CYS X 637 43.74 -121.07 5.90
C CYS X 637 42.52 -121.78 6.44
N ILE X 638 42.07 -122.77 5.69
CA ILE X 638 40.75 -123.36 5.86
C ILE X 638 40.79 -124.75 5.21
N ASP X 639 40.23 -125.75 5.88
CA ASP X 639 40.37 -127.13 5.44
C ASP X 639 39.02 -127.82 5.31
N GLU X 640 39.08 -129.09 4.87
CA GLU X 640 37.96 -130.01 4.76
C GLU X 640 36.82 -129.50 3.88
N PHE X 641 37.07 -129.41 2.58
CA PHE X 641 36.05 -128.96 1.65
C PHE X 641 34.90 -129.94 1.42
N ASP X 642 35.05 -131.21 1.78
CA ASP X 642 34.02 -132.18 1.44
C ASP X 642 32.79 -132.07 2.31
N LYS X 643 32.95 -131.64 3.56
CA LYS X 643 31.96 -131.87 4.59
C LYS X 643 31.00 -130.71 4.77
N MET X 644 31.13 -129.65 4.00
CA MET X 644 30.23 -128.52 4.06
C MET X 644 29.08 -128.76 3.10
N ASP X 645 28.25 -127.75 2.93
CA ASP X 645 27.08 -127.90 2.07
C ASP X 645 27.43 -127.50 0.65
N ILE X 646 26.41 -127.30 -0.19
CA ILE X 646 26.61 -126.91 -1.55
C ILE X 646 26.46 -125.41 -1.76
N SER X 647 25.96 -124.68 -0.77
CA SER X 647 25.69 -123.26 -0.99
C SER X 647 26.96 -122.43 -0.92
N ASP X 648 27.86 -122.74 0.01
CA ASP X 648 29.11 -122.00 0.09
C ASP X 648 30.03 -122.27 -1.08
N GLN X 649 29.86 -123.42 -1.74
CA GLN X 649 30.72 -123.84 -2.82
C GLN X 649 30.58 -122.97 -4.06
N VAL X 650 29.50 -122.20 -4.17
CA VAL X 650 29.48 -121.13 -5.15
C VAL X 650 29.85 -119.81 -4.49
N ALA X 651 29.71 -119.71 -3.17
CA ALA X 651 29.97 -118.44 -2.49
C ALA X 651 31.46 -118.11 -2.48
N ILE X 652 32.29 -119.05 -2.05
CA ILE X 652 33.73 -118.81 -2.11
C ILE X 652 34.22 -118.88 -3.54
N HIS X 653 33.49 -119.55 -4.43
CA HIS X 653 33.78 -119.51 -5.84
C HIS X 653 33.66 -118.11 -6.39
N GLU X 654 32.72 -117.33 -5.87
CA GLU X 654 32.70 -115.92 -6.21
C GLU X 654 33.84 -115.18 -5.54
N ALA X 655 34.24 -115.62 -4.36
CA ALA X 655 35.31 -114.96 -3.62
C ALA X 655 36.69 -115.23 -4.19
N MET X 656 36.78 -116.07 -5.22
CA MET X 656 38.08 -116.44 -5.75
C MET X 656 38.50 -115.62 -6.96
N GLU X 657 37.57 -115.40 -7.91
CA GLU X 657 37.94 -114.81 -9.18
C GLU X 657 38.32 -113.34 -9.04
N GLN X 658 37.40 -112.51 -8.58
CA GLN X 658 37.67 -111.12 -8.30
C GLN X 658 37.76 -110.96 -6.80
N GLN X 659 38.48 -109.95 -6.35
CA GLN X 659 38.83 -109.89 -4.93
C GLN X 659 37.75 -109.26 -4.08
N THR X 660 36.53 -109.07 -4.57
CA THR X 660 35.49 -108.58 -3.70
C THR X 660 34.43 -109.64 -3.52
N ILE X 661 33.52 -109.37 -2.59
CA ILE X 661 32.27 -110.12 -2.46
C ILE X 661 31.16 -109.10 -2.37
N SER X 662 29.96 -109.55 -2.71
CA SER X 662 28.79 -108.68 -2.68
C SER X 662 27.71 -109.33 -1.85
N ILE X 663 26.93 -108.50 -1.18
CA ILE X 663 25.80 -108.99 -0.42
C ILE X 663 24.73 -107.92 -0.41
N ALA X 664 23.48 -108.35 -0.53
CA ALA X 664 22.34 -107.46 -0.49
C ALA X 664 21.21 -108.12 0.29
N LYS X 665 21.58 -108.84 1.34
CA LYS X 665 20.65 -109.70 2.06
C LYS X 665 19.89 -108.88 3.09
N ALA X 666 18.61 -108.62 2.81
CA ALA X 666 17.63 -108.06 3.74
C ALA X 666 18.06 -106.72 4.31
N GLY X 667 18.32 -105.77 3.44
CA GLY X 667 18.99 -104.55 3.81
C GLY X 667 19.65 -104.08 2.55
N ILE X 668 20.43 -103.00 2.59
CA ILE X 668 20.93 -102.42 1.35
C ILE X 668 22.06 -103.28 0.81
N HIS X 669 22.44 -103.03 -0.44
CA HIS X 669 23.55 -103.76 -1.02
C HIS X 669 24.85 -103.35 -0.35
N ALA X 670 25.80 -104.27 -0.37
CA ALA X 670 27.10 -104.00 0.21
C ALA X 670 28.15 -104.55 -0.75
N THR X 671 29.22 -103.79 -0.92
CA THR X 671 30.36 -104.18 -1.72
C THR X 671 31.59 -104.02 -0.85
N LEU X 672 32.07 -105.12 -0.29
CA LEU X 672 33.30 -105.06 0.47
C LEU X 672 34.43 -105.76 -0.29
N ASN X 673 35.53 -105.03 -0.44
CA ASN X 673 36.66 -105.46 -1.24
C ASN X 673 37.69 -106.10 -0.32
N ALA X 674 37.53 -107.38 -0.05
CA ALA X 674 38.43 -108.08 0.85
C ALA X 674 39.38 -108.91 -0.01
N ARG X 675 40.52 -108.33 -0.36
CA ARG X 675 41.47 -109.07 -1.18
C ARG X 675 42.16 -110.14 -0.33
N THR X 676 42.27 -111.33 -0.90
CA THR X 676 42.50 -112.52 -0.11
C THR X 676 43.52 -113.44 -0.77
N SER X 677 43.89 -114.48 -0.04
CA SER X 677 44.87 -115.45 -0.50
C SER X 677 44.55 -116.76 0.22
N ILE X 678 43.76 -117.62 -0.43
CA ILE X 678 43.31 -118.83 0.24
C ILE X 678 44.36 -119.93 0.09
N LEU X 679 44.19 -120.96 0.92
CA LEU X 679 45.11 -122.10 0.98
C LEU X 679 44.37 -123.23 1.67
N ALA X 680 44.27 -124.37 1.00
CA ALA X 680 43.32 -125.38 1.46
C ALA X 680 43.96 -126.74 1.66
N ALA X 681 43.24 -127.60 2.35
CA ALA X 681 43.63 -129.00 2.49
C ALA X 681 42.42 -129.88 2.69
N ALA X 682 41.85 -130.40 1.60
CA ALA X 682 40.67 -131.24 1.70
C ALA X 682 41.09 -132.70 1.80
N ASN X 683 40.13 -133.59 1.61
CA ASN X 683 40.36 -135.01 1.82
C ASN X 683 40.00 -135.79 0.56
N PRO X 684 40.71 -136.89 0.30
CA PRO X 684 40.34 -137.75 -0.83
C PRO X 684 39.05 -138.50 -0.55
N VAL X 685 38.56 -139.20 -1.59
CA VAL X 685 37.26 -139.85 -1.48
C VAL X 685 37.32 -141.12 -0.64
N GLY X 686 38.50 -141.67 -0.38
CA GLY X 686 38.58 -142.90 0.38
C GLY X 686 39.69 -142.89 1.40
N GLY X 687 40.47 -141.83 1.44
CA GLY X 687 41.61 -141.80 2.32
C GLY X 687 42.87 -142.24 1.62
N ARG X 688 42.73 -143.22 0.72
CA ARG X 688 43.85 -143.67 -0.10
C ARG X 688 43.69 -143.19 -1.53
N TYR X 689 44.79 -142.71 -2.08
CA TYR X 689 44.79 -142.13 -3.42
C TYR X 689 44.88 -143.22 -4.47
N ASN X 690 43.96 -143.19 -5.43
CA ASN X 690 44.03 -144.09 -6.56
C ASN X 690 45.24 -143.73 -7.42
N ARG X 691 45.74 -144.72 -8.15
CA ARG X 691 46.98 -144.55 -8.90
C ARG X 691 46.77 -144.66 -10.40
N LYS X 692 46.10 -145.71 -10.85
CA LYS X 692 45.87 -145.91 -12.26
C LYS X 692 44.88 -144.92 -12.84
N LEU X 693 44.02 -144.35 -12.01
CA LEU X 693 42.97 -143.44 -12.45
C LEU X 693 43.54 -142.02 -12.52
N SER X 694 42.68 -141.03 -12.64
CA SER X 694 43.10 -139.65 -12.55
C SER X 694 42.60 -139.06 -11.24
N LEU X 695 42.98 -137.81 -11.01
CA LEU X 695 42.50 -137.06 -9.86
C LEU X 695 41.10 -136.50 -10.09
N ARG X 696 40.56 -136.64 -11.30
CA ARG X 696 39.22 -136.15 -11.60
C ARG X 696 38.16 -136.86 -10.76
N GLY X 697 38.42 -138.10 -10.37
CA GLY X 697 37.54 -138.78 -9.44
C GLY X 697 37.88 -138.58 -7.99
N ASN X 698 39.14 -138.35 -7.65
CA ASN X 698 39.49 -138.21 -6.25
C ASN X 698 39.50 -136.77 -5.77
N LEU X 699 39.18 -135.82 -6.63
CA LEU X 699 39.09 -134.44 -6.18
C LEU X 699 37.91 -134.19 -5.25
N ASN X 700 36.78 -134.87 -5.50
CA ASN X 700 35.57 -134.82 -4.68
C ASN X 700 34.99 -133.41 -4.58
N MET X 701 35.19 -132.64 -5.64
CA MET X 701 34.62 -131.30 -5.78
C MET X 701 33.87 -131.28 -7.11
N THR X 702 33.48 -130.09 -7.54
CA THR X 702 32.94 -129.93 -8.88
C THR X 702 34.06 -129.59 -9.85
N ALA X 703 33.72 -129.37 -11.11
CA ALA X 703 34.68 -129.06 -12.15
C ALA X 703 35.21 -127.62 -12.21
N PRO X 704 34.38 -126.56 -12.20
CA PRO X 704 34.95 -125.24 -12.52
C PRO X 704 35.79 -124.64 -11.41
N ILE X 705 35.62 -125.08 -10.17
CA ILE X 705 36.50 -124.56 -9.13
C ILE X 705 37.88 -125.18 -9.20
N MET X 706 38.02 -126.29 -9.90
CA MET X 706 39.34 -126.87 -10.12
C MET X 706 40.14 -126.00 -11.08
N SER X 707 39.54 -125.65 -12.21
CA SER X 707 40.21 -124.79 -13.16
C SER X 707 40.35 -123.36 -12.66
N ARG X 708 39.51 -122.97 -11.70
CA ARG X 708 39.68 -121.67 -11.06
C ARG X 708 40.89 -121.66 -10.13
N PHE X 709 41.43 -122.84 -9.86
CA PHE X 709 42.54 -123.02 -8.95
C PHE X 709 43.81 -123.39 -9.73
N ASP X 710 44.95 -123.36 -9.02
CA ASP X 710 46.21 -123.91 -9.54
C ASP X 710 46.36 -125.37 -9.14
N LEU X 711 47.55 -125.94 -9.28
CA LEU X 711 47.65 -127.36 -9.01
C LEU X 711 48.10 -127.60 -7.57
N PHE X 712 47.70 -128.76 -7.06
CA PHE X 712 47.59 -129.07 -5.66
C PHE X 712 48.83 -129.74 -5.10
N PHE X 713 49.69 -130.30 -5.96
CA PHE X 713 50.91 -130.99 -5.56
C PHE X 713 50.62 -132.11 -4.56
N VAL X 714 49.95 -133.16 -5.05
CA VAL X 714 49.38 -134.20 -4.20
C VAL X 714 50.48 -134.94 -3.45
N ILE X 715 50.29 -135.12 -2.15
CA ILE X 715 51.24 -135.84 -1.30
C ILE X 715 50.91 -137.32 -1.37
N LEU X 716 51.91 -138.11 -1.75
CA LEU X 716 51.83 -139.56 -1.78
C LEU X 716 52.53 -140.14 -0.54
N ASP X 717 52.27 -141.42 -0.29
CA ASP X 717 52.83 -142.13 0.85
C ASP X 717 53.31 -143.52 0.43
N ASP X 718 54.12 -144.14 1.30
CA ASP X 718 54.68 -145.47 1.06
C ASP X 718 55.04 -146.12 2.40
N CYS X 719 54.95 -147.45 2.44
CA CYS X 719 55.35 -148.23 3.60
C CYS X 719 56.73 -148.84 3.37
N ASN X 720 57.73 -147.96 3.33
CA ASN X 720 59.08 -148.40 3.02
C ASN X 720 59.92 -148.51 4.29
N GLU X 721 60.73 -149.56 4.32
CA GLU X 721 61.43 -149.98 5.53
C GLU X 721 62.61 -149.09 5.88
N LYS X 722 62.98 -148.18 4.98
CA LYS X 722 64.07 -147.27 5.28
C LYS X 722 63.56 -145.89 5.70
N ILE X 723 62.51 -145.41 5.03
CA ILE X 723 62.05 -144.04 5.23
C ILE X 723 61.39 -143.84 6.58
N ASP X 724 60.95 -144.92 7.19
CA ASP X 724 60.31 -144.85 8.49
C ASP X 724 61.30 -144.61 9.61
N THR X 725 62.45 -145.28 9.55
CA THR X 725 63.43 -145.17 10.63
C THR X 725 64.08 -143.80 10.62
N GLU X 726 64.32 -143.25 9.44
CA GLU X 726 64.91 -141.92 9.39
C GLU X 726 63.90 -140.86 9.81
N LEU X 727 62.63 -141.05 9.47
CA LEU X 727 61.59 -140.16 9.97
C LEU X 727 61.38 -140.35 11.46
N ALA X 728 61.62 -141.55 11.96
CA ALA X 728 61.60 -141.77 13.39
C ALA X 728 62.74 -141.02 14.07
N SER X 729 63.95 -141.10 13.52
CA SER X 729 65.04 -140.34 14.08
C SER X 729 64.87 -138.85 13.89
N HIS X 730 64.24 -138.44 12.79
CA HIS X 730 63.91 -137.04 12.57
C HIS X 730 62.87 -136.53 13.55
N ILE X 731 61.95 -137.38 13.98
CA ILE X 731 60.93 -136.91 14.89
C ILE X 731 61.38 -136.96 16.34
N VAL X 732 62.35 -137.81 16.70
CA VAL X 732 62.66 -137.94 18.12
C VAL X 732 63.49 -136.77 18.61
N ASP X 733 64.31 -136.18 17.75
CA ASP X 733 65.04 -135.01 18.16
C ASP X 733 64.15 -133.79 18.27
N LEU X 734 62.99 -133.82 17.62
CA LEU X 734 62.04 -132.72 17.71
C LEU X 734 61.49 -132.60 19.10
N HIS X 735 60.88 -133.66 19.64
CA HIS X 735 60.30 -133.61 20.95
C HIS X 735 61.29 -133.95 22.04
N MET X 736 62.58 -133.84 21.76
CA MET X 736 63.56 -133.70 22.80
C MET X 736 63.26 -132.45 23.61
N LYS X 737 63.56 -132.51 24.90
CA LYS X 737 63.50 -131.31 25.73
C LYS X 737 64.48 -130.27 25.22
N ARG X 738 65.71 -130.69 24.89
CA ARG X 738 66.66 -129.81 24.22
C ARG X 738 67.62 -130.67 23.40
N ASP X 739 67.35 -130.75 22.10
CA ASP X 739 68.36 -131.14 21.13
C ASP X 739 68.16 -130.25 19.90
N GLU X 740 68.74 -129.06 19.95
CA GLU X 740 68.61 -128.09 18.85
C GLU X 740 69.88 -128.13 18.01
N ALA X 741 70.12 -129.29 17.40
CA ALA X 741 71.32 -129.49 16.61
C ALA X 741 71.11 -129.11 15.14
N ILE X 742 69.87 -129.13 14.68
CA ILE X 742 69.54 -128.67 13.33
C ILE X 742 69.77 -127.17 13.25
N GLU X 743 70.48 -126.74 12.21
CA GLU X 743 70.76 -125.33 12.01
C GLU X 743 70.00 -124.83 10.78
N PRO X 744 68.84 -124.21 10.95
CA PRO X 744 68.33 -123.37 9.90
C PRO X 744 69.21 -122.15 9.73
N PRO X 745 69.62 -121.83 8.50
CA PRO X 745 70.53 -120.69 8.30
C PRO X 745 69.89 -119.33 8.57
N PHE X 746 68.59 -119.28 8.77
CA PHE X 746 67.91 -118.03 9.06
C PHE X 746 67.04 -118.19 10.29
N SER X 747 66.77 -117.08 10.97
CA SER X 747 65.90 -117.06 12.12
C SER X 747 64.46 -116.91 11.68
N ALA X 748 63.54 -116.87 12.62
CA ALA X 748 62.18 -116.46 12.35
C ALA X 748 62.08 -115.00 11.99
N GLU X 749 62.76 -114.13 12.74
CA GLU X 749 62.60 -112.70 12.49
C GLU X 749 63.47 -112.24 11.32
N GLN X 750 64.67 -112.79 11.16
CA GLN X 750 65.53 -112.29 10.10
C GLN X 750 65.17 -112.88 8.75
N LEU X 751 64.32 -113.90 8.74
CA LEU X 751 63.60 -114.20 7.51
C LEU X 751 62.44 -113.25 7.31
N ARG X 752 61.79 -112.84 8.42
CA ARG X 752 60.60 -112.01 8.34
C ARG X 752 60.92 -110.62 7.82
N ARG X 753 62.01 -110.02 8.26
CA ARG X 753 62.37 -108.75 7.68
C ARG X 753 62.93 -108.91 6.28
N TYR X 754 63.46 -110.09 5.94
CA TYR X 754 64.03 -110.29 4.62
C TYR X 754 62.96 -110.25 3.55
N ILE X 755 61.86 -110.96 3.76
CA ILE X 755 60.76 -110.86 2.81
C ILE X 755 60.11 -109.49 2.85
N LYS X 756 60.20 -108.80 3.98
CA LYS X 756 59.76 -107.41 4.03
C LYS X 756 60.68 -106.51 3.22
N TYR X 757 61.92 -106.93 2.98
CA TYR X 757 62.67 -106.26 1.95
C TYR X 757 62.27 -106.74 0.57
N ALA X 758 61.77 -107.95 0.45
CA ALA X 758 61.49 -108.50 -0.86
C ALA X 758 60.22 -107.95 -1.48
N ARG X 759 59.27 -107.51 -0.66
CA ARG X 759 57.95 -107.14 -1.19
C ARG X 759 57.97 -105.82 -1.93
N THR X 760 58.92 -104.95 -1.65
CA THR X 760 58.83 -103.58 -2.10
C THR X 760 59.48 -103.33 -3.45
N PHE X 761 59.39 -104.26 -4.39
CA PHE X 761 59.76 -103.97 -5.76
C PHE X 761 58.55 -104.12 -6.68
N LYS X 762 58.81 -104.04 -7.97
CA LYS X 762 57.77 -104.23 -8.98
C LYS X 762 58.49 -104.73 -10.24
N PRO X 763 58.84 -106.01 -10.29
CA PRO X 763 59.63 -106.50 -11.41
C PRO X 763 58.80 -106.63 -12.67
N ILE X 764 59.32 -106.07 -13.76
CA ILE X 764 58.64 -106.07 -15.04
C ILE X 764 59.52 -106.79 -16.07
N LEU X 765 58.90 -107.67 -16.84
CA LEU X 765 59.56 -108.29 -17.99
C LEU X 765 59.76 -107.19 -19.02
N THR X 766 60.86 -107.26 -19.77
CA THR X 766 61.09 -106.37 -20.89
C THR X 766 61.66 -107.14 -22.07
N LYS X 767 62.03 -108.39 -21.88
CA LYS X 767 62.76 -109.13 -22.89
C LYS X 767 61.80 -109.65 -23.96
N GLU X 768 62.32 -110.36 -24.95
CA GLU X 768 61.54 -110.89 -26.05
C GLU X 768 61.07 -112.32 -25.78
N ALA X 769 61.14 -112.75 -24.53
CA ALA X 769 60.65 -114.07 -24.15
C ALA X 769 59.14 -114.16 -24.11
N ARG X 770 58.44 -113.03 -24.32
CA ARG X 770 57.03 -113.05 -24.65
C ARG X 770 56.76 -113.97 -25.85
N SER X 771 57.59 -113.85 -26.88
CA SER X 771 57.53 -114.77 -28.01
C SER X 771 57.91 -116.18 -27.59
N TYR X 772 58.85 -116.31 -26.66
CA TYR X 772 59.15 -117.62 -26.10
C TYR X 772 58.03 -118.11 -25.19
N LEU X 773 57.30 -117.20 -24.57
CA LEU X 773 56.20 -117.60 -23.70
C LEU X 773 55.05 -118.20 -24.48
N VAL X 774 54.61 -117.53 -25.55
CA VAL X 774 53.33 -117.85 -26.18
C VAL X 774 53.34 -119.21 -26.87
N GLU X 775 54.50 -119.68 -27.32
CA GLU X 775 54.53 -120.95 -28.02
C GLU X 775 54.36 -122.13 -27.09
N LYS X 776 54.92 -122.06 -25.88
CA LYS X 776 54.92 -123.22 -25.01
C LYS X 776 53.54 -123.52 -24.47
N TYR X 777 52.78 -122.49 -24.11
CA TYR X 777 51.39 -122.71 -23.77
C TYR X 777 50.61 -123.17 -24.98
N LYS X 778 50.88 -122.59 -26.15
CA LYS X 778 50.24 -123.06 -27.37
C LYS X 778 50.61 -124.50 -27.64
N GLU X 779 51.81 -124.90 -27.26
CA GLU X 779 52.10 -126.33 -27.24
C GLU X 779 51.37 -127.02 -26.11
N LEU X 780 51.19 -126.34 -24.97
CA LEU X 780 50.67 -127.02 -23.79
C LEU X 780 49.20 -127.37 -23.94
N ARG X 781 48.39 -126.42 -24.42
CA ARG X 781 46.94 -126.62 -24.46
C ARG X 781 46.53 -127.69 -25.46
N LYS X 782 47.36 -127.97 -26.48
CA LYS X 782 47.07 -129.02 -27.45
C LYS X 782 47.29 -130.43 -26.91
N ASP X 783 47.73 -130.57 -25.67
CA ASP X 783 47.96 -131.87 -25.07
C ASP X 783 46.77 -132.35 -24.25
N ASP X 784 46.30 -131.53 -23.31
CA ASP X 784 45.23 -131.91 -22.40
C ASP X 784 43.85 -131.87 -23.05
N ALA X 785 43.74 -131.27 -24.23
CA ALA X 785 42.53 -131.38 -25.04
C ALA X 785 42.66 -132.66 -25.87
N GLN X 786 42.31 -133.78 -25.25
CA GLN X 786 42.56 -135.07 -25.87
C GLN X 786 41.52 -135.41 -26.94
N GLY X 787 40.52 -134.56 -27.11
CA GLY X 787 39.53 -134.79 -28.15
C GLY X 787 38.47 -133.73 -28.09
N PHE X 788 37.59 -133.77 -29.09
CA PHE X 788 36.45 -132.87 -29.10
C PHE X 788 35.45 -133.19 -28.01
N SER X 789 35.44 -134.44 -27.53
CA SER X 789 34.50 -134.88 -26.50
C SER X 789 35.28 -135.45 -25.31
N ARG X 790 36.53 -135.03 -25.16
CA ARG X 790 37.33 -135.45 -24.02
C ARG X 790 37.25 -134.45 -22.87
N SER X 791 38.19 -134.56 -21.93
CA SER X 791 38.15 -133.95 -20.61
C SER X 791 37.98 -132.43 -20.67
N SER X 792 37.12 -131.94 -19.78
CA SER X 792 36.89 -130.51 -19.60
C SER X 792 37.77 -129.91 -18.52
N TYR X 793 38.96 -130.49 -18.32
CA TYR X 793 40.01 -129.83 -17.57
C TYR X 793 40.88 -129.02 -18.52
N ARG X 794 40.21 -128.27 -19.36
CA ARG X 794 40.85 -127.58 -20.46
C ARG X 794 41.51 -126.33 -19.91
N ILE X 795 42.83 -126.39 -19.81
CA ILE X 795 43.60 -125.36 -19.14
C ILE X 795 43.61 -124.12 -20.00
N THR X 796 42.74 -123.19 -19.69
CA THR X 796 42.42 -122.10 -20.60
C THR X 796 43.27 -120.87 -20.36
N VAL X 797 42.82 -119.75 -20.93
CA VAL X 797 43.53 -118.47 -20.86
C VAL X 797 43.61 -117.89 -19.46
N ARG X 798 42.91 -118.46 -18.50
CA ARG X 798 43.11 -118.08 -17.11
C ARG X 798 44.52 -118.38 -16.65
N GLN X 799 45.09 -119.48 -17.13
CA GLN X 799 46.29 -120.00 -16.50
C GLN X 799 47.55 -119.38 -17.06
N LEU X 800 47.44 -118.54 -18.07
CA LEU X 800 48.60 -117.76 -18.49
C LEU X 800 48.91 -116.72 -17.45
N GLU X 801 47.88 -116.22 -16.78
CA GLU X 801 48.04 -115.20 -15.76
C GLU X 801 48.78 -115.71 -14.54
N SER X 802 48.39 -116.88 -14.02
CA SER X 802 49.15 -117.51 -12.96
C SER X 802 50.54 -117.91 -13.42
N MET X 803 50.71 -118.19 -14.72
CA MET X 803 52.01 -118.54 -15.26
C MET X 803 52.96 -117.35 -15.22
N ILE X 804 52.48 -116.17 -15.57
CA ILE X 804 53.37 -115.03 -15.48
C ILE X 804 53.41 -114.46 -14.08
N ARG X 805 52.33 -114.54 -13.31
CA ARG X 805 52.37 -113.97 -11.98
C ARG X 805 53.03 -114.90 -10.98
N LEU X 806 53.29 -116.15 -11.35
CA LEU X 806 54.28 -116.87 -10.58
C LEU X 806 55.67 -116.38 -10.94
N SER X 807 55.85 -115.97 -12.18
CA SER X 807 57.18 -115.75 -12.70
C SER X 807 57.77 -114.45 -12.18
N GLU X 808 56.94 -113.46 -11.93
CA GLU X 808 57.43 -112.30 -11.22
C GLU X 808 57.65 -112.57 -9.75
N ALA X 809 56.94 -113.55 -9.19
CA ALA X 809 57.07 -113.83 -7.78
C ALA X 809 58.38 -114.53 -7.47
N ILE X 810 58.76 -115.50 -8.30
CA ILE X 810 60.02 -116.19 -8.09
C ILE X 810 61.21 -115.30 -8.38
N ALA X 811 61.05 -114.32 -9.27
CA ALA X 811 62.09 -113.32 -9.42
C ALA X 811 62.08 -112.32 -8.28
N ARG X 812 60.95 -112.17 -7.58
CA ARG X 812 60.95 -111.35 -6.38
C ARG X 812 61.63 -112.06 -5.22
N ALA X 813 61.89 -113.36 -5.36
CA ALA X 813 62.71 -114.06 -4.37
C ALA X 813 64.18 -113.73 -4.54
N ASN X 814 64.69 -113.76 -5.76
CA ASN X 814 66.11 -113.55 -6.00
C ASN X 814 66.45 -112.12 -6.34
N CYS X 815 65.48 -111.19 -6.18
CA CYS X 815 65.70 -109.75 -6.21
C CYS X 815 66.23 -109.26 -7.57
N VAL X 816 65.63 -109.75 -8.64
CA VAL X 816 65.96 -109.34 -10.00
C VAL X 816 64.71 -108.68 -10.58
N ASP X 817 64.88 -107.50 -11.18
CA ASP X 817 63.73 -106.72 -11.62
C ASP X 817 63.33 -107.08 -13.04
N GLU X 818 64.31 -107.37 -13.89
CA GLU X 818 64.04 -107.89 -15.22
C GLU X 818 63.72 -109.37 -15.12
N ILE X 819 63.00 -109.89 -16.11
CA ILE X 819 62.68 -111.31 -16.11
C ILE X 819 63.42 -111.97 -17.28
N THR X 820 64.23 -112.96 -16.97
CA THR X 820 64.97 -113.71 -17.96
C THR X 820 64.06 -114.76 -18.59
N PRO X 821 64.39 -115.21 -19.80
CA PRO X 821 63.79 -116.47 -20.29
C PRO X 821 64.28 -117.69 -19.54
N SER X 822 65.38 -117.57 -18.78
CA SER X 822 65.84 -118.69 -17.98
C SER X 822 65.01 -118.87 -16.70
N PHE X 823 64.42 -117.79 -16.18
CA PHE X 823 63.66 -117.91 -14.94
C PHE X 823 62.33 -118.59 -15.18
N ILE X 824 61.67 -118.27 -16.29
CA ILE X 824 60.38 -118.87 -16.59
C ILE X 824 60.49 -120.29 -17.09
N ALA X 825 61.70 -120.76 -17.38
CA ALA X 825 61.87 -122.16 -17.71
C ALA X 825 61.49 -123.06 -16.55
N GLU X 826 61.91 -122.70 -15.34
CA GLU X 826 61.53 -123.51 -14.19
C GLU X 826 60.10 -123.25 -13.77
N ALA X 827 59.51 -122.15 -14.22
CA ALA X 827 58.08 -121.99 -14.12
C ALA X 827 57.32 -122.98 -14.98
N TYR X 828 57.85 -123.30 -16.15
CA TYR X 828 57.21 -124.28 -17.02
C TYR X 828 57.25 -125.66 -16.40
N ASP X 829 58.42 -126.07 -15.93
CA ASP X 829 58.54 -127.44 -15.44
C ASP X 829 57.92 -127.61 -14.07
N LEU X 830 57.65 -126.50 -13.37
CA LEU X 830 56.75 -126.58 -12.23
C LEU X 830 55.36 -127.00 -12.68
N LEU X 831 54.95 -126.59 -13.87
CA LEU X 831 53.65 -127.02 -14.34
C LEU X 831 53.75 -128.21 -15.27
N ARG X 832 54.95 -128.49 -15.81
CA ARG X 832 55.14 -129.78 -16.47
C ARG X 832 55.02 -130.92 -15.47
N GLN X 833 55.71 -130.78 -14.32
CA GLN X 833 55.58 -131.77 -13.27
C GLN X 833 54.20 -131.74 -12.63
N SER X 834 53.50 -130.61 -12.68
CA SER X 834 52.10 -130.58 -12.29
C SER X 834 51.22 -131.29 -13.29
N ILE X 835 51.40 -131.04 -14.59
CA ILE X 835 50.50 -131.62 -15.59
C ILE X 835 50.72 -133.12 -15.78
N ILE X 836 51.89 -133.65 -15.40
CA ILE X 836 52.01 -135.11 -15.37
C ILE X 836 51.33 -135.65 -14.12
N ARG X 837 51.33 -134.89 -13.02
CA ARG X 837 50.51 -135.24 -11.87
C ARG X 837 49.03 -135.02 -12.15
N VAL X 838 48.71 -134.17 -13.13
CA VAL X 838 47.36 -134.18 -13.69
C VAL X 838 47.13 -135.45 -14.48
N ASP X 839 48.01 -135.77 -15.42
CA ASP X 839 47.70 -136.75 -16.45
C ASP X 839 48.10 -138.14 -16.01
N VAL X 840 47.07 -138.97 -15.78
CA VAL X 840 47.08 -140.39 -15.37
C VAL X 840 48.21 -140.82 -14.44
N MET Y 1 -18.42 -71.27 59.00
CA MET Y 1 -18.38 -70.96 57.58
C MET Y 1 -19.73 -71.16 56.91
N SER Y 2 -20.00 -70.36 55.89
CA SER Y 2 -21.29 -70.39 55.21
C SER Y 2 -21.30 -71.41 54.08
N ALA Y 3 -22.37 -71.41 53.28
CA ALA Y 3 -22.61 -72.34 52.17
C ALA Y 3 -22.61 -73.81 52.63
N ALA Y 4 -23.59 -74.14 53.47
CA ALA Y 4 -24.03 -75.52 53.79
C ALA Y 4 -22.93 -76.31 54.50
N LEU Y 5 -22.12 -75.58 55.24
CA LEU Y 5 -21.18 -76.26 56.13
C LEU Y 5 -21.85 -76.95 57.32
N PRO Y 6 -22.85 -76.38 58.02
CA PRO Y 6 -23.56 -77.20 59.00
C PRO Y 6 -24.48 -78.20 58.33
N SER Y 7 -24.77 -79.28 59.04
CA SER Y 7 -25.64 -80.30 58.53
C SER Y 7 -26.97 -80.27 59.27
N ILE Y 8 -27.81 -81.23 58.93
CA ILE Y 8 -29.06 -81.46 59.64
C ILE Y 8 -28.75 -82.04 61.01
N GLN Y 9 -29.66 -81.80 61.95
CA GLN Y 9 -29.51 -82.38 63.27
C GLN Y 9 -29.82 -83.86 63.24
N LEU Y 10 -28.81 -84.67 63.54
CA LEU Y 10 -29.02 -86.10 63.52
C LEU Y 10 -29.38 -86.58 64.91
N PRO Y 11 -30.36 -87.47 65.03
CA PRO Y 11 -30.70 -87.99 66.36
C PRO Y 11 -29.67 -88.96 66.90
N VAL Y 12 -28.83 -89.54 66.03
CA VAL Y 12 -27.81 -90.50 66.47
C VAL Y 12 -26.57 -89.71 66.87
N ASP Y 13 -26.32 -89.60 68.16
CA ASP Y 13 -25.14 -88.95 68.67
C ASP Y 13 -24.12 -89.99 69.13
N TYR Y 14 -23.06 -89.52 69.78
CA TYR Y 14 -22.03 -90.39 70.33
C TYR Y 14 -21.97 -90.36 71.85
N ASN Y 15 -22.43 -89.28 72.48
CA ASN Y 15 -22.35 -89.19 73.93
C ASN Y 15 -23.30 -90.16 74.60
N ASN Y 16 -24.40 -90.51 73.93
CA ASN Y 16 -25.27 -91.58 74.39
C ASN Y 16 -24.62 -92.95 74.30
N LEU Y 17 -23.65 -93.11 73.40
CA LEU Y 17 -22.90 -94.35 73.38
C LEU Y 17 -21.69 -94.26 74.30
N PHE Y 18 -21.18 -93.06 74.52
CA PHE Y 18 -19.98 -92.88 75.34
C PHE Y 18 -20.23 -93.32 76.77
N ASN Y 19 -21.35 -92.93 77.35
CA ASN Y 19 -21.68 -93.41 78.68
C ASN Y 19 -22.17 -94.85 78.67
N GLU Y 20 -22.57 -95.37 77.51
CA GLU Y 20 -22.98 -96.76 77.49
C GLU Y 20 -21.76 -97.68 77.46
N ILE Y 21 -20.59 -97.15 77.10
CA ILE Y 21 -19.39 -97.94 77.30
C ILE Y 21 -18.86 -97.74 78.72
N THR Y 22 -19.26 -96.65 79.39
CA THR Y 22 -18.92 -96.55 80.80
C THR Y 22 -19.67 -97.58 81.62
N ASP Y 23 -20.87 -97.98 81.21
CA ASP Y 23 -21.51 -99.14 81.82
C ASP Y 23 -21.12 -100.43 81.11
N PHE Y 24 -20.00 -100.44 80.40
CA PHE Y 24 -19.28 -101.68 80.17
C PHE Y 24 -18.15 -101.83 81.18
N LEU Y 25 -18.37 -101.36 82.41
CA LEU Y 25 -17.50 -101.64 83.55
C LEU Y 25 -17.86 -103.01 84.12
N VAL Y 26 -17.46 -103.31 85.35
CA VAL Y 26 -17.85 -104.59 85.93
C VAL Y 26 -19.36 -104.56 86.19
N THR Y 27 -20.10 -105.06 85.24
CA THR Y 27 -21.53 -105.32 85.36
C THR Y 27 -21.97 -106.62 84.72
N PHE Y 28 -21.23 -107.16 83.74
CA PHE Y 28 -21.67 -108.37 83.07
C PHE Y 28 -21.29 -109.60 83.88
N LYS Y 29 -22.23 -110.07 84.69
CA LYS Y 29 -21.99 -111.13 85.65
C LYS Y 29 -22.50 -112.49 85.21
N GLN Y 30 -23.17 -112.59 84.06
CA GLN Y 30 -23.59 -113.89 83.56
C GLN Y 30 -22.40 -114.67 83.03
N ASP Y 31 -21.55 -114.00 82.25
CA ASP Y 31 -20.32 -114.60 81.76
C ASP Y 31 -19.20 -113.59 81.89
N LYS Y 59 -13.37 -115.79 86.69
CA LYS Y 59 -14.66 -116.31 87.12
C LYS Y 59 -15.66 -115.18 87.38
N GLY Y 60 -15.14 -113.97 87.58
CA GLY Y 60 -15.97 -112.81 87.82
C GLY Y 60 -16.33 -112.10 86.53
N PRO Y 61 -15.88 -110.85 86.39
CA PRO Y 61 -16.02 -110.17 85.09
C PRO Y 61 -15.05 -110.76 84.08
N LYS Y 62 -15.60 -111.53 83.15
CA LYS Y 62 -14.80 -112.40 82.30
C LYS Y 62 -13.98 -111.61 81.29
N TYR Y 63 -14.54 -110.55 80.70
CA TYR Y 63 -13.76 -109.71 79.81
C TYR Y 63 -12.73 -108.89 80.58
N MET Y 64 -12.96 -108.66 81.87
CA MET Y 64 -11.93 -108.08 82.73
C MET Y 64 -10.89 -109.11 83.13
N ALA Y 65 -11.23 -110.40 83.11
CA ALA Y 65 -10.24 -111.43 83.41
C ALA Y 65 -9.20 -111.52 82.30
N MET Y 66 -9.62 -111.35 81.05
CA MET Y 66 -8.69 -111.28 79.93
C MET Y 66 -7.84 -110.03 79.97
N LEU Y 67 -8.30 -108.98 80.67
CA LEU Y 67 -7.51 -107.76 80.81
C LEU Y 67 -6.28 -107.97 81.67
N GLN Y 68 -6.29 -108.99 82.53
CA GLN Y 68 -5.14 -109.24 83.39
C GLN Y 68 -4.06 -110.05 82.70
N LYS Y 69 -4.42 -110.87 81.73
CA LYS Y 69 -3.45 -111.71 81.02
C LYS Y 69 -2.80 -111.00 79.85
N VAL Y 70 -2.84 -109.68 79.82
CA VAL Y 70 -2.17 -108.89 78.79
C VAL Y 70 -1.19 -107.96 79.48
N ALA Y 71 -1.62 -107.38 80.62
CA ALA Y 71 -0.81 -106.42 81.35
C ALA Y 71 0.47 -107.05 81.91
N ASN Y 72 0.43 -108.34 82.20
CA ASN Y 72 1.62 -109.11 82.56
C ASN Y 72 2.40 -109.60 81.35
N ARG Y 73 2.11 -109.09 80.15
CA ARG Y 73 2.95 -109.17 78.97
C ARG Y 73 3.23 -110.60 78.48
N GLU Y 74 2.19 -111.32 78.05
CA GLU Y 74 2.41 -112.59 77.37
C GLU Y 74 1.56 -112.73 76.12
N LEU Y 75 0.57 -111.87 75.92
CA LEU Y 75 -0.34 -112.00 74.79
C LEU Y 75 -0.96 -110.64 74.50
N ASN Y 76 -1.07 -110.29 73.21
CA ASN Y 76 -1.44 -108.92 72.84
C ASN Y 76 -2.66 -108.83 71.96
N SER Y 77 -3.66 -109.67 72.19
CA SER Y 77 -4.87 -109.57 71.37
C SER Y 77 -6.08 -109.83 72.24
N VAL Y 78 -6.79 -108.76 72.57
CA VAL Y 78 -8.09 -108.92 73.19
C VAL Y 78 -9.13 -109.24 72.11
N ILE Y 79 -10.26 -109.81 72.53
CA ILE Y 79 -11.32 -110.20 71.63
C ILE Y 79 -12.62 -109.65 72.20
N ILE Y 80 -13.18 -108.63 71.58
CA ILE Y 80 -14.40 -108.01 72.07
C ILE Y 80 -15.56 -108.41 71.19
N ASP Y 81 -16.19 -109.54 71.48
CA ASP Y 81 -17.10 -110.14 70.52
C ASP Y 81 -18.46 -109.45 70.56
N LEU Y 82 -19.39 -110.01 69.80
CA LEU Y 82 -20.79 -109.59 69.87
C LEU Y 82 -21.58 -110.44 70.86
N ASP Y 83 -21.04 -111.60 71.24
CA ASP Y 83 -21.71 -112.45 72.21
C ASP Y 83 -21.82 -111.76 73.56
N ASP Y 84 -20.75 -111.08 73.97
CA ASP Y 84 -20.78 -110.33 75.21
C ASP Y 84 -21.57 -109.03 75.09
N ILE Y 85 -22.07 -108.70 73.88
CA ILE Y 85 -22.94 -107.55 73.73
C ILE Y 85 -24.39 -107.99 73.71
N LEU Y 86 -24.68 -109.08 73.01
CA LEU Y 86 -26.06 -109.54 72.89
C LEU Y 86 -26.60 -110.09 74.21
N GLN Y 87 -25.78 -110.83 74.96
CA GLN Y 87 -26.20 -111.27 76.27
C GLN Y 87 -26.31 -110.10 77.23
N TYR Y 88 -25.44 -109.10 77.06
CA TYR Y 88 -25.58 -107.84 77.78
C TYR Y 88 -26.84 -107.11 77.37
N GLN Y 89 -27.27 -107.27 76.12
CA GLN Y 89 -28.58 -106.78 75.73
C GLN Y 89 -29.68 -107.76 76.06
N ASN Y 90 -29.35 -109.03 76.31
CA ASN Y 90 -30.37 -109.98 76.74
C ASN Y 90 -30.86 -109.66 78.15
N GLU Y 91 -29.94 -109.36 79.06
CA GLU Y 91 -30.33 -108.94 80.40
C GLU Y 91 -30.60 -107.45 80.50
N LYS Y 92 -30.71 -106.74 79.37
CA LYS Y 92 -31.40 -105.46 79.33
C LYS Y 92 -32.78 -105.59 78.74
N PHE Y 93 -33.41 -106.76 78.88
CA PHE Y 93 -34.79 -106.93 78.46
C PHE Y 93 -35.76 -106.48 79.55
N LEU Y 94 -35.28 -106.41 80.80
CA LEU Y 94 -36.15 -106.06 81.91
C LEU Y 94 -36.03 -104.62 82.37
N GLN Y 95 -34.86 -103.98 82.22
CA GLN Y 95 -34.74 -102.57 82.53
C GLN Y 95 -35.42 -101.78 81.43
N GLY Y 96 -36.63 -101.31 81.73
CA GLY Y 96 -37.40 -100.54 80.76
C GLY Y 96 -36.96 -99.10 80.67
N THR Y 97 -35.77 -98.87 80.11
CA THR Y 97 -35.26 -97.53 79.87
C THR Y 97 -34.69 -97.46 78.46
N GLN Y 98 -34.34 -96.24 78.05
CA GLN Y 98 -33.89 -95.99 76.68
C GLN Y 98 -32.44 -96.42 76.54
N ALA Y 99 -32.23 -97.59 75.93
CA ALA Y 99 -30.90 -98.07 75.58
C ALA Y 99 -30.86 -98.31 74.07
N ASP Y 100 -30.12 -97.46 73.37
CA ASP Y 100 -30.01 -97.53 71.92
C ASP Y 100 -29.31 -98.81 71.48
N ASP Y 101 -29.55 -99.18 70.24
CA ASP Y 101 -29.01 -100.42 69.72
C ASP Y 101 -27.51 -100.28 69.46
N LEU Y 102 -26.81 -101.37 69.70
CA LEU Y 102 -25.36 -101.41 69.59
C LEU Y 102 -24.89 -101.99 68.27
N VAL Y 103 -25.48 -103.11 67.84
CA VAL Y 103 -25.10 -103.65 66.54
C VAL Y 103 -25.63 -102.83 65.38
N SER Y 104 -26.54 -101.89 65.65
CA SER Y 104 -26.90 -100.88 64.68
C SER Y 104 -25.73 -100.00 64.33
N ALA Y 105 -25.22 -99.25 65.30
CA ALA Y 105 -24.19 -98.25 65.05
C ALA Y 105 -22.86 -98.87 64.65
N ILE Y 106 -22.54 -100.06 65.18
CA ILE Y 106 -21.27 -100.67 64.80
C ILE Y 106 -21.32 -101.34 63.44
N GLN Y 107 -22.48 -101.51 62.83
CA GLN Y 107 -22.47 -101.79 61.40
C GLN Y 107 -22.70 -100.54 60.57
N GLN Y 108 -23.14 -99.45 61.20
CA GLN Y 108 -23.23 -98.18 60.47
C GLN Y 108 -21.85 -97.66 60.13
N ASN Y 109 -21.05 -97.33 61.15
CA ASN Y 109 -19.70 -96.81 60.95
C ASN Y 109 -18.80 -97.55 61.93
N ALA Y 110 -18.25 -98.67 61.46
CA ALA Y 110 -17.54 -99.57 62.36
C ALA Y 110 -16.20 -99.00 62.82
N ASN Y 111 -15.54 -98.22 61.97
CA ASN Y 111 -14.20 -97.76 62.33
C ASN Y 111 -14.22 -96.72 63.44
N HIS Y 112 -15.36 -96.07 63.65
CA HIS Y 112 -15.44 -95.12 64.75
C HIS Y 112 -15.60 -95.80 66.10
N PHE Y 113 -15.72 -97.13 66.13
CA PHE Y 113 -15.89 -97.89 67.35
C PHE Y 113 -14.61 -98.54 67.83
N THR Y 114 -13.49 -97.84 67.74
CA THR Y 114 -12.29 -98.25 68.46
C THR Y 114 -11.63 -97.11 69.22
N GLU Y 115 -11.83 -95.86 68.79
CA GLU Y 115 -11.18 -94.72 69.41
C GLU Y 115 -11.90 -94.25 70.67
N LEU Y 116 -13.22 -94.33 70.70
CA LEU Y 116 -13.91 -94.10 71.95
C LEU Y 116 -13.84 -95.31 72.87
N PHE Y 117 -13.46 -96.45 72.31
CA PHE Y 117 -13.31 -97.68 73.08
C PHE Y 117 -12.07 -97.64 73.95
N CYS Y 118 -10.91 -97.28 73.37
CA CYS Y 118 -9.67 -97.17 74.12
C CYS Y 118 -9.68 -96.06 75.16
N ARG Y 119 -10.42 -94.97 74.91
CA ARG Y 119 -10.55 -93.94 75.93
C ARG Y 119 -11.52 -94.33 77.03
N ALA Y 120 -12.08 -95.54 76.97
CA ALA Y 120 -12.81 -96.10 78.09
C ALA Y 120 -12.02 -97.13 78.90
N ILE Y 121 -10.99 -97.73 78.32
CA ILE Y 121 -10.28 -98.78 79.04
C ILE Y 121 -9.34 -98.19 80.08
N ASP Y 122 -8.76 -97.03 79.80
CA ASP Y 122 -7.70 -96.47 80.64
C ASP Y 122 -8.20 -96.04 82.00
N ASN Y 123 -9.47 -95.62 82.12
CA ASN Y 123 -10.01 -95.32 83.43
C ASN Y 123 -10.28 -96.58 84.24
N ASN Y 124 -10.29 -97.75 83.58
CA ASN Y 124 -10.60 -99.01 84.23
C ASN Y 124 -9.56 -100.09 83.94
N MET Y 125 -8.32 -99.71 83.86
CA MET Y 125 -7.24 -100.66 83.66
C MET Y 125 -6.39 -100.75 84.92
N PRO Y 126 -6.28 -101.91 85.55
CA PRO Y 126 -5.40 -102.05 86.72
C PRO Y 126 -3.93 -102.17 86.31
N LEU Y 127 -3.15 -101.09 86.50
CA LEU Y 127 -1.81 -101.05 85.91
C LEU Y 127 -0.80 -101.95 86.62
N PRO Y 128 -0.47 -101.76 87.93
CA PRO Y 128 0.73 -102.48 88.39
C PRO Y 128 0.44 -103.89 88.91
N THR Y 129 -0.21 -104.69 88.07
CA THR Y 129 -0.63 -106.02 88.45
C THR Y 129 0.41 -107.08 88.13
N LYS Y 130 1.52 -106.72 87.51
CA LYS Y 130 2.56 -107.67 87.15
C LYS Y 130 3.83 -107.38 87.96
N GLU Y 131 4.81 -108.27 87.79
CA GLU Y 131 6.06 -108.24 88.54
C GLU Y 131 7.21 -108.52 87.58
N ILE Y 132 7.89 -107.46 87.12
CA ILE Y 132 9.01 -107.53 86.20
C ILE Y 132 10.15 -106.71 86.79
N ASP Y 133 11.27 -107.37 87.11
CA ASP Y 133 12.30 -106.66 87.87
C ASP Y 133 13.26 -105.84 87.02
N TYR Y 134 14.13 -106.50 86.25
CA TYR Y 134 15.04 -105.78 85.35
C TYR Y 134 14.89 -106.28 83.92
N LYS Y 135 15.10 -107.59 83.74
CA LYS Y 135 14.94 -108.27 82.47
C LYS Y 135 13.54 -108.84 82.39
N ASP Y 136 13.34 -109.80 81.46
CA ASP Y 136 12.10 -110.58 81.27
C ASP Y 136 10.97 -109.70 80.72
N ASP Y 137 11.34 -108.59 80.08
CA ASP Y 137 10.39 -107.76 79.33
C ASP Y 137 11.18 -106.96 78.31
N VAL Y 138 10.74 -107.01 77.06
CA VAL Y 138 11.32 -106.18 76.00
C VAL Y 138 10.93 -104.73 76.25
N LEU Y 139 11.91 -103.84 76.17
CA LEU Y 139 11.73 -102.38 76.17
C LEU Y 139 11.10 -101.93 77.49
N ASP Y 140 11.78 -102.31 78.57
CA ASP Y 140 11.19 -102.24 79.90
C ASP Y 140 11.76 -101.14 80.77
N VAL Y 141 13.08 -101.13 80.99
CA VAL Y 141 13.68 -100.11 81.83
C VAL Y 141 13.72 -98.78 81.10
N ILE Y 142 13.75 -98.81 79.77
CA ILE Y 142 13.98 -97.61 78.99
C ILE Y 142 12.69 -96.79 78.81
N LEU Y 143 11.55 -97.46 78.64
CA LEU Y 143 10.29 -96.71 78.61
C LEU Y 143 9.99 -96.05 79.94
N ASN Y 144 10.31 -96.74 81.05
CA ASN Y 144 10.22 -96.11 82.37
C ASN Y 144 11.31 -95.06 82.55
N GLN Y 145 12.49 -95.26 81.94
CA GLN Y 145 13.47 -94.20 81.87
C GLN Y 145 12.94 -93.03 81.06
N ARG Y 146 12.25 -93.31 79.96
CA ARG Y 146 11.64 -92.25 79.17
C ARG Y 146 10.47 -91.61 79.87
N ARG Y 147 9.64 -92.42 80.55
CA ARG Y 147 8.49 -91.87 81.25
C ARG Y 147 8.92 -91.00 82.43
N LEU Y 148 9.93 -91.43 83.17
CA LEU Y 148 10.44 -90.61 84.28
C LEU Y 148 11.19 -89.40 83.77
N ARG Y 149 11.76 -89.48 82.57
CA ARG Y 149 12.39 -88.29 82.01
C ARG Y 149 11.36 -87.29 81.53
N ASN Y 150 10.15 -87.74 81.21
CA ASN Y 150 9.06 -86.79 80.95
C ASN Y 150 8.30 -86.45 82.21
N GLU Y 151 8.28 -87.36 83.20
CA GLU Y 151 7.58 -87.06 84.44
C GLU Y 151 8.34 -86.05 85.29
N ARG Y 152 9.66 -86.16 85.36
CA ARG Y 152 10.43 -85.14 86.07
C ARG Y 152 10.43 -83.82 85.31
N MET Y 153 10.34 -83.87 83.98
CA MET Y 153 10.19 -82.66 83.19
C MET Y 153 8.76 -82.17 83.12
N LEU Y 154 7.84 -82.76 83.90
CA LEU Y 154 6.53 -82.16 84.12
C LEU Y 154 6.56 -81.10 85.21
N SER Y 155 7.62 -81.03 86.01
CA SER Y 155 7.75 -80.06 87.07
C SER Y 155 9.15 -79.45 87.13
N ASP Y 156 9.79 -79.26 85.97
CA ASP Y 156 11.13 -78.70 85.88
C ASP Y 156 11.15 -77.25 85.40
N ARG Y 157 10.21 -76.43 85.85
CA ARG Y 157 10.24 -75.01 85.55
C ARG Y 157 10.80 -74.19 86.71
N THR Y 158 10.61 -74.64 87.94
CA THR Y 158 11.18 -73.97 89.11
C THR Y 158 11.71 -74.99 90.11
N THR Y 189 6.10 -78.27 78.28
CA THR Y 189 5.21 -79.30 78.77
C THR Y 189 4.31 -79.83 77.66
N GLU Y 190 4.35 -81.14 77.45
CA GLU Y 190 3.50 -81.83 76.49
C GLU Y 190 3.09 -83.16 77.08
N LEU Y 191 1.79 -83.37 77.21
CA LEU Y 191 1.28 -84.65 77.67
C LEU Y 191 1.51 -85.71 76.60
N PHE Y 192 1.39 -86.96 77.02
CA PHE Y 192 1.52 -88.06 76.08
C PHE Y 192 0.31 -88.07 75.16
N PRO Y 193 0.48 -88.13 73.85
CA PRO Y 193 -0.60 -88.58 72.99
C PRO Y 193 -0.96 -90.01 73.36
N PRO Y 194 -2.25 -90.38 73.26
CA PRO Y 194 -2.68 -91.67 73.83
C PRO Y 194 -2.14 -92.87 73.09
N ASN Y 195 -1.58 -92.69 71.90
CA ASN Y 195 -1.04 -93.78 71.13
C ASN Y 195 0.29 -94.29 71.66
N LEU Y 196 0.96 -93.55 72.55
CA LEU Y 196 2.28 -93.96 73.02
C LEU Y 196 2.22 -95.18 73.93
N THR Y 197 1.42 -95.11 74.99
CA THR Y 197 1.40 -96.18 75.97
C THR Y 197 0.16 -97.04 75.72
N ARG Y 198 0.25 -97.97 74.78
CA ARG Y 198 -0.84 -98.92 74.61
C ARG Y 198 -0.36 -100.33 74.93
N ARG Y 199 0.63 -100.79 74.17
CA ARG Y 199 1.14 -102.16 74.18
C ARG Y 199 0.04 -103.20 74.04
N TYR Y 200 -1.01 -102.89 73.27
CA TYR Y 200 -2.15 -103.77 73.11
C TYR Y 200 -2.93 -103.31 71.88
N PHE Y 201 -3.87 -104.14 71.44
CA PHE Y 201 -4.70 -103.82 70.28
C PHE Y 201 -6.15 -104.13 70.60
N LEU Y 202 -7.01 -103.92 69.61
CA LEU Y 202 -8.41 -104.27 69.73
C LEU Y 202 -8.79 -105.19 68.59
N TYR Y 203 -9.86 -105.95 68.78
CA TYR Y 203 -10.41 -106.83 67.75
C TYR Y 203 -11.92 -106.93 67.91
N PHE Y 204 -12.54 -107.48 66.88
CA PHE Y 204 -13.99 -107.62 66.83
C PHE Y 204 -14.31 -109.01 66.30
N LYS Y 205 -15.53 -109.46 66.54
CA LYS Y 205 -15.96 -110.76 66.05
C LYS Y 205 -17.48 -110.84 65.92
N PRO Y 206 -18.02 -111.01 64.73
CA PRO Y 206 -19.48 -111.09 64.56
C PRO Y 206 -20.02 -112.49 64.82
N LEU Y 207 -21.30 -112.66 64.50
CA LEU Y 207 -22.07 -113.85 64.82
C LEU Y 207 -22.83 -114.35 63.59
N SER Y 208 -22.90 -115.67 63.42
CA SER Y 208 -23.80 -116.25 62.42
C SER Y 208 -24.38 -117.57 62.94
N GLN Y 209 -24.81 -117.58 64.19
CA GLN Y 209 -25.33 -118.76 64.85
C GLN Y 209 -26.84 -118.61 65.02
N ASN Y 210 -27.47 -119.53 65.74
CA ASN Y 210 -28.90 -119.50 65.98
C ASN Y 210 -29.35 -118.33 66.86
N CYS Y 211 -28.42 -117.57 67.43
CA CYS Y 211 -28.78 -116.29 68.01
C CYS Y 211 -29.31 -115.32 66.95
N ALA Y 212 -28.81 -115.39 65.72
CA ALA Y 212 -29.45 -114.67 64.62
C ALA Y 212 -30.85 -115.20 64.34
N ARG Y 213 -31.10 -116.48 64.60
CA ARG Y 213 -32.43 -117.04 64.50
C ARG Y 213 -33.18 -116.98 65.82
N ARG Y 214 -32.58 -116.43 66.86
CA ARG Y 214 -33.34 -116.16 68.08
C ARG Y 214 -34.24 -114.95 67.87
N TYR Y 215 -33.65 -113.79 67.65
CA TYR Y 215 -34.42 -112.56 67.53
C TYR Y 215 -33.56 -111.50 66.87
N ARG Y 216 -34.22 -110.57 66.21
CA ARG Y 216 -33.56 -109.56 65.40
C ARG Y 216 -34.47 -108.35 65.34
N ILE Y 220 -27.20 -111.63 60.15
CA ILE Y 220 -27.73 -110.52 59.38
C ILE Y 220 -26.55 -109.70 58.85
N SER Y 221 -25.74 -109.19 59.76
CA SER Y 221 -24.54 -108.46 59.40
C SER Y 221 -23.34 -109.36 59.16
N SER Y 222 -23.57 -110.68 59.09
CA SER Y 222 -22.49 -111.64 58.90
C SER Y 222 -22.92 -112.80 58.01
N LYS Y 223 -23.68 -112.52 56.97
CA LYS Y 223 -23.89 -113.52 55.93
C LYS Y 223 -22.69 -113.51 54.99
N PRO Y 224 -22.21 -114.66 54.54
CA PRO Y 224 -21.00 -114.65 53.73
C PRO Y 224 -21.30 -114.21 52.31
N LEU Y 225 -21.37 -112.91 52.10
CA LEU Y 225 -21.62 -112.35 50.78
C LEU Y 225 -20.37 -112.52 49.95
N SER Y 226 -20.57 -112.63 48.63
CA SER Y 226 -19.45 -112.72 47.72
C SER Y 226 -18.92 -111.32 47.43
N VAL Y 227 -17.86 -111.25 46.63
CA VAL Y 227 -17.27 -109.98 46.26
C VAL Y 227 -18.12 -109.26 45.21
N ARG Y 228 -19.07 -109.95 44.60
CA ARG Y 228 -19.67 -109.45 43.38
C ARG Y 228 -20.73 -108.40 43.65
N GLN Y 229 -21.40 -108.50 44.79
CA GLN Y 229 -22.55 -107.66 45.09
C GLN Y 229 -22.26 -106.63 46.15
N ILE Y 230 -21.02 -106.14 46.22
CA ILE Y 230 -20.54 -105.54 47.45
C ILE Y 230 -20.29 -104.05 47.33
N LYS Y 231 -20.52 -103.47 46.18
CA LYS Y 231 -20.08 -102.11 45.90
C LYS Y 231 -21.05 -101.03 46.41
N GLY Y 232 -22.14 -101.40 47.05
CA GLY Y 232 -23.21 -100.44 47.28
C GLY Y 232 -23.01 -99.62 48.54
N ASP Y 233 -23.94 -99.78 49.49
CA ASP Y 233 -23.87 -99.09 50.77
C ASP Y 233 -22.99 -99.84 51.77
N PHE Y 234 -22.29 -100.87 51.29
CA PHE Y 234 -21.42 -101.69 52.11
C PHE Y 234 -20.03 -101.10 52.22
N LEU Y 235 -19.92 -99.78 52.14
CA LEU Y 235 -18.62 -99.11 52.18
C LEU Y 235 -18.58 -98.27 53.44
N GLY Y 236 -17.82 -98.75 54.41
CA GLY Y 236 -17.74 -98.12 55.71
C GLY Y 236 -18.41 -98.97 56.76
N GLN Y 237 -18.52 -100.26 56.50
CA GLN Y 237 -19.23 -101.18 57.36
C GLN Y 237 -18.31 -102.33 57.75
N LEU Y 238 -18.88 -103.38 58.33
CA LEU Y 238 -18.17 -104.60 58.73
C LEU Y 238 -18.86 -105.74 57.99
N ILE Y 239 -18.14 -106.38 57.09
CA ILE Y 239 -18.67 -107.44 56.24
C ILE Y 239 -17.64 -108.55 56.18
N THR Y 240 -18.08 -109.80 56.24
CA THR Y 240 -17.15 -110.87 55.95
C THR Y 240 -17.34 -111.39 54.54
N VAL Y 241 -16.22 -111.83 53.94
CA VAL Y 241 -16.21 -112.39 52.59
C VAL Y 241 -15.29 -113.60 52.59
N ARG Y 242 -15.71 -114.68 51.95
CA ARG Y 242 -14.85 -115.84 51.74
C ARG Y 242 -14.08 -115.64 50.45
N GLY Y 243 -13.06 -116.47 50.25
CA GLY Y 243 -12.27 -116.35 49.03
C GLY Y 243 -11.10 -117.32 49.04
N ILE Y 244 -10.12 -117.00 48.21
CA ILE Y 244 -8.88 -117.74 48.13
C ILE Y 244 -7.74 -116.73 48.18
N ILE Y 245 -6.85 -116.88 49.15
CA ILE Y 245 -5.82 -115.89 49.39
C ILE Y 245 -4.67 -116.11 48.43
N THR Y 246 -4.29 -115.06 47.71
CA THR Y 246 -3.12 -115.06 46.85
C THR Y 246 -2.32 -113.78 47.07
N ARG Y 247 -1.10 -113.78 46.52
CA ARG Y 247 -0.14 -112.68 46.60
C ARG Y 247 0.18 -112.29 48.03
N VAL Y 248 0.85 -113.17 48.76
CA VAL Y 248 1.25 -112.89 50.13
C VAL Y 248 2.56 -112.13 50.07
N SER Y 249 2.57 -110.91 50.59
CA SER Y 249 3.81 -110.16 50.72
C SER Y 249 4.51 -110.55 52.01
N ASP Y 250 5.48 -109.73 52.43
CA ASP Y 250 6.16 -110.01 53.68
C ASP Y 250 5.62 -109.15 54.80
N VAL Y 251 6.35 -109.15 55.91
CA VAL Y 251 5.98 -108.40 57.11
C VAL Y 251 6.95 -107.24 57.24
N LYS Y 252 6.43 -106.06 57.17
CA LYS Y 252 7.31 -104.91 57.22
C LYS Y 252 6.91 -104.02 58.39
N PRO Y 253 7.87 -103.36 59.04
CA PRO Y 253 7.54 -102.47 60.16
C PRO Y 253 6.90 -101.19 59.68
N ALA Y 254 5.69 -100.92 60.18
CA ALA Y 254 5.07 -99.64 59.94
C ALA Y 254 5.27 -98.73 61.14
N VAL Y 255 4.92 -97.47 60.95
CA VAL Y 255 5.15 -96.43 61.93
C VAL Y 255 3.83 -95.99 62.54
N GLU Y 256 3.85 -95.73 63.84
CA GLU Y 256 2.65 -95.29 64.55
C GLU Y 256 2.96 -94.14 65.47
N VAL Y 257 4.23 -94.01 65.85
CA VAL Y 257 4.70 -92.96 66.73
C VAL Y 257 6.04 -92.47 66.22
N ILE Y 258 6.43 -91.29 66.66
CA ILE Y 258 7.65 -90.66 66.16
C ILE Y 258 8.45 -90.14 67.36
N ALA Y 259 9.74 -89.93 67.13
CA ALA Y 259 10.60 -89.30 68.12
C ALA Y 259 11.76 -88.63 67.37
N TYR Y 260 11.72 -87.30 67.30
CA TYR Y 260 12.86 -86.55 66.82
C TYR Y 260 13.64 -86.02 68.01
N THR Y 261 14.96 -86.17 67.95
CA THR Y 261 15.86 -85.58 68.94
C THR Y 261 16.69 -84.53 68.24
N CYS Y 262 16.97 -83.43 68.95
CA CYS Y 262 17.74 -82.33 68.42
C CYS Y 262 19.10 -82.19 69.10
N ASP Y 263 19.40 -83.11 70.02
CA ASP Y 263 20.57 -83.19 70.90
C ASP Y 263 20.95 -81.88 71.60
N GLN Y 264 19.98 -81.00 71.84
CA GLN Y 264 20.23 -79.85 72.69
C GLN Y 264 19.30 -79.83 73.88
N CYS Y 265 18.01 -80.06 73.63
CA CYS Y 265 17.05 -80.02 74.73
C CYS Y 265 16.60 -81.42 75.11
N GLY Y 266 16.64 -82.35 74.16
CA GLY Y 266 16.15 -83.68 74.41
C GLY Y 266 14.65 -83.80 74.48
N TYR Y 267 13.90 -82.80 74.03
CA TYR Y 267 12.45 -82.89 74.03
C TYR Y 267 12.01 -83.57 72.74
N GLU Y 268 11.56 -84.82 72.88
CA GLU Y 268 11.20 -85.63 71.73
C GLU Y 268 9.82 -85.26 71.25
N VAL Y 269 9.76 -84.66 70.08
CA VAL Y 269 8.48 -84.24 69.55
C VAL Y 269 7.73 -85.44 69.00
N PHE Y 270 6.49 -85.59 69.45
CA PHE Y 270 5.62 -86.70 69.07
C PHE Y 270 4.63 -86.22 68.02
N GLN Y 271 4.16 -87.15 67.20
CA GLN Y 271 3.10 -86.85 66.26
C GLN Y 271 2.36 -88.13 65.92
N GLU Y 272 1.12 -87.94 65.48
CA GLU Y 272 0.33 -89.04 64.98
C GLU Y 272 0.81 -89.41 63.58
N VAL Y 273 0.73 -90.67 63.25
CA VAL Y 273 1.13 -91.10 61.92
C VAL Y 273 -0.07 -91.06 60.98
N ASN Y 274 0.08 -90.32 59.90
CA ASN Y 274 -0.92 -90.22 58.84
C ASN Y 274 -0.69 -91.32 57.80
N SER Y 275 -1.11 -91.07 56.58
CA SER Y 275 -0.97 -92.02 55.48
C SER Y 275 0.50 -92.23 55.13
N ARG Y 276 0.74 -93.03 54.09
CA ARG Y 276 2.05 -93.60 53.77
C ARG Y 276 3.11 -92.58 53.38
N THR Y 277 2.77 -91.32 53.23
CA THR Y 277 3.75 -90.29 52.95
C THR Y 277 3.53 -89.14 53.94
N PHE Y 278 4.60 -88.68 54.55
CA PHE Y 278 4.55 -87.62 55.53
C PHE Y 278 5.87 -86.87 55.48
N THR Y 279 6.00 -85.88 56.35
CA THR Y 279 7.08 -84.94 56.28
C THR Y 279 7.57 -84.60 57.68
N PRO Y 280 8.88 -84.57 57.92
CA PRO Y 280 9.37 -84.08 59.20
C PRO Y 280 9.21 -82.57 59.31
N LEU Y 281 9.24 -82.09 60.54
CA LEU Y 281 9.08 -80.69 60.82
C LEU Y 281 10.44 -80.01 61.01
N SER Y 282 10.40 -78.76 61.49
CA SER Y 282 11.61 -77.96 61.67
C SER Y 282 12.29 -78.26 63.00
N GLU Y 283 13.21 -77.39 63.40
CA GLU Y 283 13.91 -77.52 64.66
C GLU Y 283 13.61 -76.40 65.65
N CYS Y 284 13.09 -75.25 65.19
CA CYS Y 284 12.71 -74.15 66.09
C CYS Y 284 11.21 -74.19 66.32
N THR Y 285 10.78 -75.21 67.05
CA THR Y 285 9.38 -75.37 67.43
C THR Y 285 9.21 -75.76 68.90
N SER Y 286 10.27 -76.20 69.57
CA SER Y 286 10.18 -76.77 70.90
C SER Y 286 10.08 -75.67 71.97
N GLU Y 287 10.32 -76.06 73.21
CA GLU Y 287 10.10 -75.20 74.36
C GLU Y 287 11.38 -74.81 75.08
N GLU Y 288 12.44 -75.60 74.97
CA GLU Y 288 13.70 -75.29 75.65
C GLU Y 288 14.82 -75.03 74.66
N CYS Y 289 15.05 -75.95 73.73
CA CYS Y 289 16.11 -75.85 72.73
C CYS Y 289 15.78 -74.85 71.63
N SER Y 290 14.55 -74.35 71.59
CA SER Y 290 14.11 -73.33 70.66
C SER Y 290 14.34 -71.96 71.28
N GLN Y 291 13.70 -70.93 70.71
CA GLN Y 291 13.53 -69.56 71.20
C GLN Y 291 14.81 -68.83 71.62
N ASN Y 292 15.96 -69.28 71.15
CA ASN Y 292 17.23 -68.63 71.46
C ASN Y 292 17.98 -68.43 70.14
N GLN Y 293 19.23 -67.98 70.23
CA GLN Y 293 20.07 -67.83 69.05
C GLN Y 293 20.65 -69.15 68.59
N THR Y 294 20.50 -70.19 69.40
CA THR Y 294 20.99 -71.52 69.05
C THR Y 294 19.82 -72.48 69.18
N LYS Y 295 19.58 -73.25 68.13
CA LYS Y 295 18.53 -74.26 68.11
C LYS Y 295 19.19 -75.60 67.81
N GLY Y 296 18.83 -76.63 68.58
CA GLY Y 296 19.32 -77.96 68.29
C GLY Y 296 18.72 -78.48 67.00
N GLN Y 297 19.59 -79.02 66.15
CA GLN Y 297 19.16 -79.50 64.84
C GLN Y 297 18.56 -80.89 64.96
N LEU Y 298 17.32 -81.04 64.52
CA LEU Y 298 16.58 -82.27 64.76
C LEU Y 298 17.09 -83.40 63.88
N PHE Y 299 16.99 -84.62 64.40
CA PHE Y 299 17.06 -85.82 63.59
C PHE Y 299 16.28 -86.92 64.31
N MET Y 300 16.20 -88.07 63.68
CA MET Y 300 15.31 -89.13 64.10
C MET Y 300 15.93 -90.00 65.19
N SER Y 301 15.13 -90.93 65.68
CA SER Y 301 15.60 -91.96 66.60
C SER Y 301 14.85 -93.26 66.35
N THR Y 302 15.58 -94.36 66.39
CA THR Y 302 15.01 -95.67 66.11
C THR Y 302 14.40 -96.33 67.34
N ARG Y 303 15.17 -96.53 68.39
CA ARG Y 303 14.78 -97.28 69.58
C ARG Y 303 13.64 -96.63 70.36
N ALA Y 304 13.43 -95.31 70.21
CA ALA Y 304 12.35 -94.63 70.90
C ALA Y 304 11.11 -94.53 70.05
N SER Y 305 11.03 -95.31 68.98
CA SER Y 305 9.93 -95.23 68.03
C SER Y 305 9.33 -96.62 67.87
N LYS Y 306 8.19 -96.83 68.52
CA LYS Y 306 7.48 -98.11 68.50
C LYS Y 306 6.94 -98.39 67.10
N PHE Y 307 7.13 -99.61 66.63
CA PHE Y 307 6.77 -99.98 65.27
C PHE Y 307 5.91 -101.24 65.25
N SER Y 308 4.97 -101.28 64.31
CA SER Y 308 3.93 -102.29 64.27
C SER Y 308 4.16 -103.26 63.12
N ALA Y 309 3.21 -104.17 62.94
CA ALA Y 309 3.27 -105.18 61.89
C ALA Y 309 2.34 -104.83 60.75
N PHE Y 310 2.64 -105.37 59.57
CA PHE Y 310 1.97 -104.98 58.34
C PHE Y 310 2.29 -105.98 57.24
N GLN Y 311 1.27 -106.39 56.50
CA GLN Y 311 1.39 -107.43 55.50
C GLN Y 311 0.17 -107.38 54.60
N GLU Y 312 0.37 -107.51 53.30
CA GLU Y 312 -0.67 -107.26 52.32
C GLU Y 312 -1.01 -108.52 51.54
N CYS Y 313 -2.30 -108.69 51.24
CA CYS Y 313 -2.76 -109.89 50.57
C CYS Y 313 -3.92 -109.54 49.65
N LYS Y 314 -4.23 -110.44 48.72
CA LYS Y 314 -5.26 -110.25 47.72
C LYS Y 314 -6.15 -111.48 47.62
N ILE Y 315 -7.42 -111.26 47.37
CA ILE Y 315 -8.43 -112.30 47.38
C ILE Y 315 -8.94 -112.50 45.95
N GLN Y 316 -9.60 -113.64 45.72
CA GLN Y 316 -10.30 -113.90 44.48
C GLN Y 316 -11.63 -114.55 44.83
N GLU Y 317 -12.29 -115.20 43.88
CA GLU Y 317 -13.59 -115.78 44.18
C GLU Y 317 -13.51 -117.29 44.02
N LEU Y 318 -14.48 -117.99 44.60
CA LEU Y 318 -14.50 -119.44 44.77
C LEU Y 318 -14.66 -120.23 43.47
N SER Y 319 -14.95 -119.56 42.36
CA SER Y 319 -15.13 -120.18 41.04
C SER Y 319 -16.28 -121.19 41.03
N GLN Y 320 -17.27 -120.98 41.90
CA GLN Y 320 -18.48 -121.79 41.84
C GLN Y 320 -19.70 -120.89 42.03
N GLN Y 321 -19.51 -119.77 42.69
CA GLN Y 321 -20.56 -118.78 42.84
C GLN Y 321 -20.40 -117.63 41.87
N VAL Y 322 -19.37 -117.67 41.05
CA VAL Y 322 -19.20 -116.71 39.95
C VAL Y 322 -20.33 -116.91 38.95
N PRO Y 323 -20.91 -115.85 38.39
CA PRO Y 323 -21.89 -116.05 37.31
C PRO Y 323 -21.27 -116.59 36.04
N VAL Y 324 -22.13 -116.87 35.05
CA VAL Y 324 -21.69 -117.40 33.77
C VAL Y 324 -20.85 -116.40 32.98
N GLY Y 325 -20.95 -115.13 33.33
CA GLY Y 325 -20.28 -114.10 32.57
C GLY Y 325 -18.87 -113.90 33.06
N HIS Y 326 -18.60 -112.71 33.58
CA HIS Y 326 -17.29 -112.12 33.62
C HIS Y 326 -16.34 -112.86 34.54
N ILE Y 327 -15.07 -112.52 34.43
CA ILE Y 327 -14.01 -113.14 35.20
C ILE Y 327 -14.10 -112.58 36.62
N PRO Y 328 -13.57 -113.25 37.63
CA PRO Y 328 -13.59 -112.65 38.97
C PRO Y 328 -12.51 -111.59 39.09
N ARG Y 329 -12.66 -110.74 40.08
CA ARG Y 329 -11.66 -109.70 40.32
C ARG Y 329 -11.13 -109.76 41.74
N SER Y 330 -10.03 -109.04 41.96
CA SER Y 330 -9.31 -109.06 43.21
C SER Y 330 -9.88 -108.04 44.19
N LEU Y 331 -9.21 -107.91 45.33
CA LEU Y 331 -9.54 -106.98 46.39
C LEU Y 331 -8.33 -106.87 47.29
N ASN Y 332 -8.18 -105.74 47.96
CA ASN Y 332 -7.04 -105.55 48.84
C ASN Y 332 -7.42 -105.67 50.30
N ILE Y 333 -6.54 -106.28 51.07
CA ILE Y 333 -6.76 -106.53 52.49
C ILE Y 333 -5.48 -106.16 53.22
N HIS Y 334 -5.59 -105.79 54.50
CA HIS Y 334 -4.45 -105.40 55.31
C HIS Y 334 -4.49 -106.17 56.62
N VAL Y 335 -3.42 -106.07 57.41
CA VAL Y 335 -3.43 -106.63 58.75
C VAL Y 335 -2.90 -105.60 59.75
N ASN Y 336 -3.37 -105.73 60.98
CA ASN Y 336 -2.90 -104.95 62.12
C ASN Y 336 -2.98 -105.84 63.35
N GLY Y 337 -2.39 -105.37 64.44
CA GLY Y 337 -2.43 -106.13 65.67
C GLY Y 337 -1.50 -107.32 65.63
N THR Y 338 -2.03 -108.52 65.86
CA THR Y 338 -1.23 -109.74 65.79
C THR Y 338 -1.99 -110.91 65.18
N LEU Y 339 -2.75 -110.66 64.13
CA LEU Y 339 -3.23 -111.76 63.29
C LEU Y 339 -2.25 -112.10 62.19
N VAL Y 340 -1.06 -111.55 62.25
CA VAL Y 340 -0.09 -111.64 61.17
C VAL Y 340 0.51 -113.03 61.13
N ARG Y 341 1.12 -113.38 59.99
CA ARG Y 341 1.79 -114.67 59.76
C ARG Y 341 0.86 -115.86 59.96
N SER Y 342 -0.43 -115.67 59.66
CA SER Y 342 -1.41 -116.71 59.86
C SER Y 342 -2.24 -116.99 58.62
N LEU Y 343 -1.83 -116.54 57.46
CA LEU Y 343 -2.48 -116.86 56.20
C LEU Y 343 -1.49 -117.59 55.32
N SER Y 344 -2.01 -118.21 54.25
CA SER Y 344 -1.11 -118.90 53.35
C SER Y 344 -1.66 -118.84 51.94
N PRO Y 345 -0.79 -118.90 50.91
CA PRO Y 345 -1.28 -119.05 49.54
C PRO Y 345 -1.95 -120.39 49.33
N GLY Y 346 -3.22 -120.36 49.00
CA GLY Y 346 -4.03 -121.55 48.84
C GLY Y 346 -4.97 -121.84 49.99
N ASP Y 347 -5.21 -120.87 50.86
CA ASP Y 347 -6.07 -121.06 52.02
C ASP Y 347 -7.52 -120.77 51.63
N ILE Y 348 -8.38 -121.78 51.75
CA ILE Y 348 -9.80 -121.60 51.42
C ILE Y 348 -10.47 -121.07 52.67
N VAL Y 349 -10.40 -119.75 52.84
CA VAL Y 349 -10.71 -119.12 54.10
C VAL Y 349 -11.72 -118.02 53.89
N ASP Y 350 -11.96 -117.30 54.97
CA ASP Y 350 -12.81 -116.12 55.00
C ASP Y 350 -12.27 -115.18 56.05
N VAL Y 351 -12.37 -113.90 55.79
CA VAL Y 351 -11.96 -112.88 56.74
C VAL Y 351 -13.17 -112.03 57.06
N THR Y 352 -13.27 -111.62 58.31
CA THR Y 352 -14.27 -110.67 58.76
C THR Y 352 -13.56 -109.38 59.09
N GLY Y 353 -14.07 -108.26 58.59
CA GLY Y 353 -13.36 -107.04 58.87
C GLY Y 353 -14.12 -105.81 58.42
N ILE Y 354 -13.53 -104.65 58.73
CA ILE Y 354 -14.23 -103.38 58.55
C ILE Y 354 -13.73 -102.66 57.30
N PHE Y 355 -14.53 -101.72 56.80
CA PHE Y 355 -14.41 -101.19 55.45
C PHE Y 355 -14.05 -99.73 55.52
N LEU Y 356 -13.17 -99.29 54.63
CA LEU Y 356 -12.86 -97.87 54.46
C LEU Y 356 -12.16 -97.67 53.12
N PRO Y 357 -12.39 -96.54 52.47
CA PRO Y 357 -11.63 -96.22 51.27
C PRO Y 357 -10.39 -95.42 51.61
N ALA Y 358 -9.57 -95.14 50.63
CA ALA Y 358 -8.34 -94.41 50.90
C ALA Y 358 -8.10 -93.39 49.81
N PRO Y 359 -7.49 -92.24 50.11
CA PRO Y 359 -7.14 -91.30 49.05
C PRO Y 359 -5.92 -91.80 48.30
N TYR Y 360 -5.65 -91.15 47.18
CA TYR Y 360 -4.58 -91.60 46.29
C TYR Y 360 -3.33 -90.74 46.38
N THR Y 361 -3.49 -89.45 46.71
CA THR Y 361 -2.50 -88.38 46.85
C THR Y 361 -1.36 -88.37 45.83
N GLY Y 362 -1.67 -88.64 44.56
CA GLY Y 362 -0.68 -88.53 43.52
C GLY Y 362 -1.29 -88.34 42.14
N PHE Y 363 -0.83 -87.31 41.42
CA PHE Y 363 -1.37 -86.86 40.15
C PHE Y 363 -2.88 -86.73 40.20
N LYS Y 364 -3.39 -85.89 41.11
CA LYS Y 364 -4.79 -85.86 41.46
C LYS Y 364 -5.60 -84.88 40.62
N ALA Y 365 -4.95 -84.08 39.78
CA ALA Y 365 -5.68 -83.08 39.01
C ALA Y 365 -6.05 -83.57 37.62
N LEU Y 366 -5.06 -83.93 36.80
CA LEU Y 366 -5.32 -84.35 35.42
C LEU Y 366 -6.00 -85.71 35.43
N LYS Y 367 -5.31 -86.72 35.96
CA LYS Y 367 -5.96 -87.97 36.31
C LYS Y 367 -6.35 -87.91 37.78
N ALA Y 368 -6.88 -89.04 38.28
CA ALA Y 368 -7.24 -89.26 39.68
C ALA Y 368 -8.23 -88.20 40.18
N GLY Y 369 -9.36 -88.12 39.49
CA GLY Y 369 -10.37 -87.14 39.82
C GLY Y 369 -11.04 -87.42 41.14
N LEU Y 370 -11.94 -88.39 41.19
CA LEU Y 370 -12.49 -88.86 42.45
C LEU Y 370 -12.55 -90.39 42.44
N LEU Y 371 -11.47 -91.01 41.98
CA LEU Y 371 -11.39 -92.44 42.14
C LEU Y 371 -10.93 -92.79 43.56
N THR Y 372 -11.20 -94.02 43.94
CA THR Y 372 -11.34 -94.35 45.35
C THR Y 372 -10.45 -95.50 45.80
N GLU Y 373 -10.36 -96.54 44.95
CA GLU Y 373 -9.50 -97.74 45.09
C GLU Y 373 -9.40 -98.24 46.52
N THR Y 374 -10.54 -98.67 47.05
CA THR Y 374 -10.64 -98.97 48.48
C THR Y 374 -9.95 -100.27 48.82
N TYR Y 375 -9.74 -100.48 50.11
CA TYR Y 375 -9.42 -101.79 50.63
C TYR Y 375 -10.37 -102.13 51.74
N LEU Y 376 -10.20 -103.31 52.32
CA LEU Y 376 -10.93 -103.65 53.52
C LEU Y 376 -9.89 -103.90 54.59
N GLU Y 377 -10.26 -103.63 55.84
CA GLU Y 377 -9.36 -103.80 56.97
C GLU Y 377 -9.80 -104.99 57.81
N ALA Y 378 -8.87 -105.88 58.12
CA ALA Y 378 -9.18 -107.18 58.70
C ALA Y 378 -9.42 -107.07 60.20
N GLN Y 379 -10.26 -107.98 60.69
CA GLN Y 379 -10.52 -108.10 62.12
C GLN Y 379 -10.40 -109.51 62.64
N PHE Y 380 -10.82 -110.51 61.88
CA PHE Y 380 -10.77 -111.88 62.37
C PHE Y 380 -10.59 -112.83 61.20
N VAL Y 381 -9.92 -113.95 61.45
CA VAL Y 381 -9.75 -115.00 60.46
C VAL Y 381 -10.31 -116.28 61.05
N ARG Y 382 -11.23 -116.91 60.33
CA ARG Y 382 -11.74 -118.21 60.71
C ARG Y 382 -11.29 -119.23 59.68
N GLN Y 383 -10.06 -119.73 59.82
CA GLN Y 383 -9.48 -120.66 58.87
C GLN Y 383 -10.24 -121.98 58.84
N HIS Y 384 -10.13 -122.68 57.72
CA HIS Y 384 -10.96 -123.85 57.49
C HIS Y 384 -10.19 -124.86 56.68
N LYS Y 385 -10.59 -126.13 56.84
CA LYS Y 385 -10.15 -127.26 56.02
C LYS Y 385 -8.64 -127.46 56.07
N LYS Y 386 -8.12 -127.85 57.25
CA LYS Y 386 -6.71 -128.11 57.49
C LYS Y 386 -6.15 -129.22 56.60
N LEU Y 393 2.00 -139.46 65.98
CA LEU Y 393 3.19 -140.25 66.24
C LEU Y 393 3.28 -140.55 67.74
N THR Y 394 2.62 -141.65 68.14
CA THR Y 394 2.37 -142.00 69.55
C THR Y 394 1.80 -140.83 70.33
N SER Y 395 0.83 -140.13 69.74
CA SER Y 395 0.22 -138.95 70.37
C SER Y 395 -1.28 -139.02 70.07
N ASP Y 396 -2.03 -139.68 70.96
CA ASP Y 396 -3.46 -139.99 70.90
C ASP Y 396 -3.96 -140.42 69.52
N VAL Y 397 -3.12 -141.17 68.79
CA VAL Y 397 -3.45 -141.64 67.46
C VAL Y 397 -3.06 -143.10 67.34
N GLU Y 398 -2.51 -143.66 68.42
CA GLU Y 398 -2.00 -145.03 68.39
C GLU Y 398 -3.10 -146.07 68.31
N GLU Y 399 -4.34 -145.68 68.59
CA GLU Y 399 -5.47 -146.60 68.52
C GLU Y 399 -5.74 -147.07 67.10
N ARG Y 400 -5.44 -146.24 66.10
CA ARG Y 400 -5.67 -146.63 64.72
C ARG Y 400 -4.44 -147.33 64.14
N VAL Y 401 -3.27 -147.14 64.75
CA VAL Y 401 -2.10 -147.92 64.37
C VAL Y 401 -2.27 -149.36 64.83
N MET Y 402 -2.94 -149.57 65.97
CA MET Y 402 -3.25 -150.91 66.41
C MET Y 402 -4.28 -151.58 65.52
N GLU Y 403 -5.16 -150.81 64.88
CA GLU Y 403 -6.18 -151.39 64.02
C GLU Y 403 -5.57 -152.07 62.79
N LEU Y 404 -4.41 -151.61 62.33
CA LEU Y 404 -3.72 -152.35 61.28
C LEU Y 404 -2.93 -153.51 61.86
N ILE Y 405 -2.45 -153.38 63.09
CA ILE Y 405 -1.66 -154.45 63.68
C ILE Y 405 -2.55 -155.62 64.09
N THR Y 406 -3.70 -155.32 64.69
CA THR Y 406 -4.62 -156.40 65.09
C THR Y 406 -5.28 -157.06 63.90
N SER Y 407 -5.75 -156.29 62.93
CA SER Y 407 -6.40 -156.89 61.78
C SER Y 407 -5.39 -157.50 60.82
N GLY Y 408 -4.15 -157.02 60.83
CA GLY Y 408 -3.16 -157.49 59.87
C GLY Y 408 -3.48 -157.01 58.47
N ASP Y 409 -3.53 -157.95 57.53
CA ASP Y 409 -4.03 -157.76 56.17
C ASP Y 409 -3.29 -156.69 55.40
N VAL Y 410 -1.97 -156.86 55.27
CA VAL Y 410 -1.12 -155.89 54.58
C VAL Y 410 -1.23 -155.97 53.07
N TYR Y 411 -1.08 -157.16 52.49
CA TYR Y 411 -0.89 -157.33 51.06
C TYR Y 411 -2.18 -157.17 50.28
N ASN Y 412 -3.33 -157.18 50.93
CA ASN Y 412 -4.56 -157.18 50.15
C ASN Y 412 -5.55 -156.09 50.55
N ARG Y 413 -5.76 -155.89 51.85
CA ARG Y 413 -6.72 -154.88 52.28
C ARG Y 413 -6.18 -153.48 52.04
N LEU Y 414 -4.86 -153.31 52.21
CA LEU Y 414 -4.25 -152.06 51.82
C LEU Y 414 -4.18 -151.91 50.32
N ALA Y 415 -4.11 -153.02 49.59
CA ALA Y 415 -4.18 -152.97 48.14
C ALA Y 415 -5.57 -152.53 47.68
N LYS Y 416 -6.61 -153.00 48.35
CA LYS Y 416 -7.95 -152.49 48.06
C LYS Y 416 -8.19 -151.13 48.67
N SER Y 417 -7.30 -150.65 49.54
CA SER Y 417 -7.53 -149.36 50.18
C SER Y 417 -7.22 -148.21 49.25
N ILE Y 418 -6.01 -148.14 48.74
CA ILE Y 418 -5.62 -147.11 47.79
C ILE Y 418 -6.25 -147.42 46.43
N ALA Y 419 -6.94 -146.42 45.89
CA ALA Y 419 -7.64 -146.43 44.60
C ALA Y 419 -8.57 -147.62 44.37
N PRO Y 420 -9.66 -147.76 45.11
CA PRO Y 420 -10.60 -148.86 44.84
C PRO Y 420 -11.57 -148.59 43.71
N GLU Y 421 -11.30 -147.62 42.85
CA GLU Y 421 -12.28 -147.10 41.90
C GLU Y 421 -12.00 -147.55 40.49
N ILE Y 422 -11.37 -148.71 40.32
CA ILE Y 422 -11.05 -149.22 39.00
C ILE Y 422 -11.51 -150.68 38.90
N TYR Y 423 -11.20 -151.29 37.78
CA TYR Y 423 -11.62 -152.65 37.47
C TYR Y 423 -10.38 -153.52 37.28
N GLY Y 424 -10.10 -154.36 38.27
CA GLY Y 424 -8.96 -155.26 38.20
C GLY Y 424 -7.69 -154.60 38.70
N ASN Y 425 -6.56 -155.01 38.11
CA ASN Y 425 -5.27 -154.31 38.22
C ASN Y 425 -4.74 -154.26 39.65
N LEU Y 426 -4.88 -155.36 40.39
CA LEU Y 426 -4.35 -155.35 41.75
C LEU Y 426 -2.83 -155.42 41.76
N ASP Y 427 -2.24 -155.87 40.65
CA ASP Y 427 -0.78 -155.95 40.54
C ASP Y 427 -0.15 -154.56 40.56
N VAL Y 428 -0.74 -153.61 39.83
CA VAL Y 428 -0.15 -152.28 39.74
C VAL Y 428 -0.47 -151.42 40.96
N LYS Y 429 -1.61 -151.66 41.63
CA LYS Y 429 -1.91 -150.93 42.85
C LYS Y 429 -1.05 -151.42 44.02
N LYS Y 430 -0.46 -152.60 43.88
CA LYS Y 430 0.50 -153.13 44.83
C LYS Y 430 1.91 -152.62 44.55
N ALA Y 431 2.24 -152.37 43.28
CA ALA Y 431 3.56 -151.89 42.92
C ALA Y 431 3.85 -150.48 43.40
N LEU Y 432 2.83 -149.73 43.81
CA LEU Y 432 3.01 -148.34 44.16
C LEU Y 432 3.10 -148.09 45.66
N LEU Y 433 2.40 -148.88 46.46
CA LEU Y 433 2.37 -148.64 47.90
C LEU Y 433 3.71 -148.87 48.56
N LEU Y 434 4.52 -149.76 48.03
CA LEU Y 434 5.90 -149.94 48.46
C LEU Y 434 6.75 -148.70 48.23
N LEU Y 435 6.44 -147.92 47.20
CA LEU Y 435 7.22 -146.75 46.87
C LEU Y 435 6.72 -145.51 47.59
N LEU Y 436 5.55 -145.58 48.21
CA LEU Y 436 5.02 -144.49 49.00
C LEU Y 436 5.59 -144.46 50.42
N VAL Y 437 6.44 -145.42 50.77
CA VAL Y 437 7.14 -145.38 52.05
C VAL Y 437 8.64 -145.14 51.88
N GLY Y 438 9.28 -145.67 50.83
CA GLY Y 438 10.68 -145.39 50.54
C GLY Y 438 11.64 -145.86 51.62
N GLY Y 439 12.17 -144.90 52.37
CA GLY Y 439 13.13 -145.18 53.41
C GLY Y 439 14.56 -144.93 53.00
N VAL Y 440 15.42 -144.63 53.96
CA VAL Y 440 16.85 -144.45 53.71
C VAL Y 440 17.45 -145.76 53.23
N ASP Y 441 18.09 -145.72 52.06
CA ASP Y 441 18.65 -146.88 51.40
C ASP Y 441 19.76 -147.52 52.23
N LYS Y 442 20.79 -146.75 52.53
CA LYS Y 442 21.88 -147.19 53.40
C LYS Y 442 22.62 -145.96 53.88
N ARG Y 443 22.82 -145.86 55.19
CA ARG Y 443 23.60 -144.78 55.78
C ARG Y 443 25.06 -145.05 55.44
N VAL Y 444 25.54 -144.40 54.37
CA VAL Y 444 26.80 -144.79 53.75
C VAL Y 444 28.01 -144.27 54.51
N GLY Y 445 27.91 -143.13 55.19
CA GLY Y 445 29.01 -142.63 55.99
C GLY Y 445 30.15 -142.05 55.17
N ASP Y 446 30.86 -142.91 54.45
CA ASP Y 446 31.87 -142.46 53.51
C ASP Y 446 31.23 -141.81 52.30
N GLY Y 447 32.06 -141.17 51.47
CA GLY Y 447 31.59 -140.52 50.27
C GLY Y 447 31.21 -141.51 49.17
N MET Y 448 30.15 -142.28 49.41
CA MET Y 448 29.57 -143.16 48.40
C MET Y 448 28.07 -142.91 48.39
N LYS Y 449 27.64 -141.88 47.67
CA LYS Y 449 26.24 -141.50 47.59
C LYS Y 449 25.55 -142.48 46.66
N ILE Y 450 24.86 -143.45 47.23
CA ILE Y 450 24.25 -144.51 46.46
C ILE Y 450 22.90 -144.07 45.93
N ARG Y 451 22.43 -144.73 44.88
CA ARG Y 451 21.12 -144.46 44.32
C ARG Y 451 20.05 -144.92 45.31
N GLY Y 452 19.01 -144.10 45.44
CA GLY Y 452 17.81 -144.51 46.13
C GLY Y 452 16.61 -144.12 45.29
N ASP Y 453 15.42 -144.45 45.80
CA ASP Y 453 14.13 -143.98 45.29
C ASP Y 453 13.87 -144.34 43.83
N ILE Y 454 13.70 -145.64 43.55
CA ILE Y 454 13.41 -146.13 42.20
C ILE Y 454 12.14 -145.53 41.63
N ASN Y 455 12.03 -145.56 40.31
CA ASN Y 455 10.98 -144.87 39.58
C ASN Y 455 10.32 -145.83 38.60
N VAL Y 456 8.99 -145.86 38.62
CA VAL Y 456 8.21 -146.77 37.79
C VAL Y 456 7.50 -145.94 36.74
N CYS Y 457 7.53 -146.41 35.50
CA CYS Y 457 6.82 -145.74 34.43
C CYS Y 457 5.75 -146.67 33.87
N LEU Y 458 4.70 -146.07 33.34
CA LEU Y 458 3.61 -146.82 32.75
C LEU Y 458 3.47 -146.43 31.29
N MET Y 459 2.76 -147.28 30.55
CA MET Y 459 2.45 -147.01 29.17
C MET Y 459 1.20 -147.81 28.79
N GLY Y 460 0.60 -147.42 27.67
CA GLY Y 460 -0.64 -148.02 27.25
C GLY Y 460 -1.73 -146.99 27.11
N ASP Y 461 -2.77 -147.29 26.31
CA ASP Y 461 -3.81 -146.33 25.98
C ASP Y 461 -5.20 -146.88 26.29
N PRO Y 462 -5.58 -146.94 27.56
CA PRO Y 462 -6.95 -147.34 27.86
C PRO Y 462 -7.90 -146.18 27.62
N GLY Y 463 -9.19 -146.46 27.69
CA GLY Y 463 -10.19 -145.41 27.54
C GLY Y 463 -10.85 -145.10 28.86
N VAL Y 464 -10.21 -145.51 29.94
CA VAL Y 464 -10.80 -145.37 31.26
C VAL Y 464 -10.24 -144.11 31.91
N ALA Y 465 -9.78 -143.17 31.08
CA ALA Y 465 -9.25 -141.87 31.49
C ALA Y 465 -8.09 -142.06 32.45
N LYS Y 466 -6.97 -142.57 31.94
CA LYS Y 466 -5.80 -142.96 32.72
C LYS Y 466 -5.27 -141.85 33.63
N SER Y 467 -5.57 -140.58 33.29
CA SER Y 467 -5.07 -139.43 34.05
C SER Y 467 -5.59 -139.42 35.48
N GLN Y 468 -6.91 -139.54 35.64
CA GLN Y 468 -7.49 -139.54 36.98
C GLN Y 468 -7.30 -140.86 37.71
N LEU Y 469 -6.67 -141.85 37.07
CA LEU Y 469 -6.23 -143.01 37.83
C LEU Y 469 -5.00 -142.66 38.65
N LEU Y 470 -3.94 -142.18 37.99
CA LEU Y 470 -2.69 -141.88 38.67
C LEU Y 470 -2.76 -140.62 39.51
N LYS Y 471 -3.32 -139.54 38.97
CA LYS Y 471 -3.27 -138.27 39.66
C LYS Y 471 -4.15 -138.24 40.89
N ALA Y 472 -5.17 -139.12 40.95
CA ALA Y 472 -5.96 -139.23 42.16
C ALA Y 472 -5.13 -139.81 43.31
N ILE Y 473 -4.16 -140.65 42.99
CA ILE Y 473 -3.25 -141.13 44.02
C ILE Y 473 -2.36 -139.99 44.51
N CYS Y 474 -2.00 -139.08 43.60
CA CYS Y 474 -1.04 -138.04 43.93
C CYS Y 474 -1.65 -136.97 44.83
N LYS Y 475 -2.95 -136.72 44.68
CA LYS Y 475 -3.60 -135.69 45.46
C LYS Y 475 -3.99 -136.16 46.86
N ILE Y 476 -3.70 -137.41 47.21
CA ILE Y 476 -3.85 -137.88 48.57
C ILE Y 476 -2.54 -138.36 49.18
N SER Y 477 -1.54 -138.65 48.35
CA SER Y 477 -0.23 -139.03 48.83
C SER Y 477 0.51 -137.79 49.37
N PRO Y 478 1.42 -137.97 50.33
CA PRO Y 478 2.07 -136.80 50.94
C PRO Y 478 3.07 -136.13 50.01
N ARG Y 479 3.09 -134.80 50.09
CA ARG Y 479 3.94 -133.82 49.38
C ARG Y 479 4.11 -134.07 47.88
N GLY Y 480 3.20 -134.81 47.27
CA GLY Y 480 3.35 -135.19 45.88
C GLY Y 480 2.66 -134.22 44.97
N VAL Y 481 3.43 -133.38 44.28
CA VAL Y 481 2.88 -132.28 43.56
C VAL Y 481 2.47 -132.74 42.16
N TYR Y 482 1.36 -132.19 41.68
CA TYR Y 482 0.82 -132.51 40.37
C TYR Y 482 1.57 -131.70 39.33
N THR Y 483 1.77 -132.27 38.14
CA THR Y 483 2.21 -131.48 37.02
C THR Y 483 1.62 -132.05 35.74
N THR Y 484 1.92 -131.36 34.64
CA THR Y 484 1.39 -131.70 33.34
C THR Y 484 2.44 -131.31 32.31
N GLY Y 485 2.06 -131.28 31.03
CA GLY Y 485 3.00 -130.91 30.00
C GLY Y 485 3.19 -129.41 29.89
N LYS Y 486 2.08 -128.67 29.82
CA LYS Y 486 2.12 -127.22 29.76
C LYS Y 486 2.56 -126.63 31.10
N GLY Y 487 3.02 -125.39 31.06
CA GLY Y 487 3.41 -124.69 32.26
C GLY Y 487 4.86 -124.91 32.64
N SER Y 488 5.10 -125.60 33.75
CA SER Y 488 6.45 -125.86 34.25
C SER Y 488 7.08 -126.95 33.39
N SER Y 489 7.67 -126.53 32.26
CA SER Y 489 8.33 -127.44 31.34
C SER Y 489 9.70 -127.81 31.89
N GLY Y 490 10.51 -128.54 31.11
CA GLY Y 490 11.78 -129.04 31.63
C GLY Y 490 12.83 -127.98 31.89
N VAL Y 491 12.67 -126.79 31.31
CA VAL Y 491 13.50 -125.65 31.69
C VAL Y 491 12.96 -124.97 32.95
N GLY Y 492 11.64 -124.92 33.13
CA GLY Y 492 11.04 -124.36 34.32
C GLY Y 492 10.59 -125.45 35.27
N LEU Y 493 11.20 -126.62 35.14
CA LEU Y 493 10.98 -127.67 36.12
C LEU Y 493 11.78 -127.41 37.39
N THR Y 494 13.01 -126.95 37.23
CA THR Y 494 13.82 -126.45 38.33
C THR Y 494 13.44 -125.01 38.64
N ALA Y 495 14.31 -124.31 39.34
CA ALA Y 495 14.08 -122.91 39.63
C ALA Y 495 14.78 -122.03 38.59
N ALA Y 496 14.32 -120.79 38.48
CA ALA Y 496 14.91 -119.83 37.56
C ALA Y 496 14.68 -118.44 38.15
N VAL Y 497 15.15 -117.42 37.43
CA VAL Y 497 14.93 -116.03 37.82
C VAL Y 497 14.00 -115.39 36.80
N MET Y 498 13.00 -114.66 37.30
CA MET Y 498 11.98 -114.06 36.45
C MET Y 498 11.67 -112.62 36.81
N LYS Y 499 10.62 -112.08 36.21
CA LYS Y 499 10.06 -110.79 36.53
C LYS Y 499 9.20 -110.92 37.78
N ASP Y 500 9.14 -109.85 38.55
CA ASP Y 500 8.36 -109.76 39.78
C ASP Y 500 7.67 -108.40 39.77
N PRO Y 501 6.77 -108.13 40.75
CA PRO Y 501 6.28 -106.75 40.90
C PRO Y 501 7.35 -105.75 41.35
N VAL Y 502 6.92 -104.51 41.60
CA VAL Y 502 7.80 -103.36 41.89
C VAL Y 502 8.66 -103.58 43.15
N THR Y 503 8.34 -104.59 43.96
CA THR Y 503 9.16 -105.04 45.08
C THR Y 503 10.33 -105.87 44.52
N ASP Y 504 10.98 -106.68 45.35
CA ASP Y 504 12.31 -107.23 45.07
C ASP Y 504 12.25 -108.21 43.91
N GLU Y 505 12.68 -107.76 42.73
CA GLU Y 505 12.68 -108.56 41.53
C GLU Y 505 13.88 -109.50 41.51
N MET Y 506 13.93 -110.34 40.48
CA MET Y 506 14.97 -111.36 40.26
C MET Y 506 15.08 -112.33 41.44
N ILE Y 507 13.92 -112.76 41.95
CA ILE Y 507 13.85 -113.82 42.94
C ILE Y 507 13.99 -115.16 42.22
N LEU Y 508 14.22 -116.22 42.98
CA LEU Y 508 14.44 -117.54 42.40
C LEU Y 508 13.13 -118.32 42.38
N GLU Y 509 12.25 -117.98 41.42
CA GLU Y 509 10.99 -118.69 41.27
C GLU Y 509 11.22 -120.12 40.80
N GLY Y 510 10.50 -121.06 41.41
CA GLY Y 510 10.72 -122.46 41.14
C GLY Y 510 9.64 -123.09 40.28
N GLY Y 511 9.88 -124.37 39.96
CA GLY Y 511 8.94 -125.20 39.22
C GLY Y 511 8.31 -126.26 40.10
N ALA Y 512 8.84 -127.48 40.05
CA ALA Y 512 8.31 -128.53 40.89
C ALA Y 512 9.38 -129.21 41.73
N LEU Y 513 10.54 -129.48 41.11
CA LEU Y 513 11.53 -130.33 41.76
C LEU Y 513 12.37 -129.61 42.79
N VAL Y 514 12.41 -128.28 42.75
CA VAL Y 514 13.08 -127.57 43.83
C VAL Y 514 12.19 -127.45 45.06
N LEU Y 515 10.90 -127.76 44.94
CA LEU Y 515 10.00 -127.74 46.08
C LEU Y 515 9.47 -129.11 46.46
N ALA Y 516 9.31 -130.02 45.50
CA ALA Y 516 8.88 -131.37 45.84
C ALA Y 516 10.07 -132.29 46.03
N ASP Y 517 11.01 -131.91 46.89
CA ASP Y 517 12.11 -132.80 47.20
C ASP Y 517 11.63 -133.90 48.14
N ASN Y 518 12.04 -135.13 47.83
CA ASN Y 518 11.76 -136.35 48.62
C ASN Y 518 10.25 -136.58 48.75
N GLY Y 519 9.64 -136.82 47.60
CA GLY Y 519 8.20 -137.02 47.54
C GLY Y 519 7.80 -137.73 46.28
N ILE Y 520 6.75 -137.24 45.64
CA ILE Y 520 6.19 -137.86 44.44
C ILE Y 520 6.16 -136.80 43.36
N CYS Y 521 6.77 -137.10 42.22
CA CYS Y 521 6.72 -136.22 41.06
C CYS Y 521 5.86 -136.91 40.02
N CYS Y 522 4.55 -136.70 40.12
CA CYS Y 522 3.58 -137.38 39.27
C CYS Y 522 3.39 -136.59 37.99
N ILE Y 523 3.97 -137.09 36.93
CA ILE Y 523 4.02 -136.38 35.66
C ILE Y 523 3.00 -137.01 34.72
N ASP Y 524 2.51 -136.21 33.78
CA ASP Y 524 1.80 -136.72 32.62
C ASP Y 524 2.37 -136.11 31.36
N GLU Y 525 1.80 -136.55 30.23
CA GLU Y 525 1.98 -135.98 28.90
C GLU Y 525 3.45 -135.96 28.50
N PHE Y 526 4.05 -137.14 28.43
CA PHE Y 526 5.49 -137.24 28.27
C PHE Y 526 5.98 -136.84 26.88
N ASP Y 527 5.11 -136.73 25.90
CA ASP Y 527 5.55 -136.24 24.60
C ASP Y 527 5.49 -134.72 24.48
N LYS Y 528 5.26 -134.02 25.58
CA LYS Y 528 5.06 -132.56 25.57
C LYS Y 528 6.30 -131.86 26.07
N MET Y 529 6.80 -130.91 25.25
CA MET Y 529 7.90 -130.00 25.58
C MET Y 529 9.17 -130.79 25.90
N ASP Y 530 9.49 -131.71 24.98
CA ASP Y 530 10.48 -132.73 25.24
C ASP Y 530 11.90 -132.22 25.04
N GLU Y 531 12.03 -131.07 24.36
CA GLU Y 531 13.34 -130.46 24.17
C GLU Y 531 13.96 -130.02 25.48
N SER Y 532 13.12 -129.65 26.45
CA SER Y 532 13.58 -129.35 27.79
C SER Y 532 13.32 -130.49 28.76
N ASP Y 533 12.32 -131.34 28.47
CA ASP Y 533 11.95 -132.40 29.40
C ASP Y 533 12.95 -133.56 29.36
N ARG Y 534 13.51 -133.86 28.20
CA ARG Y 534 14.41 -135.00 28.11
C ARG Y 534 15.72 -134.74 28.85
N THR Y 535 16.14 -133.49 28.94
CA THR Y 535 17.17 -133.13 29.89
C THR Y 535 16.68 -133.27 31.33
N ALA Y 536 15.43 -132.90 31.57
CA ALA Y 536 14.89 -132.76 32.91
C ALA Y 536 14.71 -134.10 33.61
N ILE Y 537 14.50 -135.16 32.85
CA ILE Y 537 14.27 -136.46 33.49
C ILE Y 537 15.60 -137.12 33.83
N HIS Y 538 16.60 -136.96 32.96
CA HIS Y 538 17.92 -137.51 33.26
C HIS Y 538 18.54 -136.82 34.47
N GLU Y 539 18.33 -135.52 34.62
CA GLU Y 539 19.01 -134.77 35.66
C GLU Y 539 18.49 -135.06 37.06
N VAL Y 540 17.34 -135.72 37.19
CA VAL Y 540 16.88 -136.19 38.49
C VAL Y 540 17.14 -137.67 38.67
N MET Y 541 17.09 -138.46 37.60
CA MET Y 541 17.57 -139.84 37.64
C MET Y 541 19.06 -139.90 37.93
N GLU Y 542 19.82 -138.94 37.40
CA GLU Y 542 21.15 -138.71 37.93
C GLU Y 542 21.03 -138.09 39.32
N GLN Y 543 21.79 -138.62 40.26
CA GLN Y 543 21.72 -138.21 41.65
C GLN Y 543 22.36 -136.85 41.84
N GLN Y 544 21.60 -135.94 42.45
CA GLN Y 544 22.08 -134.68 43.00
C GLN Y 544 22.73 -133.74 41.99
N THR Y 545 21.97 -133.29 40.99
CA THR Y 545 22.46 -132.19 40.18
C THR Y 545 21.34 -131.23 39.78
N ILE Y 546 20.28 -131.15 40.60
CA ILE Y 546 19.23 -130.16 40.38
C ILE Y 546 19.84 -128.80 40.67
N SER Y 547 20.06 -128.02 39.62
CA SER Y 547 20.82 -126.79 39.74
C SER Y 547 20.24 -125.75 38.79
N ILE Y 548 20.82 -124.56 38.86
CA ILE Y 548 20.49 -123.48 37.94
C ILE Y 548 21.80 -123.09 37.30
N SER Y 549 22.12 -123.70 36.15
CA SER Y 549 23.38 -123.42 35.46
C SER Y 549 23.13 -122.27 34.49
N LYS Y 550 22.79 -121.12 35.05
CA LYS Y 550 22.45 -119.93 34.28
C LYS Y 550 23.60 -118.94 34.41
N ALA Y 551 23.39 -117.74 33.90
CA ALA Y 551 24.35 -116.65 34.03
C ALA Y 551 24.15 -115.87 35.32
N GLY Y 552 23.30 -116.36 36.20
CA GLY Y 552 23.09 -115.69 37.48
C GLY Y 552 23.93 -116.29 38.58
N ILE Y 553 23.98 -117.62 38.64
CA ILE Y 553 24.67 -118.32 39.72
C ILE Y 553 24.97 -119.74 39.25
N ASN Y 554 25.84 -120.42 39.97
CA ASN Y 554 26.17 -121.82 39.69
C ASN Y 554 26.07 -122.65 40.96
N THR Y 555 24.96 -122.52 41.67
CA THR Y 555 24.70 -123.24 42.91
C THR Y 555 23.82 -124.45 42.60
N THR Y 556 24.04 -125.55 43.32
CA THR Y 556 23.38 -126.82 43.05
C THR Y 556 22.72 -127.35 44.32
N LEU Y 557 21.45 -127.71 44.23
CA LEU Y 557 20.70 -128.22 45.36
C LEU Y 557 20.40 -129.70 45.16
N ASN Y 558 19.62 -130.27 46.09
CA ASN Y 558 19.52 -131.72 46.23
C ASN Y 558 18.58 -132.33 45.19
N ALA Y 559 18.45 -133.66 45.27
CA ALA Y 559 17.59 -134.42 44.36
C ALA Y 559 17.27 -135.74 45.05
N ARG Y 560 16.03 -135.92 45.50
CA ARG Y 560 15.70 -137.14 46.22
C ARG Y 560 14.29 -137.67 45.95
N THR Y 561 13.70 -137.40 44.78
CA THR Y 561 12.27 -137.61 44.57
C THR Y 561 12.02 -138.72 43.54
N SER Y 562 11.02 -139.55 43.79
CA SER Y 562 10.61 -140.60 42.87
C SER Y 562 9.78 -140.04 41.72
N ILE Y 563 9.78 -140.79 40.62
CA ILE Y 563 9.18 -140.38 39.36
C ILE Y 563 8.14 -141.41 38.99
N LEU Y 564 6.93 -140.98 38.64
CA LEU Y 564 5.89 -141.88 38.15
C LEU Y 564 5.38 -141.36 36.81
N ALA Y 565 5.75 -142.06 35.74
CA ALA Y 565 5.50 -141.60 34.38
C ALA Y 565 4.45 -142.47 33.68
N ALA Y 566 3.74 -141.85 32.75
CA ALA Y 566 2.74 -142.53 31.94
C ALA Y 566 2.85 -142.01 30.51
N ALA Y 567 3.55 -142.77 29.66
CA ALA Y 567 3.75 -142.35 28.29
C ALA Y 567 2.59 -142.81 27.41
N ASN Y 568 2.11 -141.91 26.59
CA ASN Y 568 1.02 -142.24 25.73
C ASN Y 568 1.56 -142.83 24.44
N PRO Y 569 0.85 -143.74 23.81
CA PRO Y 569 1.39 -144.40 22.62
C PRO Y 569 1.40 -143.54 21.35
N LEU Y 570 1.67 -144.16 20.20
CA LEU Y 570 1.57 -143.48 18.91
C LEU Y 570 0.11 -143.52 18.49
N TYR Y 571 -0.18 -143.21 17.23
CA TYR Y 571 -1.55 -143.07 16.74
C TYR Y 571 -2.30 -144.39 16.85
N GLY Y 572 -3.57 -144.26 17.22
CA GLY Y 572 -4.43 -145.42 17.49
C GLY Y 572 -3.95 -146.23 18.66
N ARG Y 573 -3.78 -147.54 18.43
CA ARG Y 573 -3.31 -148.42 19.47
C ARG Y 573 -1.84 -148.68 19.21
N TYR Y 574 -1.11 -148.99 20.29
CA TYR Y 574 0.21 -149.53 20.14
C TYR Y 574 0.03 -150.92 19.54
N ASN Y 575 0.65 -151.15 18.40
CA ASN Y 575 0.55 -152.43 17.75
C ASN Y 575 1.45 -153.43 18.48
N PRO Y 576 0.90 -154.44 19.15
CA PRO Y 576 1.74 -155.37 19.89
C PRO Y 576 2.49 -156.32 18.96
N ARG Y 577 1.94 -156.59 17.78
CA ARG Y 577 2.66 -157.37 16.79
C ARG Y 577 3.81 -156.58 16.18
N LEU Y 578 3.75 -155.25 16.22
CA LEU Y 578 4.88 -154.45 15.79
C LEU Y 578 5.93 -154.38 16.89
N SER Y 579 7.01 -153.66 16.61
CA SER Y 579 8.10 -153.56 17.55
C SER Y 579 7.73 -152.59 18.66
N PRO Y 580 8.19 -152.81 19.89
CA PRO Y 580 8.01 -151.79 20.92
C PRO Y 580 9.01 -150.67 20.74
N LEU Y 581 8.91 -149.66 21.60
CA LEU Y 581 9.65 -148.38 21.48
C LEU Y 581 9.39 -147.73 20.12
N ASP Y 582 8.16 -147.86 19.64
CA ASP Y 582 7.69 -147.12 18.48
C ASP Y 582 7.06 -145.80 18.86
N ASN Y 583 6.89 -145.57 20.16
CA ASN Y 583 6.10 -144.47 20.69
C ASN Y 583 6.75 -143.77 21.87
N ILE Y 584 7.63 -144.43 22.60
CA ILE Y 584 8.53 -143.77 23.53
C ILE Y 584 9.79 -143.44 22.75
N ASN Y 585 10.35 -142.25 22.99
CA ASN Y 585 11.44 -141.76 22.18
C ASN Y 585 12.78 -141.77 22.90
N LEU Y 586 12.87 -142.38 24.09
CA LEU Y 586 14.11 -142.38 24.85
C LEU Y 586 14.55 -143.82 25.10
N PRO Y 587 15.44 -144.37 24.28
CA PRO Y 587 15.96 -145.71 24.56
C PRO Y 587 16.91 -145.73 25.75
N ALA Y 588 17.78 -144.71 25.84
CA ALA Y 588 18.82 -144.71 26.86
C ALA Y 588 18.28 -144.41 28.25
N ALA Y 589 17.10 -143.80 28.35
CA ALA Y 589 16.52 -143.50 29.64
C ALA Y 589 15.78 -144.69 30.22
N LEU Y 590 15.55 -145.72 29.42
CA LEU Y 590 14.58 -146.74 29.78
C LEU Y 590 15.21 -148.06 30.12
N LEU Y 591 15.97 -148.62 29.18
CA LEU Y 591 16.44 -149.99 29.27
C LEU Y 591 17.63 -150.15 30.21
N SER Y 592 18.12 -149.07 30.79
CA SER Y 592 19.28 -149.14 31.66
C SER Y 592 19.11 -148.37 32.95
N ARG Y 593 18.20 -147.40 33.01
CA ARG Y 593 18.09 -146.56 34.20
C ARG Y 593 16.72 -146.61 34.84
N PHE Y 594 15.86 -147.56 34.48
CA PHE Y 594 14.63 -147.83 35.23
C PHE Y 594 14.68 -149.24 35.79
N ASP Y 595 13.60 -149.68 36.43
CA ASP Y 595 13.61 -151.00 37.04
C ASP Y 595 12.46 -151.88 36.55
N ILE Y 596 11.24 -151.34 36.47
CA ILE Y 596 10.07 -152.13 36.13
C ILE Y 596 9.12 -151.33 35.26
N LEU Y 597 8.36 -152.05 34.45
CA LEU Y 597 7.37 -151.46 33.56
C LEU Y 597 6.02 -152.12 33.77
N PHE Y 598 5.03 -151.59 33.08
CA PHE Y 598 3.70 -152.17 33.04
C PHE Y 598 3.08 -151.87 31.69
N LEU Y 599 1.78 -152.11 31.60
CA LEU Y 599 1.06 -151.87 30.37
C LEU Y 599 -0.43 -151.79 30.71
N MET Y 600 -1.19 -151.16 29.82
CA MET Y 600 -2.64 -151.07 29.97
C MET Y 600 -3.31 -151.45 28.65
N LEU Y 601 -2.87 -152.57 28.08
CA LEU Y 601 -3.37 -153.03 26.79
C LEU Y 601 -4.81 -153.53 26.91
N ASP Y 602 -5.58 -153.30 25.86
CA ASP Y 602 -6.99 -153.69 25.81
C ASP Y 602 -7.15 -154.86 24.86
N ILE Y 603 -7.59 -155.99 25.40
CA ILE Y 603 -7.96 -157.14 24.60
C ILE Y 603 -9.48 -157.30 24.70
N PRO Y 604 -10.18 -157.61 23.61
CA PRO Y 604 -11.62 -157.90 23.71
C PRO Y 604 -11.94 -159.15 24.50
N SER Y 605 -12.78 -159.01 25.52
CA SER Y 605 -13.18 -160.13 26.37
C SER Y 605 -14.57 -159.87 26.90
N ARG Y 606 -15.50 -160.77 26.58
CA ARG Y 606 -16.93 -160.50 26.77
C ARG Y 606 -17.32 -160.42 28.23
N ASP Y 607 -16.85 -161.35 29.05
CA ASP Y 607 -17.27 -161.42 30.45
C ASP Y 607 -16.81 -160.22 31.26
N ASP Y 608 -15.63 -159.69 30.95
CA ASP Y 608 -15.12 -158.58 31.73
C ASP Y 608 -15.83 -157.28 31.40
N ASP Y 609 -16.16 -157.07 30.12
CA ASP Y 609 -16.62 -155.76 29.69
C ASP Y 609 -18.06 -155.49 30.09
N GLU Y 610 -18.92 -156.52 30.08
CA GLU Y 610 -20.26 -156.34 30.61
C GLU Y 610 -20.23 -156.12 32.10
N LYS Y 611 -19.32 -156.77 32.80
CA LYS Y 611 -19.04 -156.40 34.18
C LYS Y 611 -18.50 -154.98 34.26
N LEU Y 612 -17.63 -154.61 33.32
CA LEU Y 612 -17.18 -153.24 33.24
C LEU Y 612 -18.31 -152.31 32.80
N ALA Y 613 -19.29 -152.84 32.07
CA ALA Y 613 -20.45 -152.03 31.71
C ALA Y 613 -21.32 -151.75 32.92
N GLU Y 614 -21.59 -152.77 33.73
CA GLU Y 614 -22.28 -152.56 34.98
C GLU Y 614 -21.46 -151.72 35.95
N HIS Y 615 -20.13 -151.78 35.81
CA HIS Y 615 -19.22 -150.98 36.63
C HIS Y 615 -19.45 -149.49 36.39
N VAL Y 616 -19.58 -149.08 35.13
CA VAL Y 616 -19.68 -147.66 34.87
C VAL Y 616 -21.11 -147.16 34.94
N THR Y 617 -22.09 -148.03 34.79
CA THR Y 617 -23.47 -147.58 34.81
C THR Y 617 -24.04 -147.52 36.22
N TYR Y 618 -23.46 -148.27 37.16
CA TYR Y 618 -23.87 -148.26 38.55
C TYR Y 618 -23.66 -146.91 39.20
N VAL Y 619 -22.70 -146.13 38.70
CA VAL Y 619 -22.36 -144.88 39.37
C VAL Y 619 -23.30 -143.76 38.98
N HIS Y 620 -24.23 -144.01 38.06
CA HIS Y 620 -25.07 -142.93 37.59
C HIS Y 620 -26.43 -142.87 38.27
N MET Y 621 -27.06 -144.02 38.49
CA MET Y 621 -28.39 -144.02 39.10
C MET Y 621 -28.33 -143.61 40.56
N HIS Y 622 -27.42 -144.21 41.31
CA HIS Y 622 -27.06 -143.69 42.63
C HIS Y 622 -26.02 -142.60 42.46
N ASN Y 623 -25.35 -142.26 43.54
CA ASN Y 623 -24.11 -141.50 43.44
C ASN Y 623 -22.92 -142.16 44.13
N LYS Y 624 -23.08 -143.34 44.71
CA LYS Y 624 -22.00 -143.94 45.46
C LYS Y 624 -21.36 -145.09 44.69
N GLN Y 625 -20.06 -145.31 44.90
CA GLN Y 625 -19.35 -146.35 44.16
C GLN Y 625 -18.85 -147.63 44.87
N PRO Y 626 -18.82 -147.63 46.21
CA PRO Y 626 -18.28 -148.74 47.01
C PRO Y 626 -19.03 -150.09 47.00
N ASP Y 627 -18.29 -151.19 47.05
CA ASP Y 627 -18.88 -152.52 47.10
C ASP Y 627 -17.80 -153.56 47.37
N LEU Y 628 -18.12 -154.83 47.13
CA LEU Y 628 -17.20 -155.97 47.15
C LEU Y 628 -16.48 -156.16 48.49
N ASP Y 629 -17.29 -156.15 49.56
CA ASP Y 629 -16.97 -156.56 50.94
C ASP Y 629 -15.64 -156.01 51.47
N PHE Y 630 -15.31 -154.80 51.05
CA PHE Y 630 -14.12 -154.13 51.52
C PHE Y 630 -14.54 -152.94 52.37
N THR Y 631 -14.07 -152.91 53.60
CA THR Y 631 -14.33 -151.77 54.46
C THR Y 631 -13.38 -150.64 54.10
N PRO Y 632 -13.90 -149.48 53.67
CA PRO Y 632 -13.01 -148.39 53.25
C PRO Y 632 -12.22 -147.80 54.41
N VAL Y 633 -10.95 -147.51 54.14
CA VAL Y 633 -10.00 -147.12 55.17
C VAL Y 633 -9.68 -145.65 55.01
N GLU Y 634 -9.53 -144.94 56.12
CA GLU Y 634 -9.16 -143.54 56.08
C GLU Y 634 -7.68 -143.40 55.69
N PRO Y 635 -7.36 -142.40 54.87
CA PRO Y 635 -5.99 -142.29 54.35
C PRO Y 635 -4.99 -141.84 55.40
N SER Y 636 -5.45 -141.28 56.52
CA SER Y 636 -4.53 -140.90 57.57
C SER Y 636 -3.91 -142.13 58.23
N LYS Y 637 -4.66 -143.23 58.27
CA LYS Y 637 -4.23 -144.42 58.98
C LYS Y 637 -3.01 -145.05 58.32
N MET Y 638 -3.06 -145.22 57.01
CA MET Y 638 -1.91 -145.77 56.31
C MET Y 638 -0.77 -144.77 56.24
N ARG Y 639 -1.12 -143.47 56.22
CA ARG Y 639 -0.11 -142.42 56.29
C ARG Y 639 0.66 -142.49 57.59
N GLU Y 640 -0.04 -142.74 58.69
CA GLU Y 640 0.64 -143.03 59.93
C GLU Y 640 1.35 -144.36 59.87
N TYR Y 641 0.78 -145.33 59.15
CA TYR Y 641 1.46 -146.61 59.01
C TYR Y 641 2.71 -146.50 58.15
N ILE Y 642 2.68 -145.67 57.12
CA ILE Y 642 3.88 -145.43 56.32
C ILE Y 642 4.92 -144.70 57.13
N ALA Y 643 4.51 -143.65 57.85
CA ALA Y 643 5.43 -142.86 58.65
C ALA Y 643 6.01 -143.66 59.79
N TYR Y 644 5.25 -144.61 60.33
CA TYR Y 644 5.83 -145.50 61.32
C TYR Y 644 6.74 -146.52 60.66
N ALA Y 645 6.36 -147.03 59.50
CA ALA Y 645 7.22 -147.93 58.76
C ALA Y 645 8.48 -147.24 58.25
N LYS Y 646 8.44 -145.94 58.01
CA LYS Y 646 9.64 -145.22 57.60
C LYS Y 646 10.59 -144.99 58.75
N THR Y 647 10.15 -145.28 59.98
CA THR Y 647 10.99 -145.16 61.17
C THR Y 647 11.47 -146.50 61.68
N LYS Y 648 11.67 -147.48 60.80
CA LYS Y 648 12.20 -148.78 61.22
C LYS Y 648 13.58 -149.06 60.64
N ARG Y 649 13.68 -149.10 59.30
CA ARG Y 649 14.87 -149.41 58.50
C ARG Y 649 15.60 -150.67 58.96
N PRO Y 650 15.06 -151.86 58.72
CA PRO Y 650 15.77 -153.08 59.12
C PRO Y 650 16.99 -153.35 58.26
N VAL Y 651 17.91 -154.13 58.82
CA VAL Y 651 19.16 -154.49 58.19
C VAL Y 651 19.10 -155.95 57.79
N MET Y 652 19.55 -156.26 56.58
CA MET Y 652 19.41 -157.61 56.05
C MET Y 652 20.38 -158.58 56.73
N SER Y 653 20.07 -159.87 56.60
CA SER Y 653 20.86 -160.99 57.08
C SER Y 653 21.82 -161.44 55.98
N GLU Y 654 22.38 -162.64 56.12
CA GLU Y 654 23.27 -163.17 55.11
C GLU Y 654 22.59 -164.10 54.12
N ALA Y 655 21.54 -164.81 54.53
CA ALA Y 655 20.87 -165.76 53.65
C ALA Y 655 20.14 -165.08 52.50
N VAL Y 656 19.78 -163.80 52.66
CA VAL Y 656 19.15 -163.06 51.58
C VAL Y 656 20.11 -162.77 50.43
N ASN Y 657 21.34 -162.35 50.72
CA ASN Y 657 22.29 -162.13 49.64
C ASN Y 657 22.77 -163.43 49.04
N ASP Y 658 22.74 -164.51 49.80
CA ASP Y 658 22.95 -165.83 49.24
C ASP Y 658 21.82 -166.24 48.30
N TYR Y 659 20.61 -165.72 48.51
CA TYR Y 659 19.52 -166.14 47.67
C TYR Y 659 19.36 -165.24 46.44
N VAL Y 660 20.02 -164.09 46.42
CA VAL Y 660 19.88 -163.26 45.23
C VAL Y 660 20.99 -163.52 44.23
N VAL Y 661 22.15 -164.02 44.66
CA VAL Y 661 23.21 -164.36 43.73
C VAL Y 661 22.81 -165.54 42.87
N GLN Y 662 22.12 -166.52 43.44
CA GLN Y 662 21.49 -167.55 42.64
C GLN Y 662 20.30 -167.02 41.87
N ALA Y 663 19.64 -165.97 42.36
CA ALA Y 663 18.55 -165.40 41.58
C ALA Y 663 19.07 -164.67 40.36
N TYR Y 664 20.18 -163.95 40.49
CA TYR Y 664 20.72 -163.19 39.36
C TYR Y 664 21.32 -164.10 38.31
N ILE Y 665 21.90 -165.23 38.72
CA ILE Y 665 22.40 -166.21 37.77
C ILE Y 665 21.26 -166.79 36.96
N ARG Y 666 20.16 -167.11 37.62
CA ARG Y 666 18.98 -167.56 36.90
C ARG Y 666 18.32 -166.41 36.16
N LEU Y 667 18.57 -165.19 36.59
CA LEU Y 667 18.18 -164.03 35.80
C LEU Y 667 19.13 -163.81 34.64
N ARG Y 668 20.40 -164.19 34.79
CA ARG Y 668 21.38 -163.99 33.73
C ARG Y 668 21.19 -164.95 32.57
N GLN Y 669 20.88 -166.20 32.87
CA GLN Y 669 20.97 -167.26 31.88
C GLN Y 669 19.83 -167.19 30.87
N ASP Y 670 18.61 -166.99 31.33
CA ASP Y 670 17.44 -166.97 30.44
C ASP Y 670 17.36 -165.70 29.61
N SER Y 671 17.79 -164.56 30.17
CA SER Y 671 17.89 -163.33 29.40
C SER Y 671 18.96 -163.44 28.32
N LYS Y 672 20.00 -164.25 28.56
CA LYS Y 672 21.03 -164.53 27.57
C LYS Y 672 20.68 -165.72 26.69
N ARG Y 673 19.39 -166.05 26.58
CA ARG Y 673 18.94 -167.06 25.63
C ARG Y 673 18.22 -166.49 24.44
N GLU Y 674 17.43 -165.43 24.63
CA GLU Y 674 16.60 -164.88 23.56
C GLU Y 674 17.44 -164.11 22.56
N MET Y 675 18.05 -163.00 23.01
CA MET Y 675 18.88 -162.11 22.19
C MET Y 675 18.16 -161.62 20.95
N ASP Y 676 16.86 -161.34 21.09
CA ASP Y 676 16.02 -161.04 19.93
C ASP Y 676 15.39 -159.67 20.08
N SER Y 677 14.97 -159.12 18.94
CA SER Y 677 14.31 -157.82 18.87
C SER Y 677 12.80 -157.95 18.67
N LYS Y 678 12.23 -159.08 19.06
CA LYS Y 678 10.81 -159.34 18.87
C LYS Y 678 9.96 -158.69 19.95
N PHE Y 679 10.14 -159.13 21.21
CA PHE Y 679 9.38 -158.60 22.33
C PHE Y 679 10.22 -157.98 23.43
N SER Y 680 11.25 -158.66 23.90
CA SER Y 680 11.78 -158.37 25.23
C SER Y 680 12.82 -157.26 25.22
N PHE Y 681 13.04 -156.67 26.39
CA PHE Y 681 14.02 -155.63 26.62
C PHE Y 681 14.99 -156.09 27.68
N GLY Y 682 16.07 -155.34 27.84
CA GLY Y 682 17.03 -155.58 28.89
C GLY Y 682 17.93 -156.77 28.62
N GLN Y 683 19.15 -156.68 29.14
CA GLN Y 683 20.12 -157.77 29.05
C GLN Y 683 20.76 -158.00 30.39
N ALA Y 684 19.92 -157.98 31.44
CA ALA Y 684 20.25 -158.36 32.82
C ALA Y 684 21.36 -157.49 33.41
N THR Y 685 21.06 -156.22 33.59
CA THR Y 685 22.04 -155.33 34.20
C THR Y 685 22.08 -155.53 35.70
N PRO Y 686 23.25 -155.29 36.32
CA PRO Y 686 23.29 -155.16 37.78
C PRO Y 686 22.49 -154.00 38.30
N ARG Y 687 22.22 -152.99 37.46
CA ARG Y 687 21.30 -151.93 37.87
C ARG Y 687 19.89 -152.46 38.10
N THR Y 688 19.50 -153.52 37.39
CA THR Y 688 18.31 -154.24 37.78
C THR Y 688 18.53 -155.11 39.01
N LEU Y 689 19.76 -155.58 39.23
CA LEU Y 689 20.02 -156.41 40.40
C LEU Y 689 19.96 -155.58 41.68
N LEU Y 690 20.55 -154.39 41.65
CA LEU Y 690 20.50 -153.56 42.86
C LEU Y 690 19.10 -153.04 43.13
N GLY Y 691 18.27 -152.87 42.09
CA GLY Y 691 16.91 -152.42 42.31
C GLY Y 691 16.05 -153.46 42.98
N ILE Y 692 16.33 -154.74 42.71
CA ILE Y 692 15.52 -155.79 43.33
C ILE Y 692 15.93 -155.96 44.79
N ILE Y 693 17.10 -155.47 45.17
CA ILE Y 693 17.43 -155.38 46.58
C ILE Y 693 16.72 -154.18 47.20
N ARG Y 694 16.47 -153.15 46.40
CA ARG Y 694 15.89 -151.92 46.94
C ARG Y 694 14.44 -152.11 47.34
N LEU Y 695 13.65 -152.72 46.47
CA LEU Y 695 12.24 -152.89 46.76
C LEU Y 695 11.99 -153.97 47.80
N SER Y 696 12.93 -154.88 47.99
CA SER Y 696 12.77 -155.94 48.99
C SER Y 696 12.79 -155.37 50.39
N GLN Y 697 13.81 -154.58 50.71
CA GLN Y 697 13.85 -153.92 52.01
C GLN Y 697 12.76 -152.86 52.14
N ALA Y 698 12.26 -152.34 51.02
CA ALA Y 698 11.06 -151.51 51.06
C ALA Y 698 9.86 -152.31 51.51
N LEU Y 699 9.66 -153.49 50.92
CA LEU Y 699 8.55 -154.31 51.38
C LEU Y 699 8.87 -154.97 52.72
N ALA Y 700 10.15 -155.09 53.06
CA ALA Y 700 10.49 -155.46 54.42
C ALA Y 700 10.33 -154.30 55.39
N LYS Y 701 10.23 -153.07 54.89
CA LYS Y 701 9.98 -151.94 55.78
C LYS Y 701 8.50 -151.82 56.12
N LEU Y 702 7.63 -151.96 55.12
CA LEU Y 702 6.20 -151.82 55.38
C LEU Y 702 5.65 -153.00 56.16
N ARG Y 703 6.18 -154.20 55.91
CA ARG Y 703 5.66 -155.40 56.55
C ARG Y 703 6.75 -155.90 57.48
N LEU Y 704 7.27 -155.00 58.30
CA LEU Y 704 8.34 -155.37 59.21
C LEU Y 704 7.81 -156.26 60.32
N ALA Y 705 8.17 -157.53 60.25
CA ALA Y 705 8.10 -158.39 61.43
C ALA Y 705 9.49 -158.92 61.76
N ASP Y 706 10.54 -158.19 61.34
CA ASP Y 706 11.95 -158.58 61.47
C ASP Y 706 12.21 -159.97 60.86
N MET Y 707 11.78 -160.14 59.61
CA MET Y 707 11.87 -161.43 58.95
C MET Y 707 12.55 -161.35 57.59
N VAL Y 708 13.66 -160.62 57.51
CA VAL Y 708 14.41 -160.48 56.26
C VAL Y 708 15.05 -161.83 55.92
N ASP Y 709 14.40 -162.56 55.00
CA ASP Y 709 14.73 -163.95 54.74
C ASP Y 709 14.43 -164.30 53.29
N ILE Y 710 14.38 -165.60 53.01
CA ILE Y 710 14.13 -166.06 51.65
C ILE Y 710 12.69 -165.77 51.24
N ASP Y 711 11.74 -165.86 52.18
CA ASP Y 711 10.33 -165.67 51.84
C ASP Y 711 10.00 -164.20 51.59
N ASP Y 712 10.70 -163.31 52.27
CA ASP Y 712 10.49 -161.88 52.05
C ASP Y 712 10.93 -161.46 50.65
N VAL Y 713 12.08 -161.97 50.19
CA VAL Y 713 12.53 -161.66 48.84
C VAL Y 713 11.78 -162.52 47.82
N GLU Y 714 11.10 -163.56 48.30
CA GLU Y 714 10.24 -164.31 47.39
C GLU Y 714 8.99 -163.52 47.06
N GLU Y 715 8.60 -162.59 47.93
CA GLU Y 715 7.58 -161.63 47.55
C GLU Y 715 8.09 -160.67 46.50
N ALA Y 716 9.40 -160.44 46.46
CA ALA Y 716 9.95 -159.42 45.58
C ALA Y 716 10.03 -159.90 44.14
N LEU Y 717 10.59 -161.09 43.92
CA LEU Y 717 10.67 -161.63 42.56
C LEU Y 717 9.31 -162.02 42.05
N ARG Y 718 8.36 -162.20 42.97
CA ARG Y 718 6.95 -162.36 42.61
C ARG Y 718 6.42 -161.14 41.86
N LEU Y 719 6.96 -159.95 42.14
CA LEU Y 719 6.49 -158.75 41.45
C LEU Y 719 7.22 -158.50 40.15
N VAL Y 720 8.50 -158.87 40.04
CA VAL Y 720 9.24 -158.57 38.82
C VAL Y 720 8.83 -159.47 37.67
N ARG Y 721 8.29 -160.64 37.96
CA ARG Y 721 7.86 -161.53 36.91
C ARG Y 721 6.49 -161.18 36.35
N VAL Y 722 5.63 -160.56 37.15
CA VAL Y 722 4.32 -160.16 36.69
C VAL Y 722 4.32 -158.76 36.10
N SER Y 723 5.27 -157.92 36.50
CA SER Y 723 5.45 -156.65 35.81
C SER Y 723 6.02 -156.88 34.42
N LYS Y 724 6.95 -157.82 34.30
CA LYS Y 724 7.49 -158.17 33.00
C LYS Y 724 6.49 -159.04 32.27
N GLU Y 725 6.61 -159.10 30.94
CA GLU Y 725 5.76 -159.88 30.03
C GLU Y 725 4.30 -159.48 30.13
N SER Y 726 4.03 -158.20 30.37
CA SER Y 726 2.66 -157.71 30.30
C SER Y 726 2.21 -157.56 28.86
N LEU Y 727 3.15 -157.63 27.92
CA LEU Y 727 2.91 -157.56 26.50
C LEU Y 727 2.66 -158.90 25.85
N TYR Y 728 2.83 -160.00 26.59
CA TYR Y 728 2.76 -161.31 25.96
C TYR Y 728 1.32 -161.78 25.77
N GLN Y 729 0.36 -161.00 26.24
CA GLN Y 729 -1.02 -161.23 25.90
C GLN Y 729 -1.38 -160.31 24.75
N MET Z 1 35.87 34.04 -118.01
CA MET Z 1 36.26 34.07 -119.41
C MET Z 1 35.09 34.47 -120.31
N TYR Z 2 33.98 33.77 -120.18
CA TYR Z 2 32.84 33.98 -121.08
C TYR Z 2 31.56 34.33 -120.34
N GLY Z 3 31.11 33.50 -119.42
CA GLY Z 3 29.90 33.80 -118.67
C GLY Z 3 30.24 34.35 -117.30
N ASP Z 4 31.40 35.01 -117.24
CA ASP Z 4 32.01 35.41 -115.99
C ASP Z 4 31.17 36.44 -115.26
N LEU Z 5 30.61 37.39 -115.99
CA LEU Z 5 29.80 38.43 -115.37
C LEU Z 5 28.50 37.85 -114.84
N GLY Z 6 28.00 36.80 -115.49
CA GLY Z 6 26.83 36.12 -114.98
C GLY Z 6 27.08 35.39 -113.68
N ASN Z 7 28.32 34.97 -113.46
CA ASN Z 7 28.66 34.35 -112.19
C ASN Z 7 28.57 35.35 -111.06
N LYS Z 8 29.14 36.53 -111.24
CA LYS Z 8 28.99 37.54 -110.22
C LYS Z 8 27.60 38.17 -110.27
N LEU Z 9 26.86 38.00 -111.36
CA LEU Z 9 25.46 38.41 -111.35
C LEU Z 9 24.65 37.51 -110.43
N VAL Z 10 24.76 36.20 -110.60
CA VAL Z 10 24.01 35.31 -109.73
C VAL Z 10 24.61 35.30 -108.33
N LEU Z 11 25.85 35.76 -108.16
CA LEU Z 11 26.42 35.86 -106.83
C LEU Z 11 25.74 36.93 -106.02
N GLU Z 12 25.55 38.12 -106.60
CA GLU Z 12 24.84 39.15 -105.85
C GLU Z 12 23.35 38.85 -105.76
N ALA Z 13 22.84 37.98 -106.63
CA ALA Z 13 21.48 37.48 -106.47
C ALA Z 13 21.33 36.68 -105.19
N LYS Z 14 22.38 36.01 -104.75
CA LYS Z 14 22.32 35.25 -103.52
C LYS Z 14 22.16 36.15 -102.31
N ARG Z 15 22.68 37.38 -102.38
CA ARG Z 15 22.60 38.29 -101.24
C ARG Z 15 21.20 38.82 -101.05
N THR Z 16 20.44 38.95 -102.14
CA THR Z 16 19.10 39.47 -102.03
C THR Z 16 18.18 38.49 -101.33
N LYS Z 17 18.46 37.20 -101.45
CA LYS Z 17 17.64 36.22 -100.76
C LYS Z 17 17.94 36.24 -99.27
N GLN Z 18 19.22 36.24 -98.91
CA GLN Z 18 19.59 36.11 -97.50
C GLN Z 18 19.30 37.38 -96.72
N LEU Z 19 19.27 38.53 -97.38
CA LEU Z 19 18.82 39.74 -96.72
C LEU Z 19 17.37 39.64 -96.30
N TYR Z 20 16.49 39.27 -97.23
CA TYR Z 20 15.08 39.22 -96.89
C TYR Z 20 14.77 38.05 -95.99
N ALA Z 21 15.15 36.84 -96.40
CA ALA Z 21 14.60 35.63 -95.81
C ALA Z 21 15.10 35.36 -94.40
N ARG Z 22 16.19 36.01 -93.99
CA ARG Z 22 16.70 35.84 -92.63
C ARG Z 22 16.16 36.84 -91.64
N SER Z 23 16.00 38.11 -92.03
CA SER Z 23 15.65 39.15 -91.08
C SER Z 23 14.18 39.15 -90.74
N ASN Z 24 13.35 39.51 -91.72
CA ASN Z 24 11.93 39.72 -91.50
C ASN Z 24 11.17 39.73 -92.82
N GLN Z 25 9.91 40.15 -92.78
CA GLN Z 25 9.10 40.24 -93.99
C GLN Z 25 9.37 41.52 -94.79
N ASP Z 26 9.87 42.57 -94.16
CA ASP Z 26 10.04 43.86 -94.81
C ASP Z 26 11.12 43.78 -95.88
N VAL Z 27 10.72 43.85 -97.14
CA VAL Z 27 11.59 43.50 -98.24
C VAL Z 27 12.62 44.59 -98.53
N ASN Z 28 12.17 45.79 -98.95
CA ASN Z 28 13.00 46.83 -99.54
C ASN Z 28 13.95 46.25 -100.58
N LEU Z 29 13.40 45.76 -101.68
CA LEU Z 29 14.17 45.14 -102.74
C LEU Z 29 15.20 46.11 -103.29
N PRO Z 30 16.46 45.69 -103.49
CA PRO Z 30 17.55 46.64 -103.73
C PRO Z 30 17.45 47.46 -105.00
N MET Z 31 17.59 46.84 -106.17
CA MET Z 31 17.71 47.55 -107.44
C MET Z 31 17.69 46.52 -108.57
N TYR Z 32 17.42 47.00 -109.76
CA TYR Z 32 17.52 46.19 -110.96
C TYR Z 32 18.81 46.54 -111.68
N HIS Z 33 19.55 45.53 -112.12
CA HIS Z 33 20.91 45.79 -112.60
C HIS Z 33 20.93 45.90 -114.11
N GLU Z 34 20.32 47.00 -114.60
CA GLU Z 34 20.30 47.28 -116.03
C GLU Z 34 21.68 47.49 -116.59
N ASP Z 35 22.51 48.20 -115.85
CA ASP Z 35 23.92 48.37 -116.17
C ASP Z 35 24.65 47.04 -116.27
N ILE Z 36 24.35 46.10 -115.38
CA ILE Z 36 25.05 44.82 -115.45
C ILE Z 36 24.52 43.99 -116.60
N ILE Z 37 23.20 43.96 -116.77
CA ILE Z 37 22.66 43.12 -117.84
C ILE Z 37 22.88 43.74 -119.21
N ARG Z 38 23.21 45.03 -119.27
CA ARG Z 38 23.54 45.59 -120.58
C ARG Z 38 24.90 45.10 -121.06
N ASN Z 39 25.77 44.72 -120.14
CA ASN Z 39 27.05 44.15 -120.53
C ASN Z 39 26.87 42.80 -121.18
N ILE Z 40 26.06 41.94 -120.57
CA ILE Z 40 25.84 40.63 -121.17
C ILE Z 40 24.91 40.74 -122.36
N LEU Z 41 24.11 41.80 -122.44
CA LEU Z 41 23.38 42.02 -123.67
C LEU Z 41 24.32 42.51 -124.77
N LYS Z 42 25.44 43.11 -124.40
CA LYS Z 42 26.43 43.44 -125.41
C LYS Z 42 27.18 42.21 -125.87
N GLU Z 43 27.52 41.29 -124.96
CA GLU Z 43 28.31 40.14 -125.36
C GLU Z 43 27.49 39.15 -126.18
N VAL Z 44 26.19 39.05 -125.87
CA VAL Z 44 25.35 38.17 -126.66
C VAL Z 44 25.13 38.75 -128.06
N SER Z 45 25.23 40.07 -128.19
CA SER Z 45 25.14 40.68 -129.51
C SER Z 45 26.36 40.37 -130.34
N ASN Z 46 27.54 40.48 -129.74
CA ASN Z 46 28.77 40.20 -130.45
C ASN Z 46 28.89 38.72 -130.78
N LEU Z 47 28.41 37.86 -129.87
CA LEU Z 47 28.48 36.43 -130.10
C LEU Z 47 27.53 36.00 -131.20
N ARG Z 48 26.40 36.69 -131.35
CA ARG Z 48 25.44 36.28 -132.37
C ARG Z 48 25.92 36.63 -133.77
N LYS Z 49 26.59 37.77 -133.92
CA LYS Z 49 27.09 38.07 -135.26
C LYS Z 49 28.37 37.29 -135.55
N ASN Z 50 28.95 36.66 -134.54
CA ASN Z 50 30.09 35.78 -134.76
C ASN Z 50 29.70 34.51 -135.49
N THR Z 51 28.56 33.92 -135.15
CA THR Z 51 28.24 32.65 -135.75
C THR Z 51 27.66 32.76 -137.15
N GLU Z 52 27.03 33.89 -137.49
CA GLU Z 52 26.46 34.01 -138.82
C GLU Z 52 27.53 34.21 -139.88
N TYR Z 53 28.72 34.64 -139.50
CA TYR Z 53 29.86 34.55 -140.39
C TYR Z 53 30.20 33.11 -140.69
N LEU Z 54 30.28 32.27 -139.66
CA LEU Z 54 30.54 30.87 -139.90
C LEU Z 54 29.30 30.16 -140.43
N LYS Z 55 28.12 30.73 -140.20
CA LYS Z 55 26.96 30.26 -140.95
C LYS Z 55 27.07 30.64 -142.42
N GLU Z 56 27.81 31.69 -142.73
CA GLU Z 56 28.01 32.11 -144.10
C GLU Z 56 29.12 31.35 -144.79
N GLN Z 57 30.10 30.83 -144.05
CA GLN Z 57 31.23 30.17 -144.65
C GLN Z 57 31.10 28.65 -144.68
N GLN Z 58 30.12 28.10 -143.95
CA GLN Z 58 29.93 26.65 -143.84
C GLN Z 58 29.54 26.00 -145.15
N GLN Z 59 29.06 26.78 -146.12
CA GLN Z 59 28.79 26.29 -147.45
C GLN Z 59 29.90 26.63 -148.43
N LEU Z 60 30.80 27.54 -148.06
CA LEU Z 60 31.77 28.08 -149.00
C LEU Z 60 33.21 27.83 -148.59
N GLY Z 61 33.50 27.77 -147.29
CA GLY Z 61 34.87 27.69 -146.84
C GLY Z 61 35.28 26.30 -146.42
N MET Z 62 35.21 26.05 -145.10
CA MET Z 62 35.57 24.77 -144.52
C MET Z 62 34.61 23.63 -144.90
N LEU Z 63 33.45 23.96 -145.47
CA LEU Z 63 32.50 23.01 -146.07
C LEU Z 63 31.98 22.01 -145.04
N ASP Z 64 31.19 22.56 -144.10
CA ASP Z 64 30.59 21.88 -142.93
C ASP Z 64 31.57 20.93 -142.24
N ASP Z 65 32.75 21.47 -141.95
CA ASP Z 65 33.85 20.72 -141.38
C ASP Z 65 33.51 20.32 -139.94
N LYS Z 66 34.05 19.16 -139.54
CA LYS Z 66 33.85 18.63 -138.19
C LYS Z 66 34.39 19.58 -137.12
N VAL Z 67 35.51 20.27 -137.41
CA VAL Z 67 35.99 21.33 -136.55
C VAL Z 67 34.95 22.43 -136.41
N ALA Z 68 34.33 22.82 -137.52
CA ALA Z 68 33.35 23.89 -137.48
C ALA Z 68 32.09 23.49 -136.73
N LYS Z 69 31.76 22.20 -136.74
CA LYS Z 69 30.61 21.70 -136.00
C LYS Z 69 30.81 21.89 -134.50
N CYS Z 70 32.00 21.57 -134.00
CA CYS Z 70 32.33 21.88 -132.62
C CYS Z 70 32.41 23.38 -132.40
N GLN Z 71 32.86 24.13 -133.40
CA GLN Z 71 32.88 25.58 -133.28
C GLN Z 71 31.49 26.14 -133.22
N TYR Z 72 30.50 25.42 -133.76
CA TYR Z 72 29.13 25.82 -133.52
C TYR Z 72 28.67 25.50 -132.12
N PHE Z 73 29.20 24.44 -131.51
CA PHE Z 73 28.71 24.02 -130.21
C PHE Z 73 29.12 24.98 -129.11
N VAL Z 74 30.37 25.43 -129.12
CA VAL Z 74 30.83 26.41 -128.14
C VAL Z 74 30.04 27.69 -128.26
N THR Z 75 29.73 28.13 -129.46
CA THR Z 75 28.87 29.27 -129.64
C THR Z 75 27.42 28.93 -129.33
N LEU Z 76 27.02 27.68 -129.52
CA LEU Z 76 25.67 27.31 -129.08
C LEU Z 76 25.61 27.24 -127.57
N LEU Z 77 26.60 26.60 -126.95
CA LEU Z 77 26.49 26.31 -125.52
C LEU Z 77 26.63 27.57 -124.70
N CYS Z 78 27.52 28.47 -125.12
CA CYS Z 78 27.74 29.69 -124.34
C CYS Z 78 26.56 30.62 -124.40
N MET Z 79 25.72 30.48 -125.43
CA MET Z 79 24.45 31.19 -125.44
C MET Z 79 23.57 30.75 -124.29
N GLU Z 80 23.23 29.47 -124.26
CA GLU Z 80 22.24 29.00 -123.31
C GLU Z 80 22.77 28.99 -121.89
N ARG Z 81 24.10 28.85 -121.73
CA ARG Z 81 24.70 28.96 -120.41
C ARG Z 81 24.51 30.36 -119.87
N ASN Z 82 24.63 31.35 -120.74
CA ASN Z 82 24.22 32.69 -120.34
C ASN Z 82 22.72 32.76 -120.14
N LYS Z 83 21.95 32.03 -120.96
CA LYS Z 83 20.50 32.15 -120.88
C LYS Z 83 19.97 31.59 -119.58
N ARG Z 84 20.67 30.62 -118.99
CA ARG Z 84 20.24 30.03 -117.74
C ARG Z 84 20.24 31.05 -116.61
N CYS Z 85 21.26 31.90 -116.54
CA CYS Z 85 21.34 32.80 -115.39
C CYS Z 85 20.37 33.94 -115.51
N LEU Z 86 20.32 34.58 -116.68
CA LEU Z 86 19.63 35.87 -116.84
C LEU Z 86 18.14 35.79 -116.61
N LEU Z 87 17.54 34.61 -116.73
CA LEU Z 87 16.16 34.50 -116.31
C LEU Z 87 16.07 34.10 -114.85
N ALA Z 88 17.08 33.40 -114.33
CA ALA Z 88 17.02 32.95 -112.95
C ALA Z 88 17.06 34.12 -111.99
N TYR Z 89 17.92 35.08 -112.29
CA TYR Z 89 17.87 36.35 -111.59
C TYR Z 89 16.57 37.08 -111.86
N GLN Z 90 16.00 36.89 -113.05
CA GLN Z 90 14.74 37.54 -113.34
C GLN Z 90 13.60 36.91 -112.57
N ARG Z 91 13.66 35.60 -112.34
CA ARG Z 91 12.58 34.98 -111.61
C ARG Z 91 12.65 35.30 -110.13
N LEU Z 92 13.84 35.22 -109.55
CA LEU Z 92 13.96 35.47 -108.12
C LEU Z 92 13.71 36.92 -107.78
N ARG Z 93 13.87 37.82 -108.76
CA ARG Z 93 13.33 39.15 -108.62
C ARG Z 93 11.82 39.13 -108.48
N THR Z 94 11.13 38.55 -109.45
CA THR Z 94 9.68 38.68 -109.43
C THR Z 94 9.02 37.69 -108.49
N ASP Z 95 9.75 36.71 -107.99
CA ASP Z 95 9.13 35.82 -107.02
C ASP Z 95 9.28 36.31 -105.60
N ILE Z 96 9.48 37.61 -105.39
CA ILE Z 96 9.44 38.15 -104.04
C ILE Z 96 8.51 39.35 -103.93
N LEU Z 97 8.19 40.02 -105.02
CA LEU Z 97 7.18 41.07 -104.96
C LEU Z 97 5.77 40.52 -104.89
N ASP Z 98 5.59 39.29 -105.32
CA ASP Z 98 4.30 38.62 -105.17
C ASP Z 98 3.95 38.45 -103.70
N SER Z 99 4.97 38.18 -102.90
CA SER Z 99 4.79 38.15 -101.46
C SER Z 99 4.43 39.53 -100.93
N MET Z 100 5.02 40.57 -101.53
CA MET Z 100 4.52 41.91 -101.25
C MET Z 100 3.13 42.10 -101.83
N ALA Z 101 2.84 41.48 -102.95
CA ALA Z 101 1.51 41.58 -103.54
C ALA Z 101 0.48 40.76 -102.81
N TRP Z 102 0.88 39.72 -102.10
CA TRP Z 102 -0.12 38.90 -101.44
C TRP Z 102 -0.53 39.51 -100.11
N ASN Z 103 0.43 39.92 -99.28
CA ASN Z 103 0.11 40.29 -97.91
C ASN Z 103 -0.63 41.60 -97.81
N ASN Z 104 -0.47 42.48 -98.78
CA ASN Z 104 -1.24 43.70 -98.77
C ASN Z 104 -1.99 43.80 -100.08
N ASN Z 105 -2.72 42.74 -100.39
CA ASN Z 105 -3.48 42.60 -101.64
C ASN Z 105 -4.76 43.43 -101.66
N GLY Z 106 -4.92 44.39 -100.77
CA GLY Z 106 -6.13 45.17 -100.65
C GLY Z 106 -6.81 44.94 -99.34
N LEU Z 107 -6.50 45.80 -98.39
CA LEU Z 107 -7.16 45.79 -97.09
C LEU Z 107 -7.59 47.17 -96.64
N ASP Z 108 -6.86 48.21 -97.06
CA ASP Z 108 -7.17 49.60 -96.70
C ASP Z 108 -6.45 50.48 -97.72
N LEU Z 109 -7.19 50.99 -98.70
CA LEU Z 109 -6.71 51.85 -99.78
C LEU Z 109 -5.62 51.14 -100.58
N MET Z 110 -6.03 50.11 -101.33
CA MET Z 110 -5.13 49.20 -102.03
C MET Z 110 -4.24 49.90 -103.05
N SER Z 111 -4.81 50.74 -103.92
CA SER Z 111 -4.05 51.29 -105.04
C SER Z 111 -3.00 52.30 -104.60
N SER Z 112 -2.99 52.69 -103.33
CA SER Z 112 -1.85 53.38 -102.73
C SER Z 112 -0.75 52.33 -102.48
N ILE Z 113 -0.07 51.97 -103.55
CA ILE Z 113 1.14 51.16 -103.47
C ILE Z 113 2.29 52.13 -103.65
N THR Z 114 1.99 53.42 -103.44
CA THR Z 114 2.91 54.54 -103.36
C THR Z 114 3.44 54.62 -101.93
N PHE Z 115 4.09 55.74 -101.59
CA PHE Z 115 4.96 55.95 -100.43
C PHE Z 115 5.84 54.73 -100.15
N SER Z 116 6.41 54.17 -101.22
CA SER Z 116 7.03 52.85 -101.15
C SER Z 116 8.17 52.81 -102.17
N GLN Z 117 9.37 53.07 -101.67
CA GLN Z 117 10.64 52.81 -102.36
C GLN Z 117 10.74 53.53 -103.69
N GLN Z 118 10.69 54.87 -103.64
CA GLN Z 118 10.56 55.72 -104.82
C GLN Z 118 11.72 55.55 -105.81
N ASP Z 119 12.92 55.25 -105.30
CA ASP Z 119 14.06 55.01 -106.17
C ASP Z 119 13.90 53.70 -106.94
N THR Z 120 13.12 52.77 -106.40
CA THR Z 120 12.77 51.56 -107.13
C THR Z 120 11.31 51.51 -107.50
N ASN Z 121 10.54 52.55 -107.17
CA ASN Z 121 9.12 52.55 -107.55
C ASN Z 121 8.97 53.03 -108.99
N ASN Z 122 10.03 53.61 -109.56
CA ASN Z 122 10.10 53.80 -111.01
C ASN Z 122 10.69 52.58 -111.70
N LEU Z 123 11.58 51.85 -111.00
CA LEU Z 123 12.12 50.58 -111.46
C LEU Z 123 11.03 49.57 -111.72
N SER Z 124 10.26 49.27 -110.69
CA SER Z 124 9.14 48.35 -110.80
C SER Z 124 7.87 49.02 -111.33
N HIS Z 125 7.96 50.25 -111.86
CA HIS Z 125 6.83 50.84 -112.56
C HIS Z 125 6.63 50.16 -113.91
N GLN Z 126 7.72 49.76 -114.56
CA GLN Z 126 7.62 48.85 -115.68
C GLN Z 126 7.11 47.50 -115.24
N GLU Z 127 7.27 47.18 -113.96
CA GLU Z 127 6.77 45.93 -113.47
C GLU Z 127 5.46 46.13 -112.74
N GLN Z 128 5.03 47.38 -112.59
CA GLN Z 128 3.75 47.69 -111.96
C GLN Z 128 2.60 47.16 -112.78
N GLU Z 129 2.68 47.33 -114.10
CA GLU Z 129 1.67 46.74 -114.95
C GLU Z 129 1.70 45.22 -114.88
N TYR Z 130 2.88 44.63 -114.69
CA TYR Z 130 2.91 43.25 -114.26
C TYR Z 130 2.32 43.09 -112.86
N LEU Z 131 2.73 43.96 -111.93
CA LEU Z 131 2.22 43.91 -110.55
C LEU Z 131 0.72 44.11 -110.48
N LYS Z 132 0.19 45.10 -111.19
CA LYS Z 132 -1.26 45.31 -111.11
C LYS Z 132 -2.01 44.21 -111.85
N GLU Z 133 -1.36 43.53 -112.78
CA GLU Z 133 -2.01 42.39 -113.39
C GLU Z 133 -2.03 41.20 -112.46
N TYR Z 134 -1.22 41.20 -111.40
CA TYR Z 134 -1.55 40.34 -110.28
C TYR Z 134 -2.74 40.90 -109.53
N CYS Z 135 -2.73 42.21 -109.30
CA CYS Z 135 -3.73 42.86 -108.46
C CYS Z 135 -5.12 42.81 -109.09
N ASP Z 136 -5.18 43.01 -110.41
CA ASP Z 136 -6.46 42.81 -111.07
C ASP Z 136 -6.88 41.36 -111.02
N LEU Z 137 -5.94 40.45 -111.19
CA LEU Z 137 -6.26 39.04 -111.16
C LEU Z 137 -6.60 38.59 -109.75
N ILE Z 138 -5.98 39.21 -108.75
CA ILE Z 138 -6.29 38.78 -107.39
C ILE Z 138 -7.65 39.31 -106.95
N THR Z 139 -8.19 40.32 -107.63
CA THR Z 139 -9.51 40.80 -107.28
C THR Z 139 -10.58 39.81 -107.70
N ASP Z 140 -10.49 39.32 -108.94
CA ASP Z 140 -11.50 38.38 -109.40
C ASP Z 140 -11.36 37.02 -108.73
N LEU Z 141 -10.19 36.70 -108.20
CA LEU Z 141 -10.12 35.52 -107.36
C LEU Z 141 -10.78 35.76 -106.01
N LYS Z 142 -10.87 37.00 -105.58
CA LYS Z 142 -11.65 37.26 -104.38
C LYS Z 142 -13.14 37.22 -104.67
N SER Z 143 -13.55 37.67 -105.87
CA SER Z 143 -14.98 37.70 -106.17
C SER Z 143 -15.46 36.41 -106.81
N GLY Z 144 -14.58 35.71 -107.54
CA GLY Z 144 -14.97 34.48 -108.22
C GLY Z 144 -15.22 33.31 -107.30
N ASP Z 145 -14.79 33.41 -106.04
CA ASP Z 145 -15.27 32.48 -105.04
C ASP Z 145 -16.77 32.67 -104.85
N LEU Z 146 -17.48 31.55 -104.84
CA LEU Z 146 -18.93 31.58 -104.88
C LEU Z 146 -19.47 32.00 -103.54
N VAL Z 147 -18.69 31.82 -102.48
CA VAL Z 147 -19.02 32.43 -101.20
C VAL Z 147 -17.91 33.39 -100.80
N ASP Z 148 -18.17 34.19 -99.78
CA ASP Z 148 -17.22 35.18 -99.28
C ASP Z 148 -16.27 34.46 -98.34
N ILE Z 149 -15.06 34.18 -98.83
CA ILE Z 149 -13.98 33.71 -97.99
C ILE Z 149 -12.88 34.76 -98.09
N ASP Z 150 -12.25 35.07 -96.97
CA ASP Z 150 -11.16 36.02 -96.99
C ASP Z 150 -9.97 35.34 -97.65
N LEU Z 151 -9.35 36.05 -98.57
CA LEU Z 151 -8.07 35.62 -99.09
C LEU Z 151 -6.98 36.61 -98.77
N SER Z 152 -7.33 37.71 -98.12
CA SER Z 152 -6.41 38.76 -97.74
C SER Z 152 -6.01 38.51 -96.30
N GLY Z 153 -4.91 37.78 -96.11
CA GLY Z 153 -4.38 37.66 -94.78
C GLY Z 153 -5.13 36.64 -93.92
N SER Z 154 -4.94 36.80 -92.61
CA SER Z 154 -5.41 35.85 -91.58
C SER Z 154 -4.88 34.45 -91.85
N LEU Z 155 -3.57 34.30 -91.71
CA LEU Z 155 -2.94 33.01 -91.93
C LEU Z 155 -2.66 32.28 -90.63
N VAL Z 156 -2.37 33.01 -89.56
CA VAL Z 156 -2.20 32.40 -88.24
C VAL Z 156 -3.57 31.96 -87.71
N PRO Z 157 -3.69 30.76 -87.15
CA PRO Z 157 -4.98 30.29 -86.65
C PRO Z 157 -5.46 31.09 -85.46
N PRO Z 158 -6.77 31.18 -85.24
CA PRO Z 158 -7.28 31.87 -84.06
C PRO Z 158 -7.26 30.95 -82.86
N SER Z 159 -7.14 31.56 -81.68
CA SER Z 159 -7.10 30.78 -80.44
C SER Z 159 -8.29 31.16 -79.59
N ASP Z 160 -8.40 32.41 -79.16
CA ASP Z 160 -9.42 32.83 -78.21
C ASP Z 160 -10.41 33.77 -78.86
N VAL Z 161 -11.22 34.44 -78.03
CA VAL Z 161 -12.26 35.30 -78.56
C VAL Z 161 -12.17 36.67 -77.89
N PHE Z 162 -11.23 36.86 -76.99
CA PHE Z 162 -11.09 38.16 -76.34
C PHE Z 162 -9.64 38.52 -76.16
N ILE Z 163 -9.22 39.62 -76.77
CA ILE Z 163 -7.82 39.99 -76.95
C ILE Z 163 -7.66 41.45 -76.59
N ASP Z 164 -6.73 41.74 -75.69
CA ASP Z 164 -6.42 43.12 -75.32
C ASP Z 164 -5.48 43.71 -76.37
N VAL Z 165 -5.88 44.82 -76.98
CA VAL Z 165 -5.07 45.46 -78.01
C VAL Z 165 -4.93 46.94 -77.69
N ARG Z 166 -3.71 47.46 -77.82
CA ARG Z 166 -3.43 48.87 -77.64
C ARG Z 166 -3.24 49.51 -79.00
N VAL Z 167 -3.20 50.84 -79.04
CA VAL Z 167 -2.99 51.57 -80.28
C VAL Z 167 -1.94 52.65 -80.05
N LEU Z 168 -1.23 52.99 -81.12
CA LEU Z 168 -0.41 54.19 -81.21
C LEU Z 168 -0.23 54.52 -82.69
N LYS Z 169 0.54 55.58 -82.95
CA LYS Z 169 0.96 56.14 -84.24
C LYS Z 169 -0.17 56.30 -85.26
N ASP Z 170 -1.40 56.49 -84.81
CA ASP Z 170 -2.52 56.52 -85.74
C ASP Z 170 -3.57 57.49 -85.23
N ALA Z 171 -4.37 58.01 -86.16
CA ALA Z 171 -5.44 58.92 -85.82
C ALA Z 171 -6.55 58.82 -86.86
N GLY Z 172 -7.57 59.64 -86.69
CA GLY Z 172 -8.68 59.77 -87.61
C GLY Z 172 -9.79 58.83 -87.21
N GLU Z 173 -10.83 58.78 -88.05
CA GLU Z 173 -11.93 57.84 -87.87
C GLU Z 173 -11.93 56.88 -89.04
N ILE Z 174 -11.86 55.59 -88.72
CA ILE Z 174 -11.75 54.52 -89.70
C ILE Z 174 -12.91 53.61 -89.33
N GLN Z 175 -12.95 52.41 -89.91
CA GLN Z 175 -13.84 51.28 -89.55
C GLN Z 175 -15.33 51.66 -89.62
N THR Z 176 -15.75 52.00 -90.82
CA THR Z 176 -17.15 52.30 -91.04
C THR Z 176 -18.04 51.06 -90.96
N GLU Z 177 -17.49 49.87 -91.16
CA GLU Z 177 -18.27 48.64 -91.12
C GLU Z 177 -18.02 47.92 -89.80
N TYR Z 178 -18.89 46.92 -89.54
CA TYR Z 178 -18.86 46.07 -88.34
C TYR Z 178 -18.96 46.89 -87.05
N GLY Z 179 -19.66 48.01 -87.12
CA GLY Z 179 -19.70 48.94 -86.01
C GLY Z 179 -18.46 49.80 -85.96
N VAL Z 180 -18.63 51.10 -85.80
CA VAL Z 180 -17.50 51.99 -85.73
C VAL Z 180 -16.89 51.90 -84.34
N PHE Z 181 -15.59 51.71 -84.28
CA PHE Z 181 -14.87 51.53 -83.03
C PHE Z 181 -14.36 52.83 -82.45
N ASN Z 182 -14.48 53.93 -83.19
CA ASN Z 182 -14.18 55.29 -82.75
C ASN Z 182 -12.75 55.42 -82.25
N LEU Z 183 -11.78 55.25 -83.14
CA LEU Z 183 -10.39 55.20 -82.73
C LEU Z 183 -9.90 56.59 -82.36
N ILE Z 184 -9.65 56.82 -81.08
CA ILE Z 184 -8.96 58.01 -80.62
C ILE Z 184 -7.51 57.58 -80.45
N LYS Z 185 -6.61 58.54 -80.35
CA LYS Z 185 -5.20 58.27 -80.15
C LYS Z 185 -4.97 57.61 -78.78
N ASP Z 186 -3.97 56.72 -78.75
CA ASP Z 186 -3.35 56.04 -77.59
C ASP Z 186 -4.34 55.60 -76.51
N SER Z 187 -5.21 54.69 -76.91
CA SER Z 187 -6.30 54.22 -76.07
C SER Z 187 -6.59 52.78 -76.40
N GLN Z 188 -6.48 51.89 -75.42
CA GLN Z 188 -6.58 50.48 -75.73
C GLN Z 188 -8.02 50.05 -75.89
N PHE Z 189 -8.19 48.83 -76.37
CA PHE Z 189 -9.51 48.24 -76.57
C PHE Z 189 -9.57 46.97 -75.76
N PHE Z 190 -10.73 46.32 -75.79
CA PHE Z 190 -10.86 44.96 -75.34
C PHE Z 190 -12.03 44.35 -76.11
N VAL Z 191 -11.72 43.71 -77.24
CA VAL Z 191 -12.77 43.41 -78.22
C VAL Z 191 -12.79 41.93 -78.57
N ARG Z 192 -13.68 41.56 -79.48
CA ARG Z 192 -13.67 40.20 -79.99
C ARG Z 192 -12.58 40.00 -81.03
N GLN Z 193 -12.55 38.83 -81.65
CA GLN Z 193 -11.39 38.38 -82.40
C GLN Z 193 -11.37 38.86 -83.83
N SER Z 194 -12.44 38.63 -84.58
CA SER Z 194 -12.39 38.71 -86.03
C SER Z 194 -12.26 40.13 -86.56
N ASP Z 195 -12.52 41.14 -85.75
CA ASP Z 195 -12.53 42.50 -86.25
C ASP Z 195 -11.12 43.01 -86.53
N VAL Z 196 -10.20 42.75 -85.61
CA VAL Z 196 -8.88 43.39 -85.69
C VAL Z 196 -7.95 42.77 -86.71
N GLU Z 197 -8.39 41.69 -87.36
CA GLU Z 197 -7.53 41.02 -88.32
C GLU Z 197 -7.28 41.90 -89.54
N ARG Z 198 -8.26 42.71 -89.91
CA ARG Z 198 -8.08 43.64 -91.02
C ARG Z 198 -7.38 44.92 -90.60
N LEU Z 199 -7.02 45.05 -89.34
CA LEU Z 199 -6.33 46.26 -88.92
C LEU Z 199 -4.91 45.98 -88.45
N ILE Z 200 -4.66 44.79 -87.92
CA ILE Z 200 -3.30 44.43 -87.51
C ILE Z 200 -2.42 44.29 -88.73
N GLN Z 201 -2.89 43.57 -89.75
CA GLN Z 201 -2.24 43.53 -91.04
C GLN Z 201 -2.20 44.89 -91.71
N GLN Z 202 -3.18 45.74 -91.44
CA GLN Z 202 -3.11 47.13 -91.89
C GLN Z 202 -1.99 47.86 -91.17
N GLY Z 203 -1.74 47.51 -89.92
CA GLY Z 203 -0.60 48.06 -89.22
C GLY Z 203 -0.95 49.29 -88.41
N TYR Z 204 -2.21 49.40 -88.01
CA TYR Z 204 -2.68 50.53 -87.21
C TYR Z 204 -2.68 50.22 -85.73
N LEU Z 205 -3.27 49.10 -85.35
CA LEU Z 205 -3.13 48.60 -84.00
C LEU Z 205 -1.72 48.02 -83.84
N GLN Z 206 -1.24 47.96 -82.61
CA GLN Z 206 0.15 47.57 -82.46
C GLN Z 206 0.36 46.26 -81.75
N LYS Z 207 -0.15 46.13 -80.54
CA LYS Z 207 0.24 44.98 -79.74
C LYS Z 207 -0.95 44.09 -79.43
N ILE Z 208 -0.71 42.79 -79.49
CA ILE Z 208 -1.71 41.82 -79.09
C ILE Z 208 -1.65 41.66 -77.58
N LEU AA 3 -0.20 31.95 -100.63
CA LEU AA 3 1.22 31.96 -100.93
C LEU AA 3 2.06 32.29 -99.70
N PRO AA 4 2.23 31.31 -98.81
CA PRO AA 4 2.92 31.59 -97.55
C PRO AA 4 4.41 31.85 -97.73
N ALA AA 5 5.07 30.90 -98.43
CA ALA AA 5 6.49 30.96 -98.83
C ALA AA 5 7.44 31.05 -97.64
N HIS AA 6 6.93 30.75 -96.45
CA HIS AA 6 7.69 30.95 -95.24
C HIS AA 6 7.86 29.63 -94.51
N LEU AA 7 6.73 29.00 -94.19
CA LEU AA 7 6.70 27.72 -93.51
C LEU AA 7 5.74 26.86 -94.30
N GLN AA 8 6.29 26.13 -95.27
CA GLN AA 8 5.50 25.35 -96.21
C GLN AA 8 5.71 23.85 -96.06
N GLN AA 9 6.94 23.42 -95.83
CA GLN AA 9 7.23 22.00 -95.81
C GLN AA 9 6.84 21.31 -94.51
N THR AA 10 6.39 22.08 -93.53
CA THR AA 10 5.97 21.51 -92.27
C THR AA 10 4.89 22.38 -91.65
N PHE AA 11 4.45 22.02 -90.45
CA PHE AA 11 3.51 22.84 -89.74
C PHE AA 11 4.22 23.79 -88.80
N SER AA 12 3.72 24.88 -88.66
CA SER AA 12 4.09 25.80 -87.61
C SER AA 12 3.57 25.27 -86.28
N PRO AA 13 4.18 25.63 -85.15
CA PRO AA 13 3.71 25.12 -83.87
C PRO AA 13 2.41 25.72 -83.37
N GLU AA 14 1.69 26.51 -84.16
CA GLU AA 14 0.44 27.07 -83.66
C GLU AA 14 -0.77 26.34 -84.19
N GLU AA 15 -0.59 25.44 -85.13
CA GLU AA 15 -1.71 24.69 -85.62
C GLU AA 15 -1.61 23.22 -85.25
N ILE AA 16 -0.47 22.80 -84.71
CA ILE AA 16 -0.42 21.45 -84.22
C ILE AA 16 -1.26 21.31 -82.98
N GLN AA 17 -1.43 22.38 -82.23
CA GLN AA 17 -2.46 22.39 -81.21
C GLN AA 17 -3.85 22.49 -81.80
N PHE AA 18 -3.97 22.93 -83.04
CA PHE AA 18 -5.30 23.09 -83.59
C PHE AA 18 -5.89 21.75 -83.99
N ILE AA 19 -5.08 20.74 -84.28
CA ILE AA 19 -5.73 19.49 -84.61
C ILE AA 19 -6.03 18.69 -83.36
N VAL AA 20 -5.44 19.04 -82.22
CA VAL AA 20 -5.67 18.24 -81.03
C VAL AA 20 -6.76 18.85 -80.17
N GLU AA 21 -7.04 20.14 -80.34
CA GLU AA 21 -8.12 20.77 -79.59
C GLU AA 21 -9.50 20.28 -80.01
N ASN AA 22 -9.60 19.67 -81.18
CA ASN AA 22 -10.86 19.13 -81.65
C ASN AA 22 -11.09 17.70 -81.21
N GLU AA 23 -10.49 17.28 -80.11
CA GLU AA 23 -10.80 15.99 -79.53
C GLU AA 23 -11.58 16.16 -78.24
N PRO AA 24 -12.47 15.26 -77.89
CA PRO AA 24 -13.31 15.45 -76.71
C PRO AA 24 -12.77 14.77 -75.47
N ILE AA 25 -13.10 15.36 -74.32
CA ILE AA 25 -12.82 14.80 -73.00
C ILE AA 25 -14.05 14.94 -72.12
N LYS AA 26 -13.90 14.65 -70.83
CA LYS AA 26 -15.01 14.66 -69.89
C LYS AA 26 -14.91 15.85 -68.95
N ILE AA 27 -16.06 16.35 -68.51
CA ILE AA 27 -16.15 17.52 -67.65
C ILE AA 27 -17.00 17.19 -66.44
N PHE AA 28 -17.09 18.14 -65.51
CA PHE AA 28 -18.18 18.16 -64.53
C PHE AA 28 -18.97 19.43 -64.75
N PRO AA 29 -20.16 19.33 -65.33
CA PRO AA 29 -20.93 20.54 -65.66
C PRO AA 29 -21.56 21.13 -64.41
N ARG AA 30 -22.02 22.37 -64.56
CA ARG AA 30 -22.74 23.02 -63.47
C ARG AA 30 -24.05 23.65 -63.88
N ILE AA 31 -24.20 24.12 -65.11
CA ILE AA 31 -25.32 24.97 -65.48
C ILE AA 31 -26.54 24.15 -65.88
N THR AA 32 -27.66 24.85 -66.08
CA THR AA 32 -28.78 24.33 -66.84
C THR AA 32 -28.34 24.00 -68.26
N TRP AA 50 -31.58 25.26 -78.99
CA TRP AA 50 -31.40 26.40 -78.11
C TRP AA 50 -29.95 26.68 -77.83
N GLN AA 51 -29.38 25.81 -77.01
CA GLN AA 51 -28.09 26.04 -76.39
C GLN AA 51 -26.96 25.94 -77.41
N LEU AA 52 -26.84 24.81 -78.09
CA LEU AA 52 -25.73 24.58 -79.00
C LEU AA 52 -26.28 23.96 -80.29
N ILE AA 53 -26.12 24.66 -81.42
CA ILE AA 53 -26.64 24.21 -82.71
C ILE AA 53 -25.46 24.23 -83.68
N THR AA 54 -24.28 23.84 -83.20
CA THR AA 54 -23.01 24.23 -83.80
C THR AA 54 -22.54 23.23 -84.86
N THR AA 55 -23.50 22.50 -85.44
CA THR AA 55 -23.33 21.51 -86.52
C THR AA 55 -22.53 20.27 -86.12
N ASP AA 56 -21.99 20.25 -84.90
CA ASP AA 56 -21.39 19.06 -84.31
C ASP AA 56 -21.65 19.05 -82.80
N ASP AA 57 -22.90 19.35 -82.46
CA ASP AA 57 -23.22 19.95 -81.17
C ASP AA 57 -23.36 18.93 -80.04
N LYS AA 58 -24.39 18.11 -80.10
CA LYS AA 58 -25.00 17.47 -78.93
C LYS AA 58 -25.18 18.47 -77.78
N ALA AA 59 -26.08 19.42 -77.99
CA ALA AA 59 -26.63 20.20 -76.91
C ALA AA 59 -27.50 19.33 -76.03
N LEU AA 60 -27.43 19.56 -74.74
CA LEU AA 60 -28.28 18.84 -73.82
C LEU AA 60 -29.34 19.79 -73.30
N ASN AA 61 -30.18 19.27 -72.42
CA ASN AA 61 -31.18 20.05 -71.70
C ASN AA 61 -30.52 20.77 -70.53
N ASN AA 62 -31.33 21.11 -69.53
CA ASN AA 62 -30.81 21.49 -68.23
C ASN AA 62 -29.85 20.40 -67.74
N MET AA 63 -28.55 20.71 -67.78
CA MET AA 63 -27.55 19.68 -67.59
C MET AA 63 -27.35 19.43 -66.10
N VAL AA 64 -27.03 18.19 -65.75
CA VAL AA 64 -26.97 17.76 -64.37
C VAL AA 64 -25.52 17.65 -63.96
N ALA AA 65 -25.20 18.15 -62.78
CA ALA AA 65 -23.86 18.05 -62.25
C ALA AA 65 -23.60 16.64 -61.77
N MET AA 66 -22.37 16.42 -61.27
CA MET AA 66 -21.89 15.15 -60.73
C MET AA 66 -22.03 14.03 -61.75
N ARG AA 67 -21.74 14.34 -63.01
CA ARG AA 67 -21.80 13.32 -64.04
C ARG AA 67 -20.81 13.66 -65.15
N SER AA 68 -20.33 12.62 -65.81
CA SER AA 68 -19.44 12.78 -66.94
C SER AA 68 -20.21 12.97 -68.24
N THR AA 69 -19.53 13.54 -69.23
CA THR AA 69 -20.07 13.72 -70.57
C THR AA 69 -18.89 13.97 -71.51
N GLU AA 70 -18.85 13.26 -72.63
CA GLU AA 70 -17.82 13.47 -73.65
C GLU AA 70 -18.08 14.80 -74.35
N VAL AA 71 -17.33 15.83 -73.98
CA VAL AA 71 -17.49 17.16 -74.57
C VAL AA 71 -16.18 17.54 -75.25
N VAL AA 72 -16.28 18.22 -76.40
CA VAL AA 72 -15.08 18.66 -77.11
C VAL AA 72 -14.36 19.74 -76.31
N LEU AA 73 -13.07 19.88 -76.57
CA LEU AA 73 -12.19 20.59 -75.65
C LEU AA 73 -12.37 22.10 -75.73
N TRP AA 74 -12.31 22.64 -76.93
CA TRP AA 74 -12.17 24.08 -77.15
C TRP AA 74 -13.36 24.87 -76.67
N ILE AA 75 -14.55 24.31 -76.73
CA ILE AA 75 -15.71 24.97 -76.14
C ILE AA 75 -15.67 24.92 -74.63
N ALA AA 76 -14.99 23.93 -74.03
CA ALA AA 76 -14.94 23.84 -72.59
C ALA AA 76 -13.92 24.79 -72.01
N LEU AA 77 -12.85 25.07 -72.75
CA LEU AA 77 -11.95 26.14 -72.35
C LEU AA 77 -12.66 27.48 -72.37
N LEU AA 78 -13.48 27.73 -73.40
CA LEU AA 78 -14.29 28.94 -73.41
C LEU AA 78 -15.32 28.90 -72.31
N LEU AA 79 -15.79 27.72 -71.96
CA LEU AA 79 -16.74 27.62 -70.87
C LEU AA 79 -16.07 27.80 -69.52
N LYS AA 80 -14.75 27.75 -69.47
CA LYS AA 80 -14.06 27.94 -68.21
C LYS AA 80 -13.69 29.40 -67.97
N GLN AA 81 -13.62 30.22 -69.02
CA GLN AA 81 -13.30 31.63 -68.84
C GLN AA 81 -14.45 32.39 -68.20
N GLN AA 82 -15.67 32.09 -68.59
CA GLN AA 82 -16.85 32.58 -67.90
C GLN AA 82 -17.09 31.89 -66.58
N SER AA 83 -16.36 30.80 -66.31
CA SER AA 83 -16.29 30.06 -65.05
C SER AA 83 -17.67 29.59 -64.59
N LYS AA 84 -18.24 28.69 -65.37
CA LYS AA 84 -19.43 27.99 -64.92
C LYS AA 84 -19.35 26.48 -65.11
N CYS AA 85 -18.17 25.89 -65.18
CA CYS AA 85 -18.03 24.45 -65.15
C CYS AA 85 -16.71 24.09 -64.50
N SER AA 86 -16.37 22.80 -64.51
CA SER AA 86 -15.11 22.33 -63.96
C SER AA 86 -14.65 21.13 -64.77
N ILE AA 87 -13.35 20.89 -64.75
CA ILE AA 87 -12.76 19.84 -65.56
C ILE AA 87 -12.29 18.70 -64.64
N VAL AA 88 -12.39 17.49 -65.16
CA VAL AA 88 -11.77 16.33 -64.54
C VAL AA 88 -10.54 16.01 -65.37
N ALA AA 89 -9.49 15.63 -64.72
CA ALA AA 89 -8.31 15.27 -65.46
C ALA AA 89 -8.49 13.88 -66.09
N PRO AA 90 -7.79 13.60 -67.18
CA PRO AA 90 -7.79 12.23 -67.69
C PRO AA 90 -7.10 11.28 -66.75
N GLN AA 91 -7.38 9.98 -66.92
CA GLN AA 91 -7.13 8.96 -65.93
C GLN AA 91 -5.65 8.66 -65.71
N TRP AA 92 -4.77 9.13 -66.57
CA TRP AA 92 -3.35 8.85 -66.42
C TRP AA 92 -2.59 10.04 -65.87
N LEU AA 93 -3.30 11.08 -65.45
CA LEU AA 93 -2.66 12.31 -65.00
C LEU AA 93 -2.42 12.36 -63.51
N THR AA 94 -2.24 11.22 -62.87
CA THR AA 94 -1.78 11.22 -61.49
C THR AA 94 -0.32 10.81 -61.45
N THR AA 95 0.36 11.24 -60.39
CA THR AA 95 1.77 10.95 -60.25
C THR AA 95 2.01 9.48 -59.94
N LYS AA 96 1.02 8.80 -59.37
CA LYS AA 96 1.16 7.38 -59.08
C LYS AA 96 1.00 6.53 -60.33
N GLU AA 97 0.65 7.12 -61.46
CA GLU AA 97 0.53 6.39 -62.69
C GLU AA 97 1.73 6.55 -63.60
N LEU AA 98 2.38 7.70 -63.59
CA LEU AA 98 3.44 7.95 -64.56
C LEU AA 98 4.72 7.21 -64.22
N ASP AA 99 4.90 6.88 -62.95
CA ASP AA 99 6.06 6.16 -62.47
C ASP AA 99 6.21 4.79 -63.11
N ARG AA 100 5.08 4.09 -63.31
CA ARG AA 100 5.14 2.79 -63.95
C ARG AA 100 5.50 2.89 -65.41
N LYS AA 101 5.36 4.07 -66.02
CA LYS AA 101 5.88 4.25 -67.36
C LYS AA 101 7.38 4.37 -67.37
N ILE AA 102 7.97 4.96 -66.34
CA ILE AA 102 9.41 5.18 -66.39
C ILE AA 102 10.18 3.90 -66.10
N GLN AA 103 9.53 2.86 -65.59
CA GLN AA 103 10.26 1.63 -65.37
C GLN AA 103 10.27 0.74 -66.59
N TYR AA 104 9.23 0.78 -67.42
CA TYR AA 104 9.19 -0.09 -68.59
C TYR AA 104 10.16 0.37 -69.65
N GLU AA 105 10.57 1.64 -69.59
CA GLU AA 105 11.53 2.16 -70.52
C GLU AA 105 12.96 2.05 -70.01
N LYS AA 106 13.18 2.19 -68.71
CA LYS AA 106 14.53 2.15 -68.18
C LYS AA 106 15.10 0.74 -68.23
N THR AA 107 14.24 -0.26 -68.29
CA THR AA 107 14.64 -1.63 -68.57
C THR AA 107 14.66 -1.96 -70.06
N HIS AA 108 14.19 -1.05 -70.91
CA HIS AA 108 14.07 -1.30 -72.34
C HIS AA 108 14.69 -0.14 -73.11
N PRO AA 109 15.99 -0.20 -73.39
CA PRO AA 109 16.64 0.86 -74.17
C PRO AA 109 16.39 0.78 -75.66
N ASP AA 110 15.54 -0.14 -76.12
CA ASP AA 110 15.30 -0.33 -77.53
C ASP AA 110 14.37 0.70 -78.12
N ARG AA 111 13.34 1.11 -77.38
CA ARG AA 111 12.25 1.91 -77.91
C ARG AA 111 11.50 2.51 -76.75
N PHE AA 112 10.47 3.28 -77.06
CA PHE AA 112 9.61 3.75 -75.99
C PHE AA 112 8.37 2.86 -75.87
N SER AA 113 7.94 2.65 -74.62
CA SER AA 113 6.91 1.65 -74.35
C SER AA 113 5.48 2.15 -74.53
N GLU AA 114 4.99 3.06 -73.68
CA GLU AA 114 3.55 3.30 -73.63
C GLU AA 114 3.23 4.78 -73.63
N LEU AA 115 2.43 5.18 -74.60
CA LEU AA 115 2.39 6.57 -74.99
C LEU AA 115 0.97 7.11 -75.02
N PRO AA 116 0.69 8.23 -74.35
CA PRO AA 116 -0.63 8.85 -74.46
C PRO AA 116 -0.88 9.59 -75.77
N TRP AA 117 0.14 9.73 -76.62
CA TRP AA 117 0.14 10.15 -78.02
C TRP AA 117 -0.10 11.64 -78.24
N ASN AA 118 -0.56 12.37 -77.23
CA ASN AA 118 -0.65 13.80 -77.43
C ASN AA 118 -0.32 14.55 -76.15
N TRP AA 119 0.51 13.92 -75.32
CA TRP AA 119 0.67 14.30 -73.92
C TRP AA 119 1.31 15.66 -73.74
N LEU AA 120 2.26 16.04 -74.57
CA LEU AA 120 2.99 17.26 -74.32
C LEU AA 120 2.18 18.49 -74.58
N VAL AA 121 1.41 18.51 -75.67
CA VAL AA 121 0.56 19.64 -75.90
C VAL AA 121 -0.65 19.62 -75.01
N LEU AA 122 -0.98 18.48 -74.42
CA LEU AA 122 -2.13 18.41 -73.55
C LEU AA 122 -1.88 19.03 -72.20
N ALA AA 123 -0.64 18.98 -71.72
CA ALA AA 123 -0.36 19.55 -70.41
C ALA AA 123 -0.31 21.06 -70.44
N ARG AA 124 0.23 21.62 -71.53
CA ARG AA 124 0.44 23.07 -71.60
C ARG AA 124 -0.88 23.81 -71.68
N ILE AA 125 -1.90 23.23 -72.32
CA ILE AA 125 -3.22 23.82 -72.22
C ILE AA 125 -3.76 23.64 -70.82
N LEU AA 126 -3.40 22.55 -70.18
CA LEU AA 126 -3.96 22.22 -68.89
C LEU AA 126 -3.33 22.96 -67.74
N PHE AA 127 -2.43 23.90 -68.00
CA PHE AA 127 -1.78 24.62 -66.92
C PHE AA 127 -2.14 26.10 -66.90
N ASN AA 128 -3.32 26.44 -67.37
CA ASN AA 128 -3.84 27.80 -67.37
C ASN AA 128 -5.27 27.69 -66.90
N LYS AA 129 -5.48 28.00 -65.61
CA LYS AA 129 -6.74 27.84 -64.85
C LYS AA 129 -7.37 26.46 -65.07
N ALA AA 130 -6.52 25.46 -65.23
CA ALA AA 130 -6.94 24.07 -65.30
C ALA AA 130 -6.03 23.23 -64.43
N LYS AA 131 -5.25 23.91 -63.60
CA LYS AA 131 -4.27 23.38 -62.69
C LYS AA 131 -4.63 23.68 -61.24
N ASP AA 132 -5.20 24.85 -60.99
CA ASP AA 132 -5.69 25.29 -59.69
C ASP AA 132 -7.00 24.62 -59.28
N ASP AA 133 -7.43 23.58 -59.99
CA ASP AA 133 -8.59 22.77 -59.69
C ASP AA 133 -8.24 21.42 -59.09
N PHE AA 134 -7.12 20.84 -59.50
CA PHE AA 134 -6.78 19.48 -59.17
C PHE AA 134 -6.11 19.41 -57.80
N HIS AA 135 -6.07 18.20 -57.23
CA HIS AA 135 -5.63 18.00 -55.85
C HIS AA 135 -4.13 17.72 -55.81
N ASP AA 136 -3.40 18.73 -55.30
CA ASP AA 136 -1.95 18.88 -55.19
C ASP AA 136 -1.14 18.43 -56.40
N PRO AA 137 -1.18 19.16 -57.52
CA PRO AA 137 -0.26 18.83 -58.63
C PRO AA 137 0.96 19.73 -58.75
N ILE AA 138 1.02 20.87 -58.06
CA ILE AA 138 2.16 21.74 -58.20
C ILE AA 138 3.35 21.12 -57.48
N HIS AA 139 4.55 21.48 -57.92
CA HIS AA 139 5.85 20.98 -57.47
C HIS AA 139 5.94 19.45 -57.53
N GLU AA 140 5.06 18.83 -58.29
CA GLU AA 140 5.07 17.39 -58.47
C GLU AA 140 4.87 17.05 -59.93
N LEU AA 141 3.97 17.76 -60.59
CA LEU AA 141 3.60 17.33 -61.93
C LEU AA 141 4.59 17.81 -62.96
N ARG AA 142 4.99 19.08 -62.88
CA ARG AA 142 6.06 19.56 -63.73
C ARG AA 142 7.37 18.87 -63.42
N GLY AA 143 7.54 18.38 -62.21
CA GLY AA 143 8.59 17.44 -61.93
C GLY AA 143 8.40 16.18 -62.74
N LYS AA 144 7.19 15.65 -62.75
CA LYS AA 144 6.97 14.35 -63.35
C LYS AA 144 6.68 14.41 -64.84
N ILE AA 145 6.96 15.52 -65.50
CA ILE AA 145 6.73 15.56 -66.94
C ILE AA 145 8.01 15.91 -67.68
N GLN AA 146 8.71 16.94 -67.21
CA GLN AA 146 9.84 17.45 -67.94
C GLN AA 146 11.00 16.47 -67.93
N ASP AA 147 11.04 15.60 -66.91
CA ASP AA 147 11.92 14.45 -66.96
C ASP AA 147 11.56 13.52 -68.11
N LEU AA 148 10.28 13.34 -68.37
CA LEU AA 148 9.90 12.37 -69.36
C LEU AA 148 10.05 12.91 -70.76
N ARG AA 149 10.16 14.23 -70.92
CA ARG AA 149 10.40 14.78 -72.24
C ARG AA 149 11.80 14.41 -72.73
N GLU AA 150 12.81 14.58 -71.88
CA GLU AA 150 14.17 14.37 -72.35
C GLU AA 150 14.49 12.90 -72.50
N ILE AA 151 13.90 12.05 -71.64
CA ILE AA 151 14.11 10.61 -71.70
C ILE AA 151 13.63 10.08 -73.03
N ARG AA 152 12.55 10.67 -73.55
CA ARG AA 152 12.21 10.46 -74.94
C ARG AA 152 13.30 10.99 -75.87
N GLN AA 153 13.81 12.19 -75.63
CA GLN AA 153 14.72 12.70 -76.65
C GLN AA 153 16.14 12.19 -76.45
N ILE AA 154 16.45 11.61 -75.30
CA ILE AA 154 17.71 10.88 -75.22
C ILE AA 154 17.61 9.63 -76.06
N LYS AA 155 16.43 9.00 -76.06
CA LYS AA 155 16.21 7.83 -76.87
C LYS AA 155 16.26 8.16 -78.36
N VAL AA 156 15.85 9.37 -78.72
CA VAL AA 156 15.82 9.70 -80.14
C VAL AA 156 17.22 9.96 -80.67
N LEU AA 157 18.18 10.29 -79.81
CA LEU AA 157 19.52 10.57 -80.32
C LEU AA 157 20.27 9.30 -80.68
N LYS AA 158 20.05 8.22 -79.95
CA LYS AA 158 20.64 6.96 -80.34
C LYS AA 158 20.00 6.38 -81.58
N GLY AA 159 18.73 6.71 -81.85
CA GLY AA 159 18.04 6.09 -82.96
C GLY AA 159 18.51 6.57 -84.32
N LEU AA 160 18.69 7.87 -84.48
CA LEU AA 160 19.09 8.43 -85.75
C LEU AA 160 20.52 8.13 -86.14
N LYS AA 161 21.38 7.79 -85.17
CA LYS AA 161 22.73 7.35 -85.52
C LYS AA 161 22.69 6.01 -86.22
N TYR AA 162 21.64 5.23 -85.99
CA TYR AA 162 21.48 3.91 -86.56
C TYR AA 162 20.73 3.97 -87.88
N LEU AA 163 20.84 5.08 -88.61
CA LEU AA 163 20.02 5.28 -89.79
C LEU AA 163 20.50 4.41 -90.96
N ASN AA 164 19.61 3.55 -91.44
CA ASN AA 164 19.85 2.73 -92.62
C ASN AA 164 19.43 3.49 -93.86
N GLU AA 165 19.23 2.79 -94.96
CA GLU AA 165 18.68 3.43 -96.15
C GLU AA 165 17.20 3.10 -96.25
N SER AA 166 16.38 4.15 -96.25
CA SER AA 166 14.98 4.12 -96.70
C SER AA 166 14.11 3.17 -95.89
N HIS AA 167 14.42 3.01 -94.61
CA HIS AA 167 13.61 2.15 -93.76
C HIS AA 167 13.87 2.51 -92.31
N LEU AA 168 12.85 2.96 -91.61
CA LEU AA 168 13.01 3.37 -90.21
C LEU AA 168 11.99 2.69 -89.32
N GLN AA 169 12.20 2.82 -88.01
CA GLN AA 169 11.33 2.20 -87.01
C GLN AA 169 11.05 3.23 -85.92
N LEU AA 170 10.03 4.04 -86.14
CA LEU AA 170 9.54 4.92 -85.08
C LEU AA 170 8.17 4.40 -84.69
N ASP AA 171 8.04 3.90 -83.48
CA ASP AA 171 6.79 3.28 -83.07
C ASP AA 171 5.93 4.20 -82.21
N ASN AA 172 6.53 4.88 -81.25
CA ASN AA 172 5.78 5.67 -80.30
C ASN AA 172 6.46 7.02 -80.20
N LEU AA 173 5.97 7.97 -80.98
CA LEU AA 173 6.46 9.33 -80.94
C LEU AA 173 5.29 10.27 -80.75
N SER AA 174 5.48 11.32 -79.98
CA SER AA 174 4.50 12.38 -79.87
C SER AA 174 4.38 13.13 -81.18
N LEU AA 175 3.32 13.90 -81.31
CA LEU AA 175 3.18 14.69 -82.52
C LEU AA 175 4.19 15.84 -82.56
N LEU AA 176 4.71 16.23 -81.40
CA LEU AA 176 5.54 17.43 -81.37
C LEU AA 176 6.93 17.14 -81.93
N GLU AA 177 7.54 16.03 -81.51
CA GLU AA 177 8.85 15.65 -82.04
C GLU AA 177 8.78 15.34 -83.52
N ILE AA 178 7.64 14.80 -83.96
CA ILE AA 178 7.39 14.64 -85.38
C ILE AA 178 7.37 16.00 -86.07
N ASN AA 179 6.90 17.04 -85.38
CA ASN AA 179 7.06 18.34 -86.00
C ASN AA 179 8.45 18.92 -85.78
N GLU AA 180 9.32 18.20 -85.08
CA GLU AA 180 10.64 18.77 -84.83
C GLU AA 180 11.76 17.94 -85.41
N LEU AA 181 11.53 16.68 -85.69
CA LEU AA 181 12.53 15.88 -86.37
C LEU AA 181 12.44 16.12 -87.87
N ARG AA 182 11.25 16.53 -88.28
CA ARG AA 182 10.81 16.61 -89.67
C ARG AA 182 11.74 17.41 -90.58
N PRO AA 183 11.97 18.71 -90.38
CA PRO AA 183 12.52 19.51 -91.48
C PRO AA 183 13.98 19.30 -91.72
N PHE AA 184 14.65 18.40 -90.99
CA PHE AA 184 16.01 18.06 -91.35
C PHE AA 184 16.17 16.62 -91.76
N ILE AA 185 15.36 15.70 -91.22
CA ILE AA 185 15.51 14.27 -91.49
C ILE AA 185 15.20 13.93 -92.93
N THR AA 186 14.47 14.78 -93.63
CA THR AA 186 14.24 14.57 -95.03
C THR AA 186 15.48 14.76 -95.85
N GLU AA 187 16.01 15.98 -95.85
CA GLU AA 187 17.00 16.34 -96.85
C GLU AA 187 18.37 15.74 -96.60
N ILE AA 188 18.63 15.17 -95.42
CA ILE AA 188 19.85 14.38 -95.34
C ILE AA 188 19.70 13.05 -96.05
N MET AA 189 18.64 12.32 -95.78
CA MET AA 189 18.47 11.04 -96.44
C MET AA 189 18.08 11.21 -97.89
N ASP AA 190 17.44 12.32 -98.24
CA ASP AA 190 17.20 12.63 -99.63
C ASP AA 190 18.48 12.93 -100.38
N LYS AA 191 19.37 13.71 -99.80
CA LYS AA 191 20.62 14.01 -100.49
C LYS AA 191 21.51 12.79 -100.56
N LEU AA 192 21.40 11.90 -99.58
CA LEU AA 192 22.16 10.69 -99.75
C LEU AA 192 21.40 9.68 -100.60
N ARG AA 193 20.11 9.92 -100.87
CA ARG AA 193 19.43 9.05 -101.80
C ARG AA 193 19.94 9.25 -103.22
N GLU AA 194 20.43 10.46 -103.52
CA GLU AA 194 20.97 10.71 -104.84
C GLU AA 194 22.22 9.89 -105.07
N ILE AA 195 23.21 10.03 -104.20
CA ILE AA 195 24.50 9.36 -104.36
C ILE AA 195 24.40 7.85 -104.27
N HIS AA 196 23.38 7.34 -103.61
CA HIS AA 196 23.18 5.90 -103.72
C HIS AA 196 22.61 5.53 -105.08
N THR AA 197 21.62 6.28 -105.56
CA THR AA 197 20.93 5.88 -106.77
C THR AA 197 21.65 6.32 -108.02
N ALA AA 198 22.25 7.50 -108.01
CA ALA AA 198 22.93 7.95 -109.21
C ALA AA 198 24.28 7.31 -109.39
N SER AA 199 24.69 6.42 -108.49
CA SER AA 199 25.88 5.63 -108.66
C SER AA 199 25.67 4.49 -109.65
N LEU AA 200 24.42 4.07 -109.86
CA LEU AA 200 24.13 3.01 -110.81
C LEU AA 200 23.13 3.48 -111.86
N TYR BA 3 13.07 23.93 -111.06
CA TYR BA 3 13.81 25.02 -110.42
C TYR BA 3 14.94 25.48 -111.33
N TYR BA 4 15.20 26.76 -111.27
CA TYR BA 4 16.31 27.37 -111.98
C TYR BA 4 17.61 27.30 -111.20
N ASP BA 5 17.59 26.68 -110.02
CA ASP BA 5 18.76 26.04 -109.42
C ASP BA 5 19.88 27.01 -109.04
N ILE BA 6 19.58 28.02 -108.23
CA ILE BA 6 20.51 29.11 -107.98
C ILE BA 6 21.64 28.65 -107.07
N ASP BA 7 21.48 27.48 -106.47
CA ASP BA 7 22.52 26.88 -105.67
C ASP BA 7 23.66 26.34 -106.50
N ASP BA 8 23.39 25.69 -107.63
CA ASP BA 8 24.45 24.98 -108.30
C ASP BA 8 24.75 25.47 -109.69
N VAL BA 9 23.99 26.44 -110.20
CA VAL BA 9 24.34 27.02 -111.49
C VAL BA 9 25.65 27.77 -111.39
N LEU BA 10 25.97 28.29 -110.21
CA LEU BA 10 27.31 28.76 -109.92
C LEU BA 10 28.27 27.63 -109.61
N ALA BA 11 27.76 26.49 -109.11
CA ALA BA 11 28.68 25.40 -108.79
C ALA BA 11 29.24 24.76 -110.04
N ASP BA 12 28.51 24.83 -111.14
CA ASP BA 12 29.11 24.47 -112.40
C ASP BA 12 29.89 25.61 -113.01
N GLY BA 13 29.86 26.79 -112.39
CA GLY BA 13 30.71 27.87 -112.83
C GLY BA 13 32.17 27.73 -112.43
N THR BA 14 32.48 26.75 -111.59
CA THR BA 14 33.85 26.56 -111.14
C THR BA 14 34.70 25.97 -112.26
N GLU BA 15 36.02 26.00 -112.03
CA GLU BA 15 36.96 25.54 -113.03
C GLU BA 15 37.31 24.09 -112.83
N PHE BA 16 38.07 23.55 -113.77
CA PHE BA 16 38.34 22.13 -113.85
C PHE BA 16 39.44 21.89 -114.87
N PRO BA 17 40.56 21.31 -114.49
CA PRO BA 17 41.68 21.18 -115.42
C PRO BA 17 41.64 19.88 -116.23
N CYS BA 18 41.60 20.03 -117.55
CA CYS BA 18 41.66 18.90 -118.48
C CYS BA 18 42.33 19.37 -119.77
N LYS BA 19 42.51 18.44 -120.71
CA LYS BA 19 43.21 18.75 -121.95
C LYS BA 19 42.52 18.09 -123.14
N PHE BA 20 43.21 18.08 -124.28
CA PHE BA 20 42.64 17.66 -125.55
C PHE BA 20 43.11 16.28 -126.03
N GLN BA 21 42.45 15.80 -127.09
CA GLN BA 21 42.82 14.62 -127.85
C GLN BA 21 43.06 14.93 -129.32
N TYR BA 22 42.45 16.00 -129.84
CA TYR BA 22 42.65 16.48 -131.21
C TYR BA 22 43.22 17.90 -131.19
N ASP BA 23 43.51 18.43 -132.37
CA ASP BA 23 44.03 19.79 -132.55
C ASP BA 23 42.99 20.55 -133.34
N ILE BA 24 42.39 21.55 -132.73
CA ILE BA 24 41.23 22.24 -133.30
C ILE BA 24 41.58 23.71 -133.47
N PRO BA 25 41.28 24.33 -134.62
CA PRO BA 25 41.45 25.78 -134.76
C PRO BA 25 40.40 26.63 -134.06
N GLY BA 26 39.51 26.06 -133.25
CA GLY BA 26 38.52 26.87 -132.56
C GLY BA 26 38.97 27.36 -131.21
N LEU BA 27 39.50 28.57 -131.16
CA LEU BA 27 40.05 29.14 -129.94
C LEU BA 27 39.20 30.33 -129.54
N GLY BA 28 39.03 30.53 -128.24
CA GLY BA 28 38.41 31.74 -127.74
C GLY BA 28 39.08 32.23 -126.48
N TYR BA 29 40.36 31.93 -126.34
CA TYR BA 29 41.09 32.14 -125.11
C TYR BA 29 42.38 32.91 -125.34
N ASN BA 33 45.33 34.27 -127.19
CA ASN BA 33 44.14 34.69 -127.92
C ASN BA 33 44.30 34.69 -129.48
N PRO BA 34 45.48 34.99 -130.03
CA PRO BA 34 45.76 34.52 -131.39
C PRO BA 34 46.32 33.11 -131.37
N GLY BA 35 46.77 32.68 -132.54
CA GLY BA 35 47.20 31.31 -132.71
C GLY BA 35 46.01 30.39 -132.60
N ARG BA 36 45.09 30.52 -133.58
CA ARG BA 36 43.78 29.87 -133.48
C ARG BA 36 43.85 28.34 -133.44
N PRO BA 37 44.74 27.64 -134.15
CA PRO BA 37 44.95 26.23 -133.83
C PRO BA 37 45.52 26.03 -132.44
N ILE BA 38 44.79 25.29 -131.62
CA ILE BA 38 45.24 24.90 -130.29
C ILE BA 38 45.82 23.51 -130.41
N THR BA 39 47.05 23.35 -129.94
CA THR BA 39 47.73 22.07 -130.05
C THR BA 39 47.14 21.06 -129.07
N LYS BA 40 47.23 19.79 -129.43
CA LYS BA 40 46.59 18.77 -128.62
C LYS BA 40 47.39 18.49 -127.35
N ASN BA 41 46.69 17.84 -126.41
CA ASN BA 41 47.21 17.45 -125.10
C ASN BA 41 47.70 18.66 -124.30
N THR BA 42 47.03 19.80 -124.52
CA THR BA 42 47.37 21.04 -123.87
C THR BA 42 46.39 21.29 -122.74
N LYS BA 43 46.90 21.38 -121.53
CA LYS BA 43 46.06 21.44 -120.33
C LYS BA 43 45.34 22.77 -120.26
N LEU BA 44 44.01 22.71 -120.16
CA LEU BA 44 43.19 23.91 -120.14
C LEU BA 44 42.24 23.87 -118.96
N SER BA 45 42.08 25.03 -118.33
CA SER BA 45 41.09 25.20 -117.28
C SER BA 45 39.72 25.22 -117.92
N LEU BA 46 38.84 24.28 -117.53
CA LEU BA 46 37.55 24.24 -118.18
C LEU BA 46 36.44 24.52 -117.18
N PRO BA 47 35.48 25.36 -117.55
CA PRO BA 47 34.24 25.43 -116.80
C PRO BA 47 33.42 24.17 -116.98
N LEU BA 48 32.70 23.81 -115.93
CA LEU BA 48 32.10 22.49 -115.81
C LEU BA 48 30.98 22.24 -116.80
N TRP BA 49 30.30 23.29 -117.26
CA TRP BA 49 29.10 23.10 -118.05
C TRP BA 49 29.40 22.57 -119.43
N LEU BA 50 30.25 23.25 -120.21
CA LEU BA 50 30.62 22.74 -121.51
C LEU BA 50 31.47 21.49 -121.42
N ALA BA 51 32.33 21.41 -120.40
CA ALA BA 51 33.19 20.27 -120.25
C ALA BA 51 32.44 19.02 -119.86
N ARG BA 52 31.24 19.16 -119.31
CA ARG BA 52 30.45 17.99 -118.99
C ARG BA 52 29.96 17.30 -120.26
N ILE BA 53 29.50 18.06 -121.24
CA ILE BA 53 29.00 17.42 -122.44
C ILE BA 53 30.05 17.27 -123.51
N LEU BA 54 31.17 17.99 -123.43
CA LEU BA 54 32.22 17.82 -124.41
C LEU BA 54 32.98 16.53 -124.25
N ALA BA 55 32.92 15.93 -123.07
CA ALA BA 55 33.48 14.60 -122.88
C ALA BA 55 32.52 13.51 -123.32
N ILE BA 56 31.38 13.89 -123.89
CA ILE BA 56 30.40 12.93 -124.37
C ILE BA 56 30.36 12.91 -125.89
N VAL BA 57 30.31 14.06 -126.52
CA VAL BA 57 30.09 14.15 -127.95
C VAL BA 57 31.41 13.88 -128.68
N GLY BA 58 31.39 12.97 -129.65
CA GLY BA 58 32.52 12.74 -130.51
C GLY BA 58 32.43 13.53 -131.80
N PRO BA 68 32.06 8.85 -130.93
CA PRO BA 68 32.93 7.78 -130.42
C PRO BA 68 34.01 8.34 -129.50
N VAL BA 69 35.17 8.66 -130.08
CA VAL BA 69 36.22 9.31 -129.33
C VAL BA 69 35.82 10.76 -129.11
N PRO BA 70 35.70 11.21 -127.87
CA PRO BA 70 35.36 12.61 -127.62
C PRO BA 70 36.57 13.50 -127.84
N PHE BA 71 36.37 14.79 -127.56
CA PHE BA 71 37.39 15.76 -127.89
C PHE BA 71 38.29 16.10 -126.71
N VAL BA 72 37.74 16.23 -125.52
CA VAL BA 72 38.52 16.64 -124.36
C VAL BA 72 39.05 15.38 -123.68
N GLU BA 73 40.32 15.43 -123.32
CA GLU BA 73 40.90 14.38 -122.50
C GLU BA 73 40.49 14.70 -121.08
N LEU BA 74 39.51 13.94 -120.58
CA LEU BA 74 39.12 14.08 -119.19
C LEU BA 74 40.19 13.48 -118.29
N LEU BA 75 41.03 14.33 -117.76
CA LEU BA 75 41.91 13.80 -116.74
C LEU BA 75 41.24 13.96 -115.38
N PRO BA 76 41.38 12.98 -114.49
CA PRO BA 76 40.86 13.13 -113.14
C PRO BA 76 41.75 14.06 -112.33
N PRO BA 77 41.17 15.01 -111.61
CA PRO BA 77 41.96 15.72 -110.61
C PRO BA 77 42.09 14.88 -109.36
N ASP BA 78 43.00 13.90 -109.41
CA ASP BA 78 43.04 12.82 -108.40
C ASP BA 78 43.50 13.31 -107.03
N MET BA 79 43.98 14.55 -106.93
CA MET BA 79 44.15 15.16 -105.63
C MET BA 79 42.80 15.45 -104.97
N PHE BA 80 41.75 15.65 -105.77
CA PHE BA 80 40.41 15.56 -105.22
C PHE BA 80 39.90 14.14 -105.15
N SER BA 81 40.76 13.16 -105.41
CA SER BA 81 40.44 11.77 -105.10
C SER BA 81 41.35 11.19 -104.03
N THR BA 82 42.68 11.15 -104.21
CA THR BA 82 43.48 10.37 -103.27
C THR BA 82 43.95 11.14 -102.04
N LYS BA 83 44.22 12.43 -102.13
CA LYS BA 83 44.72 13.14 -100.97
C LYS BA 83 43.62 13.75 -100.14
N VAL BA 84 42.40 13.30 -100.36
CA VAL BA 84 41.31 13.63 -99.47
C VAL BA 84 40.49 12.42 -99.09
N MET BA 85 40.58 11.31 -99.84
CA MET BA 85 39.90 10.10 -99.40
C MET BA 85 40.49 9.57 -98.12
N ASN BA 86 41.79 9.66 -97.97
CA ASN BA 86 42.46 9.35 -96.74
C ASN BA 86 42.03 10.23 -95.59
N ALA BA 87 41.97 11.55 -95.79
CA ALA BA 87 41.65 12.47 -94.72
C ALA BA 87 40.20 12.34 -94.28
N ILE BA 88 39.31 11.88 -95.15
CA ILE BA 88 37.94 11.63 -94.72
C ILE BA 88 37.74 10.21 -94.25
N LYS BA 89 38.67 9.31 -94.52
CA LYS BA 89 38.58 7.98 -93.94
C LYS BA 89 39.18 7.92 -92.56
N THR BA 90 39.64 9.04 -92.02
CA THR BA 90 40.04 9.00 -90.62
C THR BA 90 39.05 9.65 -89.67
N ASP BA 91 38.82 10.95 -89.73
CA ASP BA 91 38.08 11.61 -88.66
C ASP BA 91 37.13 12.65 -89.24
N PRO BA 92 35.88 12.35 -89.37
CA PRO BA 92 34.96 13.22 -90.11
C PRO BA 92 34.34 14.29 -89.24
N VAL BA 93 35.16 14.87 -88.37
CA VAL BA 93 34.60 15.73 -87.34
C VAL BA 93 34.95 17.16 -87.68
N ALA BA 94 36.23 17.44 -87.75
CA ALA BA 94 36.73 18.77 -88.13
C ALA BA 94 37.66 18.53 -89.30
N LEU BA 95 37.18 18.76 -90.50
CA LEU BA 95 38.00 18.57 -91.68
C LEU BA 95 37.97 19.82 -92.54
N ASP BA 96 38.99 19.96 -93.37
CA ASP BA 96 38.92 20.95 -94.44
C ASP BA 96 38.05 20.36 -95.54
N LEU BA 97 36.73 20.46 -95.40
CA LEU BA 97 35.84 20.06 -96.47
C LEU BA 97 35.59 21.18 -97.45
N HIS BA 98 36.13 22.35 -97.18
CA HIS BA 98 35.61 23.55 -97.79
C HIS BA 98 36.62 24.35 -98.60
N SER BA 99 37.83 24.54 -98.09
CA SER BA 99 38.76 25.39 -98.83
C SER BA 99 39.38 24.65 -99.99
N ILE BA 100 39.24 23.32 -100.01
CA ILE BA 100 39.57 22.57 -101.21
C ILE BA 100 38.50 22.70 -102.28
N ASN BA 101 37.23 22.78 -101.91
CA ASN BA 101 36.15 22.86 -102.88
C ASN BA 101 35.00 23.58 -102.21
N SER BA 102 34.55 24.68 -102.81
CA SER BA 102 33.55 25.51 -102.17
C SER BA 102 32.19 24.84 -102.09
N HIS BA 103 31.98 23.79 -102.85
CA HIS BA 103 30.96 22.82 -102.52
C HIS BA 103 31.63 21.48 -102.60
N PHE BA 104 31.10 20.55 -101.81
CA PHE BA 104 31.54 19.17 -101.82
C PHE BA 104 30.38 18.25 -102.28
N PHE BA 105 29.19 18.81 -102.46
CA PHE BA 105 28.02 17.95 -102.79
C PHE BA 105 27.56 17.73 -104.23
N SER BA 106 27.32 18.78 -105.02
CA SER BA 106 26.89 18.57 -106.38
C SER BA 106 28.08 18.34 -107.29
N LEU BA 107 29.25 18.84 -106.89
CA LEU BA 107 30.46 18.49 -107.60
C LEU BA 107 30.76 17.01 -107.43
N ALA BA 108 30.41 16.44 -106.28
CA ALA BA 108 30.52 14.99 -106.18
C ALA BA 108 29.43 14.28 -106.96
N ILE BA 109 28.26 14.91 -107.10
CA ILE BA 109 27.18 14.28 -107.85
C ILE BA 109 27.52 14.21 -109.33
N LYS BA 110 27.90 15.35 -109.91
CA LYS BA 110 28.11 15.36 -111.35
C LYS BA 110 29.44 14.74 -111.72
N TRP BA 111 30.32 14.54 -110.74
CA TRP BA 111 31.47 13.70 -111.00
C TRP BA 111 31.08 12.27 -111.26
N ILE BA 112 30.23 11.71 -110.40
CA ILE BA 112 29.98 10.27 -110.46
C ILE BA 112 29.08 9.88 -111.61
N MET BA 113 28.43 10.84 -112.26
CA MET BA 113 27.55 10.50 -113.35
C MET BA 113 28.32 10.07 -114.59
N LEU BA 114 29.38 10.78 -114.94
CA LEU BA 114 30.24 10.32 -116.02
C LEU BA 114 31.12 9.16 -115.62
N PHE BA 115 31.43 9.06 -114.33
CA PHE BA 115 32.48 8.16 -113.90
C PHE BA 115 31.93 6.78 -113.58
N SER BA 116 30.82 6.74 -112.86
CA SER BA 116 30.10 5.53 -112.42
C SER BA 116 31.00 4.53 -111.73
N GLU BA 117 31.69 4.94 -110.66
CA GLU BA 117 32.52 4.02 -109.91
C GLU BA 117 32.08 4.02 -108.45
N LYS BA 118 31.73 2.85 -107.96
CA LYS BA 118 31.18 2.68 -106.64
C LYS BA 118 32.22 2.76 -105.53
N GLU BA 119 33.49 3.00 -105.87
CA GLU BA 119 34.53 3.05 -104.84
C GLU BA 119 34.35 4.25 -103.94
N LEU BA 120 34.44 5.45 -104.51
CA LEU BA 120 34.21 6.64 -103.69
C LEU BA 120 32.74 6.88 -103.44
N ALA BA 121 31.87 6.24 -104.19
CA ALA BA 121 30.44 6.36 -103.95
C ALA BA 121 30.03 5.68 -102.66
N ASN BA 122 30.84 4.77 -102.15
CA ASN BA 122 30.59 4.30 -100.80
C ASN BA 122 31.10 5.28 -99.77
N VAL BA 123 32.24 5.91 -100.01
CA VAL BA 123 32.95 6.52 -98.91
C VAL BA 123 32.42 7.90 -98.54
N VAL BA 124 31.68 8.58 -99.42
CA VAL BA 124 31.07 9.80 -98.95
C VAL BA 124 29.72 9.51 -98.32
N SER BA 125 29.18 8.31 -98.56
CA SER BA 125 27.97 7.91 -97.88
C SER BA 125 28.24 7.62 -96.43
N GLU BA 126 29.47 7.26 -96.08
CA GLU BA 126 29.81 7.22 -94.67
C GLU BA 126 29.93 8.62 -94.10
N LEU BA 127 30.36 9.57 -94.92
CA LEU BA 127 30.71 10.89 -94.42
C LEU BA 127 29.50 11.67 -93.92
N LEU BA 128 28.39 11.57 -94.64
CA LEU BA 128 27.32 12.54 -94.46
C LEU BA 128 26.57 12.30 -93.17
N LEU BA 129 26.29 11.04 -92.84
CA LEU BA 129 25.65 10.76 -91.56
C LEU BA 129 26.55 11.12 -90.40
N GLN BA 130 27.87 11.00 -90.57
CA GLN BA 130 28.78 11.40 -89.52
C GLN BA 130 28.78 12.90 -89.33
N ARG BA 131 28.72 13.64 -90.42
CA ARG BA 131 28.56 15.08 -90.31
C ARG BA 131 27.18 15.42 -89.77
N ALA BA 132 26.19 14.61 -90.12
CA ALA BA 132 24.86 14.84 -89.59
C ALA BA 132 24.77 14.49 -88.13
N GLN BA 133 25.58 13.52 -87.68
CA GLN BA 133 25.54 13.14 -86.28
C GLN BA 133 26.01 14.26 -85.38
N GLU BA 134 27.00 15.03 -85.84
CA GLU BA 134 27.35 16.27 -85.18
C GLU BA 134 26.18 17.24 -85.19
N LEU BA 135 25.57 17.42 -86.35
CA LEU BA 135 24.80 18.62 -86.63
C LEU BA 135 23.53 18.70 -85.83
N ASN BA 136 22.81 17.60 -85.68
CA ASN BA 136 21.58 17.63 -84.90
C ASN BA 136 21.88 17.92 -83.43
N HIS BA 137 22.81 17.19 -82.86
CA HIS BA 137 23.17 17.45 -81.47
C HIS BA 137 24.23 18.55 -81.35
N HIS BA 138 24.40 19.35 -82.39
CA HIS BA 138 25.04 20.65 -82.22
C HIS BA 138 24.04 21.77 -82.38
N ALA BA 139 22.76 21.45 -82.49
CA ALA BA 139 21.79 22.44 -82.91
C ALA BA 139 20.85 22.90 -81.83
N SER BA 140 20.97 22.41 -80.61
CA SER BA 140 20.03 22.85 -79.59
C SER BA 140 20.55 24.08 -78.85
N SER BA 141 19.63 25.00 -78.56
CA SER BA 141 19.96 26.23 -77.86
C SER BA 141 18.94 26.51 -76.77
N THR BA 162 38.80 32.55 -87.71
CA THR BA 162 37.95 33.70 -87.45
C THR BA 162 38.42 34.93 -88.21
N SER BA 163 39.34 34.74 -89.16
CA SER BA 163 39.78 35.81 -90.04
C SER BA 163 39.36 35.54 -91.48
N THR BA 164 39.81 34.42 -92.03
CA THR BA 164 39.42 34.04 -93.39
C THR BA 164 38.80 32.64 -93.51
N PHE BA 165 39.62 31.63 -93.28
CA PHE BA 165 39.26 30.20 -93.41
C PHE BA 165 38.22 29.48 -92.53
N LEU BA 166 38.21 29.74 -91.22
CA LEU BA 166 37.37 28.99 -90.27
C LEU BA 166 35.82 28.98 -90.34
N LEU BA 167 35.21 30.12 -90.60
CA LEU BA 167 33.75 30.21 -90.63
C LEU BA 167 33.14 29.29 -91.68
N LYS BA 168 33.82 29.04 -92.80
CA LYS BA 168 33.12 28.34 -93.87
C LYS BA 168 33.15 26.82 -93.68
N LEU BA 169 33.94 26.33 -92.74
CA LEU BA 169 33.64 25.04 -92.13
C LEU BA 169 32.28 25.07 -91.46
N GLU BA 170 32.02 26.12 -90.69
CA GLU BA 170 30.75 26.29 -90.01
C GLU BA 170 29.68 26.88 -90.94
N GLU BA 171 29.98 27.11 -92.23
CA GLU BA 171 29.03 27.79 -93.13
C GLU BA 171 28.50 26.90 -94.24
N MET BA 172 29.27 25.90 -94.70
CA MET BA 172 28.69 24.94 -95.65
C MET BA 172 27.61 24.11 -94.97
N GLU BA 173 27.79 23.84 -93.68
CA GLU BA 173 26.75 23.20 -92.91
C GLU BA 173 25.53 24.09 -92.67
N LYS BA 174 25.62 25.42 -92.89
CA LYS BA 174 24.62 26.37 -92.38
C LYS BA 174 23.24 26.15 -92.96
N GLU BA 175 23.10 26.27 -94.29
CA GLU BA 175 21.84 26.05 -95.00
C GLU BA 175 21.16 24.74 -94.64
N ILE BA 176 21.96 23.70 -94.41
CA ILE BA 176 21.44 22.37 -94.14
C ILE BA 176 20.73 22.35 -92.79
N TYR BA 177 21.14 23.23 -91.88
CA TYR BA 177 20.55 23.29 -90.55
C TYR BA 177 19.99 24.65 -90.20
N LYS BA 178 20.15 25.64 -91.09
CA LYS BA 178 19.51 26.93 -90.90
C LYS BA 178 18.00 26.80 -90.76
N LYS BA 179 17.40 25.89 -91.51
CA LYS BA 179 16.02 25.51 -91.27
C LYS BA 179 15.82 24.86 -89.93
N SER BA 180 16.71 23.94 -89.54
CA SER BA 180 16.43 23.03 -88.45
C SER BA 180 16.39 23.71 -87.09
N HIS BA 181 17.37 24.56 -86.79
CA HIS BA 181 17.36 25.16 -85.46
C HIS BA 181 16.35 26.30 -85.40
N GLU BA 182 15.99 26.84 -86.57
CA GLU BA 182 14.89 27.79 -86.60
C GLU BA 182 13.57 27.09 -86.32
N SER BA 183 13.49 25.79 -86.57
CA SER BA 183 12.34 25.07 -86.06
C SER BA 183 12.38 24.94 -84.56
N TYR BA 184 13.55 24.66 -83.97
CA TYR BA 184 13.61 24.48 -82.52
C TYR BA 184 13.42 25.80 -81.82
N LYS BA 185 13.79 26.89 -82.47
CA LYS BA 185 13.68 28.20 -81.84
C LYS BA 185 12.24 28.57 -81.57
N ASP BA 186 11.36 28.41 -82.55
CA ASP BA 186 9.98 28.77 -82.31
C ASP BA 186 9.29 27.76 -81.41
N THR BA 187 9.69 26.51 -81.48
CA THR BA 187 9.02 25.46 -80.75
C THR BA 187 9.22 25.58 -79.26
N LYS BA 188 10.31 26.19 -78.83
CA LYS BA 188 10.34 26.61 -77.45
C LYS BA 188 9.41 27.79 -77.22
N ARG BA 189 9.39 28.75 -78.14
CA ARG BA 189 8.72 30.01 -77.87
C ARG BA 189 7.22 29.88 -77.90
N TRP BA 190 6.71 28.78 -78.44
CA TRP BA 190 5.32 28.48 -78.13
C TRP BA 190 5.22 27.77 -76.79
N MET BA 191 6.15 26.85 -76.52
CA MET BA 191 6.02 25.97 -75.37
C MET BA 191 6.18 26.71 -74.04
N PHE BA 192 6.89 27.83 -74.01
CA PHE BA 192 6.90 28.61 -72.79
C PHE BA 192 5.81 29.65 -72.87
N LYS BA 193 5.81 30.63 -71.98
CA LYS BA 193 4.74 31.61 -71.93
C LYS BA 193 4.63 32.48 -73.17
N ILE CA 3 -20.80 -17.98 -74.95
CA ILE CA 3 -21.76 -17.67 -76.00
C ILE CA 3 -21.85 -16.16 -76.24
N ASN CA 4 -21.66 -15.75 -77.49
CA ASN CA 4 -21.81 -14.35 -77.86
C ASN CA 4 -23.23 -14.05 -78.33
N ILE CA 5 -23.82 -13.01 -77.76
CA ILE CA 5 -25.19 -12.62 -78.11
C ILE CA 5 -25.27 -11.15 -78.53
N ASP CA 6 -24.11 -10.55 -78.76
CA ASP CA 6 -24.03 -9.13 -79.13
C ASP CA 6 -24.87 -8.79 -80.36
N ASP CA 7 -24.90 -9.72 -81.31
CA ASP CA 7 -25.70 -9.53 -82.53
C ASP CA 7 -27.19 -9.60 -82.24
N ILE CA 8 -27.57 -10.42 -81.26
CA ILE CA 8 -28.97 -10.56 -80.90
C ILE CA 8 -29.43 -9.34 -80.11
N LEU CA 9 -28.54 -8.84 -79.24
CA LEU CA 9 -28.80 -7.64 -78.45
C LEU CA 9 -28.96 -6.41 -79.33
N ALA CA 10 -28.15 -6.33 -80.39
CA ALA CA 10 -28.21 -5.22 -81.34
C ALA CA 10 -29.56 -5.14 -82.04
N GLU CA 11 -30.11 -6.30 -82.38
CA GLU CA 11 -31.43 -6.37 -83.02
C GLU CA 11 -32.53 -5.85 -82.10
N LEU CA 12 -32.38 -6.09 -80.80
CA LEU CA 12 -33.37 -5.67 -79.81
C LEU CA 12 -33.33 -4.16 -79.60
N ASP CA 13 -32.15 -3.58 -79.77
CA ASP CA 13 -31.98 -2.14 -79.59
C ASP CA 13 -32.61 -1.34 -80.72
N LYS CA 14 -32.53 -1.88 -81.93
CA LYS CA 14 -33.02 -1.19 -83.12
C LYS CA 14 -34.54 -1.10 -83.15
N GLU CA 15 -35.19 -2.04 -82.48
CA GLU CA 15 -36.64 -2.09 -82.43
C GLU CA 15 -37.27 -0.81 -81.89
N VAL CA 54 -22.56 11.97 -94.99
CA VAL CA 54 -23.84 12.61 -94.84
C VAL CA 54 -23.93 13.42 -93.53
N SER CA 55 -23.45 12.85 -92.43
CA SER CA 55 -23.47 13.53 -91.15
C SER CA 55 -22.31 14.51 -91.11
N PRO CA 56 -22.52 15.71 -90.54
CA PRO CA 56 -21.49 16.78 -90.64
C PRO CA 56 -20.18 16.47 -89.96
N GLN CA 57 -20.18 15.62 -88.93
CA GLN CA 57 -18.91 15.15 -88.38
C GLN CA 57 -18.21 14.23 -89.35
N GLN CA 58 -18.96 13.37 -90.04
CA GLN CA 58 -18.38 12.57 -91.10
C GLN CA 58 -18.00 13.42 -92.30
N ASP CA 59 -18.64 14.56 -92.47
CA ASP CA 59 -18.28 15.46 -93.56
C ASP CA 59 -17.11 16.35 -93.17
N PHE CA 60 -16.73 16.36 -91.89
CA PHE CA 60 -15.63 17.21 -91.46
C PHE CA 60 -14.34 16.44 -91.25
N SER CA 61 -14.41 15.24 -90.68
CA SER CA 61 -13.21 14.53 -90.25
C SER CA 61 -12.37 14.10 -91.43
N ASP CA 62 -13.02 13.76 -92.55
CA ASP CA 62 -12.30 13.44 -93.77
C ASP CA 62 -11.62 14.67 -94.35
N LEU CA 63 -12.22 15.84 -94.16
CA LEU CA 63 -11.62 17.08 -94.66
C LEU CA 63 -10.31 17.36 -93.94
N MET CA 64 -10.24 17.03 -92.65
CA MET CA 64 -8.96 17.07 -91.95
C MET CA 64 -7.99 16.06 -92.52
N LYS CA 65 -8.48 14.87 -92.86
CA LYS CA 65 -7.62 13.90 -93.51
C LYS CA 65 -7.23 14.36 -94.91
N SER CA 66 -8.10 15.13 -95.55
CA SER CA 66 -7.72 15.78 -96.80
C SER CA 66 -6.63 16.81 -96.58
N TRP CA 67 -6.85 17.76 -95.69
CA TRP CA 67 -5.97 18.92 -95.56
C TRP CA 67 -4.61 18.57 -94.97
N LYS CA 68 -4.56 17.62 -94.04
CA LYS CA 68 -3.31 17.30 -93.38
C LYS CA 68 -2.32 16.67 -94.33
N ASN CA 69 -2.79 15.83 -95.24
CA ASN CA 69 -1.86 15.23 -96.19
C ASN CA 69 -1.46 16.18 -97.29
N GLU CA 70 -2.07 17.37 -97.37
CA GLU CA 70 -1.62 18.31 -98.36
C GLU CA 70 -0.26 18.86 -98.02
N ARG CA 71 -0.01 19.16 -96.75
CA ARG CA 71 1.05 20.09 -96.40
C ARG CA 71 2.45 19.49 -96.52
N CYS CA 72 2.57 18.25 -96.96
CA CYS CA 72 3.87 17.66 -97.23
C CYS CA 72 3.82 16.85 -98.50
N SER CA 73 2.93 17.20 -99.38
CA SER CA 73 2.76 16.38 -100.56
C SER CA 73 3.80 16.75 -101.61
N PRO CA 74 4.36 15.76 -102.31
CA PRO CA 74 5.30 16.09 -103.38
C PRO CA 74 4.61 16.46 -104.68
N GLU CA 75 3.52 15.79 -105.02
CA GLU CA 75 2.80 16.15 -106.23
C GLU CA 75 1.35 16.42 -105.88
N LEU CA 76 0.57 16.85 -106.87
CA LEU CA 76 -0.76 17.35 -106.60
C LEU CA 76 -1.73 16.19 -106.43
N LEU CA 77 -2.80 16.46 -105.71
CA LEU CA 77 -3.78 15.40 -105.53
C LEU CA 77 -5.11 15.83 -106.15
N PRO CA 78 -5.99 14.88 -106.47
CA PRO CA 78 -7.31 15.24 -106.99
C PRO CA 78 -8.14 16.06 -106.02
N TYR CA 79 -8.57 17.21 -106.49
CA TYR CA 79 -9.41 18.13 -105.75
C TYR CA 79 -10.79 17.54 -105.52
N PRO CA 80 -11.13 17.12 -104.32
CA PRO CA 80 -12.43 16.48 -104.10
C PRO CA 80 -13.56 17.51 -104.03
N HIS CA 81 -13.97 17.95 -105.22
CA HIS CA 81 -14.93 19.02 -105.41
C HIS CA 81 -16.33 18.66 -104.93
N GLN CA 82 -16.68 17.38 -104.89
CA GLN CA 82 -18.05 16.97 -104.65
C GLN CA 82 -18.46 17.27 -103.21
N LEU CA 83 -17.63 16.88 -102.26
CA LEU CA 83 -17.88 17.17 -100.87
C LEU CA 83 -17.72 18.64 -100.53
N MET CA 84 -16.88 19.35 -101.28
CA MET CA 84 -16.59 20.75 -100.94
C MET CA 84 -17.80 21.64 -101.18
N LYS CA 85 -18.42 21.51 -102.35
CA LYS CA 85 -19.64 22.26 -102.62
C LYS CA 85 -20.80 21.83 -101.74
N ARG CA 86 -20.77 20.59 -101.23
CA ARG CA 86 -21.82 20.08 -100.38
C ARG CA 86 -21.85 20.81 -99.04
N LEU CA 87 -20.68 21.11 -98.51
CA LEU CA 87 -20.61 21.93 -97.31
C LEU CA 87 -20.51 23.41 -97.63
N LEU CA 88 -20.18 23.76 -98.87
CA LEU CA 88 -20.13 25.17 -99.23
C LEU CA 88 -21.54 25.77 -99.24
N ASN CA 89 -22.54 24.93 -99.46
CA ASN CA 89 -23.90 25.34 -99.15
C ASN CA 89 -24.10 25.53 -97.64
N ARG CA 90 -23.46 24.69 -96.82
CA ARG CA 90 -23.74 24.72 -95.39
C ARG CA 90 -23.17 25.96 -94.74
N ILE CA 91 -21.99 26.40 -95.20
CA ILE CA 91 -21.38 27.60 -94.64
C ILE CA 91 -22.14 28.85 -95.05
N SER CA 92 -22.94 28.78 -96.11
CA SER CA 92 -23.83 29.88 -96.40
C SER CA 92 -25.02 29.88 -95.45
N MET CA 93 -25.45 28.70 -95.01
CA MET CA 93 -26.72 28.61 -94.31
C MET CA 93 -26.60 29.08 -92.87
N GLN CA 94 -25.61 28.58 -92.14
CA GLN CA 94 -25.50 28.92 -90.73
C GLN CA 94 -25.04 30.36 -90.55
N SER CA 95 -24.37 30.92 -91.54
CA SER CA 95 -24.13 32.35 -91.54
C SER CA 95 -25.44 33.12 -91.66
N GLN CA 96 -26.37 32.60 -92.45
CA GLN CA 96 -27.68 33.21 -92.51
C GLN CA 96 -28.57 32.83 -91.33
N LEU CA 97 -28.28 31.70 -90.68
CA LEU CA 97 -29.05 31.33 -89.50
C LEU CA 97 -28.76 32.27 -88.35
N ILE CA 98 -27.48 32.56 -88.11
CA ILE CA 98 -27.13 33.50 -87.05
C ILE CA 98 -27.40 34.93 -87.47
N GLU CA 99 -27.63 35.18 -88.74
CA GLU CA 99 -27.91 36.51 -89.23
C GLU CA 99 -29.25 37.03 -88.70
N ASN CA 100 -30.27 36.18 -88.69
CA ASN CA 100 -31.58 36.60 -88.23
C ASN CA 100 -31.71 36.48 -86.72
N ILE CA 101 -31.10 35.46 -86.12
CA ILE CA 101 -31.42 35.14 -84.74
C ILE CA 101 -30.68 36.06 -83.78
N SER CA 102 -29.62 36.71 -84.25
CA SER CA 102 -29.11 37.86 -83.53
C SER CA 102 -30.04 39.04 -83.65
N MET CA 103 -30.59 39.27 -84.84
CA MET CA 103 -31.50 40.41 -85.04
C MET CA 103 -32.82 40.20 -84.31
N GLY CA 104 -33.23 38.94 -84.17
CA GLY CA 104 -34.35 38.65 -83.29
C GLY CA 104 -34.02 38.86 -81.83
N PHE CA 105 -32.73 38.77 -81.47
CA PHE CA 105 -32.34 39.03 -80.08
C PHE CA 105 -32.22 40.51 -79.80
N LEU CA 106 -31.92 41.31 -80.82
CA LEU CA 106 -31.88 42.76 -80.63
C LEU CA 106 -33.27 43.35 -80.46
N ASP CA 107 -34.26 42.87 -81.22
CA ASP CA 107 -35.61 43.42 -81.13
C ASP CA 107 -36.32 42.98 -79.86
N MET CA 108 -35.96 41.82 -79.31
CA MET CA 108 -36.56 41.37 -78.06
C MET CA 108 -35.89 42.00 -76.84
N GLN CA 109 -34.79 42.73 -77.03
CA GLN CA 109 -34.08 43.39 -75.94
C GLN CA 109 -34.74 44.74 -75.68
N ASN CA 110 -35.93 44.68 -75.07
CA ASN CA 110 -36.71 45.84 -74.59
C ASN CA 110 -37.00 46.91 -75.65
N GLU CA 121 -30.07 38.26 -72.30
CA GLU CA 121 -30.05 37.37 -71.16
C GLU CA 121 -28.85 36.44 -71.23
N SER CA 122 -29.01 35.32 -71.93
CA SER CA 122 -27.95 34.35 -72.09
C SER CA 122 -27.03 34.79 -73.22
N LYS CA 123 -25.74 34.84 -72.95
CA LYS CA 123 -24.74 35.20 -73.96
C LYS CA 123 -23.92 33.98 -74.37
N LEU CA 124 -24.30 32.81 -73.85
CA LEU CA 124 -23.70 31.56 -74.33
C LEU CA 124 -23.96 31.29 -75.80
N PRO CA 125 -25.20 31.13 -76.28
CA PRO CA 125 -25.38 30.43 -77.56
C PRO CA 125 -24.99 31.24 -78.77
N LEU CA 126 -24.68 32.52 -78.59
CA LEU CA 126 -24.21 33.32 -79.70
C LEU CA 126 -22.73 33.07 -79.97
N LEU CA 127 -21.90 33.18 -78.93
CA LEU CA 127 -20.45 33.23 -79.09
C LEU CA 127 -19.87 31.93 -79.60
N CYS CA 128 -20.45 30.81 -79.18
CA CYS CA 128 -19.98 29.53 -79.69
C CYS CA 128 -20.30 29.37 -81.16
N MET CA 129 -21.48 29.83 -81.58
CA MET CA 129 -21.86 29.73 -82.97
C MET CA 129 -21.03 30.63 -83.84
N GLU CA 130 -20.60 31.78 -83.33
CA GLU CA 130 -19.83 32.71 -84.11
C GLU CA 130 -18.43 32.16 -84.40
N THR CA 131 -17.80 31.57 -83.41
CA THR CA 131 -16.46 31.07 -83.59
C THR CA 131 -16.42 29.76 -84.36
N GLU CA 132 -17.47 28.96 -84.31
CA GLU CA 132 -17.40 27.64 -84.90
C GLU CA 132 -17.39 27.69 -86.42
N LEU CA 133 -18.13 28.62 -87.01
CA LEU CA 133 -18.14 28.69 -88.46
C LEU CA 133 -16.82 29.18 -89.02
N GLU CA 134 -16.18 30.15 -88.36
CA GLU CA 134 -15.00 30.77 -88.95
C GLU CA 134 -13.80 29.86 -88.82
N ARG CA 135 -13.80 28.98 -87.83
CA ARG CA 135 -12.71 28.02 -87.71
C ARG CA 135 -12.74 27.03 -88.87
N LEU CA 136 -13.92 26.55 -89.24
CA LEU CA 136 -14.01 25.81 -90.49
C LEU CA 136 -13.74 26.71 -91.67
N LYS CA 137 -14.12 27.97 -91.59
CA LYS CA 137 -13.79 28.89 -92.66
C LYS CA 137 -12.29 29.16 -92.70
N PHE CA 138 -11.63 29.06 -91.55
CA PHE CA 138 -10.18 29.23 -91.55
C PHE CA 138 -9.49 28.08 -92.27
N VAL CA 139 -10.03 26.87 -92.19
CA VAL CA 139 -9.35 25.70 -92.70
C VAL CA 139 -9.28 25.73 -94.22
N ILE CA 140 -10.40 26.08 -94.87
CA ILE CA 140 -10.36 26.13 -96.32
C ILE CA 140 -9.64 27.36 -96.82
N ARG CA 141 -9.39 28.33 -95.95
CA ARG CA 141 -8.62 29.49 -96.33
C ARG CA 141 -7.18 29.11 -96.62
N SER CA 142 -6.61 28.27 -95.76
CA SER CA 142 -5.30 27.72 -96.07
C SER CA 142 -5.36 26.73 -97.20
N TYR CA 143 -6.46 25.97 -97.30
CA TYR CA 143 -6.49 24.78 -98.15
C TYR CA 143 -6.49 25.15 -99.62
N ILE CA 144 -7.03 26.31 -99.96
CA ILE CA 144 -6.99 26.68 -101.36
C ILE CA 144 -5.75 27.49 -101.69
N ARG CA 145 -5.07 28.06 -100.70
CA ARG CA 145 -3.91 28.87 -101.00
C ARG CA 145 -2.73 28.00 -101.35
N CYS CA 146 -2.61 26.84 -100.70
CA CYS CA 146 -1.52 25.94 -101.00
C CYS CA 146 -1.70 25.30 -102.36
N ARG CA 147 -2.94 25.23 -102.84
CA ARG CA 147 -3.16 24.82 -104.22
C ARG CA 147 -2.51 25.79 -105.18
N LEU CA 148 -2.61 27.08 -104.89
CA LEU CA 148 -1.93 28.07 -105.71
C LEU CA 148 -0.43 27.94 -105.58
N SER CA 149 0.05 27.63 -104.39
CA SER CA 149 1.48 27.62 -104.17
C SER CA 149 2.13 26.38 -104.76
N LYS CA 150 1.35 25.36 -105.06
CA LYS CA 150 1.92 24.21 -105.73
C LYS CA 150 1.80 24.30 -107.24
N ILE CA 151 0.81 25.04 -107.74
CA ILE CA 151 0.51 25.04 -109.16
C ILE CA 151 1.58 25.79 -109.92
N ASP CA 152 1.98 26.94 -109.39
CA ASP CA 152 2.88 27.87 -110.07
C ASP CA 152 4.25 27.25 -110.33
N LYS CA 153 4.79 26.52 -109.36
CA LYS CA 153 6.04 25.82 -109.59
C LYS CA 153 5.88 24.69 -110.58
N PHE CA 154 4.74 24.03 -110.58
CA PHE CA 154 4.54 22.84 -111.37
C PHE CA 154 3.94 23.13 -112.73
N SER CA 155 3.79 24.41 -113.08
CA SER CA 155 2.91 24.84 -114.16
C SER CA 155 3.34 24.33 -115.52
N LEU CA 156 4.62 24.48 -115.85
CA LEU CA 156 5.12 24.01 -117.12
C LEU CA 156 5.07 22.51 -117.25
N TYR CA 157 5.07 21.78 -116.14
CA TYR CA 157 4.91 20.35 -116.21
C TYR CA 157 3.48 19.96 -116.54
N LEU CA 158 2.53 20.47 -115.75
CA LEU CA 158 1.14 20.08 -115.91
C LEU CA 158 0.56 20.58 -117.23
N ARG CA 159 1.02 21.74 -117.69
CA ARG CA 159 0.63 22.21 -119.01
C ARG CA 159 1.15 21.27 -120.08
N GLN CA 160 2.41 20.82 -119.92
CA GLN CA 160 2.95 19.82 -120.82
C GLN CA 160 2.24 18.49 -120.68
N LEU CA 161 1.75 18.19 -119.49
CA LEU CA 161 0.87 17.03 -119.36
C LEU CA 161 -0.43 17.25 -120.11
N ASN CA 162 -0.97 18.46 -120.07
CA ASN CA 162 -2.19 18.68 -120.83
C ASN CA 162 -1.91 19.05 -122.27
N GLU CA 163 -0.66 19.38 -122.61
CA GLU CA 163 -0.33 19.65 -124.00
C GLU CA 163 -0.39 18.39 -124.84
N ASP CA 164 0.15 17.28 -124.33
CA ASP CA 164 0.04 16.02 -125.06
C ASP CA 164 -1.28 15.35 -124.69
N GLU CA 165 -1.48 14.12 -125.15
CA GLU CA 165 -2.70 13.37 -124.86
C GLU CA 165 -2.29 12.15 -124.05
N ASN CA 166 -2.38 12.26 -122.74
CA ASN CA 166 -2.00 11.19 -121.83
C ASN CA 166 -3.22 10.75 -121.03
N SER CA 167 -2.95 9.88 -120.05
CA SER CA 167 -4.01 9.30 -119.23
C SER CA 167 -4.68 10.32 -118.33
N LEU CA 168 -3.91 11.24 -117.73
CA LEU CA 168 -4.49 12.20 -116.81
C LEU CA 168 -5.08 13.38 -117.58
N ILE CA 169 -6.15 13.94 -117.04
CA ILE CA 169 -6.77 15.13 -117.59
C ILE CA 169 -6.89 16.17 -116.49
N SER CA 170 -6.78 17.44 -116.88
CA SER CA 170 -6.91 18.56 -115.96
C SER CA 170 -8.37 18.97 -115.86
N LEU CA 171 -9.19 18.03 -115.43
CA LEU CA 171 -10.64 18.19 -115.45
C LEU CA 171 -11.14 18.46 -114.03
N THR CA 172 -12.45 18.46 -113.77
CA THR CA 172 -13.08 18.98 -112.56
C THR CA 172 -12.61 18.32 -111.28
N ASP CA 173 -12.33 17.02 -111.28
CA ASP CA 173 -11.88 16.39 -110.06
C ASP CA 173 -10.40 16.63 -109.80
N LEU CA 174 -9.67 17.14 -110.80
CA LEU CA 174 -8.29 17.57 -110.61
C LEU CA 174 -8.18 19.01 -110.17
N LEU CA 175 -8.86 19.93 -110.86
CA LEU CA 175 -8.87 21.34 -110.52
C LEU CA 175 -10.26 21.89 -110.80
N SER CA 176 -10.64 22.91 -110.06
CA SER CA 176 -11.93 23.57 -110.22
C SER CA 176 -11.76 24.71 -111.22
N LYS CA 177 -12.69 25.64 -111.31
CA LYS CA 177 -12.70 26.64 -112.39
C LYS CA 177 -11.66 27.74 -112.24
N ASP CA 178 -11.64 28.44 -111.11
CA ASP CA 178 -10.90 29.68 -111.02
C ASP CA 178 -9.39 29.50 -111.10
N GLU CA 179 -8.87 28.38 -110.64
CA GLU CA 179 -7.43 28.20 -110.67
C GLU CA 179 -6.90 27.85 -112.04
N ILE CA 180 -7.66 27.12 -112.87
CA ILE CA 180 -7.20 26.97 -114.24
C ILE CA 180 -7.52 28.21 -115.04
N LYS CA 181 -8.49 29.01 -114.59
CA LYS CA 181 -8.56 30.38 -115.04
C LYS CA 181 -7.39 31.20 -114.52
N TYR CA 182 -6.95 30.93 -113.30
CA TYR CA 182 -5.74 31.57 -112.82
C TYR CA 182 -4.52 31.09 -113.58
N HIS CA 183 -4.45 29.77 -113.82
CA HIS CA 183 -3.27 29.15 -114.39
C HIS CA 183 -2.97 29.67 -115.78
N ASP CA 184 -3.97 29.67 -116.65
CA ASP CA 184 -3.72 30.08 -118.01
C ASP CA 184 -3.42 31.56 -118.10
N THR CA 185 -4.02 32.34 -117.21
CA THR CA 185 -3.80 33.78 -117.24
C THR CA 185 -2.43 34.16 -116.71
N HIS CA 186 -2.03 33.57 -115.60
CA HIS CA 186 -0.76 33.98 -114.98
C HIS CA 186 0.43 33.46 -115.78
N SER CA 187 0.32 32.25 -116.32
CA SER CA 187 1.40 31.70 -117.13
C SER CA 187 1.53 32.46 -118.44
N LEU CA 188 0.43 33.05 -118.91
CA LEU CA 188 0.51 33.97 -120.03
C LEU CA 188 1.32 35.21 -119.68
N ILE CA 189 0.96 35.88 -118.58
CA ILE CA 189 1.56 37.17 -118.29
C ILE CA 189 2.99 37.02 -117.80
N TRP CA 190 3.34 35.87 -117.24
CA TRP CA 190 4.73 35.60 -116.92
C TRP CA 190 5.56 35.52 -118.20
N LEU CA 191 4.96 34.97 -119.26
CA LEU CA 191 5.64 34.92 -120.54
C LEU CA 191 5.78 36.30 -121.15
N LYS CA 192 4.89 37.21 -120.78
CA LYS CA 192 4.98 38.57 -121.29
C LYS CA 192 5.92 39.42 -120.44
N LEU CA 193 6.49 38.85 -119.39
CA LEU CA 193 7.61 39.52 -118.75
C LEU CA 193 8.92 39.12 -119.41
N VAL CA 194 9.06 37.84 -119.72
CA VAL CA 194 10.30 37.34 -120.30
C VAL CA 194 10.52 37.85 -121.70
N ASN CA 195 9.46 37.90 -122.51
CA ASN CA 195 9.61 38.04 -123.95
C ASN CA 195 10.06 39.41 -124.40
N ASP CA 196 9.58 40.48 -123.76
CA ASP CA 196 9.75 41.81 -124.32
C ASP CA 196 10.81 42.64 -123.61
N SER CA 197 11.33 42.17 -122.49
CA SER CA 197 12.29 42.96 -121.74
C SER CA 197 13.58 42.18 -121.54
N ILE CA 198 13.57 40.89 -121.86
CA ILE CA 198 14.72 40.03 -121.75
C ILE CA 198 15.02 39.30 -123.06
N LEU CA 199 13.99 38.67 -123.63
CA LEU CA 199 14.16 37.84 -124.82
C LEU CA 199 14.02 38.63 -126.11
N LYS CA 200 14.35 39.91 -126.09
CA LYS CA 200 14.48 40.67 -127.32
C LYS CA 200 15.66 40.21 -128.15
N TYR CA 201 16.69 39.66 -127.54
CA TYR CA 201 17.82 39.14 -128.27
C TYR CA 201 17.87 37.62 -128.19
N MET CA 202 16.72 37.02 -128.33
CA MET CA 202 16.65 35.57 -128.35
C MET CA 202 16.96 35.06 -129.76
N PRO CA 203 17.93 34.18 -129.92
CA PRO CA 203 18.13 33.55 -131.23
C PRO CA 203 17.11 32.47 -131.52
N GLU CA 204 17.30 31.74 -132.60
CA GLU CA 204 16.23 30.90 -133.15
C GLU CA 204 16.24 29.46 -132.65
N GLU CA 205 16.72 29.23 -131.43
CA GLU CA 205 16.62 27.91 -130.84
C GLU CA 205 15.99 27.93 -129.46
N LEU CA 206 15.50 29.09 -129.00
CA LEU CA 206 15.02 29.20 -127.64
C LEU CA 206 13.55 29.58 -127.65
N GLN CA 207 12.78 28.93 -128.52
CA GLN CA 207 11.43 29.37 -128.85
C GLN CA 207 10.46 29.15 -127.71
N ALA CA 208 10.16 27.90 -127.41
CA ALA CA 208 9.32 27.59 -126.27
C ALA CA 208 10.19 27.29 -125.07
N ILE CA 209 9.70 27.66 -123.89
CA ILE CA 209 10.43 27.42 -122.66
C ILE CA 209 10.16 25.97 -122.30
N ASN CA 210 11.01 25.11 -122.82
CA ASN CA 210 11.04 23.69 -122.51
C ASN CA 210 12.48 23.24 -122.69
N ASP CA 211 12.72 21.94 -122.59
CA ASP CA 211 14.08 21.43 -122.69
C ASP CA 211 14.23 20.59 -123.94
N THR CA 212 15.25 20.92 -124.74
CA THR CA 212 15.77 19.96 -125.68
C THR CA 212 16.69 18.98 -124.97
N GLU CA 213 17.83 19.47 -124.51
CA GLU CA 213 18.86 18.64 -123.89
C GLU CA 213 19.86 19.55 -123.21
N GLY CA 214 20.76 18.94 -122.45
CA GLY CA 214 21.71 19.70 -121.65
C GLY CA 214 21.21 19.80 -120.23
N SER CA 215 20.69 20.97 -119.86
CA SER CA 215 20.16 21.18 -118.52
C SER CA 215 18.65 21.00 -118.57
N VAL CA 216 18.18 19.83 -118.15
CA VAL CA 216 16.75 19.53 -118.13
C VAL CA 216 16.25 19.86 -116.74
N ASN CA 217 16.00 21.14 -116.47
CA ASN CA 217 15.47 21.50 -115.15
C ASN CA 217 14.13 22.19 -115.19
N MET CA 218 13.75 22.78 -116.32
CA MET CA 218 12.49 23.49 -116.46
C MET CA 218 11.29 22.56 -116.62
N ILE CA 219 11.49 21.26 -116.64
CA ILE CA 219 10.45 20.36 -117.12
C ILE CA 219 9.57 19.88 -115.98
N ASP CA 220 10.13 19.08 -115.07
CA ASP CA 220 9.32 18.37 -114.10
C ASP CA 220 9.98 18.48 -112.74
N GLU CA 221 9.21 18.22 -111.74
CA GLU CA 221 9.68 17.93 -110.41
C GLU CA 221 9.76 16.43 -110.23
N PRO CA 222 10.96 15.87 -110.30
CA PRO CA 222 11.14 14.45 -110.00
C PRO CA 222 11.47 14.24 -108.53
N ASP CA 223 10.61 14.76 -107.66
CA ASP CA 223 10.76 14.64 -106.22
C ASP CA 223 10.12 13.37 -105.71
N TRP CA 224 10.01 12.37 -106.57
CA TRP CA 224 9.14 11.23 -106.35
C TRP CA 224 9.69 10.25 -105.33
N ASN CA 225 10.88 10.50 -104.79
CA ASN CA 225 11.41 9.69 -103.71
C ASN CA 225 11.64 10.49 -102.46
N LYS CA 226 11.01 11.67 -102.36
CA LYS CA 226 10.98 12.42 -101.11
C LYS CA 226 10.27 11.60 -100.05
N PHE CA 227 10.71 11.77 -98.81
CA PHE CA 227 10.29 10.92 -97.72
C PHE CA 227 9.26 11.68 -96.89
N VAL CA 228 8.24 10.96 -96.42
CA VAL CA 228 7.17 11.50 -95.61
C VAL CA 228 6.91 10.49 -94.51
N PHE CA 229 6.62 10.94 -93.30
CA PHE CA 229 6.19 10.01 -92.27
C PHE CA 229 4.78 9.52 -92.56
N ILE CA 230 4.55 8.24 -92.32
CA ILE CA 230 3.27 7.62 -92.62
C ILE CA 230 2.73 6.98 -91.35
N HIS CA 231 1.49 7.28 -91.02
CA HIS CA 231 0.80 6.60 -89.95
C HIS CA 231 -0.21 5.64 -90.56
N VAL CA 232 -0.27 4.42 -90.02
CA VAL CA 232 -1.03 3.34 -90.65
C VAL CA 232 -2.35 3.16 -89.93
N ASN CA 233 -3.45 3.21 -90.67
CA ASN CA 233 -4.79 3.20 -90.12
C ASN CA 233 -5.70 2.27 -90.90
N GLY CA 234 -5.23 1.05 -91.18
CA GLY CA 234 -6.03 0.10 -91.91
C GLY CA 234 -7.25 -0.33 -91.11
N PRO CA 235 -8.43 -0.28 -91.72
CA PRO CA 235 -9.66 -0.61 -91.00
C PRO CA 235 -9.71 -2.09 -90.69
N PRO CA 236 -9.72 -2.46 -89.41
CA PRO CA 236 -9.57 -3.88 -89.04
C PRO CA 236 -10.84 -4.67 -89.30
N ASP CA 237 -10.71 -5.59 -90.23
CA ASP CA 237 -11.75 -6.52 -90.66
C ASP CA 237 -11.24 -7.94 -90.75
N GLY CA 238 -9.95 -8.16 -90.55
CA GLY CA 238 -9.37 -9.49 -90.56
C GLY CA 238 -8.56 -9.78 -89.32
N GLU CA 248 -10.47 -9.68 -93.92
CA GLU CA 248 -11.06 -9.30 -95.20
C GLU CA 248 -10.20 -9.78 -96.36
N ASN CA 249 -9.00 -9.21 -96.51
CA ASN CA 249 -8.07 -9.65 -97.54
C ASN CA 249 -6.73 -9.99 -96.91
N GLU CA 250 -6.75 -10.80 -95.85
CA GLU CA 250 -5.61 -10.90 -94.93
C GLU CA 250 -4.42 -11.61 -95.57
N PHE CA 251 -3.26 -10.94 -95.57
CA PHE CA 251 -2.06 -11.48 -96.18
C PHE CA 251 -0.85 -11.54 -95.24
N GLY CA 252 -0.91 -10.91 -94.08
CA GLY CA 252 0.26 -10.90 -93.20
C GLY CA 252 0.05 -11.63 -91.89
N LYS CA 253 1.09 -11.71 -91.06
CA LYS CA 253 0.91 -12.40 -89.79
C LYS CA 253 0.19 -11.53 -88.75
N PRO CA 254 0.66 -10.29 -88.38
CA PRO CA 254 -0.15 -9.52 -87.43
C PRO CA 254 -1.43 -9.00 -88.07
N CYS CA 255 -1.30 -8.31 -89.19
CA CYS CA 255 -2.44 -7.81 -89.94
C CYS CA 255 -2.13 -7.84 -91.43
N TYR CA 256 -3.07 -7.34 -92.24
CA TYR CA 256 -2.90 -7.28 -93.69
C TYR CA 256 -2.30 -5.92 -94.04
N THR CA 257 -0.99 -5.91 -94.29
CA THR CA 257 -0.32 -4.81 -94.97
C THR CA 257 0.50 -5.42 -96.09
N VAL CA 258 0.95 -4.59 -97.03
CA VAL CA 258 1.75 -5.03 -98.16
C VAL CA 258 2.86 -4.02 -98.32
N THR CA 259 3.97 -4.41 -98.95
CA THR CA 259 4.87 -3.46 -99.58
C THR CA 259 5.66 -4.16 -100.68
N ILE CA 260 6.29 -3.34 -101.51
CA ILE CA 260 7.22 -3.78 -102.55
C ILE CA 260 8.16 -2.63 -102.93
N PRO CA 261 9.44 -2.76 -102.73
CA PRO CA 261 10.36 -1.71 -103.18
C PRO CA 261 10.69 -1.84 -104.65
N ASP CA 262 11.66 -1.06 -105.10
CA ASP CA 262 12.28 -1.37 -106.38
C ASP CA 262 13.52 -2.21 -106.20
N LEU CA 263 14.11 -2.23 -105.00
CA LEU CA 263 15.37 -2.91 -104.78
C LEU CA 263 15.33 -3.84 -103.58
N LYS CA 264 14.72 -3.38 -102.50
CA LYS CA 264 14.97 -3.98 -101.21
C LYS CA 264 14.01 -5.14 -100.95
N GLU CA 265 14.15 -5.73 -99.77
CA GLU CA 265 13.25 -6.77 -99.29
C GLU CA 265 11.91 -6.12 -98.96
N GLU CA 266 10.85 -6.92 -98.92
CA GLU CA 266 9.51 -6.41 -98.82
C GLU CA 266 9.06 -6.36 -97.36
N VAL CA 267 9.91 -5.73 -96.56
CA VAL CA 267 9.63 -5.52 -95.16
C VAL CA 267 8.57 -4.42 -95.05
N GLU CA 268 7.44 -4.76 -94.45
CA GLU CA 268 6.26 -3.92 -94.53
C GLU CA 268 5.90 -3.37 -93.16
N LEU CA 269 4.78 -2.66 -93.11
CA LEU CA 269 4.21 -2.13 -91.89
C LEU CA 269 3.36 -3.19 -91.21
N THR CA 270 3.07 -3.04 -89.93
CA THR CA 270 2.24 -4.03 -89.28
C THR CA 270 0.82 -3.48 -89.05
N ILE CA 271 0.62 -2.55 -88.13
CA ILE CA 271 -0.71 -2.00 -87.90
C ILE CA 271 -0.70 -0.50 -87.65
N GLY CA 272 0.11 -0.07 -86.69
CA GLY CA 272 0.07 1.30 -86.22
C GLY CA 272 1.42 1.88 -85.91
N SER CA 273 2.45 1.41 -86.60
CA SER CA 273 3.80 1.95 -86.42
C SER CA 273 4.09 2.95 -87.53
N ILE CA 274 4.98 3.89 -87.23
CA ILE CA 274 5.23 5.01 -88.12
C ILE CA 274 6.51 4.80 -88.88
N TYR CA 275 6.42 4.42 -90.15
CA TYR CA 275 7.65 4.17 -90.88
C TYR CA 275 7.91 5.30 -91.85
N VAL CA 276 9.13 5.32 -92.38
CA VAL CA 276 9.57 6.35 -93.30
C VAL CA 276 9.89 5.69 -94.63
N MET CA 277 9.26 6.14 -95.71
CA MET CA 277 9.45 5.53 -97.01
C MET CA 277 9.45 6.60 -98.09
N ARG CA 278 9.70 6.18 -99.33
CA ARG CA 278 9.62 7.03 -100.50
C ARG CA 278 8.15 7.19 -100.91
N TYR CA 279 7.90 7.71 -102.10
CA TYR CA 279 6.56 8.18 -102.38
C TYR CA 279 5.78 7.32 -103.37
N GLU CA 280 6.44 6.74 -104.39
CA GLU CA 280 5.69 5.87 -105.29
C GLU CA 280 5.29 4.58 -104.60
N VAL CA 281 6.14 4.11 -103.68
CA VAL CA 281 5.83 2.93 -102.91
C VAL CA 281 4.69 3.15 -101.92
N ILE CA 282 4.26 4.38 -101.72
CA ILE CA 282 3.12 4.71 -100.90
C ILE CA 282 2.05 5.40 -101.74
N ARG CA 283 2.30 5.58 -103.03
CA ARG CA 283 1.33 6.23 -103.92
C ARG CA 283 0.08 5.40 -104.08
N ASP CA 284 0.22 4.08 -104.16
CA ASP CA 284 -0.91 3.20 -104.42
C ASP CA 284 -1.88 3.12 -103.25
N LEU CA 285 -1.38 3.00 -102.03
CA LEU CA 285 -2.24 2.79 -100.88
C LEU CA 285 -2.88 4.08 -100.38
N LEU CA 286 -2.69 5.19 -101.07
CA LEU CA 286 -3.43 6.39 -100.70
C LEU CA 286 -4.61 6.61 -101.61
N ARG CA 287 -4.68 5.87 -102.71
CA ARG CA 287 -5.87 5.91 -103.55
C ARG CA 287 -7.06 5.32 -102.81
N ASP CA 288 -6.94 4.05 -102.42
CA ASP CA 288 -7.81 3.48 -101.40
C ASP CA 288 -7.35 4.08 -100.08
N ASP CA 289 -8.10 5.04 -99.56
CA ASP CA 289 -7.62 5.84 -98.45
C ASP CA 289 -7.66 5.05 -97.15
N LYS CA 290 -6.72 4.14 -96.99
CA LYS CA 290 -6.65 3.31 -95.80
C LYS CA 290 -5.48 3.65 -94.90
N VAL CA 291 -4.57 4.53 -95.30
CA VAL CA 291 -3.37 4.76 -94.53
C VAL CA 291 -3.00 6.24 -94.58
N ALA CA 292 -2.89 6.85 -93.42
CA ALA CA 292 -2.87 8.31 -93.33
C ALA CA 292 -1.44 8.83 -93.36
N LEU CA 293 -1.29 10.12 -93.07
CA LEU CA 293 0.02 10.77 -93.07
C LEU CA 293 0.35 11.35 -91.71
N ILE DA 5 -28.05 56.94 -52.05
CA ILE DA 5 -29.31 56.46 -52.59
C ILE DA 5 -29.04 55.24 -53.47
N SER DA 6 -27.77 55.05 -53.86
CA SER DA 6 -27.40 53.99 -54.78
C SER DA 6 -26.84 52.82 -53.99
N GLN DA 7 -27.64 51.77 -53.79
CA GLN DA 7 -27.12 50.58 -53.16
C GLN DA 7 -26.14 49.88 -54.08
N PHE DA 8 -25.05 49.39 -53.50
CA PHE DA 8 -23.86 49.05 -54.27
C PHE DA 8 -24.08 47.88 -55.20
N SER DA 9 -24.87 46.89 -54.79
CA SER DA 9 -25.14 45.78 -55.69
C SER DA 9 -26.04 46.17 -56.83
N GLU DA 10 -26.88 47.19 -56.62
CA GLU DA 10 -27.90 47.54 -57.58
C GLU DA 10 -27.36 48.15 -58.85
N ALA DA 11 -26.38 49.05 -58.73
CA ALA DA 11 -25.84 49.73 -59.90
C ALA DA 11 -25.06 48.77 -60.78
N TYR DA 12 -24.47 47.74 -60.18
CA TYR DA 12 -23.71 46.77 -60.94
C TYR DA 12 -24.60 45.94 -61.84
N ASN DA 13 -25.69 45.40 -61.30
CA ASN DA 13 -26.65 44.68 -62.12
C ASN DA 13 -27.35 45.61 -63.09
N LYS DA 14 -27.55 46.86 -62.70
CA LYS DA 14 -28.21 47.81 -63.59
C LYS DA 14 -27.32 48.17 -64.75
N ILE DA 15 -26.03 48.37 -64.50
CA ILE DA 15 -25.10 48.64 -65.59
C ILE DA 15 -24.74 47.39 -66.35
N LEU DA 16 -25.07 46.21 -65.82
CA LEU DA 16 -24.84 44.99 -66.57
C LEU DA 16 -25.76 44.89 -67.78
N ARG DA 17 -27.06 44.99 -67.57
CA ARG DA 17 -28.05 44.81 -68.62
C ARG DA 17 -28.07 45.94 -69.64
N ASN DA 18 -27.45 47.08 -69.34
CA ASN DA 18 -27.58 48.20 -70.24
C ASN DA 18 -26.63 48.11 -71.41
N SER DA 19 -25.48 47.47 -71.21
CA SER DA 19 -24.54 47.21 -72.30
C SER DA 19 -23.93 45.84 -72.10
N SER DA 20 -24.55 44.82 -72.66
CA SER DA 20 -24.00 43.46 -72.59
C SER DA 20 -24.20 42.76 -73.92
N SER DA 21 -24.17 43.50 -75.01
CA SER DA 21 -24.40 42.93 -76.32
C SER DA 21 -23.09 42.73 -77.05
N HIS DA 22 -23.15 41.93 -78.10
CA HIS DA 22 -21.96 41.59 -78.87
C HIS DA 22 -21.89 42.43 -80.13
N SER DA 23 -21.90 43.74 -79.94
CA SER DA 23 -21.87 44.72 -81.01
C SER DA 23 -21.12 45.92 -80.50
N SER DA 24 -21.28 47.07 -81.12
CA SER DA 24 -20.71 48.31 -80.63
C SER DA 24 -21.63 49.00 -79.63
N CYS DA 25 -21.97 48.29 -78.55
CA CYS DA 25 -22.74 48.89 -77.44
C CYS DA 25 -21.77 49.36 -76.34
N GLN DA 26 -20.75 50.05 -76.79
CA GLN DA 26 -19.50 50.14 -76.04
C GLN DA 26 -19.66 51.11 -74.87
N LEU DA 27 -19.42 50.60 -73.67
CA LEU DA 27 -19.25 51.46 -72.52
C LEU DA 27 -17.78 51.83 -72.40
N VAL DA 28 -17.51 53.05 -72.00
CA VAL DA 28 -16.17 53.59 -72.00
C VAL DA 28 -15.91 54.26 -70.66
N ILE DA 29 -14.75 53.98 -70.08
CA ILE DA 29 -14.37 54.57 -68.81
C ILE DA 29 -13.25 55.58 -69.04
N PHE DA 30 -13.19 56.56 -68.15
CA PHE DA 30 -12.22 57.64 -68.20
C PHE DA 30 -11.41 57.62 -66.90
N VAL DA 31 -10.12 57.91 -66.99
CA VAL DA 31 -9.30 58.01 -65.79
C VAL DA 31 -8.21 59.05 -65.99
N SER DA 32 -7.90 59.77 -64.91
CA SER DA 32 -6.75 60.66 -64.85
C SER DA 32 -5.51 59.82 -64.62
N CYS DA 33 -4.36 60.33 -65.08
CA CYS DA 33 -3.09 59.67 -64.84
C CYS DA 33 -2.30 60.37 -63.76
N LEU DA 34 -2.77 61.51 -63.27
CA LEU DA 34 -2.04 62.37 -62.36
C LEU DA 34 -2.08 61.88 -60.92
N ASN DA 35 -2.64 60.70 -60.68
CA ASN DA 35 -2.78 60.17 -59.35
C ASN DA 35 -2.53 58.68 -59.40
N ILE DA 36 -1.83 58.18 -58.40
CA ILE DA 36 -1.51 56.76 -58.37
C ILE DA 36 -2.71 55.94 -57.99
N ASP DA 37 -3.46 56.40 -56.98
CA ASP DA 37 -4.64 55.68 -56.52
C ASP DA 37 -5.72 55.65 -57.58
N ALA DA 38 -5.74 56.64 -58.46
CA ALA DA 38 -6.67 56.64 -59.57
C ALA DA 38 -6.43 55.46 -60.50
N LEU DA 39 -5.17 55.05 -60.67
CA LEU DA 39 -4.88 53.90 -61.51
C LEU DA 39 -5.41 52.60 -60.92
N CYS DA 40 -5.00 52.28 -59.70
CA CYS DA 40 -5.14 50.92 -59.18
C CYS DA 40 -6.58 50.57 -58.95
N ALA DA 41 -7.42 51.57 -58.73
CA ALA DA 41 -8.84 51.30 -58.63
C ALA DA 41 -9.39 50.80 -59.96
N THR DA 42 -8.93 51.40 -61.05
CA THR DA 42 -9.49 51.05 -62.34
C THR DA 42 -9.05 49.69 -62.82
N LYS DA 43 -7.83 49.28 -62.45
CA LYS DA 43 -7.27 48.05 -62.96
C LYS DA 43 -8.07 46.84 -62.51
N MET DA 44 -8.48 46.83 -61.25
CA MET DA 44 -9.27 45.72 -60.76
C MET DA 44 -10.68 45.73 -61.33
N LEU DA 45 -11.18 46.87 -61.75
CA LEU DA 45 -12.51 46.89 -62.33
C LEU DA 45 -12.52 46.31 -63.72
N SER DA 46 -11.46 46.52 -64.47
CA SER DA 46 -11.35 46.01 -65.83
C SER DA 46 -11.33 44.50 -65.88
N LEU DA 47 -10.56 43.86 -65.00
CA LEU DA 47 -10.37 42.43 -65.13
C LEU DA 47 -11.63 41.64 -64.77
N LEU DA 48 -12.45 42.15 -63.85
CA LEU DA 48 -13.72 41.48 -63.63
C LEU DA 48 -14.66 41.68 -64.79
N PHE DA 49 -14.54 42.80 -65.50
CA PHE DA 49 -15.30 42.96 -66.72
C PHE DA 49 -14.81 42.04 -67.82
N LYS DA 50 -13.55 41.62 -67.76
CA LYS DA 50 -13.11 40.57 -68.66
C LYS DA 50 -13.79 39.26 -68.34
N LYS DA 51 -13.78 38.83 -67.09
CA LYS DA 51 -14.40 37.56 -66.78
C LYS DA 51 -15.91 37.66 -66.62
N GLN DA 52 -16.49 38.84 -66.83
CA GLN DA 52 -17.93 38.92 -67.06
C GLN DA 52 -18.24 39.18 -68.52
N LEU DA 53 -17.21 39.20 -69.35
CA LEU DA 53 -17.29 39.06 -70.80
C LEU DA 53 -18.04 40.22 -71.42
N VAL DA 54 -17.52 41.43 -71.27
CA VAL DA 54 -18.13 42.62 -71.85
C VAL DA 54 -17.04 43.38 -72.58
N GLN DA 55 -17.44 44.09 -73.63
CA GLN DA 55 -16.51 44.87 -74.44
C GLN DA 55 -16.35 46.27 -73.85
N SER DA 56 -15.18 46.85 -74.03
CA SER DA 56 -14.82 48.03 -73.28
C SER DA 56 -13.92 48.94 -74.11
N GLN DA 57 -13.55 50.06 -73.49
CA GLN DA 57 -12.77 51.10 -74.13
C GLN DA 57 -12.21 51.99 -73.03
N ILE DA 58 -10.89 52.04 -72.90
CA ILE DA 58 -10.25 52.77 -71.81
C ILE DA 58 -9.46 53.91 -72.40
N VAL DA 59 -9.68 55.11 -71.90
CA VAL DA 59 -9.01 56.31 -72.39
C VAL DA 59 -8.47 57.07 -71.19
N PRO DA 60 -7.21 57.44 -71.16
CA PRO DA 60 -6.74 58.36 -70.13
C PRO DA 60 -6.93 59.80 -70.56
N ILE DA 61 -7.11 60.68 -69.58
CA ILE DA 61 -7.21 62.12 -69.81
C ILE DA 61 -6.38 62.80 -68.75
N PHE DA 62 -5.39 63.58 -69.15
CA PHE DA 62 -4.55 64.20 -68.15
C PHE DA 62 -5.00 65.60 -67.78
N GLY DA 63 -5.77 66.27 -68.62
CA GLY DA 63 -6.05 67.68 -68.42
C GLY DA 63 -7.53 67.97 -68.29
N TYR DA 64 -7.84 68.89 -67.38
CA TYR DA 64 -9.24 69.21 -67.12
C TYR DA 64 -9.86 70.00 -68.26
N SER DA 65 -9.07 70.78 -68.98
CA SER DA 65 -9.58 71.45 -70.17
C SER DA 65 -9.68 70.52 -71.35
N GLU DA 66 -9.11 69.31 -71.27
CA GLU DA 66 -9.11 68.37 -72.37
C GLU DA 66 -10.41 67.58 -72.47
N LEU DA 67 -11.25 67.63 -71.44
CA LEU DA 67 -12.40 66.77 -71.34
C LEU DA 67 -13.43 67.04 -72.42
N ARG DA 68 -13.49 68.27 -72.92
CA ARG DA 68 -14.40 68.58 -74.00
C ARG DA 68 -13.97 67.94 -75.30
N ARG DA 69 -12.67 67.96 -75.58
CA ARG DA 69 -12.14 67.46 -76.83
C ARG DA 69 -12.00 65.94 -76.84
N HIS DA 70 -12.41 65.26 -75.76
CA HIS DA 70 -12.34 63.80 -75.73
C HIS DA 70 -13.70 63.15 -75.56
N TYR DA 71 -14.70 63.90 -75.13
CA TYR DA 71 -16.03 63.30 -75.05
C TYR DA 71 -16.98 64.00 -75.99
N SER DA 72 -17.02 65.33 -75.92
CA SER DA 72 -18.13 66.13 -76.47
C SER DA 72 -18.03 66.31 -77.99
N GLN DA 73 -17.33 65.40 -78.65
CA GLN DA 73 -17.06 65.49 -80.06
C GLN DA 73 -17.14 64.12 -80.73
N LEU DA 74 -17.10 63.04 -79.94
CA LEU DA 74 -17.04 61.71 -80.53
C LEU DA 74 -17.93 60.79 -79.71
N ASP DA 75 -19.19 60.69 -80.11
CA ASP DA 75 -20.18 59.86 -79.43
C ASP DA 75 -21.15 59.32 -80.47
N ASP DA 76 -21.45 58.03 -80.41
CA ASP DA 76 -22.55 57.60 -81.26
C ASP DA 76 -23.68 56.92 -80.51
N ASN DA 77 -23.42 55.81 -79.85
CA ASN DA 77 -24.45 55.10 -79.09
C ASN DA 77 -23.88 54.65 -77.76
N ILE DA 78 -23.01 55.45 -77.18
CA ILE DA 78 -22.49 55.18 -75.86
C ILE DA 78 -23.57 55.52 -74.86
N ASN DA 79 -24.15 54.50 -74.25
CA ASN DA 79 -25.12 54.70 -73.20
C ASN DA 79 -24.52 54.76 -71.83
N SER DA 80 -23.35 54.16 -71.62
CA SER DA 80 -22.81 53.94 -70.30
C SER DA 80 -21.42 54.52 -70.22
N LEU DA 81 -21.33 55.77 -69.81
CA LEU DA 81 -20.06 56.42 -69.60
C LEU DA 81 -19.69 56.22 -68.15
N LEU DA 82 -18.40 56.10 -67.88
CA LEU DA 82 -17.92 55.89 -66.52
C LEU DA 82 -16.70 56.78 -66.32
N LEU DA 83 -16.50 57.26 -65.10
CA LEU DA 83 -15.51 58.28 -64.85
C LEU DA 83 -14.99 58.13 -63.44
N VAL DA 84 -13.72 58.45 -63.24
CA VAL DA 84 -13.08 58.26 -61.94
C VAL DA 84 -12.55 59.57 -61.39
N GLY DA 85 -13.36 60.23 -60.55
CA GLY DA 85 -12.86 61.34 -59.75
C GLY DA 85 -12.51 62.59 -60.53
N PHE DA 86 -13.50 63.32 -61.03
CA PHE DA 86 -13.18 64.52 -61.78
C PHE DA 86 -14.00 65.75 -61.39
N GLY DA 87 -15.21 65.55 -60.89
CA GLY DA 87 -16.13 66.66 -60.81
C GLY DA 87 -16.80 66.90 -59.48
N GLY DA 88 -16.07 66.67 -58.39
CA GLY DA 88 -16.60 66.95 -57.08
C GLY DA 88 -16.77 68.44 -56.85
N VAL DA 89 -15.94 69.24 -57.50
CA VAL DA 89 -15.97 70.68 -57.28
C VAL DA 89 -16.67 71.44 -58.40
N ILE DA 90 -16.23 71.31 -59.65
CA ILE DA 90 -16.87 72.03 -60.74
C ILE DA 90 -17.98 71.16 -61.30
N ASP DA 91 -19.15 71.76 -61.53
CA ASP DA 91 -20.26 71.02 -62.09
C ASP DA 91 -20.06 70.78 -63.57
N LEU DA 92 -20.03 69.50 -63.96
CA LEU DA 92 -19.82 69.15 -65.36
C LEU DA 92 -21.06 69.44 -66.18
N GLU DA 93 -22.24 69.41 -65.57
CA GLU DA 93 -23.47 69.66 -66.29
C GLU DA 93 -23.60 71.12 -66.66
N ALA DA 94 -22.94 72.01 -65.92
CA ALA DA 94 -22.74 73.36 -66.40
C ALA DA 94 -21.54 73.47 -67.31
N PHE DA 95 -20.53 72.62 -67.11
CA PHE DA 95 -19.37 72.63 -67.98
C PHE DA 95 -19.72 72.06 -69.34
N LEU DA 96 -20.50 70.99 -69.36
CA LEU DA 96 -21.01 70.41 -70.59
C LEU DA 96 -22.52 70.44 -70.56
N GLU DA 97 -23.11 71.10 -71.56
CA GLU DA 97 -24.55 71.11 -71.70
C GLU DA 97 -25.01 69.73 -72.14
N ILE DA 98 -25.98 69.18 -71.44
CA ILE DA 98 -26.76 68.04 -71.93
C ILE DA 98 -28.22 68.41 -71.73
N ASP DA 99 -28.93 68.60 -72.83
CA ASP DA 99 -30.35 68.86 -72.78
C ASP DA 99 -31.09 67.61 -72.31
N PRO DA 100 -32.14 67.76 -71.52
CA PRO DA 100 -32.99 66.61 -71.20
C PRO DA 100 -33.70 66.09 -72.45
N GLN DA 101 -33.42 64.83 -72.78
CA GLN DA 101 -33.94 64.19 -73.97
C GLN DA 101 -34.31 62.76 -73.65
N GLU DA 102 -35.51 62.38 -74.07
CA GLU DA 102 -36.16 61.09 -73.78
C GLU DA 102 -36.18 60.74 -72.29
N GLN DA 114 -36.50 61.74 -66.72
CA GLN DA 114 -37.37 60.61 -66.42
C GLN DA 114 -37.05 59.43 -67.33
N SER DA 115 -36.32 58.44 -66.78
CA SER DA 115 -35.88 57.23 -67.47
C SER DA 115 -35.07 57.57 -68.72
N PHE DA 116 -33.89 58.15 -68.50
CA PHE DA 116 -33.13 58.79 -69.55
C PHE DA 116 -32.45 57.79 -70.48
N ARG DA 117 -31.78 58.34 -71.49
CA ARG DA 117 -31.24 57.55 -72.59
C ARG DA 117 -29.76 57.26 -72.46
N ARG DA 118 -29.03 58.02 -71.67
CA ARG DA 118 -27.60 57.79 -71.48
C ARG DA 118 -27.26 58.25 -70.08
N ASP DA 119 -26.67 57.37 -69.28
CA ASP DA 119 -26.45 57.64 -67.87
C ASP DA 119 -25.00 57.37 -67.54
N ILE DA 120 -24.32 58.40 -67.06
CA ILE DA 120 -22.99 58.24 -66.53
C ILE DA 120 -23.12 57.86 -65.07
N TYR DA 121 -22.04 57.36 -64.50
CA TYR DA 121 -21.86 57.29 -63.06
C TYR DA 121 -20.79 58.29 -62.67
N VAL DA 122 -20.40 58.29 -61.41
CA VAL DA 122 -19.20 59.02 -60.99
C VAL DA 122 -18.61 58.36 -59.75
N LEU DA 123 -17.29 58.44 -59.62
CA LEU DA 123 -16.55 57.80 -58.56
C LEU DA 123 -15.65 58.83 -57.89
N ASP DA 124 -16.21 60.02 -57.64
CA ASP DA 124 -15.50 61.15 -57.07
C ASP DA 124 -15.04 60.77 -55.67
N ALA DA 125 -13.85 61.21 -55.30
CA ALA DA 125 -13.29 60.86 -54.01
C ALA DA 125 -13.11 62.07 -53.11
N HIS DA 126 -13.65 63.23 -53.49
CA HIS DA 126 -13.27 64.44 -52.81
C HIS DA 126 -14.31 64.91 -51.81
N ARG DA 127 -13.88 65.77 -50.92
CA ARG DA 127 -14.66 66.27 -49.81
C ARG DA 127 -15.72 67.30 -50.22
N PRO DA 128 -15.43 68.38 -50.97
CA PRO DA 128 -16.54 69.25 -51.37
C PRO DA 128 -17.36 68.58 -52.45
N TRP DA 129 -18.66 68.52 -52.23
CA TRP DA 129 -19.54 67.89 -53.18
C TRP DA 129 -20.35 68.95 -53.90
N ASN DA 130 -21.23 68.49 -54.77
CA ASN DA 130 -22.11 69.38 -55.49
C ASN DA 130 -23.54 68.90 -55.37
N LEU DA 131 -24.37 69.76 -54.78
CA LEU DA 131 -25.73 69.47 -54.35
C LEU DA 131 -26.63 69.02 -55.48
N ASP DA 132 -26.42 69.58 -56.67
CA ASP DA 132 -27.13 69.20 -57.87
C ASP DA 132 -26.80 67.79 -58.31
N ASN DA 133 -25.61 67.32 -58.00
CA ASN DA 133 -25.15 66.04 -58.50
C ASN DA 133 -25.70 64.88 -57.68
N ILE DA 134 -26.23 65.14 -56.50
CA ILE DA 134 -26.89 64.14 -55.69
C ILE DA 134 -28.39 64.38 -55.64
N PHE DA 135 -28.80 65.63 -55.44
CA PHE DA 135 -30.20 66.01 -55.43
C PHE DA 135 -30.55 66.70 -56.74
N GLY DA 136 -31.62 66.24 -57.37
CA GLY DA 136 -31.79 66.59 -58.77
C GLY DA 136 -30.87 65.76 -59.64
N SER DA 137 -30.93 64.44 -59.49
CA SER DA 137 -30.15 63.53 -60.30
C SER DA 137 -31.03 62.87 -61.35
N GLN DA 138 -30.65 63.10 -62.60
CA GLN DA 138 -31.37 62.52 -63.73
C GLN DA 138 -30.46 61.87 -64.74
N ILE DA 139 -29.19 62.27 -64.82
CA ILE DA 139 -28.22 61.60 -65.67
C ILE DA 139 -26.98 61.34 -64.82
N ILE DA 140 -26.84 62.10 -63.74
CA ILE DA 140 -25.68 61.95 -62.89
C ILE DA 140 -26.05 60.98 -61.79
N GLN DA 141 -25.95 59.68 -62.08
CA GLN DA 141 -26.15 58.70 -61.04
C GLN DA 141 -24.86 58.56 -60.24
N CYS DA 142 -24.76 59.32 -59.16
CA CYS DA 142 -23.56 59.35 -58.35
C CYS DA 142 -23.53 58.16 -57.39
N PHE DA 143 -22.34 57.85 -56.90
CA PHE DA 143 -22.15 56.82 -55.89
C PHE DA 143 -22.50 57.38 -54.53
N ASP DA 144 -23.79 57.31 -54.19
CA ASP DA 144 -24.28 57.61 -52.86
C ASP DA 144 -24.82 56.33 -52.22
N ASP DA 145 -23.97 55.69 -51.44
CA ASP DA 145 -24.31 54.61 -50.53
C ASP DA 145 -23.78 55.00 -49.15
N GLY DA 146 -23.59 54.07 -48.20
CA GLY DA 146 -23.09 54.43 -46.89
C GLY DA 146 -21.66 54.96 -46.85
N THR DA 147 -21.44 56.07 -47.57
CA THR DA 147 -20.16 56.77 -47.59
C THR DA 147 -20.20 57.93 -46.61
N VAL DA 148 -21.09 58.89 -46.87
CA VAL DA 148 -21.39 59.98 -45.95
C VAL DA 148 -22.87 59.89 -45.64
N ASP DA 149 -23.20 59.64 -44.38
CA ASP DA 149 -24.59 59.63 -43.94
C ASP DA 149 -25.06 61.03 -43.57
N ASP DA 150 -24.16 62.00 -43.60
CA ASP DA 150 -24.43 63.35 -43.15
C ASP DA 150 -24.08 64.30 -44.29
N THR DA 151 -24.59 63.98 -45.49
CA THR DA 151 -24.26 64.72 -46.71
C THR DA 151 -24.85 66.13 -46.63
N LEU DA 152 -24.20 66.96 -45.79
CA LEU DA 152 -24.65 68.27 -45.38
C LEU DA 152 -26.11 68.26 -44.92
N GLY DA 153 -26.38 67.57 -43.81
CA GLY DA 153 -27.71 67.23 -43.35
C GLY DA 153 -28.62 68.41 -43.03
N GLU DA 154 -28.10 69.63 -43.06
CA GLU DA 154 -28.90 70.84 -42.90
C GLU DA 154 -29.52 71.31 -44.20
N GLN DA 155 -29.27 70.62 -45.30
CA GLN DA 155 -29.67 71.12 -46.61
C GLN DA 155 -31.11 70.87 -46.95
N LYS DA 156 -31.86 70.24 -46.05
CA LYS DA 156 -33.22 69.82 -46.35
C LYS DA 156 -34.20 71.00 -46.48
N GLU DA 157 -33.76 72.23 -46.24
CA GLU DA 157 -34.63 73.37 -46.47
C GLU DA 157 -33.97 74.52 -47.22
N ALA DA 158 -32.68 74.44 -47.55
CA ALA DA 158 -32.05 75.60 -48.17
C ALA DA 158 -32.35 75.65 -49.67
N TYR DA 159 -31.86 74.67 -50.41
CA TYR DA 159 -32.18 74.61 -51.83
C TYR DA 159 -33.58 74.07 -52.05
N TYR DA 160 -34.10 73.32 -51.08
CA TYR DA 160 -35.47 72.82 -51.17
C TYR DA 160 -36.48 73.94 -51.07
N LYS DA 161 -36.11 75.10 -50.56
CA LYS DA 161 -36.92 76.30 -50.71
C LYS DA 161 -36.35 77.26 -51.74
N LEU DA 162 -35.15 77.00 -52.23
CA LEU DA 162 -34.63 77.78 -53.34
C LEU DA 162 -35.20 77.33 -54.67
N LEU DA 163 -35.72 76.11 -54.75
CA LEU DA 163 -36.25 75.61 -56.01
C LEU DA 163 -37.56 76.27 -56.40
N GLU DA 164 -38.39 76.63 -55.44
CA GLU DA 164 -39.66 77.29 -55.73
C GLU DA 164 -39.66 78.76 -55.39
N LEU DA 165 -38.66 79.23 -54.63
CA LEU DA 165 -38.55 80.56 -54.03
C LEU DA 165 -39.85 81.05 -53.39
N ASN DA 218 -50.15 92.82 -48.62
CA ASN DA 218 -50.00 92.04 -47.40
C ASN DA 218 -48.74 91.20 -47.45
N ASP DA 219 -48.38 90.72 -48.64
CA ASP DA 219 -47.18 89.94 -48.84
C ASP DA 219 -45.91 90.78 -48.80
N LEU DA 220 -46.04 92.11 -48.70
CA LEU DA 220 -44.87 92.99 -48.65
C LEU DA 220 -44.07 92.79 -47.37
N SER DA 221 -44.74 92.42 -46.28
CA SER DA 221 -44.02 92.10 -45.05
C SER DA 221 -43.77 90.60 -44.92
N LYS DA 222 -44.54 89.78 -45.66
CA LYS DA 222 -44.36 88.34 -45.59
C LYS DA 222 -43.25 87.85 -46.50
N ARG DA 223 -43.24 88.29 -47.76
CA ARG DA 223 -42.19 87.88 -48.69
C ARG DA 223 -40.85 88.49 -48.32
N LYS DA 224 -40.86 89.66 -47.67
CA LYS DA 224 -39.63 90.30 -47.21
C LYS DA 224 -38.92 89.43 -46.18
N GLN DA 225 -39.67 88.83 -45.27
CA GLN DA 225 -39.12 87.81 -44.39
C GLN DA 225 -38.71 86.58 -45.19
N ARG DA 226 -39.48 86.24 -46.23
CA ARG DA 226 -39.21 85.04 -47.01
C ARG DA 226 -37.94 85.21 -47.85
N LYS DA 227 -37.62 86.44 -48.24
CA LYS DA 227 -36.36 86.68 -48.95
C LYS DA 227 -35.17 86.61 -48.00
N LYS DA 228 -35.38 86.94 -46.73
CA LYS DA 228 -34.30 86.85 -45.77
C LYS DA 228 -34.02 85.39 -45.37
N GLN DA 229 -35.07 84.56 -45.32
CA GLN DA 229 -34.87 83.13 -45.11
C GLN DA 229 -34.09 82.52 -46.26
N ILE DA 230 -34.38 82.95 -47.48
CA ILE DA 230 -33.54 82.63 -48.63
C ILE DA 230 -32.14 83.17 -48.44
N HIS DA 231 -32.03 84.40 -47.92
CA HIS DA 231 -30.72 84.94 -47.59
C HIS DA 231 -30.10 84.22 -46.41
N GLU DA 232 -30.91 83.71 -45.49
CA GLU DA 232 -30.40 82.81 -44.47
C GLU DA 232 -29.94 81.50 -45.11
N TYR DA 233 -30.67 81.03 -46.13
CA TYR DA 233 -30.21 79.86 -46.87
C TYR DA 233 -29.00 80.20 -47.71
N GLU DA 234 -28.86 81.47 -48.11
CA GLU DA 234 -27.74 81.86 -48.95
C GLU DA 234 -26.41 81.80 -48.23
N GLY DA 235 -26.39 82.15 -46.94
CA GLY DA 235 -25.13 82.10 -46.21
C GLY DA 235 -24.65 80.69 -45.96
N VAL DA 236 -25.57 79.77 -45.71
CA VAL DA 236 -25.18 78.39 -45.47
C VAL DA 236 -24.81 77.70 -46.77
N LEU DA 237 -25.16 78.30 -47.90
CA LEU DA 237 -24.57 77.92 -49.17
C LEU DA 237 -23.41 78.83 -49.55
N GLU DA 238 -23.06 79.78 -48.69
CA GLU DA 238 -21.90 80.61 -48.97
C GLU DA 238 -20.69 80.12 -48.20
N GLU DA 239 -20.87 79.75 -46.93
CA GLU DA 239 -19.78 79.13 -46.20
C GLU DA 239 -19.51 77.73 -46.74
N TYR DA 240 -20.56 76.95 -46.99
CA TYR DA 240 -20.37 75.78 -47.82
C TYR DA 240 -20.12 76.23 -49.25
N TYR DA 241 -19.49 75.35 -50.03
CA TYR DA 241 -18.89 75.64 -51.33
C TYR DA 241 -17.80 76.69 -51.19
N SER DA 242 -17.20 76.77 -50.00
CA SER DA 242 -16.03 77.57 -49.71
C SER DA 242 -15.13 76.84 -48.73
N GLN DA 243 -14.88 75.55 -48.97
CA GLN DA 243 -14.02 74.76 -48.10
C GLN DA 243 -12.83 74.25 -48.91
N GLY DA 244 -11.72 73.97 -48.22
CA GLY DA 244 -10.62 73.28 -48.85
C GLY DA 244 -10.99 71.83 -49.12
N THR DA 245 -10.15 71.16 -49.90
CA THR DA 245 -10.46 69.80 -50.35
C THR DA 245 -9.37 68.84 -49.91
N THR DA 246 -9.76 67.59 -49.70
CA THR DA 246 -8.86 66.46 -49.69
C THR DA 246 -9.58 65.30 -50.36
N VAL DA 247 -9.04 64.11 -50.16
CA VAL DA 247 -9.81 62.89 -50.33
C VAL DA 247 -10.01 62.33 -48.94
N VAL DA 248 -11.27 62.14 -48.57
CA VAL DA 248 -11.55 61.60 -47.25
C VAL DA 248 -11.40 60.09 -47.25
N ASN DA 249 -11.89 59.43 -48.29
CA ASN DA 249 -11.86 57.98 -48.36
C ASN DA 249 -11.39 57.57 -49.74
N SER DA 250 -10.44 56.64 -49.79
CA SER DA 250 -9.84 56.27 -51.06
C SER DA 250 -10.80 55.45 -51.90
N ILE DA 251 -10.60 55.53 -53.22
CA ILE DA 251 -11.42 54.77 -54.14
C ILE DA 251 -11.11 53.30 -54.10
N SER DA 252 -9.98 52.94 -53.51
CA SER DA 252 -9.75 51.54 -53.15
C SER DA 252 -10.81 51.03 -52.20
N ALA DA 253 -11.26 51.86 -51.26
CA ALA DA 253 -12.17 51.39 -50.23
C ALA DA 253 -13.54 51.04 -50.79
N GLN DA 254 -14.00 51.80 -51.78
CA GLN DA 254 -15.38 51.63 -52.22
C GLN DA 254 -15.54 50.38 -53.06
N ILE DA 255 -14.76 50.24 -54.12
CA ILE DA 255 -15.00 49.18 -55.07
C ILE DA 255 -14.60 47.83 -54.51
N TYR DA 256 -13.66 47.81 -53.57
CA TYR DA 256 -13.32 46.53 -52.95
C TYR DA 256 -14.45 46.08 -52.05
N SER DA 257 -15.10 47.03 -51.39
CA SER DA 257 -16.27 46.68 -50.59
C SER DA 257 -17.42 46.23 -51.47
N LEU DA 258 -17.51 46.77 -52.68
CA LEU DA 258 -18.56 46.36 -53.60
C LEU DA 258 -18.34 44.93 -54.07
N LEU DA 259 -17.10 44.57 -54.38
CA LEU DA 259 -16.82 43.23 -54.83
C LEU DA 259 -17.04 42.22 -53.72
N SER DA 260 -16.82 42.62 -52.47
CA SER DA 260 -17.09 41.73 -51.36
C SER DA 260 -18.58 41.51 -51.17
N ALA DA 261 -19.41 42.47 -51.58
CA ALA DA 261 -20.84 42.23 -51.61
C ALA DA 261 -21.22 41.26 -52.71
N ILE DA 262 -20.37 41.14 -53.72
CA ILE DA 262 -20.54 40.10 -54.72
C ILE DA 262 -19.81 38.83 -54.29
N GLY DA 263 -18.60 38.99 -53.73
CA GLY DA 263 -17.94 37.88 -53.09
C GLY DA 263 -16.95 37.10 -53.93
N GLU DA 264 -15.94 37.77 -54.49
CA GLU DA 264 -14.95 37.12 -55.33
C GLU DA 264 -13.62 37.05 -54.60
N THR DA 265 -13.12 35.84 -54.41
CA THR DA 265 -12.00 35.58 -53.52
C THR DA 265 -10.75 35.44 -54.38
N ASN DA 266 -9.96 36.50 -54.43
CA ASN DA 266 -8.64 36.41 -55.03
C ASN DA 266 -7.70 37.33 -54.28
N LEU DA 267 -6.53 36.80 -53.95
CA LEU DA 267 -5.57 37.53 -53.16
C LEU DA 267 -4.93 38.64 -53.98
N SER DA 268 -4.94 38.51 -55.30
CA SER DA 268 -4.50 39.58 -56.18
C SER DA 268 -5.34 40.83 -55.96
N ASN DA 269 -6.65 40.67 -55.78
CA ASN DA 269 -7.47 41.80 -55.38
C ASN DA 269 -7.02 42.36 -54.04
N LEU DA 270 -6.85 41.49 -53.06
CA LEU DA 270 -6.33 41.89 -51.77
C LEU DA 270 -4.91 42.42 -51.86
N TRP DA 271 -4.15 41.98 -52.86
CA TRP DA 271 -2.91 42.69 -53.09
C TRP DA 271 -3.17 44.04 -53.76
N LEU DA 272 -4.22 44.15 -54.56
CA LEU DA 272 -4.36 45.37 -55.32
C LEU DA 272 -4.94 46.52 -54.52
N ASN DA 273 -5.95 46.25 -53.69
CA ASN DA 273 -6.68 47.34 -53.03
C ASN DA 273 -5.83 48.03 -52.00
N ILE DA 274 -4.88 47.31 -51.39
CA ILE DA 274 -4.05 47.91 -50.39
C ILE DA 274 -2.98 48.81 -50.98
N LEU DA 275 -2.77 48.74 -52.28
CA LEU DA 275 -1.79 49.60 -52.92
C LEU DA 275 -2.24 51.04 -52.90
N GLY DA 276 -3.50 51.30 -53.23
CA GLY DA 276 -3.95 52.66 -53.38
C GLY DA 276 -4.03 53.40 -52.07
N THR DA 277 -4.49 52.73 -51.03
CA THR DA 277 -4.50 53.37 -49.73
C THR DA 277 -3.10 53.56 -49.17
N THR DA 278 -2.14 52.79 -49.65
CA THR DA 278 -0.76 53.01 -49.25
C THR DA 278 -0.22 54.28 -49.87
N SER DA 279 -0.78 54.70 -51.01
CA SER DA 279 -0.28 55.91 -51.65
C SER DA 279 -0.62 57.17 -50.89
N LEU DA 280 -1.67 57.15 -50.10
CA LEU DA 280 -2.05 58.37 -49.41
C LEU DA 280 -1.35 58.48 -48.05
N ASP DA 281 -0.34 57.64 -47.81
CA ASP DA 281 0.41 57.71 -46.56
C ASP DA 281 1.31 58.94 -46.49
N ILE DA 282 1.46 59.66 -47.59
CA ILE DA 282 2.35 60.81 -47.63
C ILE DA 282 1.57 62.09 -47.90
N ALA DA 283 0.25 62.00 -47.90
CA ALA DA 283 -0.57 63.18 -48.17
C ALA DA 283 -1.41 63.45 -46.93
N TYR DA 284 -1.85 62.42 -46.23
CA TYR DA 284 -2.62 62.63 -45.00
C TYR DA 284 -2.18 61.62 -43.95
N ALA DA 285 -2.81 61.65 -42.78
CA ALA DA 285 -2.48 60.71 -41.72
C ALA DA 285 -3.65 59.83 -41.33
N GLN DA 286 -4.75 60.42 -40.87
CA GLN DA 286 -5.72 59.60 -40.16
C GLN DA 286 -6.75 58.97 -41.07
N VAL DA 287 -6.60 59.13 -42.38
CA VAL DA 287 -7.50 58.45 -43.30
C VAL DA 287 -7.28 56.95 -43.31
N TYR DA 288 -6.05 56.49 -43.34
CA TYR DA 288 -5.74 55.09 -43.31
C TYR DA 288 -5.57 54.60 -41.90
N ASN DA 289 -5.52 55.52 -40.94
CA ASN DA 289 -5.52 55.11 -39.55
C ASN DA 289 -6.86 54.49 -39.18
N ARG DA 290 -7.92 54.84 -39.89
CA ARG DA 290 -9.16 54.09 -39.79
C ARG DA 290 -9.08 52.71 -40.40
N LEU DA 291 -8.12 52.46 -41.29
CA LEU DA 291 -8.11 51.22 -42.05
C LEU DA 291 -7.08 50.23 -41.50
N TYR DA 292 -6.51 50.55 -40.35
CA TYR DA 292 -5.68 49.57 -39.65
C TYR DA 292 -6.45 48.32 -39.22
N PRO DA 293 -7.73 48.36 -38.86
CA PRO DA 293 -8.44 47.08 -38.74
C PRO DA 293 -8.76 46.44 -40.08
N LEU DA 294 -9.13 47.21 -41.09
CA LEU DA 294 -9.63 46.61 -42.31
C LEU DA 294 -8.50 46.03 -43.14
N LEU DA 295 -7.27 46.38 -42.85
CA LEU DA 295 -6.17 45.57 -43.35
C LEU DA 295 -6.05 44.26 -42.59
N GLN DA 296 -6.31 44.25 -41.29
CA GLN DA 296 -6.00 43.10 -40.44
C GLN DA 296 -6.96 41.94 -40.62
N ASP DA 297 -8.26 42.21 -40.66
CA ASP DA 297 -9.25 41.16 -40.73
C ASP DA 297 -9.21 40.41 -42.04
N GLU DA 298 -8.92 41.08 -43.13
CA GLU DA 298 -9.03 40.45 -44.44
C GLU DA 298 -7.88 39.49 -44.66
N VAL DA 299 -6.68 39.85 -44.21
CA VAL DA 299 -5.55 38.94 -44.38
C VAL DA 299 -5.65 37.72 -43.48
N LYS DA 300 -6.48 37.79 -42.43
CA LYS DA 300 -6.79 36.63 -41.62
C LYS DA 300 -8.02 35.88 -42.10
N ARG DA 301 -9.02 36.59 -42.61
CA ARG DA 301 -10.20 35.89 -43.11
C ARG DA 301 -9.89 35.20 -44.42
N LEU DA 302 -8.99 35.77 -45.22
CA LEU DA 302 -8.52 35.16 -46.45
C LEU DA 302 -7.22 34.43 -46.22
N THR DA 303 -7.11 33.77 -45.08
CA THR DA 303 -5.98 32.92 -44.74
C THR DA 303 -5.87 31.78 -45.75
N PRO DA 304 -4.77 31.70 -46.49
CA PRO DA 304 -4.64 30.58 -47.43
C PRO DA 304 -4.19 29.30 -46.74
N SER DA 305 -3.47 29.40 -45.64
CA SER DA 305 -2.78 28.24 -45.10
C SER DA 305 -2.43 28.48 -43.63
N SER DA 306 -2.45 27.39 -42.86
CA SER DA 306 -1.97 27.43 -41.49
C SER DA 306 -0.50 27.08 -41.40
N ARG DA 307 -0.02 26.18 -42.24
CA ARG DA 307 1.38 25.78 -42.28
C ARG DA 307 2.15 26.76 -43.18
N ASN DA 308 3.47 26.61 -43.22
CA ASN DA 308 4.22 27.29 -44.27
C ASN DA 308 3.99 26.61 -45.62
N SER DA 309 3.94 25.28 -45.64
CA SER DA 309 3.79 24.44 -46.83
C SER DA 309 4.84 24.78 -47.88
N VAL DA 310 6.10 24.59 -47.51
CA VAL DA 310 7.24 25.23 -48.14
C VAL DA 310 7.49 24.74 -49.56
N LYS DA 311 8.37 25.44 -50.28
CA LYS DA 311 8.88 25.08 -51.60
C LYS DA 311 7.77 24.99 -52.64
N THR DA 312 6.76 25.82 -52.51
CA THR DA 312 5.73 25.94 -53.53
C THR DA 312 6.06 27.21 -54.31
N PRO DA 313 6.45 27.09 -55.59
CA PRO DA 313 6.85 28.27 -56.36
C PRO DA 313 5.72 29.23 -56.60
N ASP DA 314 4.50 28.73 -56.57
CA ASP DA 314 3.27 29.47 -56.72
C ASP DA 314 2.71 29.94 -55.39
N THR DA 315 1.41 30.25 -55.42
CA THR DA 315 0.46 30.43 -54.32
C THR DA 315 0.53 31.76 -53.60
N LEU DA 316 1.59 32.56 -53.83
CA LEU DA 316 1.64 33.97 -53.48
C LEU DA 316 1.35 34.22 -52.00
N THR DA 317 2.20 33.77 -51.10
CA THR DA 317 1.82 33.75 -49.70
C THR DA 317 1.88 35.16 -49.10
N LEU DA 318 0.93 35.45 -48.21
CA LEU DA 318 0.82 36.76 -47.59
C LEU DA 318 1.12 36.68 -46.10
N ASN DA 319 1.91 37.62 -45.61
CA ASN DA 319 2.34 37.66 -44.22
C ASN DA 319 2.36 39.10 -43.75
N ILE DA 320 2.93 39.32 -42.58
CA ILE DA 320 3.21 40.65 -42.06
C ILE DA 320 4.58 40.64 -41.41
N GLN DA 321 5.30 41.77 -41.53
CA GLN DA 321 6.66 41.91 -41.04
C GLN DA 321 6.84 43.40 -40.77
N PRO DA 322 7.65 43.78 -39.79
CA PRO DA 322 7.87 45.21 -39.55
C PRO DA 322 8.78 45.81 -40.62
N ASP DA 323 8.79 47.14 -40.67
CA ASP DA 323 9.39 47.88 -41.78
C ASP DA 323 9.53 49.33 -41.35
N TYR DA 324 10.20 50.12 -42.20
CA TYR DA 324 10.71 51.43 -41.80
C TYR DA 324 10.40 52.49 -42.85
N TYR DA 325 10.48 53.72 -42.35
CA TYR DA 325 10.42 54.96 -43.11
C TYR DA 325 11.68 54.93 -43.97
N LEU DA 326 12.79 54.39 -43.40
CA LEU DA 326 14.01 54.20 -44.18
C LEU DA 326 13.40 53.19 -45.12
N PHE DA 327 13.51 53.48 -46.40
CA PHE DA 327 12.74 52.74 -47.37
C PHE DA 327 13.61 51.99 -48.37
N LEU DA 328 12.93 51.20 -49.21
CA LEU DA 328 13.44 50.32 -50.26
C LEU DA 328 14.62 49.45 -49.85
N LEU DA 329 14.69 49.13 -48.55
CA LEU DA 329 15.83 48.44 -47.98
C LEU DA 329 15.90 47.01 -48.50
N ARG DA 330 14.78 46.30 -48.48
CA ARG DA 330 14.73 44.92 -48.95
C ARG DA 330 14.97 44.81 -50.43
N HIS DA 331 14.72 45.87 -51.18
CA HIS DA 331 15.14 45.85 -52.56
C HIS DA 331 16.63 46.13 -52.63
N SER DA 332 17.09 47.16 -51.92
CA SER DA 332 18.52 47.44 -51.91
C SER DA 332 19.01 48.75 -51.29
N SER DA 333 20.32 48.96 -51.44
CA SER DA 333 21.06 50.15 -51.05
C SER DA 333 21.27 50.71 -49.61
N LEU DA 334 21.39 49.89 -48.56
CA LEU DA 334 21.66 50.57 -47.29
C LEU DA 334 22.70 51.66 -47.48
N TYR DA 335 23.40 51.64 -48.62
CA TYR DA 335 24.21 52.77 -49.03
C TYR DA 335 23.39 54.05 -49.22
N ASP DA 336 22.45 54.07 -50.17
CA ASP DA 336 21.72 55.31 -50.39
C ASP DA 336 20.64 55.55 -49.35
N SER DA 337 20.47 54.64 -48.40
CA SER DA 337 19.81 54.96 -47.16
C SER DA 337 20.45 56.13 -46.45
N PHE DA 338 21.78 56.28 -46.57
CA PHE DA 338 22.56 57.35 -45.96
C PHE DA 338 22.04 58.72 -46.31
N TYR DA 339 21.66 58.94 -47.57
CA TYR DA 339 20.88 60.11 -47.87
C TYR DA 339 19.58 60.08 -47.09
N TYR DA 340 18.74 59.07 -47.30
CA TYR DA 340 17.42 59.27 -46.74
C TYR DA 340 17.32 58.79 -45.31
N SER DA 341 18.44 58.40 -44.69
CA SER DA 341 18.53 58.47 -43.24
C SER DA 341 18.64 59.92 -42.79
N ASN DA 342 19.37 60.74 -43.55
CA ASN DA 342 19.50 62.17 -43.26
C ASN DA 342 18.23 62.95 -43.59
N TYR DA 343 17.40 62.43 -44.49
CA TYR DA 343 15.99 62.81 -44.57
C TYR DA 343 15.29 62.63 -43.24
N VAL DA 344 15.53 61.49 -42.59
CA VAL DA 344 14.93 61.27 -41.30
C VAL DA 344 15.58 62.17 -40.26
N ASN DA 345 16.88 62.42 -40.40
CA ASN DA 345 17.47 63.47 -39.55
C ASN DA 345 17.12 64.86 -40.06
N ALA DA 346 16.67 65.00 -41.32
CA ALA DA 346 16.02 66.24 -41.70
C ALA DA 346 14.69 66.40 -41.00
N LYS DA 347 14.07 65.30 -40.60
CA LYS DA 347 12.94 65.41 -39.71
C LYS DA 347 13.35 65.71 -38.28
N LEU DA 348 14.64 65.64 -37.95
CA LEU DA 348 14.92 65.94 -36.55
C LEU DA 348 15.38 67.37 -36.30
N SER DA 349 16.61 67.74 -36.66
CA SER DA 349 17.06 69.12 -36.38
C SER DA 349 18.14 69.60 -37.35
N LEU DA 350 18.30 68.95 -38.50
CA LEU DA 350 19.46 69.27 -39.33
C LEU DA 350 19.16 68.93 -40.77
N TRP DA 351 20.15 69.14 -41.65
CA TRP DA 351 20.10 68.53 -42.97
C TRP DA 351 21.44 67.93 -43.33
N ASN DA 352 22.52 68.49 -42.78
CA ASN DA 352 23.82 67.89 -43.05
C ASN DA 352 24.75 67.82 -41.84
N GLU DA 353 24.67 68.79 -40.93
CA GLU DA 353 25.82 69.14 -40.10
C GLU DA 353 26.20 68.12 -39.03
N ASN DA 354 25.34 67.95 -38.02
CA ASN DA 354 25.60 67.01 -36.95
C ASN DA 354 25.54 65.57 -37.42
N GLY DA 355 24.65 65.28 -38.35
CA GLY DA 355 24.40 63.93 -38.83
C GLY DA 355 25.60 63.33 -39.51
N LYS DA 356 26.29 64.13 -40.33
CA LYS DA 356 27.50 63.65 -40.98
C LYS DA 356 28.62 63.42 -39.98
N LYS DA 357 28.44 63.82 -38.73
CA LYS DA 357 29.11 63.14 -37.62
C LYS DA 357 28.20 62.10 -37.00
N ARG DA 358 26.93 62.46 -36.72
CA ARG DA 358 26.05 61.61 -35.93
C ARG DA 358 25.72 60.29 -36.58
N LEU DA 359 25.65 60.25 -37.91
CA LEU DA 359 25.41 58.99 -38.60
C LEU DA 359 26.54 58.02 -38.39
N HIS DA 360 27.72 58.53 -38.12
CA HIS DA 360 28.85 57.65 -37.94
C HIS DA 360 29.01 57.15 -36.51
N LYS DA 361 27.94 57.09 -35.72
CA LYS DA 361 27.89 56.13 -34.64
C LYS DA 361 27.06 54.92 -35.03
N MET DA 362 26.05 55.14 -35.85
CA MET DA 362 25.04 54.12 -36.06
C MET DA 362 25.23 53.37 -37.37
N PHE DA 363 26.11 53.83 -38.25
CA PHE DA 363 26.08 53.21 -39.57
C PHE DA 363 27.36 52.47 -39.95
N ALA DA 364 28.52 53.14 -40.07
CA ALA DA 364 29.74 52.49 -40.57
C ALA DA 364 30.38 51.53 -39.57
N ARG DA 365 29.68 51.23 -38.46
CA ARG DA 365 29.89 50.08 -37.58
C ARG DA 365 30.20 48.81 -38.36
N MET DA 366 29.57 48.59 -39.49
CA MET DA 366 29.96 47.52 -40.39
C MET DA 366 30.26 48.13 -41.75
N GLY DA 367 31.47 47.88 -42.25
CA GLY DA 367 31.75 48.13 -43.64
C GLY DA 367 30.85 47.28 -44.51
N ILE DA 368 30.35 47.89 -45.57
CA ILE DA 368 29.24 47.33 -46.34
C ILE DA 368 29.79 46.67 -47.61
N PRO DA 369 29.70 45.34 -47.73
CA PRO DA 369 30.48 44.62 -48.76
C PRO DA 369 29.98 44.66 -50.20
N LEU DA 370 30.57 43.75 -51.00
CA LEU DA 370 30.30 43.56 -52.43
C LEU DA 370 29.63 42.25 -52.86
N SER DA 371 29.88 41.16 -52.15
CA SER DA 371 29.33 39.86 -52.56
C SER DA 371 28.43 39.27 -51.49
N THR DA 372 28.94 39.19 -50.26
CA THR DA 372 28.14 38.75 -49.12
C THR DA 372 27.18 39.83 -48.66
N ALA DA 373 27.25 41.03 -49.22
CA ALA DA 373 26.28 42.08 -49.01
C ALA DA 373 25.00 41.83 -49.80
N GLN DA 374 25.06 40.98 -50.81
CA GLN DA 374 23.89 40.27 -51.29
C GLN DA 374 23.33 39.34 -50.24
N GLU DA 375 24.11 38.98 -49.22
CA GLU DA 375 23.57 38.08 -48.23
C GLU DA 375 23.47 38.81 -46.89
N THR DA 376 24.42 39.70 -46.56
CA THR DA 376 24.37 40.29 -45.22
C THR DA 376 23.32 41.38 -45.08
N TRP DA 377 23.18 42.28 -46.06
CA TRP DA 377 22.04 43.20 -45.95
C TRP DA 377 20.80 42.70 -46.68
N LEU DA 378 20.80 41.45 -47.12
CA LEU DA 378 19.57 40.75 -47.43
C LEU DA 378 19.13 39.81 -46.30
N TYR DA 379 20.00 38.91 -45.82
CA TYR DA 379 19.67 37.93 -44.79
C TYR DA 379 20.09 38.34 -43.39
N MET DA 380 21.40 38.41 -43.10
CA MET DA 380 21.81 38.57 -41.71
C MET DA 380 21.75 40.03 -41.25
N ASP DA 381 21.16 40.91 -42.07
CA ASP DA 381 20.65 42.16 -41.52
C ASP DA 381 19.42 41.90 -40.65
N HIS DA 382 18.84 40.69 -40.71
CA HIS DA 382 17.89 40.28 -39.69
C HIS DA 382 18.54 40.13 -38.33
N SER DA 383 19.86 39.88 -38.29
CA SER DA 383 20.56 40.03 -37.03
C SER DA 383 20.73 41.50 -36.69
N ILE DA 384 20.68 42.36 -37.69
CA ILE DA 384 20.95 43.78 -37.48
C ILE DA 384 19.64 44.57 -37.38
N LYS DA 385 18.58 44.12 -38.07
CA LYS DA 385 17.24 44.65 -37.86
C LYS DA 385 16.77 44.34 -36.46
N ARG DA 386 17.07 43.14 -35.99
CA ARG DA 386 16.97 42.82 -34.57
C ARG DA 386 17.85 43.75 -33.76
N GLU DA 387 19.06 44.05 -34.25
CA GLU DA 387 19.96 44.89 -33.49
C GLU DA 387 19.49 46.33 -33.44
N LEU DA 388 18.99 46.87 -34.55
CA LEU DA 388 18.26 48.13 -34.50
C LEU DA 388 16.99 47.99 -33.66
N GLY DA 389 16.35 46.83 -33.76
CA GLY DA 389 15.24 46.53 -32.88
C GLY DA 389 15.66 46.45 -31.43
N ILE DA 390 16.91 46.05 -31.17
CA ILE DA 390 17.42 46.21 -29.82
C ILE DA 390 18.36 47.40 -29.66
N ILE DA 391 18.50 48.24 -30.68
CA ILE DA 391 19.03 49.59 -30.52
C ILE DA 391 17.92 50.58 -30.22
N PHE DA 392 16.82 50.52 -30.98
CA PHE DA 392 15.88 51.61 -30.82
C PHE DA 392 14.88 51.33 -29.72
N ASP DA 393 14.89 50.15 -29.11
CA ASP DA 393 14.12 49.99 -27.89
C ASP DA 393 14.77 50.76 -26.75
N LYS DA 394 16.10 50.88 -26.78
CA LYS DA 394 16.78 51.76 -25.85
C LYS DA 394 17.03 53.15 -26.47
N ASN DA 395 16.60 53.38 -27.71
CA ASN DA 395 16.28 54.72 -28.17
C ASN DA 395 14.80 55.02 -28.14
N LEU DA 396 14.03 54.40 -27.23
CA LEU DA 396 12.58 54.61 -27.24
C LEU DA 396 12.12 55.46 -26.07
N ASP DA 397 12.48 55.07 -24.83
CA ASP DA 397 12.17 55.92 -23.68
C ASP DA 397 13.08 57.13 -23.59
N ARG DA 398 14.14 57.18 -24.40
CA ARG DA 398 15.11 58.26 -24.40
C ARG DA 398 15.03 59.15 -25.65
N TYR DA 399 14.90 58.57 -26.85
CA TYR DA 399 14.77 59.39 -28.04
C TYR DA 399 13.29 59.61 -28.29
N GLY DA 400 12.48 58.57 -28.42
CA GLY DA 400 11.05 58.76 -28.55
C GLY DA 400 10.66 59.24 -29.93
N LEU DA 401 11.50 59.00 -30.92
CA LEU DA 401 11.18 59.43 -32.27
C LEU DA 401 10.63 58.24 -33.02
N GLN DA 402 9.32 58.28 -33.28
CA GLN DA 402 8.53 57.12 -33.66
C GLN DA 402 8.07 57.27 -35.10
N ASP DA 403 9.00 57.67 -35.94
CA ASP DA 403 8.80 57.73 -37.37
C ASP DA 403 9.46 56.58 -38.08
N ILE DA 404 9.91 55.58 -37.34
CA ILE DA 404 10.74 54.54 -37.92
C ILE DA 404 10.07 53.19 -37.79
N ILE DA 405 9.72 52.80 -36.57
CA ILE DA 405 9.06 51.53 -36.36
C ILE DA 405 7.64 51.62 -36.91
N ARG DA 406 7.31 50.70 -37.80
CA ARG DA 406 5.95 50.69 -38.33
C ARG DA 406 5.56 49.26 -38.66
N ASP DA 407 4.25 49.03 -38.60
CA ASP DA 407 3.68 47.71 -38.76
C ASP DA 407 3.83 47.21 -40.19
N GLY DA 408 3.29 47.94 -41.15
CA GLY DA 408 3.46 47.67 -42.56
C GLY DA 408 2.86 46.37 -43.07
N PHE DA 409 3.19 46.09 -44.33
CA PHE DA 409 2.66 44.91 -44.98
C PHE DA 409 3.65 44.47 -46.04
N VAL DA 410 3.60 43.18 -46.37
CA VAL DA 410 4.57 42.56 -47.26
C VAL DA 410 3.87 41.51 -48.11
N ARG DA 411 4.52 41.09 -49.19
CA ARG DA 411 4.07 39.95 -49.98
C ARG DA 411 5.30 39.25 -50.52
N THR DA 412 5.13 38.01 -50.96
CA THR DA 412 6.18 37.31 -51.67
C THR DA 412 5.61 36.61 -52.89
N LEU DA 413 6.51 36.12 -53.73
CA LEU DA 413 6.14 35.45 -54.97
C LEU DA 413 6.51 33.99 -54.99
N GLY DA 414 6.83 33.40 -53.84
CA GLY DA 414 7.35 32.05 -53.84
C GLY DA 414 8.86 32.04 -53.98
N TYR DA 415 9.34 32.72 -55.00
CA TYR DA 415 10.73 33.06 -55.19
C TYR DA 415 10.79 34.53 -55.58
N ARG DA 416 11.93 34.95 -56.14
CA ARG DA 416 12.15 36.29 -56.69
C ARG DA 416 12.08 37.37 -55.62
N GLY DA 417 12.53 37.05 -54.42
CA GLY DA 417 12.69 38.06 -53.41
C GLY DA 417 11.39 38.50 -52.77
N SER DA 418 11.54 39.10 -51.60
CA SER DA 418 10.41 39.62 -50.85
C SER DA 418 10.28 41.08 -51.19
N ILE DA 419 9.07 41.50 -51.58
CA ILE DA 419 8.82 42.88 -51.96
C ILE DA 419 7.60 43.33 -51.19
N SER DA 420 7.77 44.37 -50.39
CA SER DA 420 6.67 44.89 -49.60
C SER DA 420 5.94 45.94 -50.42
N ALA DA 421 4.93 46.58 -49.84
CA ALA DA 421 4.20 47.60 -50.57
C ALA DA 421 4.65 48.99 -50.22
N SER DA 422 5.58 49.16 -49.28
CA SER DA 422 6.08 50.49 -48.97
C SER DA 422 6.91 51.03 -50.11
N GLU DA 423 7.91 50.28 -50.51
CA GLU DA 423 8.77 50.64 -51.63
C GLU DA 423 8.06 50.54 -52.96
N PHE DA 424 6.97 49.79 -53.02
CA PHE DA 424 6.39 49.44 -54.31
C PHE DA 424 5.67 50.62 -54.91
N VAL DA 425 5.06 51.44 -54.06
CA VAL DA 425 4.45 52.67 -54.56
C VAL DA 425 5.50 53.66 -55.01
N GLU DA 426 6.72 53.55 -54.48
CA GLU DA 426 7.79 54.45 -54.87
C GLU DA 426 8.25 54.20 -56.30
N ALA DA 427 8.32 52.94 -56.72
CA ALA DA 427 8.70 52.65 -58.09
C ALA DA 427 7.63 53.11 -59.06
N LEU DA 428 6.37 53.04 -58.67
CA LEU DA 428 5.31 53.43 -59.58
C LEU DA 428 5.28 54.93 -59.81
N THR DA 429 5.73 55.72 -58.83
CA THR DA 429 5.75 57.16 -59.04
C THR DA 429 6.84 57.55 -60.01
N ALA DA 430 8.06 57.07 -59.79
CA ALA DA 430 9.17 57.46 -60.64
C ALA DA 430 9.06 56.89 -62.04
N LEU DA 431 8.51 55.68 -62.18
CA LEU DA 431 8.39 55.11 -63.50
C LEU DA 431 7.30 55.80 -64.29
N LEU DA 432 6.35 56.41 -63.59
CA LEU DA 432 5.40 57.26 -64.28
C LEU DA 432 6.05 58.52 -64.77
N GLU DA 433 7.11 58.97 -64.11
CA GLU DA 433 7.77 60.20 -64.48
C GLU DA 433 8.65 60.02 -65.71
N VAL DA 434 9.64 59.18 -65.61
CA VAL DA 434 10.61 59.01 -66.68
C VAL DA 434 10.39 57.63 -67.28
N GLY DA 435 10.86 57.44 -68.52
CA GLY DA 435 10.65 56.17 -69.18
C GLY DA 435 10.18 56.37 -70.61
N ASN DA 436 10.27 57.60 -71.09
CA ASN DA 436 9.88 57.96 -72.45
C ASN DA 436 10.76 57.27 -73.50
N SER DA 462 1.03 78.83 -82.81
CA SER DA 462 1.74 78.67 -81.54
C SER DA 462 1.33 77.39 -80.81
N ALA DA 463 1.67 77.30 -79.53
CA ALA DA 463 1.30 76.21 -78.62
C ALA DA 463 1.81 74.85 -79.11
N GLN DA 464 2.92 74.86 -79.83
CA GLN DA 464 3.40 73.65 -80.48
C GLN DA 464 4.23 72.78 -79.55
N LYS DA 465 4.64 73.29 -78.40
CA LYS DA 465 5.45 72.48 -77.51
C LYS DA 465 4.60 71.73 -76.49
N LEU DA 466 3.47 72.31 -76.10
CA LEU DA 466 2.62 71.68 -75.09
C LEU DA 466 1.93 70.44 -75.62
N THR DA 467 1.64 70.40 -76.92
CA THR DA 467 1.08 69.18 -77.51
C THR DA 467 2.08 68.05 -77.46
N ASN DA 468 3.33 68.31 -77.87
CA ASN DA 468 4.35 67.29 -77.77
C ASN DA 468 4.87 67.12 -76.35
N LEU DA 469 4.39 67.93 -75.40
CA LEU DA 469 4.62 67.59 -74.01
C LEU DA 469 3.47 66.79 -73.43
N ARG DA 470 2.24 67.05 -73.89
CA ARG DA 470 1.11 66.33 -73.33
C ARG DA 470 1.00 64.93 -73.91
N LYS DA 471 1.56 64.68 -75.09
CA LYS DA 471 1.51 63.33 -75.64
C LYS DA 471 2.49 62.42 -74.94
N ARG DA 472 3.46 63.00 -74.23
CA ARG DA 472 4.40 62.19 -73.49
C ARG DA 472 3.76 61.55 -72.28
N TRP DA 473 3.06 62.33 -71.45
CA TRP DA 473 2.65 61.84 -70.15
C TRP DA 473 1.56 60.80 -70.23
N VAL DA 474 0.70 60.89 -71.23
CA VAL DA 474 -0.21 59.78 -71.50
C VAL DA 474 0.55 58.53 -71.90
N SER DA 475 1.60 58.66 -72.70
CA SER DA 475 2.27 57.46 -73.20
C SER DA 475 3.07 56.78 -72.11
N ASN DA 476 3.79 57.55 -71.31
CA ASN DA 476 4.58 56.93 -70.25
C ASN DA 476 3.71 56.47 -69.10
N PHE DA 477 2.47 56.99 -69.01
CA PHE DA 477 1.50 56.39 -68.10
C PHE DA 477 1.27 54.95 -68.46
N TRP DA 478 1.24 54.67 -69.75
CA TRP DA 478 0.72 53.40 -70.23
C TRP DA 478 1.65 52.26 -69.88
N LEU DA 479 2.94 52.55 -69.79
CA LEU DA 479 3.87 51.48 -69.45
C LEU DA 479 3.92 51.22 -67.96
N SER DA 480 3.18 51.98 -67.16
CA SER DA 480 3.07 51.62 -65.76
C SER DA 480 1.85 50.78 -65.46
N TRP DA 481 0.86 50.77 -66.33
CA TRP DA 481 -0.38 50.10 -66.00
C TRP DA 481 -0.23 48.60 -66.14
N ASP DA 482 0.61 48.17 -67.07
CA ASP DA 482 0.93 46.78 -67.27
C ASP DA 482 2.02 46.30 -66.35
N ALA DA 483 2.34 47.06 -65.32
CA ALA DA 483 3.35 46.64 -64.37
C ALA DA 483 2.81 45.67 -63.34
N LEU DA 484 1.56 45.26 -63.45
CA LEU DA 484 0.96 44.50 -62.39
C LEU DA 484 0.86 43.02 -62.72
N ASP DA 485 1.59 42.58 -63.75
CA ASP DA 485 1.73 41.17 -64.06
C ASP DA 485 3.03 40.63 -63.47
N ASP DA 486 3.18 39.30 -63.52
CA ASP DA 486 4.50 38.71 -63.38
C ASP DA 486 5.35 38.89 -64.62
N ARG DA 487 4.75 39.26 -65.75
CA ARG DA 487 5.44 39.32 -67.04
C ARG DA 487 6.43 40.46 -67.09
N LYS DA 488 6.28 41.46 -66.23
CA LYS DA 488 7.27 42.51 -66.09
C LYS DA 488 8.16 42.16 -64.91
N VAL DA 489 9.36 41.70 -65.21
CA VAL DA 489 10.38 41.53 -64.21
C VAL DA 489 11.55 42.45 -64.48
N GLU DA 490 12.18 42.30 -65.64
CA GLU DA 490 13.36 43.11 -65.94
C GLU DA 490 12.99 44.53 -66.36
N LEU DA 491 11.71 44.88 -66.40
CA LEU DA 491 11.35 46.28 -66.38
C LEU DA 491 10.98 46.76 -64.99
N LEU DA 492 10.73 45.85 -64.04
CA LEU DA 492 10.39 46.28 -62.69
C LEU DA 492 11.59 46.92 -62.01
N ASN DA 493 12.76 46.33 -62.17
CA ASN DA 493 13.95 46.90 -61.57
C ASN DA 493 14.39 48.17 -62.28
N ARG DA 494 13.89 48.43 -63.49
CA ARG DA 494 14.26 49.65 -64.22
C ARG DA 494 13.80 50.89 -63.50
N GLY DA 495 12.56 50.89 -63.02
CA GLY DA 495 12.12 51.99 -62.18
C GLY DA 495 12.85 52.04 -60.85
N ILE DA 496 13.27 50.88 -60.34
CA ILE DA 496 13.94 50.82 -59.06
C ILE DA 496 15.28 51.54 -59.13
N GLN DA 497 16.07 51.24 -60.15
CA GLN DA 497 17.34 51.94 -60.32
C GLN DA 497 17.12 53.36 -60.81
N LEU DA 498 15.95 53.64 -61.39
CA LEU DA 498 15.61 55.02 -61.70
C LEU DA 498 15.29 55.80 -60.44
N ALA DA 499 14.59 55.19 -59.50
CA ALA DA 499 14.16 55.89 -58.30
C ALA DA 499 15.32 56.32 -57.43
N GLN DA 500 16.35 55.48 -57.29
CA GLN DA 500 17.43 55.84 -56.39
C GLN DA 500 18.47 56.73 -57.04
N ASP DA 501 18.17 57.33 -58.18
CA ASP DA 501 18.93 58.49 -58.61
C ASP DA 501 18.10 59.75 -58.62
N LEU DA 502 16.78 59.62 -58.80
CA LEU DA 502 15.91 60.78 -58.85
C LEU DA 502 15.89 61.51 -57.51
N GLN DA 503 15.86 60.75 -56.43
CA GLN DA 503 16.02 61.38 -55.13
C GLN DA 503 17.40 62.00 -54.99
N ARG DA 504 18.43 61.33 -55.49
CA ARG DA 504 19.76 61.93 -55.53
C ARG DA 504 19.81 63.11 -56.47
N ALA DA 505 18.93 63.12 -57.48
CA ALA DA 505 18.81 64.33 -58.26
C ALA DA 505 18.06 65.41 -57.52
N ILE DA 506 16.95 65.07 -56.86
CA ILE DA 506 16.12 66.10 -56.25
C ILE DA 506 16.77 66.67 -55.00
N PHE DA 507 17.61 65.88 -54.33
CA PHE DA 507 18.27 66.35 -53.14
C PHE DA 507 19.46 67.20 -53.50
N ASN DA 508 19.94 67.04 -54.72
CA ASN DA 508 21.08 67.82 -55.18
C ASN DA 508 20.74 69.30 -55.30
N THR DA 509 19.48 69.62 -55.60
CA THR DA 509 19.10 71.02 -55.71
C THR DA 509 18.38 71.54 -54.49
N GLY DA 510 17.84 70.65 -53.65
CA GLY DA 510 17.17 71.10 -52.45
C GLY DA 510 18.19 71.64 -51.48
N VAL DA 511 19.35 71.00 -51.44
CA VAL DA 511 20.46 71.53 -50.65
C VAL DA 511 20.99 72.82 -51.23
N ALA DA 512 20.77 73.08 -52.50
CA ALA DA 512 21.21 74.35 -53.07
C ALA DA 512 20.32 75.48 -52.61
N ILE DA 513 19.00 75.31 -52.71
CA ILE DA 513 18.09 76.42 -52.43
C ILE DA 513 18.00 76.71 -50.94
N LEU DA 514 18.36 75.76 -50.09
CA LEU DA 514 18.57 76.07 -48.69
C LEU DA 514 19.75 77.02 -48.52
N GLU DA 515 20.90 76.66 -49.08
CA GLU DA 515 22.12 77.42 -48.82
C GLU DA 515 22.14 78.74 -49.55
N LYS DA 516 21.33 78.88 -50.59
CA LYS DA 516 21.12 80.20 -51.18
C LYS DA 516 20.41 81.12 -50.21
N LYS DA 517 19.58 80.55 -49.33
CA LYS DA 517 18.75 81.27 -48.36
C LYS DA 517 17.84 82.27 -49.05
N LEU DA 518 17.00 81.76 -49.96
CA LEU DA 518 16.02 82.59 -50.64
C LEU DA 518 14.60 82.34 -50.16
N ILE DA 519 14.43 81.63 -49.06
CA ILE DA 519 13.12 81.52 -48.43
C ILE DA 519 12.91 82.76 -47.57
N LYS DA 520 11.82 83.48 -47.83
CA LYS DA 520 11.52 84.71 -47.12
C LYS DA 520 10.15 84.59 -46.49
N HIS DA 521 10.11 84.63 -45.17
CA HIS DA 521 8.84 84.72 -44.46
C HIS DA 521 8.38 86.16 -44.52
N LEU DA 522 7.46 86.47 -45.45
CA LEU DA 522 7.06 87.86 -45.60
C LEU DA 522 6.09 88.25 -44.50
N ARG DA 523 4.89 87.76 -44.56
CA ARG DA 523 4.06 87.90 -43.37
C ARG DA 523 3.28 86.63 -43.04
N ILE DA 524 2.81 85.93 -44.05
CA ILE DA 524 1.80 84.89 -43.85
C ILE DA 524 2.45 83.55 -44.13
N TYR DA 525 2.98 83.43 -45.33
CA TYR DA 525 3.60 82.24 -45.87
C TYR DA 525 5.09 82.44 -45.94
N ARG DA 526 5.76 81.53 -46.62
CA ARG DA 526 7.09 81.80 -47.12
C ARG DA 526 7.07 81.65 -48.62
N LEU DA 527 7.79 82.52 -49.31
CA LEU DA 527 7.84 82.52 -50.76
C LEU DA 527 9.24 82.13 -51.20
N CYS DA 528 9.32 81.25 -52.19
CA CYS DA 528 10.59 80.88 -52.80
C CYS DA 528 10.38 80.86 -54.31
N VAL DA 529 11.26 81.51 -55.06
CA VAL DA 529 11.24 81.47 -56.51
C VAL DA 529 12.55 80.88 -57.00
N LEU DA 530 12.48 79.66 -57.50
CA LEU DA 530 13.63 79.02 -58.13
C LEU DA 530 13.72 79.65 -59.52
N GLN DA 531 14.46 80.74 -59.60
CA GLN DA 531 14.56 81.48 -60.85
C GLN DA 531 15.35 80.70 -61.91
N ASP DA 532 16.51 80.15 -61.53
CA ASP DA 532 17.32 79.31 -62.39
C ASP DA 532 18.34 78.54 -61.57
N GLY DA 533 18.44 77.25 -61.83
CA GLY DA 533 19.52 76.44 -61.33
C GLY DA 533 19.97 75.49 -62.40
N PRO DA 534 20.53 74.34 -62.00
CA PRO DA 534 20.76 73.27 -62.96
C PRO DA 534 19.61 72.29 -63.01
N ASP DA 535 19.50 71.60 -64.15
CA ASP DA 535 18.55 70.52 -64.41
C ASP DA 535 17.10 70.95 -64.22
N LEU DA 536 16.66 71.93 -64.98
CA LEU DA 536 15.32 72.46 -64.83
C LEU DA 536 14.26 71.60 -65.52
N ASP DA 537 14.67 70.60 -66.29
CA ASP DA 537 13.74 69.84 -67.12
C ASP DA 537 12.83 68.94 -66.30
N LEU DA 538 13.25 68.52 -65.11
CA LEU DA 538 12.48 67.58 -64.32
C LEU DA 538 11.42 68.24 -63.47
N TYR DA 539 10.94 69.43 -63.89
CA TYR DA 539 9.93 70.16 -63.15
C TYR DA 539 8.78 70.58 -64.06
N ARG DA 540 8.72 70.06 -65.27
CA ARG DA 540 7.52 70.22 -66.05
C ARG DA 540 6.41 69.31 -65.57
N ASN DA 541 6.71 68.07 -65.35
CA ASN DA 541 5.69 67.13 -64.93
C ASN DA 541 5.40 67.31 -63.45
N PRO DA 542 4.16 67.57 -63.07
CA PRO DA 542 3.90 68.07 -61.71
C PRO DA 542 4.06 67.04 -60.62
N LEU DA 543 4.20 65.75 -60.95
CA LEU DA 543 4.30 64.75 -59.90
C LEU DA 543 5.59 64.83 -59.13
N THR DA 544 6.65 65.36 -59.74
CA THR DA 544 7.86 65.61 -59.00
C THR DA 544 7.71 66.80 -58.05
N LEU DA 545 6.82 67.72 -58.35
CA LEU DA 545 6.80 68.97 -57.60
C LEU DA 545 6.24 68.78 -56.21
N LEU DA 546 5.22 67.94 -56.07
CA LEU DA 546 4.69 67.64 -54.75
C LEU DA 546 5.72 66.91 -53.89
N ARG DA 547 6.58 66.11 -54.50
CA ARG DA 547 7.65 65.47 -53.76
C ARG DA 547 8.71 66.46 -53.33
N LEU DA 548 9.04 67.40 -54.21
CA LEU DA 548 9.97 68.46 -53.85
C LEU DA 548 9.41 69.30 -52.71
N GLY DA 549 8.14 69.62 -52.76
CA GLY DA 549 7.49 70.17 -51.61
C GLY DA 549 7.45 69.23 -50.43
N ASN DA 550 7.30 67.92 -50.69
CA ASN DA 550 7.29 66.96 -49.60
C ASN DA 550 8.62 66.89 -48.91
N TRP DA 551 9.69 67.12 -49.64
CA TRP DA 551 10.96 67.33 -48.97
C TRP DA 551 11.05 68.71 -48.36
N LEU DA 552 10.42 69.70 -48.98
CA LEU DA 552 10.57 71.06 -48.49
C LEU DA 552 9.65 71.39 -47.33
N ILE DA 553 8.49 70.74 -47.24
CA ILE DA 553 7.65 70.94 -46.06
C ILE DA 553 8.30 70.34 -44.83
N GLU DA 554 9.25 69.44 -44.98
CA GLU DA 554 9.88 68.80 -43.84
C GLU DA 554 11.19 69.44 -43.43
N CYS DA 555 11.72 70.37 -44.21
CA CYS DA 555 12.84 71.14 -43.69
C CYS DA 555 12.36 72.11 -42.64
N CYS DA 556 11.13 72.60 -42.78
CA CYS DA 556 10.50 73.48 -41.81
C CYS DA 556 9.62 72.72 -40.83
N ALA DA 557 9.80 71.40 -40.73
CA ALA DA 557 9.07 70.63 -39.73
C ALA DA 557 9.87 70.48 -38.44
N GLU DA 558 10.41 71.60 -37.97
CA GLU DA 558 10.94 71.70 -36.61
C GLU DA 558 9.78 72.11 -35.72
N SER DA 559 10.07 72.62 -34.51
CA SER DA 559 9.05 73.06 -33.57
C SER DA 559 8.10 74.08 -34.20
N GLU DA 560 8.63 75.25 -34.56
CA GLU DA 560 7.92 76.35 -35.22
C GLU DA 560 6.58 76.66 -34.60
N ASP DA 561 6.59 77.06 -33.34
CA ASP DA 561 5.39 77.24 -32.53
C ASP DA 561 4.58 78.51 -32.87
N LYS DA 562 4.83 79.12 -34.02
CA LYS DA 562 3.97 80.13 -34.62
C LYS DA 562 4.17 80.00 -36.13
N GLN DA 563 3.16 80.42 -36.90
CA GLN DA 563 3.17 80.45 -38.37
C GLN DA 563 3.42 79.08 -38.99
N LEU DA 564 2.47 78.16 -38.81
CA LEU DA 564 2.51 76.86 -39.46
C LEU DA 564 1.86 76.95 -40.83
N LEU DA 565 2.52 77.68 -41.72
CA LEU DA 565 1.95 77.85 -43.04
C LEU DA 565 2.89 77.29 -44.09
N PRO DA 566 2.38 76.47 -45.03
CA PRO DA 566 3.24 75.96 -46.11
C PRO DA 566 3.63 77.03 -47.12
N MET DA 567 4.35 76.60 -48.15
CA MET DA 567 5.01 77.54 -49.04
C MET DA 567 4.33 77.55 -50.39
N VAL DA 568 4.83 78.42 -51.25
CA VAL DA 568 4.49 78.42 -52.66
C VAL DA 568 5.79 78.63 -53.42
N LEU DA 569 6.09 77.71 -54.33
CA LEU DA 569 7.33 77.73 -55.08
C LEU DA 569 7.10 78.26 -56.49
N ALA DA 570 8.18 78.33 -57.26
CA ALA DA 570 8.11 78.83 -58.62
C ALA DA 570 9.29 78.30 -59.42
N SER DA 571 9.02 77.86 -60.66
CA SER DA 571 10.09 77.42 -61.54
C SER DA 571 9.64 77.54 -62.98
N ILE DA 572 10.62 77.65 -63.88
CA ILE DA 572 10.35 77.85 -65.29
C ILE DA 572 11.45 77.20 -66.12
N ASP DA 573 11.05 76.51 -67.18
CA ASP DA 573 11.95 75.84 -68.12
C ASP DA 573 11.65 76.27 -69.55
N GLU DA 574 10.37 76.51 -69.84
CA GLU DA 574 9.90 76.67 -71.21
C GLU DA 574 9.63 78.15 -71.48
N ASN DA 575 9.20 78.46 -72.70
CA ASN DA 575 8.97 79.83 -73.15
C ASN DA 575 7.77 80.45 -72.43
N THR DA 576 7.57 81.76 -72.68
CA THR DA 576 6.50 82.64 -72.21
C THR DA 576 6.19 82.58 -70.72
N ASP DA 577 7.14 82.08 -69.92
CA ASP DA 577 7.06 81.96 -68.47
C ASP DA 577 5.77 81.27 -68.03
N THR DA 578 5.65 79.98 -68.35
CA THR DA 578 4.46 79.19 -67.97
C THR DA 578 4.28 79.13 -66.46
N TYR DA 579 5.35 78.82 -65.72
CA TYR DA 579 5.42 78.93 -64.26
C TYR DA 579 4.39 78.11 -63.52
N LEU DA 580 4.53 76.78 -63.53
CA LEU DA 580 3.57 75.90 -62.86
C LEU DA 580 3.70 76.05 -61.34
N VAL DA 581 3.10 77.14 -60.86
CA VAL DA 581 3.15 77.45 -59.44
C VAL DA 581 2.18 76.56 -58.69
N ALA DA 582 2.51 76.22 -57.46
CA ALA DA 582 1.70 75.32 -56.68
C ALA DA 582 1.79 75.68 -55.21
N GLY DA 583 0.85 75.14 -54.44
CA GLY DA 583 0.84 75.30 -53.01
C GLY DA 583 0.92 73.97 -52.31
N LEU DA 584 1.27 73.99 -51.03
CA LEU DA 584 1.41 72.77 -50.24
C LEU DA 584 0.42 72.82 -49.11
N THR DA 585 0.53 71.84 -48.22
CA THR DA 585 -0.26 71.78 -47.02
C THR DA 585 0.66 71.93 -45.81
N PRO DA 586 0.20 72.51 -44.71
CA PRO DA 586 1.01 72.44 -43.49
C PRO DA 586 0.99 71.02 -42.93
N ARG DA 587 1.92 70.73 -42.04
CA ARG DA 587 2.11 69.38 -41.58
C ARG DA 587 2.10 69.29 -40.06
N TYR DA 588 1.77 68.10 -39.56
CA TYR DA 588 1.77 67.87 -38.13
C TYR DA 588 2.85 66.87 -37.75
N PRO DA 589 3.57 67.12 -36.68
CA PRO DA 589 4.61 66.20 -36.19
C PRO DA 589 4.07 65.10 -35.28
N ARG DA 590 3.01 64.43 -35.73
CA ARG DA 590 2.41 63.25 -35.10
C ARG DA 590 1.95 63.56 -33.67
N GLY DA 591 1.04 64.52 -33.57
CA GLY DA 591 0.49 64.93 -32.29
C GLY DA 591 -0.93 64.49 -32.05
N THR DA 597 -5.33 64.86 -37.30
CA THR DA 597 -5.39 66.31 -37.40
C THR DA 597 -6.52 66.86 -36.54
N LYS DA 598 -6.13 67.64 -35.53
CA LYS DA 598 -7.10 68.27 -34.65
C LYS DA 598 -7.73 69.51 -35.28
N LYS DA 599 -6.90 70.44 -35.76
CA LYS DA 599 -7.45 71.60 -36.46
C LYS DA 599 -7.84 71.21 -37.89
N PRO DA 600 -8.89 71.80 -38.44
CA PRO DA 600 -9.30 71.47 -39.83
C PRO DA 600 -8.51 72.23 -40.89
N ILE DA 601 -7.31 71.74 -41.18
CA ILE DA 601 -6.45 72.44 -42.14
C ILE DA 601 -6.42 71.67 -43.46
N LEU DA 602 -7.26 72.10 -44.40
CA LEU DA 602 -7.26 71.49 -45.73
C LEU DA 602 -6.48 72.35 -46.72
N ASN DA 603 -7.00 73.55 -47.01
CA ASN DA 603 -6.42 74.49 -47.96
C ASN DA 603 -7.18 75.79 -47.88
N ASN DA 604 -6.48 76.91 -48.07
CA ASN DA 604 -7.12 78.20 -48.21
C ASN DA 604 -6.93 78.79 -49.60
N PHE DA 605 -6.00 78.24 -50.38
CA PHE DA 605 -5.55 78.86 -51.61
C PHE DA 605 -6.55 78.78 -52.74
N SER DA 606 -7.29 77.67 -52.83
CA SER DA 606 -8.25 77.50 -53.93
C SER DA 606 -9.39 78.48 -53.81
N MET DA 607 -9.74 78.89 -52.59
CA MET DA 607 -10.65 80.00 -52.41
C MET DA 607 -10.06 81.28 -52.98
N ALA DA 608 -8.77 81.52 -52.74
CA ALA DA 608 -8.12 82.68 -53.35
C ALA DA 608 -7.84 82.46 -54.83
N PHE DA 609 -7.73 81.20 -55.25
CA PHE DA 609 -7.49 80.92 -56.66
C PHE DA 609 -8.71 81.24 -57.50
N GLN DA 610 -9.90 81.17 -56.92
CA GLN DA 610 -11.08 81.67 -57.61
C GLN DA 610 -11.05 83.18 -57.74
N GLN DA 611 -10.45 83.88 -56.77
CA GLN DA 611 -10.48 85.34 -56.75
C GLN DA 611 -9.62 85.94 -57.84
N ILE DA 612 -8.38 85.50 -57.95
CA ILE DA 612 -7.44 86.12 -58.88
C ILE DA 612 -7.78 85.74 -60.31
N THR DA 613 -8.31 84.55 -60.50
CA THR DA 613 -8.83 84.15 -61.80
C THR DA 613 -10.06 84.93 -62.19
N ALA DA 614 -10.78 85.51 -61.25
CA ALA DA 614 -11.98 86.27 -61.56
C ALA DA 614 -11.70 87.74 -61.82
N GLU DA 615 -10.45 88.19 -61.69
CA GLU DA 615 -10.23 89.63 -61.72
C GLU DA 615 -10.14 90.19 -63.13
N THR DA 616 -9.15 89.78 -63.92
CA THR DA 616 -8.83 90.49 -65.15
C THR DA 616 -8.63 89.58 -66.36
N ASP DA 617 -8.47 88.27 -66.14
CA ASP DA 617 -8.23 87.26 -67.17
C ASP DA 617 -7.06 87.64 -68.10
N ALA DA 618 -6.01 88.17 -67.49
CA ALA DA 618 -4.86 88.68 -68.23
C ALA DA 618 -3.75 87.63 -68.28
N LYS DA 619 -4.02 86.59 -69.10
CA LYS DA 619 -3.18 85.41 -69.28
C LYS DA 619 -2.89 84.71 -67.94
N VAL DA 620 -3.99 84.22 -67.36
CA VAL DA 620 -3.93 83.26 -66.26
C VAL DA 620 -4.64 82.01 -66.74
N ARG DA 621 -4.22 80.85 -66.22
CA ARG DA 621 -4.72 79.57 -66.71
C ARG DA 621 -4.97 78.64 -65.55
N ILE DA 622 -6.06 77.87 -65.61
CA ILE DA 622 -6.34 76.82 -64.65
C ILE DA 622 -6.60 75.51 -65.39
N ASP DA 623 -5.97 75.37 -66.56
CA ASP DA 623 -6.19 74.21 -67.42
C ASP DA 623 -5.65 72.92 -66.85
N ASN DA 624 -4.66 72.98 -65.95
CA ASN DA 624 -4.22 71.79 -65.25
C ASN DA 624 -5.30 71.29 -64.31
N PHE DA 625 -5.27 69.99 -64.03
CA PHE DA 625 -6.44 69.37 -63.43
C PHE DA 625 -6.56 69.71 -61.95
N GLU DA 626 -5.54 69.39 -61.16
CA GLU DA 626 -5.60 69.58 -59.73
C GLU DA 626 -5.59 71.07 -59.40
N SER DA 627 -6.50 71.48 -58.53
CA SER DA 627 -6.64 72.90 -58.18
C SER DA 627 -5.46 73.44 -57.39
N SER DA 628 -4.63 72.57 -56.80
CA SER DA 628 -3.44 73.01 -56.09
C SER DA 628 -2.33 73.47 -57.02
N ILE DA 629 -2.51 73.36 -58.33
CA ILE DA 629 -1.53 73.83 -59.30
C ILE DA 629 -2.26 74.70 -60.31
N ILE DA 630 -1.69 75.87 -60.61
CA ILE DA 630 -2.17 76.76 -61.66
C ILE DA 630 -0.97 77.19 -62.48
N GLU DA 631 -1.17 78.17 -63.38
CA GLU DA 631 -0.08 78.80 -64.07
C GLU DA 631 -0.14 80.31 -63.85
N ILE DA 632 0.93 81.00 -64.22
CA ILE DA 632 1.00 82.45 -64.12
C ILE DA 632 1.95 82.95 -65.19
N ARG DA 633 1.86 84.24 -65.50
CA ARG DA 633 2.79 84.98 -66.32
C ARG DA 633 3.85 85.63 -65.42
N ARG DA 634 4.98 86.00 -66.03
CA ARG DA 634 6.11 86.54 -65.28
C ARG DA 634 5.78 87.91 -64.68
N GLU DA 635 5.12 88.76 -65.44
CA GLU DA 635 4.73 90.07 -64.95
C GLU DA 635 3.46 90.03 -64.13
N ASP DA 636 2.92 88.85 -63.85
CA ASP DA 636 1.72 88.72 -63.06
C ASP DA 636 1.97 88.08 -61.70
N LEU DA 637 3.10 87.42 -61.51
CA LEU DA 637 3.41 86.81 -60.23
C LEU DA 637 3.72 87.84 -59.15
N SER DA 638 4.24 89.00 -59.54
CA SER DA 638 4.48 90.05 -58.56
C SER DA 638 3.20 90.77 -58.17
N PRO DA 639 2.24 91.07 -59.06
CA PRO DA 639 0.93 91.49 -58.55
C PRO DA 639 0.07 90.34 -58.05
N PHE DA 640 0.50 89.10 -58.23
CA PHE DA 640 -0.18 87.96 -57.61
C PHE DA 640 -0.09 88.05 -56.09
N LEU DA 641 1.12 88.18 -55.58
CA LEU DA 641 1.36 88.16 -54.14
C LEU DA 641 0.81 89.39 -53.45
N GLU DA 642 0.81 90.55 -54.12
CA GLU DA 642 0.24 91.76 -53.54
C GLU DA 642 -1.26 91.61 -53.35
N LYS DA 643 -1.92 90.87 -54.24
CA LYS DA 643 -3.29 90.50 -54.01
C LYS DA 643 -3.45 89.45 -52.93
N LEU DA 644 -2.37 88.75 -52.57
CA LEU DA 644 -2.44 87.67 -51.61
C LEU DA 644 -2.00 88.06 -50.22
N THR DA 645 -1.14 89.06 -50.10
CA THR DA 645 -0.68 89.48 -48.78
C THR DA 645 -1.72 90.28 -48.02
N LEU DA 646 -2.75 90.78 -48.69
CA LEU DA 646 -3.84 91.48 -48.05
C LEU DA 646 -5.11 90.65 -47.93
N SER DA 647 -5.37 89.77 -48.89
CA SER DA 647 -6.60 88.97 -48.88
C SER DA 647 -6.41 87.80 -47.92
N GLY DA 648 -6.62 88.07 -46.64
CA GLY DA 648 -6.50 87.03 -45.64
C GLY DA 648 -7.77 86.21 -45.53
N LEU DA 649 -7.76 85.02 -46.12
CA LEU DA 649 -8.96 84.21 -46.21
C LEU DA 649 -8.89 82.93 -45.38
N LEU DA 650 -7.88 82.78 -44.53
CA LEU DA 650 -7.77 81.59 -43.70
C LEU DA 650 -8.79 81.70 -42.57
N PRO EA 201 52.86 40.58 -11.41
CA PRO EA 201 52.27 40.46 -10.08
C PRO EA 201 50.82 40.88 -10.06
N ASN EA 202 50.37 41.47 -8.96
CA ASN EA 202 48.98 41.87 -8.82
C ASN EA 202 48.79 43.36 -8.59
N VAL EA 203 49.84 44.07 -8.17
CA VAL EA 203 49.70 45.50 -7.91
C VAL EA 203 49.55 46.32 -9.18
N SER EA 204 49.92 45.77 -10.33
CA SER EA 204 49.67 46.44 -11.59
C SER EA 204 48.19 46.52 -11.92
N ARG EA 205 47.38 45.62 -11.36
CA ARG EA 205 45.93 45.71 -11.51
C ARG EA 205 45.41 47.02 -10.93
N THR EA 206 45.96 47.44 -9.80
CA THR EA 206 45.62 48.75 -9.28
C THR EA 206 46.21 49.86 -10.13
N ILE EA 207 47.36 49.60 -10.76
CA ILE EA 207 48.05 50.63 -11.55
C ILE EA 207 47.19 51.03 -12.73
N ALA EA 208 46.57 50.05 -13.38
CA ALA EA 208 45.64 50.34 -14.45
C ALA EA 208 44.44 51.12 -13.95
N ARG EA 209 43.96 50.80 -12.75
CA ARG EA 209 42.89 51.59 -12.17
C ARG EA 209 43.37 52.99 -11.83
N GLU EA 210 44.62 53.11 -11.38
CA GLU EA 210 45.08 54.39 -10.86
C GLU EA 210 45.36 55.37 -12.00
N LEU EA 211 45.79 54.87 -13.15
CA LEU EA 211 46.05 55.77 -14.25
C LEU EA 211 44.80 56.17 -14.99
N LYS EA 212 43.77 55.32 -14.98
CA LYS EA 212 42.59 55.53 -15.80
C LYS EA 212 41.87 56.79 -15.39
N SER EA 213 41.57 56.90 -14.10
CA SER EA 213 41.14 58.15 -13.52
C SER EA 213 42.15 59.26 -13.77
N PHE EA 214 43.45 58.98 -13.61
CA PHE EA 214 44.49 59.98 -13.83
C PHE EA 214 44.53 60.47 -15.28
N LEU EA 215 43.93 59.72 -16.20
CA LEU EA 215 43.73 60.22 -17.54
C LEU EA 215 42.45 61.05 -17.69
N LEU EA 216 41.27 60.42 -17.60
CA LEU EA 216 40.07 61.06 -18.12
C LEU EA 216 39.47 62.10 -17.19
N GLU EA 217 39.84 62.11 -15.91
CA GLU EA 217 39.25 63.04 -14.97
C GLU EA 217 39.73 64.47 -15.20
N TYR EA 218 40.84 64.66 -15.91
CA TYR EA 218 41.38 65.99 -16.05
C TYR EA 218 41.58 66.34 -17.51
N THR EA 219 41.30 67.60 -17.79
CA THR EA 219 41.53 68.23 -19.06
C THR EA 219 42.23 69.54 -18.78
N ASP EA 220 43.33 69.80 -19.48
CA ASP EA 220 44.03 71.06 -19.32
C ASP EA 220 43.38 72.15 -20.19
N GLU EA 221 43.85 73.38 -20.01
CA GLU EA 221 43.42 74.57 -20.77
C GLU EA 221 41.93 74.85 -20.62
N THR EA 222 41.55 75.30 -19.41
CA THR EA 222 40.22 75.83 -19.07
C THR EA 222 39.10 74.84 -19.36
N GLY EA 223 39.40 73.57 -19.13
CA GLY EA 223 38.45 72.50 -19.37
C GLY EA 223 38.16 72.34 -20.86
N ARG EA 224 36.86 72.23 -21.20
CA ARG EA 224 36.30 71.85 -22.51
C ARG EA 224 36.62 70.39 -22.88
N SER EA 225 37.09 69.57 -21.92
CA SER EA 225 37.12 68.11 -22.00
C SER EA 225 37.89 67.52 -23.19
N VAL EA 226 39.20 67.70 -23.19
CA VAL EA 226 40.04 67.42 -24.35
C VAL EA 226 40.20 65.93 -24.55
N TYR EA 227 40.61 65.23 -23.50
CA TYR EA 227 40.85 63.80 -23.63
C TYR EA 227 39.57 63.02 -23.85
N GLY EA 228 38.44 63.53 -23.36
CA GLY EA 228 37.16 62.96 -23.71
C GLY EA 228 36.73 63.23 -25.13
N ALA EA 229 37.37 64.19 -25.80
CA ALA EA 229 37.03 64.49 -27.18
C ALA EA 229 37.77 63.61 -28.18
N ARG EA 230 39.05 63.31 -27.91
CA ARG EA 230 39.81 62.44 -28.80
C ARG EA 230 39.21 61.05 -28.86
N ILE EA 231 38.69 60.55 -27.74
CA ILE EA 231 38.21 59.18 -27.74
C ILE EA 231 36.92 58.98 -28.51
N ARG EA 232 35.91 59.84 -28.31
CA ARG EA 232 34.63 59.65 -28.96
C ARG EA 232 34.69 59.91 -30.45
N THR EA 233 35.62 60.74 -30.91
CA THR EA 233 35.70 61.09 -32.31
C THR EA 233 36.40 60.03 -33.13
N LEU EA 234 37.45 59.43 -32.58
CA LEU EA 234 38.11 58.34 -33.26
C LEU EA 234 37.41 57.03 -32.98
N GLY EA 235 36.35 57.09 -32.20
CA GLY EA 235 35.33 56.08 -32.33
C GLY EA 235 34.50 56.26 -33.58
N GLU EA 236 34.15 57.51 -33.91
CA GLU EA 236 33.19 57.74 -34.97
C GLU EA 236 33.75 57.46 -36.36
N MET EA 237 35.05 57.38 -36.51
CA MET EA 237 35.66 56.95 -37.76
C MET EA 237 36.06 55.49 -37.72
N ASN EA 238 36.15 54.91 -36.52
CA ASN EA 238 36.58 53.55 -36.26
C ASN EA 238 37.95 53.26 -36.83
N SER EA 239 38.99 53.87 -36.26
CA SER EA 239 40.30 53.83 -36.86
C SER EA 239 41.44 53.50 -35.92
N GLU EA 240 41.17 53.25 -34.64
CA GLU EA 240 42.11 52.62 -33.70
C GLU EA 240 43.38 53.45 -33.47
N SER EA 241 43.20 54.61 -32.84
CA SER EA 241 44.35 55.49 -32.55
C SER EA 241 44.01 56.34 -31.33
N LEU EA 242 45.00 56.64 -30.51
CA LEU EA 242 44.91 57.65 -29.47
C LEU EA 242 46.22 58.41 -29.35
N GLU EA 243 46.20 59.48 -28.55
CA GLU EA 243 47.35 60.36 -28.44
C GLU EA 243 47.76 60.55 -26.98
N VAL EA 244 48.73 61.44 -26.78
CA VAL EA 244 49.11 61.95 -25.47
C VAL EA 244 49.33 63.46 -25.58
N ASN EA 245 48.55 64.22 -24.80
CA ASN EA 245 48.62 65.69 -24.86
C ASN EA 245 49.95 66.16 -24.30
N TYR EA 246 50.48 67.24 -24.87
CA TYR EA 246 51.84 67.67 -24.56
C TYR EA 246 52.00 68.24 -23.16
N ARG EA 247 51.08 69.12 -22.76
CA ARG EA 247 51.19 69.78 -21.47
C ARG EA 247 51.01 68.79 -20.32
N HIS EA 248 50.32 67.69 -20.55
CA HIS EA 248 50.27 66.62 -19.57
C HIS EA 248 50.80 65.32 -20.15
N LEU EA 249 51.63 65.41 -21.18
CA LEU EA 249 52.63 64.38 -21.36
C LEU EA 249 53.52 64.30 -20.13
N ALA EA 250 54.17 65.41 -19.81
CA ALA EA 250 55.23 65.42 -18.80
C ALA EA 250 54.70 65.18 -17.40
N GLU EA 251 53.47 65.63 -17.12
CA GLU EA 251 52.92 65.32 -15.81
C GLU EA 251 52.38 63.90 -15.77
N SER EA 252 51.98 63.35 -16.92
CA SER EA 252 51.79 61.91 -16.99
C SER EA 252 53.10 61.17 -17.14
N LYS EA 253 54.20 61.87 -17.41
CA LYS EA 253 55.49 61.21 -17.51
C LYS EA 253 56.24 61.19 -16.17
N ALA EA 254 56.04 62.22 -15.33
CA ALA EA 254 56.91 62.46 -14.16
C ALA EA 254 56.84 61.32 -13.15
N ILE EA 255 55.63 60.87 -12.82
CA ILE EA 255 55.50 59.70 -11.98
C ILE EA 255 55.46 58.41 -12.79
N LEU EA 256 55.71 58.48 -14.10
CA LEU EA 256 55.72 57.28 -14.93
C LEU EA 256 56.98 57.14 -15.77
N ALA EA 257 57.94 58.06 -15.65
CA ALA EA 257 59.19 57.91 -16.40
C ALA EA 257 60.02 56.74 -15.86
N LEU EA 258 60.08 56.58 -14.54
CA LEU EA 258 60.73 55.42 -13.97
C LEU EA 258 59.96 54.15 -14.28
N PHE EA 259 58.68 54.27 -14.62
CA PHE EA 259 58.03 53.11 -15.20
C PHE EA 259 57.84 53.25 -16.70
N LEU EA 260 58.67 54.07 -17.35
CA LEU EA 260 58.86 53.94 -18.80
C LEU EA 260 60.15 53.23 -19.14
N ALA EA 261 61.28 53.75 -18.70
CA ALA EA 261 62.56 53.23 -19.11
C ALA EA 261 62.88 51.88 -18.48
N LYS EA 262 62.28 51.56 -17.33
CA LYS EA 262 62.44 50.24 -16.73
C LYS EA 262 61.75 49.17 -17.57
N CYS EA 263 60.47 49.38 -17.91
CA CYS EA 263 59.77 48.50 -18.84
C CYS EA 263 58.94 49.37 -19.75
N PRO EA 264 59.26 49.42 -21.04
CA PRO EA 264 58.43 50.21 -21.95
C PRO EA 264 57.29 49.44 -22.60
N GLU EA 265 57.35 48.11 -22.69
CA GLU EA 265 56.33 47.44 -23.47
C GLU EA 265 55.28 46.73 -22.64
N GLU EA 266 55.66 46.14 -21.51
CA GLU EA 266 54.69 45.43 -20.70
C GLU EA 266 53.83 46.40 -19.94
N MET EA 267 54.37 47.59 -19.71
CA MET EA 267 53.53 48.68 -19.25
C MET EA 267 52.51 49.05 -20.31
N LEU EA 268 52.86 48.94 -21.60
CA LEU EA 268 51.92 49.27 -22.66
C LEU EA 268 50.85 48.22 -22.87
N LYS EA 269 51.19 46.94 -22.72
CA LYS EA 269 50.17 45.90 -22.85
C LYS EA 269 49.14 46.00 -21.74
N ILE EA 270 49.56 46.39 -20.54
CA ILE EA 270 48.56 46.66 -19.52
C ILE EA 270 48.04 48.09 -19.65
N PHE EA 271 48.73 48.95 -20.41
CA PHE EA 271 48.13 50.23 -20.71
C PHE EA 271 47.01 50.08 -21.72
N ASP EA 272 47.02 49.05 -22.53
CA ASP EA 272 46.02 49.00 -23.59
C ASP EA 272 44.68 48.51 -23.10
N LEU EA 273 44.65 47.54 -22.19
CA LEU EA 273 43.39 46.93 -21.84
C LEU EA 273 42.53 47.82 -20.95
N VAL EA 274 43.08 48.95 -20.48
CA VAL EA 274 42.22 49.91 -19.82
C VAL EA 274 41.52 50.83 -20.82
N ALA EA 275 42.07 50.99 -22.02
CA ALA EA 275 41.45 51.88 -23.00
C ALA EA 275 40.24 51.25 -23.66
N MET EA 276 40.15 49.92 -23.65
CA MET EA 276 38.90 49.25 -23.97
C MET EA 276 37.80 49.71 -23.04
N GLU EA 277 38.00 49.53 -21.74
CA GLU EA 277 37.01 49.89 -20.74
C GLU EA 277 36.89 51.39 -20.56
N ALA EA 278 37.82 52.15 -21.11
CA ALA EA 278 37.63 53.59 -21.16
C ALA EA 278 36.49 53.94 -22.10
N THR EA 279 36.50 53.40 -23.31
CA THR EA 279 35.47 53.72 -24.26
C THR EA 279 34.24 52.83 -24.17
N GLU EA 280 34.33 51.72 -23.42
CA GLU EA 280 33.28 50.72 -23.43
C GLU EA 280 31.99 51.26 -22.81
N LEU EA 281 32.12 51.98 -21.71
CA LEU EA 281 31.02 52.73 -21.17
C LEU EA 281 30.53 53.78 -22.13
N HIS EA 282 31.42 54.39 -22.90
CA HIS EA 282 30.97 55.44 -23.80
C HIS EA 282 30.37 54.86 -25.06
N TYR EA 283 31.17 54.15 -25.85
CA TYR EA 283 30.59 53.38 -26.94
C TYR EA 283 30.63 51.91 -26.57
N PRO EA 284 29.51 51.25 -26.51
CA PRO EA 284 29.52 49.81 -26.27
C PRO EA 284 29.90 49.10 -27.55
N ASP EA 285 30.08 47.80 -27.41
CA ASP EA 285 30.01 46.85 -28.52
C ASP EA 285 31.08 47.11 -29.57
N TYR EA 286 32.27 47.49 -29.11
CA TYR EA 286 33.46 47.40 -29.94
C TYR EA 286 34.08 46.02 -29.90
N ALA EA 287 33.29 44.98 -29.64
CA ALA EA 287 33.78 43.63 -29.65
C ALA EA 287 33.50 42.91 -30.96
N ARG EA 288 32.27 42.94 -31.46
CA ARG EA 288 31.99 42.38 -32.77
C ARG EA 288 32.61 43.19 -33.90
N ILE EA 289 33.02 44.42 -33.65
CA ILE EA 289 33.70 45.23 -34.65
C ILE EA 289 35.17 45.29 -34.25
N HIS EA 290 35.93 44.35 -34.80
CA HIS EA 290 37.40 44.22 -34.84
C HIS EA 290 38.11 44.07 -33.49
N SER EA 291 37.41 44.33 -32.38
CA SER EA 291 37.77 43.93 -31.01
C SER EA 291 39.17 44.36 -30.58
N GLU EA 292 39.65 45.46 -31.16
CA GLU EA 292 41.06 45.75 -30.91
C GLU EA 292 41.44 47.22 -30.96
N ILE EA 293 42.17 47.68 -29.96
CA ILE EA 293 42.72 49.02 -29.91
C ILE EA 293 44.16 48.89 -29.45
N HIS EA 294 45.03 49.81 -29.86
CA HIS EA 294 46.33 49.97 -29.23
C HIS EA 294 46.75 51.43 -29.36
N VAL EA 295 47.46 51.93 -28.35
CA VAL EA 295 47.67 53.35 -28.17
C VAL EA 295 48.83 53.83 -29.03
N ARG EA 296 49.03 55.14 -29.05
CA ARG EA 296 50.21 55.74 -29.64
C ARG EA 296 50.74 56.84 -28.72
N ILE EA 297 51.97 57.25 -28.97
CA ILE EA 297 52.67 58.22 -28.14
C ILE EA 297 53.02 59.43 -29.00
N SER EA 298 52.78 60.62 -28.46
CA SER EA 298 53.10 61.85 -29.17
C SER EA 298 54.58 62.18 -29.09
N ASP EA 299 54.92 63.43 -29.37
CA ASP EA 299 56.31 63.88 -29.41
C ASP EA 299 56.97 63.74 -28.04
N PHE EA 300 58.29 63.63 -28.07
CA PHE EA 300 59.06 63.24 -26.91
C PHE EA 300 60.29 64.14 -26.85
N PRO EA 301 60.76 64.50 -25.67
CA PRO EA 301 61.99 65.31 -25.61
C PRO EA 301 63.23 64.48 -25.82
N THR EA 302 63.80 64.57 -27.03
CA THR EA 302 65.00 63.86 -27.45
C THR EA 302 65.39 64.40 -28.81
N ILE EA 303 66.66 64.69 -29.01
CA ILE EA 303 67.13 65.22 -30.28
C ILE EA 303 67.78 64.18 -31.18
N TYR EA 304 68.30 63.07 -30.65
CA TYR EA 304 69.43 62.44 -31.33
C TYR EA 304 68.99 61.60 -32.50
N SER EA 305 69.98 61.22 -33.29
CA SER EA 305 69.80 60.54 -34.55
C SER EA 305 70.58 59.25 -34.54
N LEU EA 306 70.74 58.64 -35.72
CA LEU EA 306 71.24 57.29 -35.89
C LEU EA 306 72.67 57.09 -35.42
N ARG EA 307 73.45 58.17 -35.31
CA ARG EA 307 74.85 58.08 -34.92
C ARG EA 307 75.05 57.69 -33.46
N GLU EA 308 74.01 57.78 -32.63
CA GLU EA 308 74.20 57.66 -31.19
C GLU EA 308 73.23 56.63 -30.66
N LEU EA 309 73.66 55.38 -30.62
CA LEU EA 309 72.86 54.30 -30.06
C LEU EA 309 73.83 53.44 -29.26
N ARG EA 310 73.68 53.48 -27.95
CA ARG EA 310 74.53 52.68 -27.09
C ARG EA 310 73.75 51.52 -26.51
N GLU EA 311 74.44 50.68 -25.76
CA GLU EA 311 73.81 49.60 -25.01
C GLU EA 311 72.92 50.11 -23.89
N SER EA 312 73.13 51.34 -23.44
CA SER EA 312 72.24 51.90 -22.44
C SER EA 312 70.90 52.29 -23.02
N ASN EA 313 70.82 52.41 -24.34
CA ASN EA 313 69.59 52.85 -24.97
C ASN EA 313 68.58 51.75 -25.16
N LEU EA 314 69.00 50.49 -25.14
CA LEU EA 314 68.13 49.42 -25.58
C LEU EA 314 67.04 49.13 -24.57
N SER EA 315 66.00 48.43 -25.05
CA SER EA 315 64.79 48.10 -24.31
C SER EA 315 64.15 49.35 -23.72
N SER EA 316 64.01 50.39 -24.53
CA SER EA 316 63.49 51.65 -24.06
C SER EA 316 62.90 52.43 -25.23
N LEU EA 317 62.27 53.54 -24.89
CA LEU EA 317 61.69 54.42 -25.90
C LEU EA 317 62.81 55.19 -26.58
N VAL EA 318 62.77 55.24 -27.90
CA VAL EA 318 63.73 55.96 -28.69
C VAL EA 318 63.01 56.72 -29.79
N ARG EA 319 63.56 57.85 -30.18
CA ARG EA 319 63.03 58.63 -31.29
C ARG EA 319 64.16 58.93 -32.25
N VAL EA 320 63.93 58.67 -33.54
CA VAL EA 320 64.98 58.82 -34.53
C VAL EA 320 64.35 59.11 -35.87
N THR EA 321 65.13 59.70 -36.77
CA THR EA 321 64.70 60.12 -38.10
C THR EA 321 65.37 59.28 -39.18
N GLY EA 322 65.22 59.72 -40.41
CA GLY EA 322 65.89 59.08 -41.54
C GLY EA 322 65.11 59.30 -42.82
N VAL EA 323 65.56 58.59 -43.86
CA VAL EA 323 64.82 58.53 -45.11
C VAL EA 323 64.47 57.07 -45.39
N VAL EA 324 63.22 56.86 -45.76
CA VAL EA 324 62.74 55.55 -46.16
C VAL EA 324 63.27 55.24 -47.56
N THR EA 325 64.06 54.18 -47.66
CA THR EA 325 64.50 53.64 -48.93
C THR EA 325 63.58 52.51 -49.36
N ARG EA 326 64.08 51.66 -50.25
CA ARG EA 326 63.28 50.63 -50.92
C ARG EA 326 62.65 49.66 -49.92
N ARG EA 327 61.36 49.43 -50.08
CA ARG EA 327 60.54 48.69 -49.15
C ARG EA 327 59.92 47.49 -49.84
N THR EA 328 59.29 46.66 -49.03
CA THR EA 328 58.49 45.55 -49.51
C THR EA 328 57.03 45.94 -49.43
N GLY EA 329 56.16 44.96 -49.67
CA GLY EA 329 54.73 45.17 -49.63
C GLY EA 329 54.11 44.71 -48.33
N VAL EA 330 52.86 44.32 -48.43
CA VAL EA 330 52.06 43.96 -47.27
C VAL EA 330 51.85 42.46 -47.30
N PHE EA 331 52.15 41.80 -46.21
CA PHE EA 331 51.86 40.39 -46.09
C PHE EA 331 50.93 40.20 -44.90
N PRO EA 332 50.26 39.07 -44.79
CA PRO EA 332 49.62 38.74 -43.52
C PRO EA 332 50.57 38.04 -42.57
N GLN EA 333 50.36 38.29 -41.28
CA GLN EA 333 51.13 37.70 -40.20
C GLN EA 333 50.23 36.77 -39.40
N LEU EA 334 50.80 35.66 -38.93
CA LEU EA 334 50.01 34.67 -38.19
C LEU EA 334 49.49 35.20 -36.86
N LYS EA 335 50.41 35.58 -35.96
CA LYS EA 335 50.17 36.39 -34.75
C LYS EA 335 49.39 35.64 -33.67
N TYR EA 336 48.78 34.53 -34.01
CA TYR EA 336 48.02 33.77 -33.03
C TYR EA 336 48.19 32.29 -33.34
N VAL EA 337 49.26 31.69 -32.80
CA VAL EA 337 49.69 30.38 -33.25
C VAL EA 337 48.85 29.33 -32.58
N LYS EA 338 47.95 28.72 -33.33
CA LYS EA 338 47.32 27.51 -32.84
C LYS EA 338 48.27 26.35 -33.10
N PHE EA 339 48.70 25.71 -32.02
CA PHE EA 339 49.67 24.63 -32.10
C PHE EA 339 48.90 23.32 -32.26
N ASN EA 340 49.52 22.37 -32.93
CA ASN EA 340 48.84 21.13 -33.32
C ASN EA 340 49.68 19.91 -32.96
N CYS EA 341 49.21 19.14 -31.98
CA CYS EA 341 49.76 17.83 -31.73
C CYS EA 341 49.16 16.82 -32.71
N LEU EA 342 49.82 15.66 -32.84
CA LEU EA 342 49.32 14.64 -33.74
C LEU EA 342 48.39 13.63 -33.06
N LYS EA 343 48.79 13.11 -31.90
CA LYS EA 343 48.02 12.10 -31.18
C LYS EA 343 46.99 12.73 -30.25
N CYS EA 344 47.43 13.65 -29.39
CA CYS EA 344 46.54 14.36 -28.47
C CYS EA 344 45.86 15.52 -29.20
N GLY EA 345 45.31 16.46 -28.43
CA GLY EA 345 44.59 17.57 -29.02
C GLY EA 345 45.47 18.49 -29.85
N SER EA 346 45.06 18.66 -31.10
CA SER EA 346 45.75 19.50 -32.07
C SER EA 346 45.35 20.96 -31.97
N ILE EA 347 44.75 21.37 -30.86
CA ILE EA 347 44.35 22.76 -30.64
C ILE EA 347 44.95 23.19 -29.32
N LEU EA 348 45.86 24.14 -29.36
CA LEU EA 348 46.52 24.61 -28.15
C LEU EA 348 46.20 26.08 -27.90
N GLY EA 349 45.16 26.61 -28.54
CA GLY EA 349 44.82 28.00 -28.39
C GLY EA 349 45.61 28.87 -29.34
N PRO EA 350 45.03 29.97 -29.80
CA PRO EA 350 45.77 30.95 -30.60
C PRO EA 350 46.80 31.68 -29.74
N PHE EA 351 48.08 31.38 -29.97
CA PHE EA 351 49.15 31.82 -29.08
C PHE EA 351 49.40 33.32 -29.17
N PHE EA 352 50.38 33.77 -28.42
CA PHE EA 352 50.89 35.13 -28.55
C PHE EA 352 52.32 35.03 -29.07
N GLN EA 353 52.45 34.95 -30.38
CA GLN EA 353 53.75 34.86 -31.01
C GLN EA 353 54.48 36.18 -30.88
N ASP EA 354 55.79 36.10 -31.01
CA ASP EA 354 56.68 37.25 -30.89
C ASP EA 354 56.84 37.92 -32.24
N SER EA 355 57.86 38.75 -32.34
CA SER EA 355 58.38 39.25 -33.61
C SER EA 355 59.21 38.18 -34.30
N ASN EA 356 60.09 38.59 -35.20
CA ASN EA 356 60.85 37.63 -36.02
C ASN EA 356 61.85 36.88 -35.15
N GLU EA 357 61.32 35.88 -34.43
CA GLU EA 357 62.10 34.98 -33.59
C GLU EA 357 61.74 33.52 -33.76
N GLU EA 358 60.57 33.20 -34.34
CA GLU EA 358 60.09 31.86 -34.67
C GLU EA 358 60.02 30.97 -33.44
N ILE EA 359 59.14 31.38 -32.52
CA ILE EA 359 59.01 30.74 -31.22
C ILE EA 359 58.36 29.38 -31.39
N ARG EA 360 59.06 28.33 -30.96
CA ARG EA 360 58.53 26.99 -30.95
C ARG EA 360 59.27 26.17 -29.89
N ILE EA 361 58.82 24.95 -29.69
CA ILE EA 361 59.42 24.04 -28.73
C ILE EA 361 59.32 22.62 -29.29
N SER EA 362 59.86 21.68 -28.52
CA SER EA 362 59.85 20.27 -28.91
C SER EA 362 58.61 19.56 -28.35
N PHE EA 363 58.48 19.56 -27.03
CA PHE EA 363 57.35 18.88 -26.38
C PHE EA 363 57.12 19.50 -25.02
N CYS EA 364 55.85 19.80 -24.73
CA CYS EA 364 55.43 20.29 -23.43
C CYS EA 364 53.92 20.08 -23.30
N THR EA 365 53.52 19.50 -22.17
CA THR EA 365 52.13 19.46 -21.68
C THR EA 365 51.20 18.59 -22.54
N ASN EA 366 51.77 17.83 -23.47
CA ASN EA 366 51.01 16.79 -24.15
C ASN EA 366 51.67 15.43 -23.92
N CYS EA 367 52.96 15.38 -24.24
CA CYS EA 367 53.82 14.23 -24.01
C CYS EA 367 55.25 14.76 -23.98
N LYS EA 368 56.22 13.87 -24.13
CA LYS EA 368 57.61 14.29 -24.19
C LYS EA 368 58.30 13.79 -25.46
N SER EA 369 57.53 13.31 -26.44
CA SER EA 369 58.11 12.71 -27.62
C SER EA 369 58.40 13.75 -28.69
N LYS EA 370 58.94 13.30 -29.82
CA LYS EA 370 59.32 14.18 -30.93
C LYS EA 370 58.22 14.30 -31.97
N GLY EA 371 56.96 14.22 -31.54
CA GLY EA 371 55.85 14.54 -32.40
C GLY EA 371 55.79 16.05 -32.55
N PRO EA 372 56.14 16.54 -33.73
CA PRO EA 372 56.32 17.99 -33.90
C PRO EA 372 55.00 18.74 -33.92
N PHE EA 373 55.06 19.98 -33.45
CA PHE EA 373 53.90 20.86 -33.46
C PHE EA 373 53.69 21.39 -34.87
N ARG EA 374 52.45 21.29 -35.33
CA ARG EA 374 52.09 21.56 -36.70
C ARG EA 374 51.01 22.64 -36.75
N VAL EA 375 50.37 22.77 -37.91
CA VAL EA 375 49.37 23.79 -38.14
C VAL EA 375 48.03 23.16 -38.46
N ASN EA 376 46.96 23.94 -38.24
CA ASN EA 376 45.67 23.70 -38.87
C ASN EA 376 45.07 25.04 -39.27
N GLY EA 377 43.83 25.06 -39.74
CA GLY EA 377 43.39 26.19 -40.52
C GLY EA 377 42.11 26.92 -40.15
N GLU EA 378 41.81 27.12 -38.88
CA GLU EA 378 40.57 27.82 -38.55
C GLU EA 378 40.75 28.83 -37.42
N LYS EA 379 40.12 30.00 -37.60
CA LYS EA 379 39.93 31.05 -36.58
C LYS EA 379 41.24 31.54 -35.99
N THR EA 380 42.18 31.88 -36.87
CA THR EA 380 43.41 32.53 -36.48
C THR EA 380 43.46 33.84 -37.23
N VAL EA 381 43.21 34.94 -36.53
CA VAL EA 381 43.17 36.23 -37.19
C VAL EA 381 44.57 36.64 -37.61
N TYR EA 382 44.64 37.54 -38.57
CA TYR EA 382 45.91 37.93 -39.15
C TYR EA 382 46.08 39.43 -39.10
N ARG EA 383 47.24 39.89 -38.65
CA ARG EA 383 47.60 41.29 -38.83
C ARG EA 383 48.62 41.37 -39.94
N ASN EA 384 48.95 42.60 -40.33
CA ASN EA 384 49.89 42.79 -41.41
C ASN EA 384 51.21 43.35 -40.89
N TYR EA 385 52.18 43.43 -41.79
CA TYR EA 385 53.58 43.38 -41.42
C TYR EA 385 54.39 43.87 -42.62
N GLN EA 386 55.06 44.99 -42.49
CA GLN EA 386 55.63 45.67 -43.65
C GLN EA 386 57.01 46.20 -43.26
N ARG EA 387 58.07 45.55 -43.72
CA ARG EA 387 59.41 45.87 -43.26
C ARG EA 387 60.02 46.90 -44.18
N VAL EA 388 60.21 48.10 -43.66
CA VAL EA 388 60.86 49.19 -44.36
C VAL EA 388 62.27 49.29 -43.82
N THR EA 389 63.26 49.10 -44.68
CA THR EA 389 64.60 49.44 -44.26
C THR EA 389 64.82 50.93 -44.38
N LEU EA 390 65.71 51.45 -43.54
CA LEU EA 390 65.82 52.89 -43.36
C LEU EA 390 67.25 53.35 -43.56
N GLN EA 391 67.41 54.42 -44.33
CA GLN EA 391 68.69 55.12 -44.45
C GLN EA 391 68.61 56.43 -43.69
N GLU EA 392 69.77 56.85 -43.20
CA GLU EA 392 69.85 58.13 -42.52
C GLU EA 392 69.71 59.22 -43.55
N ALA EA 393 68.80 60.15 -43.32
CA ALA EA 393 68.58 61.23 -44.26
C ALA EA 393 69.74 62.23 -44.17
N PRO EA 394 70.32 62.63 -45.28
CA PRO EA 394 71.57 63.40 -45.24
C PRO EA 394 71.36 64.89 -44.99
N GLY EA 395 70.66 65.20 -43.89
CA GLY EA 395 70.36 66.54 -43.48
C GLY EA 395 71.33 66.96 -42.36
N THR EA 396 70.88 66.84 -41.12
CA THR EA 396 71.73 67.10 -39.96
C THR EA 396 72.71 65.94 -39.80
N VAL EA 397 73.84 66.05 -40.50
CA VAL EA 397 74.86 65.01 -40.51
C VAL EA 397 76.20 65.67 -40.81
N PRO EA 398 77.26 65.32 -40.10
CA PRO EA 398 78.58 65.83 -40.45
C PRO EA 398 79.04 65.23 -41.77
N PRO EA 399 79.10 66.05 -42.81
CA PRO EA 399 78.99 65.53 -44.17
C PRO EA 399 80.29 64.92 -44.68
N GLY EA 400 80.25 64.57 -45.95
CA GLY EA 400 81.37 63.94 -46.60
C GLY EA 400 81.52 62.46 -46.32
N ARG EA 401 80.52 61.82 -45.75
CA ARG EA 401 80.62 60.41 -45.41
C ARG EA 401 79.39 59.66 -45.92
N LEU EA 402 79.30 58.41 -45.54
CA LEU EA 402 78.41 57.35 -45.98
C LEU EA 402 77.09 57.39 -45.22
N PRO EA 403 76.04 56.75 -45.74
CA PRO EA 403 74.85 56.54 -44.92
C PRO EA 403 75.00 55.32 -44.05
N ARG EA 404 74.05 55.15 -43.14
CA ARG EA 404 73.99 53.99 -42.27
C ARG EA 404 72.59 53.38 -42.34
N HIS EA 405 72.50 52.10 -42.02
CA HIS EA 405 71.31 51.31 -42.29
C HIS EA 405 70.72 50.81 -40.97
N ARG EA 406 69.39 50.69 -40.93
CA ARG EA 406 68.72 50.03 -39.82
C ARG EA 406 67.57 49.21 -40.37
N GLU EA 407 66.69 48.74 -39.49
CA GLU EA 407 65.49 48.03 -39.92
C GLU EA 407 64.32 48.46 -39.08
N VAL EA 408 63.16 48.59 -39.72
CA VAL EA 408 61.92 48.97 -39.05
C VAL EA 408 60.89 47.89 -39.36
N ILE EA 409 60.26 47.37 -38.33
CA ILE EA 409 59.15 46.46 -38.48
C ILE EA 409 57.88 47.18 -38.05
N LEU EA 410 57.01 47.46 -39.00
CA LEU EA 410 55.78 48.16 -38.67
C LEU EA 410 54.79 47.25 -37.97
N LEU EA 411 53.62 47.80 -37.69
CA LEU EA 411 52.59 47.01 -37.05
C LEU EA 411 51.30 47.11 -37.84
N ALA EA 412 50.22 46.59 -37.26
CA ALA EA 412 48.97 46.31 -37.96
C ALA EA 412 48.31 47.52 -38.60
N ASP EA 413 47.88 48.48 -37.78
CA ASP EA 413 47.22 49.67 -38.30
C ASP EA 413 48.21 50.77 -38.64
N LEU EA 414 49.46 50.44 -38.91
CA LEU EA 414 50.43 51.43 -39.32
C LEU EA 414 51.01 51.09 -40.68
N VAL EA 415 50.28 50.33 -41.49
CA VAL EA 415 50.77 49.87 -42.77
C VAL EA 415 50.67 51.00 -43.78
N ASP EA 416 51.65 50.99 -44.69
CA ASP EA 416 51.83 51.88 -45.88
C ASP EA 416 51.43 53.34 -45.65
N VAL EA 417 51.76 53.85 -44.47
CA VAL EA 417 51.54 55.25 -44.16
C VAL EA 417 52.54 56.12 -44.89
N SER EA 418 53.80 55.72 -44.91
CA SER EA 418 54.77 56.49 -45.65
C SER EA 418 54.90 55.94 -47.06
N LYS EA 419 55.71 56.59 -47.88
CA LYS EA 419 55.89 56.28 -49.29
C LYS EA 419 57.38 56.07 -49.48
N PRO EA 420 57.81 55.43 -50.56
CA PRO EA 420 59.26 55.29 -50.77
C PRO EA 420 59.96 56.56 -51.23
N GLY EA 421 60.42 57.39 -50.29
CA GLY EA 421 61.26 58.50 -50.68
C GLY EA 421 61.26 59.75 -49.81
N GLU EA 422 60.25 59.94 -48.98
CA GLU EA 422 60.23 61.12 -48.13
C GLU EA 422 61.12 60.92 -46.92
N GLU EA 423 61.12 61.92 -46.05
CA GLU EA 423 61.78 61.80 -44.75
C GLU EA 423 60.74 61.66 -43.65
N VAL EA 424 61.05 60.82 -42.67
CA VAL EA 424 60.11 60.50 -41.61
C VAL EA 424 60.83 60.51 -40.28
N GLU EA 425 60.10 60.19 -39.21
CA GLU EA 425 60.69 59.93 -37.91
C GLU EA 425 59.79 59.00 -37.13
N VAL EA 426 60.40 58.15 -36.33
CA VAL EA 426 59.68 57.08 -35.68
C VAL EA 426 59.87 57.17 -34.18
N THR EA 427 58.95 56.55 -33.46
CA THR EA 427 58.90 56.63 -32.02
C THR EA 427 58.90 55.24 -31.43
N GLY EA 428 59.83 54.41 -31.84
CA GLY EA 428 59.80 53.00 -31.53
C GLY EA 428 60.47 52.63 -30.22
N ILE EA 429 60.60 51.33 -30.02
CA ILE EA 429 61.32 50.76 -28.91
C ILE EA 429 62.56 50.13 -29.51
N TYR EA 430 63.38 49.47 -28.70
CA TYR EA 430 64.67 49.02 -29.20
C TYR EA 430 64.88 47.55 -28.83
N LYS EA 431 64.29 46.65 -29.59
CA LYS EA 431 64.34 45.23 -29.29
C LYS EA 431 65.47 44.59 -30.09
N ASN EA 432 66.19 43.68 -29.45
CA ASN EA 432 67.43 43.20 -30.05
C ASN EA 432 67.40 41.70 -30.26
N ASN EA 433 66.27 41.19 -30.73
CA ASN EA 433 66.10 39.75 -30.87
C ASN EA 433 66.68 39.07 -32.11
N TYR EA 434 67.59 38.14 -31.84
CA TYR EA 434 68.22 37.33 -32.87
C TYR EA 434 68.80 36.10 -32.18
N ASP EA 435 68.99 35.02 -32.90
CA ASP EA 435 69.62 33.86 -32.30
C ASP EA 435 71.13 34.03 -32.14
N GLY EA 436 71.73 34.77 -33.05
CA GLY EA 436 73.16 34.70 -33.18
C GLY EA 436 73.57 33.88 -34.39
N ASN EA 437 72.88 34.09 -35.51
CA ASN EA 437 73.36 33.59 -36.79
C ASN EA 437 73.41 34.75 -37.76
N LEU EA 438 74.59 34.95 -38.33
CA LEU EA 438 74.84 36.04 -39.26
C LEU EA 438 75.82 35.53 -40.29
N ASN EA 439 75.69 36.04 -41.51
CA ASN EA 439 76.36 35.41 -42.63
C ASN EA 439 77.03 36.36 -43.62
N ALA EA 440 76.91 37.68 -43.47
CA ALA EA 440 77.80 38.58 -44.20
C ALA EA 440 79.14 38.70 -43.52
N LYS EA 441 79.13 38.75 -42.19
CA LYS EA 441 80.29 38.61 -41.33
C LYS EA 441 80.26 37.19 -40.75
N ASN EA 442 81.36 36.78 -40.13
CA ASN EA 442 81.41 35.49 -39.50
C ASN EA 442 80.51 35.45 -38.26
N GLY EA 443 80.36 34.26 -37.69
CA GLY EA 443 79.69 34.11 -36.42
C GLY EA 443 80.53 34.63 -35.27
N PHE EA 444 79.91 35.34 -34.34
CA PHE EA 444 80.55 36.06 -33.24
C PHE EA 444 79.55 36.23 -32.11
N PRO EA 445 80.00 36.59 -30.92
CA PRO EA 445 79.05 37.10 -29.92
C PRO EA 445 78.52 38.47 -30.28
N VAL EA 446 77.67 38.57 -31.30
CA VAL EA 446 77.19 39.85 -31.80
C VAL EA 446 75.69 39.80 -31.93
N PHE EA 447 75.07 40.94 -31.70
CA PHE EA 447 73.63 41.08 -31.83
C PHE EA 447 73.27 42.21 -32.77
N ALA EA 448 72.10 42.08 -33.39
CA ALA EA 448 71.62 43.01 -34.41
C ALA EA 448 70.39 43.71 -33.88
N THR EA 449 70.13 44.92 -34.35
CA THR EA 449 69.08 45.75 -33.80
C THR EA 449 67.85 45.67 -34.69
N ILE EA 450 66.68 45.81 -34.08
CA ILE EA 450 65.40 45.85 -34.77
C ILE EA 450 64.57 46.91 -34.07
N ILE EA 451 64.15 47.92 -34.80
CA ILE EA 451 63.32 48.97 -34.21
C ILE EA 451 61.88 48.65 -34.55
N GLU EA 452 61.11 48.18 -33.58
CA GLU EA 452 59.68 48.06 -33.73
C GLU EA 452 59.05 49.41 -33.45
N ALA EA 453 58.37 49.96 -34.44
CA ALA EA 453 57.86 51.30 -34.32
C ALA EA 453 56.51 51.32 -33.62
N ASN EA 454 56.18 52.46 -33.05
CA ASN EA 454 54.91 52.63 -32.39
C ASN EA 454 54.03 53.65 -33.06
N SER EA 455 54.62 54.61 -33.77
CA SER EA 455 53.87 55.65 -34.45
C SER EA 455 54.74 56.23 -35.54
N ILE EA 456 54.18 57.18 -36.28
CA ILE EA 456 54.85 57.76 -37.43
C ILE EA 456 54.22 59.10 -37.75
N LYS EA 457 55.07 60.09 -38.01
CA LYS EA 457 54.58 61.37 -38.51
C LYS EA 457 55.38 61.71 -39.76
N ARG EA 458 55.04 62.83 -40.38
CA ARG EA 458 55.50 63.13 -41.73
C ARG EA 458 56.71 64.03 -41.73
N ARG EA 459 56.98 64.58 -42.91
CA ARG EA 459 57.99 65.60 -43.11
C ARG EA 459 57.70 66.80 -42.23
N GLU EA 460 58.60 67.11 -41.31
CA GLU EA 460 58.40 68.31 -40.52
C GLU EA 460 59.28 69.44 -41.05
N GLY EA 461 58.94 70.65 -40.66
CA GLY EA 461 59.63 71.82 -41.17
C GLY EA 461 59.64 72.94 -40.16
N ASN EA 462 60.69 73.78 -40.27
CA ASN EA 462 60.97 74.90 -39.39
C ASN EA 462 61.03 74.43 -37.94
N THR EA 463 62.01 73.59 -37.64
CA THR EA 463 62.20 73.00 -36.33
C THR EA 463 62.69 74.05 -35.35
N ALA EA 464 61.78 74.89 -34.89
CA ALA EA 464 62.11 75.92 -33.92
C ALA EA 464 61.10 76.01 -32.78
N ASN EA 465 60.03 75.24 -32.83
CA ASN EA 465 58.92 75.34 -31.89
C ASN EA 465 59.33 74.89 -30.48
N GLU EA 466 58.41 75.10 -29.53
CA GLU EA 466 58.68 74.61 -28.19
C GLU EA 466 57.48 73.88 -27.58
N GLY EA 467 56.25 74.20 -27.97
CA GLY EA 467 55.11 73.54 -27.39
C GLY EA 467 54.00 73.23 -28.38
N GLU EA 468 54.26 73.47 -29.67
CA GLU EA 468 53.24 73.29 -30.69
C GLU EA 468 53.95 72.89 -31.99
N GLU EA 469 53.15 72.72 -33.06
CA GLU EA 469 53.48 72.32 -34.42
C GLU EA 469 54.51 71.17 -34.48
N GLY EA 470 54.41 70.24 -33.53
CA GLY EA 470 55.19 69.03 -33.56
C GLY EA 470 54.34 67.84 -33.97
N LEU EA 471 53.02 68.03 -33.90
CA LEU EA 471 52.09 66.99 -34.31
C LEU EA 471 51.01 67.61 -35.19
N ASP EA 472 50.67 66.91 -36.26
CA ASP EA 472 49.54 67.30 -37.10
C ASP EA 472 48.26 66.89 -36.38
N VAL EA 473 47.86 67.68 -35.38
CA VAL EA 473 46.81 67.27 -34.45
C VAL EA 473 45.46 67.19 -35.16
N PHE EA 474 45.03 68.32 -35.71
CA PHE EA 474 44.06 68.41 -36.81
C PHE EA 474 42.68 67.86 -36.39
N SER EA 475 42.19 68.35 -35.26
CA SER EA 475 40.90 67.89 -34.71
C SER EA 475 40.11 69.14 -34.33
N TRP EA 476 39.03 69.39 -35.08
CA TRP EA 476 38.38 70.69 -35.07
C TRP EA 476 36.91 70.48 -34.72
N THR EA 477 36.60 70.30 -33.45
CA THR EA 477 35.29 69.72 -33.18
C THR EA 477 34.34 70.66 -32.46
N GLU EA 478 34.65 71.04 -31.23
CA GLU EA 478 33.68 71.79 -30.45
C GLU EA 478 34.00 73.27 -30.49
N GLU EA 479 35.24 73.62 -30.15
CA GLU EA 479 35.62 75.01 -30.08
C GLU EA 479 36.14 75.56 -31.41
N GLU EA 480 36.89 74.76 -32.14
CA GLU EA 480 37.52 75.18 -33.39
C GLU EA 480 36.52 75.32 -34.50
N GLU EA 481 35.60 74.36 -34.59
CA GLU EA 481 34.64 74.38 -35.70
C GLU EA 481 33.55 75.41 -35.49
N ARG EA 482 33.11 75.60 -34.24
CA ARG EA 482 32.25 76.73 -33.90
C ARG EA 482 32.90 78.04 -34.26
N GLU EA 483 34.21 78.14 -34.05
CA GLU EA 483 34.95 79.34 -34.39
C GLU EA 483 35.13 79.49 -35.90
N PHE EA 484 35.33 78.40 -36.62
CA PHE EA 484 35.63 78.53 -38.04
C PHE EA 484 34.43 78.96 -38.86
N ARG EA 485 33.22 78.83 -38.31
CA ARG EA 485 32.08 79.34 -39.03
C ARG EA 485 31.99 80.85 -38.92
N LYS EA 486 32.11 81.38 -37.70
CA LYS EA 486 31.96 82.81 -37.47
C LYS EA 486 33.14 83.62 -37.99
N ILE EA 487 34.25 82.98 -38.33
CA ILE EA 487 35.30 83.66 -39.07
C ILE EA 487 35.01 83.63 -40.55
N SER EA 488 34.00 82.90 -40.98
CA SER EA 488 33.71 82.79 -42.40
C SER EA 488 32.51 83.61 -42.85
N ARG EA 489 31.72 84.14 -41.93
CA ARG EA 489 30.57 84.94 -42.32
C ARG EA 489 30.80 86.43 -42.11
N ASP EA 490 31.99 86.92 -42.43
CA ASP EA 490 32.31 88.33 -42.33
C ASP EA 490 32.41 88.93 -43.72
N ARG EA 491 32.37 90.26 -43.80
CA ARG EA 491 32.25 90.92 -45.09
C ARG EA 491 33.55 91.54 -45.59
N GLY EA 492 34.70 91.16 -45.04
CA GLY EA 492 35.95 91.67 -45.57
C GLY EA 492 37.06 90.65 -45.54
N ILE EA 493 36.69 89.37 -45.52
CA ILE EA 493 37.62 88.29 -45.24
C ILE EA 493 38.69 88.13 -46.30
N ILE EA 494 38.30 88.05 -47.56
CA ILE EA 494 39.27 87.78 -48.63
C ILE EA 494 40.10 89.03 -48.88
N ASP EA 495 39.63 90.18 -48.45
CA ASP EA 495 40.49 91.34 -48.33
C ASP EA 495 41.40 91.26 -47.11
N LYS EA 496 40.98 90.58 -46.04
CA LYS EA 496 41.84 90.51 -44.87
C LYS EA 496 42.83 89.36 -44.99
N ILE EA 497 42.42 88.25 -45.61
CA ILE EA 497 43.23 87.04 -45.60
C ILE EA 497 44.48 87.21 -46.44
N ILE EA 498 44.33 87.72 -47.66
CA ILE EA 498 45.47 87.83 -48.54
C ILE EA 498 46.43 88.91 -48.09
N SER EA 499 45.97 89.85 -47.26
CA SER EA 499 46.87 90.78 -46.61
C SER EA 499 47.57 90.15 -45.43
N SER EA 500 47.06 89.03 -44.96
CA SER EA 500 47.57 88.39 -43.76
C SER EA 500 48.46 87.20 -44.06
N MET EA 501 48.65 86.85 -45.32
CA MET EA 501 49.38 85.63 -45.66
C MET EA 501 50.88 85.81 -45.48
N ALA EA 502 51.51 86.63 -46.32
CA ALA EA 502 52.93 86.89 -46.21
C ALA EA 502 53.14 87.90 -45.10
N PRO EA 503 53.73 87.53 -44.00
CA PRO EA 503 53.71 88.40 -42.82
C PRO EA 503 54.73 89.50 -42.90
N SER EA 504 55.75 89.34 -43.72
CA SER EA 504 56.96 90.13 -43.57
C SER EA 504 57.38 90.74 -44.88
N ILE EA 505 56.44 90.97 -45.79
CA ILE EA 505 56.75 91.53 -47.09
C ILE EA 505 55.79 92.65 -47.36
N TYR EA 506 56.31 93.86 -47.54
CA TYR EA 506 55.50 94.99 -47.99
C TYR EA 506 55.65 95.12 -49.49
N GLY EA 507 54.82 94.42 -50.23
CA GLY EA 507 54.88 94.53 -51.67
C GLY EA 507 53.54 94.87 -52.24
N HIS EA 508 53.40 94.79 -53.54
CA HIS EA 508 52.16 95.11 -54.20
C HIS EA 508 51.21 93.93 -54.08
N ARG EA 509 49.95 94.19 -54.40
CA ARG EA 509 48.87 93.31 -54.01
C ARG EA 509 48.78 92.02 -54.80
N ASP EA 510 48.87 92.09 -56.12
CA ASP EA 510 48.34 91.03 -56.98
C ASP EA 510 49.10 89.73 -56.84
N ILE EA 511 50.41 89.82 -56.64
CA ILE EA 511 51.23 88.63 -56.44
C ILE EA 511 50.82 87.86 -55.21
N LYS EA 512 50.37 88.56 -54.16
CA LYS EA 512 49.84 87.85 -53.01
C LYS EA 512 48.50 87.22 -53.34
N THR EA 513 47.72 87.88 -54.18
CA THR EA 513 46.42 87.34 -54.54
C THR EA 513 46.56 86.08 -55.39
N ALA EA 514 47.50 86.07 -56.31
CA ALA EA 514 47.69 84.89 -57.14
C ALA EA 514 48.28 83.76 -56.34
N VAL EA 515 49.26 84.06 -55.49
CA VAL EA 515 49.83 83.01 -54.69
C VAL EA 515 48.89 82.61 -53.56
N ALA EA 516 47.89 83.43 -53.26
CA ALA EA 516 46.79 82.91 -52.47
C ALA EA 516 45.95 81.95 -53.28
N CYS EA 517 45.73 82.26 -54.55
CA CYS EA 517 44.89 81.43 -55.39
C CYS EA 517 45.52 80.08 -55.72
N SER EA 518 46.86 80.02 -55.80
CA SER EA 518 47.52 78.81 -56.26
C SER EA 518 47.35 77.65 -55.29
N LEU EA 519 47.56 77.88 -54.01
CA LEU EA 519 47.45 76.73 -53.11
C LEU EA 519 46.02 76.49 -52.70
N PHE EA 520 45.11 77.40 -53.04
CA PHE EA 520 43.70 77.11 -52.79
C PHE EA 520 43.08 76.25 -53.89
N GLY EA 521 43.03 76.75 -55.10
CA GLY EA 521 42.71 75.91 -56.23
C GLY EA 521 41.22 75.59 -56.35
N GLY EA 522 40.88 75.09 -57.53
CA GLY EA 522 39.50 74.83 -57.85
C GLY EA 522 39.09 73.39 -57.69
N VAL EA 523 38.67 72.75 -58.78
CA VAL EA 523 38.15 71.39 -58.67
C VAL EA 523 38.63 70.51 -59.82
N PRO EA 524 39.24 69.36 -59.52
CA PRO EA 524 39.48 68.36 -60.56
C PRO EA 524 38.17 67.70 -60.93
N LYS EA 525 37.36 68.38 -61.74
CA LYS EA 525 35.97 68.00 -61.78
C LYS EA 525 35.76 66.82 -62.72
N ASN EA 526 34.77 66.02 -62.36
CA ASN EA 526 34.46 64.82 -63.10
C ASN EA 526 33.78 65.20 -64.40
N VAL EA 527 33.60 64.20 -65.26
CA VAL EA 527 32.93 64.37 -66.53
C VAL EA 527 32.42 62.99 -66.92
N ASN EA 528 31.55 62.94 -67.93
CA ASN EA 528 31.04 61.65 -68.40
C ASN EA 528 32.07 60.93 -69.25
N GLY EA 529 31.63 60.05 -70.15
CA GLY EA 529 32.58 59.40 -71.02
C GLY EA 529 33.14 60.34 -72.07
N LYS EA 530 33.93 61.31 -71.63
CA LYS EA 530 34.49 62.35 -72.46
C LYS EA 530 35.70 62.92 -71.73
N HIS EA 531 36.22 64.04 -72.22
CA HIS EA 531 37.51 64.50 -71.74
C HIS EA 531 37.40 65.15 -70.38
N SER EA 532 38.41 64.94 -69.57
CA SER EA 532 38.48 65.52 -68.25
C SER EA 532 38.93 66.97 -68.32
N ILE EA 533 38.81 67.64 -67.18
CA ILE EA 533 39.00 69.08 -67.07
C ILE EA 533 40.10 69.32 -66.05
N ARG EA 534 41.05 70.19 -66.38
CA ARG EA 534 42.16 70.47 -65.49
C ARG EA 534 41.67 71.16 -64.23
N GLY EA 535 42.01 70.60 -63.08
CA GLY EA 535 41.60 71.17 -61.82
C GLY EA 535 42.73 71.86 -61.09
N ASP EA 536 43.69 72.38 -61.85
CA ASP EA 536 44.84 73.02 -61.25
C ASP EA 536 45.04 74.40 -61.84
N ILE EA 537 45.69 75.28 -61.07
CA ILE EA 537 45.90 76.67 -61.43
C ILE EA 537 47.37 76.98 -61.20
N ASN EA 538 48.07 77.38 -62.25
CA ASN EA 538 49.52 77.46 -62.22
C ASN EA 538 49.96 78.87 -62.58
N VAL EA 539 50.80 79.44 -61.74
CA VAL EA 539 51.14 80.85 -61.81
C VAL EA 539 52.60 80.96 -62.16
N LEU EA 540 53.01 82.13 -62.62
CA LEU EA 540 54.40 82.37 -62.95
C LEU EA 540 54.78 83.77 -62.50
N LEU EA 541 55.93 83.87 -61.85
CA LEU EA 541 56.42 85.14 -61.33
C LEU EA 541 57.59 85.56 -62.21
N LEU EA 542 57.50 86.75 -62.78
CA LEU EA 542 58.65 87.39 -63.39
C LEU EA 542 59.12 88.48 -62.46
N GLY EA 543 60.43 88.55 -62.23
CA GLY EA 543 60.93 89.52 -61.29
C GLY EA 543 62.30 90.04 -61.67
N ASP EA 544 62.80 90.92 -60.84
CA ASP EA 544 64.10 91.54 -60.87
C ASP EA 544 64.99 90.89 -59.83
N PRO EA 545 66.27 90.80 -60.12
CA PRO EA 545 67.20 90.28 -59.11
C PRO EA 545 67.37 91.25 -57.96
N GLY EA 546 66.52 91.15 -56.97
CA GLY EA 546 66.64 92.02 -55.82
C GLY EA 546 65.32 92.39 -55.17
N THR EA 547 64.22 92.02 -55.80
CA THR EA 547 62.99 92.08 -55.05
C THR EA 547 62.81 90.76 -54.34
N ALA EA 548 61.68 90.57 -53.68
CA ALA EA 548 61.56 89.45 -52.75
C ALA EA 548 60.87 88.26 -53.38
N LYS EA 549 61.13 88.01 -54.65
CA LYS EA 549 60.42 86.92 -55.30
C LYS EA 549 60.91 85.57 -54.81
N SER EA 550 62.17 85.46 -54.38
CA SER EA 550 62.67 84.17 -53.93
C SER EA 550 62.16 83.79 -52.55
N GLN EA 551 61.40 84.64 -51.89
CA GLN EA 551 61.00 84.33 -50.53
C GLN EA 551 59.57 83.89 -50.41
N ILE EA 552 58.68 84.43 -51.24
CA ILE EA 552 57.28 84.04 -51.17
C ILE EA 552 57.11 82.60 -51.58
N LEU EA 553 57.91 82.15 -52.55
CA LEU EA 553 57.97 80.75 -52.87
C LEU EA 553 58.55 79.93 -51.74
N LYS EA 554 59.47 80.49 -50.97
CA LYS EA 554 59.96 79.75 -49.82
C LYS EA 554 58.91 79.67 -48.74
N TYR EA 555 58.18 80.75 -48.53
CA TYR EA 555 57.25 80.83 -47.41
C TYR EA 555 56.04 79.95 -47.64
N VAL EA 556 55.63 79.80 -48.89
CA VAL EA 556 54.47 78.97 -49.16
C VAL EA 556 54.79 77.50 -48.99
N GLU EA 557 56.08 77.12 -49.05
CA GLU EA 557 56.49 75.74 -48.89
C GLU EA 557 56.22 75.24 -47.48
N LYS EA 558 56.45 76.09 -46.48
CA LYS EA 558 56.07 75.68 -45.13
C LYS EA 558 54.57 75.63 -44.97
N THR EA 559 53.87 76.67 -45.43
CA THR EA 559 52.44 76.79 -45.16
C THR EA 559 51.61 75.78 -45.92
N ALA EA 560 52.13 75.20 -46.99
CA ALA EA 560 51.41 74.12 -47.63
C ALA EA 560 51.50 72.87 -46.79
N HIS EA 561 50.67 71.88 -47.12
CA HIS EA 561 50.73 70.66 -46.35
C HIS EA 561 51.86 69.75 -46.81
N ARG EA 562 52.04 69.61 -48.12
CA ARG EA 562 53.11 68.80 -48.67
C ARG EA 562 53.75 69.59 -49.80
N ALA EA 563 55.04 69.31 -50.07
CA ALA EA 563 55.78 70.14 -51.02
C ALA EA 563 56.99 69.39 -51.54
N VAL EA 564 57.75 70.05 -52.41
CA VAL EA 564 59.10 69.66 -52.79
C VAL EA 564 59.74 70.92 -53.35
N PHE EA 565 61.07 70.94 -53.41
CA PHE EA 565 61.76 72.18 -53.76
C PHE EA 565 62.87 71.95 -54.77
N ALA EA 566 62.58 71.24 -55.85
CA ALA EA 566 63.55 70.99 -56.91
C ALA EA 566 63.90 72.30 -57.60
N THR EA 567 65.12 72.79 -57.38
CA THR EA 567 65.52 74.11 -57.87
C THR EA 567 66.87 74.03 -58.56
N GLY EA 568 67.02 74.82 -59.61
CA GLY EA 568 68.33 75.11 -60.18
C GLY EA 568 68.84 74.05 -61.11
N GLN EA 569 70.01 73.51 -60.82
CA GLN EA 569 70.62 72.49 -61.65
C GLN EA 569 70.11 71.13 -61.23
N GLY EA 570 70.56 70.12 -61.97
CA GLY EA 570 70.27 68.76 -61.62
C GLY EA 570 68.86 68.30 -61.90
N ALA EA 571 67.99 69.17 -62.37
CA ALA EA 571 66.63 68.79 -62.70
C ALA EA 571 66.67 68.03 -64.01
N SER EA 572 66.88 66.73 -63.93
CA SER EA 572 66.90 65.89 -65.13
C SER EA 572 65.49 65.48 -65.47
N ALA EA 573 65.26 65.31 -66.78
CA ALA EA 573 63.94 65.02 -67.31
C ALA EA 573 63.37 63.73 -66.79
N VAL EA 574 64.21 62.75 -66.53
CA VAL EA 574 63.74 61.54 -65.88
C VAL EA 574 63.64 61.76 -64.38
N GLY EA 575 64.44 62.68 -63.84
CA GLY EA 575 64.55 62.83 -62.41
C GLY EA 575 63.34 63.43 -61.74
N LEU EA 576 62.64 64.33 -62.42
CA LEU EA 576 61.43 64.91 -61.84
C LEU EA 576 60.32 63.87 -61.76
N THR EA 577 59.94 63.32 -62.90
CA THR EA 577 58.88 62.34 -62.95
C THR EA 577 59.45 60.96 -62.61
N ALA EA 578 58.72 59.91 -62.96
CA ALA EA 578 59.11 58.56 -62.59
C ALA EA 578 60.35 58.12 -63.33
N SER EA 579 61.09 57.22 -62.70
CA SER EA 579 62.25 56.59 -63.29
C SER EA 579 62.20 55.09 -63.02
N VAL EA 580 63.09 54.36 -63.67
CA VAL EA 580 63.15 52.92 -63.52
C VAL EA 580 64.47 52.58 -62.89
N ARG EA 581 64.47 52.31 -61.60
CA ARG EA 581 65.68 51.85 -60.95
C ARG EA 581 65.85 50.36 -61.20
N LYS EA 582 67.08 49.98 -61.52
CA LYS EA 582 67.34 48.63 -61.99
C LYS EA 582 67.24 47.65 -60.85
N ASP EA 583 67.29 46.37 -61.19
CA ASP EA 583 67.03 45.35 -60.21
C ASP EA 583 68.33 44.96 -59.51
N PRO EA 584 68.23 44.49 -58.27
CA PRO EA 584 69.27 43.58 -57.76
C PRO EA 584 69.12 42.20 -58.38
N ILE EA 585 69.95 41.25 -57.91
CA ILE EA 585 70.30 40.02 -58.63
C ILE EA 585 69.09 39.13 -58.92
N THR EA 586 68.15 39.05 -57.98
CA THR EA 586 66.99 38.17 -58.15
C THR EA 586 65.71 38.98 -58.22
N LYS EA 587 65.84 40.19 -58.77
CA LYS EA 587 64.76 41.16 -58.70
C LYS EA 587 64.34 41.51 -60.12
N GLU EA 588 63.48 42.52 -60.24
CA GLU EA 588 62.80 42.85 -61.49
C GLU EA 588 62.85 44.35 -61.70
N TRP EA 589 62.70 44.78 -62.95
CA TRP EA 589 62.82 46.20 -63.27
C TRP EA 589 61.59 46.96 -62.81
N THR EA 590 61.68 47.53 -61.63
CA THR EA 590 60.57 48.16 -60.95
C THR EA 590 60.55 49.66 -61.24
N LEU EA 591 59.57 50.34 -60.65
CA LEU EA 591 59.24 51.72 -60.99
C LEU EA 591 59.36 52.60 -59.77
N GLU EA 592 60.28 53.55 -59.80
CA GLU EA 592 60.54 54.42 -58.66
C GLU EA 592 60.31 55.87 -59.06
N GLY EA 593 59.39 56.53 -58.37
CA GLY EA 593 59.07 57.89 -58.67
C GLY EA 593 60.13 58.87 -58.23
N GLY EA 594 59.98 60.10 -58.68
CA GLY EA 594 60.93 61.15 -58.39
C GLY EA 594 60.32 62.29 -57.60
N ALA EA 595 60.05 63.41 -58.27
CA ALA EA 595 59.52 64.58 -57.63
C ALA EA 595 58.01 64.68 -57.70
N LEU EA 596 57.44 64.60 -58.89
CA LEU EA 596 56.06 65.03 -59.12
C LEU EA 596 55.08 64.09 -58.46
N VAL EA 597 55.33 62.78 -58.57
CA VAL EA 597 54.39 61.79 -58.01
C VAL EA 597 54.37 61.81 -56.49
N LEU EA 598 55.36 62.41 -55.85
CA LEU EA 598 55.26 62.76 -54.45
C LEU EA 598 54.43 64.02 -54.26
N ALA EA 599 54.72 65.06 -55.02
CA ALA EA 599 54.13 66.36 -54.81
C ALA EA 599 52.78 66.45 -55.52
N ASP EA 600 51.73 66.17 -54.76
CA ASP EA 600 50.40 66.26 -55.33
C ASP EA 600 49.91 67.69 -55.39
N LYS EA 601 50.31 68.54 -54.44
CA LYS EA 601 49.79 69.90 -54.34
C LYS EA 601 50.88 70.94 -54.10
N GLY EA 602 52.04 70.80 -54.73
CA GLY EA 602 53.21 71.52 -54.32
C GLY EA 602 53.80 72.43 -55.36
N VAL EA 603 55.13 72.39 -55.45
CA VAL EA 603 55.98 73.46 -55.97
C VAL EA 603 57.14 72.82 -56.70
N CYS EA 604 57.45 73.31 -57.89
CA CYS EA 604 58.76 73.07 -58.49
C CYS EA 604 59.43 74.40 -58.76
N LEU EA 605 60.51 74.38 -59.52
CA LEU EA 605 61.12 75.62 -59.96
C LEU EA 605 61.75 75.41 -61.32
N ILE EA 606 61.44 76.29 -62.27
CA ILE EA 606 62.16 76.42 -63.54
C ILE EA 606 62.42 77.90 -63.76
N ASP EA 607 63.63 78.34 -63.46
CA ASP EA 607 63.87 79.72 -63.83
C ASP EA 607 64.64 79.79 -65.14
N GLU EA 608 65.95 79.55 -65.13
CA GLU EA 608 66.74 79.70 -66.34
C GLU EA 608 67.97 78.80 -66.38
N PHE EA 609 67.81 77.51 -66.13
CA PHE EA 609 68.93 76.61 -66.39
C PHE EA 609 69.07 76.49 -67.91
N ASP EA 610 69.88 77.41 -68.47
CA ASP EA 610 69.89 77.66 -69.91
C ASP EA 610 70.40 76.48 -70.72
N LYS EA 611 71.42 75.77 -70.21
CA LYS EA 611 71.91 74.59 -70.89
C LYS EA 611 70.91 73.45 -70.76
N MET EA 612 70.37 73.26 -69.56
CA MET EA 612 69.51 72.13 -69.30
C MET EA 612 68.05 72.52 -69.50
N ASN EA 613 67.81 73.57 -70.27
CA ASN EA 613 66.44 73.99 -70.53
C ASN EA 613 65.78 73.07 -71.54
N ASP EA 614 66.49 72.75 -72.63
CA ASP EA 614 65.96 71.87 -73.65
C ASP EA 614 65.92 70.42 -73.21
N GLN EA 615 66.52 70.07 -72.07
CA GLN EA 615 66.48 68.70 -71.63
C GLN EA 615 65.13 68.35 -70.99
N ASP EA 616 64.67 69.13 -70.03
CA ASP EA 616 63.52 68.73 -69.23
C ASP EA 616 62.24 69.47 -69.53
N ARG EA 617 62.29 70.56 -70.30
CA ARG EA 617 61.08 71.31 -70.59
C ARG EA 617 60.11 70.53 -71.44
N THR EA 618 60.61 69.53 -72.16
CA THR EA 618 59.77 68.56 -72.84
C THR EA 618 59.22 67.50 -71.90
N SER EA 619 59.38 67.66 -70.59
CA SER EA 619 58.75 66.78 -69.63
C SER EA 619 57.86 67.48 -68.63
N ILE EA 620 57.79 68.82 -68.63
CA ILE EA 620 56.92 69.47 -67.68
C ILE EA 620 55.73 70.15 -68.35
N HIS EA 621 55.87 70.54 -69.63
CA HIS EA 621 54.73 71.12 -70.32
C HIS EA 621 53.83 70.06 -70.92
N GLU EA 622 54.13 68.80 -70.67
CA GLU EA 622 53.17 67.74 -70.93
C GLU EA 622 52.66 67.16 -69.64
N ALA EA 623 53.01 67.79 -68.51
CA ALA EA 623 52.40 67.44 -67.25
C ALA EA 623 51.11 68.23 -67.04
N MET EA 624 50.97 69.36 -67.72
CA MET EA 624 49.75 70.15 -67.61
C MET EA 624 48.83 69.89 -68.79
N GLU EA 625 49.39 69.93 -70.01
CA GLU EA 625 48.63 69.68 -71.22
C GLU EA 625 48.04 68.28 -71.20
N GLN EA 626 48.90 67.27 -71.30
CA GLN EA 626 48.49 65.88 -71.10
C GLN EA 626 48.55 65.64 -69.60
N GLN EA 627 47.59 66.23 -68.88
CA GLN EA 627 47.57 66.17 -67.43
C GLN EA 627 47.36 64.73 -66.99
N SER EA 628 47.98 64.40 -65.83
CA SER EA 628 48.25 63.03 -65.39
C SER EA 628 49.09 62.26 -66.39
N ILE EA 629 50.37 62.61 -66.53
CA ILE EA 629 51.25 61.99 -67.50
C ILE EA 629 52.13 60.93 -66.82
N SER EA 630 52.22 59.78 -67.48
CA SER EA 630 53.30 58.84 -67.21
C SER EA 630 53.66 58.11 -68.50
N ILE EA 631 54.68 57.26 -68.43
CA ILE EA 631 55.52 56.95 -69.57
C ILE EA 631 55.90 55.48 -69.48
N SER EA 632 56.51 54.96 -70.55
CA SER EA 632 56.83 53.55 -70.61
C SER EA 632 58.23 53.19 -71.09
N LYS EA 633 59.28 53.76 -70.49
CA LYS EA 633 60.64 53.47 -70.95
C LYS EA 633 61.08 52.12 -70.40
N ALA EA 634 61.22 51.17 -71.35
CA ALA EA 634 61.98 49.93 -71.20
C ALA EA 634 61.37 49.03 -70.11
N GLY EA 635 60.08 49.15 -69.96
CA GLY EA 635 59.44 48.51 -68.84
C GLY EA 635 57.99 48.19 -69.09
N ILE EA 636 57.14 48.72 -68.23
CA ILE EA 636 55.72 48.48 -68.26
C ILE EA 636 55.11 49.71 -68.92
N VAL EA 637 53.95 49.56 -69.55
CA VAL EA 637 53.21 50.72 -70.04
C VAL EA 637 52.08 51.04 -69.07
N THR EA 638 52.34 51.85 -68.06
CA THR EA 638 51.29 52.28 -67.16
C THR EA 638 51.10 53.78 -67.28
N THR EA 639 50.24 54.31 -66.40
CA THR EA 639 50.04 55.75 -66.29
C THR EA 639 49.58 56.06 -64.88
N LEU EA 640 50.40 56.76 -64.12
CA LEU EA 640 50.05 57.13 -62.76
C LEU EA 640 49.17 58.37 -62.79
N GLN EA 641 48.76 58.81 -61.61
CA GLN EA 641 48.00 60.06 -61.52
C GLN EA 641 48.74 61.11 -60.71
N ALA EA 642 48.79 62.32 -61.26
CA ALA EA 642 49.51 63.40 -60.62
C ALA EA 642 48.82 64.71 -60.99
N ARG EA 643 47.97 65.21 -60.10
CA ARG EA 643 47.33 66.49 -60.34
C ARG EA 643 48.11 67.59 -59.63
N CYS EA 644 49.35 67.75 -60.06
CA CYS EA 644 50.29 68.64 -59.40
C CYS EA 644 50.06 70.09 -59.81
N SER EA 645 50.63 71.00 -59.04
CA SER EA 645 50.57 72.44 -59.27
C SER EA 645 51.99 72.95 -59.51
N ILE EA 646 52.13 73.89 -60.43
CA ILE EA 646 53.44 74.43 -60.76
C ILE EA 646 53.46 75.92 -60.42
N ILE EA 647 54.50 76.34 -59.72
CA ILE EA 647 54.89 77.73 -59.66
C ILE EA 647 56.33 77.82 -60.16
N ALA EA 648 56.75 79.03 -60.50
CA ALA EA 648 58.08 79.22 -61.07
C ALA EA 648 58.50 80.67 -60.90
N ALA EA 649 59.80 80.91 -61.01
CA ALA EA 649 60.35 82.20 -60.65
C ALA EA 649 61.36 82.70 -61.67
N ALA EA 650 60.97 82.73 -62.95
CA ALA EA 650 61.89 82.97 -64.06
C ALA EA 650 62.53 84.36 -63.98
N ASN EA 651 63.59 84.51 -64.76
CA ASN EA 651 64.55 85.53 -64.57
C ASN EA 651 64.96 86.05 -65.93
N PRO EA 652 64.67 87.29 -66.27
CA PRO EA 652 65.04 87.81 -67.59
C PRO EA 652 66.53 88.06 -67.66
N ASN EA 653 67.03 88.08 -68.89
CA ASN EA 653 68.47 88.14 -69.14
C ASN EA 653 68.97 89.55 -68.87
N GLY EA 654 69.30 89.81 -67.61
CA GLY EA 654 69.70 91.15 -67.21
C GLY EA 654 68.63 91.83 -66.40
N GLY EA 655 68.17 93.00 -66.84
CA GLY EA 655 67.16 93.76 -66.16
C GLY EA 655 65.76 93.35 -66.56
N ARG EA 656 64.79 93.91 -65.84
CA ARG EA 656 63.40 93.52 -66.02
C ARG EA 656 62.80 94.12 -67.28
N TYR EA 657 63.22 95.33 -67.63
CA TYR EA 657 62.84 95.98 -68.86
C TYR EA 657 64.11 95.94 -69.67
N ASN EA 658 64.39 94.78 -70.25
CA ASN EA 658 65.54 94.68 -71.13
C ASN EA 658 65.23 95.31 -72.48
N SER EA 659 63.95 95.61 -72.73
CA SER EA 659 63.50 96.19 -73.98
C SER EA 659 62.14 96.84 -73.76
N THR EA 660 61.84 97.80 -74.62
CA THR EA 660 60.45 98.15 -74.89
C THR EA 660 59.78 97.11 -75.76
N LEU EA 661 60.59 96.29 -76.43
CA LEU EA 661 60.11 95.22 -77.26
C LEU EA 661 59.48 94.15 -76.38
N PRO EA 662 58.54 93.35 -76.92
CA PRO EA 662 57.69 92.52 -76.06
C PRO EA 662 58.35 91.31 -75.41
N LEU EA 663 57.51 90.50 -74.78
CA LEU EA 663 57.92 89.40 -73.92
C LEU EA 663 58.62 88.28 -74.67
N ALA EA 664 58.31 88.08 -75.95
CA ALA EA 664 59.04 87.09 -76.72
C ALA EA 664 60.46 87.54 -77.00
N GLN EA 665 60.72 88.84 -76.99
CA GLN EA 665 62.08 89.35 -77.03
C GLN EA 665 62.76 89.32 -75.68
N ASN EA 666 62.01 89.23 -74.59
CA ASN EA 666 62.60 89.41 -73.27
C ASN EA 666 63.06 88.09 -72.67
N VAL EA 667 62.16 87.13 -72.55
CA VAL EA 667 62.49 85.82 -72.03
C VAL EA 667 63.10 84.99 -73.15
N SER EA 668 63.77 83.91 -72.78
CA SER EA 668 64.28 82.98 -73.77
C SER EA 668 63.30 81.85 -74.07
N LEU EA 669 62.18 81.76 -73.35
CA LEU EA 669 61.19 80.73 -73.64
C LEU EA 669 60.47 81.06 -74.93
N THR EA 670 59.87 80.03 -75.52
CA THR EA 670 59.03 80.27 -76.67
C THR EA 670 57.58 80.33 -76.24
N GLU EA 671 56.67 80.33 -77.19
CA GLU EA 671 55.25 80.48 -76.89
C GLU EA 671 54.55 79.32 -76.18
N PRO EA 672 54.60 78.06 -76.66
CA PRO EA 672 53.60 77.08 -76.18
C PRO EA 672 53.78 76.68 -74.74
N ILE EA 673 55.02 76.52 -74.30
CA ILE EA 673 55.28 76.22 -72.90
C ILE EA 673 54.94 77.43 -72.04
N LEU EA 674 55.12 78.64 -72.57
CA LEU EA 674 54.68 79.84 -71.85
C LEU EA 674 53.17 79.91 -71.79
N SER EA 675 52.47 79.35 -72.76
CA SER EA 675 51.04 79.55 -72.83
C SER EA 675 50.26 78.65 -71.89
N ARG EA 676 50.91 77.71 -71.21
CA ARG EA 676 50.20 76.87 -70.26
C ARG EA 676 49.83 77.60 -68.97
N PHE EA 677 50.43 78.75 -68.70
CA PHE EA 677 50.25 79.39 -67.41
C PHE EA 677 49.03 80.28 -67.42
N ASP EA 678 48.74 80.93 -66.29
CA ASP EA 678 47.56 81.77 -66.23
C ASP EA 678 47.92 83.25 -66.31
N ILE EA 679 49.04 83.65 -65.71
CA ILE EA 679 49.34 85.06 -65.59
C ILE EA 679 50.82 85.24 -65.35
N LEU EA 680 51.36 86.29 -65.95
CA LEU EA 680 52.77 86.59 -65.89
C LEU EA 680 52.91 87.80 -64.99
N CYS EA 681 52.96 87.55 -63.68
CA CYS EA 681 53.10 88.66 -62.75
C CYS EA 681 54.50 89.25 -62.85
N VAL EA 682 54.53 90.56 -63.09
CA VAL EA 682 55.75 91.28 -63.41
C VAL EA 682 55.92 92.40 -62.39
N VAL EA 683 57.17 92.70 -62.04
CA VAL EA 683 57.48 93.71 -61.05
C VAL EA 683 58.22 94.86 -61.72
N ARG EA 684 58.29 95.99 -61.02
CA ARG EA 684 58.86 97.22 -61.55
C ARG EA 684 59.03 98.24 -60.43
N ASP EA 685 60.16 98.94 -60.43
CA ASP EA 685 60.32 100.21 -59.71
C ASP EA 685 61.52 100.93 -60.28
N LEU EA 686 61.38 102.23 -60.54
CA LEU EA 686 62.56 103.01 -60.87
C LEU EA 686 63.01 103.89 -59.70
N VAL EA 687 62.19 104.85 -59.31
CA VAL EA 687 62.55 105.92 -58.38
C VAL EA 687 61.26 106.35 -57.68
N ASP EA 688 61.25 106.26 -56.35
CA ASP EA 688 60.10 106.75 -55.59
C ASP EA 688 60.59 107.04 -54.17
N GLU EA 689 60.34 108.26 -53.71
CA GLU EA 689 60.74 108.63 -52.36
C GLU EA 689 59.86 107.96 -51.32
N GLU EA 690 58.54 108.16 -51.41
CA GLU EA 690 57.65 107.69 -50.36
C GLU EA 690 57.47 106.18 -50.39
N ALA EA 691 57.58 105.57 -51.57
CA ALA EA 691 57.44 104.13 -51.63
C ALA EA 691 58.66 103.42 -51.05
N ASP EA 692 59.83 104.06 -51.13
CA ASP EA 692 61.04 103.38 -50.71
C ASP EA 692 61.10 103.26 -49.18
N GLU EA 693 60.76 104.35 -48.48
CA GLU EA 693 60.70 104.29 -47.02
C GLU EA 693 59.62 103.35 -46.54
N ARG EA 694 58.54 103.22 -47.31
CA ARG EA 694 57.48 102.29 -47.01
C ARG EA 694 57.97 100.86 -47.08
N LEU EA 695 59.05 100.64 -47.83
CA LEU EA 695 59.84 99.44 -47.61
C LEU EA 695 60.90 99.67 -46.55
N ALA EA 696 61.58 100.82 -46.57
CA ALA EA 696 62.79 100.96 -45.76
C ALA EA 696 62.49 101.06 -44.28
N THR EA 697 61.46 101.80 -43.90
CA THR EA 697 61.05 101.76 -42.51
C THR EA 697 60.47 100.42 -42.13
N PHE EA 698 59.88 99.72 -43.09
CA PHE EA 698 59.27 98.45 -42.81
C PHE EA 698 60.31 97.38 -42.50
N VAL EA 699 61.42 97.37 -43.25
CA VAL EA 699 62.30 96.22 -43.15
C VAL EA 699 63.15 96.26 -41.91
N VAL EA 700 63.42 97.45 -41.36
CA VAL EA 700 64.32 97.51 -40.22
C VAL EA 700 63.66 97.08 -38.93
N ASP EA 701 62.34 97.18 -38.84
CA ASP EA 701 61.68 96.70 -37.64
C ASP EA 701 61.63 95.19 -37.55
N SER EA 702 61.68 94.51 -38.69
CA SER EA 702 61.77 93.06 -38.70
C SER EA 702 63.06 92.55 -38.09
N HIS EA 703 64.16 93.27 -38.29
CA HIS EA 703 65.41 92.90 -37.64
C HIS EA 703 65.42 93.22 -36.16
N VAL EA 704 64.45 93.99 -35.67
CA VAL EA 704 64.30 94.10 -34.23
C VAL EA 704 63.65 92.82 -33.70
N ARG EA 705 63.08 91.99 -34.56
CA ARG EA 705 62.49 90.72 -34.14
C ARG EA 705 63.50 89.58 -34.23
N SER EA 706 64.61 89.77 -33.54
CA SER EA 706 65.67 88.77 -33.50
C SER EA 706 65.66 88.05 -32.17
N GLN EA 737 58.28 75.67 -14.88
CA GLN EA 737 58.32 76.61 -15.99
C GLN EA 737 57.05 76.51 -16.80
N LEU EA 738 56.00 75.97 -16.19
CA LEU EA 738 54.73 75.75 -16.86
C LEU EA 738 54.07 77.07 -17.24
N ASN EA 739 54.08 78.04 -16.30
CA ASN EA 739 53.71 79.39 -16.67
C ASN EA 739 54.69 79.98 -17.67
N ALA EA 740 55.98 79.69 -17.52
CA ALA EA 740 56.99 80.27 -18.40
C ALA EA 740 56.90 79.70 -19.81
N ARG EA 741 56.56 78.41 -19.92
CA ARG EA 741 56.28 77.84 -21.23
C ARG EA 741 55.03 78.46 -21.83
N GLN EA 742 54.04 78.77 -21.00
CA GLN EA 742 52.91 79.56 -21.45
C GLN EA 742 53.29 81.02 -21.70
N ARG EA 743 54.14 81.60 -20.85
CA ARG EA 743 54.44 83.03 -20.96
C ARG EA 743 55.31 83.35 -22.16
N ARG EA 744 56.20 82.42 -22.53
CA ARG EA 744 56.96 82.56 -23.77
C ARG EA 744 56.03 82.51 -24.97
N LEU EA 745 54.95 81.72 -24.88
CA LEU EA 745 53.99 81.61 -25.98
C LEU EA 745 53.21 82.88 -26.20
N GLN EA 746 52.78 83.55 -25.12
CA GLN EA 746 52.11 84.84 -25.29
C GLN EA 746 53.07 85.89 -25.80
N ARG EA 747 54.34 85.81 -25.39
CA ARG EA 747 55.39 86.60 -26.03
C ARG EA 747 55.54 86.20 -27.48
N GLN EA 748 55.46 84.90 -27.77
CA GLN EA 748 55.47 84.45 -29.15
C GLN EA 748 54.18 84.80 -29.86
N ARG EA 749 53.09 85.01 -29.12
CA ARG EA 749 51.86 85.43 -29.78
C ARG EA 749 51.83 86.92 -30.01
N LYS EA 750 52.35 87.71 -29.06
CA LYS EA 750 52.31 89.15 -29.20
C LYS EA 750 53.27 89.64 -30.26
N LYS EA 751 54.39 88.93 -30.44
CA LYS EA 751 55.41 89.37 -31.40
C LYS EA 751 54.95 89.23 -32.83
N GLU EA 752 53.95 88.40 -33.09
CA GLU EA 752 53.35 88.33 -34.41
C GLU EA 752 52.17 89.27 -34.53
N GLU EA 753 51.78 89.89 -33.43
CA GLU EA 753 50.52 90.60 -33.39
C GLU EA 753 50.75 92.10 -33.23
N GLU EA 754 51.71 92.64 -33.97
CA GLU EA 754 51.92 94.09 -33.97
C GLU EA 754 50.74 94.82 -34.60
N ILE EA 755 50.14 94.23 -35.62
CA ILE EA 755 48.92 94.77 -36.21
C ILE EA 755 47.84 93.71 -36.11
N SER EA 756 48.20 92.55 -35.53
CA SER EA 756 47.39 91.34 -35.41
C SER EA 756 46.74 90.91 -36.73
N PRO EA 757 47.51 90.49 -37.72
CA PRO EA 757 46.87 90.04 -38.96
C PRO EA 757 46.59 88.55 -38.98
N ILE EA 758 45.70 88.05 -38.11
CA ILE EA 758 45.22 86.66 -37.96
C ILE EA 758 46.35 85.63 -38.09
N PRO EA 759 47.11 85.37 -37.02
CA PRO EA 759 48.42 84.71 -37.16
C PRO EA 759 48.31 83.25 -37.55
N GLN EA 760 49.49 82.66 -37.76
CA GLN EA 760 49.61 81.34 -38.38
C GLN EA 760 49.29 80.20 -37.43
N GLU EA 761 48.92 80.48 -36.19
CA GLU EA 761 48.55 79.41 -35.27
C GLU EA 761 47.26 78.74 -35.68
N LEU EA 762 46.35 79.46 -36.32
CA LEU EA 762 45.12 78.87 -36.78
C LEU EA 762 44.96 78.93 -38.28
N LEU EA 763 45.74 79.78 -38.96
CA LEU EA 763 45.41 80.12 -40.35
C LEU EA 763 45.66 78.96 -41.28
N MET EA 764 46.78 78.25 -41.09
CA MET EA 764 47.03 77.09 -41.92
C MET EA 764 46.08 75.95 -41.60
N LYS EA 765 45.51 75.94 -40.39
CA LYS EA 765 44.79 74.75 -39.98
C LYS EA 765 43.45 74.62 -40.69
N TYR EA 766 42.86 75.72 -41.16
CA TYR EA 766 41.60 75.57 -41.86
C TYR EA 766 41.80 75.42 -43.36
N ILE EA 767 43.02 75.67 -43.84
CA ILE EA 767 43.33 75.44 -45.24
C ILE EA 767 43.20 73.99 -45.62
N HIS EA 768 43.67 73.08 -44.76
CA HIS EA 768 43.70 71.67 -45.09
C HIS EA 768 42.31 71.09 -45.23
N TYR EA 769 41.33 71.64 -44.51
CA TYR EA 769 40.00 71.20 -44.88
C TYR EA 769 39.28 72.23 -45.73
N ALA EA 770 39.98 73.24 -46.21
CA ALA EA 770 39.43 74.00 -47.32
C ALA EA 770 39.81 73.41 -48.66
N ARG EA 771 40.44 72.25 -48.67
CA ARG EA 771 40.90 71.66 -49.92
C ARG EA 771 40.37 70.24 -50.02
N THR EA 772 39.78 69.74 -48.92
CA THR EA 772 39.35 68.36 -48.87
C THR EA 772 37.94 68.20 -48.33
N LYS EA 773 37.18 69.29 -48.20
CA LYS EA 773 35.82 69.13 -47.71
C LYS EA 773 34.76 69.92 -48.47
N ILE EA 774 35.12 70.92 -49.28
CA ILE EA 774 34.15 71.82 -49.88
C ILE EA 774 34.32 71.78 -51.40
N TYR EA 775 33.19 71.73 -52.12
CA TYR EA 775 33.20 71.73 -53.57
C TYR EA 775 32.22 72.77 -54.09
N PRO EA 776 32.67 73.73 -54.89
CA PRO EA 776 31.79 74.81 -55.33
C PRO EA 776 31.04 74.44 -56.59
N LYS EA 777 29.94 75.18 -56.82
CA LYS EA 777 29.16 75.07 -58.03
C LYS EA 777 28.76 76.46 -58.50
N LEU EA 778 28.16 76.53 -59.68
CA LEU EA 778 28.04 77.77 -60.43
C LEU EA 778 26.58 78.10 -60.73
N HIS EA 779 26.39 79.27 -61.35
CA HIS EA 779 25.10 79.71 -61.84
C HIS EA 779 25.20 79.84 -63.35
N GLN EA 780 24.18 80.42 -63.96
CA GLN EA 780 24.12 80.56 -65.41
C GLN EA 780 23.82 81.99 -65.82
N MET EA 781 23.01 82.69 -65.01
CA MET EA 781 22.43 83.97 -65.42
C MET EA 781 23.44 85.11 -65.40
N ASP EA 782 24.57 84.92 -64.74
CA ASP EA 782 25.59 85.95 -64.61
C ASP EA 782 26.85 85.63 -65.39
N MET EA 783 26.93 84.44 -65.97
CA MET EA 783 28.15 84.03 -66.62
C MET EA 783 28.30 84.62 -68.01
N ASP EA 784 27.20 84.82 -68.71
CA ASP EA 784 27.30 85.19 -70.12
C ASP EA 784 27.56 86.68 -70.31
N LYS EA 785 27.59 87.45 -69.23
CA LYS EA 785 27.90 88.87 -69.32
C LYS EA 785 29.37 89.13 -69.62
N VAL EA 786 30.23 88.12 -69.44
CA VAL EA 786 31.66 88.31 -69.66
C VAL EA 786 32.12 87.72 -70.97
N SER EA 787 31.22 87.10 -71.74
CA SER EA 787 31.58 86.53 -73.03
C SER EA 787 32.06 87.60 -74.00
N ARG EA 788 31.33 88.70 -74.10
CA ARG EA 788 31.81 89.84 -74.89
C ARG EA 788 33.00 90.50 -74.23
N VAL EA 789 33.05 90.49 -72.90
CA VAL EA 789 34.20 91.04 -72.19
C VAL EA 789 35.44 90.20 -72.44
N TYR EA 790 35.25 88.91 -72.65
CA TYR EA 790 36.34 88.10 -73.17
C TYR EA 790 36.65 88.41 -74.62
N ALA EA 791 35.64 88.30 -75.48
CA ALA EA 791 35.89 88.18 -76.90
C ALA EA 791 36.29 89.51 -77.51
N ASP EA 792 35.69 90.60 -77.04
CA ASP EA 792 36.13 91.90 -77.51
C ASP EA 792 37.50 92.24 -76.97
N LEU EA 793 37.86 91.67 -75.82
CA LEU EA 793 39.25 91.72 -75.41
C LEU EA 793 40.08 90.66 -76.12
N ARG EA 794 39.45 89.60 -76.62
CA ARG EA 794 40.21 88.70 -77.46
C ARG EA 794 40.52 89.35 -78.80
N ARG EA 795 39.61 90.19 -79.31
CA ARG EA 795 39.81 90.86 -80.58
C ARG EA 795 40.91 91.90 -80.53
N GLU EA 796 40.90 92.76 -79.49
CA GLU EA 796 41.92 93.78 -79.36
C GLU EA 796 43.28 93.15 -79.08
N SER EA 797 43.29 91.98 -78.44
CA SER EA 797 44.56 91.30 -78.22
C SER EA 797 45.02 90.50 -79.42
N ILE EA 798 44.13 90.14 -80.33
CA ILE EA 798 44.55 89.44 -81.54
C ILE EA 798 44.95 90.41 -82.64
N SER EA 799 44.16 91.48 -82.79
CA SER EA 799 44.51 92.57 -83.68
C SER EA 799 45.78 93.29 -83.20
N THR EA 800 46.01 93.32 -81.90
CA THR EA 800 47.25 93.85 -81.35
C THR EA 800 47.74 92.88 -80.28
N GLY EA 801 48.77 92.12 -80.60
CA GLY EA 801 49.24 91.08 -79.71
C GLY EA 801 50.73 90.84 -79.79
N SER EA 802 51.30 90.58 -78.60
CA SER EA 802 52.65 90.08 -78.43
C SER EA 802 52.62 88.55 -78.40
N PHE EA 803 51.87 87.99 -77.43
CA PHE EA 803 51.49 86.60 -77.26
C PHE EA 803 49.97 86.51 -77.07
N PRO EA 804 49.33 85.49 -77.63
CA PRO EA 804 47.85 85.51 -77.68
C PRO EA 804 47.21 84.71 -76.55
N ILE EA 805 46.01 85.13 -76.23
CA ILE EA 805 45.10 84.33 -75.44
C ILE EA 805 44.35 83.39 -76.37
N THR EA 806 43.88 82.27 -75.84
CA THR EA 806 43.27 81.22 -76.64
C THR EA 806 42.08 80.62 -75.91
N VAL EA 807 41.70 79.40 -76.29
CA VAL EA 807 40.77 78.62 -75.49
C VAL EA 807 41.30 78.30 -74.10
N ARG EA 808 42.61 78.40 -73.91
CA ARG EA 808 43.24 78.14 -72.63
C ARG EA 808 42.81 79.12 -71.54
N HIS EA 809 43.04 80.41 -71.72
CA HIS EA 809 42.90 81.44 -70.70
C HIS EA 809 41.52 81.53 -70.08
N LEU EA 810 40.48 81.38 -70.90
CA LEU EA 810 39.12 81.50 -70.39
C LEU EA 810 38.78 80.37 -69.45
N GLU EA 811 39.41 79.21 -69.61
CA GLU EA 811 39.24 78.13 -68.66
C GLU EA 811 39.85 78.50 -67.31
N SER EA 812 40.88 79.34 -67.32
CA SER EA 812 41.41 79.87 -66.06
C SER EA 812 40.58 81.01 -65.53
N ILE EA 813 39.81 81.68 -66.39
CA ILE EA 813 38.99 82.80 -65.94
C ILE EA 813 37.90 82.33 -65.01
N LEU EA 814 37.20 81.26 -65.39
CA LEU EA 814 36.19 80.75 -64.50
C LEU EA 814 36.80 80.04 -63.30
N ARG EA 815 38.02 79.51 -63.42
CA ARG EA 815 38.59 78.76 -62.30
C ARG EA 815 39.06 79.66 -61.18
N ILE EA 816 39.84 80.70 -61.50
CA ILE EA 816 40.30 81.55 -60.41
C ILE EA 816 39.18 82.41 -59.86
N ALA EA 817 38.05 82.47 -60.55
CA ALA EA 817 36.85 83.02 -59.93
C ALA EA 817 36.43 82.14 -58.76
N GLU EA 818 36.26 80.85 -58.99
CA GLU EA 818 35.65 80.04 -57.95
C GLU EA 818 36.63 79.67 -56.85
N SER EA 819 37.92 79.96 -57.04
CA SER EA 819 38.84 79.82 -55.93
C SER EA 819 38.52 80.81 -54.83
N PHE EA 820 38.12 82.02 -55.22
CA PHE EA 820 37.80 83.03 -54.23
C PHE EA 820 36.58 82.65 -53.43
N ALA EA 821 35.52 82.25 -54.11
CA ALA EA 821 34.30 81.86 -53.43
C ALA EA 821 34.45 80.56 -52.65
N LYS EA 822 35.51 79.80 -52.92
CA LYS EA 822 35.82 78.65 -52.08
C LYS EA 822 36.31 79.08 -50.71
N MET EA 823 36.76 80.30 -50.57
CA MET EA 823 37.19 80.80 -49.28
C MET EA 823 36.08 81.49 -48.51
N ARG EA 824 34.93 81.68 -49.13
CA ARG EA 824 33.76 82.03 -48.35
C ARG EA 824 33.09 80.79 -47.76
N LEU EA 825 33.57 79.60 -48.13
CA LEU EA 825 33.12 78.31 -47.58
C LEU EA 825 31.64 78.08 -47.88
N SER EA 826 31.25 78.26 -49.14
CA SER EA 826 29.85 78.55 -49.41
C SER EA 826 29.28 77.86 -50.64
N GLU EA 827 30.13 77.24 -51.47
CA GLU EA 827 29.75 76.40 -52.60
C GLU EA 827 29.15 77.19 -53.79
N PHE EA 828 28.79 78.45 -53.60
CA PHE EA 828 28.16 79.18 -54.68
C PHE EA 828 29.15 80.15 -55.30
N VAL EA 829 28.74 80.72 -56.42
CA VAL EA 829 29.49 81.79 -57.05
C VAL EA 829 28.58 83.00 -57.11
N SER EA 830 29.14 84.16 -56.78
CA SER EA 830 28.37 85.38 -56.61
C SER EA 830 28.54 86.26 -57.84
N SER EA 831 28.11 87.51 -57.72
CA SER EA 831 28.53 88.54 -58.66
C SER EA 831 29.73 89.32 -58.15
N TYR EA 832 29.93 89.37 -56.83
CA TYR EA 832 30.97 90.17 -56.20
C TYR EA 832 32.37 89.69 -56.53
N ASP EA 833 32.49 88.47 -57.04
CA ASP EA 833 33.76 87.80 -57.24
C ASP EA 833 34.21 87.79 -58.69
N LEU EA 834 33.26 87.71 -59.63
CA LEU EA 834 33.60 87.59 -61.04
C LEU EA 834 34.27 88.86 -61.54
N ASP EA 835 33.73 90.00 -61.15
CA ASP EA 835 34.39 91.27 -61.44
C ASP EA 835 35.71 91.40 -60.71
N ARG EA 836 35.80 90.87 -59.49
CA ARG EA 836 37.08 90.87 -58.79
C ARG EA 836 38.06 89.97 -59.51
N ALA EA 837 37.58 88.81 -59.98
CA ALA EA 837 38.45 87.87 -60.69
C ALA EA 837 38.84 88.41 -62.05
N ILE EA 838 37.93 89.12 -62.72
CA ILE EA 838 38.29 89.73 -63.99
C ILE EA 838 39.30 90.83 -63.78
N LYS EA 839 39.06 91.71 -62.81
CA LYS EA 839 39.94 92.85 -62.60
C LYS EA 839 41.26 92.45 -61.97
N VAL EA 840 41.47 91.16 -61.72
CA VAL EA 840 42.82 90.65 -61.52
C VAL EA 840 43.49 90.34 -62.85
N VAL EA 841 42.79 89.67 -63.77
CA VAL EA 841 43.46 89.15 -64.95
C VAL EA 841 43.80 90.21 -65.97
N VAL EA 842 42.84 91.08 -66.31
CA VAL EA 842 42.96 91.94 -67.49
C VAL EA 842 44.09 92.94 -67.37
N ASP EA 843 44.20 93.65 -66.24
CA ASP EA 843 45.29 94.56 -65.98
C ASP EA 843 46.62 93.86 -65.91
N SER EA 844 46.66 92.69 -65.28
CA SER EA 844 47.88 91.90 -65.19
C SER EA 844 48.25 91.24 -66.52
N PHE EA 845 47.33 91.17 -67.47
CA PHE EA 845 47.77 90.89 -68.82
C PHE EA 845 48.27 92.12 -69.53
N VAL EA 846 47.51 93.21 -69.53
CA VAL EA 846 47.80 94.32 -70.44
C VAL EA 846 49.01 95.14 -70.05
N ASP EA 847 49.42 95.12 -68.77
CA ASP EA 847 50.42 96.07 -68.33
C ASP EA 847 51.82 95.68 -68.79
N ALA EA 848 51.98 94.50 -69.36
CA ALA EA 848 53.29 94.01 -69.78
C ALA EA 848 53.59 94.32 -71.23
N GLN EA 849 52.80 95.17 -71.87
CA GLN EA 849 52.90 95.23 -73.32
C GLN EA 849 54.04 96.10 -73.82
N LYS EA 850 53.96 97.42 -73.59
CA LYS EA 850 54.80 98.34 -74.31
C LYS EA 850 54.71 99.74 -73.67
N VAL EA 851 55.28 100.75 -74.34
CA VAL EA 851 54.87 102.13 -74.14
C VAL EA 851 53.38 102.28 -74.35
N SER EA 852 52.82 101.61 -75.36
CA SER EA 852 51.39 101.73 -75.65
C SER EA 852 50.55 100.98 -74.65
N VAL EA 853 50.59 101.44 -73.40
CA VAL EA 853 49.80 100.87 -72.32
C VAL EA 853 48.84 101.90 -71.74
N ARG EA 854 49.16 103.20 -71.84
CA ARG EA 854 48.32 104.27 -71.35
C ARG EA 854 47.00 104.36 -72.11
N ARG EA 855 47.00 103.97 -73.38
CA ARG EA 855 45.76 103.90 -74.13
C ARG EA 855 44.89 102.76 -73.64
N GLN EA 856 45.49 101.61 -73.33
CA GLN EA 856 44.71 100.45 -72.91
C GLN EA 856 44.12 100.64 -71.52
N LEU EA 857 44.72 101.49 -70.70
CA LEU EA 857 44.12 101.82 -69.42
C LEU EA 857 42.87 102.67 -69.61
N ARG EA 858 42.79 103.41 -70.72
CA ARG EA 858 41.54 104.09 -71.06
C ARG EA 858 40.48 103.09 -71.54
N ARG EA 859 40.89 101.89 -71.91
CA ARG EA 859 39.92 100.88 -72.31
C ARG EA 859 39.31 100.19 -71.09
N SER EA 860 40.14 99.88 -70.09
CA SER EA 860 39.73 98.89 -69.09
C SER EA 860 38.75 99.44 -68.08
N PHE EA 861 38.68 100.77 -67.92
CA PHE EA 861 37.68 101.31 -67.02
C PHE EA 861 36.30 101.20 -67.61
N ALA EA 862 36.19 101.05 -68.93
CA ALA EA 862 34.91 100.67 -69.52
C ALA EA 862 34.55 99.23 -69.14
N ILE EA 863 35.55 98.36 -69.02
CA ILE EA 863 35.30 97.01 -68.55
C ILE EA 863 34.88 97.03 -67.08
N TYR EA 864 35.49 97.92 -66.31
CA TYR EA 864 35.01 98.17 -64.96
C TYR EA 864 33.87 99.20 -64.97
N PRO FA 17 49.91 -12.69 -68.09
CA PRO FA 17 49.12 -11.75 -68.88
C PRO FA 17 47.96 -12.39 -69.64
N ASP FA 18 46.71 -12.83 -69.69
CA ASP FA 18 46.10 -13.29 -70.92
C ASP FA 18 45.27 -12.23 -71.62
N ALA FA 19 44.68 -11.30 -70.86
CA ALA FA 19 43.86 -10.26 -71.48
C ALA FA 19 44.72 -9.21 -72.16
N VAL FA 20 45.80 -8.79 -71.49
CA VAL FA 20 46.65 -7.74 -72.05
C VAL FA 20 47.59 -8.29 -73.11
N PHE FA 21 47.64 -9.60 -73.27
CA PHE FA 21 48.52 -10.18 -74.27
C PHE FA 21 47.76 -10.76 -75.46
N GLY FA 22 46.45 -10.98 -75.34
CA GLY FA 22 45.72 -11.66 -76.40
C GLY FA 22 45.57 -10.86 -77.67
N ASP FA 23 45.19 -9.58 -77.54
CA ASP FA 23 45.07 -8.74 -78.72
C ASP FA 23 46.43 -8.28 -79.22
N ARG FA 24 47.49 -8.50 -78.43
CA ARG FA 24 48.81 -8.49 -79.02
C ARG FA 24 48.94 -9.60 -80.03
N VAL FA 25 48.70 -10.85 -79.61
CA VAL FA 25 48.92 -12.01 -80.48
C VAL FA 25 47.98 -12.01 -81.67
N ARG FA 26 46.73 -11.56 -81.47
CA ARG FA 26 45.81 -11.44 -82.60
C ARG FA 26 46.25 -10.36 -83.56
N ARG FA 27 46.91 -9.32 -83.08
CA ARG FA 27 47.58 -8.41 -83.98
C ARG FA 27 48.85 -9.03 -84.55
N PHE FA 28 49.49 -9.93 -83.79
CA PHE FA 28 50.74 -10.53 -84.23
C PHE FA 28 50.54 -11.41 -85.45
N GLN FA 29 49.31 -11.90 -85.65
CA GLN FA 29 48.91 -12.50 -86.92
C GLN FA 29 48.27 -11.51 -87.88
N GLU FA 30 47.90 -10.33 -87.40
CA GLU FA 30 47.21 -9.37 -88.26
C GLU FA 30 48.19 -8.52 -89.05
N PHE FA 31 49.15 -7.88 -88.40
CA PHE FA 31 49.98 -6.93 -89.14
C PHE FA 31 50.99 -7.57 -90.07
N LEU FA 32 51.09 -8.91 -90.11
CA LEU FA 32 52.05 -9.52 -91.00
C LEU FA 32 51.64 -9.38 -92.45
N ASP FA 33 50.35 -9.24 -92.72
CA ASP FA 33 49.97 -8.79 -94.04
C ASP FA 33 50.15 -7.29 -94.22
N THR FA 34 50.22 -6.52 -93.13
CA THR FA 34 50.44 -5.08 -93.29
C THR FA 34 51.90 -4.76 -93.51
N PHE FA 35 52.76 -5.78 -93.61
CA PHE FA 35 54.03 -5.61 -94.30
C PHE FA 35 54.26 -6.69 -95.36
N THR FA 36 53.24 -6.98 -96.16
CA THR FA 36 53.47 -7.67 -97.43
C THR FA 36 54.34 -6.83 -98.35
N SER FA 37 54.18 -5.52 -98.32
CA SER FA 37 54.97 -4.65 -99.16
C SER FA 37 56.23 -4.14 -98.48
N TYR FA 38 56.47 -4.49 -97.22
CA TYR FA 38 57.67 -4.02 -96.55
C TYR FA 38 58.60 -5.14 -96.12
N ARG FA 39 58.12 -6.39 -96.12
CA ARG FA 39 58.99 -7.49 -95.71
C ARG FA 39 60.10 -7.73 -96.72
N ASP FA 40 59.89 -7.35 -97.97
CA ASP FA 40 61.00 -7.18 -98.89
C ASP FA 40 61.90 -6.03 -98.51
N SER FA 41 61.31 -4.90 -98.09
CA SER FA 41 62.06 -3.68 -97.85
C SER FA 41 62.99 -3.81 -96.66
N VAL FA 42 62.53 -4.48 -95.60
CA VAL FA 42 63.31 -4.49 -94.38
C VAL FA 42 64.51 -5.40 -94.48
N ARG FA 43 64.52 -6.37 -95.40
CA ARG FA 43 65.70 -7.19 -95.54
C ARG FA 43 66.59 -6.74 -96.68
N SER FA 44 66.05 -6.04 -97.68
CA SER FA 44 66.89 -5.56 -98.77
C SER FA 44 67.82 -4.46 -98.32
N ILE FA 45 67.43 -3.72 -97.28
CA ILE FA 45 68.25 -2.62 -96.77
C ILE FA 45 69.44 -3.09 -95.95
N GLN FA 46 69.50 -4.34 -95.57
CA GLN FA 46 70.60 -4.81 -94.74
C GLN FA 46 71.52 -5.77 -95.45
N VAL FA 47 71.05 -6.45 -96.51
CA VAL FA 47 71.82 -7.52 -97.11
C VAL FA 47 73.04 -6.99 -97.81
N TYR FA 48 72.97 -5.77 -98.34
CA TYR FA 48 74.14 -5.15 -98.90
C TYR FA 48 74.98 -4.48 -97.83
N ASN FA 49 74.35 -4.03 -96.75
CA ASN FA 49 75.10 -3.50 -95.62
C ASN FA 49 75.87 -4.60 -94.92
N SER FA 50 75.32 -5.81 -94.92
CA SER FA 50 76.07 -7.00 -94.59
C SER FA 50 77.10 -7.36 -95.64
N ASN FA 51 76.86 -7.00 -96.91
CA ASN FA 51 77.81 -7.32 -97.96
C ASN FA 51 78.98 -6.36 -97.97
N ASN FA 52 78.70 -5.05 -98.04
CA ASN FA 52 79.79 -4.08 -98.16
C ASN FA 52 80.68 -4.04 -96.94
N ALA FA 53 80.14 -4.36 -95.76
CA ALA FA 53 80.96 -4.40 -94.55
C ALA FA 53 81.96 -5.56 -94.61
N ALA FA 54 81.66 -6.61 -95.37
CA ALA FA 54 82.60 -7.70 -95.57
C ALA FA 54 83.57 -7.44 -96.72
N ASN FA 55 83.34 -6.42 -97.53
CA ASN FA 55 84.22 -6.03 -98.63
C ASN FA 55 84.36 -4.52 -98.73
N TYR FA 56 84.73 -3.89 -97.60
CA TYR FA 56 85.06 -2.47 -97.61
C TYR FA 56 86.23 -2.15 -98.55
N ASN FA 57 87.25 -3.00 -98.57
CA ASN FA 57 88.41 -2.75 -99.41
C ASN FA 57 88.13 -3.02 -100.87
N ILE FA 91 75.28 0.80 -92.42
CA ILE FA 91 75.52 2.21 -92.66
C ILE FA 91 74.20 2.95 -92.61
N LEU FA 92 73.10 2.22 -92.62
CA LEU FA 92 71.80 2.87 -92.46
C LEU FA 92 71.17 2.42 -91.15
N PRO FA 93 70.38 3.28 -90.50
CA PRO FA 93 69.70 2.86 -89.28
C PRO FA 93 68.50 1.98 -89.61
N HIS FA 94 67.73 1.69 -88.56
CA HIS FA 94 66.66 0.71 -88.67
C HIS FA 94 65.31 1.41 -88.76
N ARG FA 95 65.00 1.82 -89.99
CA ARG FA 95 63.83 2.62 -90.28
C ARG FA 95 62.80 1.79 -91.03
N ILE FA 96 61.62 1.66 -90.45
CA ILE FA 96 60.57 0.81 -90.96
C ILE FA 96 59.34 1.69 -91.02
N ILE FA 97 59.14 2.39 -92.12
CA ILE FA 97 58.08 3.38 -92.21
C ILE FA 97 56.77 2.65 -92.42
N ILE FA 98 55.93 2.66 -91.40
CA ILE FA 98 54.60 2.10 -91.48
C ILE FA 98 53.66 3.22 -91.89
N SER FA 99 52.99 3.03 -93.01
CA SER FA 99 52.03 4.04 -93.41
C SER FA 99 50.72 3.87 -92.66
N LEU FA 100 49.89 4.88 -92.73
CA LEU FA 100 48.53 4.78 -92.25
C LEU FA 100 47.69 3.82 -93.05
N ASP FA 101 47.87 3.86 -94.37
CA ASP FA 101 47.02 3.18 -95.33
C ASP FA 101 46.99 1.68 -95.11
N ASP FA 102 48.11 1.09 -94.72
CA ASP FA 102 48.14 -0.33 -94.46
C ASP FA 102 47.66 -0.66 -93.06
N LEU FA 103 47.08 0.31 -92.36
CA LEU FA 103 46.61 0.00 -91.02
C LEU FA 103 45.30 0.73 -90.78
N ARG FA 104 44.66 1.18 -91.87
CA ARG FA 104 43.39 1.84 -91.70
C ARG FA 104 42.36 1.24 -92.64
N GLU FA 105 42.83 0.62 -93.71
CA GLU FA 105 41.89 0.03 -94.66
C GLU FA 105 41.20 -1.20 -94.10
N PHE FA 106 41.79 -1.86 -93.11
CA PHE FA 106 41.19 -3.13 -92.72
C PHE FA 106 41.37 -3.49 -91.25
N ASP FA 107 41.70 -2.57 -90.37
CA ASP FA 107 41.73 -2.85 -88.95
C ASP FA 107 41.17 -1.62 -88.26
N ARG FA 108 40.18 -1.79 -87.39
CA ARG FA 108 39.60 -0.63 -86.75
C ARG FA 108 39.80 -0.65 -85.25
N SER FA 109 39.60 -1.81 -84.61
CA SER FA 109 39.88 -1.91 -83.19
C SER FA 109 41.37 -1.77 -82.91
N PHE FA 110 42.20 -2.36 -83.75
CA PHE FA 110 43.63 -2.18 -83.65
C PHE FA 110 44.05 -0.77 -84.04
N TRP FA 111 43.26 -0.10 -84.88
CA TRP FA 111 43.59 1.25 -85.31
C TRP FA 111 43.53 2.24 -84.17
N SER FA 112 42.36 2.39 -83.56
CA SER FA 112 42.15 3.53 -82.69
C SER FA 112 42.84 3.37 -81.36
N GLY FA 113 43.36 2.18 -81.07
CA GLY FA 113 44.25 2.03 -79.94
C GLY FA 113 45.54 2.81 -80.12
N ILE FA 114 45.99 2.95 -81.36
CA ILE FA 114 47.23 3.70 -81.58
C ILE FA 114 47.00 5.20 -81.47
N LEU FA 115 45.76 5.65 -81.54
CA LEU FA 115 45.51 7.07 -81.49
C LEU FA 115 44.70 7.46 -80.25
N VAL FA 116 44.51 6.54 -79.31
CA VAL FA 116 43.91 6.89 -78.04
C VAL FA 116 44.88 6.59 -76.91
N GLU FA 117 45.33 5.33 -76.82
CA GLU FA 117 46.25 4.90 -75.78
C GLU FA 117 47.51 4.38 -76.45
N PRO FA 118 48.44 5.24 -76.74
CA PRO FA 118 49.68 4.80 -77.37
C PRO FA 118 50.71 4.36 -76.37
N ALA FA 119 50.31 3.56 -75.38
CA ALA FA 119 51.25 3.11 -74.37
C ALA FA 119 51.24 1.61 -74.17
N TYR FA 120 50.20 0.92 -74.61
CA TYR FA 120 50.20 -0.53 -74.54
C TYR FA 120 50.38 -1.16 -75.89
N PHE FA 121 50.88 -0.42 -76.88
CA PHE FA 121 50.85 -0.96 -78.22
C PHE FA 121 52.19 -0.90 -78.94
N ILE FA 122 53.04 0.07 -78.63
CA ILE FA 122 54.26 0.20 -79.42
C ILE FA 122 55.31 -0.84 -79.03
N PRO FA 123 55.61 -1.13 -77.75
CA PRO FA 123 56.52 -2.25 -77.47
C PRO FA 123 55.94 -3.61 -77.81
N PRO FA 124 54.61 -3.79 -77.91
CA PRO FA 124 54.13 -4.93 -78.69
C PRO FA 124 54.59 -4.92 -80.13
N ALA FA 125 54.56 -3.77 -80.79
CA ALA FA 125 54.86 -3.76 -82.22
C ALA FA 125 56.35 -3.96 -82.47
N GLU FA 126 57.19 -3.59 -81.51
CA GLU FA 126 58.61 -3.79 -81.71
C GLU FA 126 58.99 -5.25 -81.56
N LYS FA 127 58.55 -5.88 -80.46
CA LYS FA 127 58.92 -7.25 -80.15
C LYS FA 127 58.47 -8.21 -81.24
N ALA FA 128 57.29 -7.97 -81.80
CA ALA FA 128 56.88 -8.79 -82.92
C ALA FA 128 57.54 -8.37 -84.21
N LEU FA 129 58.16 -7.19 -84.25
CA LEU FA 129 58.93 -6.89 -85.44
C LEU FA 129 60.23 -7.64 -85.48
N THR FA 130 61.00 -7.62 -84.39
CA THR FA 130 62.41 -7.97 -84.44
C THR FA 130 62.64 -9.46 -84.68
N ASP FA 131 61.62 -10.29 -84.47
CA ASP FA 131 61.80 -11.70 -84.79
C ASP FA 131 61.83 -11.90 -86.29
N LEU FA 132 61.17 -11.02 -87.03
CA LEU FA 132 61.21 -11.13 -88.47
C LEU FA 132 62.57 -10.71 -89.03
N ALA FA 133 63.35 -9.95 -88.27
CA ALA FA 133 64.70 -9.66 -88.68
C ALA FA 133 65.58 -10.90 -88.64
N ASP FA 134 65.40 -11.74 -87.62
CA ASP FA 134 66.21 -12.95 -87.55
C ASP FA 134 65.60 -14.10 -88.32
N SER FA 135 64.27 -14.19 -88.38
CA SER FA 135 63.65 -15.25 -89.16
C SER FA 135 63.89 -15.10 -90.65
N MET FA 136 64.16 -13.89 -91.11
CA MET FA 136 64.62 -13.65 -92.47
C MET FA 136 66.13 -13.77 -92.58
N ASP FA 137 66.86 -13.32 -91.56
CA ASP FA 137 68.31 -13.18 -91.65
C ASP FA 137 68.96 -13.69 -90.36
N ASP FA 138 69.48 -14.91 -90.40
CA ASP FA 138 70.19 -15.48 -89.25
C ASP FA 138 71.50 -16.17 -89.62
N VAL FA 139 71.75 -16.42 -90.90
CA VAL FA 139 72.92 -17.18 -91.33
C VAL FA 139 74.23 -16.38 -91.25
N PRO FA 140 74.32 -15.10 -91.61
CA PRO FA 140 75.56 -14.36 -91.31
C PRO FA 140 75.72 -14.11 -89.81
N HIS FA 141 76.97 -14.00 -89.40
CA HIS FA 141 77.32 -13.84 -87.99
C HIS FA 141 78.22 -12.63 -87.75
N HIS FA 151 70.06 -2.54 -80.79
CA HIS FA 151 69.63 -2.60 -82.19
C HIS FA 151 68.23 -3.20 -82.31
N PRO FA 152 67.21 -2.43 -81.93
CA PRO FA 152 65.89 -3.05 -81.77
C PRO FA 152 64.91 -2.84 -82.91
N TRP FA 153 65.24 -2.06 -83.93
CA TRP FA 153 64.38 -1.70 -85.07
C TRP FA 153 63.09 -1.04 -84.61
N LYS FA 154 63.21 0.15 -84.04
CA LYS FA 154 61.99 0.85 -83.65
C LYS FA 154 61.39 1.59 -84.84
N LEU FA 155 60.22 2.17 -84.64
CA LEU FA 155 59.34 2.56 -85.72
C LEU FA 155 59.52 4.03 -86.09
N SER FA 156 58.72 4.48 -87.06
CA SER FA 156 58.64 5.90 -87.39
C SER FA 156 57.21 6.39 -87.52
N PHE FA 157 56.34 5.59 -88.14
CA PHE FA 157 54.93 5.88 -88.35
C PHE FA 157 54.61 7.17 -89.10
N LYS FA 158 54.85 7.19 -90.41
CA LYS FA 158 54.45 8.29 -91.28
C LYS FA 158 53.00 8.12 -91.73
N GLY FA 159 52.32 9.23 -91.94
CA GLY FA 159 51.07 9.24 -92.68
C GLY FA 159 50.42 10.59 -92.58
N SER FA 160 49.09 10.57 -92.62
CA SER FA 160 48.33 11.71 -92.14
C SER FA 160 47.97 11.49 -90.68
N PHE FA 161 47.09 12.33 -90.15
CA PHE FA 161 46.56 12.05 -88.83
C PHE FA 161 45.10 12.34 -88.64
N GLY FA 162 44.49 13.20 -89.42
CA GLY FA 162 43.12 13.57 -89.11
C GLY FA 162 43.01 14.45 -87.88
N ALA FA 163 43.41 15.71 -88.03
CA ALA FA 163 43.16 16.78 -87.06
C ALA FA 163 43.91 16.53 -85.75
N HIS FA 164 45.22 16.48 -85.85
CA HIS FA 164 46.07 16.65 -84.69
C HIS FA 164 47.22 17.59 -84.98
N ALA FA 165 47.02 18.58 -85.85
CA ALA FA 165 48.02 19.61 -86.11
C ALA FA 165 47.87 20.68 -85.05
N LEU FA 166 48.21 20.30 -83.82
CA LEU FA 166 48.17 21.19 -82.68
C LEU FA 166 49.26 22.23 -82.87
N SER FA 167 48.87 23.42 -83.12
CA SER FA 167 49.87 24.47 -83.03
C SER FA 167 50.20 24.74 -81.57
N PRO FA 168 51.48 24.65 -81.20
CA PRO FA 168 51.83 24.58 -79.78
C PRO FA 168 51.62 25.86 -79.00
N ARG FA 169 51.10 26.91 -79.63
CA ARG FA 169 50.43 27.95 -78.86
C ARG FA 169 49.24 27.37 -78.12
N THR FA 170 48.56 26.41 -78.74
CA THR FA 170 47.52 25.64 -78.08
C THR FA 170 48.13 24.38 -77.50
N LEU FA 171 47.80 24.10 -76.25
CA LEU FA 171 48.03 22.79 -75.65
C LEU FA 171 46.68 22.10 -75.62
N THR FA 172 46.67 20.81 -75.31
CA THR FA 172 45.44 20.03 -75.41
C THR FA 172 44.88 19.72 -74.03
N ALA FA 173 43.57 19.66 -73.95
CA ALA FA 173 42.91 18.96 -72.86
C ALA FA 173 42.45 17.58 -73.29
N GLN FA 174 42.14 17.40 -74.58
CA GLN FA 174 41.67 16.12 -75.09
C GLN FA 174 42.82 15.13 -75.14
N HIS FA 175 43.75 15.35 -76.06
CA HIS FA 175 44.84 14.42 -76.24
C HIS FA 175 46.10 14.94 -75.55
N LEU FA 176 46.22 14.62 -74.28
CA LEU FA 176 47.49 14.49 -73.61
C LEU FA 176 47.81 13.01 -73.72
N ASN FA 177 49.09 12.67 -73.64
CA ASN FA 177 49.58 11.29 -73.70
C ASN FA 177 49.12 10.57 -74.95
N LYS FA 178 49.14 11.25 -76.09
CA LYS FA 178 48.65 10.70 -77.34
C LYS FA 178 49.59 11.06 -78.47
N LEU FA 179 49.15 10.79 -79.70
CA LEU FA 179 49.94 11.12 -80.87
C LEU FA 179 49.72 12.57 -81.24
N VAL FA 180 50.79 13.30 -81.46
CA VAL FA 180 50.72 14.73 -81.72
C VAL FA 180 51.55 15.01 -82.96
N SER FA 181 51.02 15.86 -83.84
CA SER FA 181 51.80 16.39 -84.96
C SER FA 181 52.08 17.87 -84.72
N VAL FA 182 53.35 18.23 -84.72
CA VAL FA 182 53.82 19.56 -84.35
C VAL FA 182 54.69 20.07 -85.48
N GLU FA 183 54.57 21.35 -85.81
CA GLU FA 183 55.47 21.99 -86.74
C GLU FA 183 55.95 23.29 -86.13
N GLY FA 184 56.96 23.89 -86.75
CA GLY FA 184 57.49 25.15 -86.28
C GLY FA 184 58.95 25.28 -86.66
N ILE FA 185 59.64 26.15 -85.92
CA ILE FA 185 61.06 26.42 -86.11
C ILE FA 185 61.78 26.12 -84.82
N VAL FA 186 63.01 25.65 -84.91
CA VAL FA 186 63.85 25.41 -83.73
C VAL FA 186 64.96 26.45 -83.69
N THR FA 187 65.26 26.92 -82.48
CA THR FA 187 66.29 27.95 -82.27
C THR FA 187 67.09 27.66 -81.00
N LYS FA 188 67.15 26.40 -80.59
CA LYS FA 188 67.93 26.13 -79.39
C LYS FA 188 69.19 25.35 -79.68
N THR FA 189 69.03 24.15 -80.25
CA THR FA 189 70.11 23.26 -80.65
C THR FA 189 71.11 22.98 -79.52
N SER FA 190 70.69 22.25 -78.48
CA SER FA 190 71.58 21.93 -77.38
C SER FA 190 72.64 20.91 -77.74
N LEU FA 191 73.39 20.47 -76.75
CA LEU FA 191 74.58 19.63 -76.94
C LEU FA 191 74.21 18.22 -77.37
N VAL FA 192 75.25 17.40 -77.51
CA VAL FA 192 75.09 15.97 -77.70
C VAL FA 192 75.86 15.26 -76.59
N ARG FA 193 75.31 14.16 -76.14
CA ARG FA 193 75.90 13.46 -75.02
C ARG FA 193 75.45 12.01 -75.02
N PRO FA 194 76.36 11.05 -74.91
CA PRO FA 194 75.95 9.65 -74.92
C PRO FA 194 75.33 9.22 -73.60
N LYS FA 195 74.80 8.01 -73.60
CA LYS FA 195 74.06 7.47 -72.47
C LYS FA 195 74.05 5.95 -72.55
N LEU FA 196 74.24 5.31 -71.40
CA LEU FA 196 74.30 3.86 -71.32
C LEU FA 196 72.90 3.28 -71.22
N ILE FA 197 72.75 2.07 -71.73
CA ILE FA 197 71.49 1.35 -71.57
C ILE FA 197 71.76 -0.03 -70.99
N ARG FA 198 72.92 -0.62 -71.35
CA ARG FA 198 73.21 -1.99 -70.93
C ARG FA 198 74.74 -2.18 -70.92
N SER FA 199 75.26 -2.55 -69.76
CA SER FA 199 76.68 -2.81 -69.57
C SER FA 199 76.83 -4.26 -69.14
N VAL FA 200 77.88 -4.92 -69.61
CA VAL FA 200 78.07 -6.32 -69.28
C VAL FA 200 79.27 -6.50 -68.36
N HIS FA 201 79.08 -7.24 -67.28
CA HIS FA 201 80.15 -7.47 -66.33
C HIS FA 201 80.73 -8.87 -66.53
N TYR FA 202 81.92 -9.05 -65.99
CA TYR FA 202 82.67 -10.26 -66.27
C TYR FA 202 83.51 -10.58 -65.05
N ALA FA 203 83.26 -11.73 -64.44
CA ALA FA 203 84.12 -12.19 -63.37
C ALA FA 203 85.41 -12.72 -63.97
N ALA FA 204 86.50 -12.00 -63.74
CA ALA FA 204 87.81 -12.39 -64.26
C ALA FA 204 88.34 -13.64 -63.59
N LYS FA 205 87.95 -13.91 -62.36
CA LYS FA 205 88.15 -15.21 -61.77
C LYS FA 205 86.92 -16.05 -62.12
N THR FA 206 87.15 -17.34 -62.33
CA THR FA 206 86.22 -18.35 -62.84
C THR FA 206 85.72 -18.08 -64.26
N GLY FA 207 86.16 -16.99 -64.90
CA GLY FA 207 85.93 -16.75 -66.31
C GLY FA 207 84.49 -16.55 -66.73
N ARG FA 208 83.60 -16.25 -65.80
CA ARG FA 208 82.19 -16.17 -66.11
C ARG FA 208 81.75 -14.72 -66.27
N PHE FA 209 80.70 -14.52 -67.04
CA PHE FA 209 80.20 -13.20 -67.41
C PHE FA 209 78.99 -12.81 -66.58
N HIS FA 210 78.53 -11.59 -66.82
CA HIS FA 210 77.29 -11.11 -66.22
C HIS FA 210 76.52 -10.26 -67.21
N TYR FA 211 75.40 -9.72 -66.74
CA TYR FA 211 74.43 -9.08 -67.60
C TYR FA 211 73.66 -8.07 -66.76
N ARG FA 212 73.54 -6.85 -67.28
CA ARG FA 212 72.81 -5.83 -66.54
C ARG FA 212 72.30 -4.76 -67.49
N ASP FA 213 71.04 -4.41 -67.36
CA ASP FA 213 70.42 -3.36 -68.15
C ASP FA 213 69.91 -2.26 -67.23
N TYR FA 214 70.12 -1.03 -67.63
CA TYR FA 214 69.63 0.12 -66.89
C TYR FA 214 68.43 0.72 -67.60
N THR FA 215 67.36 0.95 -66.85
CA THR FA 215 66.15 1.55 -67.37
C THR FA 215 66.17 3.00 -66.92
N ASP FA 216 65.49 3.87 -67.68
CA ASP FA 216 65.54 5.30 -67.45
C ASP FA 216 64.24 5.92 -67.94
N ALA FA 217 64.25 7.24 -68.12
CA ALA FA 217 63.08 7.94 -68.68
C ALA FA 217 63.29 8.07 -70.19
N THR FA 218 63.61 6.95 -70.81
CA THR FA 218 63.98 6.90 -72.22
C THR FA 218 63.31 5.75 -72.96
N THR FA 219 62.71 4.79 -72.25
CA THR FA 219 61.94 3.72 -72.89
C THR FA 219 60.64 4.21 -73.50
N THR FA 220 60.32 5.48 -73.27
CA THR FA 220 59.25 6.27 -73.88
C THR FA 220 57.87 5.86 -73.39
N LEU FA 221 57.70 4.67 -72.83
CA LEU FA 221 56.34 4.30 -72.49
C LEU FA 221 56.15 3.80 -71.07
N THR FA 222 56.97 2.85 -70.62
CA THR FA 222 56.67 2.20 -69.36
C THR FA 222 57.42 2.87 -68.22
N THR FA 223 56.69 3.28 -67.20
CA THR FA 223 57.28 3.94 -66.03
C THR FA 223 57.77 2.86 -65.08
N ARG FA 224 58.95 2.33 -65.35
CA ARG FA 224 59.48 1.25 -64.54
C ARG FA 224 60.09 1.80 -63.26
N ILE FA 225 60.40 0.90 -62.33
CA ILE FA 225 61.11 1.26 -61.12
C ILE FA 225 62.52 1.64 -61.54
N PRO FA 226 62.95 2.87 -61.31
CA PRO FA 226 64.28 3.28 -61.77
C PRO FA 226 65.37 2.62 -60.96
N THR FA 227 66.58 2.62 -61.53
CA THR FA 227 67.76 2.12 -60.86
C THR FA 227 68.67 3.29 -60.54
N PRO FA 228 68.62 3.86 -59.32
CA PRO FA 228 69.32 5.12 -59.03
C PRO FA 228 70.82 4.91 -58.83
N ALA FA 229 71.47 4.36 -59.85
CA ALA FA 229 72.79 3.79 -59.73
C ALA FA 229 73.57 4.10 -61.00
N ILE FA 230 74.88 4.18 -60.85
CA ILE FA 230 75.73 4.45 -62.01
C ILE FA 230 76.43 3.17 -62.46
N TYR FA 231 76.97 2.43 -61.52
CA TYR FA 231 77.77 1.25 -61.81
C TYR FA 231 77.89 0.41 -60.56
N PRO FA 232 77.57 -0.88 -60.61
CA PRO FA 232 77.69 -1.71 -59.41
C PRO FA 232 79.07 -2.33 -59.32
N THR FA 233 79.43 -2.72 -58.10
CA THR FA 233 80.64 -3.49 -57.86
C THR FA 233 80.33 -4.65 -56.94
N GLU FA 234 81.14 -5.71 -57.06
CA GLU FA 234 81.13 -6.87 -56.20
C GLU FA 234 79.80 -7.60 -56.14
N ASP FA 235 79.45 -8.28 -57.23
CA ASP FA 235 78.39 -9.29 -57.27
C ASP FA 235 78.66 -10.42 -56.28
N THR FA 236 77.67 -11.29 -56.02
CA THR FA 236 77.70 -12.22 -54.89
C THR FA 236 78.76 -13.30 -55.05
N GLU FA 237 80.01 -12.88 -54.95
CA GLU FA 237 81.19 -13.74 -55.09
C GLU FA 237 82.37 -12.98 -54.52
N GLY FA 238 83.52 -13.63 -54.51
CA GLY FA 238 84.73 -12.97 -54.09
C GLY FA 238 85.59 -12.57 -55.26
N ASN FA 239 84.96 -12.18 -56.37
CA ASN FA 239 85.68 -11.82 -57.57
C ASN FA 239 85.53 -10.34 -57.84
N LYS FA 240 86.67 -9.69 -58.11
CA LYS FA 240 86.70 -8.29 -58.49
C LYS FA 240 86.09 -8.15 -59.87
N LEU FA 241 85.02 -7.38 -59.96
CA LEU FA 241 84.20 -7.34 -61.16
C LEU FA 241 84.91 -6.58 -62.26
N THR FA 242 84.90 -7.16 -63.46
CA THR FA 242 85.43 -6.49 -64.64
C THR FA 242 84.31 -6.27 -65.64
N THR FA 243 84.44 -5.20 -66.41
CA THR FA 243 83.41 -4.77 -67.33
C THR FA 243 83.98 -4.68 -68.73
N GLU FA 244 83.30 -5.30 -69.68
CA GLU FA 244 83.66 -5.24 -71.09
C GLU FA 244 82.89 -4.08 -71.71
N TYR FA 245 83.62 -3.08 -72.19
CA TYR FA 245 83.00 -1.88 -72.71
C TYR FA 245 82.76 -1.94 -74.20
N GLY FA 246 83.34 -2.91 -74.88
CA GLY FA 246 83.06 -3.08 -76.29
C GLY FA 246 81.71 -3.71 -76.47
N TYR FA 247 81.28 -4.50 -75.49
CA TYR FA 247 79.99 -5.16 -75.56
C TYR FA 247 78.98 -4.46 -74.66
N SER FA 248 79.28 -3.22 -74.26
CA SER FA 248 78.31 -2.40 -73.56
C SER FA 248 77.77 -1.40 -74.55
N THR FA 249 76.46 -1.24 -74.57
CA THR FA 249 75.86 -0.45 -75.61
C THR FA 249 75.48 0.94 -75.13
N PHE FA 250 75.52 1.88 -76.07
CA PHE FA 250 75.32 3.29 -75.78
C PHE FA 250 74.20 3.85 -76.66
N ILE FA 251 73.81 5.08 -76.34
CA ILE FA 251 72.85 5.83 -77.12
C ILE FA 251 73.00 7.29 -76.71
N ASP FA 252 72.49 8.20 -77.54
CA ASP FA 252 72.65 9.63 -77.32
C ASP FA 252 71.35 10.28 -76.89
N HIS FA 253 71.40 11.60 -76.74
CA HIS FA 253 70.37 12.29 -75.97
C HIS FA 253 70.49 13.78 -76.26
N GLN FA 254 69.49 14.36 -76.91
CA GLN FA 254 69.60 15.76 -77.31
C GLN FA 254 68.25 16.45 -77.24
N ARG FA 255 68.19 17.56 -76.53
CA ARG FA 255 66.96 18.35 -76.42
C ARG FA 255 67.05 19.56 -77.31
N ILE FA 256 65.91 19.99 -77.84
CA ILE FA 256 65.80 21.12 -78.73
C ILE FA 256 64.44 21.78 -78.52
N THR FA 257 64.43 23.10 -78.43
CA THR FA 257 63.20 23.85 -78.21
C THR FA 257 62.68 24.37 -79.53
N VAL FA 258 61.36 24.31 -79.70
CA VAL FA 258 60.71 24.70 -80.94
C VAL FA 258 59.80 25.89 -80.69
N GLN FA 259 60.00 26.95 -81.45
CA GLN FA 259 59.21 28.17 -81.33
C GLN FA 259 57.89 28.01 -82.07
N GLU FA 260 57.19 29.10 -82.24
CA GLU FA 260 55.97 29.09 -83.03
C GLU FA 260 56.21 29.74 -84.38
N MET FA 261 55.60 29.14 -85.40
CA MET FA 261 55.65 29.67 -86.76
C MET FA 261 54.95 31.00 -86.73
N PRO FA 262 55.66 32.11 -86.75
CA PRO FA 262 55.12 33.38 -86.23
C PRO FA 262 54.30 34.16 -87.25
N GLU FA 263 53.43 33.43 -87.96
CA GLU FA 263 52.57 34.07 -88.94
C GLU FA 263 51.15 33.58 -88.72
N MET FA 264 51.01 32.31 -88.37
CA MET FA 264 49.71 31.73 -88.11
C MET FA 264 49.32 31.80 -86.64
N ALA FA 265 50.22 32.21 -85.77
CA ALA FA 265 49.77 32.50 -84.42
C ALA FA 265 49.21 33.92 -84.37
N PRO FA 266 47.95 34.08 -83.98
CA PRO FA 266 47.32 35.40 -84.06
C PRO FA 266 47.86 36.38 -83.04
N ALA FA 267 47.68 37.66 -83.36
CA ALA FA 267 48.40 38.74 -82.74
C ALA FA 267 47.83 39.04 -81.36
N GLY FA 268 48.18 38.21 -80.38
CA GLY FA 268 47.85 38.56 -79.02
C GLY FA 268 48.93 38.14 -78.06
N GLN FA 269 50.03 37.63 -78.60
CA GLN FA 269 51.07 37.05 -77.75
C GLN FA 269 52.36 36.95 -78.53
N LEU FA 270 53.42 36.85 -77.79
CA LEU FA 270 54.74 36.46 -78.23
C LEU FA 270 54.74 34.99 -78.60
N PRO FA 271 55.74 34.49 -79.33
CA PRO FA 271 55.79 33.04 -79.59
C PRO FA 271 56.09 32.26 -78.33
N ARG FA 272 55.46 31.10 -78.20
CA ARG FA 272 55.69 30.17 -77.11
C ARG FA 272 56.63 29.07 -77.58
N SER FA 273 56.89 28.11 -76.70
CA SER FA 273 57.81 27.03 -77.03
C SER FA 273 57.60 25.80 -76.17
N ILE FA 274 57.88 24.65 -76.76
CA ILE FA 274 58.09 23.40 -76.04
C ILE FA 274 59.32 22.73 -76.58
N ASP FA 275 59.60 21.52 -76.10
CA ASP FA 275 60.87 20.86 -76.34
C ASP FA 275 60.65 19.41 -76.71
N VAL FA 276 61.67 18.77 -77.25
CA VAL FA 276 61.54 17.41 -77.76
C VAL FA 276 62.86 16.68 -77.61
N ILE FA 277 62.79 15.46 -77.10
CA ILE FA 277 63.94 14.58 -77.01
C ILE FA 277 63.88 13.59 -78.14
N LEU FA 278 64.91 13.58 -78.97
CA LEU FA 278 64.98 12.65 -80.09
C LEU FA 278 66.14 11.69 -79.85
N ASP FA 279 66.37 10.81 -80.82
CA ASP FA 279 67.43 9.84 -80.71
C ASP FA 279 68.36 9.93 -81.92
N ASP FA 280 69.32 9.00 -81.97
CA ASP FA 280 70.49 9.05 -82.85
C ASP FA 280 70.15 9.14 -84.33
N ASP FA 281 69.02 8.56 -84.71
CA ASP FA 281 68.66 8.36 -86.09
C ASP FA 281 68.44 9.65 -86.84
N LEU FA 282 68.04 10.72 -86.17
CA LEU FA 282 67.88 12.00 -86.85
C LEU FA 282 68.53 13.16 -86.11
N VAL FA 283 69.62 12.91 -85.37
CA VAL FA 283 70.42 14.01 -84.86
C VAL FA 283 71.17 14.67 -86.01
N ASP FA 284 71.72 15.86 -85.73
CA ASP FA 284 72.48 16.73 -86.65
C ASP FA 284 71.77 16.95 -87.99
N LYS FA 285 70.44 16.92 -87.95
CA LYS FA 285 69.60 17.01 -89.12
C LYS FA 285 68.90 18.35 -89.04
N THR FA 286 69.01 18.96 -87.86
CA THR FA 286 68.22 20.11 -87.48
C THR FA 286 69.13 21.32 -87.40
N LYS FA 287 69.24 22.00 -88.49
CA LYS FA 287 69.94 23.27 -88.40
C LYS FA 287 69.00 24.31 -87.83
N PRO FA 288 69.49 25.21 -86.99
CA PRO FA 288 68.62 26.25 -86.42
C PRO FA 288 68.11 27.23 -87.46
N GLY FA 289 66.82 27.12 -87.78
CA GLY FA 289 66.23 27.94 -88.81
C GLY FA 289 65.56 27.12 -89.88
N ASP FA 290 65.10 25.92 -89.53
CA ASP FA 290 64.46 25.02 -90.48
C ASP FA 290 62.98 24.86 -90.16
N ARG FA 291 62.17 24.86 -91.19
CA ARG FA 291 60.74 24.59 -91.05
C ARG FA 291 60.61 23.10 -90.80
N VAL FA 292 60.64 22.71 -89.53
CA VAL FA 292 60.62 21.30 -89.22
C VAL FA 292 59.21 20.85 -88.88
N ASN FA 293 58.99 19.54 -88.94
CA ASN FA 293 57.69 18.97 -88.64
C ASN FA 293 57.95 17.61 -88.01
N VAL FA 294 57.67 17.50 -86.71
CA VAL FA 294 58.00 16.32 -85.95
C VAL FA 294 56.69 15.67 -85.55
N VAL FA 295 56.75 14.41 -85.14
CA VAL FA 295 55.61 13.67 -84.64
C VAL FA 295 56.08 12.68 -83.61
N GLY FA 296 55.43 12.69 -82.45
CA GLY FA 296 55.80 11.78 -81.39
C GLY FA 296 54.72 11.62 -80.35
N VAL FA 297 55.08 11.06 -79.20
CA VAL FA 297 54.11 10.82 -78.15
C VAL FA 297 54.15 12.00 -77.20
N PHE FA 298 53.05 12.22 -76.52
CA PHE FA 298 53.02 13.28 -75.53
C PHE FA 298 53.29 12.63 -74.19
N LYS FA 299 54.09 13.28 -73.34
CA LYS FA 299 54.57 12.56 -72.18
C LYS FA 299 54.92 13.51 -71.05
N SER FA 300 54.52 13.15 -69.85
CA SER FA 300 54.89 13.84 -68.64
C SER FA 300 55.86 12.99 -67.84
N LEU FA 301 56.70 13.65 -67.06
CA LEU FA 301 57.60 12.95 -66.15
C LEU FA 301 57.93 13.87 -64.99
N GLY FA 302 58.45 13.29 -63.94
CA GLY FA 302 58.84 14.07 -62.80
C GLY FA 302 57.78 14.02 -61.72
N ALA FA 303 58.22 14.07 -60.46
CA ALA FA 303 57.31 14.00 -59.33
C ALA FA 303 56.89 15.40 -58.93
N GLY FA 304 55.61 15.70 -59.05
CA GLY FA 304 55.09 16.99 -58.64
C GLY FA 304 54.25 16.99 -57.39
N GLY FA 305 54.84 17.35 -56.25
CA GLY FA 305 54.07 17.47 -55.04
C GLY FA 305 54.54 16.65 -53.87
N MET FA 306 55.42 15.67 -54.08
CA MET FA 306 55.86 14.81 -53.00
C MET FA 306 57.36 14.80 -52.77
N ASN FA 307 58.17 15.00 -53.82
CA ASN FA 307 59.62 14.90 -53.73
C ASN FA 307 60.23 15.99 -52.87
N GLN FA 308 59.57 17.13 -52.75
CA GLN FA 308 59.85 18.05 -51.66
C GLN FA 308 58.57 18.19 -50.85
N SER FA 309 58.73 18.61 -49.61
CA SER FA 309 57.55 18.81 -48.78
C SER FA 309 57.06 20.25 -48.89
N ASN FA 310 55.74 20.39 -48.68
CA ASN FA 310 54.87 21.57 -48.72
C ASN FA 310 54.61 22.11 -50.12
N SER FA 311 55.51 21.83 -51.08
CA SER FA 311 55.35 21.91 -52.53
C SER FA 311 54.42 22.99 -53.09
N ASN FA 312 54.53 24.22 -52.60
CA ASN FA 312 53.56 25.25 -52.94
C ASN FA 312 54.01 26.00 -54.17
N THR FA 313 53.14 25.98 -55.20
CA THR FA 313 53.35 26.69 -56.48
C THR FA 313 54.66 26.28 -57.14
N LEU FA 314 54.68 25.01 -57.52
CA LEU FA 314 55.78 24.44 -58.28
C LEU FA 314 55.19 23.35 -59.14
N ILE FA 315 55.18 23.56 -60.44
CA ILE FA 315 54.73 22.55 -61.38
C ILE FA 315 55.76 21.44 -61.38
N GLY FA 316 55.28 20.22 -61.53
CA GLY FA 316 56.14 19.07 -61.44
C GLY FA 316 55.75 18.11 -62.51
N PHE FA 317 55.28 18.68 -63.61
CA PHE FA 317 54.79 17.91 -64.74
C PHE FA 317 55.33 18.59 -65.97
N LYS FA 318 56.53 18.21 -66.33
CA LYS FA 318 57.17 18.78 -67.49
C LYS FA 318 56.61 18.15 -68.74
N THR FA 319 56.28 19.01 -69.70
CA THR FA 319 55.87 18.59 -71.02
C THR FA 319 57.08 18.07 -71.78
N LEU FA 320 56.98 16.87 -72.32
CA LEU FA 320 58.04 16.34 -73.17
C LEU FA 320 57.46 15.66 -74.39
N ILE FA 321 58.28 15.58 -75.43
CA ILE FA 321 57.96 14.83 -76.63
C ILE FA 321 59.11 13.89 -76.90
N LEU FA 322 58.86 12.59 -76.81
CA LEU FA 322 59.83 11.53 -77.11
C LEU FA 322 59.42 10.97 -78.45
N GLY FA 323 59.97 11.54 -79.52
CA GLY FA 323 59.39 11.39 -80.84
C GLY FA 323 60.33 10.76 -81.85
N ASN FA 324 59.91 10.87 -83.11
CA ASN FA 324 60.63 10.26 -84.22
C ASN FA 324 60.55 11.16 -85.45
N THR FA 325 61.22 10.72 -86.53
CA THR FA 325 61.06 11.09 -87.94
C THR FA 325 60.76 12.54 -88.32
N VAL FA 326 61.70 13.45 -88.10
CA VAL FA 326 61.48 14.82 -88.54
C VAL FA 326 61.54 14.89 -90.07
N TYR FA 327 60.95 15.95 -90.61
CA TYR FA 327 61.07 16.25 -92.04
C TYR FA 327 61.26 17.74 -92.18
N PRO FA 328 62.23 18.18 -92.96
CA PRO FA 328 62.21 19.56 -93.42
C PRO FA 328 61.05 19.75 -94.38
N LEU FA 329 60.47 20.94 -94.36
CA LEU FA 329 59.44 21.29 -95.31
C LEU FA 329 59.77 22.65 -95.94
N HIS FA 330 58.85 23.13 -96.78
CA HIS FA 330 59.12 24.27 -97.65
C HIS FA 330 57.79 24.96 -97.94
N ALA FA 331 57.50 26.04 -97.21
CA ALA FA 331 56.31 26.84 -97.45
C ALA FA 331 56.52 28.28 -97.00
N ALA FA 338 65.76 21.69 -100.70
CA ALA FA 338 66.92 20.82 -100.57
C ALA FA 338 66.59 19.41 -101.03
N ARG FA 339 65.31 19.06 -100.99
CA ARG FA 339 64.86 17.69 -101.22
C ARG FA 339 64.10 17.53 -102.53
N GLN FA 340 64.04 18.57 -103.35
CA GLN FA 340 63.08 18.57 -104.45
C GLN FA 340 63.55 17.70 -105.61
N MET FA 341 63.11 16.44 -105.61
CA MET FA 341 63.40 15.48 -106.67
C MET FA 341 62.47 15.77 -107.85
N LEU FA 342 63.07 15.94 -109.02
CA LEU FA 342 62.27 16.14 -110.21
C LEU FA 342 62.40 14.95 -111.16
N THR FA 343 61.39 14.77 -112.01
CA THR FA 343 61.31 13.61 -112.89
C THR FA 343 62.16 13.83 -114.14
N ASP FA 344 62.02 12.94 -115.10
CA ASP FA 344 62.66 13.11 -116.40
C ASP FA 344 61.98 14.21 -117.20
N PHE FA 345 60.69 14.43 -116.97
CA PHE FA 345 59.92 15.37 -117.76
C PHE FA 345 60.40 16.80 -117.56
N ASP FA 346 60.29 17.31 -116.34
CA ASP FA 346 60.66 18.69 -116.03
C ASP FA 346 62.15 18.94 -116.18
N ILE FA 347 62.98 17.93 -115.96
CA ILE FA 347 64.41 18.09 -116.18
C ILE FA 347 64.71 18.20 -117.67
N ARG FA 348 63.85 17.69 -118.53
CA ARG FA 348 64.06 17.80 -119.96
C ARG FA 348 63.53 19.11 -120.50
N ASN FA 349 62.38 19.55 -119.98
CA ASN FA 349 61.79 20.82 -120.40
C ASN FA 349 62.69 21.98 -120.05
N ILE FA 350 63.37 21.91 -118.91
CA ILE FA 350 64.26 22.98 -118.51
C ILE FA 350 65.50 23.01 -119.38
N ASN FA 351 65.88 21.89 -119.96
CA ASN FA 351 66.88 21.90 -121.02
C ASN FA 351 66.30 22.40 -122.33
N LYS FA 352 65.01 22.13 -122.55
CA LYS FA 352 64.38 22.56 -123.79
C LYS FA 352 64.21 24.06 -123.84
N LEU FA 353 63.85 24.68 -122.72
CA LEU FA 353 63.84 26.13 -122.69
C LEU FA 353 65.24 26.70 -122.54
N SER FA 354 66.21 25.90 -122.12
CA SER FA 354 67.60 26.37 -122.13
C SER FA 354 68.10 26.60 -123.55
N LYS FA 355 67.50 25.91 -124.52
CA LYS FA 355 67.87 26.05 -125.91
C LYS FA 355 67.49 27.42 -126.48
N LYS FA 356 66.56 28.13 -125.86
CA LYS FA 356 66.20 29.47 -126.29
C LYS FA 356 67.32 30.42 -125.89
N LYS FA 357 67.54 31.45 -126.69
CA LYS FA 357 68.62 32.42 -126.45
C LYS FA 357 68.03 33.76 -125.98
N ASP FA 358 66.98 33.65 -125.17
CA ASP FA 358 66.30 34.83 -124.67
C ASP FA 358 65.97 34.70 -123.19
N ILE FA 359 66.17 33.51 -122.64
CA ILE FA 359 65.62 33.19 -121.32
C ILE FA 359 66.31 33.91 -120.18
N PHE FA 360 67.48 34.49 -120.44
CA PHE FA 360 68.03 35.41 -119.44
C PHE FA 360 67.18 36.66 -119.33
N ASP FA 361 66.56 37.09 -120.42
CA ASP FA 361 65.72 38.28 -120.35
C ASP FA 361 64.33 37.98 -119.82
N ILE FA 362 63.81 36.78 -120.04
CA ILE FA 362 62.47 36.44 -119.60
C ILE FA 362 62.42 36.32 -118.09
N LEU FA 363 63.48 35.75 -117.52
CA LEU FA 363 63.56 35.61 -116.07
C LEU FA 363 63.66 36.95 -115.36
N SER FA 364 64.25 37.95 -116.01
CA SER FA 364 64.32 39.27 -115.42
C SER FA 364 62.95 39.90 -115.28
N GLN FA 365 62.12 39.78 -116.32
CA GLN FA 365 60.81 40.40 -116.29
C GLN FA 365 59.79 39.60 -115.51
N SER FA 366 60.04 38.30 -115.32
CA SER FA 366 59.09 37.46 -114.61
C SER FA 366 59.40 37.34 -113.13
N LEU FA 367 60.10 38.30 -112.55
CA LEU FA 367 60.45 38.18 -111.15
C LEU FA 367 59.50 38.97 -110.25
N ALA FA 368 59.47 40.30 -110.38
CA ALA FA 368 58.70 41.16 -109.49
C ALA FA 368 57.45 41.64 -110.21
N PRO FA 369 56.31 41.01 -109.99
CA PRO FA 369 55.13 41.32 -110.80
C PRO FA 369 54.34 42.49 -110.28
N SER FA 370 55.01 43.56 -109.88
CA SER FA 370 54.27 44.72 -109.39
C SER FA 370 54.88 46.01 -109.89
N ILE FA 371 56.16 45.98 -110.21
CA ILE FA 371 56.93 47.20 -110.37
C ILE FA 371 57.38 47.33 -111.81
N TYR FA 372 57.33 48.55 -112.34
CA TYR FA 372 57.86 48.82 -113.66
C TYR FA 372 59.37 48.97 -113.65
N GLY FA 373 59.97 48.54 -114.75
CA GLY FA 373 61.34 48.85 -115.13
C GLY FA 373 62.40 48.27 -114.23
N HIS FA 374 63.49 49.04 -114.11
CA HIS FA 374 64.67 48.71 -113.33
C HIS FA 374 65.28 47.39 -113.75
N ASP FA 375 65.33 47.17 -115.08
CA ASP FA 375 65.84 45.90 -115.58
C ASP FA 375 67.34 45.75 -115.34
N HIS FA 376 68.04 46.86 -115.14
CA HIS FA 376 69.39 46.74 -114.63
C HIS FA 376 69.40 46.24 -113.20
N ILE FA 377 68.43 46.64 -112.40
CA ILE FA 377 68.36 46.13 -111.04
C ILE FA 377 67.85 44.70 -111.05
N LYS FA 378 66.88 44.43 -111.90
CA LYS FA 378 66.21 43.13 -111.88
C LYS FA 378 67.13 42.01 -112.33
N LYS FA 379 68.00 42.26 -113.31
CA LYS FA 379 68.95 41.23 -113.69
C LYS FA 379 70.01 41.03 -112.63
N ALA FA 380 70.33 42.10 -111.89
CA ALA FA 380 71.36 42.01 -110.87
C ALA FA 380 70.97 41.10 -109.74
N ILE FA 381 69.70 41.12 -109.34
CA ILE FA 381 69.24 40.33 -108.21
C ILE FA 381 69.32 38.85 -108.54
N LEU FA 382 68.83 38.47 -109.72
CA LEU FA 382 68.92 37.08 -110.12
C LEU FA 382 70.36 36.69 -110.40
N LEU FA 383 71.19 37.65 -110.78
CA LEU FA 383 72.59 37.32 -110.93
C LEU FA 383 73.25 37.11 -109.58
N MET FA 384 72.84 37.88 -108.58
CA MET FA 384 73.45 37.73 -107.27
C MET FA 384 72.92 36.49 -106.57
N LEU FA 385 71.62 36.26 -106.66
CA LEU FA 385 70.96 35.20 -105.91
C LEU FA 385 71.48 33.83 -106.31
N MET FA 386 71.75 33.65 -107.59
CA MET FA 386 72.24 32.37 -108.05
C MET FA 386 73.67 32.13 -107.61
N GLY FA 387 74.50 33.16 -107.63
CA GLY FA 387 75.80 33.07 -106.99
C GLY FA 387 76.97 32.72 -107.88
N GLY FA 388 78.10 33.37 -107.64
CA GLY FA 388 79.35 33.10 -108.34
C GLY FA 388 80.29 32.32 -107.44
N VAL FA 389 81.15 31.52 -108.06
CA VAL FA 389 81.96 30.56 -107.32
C VAL FA 389 83.19 31.23 -106.74
N GLU FA 390 83.84 30.55 -105.79
CA GLU FA 390 85.14 30.90 -105.29
C GLU FA 390 86.05 29.68 -105.33
N LYS FA 391 87.06 29.73 -106.19
CA LYS FA 391 88.02 28.65 -106.30
C LYS FA 391 89.12 28.88 -105.28
N ASN FA 392 89.21 28.00 -104.28
CA ASN FA 392 90.15 28.21 -103.20
C ASN FA 392 91.58 27.96 -103.66
N LEU FA 393 92.49 28.84 -103.25
CA LEU FA 393 93.88 28.65 -103.61
C LEU FA 393 94.50 27.52 -102.80
N GLU FA 394 95.18 26.63 -103.50
CA GLU FA 394 95.90 25.54 -102.88
C GLU FA 394 97.14 26.12 -102.20
N ASN FA 395 97.20 25.95 -100.87
CA ASN FA 395 98.26 26.49 -100.00
C ASN FA 395 98.40 28.00 -100.22
N GLY FA 396 97.26 28.65 -100.31
CA GLY FA 396 97.22 30.09 -100.50
C GLY FA 396 95.85 30.58 -100.11
N SER FA 397 95.79 31.87 -99.79
CA SER FA 397 94.52 32.49 -99.41
C SER FA 397 93.60 32.56 -100.63
N HIS FA 398 92.39 32.03 -100.48
CA HIS FA 398 91.38 32.22 -101.50
C HIS FA 398 90.92 33.67 -101.53
N LEU FA 399 90.39 34.08 -102.67
CA LEU FA 399 89.97 35.46 -102.83
C LEU FA 399 88.49 35.61 -102.50
N ARG FA 400 87.95 36.79 -102.77
CA ARG FA 400 86.52 37.01 -102.62
C ARG FA 400 85.79 36.37 -103.79
N GLY FA 401 84.88 35.47 -103.48
CA GLY FA 401 84.06 34.85 -104.52
C GLY FA 401 82.60 35.11 -104.21
N ASP FA 402 82.37 35.79 -103.10
CA ASP FA 402 81.07 36.31 -102.75
C ASP FA 402 80.79 37.55 -103.59
N ILE FA 403 79.52 37.84 -103.79
CA ILE FA 403 79.09 39.05 -104.47
C ILE FA 403 78.22 39.85 -103.51
N ASN FA 404 78.37 41.17 -103.50
CA ASN FA 404 77.74 41.99 -102.48
C ASN FA 404 77.29 43.34 -103.03
N ILE FA 405 76.02 43.42 -103.39
CA ILE FA 405 75.49 44.60 -104.05
C ILE FA 405 74.86 45.51 -103.01
N LEU FA 406 74.64 46.75 -103.42
CA LEU FA 406 74.17 47.80 -102.54
C LEU FA 406 73.18 48.67 -103.30
N MET FA 407 72.27 49.30 -102.58
CA MET FA 407 71.30 50.22 -103.16
C MET FA 407 71.26 51.49 -102.33
N VAL FA 408 70.80 52.58 -102.95
CA VAL FA 408 70.43 53.79 -102.21
C VAL FA 408 69.43 54.52 -103.09
N GLY FA 409 68.53 55.27 -102.48
CA GLY FA 409 67.53 55.98 -103.24
C GLY FA 409 66.67 56.86 -102.37
N ASP FA 410 66.20 57.94 -102.99
CA ASP FA 410 65.25 58.84 -102.37
C ASP FA 410 63.94 58.10 -102.12
N PRO FA 411 63.23 58.43 -101.03
CA PRO FA 411 62.30 57.48 -100.41
C PRO FA 411 61.08 57.14 -101.27
N SER FA 412 60.42 56.06 -100.84
CA SER FA 412 59.19 55.53 -101.44
C SER FA 412 59.36 55.17 -102.92
N THR FA 413 60.55 54.77 -103.29
CA THR FA 413 60.80 54.37 -104.66
C THR FA 413 61.14 52.90 -104.76
N ALA FA 414 60.46 52.07 -103.96
CA ALA FA 414 60.53 50.60 -104.00
C ALA FA 414 61.92 50.08 -103.71
N LYS FA 415 62.64 50.76 -102.82
CA LYS FA 415 63.93 50.22 -102.42
C LYS FA 415 63.76 49.07 -101.45
N SER FA 416 62.73 49.12 -100.59
CA SER FA 416 62.51 48.03 -99.66
C SER FA 416 61.47 47.05 -100.16
N GLN FA 417 60.84 47.35 -101.30
CA GLN FA 417 59.85 46.44 -101.87
C GLN FA 417 60.45 45.11 -102.21
N LEU FA 418 61.41 45.09 -103.11
CA LEU FA 418 62.02 43.85 -103.59
C LEU FA 418 62.94 43.22 -102.57
N LEU FA 419 63.17 43.88 -101.45
CA LEU FA 419 64.02 43.28 -100.43
C LEU FA 419 63.32 42.25 -99.58
N ARG FA 420 61.99 42.26 -99.53
CA ARG FA 420 61.31 41.30 -98.68
C ARG FA 420 60.86 40.06 -99.42
N PHE FA 421 60.76 40.11 -100.74
CA PHE FA 421 60.30 38.93 -101.46
C PHE FA 421 61.45 38.05 -101.94
N VAL FA 422 62.69 38.51 -101.77
CA VAL FA 422 63.82 37.61 -101.93
C VAL FA 422 63.85 36.59 -100.79
N LEU FA 423 63.22 36.90 -99.67
CA LEU FA 423 63.16 35.98 -98.55
C LEU FA 423 62.14 34.89 -98.74
N ASN FA 424 61.16 35.08 -99.62
CA ASN FA 424 60.19 34.02 -99.81
C ASN FA 424 60.76 32.90 -100.68
N THR FA 425 61.53 33.24 -101.70
CA THR FA 425 62.17 32.26 -102.56
C THR FA 425 63.62 32.01 -102.17
N ALA FA 426 63.91 32.14 -100.87
CA ALA FA 426 65.27 32.28 -100.38
C ALA FA 426 66.11 31.02 -100.48
N SER FA 427 65.47 29.85 -100.59
CA SER FA 427 66.11 28.53 -100.52
C SER FA 427 67.01 28.41 -99.30
N LEU FA 428 66.41 28.47 -98.11
CA LEU FA 428 67.07 28.38 -96.80
C LEU FA 428 68.12 29.47 -96.64
N ALA FA 429 67.66 30.71 -96.78
CA ALA FA 429 68.48 31.88 -96.54
C ALA FA 429 67.64 32.86 -95.74
N ILE FA 430 67.65 32.70 -94.43
CA ILE FA 430 66.85 33.52 -93.54
C ILE FA 430 67.68 34.70 -93.10
N ALA FA 431 67.16 35.90 -93.31
CA ALA FA 431 67.89 37.11 -93.03
C ALA FA 431 67.35 37.77 -91.78
N THR FA 432 68.01 38.84 -91.35
CA THR FA 432 67.58 39.62 -90.21
C THR FA 432 66.90 40.89 -90.72
N THR FA 433 66.55 41.77 -89.80
CA THR FA 433 65.91 43.04 -90.13
C THR FA 433 66.88 44.19 -89.91
N GLY FA 434 68.15 43.89 -89.72
CA GLY FA 434 69.16 44.91 -89.59
C GLY FA 434 69.17 45.65 -88.28
N ARG FA 435 68.43 45.18 -87.28
CA ARG FA 435 68.54 45.76 -85.95
C ARG FA 435 69.90 45.37 -85.35
N GLY FA 436 70.71 46.38 -85.09
CA GLY FA 436 72.14 46.19 -85.07
C GLY FA 436 72.75 46.02 -83.69
N SER FA 437 72.13 45.19 -82.89
CA SER FA 437 72.75 44.78 -81.64
C SER FA 437 73.95 43.88 -81.94
N SER FA 438 74.90 43.82 -81.01
CA SER FA 438 76.11 43.01 -81.16
C SER FA 438 75.74 41.54 -81.05
N GLY FA 439 75.87 40.82 -82.15
CA GLY FA 439 75.19 39.55 -82.29
C GLY FA 439 74.87 39.31 -83.75
N VAL FA 440 75.15 40.34 -84.57
CA VAL FA 440 74.95 40.22 -86.01
C VAL FA 440 75.90 39.24 -86.66
N GLY FA 441 77.04 38.94 -86.04
CA GLY FA 441 77.99 38.02 -86.62
C GLY FA 441 78.77 37.27 -85.57
N LEU FA 442 78.32 37.37 -84.32
CA LEU FA 442 79.13 36.87 -83.22
C LEU FA 442 78.31 35.96 -82.31
N THR FA 443 78.80 35.78 -81.10
CA THR FA 443 78.19 34.88 -80.13
C THR FA 443 77.77 35.58 -78.87
N ALA FA 444 78.62 36.48 -78.39
CA ALA FA 444 78.57 37.14 -77.09
C ALA FA 444 78.60 36.16 -75.92
N ALA FA 445 79.28 35.01 -76.11
CA ALA FA 445 79.63 34.03 -75.10
C ALA FA 445 78.45 33.52 -74.28
N VAL FA 446 77.28 33.40 -74.90
CA VAL FA 446 76.09 32.96 -74.22
C VAL FA 446 76.13 31.45 -74.08
N THR FA 447 76.30 30.97 -72.85
CA THR FA 447 76.39 29.55 -72.60
C THR FA 447 75.23 29.00 -71.80
N THR FA 448 74.66 29.77 -70.86
CA THR FA 448 73.60 29.37 -69.92
C THR FA 448 73.97 28.15 -69.09
N ASP FA 449 75.27 27.92 -68.91
CA ASP FA 449 75.93 26.92 -68.07
C ASP FA 449 75.76 25.49 -68.56
N ARG FA 450 74.85 25.27 -69.52
CA ARG FA 450 74.44 24.03 -70.17
C ARG FA 450 74.49 22.80 -69.28
N GLU FA 451 73.65 22.85 -68.25
CA GLU FA 451 73.50 21.83 -67.22
C GLU FA 451 74.80 21.60 -66.46
N THR FA 452 75.28 22.67 -65.83
CA THR FA 452 76.29 22.66 -64.76
C THR FA 452 77.59 22.04 -65.22
N GLY FA 453 78.31 22.74 -66.10
CA GLY FA 453 79.64 22.29 -66.45
C GLY FA 453 79.90 22.18 -67.94
N GLU FA 454 79.12 22.90 -68.74
CA GLU FA 454 79.30 22.88 -70.19
C GLU FA 454 79.14 24.33 -70.69
N ARG FA 455 80.17 24.85 -71.35
CA ARG FA 455 80.11 26.20 -71.87
C ARG FA 455 80.11 26.17 -73.39
N ARG FA 456 79.13 26.84 -73.98
CA ARG FA 456 78.93 26.72 -75.42
C ARG FA 456 78.91 28.08 -76.07
N LEU FA 457 79.65 28.20 -77.16
CA LEU FA 457 79.68 29.40 -77.96
C LEU FA 457 78.50 29.37 -78.92
N GLU FA 458 77.36 29.90 -78.47
CA GLU FA 458 76.10 29.77 -79.18
C GLU FA 458 76.05 30.65 -80.43
N ALA FA 459 75.69 30.04 -81.56
CA ALA FA 459 75.75 30.67 -82.87
C ALA FA 459 74.76 31.83 -83.02
N GLY FA 460 75.26 33.06 -83.18
CA GLY FA 460 74.36 34.19 -83.33
C GLY FA 460 73.66 34.25 -84.67
N ALA FA 461 74.42 34.54 -85.75
CA ALA FA 461 73.75 34.88 -87.00
C ALA FA 461 74.51 34.45 -88.24
N MET FA 462 75.57 33.67 -88.12
CA MET FA 462 76.31 33.26 -89.30
C MET FA 462 76.11 31.80 -89.66
N VAL FA 463 75.59 31.00 -88.75
CA VAL FA 463 75.23 29.61 -89.07
C VAL FA 463 74.03 29.56 -89.99
N LEU FA 464 73.24 30.62 -90.08
CA LEU FA 464 72.12 30.70 -90.99
C LEU FA 464 72.53 31.32 -92.32
N ALA FA 465 73.57 32.14 -92.31
CA ALA FA 465 73.99 32.89 -93.49
C ALA FA 465 74.87 32.09 -94.43
N ASP FA 466 75.22 30.87 -94.07
CA ASP FA 466 76.24 30.13 -94.80
C ASP FA 466 75.66 29.55 -96.08
N ARG FA 467 76.28 29.90 -97.22
CA ARG FA 467 75.82 29.58 -98.57
C ARG FA 467 74.40 30.06 -98.80
N GLY FA 468 74.10 31.24 -98.27
CA GLY FA 468 72.79 31.83 -98.41
C GLY FA 468 72.97 33.31 -98.59
N VAL FA 469 71.90 34.06 -98.40
CA VAL FA 469 71.92 35.50 -98.52
C VAL FA 469 71.30 36.11 -97.28
N VAL FA 470 71.70 37.33 -96.95
CA VAL FA 470 71.11 38.10 -95.86
C VAL FA 470 70.72 39.46 -96.40
N CYS FA 471 69.99 40.21 -95.59
CA CYS FA 471 69.71 41.59 -95.93
C CYS FA 471 69.51 42.37 -94.64
N ILE FA 472 70.09 43.56 -94.60
CA ILE FA 472 70.02 44.42 -93.44
C ILE FA 472 69.73 45.82 -93.91
N ASP FA 473 69.08 46.61 -93.06
CA ASP FA 473 68.68 47.96 -93.41
C ASP FA 473 69.31 48.98 -92.46
N GLU FA 474 69.20 50.24 -92.89
CA GLU FA 474 69.48 51.43 -92.09
C GLU FA 474 70.93 51.47 -91.64
N PHE FA 475 71.81 51.66 -92.62
CA PHE FA 475 73.23 51.67 -92.31
C PHE FA 475 73.64 52.92 -91.55
N ASP FA 476 73.27 54.09 -92.05
CA ASP FA 476 73.63 55.33 -91.38
C ASP FA 476 72.86 55.53 -90.09
N LYS FA 477 71.75 54.83 -89.89
CA LYS FA 477 71.03 54.91 -88.61
C LYS FA 477 71.48 53.79 -87.69
N MET FA 478 72.78 53.68 -87.51
CA MET FA 478 73.37 52.68 -86.67
C MET FA 478 74.46 53.32 -85.83
N THR FA 479 74.91 52.59 -84.82
CA THR FA 479 75.99 53.03 -83.97
C THR FA 479 77.33 52.74 -84.64
N ASP FA 480 78.41 52.80 -83.88
CA ASP FA 480 79.70 52.39 -84.40
C ASP FA 480 79.93 50.89 -84.33
N VAL FA 481 79.38 50.23 -83.30
CA VAL FA 481 79.86 48.89 -82.94
C VAL FA 481 79.42 47.81 -83.90
N ASP FA 482 78.43 48.05 -84.74
CA ASP FA 482 78.17 47.08 -85.79
C ASP FA 482 79.09 47.26 -86.97
N ARG FA 483 79.53 48.49 -87.23
CA ARG FA 483 80.33 48.78 -88.42
C ARG FA 483 81.70 48.12 -88.35
N VAL FA 484 82.25 47.99 -87.15
CA VAL FA 484 83.50 47.25 -87.02
C VAL FA 484 83.31 45.77 -87.26
N ALA FA 485 82.10 45.25 -87.07
CA ALA FA 485 81.87 43.84 -87.31
C ALA FA 485 81.69 43.55 -88.79
N ILE FA 486 81.11 44.48 -89.54
CA ILE FA 486 80.89 44.24 -90.95
C ILE FA 486 82.19 44.48 -91.73
N HIS FA 487 83.16 45.14 -91.10
CA HIS FA 487 84.49 45.22 -91.67
C HIS FA 487 85.14 43.84 -91.76
N GLU FA 488 85.08 43.08 -90.67
CA GLU FA 488 85.82 41.82 -90.58
C GLU FA 488 85.22 40.76 -91.48
N VAL FA 489 83.90 40.62 -91.46
CA VAL FA 489 83.23 39.57 -92.20
C VAL FA 489 83.21 39.81 -93.70
N MET FA 490 83.63 40.97 -94.16
CA MET FA 490 83.73 41.20 -95.59
C MET FA 490 85.13 41.00 -96.11
N GLU FA 491 86.14 41.50 -95.42
CA GLU FA 491 87.51 41.24 -95.81
C GLU FA 491 87.90 39.78 -95.63
N GLN FA 492 87.22 39.08 -94.72
CA GLN FA 492 87.55 37.71 -94.41
C GLN FA 492 86.25 36.94 -94.33
N GLN FA 493 86.27 35.71 -94.81
CA GLN FA 493 85.08 34.88 -94.75
C GLN FA 493 84.71 34.47 -93.34
N THR FA 494 85.64 34.49 -92.39
CA THR FA 494 85.40 33.94 -91.08
C THR FA 494 85.45 35.00 -89.99
N VAL FA 495 84.76 34.72 -88.91
CA VAL FA 495 84.97 35.41 -87.66
C VAL FA 495 85.73 34.46 -86.74
N THR FA 496 86.50 35.05 -85.83
CA THR FA 496 87.19 34.28 -84.79
C THR FA 496 87.14 35.11 -83.53
N ILE FA 497 86.75 34.49 -82.43
CA ILE FA 497 86.41 35.21 -81.21
C ILE FA 497 86.96 34.43 -80.02
N ALA FA 498 87.35 35.17 -78.98
CA ALA FA 498 87.67 34.56 -77.68
C ALA FA 498 87.20 35.52 -76.61
N LYS FA 499 85.95 35.37 -76.18
CA LYS FA 499 85.34 36.34 -75.28
C LYS FA 499 85.67 36.03 -73.83
N ALA FA 500 85.21 34.90 -73.30
CA ALA FA 500 85.65 34.41 -72.01
C ALA FA 500 86.05 32.96 -72.15
N GLY FA 501 86.30 32.56 -73.38
CA GLY FA 501 86.57 31.18 -73.69
C GLY FA 501 87.45 31.00 -74.90
N ILE FA 502 86.99 30.19 -75.81
CA ILE FA 502 87.83 29.50 -76.76
C ILE FA 502 87.95 30.30 -78.04
N HIS FA 503 89.19 30.47 -78.51
CA HIS FA 503 89.45 30.96 -79.85
C HIS FA 503 88.95 29.92 -80.84
N THR FA 504 88.12 30.31 -81.78
CA THR FA 504 87.60 29.36 -82.77
C THR FA 504 87.33 30.08 -84.07
N THR FA 505 87.93 29.57 -85.13
CA THR FA 505 87.74 30.08 -86.48
C THR FA 505 86.67 29.24 -87.15
N LEU FA 506 85.43 29.71 -87.13
CA LEU FA 506 84.36 29.03 -87.83
C LEU FA 506 84.06 29.75 -89.13
N ASN FA 507 83.77 28.95 -90.16
CA ASN FA 507 83.73 29.48 -91.51
C ASN FA 507 82.33 29.95 -91.87
N ALA FA 508 82.27 30.82 -92.88
CA ALA FA 508 81.02 31.46 -93.26
C ALA FA 508 81.12 31.93 -94.70
N ARG FA 509 80.12 31.63 -95.50
CA ARG FA 509 80.02 32.10 -96.88
C ARG FA 509 78.76 32.94 -96.99
N CYS FA 510 78.93 34.25 -96.88
CA CYS FA 510 77.82 35.18 -96.80
C CYS FA 510 77.82 36.14 -97.96
N SER FA 511 76.70 36.84 -98.12
CA SER FA 511 76.54 37.82 -99.20
C SER FA 511 75.46 38.80 -98.75
N VAL FA 512 75.88 40.01 -98.42
CA VAL FA 512 74.94 40.98 -97.89
C VAL FA 512 74.19 41.65 -99.02
N ILE FA 513 73.03 42.20 -98.68
CA ILE FA 513 72.27 43.05 -99.57
C ILE FA 513 71.91 44.29 -98.77
N ALA FA 514 72.23 45.45 -99.30
CA ALA FA 514 72.18 46.67 -98.50
C ALA FA 514 70.98 47.52 -98.86
N ALA FA 515 70.65 48.42 -97.95
CA ALA FA 515 69.58 49.40 -98.18
C ALA FA 515 69.84 50.58 -97.23
N ALA FA 516 70.21 51.71 -97.78
CA ALA FA 516 70.29 52.92 -97.00
C ALA FA 516 69.64 54.07 -97.76
N ASN FA 517 69.58 55.22 -97.11
CA ASN FA 517 68.90 56.38 -97.66
C ASN FA 517 69.87 57.56 -97.60
N PRO FA 518 69.78 58.49 -98.54
CA PRO FA 518 70.60 59.69 -98.45
C PRO FA 518 70.13 60.58 -97.31
N VAL FA 519 70.98 61.54 -96.94
CA VAL FA 519 70.76 62.28 -95.71
C VAL FA 519 69.89 63.50 -95.98
N PHE FA 520 70.38 64.40 -96.83
CA PHE FA 520 69.81 65.73 -96.97
C PHE FA 520 68.79 65.78 -98.12
N GLY FA 521 67.81 64.88 -98.04
CA GLY FA 521 66.67 64.93 -98.95
C GLY FA 521 67.06 64.66 -100.40
N GLN FA 522 66.73 65.61 -101.26
CA GLN FA 522 67.09 65.56 -102.68
C GLN FA 522 68.27 66.48 -102.99
N TYR FA 523 69.42 66.15 -102.42
CA TYR FA 523 70.63 66.96 -102.58
C TYR FA 523 71.69 66.27 -103.40
N ASP FA 524 71.34 65.20 -104.11
CA ASP FA 524 72.33 64.39 -104.81
C ASP FA 524 72.89 65.10 -106.03
N VAL FA 525 72.06 65.86 -106.75
CA VAL FA 525 72.48 66.42 -108.03
C VAL FA 525 73.25 67.73 -107.89
N ASN FA 526 72.94 68.54 -106.88
CA ASN FA 526 73.53 69.86 -106.72
C ASN FA 526 74.85 69.84 -105.95
N ARG FA 527 75.35 68.65 -105.62
CA ARG FA 527 76.57 68.52 -104.84
C ARG FA 527 77.38 67.39 -105.47
N ASP FA 528 78.35 66.90 -104.75
CA ASP FA 528 79.07 65.75 -105.24
C ASP FA 528 78.18 64.52 -105.20
N PRO FA 529 78.25 63.67 -106.23
CA PRO FA 529 77.60 62.36 -106.13
C PRO FA 529 78.22 61.47 -105.08
N HIS FA 530 79.53 61.57 -104.88
CA HIS FA 530 80.20 60.88 -103.78
C HIS FA 530 79.93 61.61 -102.47
N GLN FA 531 80.40 60.99 -101.38
CA GLN FA 531 80.18 61.34 -99.96
C GLN FA 531 78.71 61.56 -99.59
N ASN FA 532 77.79 61.08 -100.42
CA ASN FA 532 76.40 61.48 -100.32
C ASN FA 532 75.72 60.83 -99.13
N ILE FA 533 76.30 59.75 -98.63
CA ILE FA 533 75.93 59.18 -97.34
C ILE FA 533 77.02 59.35 -96.30
N ALA FA 534 78.29 59.44 -96.73
CA ALA FA 534 79.48 59.64 -95.90
C ALA FA 534 79.57 58.67 -94.73
N LEU FA 535 79.18 57.42 -94.95
CA LEU FA 535 79.55 56.32 -94.07
C LEU FA 535 80.95 55.93 -94.53
N PRO FA 536 81.75 55.25 -93.68
CA PRO FA 536 83.17 55.03 -94.03
C PRO FA 536 83.38 54.25 -95.31
N ASP FA 537 84.41 54.65 -96.05
CA ASP FA 537 84.72 54.09 -97.36
C ASP FA 537 85.43 52.76 -97.25
N SER FA 538 85.65 52.29 -96.03
CA SER FA 538 86.03 50.92 -95.77
C SER FA 538 85.04 49.93 -96.35
N LEU FA 539 83.75 50.27 -96.37
CA LEU FA 539 82.73 49.41 -96.95
C LEU FA 539 82.48 49.69 -98.42
N LEU FA 540 82.51 50.97 -98.82
CA LEU FA 540 82.30 51.33 -100.21
C LEU FA 540 83.40 50.75 -101.09
N SER FA 541 84.63 50.75 -100.59
CA SER FA 541 85.70 50.07 -101.30
C SER FA 541 85.53 48.57 -101.27
N ARG FA 542 84.89 48.04 -100.24
CA ARG FA 542 84.66 46.60 -100.21
C ARG FA 542 83.38 46.22 -100.94
N PHE FA 543 82.61 47.20 -101.39
CA PHE FA 543 81.44 46.91 -102.22
C PHE FA 543 81.69 47.34 -103.65
N ASP FA 544 80.82 46.91 -104.55
CA ASP FA 544 81.03 47.19 -105.97
C ASP FA 544 79.95 48.04 -106.61
N LEU FA 545 78.68 47.79 -106.37
CA LEU FA 545 77.63 48.41 -107.17
C LEU FA 545 76.83 49.35 -106.29
N LEU FA 546 76.80 50.62 -106.66
CA LEU FA 546 76.10 51.63 -105.90
C LEU FA 546 75.03 52.20 -106.82
N PHE FA 547 73.91 51.48 -106.91
CA PHE FA 547 72.84 51.92 -107.79
C PHE FA 547 72.11 53.09 -107.16
N VAL FA 548 71.99 54.18 -107.89
CA VAL FA 548 71.38 55.38 -107.39
C VAL FA 548 70.04 55.51 -108.10
N VAL FA 549 68.96 55.21 -107.40
CA VAL FA 549 67.64 55.13 -108.02
C VAL FA 549 67.10 56.53 -108.24
N THR FA 550 66.76 56.83 -109.51
CA THR FA 550 66.19 58.11 -109.88
C THR FA 550 64.68 58.06 -109.73
N ASP FA 551 64.06 59.23 -109.66
CA ASP FA 551 62.62 59.36 -109.47
C ASP FA 551 62.09 60.50 -110.34
N ASP FA 552 62.56 60.56 -111.59
CA ASP FA 552 62.22 61.69 -112.44
C ASP FA 552 60.78 61.61 -112.93
N ILE FA 553 60.21 62.77 -113.21
CA ILE FA 553 58.77 62.92 -113.38
C ILE FA 553 58.47 63.18 -114.85
N ASN FA 554 57.84 62.20 -115.49
CA ASN FA 554 57.44 62.32 -116.89
C ASN FA 554 56.01 61.85 -117.03
N GLU FA 555 55.23 62.58 -117.84
CA GLU FA 555 53.78 62.45 -117.83
C GLU FA 555 53.32 61.14 -118.44
N ILE FA 556 54.13 60.51 -119.28
CA ILE FA 556 53.82 59.16 -119.72
C ILE FA 556 54.34 58.15 -118.71
N ARG FA 557 55.38 58.51 -117.95
CA ARG FA 557 55.98 57.57 -117.01
C ARG FA 557 55.06 57.31 -115.82
N ASP FA 558 54.54 58.37 -115.21
CA ASP FA 558 53.69 58.20 -114.04
C ASP FA 558 52.30 57.71 -114.39
N ARG FA 559 51.80 58.06 -115.58
CA ARG FA 559 50.50 57.58 -116.02
C ARG FA 559 50.51 56.07 -116.18
N SER FA 560 51.59 55.54 -116.73
CA SER FA 560 51.80 54.11 -116.79
C SER FA 560 51.88 53.47 -115.42
N ILE FA 561 52.44 54.17 -114.44
CA ILE FA 561 52.50 53.67 -113.08
C ILE FA 561 51.11 53.58 -112.47
N SER FA 562 50.29 54.61 -112.72
CA SER FA 562 49.03 54.80 -112.01
C SER FA 562 48.04 53.68 -112.28
N GLU FA 563 48.01 53.13 -113.47
CA GLU FA 563 47.10 52.04 -113.72
C GLU FA 563 47.64 50.72 -113.22
N HIS FA 564 48.95 50.54 -113.22
CA HIS FA 564 49.52 49.24 -112.89
C HIS FA 564 49.43 48.92 -111.43
N VAL FA 565 49.52 49.92 -110.56
CA VAL FA 565 49.17 49.68 -109.17
C VAL FA 565 47.68 49.41 -109.03
N LEU FA 566 46.85 50.10 -109.81
CA LEU FA 566 45.41 49.96 -109.72
C LEU FA 566 44.93 48.63 -110.27
N ARG FA 567 45.64 48.07 -111.25
CA ARG FA 567 45.19 46.84 -111.86
C ARG FA 567 45.51 45.62 -111.00
N THR FA 568 46.20 45.81 -109.89
CA THR FA 568 46.62 44.71 -109.05
C THR FA 568 46.16 44.85 -107.61
N HIS FA 569 44.88 45.10 -107.40
CA HIS FA 569 44.36 44.95 -106.05
C HIS FA 569 43.37 43.82 -105.98
N ARG FA 570 43.43 42.90 -106.94
CA ARG FA 570 42.43 41.87 -107.04
C ARG FA 570 43.09 40.49 -107.17
N VAL FA 651 58.55 31.44 -115.86
CA VAL FA 651 57.57 32.52 -115.85
C VAL FA 651 56.75 32.38 -114.57
N THR FA 652 56.87 31.23 -113.92
CA THR FA 652 56.20 30.98 -112.65
C THR FA 652 57.22 30.94 -111.52
N ILE FA 653 56.72 31.09 -110.30
CA ILE FA 653 57.59 31.11 -109.12
C ILE FA 653 58.20 29.75 -108.78
N PRO FA 654 57.46 28.64 -108.61
CA PRO FA 654 58.15 27.41 -108.18
C PRO FA 654 59.01 26.79 -109.25
N PHE FA 655 58.74 27.06 -110.52
CA PHE FA 655 59.71 26.70 -111.54
C PHE FA 655 60.97 27.53 -111.44
N LEU FA 656 60.85 28.78 -110.99
CA LEU FA 656 62.01 29.64 -110.92
C LEU FA 656 62.95 29.19 -109.81
N ARG FA 657 62.41 28.77 -108.69
CA ARG FA 657 63.27 28.31 -107.61
C ARG FA 657 63.93 26.98 -107.92
N LYS FA 658 63.35 26.17 -108.80
CA LYS FA 658 63.99 24.94 -109.22
C LYS FA 658 65.15 25.19 -110.14
N TYR FA 659 64.99 26.16 -111.04
CA TYR FA 659 66.00 26.43 -112.05
C TYR FA 659 67.30 26.91 -111.45
N VAL FA 660 67.23 27.77 -110.43
CA VAL FA 660 68.44 28.23 -109.80
C VAL FA 660 69.05 27.14 -108.93
N GLN FA 661 68.23 26.37 -108.23
CA GLN FA 661 68.78 25.33 -107.38
C GLN FA 661 69.20 24.11 -108.17
N TYR FA 662 68.81 24.03 -109.44
CA TYR FA 662 69.47 23.06 -110.31
C TYR FA 662 70.77 23.62 -110.83
N ALA FA 663 70.84 24.93 -111.02
CA ALA FA 663 72.03 25.58 -111.55
C ALA FA 663 73.09 25.83 -110.49
N LYS FA 664 72.87 25.40 -109.24
CA LYS FA 664 73.96 25.41 -108.28
C LYS FA 664 74.72 24.10 -108.31
N GLU FA 665 74.25 23.15 -109.11
CA GLU FA 665 74.86 21.83 -109.19
C GLU FA 665 75.44 21.54 -110.55
N ARG FA 666 75.72 22.57 -111.33
CA ARG FA 666 76.36 22.34 -112.62
C ARG FA 666 77.75 22.93 -112.62
N VAL FA 667 78.56 22.43 -113.55
CA VAL FA 667 80.01 22.60 -113.50
C VAL FA 667 80.33 24.04 -113.90
N ILE FA 668 81.53 24.49 -113.58
CA ILE FA 668 81.90 25.89 -113.74
C ILE FA 668 83.02 26.00 -114.78
N PRO FA 669 82.78 26.71 -115.89
CA PRO FA 669 83.78 26.73 -116.98
C PRO FA 669 85.10 27.45 -116.68
N GLN FA 670 85.02 28.76 -116.45
CA GLN FA 670 86.14 29.68 -116.14
C GLN FA 670 87.18 29.84 -117.25
N LEU FA 671 87.04 29.11 -118.35
CA LEU FA 671 88.22 28.88 -119.20
C LEU FA 671 87.87 29.12 -120.68
N THR FA 672 88.21 30.32 -121.17
CA THR FA 672 88.23 30.63 -122.60
C THR FA 672 89.11 31.85 -122.80
N GLN FA 673 90.15 31.70 -123.62
CA GLN FA 673 91.07 32.80 -123.85
C GLN FA 673 90.44 33.93 -124.64
N GLU FA 674 89.42 33.64 -125.44
CA GLU FA 674 88.74 34.67 -126.22
C GLU FA 674 88.03 35.69 -125.36
N ALA FA 675 87.30 35.24 -124.35
CA ALA FA 675 86.53 36.16 -123.53
C ALA FA 675 87.43 36.97 -122.62
N ILE FA 676 88.59 36.44 -122.25
CA ILE FA 676 89.47 37.21 -121.40
C ILE FA 676 90.24 38.25 -122.19
N ASN FA 677 90.36 38.08 -123.51
CA ASN FA 677 91.06 39.06 -124.31
C ASN FA 677 90.24 40.32 -124.52
N VAL FA 678 88.92 40.21 -124.62
CA VAL FA 678 88.09 41.38 -124.92
C VAL FA 678 87.82 42.21 -123.69
N ILE FA 679 87.68 41.60 -122.53
CA ILE FA 679 87.32 42.34 -121.32
C ILE FA 679 88.45 43.24 -120.83
N VAL FA 680 89.70 42.86 -121.08
CA VAL FA 680 90.78 43.69 -120.60
C VAL FA 680 90.93 44.92 -121.48
N LYS FA 681 90.63 44.80 -122.78
CA LYS FA 681 90.46 45.97 -123.63
C LYS FA 681 89.29 46.80 -123.14
N ASN FA 682 88.21 46.14 -122.74
CA ASN FA 682 87.05 46.81 -122.20
C ASN FA 682 87.36 47.48 -120.88
N TYR FA 683 88.33 46.96 -120.14
CA TYR FA 683 88.78 47.63 -118.94
C TYR FA 683 89.64 48.84 -119.23
N THR FA 684 90.57 48.73 -120.19
CA THR FA 684 91.62 49.73 -120.35
C THR FA 684 91.05 51.08 -120.79
N ASP FA 685 90.00 51.07 -121.61
CA ASP FA 685 89.46 52.34 -122.06
C ASP FA 685 88.76 53.06 -120.93
N LEU FA 686 88.03 52.33 -120.08
CA LEU FA 686 87.51 52.95 -118.88
C LEU FA 686 88.58 53.12 -117.82
N ARG FA 687 89.68 52.38 -117.94
CA ARG FA 687 90.84 52.70 -117.11
C ARG FA 687 91.47 54.02 -117.53
N ASN FA 688 91.22 54.45 -118.75
CA ASN FA 688 91.50 55.84 -119.11
C ASN FA 688 90.36 56.77 -118.76
N ASP FA 689 89.19 56.23 -118.45
CA ASP FA 689 88.01 57.06 -118.29
C ASP FA 689 87.43 57.00 -116.88
N ASP FA 690 88.03 56.22 -115.98
CA ASP FA 690 87.63 56.30 -114.58
C ASP FA 690 88.25 57.49 -113.86
N ASN FA 691 89.53 57.79 -114.14
CA ASN FA 691 90.29 58.74 -113.35
C ASN FA 691 90.05 60.18 -113.77
N THR FA 692 89.79 60.42 -115.06
CA THR FA 692 89.42 61.75 -115.56
C THR FA 692 87.94 62.03 -115.45
N LYS FA 693 87.19 61.14 -114.81
CA LYS FA 693 85.74 61.25 -114.64
C LYS FA 693 85.37 60.76 -113.25
N LYS FA 694 84.08 60.41 -113.11
CA LYS FA 694 83.29 60.26 -111.87
C LYS FA 694 84.02 59.51 -110.76
N SER FA 695 84.33 58.23 -110.91
CA SER FA 695 84.65 57.43 -109.75
C SER FA 695 85.86 56.55 -110.02
N PRO FA 696 86.88 56.61 -109.17
CA PRO FA 696 88.04 55.75 -109.37
C PRO FA 696 87.73 54.30 -109.05
N ILE FA 697 88.17 53.43 -109.93
CA ILE FA 697 87.95 52.00 -109.75
C ILE FA 697 89.31 51.34 -109.52
N THR FA 698 89.26 50.13 -108.97
CA THR FA 698 90.44 49.48 -108.45
C THR FA 698 90.61 48.10 -109.09
N ALA FA 699 91.63 47.37 -108.66
CA ALA FA 699 91.92 46.07 -109.22
C ALA FA 699 90.88 45.01 -108.85
N ARG FA 700 90.24 45.15 -107.70
CA ARG FA 700 89.22 44.20 -107.29
C ARG FA 700 87.98 44.29 -108.16
N THR FA 701 87.76 45.42 -108.81
CA THR FA 701 86.67 45.57 -109.77
C THR FA 701 86.84 44.65 -110.96
N LEU FA 702 88.06 44.27 -111.28
CA LEU FA 702 88.28 43.27 -112.30
C LEU FA 702 87.80 41.89 -111.84
N GLU FA 703 87.91 41.62 -110.54
CA GLU FA 703 87.42 40.36 -110.03
C GLU FA 703 85.90 40.32 -110.00
N THR FA 704 85.26 41.49 -110.05
CA THR FA 704 83.86 41.49 -110.42
C THR FA 704 83.70 41.12 -111.89
N LEU FA 705 84.55 41.70 -112.74
CA LEU FA 705 84.31 41.64 -114.18
C LEU FA 705 84.51 40.22 -114.72
N ILE FA 706 85.26 39.39 -114.01
CA ILE FA 706 85.15 37.97 -114.28
C ILE FA 706 83.88 37.39 -113.67
N ARG FA 707 83.49 37.83 -112.47
CA ARG FA 707 82.53 37.09 -111.67
C ARG FA 707 81.11 37.23 -112.19
N LEU FA 708 80.75 38.42 -112.69
CA LEU FA 708 79.43 38.58 -113.28
C LEU FA 708 79.27 37.73 -114.51
N ALA FA 709 80.26 37.73 -115.39
CA ALA FA 709 80.19 36.89 -116.57
C ALA FA 709 80.29 35.43 -116.21
N THR FA 710 80.99 35.10 -115.11
CA THR FA 710 81.08 33.72 -114.68
C THR FA 710 79.73 33.19 -114.25
N ALA FA 711 78.98 33.99 -113.52
CA ALA FA 711 77.62 33.61 -113.18
C ALA FA 711 76.70 33.72 -114.38
N HIS FA 712 76.99 34.62 -115.30
CA HIS FA 712 76.15 34.76 -116.48
C HIS FA 712 76.21 33.53 -117.35
N ALA FA 713 77.36 32.85 -117.37
CA ALA FA 713 77.42 31.56 -118.02
C ALA FA 713 76.71 30.49 -117.21
N LYS FA 714 76.56 30.69 -115.90
CA LYS FA 714 75.80 29.72 -115.12
C LYS FA 714 74.32 29.80 -115.44
N VAL FA 715 73.85 30.96 -115.91
CA VAL FA 715 72.49 31.06 -116.42
C VAL FA 715 72.37 30.27 -117.71
N ARG FA 716 73.43 30.25 -118.51
CA ARG FA 716 73.42 29.55 -119.78
C ARG FA 716 73.46 28.04 -119.62
N LEU FA 717 73.95 27.54 -118.49
CA LEU FA 717 74.16 26.12 -118.22
C LEU FA 717 75.05 25.48 -119.28
N SER FA 718 76.27 25.99 -119.37
CA SER FA 718 77.24 25.50 -120.33
C SER FA 718 78.63 25.54 -119.70
N LYS FA 719 79.56 24.84 -120.35
CA LYS FA 719 80.94 24.81 -119.88
C LYS FA 719 81.89 25.60 -120.76
N THR FA 720 81.37 26.49 -121.61
CA THR FA 720 82.22 27.32 -122.44
C THR FA 720 81.90 28.78 -122.15
N VAL FA 721 82.90 29.51 -121.65
CA VAL FA 721 82.76 30.95 -121.46
C VAL FA 721 82.69 31.59 -122.83
N ASN FA 722 81.51 32.03 -123.22
CA ASN FA 722 81.29 32.51 -124.57
C ASN FA 722 81.81 33.94 -124.73
N LYS FA 723 81.41 34.58 -125.82
CA LYS FA 723 81.67 36.00 -126.03
C LYS FA 723 80.52 36.86 -125.53
N VAL FA 724 79.27 36.39 -125.67
CA VAL FA 724 78.08 37.21 -125.46
C VAL FA 724 77.92 37.64 -124.01
N ASP FA 725 78.42 36.86 -123.08
CA ASP FA 725 78.41 37.18 -121.66
C ASP FA 725 79.24 38.41 -121.34
N ALA FA 726 80.30 38.67 -122.09
CA ALA FA 726 81.17 39.80 -121.80
C ALA FA 726 80.56 41.12 -122.23
N LYS FA 727 79.45 41.08 -122.98
CA LYS FA 727 78.86 42.33 -123.42
C LYS FA 727 77.85 42.85 -122.41
N VAL FA 728 77.16 41.93 -121.70
CA VAL FA 728 76.21 42.38 -120.69
C VAL FA 728 76.95 42.80 -119.43
N ALA FA 729 78.14 42.25 -119.20
CA ALA FA 729 78.91 42.61 -118.02
C ALA FA 729 79.45 44.02 -118.12
N ALA FA 730 79.95 44.39 -119.29
CA ALA FA 730 80.40 45.76 -119.52
C ALA FA 730 79.24 46.73 -119.47
N ASN FA 731 78.12 46.37 -120.09
CA ASN FA 731 77.01 47.29 -120.21
C ASN FA 731 76.29 47.49 -118.88
N LEU FA 732 76.39 46.52 -117.98
CA LEU FA 732 75.74 46.70 -116.69
C LEU FA 732 76.51 47.69 -115.83
N LEU FA 733 77.84 47.66 -115.91
CA LEU FA 733 78.64 48.63 -115.17
C LEU FA 733 78.51 50.01 -115.74
N ARG FA 734 78.26 50.12 -117.04
CA ARG FA 734 78.15 51.42 -117.68
C ARG FA 734 76.94 52.19 -117.20
N PHE FA 735 75.86 51.51 -116.86
CA PHE FA 735 74.75 52.20 -116.21
C PHE FA 735 75.02 52.42 -114.74
N ALA FA 736 75.74 51.48 -114.11
CA ALA FA 736 76.08 51.61 -112.71
C ALA FA 736 77.05 52.76 -112.46
N LEU FA 737 77.81 53.14 -113.47
CA LEU FA 737 78.74 54.24 -113.32
C LEU FA 737 78.30 55.49 -114.07
N LEU FA 738 77.48 55.34 -115.10
CA LEU FA 738 77.02 56.49 -115.87
C LEU FA 738 75.53 56.36 -116.18
N LEU GA 177 126.74 0.75 -38.19
CA LEU GA 177 126.21 2.06 -37.85
C LEU GA 177 124.68 2.02 -37.71
N ARG GA 178 124.08 3.20 -37.55
CA ARG GA 178 122.64 3.31 -37.41
C ARG GA 178 122.00 3.57 -38.76
N ILE GA 179 121.31 2.56 -39.28
CA ILE GA 179 120.63 2.68 -40.56
C ILE GA 179 119.14 2.90 -40.30
N ILE GA 180 118.56 3.81 -41.07
CA ILE GA 180 117.18 4.26 -40.91
C ILE GA 180 116.31 3.47 -41.87
N TRP GA 181 115.08 3.16 -41.45
CA TRP GA 181 114.06 2.64 -42.35
C TRP GA 181 113.80 3.59 -43.51
N GLY GA 182 113.69 4.89 -43.25
CA GLY GA 182 113.33 5.85 -44.28
C GLY GA 182 114.40 6.16 -45.30
N THR GA 183 115.57 6.61 -44.84
CA THR GA 183 116.67 6.95 -45.71
C THR GA 183 117.68 5.80 -45.80
N ASN GA 184 118.83 6.09 -46.40
CA ASN GA 184 119.97 5.19 -46.34
C ASN GA 184 121.19 5.91 -45.77
N VAL GA 185 120.97 7.04 -45.11
CA VAL GA 185 122.07 7.93 -44.79
C VAL GA 185 122.82 7.45 -43.56
N SER GA 186 124.02 7.99 -43.37
CA SER GA 186 124.97 7.49 -42.40
C SER GA 186 124.75 8.09 -41.02
N ILE GA 187 125.77 7.94 -40.18
CA ILE GA 187 125.81 8.49 -38.84
C ILE GA 187 126.85 9.58 -38.89
N GLN GA 188 127.11 10.21 -37.76
CA GLN GA 188 127.85 11.47 -37.71
C GLN GA 188 129.34 11.32 -38.02
N GLU GA 189 129.65 10.74 -39.17
CA GLU GA 189 130.93 10.92 -39.81
C GLU GA 189 131.02 12.28 -40.47
N CYS GA 190 129.90 12.75 -41.00
CA CYS GA 190 129.82 14.04 -41.67
C CYS GA 190 130.14 15.20 -40.75
N THR GA 191 129.87 15.07 -39.46
CA THR GA 191 130.38 16.01 -38.48
C THR GA 191 131.90 16.03 -38.50
N THR GA 192 132.52 14.86 -38.35
CA THR GA 192 133.96 14.73 -38.47
C THR GA 192 134.42 15.06 -39.87
N ASN GA 193 133.64 14.72 -40.89
CA ASN GA 193 134.01 15.02 -42.25
C ASN GA 193 133.91 16.51 -42.54
N PHE GA 194 132.95 17.21 -41.93
CA PHE GA 194 132.89 18.66 -42.08
C PHE GA 194 134.09 19.36 -41.48
N ARG GA 195 134.54 18.91 -40.30
CA ARG GA 195 135.58 19.63 -39.58
C ARG GA 195 136.91 19.59 -40.33
N ASN GA 196 137.27 18.41 -40.85
CA ASN GA 196 138.47 18.35 -41.67
C ASN GA 196 138.27 19.01 -43.03
N PHE GA 197 137.05 19.01 -43.55
CA PHE GA 197 136.75 19.82 -44.73
C PHE GA 197 136.91 21.30 -44.42
N LEU GA 198 136.36 21.75 -43.30
CA LEU GA 198 136.37 23.17 -43.00
C LEU GA 198 137.72 23.68 -42.54
N MET GA 199 138.33 23.02 -41.56
CA MET GA 199 139.53 23.57 -40.93
C MET GA 199 140.75 23.43 -41.83
N SER GA 200 140.92 22.28 -42.47
CA SER GA 200 142.07 22.07 -43.33
C SER GA 200 141.77 22.45 -44.77
N PHE GA 201 141.26 23.65 -45.01
CA PHE GA 201 140.87 24.05 -46.36
C PHE GA 201 141.72 25.21 -46.88
N LYS GA 202 141.49 26.41 -46.33
CA LYS GA 202 142.22 27.67 -46.52
C LYS GA 202 142.20 28.25 -47.94
N TYR GA 203 142.04 27.38 -48.93
CA TYR GA 203 141.71 27.64 -50.33
C TYR GA 203 141.68 26.28 -51.01
N LYS GA 204 140.82 26.15 -51.99
CA LYS GA 204 140.74 24.98 -52.85
C LYS GA 204 140.29 25.50 -54.19
N PHE GA 205 139.64 24.64 -54.97
CA PHE GA 205 138.77 24.97 -56.11
C PHE GA 205 139.43 25.75 -57.25
N ARG GA 206 140.74 25.97 -57.20
CA ARG GA 206 141.41 26.72 -58.25
C ARG GA 206 141.57 25.92 -59.52
N LYS GA 207 141.36 24.61 -59.46
CA LYS GA 207 141.70 23.70 -60.54
C LYS GA 207 140.68 23.77 -61.66
N ILE GA 208 139.42 24.00 -61.31
CA ILE GA 208 138.40 24.18 -62.34
C ILE GA 208 138.54 25.57 -62.96
N LEU GA 209 138.90 26.55 -62.14
CA LEU GA 209 139.08 27.94 -62.56
C LEU GA 209 140.55 28.30 -62.75
N ASP GA 210 141.34 27.37 -63.30
CA ASP GA 210 142.78 27.57 -63.51
C ASP GA 210 143.06 28.72 -64.45
N GLU GA 211 143.51 29.83 -63.87
CA GLU GA 211 144.04 30.97 -64.59
C GLU GA 211 145.55 31.07 -64.43
N ARG GA 212 146.00 31.14 -63.18
CA ARG GA 212 147.41 31.09 -62.86
C ARG GA 212 147.88 29.65 -62.88
N ASP GA 221 143.48 35.04 -49.89
CA ASP GA 221 143.19 33.72 -50.40
C ASP GA 221 143.86 32.61 -49.59
N GLU GA 222 144.69 33.01 -48.63
CA GLU GA 222 145.38 32.04 -47.77
C GLU GA 222 144.49 31.50 -46.67
N GLU GA 223 143.29 32.05 -46.49
CA GLU GA 223 142.35 31.53 -45.51
C GLU GA 223 140.96 31.49 -46.12
N LEU GA 224 140.23 30.43 -45.75
CA LEU GA 224 138.91 30.17 -46.29
C LEU GA 224 137.92 31.25 -45.88
N TYR GA 225 136.97 31.52 -46.77
CA TYR GA 225 135.88 32.45 -46.51
C TYR GA 225 135.06 32.06 -45.28
N TYR GA 226 134.85 30.76 -45.08
CA TYR GA 226 134.00 30.27 -44.00
C TYR GA 226 134.66 30.41 -42.64
N ILE GA 227 136.00 30.38 -42.60
CA ILE GA 227 136.72 30.35 -41.33
C ILE GA 227 136.60 31.70 -40.64
N LYS GA 228 136.87 32.78 -41.38
CA LYS GA 228 136.73 34.12 -40.81
C LYS GA 228 135.27 34.46 -40.53
N GLN GA 229 134.36 34.00 -41.40
CA GLN GA 229 132.95 34.29 -41.19
C GLN GA 229 132.39 33.52 -40.00
N LEU GA 230 132.96 32.35 -39.70
CA LEU GA 230 132.52 31.60 -38.52
C LEU GA 230 132.84 32.36 -37.25
N ASN GA 231 133.97 33.03 -37.22
CA ASN GA 231 134.25 33.94 -36.12
C ASN GA 231 133.37 35.17 -36.15
N GLU GA 232 132.84 35.53 -37.32
CA GLU GA 232 132.13 36.81 -37.45
C GLU GA 232 130.75 36.75 -36.83
N MET GA 233 129.99 35.69 -37.14
CA MET GA 233 128.67 35.49 -36.54
C MET GA 233 128.75 35.24 -35.05
N ARG GA 234 129.87 34.70 -34.57
CA ARG GA 234 130.12 34.54 -33.15
C ARG GA 234 130.09 35.87 -32.40
N GLU GA 235 130.59 36.94 -33.03
CA GLU GA 235 130.58 38.26 -32.42
C GLU GA 235 129.54 39.17 -33.04
N LEU GA 236 128.68 38.66 -33.91
CA LEU GA 236 127.49 39.38 -34.35
C LEU GA 236 126.20 38.77 -33.80
N GLY GA 237 126.18 37.46 -33.60
CA GLY GA 237 125.03 36.79 -33.01
C GLY GA 237 124.01 36.28 -33.98
N THR GA 238 124.23 36.43 -35.29
CA THR GA 238 123.23 36.02 -36.27
C THR GA 238 123.18 34.51 -36.37
N SER GA 239 122.10 34.01 -36.95
CA SER GA 239 121.78 32.58 -36.92
C SER GA 239 121.91 31.93 -38.29
N ASN GA 240 122.53 32.63 -39.24
CA ASN GA 240 122.44 32.22 -40.63
C ASN GA 240 123.83 32.11 -41.24
N LEU GA 241 124.10 30.97 -41.86
CA LEU GA 241 125.32 30.73 -42.60
C LEU GA 241 124.95 30.42 -44.05
N ASN GA 242 125.25 31.35 -44.95
CA ASN GA 242 124.93 31.16 -46.35
C ASN GA 242 126.03 30.33 -46.98
N LEU GA 243 125.85 29.02 -46.96
CA LEU GA 243 126.84 28.10 -47.50
C LEU GA 243 126.78 28.11 -49.02
N ASP GA 244 127.94 28.26 -49.64
CA ASP GA 244 128.01 28.17 -51.10
C ASP GA 244 127.65 26.76 -51.57
N ALA GA 245 128.03 25.75 -50.79
CA ALA GA 245 127.69 24.33 -51.00
C ALA GA 245 128.11 23.84 -52.38
N ARG GA 246 129.20 24.41 -52.90
CA ARG GA 246 129.78 23.97 -54.14
C ARG GA 246 131.23 23.60 -53.84
N ASN GA 247 131.46 23.13 -52.62
CA ASN GA 247 132.79 22.79 -52.17
C ASN GA 247 132.99 21.30 -52.01
N LEU GA 248 131.95 20.53 -51.77
CA LEU GA 248 132.09 19.10 -51.60
C LEU GA 248 132.50 18.39 -52.87
N LEU GA 249 132.18 18.96 -54.03
CA LEU GA 249 132.74 18.48 -55.28
C LEU GA 249 134.14 19.04 -55.53
N ALA GA 250 134.53 20.10 -54.84
CA ALA GA 250 135.88 20.65 -54.96
C ALA GA 250 136.75 20.16 -53.82
N TYR GA 251 136.25 19.20 -53.05
CA TYR GA 251 137.01 18.55 -51.99
C TYR GA 251 137.06 17.07 -52.28
N LYS GA 252 138.21 16.45 -51.95
CA LYS GA 252 138.46 15.06 -52.28
C LYS GA 252 137.53 14.10 -51.56
N GLN GA 253 137.13 14.43 -50.34
CA GLN GA 253 136.15 13.64 -49.61
C GLN GA 253 134.79 14.28 -49.81
N THR GA 254 133.83 13.82 -48.99
CA THR GA 254 132.47 14.36 -48.90
C THR GA 254 131.73 14.30 -50.25
N GLU GA 255 132.03 13.27 -51.03
CA GLU GA 255 131.23 13.04 -52.22
C GLU GA 255 129.91 12.39 -51.86
N ASP GA 256 129.95 11.38 -50.98
CA ASP GA 256 128.72 10.68 -50.61
C ASP GA 256 127.82 11.56 -49.78
N LEU GA 257 128.39 12.45 -48.96
CA LEU GA 257 127.65 13.54 -48.37
C LEU GA 257 127.01 14.42 -49.43
N TYR GA 258 127.77 14.77 -50.45
CA TYR GA 258 127.31 15.70 -51.46
C TYR GA 258 126.15 15.14 -52.26
N HIS GA 259 126.19 13.85 -52.57
CA HIS GA 259 125.09 13.30 -53.34
C HIS GA 259 123.95 12.85 -52.46
N GLN GA 260 124.19 12.70 -51.15
CA GLN GA 260 123.06 12.50 -50.25
C GLN GA 260 122.32 13.80 -50.01
N LEU GA 261 123.02 14.93 -50.03
CA LEU GA 261 122.42 16.25 -49.93
C LEU GA 261 121.41 16.53 -51.02
N LEU GA 262 121.68 16.08 -52.23
CA LEU GA 262 120.72 16.22 -53.32
C LEU GA 262 119.75 15.05 -53.33
N ASN GA 263 119.68 14.28 -52.26
CA ASN GA 263 118.79 13.13 -52.28
C ASN GA 263 117.97 12.91 -51.01
N TYR GA 264 118.30 13.53 -49.89
CA TYR GA 264 117.48 13.44 -48.69
C TYR GA 264 117.44 14.77 -47.96
N PRO GA 265 116.99 15.83 -48.62
CA PRO GA 265 117.28 17.16 -48.10
C PRO GA 265 116.33 17.63 -47.03
N GLN GA 266 116.03 16.79 -46.07
CA GLN GA 266 115.33 17.26 -44.89
C GLN GA 266 116.07 16.76 -43.66
N GLU GA 267 116.65 15.57 -43.78
CA GLU GA 267 117.39 15.00 -42.68
C GLU GA 267 118.79 15.58 -42.63
N VAL GA 268 119.40 15.81 -43.79
CA VAL GA 268 120.80 16.20 -43.82
C VAL GA 268 121.01 17.64 -43.40
N ILE GA 269 120.00 18.51 -43.56
CA ILE GA 269 120.11 19.81 -42.94
C ILE GA 269 119.93 19.69 -41.44
N SER GA 270 119.10 18.76 -40.99
CA SER GA 270 118.87 18.56 -39.58
C SER GA 270 120.07 17.94 -38.90
N ILE GA 271 120.88 17.19 -39.64
CA ILE GA 271 122.16 16.78 -39.11
C ILE GA 271 123.11 17.96 -39.05
N MET GA 272 123.14 18.78 -40.11
CA MET GA 272 124.13 19.83 -40.20
C MET GA 272 123.84 20.99 -39.26
N ASP GA 273 122.60 21.12 -38.79
CA ASP GA 273 122.31 22.14 -37.80
C ASP GA 273 122.83 21.76 -36.42
N GLN GA 274 123.03 20.46 -36.18
CA GLN GA 274 123.65 20.03 -34.94
C GLN GA 274 125.15 20.29 -34.94
N THR GA 275 125.77 20.24 -36.12
CA THR GA 275 127.22 20.40 -36.22
C THR GA 275 127.64 21.81 -35.91
N ILE GA 276 127.03 22.79 -36.58
CA ILE GA 276 127.42 24.19 -36.48
C ILE GA 276 127.28 24.72 -35.07
N LYS GA 277 126.27 24.28 -34.33
CA LYS GA 277 126.17 24.64 -32.93
C LYS GA 277 127.27 23.97 -32.11
N ASP GA 278 127.59 22.72 -32.43
CA ASP GA 278 128.68 22.04 -31.74
C ASP GA 278 130.03 22.52 -32.22
N CYS GA 279 130.16 22.85 -33.52
CA CYS GA 279 131.42 23.41 -34.00
C CYS GA 279 131.61 24.82 -33.46
N MET GA 280 130.52 25.52 -33.16
CA MET GA 280 130.65 26.77 -32.43
C MET GA 280 131.18 26.52 -31.02
N VAL GA 281 130.77 25.41 -30.39
CA VAL GA 281 131.31 25.06 -29.09
C VAL GA 281 132.79 24.70 -29.22
N SER GA 282 133.19 24.14 -30.37
CA SER GA 282 134.59 23.82 -30.63
C SER GA 282 135.48 25.05 -30.71
N LEU GA 283 134.91 26.23 -30.98
CA LEU GA 283 135.64 27.48 -30.80
C LEU GA 283 135.39 28.11 -29.43
N ILE GA 284 134.24 27.82 -28.83
CA ILE GA 284 133.92 28.28 -27.48
C ILE GA 284 134.78 27.60 -26.42
N VAL GA 285 135.10 26.31 -26.60
CA VAL GA 285 135.96 25.61 -25.64
C VAL GA 285 137.40 26.11 -25.64
N ASP GA 286 137.81 26.89 -26.64
CA ASP GA 286 139.16 27.43 -26.63
C ASP GA 286 139.31 28.55 -25.61
N ASN GA 287 138.56 29.64 -25.78
CA ASN GA 287 138.58 30.77 -24.87
C ASN GA 287 137.27 30.81 -24.10
N ASN GA 288 137.34 30.79 -22.78
CA ASN GA 288 136.16 30.74 -21.92
C ASN GA 288 135.70 32.14 -21.50
N LEU GA 289 135.97 33.13 -22.33
CA LEU GA 289 135.62 34.50 -22.01
C LEU GA 289 134.72 35.06 -23.11
N ASP GA 290 134.08 34.15 -23.83
CA ASP GA 290 133.41 34.47 -25.09
C ASP GA 290 131.90 34.42 -24.89
N TYR GA 291 131.35 35.58 -24.50
CA TYR GA 291 129.90 35.83 -24.38
C TYR GA 291 129.24 34.87 -23.39
N ASP GA 292 129.94 34.64 -22.27
CA ASP GA 292 129.44 34.02 -21.05
C ASP GA 292 129.03 32.56 -21.20
N LEU GA 293 129.23 32.00 -22.39
CA LEU GA 293 129.20 30.56 -22.67
C LEU GA 293 127.82 29.94 -22.45
N ASP GA 294 126.79 30.78 -22.43
CA ASP GA 294 125.44 30.24 -22.34
C ASP GA 294 124.48 30.77 -23.41
N GLU GA 295 124.48 32.09 -23.64
CA GLU GA 295 123.42 32.69 -24.42
C GLU GA 295 123.61 32.54 -25.93
N ILE GA 296 124.85 32.50 -26.41
CA ILE GA 296 125.14 32.10 -27.77
C ILE GA 296 125.22 30.58 -27.91
N GLU GA 297 124.73 29.84 -26.92
CA GLU GA 297 124.61 28.40 -26.97
C GLU GA 297 123.19 27.93 -26.68
N THR GA 298 122.24 28.84 -26.67
CA THR GA 298 120.84 28.49 -26.56
C THR GA 298 120.03 28.79 -27.81
N LYS GA 299 120.21 29.97 -28.41
CA LYS GA 299 119.54 30.27 -29.66
C LYS GA 299 120.19 29.46 -30.78
N PHE GA 300 119.36 28.73 -31.51
CA PHE GA 300 119.86 27.85 -32.56
C PHE GA 300 120.30 28.66 -33.76
N TYR GA 301 121.08 28.01 -34.61
CA TYR GA 301 121.49 28.62 -35.86
C TYR GA 301 120.90 27.81 -36.99
N LYS GA 302 121.19 28.23 -38.22
CA LYS GA 302 120.78 27.46 -39.38
C LYS GA 302 121.69 27.77 -40.54
N VAL GA 303 121.63 26.90 -41.54
CA VAL GA 303 122.52 26.96 -42.68
C VAL GA 303 121.70 27.25 -43.93
N ARG GA 304 122.39 27.62 -44.99
CA ARG GA 304 121.73 27.98 -46.26
C ARG GA 304 122.59 27.54 -47.42
N PRO GA 305 122.38 26.34 -47.92
CA PRO GA 305 123.01 25.93 -49.17
C PRO GA 305 122.30 26.55 -50.35
N TYR GA 306 123.08 27.03 -51.31
CA TYR GA 306 122.49 27.71 -52.45
C TYR GA 306 123.35 27.48 -53.67
N ASN GA 307 122.87 27.98 -54.83
CA ASN GA 307 123.51 27.91 -56.15
C ASN GA 307 123.92 26.49 -56.55
N VAL GA 308 123.22 25.49 -56.01
CA VAL GA 308 123.64 24.09 -56.11
C VAL GA 308 123.18 23.55 -57.45
N GLY GA 309 124.14 23.17 -58.29
CA GLY GA 309 123.83 22.67 -59.61
C GLY GA 309 123.28 23.77 -60.49
N SER GA 310 122.39 23.38 -61.41
CA SER GA 310 121.65 24.33 -62.21
C SER GA 310 120.39 23.67 -62.73
N CYS GA 311 119.38 24.50 -62.98
CA CYS GA 311 118.20 24.07 -63.71
C CYS GA 311 118.03 25.00 -64.90
N LYS GA 312 116.91 24.90 -65.60
CA LYS GA 312 116.71 25.73 -66.79
C LYS GA 312 115.37 26.43 -66.88
N GLY GA 313 114.36 26.06 -66.08
CA GLY GA 313 113.06 26.65 -66.23
C GLY GA 313 111.99 25.93 -65.45
N MET GA 314 110.89 25.59 -66.14
CA MET GA 314 109.82 24.82 -65.52
C MET GA 314 109.36 23.65 -66.38
N ARG GA 315 109.64 23.64 -67.69
CA ARG GA 315 109.20 22.56 -68.57
C ARG GA 315 110.21 21.39 -68.56
N GLU GA 316 110.60 21.02 -67.35
CA GLU GA 316 111.51 19.90 -67.14
C GLU GA 316 111.17 19.21 -65.83
N LEU GA 317 110.15 19.70 -65.15
CA LEU GA 317 109.85 19.22 -63.81
C LEU GA 317 109.08 17.91 -63.90
N ASN GA 318 109.77 16.86 -63.95
CA ASN GA 318 109.31 15.50 -64.08
C ASN GA 318 108.80 14.98 -62.73
N PRO GA 319 107.89 14.00 -62.72
CA PRO GA 319 107.30 13.56 -61.45
C PRO GA 319 108.26 12.87 -60.51
N ASN GA 320 109.38 12.33 -61.01
CA ASN GA 320 110.32 11.62 -60.15
C ASN GA 320 111.09 12.55 -59.22
N ASP GA 321 111.08 13.84 -59.49
CA ASP GA 321 111.80 14.82 -58.69
C ASP GA 321 111.00 15.09 -57.42
N ILE GA 322 111.10 14.16 -56.48
CA ILE GA 322 110.24 14.23 -55.32
C ILE GA 322 110.89 14.98 -54.17
N ASP GA 323 112.13 14.65 -53.82
CA ASP GA 323 112.83 15.37 -52.76
C ASP GA 323 114.20 15.76 -53.29
N LYS GA 324 114.25 16.85 -54.03
CA LYS GA 324 115.48 17.30 -54.65
C LYS GA 324 115.60 18.80 -54.45
N LEU GA 325 116.78 19.31 -54.75
CA LEU GA 325 116.98 20.75 -54.77
C LEU GA 325 116.67 21.24 -56.18
N ILE GA 326 116.01 22.38 -56.27
CA ILE GA 326 115.64 22.96 -57.56
C ILE GA 326 116.12 24.40 -57.55
N ASN GA 327 116.65 24.85 -58.67
CA ASN GA 327 117.19 26.20 -58.78
C ASN GA 327 116.39 26.98 -59.81
N LEU GA 328 115.36 27.68 -59.35
CA LEU GA 328 114.43 28.33 -60.27
C LEU GA 328 114.96 29.67 -60.71
N LYS GA 329 114.44 30.15 -61.83
CA LYS GA 329 114.71 31.50 -62.32
C LYS GA 329 113.37 32.04 -62.81
N GLY GA 330 112.80 32.98 -62.06
CA GLY GA 330 111.49 33.47 -62.42
C GLY GA 330 111.13 34.83 -61.86
N LEU GA 331 109.83 35.04 -61.66
CA LEU GA 331 109.29 36.33 -61.28
C LEU GA 331 108.23 36.16 -60.19
N VAL GA 332 108.38 36.90 -59.12
CA VAL GA 332 107.41 36.99 -58.06
C VAL GA 332 106.30 37.94 -58.50
N LEU GA 333 105.05 37.62 -58.15
CA LEU GA 333 103.97 38.46 -58.63
C LEU GA 333 103.21 39.16 -57.51
N ARG GA 334 102.68 38.42 -56.54
CA ARG GA 334 101.89 39.02 -55.48
C ARG GA 334 102.03 38.21 -54.21
N SER GA 335 101.65 38.81 -53.10
CA SER GA 335 101.94 38.24 -51.79
C SER GA 335 100.64 38.14 -51.00
N THR GA 336 100.78 37.75 -49.74
CA THR GA 336 99.71 37.73 -48.75
C THR GA 336 100.33 37.97 -47.38
N PRO GA 337 99.55 38.47 -46.44
CA PRO GA 337 100.06 38.54 -45.06
C PRO GA 337 100.19 37.17 -44.43
N VAL GA 338 100.88 37.16 -43.29
CA VAL GA 338 101.28 35.93 -42.64
C VAL GA 338 100.11 35.29 -41.93
N ILE GA 339 99.89 34.02 -42.17
CA ILE GA 339 98.94 33.26 -41.36
C ILE GA 339 99.79 32.43 -40.40
N PRO GA 340 99.28 31.96 -39.26
CA PRO GA 340 100.17 31.32 -38.29
C PRO GA 340 100.22 29.81 -38.45
N ASP GA 341 101.18 29.21 -37.76
CA ASP GA 341 101.44 27.78 -37.82
C ASP GA 341 101.15 27.13 -36.46
N MET GA 342 101.02 25.81 -36.46
CA MET GA 342 100.74 25.08 -35.23
C MET GA 342 102.00 24.36 -34.78
N LYS GA 343 102.79 25.04 -33.95
CA LYS GA 343 104.00 24.47 -33.41
C LYS GA 343 103.86 23.97 -31.98
N VAL GA 344 102.90 24.47 -31.23
CA VAL GA 344 102.66 24.00 -29.87
C VAL GA 344 101.19 24.24 -29.57
N ALA GA 345 100.61 23.35 -28.77
CA ALA GA 345 99.20 23.47 -28.41
C ALA GA 345 99.06 23.76 -26.93
N PHE GA 346 97.81 23.93 -26.50
CA PHE GA 346 97.51 24.17 -25.10
C PHE GA 346 96.19 23.51 -24.79
N PHE GA 347 96.01 23.09 -23.56
CA PHE GA 347 94.76 22.47 -23.14
C PHE GA 347 94.41 22.87 -21.73
N LYS GA 348 93.11 22.86 -21.44
CA LYS GA 348 92.60 23.00 -20.09
C LYS GA 348 91.16 22.50 -20.08
N CYS GA 349 90.86 21.56 -19.20
CA CYS GA 349 89.48 21.15 -19.01
C CYS GA 349 88.89 21.98 -17.89
N ASN GA 350 87.72 21.60 -17.40
CA ASN GA 350 87.10 22.31 -16.30
C ASN GA 350 87.42 21.63 -14.98
N VAL GA 351 88.71 21.62 -14.67
CA VAL GA 351 89.19 21.50 -13.29
C VAL GA 351 89.53 22.92 -12.88
N CYS GA 352 90.04 23.09 -11.66
CA CYS GA 352 90.47 24.40 -11.22
C CYS GA 352 91.64 24.96 -12.01
N ASP GA 353 92.60 24.13 -12.40
CA ASP GA 353 93.84 24.63 -12.98
C ASP GA 353 94.53 23.49 -13.71
N HIS GA 354 94.68 23.65 -15.02
CA HIS GA 354 95.43 22.65 -15.78
C HIS GA 354 96.04 23.32 -17.01
N THR GA 355 97.36 23.46 -17.00
CA THR GA 355 98.06 24.19 -18.04
C THR GA 355 99.02 23.28 -18.80
N MET GA 356 98.56 22.11 -19.24
CA MET GA 356 99.42 21.27 -20.06
C MET GA 356 99.61 21.88 -21.44
N ALA GA 357 100.68 21.47 -22.10
CA ALA GA 357 101.01 22.00 -23.42
C ALA GA 357 101.48 20.85 -24.28
N VAL GA 358 100.58 20.29 -25.07
CA VAL GA 358 100.90 19.12 -25.88
C VAL GA 358 101.56 19.57 -27.17
N GLU GA 359 102.58 18.84 -27.58
CA GLU GA 359 103.27 19.09 -28.83
C GLU GA 359 102.51 18.42 -29.95
N ILE GA 360 102.82 18.79 -31.18
CA ILE GA 360 102.15 18.12 -32.29
C ILE GA 360 103.18 17.48 -33.20
N ASP GA 361 103.98 18.32 -33.88
CA ASP GA 361 105.05 17.92 -34.81
C ASP GA 361 104.56 16.92 -35.86
N ARG GA 362 103.32 17.05 -36.28
CA ARG GA 362 102.73 16.10 -37.21
C ARG GA 362 101.65 16.76 -38.03
N GLY GA 363 100.74 15.96 -38.57
CA GLY GA 363 99.50 16.48 -39.09
C GLY GA 363 98.35 16.13 -38.18
N VAL GA 364 98.67 15.63 -36.99
CA VAL GA 364 97.71 15.03 -36.07
C VAL GA 364 97.90 15.60 -34.68
N ILE GA 365 96.93 16.36 -34.20
CA ILE GA 365 96.87 16.75 -32.80
C ILE GA 365 96.28 15.58 -32.02
N GLN GA 366 96.96 15.16 -30.96
CA GLN GA 366 96.46 14.09 -30.12
C GLN GA 366 95.94 14.64 -28.80
N GLU GA 367 94.84 14.07 -28.35
CA GLU GA 367 94.04 14.55 -27.23
C GLU GA 367 93.91 13.47 -26.16
N PRO GA 368 93.69 13.85 -24.91
CA PRO GA 368 93.32 12.87 -23.89
C PRO GA 368 91.80 12.73 -23.79
N ALA GA 369 91.39 11.66 -23.12
CA ALA GA 369 89.97 11.43 -22.85
C ALA GA 369 89.73 11.12 -21.38
N ARG GA 370 90.71 11.42 -20.52
CA ARG GA 370 90.62 11.20 -19.10
C ARG GA 370 91.02 12.50 -18.42
N CYS GA 371 90.53 12.70 -17.20
CA CYS GA 371 90.89 13.91 -16.49
C CYS GA 371 92.31 13.84 -15.95
N GLU GA 372 92.64 14.86 -15.18
CA GLU GA 372 94.00 15.14 -14.76
C GLU GA 372 93.92 15.97 -13.49
N ARG GA 373 95.09 16.18 -12.86
CA ARG GA 373 95.27 17.13 -11.75
C ARG GA 373 94.46 16.72 -10.50
N ILE GA 374 93.97 15.48 -10.51
CA ILE GA 374 93.23 14.90 -9.40
C ILE GA 374 93.40 13.40 -9.57
N ASP GA 375 92.99 12.64 -8.56
CA ASP GA 375 93.01 11.19 -8.67
C ASP GA 375 91.66 10.62 -9.08
N CYS GA 376 90.56 11.36 -8.93
CA CYS GA 376 89.25 10.84 -9.26
C CYS GA 376 88.43 11.96 -9.89
N ASN GA 377 88.53 12.05 -11.22
CA ASN GA 377 87.65 12.91 -12.01
C ASN GA 377 87.49 12.25 -13.37
N GLU GA 378 86.28 12.35 -13.90
CA GLU GA 378 85.79 11.52 -14.99
C GLU GA 378 86.36 11.97 -16.33
N PRO GA 379 85.89 11.36 -17.41
CA PRO GA 379 86.22 11.90 -18.73
C PRO GA 379 85.52 13.23 -18.93
N ASN GA 380 86.28 14.32 -18.79
CA ASN GA 380 85.70 15.64 -18.74
C ASN GA 380 85.82 16.34 -20.08
N SER GA 381 85.12 17.46 -20.20
CA SER GA 381 85.18 18.27 -21.40
C SER GA 381 86.49 19.03 -21.44
N MET GA 382 87.37 18.63 -22.35
CA MET GA 382 88.63 19.32 -22.57
C MET GA 382 88.40 20.45 -23.57
N SER GA 383 88.72 21.67 -23.17
CA SER GA 383 88.55 22.82 -24.03
C SER GA 383 89.89 23.19 -24.68
N LEU GA 384 89.82 24.03 -25.71
CA LEU GA 384 90.97 24.34 -26.55
C LEU GA 384 91.21 25.83 -26.44
N ILE GA 385 91.99 26.25 -25.46
CA ILE GA 385 92.27 27.66 -25.27
C ILE GA 385 93.33 28.01 -26.30
N HIS GA 386 92.87 28.42 -27.47
CA HIS GA 386 93.73 28.61 -28.63
C HIS GA 386 94.70 29.76 -28.50
N ASN GA 387 94.29 30.89 -27.96
CA ASN GA 387 95.14 32.07 -28.01
C ASN GA 387 96.10 32.14 -26.83
N ARG GA 388 96.76 31.05 -26.54
CA ARG GA 388 97.74 31.06 -25.45
C ARG GA 388 99.04 30.46 -25.92
N CYS GA 389 98.96 29.42 -26.75
CA CYS GA 389 100.17 28.75 -27.23
C CYS GA 389 100.74 29.52 -28.41
N SER GA 390 102.06 29.59 -28.45
CA SER GA 390 102.71 30.50 -29.40
C SER GA 390 102.77 29.89 -30.80
N PHE GA 391 102.77 30.78 -31.79
CA PHE GA 391 102.89 30.42 -33.19
C PHE GA 391 103.96 31.27 -33.85
N ALA GA 392 104.61 30.69 -34.86
CA ALA GA 392 105.57 31.41 -35.66
C ALA GA 392 104.91 31.95 -36.92
N ASP GA 393 105.72 32.35 -37.90
CA ASP GA 393 105.21 32.92 -39.13
C ASP GA 393 105.17 31.86 -40.21
N LYS GA 394 104.53 32.22 -41.32
CA LYS GA 394 104.52 31.44 -42.55
C LYS GA 394 103.93 32.35 -43.63
N GLN GA 395 104.41 32.23 -44.86
CA GLN GA 395 103.88 33.07 -45.92
C GLN GA 395 103.94 32.34 -47.25
N VAL GA 396 102.85 32.43 -48.01
CA VAL GA 396 102.76 31.84 -49.33
C VAL GA 396 102.85 32.96 -50.36
N ILE GA 397 103.68 32.74 -51.38
CA ILE GA 397 104.00 33.73 -52.39
C ILE GA 397 103.83 33.10 -53.77
N LYS GA 398 103.10 33.77 -54.65
CA LYS GA 398 102.86 33.23 -55.98
C LYS GA 398 103.97 33.66 -56.94
N LEU GA 399 104.43 32.73 -57.76
CA LEU GA 399 105.47 32.97 -58.75
C LEU GA 399 104.96 32.62 -60.13
N GLN GA 400 105.49 33.30 -61.14
CA GLN GA 400 105.37 32.91 -62.53
C GLN GA 400 106.75 33.02 -63.14
N GLU GA 401 107.15 32.02 -63.93
CA GLU GA 401 108.47 32.02 -64.52
C GLU GA 401 108.64 33.19 -65.50
N THR GA 402 109.85 33.70 -65.55
CA THR GA 402 110.19 34.71 -66.54
C THR GA 402 110.23 34.04 -67.91
N PRO GA 403 109.54 34.59 -68.91
CA PRO GA 403 109.45 33.92 -70.21
C PRO GA 403 110.78 33.89 -70.95
N ASP GA 404 111.68 33.00 -70.54
CA ASP GA 404 113.03 32.99 -71.09
C ASP GA 404 113.15 31.98 -72.22
N PHE GA 405 113.55 32.49 -73.39
CA PHE GA 405 113.55 31.84 -74.71
C PHE GA 405 112.33 30.94 -74.93
N VAL GA 406 111.17 31.48 -74.59
CA VAL GA 406 109.93 30.74 -74.85
C VAL GA 406 109.65 30.75 -76.35
N PRO GA 407 109.17 29.67 -76.95
CA PRO GA 407 109.12 29.59 -78.42
C PRO GA 407 107.87 30.24 -79.01
N ASP GA 408 107.57 31.46 -78.55
CA ASP GA 408 106.54 32.39 -79.07
C ASP GA 408 105.14 31.77 -79.19
N GLY GA 409 104.90 30.69 -78.45
CA GLY GA 409 103.57 30.13 -78.39
C GLY GA 409 103.09 29.81 -77.00
N GLN GA 410 104.04 29.64 -76.07
CA GLN GA 410 103.68 29.12 -74.76
C GLN GA 410 103.51 30.24 -73.76
N THR GA 411 102.48 30.10 -72.92
CA THR GA 411 102.18 31.06 -71.88
C THR GA 411 102.97 30.72 -70.63
N PRO GA 412 103.62 31.70 -69.99
CA PRO GA 412 104.33 31.40 -68.74
C PRO GA 412 103.38 31.11 -67.60
N HIS GA 413 103.50 29.89 -67.04
CA HIS GA 413 102.58 29.44 -66.01
C HIS GA 413 103.10 29.72 -64.61
N SER GA 414 102.47 29.08 -63.62
CA SER GA 414 102.60 29.55 -62.25
C SER GA 414 103.10 28.43 -61.35
N ILE GA 415 103.63 28.84 -60.20
CA ILE GA 415 103.98 27.95 -59.10
C ILE GA 415 104.03 28.82 -57.85
N SER GA 416 103.95 28.20 -56.69
CA SER GA 416 103.83 28.94 -55.45
C SER GA 416 105.05 28.72 -54.56
N LEU GA 417 105.14 29.52 -53.52
CA LEU GA 417 106.24 29.47 -52.57
C LEU GA 417 105.71 29.31 -51.16
N CYS GA 418 106.57 28.83 -50.25
CA CYS GA 418 106.28 28.78 -48.83
C CYS GA 418 107.55 29.06 -48.07
N VAL GA 419 107.56 30.07 -47.23
CA VAL GA 419 108.73 30.41 -46.44
C VAL GA 419 108.41 30.13 -44.98
N TYR GA 420 109.45 29.90 -44.17
CA TYR GA 420 109.22 29.68 -42.76
C TYR GA 420 109.94 30.68 -41.88
N ASP GA 421 111.22 30.91 -42.16
CA ASP GA 421 112.03 31.76 -41.31
C ASP GA 421 111.80 33.24 -41.59
N GLU GA 422 112.76 34.05 -41.15
CA GLU GA 422 112.74 35.50 -41.33
C GLU GA 422 113.27 35.92 -42.69
N LEU GA 423 112.84 35.22 -43.74
CA LEU GA 423 113.00 35.70 -45.10
C LEU GA 423 111.73 36.35 -45.57
N VAL GA 424 110.77 36.54 -44.67
CA VAL GA 424 109.57 37.32 -44.92
C VAL GA 424 109.97 38.78 -45.06
N ASP GA 425 109.07 39.59 -45.64
CA ASP GA 425 109.19 41.02 -45.93
C ASP GA 425 110.51 41.45 -46.58
N SER GA 426 111.14 40.55 -47.30
CA SER GA 426 112.37 40.88 -48.01
C SER GA 426 112.19 40.41 -49.44
N CYS GA 427 111.24 39.50 -49.63
CA CYS GA 427 110.84 39.08 -50.96
C CYS GA 427 109.60 39.86 -51.37
N ARG GA 428 109.80 41.16 -51.62
CA ARG GA 428 108.69 41.96 -52.08
C ARG GA 428 108.38 41.61 -53.53
N ALA GA 429 107.11 41.78 -53.88
CA ALA GA 429 106.60 41.33 -55.16
C ALA GA 429 106.95 42.34 -56.25
N GLY GA 430 107.57 41.86 -57.32
CA GLY GA 430 107.88 42.70 -58.46
C GLY GA 430 109.32 42.73 -58.89
N ASP GA 431 110.13 41.76 -58.46
CA ASP GA 431 111.54 41.77 -58.82
C ASP GA 431 111.91 40.42 -59.38
N ARG GA 432 113.01 40.39 -60.12
CA ARG GA 432 113.59 39.16 -60.62
C ARG GA 432 114.05 38.29 -59.45
N ILE GA 433 113.96 36.98 -59.64
CA ILE GA 433 114.21 36.07 -58.54
C ILE GA 433 114.99 34.85 -59.03
N GLU GA 434 115.76 34.28 -58.13
CA GLU GA 434 116.49 33.03 -58.29
C GLU GA 434 116.39 32.34 -56.93
N VAL GA 435 115.57 31.31 -56.86
CA VAL GA 435 115.31 30.68 -55.59
C VAL GA 435 116.07 29.36 -55.53
N THR GA 436 116.36 28.92 -54.30
CA THR GA 436 117.10 27.69 -54.02
C THR GA 436 116.23 26.87 -53.08
N GLY GA 437 115.47 25.93 -53.62
CA GLY GA 437 114.52 25.26 -52.77
C GLY GA 437 114.37 23.76 -52.96
N THR GA 438 113.72 23.13 -52.00
CA THR GA 438 113.41 21.71 -52.06
C THR GA 438 112.04 21.52 -52.72
N PHE GA 439 111.53 20.30 -52.64
CA PHE GA 439 110.32 19.92 -53.34
C PHE GA 439 109.40 19.22 -52.36
N ARG GA 440 108.10 19.40 -52.57
CA ARG GA 440 107.09 18.80 -51.72
C ARG GA 440 105.74 18.84 -52.43
N SER GA 441 104.91 17.85 -52.14
CA SER GA 441 103.57 17.78 -52.69
C SER GA 441 102.59 17.44 -51.58
N ILE GA 442 101.36 17.93 -51.70
CA ILE GA 442 100.38 17.76 -50.64
C ILE GA 442 99.06 17.26 -51.22
N PRO GA 443 98.21 16.60 -50.41
CA PRO GA 443 96.88 16.24 -50.90
C PRO GA 443 95.87 17.35 -50.69
N ILE GA 444 94.76 17.26 -51.42
CA ILE GA 444 93.67 18.21 -51.30
C ILE GA 444 92.37 17.48 -51.01
N ARG GA 445 91.50 18.16 -50.27
CA ARG GA 445 90.16 17.66 -49.99
C ARG GA 445 89.27 17.98 -51.19
N ALA GA 446 88.68 16.94 -51.78
CA ALA GA 446 87.87 17.15 -52.97
C ALA GA 446 86.56 17.84 -52.65
N ASN GA 447 85.73 17.22 -51.82
CA ASN GA 447 84.58 17.91 -51.26
C ASN GA 447 85.07 18.79 -50.12
N SER GA 448 84.47 19.98 -50.03
CA SER GA 448 84.87 20.95 -49.05
C SER GA 448 84.51 20.55 -47.63
N ARG GA 449 83.58 19.62 -47.45
CA ARG GA 449 83.13 19.22 -46.13
C ARG GA 449 83.31 17.73 -45.86
N GLN GA 450 84.04 17.02 -46.70
CA GLN GA 450 84.43 15.64 -46.41
C GLN GA 450 85.94 15.56 -46.32
N ARG GA 451 86.44 14.44 -45.81
CA ARG GA 451 87.88 14.18 -45.82
C ARG GA 451 88.29 13.37 -47.03
N VAL GA 452 87.37 13.12 -47.97
CA VAL GA 452 87.72 12.44 -49.21
C VAL GA 452 88.60 13.34 -50.07
N LEU GA 453 89.37 12.72 -50.95
CA LEU GA 453 90.41 13.44 -51.69
C LEU GA 453 90.20 13.42 -53.20
N SER GA 455 92.13 13.59 -57.50
CA SER GA 455 93.35 13.34 -56.75
C SER GA 455 94.55 13.76 -57.57
N LEU GA 456 94.33 14.64 -58.52
CA LEU GA 456 95.42 15.39 -59.13
C LEU GA 456 95.99 16.27 -58.05
N TYR GA 457 97.16 15.90 -57.52
CA TYR GA 457 97.77 16.62 -56.41
C TYR GA 457 98.21 18.02 -56.80
N LYS GA 458 98.47 18.84 -55.80
CA LYS GA 458 99.12 20.12 -55.97
C LYS GA 458 100.47 20.05 -55.31
N THR GA 459 101.49 20.54 -55.99
CA THR GA 459 102.81 20.67 -55.41
C THR GA 459 103.14 22.12 -55.13
N TYR GA 460 104.28 22.31 -54.50
CA TYR GA 460 104.88 23.62 -54.31
C TYR GA 460 106.37 23.39 -54.07
N VAL GA 461 107.05 24.44 -53.64
CA VAL GA 461 108.43 24.32 -53.23
C VAL GA 461 108.58 24.97 -51.87
N ASP GA 462 109.60 24.57 -51.13
CA ASP GA 462 109.91 25.12 -49.83
C ASP GA 462 111.30 25.75 -49.90
N VAL GA 463 111.36 27.06 -49.73
CA VAL GA 463 112.61 27.77 -49.90
C VAL GA 463 113.50 27.56 -48.68
N VAL GA 464 114.78 27.32 -48.92
CA VAL GA 464 115.79 27.38 -47.89
C VAL GA 464 116.57 28.69 -47.96
N HIS GA 465 116.76 29.22 -49.16
CA HIS GA 465 117.50 30.46 -49.35
C HIS GA 465 117.06 31.08 -50.66
N VAL GA 466 116.84 32.37 -50.68
CA VAL GA 466 116.40 33.04 -51.90
C VAL GA 466 117.52 33.95 -52.36
N LYS GA 467 117.44 34.40 -53.61
CA LYS GA 467 118.33 35.41 -54.13
C LYS GA 467 117.64 36.18 -55.24
N LYS GA 468 118.03 37.52 -54.84
CA LYS GA 468 117.38 38.13 -55.99
C LYS GA 468 118.05 37.71 -57.29
N VAL GA 469 119.00 38.53 -57.73
CA VAL GA 469 119.75 38.28 -58.97
C VAL GA 469 118.93 38.57 -60.22
N SER GA 470 119.39 38.06 -61.37
CA SER GA 470 118.71 38.27 -62.63
C SER GA 470 118.54 36.95 -63.38
N VAL GA 498 119.55 56.52 -44.80
CA VAL GA 498 120.80 56.55 -44.06
C VAL GA 498 121.80 55.57 -44.66
N ARG GA 499 122.62 56.05 -45.57
CA ARG GA 499 123.74 55.27 -46.07
C ARG GA 499 124.80 55.14 -44.98
N GLN GA 500 125.56 54.05 -45.01
CA GLN GA 500 126.69 53.89 -44.11
C GLN GA 500 127.75 54.89 -44.53
N ILE GA 501 127.74 56.06 -43.91
CA ILE GA 501 128.65 57.13 -44.29
C ILE GA 501 130.01 56.83 -43.67
N THR GA 502 131.01 56.64 -44.52
CA THR GA 502 132.37 56.37 -44.07
C THR GA 502 133.07 57.70 -43.88
N ASP GA 503 134.40 57.68 -43.79
CA ASP GA 503 135.16 58.92 -43.66
C ASP GA 503 136.05 59.22 -44.86
N GLN GA 504 136.45 58.21 -45.63
CA GLN GA 504 137.31 58.47 -46.78
C GLN GA 504 136.55 59.16 -47.91
N ASP GA 505 135.24 58.94 -48.00
CA ASP GA 505 134.39 59.71 -48.89
C ASP GA 505 134.33 61.18 -48.51
N LEU GA 506 134.17 61.48 -47.22
CA LEU GA 506 134.10 62.86 -46.76
C LEU GA 506 135.41 63.58 -46.98
N ALA GA 507 136.53 62.88 -46.81
CA ALA GA 507 137.81 63.46 -47.16
C ALA GA 507 138.00 63.59 -48.66
N LYS GA 508 137.41 62.69 -49.44
CA LYS GA 508 137.55 62.79 -50.88
C LYS GA 508 136.66 63.89 -51.43
N ILE GA 509 135.45 64.05 -50.91
CA ILE GA 509 134.59 65.11 -51.41
C ILE GA 509 135.07 66.48 -50.96
N ARG GA 510 135.78 66.58 -49.84
CA ARG GA 510 136.17 67.89 -49.34
C ARG GA 510 137.29 68.50 -50.15
N GLU GA 511 138.21 67.68 -50.65
CA GLU GA 511 139.13 68.16 -51.67
C GLU GA 511 138.38 68.55 -52.94
N VAL GA 512 137.38 67.75 -53.32
CA VAL GA 512 136.51 68.14 -54.42
C VAL GA 512 135.72 69.39 -54.05
N ALA GA 513 135.31 69.50 -52.79
CA ALA GA 513 134.72 70.75 -52.32
C ALA GA 513 135.76 71.85 -52.19
N ALA GA 514 137.04 71.50 -52.09
CA ALA GA 514 138.08 72.52 -52.12
C ALA GA 514 138.41 72.99 -53.52
N ARG GA 515 138.03 72.24 -54.54
CA ARG GA 515 138.37 72.59 -55.90
C ARG GA 515 137.46 73.72 -56.40
N GLU GA 516 138.09 74.73 -57.00
CA GLU GA 516 137.38 75.83 -57.67
C GLU GA 516 136.58 75.34 -58.86
N ASP GA 517 136.99 74.24 -59.49
CA ASP GA 517 136.49 73.81 -60.77
C ASP GA 517 135.18 73.05 -60.66
N LEU GA 518 134.64 72.87 -59.45
CA LEU GA 518 133.43 72.07 -59.21
C LEU GA 518 132.21 72.66 -59.91
N TYR GA 519 132.20 73.98 -60.08
CA TYR GA 519 131.29 74.65 -61.00
C TYR GA 519 131.31 74.01 -62.39
N SER GA 520 132.50 73.83 -62.96
CA SER GA 520 132.64 73.25 -64.28
C SER GA 520 132.89 71.76 -64.27
N LEU GA 521 133.48 71.23 -63.19
CA LEU GA 521 133.67 69.79 -63.09
C LEU GA 521 132.33 69.07 -62.96
N LEU GA 522 131.38 69.66 -62.25
CA LEU GA 522 130.05 69.09 -62.28
C LEU GA 522 129.31 69.45 -63.54
N ALA GA 523 129.72 70.51 -64.23
CA ALA GA 523 129.11 70.84 -65.51
C ALA GA 523 129.50 69.83 -66.58
N ARG GA 524 130.74 69.36 -66.55
CA ARG GA 524 131.15 68.39 -67.55
C ARG GA 524 130.75 66.96 -67.19
N SER GA 525 130.53 66.66 -65.92
CA SER GA 525 130.34 65.28 -65.52
C SER GA 525 128.91 64.79 -65.72
N ILE GA 526 127.94 65.68 -65.87
CA ILE GA 526 126.58 65.25 -66.14
C ILE GA 526 126.38 64.87 -67.60
N ALA GA 527 127.36 65.16 -68.45
CA ALA GA 527 127.22 64.93 -69.89
C ALA GA 527 128.35 64.03 -70.36
N PRO GA 528 128.14 62.74 -70.35
CA PRO GA 528 129.16 61.84 -70.89
C PRO GA 528 129.06 61.73 -72.40
N SER GA 529 127.89 62.06 -72.94
CA SER GA 529 127.65 62.02 -74.37
C SER GA 529 126.95 63.25 -74.90
N ILE GA 530 126.31 64.03 -74.04
CA ILE GA 530 125.43 65.09 -74.50
C ILE GA 530 126.26 66.25 -75.03
N TYR GA 531 125.74 66.94 -76.05
CA TYR GA 531 126.26 68.21 -76.53
C TYR GA 531 126.24 69.29 -75.44
N GLU GA 532 126.91 70.41 -75.71
CA GLU GA 532 127.41 71.30 -74.66
C GLU GA 532 126.33 71.95 -73.78
N LEU GA 533 125.63 72.96 -74.33
CA LEU GA 533 124.42 73.60 -73.79
C LEU GA 533 124.50 73.86 -72.28
N GLU GA 534 125.46 74.70 -71.90
CA GLU GA 534 125.83 74.87 -70.49
C GLU GA 534 124.71 75.44 -69.63
N ASP GA 535 123.79 76.19 -70.23
CA ASP GA 535 122.81 76.93 -69.48
C ASP GA 535 121.78 76.01 -68.84
N VAL GA 536 121.36 74.96 -69.54
CA VAL GA 536 120.44 74.00 -68.96
C VAL GA 536 121.12 73.09 -67.96
N LYS GA 537 122.45 73.02 -67.99
CA LYS GA 537 123.15 72.21 -67.00
C LYS GA 537 123.12 72.86 -65.64
N LYS GA 538 122.95 74.18 -65.59
CA LYS GA 538 122.84 74.85 -64.29
C LYS GA 538 121.52 74.51 -63.62
N GLY GA 539 120.42 74.58 -64.35
CA GLY GA 539 119.12 74.35 -63.74
C GLY GA 539 118.89 72.92 -63.34
N ILE GA 540 119.34 71.97 -64.17
CA ILE GA 540 119.12 70.56 -63.89
C ILE GA 540 119.91 70.13 -62.66
N LEU GA 541 121.15 70.60 -62.56
CA LEU GA 541 121.96 70.31 -61.39
C LEU GA 541 121.41 70.97 -60.15
N LEU GA 542 121.01 72.23 -60.25
CA LEU GA 542 120.50 72.93 -59.09
C LEU GA 542 119.14 72.44 -58.66
N GLN GA 543 118.36 71.84 -59.55
CA GLN GA 543 117.06 71.33 -59.16
C GLN GA 543 117.21 70.13 -58.25
N LEU GA 544 118.13 69.22 -58.59
CA LEU GA 544 118.39 68.09 -57.71
C LEU GA 544 119.04 68.56 -56.42
N PHE GA 545 119.82 69.63 -56.48
CA PHE GA 545 120.37 70.25 -55.29
C PHE GA 545 119.35 71.25 -54.75
N GLY GA 546 118.23 70.72 -54.28
CA GLY GA 546 117.02 71.49 -54.16
C GLY GA 546 116.75 72.26 -52.88
N GLY GA 547 117.75 72.94 -52.33
CA GLY GA 547 117.56 73.75 -51.13
C GLY GA 547 117.20 72.91 -49.92
N THR GA 548 116.38 73.45 -49.03
CA THR GA 548 115.81 72.67 -47.93
C THR GA 548 114.45 73.27 -47.59
N ASN GA 549 113.83 72.76 -46.54
CA ASN GA 549 112.51 73.20 -46.11
C ASN GA 549 112.70 74.18 -44.95
N LYS GA 550 112.93 75.44 -45.29
CA LYS GA 550 113.15 76.49 -44.29
C LYS GA 550 111.79 76.97 -43.80
N THR GA 551 111.23 76.20 -42.88
CA THR GA 551 109.90 76.46 -42.35
C THR GA 551 110.05 77.08 -40.97
N PHE GA 552 109.28 78.13 -40.71
CA PHE GA 552 109.29 78.79 -39.42
C PHE GA 552 108.36 78.04 -38.47
N THR GA 553 108.29 78.47 -37.22
CA THR GA 553 107.33 77.90 -36.28
C THR GA 553 105.94 78.49 -36.45
N LYS GA 554 105.82 79.80 -36.47
CA LYS GA 554 104.54 80.48 -36.72
C LYS GA 554 104.71 81.33 -37.96
N GLY GA 555 103.85 81.10 -38.95
CA GLY GA 555 103.88 81.87 -40.17
C GLY GA 555 104.89 81.34 -41.17
N GLY GA 556 104.66 81.72 -42.42
CA GLY GA 556 105.59 81.37 -43.49
C GLY GA 556 105.26 80.09 -44.22
N ARG GA 557 105.91 79.00 -43.77
CA ARG GA 557 105.85 77.68 -44.39
C ARG GA 557 106.33 77.74 -45.85
N TYR GA 558 107.60 78.12 -46.00
CA TYR GA 558 108.23 78.28 -47.30
C TYR GA 558 109.20 77.13 -47.52
N ARG GA 559 109.09 76.52 -48.68
CA ARG GA 559 110.02 75.49 -49.10
C ARG GA 559 110.84 76.00 -50.27
N GLY GA 560 112.08 75.53 -50.35
CA GLY GA 560 113.02 76.06 -51.31
C GLY GA 560 112.96 75.40 -52.67
N ASP GA 561 111.86 74.71 -52.95
CA ASP GA 561 111.71 73.95 -54.17
C ASP GA 561 111.47 74.87 -55.35
N ILE GA 562 111.97 74.46 -56.52
CA ILE GA 562 111.86 75.21 -57.73
C ILE GA 562 111.26 74.32 -58.81
N ASN GA 563 111.07 74.88 -60.00
CA ASN GA 563 110.42 74.14 -61.08
C ASN GA 563 110.90 74.70 -62.42
N ILE GA 564 111.90 74.05 -62.99
CA ILE GA 564 112.42 74.45 -64.28
C ILE GA 564 111.63 73.76 -65.38
N LEU GA 565 111.74 74.28 -66.59
CA LEU GA 565 111.09 73.64 -67.73
C LEU GA 565 111.93 73.84 -68.96
N LEU GA 566 111.72 72.96 -69.94
CA LEU GA 566 112.30 73.15 -71.25
C LEU GA 566 111.19 72.99 -72.27
N CYS GA 567 111.31 73.73 -73.37
CA CYS GA 567 110.42 73.58 -74.51
C CYS GA 567 111.15 74.12 -75.73
N GLY GA 568 110.66 73.72 -76.90
CA GLY GA 568 111.24 74.19 -78.14
C GLY GA 568 111.43 73.11 -79.18
N ASP GA 569 112.64 73.01 -79.71
CA ASP GA 569 113.02 72.11 -80.79
C ASP GA 569 112.82 70.67 -80.36
N PRO GA 570 112.12 69.88 -81.18
CA PRO GA 570 111.99 68.45 -80.89
C PRO GA 570 113.32 67.75 -81.11
N SER GA 571 113.43 66.55 -80.51
CA SER GA 571 114.55 65.64 -80.71
C SER GA 571 115.89 66.25 -80.28
N THR GA 572 115.96 66.76 -79.06
CA THR GA 572 117.25 67.21 -78.57
C THR GA 572 117.65 66.37 -77.37
N SER GA 573 117.46 65.05 -77.48
CA SER GA 573 117.62 64.09 -76.39
C SER GA 573 116.80 64.49 -75.18
N LYS GA 574 115.57 64.94 -75.45
CA LYS GA 574 114.64 65.41 -74.43
C LYS GA 574 114.36 64.36 -73.38
N SER GA 575 114.27 63.10 -73.79
CA SER GA 575 113.95 62.02 -72.86
C SER GA 575 115.20 61.47 -72.18
N GLN GA 576 116.29 61.31 -72.94
CA GLN GA 576 117.49 60.69 -72.39
C GLN GA 576 118.16 61.56 -71.35
N ILE GA 577 118.06 62.88 -71.50
CA ILE GA 577 118.47 63.79 -70.45
C ILE GA 577 117.61 63.56 -69.21
N LEU GA 578 116.30 63.43 -69.41
CA LEU GA 578 115.41 63.09 -68.30
C LEU GA 578 115.66 61.69 -67.80
N GLN GA 579 115.99 60.76 -68.70
CA GLN GA 579 116.39 59.43 -68.29
C GLN GA 579 117.68 59.46 -67.49
N TYR GA 580 118.58 60.36 -67.85
CA TYR GA 580 119.82 60.52 -67.10
C TYR GA 580 119.55 61.04 -65.69
N VAL GA 581 118.54 61.90 -65.54
CA VAL GA 581 118.15 62.37 -64.21
C VAL GA 581 117.54 61.24 -63.40
N HIS GA 582 116.74 60.40 -64.06
CA HIS GA 582 116.19 59.23 -63.37
C HIS GA 582 117.27 58.24 -62.99
N LYS GA 583 118.38 58.22 -63.73
CA LYS GA 583 119.49 57.36 -63.37
C LYS GA 583 120.13 57.79 -62.07
N ILE GA 584 120.33 59.09 -61.89
CA ILE GA 584 121.07 59.57 -60.73
C ILE GA 584 120.19 59.78 -59.51
N THR GA 585 118.91 59.54 -59.62
CA THR GA 585 118.08 59.64 -58.42
C THR GA 585 117.67 58.26 -57.96
N PRO GA 586 117.93 57.90 -56.70
CA PRO GA 586 117.56 56.54 -56.25
C PRO GA 586 116.07 56.37 -56.05
N ARG GA 587 115.34 57.43 -55.69
CA ARG GA 587 113.92 57.34 -55.40
C ARG GA 587 113.22 58.49 -56.11
N GLY GA 588 112.54 58.17 -57.21
CA GLY GA 588 111.81 59.15 -58.00
C GLY GA 588 110.69 58.44 -58.73
N VAL GA 589 110.08 59.15 -59.68
CA VAL GA 589 108.96 58.61 -60.44
C VAL GA 589 109.17 58.90 -61.92
N TYR GA 590 108.56 58.06 -62.76
CA TYR GA 590 108.59 58.21 -64.21
C TYR GA 590 107.16 58.35 -64.74
N THR GA 591 106.94 59.36 -65.58
CA THR GA 591 105.60 59.58 -66.10
C THR GA 591 105.27 58.57 -67.18
N SER GA 592 104.00 58.55 -67.59
CA SER GA 592 103.54 57.59 -68.57
C SER GA 592 102.91 58.30 -69.75
N GLY GA 593 102.80 57.58 -70.85
CA GLY GA 593 102.01 58.05 -71.97
C GLY GA 593 100.57 57.62 -71.80
N LYS GA 594 99.76 58.52 -71.21
CA LYS GA 594 98.33 58.35 -70.97
C LYS GA 594 98.02 57.04 -70.22
N GLY GA 595 98.82 56.78 -69.19
CA GLY GA 595 98.53 55.69 -68.29
C GLY GA 595 97.91 56.24 -67.02
N SER GA 596 97.66 57.55 -67.01
CA SER GA 596 97.07 58.23 -65.88
C SER GA 596 96.16 59.33 -66.39
N SER GA 597 95.26 59.79 -65.53
CA SER GA 597 94.25 60.76 -65.89
C SER GA 597 93.87 61.61 -64.68
N ALA GA 598 92.68 62.21 -64.72
CA ALA GA 598 92.18 62.94 -63.55
C ALA GA 598 91.86 62.01 -62.37
N VAL GA 599 91.39 60.80 -62.63
CA VAL GA 599 91.08 59.85 -61.56
C VAL GA 599 92.10 58.72 -61.47
N GLY GA 600 92.92 58.50 -62.49
CA GLY GA 600 93.87 57.40 -62.45
C GLY GA 600 95.16 57.72 -61.74
N LEU GA 601 95.23 58.87 -61.09
CA LEU GA 601 96.41 59.24 -60.33
C LEU GA 601 96.29 58.83 -58.87
N THR GA 602 95.27 59.31 -58.17
CA THR GA 602 95.00 58.91 -56.80
C THR GA 602 93.49 58.68 -56.72
N ALA GA 603 92.98 58.59 -55.48
CA ALA GA 603 91.55 58.52 -55.17
C ALA GA 603 90.91 57.29 -55.79
N TYR GA 604 91.26 56.15 -55.25
CA TYR GA 604 90.94 54.88 -55.88
C TYR GA 604 89.81 54.16 -55.18
N ILE GA 605 88.99 53.50 -56.00
CA ILE GA 605 87.88 52.66 -55.55
C ILE GA 605 88.03 51.28 -56.19
N THR GA 606 89.26 50.94 -56.59
CA THR GA 606 89.54 49.71 -57.28
C THR GA 606 89.22 48.44 -56.52
N ARG GA 607 88.68 47.47 -57.25
CA ARG GA 607 88.31 46.17 -56.72
C ARG GA 607 89.45 45.18 -56.89
N ASP GA 608 90.19 44.98 -55.81
CA ASP GA 608 91.32 44.06 -55.81
C ASP GA 608 90.82 42.63 -55.91
N VAL GA 609 91.69 41.74 -56.40
CA VAL GA 609 91.29 40.38 -56.73
C VAL GA 609 91.43 39.46 -55.52
N ASP GA 610 91.74 40.04 -54.36
CA ASP GA 610 91.93 39.26 -53.14
C ASP GA 610 90.76 39.39 -52.19
N THR GA 611 90.15 40.58 -52.05
CA THR GA 611 89.02 40.74 -51.14
C THR GA 611 87.88 41.60 -51.68
N LYS GA 612 88.01 42.18 -52.88
CA LYS GA 612 86.99 43.04 -53.53
C LYS GA 612 86.61 44.22 -52.64
N GLN GA 613 87.59 44.82 -51.97
CA GLN GA 613 87.32 45.91 -51.06
C GLN GA 613 88.11 47.15 -51.49
N LEU GA 614 88.09 48.15 -50.63
CA LEU GA 614 88.66 49.45 -50.96
C LEU GA 614 90.17 49.44 -50.76
N VAL GA 615 90.88 50.16 -51.63
CA VAL GA 615 92.30 50.40 -51.47
C VAL GA 615 92.64 51.79 -52.01
N LEU GA 616 93.23 52.62 -51.16
CA LEU GA 616 93.66 53.94 -51.57
C LEU GA 616 95.14 53.85 -51.87
N GLU GA 617 95.48 53.81 -53.15
CA GLU GA 617 96.87 53.86 -53.54
C GLU GA 617 97.23 55.30 -53.84
N SER GA 618 98.44 55.68 -53.46
CA SER GA 618 98.87 57.05 -53.59
C SER GA 618 99.10 57.41 -55.05
N GLY GA 619 99.22 58.70 -55.32
CA GLY GA 619 99.59 59.16 -56.63
C GLY GA 619 101.09 59.13 -56.80
N ALA GA 620 101.52 59.22 -58.06
CA ALA GA 620 102.94 59.27 -58.36
C ALA GA 620 103.57 60.55 -57.83
N LEU GA 621 102.79 61.61 -57.69
CA LEU GA 621 103.29 62.86 -57.15
C LEU GA 621 103.67 62.75 -55.69
N VAL GA 622 102.79 62.19 -54.84
CA VAL GA 622 103.17 61.98 -53.45
C VAL GA 622 104.20 60.86 -53.35
N LEU GA 623 104.24 59.96 -54.34
CA LEU GA 623 105.18 58.85 -54.32
C LEU GA 623 106.63 59.29 -54.44
N SER GA 624 106.87 60.48 -54.97
CA SER GA 624 108.23 60.99 -55.13
C SER GA 624 108.62 61.89 -53.97
N ASP GA 625 108.15 61.54 -52.78
CA ASP GA 625 108.52 62.23 -51.56
C ASP GA 625 109.98 61.94 -51.25
N GLY GA 626 110.88 62.74 -51.80
CA GLY GA 626 112.29 62.44 -51.69
C GLY GA 626 112.94 62.28 -53.04
N GLY GA 627 112.44 63.00 -54.03
CA GLY GA 627 113.01 62.96 -55.37
C GLY GA 627 112.57 64.10 -56.26
N VAL GA 628 112.62 63.88 -57.58
CA VAL GA 628 112.15 64.85 -58.56
C VAL GA 628 111.15 64.13 -59.45
N CYS GA 629 109.94 64.68 -59.54
CA CYS GA 629 108.93 64.14 -60.44
C CYS GA 629 109.28 64.50 -61.87
N CYS GA 630 109.49 63.50 -62.71
CA CYS GA 630 109.69 63.75 -64.13
C CYS GA 630 108.38 63.54 -64.87
N ILE GA 631 107.95 64.56 -65.61
CA ILE GA 631 106.64 64.57 -66.24
C ILE GA 631 106.74 65.26 -67.59
N ASP GA 632 105.94 64.79 -68.54
CA ASP GA 632 106.01 65.21 -69.94
C ASP GA 632 104.63 65.41 -70.53
N GLU GA 633 104.60 65.47 -71.87
CA GLU GA 633 103.44 65.67 -72.76
C GLU GA 633 102.44 66.69 -72.22
N PHE GA 634 102.91 67.90 -71.92
CA PHE GA 634 102.05 68.87 -71.27
C PHE GA 634 101.23 69.71 -72.22
N ASP GA 635 101.62 69.79 -73.49
CA ASP GA 635 100.71 70.39 -74.45
C ASP GA 635 99.62 69.43 -74.88
N LYS GA 636 99.78 68.14 -74.59
CA LYS GA 636 98.82 67.11 -74.97
C LYS GA 636 98.11 66.50 -73.78
N MET GA 637 98.36 67.00 -72.56
CA MET GA 637 97.63 66.54 -71.40
C MET GA 637 96.25 67.17 -71.36
N SER GA 638 95.25 66.37 -70.98
CA SER GA 638 93.87 66.81 -71.06
C SER GA 638 93.55 67.79 -69.93
N ASP GA 639 92.44 68.50 -70.09
CA ASP GA 639 92.08 69.56 -69.15
C ASP GA 639 91.09 69.12 -68.11
N SER GA 640 90.59 67.89 -68.19
CA SER GA 640 89.99 67.27 -67.02
C SER GA 640 91.03 67.05 -65.94
N THR GA 641 92.21 66.57 -66.31
CA THR GA 641 93.39 66.65 -65.47
C THR GA 641 94.13 67.94 -65.79
N ARG GA 642 95.42 68.02 -65.41
CA ARG GA 642 96.19 69.27 -65.37
C ARG GA 642 95.44 70.27 -64.49
N SER GA 643 95.00 69.72 -63.38
CA SER GA 643 94.10 70.40 -62.47
C SER GA 643 94.56 70.30 -61.03
N VAL GA 644 95.31 69.26 -60.67
CA VAL GA 644 95.77 69.12 -59.30
C VAL GA 644 97.19 69.64 -59.16
N LEU GA 645 97.92 69.76 -60.26
CA LEU GA 645 99.33 70.16 -60.16
C LEU GA 645 99.47 71.63 -59.81
N HIS GA 646 98.45 72.43 -60.05
CA HIS GA 646 98.38 73.77 -59.49
C HIS GA 646 98.32 73.70 -57.99
N GLU GA 647 97.52 72.77 -57.47
CA GLU GA 647 97.33 72.65 -56.03
C GLU GA 647 98.58 72.14 -55.34
N VAL GA 648 99.32 71.23 -55.97
CA VAL GA 648 100.59 70.85 -55.39
C VAL GA 648 101.61 71.96 -55.59
N MET GA 649 101.42 72.83 -56.58
CA MET GA 649 102.31 73.97 -56.74
C MET GA 649 102.08 75.05 -55.71
N GLU GA 650 100.96 75.01 -54.99
CA GLU GA 650 100.77 76.00 -53.94
C GLU GA 650 100.92 75.43 -52.54
N GLN GA 651 100.19 74.38 -52.18
CA GLN GA 651 100.18 73.93 -50.81
C GLN GA 651 100.89 72.62 -50.60
N GLN GA 652 101.59 72.12 -51.63
CA GLN GA 652 102.39 70.89 -51.58
C GLN GA 652 101.55 69.67 -51.20
N THR GA 653 100.29 69.66 -51.63
CA THR GA 653 99.36 68.65 -51.17
C THR GA 653 98.41 68.21 -52.28
N ILE GA 654 97.67 67.16 -51.97
CA ILE GA 654 96.55 66.70 -52.78
C ILE GA 654 95.33 66.65 -51.87
N SER GA 655 94.27 67.35 -52.26
CA SER GA 655 93.00 67.26 -51.58
C SER GA 655 92.13 66.26 -52.33
N ILE GA 656 91.82 65.14 -51.69
CA ILE GA 656 91.04 64.08 -52.33
C ILE GA 656 89.55 64.29 -52.06
N ALA GA 657 88.80 64.49 -53.13
CA ALA GA 657 87.36 64.66 -53.03
C ALA GA 657 86.64 63.36 -53.37
N LYS GA 658 86.81 62.36 -52.52
CA LYS GA 658 86.20 61.06 -52.73
C LYS GA 658 85.15 60.81 -51.65
N ALA GA 659 84.12 60.04 -52.02
CA ALA GA 659 83.11 59.54 -51.10
C ALA GA 659 83.60 58.42 -50.21
N GLY GA 660 84.86 58.01 -50.33
CA GLY GA 660 85.39 57.13 -49.34
C GLY GA 660 85.88 57.90 -48.13
N ILE GA 661 86.59 59.01 -48.36
CA ILE GA 661 87.41 59.60 -47.32
C ILE GA 661 87.73 61.06 -47.64
N ILE GA 662 88.20 61.78 -46.63
CA ILE GA 662 88.71 63.14 -46.79
C ILE GA 662 90.10 63.23 -46.15
N THR GA 663 91.07 63.77 -46.89
CA THR GA 663 92.44 63.88 -46.40
C THR GA 663 93.18 64.94 -47.20
N THR GA 664 93.79 65.89 -46.50
CA THR GA 664 94.70 66.84 -47.11
C THR GA 664 96.14 66.38 -46.90
N LEU GA 665 96.45 65.22 -47.47
CA LEU GA 665 97.80 64.68 -47.36
C LEU GA 665 98.77 65.49 -48.22
N ASN GA 666 99.95 65.72 -47.66
CA ASN GA 666 100.93 66.58 -48.31
C ASN GA 666 101.72 65.80 -49.36
N ALA GA 667 102.61 66.51 -50.04
CA ALA GA 667 103.50 65.89 -51.02
C ALA GA 667 104.77 66.71 -51.07
N ARG GA 668 105.82 66.19 -50.46
CA ARG GA 668 107.12 66.86 -50.43
C ARG GA 668 107.89 66.49 -51.70
N SER GA 669 107.49 67.10 -52.81
CA SER GA 669 107.98 66.66 -54.11
C SER GA 669 108.36 67.82 -55.01
N SER GA 670 109.24 67.53 -55.96
CA SER GA 670 109.81 68.51 -56.86
C SER GA 670 109.58 68.11 -58.31
N ILE GA 671 109.52 69.12 -59.20
CA ILE GA 671 109.07 68.91 -60.56
C ILE GA 671 109.93 69.64 -61.58
N LEU GA 672 110.00 69.05 -62.77
CA LEU GA 672 110.52 69.69 -63.97
C LEU GA 672 109.54 69.38 -65.10
N ALA GA 673 109.51 70.25 -66.11
CA ALA GA 673 108.54 70.11 -67.19
C ALA GA 673 109.22 70.04 -68.55
N SER GA 674 108.63 69.25 -69.44
CA SER GA 674 109.21 69.02 -70.76
C SER GA 674 108.15 69.06 -71.84
N ALA GA 675 107.93 70.23 -72.43
CA ALA GA 675 106.83 70.38 -73.35
C ALA GA 675 107.20 69.90 -74.74
N ASN GA 676 106.33 70.21 -75.70
CA ASN GA 676 106.49 69.89 -77.11
C ASN GA 676 105.85 70.98 -77.95
N PRO GA 677 106.43 71.31 -79.10
CA PRO GA 677 105.82 72.33 -79.96
C PRO GA 677 104.60 71.78 -80.68
N ILE GA 678 103.93 72.67 -81.40
CA ILE GA 678 102.71 72.31 -82.12
C ILE GA 678 102.96 72.20 -83.62
N GLY GA 679 103.36 73.29 -84.25
CA GLY GA 679 103.52 73.27 -85.70
C GLY GA 679 104.74 72.51 -86.18
N SER GA 680 105.92 73.09 -86.03
CA SER GA 680 107.14 72.36 -86.30
C SER GA 680 108.23 72.68 -85.30
N ARG GA 681 108.13 73.84 -84.67
CA ARG GA 681 109.30 74.49 -84.11
C ARG GA 681 108.87 75.55 -83.13
N TYR GA 682 109.83 76.34 -82.66
CA TYR GA 682 109.52 77.46 -81.79
C TYR GA 682 109.20 78.73 -82.56
N ASN GA 683 109.22 78.67 -83.91
CA ASN GA 683 108.80 79.62 -84.94
C ASN GA 683 109.07 81.08 -84.56
N PRO GA 684 110.34 81.48 -84.52
CA PRO GA 684 110.68 82.77 -83.91
C PRO GA 684 110.28 83.94 -84.79
N ASN GA 685 110.65 85.14 -84.30
CA ASN GA 685 110.08 86.43 -84.70
C ASN GA 685 108.55 86.40 -84.54
N LEU GA 686 108.12 85.73 -83.49
CA LEU GA 686 106.74 85.66 -83.04
C LEU GA 686 106.82 85.64 -81.53
N PRO GA 687 105.82 86.19 -80.84
CA PRO GA 687 105.72 85.92 -79.40
C PRO GA 687 105.46 84.45 -79.17
N VAL GA 688 106.42 83.73 -78.60
CA VAL GA 688 106.38 82.27 -78.59
C VAL GA 688 105.36 81.71 -77.61
N THR GA 689 104.84 82.56 -76.72
CA THR GA 689 103.80 82.15 -75.79
C THR GA 689 102.50 81.78 -76.49
N GLU GA 690 102.22 82.38 -77.65
CA GLU GA 690 101.03 82.01 -78.40
C GLU GA 690 101.16 80.66 -79.09
N ASN GA 691 102.37 80.16 -79.26
CA ASN GA 691 102.52 78.79 -79.76
C ASN GA 691 102.09 77.80 -78.68
N ILE GA 692 102.86 77.72 -77.60
CA ILE GA 692 102.58 76.79 -76.52
C ILE GA 692 101.41 77.32 -75.70
N ASP GA 693 100.22 76.75 -75.93
CA ASP GA 693 99.03 77.17 -75.20
C ASP GA 693 99.06 76.64 -73.77
N LEU GA 694 98.75 77.53 -72.83
CA LEU GA 694 98.97 77.28 -71.41
C LEU GA 694 98.22 78.31 -70.59
N PRO GA 695 97.68 77.92 -69.43
CA PRO GA 695 96.99 78.88 -68.56
C PRO GA 695 97.94 79.91 -67.97
N PRO GA 696 97.67 81.18 -68.20
CA PRO GA 696 98.47 82.27 -67.60
C PRO GA 696 98.46 82.32 -66.08
N PRO GA 697 97.46 81.75 -65.38
CA PRO GA 697 97.69 81.48 -63.95
C PRO GA 697 98.89 80.63 -63.65
N LEU GA 698 99.08 79.50 -64.32
CA LEU GA 698 100.23 78.65 -64.01
C LEU GA 698 101.50 79.17 -64.63
N LEU GA 699 101.42 80.25 -65.41
CA LEU GA 699 102.61 81.02 -65.71
C LEU GA 699 103.28 81.53 -64.44
N SER GA 700 102.49 81.87 -63.42
CA SER GA 700 102.97 82.38 -62.14
C SER GA 700 103.55 81.30 -61.24
N ARG GA 701 103.70 80.08 -61.75
CA ARG GA 701 104.02 78.93 -60.92
C ARG GA 701 105.38 78.33 -61.23
N PHE GA 702 105.84 78.41 -62.46
CA PHE GA 702 107.25 78.15 -62.66
C PHE GA 702 108.03 79.46 -62.55
N ASP GA 703 109.33 79.34 -62.24
CA ASP GA 703 110.15 80.51 -62.01
C ASP GA 703 110.78 81.05 -63.28
N LEU GA 704 111.63 80.27 -63.93
CA LEU GA 704 112.30 80.71 -65.13
C LEU GA 704 112.21 79.61 -66.17
N VAL GA 705 112.06 80.02 -67.41
CA VAL GA 705 111.92 79.11 -68.53
C VAL GA 705 113.20 79.19 -69.32
N TYR GA 706 113.32 78.31 -70.29
CA TYR GA 706 114.21 78.57 -71.41
C TYR GA 706 113.73 77.83 -72.64
N LEU GA 707 114.14 78.35 -73.77
CA LEU GA 707 113.91 77.75 -75.07
C LEU GA 707 115.27 77.32 -75.60
N VAL GA 708 115.32 76.25 -76.27
CA VAL GA 708 116.53 75.93 -77.00
C VAL GA 708 116.47 76.64 -78.34
N LEU GA 709 117.63 76.84 -78.95
CA LEU GA 709 117.74 77.55 -80.21
C LEU GA 709 118.00 76.59 -81.35
N ASP GA 710 117.81 77.08 -82.58
CA ASP GA 710 118.14 76.32 -83.78
C ASP GA 710 118.34 77.30 -84.93
N LYS GA 711 119.29 76.98 -85.80
CA LYS GA 711 119.47 77.69 -87.06
C LYS GA 711 120.09 76.71 -88.06
N VAL GA 712 120.60 77.25 -89.17
CA VAL GA 712 121.42 76.46 -90.08
C VAL GA 712 122.74 76.19 -89.35
N ASP GA 713 123.43 77.29 -88.97
CA ASP GA 713 124.54 77.28 -88.03
C ASP GA 713 125.68 76.39 -88.47
N GLU GA 714 126.33 76.74 -89.58
CA GLU GA 714 127.17 75.78 -90.29
C GLU GA 714 128.45 75.44 -89.53
N LYS GA 715 128.97 76.36 -88.72
CA LYS GA 715 130.18 76.02 -87.97
C LYS GA 715 129.87 75.12 -86.79
N ASN GA 716 128.64 75.18 -86.27
CA ASN GA 716 128.28 74.39 -85.10
C ASN GA 716 127.64 73.06 -85.45
N ASP GA 717 126.81 73.03 -86.50
CA ASP GA 717 126.22 71.77 -86.94
C ASP GA 717 127.29 70.82 -87.47
N ARG GA 718 128.31 71.37 -88.12
CA ARG GA 718 129.47 70.58 -88.48
C ARG GA 718 130.18 70.06 -87.24
N GLU GA 719 130.30 70.90 -86.22
CA GLU GA 719 130.91 70.48 -84.96
C GLU GA 719 130.05 69.43 -84.26
N LEU GA 720 128.72 69.58 -84.32
CA LEU GA 720 127.84 68.58 -83.74
C LEU GA 720 127.92 67.27 -84.50
N ALA GA 721 128.26 67.32 -85.79
CA ALA GA 721 128.51 66.08 -86.51
C ALA GA 721 129.77 65.40 -86.01
N LYS GA 722 130.77 66.19 -85.57
CA LYS GA 722 132.01 65.61 -85.09
C LYS GA 722 131.81 64.84 -83.80
N HIS GA 723 130.84 65.25 -82.99
CA HIS GA 723 130.49 64.49 -81.79
C HIS GA 723 129.95 63.13 -82.15
N LEU GA 724 129.04 63.09 -83.12
CA LEU GA 724 128.44 61.84 -83.55
C LEU GA 724 129.30 61.12 -84.58
N THR GA 725 130.30 61.80 -85.15
CA THR GA 725 131.41 61.11 -85.79
C THR GA 725 132.08 60.19 -84.80
N ASN GA 726 132.34 60.67 -83.60
CA ASN GA 726 132.85 59.86 -82.52
C ASN GA 726 131.71 59.09 -81.86
N LEU GA 727 131.99 58.55 -80.68
CA LEU GA 727 131.11 57.72 -79.85
C LEU GA 727 130.47 56.56 -80.60
N TYR GA 728 131.15 56.06 -81.58
CA TYR GA 728 130.79 54.80 -82.19
C TYR GA 728 131.95 53.84 -82.23
N LEU GA 729 133.15 54.34 -82.47
CA LEU GA 729 134.33 53.49 -82.59
C LEU GA 729 134.81 53.03 -81.21
N GLU GA 730 135.54 51.92 -81.21
CA GLU GA 730 136.13 51.29 -80.01
C GLU GA 730 135.13 50.98 -78.91
N VAL GA 741 137.06 63.82 -63.04
CA VAL GA 741 136.42 62.62 -62.50
C VAL GA 741 134.96 62.61 -62.89
N LEU GA 742 134.52 61.51 -63.49
CA LEU GA 742 133.16 61.33 -63.96
C LEU GA 742 132.60 60.07 -63.29
N PRO GA 743 132.27 60.13 -62.00
CA PRO GA 743 131.89 58.91 -61.29
C PRO GA 743 130.42 58.57 -61.54
N VAL GA 744 130.02 57.43 -60.98
CA VAL GA 744 128.67 56.92 -61.17
C VAL GA 744 127.94 56.85 -59.83
N GLU GA 745 128.69 56.78 -58.73
CA GLU GA 745 128.14 56.75 -57.38
C GLU GA 745 128.71 57.84 -56.48
N PHE GA 746 129.94 58.28 -56.73
CA PHE GA 746 130.64 59.17 -55.81
C PHE GA 746 130.00 60.55 -55.74
N LEU GA 747 129.55 61.09 -56.88
CA LEU GA 747 128.81 62.33 -56.85
C LEU GA 747 127.41 62.15 -56.29
N THR GA 748 126.85 60.94 -56.37
CA THR GA 748 125.49 60.71 -55.90
C THR GA 748 125.43 60.70 -54.39
N MET GA 749 126.42 60.07 -53.76
CA MET GA 749 126.53 60.17 -52.32
C MET GA 749 127.06 61.52 -51.90
N TYR GA 750 127.66 62.27 -52.82
CA TYR GA 750 128.16 63.61 -52.51
C TYR GA 750 127.01 64.59 -52.34
N ILE GA 751 125.94 64.47 -53.13
CA ILE GA 751 124.81 65.36 -52.93
C ILE GA 751 123.87 64.89 -51.83
N SER GA 752 123.63 63.57 -51.74
CA SER GA 752 122.66 63.08 -50.78
C SER GA 752 123.13 63.20 -49.34
N TYR GA 753 124.44 63.28 -49.12
CA TYR GA 753 124.91 63.81 -47.86
C TYR GA 753 124.61 65.30 -47.77
N ALA GA 754 124.89 66.04 -48.84
CA ALA GA 754 125.02 67.49 -48.77
C ALA GA 754 123.71 68.23 -48.94
N LYS GA 755 122.59 67.60 -48.62
CA LYS GA 755 121.32 68.28 -48.79
C LYS GA 755 120.63 68.59 -47.48
N GLU GA 756 120.97 67.88 -46.41
CA GLU GA 756 120.18 67.90 -45.20
C GLU GA 756 121.06 68.05 -43.97
N HIS GA 757 122.37 68.05 -44.17
CA HIS GA 757 123.26 68.08 -43.03
C HIS GA 757 123.60 69.51 -42.67
N ILE GA 758 124.14 70.26 -43.62
CA ILE GA 758 124.43 71.66 -43.37
C ILE GA 758 123.36 72.50 -44.04
N HIS GA 759 122.66 73.30 -43.25
CA HIS GA 759 121.61 74.18 -43.73
C HIS GA 759 122.12 75.60 -43.63
N PRO GA 760 122.52 76.21 -44.74
CA PRO GA 760 123.39 77.39 -44.68
C PRO GA 760 122.62 78.66 -44.37
N ILE GA 761 123.40 79.73 -44.16
CA ILE GA 761 122.94 80.96 -43.55
C ILE GA 761 122.73 82.02 -44.62
N ILE GA 762 122.30 83.20 -44.20
CA ILE GA 762 122.19 84.35 -45.10
C ILE GA 762 122.59 85.61 -44.35
N THR GA 763 123.47 86.41 -44.94
CA THR GA 763 123.96 87.64 -44.32
C THR GA 763 123.59 88.86 -45.14
N GLU GA 764 123.97 90.04 -44.63
CA GLU GA 764 123.73 91.32 -45.29
C GLU GA 764 124.50 91.46 -46.59
N ALA GA 765 125.56 90.68 -46.78
CA ALA GA 765 126.42 90.78 -47.96
C ALA GA 765 125.70 90.44 -49.25
N ALA GA 766 124.58 89.74 -49.18
CA ALA GA 766 123.79 89.44 -50.36
C ALA GA 766 122.69 90.46 -50.59
N LYS GA 767 122.04 90.91 -49.53
CA LYS GA 767 120.86 91.75 -49.64
C LYS GA 767 121.15 93.14 -50.19
N THR GA 768 122.37 93.63 -50.01
CA THR GA 768 122.71 94.94 -50.53
C THR GA 768 122.80 94.94 -52.05
N GLU GA 769 123.45 93.92 -52.61
CA GLU GA 769 123.44 93.75 -54.06
C GLU GA 769 122.08 93.32 -54.58
N LEU GA 770 121.30 92.62 -53.74
CA LEU GA 770 120.02 92.08 -54.17
C LEU GA 770 119.03 93.18 -54.50
N VAL GA 771 118.93 94.19 -53.63
CA VAL GA 771 118.08 95.31 -53.96
C VAL GA 771 118.65 96.16 -55.07
N ARG GA 772 119.98 96.12 -55.27
CA ARG GA 772 120.58 96.87 -56.36
C ARG GA 772 120.23 96.27 -57.71
N ALA GA 773 119.92 94.97 -57.73
CA ALA GA 773 119.48 94.36 -58.97
C ALA GA 773 118.06 94.76 -59.33
N TYR GA 774 117.14 94.73 -58.37
CA TYR GA 774 115.74 94.82 -58.75
C TYR GA 774 115.32 96.24 -59.07
N VAL GA 775 115.94 97.23 -58.43
CA VAL GA 775 115.58 98.62 -58.70
C VAL GA 775 115.99 99.03 -60.11
N GLY GA 776 116.97 98.36 -60.70
CA GLY GA 776 117.30 98.57 -62.09
C GLY GA 776 116.47 97.65 -62.95
N MET GA 777 116.01 96.55 -62.36
CA MET GA 777 115.14 95.65 -63.10
C MET GA 777 113.75 96.25 -63.29
N ARG GA 778 113.30 97.05 -62.33
CA ARG GA 778 112.03 97.74 -62.51
C ARG GA 778 112.15 98.89 -63.49
N LYS GA 779 113.37 99.35 -63.77
CA LYS GA 779 113.59 100.42 -64.72
C LYS GA 779 113.34 99.94 -66.15
N ALA GA 793 107.31 90.20 -63.90
CA ALA GA 793 106.47 90.09 -62.71
C ALA GA 793 106.94 91.09 -61.68
N THR GA 794 106.34 91.05 -60.49
CA THR GA 794 106.79 91.93 -59.41
C THR GA 794 107.65 91.18 -58.41
N THR GA 795 107.06 90.21 -57.72
CA THR GA 795 107.72 89.57 -56.59
C THR GA 795 107.81 88.07 -56.74
N ARG GA 796 107.10 87.50 -57.72
CA ARG GA 796 107.28 86.09 -58.06
C ARG GA 796 108.72 85.82 -58.43
N GLN GA 797 109.29 86.69 -59.26
CA GLN GA 797 110.69 86.61 -59.63
C GLN GA 797 111.61 86.85 -58.44
N LEU GA 798 111.15 87.58 -57.43
CA LEU GA 798 112.03 87.92 -56.31
C LEU GA 798 112.14 86.78 -55.32
N GLU GA 799 111.05 86.05 -55.10
CA GLU GA 799 111.11 84.95 -54.16
C GLU GA 799 111.98 83.82 -54.68
N SER GA 800 111.86 83.48 -55.96
CA SER GA 800 112.62 82.36 -56.44
C SER GA 800 114.07 82.71 -56.70
N MET GA 801 114.38 84.00 -56.91
CA MET GA 801 115.74 84.38 -57.30
C MET GA 801 116.73 84.17 -56.18
N ILE GA 802 116.29 84.11 -54.92
CA ILE GA 802 117.20 83.83 -53.84
C ILE GA 802 117.37 82.34 -53.61
N ARG GA 803 116.41 81.52 -54.05
CA ARG GA 803 116.43 80.11 -53.69
C ARG GA 803 117.51 79.39 -54.44
N LEU GA 804 117.60 79.63 -55.75
CA LEU GA 804 118.71 79.08 -56.50
C LEU GA 804 119.99 79.84 -56.21
N ALA GA 805 119.89 81.09 -55.74
CA ALA GA 805 121.07 81.75 -55.22
C ALA GA 805 121.54 81.11 -53.94
N GLU GA 806 120.61 80.64 -53.12
CA GLU GA 806 121.00 79.93 -51.91
C GLU GA 806 121.60 78.57 -52.25
N ALA GA 807 120.98 77.85 -53.18
CA ALA GA 807 121.40 76.48 -53.47
C ALA GA 807 122.75 76.44 -54.18
N HIS GA 808 123.06 77.45 -54.99
CA HIS GA 808 124.38 77.52 -55.60
C HIS GA 808 125.43 77.83 -54.56
N ALA GA 809 125.09 78.67 -53.57
CA ALA GA 809 125.97 78.81 -52.43
C ALA GA 809 126.00 77.53 -51.61
N LYS GA 810 124.91 76.78 -51.61
CA LYS GA 810 124.90 75.51 -50.90
C LYS GA 810 125.66 74.45 -51.66
N MET GA 811 125.81 74.62 -52.98
CA MET GA 811 126.47 73.59 -53.77
C MET GA 811 127.98 73.77 -53.79
N LYS GA 812 128.44 74.93 -54.24
CA LYS GA 812 129.88 75.12 -54.47
C LYS GA 812 130.66 75.30 -53.17
N LEU GA 813 130.02 75.76 -52.10
CA LEU GA 813 130.70 75.98 -50.83
C LEU GA 813 129.78 75.43 -49.75
N LYS GA 814 130.01 74.18 -49.34
CA LYS GA 814 129.07 73.45 -48.48
C LYS GA 814 129.28 73.86 -47.02
N ASN GA 815 129.33 75.17 -46.77
CA ASN GA 815 129.36 75.66 -45.41
C ASN GA 815 128.34 76.76 -45.10
N VAL GA 816 128.46 77.89 -45.79
CA VAL GA 816 127.87 79.17 -45.39
C VAL GA 816 127.38 79.93 -46.61
N VAL GA 817 126.91 81.15 -46.40
CA VAL GA 817 126.41 82.01 -47.47
C VAL GA 817 127.58 82.49 -48.32
N GLU GA 818 127.25 82.96 -49.52
CA GLU GA 818 128.19 83.64 -50.41
C GLU GA 818 127.61 85.01 -50.75
N LEU GA 819 128.49 85.97 -51.06
CA LEU GA 819 128.08 87.28 -51.54
C LEU GA 819 128.19 87.41 -53.05
N GLU GA 820 129.03 86.61 -53.71
CA GLU GA 820 129.19 86.67 -55.15
C GLU GA 820 128.45 85.55 -55.88
N ASP GA 821 127.66 84.76 -55.17
CA ASP GA 821 126.81 83.78 -55.82
C ASP GA 821 125.65 84.41 -56.57
N VAL GA 822 125.44 85.71 -56.42
CA VAL GA 822 124.29 86.33 -57.03
C VAL GA 822 124.58 86.83 -58.44
N GLN GA 823 125.84 86.90 -58.86
CA GLN GA 823 126.10 87.24 -60.26
C GLN GA 823 125.75 86.10 -61.18
N GLU GA 824 125.83 84.85 -60.70
CA GLU GA 824 125.33 83.74 -61.50
C GLU GA 824 123.83 83.56 -61.33
N ALA GA 825 123.26 84.10 -60.27
CA ALA GA 825 121.81 84.17 -60.18
C ALA GA 825 121.26 85.11 -61.23
N VAL GA 826 121.84 86.31 -61.32
CA VAL GA 826 121.40 87.25 -62.35
C VAL GA 826 121.91 86.86 -63.72
N ARG GA 827 122.84 85.90 -63.80
CA ARG GA 827 123.24 85.39 -65.09
C ARG GA 827 122.16 84.51 -65.71
N LEU GA 828 121.53 83.65 -64.92
CA LEU GA 828 120.55 82.75 -65.50
C LEU GA 828 119.23 83.44 -65.78
N ILE GA 829 118.79 84.31 -64.87
CA ILE GA 829 117.50 84.97 -65.09
C ILE GA 829 117.57 86.06 -66.14
N ARG GA 830 118.75 86.60 -66.43
CA ARG GA 830 118.85 87.52 -67.55
C ARG GA 830 118.69 86.77 -68.86
N SER GA 831 119.17 85.53 -68.90
CA SER GA 831 118.91 84.69 -70.05
C SER GA 831 117.47 84.19 -70.07
N ALA GA 832 116.79 84.20 -68.92
CA ALA GA 832 115.38 83.86 -68.92
C ALA GA 832 114.53 84.92 -69.61
N ILE GA 833 114.85 86.19 -69.41
CA ILE GA 833 114.08 87.26 -70.04
C ILE GA 833 114.54 87.56 -71.45
N LYS GA 834 115.56 86.84 -71.95
CA LYS GA 834 115.90 86.99 -73.36
C LYS GA 834 114.87 86.33 -74.26
N ASP GA 835 114.05 85.43 -73.70
CA ASP GA 835 113.04 84.70 -74.46
C ASP GA 835 111.80 85.52 -74.75
N TYR GA 836 111.72 86.77 -74.30
CA TYR GA 836 110.51 87.57 -74.41
C TYR GA 836 110.76 88.96 -75.00
N ALA GA 837 111.51 89.04 -76.10
CA ALA GA 837 111.71 90.32 -76.78
C ALA GA 837 110.68 90.54 -77.88
N THR GA 838 110.26 89.46 -78.54
CA THR GA 838 109.32 89.45 -79.68
C THR GA 838 109.71 90.41 -80.81
N GLN GA 851 98.86 89.36 -75.92
CA GLN GA 851 97.44 89.23 -75.59
C GLN GA 851 97.23 88.73 -74.18
N THR GA 852 97.92 87.65 -73.82
CA THR GA 852 97.78 87.04 -72.50
C THR GA 852 98.37 87.90 -71.38
N GLY GA 853 99.70 88.07 -71.37
CA GLY GA 853 100.34 89.01 -70.48
C GLY GA 853 100.73 90.30 -71.15
N LYS GA 854 100.27 90.50 -72.38
CA LYS GA 854 100.60 91.64 -73.20
C LYS GA 854 99.35 92.43 -73.53
N SER GA 855 99.50 93.73 -73.73
CA SER GA 855 98.38 94.64 -73.94
C SER GA 855 98.61 95.65 -75.05
N VAL GA 856 99.66 95.48 -75.87
CA VAL GA 856 99.93 96.42 -76.95
C VAL GA 856 98.87 96.32 -78.03
N ILE GA 857 98.50 95.10 -78.40
CA ILE GA 857 97.31 94.89 -79.23
C ILE GA 857 96.04 95.20 -78.45
N GLN GA 858 96.08 95.14 -77.12
CA GLN GA 858 94.88 95.38 -76.32
C GLN GA 858 94.75 96.84 -75.90
N ARG GA 859 95.69 97.71 -76.27
CA ARG GA 859 95.42 99.13 -76.11
C ARG GA 859 94.81 99.71 -77.38
N LYS GA 860 94.77 98.94 -78.46
CA LYS GA 860 94.16 99.43 -79.69
C LYS GA 860 92.89 98.69 -80.08
N LEU GA 861 92.75 97.42 -79.70
CA LEU GA 861 91.59 96.65 -80.16
C LEU GA 861 90.31 97.07 -79.44
N GLN GA 862 90.39 97.39 -78.16
CA GLN GA 862 89.19 97.84 -77.46
C GLN GA 862 88.83 99.27 -77.83
N GLU GA 863 89.79 100.06 -78.32
CA GLU GA 863 89.49 101.44 -78.66
C GLU GA 863 88.67 101.54 -79.94
N ASP GA 864 89.19 101.01 -81.05
CA ASP GA 864 88.51 101.16 -82.33
C ASP GA 864 87.22 100.33 -82.41
N LEU GA 865 87.11 99.27 -81.61
CA LEU GA 865 85.85 98.54 -81.55
C LEU GA 865 84.82 99.29 -80.72
N SER GA 866 85.27 100.20 -79.86
CA SER GA 866 84.35 101.12 -79.20
C SER GA 866 84.01 102.32 -80.08
N ARG GA 867 84.58 102.39 -81.28
CA ARG GA 867 84.23 103.45 -82.21
C ARG GA 867 83.19 102.98 -83.23
N GLU GA 868 83.31 101.73 -83.69
CA GLU GA 868 82.43 101.21 -84.73
C GLU GA 868 81.01 100.93 -84.25
N ILE GA 869 80.73 101.08 -82.96
CA ILE GA 869 79.37 101.01 -82.46
C ILE GA 869 78.67 102.35 -82.56
N MET GA 870 79.38 103.43 -82.18
CA MET GA 870 78.73 104.73 -82.00
C MET GA 870 78.38 105.39 -83.33
N ASN GA 871 79.00 104.95 -84.43
CA ASN GA 871 78.72 105.60 -85.72
C ASN GA 871 77.40 105.15 -86.31
N VAL GA 872 77.19 103.84 -86.43
CA VAL GA 872 75.99 103.32 -87.08
C VAL GA 872 74.78 103.49 -86.15
N LEU GA 873 75.03 103.50 -84.83
CA LEU GA 873 73.97 103.77 -83.88
C LEU GA 873 73.59 105.25 -83.85
N LYS GA 874 74.36 106.11 -84.52
CA LYS GA 874 73.90 107.48 -84.76
C LYS GA 874 73.33 107.63 -86.18
N ASP GA 875 73.56 106.65 -87.05
CA ASP GA 875 72.92 106.65 -88.37
C ASP GA 875 71.54 105.97 -88.32
N GLN GA 876 71.44 104.87 -87.58
CA GLN GA 876 70.26 104.02 -87.60
C GLN GA 876 69.33 104.39 -86.46
N ALA GA 877 68.05 104.60 -86.79
CA ALA GA 877 67.05 104.93 -85.77
C ALA GA 877 66.74 103.71 -84.89
N SER GA 878 66.93 102.52 -85.42
CA SER GA 878 66.75 101.29 -84.66
C SER GA 878 68.08 100.82 -84.08
N ASP GA 879 68.03 99.66 -83.42
CA ASP GA 879 69.21 98.95 -82.95
C ASP GA 879 69.49 97.73 -83.81
N SER GA 880 68.93 97.68 -85.00
CA SER GA 880 69.04 96.51 -85.85
C SER GA 880 70.39 96.46 -86.55
N MET GA 881 71.13 95.38 -86.31
CA MET GA 881 72.41 95.16 -86.98
C MET GA 881 72.48 93.70 -87.36
N SER GA 882 72.43 93.42 -88.65
CA SER GA 882 72.40 92.06 -89.14
C SER GA 882 73.81 91.58 -89.43
N PHE GA 883 73.94 90.27 -89.70
CA PHE GA 883 75.25 89.66 -89.79
C PHE GA 883 75.96 90.00 -91.10
N ASN GA 884 75.20 90.22 -92.17
CA ASN GA 884 75.82 90.56 -93.45
C ASN GA 884 76.40 91.97 -93.48
N GLU GA 885 75.96 92.85 -92.57
CA GLU GA 885 76.53 94.19 -92.50
C GLU GA 885 77.86 94.20 -91.79
N LEU GA 886 77.97 93.50 -90.66
CA LEU GA 886 79.16 93.57 -89.82
C LEU GA 886 80.37 92.90 -90.45
N ILE GA 887 80.18 91.84 -91.24
CA ILE GA 887 81.30 91.32 -92.04
C ILE GA 887 81.73 92.33 -93.09
N LYS GA 888 80.79 93.10 -93.64
CA LYS GA 888 81.07 94.06 -94.70
C LYS GA 888 81.20 95.47 -94.14
N GLN GA 889 81.55 95.59 -92.86
CA GLN GA 889 81.86 96.90 -92.28
C GLN GA 889 83.22 96.91 -91.62
N ILE GA 890 83.56 95.87 -90.85
CA ILE GA 890 84.71 95.93 -89.96
C ILE GA 890 85.86 95.01 -90.37
N ASN GA 891 85.67 94.16 -91.37
CA ASN GA 891 86.76 93.34 -91.88
C ASN GA 891 87.65 94.13 -92.84
N GLU GA 892 87.18 95.27 -93.33
CA GLU GA 892 87.87 95.99 -94.39
C GLU GA 892 88.07 97.48 -94.12
N HIS GA 893 87.58 98.00 -92.98
CA HIS GA 893 87.97 99.33 -92.56
C HIS GA 893 89.45 99.42 -92.26
N SER GA 894 90.02 98.35 -91.71
CA SER GA 894 91.44 98.27 -91.40
C SER GA 894 91.89 96.82 -91.49
N GLN GA 895 93.12 96.61 -91.96
CA GLN GA 895 93.67 95.27 -92.09
C GLN GA 895 94.62 94.91 -90.96
N ASP GA 896 94.41 95.47 -89.77
CA ASP GA 896 95.24 95.17 -88.61
C ASP GA 896 94.63 94.11 -87.70
N ARG GA 897 93.41 93.69 -87.99
CA ARG GA 897 92.70 92.72 -87.16
C ARG GA 897 92.40 91.47 -87.99
N VAL GA 898 92.41 90.32 -87.33
CA VAL GA 898 92.17 89.04 -88.00
C VAL GA 898 90.70 88.94 -88.39
N GLU GA 899 90.39 88.03 -89.31
CA GLU GA 899 89.07 87.97 -89.92
C GLU GA 899 88.00 87.43 -88.99
N SER GA 900 88.14 86.20 -88.50
CA SER GA 900 87.12 85.58 -87.68
C SER GA 900 87.68 84.94 -86.41
N SER GA 901 88.98 85.04 -86.19
CA SER GA 901 89.56 84.41 -85.00
C SER GA 901 89.31 85.22 -83.74
N ASP GA 902 89.15 86.54 -83.85
CA ASP GA 902 88.95 87.38 -82.67
C ASP GA 902 87.70 88.25 -82.75
N ILE GA 903 86.91 88.18 -83.83
CA ILE GA 903 85.69 88.98 -83.89
C ILE GA 903 84.54 88.29 -83.17
N GLN GA 904 84.59 86.97 -83.00
CA GLN GA 904 83.56 86.29 -82.25
C GLN GA 904 83.72 86.53 -80.76
N GLU GA 905 84.96 86.53 -80.26
CA GLU GA 905 85.24 86.88 -78.88
C GLU GA 905 85.19 88.38 -78.65
N ALA GA 906 85.11 89.18 -79.72
CA ALA GA 906 84.97 90.63 -79.56
C ALA GA 906 83.60 91.00 -79.02
N LEU GA 907 82.59 90.18 -79.28
CA LEU GA 907 81.22 90.53 -78.93
C LEU GA 907 80.77 89.95 -77.60
N SER GA 908 81.50 88.97 -77.06
CA SER GA 908 81.08 88.35 -75.80
C SER GA 908 81.31 89.28 -74.61
N ARG GA 909 82.31 90.15 -74.71
CA ARG GA 909 82.54 91.20 -73.71
C ARG GA 909 81.55 92.35 -73.86
N LEU GA 910 81.04 92.59 -75.07
CA LEU GA 910 79.97 93.56 -75.27
C LEU GA 910 78.63 92.99 -74.84
N GLN GA 911 78.52 91.65 -74.84
CA GLN GA 911 77.40 90.99 -74.21
C GLN GA 911 77.38 91.24 -72.71
N GLN GA 912 78.57 91.40 -72.10
CA GLN GA 912 78.66 91.68 -70.68
C GLN GA 912 78.58 93.18 -70.36
N GLU GA 913 78.86 94.06 -71.33
CA GLU GA 913 78.96 95.49 -71.08
C GLU GA 913 77.77 96.28 -71.60
N ASP GA 914 76.54 95.76 -71.37
CA ASP GA 914 75.24 96.41 -71.61
C ASP GA 914 75.12 97.10 -72.97
N LYS GA 915 75.55 96.38 -74.01
CA LYS GA 915 75.40 96.89 -75.36
C LYS GA 915 74.45 96.06 -76.21
N VAL GA 916 74.75 94.78 -76.40
CA VAL GA 916 74.14 94.00 -77.46
C VAL GA 916 73.63 92.67 -76.93
N ILE GA 917 73.01 91.88 -77.81
CA ILE GA 917 72.55 90.53 -77.50
C ILE GA 917 72.75 89.66 -78.72
N VAL GA 918 72.73 88.34 -78.50
CA VAL GA 918 72.96 87.34 -79.55
C VAL GA 918 71.62 86.70 -79.93
N LEU GA 919 71.37 86.62 -81.25
CA LEU GA 919 70.18 85.91 -81.71
C LEU GA 919 70.51 85.01 -82.91
N GLY GA 920 71.50 84.13 -82.77
CA GLY GA 920 71.85 83.21 -83.82
C GLY GA 920 72.95 83.74 -84.72
N GLU GA 921 73.14 83.11 -85.88
CA GLU GA 921 74.11 83.60 -86.85
C GLU GA 921 73.42 84.53 -87.85
N GLY GA 922 72.68 85.50 -87.33
CA GLY GA 922 71.91 86.44 -88.11
C GLY GA 922 71.72 87.78 -87.41
N VAL GA 923 70.46 88.16 -87.25
CA VAL GA 923 69.99 89.40 -86.64
C VAL GA 923 70.48 89.50 -85.19
N ARG GA 924 70.78 90.72 -84.75
CA ARG GA 924 71.14 91.06 -83.37
C ARG GA 924 70.18 92.10 -82.82
N ARG GA 925 70.55 92.65 -81.66
CA ARG GA 925 69.79 93.70 -80.99
C ARG GA 925 70.75 94.53 -80.14
N SER GA 926 70.80 95.84 -80.37
CA SER GA 926 71.84 96.71 -79.83
C SER GA 926 71.29 97.63 -78.73
N VAL GA 927 72.12 98.61 -78.32
CA VAL GA 927 71.81 99.49 -77.19
C VAL GA 927 71.04 100.71 -77.65
N ARG GA 928 70.17 101.22 -76.76
CA ARG GA 928 69.31 102.37 -77.03
C ARG GA 928 69.37 103.34 -75.85
N LEU GA 929 68.87 104.55 -76.10
CA LEU GA 929 68.85 105.60 -75.09
C LEU GA 929 67.44 106.13 -74.87
N ASN HA 24 31.22 16.75 -42.73
CA ASN HA 24 30.09 15.84 -42.84
C ASN HA 24 29.66 15.67 -44.29
N THR HA 25 28.63 14.87 -44.51
CA THR HA 25 28.03 14.74 -45.82
C THR HA 25 26.56 15.11 -45.66
N GLU HA 26 25.77 14.75 -46.65
CA GLU HA 26 24.33 15.00 -46.64
C GLU HA 26 24.03 16.39 -47.18
N ILE HA 27 25.06 17.21 -47.29
CA ILE HA 27 24.92 18.52 -47.87
C ILE HA 27 24.58 18.15 -49.29
N ILE HA 28 25.27 17.10 -49.73
CA ILE HA 28 25.10 16.57 -51.08
C ILE HA 28 23.65 16.26 -51.36
N LYS HA 29 22.92 15.76 -50.38
CA LYS HA 29 21.51 15.50 -50.61
C LYS HA 29 20.70 16.79 -50.57
N SER HA 30 21.28 17.85 -50.02
CA SER HA 30 20.57 19.12 -50.01
C SER HA 30 20.73 19.86 -51.32
N PHE HA 31 21.57 19.38 -52.23
CA PHE HA 31 21.76 20.09 -53.47
C PHE HA 31 21.39 19.31 -54.71
N LYS HA 32 21.60 17.99 -54.70
CA LYS HA 32 21.05 17.19 -55.78
C LYS HA 32 19.54 17.23 -55.77
N ASN HA 33 18.94 17.37 -54.59
CA ASN HA 33 17.52 17.68 -54.47
C ASN HA 33 17.27 19.17 -54.52
N PHE HA 34 18.15 19.95 -55.12
CA PHE HA 34 17.88 21.38 -55.23
C PHE HA 34 18.07 21.95 -56.61
N ILE HA 35 18.93 21.38 -57.45
CA ILE HA 35 19.21 22.01 -58.73
C ILE HA 35 18.41 21.31 -59.82
N LEU HA 36 17.78 20.19 -59.51
CA LEU HA 36 16.90 19.61 -60.52
C LEU HA 36 15.48 20.16 -60.43
N GLU HA 37 15.23 21.20 -59.63
CA GLU HA 37 13.87 21.72 -59.58
C GLU HA 37 13.77 23.22 -59.37
N PHE HA 38 14.86 23.93 -59.19
CA PHE HA 38 14.80 25.38 -59.00
C PHE HA 38 14.36 26.03 -60.29
N ARG HA 39 13.39 26.92 -60.20
CA ARG HA 39 12.83 27.56 -61.37
C ARG HA 39 12.13 28.82 -60.93
N LEU HA 40 11.99 29.75 -61.85
CA LEU HA 40 10.92 30.73 -61.71
C LEU HA 40 9.76 30.17 -62.52
N ASP HA 41 8.75 30.98 -62.82
CA ASP HA 41 7.41 30.47 -63.08
C ASP HA 41 7.32 29.74 -64.42
N SER HA 42 7.50 28.42 -64.33
CA SER HA 42 7.34 27.44 -65.42
C SER HA 42 8.32 27.68 -66.56
N GLN HA 43 9.60 27.59 -66.22
CA GLN HA 43 10.63 27.51 -67.25
C GLN HA 43 11.65 26.41 -66.96
N PHE HA 44 11.74 25.95 -65.72
CA PHE HA 44 12.59 24.79 -65.41
C PHE HA 44 13.98 24.96 -65.99
N ILE HA 45 14.61 26.07 -65.66
CA ILE HA 45 15.91 26.43 -66.21
C ILE HA 45 17.19 25.62 -66.01
N TYR HA 46 17.47 25.01 -64.86
CA TYR HA 46 18.82 24.48 -64.78
C TYR HA 46 18.93 23.12 -65.42
N ARG HA 47 17.86 22.34 -65.44
CA ARG HA 47 17.91 21.20 -66.33
C ARG HA 47 17.84 21.64 -67.78
N ASP HA 48 17.20 22.77 -68.07
CA ASP HA 48 17.11 23.24 -69.44
C ASP HA 48 18.38 23.92 -69.93
N GLN HA 49 19.44 23.96 -69.12
CA GLN HA 49 20.70 24.39 -69.71
C GLN HA 49 21.80 23.36 -69.52
N LEU HA 50 21.72 22.54 -68.48
CA LEU HA 50 22.71 21.48 -68.30
C LEU HA 50 22.60 20.44 -69.39
N ARG HA 51 21.37 20.06 -69.72
CA ARG HA 51 21.08 19.30 -70.93
C ARG HA 51 21.66 19.99 -72.14
N ASN HA 52 21.55 21.30 -72.21
CA ASN HA 52 22.11 22.03 -73.32
C ASN HA 52 23.62 22.20 -73.16
N ASN HA 53 24.20 21.83 -72.02
CA ASN HA 53 25.63 22.04 -71.86
C ASN HA 53 26.40 20.74 -71.83
N ILE HA 54 25.74 19.62 -71.63
CA ILE HA 54 26.43 18.35 -71.78
C ILE HA 54 26.58 17.98 -73.24
N LEU HA 55 25.84 18.64 -74.12
CA LEU HA 55 25.81 18.22 -75.50
C LEU HA 55 27.02 18.75 -76.25
N VAL HA 56 27.09 20.05 -76.42
CA VAL HA 56 28.32 20.69 -76.83
C VAL HA 56 29.22 20.78 -75.62
N LYS HA 57 30.45 20.30 -75.77
CA LYS HA 57 31.25 19.89 -74.61
C LYS HA 57 31.83 21.11 -73.93
N ASN HA 58 31.29 21.46 -72.76
CA ASN HA 58 31.88 22.53 -71.98
C ASN HA 58 32.04 22.16 -70.52
N TYR HA 59 31.04 21.45 -69.99
CA TYR HA 59 30.97 20.99 -68.61
C TYR HA 59 31.09 22.11 -67.58
N SER HA 60 30.14 23.03 -67.55
CA SER HA 60 30.25 24.17 -66.65
C SER HA 60 28.88 24.66 -66.25
N LEU HA 61 28.81 25.44 -65.19
CA LEU HA 61 27.56 25.95 -64.64
C LEU HA 61 27.64 27.45 -64.44
N THR HA 62 26.56 28.03 -63.95
CA THR HA 62 26.53 29.33 -63.32
C THR HA 62 25.45 29.28 -62.24
N VAL HA 63 25.42 30.26 -61.36
CA VAL HA 63 24.29 30.39 -60.46
C VAL HA 63 23.66 31.76 -60.69
N ASN HA 64 22.48 31.99 -60.12
CA ASN HA 64 21.67 33.09 -60.61
C ASN HA 64 21.38 34.23 -59.63
N MET HA 65 20.30 34.04 -58.87
CA MET HA 65 19.78 35.02 -57.94
C MET HA 65 19.70 34.67 -56.46
N GLU HA 66 18.69 35.26 -55.85
CA GLU HA 66 18.40 35.22 -54.42
C GLU HA 66 18.06 33.97 -53.58
N HIS HA 67 17.26 33.00 -54.04
CA HIS HA 67 16.97 32.02 -53.01
C HIS HA 67 18.16 31.12 -52.87
N LEU HA 68 18.95 31.08 -53.95
CA LEU HA 68 20.20 30.35 -53.86
C LEU HA 68 20.91 31.10 -52.73
N ILE HA 69 20.85 32.43 -52.79
CA ILE HA 69 21.36 33.33 -51.78
C ILE HA 69 20.53 33.22 -50.51
N GLY HA 70 19.21 33.08 -50.68
CA GLY HA 70 18.31 33.07 -49.54
C GLY HA 70 18.54 31.88 -48.63
N TYR HA 71 18.57 30.67 -49.18
CA TYR HA 71 18.98 29.54 -48.35
C TYR HA 71 20.44 29.21 -48.54
N ASN HA 72 21.08 29.70 -49.60
CA ASN HA 72 22.50 29.38 -49.75
C ASN HA 72 23.35 30.06 -48.72
N GLU HA 73 22.96 31.23 -48.21
CA GLU HA 73 23.60 31.73 -47.01
C GLU HA 73 23.31 30.81 -45.84
N ASP HA 74 22.10 30.27 -45.76
CA ASP HA 74 21.84 29.24 -44.77
C ASP HA 74 22.63 27.97 -45.07
N ILE HA 75 23.13 27.79 -46.30
CA ILE HA 75 24.21 26.83 -46.47
C ILE HA 75 25.55 27.55 -46.29
N TYR HA 76 25.66 28.83 -46.67
CA TYR HA 76 26.95 29.50 -46.50
C TYR HA 76 27.21 29.87 -45.06
N LYS HA 77 26.20 29.86 -44.20
CA LYS HA 77 26.48 29.95 -42.78
C LYS HA 77 27.06 28.65 -42.25
N LYS HA 78 27.02 27.58 -43.03
CA LYS HA 78 27.92 26.47 -42.79
C LYS HA 78 28.94 26.27 -43.91
N LEU HA 79 28.99 27.18 -44.90
CA LEU HA 79 30.10 27.14 -45.86
C LEU HA 79 31.10 28.27 -45.67
N SER HA 80 30.74 29.36 -44.98
CA SER HA 80 31.69 30.45 -44.73
C SER HA 80 32.88 30.03 -43.89
N ASP HA 81 32.70 28.99 -43.07
CA ASP HA 81 33.79 28.49 -42.24
C ASP HA 81 34.93 27.97 -43.08
N GLU HA 82 34.62 27.33 -44.19
CA GLU HA 82 35.67 26.90 -45.07
C GLU HA 82 35.18 26.86 -46.51
N PRO HA 83 35.05 27.98 -47.21
CA PRO HA 83 34.68 27.95 -48.61
C PRO HA 83 35.84 27.57 -49.51
N SER HA 84 36.56 26.53 -49.14
CA SER HA 84 37.74 26.10 -49.87
C SER HA 84 37.81 24.58 -49.94
N ASP HA 85 36.89 23.89 -49.25
CA ASP HA 85 36.87 22.43 -49.35
C ASP HA 85 35.46 21.93 -49.62
N ILE HA 86 34.47 22.75 -49.30
CA ILE HA 86 33.10 22.32 -49.48
C ILE HA 86 32.48 23.16 -50.59
N ILE HA 87 33.30 23.99 -51.21
CA ILE HA 87 33.00 24.48 -52.54
C ILE HA 87 33.07 23.31 -53.53
N PRO HA 88 34.10 22.43 -53.53
CA PRO HA 88 33.97 21.27 -54.41
C PRO HA 88 33.09 20.17 -53.86
N LEU HA 89 32.44 20.36 -52.71
CA LEU HA 89 31.42 19.41 -52.35
C LEU HA 89 30.13 19.66 -53.11
N PHE HA 90 29.98 20.87 -53.65
CA PHE HA 90 29.09 21.05 -54.79
C PHE HA 90 29.49 20.17 -55.96
N GLU HA 91 30.78 20.09 -56.22
CA GLU HA 91 31.27 19.57 -57.50
C GLU HA 91 31.02 18.08 -57.63
N THR HA 92 31.11 17.33 -56.54
CA THR HA 92 30.81 15.92 -56.60
C THR HA 92 29.35 15.64 -56.85
N ALA HA 93 28.47 16.57 -56.49
CA ALA HA 93 27.05 16.35 -56.64
C ALA HA 93 26.61 16.34 -58.09
N ILE HA 94 26.97 17.36 -58.85
CA ILE HA 94 26.43 17.54 -60.20
C ILE HA 94 26.90 16.48 -61.17
N THR HA 95 27.97 15.76 -60.85
CA THR HA 95 28.27 14.58 -61.64
C THR HA 95 27.24 13.49 -61.40
N GLN HA 96 26.71 13.41 -60.18
CA GLN HA 96 25.73 12.36 -59.91
C GLN HA 96 24.37 12.71 -60.48
N VAL HA 97 24.16 13.98 -60.85
CA VAL HA 97 22.98 14.29 -61.63
C VAL HA 97 23.31 14.26 -63.11
N ALA HA 98 24.59 14.24 -63.44
CA ALA HA 98 24.95 14.21 -64.85
C ALA HA 98 24.66 12.86 -65.47
N LYS HA 99 24.95 11.78 -64.74
CA LYS HA 99 24.75 10.44 -65.29
C LYS HA 99 23.28 10.10 -65.44
N ARG HA 100 22.41 10.80 -64.72
CA ARG HA 100 20.98 10.71 -64.96
C ARG HA 100 20.60 11.23 -66.33
N ILE HA 101 21.40 12.13 -66.91
CA ILE HA 101 21.08 12.69 -68.22
C ILE HA 101 21.97 12.06 -69.29
N SER HA 102 22.67 10.98 -68.94
CA SER HA 102 23.39 10.23 -69.96
C SER HA 102 22.59 9.04 -70.43
N ILE HA 103 22.13 8.20 -69.50
CA ILE HA 103 21.45 6.96 -69.87
C ILE HA 103 20.02 6.94 -69.36
N ASN HA 130 32.73 4.29 -69.62
CA ASN HA 130 32.31 5.60 -69.16
C ASN HA 130 33.38 6.65 -69.41
N SER HA 131 32.96 7.76 -70.02
CA SER HA 131 33.82 8.90 -70.32
C SER HA 131 33.14 10.12 -69.71
N LEU HA 132 33.43 10.39 -68.45
CA LEU HA 132 32.78 11.53 -67.82
C LEU HA 132 33.79 12.32 -67.00
N PRO HA 133 34.06 13.55 -67.37
CA PRO HA 133 34.96 14.36 -66.57
C PRO HA 133 34.24 15.01 -65.42
N THR HA 134 34.96 15.67 -64.54
CA THR HA 134 34.34 16.47 -63.50
C THR HA 134 34.07 17.85 -64.05
N PHE HA 135 33.36 18.66 -63.29
CA PHE HA 135 32.87 19.93 -63.79
C PHE HA 135 33.62 21.06 -63.11
N GLN HA 136 33.19 22.28 -63.38
CA GLN HA 136 33.72 23.44 -62.68
C GLN HA 136 32.57 24.37 -62.37
N LEU HA 137 32.84 25.39 -61.57
CA LEU HA 137 31.82 26.34 -61.16
C LEU HA 137 32.18 27.72 -61.65
N ILE HA 138 31.17 28.53 -61.90
CA ILE HA 138 31.34 29.94 -62.25
C ILE HA 138 30.28 30.72 -61.48
N LEU HA 139 30.67 31.82 -60.86
CA LEU HA 139 29.80 32.55 -59.95
C LEU HA 139 29.39 33.90 -60.54
N ASN HA 140 28.55 34.61 -59.78
CA ASN HA 140 28.14 35.96 -60.09
C ASN HA 140 27.68 36.68 -58.81
N SER HA 141 28.15 37.91 -58.64
CA SER HA 141 27.74 38.77 -57.52
C SER HA 141 28.20 40.17 -57.86
N ASN HA 142 27.43 41.19 -57.45
CA ASN HA 142 27.79 42.56 -57.81
C ASN HA 142 27.20 43.53 -56.78
N ALA HA 143 28.02 43.98 -55.83
CA ALA HA 143 27.53 45.17 -55.14
C ALA HA 143 28.48 46.35 -55.26
N ASN HA 144 29.75 46.20 -54.90
CA ASN HA 144 30.71 47.25 -55.23
C ASN HA 144 32.11 46.67 -55.36
N GLN HA 145 33.10 47.54 -55.30
CA GLN HA 145 34.47 47.16 -55.59
C GLN HA 145 35.40 47.91 -54.67
N ILE HA 146 35.73 47.32 -53.52
CA ILE HA 146 36.82 47.82 -52.69
C ILE HA 146 38.10 47.50 -53.43
N PRO HA 147 38.79 48.50 -53.96
CA PRO HA 147 39.83 48.22 -54.95
C PRO HA 147 41.02 47.44 -54.42
N LEU HA 148 41.83 48.03 -53.56
CA LEU HA 148 42.95 47.28 -53.02
C LEU HA 148 43.25 47.68 -51.58
N ARG HA 149 42.23 47.94 -50.76
CA ARG HA 149 42.49 48.51 -49.45
C ARG HA 149 42.38 47.43 -48.37
N ASP HA 150 41.21 46.82 -48.17
CA ASP HA 150 41.00 46.08 -46.94
C ASP HA 150 41.40 44.64 -47.21
N LEU HA 151 42.68 44.34 -47.06
CA LEU HA 151 43.20 43.13 -47.66
C LEU HA 151 43.96 42.23 -46.69
N ASP HA 152 43.83 42.41 -45.38
CA ASP HA 152 44.36 41.36 -44.51
C ASP HA 152 43.50 41.08 -43.30
N SER HA 153 42.61 42.00 -42.96
CA SER HA 153 41.97 41.90 -41.66
C SER HA 153 40.82 40.92 -41.69
N GLU HA 154 39.79 41.26 -42.45
CA GLU HA 154 38.57 40.47 -42.47
C GLU HA 154 38.35 39.85 -43.83
N HIS HA 155 39.41 39.61 -44.59
CA HIS HA 155 39.22 39.13 -45.93
C HIS HA 155 40.09 37.95 -46.26
N VAL HA 156 40.52 37.20 -45.25
CA VAL HA 156 41.11 35.92 -45.55
C VAL HA 156 39.99 34.91 -45.74
N SER HA 157 39.99 34.26 -46.91
CA SER HA 157 39.00 33.25 -47.31
C SER HA 157 37.55 33.75 -47.22
N LYS HA 158 37.28 34.91 -47.80
CA LYS HA 158 35.91 35.35 -48.04
C LYS HA 158 35.81 35.74 -49.52
N ILE HA 159 34.59 35.97 -49.99
CA ILE HA 159 34.37 36.19 -51.41
C ILE HA 159 34.61 37.66 -51.73
N VAL HA 160 35.54 37.94 -52.62
CA VAL HA 160 35.95 39.30 -52.91
C VAL HA 160 35.61 39.59 -54.36
N ARG HA 161 35.52 40.88 -54.70
CA ARG HA 161 35.31 41.34 -56.06
C ARG HA 161 36.30 42.45 -56.37
N LEU HA 162 37.00 42.34 -57.49
CA LEU HA 162 38.09 43.24 -57.87
C LEU HA 162 37.78 43.87 -59.21
N SER HA 163 38.33 45.05 -59.44
CA SER HA 163 38.37 45.62 -60.78
C SER HA 163 39.81 45.94 -61.16
N GLY HA 164 40.32 45.31 -62.21
CA GLY HA 164 41.71 45.53 -62.57
C GLY HA 164 42.01 45.53 -64.05
N ILE HA 165 43.27 45.78 -64.40
CA ILE HA 165 43.73 45.70 -65.78
C ILE HA 165 44.78 44.62 -65.87
N ILE HA 166 44.52 43.60 -66.66
CA ILE HA 166 45.43 42.47 -66.73
C ILE HA 166 46.55 42.80 -67.69
N ILE HA 167 47.79 42.54 -67.27
CA ILE HA 167 48.94 42.97 -68.04
C ILE HA 167 49.80 41.84 -68.56
N SER HA 168 49.92 40.73 -67.83
CA SER HA 168 50.98 39.80 -68.19
C SER HA 168 50.50 38.38 -68.02
N THR HA 169 50.67 37.60 -69.08
CA THR HA 169 50.27 36.20 -69.10
C THR HA 169 51.53 35.36 -69.04
N SER HA 170 51.48 34.26 -68.31
CA SER HA 170 52.56 33.30 -68.39
C SER HA 170 52.17 32.18 -69.33
N VAL HA 171 53.13 31.30 -69.62
CA VAL HA 171 52.86 30.14 -70.45
C VAL HA 171 52.15 29.12 -69.58
N LEU HA 172 51.48 28.17 -70.21
CA LEU HA 172 50.63 27.23 -69.50
C LEU HA 172 51.47 26.21 -68.76
N SER HA 173 50.81 25.39 -67.96
CA SER HA 173 51.50 24.36 -67.18
C SER HA 173 50.53 23.20 -66.98
N SER HA 174 50.82 22.36 -65.99
CA SER HA 174 49.92 21.25 -65.70
C SER HA 174 50.04 20.83 -64.25
N ARG HA 175 48.91 20.58 -63.62
CA ARG HA 175 48.85 19.82 -62.37
C ARG HA 175 47.82 18.73 -62.58
N ALA HA 176 47.91 17.67 -61.78
CA ALA HA 176 47.06 16.52 -62.01
C ALA HA 176 45.80 16.59 -61.17
N THR HA 177 44.86 15.72 -61.49
CA THR HA 177 43.65 15.62 -60.68
C THR HA 177 43.25 14.18 -60.47
N TYR HA 178 43.88 13.25 -61.18
CA TYR HA 178 43.56 11.84 -60.99
C TYR HA 178 44.81 11.03 -61.25
N LEU HA 179 45.24 10.28 -60.25
CA LEU HA 179 46.53 9.63 -60.29
C LEU HA 179 46.39 8.14 -60.05
N SER HA 180 47.50 7.43 -60.25
CA SER HA 180 47.66 6.03 -59.94
C SER HA 180 49.03 5.78 -59.33
N ILE HA 181 49.05 4.94 -58.31
CA ILE HA 181 50.11 4.94 -57.31
C ILE HA 181 50.56 3.50 -57.10
N MET HA 182 51.88 3.28 -57.16
CA MET HA 182 52.46 1.96 -56.97
C MET HA 182 53.36 1.93 -55.75
N CYS HA 183 53.07 1.01 -54.84
CA CYS HA 183 54.05 0.53 -53.87
C CYS HA 183 55.16 -0.24 -54.57
N ARG HA 184 56.38 -0.15 -54.05
CA ARG HA 184 57.55 -0.59 -54.79
C ARG HA 184 57.72 -2.10 -54.80
N ASN HA 185 57.91 -2.70 -53.63
CA ASN HA 185 58.31 -4.10 -53.54
C ASN HA 185 57.14 -4.95 -53.05
N CYS HA 186 55.99 -4.31 -52.94
CA CYS HA 186 54.83 -4.99 -52.39
C CYS HA 186 53.68 -4.84 -53.38
N ARG HA 187 53.80 -3.84 -54.27
CA ARG HA 187 52.95 -3.63 -55.44
C ARG HA 187 51.47 -3.41 -55.16
N HIS HA 188 51.18 -2.48 -54.25
CA HIS HA 188 49.82 -2.02 -54.03
C HIS HA 188 49.46 -1.08 -55.17
N THR HA 189 48.18 -1.02 -55.51
CA THR HA 189 47.69 -0.08 -56.51
C THR HA 189 46.47 0.64 -55.98
N THR HA 190 46.53 1.97 -55.98
CA THR HA 190 45.40 2.78 -55.57
C THR HA 190 45.25 3.95 -56.52
N SER HA 191 44.32 4.84 -56.20
CA SER HA 191 44.09 6.03 -57.00
C SER HA 191 43.53 7.12 -56.09
N ILE HA 192 44.14 8.30 -56.15
CA ILE HA 192 43.73 9.43 -55.32
C ILE HA 192 43.39 10.59 -56.25
N THR HA 193 42.33 11.30 -55.92
CA THR HA 193 41.93 12.51 -56.63
C THR HA 193 42.18 13.73 -55.77
N ILE HA 194 42.71 14.78 -56.39
CA ILE HA 194 43.09 16.00 -55.69
C ILE HA 194 42.30 17.13 -56.33
N ASN HA 195 41.22 17.55 -55.68
CA ASN HA 195 40.32 18.47 -56.36
C ASN HA 195 40.57 19.94 -56.07
N ASN HA 196 40.33 20.38 -54.85
CA ASN HA 196 40.55 21.78 -54.53
C ASN HA 196 41.61 21.89 -53.46
N PHE HA 197 42.08 23.10 -53.28
CA PHE HA 197 43.37 23.38 -52.70
C PHE HA 197 43.18 24.22 -51.45
N ASN HA 198 44.20 24.25 -50.61
CA ASN HA 198 44.11 24.88 -49.29
C ASN HA 198 43.95 26.38 -49.39
N THR HA 201 48.08 25.08 -55.52
CA THR HA 201 49.48 25.43 -55.37
C THR HA 201 50.34 24.18 -55.17
N GLY HA 202 49.69 23.06 -54.84
CA GLY HA 202 50.39 21.84 -54.52
C GLY HA 202 50.31 21.43 -53.06
N ASN HA 203 50.35 20.11 -52.83
CA ASN HA 203 50.37 19.46 -51.51
C ASN HA 203 49.14 19.83 -50.67
N THR HA 204 47.99 19.38 -51.16
CA THR HA 204 46.83 19.30 -50.28
C THR HA 204 46.95 18.08 -49.38
N VAL HA 205 47.15 16.89 -49.96
CA VAL HA 205 47.47 15.68 -49.22
C VAL HA 205 48.79 15.15 -49.75
N SER HA 206 49.36 14.20 -49.02
CA SER HA 206 50.61 13.59 -49.44
C SER HA 206 50.41 12.10 -49.72
N LEU HA 207 51.49 11.43 -50.08
CA LEU HA 207 51.36 9.99 -50.27
C LEU HA 207 51.89 9.25 -49.05
N PRO HA 208 51.12 8.36 -48.48
CA PRO HA 208 51.52 7.76 -47.19
C PRO HA 208 52.55 6.66 -47.34
N ARG HA 209 52.82 5.93 -46.25
CA ARG HA 209 53.85 4.89 -46.23
C ARG HA 209 53.29 3.48 -46.29
N SER HA 210 51.98 3.31 -46.34
CA SER HA 210 51.34 2.01 -46.17
C SER HA 210 50.91 1.48 -47.53
N CYS HA 211 51.50 0.36 -47.93
CA CYS HA 211 51.10 -0.31 -49.17
C CYS HA 211 50.66 -1.72 -48.85
N ASN HA 235 52.72 -3.54 -47.35
CA ASN HA 235 53.67 -3.96 -46.34
C ASN HA 235 55.10 -3.81 -46.84
N CYS HA 236 55.27 -3.02 -47.89
CA CYS HA 236 56.57 -2.79 -48.47
C CYS HA 236 57.23 -1.60 -47.76
N GLY HA 237 58.37 -1.13 -48.29
CA GLY HA 237 59.21 -0.17 -47.59
C GLY HA 237 58.65 1.24 -47.42
N PRO HA 238 59.43 2.13 -46.79
CA PRO HA 238 58.98 3.54 -46.66
C PRO HA 238 58.98 4.23 -48.01
N ASP HA 239 58.14 5.29 -48.10
CA ASP HA 239 57.75 6.17 -49.21
C ASP HA 239 57.82 5.50 -50.58
N PRO HA 240 57.16 4.35 -50.77
CA PRO HA 240 57.48 3.50 -51.92
C PRO HA 240 56.72 3.92 -53.16
N TYR HA 241 56.20 5.13 -53.15
CA TYR HA 241 55.16 5.51 -54.08
C TYR HA 241 55.72 6.36 -55.21
N ILE HA 242 55.19 6.13 -56.40
CA ILE HA 242 55.71 6.67 -57.64
C ILE HA 242 54.54 7.11 -58.51
N ILE HA 243 54.81 8.04 -59.40
CA ILE HA 243 53.79 8.62 -60.25
C ILE HA 243 53.99 8.09 -61.66
N ILE HA 244 53.14 7.16 -62.06
CA ILE HA 244 53.19 6.67 -63.41
C ILE HA 244 52.52 7.70 -64.30
N HIS HA 245 52.73 7.58 -65.59
CA HIS HA 245 52.00 8.43 -66.52
C HIS HA 245 51.41 7.48 -67.55
N GLU HA 246 50.32 6.84 -67.16
CA GLU HA 246 49.59 5.97 -68.08
C GLU HA 246 48.11 6.24 -67.95
N SER HA 247 47.67 6.53 -66.73
CA SER HA 247 46.27 6.75 -66.43
C SER HA 247 46.22 8.01 -65.56
N SER HA 248 46.12 9.16 -66.21
CA SER HA 248 46.22 10.43 -65.51
C SER HA 248 45.46 11.48 -66.28
N LYS HA 249 44.90 12.42 -65.54
CA LYS HA 249 44.27 13.59 -66.12
C LYS HA 249 45.02 14.81 -65.64
N PHE HA 250 44.78 15.95 -66.28
CA PHE HA 250 45.52 17.15 -65.94
C PHE HA 250 44.68 18.40 -66.10
N ILE HA 251 44.96 19.37 -65.24
CA ILE HA 251 44.38 20.70 -65.30
C ILE HA 251 45.52 21.68 -65.49
N ASP HA 252 45.24 22.86 -66.06
CA ASP HA 252 46.27 23.85 -66.32
C ASP HA 252 46.07 25.10 -65.47
N GLN HA 253 47.17 25.72 -65.07
CA GLN HA 253 47.13 26.94 -64.28
C GLN HA 253 47.82 28.05 -65.05
N GLN HA 254 47.75 29.29 -64.56
CA GLN HA 254 48.24 30.43 -65.35
C GLN HA 254 49.36 31.23 -64.73
N PHE HA 255 49.16 31.72 -63.51
CA PHE HA 255 49.97 32.78 -62.91
C PHE HA 255 50.02 34.01 -63.81
N LEU HA 256 48.85 34.40 -64.29
CA LEU HA 256 48.74 35.71 -64.89
C LEU HA 256 48.68 36.77 -63.80
N LYS HA 257 49.19 37.95 -64.11
CA LYS HA 257 49.37 39.00 -63.11
C LYS HA 257 48.32 40.08 -63.28
N LEU HA 258 47.85 40.61 -62.15
CA LEU HA 258 46.78 41.59 -62.20
C LEU HA 258 47.35 42.92 -61.74
N GLN HA 259 46.83 43.99 -62.34
CA GLN HA 259 47.25 45.34 -62.00
C GLN HA 259 46.04 46.18 -61.66
N GLU HA 260 46.24 47.06 -60.68
CA GLU HA 260 45.22 47.98 -60.22
C GLU HA 260 44.83 48.98 -61.30
N ILE HA 261 43.53 49.23 -61.43
CA ILE HA 261 43.07 50.28 -62.35
C ILE HA 261 43.52 51.65 -61.83
N PRO HA 262 44.25 52.44 -62.64
CA PRO HA 262 45.05 53.56 -62.10
C PRO HA 262 44.28 54.84 -61.84
N GLU HA 263 43.11 54.72 -61.23
CA GLU HA 263 42.30 55.90 -61.05
C GLU HA 263 41.66 56.02 -59.69
N LEU HA 264 41.70 54.99 -58.86
CA LEU HA 264 40.82 54.96 -57.71
C LEU HA 264 41.46 55.49 -56.44
N VAL HA 265 42.76 55.27 -56.23
CA VAL HA 265 43.33 55.80 -55.00
C VAL HA 265 44.51 56.75 -55.29
N PRO HA 266 44.23 58.01 -55.62
CA PRO HA 266 45.32 58.99 -55.73
C PRO HA 266 45.59 59.79 -54.46
N VAL HA 267 46.76 59.62 -53.85
CA VAL HA 267 47.29 60.67 -53.00
C VAL HA 267 48.68 61.02 -53.52
N GLY HA 268 49.61 60.07 -53.40
CA GLY HA 268 50.94 60.21 -53.95
C GLY HA 268 51.56 58.87 -54.31
N GLU HA 269 50.74 57.83 -54.33
CA GLU HA 269 51.26 56.47 -54.33
C GLU HA 269 51.44 55.94 -55.75
N MET HA 270 52.10 54.80 -55.84
CA MET HA 270 52.37 53.92 -56.95
C MET HA 270 51.53 52.65 -56.80
N PRO HA 271 51.07 52.03 -57.88
CA PRO HA 271 50.13 50.92 -57.70
C PRO HA 271 50.85 49.63 -57.39
N ARG HA 272 50.12 48.67 -56.81
CA ARG HA 272 50.67 47.37 -56.48
C ARG HA 272 50.05 46.29 -57.35
N ASN HA 273 50.35 45.04 -57.04
CA ASN HA 273 49.99 43.94 -57.92
C ASN HA 273 49.85 42.64 -57.14
N LEU HA 274 49.02 41.75 -57.68
CA LEU HA 274 48.76 40.45 -57.08
C LEU HA 274 49.02 39.36 -58.11
N THR HA 275 48.63 38.15 -57.77
CA THR HA 275 48.77 37.00 -58.65
C THR HA 275 47.55 36.11 -58.55
N MET HA 276 47.27 35.36 -59.63
CA MET HA 276 46.15 34.44 -59.59
C MET HA 276 46.32 33.32 -60.61
N THR HA 277 45.58 32.24 -60.37
CA THR HA 277 45.51 31.08 -61.26
C THR HA 277 44.07 30.85 -61.69
N CYS HA 278 43.86 29.85 -62.54
CA CYS HA 278 42.51 29.46 -62.92
C CYS HA 278 42.42 28.03 -63.44
N ASP HA 279 41.24 27.64 -63.92
CA ASP HA 279 40.99 26.30 -64.45
C ASP HA 279 40.90 26.43 -65.96
N ARG HA 280 40.89 25.31 -66.69
CA ARG HA 280 41.04 25.28 -68.13
C ARG HA 280 39.82 25.80 -68.86
N TYR HA 281 38.63 25.55 -68.32
CA TYR HA 281 37.48 26.01 -69.10
C TYR HA 281 37.10 27.42 -68.79
N LEU HA 282 38.04 28.20 -68.28
CA LEU HA 282 37.93 29.65 -68.22
C LEU HA 282 39.28 30.31 -68.49
N THR HA 283 40.28 29.56 -68.96
CA THR HA 283 41.55 30.18 -69.30
C THR HA 283 41.55 30.69 -70.73
N ASN HA 284 42.61 31.43 -71.03
CA ASN HA 284 42.85 32.06 -72.32
C ASN HA 284 41.64 32.88 -72.77
N LYS HA 285 41.06 33.61 -71.82
CA LYS HA 285 39.91 34.41 -72.13
C LYS HA 285 40.19 35.89 -72.04
N VAL HA 286 41.44 36.29 -71.84
CA VAL HA 286 41.81 37.69 -71.67
C VAL HA 286 43.06 37.98 -72.47
N ILE HA 287 43.11 39.18 -73.04
CA ILE HA 287 44.30 39.71 -73.66
C ILE HA 287 44.77 40.86 -72.79
N PRO HA 288 46.07 41.18 -72.77
CA PRO HA 288 46.51 42.30 -71.94
C PRO HA 288 46.08 43.62 -72.52
N GLY HA 289 45.61 44.51 -71.64
CA GLY HA 289 45.23 45.85 -72.02
C GLY HA 289 43.75 46.13 -71.92
N THR HA 290 43.06 45.42 -71.01
CA THR HA 290 41.62 45.54 -70.93
C THR HA 290 41.17 45.90 -69.52
N ARG HA 291 39.98 46.45 -69.47
CA ARG HA 291 39.23 46.61 -68.22
C ARG HA 291 38.67 45.25 -67.90
N VAL HA 292 38.68 44.87 -66.63
CA VAL HA 292 38.13 43.59 -66.25
C VAL HA 292 37.65 43.66 -64.81
N THR HA 293 36.75 42.76 -64.47
CA THR HA 293 36.27 42.56 -63.12
C THR HA 293 36.30 41.06 -62.81
N ILE HA 294 36.44 40.72 -61.55
CA ILE HA 294 36.73 39.34 -61.19
C ILE HA 294 36.25 39.07 -59.77
N VAL HA 295 35.88 37.82 -59.50
CA VAL HA 295 35.29 37.43 -58.21
C VAL HA 295 35.86 36.10 -57.76
N GLY HA 296 36.37 36.06 -56.54
CA GLY HA 296 36.99 34.85 -56.06
C GLY HA 296 37.47 34.93 -54.63
N ILE HA 297 38.39 34.02 -54.31
CA ILE HA 297 38.79 33.77 -52.93
C ILE HA 297 40.12 34.48 -52.67
N TYR HA 298 40.51 34.57 -51.40
CA TYR HA 298 41.70 35.31 -51.02
C TYR HA 298 42.59 34.41 -50.16
N SER HA 299 42.76 33.17 -50.59
CA SER HA 299 43.52 32.20 -49.78
C SER HA 299 45.02 32.46 -49.87
N ILE HA 300 45.78 31.66 -49.13
CA ILE HA 300 47.19 31.94 -48.86
C ILE HA 300 48.04 30.71 -49.09
N TYR HA 301 49.08 30.85 -49.91
CA TYR HA 301 50.11 29.83 -50.04
C TYR HA 301 51.37 30.28 -49.34
N ASN HA 302 52.35 29.38 -49.29
CA ASN HA 302 53.63 29.60 -48.61
C ASN HA 302 54.75 29.00 -49.46
N SER HA 303 55.47 29.86 -50.18
CA SER HA 303 56.61 29.40 -50.96
C SER HA 303 57.90 29.51 -50.15
N LYS HA 304 58.73 28.47 -50.24
CA LYS HA 304 60.08 28.48 -49.68
C LYS HA 304 61.12 28.79 -50.75
N ASN HA 305 60.90 29.88 -51.50
CA ASN HA 305 61.72 30.28 -52.66
C ASN HA 305 61.92 29.16 -53.68
N SER HA 319 63.94 36.50 -44.36
CA SER HA 319 62.81 37.41 -44.38
C SER HA 319 61.98 37.30 -43.12
N GLY HA 320 62.63 37.42 -41.97
CA GLY HA 320 61.95 37.51 -40.70
C GLY HA 320 61.25 36.23 -40.27
N VAL HA 321 60.12 36.39 -39.57
CA VAL HA 321 59.37 35.25 -39.06
C VAL HA 321 58.63 34.57 -40.22
N ALA HA 322 57.99 33.43 -39.93
CA ALA HA 322 57.38 32.59 -40.96
C ALA HA 322 56.19 33.31 -41.56
N ILE HA 323 56.46 34.09 -42.59
CA ILE HA 323 55.46 34.88 -43.27
C ILE HA 323 55.19 34.32 -44.65
N ARG HA 324 53.95 34.41 -45.09
CA ARG HA 324 53.48 33.84 -46.33
C ARG HA 324 53.06 34.94 -47.30
N THR HA 325 52.44 34.56 -48.40
CA THR HA 325 52.12 35.60 -49.36
C THR HA 325 50.67 35.57 -49.80
N PRO HA 326 50.16 36.64 -50.38
CA PRO HA 326 48.76 36.63 -50.80
C PRO HA 326 48.61 36.28 -52.26
N TYR HA 327 47.47 35.72 -52.62
CA TYR HA 327 47.11 35.47 -54.00
C TYR HA 327 45.61 35.25 -54.07
N ILE HA 328 45.05 35.41 -55.26
CA ILE HA 328 43.64 35.21 -55.51
C ILE HA 328 43.46 33.89 -56.21
N LYS HA 329 42.47 33.12 -55.78
CA LYS HA 329 42.00 31.96 -56.52
C LYS HA 329 40.74 32.46 -57.16
N ILE HA 330 40.71 32.52 -58.50
CA ILE HA 330 39.57 33.14 -59.15
C ILE HA 330 38.49 32.11 -59.42
N LEU HA 331 37.30 32.60 -59.69
CA LEU HA 331 36.26 31.66 -60.05
C LEU HA 331 35.67 31.97 -61.41
N GLY HA 332 35.23 33.19 -61.63
CA GLY HA 332 34.51 33.51 -62.86
C GLY HA 332 34.74 34.94 -63.28
N ILE HA 333 35.09 35.12 -64.55
CA ILE HA 333 35.30 36.44 -65.09
C ILE HA 333 34.06 36.83 -65.86
N GLN HA 334 33.21 37.61 -65.23
CA GLN HA 334 32.05 38.15 -65.93
C GLN HA 334 32.52 39.51 -66.33
N SER HA 335 33.29 39.54 -67.41
CA SER HA 335 34.03 40.72 -67.79
C SER HA 335 33.17 41.66 -68.60
N ASP HA 336 33.78 42.70 -69.15
CA ASP HA 336 33.17 43.41 -70.26
C ASP HA 336 33.73 42.80 -71.53
N VAL HA 337 33.46 43.40 -72.69
CA VAL HA 337 33.71 42.75 -73.97
C VAL HA 337 35.21 42.63 -74.25
N GLU HA 338 35.56 41.83 -75.25
CA GLU HA 338 36.96 41.47 -75.51
C GLU HA 338 37.80 42.68 -75.86
N THR HA 339 37.21 43.65 -76.57
CA THR HA 339 37.78 44.97 -76.88
C THR HA 339 39.16 44.92 -77.52
N VAL HA 346 37.02 34.33 -82.70
CA VAL HA 346 36.94 35.24 -81.57
C VAL HA 346 35.94 36.36 -81.86
N THR HA 347 35.01 36.10 -82.79
CA THR HA 347 33.95 37.04 -83.15
C THR HA 347 32.56 36.47 -82.94
N MET HA 348 32.37 35.65 -81.90
CA MET HA 348 31.09 35.04 -81.63
C MET HA 348 30.33 35.92 -80.64
N PHE HA 349 29.06 36.17 -80.94
CA PHE HA 349 28.17 36.91 -80.06
C PHE HA 349 26.74 36.60 -80.48
N THR HA 350 25.78 37.25 -79.82
CA THR HA 350 24.38 36.92 -80.07
C THR HA 350 23.88 37.58 -81.35
N GLU HA 351 22.57 37.53 -81.55
CA GLU HA 351 21.99 38.00 -82.81
C GLU HA 351 21.20 39.29 -82.71
N GLU HA 352 20.65 39.64 -81.55
CA GLU HA 352 19.87 40.86 -81.48
C GLU HA 352 20.75 42.10 -81.52
N GLU HA 353 22.04 41.96 -81.23
CA GLU HA 353 22.99 43.03 -81.42
C GLU HA 353 23.07 43.44 -82.88
N GLU HA 354 23.21 42.47 -83.78
CA GLU HA 354 23.38 42.79 -85.20
C GLU HA 354 22.06 43.18 -85.85
N GLU HA 355 20.94 42.90 -85.18
CA GLU HA 355 19.65 43.25 -85.75
C GLU HA 355 19.45 44.76 -85.80
N GLU HA 356 19.75 45.44 -84.69
CA GLU HA 356 19.67 46.89 -84.69
C GLU HA 356 20.74 47.51 -85.58
N PHE HA 357 21.89 46.84 -85.69
CA PHE HA 357 22.99 47.35 -86.49
C PHE HA 357 22.60 47.39 -87.96
N LEU HA 358 21.98 46.32 -88.42
CA LEU HA 358 21.45 46.32 -89.78
C LEU HA 358 20.26 47.26 -89.90
N GLN HA 359 19.52 47.45 -88.82
CA GLN HA 359 18.43 48.42 -88.87
C GLN HA 359 18.95 49.84 -88.85
N LEU HA 360 20.15 50.05 -88.32
CA LEU HA 360 20.74 51.38 -88.41
C LEU HA 360 21.47 51.59 -89.72
N SER HA 361 22.11 50.54 -90.24
CA SER HA 361 22.96 50.68 -91.41
C SER HA 361 22.17 50.89 -92.69
N ARG HA 362 20.86 50.64 -92.68
CA ARG HA 362 20.07 50.94 -93.86
C ARG HA 362 19.71 52.41 -93.92
N ASN HA 363 19.62 53.08 -92.78
CA ASN HA 363 19.40 54.52 -92.79
C ASN HA 363 20.68 55.21 -93.26
N PRO HA 364 20.68 55.83 -94.41
CA PRO HA 364 21.95 56.32 -94.99
C PRO HA 364 22.28 57.73 -94.52
N LYS HA 365 22.45 57.88 -93.20
CA LYS HA 365 22.87 59.16 -92.64
C LYS HA 365 24.06 58.98 -91.72
N LEU HA 366 24.73 57.83 -91.80
CA LEU HA 366 25.80 57.46 -90.88
C LEU HA 366 27.00 58.39 -90.93
N TYR HA 367 27.39 58.83 -92.12
CA TYR HA 367 28.61 59.60 -92.29
C TYR HA 367 28.51 60.99 -91.67
N GLU HA 368 27.34 61.58 -91.67
CA GLU HA 368 27.18 62.90 -91.10
C GLU HA 368 26.77 62.85 -89.64
N ILE HA 369 26.10 61.77 -89.22
CA ILE HA 369 25.60 61.70 -87.86
C ILE HA 369 26.68 61.29 -86.88
N LEU HA 370 27.76 60.69 -87.34
CA LEU HA 370 28.84 60.30 -86.44
C LEU HA 370 29.67 61.48 -86.03
N THR HA 371 29.90 62.41 -86.94
CA THR HA 371 30.72 63.60 -86.73
C THR HA 371 30.14 64.51 -85.66
N ASN HA 372 28.84 64.51 -85.48
CA ASN HA 372 28.27 65.15 -84.31
C ASN HA 372 28.32 64.23 -83.11
N SER HA 373 28.20 62.93 -83.29
CA SER HA 373 28.02 62.05 -82.16
C SER HA 373 29.30 61.42 -81.65
N ILE HA 374 30.39 61.43 -82.42
CA ILE HA 374 31.67 60.94 -81.89
C ILE HA 374 32.10 61.80 -80.72
N ALA HA 375 32.40 63.06 -80.97
CA ALA HA 375 33.03 63.88 -79.95
C ALA HA 375 32.04 64.91 -79.46
N PRO HA 376 31.34 64.65 -78.35
CA PRO HA 376 30.29 65.56 -77.89
C PRO HA 376 30.84 66.80 -77.17
N SER HA 377 32.11 67.09 -77.36
CA SER HA 377 32.81 68.09 -76.58
C SER HA 377 33.83 68.81 -77.44
N ILE HA 378 33.57 68.87 -78.74
CA ILE HA 378 34.52 69.38 -79.72
C ILE HA 378 33.75 70.31 -80.66
N PHE HA 379 34.17 71.58 -80.73
CA PHE HA 379 33.51 72.55 -81.59
C PHE HA 379 33.91 72.29 -83.03
N GLY HA 380 33.09 71.53 -83.74
CA GLY HA 380 33.21 71.45 -85.17
C GLY HA 380 34.38 70.61 -85.64
N ASN HA 381 35.30 71.27 -86.35
CA ASN HA 381 36.54 70.72 -86.88
C ASN HA 381 36.25 69.57 -87.83
N GLU HA 382 35.51 69.87 -88.89
CA GLU HA 382 34.87 68.84 -89.70
C GLU HA 382 35.84 68.04 -90.53
N ASP HA 383 36.91 68.68 -91.01
CA ASP HA 383 37.88 67.97 -91.82
C ASP HA 383 38.69 67.00 -90.98
N ILE HA 384 38.97 67.36 -89.73
CA ILE HA 384 39.76 66.49 -88.89
C ILE HA 384 38.93 65.33 -88.39
N LYS HA 385 37.67 65.60 -88.06
CA LYS HA 385 36.81 64.61 -87.43
C LYS HA 385 36.54 63.43 -88.34
N LYS HA 386 36.45 63.67 -89.64
CA LYS HA 386 36.23 62.59 -90.58
C LYS HA 386 37.47 61.72 -90.74
N ALA HA 387 38.65 62.26 -90.44
CA ALA HA 387 39.86 61.46 -90.58
C ALA HA 387 40.01 60.44 -89.47
N ILE HA 388 39.27 60.57 -88.38
CA ILE HA 388 39.44 59.72 -87.23
C ILE HA 388 38.58 58.47 -87.35
N VAL HA 389 37.39 58.61 -87.92
CA VAL HA 389 36.52 57.46 -88.03
C VAL HA 389 37.04 56.52 -89.10
N CYS HA 390 37.71 57.01 -90.13
CA CYS HA 390 38.29 56.09 -91.09
C CYS HA 390 39.57 55.49 -90.55
N LEU HA 391 40.23 56.16 -89.64
CA LEU HA 391 41.45 55.63 -89.06
C LEU HA 391 41.13 54.47 -88.14
N LEU HA 392 40.00 54.53 -87.46
CA LEU HA 392 39.70 53.52 -86.45
C LEU HA 392 39.40 52.17 -87.09
N MET HA 393 38.76 52.15 -88.26
CA MET HA 393 38.38 50.88 -88.82
C MET HA 393 39.39 50.32 -89.80
N GLY HA 394 39.92 51.13 -90.69
CA GLY HA 394 40.95 50.65 -91.59
C GLY HA 394 40.41 50.08 -92.88
N GLY HA 395 41.30 49.40 -93.59
CA GLY HA 395 40.98 48.82 -94.87
C GLY HA 395 40.97 47.30 -94.86
N SER HA 396 41.99 46.68 -95.44
CA SER HA 396 42.05 45.23 -95.56
C SER HA 396 43.52 44.82 -95.57
N LYS HA 397 43.77 43.61 -96.06
CA LYS HA 397 45.13 43.09 -96.15
C LYS HA 397 45.19 42.04 -97.27
N LYS HA 398 46.10 42.23 -98.20
CA LYS HA 398 46.17 41.33 -99.33
C LYS HA 398 47.39 40.41 -99.22
N ILE HA 399 47.13 39.13 -99.37
CA ILE HA 399 48.18 38.12 -99.33
C ILE HA 399 48.19 37.49 -100.72
N LEU HA 400 47.97 38.36 -101.71
CA LEU HA 400 47.65 38.05 -103.11
C LEU HA 400 48.63 37.05 -103.73
N PRO HA 401 48.18 36.22 -104.68
CA PRO HA 401 48.95 35.01 -105.05
C PRO HA 401 50.28 35.32 -105.73
N ASP HA 402 51.20 35.84 -104.93
CA ASP HA 402 52.60 36.05 -105.22
C ASP HA 402 53.30 36.07 -103.87
N GLY HA 403 54.48 36.66 -103.78
CA GLY HA 403 55.14 36.72 -102.49
C GLY HA 403 54.84 37.94 -101.63
N MET HA 404 54.74 39.11 -102.25
CA MET HA 404 54.72 40.37 -101.53
C MET HA 404 53.34 40.66 -100.97
N ARG HA 405 53.17 41.85 -100.41
CA ARG HA 405 51.88 42.27 -99.88
C ARG HA 405 51.79 43.78 -99.89
N LEU HA 406 50.56 44.27 -99.84
CA LEU HA 406 50.26 45.68 -99.66
C LEU HA 406 50.03 45.93 -98.18
N ARG HA 407 50.15 47.18 -97.77
CA ARG HA 407 49.88 47.55 -96.40
C ARG HA 407 48.55 48.27 -96.33
N GLY HA 408 47.56 47.60 -95.77
CA GLY HA 408 46.24 48.19 -95.61
C GLY HA 408 46.04 48.97 -94.33
N ASP HA 409 46.58 50.19 -94.26
CA ASP HA 409 46.36 51.06 -93.11
C ASP HA 409 46.65 52.51 -93.48
N ILE HA 410 46.18 53.43 -92.64
CA ILE HA 410 46.37 54.86 -92.80
C ILE HA 410 46.90 55.44 -91.50
N ASN HA 411 47.72 56.49 -91.61
CA ASN HA 411 48.35 57.10 -90.43
C ASN HA 411 48.41 58.60 -90.58
N VAL HA 412 47.79 59.30 -89.63
CA VAL HA 412 47.55 60.73 -89.75
C VAL HA 412 48.49 61.48 -88.83
N LEU HA 413 48.58 62.78 -89.05
CA LEU HA 413 49.30 63.70 -88.17
C LEU HA 413 48.48 64.93 -87.91
N LEU HA 414 48.76 65.58 -86.79
CA LEU HA 414 48.12 66.83 -86.41
C LEU HA 414 49.22 67.76 -85.93
N LEU HA 415 49.60 68.74 -86.72
CA LEU HA 415 50.54 69.72 -86.21
C LEU HA 415 49.91 71.10 -86.31
N GLY HA 416 50.14 71.90 -85.29
CA GLY HA 416 49.54 73.22 -85.21
C GLY HA 416 49.81 73.91 -83.89
N ASP HA 417 49.25 75.09 -83.73
CA ASP HA 417 49.48 75.97 -82.59
C ASP HA 417 48.92 75.34 -81.32
N PRO HA 418 49.48 75.68 -80.16
CA PRO HA 418 48.88 75.25 -78.90
C PRO HA 418 47.51 75.89 -78.72
N GLY HA 419 46.59 75.13 -78.16
CA GLY HA 419 45.26 75.64 -77.93
C GLY HA 419 44.33 75.38 -79.09
N THR HA 420 44.51 74.26 -79.78
CA THR HA 420 43.65 73.87 -80.88
C THR HA 420 43.20 72.41 -80.72
N ALA HA 421 43.29 71.90 -79.49
CA ALA HA 421 42.64 70.67 -79.04
C ALA HA 421 43.15 69.42 -79.76
N LYS HA 422 44.38 69.48 -80.25
CA LYS HA 422 45.02 68.28 -80.73
C LYS HA 422 45.39 67.34 -79.60
N SER HA 423 45.55 67.84 -78.38
CA SER HA 423 45.93 66.96 -77.28
C SER HA 423 44.73 66.16 -76.80
N GLN HA 424 43.75 66.85 -76.25
CA GLN HA 424 42.63 66.21 -75.57
C GLN HA 424 41.73 65.44 -76.50
N LEU HA 425 41.85 65.65 -77.81
CA LEU HA 425 41.23 64.77 -78.78
C LEU HA 425 41.82 63.38 -78.72
N LEU HA 426 43.06 63.24 -78.27
CA LEU HA 426 43.70 61.94 -78.37
C LEU HA 426 43.33 61.02 -77.23
N LYS HA 427 43.02 61.56 -76.05
CA LYS HA 427 42.45 60.72 -74.98
C LYS HA 427 41.09 60.20 -75.39
N PHE HA 428 40.42 60.91 -76.29
CA PHE HA 428 39.09 60.54 -76.71
C PHE HA 428 39.10 59.32 -77.62
N VAL HA 429 40.19 59.10 -78.36
CA VAL HA 429 40.20 57.92 -79.19
C VAL HA 429 40.61 56.71 -78.38
N GLU HA 430 41.17 56.91 -77.19
CA GLU HA 430 41.71 55.78 -76.45
C GLU HA 430 40.62 54.91 -75.86
N LYS HA 431 39.59 55.51 -75.27
CA LYS HA 431 38.54 54.71 -74.67
C LYS HA 431 37.65 54.08 -75.71
N VAL HA 432 37.50 54.72 -76.87
CA VAL HA 432 36.61 54.20 -77.88
C VAL HA 432 37.27 53.13 -78.74
N SER HA 433 38.56 52.96 -78.64
CA SER HA 433 39.19 51.95 -79.46
C SER HA 433 38.97 50.58 -78.82
N PRO HA 434 38.97 49.51 -79.61
CA PRO HA 434 39.04 48.18 -79.01
C PRO HA 434 40.31 47.97 -78.22
N ILE HA 435 41.47 48.11 -78.84
CA ILE HA 435 42.73 48.01 -78.15
C ILE HA 435 43.45 49.33 -78.35
N ALA HA 436 43.84 49.96 -77.26
CA ALA HA 436 44.56 51.21 -77.39
C ALA HA 436 45.58 51.28 -76.28
N VAL HA 437 46.71 51.90 -76.58
CA VAL HA 437 47.69 52.23 -75.57
C VAL HA 437 47.87 53.72 -75.63
N TYR HA 438 48.63 54.28 -74.70
CA TYR HA 438 48.83 55.72 -74.67
C TYR HA 438 50.23 55.93 -74.11
N THR HA 439 51.20 56.03 -75.00
CA THR HA 439 52.58 56.19 -74.54
C THR HA 439 53.05 57.58 -74.91
N SER HA 440 52.12 58.51 -75.01
CA SER HA 440 52.37 59.80 -75.65
C SER HA 440 53.21 60.65 -74.73
N GLY HA 441 54.51 60.40 -74.75
CA GLY HA 441 55.43 61.37 -74.20
C GLY HA 441 56.86 60.92 -74.32
N LYS HA 442 57.69 61.78 -74.91
CA LYS HA 442 59.15 61.71 -74.82
C LYS HA 442 59.74 60.42 -75.37
N GLY HA 443 58.97 59.64 -76.14
CA GLY HA 443 59.49 58.44 -76.76
C GLY HA 443 59.65 57.23 -75.87
N SER HA 444 60.08 57.48 -74.62
CA SER HA 444 60.28 56.49 -73.58
C SER HA 444 61.28 55.42 -74.01
N SER HA 445 62.51 55.89 -74.24
CA SER HA 445 63.66 55.07 -74.60
C SER HA 445 63.39 54.25 -75.85
N ALA HA 446 63.38 54.91 -77.01
CA ALA HA 446 62.81 54.37 -78.25
C ALA HA 446 63.41 53.05 -78.69
N ALA HA 447 64.62 52.72 -78.24
CA ALA HA 447 65.10 51.36 -78.44
C ALA HA 447 64.36 50.36 -77.59
N GLY HA 448 63.87 50.77 -76.42
CA GLY HA 448 63.13 49.85 -75.57
C GLY HA 448 61.65 50.04 -75.75
N LEU HA 449 61.26 50.69 -76.84
CA LEU HA 449 59.86 50.76 -77.18
C LEU HA 449 59.37 49.44 -77.77
N THR HA 450 60.19 48.79 -78.59
CA THR HA 450 59.76 47.64 -79.36
C THR HA 450 60.12 46.30 -78.75
N ALA HA 451 61.21 46.22 -77.99
CA ALA HA 451 61.70 44.93 -77.54
C ALA HA 451 62.60 45.14 -76.33
N SER HA 452 62.68 44.14 -75.47
CA SER HA 452 63.58 44.17 -74.33
C SER HA 452 63.97 42.74 -74.01
N VAL HA 453 65.21 42.53 -73.61
CA VAL HA 453 65.68 41.23 -73.16
C VAL HA 453 66.46 41.44 -71.88
N GLN HA 454 66.35 40.49 -70.96
CA GLN HA 454 67.12 40.62 -69.74
C GLN HA 454 67.45 39.24 -69.20
N ARG HA 455 68.38 39.21 -68.25
CA ARG HA 455 68.74 37.99 -67.55
C ARG HA 455 67.56 37.44 -66.77
N ASP HA 456 67.65 36.18 -66.40
CA ASP HA 456 66.49 35.57 -65.81
C ASP HA 456 66.79 35.05 -64.42
N PRO HA 457 65.82 35.13 -63.50
CA PRO HA 457 66.03 34.55 -62.17
C PRO HA 457 66.19 33.05 -62.18
N MET HA 458 65.51 32.34 -63.08
CA MET HA 458 65.67 30.90 -63.25
C MET HA 458 66.40 30.69 -64.56
N THR HA 459 67.42 29.83 -64.53
CA THR HA 459 68.20 29.34 -65.67
C THR HA 459 68.98 30.42 -66.42
N ARG HA 460 68.98 31.67 -65.94
CA ARG HA 460 69.91 32.74 -66.35
C ARG HA 460 69.82 33.04 -67.85
N GLU HA 461 68.61 33.07 -68.37
CA GLU HA 461 68.42 33.00 -69.81
C GLU HA 461 68.01 34.35 -70.40
N PHE HA 462 68.05 34.45 -71.72
CA PHE HA 462 67.73 35.66 -72.48
C PHE HA 462 66.50 35.37 -73.32
N TYR HA 463 65.32 35.72 -72.83
CA TYR HA 463 64.13 35.57 -73.64
C TYR HA 463 63.43 36.90 -73.79
N LEU HA 464 62.43 36.92 -74.66
CA LEU HA 464 61.75 38.17 -75.01
C LEU HA 464 60.59 38.43 -74.07
N GLU HA 465 60.49 39.65 -73.59
CA GLU HA 465 59.45 40.00 -72.63
C GLU HA 465 58.58 41.17 -73.08
N GLY HA 466 59.18 42.31 -73.39
CA GLY HA 466 58.43 43.55 -73.41
C GLY HA 466 58.35 44.20 -74.78
N GLY HA 467 57.39 45.12 -74.91
CA GLY HA 467 57.21 45.88 -76.13
C GLY HA 467 56.01 46.79 -76.06
N ALA HA 468 56.05 47.90 -76.78
CA ALA HA 468 54.86 48.73 -76.90
C ALA HA 468 54.04 48.36 -78.12
N MET HA 469 54.66 47.76 -79.12
CA MET HA 469 53.94 47.46 -80.35
C MET HA 469 53.22 46.12 -80.28
N VAL HA 470 53.91 45.09 -79.78
CA VAL HA 470 53.35 43.74 -79.68
C VAL HA 470 52.13 43.68 -78.77
N LEU HA 471 52.03 44.58 -77.81
CA LEU HA 471 50.82 44.71 -77.03
C LEU HA 471 49.69 45.32 -77.86
N ALA HA 472 50.03 46.17 -78.82
CA ALA HA 472 49.05 47.04 -79.45
C ALA HA 472 48.68 46.62 -80.86
N ASP HA 473 48.56 45.34 -81.13
CA ASP HA 473 48.26 44.89 -82.49
C ASP HA 473 46.75 44.88 -82.73
N GLY HA 474 46.37 45.15 -83.97
CA GLY HA 474 44.99 45.30 -84.35
C GLY HA 474 44.40 46.67 -84.10
N GLY HA 475 45.04 47.49 -83.28
CA GLY HA 475 44.46 48.75 -82.86
C GLY HA 475 45.26 49.96 -83.25
N VAL HA 476 45.55 50.82 -82.28
CA VAL HA 476 46.08 52.13 -82.58
C VAL HA 476 46.90 52.64 -81.40
N VAL HA 477 48.09 53.14 -81.69
CA VAL HA 477 48.92 53.76 -80.67
C VAL HA 477 48.78 55.26 -80.83
N CYS HA 478 49.32 56.02 -79.89
CA CYS HA 478 49.24 57.47 -79.97
C CYS HA 478 50.40 58.09 -79.21
N ILE HA 479 51.20 58.88 -79.90
CA ILE HA 479 52.41 59.45 -79.34
C ILE HA 479 52.45 60.92 -79.71
N ASP HA 480 53.43 61.64 -79.18
CA ASP HA 480 53.55 63.04 -79.53
C ASP HA 480 55.01 63.47 -79.49
N GLU HA 481 55.19 64.80 -79.51
CA GLU HA 481 56.47 65.50 -79.42
C GLU HA 481 57.44 65.03 -80.48
N PHE HA 482 57.14 65.32 -81.73
CA PHE HA 482 58.05 64.91 -82.78
C PHE HA 482 58.97 66.04 -83.19
N ASP HA 483 59.38 66.88 -82.24
CA ASP HA 483 60.44 67.84 -82.50
C ASP HA 483 61.70 67.47 -81.73
N LYS HA 484 61.58 67.33 -80.40
CA LYS HA 484 62.73 67.15 -79.52
C LYS HA 484 63.00 65.69 -79.19
N MET HA 485 62.74 64.79 -80.13
CA MET HA 485 63.29 63.45 -80.04
C MET HA 485 64.06 63.22 -81.31
N ARG HA 486 65.36 63.02 -81.20
CA ARG HA 486 66.20 62.88 -82.38
C ARG HA 486 67.09 61.66 -82.24
N ASP HA 487 67.08 61.09 -81.04
CA ASP HA 487 67.99 60.04 -80.66
C ASP HA 487 67.70 58.75 -81.40
N GLU HA 488 66.57 58.13 -81.12
CA GLU HA 488 66.27 56.83 -81.66
C GLU HA 488 64.83 56.69 -82.12
N ASP HA 489 64.02 57.74 -81.94
CA ASP HA 489 62.60 57.66 -82.24
C ASP HA 489 62.34 57.50 -83.73
N ARG HA 490 63.20 58.06 -84.56
CA ARG HA 490 63.01 57.95 -85.98
C ARG HA 490 63.59 56.65 -86.50
N VAL HA 491 64.71 56.22 -85.92
CA VAL HA 491 65.30 54.95 -86.33
C VAL HA 491 64.53 53.75 -85.78
N ALA HA 492 63.60 53.96 -84.86
CA ALA HA 492 62.78 52.87 -84.37
C ALA HA 492 61.46 52.74 -85.09
N ILE HA 493 60.98 53.79 -85.75
CA ILE HA 493 59.71 53.67 -86.45
C ILE HA 493 59.86 53.46 -87.94
N HIS HA 494 61.07 53.58 -88.49
CA HIS HA 494 61.24 53.39 -89.92
C HIS HA 494 60.97 51.95 -90.34
N GLU HA 495 61.49 50.98 -89.59
CA GLU HA 495 61.19 49.59 -89.84
C GLU HA 495 59.82 49.19 -89.32
N ALA HA 496 59.40 49.73 -88.18
CA ALA HA 496 58.13 49.39 -87.56
C ALA HA 496 56.93 49.79 -88.41
N MET HA 497 57.09 50.82 -89.22
CA MET HA 497 56.12 51.24 -90.21
C MET HA 497 56.56 50.75 -91.59
N GLU HA 498 55.62 50.80 -92.54
CA GLU HA 498 55.72 50.58 -93.99
C GLU HA 498 55.83 49.12 -94.38
N GLN HA 499 56.19 48.23 -93.48
CA GLN HA 499 56.19 46.81 -93.79
C GLN HA 499 55.65 46.00 -92.62
N GLN HA 500 55.74 46.59 -91.43
CA GLN HA 500 55.15 46.09 -90.19
C GLN HA 500 55.68 44.69 -89.84
N THR HA 501 56.97 44.51 -90.04
CA THR HA 501 57.59 43.20 -89.84
C THR HA 501 58.97 43.41 -89.23
N ILE HA 502 59.05 43.31 -87.91
CA ILE HA 502 60.29 43.52 -87.19
C ILE HA 502 60.91 42.17 -86.90
N SER HA 503 62.22 42.16 -86.70
CA SER HA 503 62.86 41.02 -86.09
C SER HA 503 63.99 41.54 -85.23
N ILE HA 504 63.98 41.13 -83.98
CA ILE HA 504 65.02 41.54 -83.06
C ILE HA 504 66.23 40.66 -83.31
N ALA HA 505 67.39 41.26 -83.42
CA ALA HA 505 68.63 40.51 -83.58
C ALA HA 505 69.51 40.65 -82.35
N LYS HA 506 68.89 40.62 -81.18
CA LYS HA 506 69.66 40.70 -79.94
C LYS HA 506 70.18 39.30 -79.62
N ALA HA 507 70.77 39.12 -78.44
CA ALA HA 507 71.65 38.01 -78.11
C ALA HA 507 71.01 36.63 -78.23
N GLY HA 508 69.69 36.55 -78.24
CA GLY HA 508 69.03 35.26 -78.33
C GLY HA 508 68.48 34.99 -79.72
N ILE HA 509 67.22 35.30 -79.90
CA ILE HA 509 66.46 34.87 -81.05
C ILE HA 509 66.52 35.94 -82.13
N THR HA 510 66.23 35.51 -83.35
CA THR HA 510 65.97 36.41 -84.48
C THR HA 510 64.68 35.97 -85.17
N THR HA 511 63.55 36.43 -84.65
CA THR HA 511 62.26 35.96 -85.12
C THR HA 511 61.43 37.12 -85.67
N VAL HA 512 60.78 36.87 -86.79
CA VAL HA 512 59.95 37.87 -87.44
C VAL HA 512 58.56 37.73 -86.85
N LEU HA 513 58.29 38.47 -85.79
CA LEU HA 513 56.97 38.44 -85.19
C LEU HA 513 56.04 39.39 -85.95
N ASN HA 514 54.76 39.02 -86.02
CA ASN HA 514 53.82 39.77 -86.83
C ASN HA 514 53.47 41.09 -86.18
N SER HA 515 53.07 42.04 -87.02
CA SER HA 515 52.63 43.34 -86.56
C SER HA 515 51.64 43.88 -87.58
N ARG HA 516 50.52 44.42 -87.10
CA ARG HA 516 49.53 45.05 -87.96
C ARG HA 516 49.05 46.35 -87.32
N THR HA 517 49.98 47.21 -86.94
CA THR HA 517 49.67 48.37 -86.12
C THR HA 517 49.25 49.58 -86.95
N SER HA 518 48.87 50.65 -86.25
CA SER HA 518 48.35 51.87 -86.83
C SER HA 518 48.73 53.04 -85.94
N VAL HA 519 49.52 53.98 -86.45
CA VAL HA 519 50.08 55.00 -85.58
C VAL HA 519 49.35 56.33 -85.70
N LEU HA 520 49.68 57.25 -84.81
CA LEU HA 520 49.01 58.54 -84.72
C LEU HA 520 49.98 59.43 -83.96
N ALA HA 521 50.14 60.68 -84.38
CA ALA HA 521 51.05 61.58 -83.70
C ALA HA 521 50.53 63.01 -83.74
N ALA HA 522 51.01 63.82 -82.80
CA ALA HA 522 50.61 65.21 -82.71
C ALA HA 522 51.76 66.06 -82.19
N ALA HA 523 52.48 66.71 -83.10
CA ALA HA 523 53.68 67.42 -82.70
C ALA HA 523 53.42 68.92 -82.66
N ASN HA 524 54.51 69.67 -82.51
CA ASN HA 524 54.50 71.11 -82.60
C ASN HA 524 55.51 71.52 -83.66
N PRO HA 525 55.20 72.50 -84.45
CA PRO HA 525 56.24 73.09 -85.32
C PRO HA 525 57.09 74.06 -84.54
N ILE HA 526 57.97 74.78 -85.22
CA ILE HA 526 58.92 75.67 -84.54
C ILE HA 526 58.14 76.88 -84.08
N TYR HA 527 57.58 76.78 -82.87
CA TYR HA 527 56.61 77.65 -82.21
C TYR HA 527 55.49 78.18 -83.11
N GLY HA 528 55.04 77.36 -84.06
CA GLY HA 528 53.76 77.57 -84.73
C GLY HA 528 53.61 78.68 -85.73
N ARG HA 529 53.74 79.93 -85.27
CA ARG HA 529 53.36 81.08 -86.09
C ARG HA 529 54.41 81.38 -87.16
N TYR HA 530 55.69 81.19 -86.82
CA TYR HA 530 56.77 81.50 -87.73
C TYR HA 530 56.83 80.54 -88.91
N ASP HA 531 56.41 79.28 -88.69
CA ASP HA 531 56.25 78.32 -89.78
C ASP HA 531 55.05 78.67 -90.67
N ASP HA 532 54.17 79.55 -90.21
CA ASP HA 532 53.11 80.09 -91.02
C ASP HA 532 53.30 81.57 -91.32
N LEU HA 533 54.54 82.07 -91.17
CA LEU HA 533 54.88 83.43 -91.57
C LEU HA 533 56.23 83.55 -92.26
N LYS HA 534 56.72 82.48 -92.88
CA LYS HA 534 58.04 82.44 -93.49
C LYS HA 534 57.95 81.58 -94.75
N SER HA 535 59.09 81.20 -95.32
CA SER HA 535 59.20 80.08 -96.23
C SER HA 535 58.65 78.82 -95.58
N PRO HA 536 57.93 77.98 -96.33
CA PRO HA 536 57.23 76.85 -95.70
C PRO HA 536 58.11 75.68 -95.31
N GLY HA 537 59.42 75.87 -95.16
CA GLY HA 537 60.26 74.81 -94.65
C GLY HA 537 60.14 74.64 -93.15
N ASP HA 538 61.29 74.49 -92.49
CA ASP HA 538 61.52 74.41 -91.04
C ASP HA 538 60.48 73.67 -90.21
N ASN HA 539 60.08 72.48 -90.66
CA ASN HA 539 59.21 71.63 -89.85
C ASN HA 539 59.96 70.55 -89.09
N ILE HA 540 60.56 69.60 -89.79
CA ILE HA 540 61.48 68.66 -89.20
C ILE HA 540 62.88 69.20 -89.49
N ASP HA 541 63.78 68.97 -88.53
CA ASP HA 541 65.07 69.68 -88.48
C ASP HA 541 65.94 69.41 -89.70
N PHE HA 542 66.00 68.18 -90.19
CA PHE HA 542 66.79 67.88 -91.37
C PHE HA 542 65.95 67.14 -92.43
N GLN HA 543 65.25 66.09 -91.99
CA GLN HA 543 64.79 65.07 -92.92
C GLN HA 543 63.29 65.12 -93.13
N THR HA 544 62.87 64.86 -94.35
CA THR HA 544 61.47 64.80 -94.72
C THR HA 544 61.05 63.36 -94.96
N THR HA 545 61.98 62.44 -94.73
CA THR HA 545 61.74 61.04 -95.06
C THR HA 545 60.71 60.40 -94.16
N ILE HA 546 60.51 60.91 -92.95
CA ILE HA 546 59.35 60.51 -92.17
C ILE HA 546 58.08 61.04 -92.78
N LEU HA 547 58.12 62.23 -93.36
CA LEU HA 547 56.90 62.87 -93.81
C LEU HA 547 56.36 62.21 -95.06
N SER HA 548 57.22 61.56 -95.83
CA SER HA 548 56.74 60.78 -96.95
C SER HA 548 56.12 59.47 -96.50
N ARG HA 549 56.39 59.06 -95.26
CA ARG HA 549 55.88 57.78 -94.80
C ARG HA 549 54.48 57.89 -94.22
N PHE HA 550 54.08 59.08 -93.81
CA PHE HA 550 52.70 59.32 -93.44
C PHE HA 550 52.00 60.05 -94.56
N ASP HA 551 50.73 59.74 -94.76
CA ASP HA 551 49.99 60.33 -95.87
C ASP HA 551 49.21 61.58 -95.46
N MET HA 552 48.36 61.45 -94.45
CA MET HA 552 47.41 62.50 -94.13
C MET HA 552 48.07 63.49 -93.18
N ILE HA 553 48.04 64.77 -93.52
CA ILE HA 553 48.60 65.82 -92.70
C ILE HA 553 47.61 66.98 -92.65
N PHE HA 554 47.19 67.36 -91.46
CA PHE HA 554 46.40 68.56 -91.24
C PHE HA 554 47.33 69.67 -90.78
N ILE HA 555 47.08 70.88 -91.21
CA ILE HA 555 47.78 72.05 -90.71
C ILE HA 555 46.73 73.05 -90.27
N VAL HA 556 46.40 73.07 -88.99
CA VAL HA 556 45.42 74.00 -88.46
C VAL HA 556 46.06 75.36 -88.27
N LYS HA 557 45.25 76.38 -88.03
CA LYS HA 557 45.77 77.73 -87.79
C LYS HA 557 44.88 78.54 -86.85
N ASP HA 558 45.16 79.84 -86.75
CA ASP HA 558 44.39 80.72 -85.89
C ASP HA 558 43.83 81.89 -86.69
N ASP HA 559 42.52 81.93 -86.78
CA ASP HA 559 41.80 82.98 -87.47
C ASP HA 559 41.52 84.11 -86.49
N HIS HA 560 40.59 84.99 -86.85
CA HIS HA 560 40.04 85.92 -85.87
C HIS HA 560 38.57 86.24 -86.13
N ASN HA 561 37.80 85.26 -86.63
CA ASN HA 561 36.41 85.51 -87.01
C ASN HA 561 35.57 85.82 -85.79
N GLU HA 562 34.93 86.98 -85.81
CA GLU HA 562 34.31 87.52 -84.62
C GLU HA 562 32.98 86.86 -84.28
N GLU HA 563 32.46 86.00 -85.14
CA GLU HA 563 31.24 85.31 -84.76
C GLU HA 563 31.47 83.87 -84.35
N ARG HA 564 32.57 83.26 -84.74
CA ARG HA 564 32.81 81.87 -84.38
C ARG HA 564 33.44 81.71 -83.02
N ASP HA 565 34.10 82.74 -82.50
CA ASP HA 565 34.67 82.67 -81.17
C ASP HA 565 33.62 82.81 -80.09
N ILE HA 566 32.64 83.67 -80.32
CA ILE HA 566 31.67 83.99 -79.28
C ILE HA 566 30.75 82.79 -79.05
N SER HA 567 30.46 82.06 -80.12
CA SER HA 567 29.81 80.76 -79.99
C SER HA 567 30.66 79.78 -79.21
N ILE HA 568 31.97 79.78 -79.43
CA ILE HA 568 32.86 78.91 -78.68
C ILE HA 568 32.90 79.35 -77.23
N ALA HA 569 32.99 80.66 -77.01
CA ALA HA 569 32.88 81.19 -75.66
C ALA HA 569 31.50 80.98 -75.10
N ASN HA 570 30.49 80.85 -75.95
CA ASN HA 570 29.19 80.38 -75.48
C ASN HA 570 29.17 78.87 -75.29
N HIS HA 571 30.02 78.14 -76.00
CA HIS HA 571 29.99 76.69 -75.92
C HIS HA 571 30.56 76.16 -74.64
N VAL HA 572 31.76 76.59 -74.25
CA VAL HA 572 32.49 75.88 -73.22
C VAL HA 572 31.99 76.19 -71.83
N ILE HA 573 31.24 77.26 -71.64
CA ILE HA 573 30.66 77.50 -70.33
C ILE HA 573 29.45 76.61 -70.10
N ASN HA 574 28.76 76.21 -71.16
CA ASN HA 574 27.71 75.23 -71.02
C ASN HA 574 28.25 73.87 -70.67
N ILE HA 575 29.46 73.54 -71.15
CA ILE HA 575 30.04 72.23 -70.89
C ILE HA 575 30.88 72.23 -69.64
N HIS HA 576 31.26 73.41 -69.14
CA HIS HA 576 32.05 73.39 -67.93
C HIS HA 576 31.13 73.20 -66.74
N THR HA 577 30.26 74.18 -66.51
CA THR HA 577 29.41 74.17 -65.33
C THR HA 577 27.97 74.39 -65.76
N GLY HA 578 27.06 73.89 -64.95
CA GLY HA 578 25.66 73.80 -65.29
C GLY HA 578 25.34 72.40 -65.75
N ASN HA 579 26.31 71.80 -66.46
CA ASN HA 579 26.23 70.53 -67.21
C ASN HA 579 24.87 70.35 -67.91
N ALA HA 580 24.43 71.42 -68.56
CA ALA HA 580 23.11 71.45 -69.16
C ALA HA 580 23.11 70.71 -70.48
N ASN HA 581 24.24 70.76 -71.19
CA ASN HA 581 24.37 69.97 -72.40
C ASN HA 581 24.50 68.48 -72.11
N ALA HA 582 24.89 68.11 -70.89
CA ALA HA 582 24.78 66.71 -70.48
C ALA HA 582 23.31 66.30 -70.35
N MET HA 583 22.43 67.28 -70.08
CA MET HA 583 21.00 67.01 -70.17
C MET HA 583 20.47 67.22 -71.58
N GLN HA 584 21.11 68.09 -72.36
CA GLN HA 584 20.69 68.28 -73.74
C GLN HA 584 21.09 67.09 -74.62
N ASN HA 585 22.35 66.67 -74.53
CA ASN HA 585 22.81 65.58 -75.37
C ASN HA 585 22.25 64.24 -74.94
N GLN HA 586 21.83 64.11 -73.68
CA GLN HA 586 21.04 62.96 -73.28
C GLN HA 586 19.61 63.02 -73.83
N GLN HA 587 19.14 64.21 -74.20
CA GLN HA 587 17.79 64.32 -74.76
C GLN HA 587 17.78 64.08 -76.27
N GLU HA 588 18.83 64.48 -76.97
CA GLU HA 588 18.94 64.08 -78.37
C GLU HA 588 19.67 62.76 -78.54
N GLU HA 589 20.00 62.07 -77.46
CA GLU HA 589 20.61 60.75 -77.56
C GLU HA 589 19.58 59.71 -77.99
N ASN HA 590 18.44 59.67 -77.30
CA ASN HA 590 17.56 58.51 -77.28
C ASN HA 590 16.77 58.33 -78.56
N GLY HA 591 16.90 59.26 -79.50
CA GLY HA 591 16.35 59.02 -80.82
C GLY HA 591 17.26 59.40 -81.97
N SER HA 592 18.31 60.16 -81.69
CA SER HA 592 19.11 60.71 -82.78
C SER HA 592 20.59 60.43 -82.65
N GLU HA 593 21.14 60.46 -81.44
CA GLU HA 593 22.59 60.34 -81.36
C GLU HA 593 23.00 58.97 -80.80
N ILE HA 594 24.31 58.75 -80.75
CA ILE HA 594 24.88 57.48 -80.32
C ILE HA 594 25.86 57.77 -79.20
N SER HA 595 25.72 57.05 -78.09
CA SER HA 595 26.64 57.19 -76.97
C SER HA 595 27.92 56.41 -77.22
N ILE HA 596 28.79 56.42 -76.22
CA ILE HA 596 30.13 55.86 -76.41
C ILE HA 596 30.10 54.34 -76.39
N GLU HA 597 29.28 53.72 -75.54
CA GLU HA 597 29.31 52.27 -75.43
C GLU HA 597 28.64 51.58 -76.60
N LYS HA 598 27.93 52.31 -77.45
CA LYS HA 598 27.37 51.70 -78.64
C LYS HA 598 28.31 51.77 -79.82
N MET HA 599 29.15 52.80 -79.89
CA MET HA 599 30.09 52.92 -80.98
C MET HA 599 31.15 51.85 -80.97
N LYS HA 600 31.65 51.50 -79.79
CA LYS HA 600 32.69 50.50 -79.67
C LYS HA 600 32.25 49.13 -80.14
N ARG HA 601 31.05 48.73 -79.79
CA ARG HA 601 30.64 47.36 -80.07
C ARG HA 601 30.37 47.12 -81.53
N TYR HA 602 29.99 48.15 -82.28
CA TYR HA 602 29.66 47.85 -83.66
C TYR HA 602 30.86 48.00 -84.58
N ILE HA 603 31.94 48.63 -84.10
CA ILE HA 603 33.12 48.76 -84.94
C ILE HA 603 33.82 47.42 -85.08
N THR HA 604 33.98 46.70 -83.97
CA THR HA 604 34.54 45.36 -84.04
C THR HA 604 33.65 44.39 -84.78
N TYR HA 605 32.35 44.65 -84.84
CA TYR HA 605 31.50 43.79 -85.65
C TYR HA 605 31.65 44.10 -87.12
N CYS HA 606 31.62 45.38 -87.50
CA CYS HA 606 31.63 45.70 -88.92
C CYS HA 606 32.99 45.48 -89.55
N ARG HA 607 34.06 45.61 -88.78
CA ARG HA 607 35.38 45.33 -89.35
C ARG HA 607 35.54 43.84 -89.61
N LEU HA 608 35.10 43.02 -88.68
CA LEU HA 608 35.38 41.59 -88.73
C LEU HA 608 34.32 40.81 -89.50
N LYS HA 609 33.53 41.49 -90.32
CA LYS HA 609 32.60 40.74 -91.15
C LYS HA 609 32.81 40.98 -92.63
N CYS HA 610 32.75 42.22 -93.05
CA CYS HA 610 32.72 42.47 -94.49
C CYS HA 610 34.11 42.76 -95.03
N ALA HA 611 34.26 42.56 -96.34
CA ALA HA 611 35.56 42.66 -97.01
C ALA HA 611 35.35 43.39 -98.33
N PRO HA 612 35.65 44.68 -98.39
CA PRO HA 612 35.30 45.46 -99.57
C PRO HA 612 36.29 45.30 -100.70
N ARG HA 613 35.96 45.94 -101.82
CA ARG HA 613 36.79 46.04 -103.01
C ARG HA 613 36.21 47.19 -103.83
N LEU HA 614 37.06 47.97 -104.47
CA LEU HA 614 36.53 49.08 -105.26
C LEU HA 614 36.23 48.65 -106.68
N SER HA 615 35.28 49.35 -107.30
CA SER HA 615 34.81 48.96 -108.62
C SER HA 615 35.76 49.45 -109.71
N PRO HA 616 35.90 48.69 -110.79
CA PRO HA 616 36.77 49.13 -111.90
C PRO HA 616 36.28 50.36 -112.64
N GLN HA 617 35.05 50.81 -112.40
CA GLN HA 617 34.65 52.10 -112.95
C GLN HA 617 35.35 53.25 -112.25
N ALA HA 618 35.84 53.04 -111.03
CA ALA HA 618 36.59 54.08 -110.36
C ALA HA 618 38.02 54.18 -110.87
N ALA HA 619 38.48 53.18 -111.62
CA ALA HA 619 39.87 53.16 -112.06
C ALA HA 619 40.17 54.28 -113.04
N GLU HA 620 39.19 54.66 -113.84
CA GLU HA 620 39.39 55.83 -114.71
C GLU HA 620 39.34 57.12 -113.92
N LYS HA 621 38.70 57.11 -112.76
CA LYS HA 621 38.45 58.35 -112.04
C LYS HA 621 39.71 58.88 -111.38
N LEU HA 622 40.41 58.02 -110.65
CA LEU HA 622 41.57 58.48 -109.89
C LEU HA 622 42.78 58.69 -110.78
N SER HA 623 42.86 57.95 -111.88
CA SER HA 623 43.96 58.12 -112.81
C SER HA 623 43.91 59.48 -113.46
N SER HA 624 42.72 59.93 -113.83
CA SER HA 624 42.55 61.27 -114.37
C SER HA 624 42.76 62.32 -113.29
N ASN HA 625 42.59 61.94 -112.03
CA ASN HA 625 42.80 62.89 -110.95
C ASN HA 625 44.27 63.17 -110.72
N PHE HA 626 45.12 62.16 -110.79
CA PHE HA 626 46.50 62.31 -110.32
C PHE HA 626 47.35 63.14 -111.27
N VAL HA 627 47.11 63.01 -112.58
CA VAL HA 627 48.01 63.59 -113.57
C VAL HA 627 48.04 65.11 -113.54
N THR HA 628 46.97 65.74 -113.10
CA THR HA 628 47.00 67.17 -112.84
C THR HA 628 47.45 67.49 -111.42
N ILE HA 629 47.30 66.56 -110.48
CA ILE HA 629 47.77 66.77 -109.12
C ILE HA 629 49.29 66.82 -109.07
N ARG HA 630 49.92 65.86 -109.75
CA ARG HA 630 51.36 65.92 -109.96
C ARG HA 630 51.74 67.15 -110.77
N LYS HA 631 50.92 67.54 -111.75
CA LYS HA 631 51.23 68.71 -112.57
C LYS HA 631 51.11 69.99 -111.76
N GLN HA 632 50.13 70.06 -110.85
CA GLN HA 632 50.04 71.18 -109.94
C GLN HA 632 51.26 71.25 -109.03
N LEU HA 633 51.82 70.10 -108.67
CA LEU HA 633 53.13 70.08 -108.06
C LEU HA 633 54.22 70.42 -109.07
N LEU HA 634 54.09 69.97 -110.31
CA LEU HA 634 55.15 70.15 -111.30
C LEU HA 634 55.30 71.61 -111.70
N ILE HA 635 54.19 72.35 -111.69
CA ILE HA 635 54.25 73.78 -111.98
C ILE HA 635 54.86 74.56 -110.82
N ASN HA 636 54.95 73.95 -109.65
CA ASN HA 636 55.45 74.66 -108.48
C ASN HA 636 56.95 74.53 -108.33
N GLU HA 637 57.54 73.43 -108.82
CA GLU HA 637 58.97 73.22 -108.66
C GLU HA 637 59.79 74.12 -109.57
N LEU HA 638 59.24 74.48 -110.74
CA LEU HA 638 59.96 75.34 -111.68
C LEU HA 638 60.05 76.78 -111.18
N GLU HA 639 59.24 77.14 -110.19
CA GLU HA 639 59.30 78.44 -109.54
C GLU HA 639 60.24 78.46 -108.36
N SER HA 640 61.20 77.52 -108.31
CA SER HA 640 62.21 77.37 -107.26
C SER HA 640 61.57 77.21 -105.88
N THR HA 641 60.52 76.40 -105.85
CA THR HA 641 59.81 76.08 -104.61
C THR HA 641 59.96 74.58 -104.34
N GLU HA 642 60.79 74.24 -103.36
CA GLU HA 642 61.03 72.86 -102.97
C GLU HA 642 60.50 72.61 -101.56
N ARG HA 643 60.77 71.41 -101.06
CA ARG HA 643 60.40 71.08 -99.68
C ARG HA 643 61.53 70.39 -98.96
N PRO HA 647 55.75 67.52 -99.17
CA PRO HA 647 56.33 66.58 -100.12
C PRO HA 647 55.33 65.54 -100.60
N ILE HA 648 55.17 65.40 -101.92
CA ILE HA 648 54.24 64.43 -102.47
C ILE HA 648 55.02 63.40 -103.27
N THR HA 649 54.81 62.11 -102.95
CA THR HA 649 55.32 61.03 -103.78
C THR HA 649 54.18 60.01 -103.83
N ILE HA 650 54.42 58.79 -104.32
CA ILE HA 650 53.32 57.92 -104.73
C ILE HA 650 52.69 57.12 -103.61
N ARG HA 651 53.17 57.22 -102.38
CA ARG HA 651 52.51 56.51 -101.29
C ARG HA 651 51.11 57.07 -101.05
N GLN HA 652 50.94 58.36 -101.25
CA GLN HA 652 49.64 58.97 -101.05
C GLN HA 652 48.65 58.51 -102.11
N LEU HA 653 49.12 58.21 -103.31
CA LEU HA 653 48.22 57.79 -104.36
C LEU HA 653 47.74 56.38 -104.12
N GLU HA 654 48.57 55.56 -103.50
CA GLU HA 654 48.06 54.29 -103.01
C GLU HA 654 47.52 54.42 -101.59
N ALA HA 655 47.46 55.63 -101.04
CA ALA HA 655 46.77 55.83 -99.78
C ALA HA 655 45.34 56.32 -99.95
N ILE HA 656 45.04 56.99 -101.07
CA ILE HA 656 43.67 57.41 -101.32
C ILE HA 656 42.78 56.21 -101.55
N ILE HA 657 43.34 55.16 -102.17
CA ILE HA 657 42.55 53.97 -102.42
C ILE HA 657 42.24 53.23 -101.13
N ARG HA 658 43.04 53.41 -100.09
CA ARG HA 658 42.64 52.90 -98.80
C ARG HA 658 41.61 53.79 -98.16
N ILE HA 659 41.67 55.09 -98.45
CA ILE HA 659 40.71 56.02 -97.87
C ILE HA 659 39.33 55.77 -98.45
N THR HA 660 39.24 55.54 -99.75
CA THR HA 660 37.94 55.22 -100.33
C THR HA 660 37.49 53.82 -99.97
N GLU HA 661 38.40 52.96 -99.53
CA GLU HA 661 37.98 51.66 -99.07
C GLU HA 661 37.42 51.75 -97.65
N SER HA 662 37.77 52.82 -96.95
CA SER HA 662 37.41 52.95 -95.53
C SER HA 662 35.92 53.15 -95.35
N LEU HA 663 35.31 54.08 -96.09
CA LEU HA 663 33.88 54.28 -95.91
C LEU HA 663 33.07 53.13 -96.49
N ALA HA 664 33.70 52.29 -97.32
CA ALA HA 664 33.03 51.08 -97.75
C ALA HA 664 32.95 50.07 -96.62
N LYS HA 665 33.87 50.12 -95.67
CA LYS HA 665 33.69 49.34 -94.46
C LYS HA 665 32.61 49.95 -93.59
N LEU HA 666 32.39 51.25 -93.72
CA LEU HA 666 31.38 51.91 -92.90
C LEU HA 666 29.98 51.56 -93.38
N GLU HA 667 29.74 51.66 -94.68
CA GLU HA 667 28.44 51.35 -95.25
C GLU HA 667 28.21 49.83 -95.35
N LEU HA 668 29.26 49.03 -95.18
CA LEU HA 668 29.27 47.58 -95.39
C LEU HA 668 28.65 47.18 -96.73
N SER HA 669 29.17 47.78 -97.78
CA SER HA 669 28.83 47.41 -99.14
C SER HA 669 30.01 46.71 -99.78
N PRO HA 670 29.80 45.60 -100.49
CA PRO HA 670 30.94 44.87 -101.06
C PRO HA 670 31.50 45.49 -102.33
N ILE HA 671 31.07 46.68 -102.71
CA ILE HA 671 31.64 47.42 -103.82
C ILE HA 671 32.05 48.81 -103.34
N ALA HA 672 32.51 49.62 -104.28
CA ALA HA 672 32.69 51.04 -104.04
C ALA HA 672 32.18 51.81 -105.25
N GLN HA 673 31.64 53.01 -105.02
CA GLN HA 673 30.95 53.75 -106.06
C GLN HA 673 31.57 55.13 -106.27
N GLU HA 674 30.86 55.97 -107.03
CA GLU HA 674 31.43 57.24 -107.46
C GLU HA 674 31.03 58.37 -106.52
N ARG HA 675 29.79 58.40 -106.02
CA ARG HA 675 29.47 59.32 -104.95
C ARG HA 675 30.16 58.91 -103.66
N HIS HA 676 30.56 57.64 -103.57
CA HIS HA 676 31.48 57.21 -102.55
C HIS HA 676 32.82 57.92 -102.70
N VAL HA 677 33.41 57.87 -103.89
CA VAL HA 677 34.80 58.27 -104.04
C VAL HA 677 34.98 59.76 -104.26
N ASP HA 678 33.95 60.47 -104.70
CA ASP HA 678 34.11 61.90 -104.93
C ASP HA 678 34.14 62.65 -103.61
N GLU HA 679 33.46 62.12 -102.62
CA GLU HA 679 33.54 62.73 -101.29
C GLU HA 679 34.87 62.40 -100.63
N ALA HA 680 35.49 61.29 -101.03
CA ALA HA 680 36.77 60.90 -100.47
C ALA HA 680 37.88 61.84 -100.89
N ILE HA 681 38.02 62.10 -102.18
CA ILE HA 681 38.98 63.09 -102.66
C ILE HA 681 38.69 64.46 -102.12
N ARG HA 682 37.41 64.79 -101.90
CA ARG HA 682 37.02 66.04 -101.27
C ARG HA 682 37.61 66.22 -99.87
N LEU HA 683 37.97 65.12 -99.20
CA LEU HA 683 38.78 65.25 -98.00
C LEU HA 683 40.25 65.45 -98.36
N PHE HA 684 40.74 64.77 -99.39
CA PHE HA 684 42.17 64.83 -99.63
C PHE HA 684 42.56 65.97 -100.56
N GLN HA 685 41.65 66.37 -101.46
CA GLN HA 685 41.89 67.55 -102.28
C GLN HA 685 42.02 68.79 -101.42
N ALA HA 686 41.24 68.85 -100.33
CA ALA HA 686 41.40 69.89 -99.33
C ALA HA 686 42.75 69.83 -98.64
N SER HA 687 43.34 68.64 -98.47
CA SER HA 687 44.63 68.55 -97.80
C SER HA 687 45.79 68.53 -98.78
N THR HA 688 45.51 68.66 -100.07
CA THR HA 688 46.58 68.91 -101.03
C THR HA 688 46.94 70.38 -101.12
N MET HA 689 45.95 71.25 -100.98
CA MET HA 689 46.18 72.68 -101.12
C MET HA 689 47.00 73.22 -99.96
N ASP HA 690 46.72 72.76 -98.74
CA ASP HA 690 47.47 73.22 -97.58
C ASP HA 690 48.88 72.66 -97.56
N ALA HA 691 49.14 71.63 -98.36
CA ALA HA 691 50.51 71.20 -98.57
C ALA HA 691 51.30 72.20 -99.41
N ALA HA 692 50.64 73.18 -100.03
CA ALA HA 692 51.33 74.20 -100.82
C ALA HA 692 51.33 75.58 -100.16
N SER HA 693 50.22 76.00 -99.58
CA SER HA 693 50.12 77.33 -99.00
C SER HA 693 50.63 77.35 -97.56
N VAL IA 103 101.61 27.88 -9.11
CA VAL IA 103 102.75 28.72 -8.80
C VAL IA 103 102.62 30.06 -9.52
N ASP IA 104 101.95 30.05 -10.67
CA ASP IA 104 101.60 31.28 -11.36
C ASP IA 104 100.38 31.94 -10.74
N ASP IA 105 99.60 31.18 -9.96
CA ASP IA 105 98.42 31.73 -9.30
C ASP IA 105 98.80 32.79 -8.30
N VAL IA 106 99.81 32.51 -7.47
CA VAL IA 106 100.31 33.51 -6.54
C VAL IA 106 101.12 34.58 -7.28
N THR IA 107 101.69 34.24 -8.44
CA THR IA 107 102.43 35.22 -9.23
C THR IA 107 101.49 36.30 -9.74
N GLY IA 108 100.34 35.90 -10.26
CA GLY IA 108 99.30 36.87 -10.55
C GLY IA 108 98.75 37.53 -9.30
N GLU IA 109 98.78 36.81 -8.18
CA GLU IA 109 98.41 37.43 -6.93
C GLU IA 109 99.51 38.34 -6.43
N LYS IA 110 100.76 38.07 -6.82
CA LYS IA 110 101.85 38.98 -6.49
C LYS IA 110 101.72 40.28 -7.25
N VAL IA 111 101.41 40.20 -8.54
CA VAL IA 111 101.30 41.41 -9.35
C VAL IA 111 100.01 42.15 -9.09
N ARG IA 112 99.07 41.53 -8.40
CA ARG IA 112 97.82 42.19 -8.06
C ARG IA 112 98.04 43.28 -7.03
N GLU IA 113 98.65 42.93 -5.90
CA GLU IA 113 98.83 43.91 -4.83
C GLU IA 113 99.94 44.89 -5.15
N ALA IA 114 100.97 44.43 -5.87
CA ALA IA 114 102.05 45.30 -6.28
C ALA IA 114 101.54 46.39 -7.20
N PHE IA 115 100.56 46.07 -8.04
CA PHE IA 115 99.84 47.10 -8.75
C PHE IA 115 99.00 47.95 -7.83
N GLU IA 116 98.40 47.33 -6.80
CA GLU IA 116 97.47 48.05 -5.94
C GLU IA 116 98.19 49.10 -5.12
N GLN IA 117 99.36 48.76 -4.60
CA GLN IA 117 100.14 49.71 -3.83
C GLN IA 117 100.65 50.86 -4.67
N PHE IA 118 100.74 50.68 -5.99
CA PHE IA 118 101.09 51.78 -6.86
C PHE IA 118 99.99 52.83 -6.90
N LEU IA 119 98.73 52.42 -6.81
CA LEU IA 119 97.66 53.39 -6.64
C LEU IA 119 97.55 53.86 -5.21
N GLU IA 120 98.24 53.21 -4.29
CA GLU IA 120 98.35 53.71 -2.94
C GLU IA 120 99.53 54.63 -2.76
N ASP IA 121 100.62 54.45 -3.50
CA ASP IA 121 101.76 55.32 -3.28
C ASP IA 121 101.61 56.59 -4.10
N PHE IA 122 102.55 57.51 -3.89
CA PHE IA 122 102.67 58.73 -4.66
C PHE IA 122 103.15 58.38 -6.06
N SER IA 123 102.86 59.26 -6.99
CA SER IA 123 103.53 59.20 -8.28
C SER IA 123 103.97 60.59 -8.70
N VAL IA 124 104.24 61.47 -7.75
CA VAL IA 124 104.38 62.90 -8.00
C VAL IA 124 105.67 63.38 -7.38
N GLN IA 125 106.50 64.05 -8.17
CA GLN IA 125 107.80 64.52 -7.71
C GLN IA 125 107.80 65.92 -7.14
N SER IA 126 106.89 66.81 -7.58
CA SER IA 126 106.93 68.21 -7.20
C SER IA 126 105.77 68.51 -6.27
N THR IA 127 106.07 69.15 -5.15
CA THR IA 127 105.10 69.48 -4.12
C THR IA 127 104.74 70.96 -4.17
N ASP IA 128 103.46 71.23 -4.42
CA ASP IA 128 102.83 72.55 -4.40
C ASP IA 128 103.46 73.55 -5.37
N THR IA 129 104.03 73.06 -6.46
CA THR IA 129 104.42 73.88 -7.59
C THR IA 129 103.56 73.51 -8.79
N GLY IA 130 102.26 73.38 -8.55
CA GLY IA 130 101.42 72.50 -9.32
C GLY IA 130 101.61 71.07 -8.87
N GLU IA 131 100.97 70.15 -9.61
CA GLU IA 131 101.17 68.71 -9.49
C GLU IA 131 100.86 68.18 -8.09
N VAL IA 132 99.59 68.18 -7.71
CA VAL IA 132 99.15 67.62 -6.44
C VAL IA 132 99.52 66.15 -6.34
N GLU IA 133 99.93 65.72 -5.15
CA GLU IA 133 100.31 64.34 -4.89
C GLU IA 133 99.11 63.41 -5.04
N LYS IA 134 99.42 62.12 -5.26
CA LYS IA 134 98.48 61.01 -5.20
C LYS IA 134 97.36 61.17 -6.24
N VAL IA 135 97.78 61.15 -7.51
CA VAL IA 135 96.87 61.45 -8.61
C VAL IA 135 95.84 60.35 -8.84
N TYR IA 136 96.11 59.13 -8.40
CA TYR IA 136 95.20 58.04 -8.71
C TYR IA 136 93.96 58.09 -7.86
N ARG IA 137 94.06 58.64 -6.66
CA ARG IA 137 92.87 58.89 -5.88
C ARG IA 137 92.04 60.00 -6.52
N ALA IA 138 92.70 60.97 -7.16
CA ALA IA 138 91.95 61.95 -7.94
C ALA IA 138 91.37 61.32 -9.20
N GLN IA 139 92.00 60.28 -9.72
CA GLN IA 139 91.43 59.54 -10.84
C GLN IA 139 90.16 58.81 -10.42
N ILE IA 140 90.08 58.43 -9.15
CA ILE IA 140 88.83 57.88 -8.64
C ILE IA 140 87.80 58.99 -8.47
N GLU IA 141 88.23 60.14 -7.98
CA GLU IA 141 87.27 61.16 -7.56
C GLU IA 141 86.68 61.95 -8.71
N PHE IA 142 87.45 62.14 -9.78
CA PHE IA 142 86.87 62.68 -11.00
C PHE IA 142 85.86 61.72 -11.59
N MET IA 143 86.09 60.42 -11.42
CA MET IA 143 85.22 59.39 -11.96
C MET IA 143 83.90 59.30 -11.21
N LYS IA 144 83.90 59.52 -9.89
CA LYS IA 144 82.66 59.40 -9.14
C LYS IA 144 81.72 60.59 -9.30
N ILE IA 145 82.05 61.54 -10.17
CA ILE IA 145 81.17 62.64 -10.51
C ILE IA 145 80.52 62.45 -11.86
N TYR IA 146 81.33 62.31 -12.90
CA TYR IA 146 80.81 62.25 -14.25
C TYR IA 146 80.46 60.84 -14.69
N ASP IA 147 80.93 59.84 -13.94
CA ASP IA 147 80.50 58.45 -14.04
C ASP IA 147 80.74 57.85 -15.42
N LEU IA 148 82.00 57.74 -15.83
CA LEU IA 148 82.35 57.30 -17.18
C LEU IA 148 82.87 55.88 -17.26
N ASN IA 149 83.32 55.30 -16.15
CA ASN IA 149 83.79 53.92 -16.03
C ASN IA 149 85.02 53.68 -16.92
N THR IA 150 86.07 54.46 -16.67
CA THR IA 150 87.37 54.25 -17.28
C THR IA 150 88.46 54.40 -16.22
N ILE IA 151 89.68 54.03 -16.61
CA ILE IA 151 90.92 54.48 -15.98
C ILE IA 151 91.84 54.92 -17.10
N TYR IA 152 92.97 55.53 -16.72
CA TYR IA 152 93.98 55.89 -17.71
C TYR IA 152 95.35 55.81 -17.04
N ILE IA 153 96.05 54.72 -17.26
CA ILE IA 153 97.36 54.51 -16.67
C ILE IA 153 98.42 54.58 -17.75
N ASP IA 154 99.60 54.99 -17.35
CA ASP IA 154 100.71 55.19 -18.27
C ASP IA 154 101.70 54.04 -18.17
N TYR IA 155 102.66 54.02 -19.08
CA TYR IA 155 103.71 53.02 -19.01
C TYR IA 155 104.95 53.52 -18.31
N GLN IA 156 105.08 54.83 -18.13
CA GLN IA 156 106.24 55.40 -17.46
C GLN IA 156 106.31 55.03 -16.00
N HIS IA 157 105.24 55.30 -15.26
CA HIS IA 157 105.35 55.25 -13.81
C HIS IA 157 105.31 53.82 -13.30
N LEU IA 158 104.78 52.89 -14.09
CA LEU IA 158 104.91 51.49 -13.69
C LEU IA 158 106.27 50.93 -14.09
N SER IA 159 106.91 51.50 -15.11
CA SER IA 159 108.28 51.10 -15.39
C SER IA 159 109.22 51.60 -14.30
N MET IA 160 109.07 52.86 -13.90
CA MET IA 160 109.95 53.47 -12.91
C MET IA 160 109.51 53.25 -11.48
N ARG IA 161 108.71 52.22 -11.22
CA ARG IA 161 108.49 51.79 -9.84
C ARG IA 161 109.28 50.55 -9.48
N GLU IA 162 109.17 49.49 -10.28
CA GLU IA 162 109.93 48.28 -10.04
C GLU IA 162 111.21 48.20 -10.86
N ASN IA 163 111.52 49.27 -11.59
CA ASN IA 163 112.73 49.37 -12.44
C ASN IA 163 112.76 48.26 -13.49
N GLY IA 164 111.60 47.91 -14.01
CA GLY IA 164 111.50 46.85 -14.98
C GLY IA 164 111.38 45.46 -14.40
N ALA IA 165 111.28 45.30 -13.08
CA ALA IA 165 111.05 43.98 -12.52
C ALA IA 165 109.63 43.52 -12.80
N LEU IA 166 108.70 44.46 -12.90
CA LEU IA 166 107.31 44.16 -13.22
C LEU IA 166 106.91 44.62 -14.61
N ALA IA 167 107.49 45.72 -15.09
CA ALA IA 167 107.10 46.28 -16.37
C ALA IA 167 107.49 45.36 -17.52
N MET IA 168 108.51 44.53 -17.32
CA MET IA 168 108.78 43.48 -18.29
C MET IA 168 107.94 42.25 -18.05
N ALA IA 169 107.40 42.10 -16.86
CA ALA IA 169 106.52 40.96 -16.62
C ALA IA 169 105.14 41.21 -17.18
N ILE IA 170 104.67 42.45 -17.14
CA ILE IA 170 103.29 42.73 -17.49
C ILE IA 170 103.02 42.65 -18.98
N SER IA 171 104.04 42.69 -19.82
CA SER IA 171 103.80 42.47 -21.22
C SER IA 171 103.47 41.01 -21.50
N GLU IA 172 103.91 40.11 -20.64
CA GLU IA 172 103.68 38.69 -20.83
C GLU IA 172 102.80 38.07 -19.76
N GLN IA 173 101.89 38.83 -19.15
CA GLN IA 173 100.87 38.26 -18.29
C GLN IA 173 99.46 38.62 -18.68
N TYR IA 174 99.21 39.89 -19.02
CA TYR IA 174 97.86 40.44 -19.11
C TYR IA 174 97.05 39.88 -20.25
N TYR IA 175 97.68 39.42 -21.30
CA TYR IA 175 96.99 38.72 -22.36
C TYR IA 175 96.39 37.41 -21.87
N ARG IA 176 97.03 36.77 -20.90
CA ARG IA 176 96.45 35.69 -20.12
C ARG IA 176 95.76 36.23 -18.89
N PHE IA 177 96.36 37.20 -18.22
CA PHE IA 177 95.80 37.75 -17.00
C PHE IA 177 95.15 39.08 -17.32
N LEU IA 178 94.20 39.05 -18.25
CA LEU IA 178 93.16 40.08 -18.20
C LEU IA 178 92.45 39.99 -16.85
N PRO IA 179 91.84 38.83 -16.42
CA PRO IA 179 91.02 38.93 -15.19
C PRO IA 179 91.83 38.88 -13.90
N PHE IA 180 92.92 39.60 -13.86
CA PHE IA 180 93.73 39.70 -12.66
C PHE IA 180 93.94 41.13 -12.21
N LEU IA 181 94.37 41.99 -13.12
CA LEU IA 181 94.47 43.41 -12.80
C LEU IA 181 93.10 43.98 -12.55
N GLN IA 182 92.13 43.57 -13.36
CA GLN IA 182 90.78 44.08 -13.20
C GLN IA 182 90.11 43.50 -11.96
N LYS IA 183 90.48 42.30 -11.55
CA LYS IA 183 89.99 41.79 -10.28
C LYS IA 183 90.58 42.58 -9.13
N GLY IA 184 91.81 43.07 -9.28
CA GLY IA 184 92.44 43.83 -8.22
C GLY IA 184 91.83 45.20 -8.04
N LEU IA 185 91.51 45.88 -9.13
CA LEU IA 185 90.93 47.21 -9.00
C LEU IA 185 89.52 47.14 -8.47
N ARG IA 186 88.80 46.05 -8.74
CA ARG IA 186 87.56 45.79 -8.03
C ARG IA 186 87.78 45.59 -6.55
N ARG IA 187 88.94 45.05 -6.15
CA ARG IA 187 89.18 44.87 -4.74
C ARG IA 187 89.51 46.18 -4.07
N VAL IA 188 90.18 47.09 -4.78
CA VAL IA 188 90.58 48.34 -4.14
C VAL IA 188 89.46 49.36 -4.11
N VAL IA 189 88.46 49.24 -4.98
CA VAL IA 189 87.43 50.27 -5.02
C VAL IA 189 86.44 50.11 -3.86
N ARG IA 190 86.18 48.88 -3.42
CA ARG IA 190 85.32 48.62 -2.27
C ARG IA 190 85.92 49.20 -1.00
N LYS IA 191 87.24 49.13 -0.89
CA LYS IA 191 87.93 49.71 0.24
C LYS IA 191 88.03 51.22 0.15
N TYR IA 192 87.65 51.80 -0.99
CA TYR IA 192 87.74 53.23 -1.19
C TYR IA 192 86.43 53.90 -1.56
N ALA IA 193 85.75 53.39 -2.55
CA ALA IA 193 84.53 54.07 -2.98
C ALA IA 193 83.31 53.23 -2.62
N PRO IA 194 82.09 53.76 -2.69
CA PRO IA 194 80.95 52.84 -2.54
C PRO IA 194 80.58 52.16 -3.85
N GLU IA 260 76.39 47.49 -11.48
CA GLU IA 260 76.28 48.73 -12.24
C GLU IA 260 77.70 49.17 -12.62
N ARG IA 261 78.68 48.40 -12.16
CA ARG IA 261 80.08 48.75 -12.28
C ARG IA 261 80.74 47.79 -13.27
N VAL IA 262 81.27 48.34 -14.36
CA VAL IA 262 82.01 47.58 -15.37
C VAL IA 262 83.20 48.44 -15.78
N PHE IA 263 84.39 47.84 -15.83
CA PHE IA 263 85.60 48.59 -16.09
C PHE IA 263 86.38 48.04 -17.29
N GLN IA 264 87.58 48.57 -17.44
CA GLN IA 264 88.51 48.21 -18.49
C GLN IA 264 89.87 48.73 -18.05
N ILE IA 265 90.91 48.29 -18.73
CA ILE IA 265 92.27 48.72 -18.42
C ILE IA 265 92.83 49.40 -19.65
N SER IA 266 93.19 50.67 -19.50
CA SER IA 266 93.68 51.45 -20.62
C SER IA 266 95.10 51.88 -20.35
N PHE IA 267 96.06 51.16 -20.90
CA PHE IA 267 97.42 51.64 -20.98
C PHE IA 267 97.48 52.64 -22.12
N PHE IA 268 98.52 53.46 -22.11
CA PHE IA 268 98.84 54.28 -23.26
C PHE IA 268 100.32 54.66 -23.13
N ASN IA 269 100.86 55.18 -24.24
CA ASN IA 269 102.21 55.72 -24.33
C ASN IA 269 103.29 54.72 -23.95
N LEU IA 270 103.41 53.65 -24.71
CA LEU IA 270 104.60 52.83 -24.69
C LEU IA 270 105.63 53.60 -25.52
N PRO IA 271 106.94 53.43 -25.30
CA PRO IA 271 107.91 54.17 -26.11
C PRO IA 271 107.90 53.83 -27.59
N THR IA 272 108.03 52.57 -27.98
CA THR IA 272 108.39 52.22 -29.35
C THR IA 272 107.15 52.10 -30.23
N VAL IA 273 107.22 52.66 -31.44
CA VAL IA 273 106.12 52.58 -32.40
C VAL IA 273 106.61 51.86 -33.64
N HIS IA 274 105.92 50.79 -34.02
CA HIS IA 274 106.31 49.92 -35.11
C HIS IA 274 105.49 50.25 -36.36
N ARG IA 275 105.70 49.49 -37.41
CA ARG IA 275 104.85 49.54 -38.60
C ARG IA 275 104.15 48.20 -38.74
N ILE IA 276 103.21 48.12 -39.69
CA ILE IA 276 102.37 46.93 -39.80
C ILE IA 276 103.09 45.75 -40.43
N ARG IA 277 104.32 45.92 -40.87
CA ARG IA 277 105.05 44.84 -41.54
C ARG IA 277 106.01 44.15 -40.59
N ASP IA 278 105.82 44.29 -39.30
CA ASP IA 278 106.79 43.79 -38.34
C ASP IA 278 106.13 42.98 -37.24
N ILE IA 279 105.11 42.19 -37.58
CA ILE IA 279 104.26 41.57 -36.57
C ILE IA 279 104.11 40.07 -36.83
N ARG IA 280 105.05 39.27 -36.31
CA ARG IA 280 104.89 37.83 -36.53
C ARG IA 280 104.94 36.91 -35.31
N SER IA 281 106.08 36.89 -34.60
CA SER IA 281 106.37 35.74 -33.75
C SER IA 281 106.33 36.04 -32.27
N GLU IA 282 107.20 36.95 -31.83
CA GLU IA 282 107.17 37.47 -30.48
C GLU IA 282 105.89 38.22 -30.21
N LYS IA 283 105.28 38.78 -31.25
CA LYS IA 283 104.04 39.51 -31.13
C LYS IA 283 102.91 38.50 -31.16
N ILE IA 284 102.72 37.84 -30.03
CA ILE IA 284 101.47 37.17 -29.70
C ILE IA 284 101.28 37.29 -28.19
N GLY IA 285 100.19 37.91 -27.79
CA GLY IA 285 100.03 38.25 -26.40
C GLY IA 285 100.89 39.39 -25.90
N SER IA 286 101.47 40.18 -26.80
CA SER IA 286 102.33 41.28 -26.39
C SER IA 286 101.53 42.57 -26.32
N LEU IA 287 102.26 43.69 -26.24
CA LEU IA 287 101.65 45.02 -26.26
C LEU IA 287 102.45 45.88 -27.22
N LEU IA 288 101.89 46.20 -28.38
CA LEU IA 288 102.70 46.83 -29.40
C LEU IA 288 101.94 47.98 -30.06
N SER IA 289 102.38 49.20 -29.81
CA SER IA 289 101.76 50.37 -30.41
C SER IA 289 101.96 50.38 -31.91
N ILE IA 290 100.89 50.72 -32.64
CA ILE IA 290 100.91 50.62 -34.09
C ILE IA 290 100.31 51.87 -34.69
N SER IA 291 101.02 52.42 -35.67
CA SER IA 291 100.58 53.60 -36.40
C SER IA 291 99.79 53.16 -37.61
N GLY IA 292 99.33 54.14 -38.37
CA GLY IA 292 98.71 53.88 -39.64
C GLY IA 292 97.56 54.84 -39.89
N THR IA 293 96.85 54.58 -40.99
CA THR IA 293 95.68 55.36 -41.34
C THR IA 293 94.50 54.44 -41.58
N VAL IA 294 93.30 54.97 -41.40
CA VAL IA 294 92.10 54.14 -41.28
C VAL IA 294 91.14 54.45 -42.41
N THR IA 295 90.40 53.43 -42.85
CA THR IA 295 89.51 53.53 -44.00
C THR IA 295 88.38 52.53 -43.79
N ARG IA 296 87.17 52.90 -44.23
CA ARG IA 296 86.01 52.01 -44.28
C ARG IA 296 85.62 51.52 -42.89
N THR IA 297 85.00 52.38 -42.10
CA THR IA 297 84.45 51.97 -40.81
C THR IA 297 83.23 51.06 -40.97
N SER IA 298 82.64 50.68 -39.85
CA SER IA 298 81.35 49.99 -39.85
C SER IA 298 80.53 50.49 -38.68
N GLU IA 299 79.42 49.84 -38.43
CA GLU IA 299 78.38 50.35 -37.57
C GLU IA 299 78.60 49.88 -36.13
N VAL IA 300 77.60 50.07 -35.28
CA VAL IA 300 77.74 49.87 -33.84
C VAL IA 300 76.75 48.83 -33.39
N ARG IA 301 77.24 47.63 -33.08
CA ARG IA 301 76.40 46.53 -32.65
C ARG IA 301 76.85 46.12 -31.24
N PRO IA 302 76.03 45.38 -30.49
CA PRO IA 302 76.45 44.95 -29.15
C PRO IA 302 77.05 43.55 -29.08
N GLU IA 303 77.88 43.35 -28.05
CA GLU IA 303 78.56 42.11 -27.71
C GLU IA 303 78.01 41.59 -26.38
N LEU IA 304 78.52 40.46 -25.89
CA LEU IA 304 77.91 39.82 -24.73
C LEU IA 304 78.75 39.66 -23.46
N TYR IA 305 79.90 39.01 -23.59
CA TYR IA 305 80.94 38.70 -22.58
C TYR IA 305 80.48 37.91 -21.35
N LYS IA 306 79.17 37.70 -21.16
CA LYS IA 306 78.60 37.01 -20.00
C LYS IA 306 77.12 36.88 -20.28
N ALA IA 307 76.54 35.75 -19.98
CA ALA IA 307 75.12 35.56 -20.18
C ALA IA 307 74.58 34.91 -18.93
N SER IA 308 73.26 34.74 -18.87
CA SER IA 308 72.62 33.86 -17.91
C SER IA 308 71.64 32.90 -18.59
N PHE IA 309 71.93 32.49 -19.82
CA PHE IA 309 71.07 31.55 -20.51
C PHE IA 309 71.26 30.17 -19.91
N THR IA 310 70.17 29.42 -19.85
CA THR IA 310 70.23 28.01 -19.46
C THR IA 310 69.00 27.31 -20.04
N CYS IA 311 69.02 25.98 -19.99
CA CYS IA 311 67.94 25.19 -20.52
C CYS IA 311 66.71 25.27 -19.62
N ASP IA 312 65.54 25.15 -20.25
CA ASP IA 312 64.27 25.16 -19.53
C ASP IA 312 63.85 23.77 -19.08
N MET IA 313 64.82 22.89 -18.83
CA MET IA 313 64.59 21.55 -18.35
C MET IA 313 63.90 21.53 -17.00
N CYS IA 314 64.52 22.12 -16.00
CA CYS IA 314 63.84 22.36 -14.73
C CYS IA 314 63.84 23.85 -14.41
N ARG IA 315 65.01 24.46 -14.47
CA ARG IA 315 65.18 25.86 -14.11
C ARG IA 315 66.30 26.45 -14.96
N ALA IA 316 66.00 27.56 -15.62
CA ALA IA 316 66.91 28.18 -16.57
C ALA IA 316 67.61 29.39 -15.98
N ILE IA 317 67.96 29.34 -14.70
CA ILE IA 317 68.52 30.50 -14.02
C ILE IA 317 69.97 30.26 -13.67
N VAL IA 318 70.67 29.50 -14.49
CA VAL IA 318 72.08 29.20 -14.28
C VAL IA 318 72.90 30.23 -15.02
N ASP IA 319 73.59 31.09 -14.28
CA ASP IA 319 74.53 32.04 -14.86
C ASP IA 319 75.81 31.31 -15.21
N ASN IA 320 75.89 30.84 -16.45
CA ASN IA 320 77.00 30.05 -16.94
C ASN IA 320 78.20 30.92 -17.24
N VAL IA 321 79.24 30.29 -17.76
CA VAL IA 321 80.52 30.94 -17.93
C VAL IA 321 80.94 30.86 -19.39
N GLU IA 322 82.13 31.39 -19.69
CA GLU IA 322 82.89 31.16 -20.92
C GLU IA 322 82.13 31.67 -22.16
N GLN IA 323 82.00 32.99 -22.21
CA GLN IA 323 81.47 33.65 -23.41
C GLN IA 323 82.59 33.94 -24.40
N SER IA 324 83.16 32.86 -24.93
CA SER IA 324 84.27 32.91 -25.87
C SER IA 324 83.77 33.11 -27.29
N PHE IA 325 84.62 32.85 -28.27
CA PHE IA 325 84.31 33.12 -29.67
C PHE IA 325 83.22 32.22 -30.27
N LYS IA 326 82.70 31.25 -29.52
CA LYS IA 326 81.64 30.38 -30.02
C LYS IA 326 80.52 30.19 -29.02
N TYR IA 327 80.07 31.27 -28.40
CA TYR IA 327 79.44 31.22 -27.08
C TYR IA 327 77.96 30.88 -27.12
N THR IA 328 77.47 30.23 -28.18
CA THR IA 328 76.05 29.95 -28.27
C THR IA 328 75.68 28.61 -27.64
N GLU IA 329 76.38 28.20 -26.58
CA GLU IA 329 76.07 26.95 -25.88
C GLU IA 329 76.53 27.04 -24.43
N PRO IA 330 75.68 27.51 -23.55
CA PRO IA 330 75.97 27.40 -22.11
C PRO IA 330 75.55 26.03 -21.61
N THR IA 331 76.54 25.21 -21.27
CA THR IA 331 76.22 23.82 -20.97
C THR IA 331 77.00 23.25 -19.79
N PHE IA 332 77.47 24.08 -18.88
CA PHE IA 332 78.31 23.63 -17.78
C PHE IA 332 77.61 23.86 -16.44
N CYS IA 333 77.64 22.81 -15.60
CA CYS IA 333 77.13 22.78 -14.23
C CYS IA 333 75.67 23.21 -14.12
N PRO IA 334 74.73 22.38 -14.55
CA PRO IA 334 73.31 22.70 -14.36
C PRO IA 334 72.93 22.74 -12.89
N ASN IA 335 71.80 23.39 -12.61
CA ASN IA 335 71.41 23.71 -11.25
C ASN IA 335 71.05 22.48 -10.45
N PRO IA 336 69.93 21.83 -10.75
CA PRO IA 336 69.62 20.54 -10.12
C PRO IA 336 70.11 19.40 -10.99
N SER IA 337 69.84 18.18 -10.51
CA SER IA 337 70.02 16.99 -11.34
C SER IA 337 68.88 16.99 -12.36
N CYS IA 338 69.16 17.61 -13.51
CA CYS IA 338 68.17 17.78 -14.55
C CYS IA 338 68.84 17.41 -15.88
N GLU IA 339 68.21 17.77 -16.98
CA GLU IA 339 68.79 17.52 -18.30
C GLU IA 339 69.61 18.73 -18.73
N ASN IA 340 70.91 18.51 -18.93
CA ASN IA 340 71.85 19.57 -19.25
C ASN IA 340 72.10 19.59 -20.75
N ARG IA 341 72.39 20.79 -21.25
CA ARG IA 341 72.68 21.10 -22.66
C ARG IA 341 71.51 20.70 -23.57
N ALA IA 342 70.31 20.83 -23.01
CA ALA IA 342 69.11 20.42 -23.73
C ALA IA 342 68.54 21.64 -24.42
N PHE IA 343 68.84 22.81 -23.89
CA PHE IA 343 68.37 24.07 -24.41
C PHE IA 343 69.19 25.20 -23.83
N TRP IA 344 68.80 26.40 -24.20
CA TRP IA 344 69.29 27.65 -23.62
C TRP IA 344 68.30 28.73 -24.00
N THR IA 345 68.17 29.75 -23.17
CA THR IA 345 67.28 30.86 -23.46
C THR IA 345 68.04 32.13 -23.14
N LEU IA 346 68.64 32.74 -24.16
CA LEU IA 346 69.41 33.96 -23.96
C LEU IA 346 68.44 35.12 -23.72
N ASN IA 347 68.16 35.39 -22.46
CA ASN IA 347 67.31 36.51 -22.11
C ASN IA 347 68.05 37.81 -22.38
N VAL IA 348 67.28 38.89 -22.48
CA VAL IA 348 67.80 40.22 -22.75
C VAL IA 348 67.74 41.10 -21.52
N THR IA 349 67.56 40.50 -20.35
CA THR IA 349 67.07 41.20 -19.17
C THR IA 349 68.09 41.29 -18.05
N ARG IA 350 69.21 40.59 -18.19
CA ARG IA 350 70.12 40.49 -17.07
C ARG IA 350 71.59 40.51 -17.42
N SER IA 351 71.98 40.39 -18.68
CA SER IA 351 73.39 40.36 -19.02
C SER IA 351 73.80 41.65 -19.70
N ARG IA 352 74.75 42.35 -19.09
CA ARG IA 352 75.23 43.62 -19.60
C ARG IA 352 76.00 43.41 -20.90
N PHE IA 353 75.94 44.41 -21.77
CA PHE IA 353 76.53 44.33 -23.09
C PHE IA 353 77.61 45.39 -23.21
N LEU IA 354 78.37 45.33 -24.30
CA LEU IA 354 79.35 46.34 -24.60
C LEU IA 354 79.48 46.48 -26.11
N ASP IA 355 79.71 47.71 -26.56
CA ASP IA 355 79.45 48.11 -27.94
C ASP IA 355 80.72 48.40 -28.70
N TRP IA 356 80.74 48.02 -29.98
CA TRP IA 356 82.01 47.95 -30.71
C TRP IA 356 81.78 48.16 -32.20
N GLN IA 357 82.89 48.21 -32.93
CA GLN IA 357 82.87 48.32 -34.38
C GLN IA 357 84.17 47.78 -34.93
N LYS IA 358 84.11 47.32 -36.17
CA LYS IA 358 85.23 46.65 -36.83
C LYS IA 358 85.75 47.55 -37.95
N VAL IA 359 87.06 47.84 -37.93
CA VAL IA 359 87.62 48.77 -38.88
C VAL IA 359 88.89 48.20 -39.50
N ARG IA 360 89.20 48.67 -40.70
CA ARG IA 360 90.42 48.32 -41.42
C ARG IA 360 91.39 49.48 -41.40
N ILE IA 361 92.69 49.18 -41.32
CA ILE IA 361 93.68 50.23 -41.33
C ILE IA 361 94.57 50.09 -42.54
N GLN IA 362 95.54 50.98 -42.68
CA GLN IA 362 96.35 51.06 -43.88
C GLN IA 362 97.64 51.80 -43.54
N GLU IA 363 98.67 51.56 -44.33
CA GLU IA 363 99.99 52.09 -44.02
C GLU IA 363 100.15 53.52 -44.53
N ASN IA 364 100.95 54.29 -43.80
CA ASN IA 364 101.15 55.72 -44.05
C ASN IA 364 101.86 55.96 -45.37
N ALA IA 365 101.79 57.22 -45.81
CA ALA IA 365 102.30 57.65 -47.11
C ALA IA 365 103.77 58.01 -47.10
N ASN IA 366 104.37 58.29 -45.95
CA ASN IA 366 105.79 58.62 -45.88
C ASN IA 366 106.63 57.41 -45.51
N GLU IA 367 106.14 56.20 -45.79
CA GLU IA 367 106.93 55.02 -45.50
C GLU IA 367 106.86 54.01 -46.63
N ILE IA 368 105.91 54.19 -47.53
CA ILE IA 368 105.66 53.21 -48.59
C ILE IA 368 106.86 53.15 -49.52
N PRO IA 369 107.54 51.99 -49.62
CA PRO IA 369 108.77 51.90 -50.42
C PRO IA 369 108.55 52.11 -51.90
N THR IA 370 107.71 51.27 -52.48
CA THR IA 370 107.20 51.45 -53.84
C THR IA 370 105.70 51.29 -53.83
N GLY IA 371 105.10 51.40 -55.02
CA GLY IA 371 103.70 51.11 -55.19
C GLY IA 371 103.48 49.62 -55.26
N SER IA 372 103.55 48.96 -54.11
CA SER IA 372 103.70 47.51 -54.06
C SER IA 372 102.54 46.83 -53.37
N MET IA 373 101.29 47.18 -53.78
CA MET IA 373 99.98 46.79 -53.26
C MET IA 373 100.00 46.82 -51.73
N PRO IA 374 99.92 48.02 -51.14
CA PRO IA 374 100.23 48.18 -49.71
C PRO IA 374 99.27 47.43 -48.82
N ARG IA 375 99.82 46.47 -48.08
CA ARG IA 375 99.02 45.50 -47.37
C ARG IA 375 98.39 46.12 -46.13
N THR IA 376 97.52 45.34 -45.48
CA THR IA 376 96.68 45.89 -44.44
C THR IA 376 96.20 44.78 -43.51
N LEU IA 377 95.55 45.20 -42.43
CA LEU IA 377 94.92 44.29 -41.49
C LEU IA 377 93.75 45.00 -40.83
N ASP IA 378 93.06 44.23 -39.99
CA ASP IA 378 91.81 44.65 -39.38
C ASP IA 378 91.95 44.70 -37.86
N VAL IA 379 91.04 45.39 -37.20
CA VAL IA 379 91.15 45.67 -35.78
C VAL IA 379 89.77 45.90 -35.19
N ILE IA 380 89.54 45.28 -34.03
CA ILE IA 380 88.32 45.42 -33.25
C ILE IA 380 88.62 46.36 -32.10
N LEU IA 381 87.82 47.40 -31.92
CA LEU IA 381 87.99 48.31 -30.77
C LEU IA 381 86.73 48.12 -29.93
N ARG IA 382 86.87 47.77 -28.65
CA ARG IA 382 85.68 47.48 -27.85
C ARG IA 382 85.23 48.24 -26.58
N GLY IA 383 85.85 49.34 -26.15
CA GLY IA 383 85.31 49.93 -24.93
C GLY IA 383 84.48 51.17 -25.15
N ASP IA 384 84.93 52.30 -24.60
CA ASP IA 384 84.41 53.60 -24.95
C ASP IA 384 85.09 54.14 -26.22
N SER IA 385 85.99 53.35 -26.79
CA SER IA 385 86.73 53.69 -28.00
C SER IA 385 85.83 53.81 -29.22
N VAL IA 386 84.61 53.32 -29.13
CA VAL IA 386 83.56 53.37 -30.13
C VAL IA 386 83.37 54.79 -30.62
N GLU IA 387 83.18 54.92 -31.94
CA GLU IA 387 83.00 56.14 -32.73
C GLU IA 387 83.98 57.25 -32.37
N ARG IA 388 85.20 56.89 -32.06
CA ARG IA 388 86.20 57.90 -31.83
C ARG IA 388 87.26 57.97 -32.92
N ALA IA 389 87.55 56.87 -33.59
CA ALA IA 389 88.39 56.91 -34.77
C ALA IA 389 87.57 57.43 -35.93
N LYS IA 390 87.60 58.73 -36.15
CA LYS IA 390 87.05 59.30 -37.37
C LYS IA 390 87.86 58.75 -38.54
N PRO IA 391 87.22 58.22 -39.57
CA PRO IA 391 87.97 57.68 -40.72
C PRO IA 391 88.72 58.77 -41.47
N GLY IA 392 90.04 58.60 -41.60
CA GLY IA 392 90.82 59.56 -42.34
C GLY IA 392 91.91 60.30 -41.58
N ASP IA 393 92.61 59.63 -40.68
CA ASP IA 393 93.67 60.33 -39.94
C ASP IA 393 94.80 59.36 -39.62
N ARG IA 394 96.00 59.92 -39.44
CA ARG IA 394 97.18 59.19 -39.02
C ARG IA 394 97.05 58.88 -37.53
N CYS IA 395 96.88 57.60 -37.20
CA CYS IA 395 96.37 57.21 -35.89
C CYS IA 395 97.24 56.14 -35.25
N LYS IA 396 97.27 56.13 -33.92
CA LYS IA 396 98.02 55.17 -33.12
C LYS IA 396 97.08 54.29 -32.30
N PHE IA 397 97.64 53.24 -31.69
CA PHE IA 397 96.76 52.26 -31.05
C PHE IA 397 97.40 51.66 -29.80
N THR IA 398 96.62 50.78 -29.16
CA THR IA 398 96.96 50.19 -27.87
C THR IA 398 97.99 49.09 -27.97
N GLY IA 399 97.62 47.95 -28.56
CA GLY IA 399 98.68 47.01 -28.79
C GLY IA 399 98.52 45.53 -28.53
N VAL IA 400 97.43 45.07 -27.95
CA VAL IA 400 97.32 43.63 -27.73
C VAL IA 400 96.98 42.92 -29.02
N GLU IA 401 97.83 41.99 -29.42
CA GLU IA 401 97.61 41.21 -30.62
C GLU IA 401 96.83 39.97 -30.25
N ILE IA 402 96.10 39.40 -31.21
CA ILE IA 402 95.18 38.31 -30.94
C ILE IA 402 94.95 37.51 -32.22
N VAL IA 403 94.76 36.21 -32.07
CA VAL IA 403 94.35 35.37 -33.18
C VAL IA 403 92.86 35.14 -33.07
N VAL IA 404 92.21 34.82 -34.18
CA VAL IA 404 90.78 34.54 -34.21
C VAL IA 404 90.51 33.32 -35.10
N PRO IA 405 89.71 32.38 -34.66
CA PRO IA 405 89.27 31.29 -35.55
C PRO IA 405 87.93 31.56 -36.17
N ASP IA 406 87.39 30.54 -36.88
CA ASP IA 406 85.94 30.35 -37.05
C ASP IA 406 85.61 28.92 -36.60
N VAL IA 407 84.65 28.81 -35.69
CA VAL IA 407 84.34 27.53 -35.07
C VAL IA 407 83.46 26.65 -35.95
N THR IA 408 82.94 27.19 -37.07
CA THR IA 408 81.99 26.53 -37.97
C THR IA 408 80.73 26.09 -37.21
N GLN IA 409 79.92 27.08 -36.80
CA GLN IA 409 78.67 26.95 -36.05
C GLN IA 409 77.58 26.26 -36.89
N LEU IA 410 76.36 26.21 -36.33
CA LEU IA 410 75.19 25.56 -36.88
C LEU IA 410 74.51 26.33 -38.00
N GLY IA 411 75.16 27.33 -38.59
CA GLY IA 411 74.61 28.02 -39.75
C GLY IA 411 74.55 27.15 -40.99
N LEU IA 412 74.12 27.73 -42.11
CA LEU IA 412 73.82 26.91 -43.29
C LEU IA 412 75.08 26.35 -43.96
N PRO IA 413 76.20 27.08 -44.13
CA PRO IA 413 77.44 26.38 -44.48
C PRO IA 413 78.18 25.90 -43.25
N GLY IA 414 79.08 24.94 -43.44
CA GLY IA 414 79.90 24.47 -42.34
C GLY IA 414 80.97 25.45 -41.94
N LYS IA 428 93.29 28.08 -56.24
CA LYS IA 428 93.71 29.43 -55.88
C LYS IA 428 94.83 29.39 -54.85
N THR IA 429 94.47 29.08 -53.61
CA THR IA 429 95.43 29.07 -52.53
C THR IA 429 95.43 27.73 -51.82
N THR IA 430 96.54 27.46 -51.14
CA THR IA 430 96.69 26.29 -50.30
C THR IA 430 96.48 26.67 -48.85
N GLU IA 431 95.56 27.61 -48.61
CA GLU IA 431 95.30 28.17 -47.29
C GLU IA 431 94.76 27.09 -46.36
N GLY IA 432 95.04 27.25 -45.08
CA GLY IA 432 94.75 26.21 -44.13
C GLY IA 432 95.65 25.01 -44.25
N LEU IA 433 96.79 25.11 -44.94
CA LEU IA 433 97.76 24.02 -44.93
C LEU IA 433 98.27 23.77 -43.53
N ASN IA 434 98.42 24.82 -42.74
CA ASN IA 434 98.60 24.70 -41.30
C ASN IA 434 97.41 24.04 -40.64
N SER IA 435 96.21 24.27 -41.17
CA SER IA 435 95.02 23.82 -40.45
C SER IA 435 94.72 22.34 -40.68
N GLY IA 436 95.36 21.72 -41.66
CA GLY IA 436 95.23 20.28 -41.82
C GLY IA 436 95.76 19.50 -40.64
N VAL IA 437 96.73 20.08 -39.93
CA VAL IA 437 97.17 19.52 -38.66
C VAL IA 437 96.11 19.72 -37.59
N THR IA 438 95.30 20.78 -37.71
CA THR IA 438 94.35 21.14 -36.65
C THR IA 438 93.10 20.28 -36.66
N GLY IA 439 93.08 19.17 -37.38
CA GLY IA 439 91.95 18.27 -37.38
C GLY IA 439 91.84 17.49 -36.10
N LEU IA 440 90.81 16.65 -36.03
CA LEU IA 440 90.51 15.73 -34.93
C LEU IA 440 90.47 16.42 -33.56
N ARG IA 441 89.48 17.29 -33.40
CA ARG IA 441 89.08 17.72 -32.06
C ARG IA 441 87.95 16.80 -31.63
N SER IA 442 87.34 17.06 -30.48
CA SER IA 442 86.29 16.15 -30.02
C SER IA 442 84.99 16.38 -30.78
N LEU IA 443 84.79 17.57 -31.32
CA LEU IA 443 83.70 17.75 -32.28
C LEU IA 443 84.21 17.45 -33.68
N GLY IA 444 83.42 17.80 -34.69
CA GLY IA 444 83.53 17.17 -35.99
C GLY IA 444 84.83 17.47 -36.72
N VAL IA 445 85.24 16.52 -37.55
CA VAL IA 445 86.49 16.66 -38.28
C VAL IA 445 86.31 17.65 -39.42
N ARG IA 446 87.12 18.70 -39.37
CA ARG IA 446 87.09 19.81 -40.30
C ARG IA 446 88.50 20.35 -40.40
N ASP IA 447 88.63 21.61 -40.76
CA ASP IA 447 89.91 22.30 -40.68
C ASP IA 447 89.65 23.69 -40.09
N LEU IA 448 90.06 23.88 -38.84
CA LEU IA 448 89.95 25.20 -38.27
C LEU IA 448 91.20 26.02 -38.60
N THR IA 449 91.02 27.03 -39.43
CA THR IA 449 92.12 27.89 -39.84
C THR IA 449 92.27 29.02 -38.84
N TYR IA 450 93.08 30.00 -39.19
CA TYR IA 450 93.33 31.14 -38.34
C TYR IA 450 93.66 32.35 -39.18
N LYS IA 451 93.57 33.52 -38.56
CA LYS IA 451 94.12 34.72 -39.16
C LYS IA 451 94.48 35.71 -38.06
N ILE IA 452 95.61 36.36 -38.23
CA ILE IA 452 96.07 37.36 -37.27
C ILE IA 452 95.21 38.59 -37.39
N SER IA 453 94.64 39.03 -36.27
CA SER IA 453 93.86 40.24 -36.20
C SER IA 453 94.29 41.03 -34.97
N PHE IA 454 93.52 42.04 -34.61
CA PHE IA 454 93.98 42.99 -33.62
C PHE IA 454 92.80 43.36 -32.74
N LEU IA 455 93.06 43.43 -31.44
CA LEU IA 455 92.13 44.00 -30.47
C LEU IA 455 92.77 45.24 -29.88
N ALA IA 456 92.01 46.31 -29.78
CA ALA IA 456 92.56 47.54 -29.22
C ALA IA 456 91.93 47.77 -27.86
N CYS IA 457 92.40 48.83 -27.20
CA CYS IA 457 91.70 49.36 -26.04
C CYS IA 457 91.59 50.87 -26.04
N HIS IA 458 92.48 51.60 -26.69
CA HIS IA 458 92.58 53.04 -26.53
C HIS IA 458 93.15 53.67 -27.79
N VAL IA 459 92.46 54.70 -28.26
CA VAL IA 459 92.82 55.35 -29.50
C VAL IA 459 93.49 56.67 -29.15
N ILE IA 460 94.28 57.18 -30.10
CA ILE IA 460 94.73 58.55 -30.10
C ILE IA 460 94.96 58.94 -31.55
N SER IA 461 94.93 60.22 -31.82
CA SER IA 461 95.14 60.72 -33.18
C SER IA 461 96.02 61.95 -33.10
N ILE IA 462 97.33 61.76 -33.13
CA ILE IA 462 98.29 62.86 -33.16
C ILE IA 462 98.47 63.20 -34.63
N GLY IA 463 97.72 64.20 -35.09
CA GLY IA 463 97.68 64.55 -36.49
C GLY IA 463 96.24 64.62 -36.96
N SER IA 510 92.32 79.94 -14.93
CA SER IA 510 93.69 80.28 -15.28
C SER IA 510 93.94 81.77 -15.22
N ASP IA 511 95.09 82.17 -15.72
CA ASP IA 511 95.36 83.57 -16.04
C ASP IA 511 95.04 83.89 -17.48
N GLU IA 512 94.93 82.88 -18.33
CA GLU IA 512 94.59 83.10 -19.73
C GLU IA 512 93.13 83.45 -19.89
N ILE IA 513 92.27 82.86 -19.04
CA ILE IA 513 90.90 83.35 -18.97
C ILE IA 513 90.89 84.75 -18.35
N ASN IA 514 91.86 85.06 -17.48
CA ASN IA 514 92.00 86.42 -17.01
C ASN IA 514 92.68 87.30 -18.03
N GLU IA 515 93.44 86.71 -18.95
CA GLU IA 515 94.14 87.49 -19.97
C GLU IA 515 93.16 88.18 -20.90
N LEU IA 516 92.04 87.53 -21.21
CA LEU IA 516 91.01 88.15 -22.01
C LEU IA 516 90.39 89.35 -21.31
N LYS IA 517 90.18 89.24 -19.99
CA LYS IA 517 89.53 90.31 -19.24
C LYS IA 517 90.40 91.56 -19.17
N GLU IA 518 91.71 91.39 -19.20
CA GLU IA 518 92.57 92.54 -19.39
C GLU IA 518 92.53 93.03 -20.82
N MET IA 519 92.58 92.11 -21.77
CA MET IA 519 92.67 92.50 -23.18
C MET IA 519 91.35 93.04 -23.70
N VAL IA 520 90.23 92.66 -23.08
CA VAL IA 520 88.96 93.28 -23.49
C VAL IA 520 88.87 94.72 -22.99
N LYS IA 521 89.66 95.08 -21.97
CA LYS IA 521 89.64 96.43 -21.43
C LYS IA 521 90.75 97.29 -22.01
N ASP IA 522 91.08 97.10 -23.28
CA ASP IA 522 92.00 97.98 -23.96
C ASP IA 522 91.23 99.07 -24.71
N GLU IA 523 91.92 99.84 -25.54
CA GLU IA 523 91.24 100.95 -26.20
C GLU IA 523 91.50 100.98 -27.70
N HIS IA 524 92.72 100.64 -28.12
CA HIS IA 524 93.07 100.72 -29.54
C HIS IA 524 93.08 99.37 -30.22
N ILE IA 525 92.43 98.36 -29.64
CA ILE IA 525 92.54 96.99 -30.13
C ILE IA 525 91.89 96.78 -31.49
N TYR IA 526 91.05 97.71 -31.92
CA TYR IA 526 90.64 97.74 -33.30
C TYR IA 526 91.83 97.99 -34.21
N ASP IA 527 92.71 98.91 -33.83
CA ASP IA 527 93.89 99.13 -34.65
C ASP IA 527 94.98 98.10 -34.36
N LYS IA 528 95.00 97.54 -33.16
CA LYS IA 528 95.96 96.49 -32.87
C LYS IA 528 95.68 95.24 -33.68
N LEU IA 529 94.41 94.94 -33.91
CA LEU IA 529 94.07 93.76 -34.68
C LEU IA 529 94.41 93.93 -36.14
N VAL IA 530 94.12 95.10 -36.71
CA VAL IA 530 94.32 95.30 -38.13
C VAL IA 530 95.79 95.40 -38.49
N ARG IA 531 96.65 95.70 -37.54
CA ARG IA 531 98.08 95.70 -37.81
C ARG IA 531 98.69 94.33 -37.63
N SER IA 532 97.98 93.39 -37.04
CA SER IA 532 98.55 92.13 -36.63
C SER IA 532 97.92 90.97 -37.38
N ILE IA 533 97.60 91.17 -38.65
CA ILE IA 533 96.89 90.13 -39.39
C ILE IA 533 97.88 89.16 -40.01
N ALA IA 534 98.70 89.64 -40.92
CA ALA IA 534 99.61 88.74 -41.60
C ALA IA 534 100.85 89.50 -42.05
N PRO IA 535 102.04 88.97 -41.81
CA PRO IA 535 103.26 89.63 -42.25
C PRO IA 535 103.57 89.48 -43.73
N ALA IA 536 102.78 88.71 -44.47
CA ALA IA 536 103.09 88.47 -45.87
C ALA IA 536 102.66 89.61 -46.78
N VAL IA 537 102.03 90.65 -46.24
CA VAL IA 537 101.64 91.81 -47.02
C VAL IA 537 102.14 93.04 -46.28
N PHE IA 538 102.33 94.11 -47.04
CA PHE IA 538 102.60 95.43 -46.47
C PHE IA 538 101.61 96.43 -47.01
N GLY IA 539 101.20 97.37 -46.16
CA GLY IA 539 100.27 98.40 -46.57
C GLY IA 539 98.88 97.85 -46.82
N HIS IA 540 98.07 98.68 -47.49
CA HIS IA 540 96.69 98.43 -47.86
C HIS IA 540 95.83 98.05 -46.67
N GLU IA 541 95.57 98.99 -45.77
CA GLU IA 541 94.73 98.69 -44.62
C GLU IA 541 93.27 98.47 -44.99
N ALA IA 542 92.86 98.86 -46.20
CA ALA IA 542 91.47 98.69 -46.60
C ALA IA 542 91.10 97.22 -46.74
N VAL IA 543 91.93 96.43 -47.44
CA VAL IA 543 91.66 95.01 -47.58
C VAL IA 543 91.82 94.28 -46.26
N LYS IA 544 92.67 94.78 -45.38
CA LYS IA 544 92.88 94.13 -44.10
C LYS IA 544 91.68 94.28 -43.19
N LYS IA 545 90.97 95.39 -43.28
CA LYS IA 545 89.79 95.56 -42.45
C LYS IA 545 88.68 94.61 -42.86
N GLY IA 546 88.62 94.26 -44.13
CA GLY IA 546 87.55 93.41 -44.60
C GLY IA 546 87.69 91.97 -44.18
N ILE IA 547 88.88 91.39 -44.38
CA ILE IA 547 89.11 89.98 -44.10
C ILE IA 547 88.97 89.64 -42.63
N LEU IA 548 89.21 90.61 -41.75
CA LEU IA 548 88.97 90.37 -40.33
C LEU IA 548 87.49 90.19 -40.04
N LEU IA 549 86.65 91.03 -40.62
CA LEU IA 549 85.23 90.92 -40.40
C LEU IA 549 84.64 89.66 -40.99
N GLN IA 550 85.20 89.18 -42.08
CA GLN IA 550 84.80 87.89 -42.62
C GLN IA 550 85.21 86.76 -41.69
N MET IA 551 86.36 86.91 -41.04
CA MET IA 551 86.88 85.86 -40.17
C MET IA 551 85.97 85.65 -38.97
N LEU IA 552 85.51 86.74 -38.36
CA LEU IA 552 84.49 86.61 -37.34
C LEU IA 552 83.14 86.36 -37.99
N GLY IA 553 82.18 85.98 -37.17
CA GLY IA 553 80.80 85.79 -37.61
C GLY IA 553 79.93 86.91 -37.10
N GLY IA 554 78.76 87.08 -37.73
CA GLY IA 554 77.84 88.12 -37.32
C GLY IA 554 76.65 87.58 -36.55
N VAL IA 555 75.43 87.89 -37.01
CA VAL IA 555 74.22 87.29 -36.48
C VAL IA 555 73.54 86.49 -37.59
N HIS IA 556 72.70 85.55 -37.17
CA HIS IA 556 71.95 84.72 -38.09
C HIS IA 556 70.52 84.52 -37.65
N LYS IA 557 70.21 84.80 -36.40
CA LYS IA 557 68.87 84.69 -35.88
C LYS IA 557 68.01 85.75 -36.52
N SER IA 558 66.79 85.37 -36.90
CA SER IA 558 65.94 86.27 -37.68
C SER IA 558 64.46 86.12 -37.34
N THR IA 559 63.59 86.57 -38.24
CA THR IA 559 62.16 86.69 -38.05
C THR IA 559 61.51 85.36 -37.72
N VAL IA 560 60.32 85.44 -37.14
CA VAL IA 560 59.62 84.23 -36.72
C VAL IA 560 58.78 83.69 -37.86
N GLU IA 561 58.82 82.37 -38.02
CA GLU IA 561 58.02 81.59 -38.97
C GLU IA 561 58.24 82.05 -40.41
N GLY IA 562 59.39 81.70 -40.95
CA GLY IA 562 59.67 81.96 -42.35
C GLY IA 562 61.12 82.03 -42.63
N ILE IA 563 61.53 83.15 -43.22
CA ILE IA 563 62.82 83.35 -43.83
C ILE IA 563 63.91 83.33 -42.78
N LYS IA 564 64.96 82.57 -43.04
CA LYS IA 564 66.22 82.84 -42.37
C LYS IA 564 67.04 83.77 -43.24
N LEU IA 565 67.50 84.87 -42.65
CA LEU IA 565 68.20 85.91 -43.37
C LEU IA 565 69.64 85.50 -43.63
N ARG IA 566 70.46 86.46 -44.03
CA ARG IA 566 71.85 86.18 -44.28
C ARG IA 566 72.57 85.89 -42.96
N GLY IA 567 73.54 84.97 -43.03
CA GLY IA 567 74.31 84.63 -41.86
C GLY IA 567 75.55 85.49 -41.72
N ASP IA 568 76.05 86.01 -42.84
CA ASP IA 568 77.34 86.70 -42.86
C ASP IA 568 77.47 87.64 -44.05
N ILE IA 569 78.71 88.03 -44.27
CA ILE IA 569 79.11 88.92 -45.35
C ILE IA 569 80.03 88.11 -46.24
N ASN IA 570 79.94 88.29 -47.54
CA ASN IA 570 80.91 87.67 -48.43
C ASN IA 570 81.64 88.70 -49.26
N ILE IA 571 82.96 88.67 -49.19
CA ILE IA 571 83.82 89.66 -49.82
C ILE IA 571 84.83 88.93 -50.70
N CYS IA 572 84.90 89.33 -51.95
CA CYS IA 572 85.92 88.92 -52.91
C CYS IA 572 86.91 90.06 -53.07
N VAL IA 573 88.01 89.78 -53.78
CA VAL IA 573 89.02 90.77 -54.13
C VAL IA 573 89.46 90.43 -55.54
N VAL IA 574 89.41 91.40 -56.45
CA VAL IA 574 89.98 91.18 -57.76
C VAL IA 574 91.34 91.88 -57.80
N GLY IA 575 92.19 91.44 -58.72
CA GLY IA 575 93.49 92.04 -58.90
C GLY IA 575 94.28 91.28 -59.95
N ASP IA 576 95.42 91.86 -60.30
CA ASP IA 576 96.34 91.21 -61.22
C ASP IA 576 96.97 90.00 -60.54
N PRO IA 577 97.08 88.87 -61.23
CA PRO IA 577 97.68 87.68 -60.61
C PRO IA 577 99.18 87.84 -60.43
N SER IA 578 99.74 86.87 -59.70
CA SER IA 578 101.14 86.87 -59.25
C SER IA 578 101.46 88.15 -58.49
N THR IA 579 100.56 88.56 -57.61
CA THR IA 579 100.73 89.75 -56.80
C THR IA 579 100.32 89.39 -55.38
N SER IA 580 100.02 90.37 -54.55
CA SER IA 580 99.74 90.14 -53.14
C SER IA 580 98.38 89.46 -52.90
N LYS IA 581 97.61 89.17 -53.95
CA LYS IA 581 96.35 88.48 -53.81
C LYS IA 581 96.51 87.07 -53.25
N SER IA 582 97.59 86.36 -53.58
CA SER IA 582 97.71 84.97 -53.17
C SER IA 582 98.04 84.82 -51.70
N GLN IA 583 98.42 85.91 -51.03
CA GLN IA 583 98.98 85.80 -49.69
C GLN IA 583 97.90 85.60 -48.65
N PHE IA 584 96.78 86.32 -48.78
CA PHE IA 584 95.66 86.13 -47.88
C PHE IA 584 95.08 84.73 -48.01
N LEU IA 585 94.98 84.25 -49.23
CA LEU IA 585 94.52 82.90 -49.52
C LEU IA 585 95.40 81.87 -48.86
N LYS IA 586 96.71 82.06 -48.92
CA LYS IA 586 97.61 81.22 -48.16
C LYS IA 586 97.47 81.43 -46.67
N TYR IA 587 97.03 82.61 -46.24
CA TYR IA 587 96.99 82.88 -44.83
C TYR IA 587 95.83 82.19 -44.12
N VAL IA 588 94.64 82.21 -44.72
CA VAL IA 588 93.45 81.86 -43.95
C VAL IA 588 93.25 80.38 -43.78
N VAL IA 589 93.69 79.56 -44.73
CA VAL IA 589 93.36 78.14 -44.76
C VAL IA 589 94.05 77.36 -43.65
N GLY IA 590 95.07 77.92 -43.02
CA GLY IA 590 95.67 77.29 -41.88
C GLY IA 590 95.26 78.03 -40.64
N PHE IA 591 94.67 79.21 -40.82
CA PHE IA 591 94.28 80.05 -39.71
C PHE IA 591 92.82 79.91 -39.34
N ALA IA 592 91.98 79.63 -40.28
CA ALA IA 592 90.57 79.54 -39.98
C ALA IA 592 90.23 78.15 -39.45
N PRO IA 593 89.15 78.02 -38.68
CA PRO IA 593 88.66 76.69 -38.34
C PRO IA 593 88.09 75.97 -39.55
N ARG IA 594 88.66 74.80 -39.83
CA ARG IA 594 88.31 73.81 -40.86
C ARG IA 594 87.87 74.38 -42.20
N SER IA 595 88.58 75.41 -42.67
CA SER IA 595 88.27 76.04 -43.94
C SER IA 595 89.09 75.42 -45.05
N VAL IA 596 88.46 75.21 -46.19
CA VAL IA 596 89.03 74.41 -47.27
C VAL IA 596 89.25 75.30 -48.48
N TYR IA 597 90.04 74.77 -49.42
CA TYR IA 597 90.48 75.55 -50.56
C TYR IA 597 90.36 74.70 -51.81
N THR IA 598 89.79 75.27 -52.85
CA THR IA 598 89.62 74.61 -54.13
C THR IA 598 89.92 75.65 -55.20
N SER IA 599 90.30 75.18 -56.39
CA SER IA 599 90.51 76.04 -57.55
C SER IA 599 89.31 76.10 -58.48
N GLY IA 600 88.46 75.10 -58.45
CA GLY IA 600 87.22 75.17 -59.19
C GLY IA 600 87.32 74.97 -60.68
N LYS IA 601 88.47 74.54 -61.18
CA LYS IA 601 88.56 74.19 -62.59
C LYS IA 601 87.86 72.87 -62.88
N ALA IA 602 87.85 71.96 -61.91
CA ALA IA 602 87.11 70.70 -62.03
C ALA IA 602 85.62 70.94 -61.89
N SER IA 603 85.02 71.55 -62.91
CA SER IA 603 83.65 72.07 -62.85
C SER IA 603 82.63 71.16 -63.48
N SER IA 604 83.05 70.03 -64.05
CA SER IA 604 82.11 69.18 -64.78
C SER IA 604 81.93 67.82 -64.11
N ALA IA 605 82.93 67.35 -63.38
CA ALA IA 605 82.78 66.06 -62.70
C ALA IA 605 81.98 66.22 -61.41
N ALA IA 606 82.54 66.95 -60.45
CA ALA IA 606 81.95 67.09 -59.12
C ALA IA 606 82.58 68.29 -58.43
N GLY IA 607 82.47 68.33 -57.11
CA GLY IA 607 83.21 69.29 -56.33
C GLY IA 607 82.46 70.58 -56.10
N LEU IA 608 82.75 71.58 -56.92
CA LEU IA 608 81.95 72.80 -56.93
C LEU IA 608 80.51 72.50 -57.26
N THR IA 609 80.28 71.98 -58.46
CA THR IA 609 78.99 71.45 -58.84
C THR IA 609 78.75 70.15 -58.07
N ALA IA 610 77.69 70.16 -57.27
CA ALA IA 610 77.30 68.99 -56.48
C ALA IA 610 76.68 67.96 -57.42
N ALA IA 611 77.29 66.78 -57.51
CA ALA IA 611 76.96 65.82 -58.56
C ALA IA 611 76.97 64.40 -58.02
N VAL IA 612 75.87 63.69 -58.24
CA VAL IA 612 75.61 62.38 -57.66
C VAL IA 612 76.57 61.36 -58.27
N VAL IA 613 76.97 60.36 -57.48
CA VAL IA 613 77.81 59.29 -58.03
C VAL IA 613 76.93 58.17 -58.58
N ARG IA 614 77.51 57.38 -59.48
CA ARG IA 614 76.80 56.25 -60.04
C ARG IA 614 76.80 55.10 -59.00
N ASP IA 615 75.93 54.12 -59.24
CA ASP IA 615 75.76 52.93 -58.41
C ASP IA 615 77.07 52.19 -58.19
N GLU IA 616 77.31 51.82 -56.93
CA GLU IA 616 78.48 51.08 -56.56
C GLU IA 616 78.18 50.28 -55.30
N GLU IA 617 78.40 48.96 -55.38
CA GLU IA 617 78.24 47.99 -54.28
C GLU IA 617 76.82 47.97 -53.71
N GLY IA 618 75.84 48.13 -54.59
CA GLY IA 618 74.45 47.95 -54.19
C GLY IA 618 73.67 49.21 -53.92
N GLY IA 619 74.24 50.39 -54.18
CA GLY IA 619 73.47 51.61 -54.04
C GLY IA 619 73.70 52.66 -55.12
N ASP IA 620 72.66 52.99 -55.88
CA ASP IA 620 72.69 54.17 -56.74
C ASP IA 620 72.15 55.35 -55.95
N TYR IA 621 72.37 56.55 -56.49
CA TYR IA 621 71.91 57.81 -55.91
C TYR IA 621 72.42 57.96 -54.48
N THR IA 622 73.72 58.18 -54.31
CA THR IA 622 74.24 58.51 -53.00
C THR IA 622 74.78 59.93 -53.04
N ILE IA 623 74.92 60.53 -51.86
CA ILE IA 623 75.43 61.88 -51.83
C ILE IA 623 76.93 61.87 -52.10
N GLU IA 624 77.44 63.03 -52.48
CA GLU IA 624 78.82 63.20 -52.87
C GLU IA 624 79.49 64.24 -52.00
N ALA IA 625 80.79 64.34 -52.17
CA ALA IA 625 81.61 65.34 -51.51
C ALA IA 625 81.57 66.64 -52.29
N GLY IA 626 82.57 67.48 -52.07
CA GLY IA 626 82.61 68.78 -52.70
C GLY IA 626 82.89 69.79 -51.62
N ALA IA 627 83.80 70.72 -51.87
CA ALA IA 627 84.29 71.57 -50.77
C ALA IA 627 83.35 72.74 -50.51
N LEU IA 628 82.07 72.45 -50.52
CA LEU IA 628 81.02 73.46 -50.39
C LEU IA 628 80.10 73.14 -49.25
N MET IA 629 79.65 71.91 -49.15
CA MET IA 629 78.76 71.52 -48.08
C MET IA 629 79.50 71.13 -46.81
N LEU IA 630 80.82 71.27 -46.78
CA LEU IA 630 81.58 71.07 -45.56
C LEU IA 630 82.22 72.34 -45.04
N ALA IA 631 81.68 73.51 -45.39
CA ALA IA 631 82.12 74.76 -44.78
C ALA IA 631 81.23 75.11 -43.59
N ASP IA 632 80.95 74.10 -42.79
CA ASP IA 632 80.29 74.30 -41.51
C ASP IA 632 81.35 74.78 -40.55
N ASN IA 633 81.07 75.91 -39.89
CA ASN IA 633 82.01 76.79 -39.19
C ASN IA 633 83.32 76.99 -39.97
N GLY IA 634 83.19 77.09 -41.29
CA GLY IA 634 84.35 77.19 -42.16
C GLY IA 634 84.11 78.23 -43.22
N ILE IA 635 85.20 78.87 -43.61
CA ILE IA 635 85.17 79.95 -44.58
C ILE IA 635 85.86 79.42 -45.82
N CYS IA 636 85.10 78.80 -46.71
CA CYS IA 636 85.67 78.17 -47.88
C CYS IA 636 86.20 79.25 -48.84
N CYS IA 637 87.26 78.90 -49.56
CA CYS IA 637 87.87 79.84 -50.47
C CYS IA 637 88.11 79.17 -51.80
N ILE IA 638 87.90 79.95 -52.86
CA ILE IA 638 87.77 79.43 -54.21
C ILE IA 638 88.05 80.58 -55.16
N ASP IA 639 88.83 80.32 -56.22
CA ASP IA 639 89.30 81.39 -57.08
C ASP IA 639 89.01 81.12 -58.54
N GLU IA 640 89.38 82.08 -59.39
CA GLU IA 640 89.31 82.01 -60.85
C GLU IA 640 87.91 81.76 -61.39
N PHE IA 641 87.03 82.73 -61.24
CA PHE IA 641 85.67 82.60 -61.74
C PHE IA 641 85.53 82.63 -63.25
N ASP IA 642 86.53 83.10 -63.99
CA ASP IA 642 86.35 83.27 -65.42
C ASP IA 642 86.40 81.97 -66.19
N LYS IA 643 87.14 80.99 -65.70
CA LYS IA 643 87.60 79.87 -66.50
C LYS IA 643 86.69 78.65 -66.40
N MET IA 644 85.62 78.72 -65.62
CA MET IA 644 84.67 77.64 -65.51
C MET IA 644 83.60 77.79 -66.58
N ASP IA 645 82.58 76.96 -66.51
CA ASP IA 645 81.54 77.01 -67.52
C ASP IA 645 80.43 77.97 -67.08
N ILE IA 646 79.29 77.90 -67.75
CA ILE IA 646 78.15 78.74 -67.43
C ILE IA 646 77.15 78.06 -66.53
N SER IA 647 77.27 76.74 -66.34
CA SER IA 647 76.24 76.04 -65.58
C SER IA 647 76.39 76.26 -64.07
N ASP IA 648 77.61 76.26 -63.57
CA ASP IA 648 77.83 76.49 -62.15
C ASP IA 648 77.51 77.92 -61.74
N GLN IA 649 77.58 78.85 -62.69
CA GLN IA 649 77.38 80.26 -62.43
C GLN IA 649 75.95 80.59 -62.02
N VAL IA 650 75.00 79.71 -62.29
CA VAL IA 650 73.71 79.84 -61.64
C VAL IA 650 73.64 78.93 -60.42
N ALA IA 651 74.49 77.89 -60.37
CA ALA IA 651 74.42 76.94 -59.26
C ALA IA 651 74.89 77.56 -57.97
N ILE IA 652 76.06 78.18 -57.97
CA ILE IA 652 76.51 78.86 -56.76
C ILE IA 652 75.72 80.14 -56.54
N HIS IA 653 75.12 80.68 -57.60
CA HIS IA 653 74.20 81.79 -57.45
C HIS IA 653 72.99 81.41 -56.62
N GLU IA 654 72.55 80.16 -56.74
CA GLU IA 654 71.54 79.67 -55.82
C GLU IA 654 72.13 79.45 -54.44
N ALA IA 655 73.41 79.07 -54.37
CA ALA IA 655 74.05 78.81 -53.09
C ALA IA 655 74.36 80.07 -52.30
N MET IA 656 74.11 81.24 -52.87
CA MET IA 656 74.50 82.48 -52.22
C MET IA 656 73.34 83.11 -51.44
N GLU IA 657 72.14 83.16 -52.02
CA GLU IA 657 71.05 83.93 -51.44
C GLU IA 657 70.54 83.30 -50.15
N GLN IA 658 70.03 82.09 -50.22
CA GLN IA 658 69.60 81.34 -49.06
C GLN IA 658 70.66 80.28 -48.79
N GLN IA 659 70.76 79.86 -47.54
CA GLN IA 659 71.89 79.05 -47.15
C GLN IA 659 71.73 77.57 -47.45
N THR IA 660 70.74 77.16 -48.24
CA THR IA 660 70.65 75.76 -48.60
C THR IA 660 70.89 75.62 -50.10
N ILE IA 661 71.03 74.36 -50.50
CA ILE IA 661 70.99 73.98 -51.91
C ILE IA 661 70.02 72.82 -52.02
N SER IA 662 69.51 72.63 -53.23
CA SER IA 662 68.56 71.56 -53.49
C SER IA 662 69.05 70.74 -54.66
N ILE IA 663 68.74 69.45 -54.62
CA ILE IA 663 69.08 68.58 -55.73
C ILE IA 663 68.05 67.46 -55.77
N ALA IA 664 67.65 67.10 -56.99
CA ALA IA 664 66.71 66.01 -57.21
C ALA IA 664 67.15 65.22 -58.42
N LYS IA 665 68.45 65.05 -58.57
CA LYS IA 665 69.03 64.49 -59.79
C LYS IA 665 69.02 62.98 -59.72
N ALA IA 666 68.12 62.36 -60.49
CA ALA IA 666 68.07 60.92 -60.76
C ALA IA 666 67.96 60.09 -59.49
N GLY IA 667 66.94 60.35 -58.71
CA GLY IA 667 66.84 59.83 -57.35
C GLY IA 667 65.95 60.82 -56.64
N ILE IA 668 65.74 60.66 -55.34
CA ILE IA 668 64.74 61.49 -54.67
C ILE IA 668 65.30 62.90 -54.46
N HIS IA 669 64.43 63.83 -54.11
CA HIS IA 669 64.88 65.18 -53.83
C HIS IA 669 65.70 65.20 -52.56
N ALA IA 670 66.60 66.18 -52.49
CA ALA IA 670 67.43 66.34 -51.32
C ALA IA 670 67.49 67.83 -51.01
N THR IA 671 67.41 68.14 -49.72
CA THR IA 671 67.53 69.49 -49.21
C THR IA 671 68.62 69.46 -48.15
N LEU IA 672 69.81 69.89 -48.50
CA LEU IA 672 70.87 70.00 -47.52
C LEU IA 672 71.17 71.46 -47.22
N ASN IA 673 71.15 71.78 -45.94
CA ASN IA 673 71.30 73.15 -45.46
C ASN IA 673 72.75 73.39 -45.08
N ALA IA 674 73.55 73.76 -46.06
CA ALA IA 674 74.96 73.98 -45.81
C ALA IA 674 75.19 75.48 -45.75
N ARG IA 675 75.13 76.03 -44.55
CA ARG IA 675 75.33 77.47 -44.42
C ARG IA 675 76.82 77.79 -44.58
N THR IA 676 77.09 78.84 -45.35
CA THR IA 676 78.40 79.01 -45.95
C THR IA 676 78.85 80.47 -45.87
N SER IA 677 80.10 80.68 -46.27
CA SER IA 677 80.70 82.02 -46.24
C SER IA 677 81.79 82.01 -47.33
N ILE IA 678 81.44 82.46 -48.53
CA ILE IA 678 82.37 82.36 -49.64
C ILE IA 678 83.30 83.56 -49.64
N LEU IA 679 84.39 83.44 -50.39
CA LEU IA 679 85.44 84.44 -50.49
C LEU IA 679 86.22 84.15 -51.76
N ALA IA 680 86.30 85.12 -52.67
CA ALA IA 680 86.76 84.81 -54.01
C ALA IA 680 87.90 85.69 -54.45
N ALA IA 681 88.57 85.26 -55.53
CA ALA IA 681 89.57 86.08 -56.19
C ALA IA 681 89.67 85.74 -57.66
N ALA IA 682 88.90 86.44 -58.49
CA ALA IA 682 88.92 86.16 -59.92
C ALA IA 682 89.95 87.06 -60.61
N ASN IA 683 89.88 87.11 -61.93
CA ASN IA 683 90.88 87.80 -62.71
C ASN IA 683 90.23 88.86 -63.59
N PRO IA 684 90.92 89.97 -63.84
CA PRO IA 684 90.41 90.98 -64.78
C PRO IA 684 90.46 90.47 -66.22
N VAL IA 685 89.88 91.26 -67.11
CA VAL IA 685 89.73 90.83 -68.49
C VAL IA 685 91.05 90.91 -69.26
N GLY IA 686 92.04 91.64 -68.76
CA GLY IA 686 93.28 91.78 -69.49
C GLY IA 686 94.50 91.67 -68.61
N GLY IA 687 94.30 91.53 -67.30
CA GLY IA 687 95.42 91.51 -66.39
C GLY IA 687 95.67 92.89 -65.83
N ARG IA 688 95.49 93.93 -66.65
CA ARG IA 688 95.62 95.30 -66.21
C ARG IA 688 94.25 95.96 -66.09
N TYR IA 689 94.07 96.67 -64.99
CA TYR IA 689 92.78 97.29 -64.69
C TYR IA 689 92.64 98.61 -65.44
N ASN IA 690 91.54 98.75 -66.16
CA ASN IA 690 91.21 100.02 -66.80
C ASN IA 690 90.93 101.07 -65.74
N ARG IA 691 91.15 102.33 -66.09
CA ARG IA 691 91.04 103.42 -65.12
C ARG IA 691 89.92 104.38 -65.45
N LYS IA 692 89.87 104.87 -66.69
CA LYS IA 692 88.84 105.82 -67.09
C LYS IA 692 87.47 105.18 -67.17
N LEU IA 693 87.39 103.87 -67.36
CA LEU IA 693 86.13 103.15 -67.53
C LEU IA 693 85.57 102.80 -66.15
N SER IA 694 84.58 101.92 -66.11
CA SER IA 694 84.09 101.40 -64.86
C SER IA 694 84.52 99.95 -64.73
N LEU IA 695 84.19 99.36 -63.59
CA LEU IA 695 84.41 97.95 -63.36
C LEU IA 695 83.35 97.07 -63.99
N ARG IA 696 82.30 97.68 -64.57
CA ARG IA 696 81.25 96.93 -65.23
C ARG IA 696 81.78 96.15 -66.43
N GLY IA 697 82.83 96.65 -67.06
CA GLY IA 697 83.49 95.89 -68.09
C GLY IA 697 84.59 94.97 -67.62
N ASN IA 698 85.26 95.29 -66.53
CA ASN IA 698 86.36 94.46 -66.07
C ASN IA 698 85.94 93.41 -65.06
N LEU IA 699 84.66 93.35 -64.70
CA LEU IA 699 84.21 92.31 -63.79
C LEU IA 699 84.25 90.93 -64.42
N ASN IA 700 83.93 90.82 -65.72
CA ASN IA 700 83.98 89.60 -66.52
C ASN IA 700 83.05 88.51 -65.97
N MET IA 701 81.96 88.97 -65.36
CA MET IA 701 80.90 88.09 -64.88
C MET IA 701 79.59 88.58 -65.50
N THR IA 702 78.47 88.08 -64.99
CA THR IA 702 77.18 88.63 -65.38
C THR IA 702 76.78 89.71 -64.40
N ALA IA 703 75.60 90.28 -64.59
CA ALA IA 703 75.11 91.36 -63.74
C ALA IA 703 74.52 90.95 -62.38
N PRO IA 704 73.59 89.97 -62.25
CA PRO IA 704 72.90 89.84 -60.96
C PRO IA 704 73.75 89.22 -59.87
N ILE IA 705 74.82 88.51 -60.20
CA ILE IA 705 75.69 88.00 -59.14
C ILE IA 705 76.56 89.09 -58.57
N MET IA 706 76.71 90.21 -59.26
CA MET IA 706 77.42 91.35 -58.71
C MET IA 706 76.60 91.99 -57.59
N SER IA 707 75.33 92.28 -57.87
CA SER IA 707 74.47 92.86 -56.87
C SER IA 707 74.14 91.88 -55.76
N ARG IA 708 74.27 90.57 -56.03
CA ARG IA 708 74.10 89.56 -54.98
C ARG IA 708 75.30 89.58 -54.04
N PHE IA 709 76.35 90.27 -54.42
CA PHE IA 709 77.59 90.34 -53.68
C PHE IA 709 77.78 91.72 -53.05
N ASP IA 710 78.76 91.83 -52.16
CA ASP IA 710 79.23 93.13 -51.65
C ASP IA 710 80.36 93.66 -52.52
N LEU IA 711 81.07 94.68 -52.04
CA LEU IA 711 82.08 95.24 -52.92
C LEU IA 711 83.44 94.63 -52.66
N PHE IA 712 84.26 94.65 -53.72
CA PHE IA 712 85.40 93.79 -53.89
C PHE IA 712 86.70 94.41 -53.42
N PHE IA 713 86.74 95.73 -53.23
CA PHE IA 713 87.92 96.45 -52.79
C PHE IA 713 89.12 96.18 -53.70
N VAL IA 714 89.04 96.67 -54.93
CA VAL IA 714 89.97 96.31 -56.00
C VAL IA 714 91.39 96.76 -55.66
N ILE IA 715 92.34 95.85 -55.83
CA ILE IA 715 93.75 96.14 -55.58
C ILE IA 715 94.36 96.76 -56.82
N LEU IA 716 94.93 97.94 -56.65
CA LEU IA 716 95.66 98.64 -57.70
C LEU IA 716 97.15 98.46 -57.50
N ASP IA 717 97.92 98.79 -58.55
CA ASP IA 717 99.37 98.67 -58.55
C ASP IA 717 100.01 99.89 -59.18
N ASP IA 718 101.32 100.05 -58.96
CA ASP IA 718 102.10 101.16 -59.47
C ASP IA 718 103.57 100.77 -59.55
N CYS IA 719 104.27 101.36 -60.53
CA CYS IA 719 105.71 101.17 -60.70
C CYS IA 719 106.46 102.37 -60.11
N ASN IA 720 106.40 102.48 -58.80
CA ASN IA 720 106.99 103.64 -58.13
C ASN IA 720 108.33 103.27 -57.52
N GLU IA 721 109.27 104.21 -57.63
CA GLU IA 721 110.67 103.95 -57.32
C GLU IA 721 110.95 103.91 -55.84
N LYS IA 722 109.99 104.27 -55.01
CA LYS IA 722 110.19 104.19 -53.56
C LYS IA 722 109.53 102.94 -52.97
N ILE IA 723 108.34 102.59 -53.46
CA ILE IA 723 107.56 101.53 -52.83
C ILE IA 723 108.14 100.16 -53.09
N ASP IA 724 108.97 100.04 -54.11
CA ASP IA 724 109.60 98.78 -54.45
C ASP IA 724 110.71 98.41 -53.48
N THR IA 725 111.53 99.40 -53.10
CA THR IA 725 112.67 99.14 -52.25
C THR IA 725 112.23 98.80 -50.84
N GLU IA 726 111.17 99.46 -50.36
CA GLU IA 726 110.67 99.14 -49.04
C GLU IA 726 109.99 97.79 -49.02
N LEU IA 727 109.29 97.44 -50.10
CA LEU IA 727 108.73 96.10 -50.20
C LEU IA 727 109.81 95.07 -50.39
N ALA IA 728 110.93 95.46 -50.99
CA ALA IA 728 112.08 94.57 -51.07
C ALA IA 728 112.66 94.34 -49.68
N SER IA 729 112.82 95.40 -48.89
CA SER IA 729 113.31 95.22 -47.54
C SER IA 729 112.29 94.52 -46.66
N HIS IA 730 111.00 94.72 -46.91
CA HIS IA 730 109.96 94.00 -46.21
C HIS IA 730 109.96 92.53 -46.55
N ILE IA 731 110.32 92.16 -47.78
CA ILE IA 731 110.29 90.76 -48.14
C ILE IA 731 111.57 90.04 -47.75
N VAL IA 732 112.69 90.74 -47.60
CA VAL IA 732 113.92 90.00 -47.36
C VAL IA 732 114.02 89.52 -45.93
N ASP IA 733 113.44 90.24 -44.99
CA ASP IA 733 113.42 89.77 -43.62
C ASP IA 733 112.46 88.61 -43.43
N LEU IA 734 111.51 88.46 -44.35
CA LEU IA 734 110.57 87.35 -44.29
C LEU IA 734 111.29 86.03 -44.51
N HIS IA 735 111.98 85.88 -45.63
CA HIS IA 735 112.66 84.63 -45.93
C HIS IA 735 114.06 84.59 -45.36
N MET IA 736 114.35 85.42 -44.37
CA MET IA 736 115.46 85.15 -43.50
C MET IA 736 115.25 83.83 -42.80
N LYS IA 737 116.35 83.13 -42.54
CA LYS IA 737 116.28 81.93 -41.71
C LYS IA 737 115.78 82.28 -40.32
N ARG IA 738 116.30 83.37 -39.74
CA ARG IA 738 115.76 83.89 -38.48
C ARG IA 738 116.03 85.39 -38.43
N ASP IA 739 115.01 86.17 -38.78
CA ASP IA 739 114.96 87.57 -38.37
C ASP IA 739 113.50 87.86 -37.99
N GLU IA 740 113.14 87.53 -36.75
CA GLU IA 740 111.79 87.74 -36.26
C GLU IA 740 111.74 89.00 -35.41
N ALA IA 741 112.00 90.13 -36.09
CA ALA IA 741 112.07 91.41 -35.40
C ALA IA 741 110.71 92.11 -35.39
N ILE IA 742 109.84 91.77 -36.34
CA ILE IA 742 108.48 92.29 -36.36
C ILE IA 742 107.72 91.72 -35.17
N GLU IA 743 107.03 92.59 -34.43
CA GLU IA 743 106.26 92.17 -33.28
C GLU IA 743 104.77 92.36 -33.57
N PRO IA 744 104.06 91.33 -33.98
CA PRO IA 744 102.62 91.35 -33.86
C PRO IA 744 102.24 91.31 -32.39
N PRO IA 745 101.35 92.22 -31.96
CA PRO IA 745 100.98 92.26 -30.53
C PRO IA 745 100.18 91.07 -30.06
N PHE IA 746 99.73 90.21 -30.96
CA PHE IA 746 98.98 89.03 -30.58
C PHE IA 746 99.59 87.80 -31.24
N SER IA 747 99.37 86.65 -30.63
CA SER IA 747 99.82 85.38 -31.18
C SER IA 747 98.79 84.84 -32.15
N ALA IA 748 99.08 83.69 -32.72
CA ALA IA 748 98.07 82.94 -33.46
C ALA IA 748 96.98 82.40 -32.55
N GLU IA 749 97.35 81.81 -31.42
CA GLU IA 749 96.33 81.20 -30.57
C GLU IA 749 95.61 82.22 -29.71
N GLN IA 750 96.31 83.25 -29.22
CA GLN IA 750 95.65 84.18 -28.33
C GLN IA 750 94.82 85.20 -29.08
N LEU IA 751 94.99 85.27 -30.39
CA LEU IA 751 93.96 85.88 -31.21
C LEU IA 751 92.81 84.91 -31.42
N ARG IA 752 93.11 83.61 -31.54
CA ARG IA 752 92.09 82.62 -31.83
C ARG IA 752 91.10 82.45 -30.70
N ARG IA 753 91.58 82.43 -29.47
CA ARG IA 753 90.63 82.38 -28.37
C ARG IA 753 89.95 83.72 -28.17
N TYR IA 754 90.56 84.82 -28.61
CA TYR IA 754 89.95 86.12 -28.43
C TYR IA 754 88.69 86.28 -29.25
N ILE IA 755 88.74 85.89 -30.52
CA ILE IA 755 87.52 85.91 -31.32
C ILE IA 755 86.54 84.85 -30.86
N LYS IA 756 87.03 83.78 -30.24
CA LYS IA 756 86.13 82.83 -29.61
C LYS IA 756 85.46 83.41 -28.39
N TYR IA 757 86.05 84.44 -27.79
CA TYR IA 757 85.28 85.21 -26.85
C TYR IA 757 84.35 86.18 -27.56
N ALA IA 758 84.70 86.60 -28.76
CA ALA IA 758 83.92 87.62 -29.42
C ALA IA 758 82.62 87.09 -30.02
N ARG IA 759 82.57 85.81 -30.36
CA ARG IA 759 81.43 85.29 -31.09
C ARG IA 759 80.18 85.14 -30.23
N THR IA 760 80.34 85.03 -28.93
CA THR IA 760 79.23 84.59 -28.09
C THR IA 760 78.40 85.74 -27.54
N PHE IA 761 78.18 86.80 -28.31
CA PHE IA 761 77.19 87.79 -27.93
C PHE IA 761 76.07 87.85 -28.98
N LYS IA 762 75.20 88.82 -28.82
CA LYS IA 762 74.12 89.06 -29.77
C LYS IA 762 73.79 90.54 -29.68
N PRO IA 763 74.58 91.40 -30.30
CA PRO IA 763 74.37 92.84 -30.13
C PRO IA 763 73.17 93.33 -30.91
N ILE IA 764 72.30 94.08 -30.23
CA ILE IA 764 71.07 94.59 -30.80
C ILE IA 764 71.10 96.11 -30.73
N LEU IA 765 70.74 96.76 -31.83
CA LEU IA 765 70.51 98.20 -31.85
C LEU IA 765 69.26 98.45 -31.02
N THR IA 766 69.24 99.58 -30.32
CA THR IA 766 68.04 100.02 -29.63
C THR IA 766 67.83 101.53 -29.82
N LYS IA 767 68.81 102.22 -30.38
CA LYS IA 767 68.78 103.67 -30.43
C LYS IA 767 67.86 104.14 -31.56
N GLU IA 768 67.75 105.45 -31.72
CA GLU IA 768 66.90 106.06 -32.74
C GLU IA 768 67.65 106.33 -34.02
N ALA IA 769 68.83 105.74 -34.19
CA ALA IA 769 69.59 105.88 -35.41
C ALA IA 769 69.02 105.09 -36.58
N ARG IA 770 67.96 104.30 -36.33
CA ARG IA 770 67.12 103.78 -37.40
C ARG IA 770 66.63 104.92 -38.30
N SER IA 771 66.17 106.00 -37.68
CA SER IA 771 65.82 107.20 -38.43
C SER IA 771 67.03 107.83 -39.09
N TYR IA 772 68.18 107.76 -38.43
CA TYR IA 772 69.42 108.18 -39.06
C TYR IA 772 69.86 107.22 -40.15
N LEU IA 773 69.51 105.94 -40.02
CA LEU IA 773 69.87 104.96 -41.03
C LEU IA 773 69.13 105.19 -42.34
N VAL IA 774 67.81 105.34 -42.27
CA VAL IA 774 66.98 105.26 -43.46
C VAL IA 774 67.19 106.41 -44.43
N GLU IA 775 67.62 107.57 -43.95
CA GLU IA 775 67.81 108.70 -44.83
C GLU IA 775 69.05 108.57 -45.70
N LYS IA 776 70.12 108.01 -45.16
CA LYS IA 776 71.37 107.99 -45.89
C LYS IA 776 71.33 107.04 -47.06
N TYR IA 777 70.71 105.87 -46.88
CA TYR IA 777 70.48 105.00 -48.03
C TYR IA 777 69.50 105.65 -48.99
N LYS IA 778 68.48 106.31 -48.47
CA LYS IA 778 67.56 107.03 -49.35
C LYS IA 778 68.29 108.13 -50.08
N GLU IA 779 69.30 108.71 -49.46
CA GLU IA 779 70.20 109.56 -50.22
C GLU IA 779 71.07 108.75 -51.15
N LEU IA 780 71.46 107.55 -50.74
CA LEU IA 780 72.45 106.79 -51.50
C LEU IA 780 71.89 106.29 -52.81
N ARG IA 781 70.69 105.71 -52.79
CA ARG IA 781 70.14 105.07 -53.98
C ARG IA 781 69.81 106.07 -55.09
N LYS IA 782 69.58 107.34 -54.74
CA LYS IA 782 69.31 108.38 -55.74
C LYS IA 782 70.55 108.84 -56.49
N ASP IA 783 71.71 108.29 -56.18
CA ASP IA 783 72.94 108.64 -56.86
C ASP IA 783 73.28 107.70 -58.00
N ASP IA 784 73.33 106.39 -57.72
CA ASP IA 784 73.73 105.39 -58.70
C ASP IA 784 72.64 105.09 -59.71
N ALA IA 785 71.41 105.53 -59.47
CA ALA IA 785 70.36 105.50 -60.48
C ALA IA 785 70.49 106.77 -61.31
N GLN IA 786 71.40 106.72 -62.29
CA GLN IA 786 71.74 107.93 -63.04
C GLN IA 786 70.69 108.27 -64.08
N GLY IA 787 69.68 107.43 -64.26
CA GLY IA 787 68.63 107.74 -65.20
C GLY IA 787 67.65 106.59 -65.25
N PHE IA 788 66.55 106.82 -65.98
CA PHE IA 788 65.58 105.78 -66.20
C PHE IA 788 66.11 104.67 -67.08
N SER IA 789 67.11 104.94 -67.90
CA SER IA 789 67.70 103.97 -68.81
C SER IA 789 69.20 103.86 -68.55
N ARG IA 790 69.63 104.22 -67.34
CA ARG IA 790 71.03 104.06 -66.97
C ARG IA 790 71.29 102.74 -66.28
N SER IA 791 72.43 102.65 -65.60
CA SER IA 791 73.06 101.42 -65.11
C SER IA 791 72.13 100.61 -64.21
N SER IA 792 72.14 99.30 -64.44
CA SER IA 792 71.40 98.34 -63.63
C SER IA 792 72.26 97.78 -62.50
N TYR IA 793 73.22 98.56 -62.02
CA TYR IA 793 73.87 98.27 -60.74
C TYR IA 793 73.13 98.98 -59.63
N ARG IA 794 71.82 98.83 -59.66
CA ARG IA 794 70.93 99.56 -58.80
C ARG IA 794 70.94 98.93 -57.43
N ILE IA 795 71.62 99.58 -56.50
CA ILE IA 795 71.90 99.02 -55.19
C ILE IA 795 70.62 99.00 -54.39
N THR IA 796 69.96 97.85 -54.38
CA THR IA 796 68.59 97.77 -53.93
C THR IA 796 68.47 97.44 -52.45
N VAL IA 797 67.26 97.03 -52.06
CA VAL IA 797 66.94 96.72 -50.67
C VAL IA 797 67.67 95.52 -50.11
N ARG IA 798 68.39 94.77 -50.96
CA ARG IA 798 69.27 93.74 -50.45
C ARG IA 798 70.38 94.32 -49.60
N GLN IA 799 70.86 95.51 -49.96
CA GLN IA 799 72.11 95.97 -49.41
C GLN IA 799 71.92 96.72 -48.10
N LEU IA 800 70.69 96.93 -47.67
CA LEU IA 800 70.48 97.45 -46.33
C LEU IA 800 70.80 96.38 -45.31
N GLU IA 801 70.59 95.12 -45.69
CA GLU IA 801 70.84 94.00 -44.81
C GLU IA 801 72.33 93.82 -44.53
N SER IA 802 73.15 93.84 -45.57
CA SER IA 802 74.59 93.83 -45.37
C SER IA 802 75.08 95.09 -44.67
N MET IA 803 74.35 96.20 -44.83
CA MET IA 803 74.71 97.44 -44.15
C MET IA 803 74.52 97.33 -42.65
N ILE IA 804 73.41 96.72 -42.22
CA ILE IA 804 73.26 96.56 -40.78
C ILE IA 804 74.00 95.33 -40.26
N ARG IA 805 74.13 94.29 -41.07
CA ARG IA 805 74.82 93.11 -40.55
C ARG IA 805 76.32 93.23 -40.65
N LEU IA 806 76.83 94.26 -41.33
CA LEU IA 806 78.20 94.61 -41.04
C LEU IA 806 78.28 95.35 -39.73
N SER IA 807 77.23 96.10 -39.40
CA SER IA 807 77.32 97.04 -38.31
C SER IA 807 77.25 96.36 -36.96
N GLU IA 808 76.55 95.25 -36.88
CA GLU IA 808 76.65 94.44 -35.68
C GLU IA 808 77.97 93.69 -35.61
N ALA IA 809 78.59 93.42 -36.76
CA ALA IA 809 79.82 92.66 -36.74
C ALA IA 809 80.98 93.50 -36.25
N ILE IA 810 81.06 94.75 -36.70
CA ILE IA 810 82.13 95.62 -36.24
C ILE IA 810 81.95 96.02 -34.78
N ALA IA 811 80.72 96.04 -34.28
CA ALA IA 811 80.52 96.20 -32.86
C ALA IA 811 80.82 94.93 -32.10
N ARG IA 812 80.75 93.77 -32.78
CA ARG IA 812 81.19 92.54 -32.14
C ARG IA 812 82.70 92.47 -32.05
N ALA IA 813 83.42 93.34 -32.76
CA ALA IA 813 84.86 93.45 -32.57
C ALA IA 813 85.19 94.19 -31.29
N ASN IA 814 84.54 95.31 -31.02
CA ASN IA 814 84.87 96.12 -29.86
C ASN IA 814 83.99 95.82 -28.65
N CYS IA 815 83.21 94.73 -28.72
CA CYS IA 815 82.50 94.14 -27.58
C CYS IA 815 81.49 95.11 -26.96
N VAL IA 816 80.71 95.77 -27.80
CA VAL IA 816 79.65 96.66 -27.37
C VAL IA 816 78.33 96.07 -27.87
N ASP IA 817 77.35 95.97 -26.97
CA ASP IA 817 76.11 95.27 -27.31
C ASP IA 817 75.10 96.22 -27.95
N GLU IA 818 75.05 97.46 -27.48
CA GLU IA 818 74.25 98.48 -28.12
C GLU IA 818 74.97 98.99 -29.36
N ILE IA 819 74.22 99.54 -30.31
CA ILE IA 819 74.84 100.09 -31.52
C ILE IA 819 74.66 101.60 -31.51
N THR IA 820 75.77 102.32 -31.56
CA THR IA 820 75.77 103.77 -31.61
C THR IA 820 75.47 104.23 -33.03
N PRO IA 821 74.98 105.47 -33.18
CA PRO IA 821 75.04 106.10 -34.51
C PRO IA 821 76.44 106.46 -34.93
N SER IA 822 77.40 106.47 -34.00
CA SER IA 822 78.79 106.72 -34.38
C SER IA 822 79.45 105.51 -35.00
N PHE IA 823 79.00 104.30 -34.67
CA PHE IA 823 79.64 103.11 -35.22
C PHE IA 823 79.25 102.89 -36.67
N ILE IA 824 77.99 103.15 -37.01
CA ILE IA 824 77.54 102.96 -38.38
C ILE IA 824 77.97 104.08 -39.30
N ALA IA 825 78.54 105.15 -38.77
CA ALA IA 825 79.12 106.18 -39.61
C ALA IA 825 80.28 105.63 -40.42
N GLU IA 826 81.16 104.84 -39.79
CA GLU IA 826 82.25 104.26 -40.54
C GLU IA 826 81.81 103.08 -41.38
N ALA IA 827 80.64 102.52 -41.09
CA ALA IA 827 80.00 101.61 -42.01
C ALA IA 827 79.58 102.29 -43.30
N TYR IA 828 79.12 103.54 -43.21
CA TYR IA 828 78.73 104.28 -44.41
C TYR IA 828 79.93 104.57 -45.27
N ASP IA 829 81.01 105.07 -44.67
CA ASP IA 829 82.15 105.49 -45.48
C ASP IA 829 82.97 104.29 -45.96
N LEU IA 830 82.77 103.12 -45.35
CA LEU IA 830 83.25 101.91 -45.98
C LEU IA 830 82.55 101.69 -47.31
N LEU IA 831 81.28 102.08 -47.41
CA LEU IA 831 80.62 101.92 -48.68
C LEU IA 831 80.61 103.21 -49.48
N ARG IA 832 80.89 104.36 -48.85
CA ARG IA 832 81.18 105.55 -49.62
C ARG IA 832 82.47 105.37 -50.41
N GLN IA 833 83.52 104.89 -49.75
CA GLN IA 833 84.76 104.57 -50.44
C GLN IA 833 84.62 103.40 -51.39
N SER IA 834 83.66 102.51 -51.13
CA SER IA 834 83.34 101.48 -52.10
C SER IA 834 82.60 102.04 -53.30
N ILE IA 835 81.60 102.90 -53.08
CA ILE IA 835 80.80 103.39 -54.21
C ILE IA 835 81.56 104.39 -55.07
N ILE IA 836 82.63 105.03 -54.56
CA ILE IA 836 83.47 105.79 -55.46
C ILE IA 836 84.38 104.85 -56.25
N ARG IA 837 84.76 103.71 -55.66
CA ARG IA 837 85.44 102.67 -56.41
C ARG IA 837 84.48 101.97 -57.35
N VAL IA 838 83.18 102.04 -57.07
CA VAL IA 838 82.20 101.71 -58.09
C VAL IA 838 82.19 102.76 -59.19
N ASP IA 839 82.05 104.03 -58.82
CA ASP IA 839 81.70 105.07 -59.80
C ASP IA 839 82.94 105.68 -60.43
N VAL IA 840 83.11 105.37 -61.72
CA VAL IA 840 84.15 105.82 -62.65
C VAL IA 840 85.56 105.99 -62.06
N MET JA 1 73.03 -14.41 -58.16
CA MET JA 1 71.84 -13.58 -58.01
C MET JA 1 70.88 -13.73 -59.17
N SER JA 2 69.59 -13.59 -58.89
CA SER JA 2 68.56 -13.79 -59.91
C SER JA 2 68.29 -12.51 -60.69
N ALA JA 3 67.24 -12.53 -61.52
CA ALA JA 3 66.83 -11.43 -62.40
C ALA JA 3 67.95 -11.02 -63.36
N ALA JA 4 68.31 -11.95 -64.25
CA ALA JA 4 69.09 -11.72 -65.48
C ALA JA 4 70.50 -11.22 -65.18
N LEU JA 5 71.01 -11.66 -64.04
CA LEU JA 5 72.41 -11.43 -63.76
C LEU JA 5 73.36 -12.25 -64.65
N PRO JA 6 73.13 -13.54 -64.94
CA PRO JA 6 73.98 -14.18 -65.94
C PRO JA 6 73.62 -13.72 -67.34
N SER JA 7 74.59 -13.81 -68.23
CA SER JA 7 74.39 -13.42 -69.60
C SER JA 7 74.35 -14.65 -70.50
N ILE JA 8 74.24 -14.38 -71.79
CA ILE JA 8 74.33 -15.42 -72.80
C ILE JA 8 75.78 -15.90 -72.89
N GLN JA 9 75.94 -17.14 -73.31
CA GLN JA 9 77.27 -17.68 -73.50
C GLN JA 9 77.90 -17.08 -74.75
N LEU JA 10 78.99 -16.34 -74.55
CA LEU JA 10 79.65 -15.73 -75.67
C LEU JA 10 80.76 -16.64 -76.17
N PRO JA 11 80.90 -16.79 -77.49
CA PRO JA 11 82.00 -17.61 -78.00
C PRO JA 11 83.36 -16.95 -77.88
N VAL JA 12 83.40 -15.63 -77.70
CA VAL JA 12 84.66 -14.90 -77.60
C VAL JA 12 85.07 -14.90 -76.13
N ASP JA 13 86.07 -15.71 -75.79
CA ASP JA 13 86.59 -15.76 -74.43
C ASP JA 13 87.92 -15.00 -74.38
N TYR JA 14 88.61 -15.13 -73.24
CA TYR JA 14 89.91 -14.52 -73.05
C TYR JA 14 91.03 -15.54 -72.88
N ASN JA 15 90.71 -16.76 -72.43
CA ASN JA 15 91.75 -17.75 -72.22
C ASN JA 15 92.35 -18.23 -73.53
N ASN JA 16 91.57 -18.18 -74.61
CA ASN JA 16 92.10 -18.42 -75.94
C ASN JA 16 93.03 -17.33 -76.41
N LEU JA 17 92.89 -16.12 -75.87
CA LEU JA 17 93.86 -15.09 -76.17
C LEU JA 17 95.01 -15.11 -75.18
N PHE JA 18 94.75 -15.59 -73.97
CA PHE JA 18 95.77 -15.61 -72.92
C PHE JA 18 96.94 -16.49 -73.29
N ASN JA 19 96.66 -17.69 -73.81
CA ASN JA 19 97.75 -18.53 -74.29
C ASN JA 19 98.29 -18.06 -75.62
N GLU JA 20 97.56 -17.23 -76.35
CA GLU JA 20 98.11 -16.73 -77.60
C GLU JA 20 99.10 -15.60 -77.33
N ILE JA 21 99.06 -14.99 -76.16
CA ILE JA 21 100.15 -14.10 -75.80
C ILE JA 21 101.30 -14.89 -75.19
N THR JA 22 101.04 -16.10 -74.69
CA THR JA 22 102.16 -16.93 -74.28
C THR JA 22 102.99 -17.38 -75.47
N ASP JA 23 102.37 -17.54 -76.64
CA ASP JA 23 103.16 -17.71 -77.86
C ASP JA 23 103.49 -16.38 -78.50
N PHE JA 24 103.47 -15.29 -77.74
CA PHE JA 24 104.28 -14.14 -78.08
C PHE JA 24 105.58 -14.15 -77.30
N LEU JA 25 106.13 -15.34 -77.05
CA LEU JA 25 107.48 -15.51 -76.53
C LEU JA 25 108.47 -15.40 -77.68
N VAL JA 26 109.70 -15.90 -77.52
CA VAL JA 26 110.64 -15.85 -78.63
C VAL JA 26 110.16 -16.85 -79.69
N THR JA 27 109.41 -16.33 -80.64
CA THR JA 27 109.03 -17.06 -81.85
C THR JA 27 109.06 -16.20 -83.11
N PHE JA 28 108.95 -14.87 -82.99
CA PHE JA 28 108.92 -14.05 -84.17
C PHE JA 28 110.33 -13.78 -84.68
N LYS JA 29 110.77 -14.60 -85.64
CA LYS JA 29 112.14 -14.60 -86.13
C LYS JA 29 112.33 -13.88 -87.45
N GLN JA 30 111.25 -13.41 -88.09
CA GLN JA 30 111.40 -12.65 -89.32
C GLN JA 30 111.94 -11.26 -89.01
N ASP JA 31 111.39 -10.60 -87.99
CA ASP JA 31 111.89 -9.32 -87.54
C ASP JA 31 111.92 -9.31 -86.03
N LYS JA 59 119.11 -8.38 -82.96
CA LYS JA 59 119.14 -9.11 -84.22
C LYS JA 59 118.30 -10.39 -84.15
N GLY JA 60 118.01 -10.85 -82.94
CA GLY JA 60 117.21 -12.04 -82.75
C GLY JA 60 115.75 -11.71 -82.61
N PRO JA 61 115.17 -11.99 -81.44
CA PRO JA 61 113.80 -11.52 -81.17
C PRO JA 61 113.80 -10.02 -80.92
N LYS JA 62 113.28 -9.28 -81.92
CA LYS JA 62 113.49 -7.84 -81.97
C LYS JA 62 112.69 -7.11 -80.90
N TYR JA 63 111.45 -7.54 -80.65
CA TYR JA 63 110.69 -6.94 -79.56
C TYR JA 63 111.25 -7.32 -78.20
N MET JA 64 111.97 -8.44 -78.12
CA MET JA 64 112.73 -8.76 -76.92
C MET JA 64 114.02 -7.97 -76.83
N ALA JA 65 114.55 -7.50 -77.96
CA ALA JA 65 115.74 -6.66 -77.92
C ALA JA 65 115.44 -5.31 -77.30
N MET JA 66 114.26 -4.76 -77.58
CA MET JA 66 113.81 -3.54 -76.93
C MET JA 66 113.54 -3.74 -75.45
N LEU JA 67 113.28 -4.99 -75.02
CA LEU JA 67 113.08 -5.27 -73.61
C LEU JA 67 114.35 -5.10 -72.80
N GLN JA 68 115.51 -5.17 -73.44
CA GLN JA 68 116.75 -5.03 -72.72
C GLN JA 68 117.17 -3.59 -72.53
N LYS JA 69 116.74 -2.69 -73.42
CA LYS JA 69 117.09 -1.28 -73.34
C LYS JA 69 116.14 -0.49 -72.46
N VAL JA 70 115.40 -1.15 -71.58
CA VAL JA 70 114.52 -0.48 -70.63
C VAL JA 70 114.95 -0.90 -69.24
N ALA JA 71 115.28 -2.19 -69.08
CA ALA JA 71 115.65 -2.75 -67.78
C ALA JA 71 116.94 -2.13 -67.25
N ASN JA 72 117.83 -1.70 -68.13
CA ASN JA 72 119.00 -0.93 -67.76
C ASN JA 72 118.73 0.56 -67.61
N ARG JA 73 117.46 0.96 -67.56
CA ARG JA 73 117.00 2.27 -67.08
C ARG JA 73 117.54 3.45 -67.88
N GLU JA 74 117.16 3.55 -69.16
CA GLU JA 74 117.44 4.77 -69.92
C GLU JA 74 116.24 5.25 -70.72
N LEU JA 75 115.21 4.43 -70.86
CA LEU JA 75 114.06 4.79 -71.69
C LEU JA 75 112.86 3.97 -71.23
N ASN JA 76 111.69 4.61 -71.16
CA ASN JA 76 110.53 4.00 -70.52
C ASN JA 76 109.31 3.90 -71.41
N SER JA 77 109.49 3.63 -72.70
CA SER JA 77 108.32 3.50 -73.56
C SER JA 77 108.57 2.37 -74.56
N VAL JA 78 107.92 1.24 -74.33
CA VAL JA 78 107.91 0.21 -75.34
C VAL JA 78 106.85 0.56 -76.39
N ILE JA 79 106.97 -0.05 -77.56
CA ILE JA 79 106.06 0.20 -78.69
C ILE JA 79 105.63 -1.16 -79.20
N ILE JA 80 104.37 -1.54 -78.96
CA ILE JA 80 103.89 -2.84 -79.39
C ILE JA 80 102.95 -2.65 -80.58
N ASP JA 81 103.49 -2.63 -81.78
CA ASP JA 81 102.72 -2.15 -82.92
C ASP JA 81 101.79 -3.24 -83.43
N LEU JA 82 101.13 -2.95 -84.55
CA LEU JA 82 100.37 -3.94 -85.27
C LEU JA 82 101.19 -4.61 -86.35
N ASP JA 83 102.32 -4.00 -86.73
CA ASP JA 83 103.19 -4.60 -87.74
C ASP JA 83 103.76 -5.93 -87.25
N ASP JA 84 104.15 -5.99 -85.98
CA ASP JA 84 104.64 -7.22 -85.40
C ASP JA 84 103.51 -8.21 -85.11
N ILE JA 85 102.26 -7.81 -85.32
CA ILE JA 85 101.16 -8.76 -85.18
C ILE JA 85 100.74 -9.29 -86.55
N LEU JA 86 100.69 -8.41 -87.55
CA LEU JA 86 100.25 -8.83 -88.87
C LEU JA 86 101.27 -9.75 -89.55
N GLN JA 87 102.57 -9.46 -89.40
CA GLN JA 87 103.57 -10.36 -89.92
C GLN JA 87 103.60 -11.66 -89.14
N TYR JA 88 103.33 -11.58 -87.83
CA TYR JA 88 103.10 -12.76 -87.03
C TYR JA 88 101.87 -13.53 -87.48
N GLN JA 89 100.87 -12.82 -87.98
CA GLN JA 89 99.76 -13.50 -88.63
C GLN JA 89 100.04 -13.82 -90.08
N ASN JA 90 101.05 -13.19 -90.69
CA ASN JA 90 101.42 -13.54 -92.05
C ASN JA 90 102.08 -14.92 -92.09
N GLU JA 91 102.96 -15.21 -91.16
CA GLU JA 91 103.54 -16.55 -91.06
C GLU JA 91 102.71 -17.50 -90.23
N LYS JA 92 101.46 -17.15 -89.91
CA LYS JA 92 100.45 -18.11 -89.54
C LYS JA 92 99.49 -18.39 -90.67
N PHE JA 93 99.95 -18.23 -91.92
CA PHE JA 93 99.14 -18.60 -93.06
C PHE JA 93 99.28 -20.07 -93.39
N LEU JA 94 100.34 -20.72 -92.91
CA LEU JA 94 100.60 -22.12 -93.23
C LEU JA 94 100.21 -23.08 -92.13
N GLN JA 95 100.27 -22.67 -90.86
CA GLN JA 95 99.80 -23.53 -89.78
C GLN JA 95 98.27 -23.53 -89.81
N GLY JA 96 97.71 -24.62 -90.35
CA GLY JA 96 96.28 -24.75 -90.45
C GLY JA 96 95.63 -25.18 -89.15
N THR JA 97 95.61 -24.28 -88.17
CA THR JA 97 94.94 -24.52 -86.91
C THR JA 97 94.13 -23.28 -86.53
N GLN JA 98 93.34 -23.42 -85.48
CA GLN JA 98 92.40 -22.38 -85.08
C GLN JA 98 93.14 -21.28 -84.32
N ALA JA 99 93.42 -20.18 -85.00
CA ALA JA 99 93.99 -18.98 -84.38
C ALA JA 99 93.05 -17.82 -84.63
N ASP JA 100 92.39 -17.36 -83.55
CA ASP JA 100 91.42 -16.28 -83.62
C ASP JA 100 92.10 -14.97 -84.02
N ASP JA 101 91.29 -14.06 -84.53
CA ASP JA 101 91.80 -12.80 -85.02
C ASP JA 101 92.19 -11.89 -83.85
N LEU JA 102 93.26 -11.13 -84.06
CA LEU JA 102 93.82 -10.27 -83.04
C LEU JA 102 93.37 -8.83 -83.18
N VAL JA 103 93.40 -8.29 -84.40
CA VAL JA 103 92.91 -6.92 -84.59
C VAL JA 103 91.40 -6.83 -84.49
N SER JA 104 90.70 -7.96 -84.51
CA SER JA 104 89.30 -8.01 -84.14
C SER JA 104 89.08 -7.58 -82.70
N ALA JA 105 89.60 -8.34 -81.76
CA ALA JA 105 89.35 -8.13 -80.35
C ALA JA 105 89.95 -6.84 -79.83
N ILE JA 106 91.11 -6.43 -80.36
CA ILE JA 106 91.71 -5.19 -79.89
C ILE JA 106 91.06 -3.94 -80.47
N GLN JA 107 90.20 -4.07 -81.48
CA GLN JA 107 89.31 -2.95 -81.76
C GLN JA 107 87.95 -3.14 -81.13
N GLN JA 108 87.63 -4.33 -80.66
CA GLN JA 108 86.39 -4.53 -79.92
C GLN JA 108 86.45 -3.81 -78.57
N ASN JA 109 87.37 -4.24 -77.70
CA ASN JA 109 87.52 -3.66 -76.37
C ASN JA 109 89.03 -3.47 -76.15
N ALA JA 110 89.52 -2.31 -76.54
CA ALA JA 110 90.96 -2.10 -76.58
C ALA JA 110 91.57 -1.97 -75.19
N ASN JA 111 90.82 -1.44 -74.23
CA ASN JA 111 91.41 -1.21 -72.92
C ASN JA 111 91.65 -2.49 -72.16
N HIS JA 112 90.97 -3.56 -72.52
CA HIS JA 112 91.23 -4.84 -71.86
C HIS JA 112 92.50 -5.50 -72.35
N PHE JA 113 93.17 -4.92 -73.33
CA PHE JA 113 94.39 -5.46 -73.90
C PHE JA 113 95.64 -4.79 -73.37
N THR JA 114 95.70 -4.47 -72.09
CA THR JA 114 96.95 -4.12 -71.44
C THR JA 114 97.18 -4.87 -70.14
N GLU JA 115 96.13 -5.30 -69.46
CA GLU JA 115 96.24 -5.95 -68.16
C GLU JA 115 96.60 -7.43 -68.28
N LEU JA 116 96.10 -8.12 -69.30
CA LEU JA 116 96.58 -9.46 -69.56
C LEU JA 116 97.92 -9.42 -70.27
N PHE JA 117 98.29 -8.28 -70.81
CA PHE JA 117 99.57 -8.11 -71.48
C PHE JA 117 100.71 -8.06 -70.49
N CYS JA 118 100.61 -7.24 -69.45
CA CYS JA 118 101.63 -7.13 -68.42
C CYS JA 118 101.78 -8.41 -67.60
N ARG JA 119 100.71 -9.18 -67.41
CA ARG JA 119 100.84 -10.46 -66.73
C ARG JA 119 101.43 -11.53 -67.63
N ALA JA 120 101.79 -11.19 -68.86
CA ALA JA 120 102.59 -12.07 -69.71
C ALA JA 120 104.06 -11.68 -69.77
N ILE JA 121 104.41 -10.43 -69.47
CA ILE JA 121 105.80 -10.02 -69.63
C ILE JA 121 106.66 -10.53 -68.48
N ASP JA 122 106.08 -10.61 -67.27
CA ASP JA 122 106.84 -10.90 -66.06
C ASP JA 122 107.39 -12.31 -66.05
N ASN JA 123 106.70 -13.27 -66.66
CA ASN JA 123 107.26 -14.62 -66.77
C ASN JA 123 108.40 -14.68 -67.77
N ASN JA 124 108.54 -13.65 -68.62
CA ASN JA 124 109.56 -13.63 -69.67
C ASN JA 124 110.37 -12.34 -69.65
N MET JA 125 110.65 -11.80 -68.50
CA MET JA 125 111.47 -10.62 -68.37
C MET JA 125 112.81 -10.99 -67.73
N PRO JA 126 113.94 -10.78 -68.41
CA PRO JA 126 115.23 -11.04 -67.78
C PRO JA 126 115.64 -9.92 -66.82
N LEU JA 127 115.54 -10.17 -65.50
CA LEU JA 127 115.66 -9.08 -64.54
C LEU JA 127 117.09 -8.57 -64.36
N PRO JA 128 118.08 -9.39 -63.90
CA PRO JA 128 119.33 -8.70 -63.49
C PRO JA 128 120.34 -8.50 -64.62
N THR JA 129 119.86 -7.89 -65.70
CA THR JA 129 120.68 -7.70 -66.89
C THR JA 129 121.45 -6.39 -66.88
N LYS JA 130 121.29 -5.55 -65.87
CA LYS JA 130 121.99 -4.29 -65.78
C LYS JA 130 122.97 -4.32 -64.61
N GLU JA 131 123.74 -3.24 -64.52
CA GLU JA 131 124.81 -3.10 -63.53
C GLU JA 131 124.76 -1.68 -62.95
N ILE JA 132 124.16 -1.54 -61.77
CA ILE JA 132 124.01 -0.27 -61.05
C ILE JA 132 124.49 -0.48 -59.62
N ASP JA 133 125.56 0.23 -59.23
CA ASP JA 133 126.19 -0.10 -57.96
C ASP JA 133 125.53 0.58 -56.76
N TYR JA 134 125.71 1.90 -56.62
CA TYR JA 134 125.07 2.64 -55.53
C TYR JA 134 124.22 3.79 -56.07
N LYS JA 135 124.88 4.66 -56.82
CA LYS JA 135 124.25 5.79 -57.49
C LYS JA 135 123.89 5.39 -58.92
N ASP JA 136 123.65 6.40 -59.78
CA ASP JA 136 123.39 6.26 -61.22
C ASP JA 136 122.04 5.59 -61.48
N ASP JA 137 121.13 5.67 -60.50
CA ASP JA 137 119.74 5.27 -60.68
C ASP JA 137 118.91 6.00 -59.63
N VAL JA 138 117.84 6.64 -60.07
CA VAL JA 138 116.88 7.25 -59.15
C VAL JA 138 116.10 6.14 -58.43
N LEU JA 139 116.00 6.28 -57.10
CA LEU JA 139 115.15 5.45 -56.24
C LEU JA 139 115.59 3.98 -56.30
N ASP JA 140 116.87 3.80 -55.99
CA ASP JA 140 117.54 2.54 -56.29
C ASP JA 140 117.83 1.70 -55.06
N VAL JA 141 118.56 2.25 -54.08
CA VAL JA 141 118.89 1.47 -52.89
C VAL JA 141 117.66 1.34 -52.00
N ILE JA 142 116.73 2.29 -52.10
CA ILE JA 142 115.61 2.33 -51.16
C ILE JA 142 114.50 1.36 -51.56
N LEU JA 143 114.23 1.20 -52.85
CA LEU JA 143 113.27 0.18 -53.27
C LEU JA 143 113.76 -1.22 -52.95
N ASN JA 144 115.07 -1.46 -53.10
CA ASN JA 144 115.65 -2.72 -52.64
C ASN JA 144 115.69 -2.79 -51.13
N GLN JA 145 115.87 -1.64 -50.45
CA GLN JA 145 115.67 -1.60 -49.01
C GLN JA 145 114.24 -1.93 -48.65
N ARG JA 146 113.28 -1.40 -49.42
CA ARG JA 146 111.88 -1.71 -49.20
C ARG JA 146 111.54 -3.13 -49.57
N ARG JA 147 112.11 -3.63 -50.67
CA ARG JA 147 111.83 -5.00 -51.09
C ARG JA 147 112.40 -6.01 -50.11
N LEU JA 148 113.61 -5.77 -49.61
CA LEU JA 148 114.20 -6.66 -48.62
C LEU JA 148 113.51 -6.53 -47.27
N ARG JA 149 112.92 -5.36 -46.99
CA ARG JA 149 112.15 -5.23 -45.76
C ARG JA 149 110.82 -5.95 -45.86
N ASN JA 150 110.31 -6.15 -47.08
CA ASN JA 150 109.14 -7.02 -47.24
C ASN JA 150 109.55 -8.47 -47.47
N GLU JA 151 110.74 -8.70 -48.03
CA GLU JA 151 111.19 -10.07 -48.26
C GLU JA 151 111.60 -10.76 -46.96
N ARG JA 152 112.27 -10.04 -46.07
CA ARG JA 152 112.57 -10.63 -44.76
C ARG JA 152 111.32 -10.77 -43.92
N MET JA 153 110.35 -9.88 -44.11
CA MET JA 153 109.06 -10.02 -43.44
C MET JA 153 108.13 -10.98 -44.16
N LEU JA 154 108.61 -11.71 -45.17
CA LEU JA 154 107.88 -12.86 -45.70
C LEU JA 154 108.12 -14.12 -44.88
N SER JA 155 109.13 -14.13 -44.01
CA SER JA 155 109.43 -15.29 -43.18
C SER JA 155 109.76 -14.88 -41.74
N ASP JA 156 109.08 -13.84 -41.22
CA ASP JA 156 109.31 -13.34 -39.88
C ASP JA 156 108.20 -13.72 -38.90
N ARG JA 157 107.67 -14.95 -39.00
CA ARG JA 157 106.71 -15.44 -38.03
C ARG JA 157 107.35 -16.34 -36.98
N THR JA 158 108.41 -17.06 -37.34
CA THR JA 158 109.14 -17.89 -36.39
C THR JA 158 110.65 -17.78 -36.62
N THR JA 189 101.37 -11.04 -43.75
CA THR JA 189 101.90 -11.33 -45.08
C THR JA 189 100.98 -10.79 -46.17
N GLU JA 190 101.55 -9.97 -47.05
CA GLU JA 190 100.85 -9.41 -48.20
C GLU JA 190 101.82 -9.38 -49.37
N LEU JA 191 101.46 -10.06 -50.45
CA LEU JA 191 102.25 -10.00 -51.67
C LEU JA 191 102.14 -8.62 -52.30
N PHE JA 192 103.06 -8.33 -53.20
CA PHE JA 192 103.02 -7.08 -53.92
C PHE JA 192 101.84 -7.09 -54.87
N PRO JA 193 100.99 -6.06 -54.88
CA PRO JA 193 100.14 -5.84 -56.03
C PRO JA 193 101.01 -5.57 -57.25
N PRO JA 194 100.59 -6.00 -58.44
CA PRO JA 194 101.49 -5.98 -59.60
C PRO JA 194 101.84 -4.58 -60.08
N ASN JA 195 101.11 -3.56 -59.62
CA ASN JA 195 101.37 -2.20 -60.02
C ASN JA 195 102.61 -1.60 -59.36
N LEU JA 196 103.15 -2.23 -58.32
CA LEU JA 196 104.28 -1.64 -57.60
C LEU JA 196 105.57 -1.68 -58.41
N THR JA 197 105.95 -2.87 -58.87
CA THR JA 197 107.23 -3.01 -59.56
C THR JA 197 106.97 -3.07 -61.05
N ARG JA 198 106.82 -1.91 -61.69
CA ARG JA 198 106.74 -1.91 -63.14
C ARG JA 198 107.93 -1.17 -63.73
N ARG JA 199 108.04 0.12 -63.39
CA ARG JA 199 109.00 1.07 -63.95
C ARG JA 199 108.98 1.10 -65.47
N TYR JA 200 107.81 0.90 -66.07
CA TYR JA 200 107.67 0.85 -67.52
C TYR JA 200 106.20 1.04 -67.84
N PHE JA 201 105.90 1.26 -69.12
CA PHE JA 201 104.54 1.45 -69.59
C PHE JA 201 104.30 0.62 -70.84
N LEU JA 202 103.10 0.74 -71.39
CA LEU JA 202 102.77 0.07 -72.64
C LEU JA 202 102.27 1.12 -73.62
N TYR JA 203 102.35 0.80 -74.91
CA TYR JA 203 101.83 1.65 -75.97
C TYR JA 203 101.36 0.79 -77.13
N PHE JA 204 100.62 1.43 -78.03
CA PHE JA 204 100.03 0.77 -79.18
C PHE JA 204 100.26 1.65 -80.40
N LYS JA 205 100.14 1.07 -81.58
CA LYS JA 205 100.29 1.83 -82.82
C LYS JA 205 99.59 1.14 -83.98
N PRO JA 206 98.58 1.75 -84.58
CA PRO JA 206 97.86 1.14 -85.70
C PRO JA 206 98.57 1.37 -87.02
N LEU JA 207 97.87 0.99 -88.10
CA LEU JA 207 98.41 0.96 -89.46
C LEU JA 207 97.45 1.63 -90.44
N SER JA 208 98.01 2.38 -91.39
CA SER JA 208 97.21 2.88 -92.51
C SER JA 208 98.03 2.87 -93.80
N GLN JA 209 98.77 1.79 -94.04
CA GLN JA 209 99.65 1.66 -95.17
C GLN JA 209 99.03 0.67 -96.15
N ASN JA 210 99.78 0.29 -97.20
CA ASN JA 210 99.33 -0.66 -98.20
C ASN JA 210 99.14 -2.06 -97.67
N CYS JA 211 99.55 -2.36 -96.44
CA CYS JA 211 99.12 -3.58 -95.78
C CYS JA 211 97.62 -3.63 -95.59
N ALA JA 212 96.98 -2.48 -95.35
CA ALA JA 212 95.53 -2.43 -95.40
C ALA JA 212 95.00 -2.72 -96.80
N ARG JA 213 95.76 -2.38 -97.84
CA ARG JA 213 95.40 -2.74 -99.20
C ARG JA 213 96.01 -4.08 -99.61
N ARG JA 214 96.73 -4.74 -98.72
CA ARG JA 214 97.15 -6.12 -99.00
C ARG JA 214 95.97 -7.06 -98.86
N TYR JA 215 95.43 -7.18 -97.65
CA TYR JA 215 94.36 -8.11 -97.38
C TYR JA 215 93.68 -7.73 -96.07
N ARG JA 216 92.42 -8.10 -95.96
CA ARG JA 216 91.58 -7.71 -94.86
C ARG JA 216 90.50 -8.75 -94.70
N ILE JA 220 91.62 0.31 -91.99
CA ILE JA 220 90.23 0.01 -91.67
C ILE JA 220 89.91 0.57 -90.29
N SER JA 221 90.67 0.14 -89.29
CA SER JA 221 90.53 0.65 -87.94
C SER JA 221 91.35 1.91 -87.71
N SER JA 222 91.90 2.50 -88.78
CA SER JA 222 92.74 3.68 -88.65
C SER JA 222 92.53 4.64 -89.82
N LYS JA 223 91.30 4.80 -90.26
CA LYS JA 223 90.98 5.90 -91.16
C LYS JA 223 90.82 7.17 -90.34
N PRO JA 224 91.31 8.31 -90.80
CA PRO JA 224 91.24 9.51 -89.97
C PRO JA 224 89.84 10.09 -89.99
N LEU JA 225 88.97 9.55 -89.18
CA LEU JA 225 87.61 10.04 -89.06
C LEU JA 225 87.62 11.36 -88.32
N SER JA 226 86.65 12.20 -88.63
CA SER JA 226 86.51 13.47 -87.95
C SER JA 226 85.78 13.26 -86.61
N VAL JA 227 85.62 14.32 -85.85
CA VAL JA 227 84.93 14.26 -84.59
C VAL JA 227 83.42 14.16 -84.78
N ARG JA 228 82.93 14.42 -85.99
CA ARG JA 228 81.51 14.69 -86.17
C ARG JA 228 80.69 13.40 -86.20
N GLN JA 229 81.29 12.32 -86.68
CA GLN JA 229 80.56 11.09 -86.93
C GLN JA 229 80.90 10.00 -85.93
N ILE JA 230 81.23 10.37 -84.70
CA ILE JA 230 82.01 9.49 -83.86
C ILE JA 230 81.24 8.95 -82.67
N LYS JA 231 79.98 9.32 -82.52
CA LYS JA 231 79.26 9.08 -81.28
C LYS JA 231 78.62 7.67 -81.22
N GLY JA 232 78.83 6.83 -82.22
CA GLY JA 232 78.02 5.63 -82.32
C GLY JA 232 78.57 4.46 -81.55
N ASP JA 233 78.95 3.41 -82.26
CA ASP JA 233 79.54 2.22 -81.66
C ASP JA 233 81.05 2.38 -81.46
N PHE JA 234 81.55 3.59 -81.68
CA PHE JA 234 82.96 3.91 -81.56
C PHE JA 234 83.33 4.28 -80.13
N LEU JA 235 82.62 3.73 -79.16
CA LEU JA 235 82.84 4.05 -77.75
C LEU JA 235 83.33 2.79 -77.06
N GLY JA 236 84.62 2.77 -76.78
CA GLY JA 236 85.26 1.61 -76.20
C GLY JA 236 86.19 0.97 -77.20
N GLN JA 237 86.65 1.75 -78.17
CA GLN JA 237 87.45 1.24 -79.26
C GLN JA 237 88.75 2.03 -79.34
N LEU JA 238 89.49 1.86 -80.43
CA LEU JA 238 90.73 2.56 -80.72
C LEU JA 238 90.51 3.27 -82.04
N ILE JA 239 90.50 4.59 -82.02
CA ILE JA 239 90.22 5.42 -83.19
C ILE JA 239 91.22 6.56 -83.20
N THR JA 240 91.73 6.92 -84.37
CA THR JA 240 92.50 8.14 -84.45
C THR JA 240 91.67 9.27 -85.03
N VAL JA 241 91.95 10.49 -84.57
CA VAL JA 241 91.27 11.70 -85.03
C VAL JA 241 92.32 12.79 -85.17
N ARG JA 242 92.25 13.55 -86.26
CA ARG JA 242 93.08 14.72 -86.45
C ARG JA 242 92.37 15.93 -85.84
N GLY JA 243 93.10 17.02 -85.67
CA GLY JA 243 92.50 18.20 -85.10
C GLY JA 243 93.53 19.31 -84.91
N ILE JA 244 93.18 20.23 -84.03
CA ILE JA 244 94.06 21.31 -83.63
C ILE JA 244 94.04 21.40 -82.11
N ILE JA 245 95.22 21.28 -81.50
CA ILE JA 245 95.30 21.16 -80.06
C ILE JA 245 95.22 22.55 -79.44
N THR JA 246 94.30 22.71 -78.49
CA THR JA 246 94.17 23.92 -77.70
C THR JA 246 94.01 23.55 -76.24
N ARG JA 247 94.14 24.58 -75.38
CA ARG JA 247 94.01 24.49 -73.92
C ARG JA 247 94.99 23.49 -73.32
N VAL JA 248 96.28 23.79 -73.39
CA VAL JA 248 97.30 22.92 -72.82
C VAL JA 248 97.42 23.28 -71.34
N SER JA 249 97.14 22.31 -70.48
CA SER JA 249 97.37 22.51 -69.05
C SER JA 249 98.82 22.20 -68.71
N ASP JA 250 99.10 22.03 -67.43
CA ASP JA 250 100.46 21.68 -67.03
C ASP JA 250 100.59 20.18 -66.76
N VAL JA 251 101.70 19.81 -66.16
CA VAL JA 251 102.02 18.43 -65.85
C VAL JA 251 101.92 18.27 -64.33
N LYS JA 252 101.01 17.46 -63.90
CA LYS JA 252 100.82 17.31 -62.47
C LYS JA 252 101.01 15.85 -62.08
N PRO JA 253 101.54 15.59 -60.88
CA PRO JA 253 101.74 14.21 -60.45
C PRO JA 253 100.43 13.55 -60.08
N ALA JA 254 100.14 12.44 -60.73
CA ALA JA 254 99.01 11.63 -60.33
C ALA JA 254 99.48 10.46 -59.49
N VAL JA 255 98.52 9.78 -58.90
CA VAL JA 255 98.78 8.70 -57.94
C VAL JA 255 98.41 7.37 -58.57
N GLU JA 256 99.22 6.36 -58.29
CA GLU JA 256 98.99 5.02 -58.83
C GLU JA 256 99.19 3.98 -57.73
N VAL JA 257 99.94 4.33 -56.71
CA VAL JA 257 100.21 3.45 -55.58
C VAL JA 257 100.15 4.27 -54.31
N ILE JA 258 100.01 3.58 -53.19
CA ILE JA 258 99.85 4.26 -51.91
C ILE JA 258 100.78 3.61 -50.90
N ALA JA 259 101.06 4.35 -49.82
CA ALA JA 259 101.82 3.81 -48.70
C ALA JA 259 101.42 4.60 -47.45
N TYR JA 260 100.64 3.97 -46.58
CA TYR JA 260 100.39 4.52 -45.26
C TYR JA 260 101.31 3.86 -44.26
N THR JA 261 101.92 4.68 -43.40
CA THR JA 261 102.70 4.19 -42.27
C THR JA 261 101.99 4.58 -41.00
N CYS JA 262 102.04 3.69 -40.00
CA CYS JA 262 101.39 3.93 -38.72
C CYS JA 262 102.41 4.11 -37.59
N ASP JA 263 103.70 4.10 -37.95
CA ASP JA 263 104.89 4.17 -37.08
C ASP JA 263 104.86 3.23 -35.86
N GLN JA 264 104.14 2.11 -35.96
CA GLN JA 264 104.25 1.10 -34.92
C GLN JA 264 104.71 -0.23 -35.52
N CYS JA 265 104.10 -0.64 -36.63
CA CYS JA 265 104.47 -1.92 -37.22
C CYS JA 265 105.30 -1.71 -38.47
N GLY JA 266 105.11 -0.58 -39.15
CA GLY JA 266 105.79 -0.35 -40.40
C GLY JA 266 105.26 -1.13 -41.56
N TYR JA 267 104.08 -1.73 -41.45
CA TYR JA 267 103.49 -2.45 -42.57
C TYR JA 267 102.73 -1.46 -43.45
N GLU JA 268 103.31 -1.18 -44.61
CA GLU JA 268 102.75 -0.17 -45.51
C GLU JA 268 101.60 -0.76 -46.30
N VAL JA 269 100.41 -0.30 -46.02
CA VAL JA 269 99.24 -0.83 -46.69
C VAL JA 269 99.15 -0.25 -48.10
N PHE JA 270 99.04 -1.14 -49.07
CA PHE JA 270 98.97 -0.79 -50.48
C PHE JA 270 97.53 -0.84 -50.95
N GLN JA 271 97.23 -0.06 -51.98
CA GLN JA 271 95.92 -0.13 -52.60
C GLN JA 271 96.04 0.34 -54.04
N GLU JA 272 95.09 -0.10 -54.85
CA GLU JA 272 94.96 0.36 -56.21
C GLU JA 272 94.34 1.75 -56.21
N VAL JA 273 94.74 2.58 -57.16
CA VAL JA 273 94.18 3.91 -57.25
C VAL JA 273 92.96 3.88 -58.15
N ASN JA 274 91.84 4.35 -57.61
CA ASN JA 274 90.60 4.48 -58.34
C ASN JA 274 90.52 5.85 -59.00
N SER JA 275 89.32 6.35 -59.22
CA SER JA 275 89.08 7.65 -59.83
C SER JA 275 89.59 8.78 -58.93
N ARG JA 276 89.36 10.02 -59.36
CA ARG JA 276 89.99 11.22 -58.83
C ARG JA 276 89.62 11.54 -57.39
N THR JA 277 88.69 10.82 -56.79
CA THR JA 277 88.36 11.01 -55.39
C THR JA 277 88.37 9.66 -54.71
N PHE JA 278 89.04 9.59 -53.57
CA PHE JA 278 89.16 8.36 -52.81
C PHE JA 278 89.30 8.72 -51.34
N THR JA 279 89.46 7.69 -50.52
CA THR JA 279 89.37 7.85 -49.09
C THR JA 279 90.42 6.99 -48.41
N PRO JA 280 91.14 7.50 -47.42
CA PRO JA 280 92.02 6.65 -46.63
C PRO JA 280 91.23 5.73 -45.72
N LEU JA 281 91.88 4.67 -45.28
CA LEU JA 281 91.26 3.68 -44.42
C LEU JA 281 91.63 3.93 -42.97
N SER JA 282 91.28 2.97 -42.10
CA SER JA 282 91.52 3.09 -40.67
C SER JA 282 92.93 2.69 -40.28
N GLU JA 283 93.15 2.47 -38.99
CA GLU JA 283 94.45 2.04 -38.50
C GLU JA 283 94.45 0.65 -37.87
N CYS JA 284 93.28 0.11 -37.50
CA CYS JA 284 93.17 -1.25 -36.97
C CYS JA 284 92.71 -2.19 -38.07
N THR JA 285 93.60 -2.41 -39.03
CA THR JA 285 93.35 -3.34 -40.13
C THR JA 285 94.56 -4.22 -40.43
N SER JA 286 95.74 -3.91 -39.91
CA SER JA 286 96.97 -4.59 -40.27
C SER JA 286 97.12 -5.90 -39.52
N GLU JA 287 98.34 -6.43 -39.53
CA GLU JA 287 98.62 -7.77 -39.02
C GLU JA 287 99.48 -7.77 -37.77
N GLU JA 288 100.28 -6.74 -37.54
CA GLU JA 288 101.15 -6.68 -36.38
C GLU JA 288 100.78 -5.55 -35.44
N CYS JA 289 100.69 -4.33 -35.96
CA CYS JA 289 100.37 -3.14 -35.19
C CYS JA 289 98.89 -3.06 -34.83
N SER JA 290 98.08 -3.94 -35.39
CA SER JA 290 96.66 -4.03 -35.07
C SER JA 290 96.49 -5.03 -33.93
N GLN JA 291 95.23 -5.49 -33.74
CA GLN JA 291 94.79 -6.61 -32.90
C GLN JA 291 95.26 -6.58 -31.44
N ASN JA 292 95.66 -5.41 -30.93
CA ASN JA 292 96.08 -5.28 -29.54
C ASN JA 292 95.34 -4.08 -28.95
N GLN JA 293 95.70 -3.69 -27.73
CA GLN JA 293 95.12 -2.52 -27.09
C GLN JA 293 95.75 -1.24 -27.60
N THR JA 294 96.83 -1.35 -28.37
CA THR JA 294 97.50 -0.19 -28.94
C THR JA 294 97.59 -0.42 -30.44
N LYS JA 295 97.13 0.55 -31.21
CA LYS JA 295 97.22 0.52 -32.66
C LYS JA 295 97.99 1.74 -33.12
N GLY JA 296 98.94 1.54 -34.03
CA GLY JA 296 99.65 2.66 -34.60
C GLY JA 296 98.73 3.49 -35.48
N GLN JA 297 98.78 4.80 -35.28
CA GLN JA 297 97.90 5.70 -36.00
C GLN JA 297 98.48 6.01 -37.38
N LEU JA 298 97.71 5.72 -38.41
CA LEU JA 298 98.21 5.78 -39.78
C LEU JA 298 98.40 7.22 -40.24
N PHE JA 299 99.38 7.41 -41.10
CA PHE JA 299 99.47 8.60 -41.94
C PHE JA 299 100.24 8.25 -43.19
N MET JA 300 100.35 9.21 -44.08
CA MET JA 300 100.84 8.97 -45.42
C MET JA 300 102.35 8.99 -45.49
N SER JA 301 102.88 8.70 -46.68
CA SER JA 301 104.29 8.84 -46.98
C SER JA 301 104.49 9.26 -48.42
N THR JA 302 105.43 10.17 -48.64
CA THR JA 302 105.67 10.71 -49.96
C THR JA 302 106.64 9.88 -50.78
N ARG JA 303 107.86 9.67 -50.28
CA ARG JA 303 108.95 9.02 -51.00
C ARG JA 303 108.67 7.56 -51.32
N ALA JA 304 107.78 6.90 -50.59
CA ALA JA 304 107.45 5.50 -50.87
C ALA JA 304 106.23 5.38 -51.77
N SER JA 305 105.84 6.46 -52.42
CA SER JA 305 104.62 6.48 -53.23
C SER JA 305 105.00 6.96 -54.63
N LYS JA 306 105.09 6.02 -55.56
CA LYS JA 306 105.45 6.30 -56.94
C LYS JA 306 104.35 7.09 -57.63
N PHE JA 307 104.74 8.14 -58.36
CA PHE JA 307 103.80 9.06 -58.96
C PHE JA 307 104.09 9.24 -60.45
N SER JA 308 103.02 9.40 -61.21
CA SER JA 308 103.08 9.38 -62.67
C SER JA 308 102.86 10.79 -63.25
N ALA JA 309 102.80 10.86 -64.57
CA ALA JA 309 102.61 12.10 -65.29
C ALA JA 309 101.18 12.22 -65.80
N PHE JA 310 100.75 13.46 -66.03
CA PHE JA 310 99.36 13.74 -66.33
C PHE JA 310 99.23 15.16 -66.87
N GLN JA 311 98.46 15.33 -67.94
CA GLN JA 311 98.35 16.61 -68.63
C GLN JA 311 97.14 16.54 -69.54
N GLU JA 312 96.35 17.60 -69.58
CA GLU JA 312 95.05 17.58 -70.23
C GLU JA 312 95.00 18.57 -71.39
N CYS JA 313 94.33 18.18 -72.46
CA CYS JA 313 94.28 19.00 -73.67
C CYS JA 313 92.92 18.82 -74.34
N LYS JA 314 92.60 19.74 -75.24
CA LYS JA 314 91.32 19.78 -75.92
C LYS JA 314 91.53 20.00 -77.41
N ILE JA 315 90.67 19.37 -78.20
CA ILE JA 315 90.80 19.36 -79.65
C ILE JA 315 89.65 20.16 -80.25
N GLN JA 316 89.81 20.53 -81.53
CA GLN JA 316 88.74 21.15 -82.31
C GLN JA 316 88.77 20.53 -83.69
N GLU JA 317 88.13 21.15 -84.67
CA GLU JA 317 88.10 20.53 -86.00
C GLU JA 317 88.83 21.44 -86.98
N LEU JA 318 89.21 20.88 -88.13
CA LEU JA 318 90.10 21.48 -89.12
C LEU JA 318 89.51 22.67 -89.86
N SER JA 319 88.21 22.95 -89.69
CA SER JA 319 87.50 24.05 -90.34
C SER JA 319 87.55 23.96 -91.87
N GLN JA 320 87.62 22.73 -92.38
CA GLN JA 320 87.49 22.53 -93.81
C GLN JA 320 86.63 21.31 -94.08
N GLN JA 321 86.59 20.39 -93.13
CA GLN JA 321 85.72 19.23 -93.21
C GLN JA 321 84.47 19.42 -92.37
N VAL JA 322 84.34 20.56 -91.70
CA VAL JA 322 83.11 20.91 -91.01
C VAL JA 322 81.99 21.09 -92.03
N PRO JA 323 80.76 20.64 -91.76
CA PRO JA 323 79.66 20.94 -92.70
C PRO JA 323 79.29 22.42 -92.70
N VAL JA 324 78.36 22.77 -93.59
CA VAL JA 324 77.89 24.16 -93.71
C VAL JA 324 77.15 24.63 -92.48
N GLY JA 325 76.68 23.71 -91.65
CA GLY JA 325 75.87 24.08 -90.51
C GLY JA 325 76.73 24.40 -89.31
N HIS JA 326 76.59 23.58 -88.27
CA HIS JA 326 76.87 23.95 -86.90
C HIS JA 326 78.35 24.20 -86.68
N ILE JA 327 78.64 24.79 -85.52
CA ILE JA 327 79.99 25.13 -85.12
C ILE JA 327 80.68 23.84 -84.71
N PRO JA 328 82.00 23.76 -84.70
CA PRO JA 328 82.64 22.53 -84.22
C PRO JA 328 82.63 22.50 -82.71
N ARG JA 329 82.83 21.31 -82.15
CA ARG JA 329 82.88 21.16 -80.71
C ARG JA 329 84.18 20.51 -80.27
N SER JA 330 84.42 20.58 -78.97
CA SER JA 330 85.66 20.11 -78.36
C SER JA 330 85.57 18.63 -78.02
N LEU JA 331 86.63 18.15 -77.36
CA LEU JA 331 86.76 16.79 -76.90
C LEU JA 331 87.89 16.76 -75.88
N ASN JA 332 87.82 15.81 -74.95
CA ASN JA 332 88.85 15.72 -73.93
C ASN JA 332 89.82 14.58 -74.20
N ILE JA 333 91.09 14.83 -73.91
CA ILE JA 333 92.16 13.86 -74.15
C ILE JA 333 93.06 13.87 -72.91
N HIS JA 334 93.72 12.74 -72.66
CA HIS JA 334 94.60 12.60 -71.51
C HIS JA 334 95.94 12.07 -71.97
N VAL JA 335 96.93 12.05 -71.08
CA VAL JA 335 98.20 11.41 -71.37
C VAL JA 335 98.60 10.50 -70.22
N ASN JA 336 99.36 9.47 -70.56
CA ASN JA 336 99.99 8.55 -69.62
C ASN JA 336 101.31 8.11 -70.19
N GLY JA 337 102.11 7.45 -69.36
CA GLY JA 337 103.40 6.97 -69.83
C GLY JA 337 104.41 8.08 -69.97
N THR JA 338 104.99 8.24 -71.16
CA THR JA 338 105.92 9.32 -71.41
C THR JA 338 105.78 9.92 -72.81
N LEU JA 339 104.55 10.12 -73.27
CA LEU JA 339 104.32 10.98 -74.41
C LEU JA 339 104.13 12.42 -74.01
N VAL JA 340 104.39 12.74 -72.76
CA VAL JA 340 104.06 14.04 -72.19
C VAL JA 340 105.04 15.08 -72.71
N ARG JA 341 104.67 16.36 -72.57
CA ARG JA 341 105.48 17.52 -72.98
C ARG JA 341 105.86 17.48 -74.46
N SER JA 342 104.98 16.90 -75.28
CA SER JA 342 105.25 16.76 -76.70
C SER JA 342 104.15 17.30 -77.59
N LEU JA 343 103.24 18.10 -77.04
CA LEU JA 343 102.22 18.77 -77.83
C LEU JA 343 102.39 20.27 -77.67
N SER JA 344 101.73 21.02 -78.53
CA SER JA 344 101.83 22.47 -78.42
C SER JA 344 100.53 23.12 -78.87
N PRO JA 345 100.19 24.30 -78.34
CA PRO JA 345 99.06 25.06 -78.90
C PRO JA 345 99.33 25.52 -80.32
N GLY JA 346 98.52 25.04 -81.25
CA GLY JA 346 98.71 25.32 -82.65
C GLY JA 346 99.29 24.18 -83.46
N ASP JA 347 99.30 22.97 -82.92
CA ASP JA 347 99.87 21.81 -83.59
C ASP JA 347 98.81 21.17 -84.48
N ILE JA 348 99.06 21.13 -85.78
CA ILE JA 348 98.11 20.52 -86.72
C ILE JA 348 98.45 19.04 -86.75
N VAL JA 349 97.89 18.31 -85.79
CA VAL JA 349 98.34 16.96 -85.51
C VAL JA 349 97.16 16.01 -85.50
N ASP JA 350 97.46 14.79 -85.12
CA ASP JA 350 96.48 13.73 -84.93
C ASP JA 350 96.98 12.83 -83.81
N VAL JA 351 96.05 12.31 -83.04
CA VAL JA 351 96.39 11.38 -81.98
C VAL JA 351 95.65 10.09 -82.26
N THR JA 352 96.29 8.97 -81.97
CA THR JA 352 95.67 7.66 -82.01
C THR JA 352 95.53 7.16 -80.59
N GLY JA 353 94.36 6.67 -80.24
CA GLY JA 353 94.21 6.25 -78.87
C GLY JA 353 92.90 5.52 -78.61
N ILE JA 354 92.76 5.07 -77.37
CA ILE JA 354 91.65 4.18 -77.03
C ILE JA 354 90.57 4.94 -76.26
N PHE JA 355 89.36 4.38 -76.24
CA PHE JA 355 88.15 5.10 -75.87
C PHE JA 355 87.58 4.51 -74.61
N LEU JA 356 87.07 5.37 -73.73
CA LEU JA 356 86.34 4.95 -72.55
C LEU JA 356 85.56 6.14 -72.00
N PRO JA 357 84.38 5.89 -71.44
CA PRO JA 357 83.66 6.95 -70.75
C PRO JA 357 84.01 6.98 -69.28
N ALA JA 358 83.50 7.95 -68.55
CA ALA JA 358 83.85 8.06 -67.15
C ALA JA 358 82.61 8.42 -66.34
N PRO JA 359 82.49 7.96 -65.11
CA PRO JA 359 81.36 8.39 -64.27
C PRO JA 359 81.61 9.82 -63.79
N TYR JA 360 80.57 10.40 -63.21
CA TYR JA 360 80.62 11.79 -62.80
C TYR JA 360 80.77 11.98 -61.31
N THR JA 361 80.25 11.02 -60.52
CA THR JA 361 80.21 10.91 -59.05
C THR JA 361 79.95 12.22 -58.29
N GLY JA 362 79.04 13.05 -58.79
CA GLY JA 362 78.65 14.24 -58.06
C GLY JA 362 77.30 14.75 -58.47
N PHE JA 363 76.42 14.98 -57.48
CA PHE JA 363 75.01 15.33 -57.65
C PHE JA 363 74.33 14.42 -58.66
N LYS JA 364 74.32 13.13 -58.39
CA LYS JA 364 73.96 12.11 -59.37
C LYS JA 364 72.47 11.77 -59.36
N ALA JA 365 71.72 12.29 -58.39
CA ALA JA 365 70.31 11.93 -58.29
C ALA JA 365 69.40 12.92 -59.00
N LEU JA 366 69.42 14.19 -58.56
CA LEU JA 366 68.54 15.21 -59.14
C LEU JA 366 68.97 15.53 -60.56
N LYS JA 367 70.18 16.02 -60.71
CA LYS JA 367 70.84 16.07 -62.01
C LYS JA 367 71.70 14.83 -62.15
N ALA JA 368 72.44 14.77 -63.27
CA ALA JA 368 73.41 13.72 -63.60
C ALA JA 368 72.78 12.33 -63.56
N GLY JA 369 71.75 12.17 -64.37
CA GLY JA 369 71.03 10.91 -64.42
C GLY JA 369 71.86 9.79 -65.00
N LEU JA 370 72.03 9.77 -66.32
CA LEU JA 370 72.96 8.85 -66.96
C LEU JA 370 73.73 9.58 -68.04
N LEU JA 371 74.20 10.78 -67.72
CA LEU JA 371 75.12 11.43 -68.62
C LEU JA 371 76.53 10.88 -68.42
N THR JA 372 77.35 11.10 -69.44
CA THR JA 372 78.48 10.22 -69.67
C THR JA 372 79.80 10.96 -69.76
N GLU JA 373 79.79 12.10 -70.47
CA GLU JA 373 80.89 13.07 -70.65
C GLU JA 373 82.26 12.40 -70.83
N THR JA 374 82.38 11.64 -71.91
CA THR JA 374 83.52 10.77 -72.09
C THR JA 374 84.76 11.55 -72.45
N TYR JA 375 85.91 10.89 -72.36
CA TYR JA 375 87.13 11.37 -72.99
C TYR JA 375 87.71 10.26 -73.84
N LEU JA 376 88.83 10.55 -74.47
CA LEU JA 376 89.56 9.51 -75.15
C LEU JA 376 90.93 9.46 -74.49
N GLU JA 377 91.53 8.27 -74.50
CA GLU JA 377 92.84 8.06 -73.88
C GLU JA 377 93.89 7.84 -74.96
N ALA JA 378 94.99 8.57 -74.86
CA ALA JA 378 95.97 8.66 -75.93
C ALA JA 378 96.90 7.45 -75.94
N GLN JA 379 97.37 7.13 -77.13
CA GLN JA 379 98.36 6.07 -77.30
C GLN JA 379 99.56 6.48 -78.14
N PHE JA 380 99.35 7.28 -79.18
CA PHE JA 380 100.46 7.66 -80.05
C PHE JA 380 100.19 9.02 -80.65
N VAL JA 381 101.25 9.77 -80.90
CA VAL JA 381 101.18 11.07 -81.56
C VAL JA 381 102.05 11.00 -82.80
N ARG JA 382 101.47 11.31 -83.95
CA ARG JA 382 102.22 11.44 -85.20
C ARG JA 382 102.20 12.90 -85.62
N GLN JA 383 103.11 13.70 -85.06
CA GLN JA 383 103.16 15.13 -85.34
C GLN JA 383 103.52 15.40 -86.79
N HIS JA 384 103.12 16.58 -87.26
CA HIS JA 384 103.22 16.87 -88.68
C HIS JA 384 103.50 18.35 -88.87
N LYS JA 385 104.13 18.66 -90.01
CA LYS JA 385 104.33 20.00 -90.52
C LYS JA 385 105.13 20.88 -89.56
N LYS JA 386 106.40 20.54 -89.36
CA LYS JA 386 107.33 21.27 -88.48
C LYS JA 386 107.51 22.72 -88.90
N LEU JA 393 123.32 25.78 -89.31
CA LEU JA 393 124.46 26.62 -88.97
C LEU JA 393 125.73 25.81 -89.01
N THR JA 394 126.33 25.72 -90.21
CA THR JA 394 127.43 24.80 -90.55
C THR JA 394 127.14 23.37 -90.10
N SER JA 395 125.91 22.92 -90.36
CA SER JA 395 125.48 21.57 -89.97
C SER JA 395 124.64 21.01 -91.12
N ASP JA 396 125.32 20.34 -92.06
CA ASP JA 396 124.83 19.76 -93.32
C ASP JA 396 123.84 20.67 -94.07
N VAL JA 397 124.06 21.97 -94.02
CA VAL JA 397 123.20 22.96 -94.67
C VAL JA 397 124.07 23.97 -95.39
N GLU JA 398 125.40 23.81 -95.30
CA GLU JA 398 126.33 24.77 -95.87
C GLU JA 398 126.35 24.77 -97.38
N GLU JA 399 125.81 23.72 -98.00
CA GLU JA 399 125.75 23.63 -99.46
C GLU JA 399 124.85 24.70 -100.06
N ARG JA 400 123.81 25.13 -99.35
CA ARG JA 400 122.93 26.14 -99.87
C ARG JA 400 123.41 27.54 -99.50
N VAL JA 401 124.25 27.64 -98.47
CA VAL JA 401 124.90 28.92 -98.17
C VAL JA 401 125.93 29.24 -99.25
N MET JA 402 126.58 28.20 -99.80
CA MET JA 402 127.48 28.41 -100.91
C MET JA 402 126.75 28.81 -102.19
N GLU JA 403 125.49 28.39 -102.34
CA GLU JA 403 124.73 28.74 -103.54
C GLU JA 403 124.47 30.23 -103.64
N LEU JA 404 124.39 30.93 -102.52
CA LEU JA 404 124.32 32.38 -102.58
C LEU JA 404 125.70 33.00 -102.77
N ILE JA 405 126.74 32.35 -102.24
CA ILE JA 405 128.09 32.90 -102.35
C ILE JA 405 128.62 32.72 -103.77
N THR JA 406 128.39 31.55 -104.38
CA THR JA 406 128.87 31.32 -105.75
C THR JA 406 128.06 32.13 -106.76
N SER JA 407 126.74 32.14 -106.63
CA SER JA 407 125.95 32.89 -107.61
C SER JA 407 126.01 34.39 -107.35
N GLY JA 408 126.30 34.81 -106.12
CA GLY JA 408 126.28 36.22 -105.79
C GLY JA 408 124.87 36.76 -105.78
N ASP JA 409 124.66 37.85 -106.53
CA ASP JA 409 123.35 38.42 -106.86
C ASP JA 409 122.55 38.80 -105.63
N VAL JA 410 123.11 39.68 -104.80
CA VAL JA 410 122.45 40.11 -103.56
C VAL JA 410 121.36 41.13 -103.81
N TYR JA 411 121.63 42.20 -104.55
CA TYR JA 411 120.77 43.36 -104.62
C TYR JA 411 119.55 43.13 -105.51
N ASN JA 412 119.54 42.08 -106.30
CA ASN JA 412 118.44 41.95 -107.26
C ASN JA 412 117.72 40.62 -107.20
N ARG JA 413 118.47 39.51 -107.13
CA ARG JA 413 117.83 38.20 -107.10
C ARG JA 413 117.14 37.96 -105.77
N LEU JA 414 117.74 38.45 -104.69
CA LEU JA 414 117.06 38.42 -103.41
C LEU JA 414 115.91 39.41 -103.37
N ALA JA 415 116.01 40.50 -104.12
CA ALA JA 415 114.90 41.43 -104.25
C ALA JA 415 113.73 40.79 -104.99
N LYS JA 416 114.02 40.00 -106.02
CA LYS JA 416 112.96 39.25 -106.67
C LYS JA 416 112.56 38.01 -105.86
N SER JA 417 113.33 37.65 -104.83
CA SER JA 417 113.01 36.45 -104.08
C SER JA 417 111.85 36.67 -103.13
N ILE JA 418 111.97 37.63 -102.24
CA ILE JA 418 110.89 37.97 -101.32
C ILE JA 418 109.80 38.72 -102.08
N ALA JA 419 108.57 38.22 -101.94
CA ALA JA 419 107.33 38.74 -102.54
C ALA JA 419 107.40 39.00 -104.03
N PRO JA 420 107.54 37.98 -104.89
CA PRO JA 420 107.53 38.23 -106.33
C PRO JA 420 106.14 38.34 -106.95
N GLU JA 421 105.12 38.58 -106.14
CA GLU JA 421 103.72 38.45 -106.56
C GLU JA 421 103.06 39.79 -106.77
N ILE JA 422 103.83 40.82 -107.10
CA ILE JA 422 103.28 42.15 -107.32
C ILE JA 422 103.79 42.68 -108.65
N TYR JA 423 103.43 43.94 -108.91
CA TYR JA 423 103.75 44.61 -110.17
C TYR JA 423 104.62 45.83 -109.87
N GLY JA 424 105.91 45.71 -110.17
CA GLY JA 424 106.83 46.82 -109.95
C GLY JA 424 107.39 46.83 -108.55
N ASN JA 425 107.67 48.03 -108.04
CA ASN JA 425 107.94 48.30 -106.62
C ASN JA 425 109.17 47.57 -106.11
N LEU JA 426 110.24 47.55 -106.90
CA LEU JA 426 111.45 46.90 -106.42
C LEU JA 426 112.15 47.74 -105.36
N ASP JA 427 111.84 49.04 -105.32
CA ASP JA 427 112.43 49.91 -104.32
C ASP JA 427 111.98 49.55 -102.91
N VAL JA 428 110.69 49.26 -102.74
CA VAL JA 428 110.17 48.96 -101.41
C VAL JA 428 110.46 47.53 -100.97
N LYS JA 429 110.57 46.59 -101.91
CA LYS JA 429 110.96 45.24 -101.56
C LYS JA 429 112.42 45.14 -101.19
N LYS JA 430 113.21 46.13 -101.57
CA LYS JA 430 114.60 46.26 -101.17
C LYS JA 430 114.74 46.96 -99.81
N ALA JA 431 113.83 47.87 -99.48
CA ALA JA 431 113.88 48.58 -98.23
C ALA JA 431 113.59 47.69 -97.02
N LEU JA 432 113.05 46.50 -97.22
CA LEU JA 432 112.63 45.65 -96.12
C LEU JA 432 113.63 44.56 -95.78
N LEU JA 433 114.34 44.04 -96.77
CA LEU JA 433 115.25 42.92 -96.54
C LEU JA 433 116.43 43.29 -95.67
N LEU JA 434 116.86 44.54 -95.72
CA LEU JA 434 117.87 45.05 -94.82
C LEU JA 434 117.41 45.05 -93.36
N LEU JA 435 116.11 45.20 -93.13
CA LEU JA 435 115.57 45.25 -91.78
C LEU JA 435 115.23 43.88 -91.25
N LEU JA 436 115.21 42.86 -92.12
CA LEU JA 436 114.97 41.49 -91.70
C LEU JA 436 116.23 40.82 -91.17
N VAL JA 437 117.37 41.50 -91.17
CA VAL JA 437 118.58 40.99 -90.56
C VAL JA 437 118.97 41.78 -89.31
N GLY JA 438 118.76 43.10 -89.28
CA GLY JA 438 119.02 43.90 -88.09
C GLY JA 438 120.46 43.91 -87.64
N GLY JA 439 120.73 43.20 -86.54
CA GLY JA 439 122.06 43.14 -85.96
C GLY JA 439 122.23 44.06 -84.77
N VAL JA 440 123.15 43.71 -83.88
CA VAL JA 440 123.48 44.55 -82.73
C VAL JA 440 124.10 45.85 -83.22
N ASP JA 441 123.49 46.97 -82.81
CA ASP JA 441 123.88 48.30 -83.24
C ASP JA 441 125.30 48.64 -82.81
N LYS JA 442 125.56 48.62 -81.51
CA LYS JA 442 126.89 48.81 -80.97
C LYS JA 442 126.90 48.27 -79.55
N ARG JA 443 127.89 47.43 -79.25
CA ARG JA 443 128.08 46.90 -77.89
C ARG JA 443 128.61 48.05 -77.05
N VAL JA 444 127.68 48.70 -76.33
CA VAL JA 444 128.00 49.98 -75.72
C VAL JA 444 128.79 49.86 -74.42
N GLY JA 445 128.63 48.76 -73.69
CA GLY JA 445 129.43 48.56 -72.49
C GLY JA 445 129.01 49.43 -71.32
N ASP JA 446 129.25 50.73 -71.44
CA ASP JA 446 128.78 51.69 -70.45
C ASP JA 446 127.26 51.85 -70.56
N GLY JA 447 126.68 52.54 -69.58
CA GLY JA 447 125.25 52.79 -69.57
C GLY JA 447 124.81 53.82 -70.58
N MET JA 448 124.96 53.49 -71.86
CA MET JA 448 124.44 54.31 -72.96
C MET JA 448 123.64 53.39 -73.89
N LYS JA 449 122.38 53.14 -73.54
CA LYS JA 449 121.51 52.27 -74.30
C LYS JA 449 121.06 53.02 -75.54
N ILE JA 450 121.70 52.74 -76.66
CA ILE JA 450 121.44 53.48 -77.90
C ILE JA 450 120.23 52.90 -78.60
N ARG JA 451 119.62 53.70 -79.46
CA ARG JA 451 118.51 53.25 -80.28
C ARG JA 451 119.00 52.24 -81.30
N GLY JA 452 118.22 51.18 -81.49
CA GLY JA 452 118.42 50.28 -82.60
C GLY JA 452 117.08 50.01 -83.26
N ASP JA 453 117.12 49.19 -84.32
CA ASP JA 453 115.94 48.63 -84.97
C ASP JA 453 114.96 49.67 -85.50
N ILE JA 454 115.36 50.41 -86.54
CA ILE JA 454 114.53 51.44 -87.16
C ILE JA 454 113.24 50.84 -87.74
N ASN JA 455 112.25 51.70 -87.91
CA ASN JA 455 110.90 51.30 -88.27
C ASN JA 455 110.42 52.09 -89.47
N VAL JA 456 109.87 51.39 -90.45
CA VAL JA 456 109.42 52.00 -91.68
C VAL JA 456 107.90 51.93 -91.71
N CYS JA 457 107.26 53.02 -92.10
CA CYS JA 457 105.83 53.05 -92.24
C CYS JA 457 105.45 53.31 -93.69
N LEU JA 458 104.29 52.82 -94.07
CA LEU JA 458 103.79 53.02 -95.41
C LEU JA 458 102.47 53.75 -95.36
N MET JA 459 102.07 54.30 -96.50
CA MET JA 459 100.79 54.95 -96.64
C MET JA 459 100.41 54.94 -98.11
N GLY JA 460 99.13 55.18 -98.37
CA GLY JA 460 98.60 55.12 -99.72
C GLY JA 460 97.47 54.11 -99.81
N ASP JA 461 96.61 54.27 -100.82
CA ASP JA 461 95.40 53.45 -100.95
C ASP JA 461 95.33 52.78 -102.31
N PRO JA 462 96.12 51.73 -102.55
CA PRO JA 462 95.94 51.00 -103.80
C PRO JA 462 94.76 50.07 -103.71
N GLY JA 463 94.39 49.48 -104.84
CA GLY JA 463 93.29 48.54 -104.86
C GLY JA 463 93.80 47.12 -105.05
N VAL JA 464 95.09 46.93 -104.78
CA VAL JA 464 95.72 45.64 -105.02
C VAL JA 464 95.75 44.87 -103.72
N ALA JA 465 94.85 45.22 -102.79
CA ALA JA 465 94.68 44.57 -101.49
C ALA JA 465 95.99 44.62 -100.71
N LYS JA 466 96.36 45.82 -100.29
CA LYS JA 466 97.65 46.10 -99.65
C LYS JA 466 97.93 45.21 -98.44
N SER JA 467 96.90 44.64 -97.81
CA SER JA 467 97.05 43.82 -96.62
C SER JA 467 97.85 42.56 -96.89
N GLN JA 468 97.46 41.80 -97.92
CA GLN JA 468 98.18 40.58 -98.25
C GLN JA 468 99.50 40.85 -98.96
N LEU JA 469 99.84 42.11 -99.22
CA LEU JA 469 101.20 42.40 -99.63
C LEU JA 469 102.15 42.32 -98.44
N LEU JA 470 101.86 43.11 -97.40
CA LEU JA 470 102.73 43.14 -96.24
C LEU JA 470 102.64 41.91 -95.37
N LYS JA 471 101.42 41.44 -95.09
CA LYS JA 471 101.28 40.36 -94.12
C LYS JA 471 101.78 39.04 -94.67
N ALA JA 472 101.85 38.90 -96.00
CA ALA JA 472 102.45 37.70 -96.58
C ALA JA 472 103.95 37.65 -96.29
N ILE JA 473 104.59 38.80 -96.18
CA ILE JA 473 105.99 38.83 -95.76
C ILE JA 473 106.11 38.39 -94.32
N CYS JA 474 105.13 38.74 -93.49
CA CYS JA 474 105.22 38.51 -92.06
C CYS JA 474 105.05 37.04 -91.71
N LYS JA 475 104.24 36.33 -92.51
CA LYS JA 475 103.98 34.93 -92.21
C LYS JA 475 105.08 34.01 -92.72
N ILE JA 476 106.12 34.55 -93.34
CA ILE JA 476 107.31 33.76 -93.67
C ILE JA 476 108.56 34.29 -93.01
N SER JA 477 108.55 35.52 -92.54
CA SER JA 477 109.67 36.09 -91.81
C SER JA 477 109.72 35.50 -90.40
N PRO JA 478 110.90 35.41 -89.79
CA PRO JA 478 111.01 34.76 -88.48
C PRO JA 478 110.41 35.59 -87.35
N ARG JA 479 109.75 34.88 -86.42
CA ARG JA 479 109.09 35.33 -85.18
C ARG JA 479 108.20 36.58 -85.32
N GLY JA 480 107.75 36.87 -86.54
CA GLY JA 480 107.02 38.09 -86.79
C GLY JA 480 105.54 37.87 -86.69
N VAL JA 481 104.93 38.32 -85.60
CA VAL JA 481 103.57 37.97 -85.29
C VAL JA 481 102.62 38.94 -86.00
N TYR JA 482 101.50 38.41 -86.47
CA TYR JA 482 100.48 39.18 -87.17
C TYR JA 482 99.62 39.87 -86.15
N THR JA 483 99.16 41.07 -86.48
CA THR JA 483 98.10 41.69 -85.69
C THR JA 483 97.23 42.53 -86.59
N THR JA 484 96.19 43.09 -85.98
CA THR JA 484 95.18 43.87 -86.69
C THR JA 484 94.69 44.95 -85.72
N GLY JA 485 93.58 45.60 -86.08
CA GLY JA 485 93.04 46.62 -85.20
C GLY JA 485 92.23 46.05 -84.05
N LYS JA 486 91.32 45.13 -84.35
CA LYS JA 486 90.51 44.47 -83.34
C LYS JA 486 91.36 43.49 -82.54
N GLY JA 487 90.86 43.15 -81.34
CA GLY JA 487 91.54 42.19 -80.49
C GLY JA 487 92.56 42.81 -79.56
N SER JA 488 93.84 42.52 -79.80
CA SER JA 488 94.92 43.02 -78.95
C SER JA 488 95.15 44.49 -79.30
N SER JA 489 94.36 45.36 -78.66
CA SER JA 489 94.46 46.81 -78.87
C SER JA 489 95.65 47.34 -78.08
N GLY JA 490 95.83 48.66 -78.03
CA GLY JA 490 97.02 49.24 -77.43
C GLY JA 490 97.10 49.09 -75.91
N VAL JA 491 95.97 48.80 -75.26
CA VAL JA 491 95.99 48.42 -73.86
C VAL JA 491 96.32 46.93 -73.70
N GLY JA 492 95.85 46.09 -74.61
CA GLY JA 492 96.15 44.68 -74.58
C GLY JA 492 97.23 44.33 -75.59
N LEU JA 493 98.04 45.33 -75.95
CA LEU JA 493 99.22 45.06 -76.76
C LEU JA 493 100.33 44.49 -75.91
N THR JA 494 100.50 45.03 -74.72
CA THR JA 494 101.39 44.46 -73.71
C THR JA 494 100.68 43.32 -72.99
N ALA JA 495 101.20 42.95 -71.83
CA ALA JA 495 100.55 41.94 -71.02
C ALA JA 495 99.63 42.58 -69.99
N ALA JA 496 98.69 41.78 -69.48
CA ALA JA 496 97.78 42.24 -68.46
C ALA JA 496 97.35 41.04 -67.63
N VAL JA 497 96.49 41.27 -66.64
CA VAL JA 497 95.94 40.18 -65.84
C VAL JA 497 94.44 40.07 -66.14
N MET JA 498 94.00 38.82 -66.34
CA MET JA 498 92.61 38.57 -66.74
C MET JA 498 91.98 37.43 -65.95
N LYS JA 499 90.80 37.02 -66.39
CA LYS JA 499 90.10 35.85 -65.90
C LYS JA 499 90.70 34.60 -66.53
N ASP JA 500 90.66 33.51 -65.78
CA ASP JA 500 91.17 32.22 -66.20
C ASP JA 500 90.14 31.17 -65.80
N PRO JA 501 90.32 29.89 -66.18
CA PRO JA 501 89.49 28.84 -65.59
C PRO JA 501 89.74 28.61 -64.11
N VAL JA 502 89.07 27.58 -63.55
CA VAL JA 502 89.06 27.27 -62.12
C VAL JA 502 90.45 26.98 -61.55
N THR JA 503 91.44 26.76 -62.41
CA THR JA 503 92.85 26.65 -62.06
C THR JA 503 93.40 28.08 -61.79
N ASP JA 504 94.71 28.26 -61.82
CA ASP JA 504 95.36 29.43 -61.24
C ASP JA 504 95.02 30.69 -62.04
N GLU JA 505 94.12 31.49 -61.50
CA GLU JA 505 93.67 32.72 -62.13
C GLU JA 505 94.68 33.83 -61.89
N MET JA 506 94.39 34.99 -62.51
CA MET JA 506 95.22 36.20 -62.45
C MET JA 506 96.65 35.94 -62.96
N ILE JA 507 96.75 35.19 -64.05
CA ILE JA 507 98.00 35.01 -64.76
C ILE JA 507 98.25 36.24 -65.62
N LEU JA 508 99.48 36.37 -66.13
CA LEU JA 508 99.86 37.55 -66.91
C LEU JA 508 99.69 37.25 -68.40
N GLU JA 509 98.44 37.27 -68.87
CA GLU JA 509 98.15 37.06 -70.28
C GLU JA 509 98.68 38.22 -71.12
N GLY JA 510 99.32 37.88 -72.24
CA GLY JA 510 99.96 38.88 -73.05
C GLY JA 510 99.21 39.22 -74.34
N GLY JA 511 99.76 40.19 -75.05
CA GLY JA 511 99.26 40.62 -76.34
C GLY JA 511 100.19 40.22 -77.48
N ALA JA 512 101.04 41.15 -77.93
CA ALA JA 512 101.98 40.80 -78.98
C ALA JA 512 103.41 41.15 -78.59
N LEU JA 513 103.61 42.32 -77.99
CA LEU JA 513 104.96 42.84 -77.80
C LEU JA 513 105.69 42.20 -76.63
N VAL JA 514 104.97 41.60 -75.69
CA VAL JA 514 105.66 40.86 -74.64
C VAL JA 514 106.11 39.49 -75.12
N LEU JA 515 105.62 39.03 -76.28
CA LEU JA 515 106.07 37.77 -76.85
C LEU JA 515 106.83 37.92 -78.15
N ALA JA 516 106.55 38.94 -78.94
CA ALA JA 516 107.33 39.15 -80.15
C ALA JA 516 108.48 40.11 -79.91
N ASP JA 517 109.31 39.83 -78.90
CA ASP JA 517 110.49 40.66 -78.69
C ASP JA 517 111.55 40.31 -79.72
N ASN JA 518 112.17 41.35 -80.28
CA ASN JA 518 113.26 41.28 -81.26
C ASN JA 518 112.82 40.50 -82.50
N GLY JA 519 111.85 41.07 -83.20
CA GLY JA 519 111.29 40.45 -84.39
C GLY JA 519 110.59 41.47 -85.25
N ILE JA 520 109.41 41.09 -85.72
CA ILE JA 520 108.62 41.91 -86.63
C ILE JA 520 107.26 42.11 -86.00
N CYS JA 521 106.85 43.37 -85.85
CA CYS JA 521 105.52 43.70 -85.35
C CYS JA 521 104.75 44.29 -86.53
N CYS JA 522 104.16 43.41 -87.33
CA CYS JA 522 103.49 43.82 -88.57
C CYS JA 522 102.05 44.21 -88.25
N ILE JA 523 101.79 45.48 -88.24
CA ILE JA 523 100.51 46.03 -87.81
C ILE JA 523 99.72 46.45 -89.04
N ASP JA 524 98.40 46.43 -88.92
CA ASP JA 524 97.53 47.09 -89.86
C ASP JA 524 96.52 47.95 -89.12
N GLU JA 525 95.70 48.65 -89.91
CA GLU JA 525 94.50 49.36 -89.48
C GLU JA 525 94.84 50.40 -88.42
N PHE JA 526 95.67 51.37 -88.79
CA PHE JA 526 96.23 52.29 -87.83
C PHE JA 526 95.22 53.29 -87.29
N ASP JA 527 94.07 53.45 -87.92
CA ASP JA 527 93.05 54.33 -87.35
C ASP JA 527 92.14 53.61 -86.36
N LYS JA 528 92.46 52.39 -85.98
CA LYS JA 528 91.58 51.57 -85.14
C LYS JA 528 92.11 51.53 -83.71
N MET JA 529 91.23 51.87 -82.76
CA MET JA 529 91.46 51.80 -81.32
C MET JA 529 92.67 52.64 -80.91
N ASP JA 530 92.61 53.89 -81.37
CA ASP JA 530 93.78 54.76 -81.31
C ASP JA 530 93.97 55.39 -79.95
N GLU JA 531 92.92 55.35 -79.11
CA GLU JA 531 93.03 55.88 -77.76
C GLU JA 531 94.02 55.09 -76.93
N SER JA 532 94.16 53.81 -77.21
CA SER JA 532 95.17 52.98 -76.58
C SER JA 532 96.37 52.75 -77.49
N ASP JA 533 96.18 52.83 -78.81
CA ASP JA 533 97.27 52.55 -79.74
C ASP JA 533 98.29 53.67 -79.81
N ARG JA 534 97.84 54.92 -79.68
CA ARG JA 534 98.77 56.03 -79.80
C ARG JA 534 99.74 56.08 -78.64
N THR JA 535 99.32 55.62 -77.47
CA THR JA 535 100.27 55.34 -76.41
C THR JA 535 101.17 54.17 -76.76
N ALA JA 536 100.60 53.15 -77.40
CA ALA JA 536 101.28 51.88 -77.60
C ALA JA 536 102.42 51.98 -78.61
N ILE JA 537 102.35 52.91 -79.55
CA ILE JA 537 103.40 53.01 -80.54
C ILE JA 537 104.58 53.81 -80.00
N HIS JA 538 104.29 54.86 -79.22
CA HIS JA 538 105.37 55.62 -78.61
C HIS JA 538 106.15 54.79 -77.61
N GLU JA 539 105.48 53.92 -76.87
CA GLU JA 539 106.13 53.20 -75.79
C GLU JA 539 107.07 52.11 -76.28
N VAL JA 540 107.02 51.75 -77.55
CA VAL JA 540 108.02 50.85 -78.11
C VAL JA 540 109.06 51.60 -78.92
N MET JA 541 108.68 52.70 -79.58
CA MET JA 541 109.65 53.61 -80.16
C MET JA 541 110.54 54.24 -79.10
N GLU JA 542 109.97 54.53 -77.93
CA GLU JA 542 110.80 54.75 -76.76
C GLU JA 542 111.43 53.43 -76.34
N GLN JA 543 112.73 53.47 -76.07
CA GLN JA 543 113.48 52.27 -75.75
C GLN JA 543 113.17 51.80 -74.35
N GLN JA 544 112.80 50.53 -74.24
CA GLN JA 544 112.75 49.76 -72.99
C GLN JA 544 111.78 50.34 -71.96
N THR JA 545 110.50 50.38 -72.27
CA THR JA 545 109.52 50.66 -71.22
C THR JA 545 108.24 49.85 -71.41
N ILE JA 546 108.33 48.69 -72.06
CA ILE JA 546 107.19 47.79 -72.17
C ILE JA 546 106.94 47.23 -70.77
N SER JA 547 105.85 47.68 -70.15
CA SER JA 547 105.61 47.39 -68.76
C SER JA 547 104.13 47.20 -68.54
N ILE JA 548 103.79 46.87 -67.30
CA ILE JA 548 102.41 46.78 -66.86
C ILE JA 548 102.30 47.73 -65.68
N SER JA 549 101.93 48.98 -65.94
CA SER JA 549 101.81 49.99 -64.88
C SER JA 549 100.40 49.94 -64.35
N LYS JA 550 100.03 48.80 -63.77
CA LYS JA 550 98.70 48.55 -63.25
C LYS JA 550 98.75 48.58 -61.74
N ALA JA 551 97.64 48.21 -61.10
CA ALA JA 551 97.59 48.10 -59.65
C ALA JA 551 98.02 46.72 -59.18
N GLY JA 552 98.55 45.90 -60.08
CA GLY JA 552 99.02 44.59 -59.69
C GLY JA 552 100.50 44.59 -59.41
N ILE JA 553 101.29 45.22 -60.27
CA ILE JA 553 102.74 45.22 -60.18
C ILE JA 553 103.29 46.40 -60.96
N ASN JA 554 104.56 46.72 -60.74
CA ASN JA 554 105.23 47.78 -61.46
C ASN JA 554 106.56 47.28 -62.03
N THR JA 555 106.53 46.13 -62.70
CA THR JA 555 107.70 45.50 -63.29
C THR JA 555 107.74 45.86 -64.78
N THR JA 556 108.95 46.04 -65.32
CA THR JA 556 109.14 46.49 -66.69
C THR JA 556 110.07 45.55 -67.43
N LEU JA 557 109.65 45.12 -68.62
CA LEU JA 557 110.41 44.19 -69.43
C LEU JA 557 110.93 44.91 -70.68
N ASN JA 558 111.57 44.14 -71.57
CA ASN JA 558 112.40 44.72 -72.62
C ASN JA 558 111.57 45.22 -73.80
N ALA JA 559 112.28 45.77 -74.79
CA ALA JA 559 111.66 46.32 -75.99
C ALA JA 559 112.72 46.34 -77.08
N ARG JA 560 112.61 45.45 -78.08
CA ARG JA 560 113.64 45.40 -79.11
C ARG JA 560 113.12 45.11 -80.51
N THR JA 561 111.87 45.45 -80.83
CA THR JA 561 111.21 44.94 -82.03
C THR JA 561 110.94 46.07 -83.02
N SER JA 562 111.14 45.77 -84.32
CA SER JA 562 110.85 46.72 -85.39
C SER JA 562 109.36 46.78 -85.70
N ILE JA 563 108.96 47.91 -86.28
CA ILE JA 563 107.56 48.24 -86.52
C ILE JA 563 107.40 48.46 -88.02
N LEU JA 564 106.40 47.84 -88.62
CA LEU JA 564 106.07 48.07 -90.03
C LEU JA 564 104.60 48.46 -90.14
N ALA JA 565 104.35 49.74 -90.41
CA ALA JA 565 103.00 50.30 -90.38
C ALA JA 565 102.51 50.66 -91.78
N ALA JA 566 101.19 50.61 -91.94
CA ALA JA 566 100.53 50.96 -93.19
C ALA JA 566 99.27 51.73 -92.85
N ALA JA 567 99.36 53.07 -92.91
CA ALA JA 567 98.22 53.90 -92.58
C ALA JA 567 97.33 54.13 -93.79
N ASN JA 568 96.05 53.97 -93.58
CA ASN JA 568 95.12 54.15 -94.67
C ASN JA 568 94.74 55.62 -94.77
N PRO JA 569 94.45 56.12 -95.94
CA PRO JA 569 94.17 57.56 -96.08
C PRO JA 569 92.81 57.98 -95.57
N LEU JA 570 92.41 59.22 -95.88
CA LEU JA 570 91.07 59.71 -95.57
C LEU JA 570 90.15 59.25 -96.69
N TYR JA 571 88.95 59.80 -96.78
CA TYR JA 571 87.92 59.34 -97.71
C TYR JA 571 88.38 59.52 -99.15
N GLY JA 572 88.05 58.53 -99.97
CA GLY JA 572 88.48 58.47 -101.35
C GLY JA 572 89.98 58.33 -101.49
N ARG JA 573 90.57 59.22 -102.27
CA ARG JA 573 92.00 59.21 -102.46
C ARG JA 573 92.60 60.29 -101.57
N TYR JA 574 93.85 60.10 -101.18
CA TYR JA 574 94.61 61.18 -100.61
C TYR JA 574 94.82 62.19 -101.73
N ASN JA 575 94.39 63.40 -101.50
CA ASN JA 575 94.57 64.45 -102.50
C ASN JA 575 96.01 64.92 -102.47
N PRO JA 576 96.80 64.67 -103.52
CA PRO JA 576 98.20 65.09 -103.49
C PRO JA 576 98.35 66.58 -103.66
N ARG JA 577 97.40 67.24 -104.32
CA ARG JA 577 97.41 68.69 -104.40
C ARG JA 577 97.04 69.33 -103.06
N LEU JA 578 96.33 68.60 -102.19
CA LEU JA 578 96.09 69.10 -100.85
C LEU JA 578 97.30 68.87 -99.96
N SER JA 579 97.18 69.28 -98.72
CA SER JA 579 98.29 69.16 -97.79
C SER JA 579 98.42 67.72 -97.32
N PRO JA 580 99.61 67.23 -97.05
CA PRO JA 580 99.74 65.92 -96.41
C PRO JA 580 99.46 66.02 -94.94
N LEU JA 581 99.49 64.87 -94.25
CA LEU JA 581 99.05 64.72 -92.86
C LEU JA 581 97.60 65.18 -92.69
N ASP JA 582 96.78 64.92 -93.71
CA ASP JA 582 95.34 65.09 -93.62
C ASP JA 582 94.64 63.83 -93.16
N ASN JA 583 95.39 62.74 -93.04
CA ASN JA 583 94.84 61.41 -92.82
C ASN JA 583 95.60 60.60 -91.79
N ILE JA 584 96.88 60.90 -91.55
CA ILE JA 584 97.59 60.41 -90.38
C ILE JA 584 97.39 61.45 -89.30
N ASN JA 585 97.17 60.99 -88.06
CA ASN JA 585 96.79 61.88 -86.98
C ASN JA 585 97.90 62.10 -85.96
N LEU JA 586 99.12 61.65 -86.24
CA LEU JA 586 100.22 61.78 -85.29
C LEU JA 586 101.36 62.56 -85.92
N PRO JA 587 101.44 63.87 -85.72
CA PRO JA 587 102.58 64.63 -86.23
C PRO JA 587 103.87 64.33 -85.46
N ALA JA 588 103.77 64.22 -84.13
CA ALA JA 588 104.95 64.08 -83.31
C ALA JA 588 105.58 62.69 -83.41
N ALA JA 589 104.81 61.69 -83.83
CA ALA JA 589 105.34 60.34 -83.97
C ALA JA 589 106.08 60.15 -85.27
N LEU JA 590 105.96 61.10 -86.20
CA LEU JA 590 106.33 60.84 -87.58
C LEU JA 590 107.56 61.61 -88.00
N LEU JA 591 107.49 62.93 -87.89
CA LEU JA 591 108.50 63.81 -88.47
C LEU JA 591 109.77 63.88 -87.65
N SER JA 592 109.84 63.19 -86.53
CA SER JA 592 111.01 63.26 -85.67
C SER JA 592 111.46 61.90 -85.17
N ARG JA 593 110.59 60.89 -85.18
CA ARG JA 593 110.96 59.61 -84.61
C ARG JA 593 110.87 58.46 -85.60
N PHE JA 594 110.74 58.73 -86.89
CA PHE JA 594 110.89 57.70 -87.92
C PHE JA 594 112.07 58.04 -88.81
N ASP JA 595 112.31 57.24 -89.84
CA ASP JA 595 113.46 57.50 -90.71
C ASP JA 595 113.08 57.66 -92.17
N ILE JA 596 112.20 56.81 -92.69
CA ILE JA 596 111.89 56.80 -94.11
C ILE JA 596 110.41 56.48 -94.31
N LEU JA 597 109.87 57.00 -95.42
CA LEU JA 597 108.49 56.78 -95.79
C LEU JA 597 108.40 56.26 -97.21
N PHE JA 598 107.19 55.94 -97.61
CA PHE JA 598 106.89 55.54 -98.98
C PHE JA 598 105.50 55.99 -99.32
N LEU JA 599 105.00 55.48 -100.44
CA LEU JA 599 103.66 55.80 -100.89
C LEU JA 599 103.22 54.75 -101.89
N MET JA 600 101.91 54.63 -102.08
CA MET JA 600 101.34 53.72 -103.06
C MET JA 600 100.29 54.45 -103.90
N LEU JA 601 100.67 55.64 -104.39
CA LEU JA 601 99.76 56.48 -105.14
C LEU JA 601 99.49 55.88 -106.52
N ASP JA 602 98.27 56.08 -107.00
CA ASP JA 602 97.84 55.55 -108.29
C ASP JA 602 97.71 56.70 -109.28
N ILE JA 603 98.51 56.65 -110.33
CA ILE JA 603 98.38 57.59 -111.45
C ILE JA 603 97.88 56.79 -112.65
N PRO JA 604 96.95 57.32 -113.45
CA PRO JA 604 96.55 56.63 -114.68
C PRO JA 604 97.67 56.55 -115.72
N SER JA 605 97.96 55.33 -116.16
CA SER JA 605 99.00 55.10 -117.16
C SER JA 605 98.65 53.86 -117.96
N ARG JA 606 98.50 54.03 -119.28
CA ARG JA 606 97.88 53.02 -120.11
C ARG JA 606 98.72 51.77 -120.24
N ASP JA 607 100.02 51.92 -120.48
CA ASP JA 607 100.89 50.79 -120.75
C ASP JA 607 101.05 49.87 -119.53
N ASP JA 608 101.05 50.44 -118.34
CA ASP JA 608 101.23 49.62 -117.15
C ASP JA 608 100.00 48.82 -116.81
N ASP JA 609 98.81 49.42 -116.99
CA ASP JA 609 97.59 48.81 -116.46
C ASP JA 609 97.12 47.64 -117.30
N GLU JA 610 97.29 47.71 -118.63
CA GLU JA 610 97.00 46.55 -119.44
C GLU JA 610 97.98 45.42 -119.17
N LYS JA 611 99.24 45.76 -118.89
CA LYS JA 611 100.15 44.77 -118.35
C LYS JA 611 99.70 44.30 -116.99
N LEU JA 612 99.19 45.22 -116.17
CA LEU JA 612 98.59 44.83 -114.91
C LEU JA 612 97.29 44.07 -115.12
N ALA JA 613 96.62 44.31 -116.25
CA ALA JA 613 95.43 43.53 -116.56
C ALA JA 613 95.79 42.10 -116.93
N GLU JA 614 96.80 41.91 -117.76
CA GLU JA 614 97.30 40.58 -118.04
C GLU JA 614 97.91 39.95 -116.80
N HIS JA 615 98.42 40.76 -115.88
CA HIS JA 615 98.97 40.30 -114.63
C HIS JA 615 97.90 39.59 -113.79
N VAL JA 616 96.71 40.18 -113.68
CA VAL JA 616 95.72 39.59 -112.80
C VAL JA 616 94.89 38.53 -113.50
N THR JA 617 94.82 38.55 -114.82
CA THR JA 617 94.01 37.59 -115.52
C THR JA 617 94.74 36.28 -115.80
N TYR JA 618 96.07 36.33 -115.82
CA TYR JA 618 96.90 35.16 -116.02
C TYR JA 618 96.76 34.15 -114.90
N VAL JA 619 96.39 34.60 -113.70
CA VAL JA 619 96.35 33.71 -112.56
C VAL JA 619 95.06 32.91 -112.51
N HIS JA 620 94.13 33.16 -113.41
CA HIS JA 620 92.83 32.50 -113.32
C HIS JA 620 92.72 31.30 -114.23
N MET JA 621 93.22 31.37 -115.46
CA MET JA 621 93.09 30.26 -116.38
C MET JA 621 93.95 29.08 -115.96
N HIS JA 622 95.22 29.35 -115.65
CA HIS JA 622 96.05 28.38 -114.96
C HIS JA 622 95.80 28.51 -113.46
N ASN JA 623 96.70 27.95 -112.66
CA ASN JA 623 96.74 28.31 -111.25
C ASN JA 623 98.11 28.80 -110.79
N LYS JA 624 99.10 28.90 -111.67
CA LYS JA 624 100.44 29.26 -111.25
C LYS JA 624 100.77 30.72 -111.61
N GLN JA 625 101.59 31.36 -110.80
CA GLN JA 625 101.92 32.77 -111.04
C GLN JA 625 103.33 33.18 -111.51
N PRO JA 626 104.32 32.29 -111.38
CA PRO JA 626 105.73 32.58 -111.71
C PRO JA 626 106.12 32.87 -113.17
N ASP JA 627 107.07 33.78 -113.38
CA ASP JA 627 107.55 34.09 -114.72
C ASP JA 627 108.77 35.00 -114.60
N LEU JA 628 109.13 35.63 -115.72
CA LEU JA 628 110.15 36.68 -115.83
C LEU JA 628 111.53 36.24 -115.34
N ASP JA 629 111.96 35.08 -115.86
CA ASP JA 629 113.32 34.50 -115.81
C ASP JA 629 113.99 34.57 -114.43
N PHE JA 630 113.18 34.43 -113.40
CA PHE JA 630 113.68 34.41 -112.03
C PHE JA 630 113.49 33.01 -111.48
N THR JA 631 114.56 32.41 -111.03
CA THR JA 631 114.46 31.11 -110.39
C THR JA 631 114.01 31.29 -108.95
N PRO JA 632 112.86 30.74 -108.56
CA PRO JA 632 112.35 30.96 -107.20
C PRO JA 632 113.22 30.29 -106.15
N VAL JA 633 113.42 30.99 -105.04
CA VAL JA 633 114.37 30.61 -104.02
C VAL JA 633 113.60 30.15 -102.78
N GLU JA 634 114.11 29.11 -102.12
CA GLU JA 634 113.50 28.64 -100.89
C GLU JA 634 113.77 29.63 -99.75
N PRO JA 635 112.77 29.86 -98.89
CA PRO JA 635 112.93 30.88 -97.84
C PRO JA 635 113.87 30.47 -96.73
N SER JA 636 114.20 29.19 -96.62
CA SER JA 636 115.17 28.77 -95.62
C SER JA 636 116.55 29.25 -95.96
N LYS JA 637 116.85 29.38 -97.25
CA LYS JA 637 118.19 29.73 -97.71
C LYS JA 637 118.58 31.14 -97.30
N MET JA 638 117.69 32.09 -97.54
CA MET JA 638 117.97 33.46 -97.12
C MET JA 638 117.87 33.60 -95.61
N ARG JA 639 117.02 32.79 -94.98
CA ARG JA 639 116.95 32.75 -93.52
C ARG JA 639 118.26 32.31 -92.92
N GLU JA 640 118.89 31.31 -93.54
CA GLU JA 640 120.24 30.97 -93.15
C GLU JA 640 121.22 32.06 -93.54
N TYR JA 641 120.98 32.73 -94.68
CA TYR JA 641 121.84 33.83 -95.06
C TYR JA 641 121.70 35.02 -94.14
N ILE JA 642 120.49 35.29 -93.65
CA ILE JA 642 120.30 36.36 -92.68
C ILE JA 642 120.95 35.99 -91.36
N ALA JA 643 120.73 34.76 -90.90
CA ALA JA 643 121.29 34.31 -89.64
C ALA JA 643 122.80 34.24 -89.68
N TYR JA 644 123.37 33.92 -90.84
CA TYR JA 644 124.82 34.01 -90.97
C TYR JA 644 125.27 35.46 -91.04
N ALA JA 645 124.54 36.31 -91.74
CA ALA JA 645 124.84 37.73 -91.77
C ALA JA 645 124.67 38.40 -90.43
N LYS JA 646 123.77 37.89 -89.58
CA LYS JA 646 123.61 38.44 -88.25
C LYS JA 646 124.74 38.04 -87.32
N THR JA 647 125.59 37.11 -87.76
CA THR JA 647 126.75 36.70 -86.98
C THR JA 647 128.04 37.27 -87.51
N LYS JA 648 128.03 38.47 -88.10
CA LYS JA 648 129.25 39.11 -88.57
C LYS JA 648 129.56 40.38 -87.79
N ARG JA 649 128.66 41.37 -87.83
CA ARG JA 649 128.75 42.70 -87.25
C ARG JA 649 130.08 43.40 -87.53
N PRO JA 650 130.31 43.89 -88.76
CA PRO JA 650 131.56 44.59 -89.04
C PRO JA 650 131.60 45.96 -88.39
N VAL JA 651 132.83 46.46 -88.23
CA VAL JA 651 133.09 47.75 -87.59
C VAL JA 651 133.56 48.71 -88.67
N MET JA 652 133.04 49.92 -88.64
CA MET JA 652 133.32 50.89 -89.69
C MET JA 652 134.75 51.43 -89.59
N SER JA 653 135.21 52.00 -90.71
CA SER JA 653 136.49 52.65 -90.87
C SER JA 653 136.35 54.14 -90.56
N GLU JA 654 137.34 54.94 -90.96
CA GLU JA 654 137.27 56.37 -90.73
C GLU JA 654 136.74 57.14 -91.93
N ALA JA 655 136.98 56.66 -93.15
CA ALA JA 655 136.55 57.39 -94.34
C ALA JA 655 135.04 57.44 -94.49
N VAL JA 656 134.32 56.50 -93.88
CA VAL JA 656 132.86 56.54 -93.89
C VAL JA 656 132.29 57.69 -93.08
N ASN JA 657 132.80 57.94 -91.88
CA ASN JA 657 132.31 59.06 -91.11
C ASN JA 657 132.78 60.39 -91.68
N ASP JA 658 133.90 60.39 -92.40
CA ASP JA 658 134.28 61.54 -93.19
C ASP JA 658 133.32 61.79 -94.35
N TYR JA 659 132.69 60.74 -94.86
CA TYR JA 659 131.82 60.94 -96.00
C TYR JA 659 130.39 61.24 -95.58
N VAL JA 660 130.04 61.04 -94.32
CA VAL JA 660 128.67 61.36 -93.94
C VAL JA 660 128.56 62.78 -93.38
N VAL JA 661 129.65 63.34 -92.84
CA VAL JA 661 129.60 64.71 -92.36
C VAL JA 661 129.44 65.68 -93.51
N GLN JA 662 130.08 65.42 -94.65
CA GLN JA 662 129.77 66.14 -95.86
C GLN JA 662 128.42 65.77 -96.42
N ALA JA 663 127.92 64.56 -96.16
CA ALA JA 663 126.58 64.22 -96.61
C ALA JA 663 125.53 64.97 -95.82
N TYR JA 664 125.73 65.11 -94.50
CA TYR JA 664 124.73 65.78 -93.68
C TYR JA 664 124.71 67.28 -93.93
N ILE JA 665 125.86 67.87 -94.25
CA ILE JA 665 125.91 69.28 -94.62
C ILE JA 665 125.13 69.52 -95.89
N ARG JA 666 125.32 68.64 -96.88
CA ARG JA 666 124.52 68.73 -98.10
C ARG JA 666 123.09 68.30 -97.84
N LEU JA 667 122.86 67.53 -96.79
CA LEU JA 667 121.49 67.29 -96.34
C LEU JA 667 120.93 68.48 -95.58
N ARG JA 668 121.80 69.25 -94.91
CA ARG JA 668 121.35 70.39 -94.13
C ARG JA 668 120.93 71.55 -94.99
N GLN JA 669 121.68 71.82 -96.06
CA GLN JA 669 121.57 73.07 -96.78
C GLN JA 669 120.31 73.12 -97.63
N ASP JA 670 120.01 72.04 -98.36
CA ASP JA 670 118.84 72.02 -99.24
C ASP JA 670 117.53 71.91 -98.50
N SER JA 671 117.52 71.20 -97.37
CA SER JA 671 116.34 71.17 -96.51
C SER JA 671 116.08 72.52 -95.88
N LYS JA 672 117.13 73.31 -95.66
CA LYS JA 672 117.01 74.68 -95.17
C LYS JA 672 116.86 75.68 -96.30
N ARG JA 673 116.39 75.25 -97.46
CA ARG JA 673 116.05 76.15 -98.55
C ARG JA 673 114.55 76.30 -98.76
N GLU JA 674 113.79 75.22 -98.60
CA GLU JA 674 112.37 75.24 -98.91
C GLU JA 674 111.59 75.99 -97.83
N MET JA 675 111.59 75.45 -96.61
CA MET JA 675 110.89 76.00 -95.44
C MET JA 675 109.39 76.22 -95.73
N ASP JA 676 108.79 75.29 -96.48
CA ASP JA 676 107.43 75.49 -96.95
C ASP JA 676 106.53 74.37 -96.47
N SER JA 677 105.23 74.65 -96.48
CA SER JA 677 104.20 73.70 -96.08
C SER JA 677 103.47 73.09 -97.27
N LYS JA 678 104.11 73.08 -98.44
CA LYS JA 678 103.50 72.59 -99.66
C LYS JA 678 103.58 71.08 -99.76
N PHE JA 679 104.79 70.54 -99.85
CA PHE JA 679 104.99 69.09 -99.97
C PHE JA 679 105.84 68.48 -98.86
N SER JA 680 106.98 69.05 -98.53
CA SER JA 680 108.01 68.28 -97.86
C SER JA 680 107.87 68.29 -96.34
N PHE JA 681 108.50 67.30 -95.71
CA PHE JA 681 108.53 67.15 -94.26
C PHE JA 681 109.97 67.17 -93.80
N GLY JA 682 110.15 67.26 -92.49
CA GLY JA 682 111.47 67.17 -91.88
C GLY JA 682 112.28 68.44 -92.06
N GLN JA 683 113.15 68.68 -91.08
CA GLN JA 683 114.07 69.80 -91.12
C GLN JA 683 115.46 69.34 -90.73
N ALA JA 684 115.84 68.17 -91.24
CA ALA JA 684 117.19 67.59 -91.18
C ALA JA 684 117.64 67.35 -89.73
N THR JA 685 116.96 66.41 -89.07
CA THR JA 685 117.34 66.08 -87.71
C THR JA 685 118.57 65.18 -87.70
N PRO JA 686 119.39 65.26 -86.66
CA PRO JA 686 120.40 64.23 -86.43
C PRO JA 686 119.81 62.86 -86.18
N ARG JA 687 118.54 62.77 -85.76
CA ARG JA 687 117.89 61.49 -85.67
C ARG JA 687 117.72 60.85 -87.04
N THR JA 688 117.60 61.66 -88.10
CA THR JA 688 117.77 61.11 -89.43
C THR JA 688 119.22 60.82 -89.78
N LEU JA 689 120.16 61.56 -89.20
CA LEU JA 689 121.56 61.31 -89.50
C LEU JA 689 122.02 60.00 -88.88
N LEU JA 690 121.62 59.72 -87.64
CA LEU JA 690 122.03 58.47 -87.03
C LEU JA 690 121.35 57.27 -87.68
N GLY JA 691 120.16 57.45 -88.23
CA GLY JA 691 119.48 56.36 -88.90
C GLY JA 691 120.16 55.97 -90.20
N ILE JA 692 120.75 56.94 -90.88
CA ILE JA 692 121.41 56.61 -92.13
C ILE JA 692 122.74 55.92 -91.87
N ILE JA 693 123.27 56.04 -90.65
CA ILE JA 693 124.39 55.20 -90.26
C ILE JA 693 123.89 53.80 -89.91
N ARG JA 694 122.65 53.69 -89.44
CA ARG JA 694 122.14 52.40 -88.99
C ARG JA 694 121.91 51.46 -90.15
N LEU JA 695 121.26 51.94 -91.20
CA LEU JA 695 120.95 51.08 -92.33
C LEU JA 695 122.16 50.76 -93.18
N SER JA 696 123.21 51.59 -93.10
CA SER JA 696 124.42 51.35 -93.87
C SER JA 696 125.15 50.12 -93.37
N GLN JA 697 125.39 50.05 -92.06
CA GLN JA 697 125.99 48.85 -91.50
C GLN JA 697 125.06 47.66 -91.57
N ALA JA 698 123.76 47.89 -91.65
CA ALA JA 698 122.83 46.81 -91.94
C ALA JA 698 123.06 46.27 -93.34
N LEU JA 699 123.17 47.15 -94.33
CA LEU JA 699 123.47 46.66 -95.66
C LEU JA 699 124.92 46.24 -95.79
N ALA JA 700 125.79 46.75 -94.92
CA ALA JA 700 127.13 46.19 -94.83
C ALA JA 700 127.14 44.86 -94.10
N LYS JA 701 126.08 44.53 -93.35
CA LYS JA 701 126.02 43.22 -92.71
C LYS JA 701 125.57 42.15 -93.68
N LEU JA 702 124.53 42.44 -94.48
CA LEU JA 702 124.04 41.42 -95.40
C LEU JA 702 124.99 41.20 -96.57
N ARG JA 703 125.68 42.25 -97.01
CA ARG JA 703 126.55 42.13 -98.16
C ARG JA 703 127.98 42.33 -97.65
N LEU JA 704 128.32 41.59 -96.61
CA LEU JA 704 129.63 41.74 -96.01
C LEU JA 704 130.69 41.13 -96.92
N ALA JA 705 131.47 42.00 -97.55
CA ALA JA 705 132.76 41.59 -98.09
C ALA JA 705 133.88 42.37 -97.42
N ASP JA 706 133.65 42.84 -96.18
CA ASP JA 706 134.55 43.71 -95.42
C ASP JA 706 134.96 44.95 -96.22
N MET JA 707 133.95 45.67 -96.74
CA MET JA 707 134.22 46.81 -97.59
C MET JA 707 133.48 48.07 -97.13
N VAL JA 708 133.50 48.34 -95.83
CA VAL JA 708 132.84 49.53 -95.28
C VAL JA 708 133.59 50.78 -95.76
N ASP JA 709 133.03 51.42 -96.78
CA ASP JA 709 133.73 52.47 -97.51
C ASP JA 709 132.73 53.48 -98.06
N ILE JA 710 133.20 54.29 -99.01
CA ILE JA 710 132.35 55.31 -99.60
C ILE JA 710 131.27 54.69 -100.48
N ASP JA 711 131.59 53.59 -101.16
CA ASP JA 711 130.64 52.98 -102.09
C ASP JA 711 129.53 52.23 -101.35
N ASP JA 712 129.85 51.69 -100.17
CA ASP JA 712 128.84 51.02 -99.36
C ASP JA 712 127.78 52.01 -98.86
N VAL JA 713 128.22 53.18 -98.40
CA VAL JA 713 127.27 54.19 -97.95
C VAL JA 713 126.66 54.90 -99.15
N GLU JA 714 127.26 54.76 -100.33
CA GLU JA 714 126.63 55.28 -101.53
C GLU JA 714 125.43 54.45 -101.92
N GLU JA 715 125.40 53.19 -101.51
CA GLU JA 715 124.18 52.41 -101.62
C GLU JA 715 123.11 52.93 -100.68
N ALA JA 716 123.53 53.53 -99.57
CA ALA JA 716 122.59 53.93 -98.52
C ALA JA 716 121.84 55.19 -98.89
N LEU JA 717 122.54 56.24 -99.31
CA LEU JA 717 121.88 57.47 -99.71
C LEU JA 717 121.13 57.30 -101.01
N ARG JA 718 121.48 56.25 -101.76
CA ARG JA 718 120.70 55.83 -102.91
C ARG JA 718 119.27 55.44 -102.51
N LEU JA 719 119.07 54.94 -101.30
CA LEU JA 719 117.74 54.57 -100.88
C LEU JA 719 116.96 55.73 -100.25
N VAL JA 720 117.64 56.66 -99.58
CA VAL JA 720 116.91 57.74 -98.92
C VAL JA 720 116.37 58.75 -99.91
N ARG JA 721 116.97 58.85 -101.09
CA ARG JA 721 116.50 59.79 -102.08
C ARG JA 721 115.33 59.27 -102.88
N VAL JA 722 115.20 57.95 -103.03
CA VAL JA 722 114.07 57.37 -103.74
C VAL JA 722 112.91 57.08 -102.82
N SER JA 723 113.16 56.88 -101.53
CA SER JA 723 112.05 56.82 -100.58
C SER JA 723 111.42 58.19 -100.42
N LYS JA 724 112.23 59.23 -100.39
CA LYS JA 724 111.71 60.58 -100.31
C LYS JA 724 111.21 60.98 -101.70
N GLU JA 725 110.33 61.98 -101.73
CA GLU JA 725 109.72 62.55 -102.94
C GLU JA 725 108.95 61.51 -103.73
N SER JA 726 108.32 60.55 -103.03
CA SER JA 726 107.42 59.62 -103.71
C SER JA 726 106.09 60.29 -104.03
N LEU JA 727 105.86 61.48 -103.46
CA LEU JA 727 104.68 62.28 -103.67
C LEU JA 727 104.81 63.27 -104.83
N TYR JA 728 106.01 63.40 -105.40
CA TYR JA 728 106.23 64.45 -106.38
C TYR JA 728 105.72 64.05 -107.76
N GLN JA 729 105.23 62.82 -107.90
CA GLN JA 729 104.51 62.44 -109.08
C GLN JA 729 103.02 62.58 -108.80
PG ATP KA . -58.29 31.35 102.59
O1G ATP KA . -59.48 31.67 103.46
O2G ATP KA . -58.63 30.60 101.34
O3G ATP KA . -57.32 32.48 102.40
PB ATP KA . -58.11 28.94 103.98
O1B ATP KA . -58.64 28.12 102.85
O2B ATP KA . -58.93 29.18 105.21
O3B ATP KA . -57.46 30.31 103.47
PA ATP KA . -56.77 26.76 104.86
O1A ATP KA . -57.00 25.92 103.64
O2A ATP KA . -57.69 26.69 106.04
O3A ATP KA . -56.73 28.27 104.43
O5' ATP KA . -55.26 26.56 105.31
C5' ATP KA . -55.01 26.07 106.62
C4' ATP KA . -54.58 24.62 106.54
O4' ATP KA . -55.65 23.76 106.94
C3' ATP KA . -54.21 24.18 105.13
O3' ATP KA . -52.79 24.18 104.99
C2' ATP KA . -54.76 22.77 105.00
O2' ATP KA . -53.70 21.83 104.92
C1' ATP KA . -55.51 22.51 106.29
N9 ATP KA . -56.82 21.94 105.97
C8 ATP KA . -58.00 22.56 106.08
N7 ATP KA . -59.01 21.74 105.72
C5 ATP KA . -58.47 20.57 105.34
C6 ATP KA . -58.97 19.29 104.84
N6 ATP KA . -60.30 19.09 104.65
N1 ATP KA . -58.09 18.33 104.56
C2 ATP KA . -56.76 18.52 104.75
N3 ATP KA . -56.23 19.67 105.21
C4 ATP KA . -57.02 20.71 105.51
PG ATP LA . -72.85 72.86 75.20
O1G ATP LA . -71.62 73.72 75.09
O2G ATP LA . -72.79 71.55 74.48
O3G ATP LA . -73.41 72.78 76.57
PB ATP LA . -73.69 74.25 72.99
O1B ATP LA . -72.49 73.53 72.45
O2B ATP LA . -73.67 75.75 73.00
O3B ATP LA . -74.00 73.69 74.44
PA ATP LA . -74.57 73.74 70.54
O1A ATP LA . -73.98 72.39 70.30
O2A ATP LA . -73.72 74.95 70.22
O3A ATP LA . -74.94 73.80 72.11
O5' ATP LA . -75.94 73.79 69.70
C5' ATP LA . -75.95 73.06 68.47
C4' ATP LA . -77.18 73.35 67.60
O4' ATP LA . -78.36 73.55 68.37
C3' ATP LA . -77.00 74.57 66.73
O3' ATP LA . -76.99 74.19 65.35
C2' ATP LA . -78.19 75.46 66.98
O2' ATP LA . -78.88 75.74 65.76
C1' ATP LA . -79.09 74.69 67.91
N9 ATP LA . -79.34 75.52 69.10
C8 ATP LA . -78.85 75.28 70.32
N7 ATP LA . -79.27 76.21 71.19
C5 ATP LA . -80.03 77.08 70.50
C6 ATP LA . -80.78 78.31 70.82
N6 ATP LA . -80.80 78.81 72.07
N1 ATP LA . -81.45 78.90 69.81
C2 ATP LA . -81.42 78.41 68.56
N3 ATP LA . -80.77 77.30 68.21
C4 ATP LA . -80.07 76.61 69.11
PG ATP MA . -74.25 42.10 78.41
O1G ATP MA . -73.47 42.77 77.36
O2G ATP MA . -73.45 41.77 79.65
O3G ATP MA . -75.61 42.70 78.64
PB ATP MA . -73.36 39.66 77.69
O1B ATP MA . -73.29 39.00 79.04
O2B ATP MA . -72.16 40.34 77.11
O3B ATP MA . -74.57 40.70 77.73
PA ATP MA . -72.99 37.24 76.60
O1A ATP MA . -73.53 36.28 77.63
O2A ATP MA . -71.53 37.61 76.60
O3A ATP MA . -73.85 38.58 76.63
O5' ATP MA . -73.35 36.64 75.17
C5' ATP MA . -73.08 35.26 75.01
C4' ATP MA . -74.16 34.70 74.11
O4' ATP MA . -75.42 35.31 74.38
C3' ATP MA . -73.86 35.00 72.67
O3' ATP MA . -73.43 33.80 72.03
C2' ATP MA . -75.18 35.44 72.08
O2' ATP MA . -75.51 34.64 70.96
C1' ATP MA . -76.17 35.18 73.18
N9 ATP MA . -77.34 36.08 73.10
C8 ATP MA . -77.74 36.97 74.02
N7 ATP MA . -78.87 37.61 73.61
C5 ATP MA . -79.20 37.12 72.40
C6 ATP MA . -80.25 37.35 71.40
N6 ATP MA . -81.23 38.26 71.58
N1 ATP MA . -80.21 36.62 70.27
C2 ATP MA . -79.27 35.70 70.05
N3 ATP MA . -78.29 35.46 70.91
C4 ATP MA . -78.19 36.11 72.07
PG ATP NA . 32.19 -116.67 -14.06
O1G ATP NA . 32.15 -118.06 -14.64
O2G ATP NA . 31.55 -115.63 -14.92
O3G ATP NA . 31.86 -116.58 -12.60
PB ATP NA . 34.58 -116.32 -15.45
O1B ATP NA . 33.96 -115.42 -16.48
O2B ATP NA . 35.00 -117.72 -15.81
O3B ATP NA . 33.74 -116.31 -14.09
PA ATP NA . 36.96 -115.13 -15.91
O1A ATP NA . 36.42 -113.99 -16.74
O2A ATP NA . 37.47 -116.39 -16.53
O3A ATP NA . 35.85 -115.57 -14.87
O5' ATP NA . 38.04 -114.53 -14.91
C5' ATP NA . 39.36 -115.03 -14.96
C4' ATP NA . 40.27 -114.03 -15.64
O4' ATP NA . 40.56 -114.45 -16.97
C3' ATP NA . 39.64 -112.65 -15.78
O3' ATP NA . 40.14 -111.80 -14.76
C2' ATP NA . 40.07 -112.16 -17.14
O2' ATP NA . 40.97 -111.07 -17.02
C1' ATP NA . 40.82 -113.31 -17.77
N9 ATP NA . 40.33 -113.51 -19.15
C8 ATP NA . 39.58 -114.53 -19.57
N7 ATP NA . 39.32 -114.41 -20.90
C5 ATP NA . 39.91 -113.28 -21.32
C6 ATP NA . 40.01 -112.56 -22.61
N6 ATP NA . 39.41 -113.05 -23.72
N1 ATP NA . 40.71 -111.43 -22.62
C2 ATP NA . 41.30 -110.95 -21.51
N3 ATP NA . 41.25 -111.54 -20.31
C4 ATP NA . 40.57 -112.70 -20.17
PG ATP OA . -16.25 -126.45 1.55
O1G ATP OA . -16.25 -126.14 3.02
O2G ATP OA . -16.04 -125.27 0.64
O3G ATP OA . -15.45 -127.65 1.18
PB ATP OA . -18.96 -126.08 1.72
O1B ATP OA . -18.46 -124.71 2.05
O2B ATP OA . -19.74 -126.82 2.75
O3B ATP OA . -17.74 -126.97 1.22
PA ATP OA . -20.84 -124.62 0.55
O1A ATP OA . -20.05 -123.47 0.04
O2A ATP OA . -21.36 -124.55 1.96
O3A ATP OA . -19.90 -125.93 0.43
O5' ATP OA . -22.06 -124.82 -0.48
C5' ATP OA . -22.57 -123.62 -1.09
C4' ATP OA . -23.88 -123.82 -1.85
O4' ATP OA . -23.94 -125.08 -2.52
C3' ATP OA . -25.11 -123.74 -0.95
O3' ATP OA . -25.89 -122.60 -1.31
C2' ATP OA . -25.90 -125.00 -1.19
O2' ATP OA . -27.23 -124.67 -1.60
C1' ATP OA . -25.19 -125.72 -2.30
N9 ATP OA . -24.89 -127.07 -1.83
C8 ATP OA . -23.65 -127.53 -1.55
N7 ATP OA . -23.70 -128.82 -1.15
C5 ATP OA . -24.99 -129.19 -1.17
C6 ATP OA . -25.76 -130.41 -0.85
N6 ATP OA . -25.12 -131.53 -0.43
N1 ATP OA . -27.08 -130.38 -1.00
C2 ATP OA . -27.72 -129.27 -1.42
N3 ATP OA . -27.09 -128.13 -1.72
C4 ATP OA . -25.76 -128.03 -1.61
PG ATP PA . 2.02 -114.08 -20.18
O1G ATP PA . 1.23 -113.28 -19.23
O2G ATP PA . 3.44 -114.33 -19.73
O3G ATP PA . 1.28 -115.27 -20.74
PB ATP PA . 3.18 -111.90 -21.25
O1B ATP PA . 4.55 -112.44 -21.54
O2B ATP PA . 2.91 -111.19 -19.96
O3B ATP PA . 2.14 -113.08 -21.42
PA ATP PA . 3.85 -109.75 -22.71
O1A ATP PA . 4.88 -110.26 -23.68
O2A ATP PA . 4.27 -109.15 -21.40
O3A ATP PA . 2.79 -110.89 -22.41
O5' ATP PA . 2.98 -108.67 -23.48
C5' ATP PA . 3.71 -107.74 -24.24
C4' ATP PA . 2.90 -107.42 -25.48
O4' ATP PA . 2.23 -108.58 -25.96
C3' ATP PA . 1.82 -106.41 -25.15
O3' ATP PA . 2.19 -105.15 -25.71
C2' ATP PA . 0.59 -106.94 -25.86
O2' ATP PA . 0.06 -105.95 -26.74
C1' ATP PA . 1.10 -108.10 -26.69
N9 ATP PA . 0.06 -109.12 -26.92
C8 ATP PA . 0.09 -110.40 -26.54
N7 ATP PA . -1.03 -111.03 -26.96
C5 ATP PA . -1.79 -110.14 -27.62
C6 ATP PA . -3.10 -110.14 -28.31
N6 ATP PA . -3.86 -111.24 -28.40
N1 ATP PA . -3.51 -108.99 -28.86
C2 ATP PA . -2.78 -107.88 -28.82
N3 ATP PA . -1.60 -107.81 -28.20
C4 ATP PA . -1.05 -108.88 -27.60
#